data_4V4O
#
_entry.id   4V4O
#
_cell.length_a   140.378
_cell.length_b   156.424
_cell.length_c   273.153
_cell.angle_alpha   82.88
_cell.angle_beta   85.35
_cell.angle_gamma   68.52
#
_symmetry.space_group_name_H-M   'P 1'
#
loop_
_entity.id
_entity.type
_entity.pdbx_description
1 polymer cpn60(GroEL)
2 polymer cpn10(GroES)
3 non-polymer 'MAGNESIUM ION'
4 non-polymer "ADENOSINE-5'-DIPHOSPHATE"
5 non-polymer 'DIMETHYL SULFOXIDE'
#
loop_
_entity_poly.entity_id
_entity_poly.type
_entity_poly.pdbx_seq_one_letter_code
_entity_poly.pdbx_strand_id
1 'polypeptide(L)'
;MAKILVFDEAARRALERGVNAVANAVKVTLGPRGRNVVLEKKFGSPTITKDGVTVAKEVELEDHLENIGAQLLKEVASKT
NDVAGDGTTTATVLAQAIVREGLKNVAAGANPLALKRGIEKAVEAAVEKIKALAIPVEDRKAIEEVATISANDPEVGKLI
ADAMEKVGKEGIITVEESKSLETELKFVEGYQFDKGYISPYFVTNPETMEAVLEDAFILIVEKKVSNVRELLPILEQVAQ
TGKPLLIIAEDVEGEALATLVVNKLRGTLSVAAVKAPGFGDRRKEMLKDIAAVTGGTVISEELGFKLENATLSMLGRAER
VRITKDETTIVGGKGKKEDIEARINGIKKELETTDSEYAREKLQERLAKLAGGVAVIRVGAATETELKEKKHRFEDALNA
TRAAVEEGIVPGGGVTLLRAISAVEELIKKLEGDEATGAKIVRRALEEPARQIAENAGYEGSVIVQQILAETKNPRYGFN
AATGEFVDMVEAGIVDPAKVTRSALQNAASIGALILTTEAVVAEKPEKKESTPASAGAGDMDF
;
A,B,C,D,E,F,G,H,I,J,K,L,M,N,a,b,c,d,e,f,g,h,i,j,k,l,m,n
2 'polypeptide(L)'
;AAEVKTVIKPLGDRVVVKRIEEEPKTKGGIVLPDTAKEKPQKGKVIAVGTGRVLENGQRVPLEVKEGDIVVFAKYGGTEI
EIDGEEYVILSERDLLAVLQ
;
O,P,Q,R,S,T,U,o,p,q,r,s,t,u
#
# COMPACT_ATOMS: atom_id res chain seq x y z
N ALA A 2 -31.01 23.90 48.49
CA ALA A 2 -30.90 24.78 49.68
C ALA A 2 -29.45 24.77 50.13
N LYS A 3 -28.72 23.75 49.70
CA LYS A 3 -27.31 23.63 50.06
C LYS A 3 -26.37 24.14 48.99
N ILE A 4 -25.12 24.34 49.38
CA ILE A 4 -24.10 24.83 48.48
C ILE A 4 -22.88 24.03 48.85
N LEU A 5 -22.18 23.50 47.85
CA LEU A 5 -20.99 22.71 48.12
C LEU A 5 -19.70 23.40 47.75
N VAL A 6 -18.93 23.80 48.75
CA VAL A 6 -17.67 24.49 48.53
C VAL A 6 -16.47 23.59 48.81
N PHE A 7 -15.52 23.59 47.89
CA PHE A 7 -14.37 22.71 48.08
C PHE A 7 -13.05 23.45 48.23
N ASP A 8 -12.01 22.65 48.33
CA ASP A 8 -10.65 23.11 48.48
C ASP A 8 -10.40 24.45 49.14
N GLU A 9 -9.43 25.17 48.60
CA GLU A 9 -9.04 26.46 49.14
C GLU A 9 -10.20 27.43 49.29
N ALA A 10 -11.14 27.39 48.36
CA ALA A 10 -12.27 28.30 48.46
C ALA A 10 -12.92 28.12 49.84
N ALA A 11 -13.06 26.86 50.24
CA ALA A 11 -13.66 26.48 51.50
C ALA A 11 -12.78 26.92 52.67
N ARG A 12 -11.54 26.41 52.69
CA ARG A 12 -10.62 26.79 53.76
C ARG A 12 -10.52 28.33 53.98
N ARG A 13 -10.37 29.09 52.91
CA ARG A 13 -10.30 30.53 53.05
C ARG A 13 -11.52 31.09 53.76
N ALA A 14 -12.70 30.70 53.32
CA ALA A 14 -13.93 31.19 53.91
C ALA A 14 -13.95 30.89 55.40
N LEU A 15 -13.62 29.67 55.78
CA LEU A 15 -13.59 29.27 57.15
C LEU A 15 -12.64 30.19 57.88
N GLU A 16 -11.41 30.25 57.37
CA GLU A 16 -10.37 31.10 57.95
C GLU A 16 -10.89 32.53 58.15
N ARG A 17 -11.54 33.09 57.15
CA ARG A 17 -12.06 34.44 57.31
C ARG A 17 -12.88 34.53 58.60
N GLY A 18 -13.74 33.55 58.81
CA GLY A 18 -14.58 33.57 60.00
C GLY A 18 -13.73 33.45 61.25
N VAL A 19 -12.83 32.49 61.23
CA VAL A 19 -11.95 32.29 62.38
C VAL A 19 -11.35 33.64 62.77
N ASN A 20 -10.73 34.30 61.80
CA ASN A 20 -10.11 35.58 62.06
C ASN A 20 -11.08 36.65 62.54
N ALA A 21 -12.25 36.71 61.93
CA ALA A 21 -13.25 37.70 62.32
C ALA A 21 -13.44 37.72 63.83
N VAL A 22 -13.63 36.54 64.41
CA VAL A 22 -13.85 36.41 65.84
C VAL A 22 -12.55 36.68 66.60
N ALA A 23 -11.51 35.91 66.29
CA ALA A 23 -10.21 36.06 66.97
C ALA A 23 -9.72 37.50 67.07
N ASN A 24 -9.89 38.30 66.01
CA ASN A 24 -9.42 39.68 66.06
C ASN A 24 -10.26 40.61 66.92
N ALA A 25 -11.51 40.23 67.15
CA ALA A 25 -12.35 41.06 68.01
C ALA A 25 -11.94 40.71 69.44
N VAL A 26 -11.62 39.44 69.63
CA VAL A 26 -11.23 38.91 70.93
C VAL A 26 -9.88 39.38 71.42
N LYS A 27 -8.81 39.07 70.67
CA LYS A 27 -7.43 39.40 71.03
C LYS A 27 -7.23 40.84 71.52
N VAL A 28 -8.11 41.76 71.14
CA VAL A 28 -8.03 43.15 71.58
C VAL A 28 -7.97 43.29 73.12
N THR A 29 -8.35 42.24 73.83
CA THR A 29 -8.40 42.26 75.30
C THR A 29 -7.17 41.64 75.98
N LEU A 30 -6.54 40.69 75.31
CA LEU A 30 -5.41 39.97 75.86
C LEU A 30 -4.37 40.82 76.60
N GLY A 31 -3.93 40.29 77.72
CA GLY A 31 -2.93 40.94 78.53
C GLY A 31 -3.35 42.13 79.39
N PRO A 32 -2.40 42.68 80.18
CA PRO A 32 -2.60 43.83 81.07
C PRO A 32 -2.93 45.14 80.38
N ARG A 33 -2.43 45.33 79.16
CA ARG A 33 -2.73 46.58 78.47
C ARG A 33 -3.94 46.38 77.57
N GLY A 34 -4.47 45.15 77.59
CA GLY A 34 -5.64 44.81 76.80
C GLY A 34 -6.78 45.78 77.02
N ARG A 35 -7.59 46.01 76.00
CA ARG A 35 -8.69 46.95 76.14
C ARG A 35 -10.02 46.22 76.13
N ASN A 36 -11.11 46.97 76.24
CA ASN A 36 -12.44 46.38 76.28
C ASN A 36 -13.23 46.39 75.01
N VAL A 37 -14.08 45.37 74.88
CA VAL A 37 -15.00 45.25 73.75
C VAL A 37 -16.36 45.67 74.26
N VAL A 38 -17.16 46.33 73.43
CA VAL A 38 -18.50 46.77 73.80
C VAL A 38 -19.55 45.94 73.06
N LEU A 39 -20.26 45.09 73.80
CA LEU A 39 -21.27 44.21 73.23
C LEU A 39 -22.66 44.82 73.39
N GLU A 40 -23.34 45.04 72.27
CA GLU A 40 -24.66 45.63 72.29
C GLU A 40 -25.68 44.63 72.85
N LYS A 41 -26.53 45.12 73.76
CA LYS A 41 -27.55 44.28 74.36
C LYS A 41 -28.90 44.72 73.83
N LYS A 42 -29.78 43.74 73.66
CA LYS A 42 -31.11 43.96 73.12
C LYS A 42 -31.90 45.10 73.75
N PHE A 43 -31.80 45.30 75.05
CA PHE A 43 -32.60 46.37 75.67
C PHE A 43 -31.87 47.40 76.51
N GLY A 44 -31.18 46.97 77.55
CA GLY A 44 -30.48 47.92 78.39
C GLY A 44 -29.25 48.54 77.78
N SER A 45 -28.35 49.00 78.64
CA SER A 45 -27.10 49.58 78.18
C SER A 45 -26.29 48.37 77.72
N PRO A 46 -25.13 48.59 77.08
CA PRO A 46 -24.36 47.42 76.63
C PRO A 46 -23.52 46.81 77.70
N THR A 47 -22.78 45.79 77.31
CA THR A 47 -21.88 45.06 78.17
C THR A 47 -20.49 45.54 77.76
N ILE A 48 -19.68 45.98 78.72
CA ILE A 48 -18.32 46.42 78.40
C ILE A 48 -17.38 45.44 79.09
N THR A 49 -16.84 44.50 78.34
CA THR A 49 -15.99 43.46 78.90
C THR A 49 -14.55 43.47 78.42
N LYS A 50 -13.82 42.48 78.89
CA LYS A 50 -12.43 42.25 78.58
C LYS A 50 -12.32 40.73 78.61
N ASP A 51 -13.46 40.06 78.64
CA ASP A 51 -13.50 38.63 78.68
C ASP A 51 -13.64 37.99 77.30
N GLY A 52 -12.75 37.05 77.01
CA GLY A 52 -12.77 36.37 75.74
C GLY A 52 -14.12 35.80 75.33
N VAL A 53 -14.47 34.65 75.90
CA VAL A 53 -15.74 33.99 75.58
C VAL A 53 -16.92 34.92 75.50
N THR A 54 -17.05 35.84 76.45
CA THR A 54 -18.18 36.75 76.40
C THR A 54 -18.27 37.44 75.04
N VAL A 55 -17.14 37.96 74.56
CA VAL A 55 -17.13 38.62 73.26
C VAL A 55 -17.35 37.57 72.16
N ALA A 56 -16.52 36.55 72.15
CA ALA A 56 -16.61 35.53 71.12
C ALA A 56 -18.03 35.03 70.91
N LYS A 57 -18.75 34.81 72.00
CA LYS A 57 -20.13 34.31 71.90
C LYS A 57 -21.11 35.25 71.21
N GLU A 58 -20.83 36.55 71.24
CA GLU A 58 -21.71 37.54 70.61
C GLU A 58 -21.47 37.68 69.12
N VAL A 59 -20.37 37.14 68.63
CA VAL A 59 -20.06 37.25 67.22
C VAL A 59 -20.83 36.28 66.33
N GLU A 60 -21.58 36.84 65.40
CA GLU A 60 -22.39 36.09 64.46
C GLU A 60 -22.17 36.71 63.07
N LEU A 61 -21.57 35.96 62.16
CA LEU A 61 -21.31 36.46 60.81
C LEU A 61 -22.44 36.17 59.82
N GLU A 62 -22.65 37.10 58.88
CA GLU A 62 -23.70 36.99 57.86
C GLU A 62 -23.45 35.92 56.79
N ASP A 63 -22.20 35.68 56.43
CA ASP A 63 -21.91 34.67 55.44
C ASP A 63 -21.82 33.29 56.09
N HIS A 64 -22.65 32.38 55.62
CA HIS A 64 -22.67 31.02 56.16
C HIS A 64 -21.30 30.38 56.37
N LEU A 65 -20.49 30.25 55.32
CA LEU A 65 -19.19 29.61 55.51
C LEU A 65 -18.28 30.33 56.51
N GLU A 66 -18.23 31.65 56.44
CA GLU A 66 -17.39 32.43 57.34
C GLU A 66 -17.88 32.25 58.77
N ASN A 67 -19.20 32.13 58.92
CA ASN A 67 -19.82 31.95 60.24
C ASN A 67 -19.50 30.60 60.86
N ILE A 68 -19.41 29.58 60.03
CA ILE A 68 -19.06 28.25 60.49
C ILE A 68 -17.70 28.36 61.16
N GLY A 69 -16.83 29.15 60.53
CA GLY A 69 -15.50 29.32 61.07
C GLY A 69 -15.58 30.03 62.40
N ALA A 70 -16.39 31.09 62.44
CA ALA A 70 -16.57 31.86 63.66
C ALA A 70 -17.04 30.99 64.80
N GLN A 71 -17.89 30.01 64.49
CA GLN A 71 -18.39 29.09 65.52
C GLN A 71 -17.27 28.20 66.05
N LEU A 72 -16.62 27.48 65.15
CA LEU A 72 -15.53 26.60 65.55
C LEU A 72 -14.53 27.29 66.49
N LEU A 73 -14.31 28.58 66.29
CA LEU A 73 -13.38 29.31 67.15
C LEU A 73 -14.04 29.55 68.49
N LYS A 74 -15.32 29.95 68.45
CA LYS A 74 -16.08 30.18 69.68
C LYS A 74 -16.00 28.93 70.56
N GLU A 75 -16.07 27.77 69.93
CA GLU A 75 -16.00 26.53 70.70
C GLU A 75 -14.71 26.49 71.50
N VAL A 76 -13.61 26.81 70.82
CA VAL A 76 -12.31 26.81 71.48
C VAL A 76 -12.41 27.69 72.71
N ALA A 77 -13.02 28.85 72.55
CA ALA A 77 -13.15 29.78 73.67
C ALA A 77 -13.95 29.23 74.84
N SER A 78 -15.18 28.81 74.58
CA SER A 78 -16.05 28.31 75.64
C SER A 78 -15.55 27.03 76.31
N LYS A 79 -15.20 26.02 75.53
CA LYS A 79 -14.74 24.77 76.15
C LYS A 79 -13.59 25.05 77.11
N THR A 80 -12.87 26.14 76.87
CA THR A 80 -11.75 26.51 77.73
C THR A 80 -12.29 27.16 78.98
N ASN A 81 -13.39 27.90 78.81
CA ASN A 81 -14.05 28.59 79.92
C ASN A 81 -14.69 27.55 80.82
N ASP A 82 -15.17 26.47 80.21
CA ASP A 82 -15.80 25.41 80.96
C ASP A 82 -14.78 24.65 81.79
N VAL A 83 -13.67 24.28 81.15
CA VAL A 83 -12.61 23.53 81.81
C VAL A 83 -11.72 24.34 82.75
N ALA A 84 -11.70 25.66 82.65
CA ALA A 84 -10.82 26.44 83.53
C ALA A 84 -11.36 27.80 83.96
N GLY A 85 -12.35 28.32 83.25
CA GLY A 85 -12.94 29.59 83.65
C GLY A 85 -12.13 30.81 83.36
N ASP A 86 -10.89 30.60 82.89
CA ASP A 86 -9.99 31.69 82.54
C ASP A 86 -9.09 31.21 81.39
N GLY A 87 -8.48 32.17 80.69
CA GLY A 87 -7.60 31.83 79.58
C GLY A 87 -8.31 31.61 78.25
N THR A 88 -9.49 32.21 78.13
CA THR A 88 -10.25 32.06 76.91
C THR A 88 -9.59 32.81 75.76
N THR A 89 -9.18 34.05 76.00
CA THR A 89 -8.51 34.85 74.97
C THR A 89 -7.26 34.11 74.46
N THR A 90 -6.43 33.66 75.38
CA THR A 90 -5.23 32.90 75.05
C THR A 90 -5.49 31.67 74.14
N ALA A 91 -6.61 31.02 74.36
CA ALA A 91 -6.94 29.85 73.58
C ALA A 91 -7.32 30.28 72.16
N THR A 92 -8.03 31.41 72.08
CA THR A 92 -8.48 31.94 70.79
C THR A 92 -7.27 32.21 69.92
N VAL A 93 -6.38 33.05 70.43
CA VAL A 93 -5.15 33.43 69.75
C VAL A 93 -4.38 32.21 69.26
N LEU A 94 -4.06 31.29 70.17
CA LEU A 94 -3.36 30.08 69.75
C LEU A 94 -4.13 29.33 68.65
N ALA A 95 -5.45 29.44 68.63
CA ALA A 95 -6.24 28.76 67.62
C ALA A 95 -6.01 29.42 66.25
N GLN A 96 -6.21 30.74 66.22
CA GLN A 96 -6.01 31.53 65.01
C GLN A 96 -4.62 31.21 64.45
N ALA A 97 -3.59 31.31 65.31
CA ALA A 97 -2.21 31.03 64.93
C ALA A 97 -2.10 29.68 64.25
N ILE A 98 -2.57 28.64 64.93
CA ILE A 98 -2.52 27.30 64.37
C ILE A 98 -3.26 27.20 63.04
N VAL A 99 -4.38 27.91 62.94
CA VAL A 99 -5.13 27.85 61.71
C VAL A 99 -4.40 28.46 60.52
N ARG A 100 -3.83 29.66 60.67
CA ARG A 100 -3.15 30.29 59.54
C ARG A 100 -1.88 29.56 59.13
N GLU A 101 -0.94 29.45 60.04
CA GLU A 101 0.31 28.77 59.73
C GLU A 101 0.03 27.37 59.18
N GLY A 102 -1.08 26.80 59.60
CA GLY A 102 -1.45 25.48 59.12
C GLY A 102 -2.07 25.51 57.75
N LEU A 103 -3.07 26.37 57.57
CA LEU A 103 -3.76 26.47 56.28
C LEU A 103 -2.77 26.80 55.19
N LYS A 104 -1.72 27.54 55.54
CA LYS A 104 -0.68 27.92 54.60
C LYS A 104 -0.01 26.63 54.11
N ASN A 105 0.48 25.83 55.05
CA ASN A 105 1.12 24.58 54.70
C ASN A 105 0.22 23.65 53.91
N VAL A 106 -1.09 23.76 54.11
CA VAL A 106 -2.01 22.88 53.37
C VAL A 106 -2.01 23.32 51.93
N ALA A 107 -2.02 24.63 51.70
CA ALA A 107 -2.01 25.19 50.35
C ALA A 107 -0.69 24.82 49.68
N ALA A 108 0.37 24.70 50.46
CA ALA A 108 1.66 24.32 49.91
C ALA A 108 1.68 22.83 49.62
N GLY A 109 0.52 22.19 49.74
CA GLY A 109 0.41 20.76 49.47
C GLY A 109 0.61 19.76 50.59
N ALA A 110 0.83 20.21 51.82
CA ALA A 110 1.04 19.29 52.93
C ALA A 110 -0.20 18.44 53.20
N ASN A 111 0.01 17.20 53.67
CA ASN A 111 -1.10 16.31 54.02
C ASN A 111 -1.62 16.73 55.38
N PRO A 112 -2.87 17.22 55.44
CA PRO A 112 -3.45 17.67 56.71
C PRO A 112 -3.47 16.60 57.81
N LEU A 113 -3.74 15.35 57.42
CA LEU A 113 -3.77 14.29 58.42
C LEU A 113 -2.45 14.22 59.18
N ALA A 114 -1.35 14.23 58.44
CA ALA A 114 -0.03 14.18 59.07
C ALA A 114 0.21 15.44 59.88
N LEU A 115 -0.25 16.57 59.36
CA LEU A 115 -0.10 17.84 60.05
C LEU A 115 -0.73 17.71 61.43
N LYS A 116 -1.88 17.02 61.48
CA LYS A 116 -2.62 16.82 62.72
C LYS A 116 -1.75 16.02 63.70
N ARG A 117 -1.33 14.85 63.26
CA ARG A 117 -0.49 13.98 64.09
C ARG A 117 0.64 14.78 64.70
N GLY A 118 1.30 15.56 63.86
CA GLY A 118 2.42 16.39 64.30
C GLY A 118 1.99 17.40 65.33
N ILE A 119 0.87 18.07 65.08
CA ILE A 119 0.34 19.04 66.01
C ILE A 119 0.06 18.37 67.36
N GLU A 120 -0.56 17.21 67.30
CA GLU A 120 -0.87 16.45 68.50
C GLU A 120 0.38 16.15 69.30
N LYS A 121 1.32 15.46 68.67
CA LYS A 121 2.57 15.12 69.34
C LYS A 121 3.23 16.37 69.91
N ALA A 122 3.27 17.44 69.12
CA ALA A 122 3.86 18.69 69.55
C ALA A 122 3.18 19.21 70.82
N VAL A 123 1.86 19.20 70.83
CA VAL A 123 1.11 19.66 71.99
C VAL A 123 1.43 18.80 73.22
N GLU A 124 1.50 17.49 73.03
CA GLU A 124 1.82 16.61 74.14
C GLU A 124 3.11 17.09 74.77
N ALA A 125 4.17 17.14 73.95
CA ALA A 125 5.47 17.59 74.40
C ALA A 125 5.33 18.93 75.13
N ALA A 126 4.58 19.83 74.52
CA ALA A 126 4.38 21.14 75.10
C ALA A 126 3.70 21.07 76.49
N VAL A 127 2.65 20.26 76.59
CA VAL A 127 1.93 20.14 77.85
C VAL A 127 2.86 19.59 78.93
N GLU A 128 3.59 18.55 78.56
CA GLU A 128 4.52 17.91 79.49
C GLU A 128 5.47 18.95 80.09
N LYS A 129 5.95 19.86 79.25
CA LYS A 129 6.85 20.92 79.69
C LYS A 129 6.15 21.92 80.61
N ILE A 130 4.84 22.10 80.41
CA ILE A 130 4.05 23.02 81.24
C ILE A 130 4.03 22.48 82.66
N LYS A 131 3.76 21.19 82.77
CA LYS A 131 3.71 20.49 84.04
C LYS A 131 5.07 20.63 84.68
N ALA A 132 6.08 20.20 83.95
CA ALA A 132 7.45 20.25 84.41
C ALA A 132 7.86 21.59 85.05
N LEU A 133 7.21 22.70 84.68
CA LEU A 133 7.55 24.02 85.25
C LEU A 133 6.53 24.48 86.28
N ALA A 134 5.54 23.64 86.52
CA ALA A 134 4.49 23.97 87.48
C ALA A 134 5.02 23.97 88.89
N ILE A 135 4.52 24.91 89.68
CA ILE A 135 4.91 25.05 91.07
C ILE A 135 3.64 25.04 91.90
N PRO A 136 3.60 24.20 92.95
CA PRO A 136 2.45 24.11 93.84
C PRO A 136 2.18 25.40 94.60
N VAL A 137 0.91 25.78 94.72
CA VAL A 137 0.54 26.99 95.44
C VAL A 137 0.66 26.61 96.92
N GLU A 138 1.36 27.41 97.72
CA GLU A 138 1.49 27.04 99.12
C GLU A 138 1.36 28.16 100.13
N ASP A 139 0.84 29.32 99.73
CA ASP A 139 0.72 30.41 100.66
C ASP A 139 -0.09 31.60 100.19
N ARG A 140 -0.43 32.45 101.14
CA ARG A 140 -1.23 33.63 100.90
C ARG A 140 -0.71 34.46 99.73
N LYS A 141 0.60 34.56 99.59
CA LYS A 141 1.19 35.35 98.51
C LYS A 141 0.93 34.69 97.16
N ALA A 142 1.39 33.44 97.00
CA ALA A 142 1.20 32.70 95.75
C ALA A 142 -0.22 32.87 95.20
N ILE A 143 -1.19 32.95 96.11
CA ILE A 143 -2.57 33.12 95.68
C ILE A 143 -2.89 34.56 95.35
N GLU A 144 -2.49 35.49 96.21
CA GLU A 144 -2.76 36.89 95.95
C GLU A 144 -2.24 37.24 94.56
N GLU A 145 -1.16 36.58 94.14
CA GLU A 145 -0.60 36.83 92.82
C GLU A 145 -1.56 36.31 91.74
N VAL A 146 -1.68 34.99 91.63
CA VAL A 146 -2.57 34.39 90.65
C VAL A 146 -3.85 35.21 90.45
N ALA A 147 -4.47 35.63 91.56
CA ALA A 147 -5.70 36.42 91.53
C ALA A 147 -5.49 37.84 91.01
N THR A 148 -4.45 38.52 91.50
CA THR A 148 -4.18 39.89 91.07
C THR A 148 -4.03 39.94 89.56
N ILE A 149 -3.34 38.93 89.03
CA ILE A 149 -3.14 38.83 87.61
C ILE A 149 -4.46 38.57 86.92
N SER A 150 -5.04 37.39 87.13
CA SER A 150 -6.31 37.04 86.49
C SER A 150 -7.36 38.15 86.48
N ALA A 151 -7.37 38.97 87.54
CA ALA A 151 -8.32 40.08 87.66
C ALA A 151 -7.73 41.36 87.10
N ASN A 152 -6.40 41.38 87.00
CA ASN A 152 -5.70 42.55 86.52
C ASN A 152 -6.02 43.69 87.48
N ASP A 153 -5.90 43.38 88.78
CA ASP A 153 -6.17 44.34 89.85
C ASP A 153 -5.58 43.82 91.15
N PRO A 154 -4.79 44.64 91.85
CA PRO A 154 -4.18 44.23 93.11
C PRO A 154 -5.21 44.02 94.21
N GLU A 155 -6.12 44.98 94.32
CA GLU A 155 -7.17 44.92 95.33
C GLU A 155 -7.92 43.60 95.27
N VAL A 156 -8.44 43.26 94.09
CA VAL A 156 -9.18 42.02 93.92
C VAL A 156 -8.35 40.83 94.37
N GLY A 157 -7.08 40.80 93.98
CA GLY A 157 -6.22 39.70 94.35
C GLY A 157 -5.97 39.66 95.84
N LYS A 158 -6.14 40.80 96.51
CA LYS A 158 -5.94 40.86 97.95
C LYS A 158 -7.10 40.14 98.61
N LEU A 159 -8.30 40.70 98.47
CA LEU A 159 -9.49 40.11 99.07
C LEU A 159 -9.60 38.61 98.81
N ILE A 160 -9.33 38.17 97.58
CA ILE A 160 -9.42 36.75 97.27
C ILE A 160 -8.42 35.99 98.14
N ALA A 161 -7.25 36.59 98.37
CA ALA A 161 -6.21 35.96 99.18
C ALA A 161 -6.62 35.97 100.64
N ASP A 162 -7.06 37.12 101.12
CA ASP A 162 -7.51 37.23 102.50
C ASP A 162 -8.55 36.15 102.76
N ALA A 163 -9.65 36.21 102.02
CA ALA A 163 -10.73 35.25 102.17
C ALA A 163 -10.20 33.83 102.04
N MET A 164 -9.57 33.54 100.92
CA MET A 164 -9.05 32.19 100.67
C MET A 164 -8.26 31.68 101.87
N GLU A 165 -7.50 32.57 102.48
CA GLU A 165 -6.68 32.22 103.62
C GLU A 165 -7.49 31.80 104.85
N LYS A 166 -8.40 32.67 105.25
CA LYS A 166 -9.25 32.45 106.41
C LYS A 166 -10.48 31.60 106.10
N VAL A 167 -10.34 30.61 105.23
CA VAL A 167 -11.45 29.74 104.85
C VAL A 167 -10.88 28.42 104.35
N GLY A 168 -9.56 28.34 104.32
CA GLY A 168 -8.91 27.13 103.85
C GLY A 168 -9.17 26.88 102.39
N LYS A 169 -8.25 26.17 101.74
CA LYS A 169 -8.38 25.89 100.32
C LYS A 169 -9.61 25.04 100.04
N GLU A 170 -10.15 24.42 101.09
CA GLU A 170 -11.34 23.62 100.92
C GLU A 170 -12.59 24.42 101.29
N GLY A 171 -12.41 25.71 101.54
CA GLY A 171 -13.53 26.57 101.91
C GLY A 171 -14.44 26.97 100.76
N ILE A 172 -15.15 28.08 100.91
CA ILE A 172 -16.05 28.55 99.87
C ILE A 172 -16.17 30.06 99.86
N ILE A 173 -15.92 30.64 98.68
CA ILE A 173 -15.98 32.09 98.52
C ILE A 173 -17.10 32.42 97.55
N THR A 174 -17.81 33.51 97.81
CA THR A 174 -18.94 33.89 96.99
C THR A 174 -18.90 35.36 96.62
N VAL A 175 -19.36 35.64 95.40
CA VAL A 175 -19.38 37.00 94.91
C VAL A 175 -20.81 37.50 94.88
N GLU A 176 -21.05 38.58 95.61
CA GLU A 176 -22.37 39.16 95.69
C GLU A 176 -22.31 40.64 95.40
N GLU A 177 -23.48 41.18 95.14
CA GLU A 177 -23.63 42.57 94.77
C GLU A 177 -23.88 43.48 95.97
N SER A 178 -22.81 44.04 96.51
CA SER A 178 -22.94 44.97 97.64
C SER A 178 -23.88 46.10 97.22
N LYS A 179 -24.11 47.03 98.14
CA LYS A 179 -24.99 48.15 97.84
C LYS A 179 -24.26 49.48 97.85
N SER A 180 -23.18 49.55 98.62
CA SER A 180 -22.38 50.77 98.72
C SER A 180 -21.44 50.81 97.53
N LEU A 181 -20.73 51.94 97.39
CA LEU A 181 -19.79 52.08 96.30
C LEU A 181 -18.58 51.23 96.59
N GLU A 182 -18.43 50.82 97.84
CA GLU A 182 -17.28 50.01 98.20
C GLU A 182 -17.53 48.52 98.35
N THR A 183 -16.51 47.74 98.01
CA THR A 183 -16.54 46.29 98.08
C THR A 183 -16.14 45.86 99.47
N GLU A 184 -16.80 44.83 100.00
CA GLU A 184 -16.52 44.36 101.36
C GLU A 184 -16.38 42.85 101.43
N LEU A 185 -15.44 42.38 102.23
CA LEU A 185 -15.25 40.94 102.40
C LEU A 185 -15.83 40.60 103.77
N LYS A 186 -16.71 39.60 103.82
CA LYS A 186 -17.32 39.20 105.08
C LYS A 186 -17.43 37.70 105.22
N PHE A 187 -17.17 37.19 106.42
CA PHE A 187 -17.26 35.77 106.66
C PHE A 187 -18.54 35.39 107.43
N VAL A 188 -19.01 34.18 107.22
CA VAL A 188 -20.20 33.74 107.90
C VAL A 188 -19.83 32.89 109.10
N GLU A 189 -20.24 33.39 110.26
CA GLU A 189 -20.03 32.76 111.56
C GLU A 189 -21.00 31.62 111.89
N GLY A 190 -20.48 30.42 112.07
CA GLY A 190 -21.37 29.31 112.42
C GLY A 190 -22.11 28.72 111.24
N TYR A 191 -23.30 28.18 111.49
CA TYR A 191 -24.09 27.55 110.43
C TYR A 191 -25.23 28.47 110.04
N GLN A 192 -25.51 28.58 108.75
CA GLN A 192 -26.62 29.40 108.30
C GLN A 192 -27.11 28.94 106.94
N PHE A 193 -28.41 29.14 106.70
CA PHE A 193 -29.05 28.77 105.44
C PHE A 193 -30.01 29.90 105.07
N ASP A 194 -30.33 30.01 103.78
CA ASP A 194 -31.19 31.09 103.30
C ASP A 194 -32.68 30.87 103.47
N LYS A 195 -33.11 30.73 104.73
CA LYS A 195 -34.52 30.53 105.09
C LYS A 195 -34.78 31.39 106.31
N GLY A 196 -35.84 32.20 106.26
CA GLY A 196 -36.14 33.10 107.37
C GLY A 196 -37.26 32.73 108.32
N TYR A 197 -37.65 33.68 109.16
CA TYR A 197 -38.71 33.44 110.11
C TYR A 197 -40.06 33.26 109.43
N ILE A 198 -40.67 32.11 109.67
CA ILE A 198 -41.94 31.77 109.04
C ILE A 198 -43.08 32.74 109.36
N SER A 199 -42.80 33.72 110.20
CA SER A 199 -43.82 34.72 110.52
C SER A 199 -43.18 35.92 111.19
N PRO A 200 -43.47 37.12 110.67
CA PRO A 200 -42.94 38.39 111.19
C PRO A 200 -43.19 38.62 112.66
N TYR A 201 -44.07 37.84 113.27
CA TYR A 201 -44.33 38.01 114.70
C TYR A 201 -43.17 37.52 115.57
N PHE A 202 -42.46 36.51 115.06
CA PHE A 202 -41.30 35.92 115.75
C PHE A 202 -40.18 36.94 116.02
N VAL A 203 -40.31 38.13 115.45
CA VAL A 203 -39.30 39.18 115.59
C VAL A 203 -38.98 39.59 117.01
N THR A 204 -37.67 39.65 117.30
CA THR A 204 -37.11 40.03 118.61
C THR A 204 -36.74 41.52 118.64
N ASN A 205 -36.16 42.01 117.54
CA ASN A 205 -35.73 43.40 117.45
C ASN A 205 -36.53 44.18 116.42
N PRO A 206 -37.22 45.24 116.85
CA PRO A 206 -38.04 46.09 115.98
C PRO A 206 -37.19 47.04 115.15
N GLU A 207 -35.90 47.06 115.47
CA GLU A 207 -34.98 47.93 114.77
C GLU A 207 -34.15 47.18 113.74
N THR A 208 -33.99 45.87 113.93
CA THR A 208 -33.21 45.09 112.99
C THR A 208 -34.04 43.98 112.33
N MET A 209 -35.35 43.98 112.57
CA MET A 209 -36.26 42.99 112.03
C MET A 209 -35.69 41.58 112.16
N GLU A 210 -34.95 41.34 113.24
CA GLU A 210 -34.34 40.04 113.50
C GLU A 210 -35.04 39.34 114.64
N ALA A 211 -34.78 38.04 114.74
CA ALA A 211 -35.33 37.22 115.82
C ALA A 211 -34.10 36.62 116.51
N VAL A 212 -33.65 37.27 117.57
CA VAL A 212 -32.48 36.77 118.29
C VAL A 212 -32.93 35.86 119.42
N LEU A 213 -32.36 34.65 119.47
CA LEU A 213 -32.69 33.69 120.52
C LEU A 213 -31.43 33.31 121.25
N GLU A 214 -31.26 33.81 122.48
CA GLU A 214 -30.07 33.52 123.28
C GLU A 214 -30.10 32.15 123.96
N ASP A 215 -29.06 31.35 123.75
CA ASP A 215 -28.96 30.01 124.32
C ASP A 215 -30.30 29.31 124.18
N ALA A 216 -30.55 28.76 123.00
CA ALA A 216 -31.82 28.09 122.72
C ALA A 216 -31.73 26.64 122.30
N PHE A 217 -32.91 26.02 122.25
CA PHE A 217 -33.03 24.64 121.85
C PHE A 217 -33.44 24.63 120.40
N ILE A 218 -32.90 23.69 119.63
CA ILE A 218 -33.25 23.59 118.24
C ILE A 218 -34.07 22.32 118.01
N LEU A 219 -35.30 22.51 117.56
CA LEU A 219 -36.15 21.37 117.25
C LEU A 219 -35.99 21.10 115.74
N ILE A 220 -35.34 20.00 115.41
CA ILE A 220 -35.09 19.61 114.02
C ILE A 220 -36.08 18.54 113.52
N VAL A 221 -37.16 18.98 112.89
CA VAL A 221 -38.21 18.09 112.38
C VAL A 221 -38.23 17.90 110.87
N GLU A 222 -38.01 16.68 110.40
CA GLU A 222 -38.02 16.41 108.96
C GLU A 222 -39.38 16.71 108.29
N LYS A 223 -40.43 16.01 108.74
CA LYS A 223 -41.77 16.19 108.19
C LYS A 223 -42.33 17.59 108.43
N LYS A 224 -43.57 17.84 108.04
CA LYS A 224 -44.18 19.16 108.26
C LYS A 224 -44.70 19.30 109.69
N VAL A 225 -45.37 20.40 109.97
CA VAL A 225 -45.91 20.66 111.31
C VAL A 225 -47.15 21.56 111.27
N SER A 226 -48.34 20.96 111.38
CA SER A 226 -49.59 21.72 111.35
C SER A 226 -50.55 21.39 112.50
N ASN A 227 -50.37 20.21 113.09
CA ASN A 227 -51.21 19.73 114.19
C ASN A 227 -50.66 20.10 115.57
N VAL A 228 -51.38 20.96 116.29
CA VAL A 228 -50.94 21.41 117.62
C VAL A 228 -50.58 20.28 118.58
N ARG A 229 -51.40 19.25 118.61
CA ARG A 229 -51.15 18.13 119.49
C ARG A 229 -49.69 17.71 119.49
N GLU A 230 -49.24 17.09 118.41
CA GLU A 230 -47.84 16.62 118.30
C GLU A 230 -46.82 17.56 118.93
N LEU A 231 -47.05 18.88 118.80
CA LEU A 231 -46.13 19.89 119.34
C LEU A 231 -46.11 20.02 120.87
N LEU A 232 -47.29 20.31 121.42
CA LEU A 232 -47.49 20.50 122.85
C LEU A 232 -46.57 19.72 123.78
N PRO A 233 -46.49 18.39 123.62
CA PRO A 233 -45.58 17.66 124.51
C PRO A 233 -44.21 18.33 124.69
N ILE A 234 -43.51 18.54 123.58
CA ILE A 234 -42.18 19.14 123.62
C ILE A 234 -42.18 20.66 123.90
N LEU A 235 -43.22 21.36 123.49
CA LEU A 235 -43.33 22.80 123.74
C LEU A 235 -43.45 23.04 125.23
N GLU A 236 -44.03 22.08 125.94
CA GLU A 236 -44.21 22.17 127.39
C GLU A 236 -42.89 21.90 128.06
N GLN A 237 -42.25 20.78 127.71
CA GLN A 237 -40.95 20.46 128.29
C GLN A 237 -40.01 21.66 128.14
N VAL A 238 -40.00 22.27 126.96
CA VAL A 238 -39.14 23.42 126.69
C VAL A 238 -39.56 24.66 127.45
N ALA A 239 -40.86 24.96 127.42
CA ALA A 239 -41.39 26.13 128.11
C ALA A 239 -41.00 26.11 129.58
N GLN A 240 -40.90 24.91 130.14
CA GLN A 240 -40.54 24.78 131.53
C GLN A 240 -39.05 24.97 131.74
N THR A 241 -38.30 24.96 130.65
CA THR A 241 -36.86 25.14 130.73
C THR A 241 -36.55 26.63 130.81
N GLY A 242 -37.51 27.45 130.36
CA GLY A 242 -37.32 28.89 130.39
C GLY A 242 -36.37 29.37 129.31
N LYS A 243 -35.95 28.44 128.45
CA LYS A 243 -35.04 28.75 127.36
C LYS A 243 -35.81 28.89 126.04
N PRO A 244 -35.28 29.71 125.13
CA PRO A 244 -35.91 29.91 123.82
C PRO A 244 -35.88 28.66 122.96
N LEU A 245 -36.73 28.65 121.94
CA LEU A 245 -36.77 27.50 121.07
C LEU A 245 -36.87 27.89 119.60
N LEU A 246 -36.13 27.17 118.78
CA LEU A 246 -36.13 27.35 117.35
C LEU A 246 -36.66 26.06 116.73
N ILE A 247 -37.72 26.17 115.94
CA ILE A 247 -38.25 24.98 115.31
C ILE A 247 -37.94 25.01 113.83
N ILE A 248 -37.29 23.95 113.36
CA ILE A 248 -36.90 23.81 111.97
C ILE A 248 -37.62 22.58 111.43
N ALA A 249 -38.60 22.82 110.58
CA ALA A 249 -39.36 21.72 109.97
C ALA A 249 -39.63 22.05 108.51
N GLU A 250 -39.95 21.02 107.72
CA GLU A 250 -40.26 21.21 106.30
C GLU A 250 -41.04 22.52 106.16
N ASP A 251 -41.89 22.78 107.15
CA ASP A 251 -42.69 23.97 107.21
C ASP A 251 -43.50 23.91 108.50
N VAL A 252 -44.05 25.05 108.90
CA VAL A 252 -44.84 25.15 110.11
C VAL A 252 -46.06 25.96 109.70
N GLU A 253 -47.19 25.28 109.55
CA GLU A 253 -48.44 25.91 109.11
C GLU A 253 -49.60 25.62 110.04
N GLY A 254 -50.77 26.12 109.64
CA GLY A 254 -51.99 25.92 110.40
C GLY A 254 -52.02 26.36 111.84
N GLU A 255 -52.73 25.59 112.67
CA GLU A 255 -52.86 25.86 114.10
C GLU A 255 -51.52 25.69 114.82
N ALA A 256 -50.69 24.76 114.33
CA ALA A 256 -49.37 24.52 114.92
C ALA A 256 -48.63 25.84 114.94
N LEU A 257 -48.65 26.55 113.82
CA LEU A 257 -47.98 27.84 113.70
C LEU A 257 -48.71 28.87 114.58
N ALA A 258 -50.02 28.94 114.41
CA ALA A 258 -50.83 29.86 115.17
C ALA A 258 -50.49 29.77 116.66
N THR A 259 -50.26 28.55 117.13
CA THR A 259 -49.93 28.33 118.53
C THR A 259 -48.66 29.08 118.90
N LEU A 260 -47.56 28.72 118.22
CA LEU A 260 -46.25 29.33 118.45
C LEU A 260 -46.28 30.85 118.43
N VAL A 261 -47.03 31.41 117.49
CA VAL A 261 -47.16 32.86 117.38
C VAL A 261 -47.82 33.44 118.63
N VAL A 262 -48.95 32.85 119.03
CA VAL A 262 -49.68 33.32 120.19
C VAL A 262 -48.87 33.24 121.47
N ASN A 263 -48.27 32.09 121.73
CA ASN A 263 -47.47 31.94 122.94
C ASN A 263 -46.30 32.89 122.91
N LYS A 264 -45.78 33.11 121.71
CA LYS A 264 -44.65 34.00 121.52
C LYS A 264 -45.08 35.40 121.94
N LEU A 265 -46.12 35.91 121.30
CA LEU A 265 -46.63 37.23 121.63
C LEU A 265 -47.05 37.32 123.11
N ARG A 266 -47.45 36.20 123.70
CA ARG A 266 -47.91 36.19 125.10
C ARG A 266 -46.78 36.45 126.07
N GLY A 267 -45.78 35.58 126.02
CA GLY A 267 -44.63 35.66 126.89
C GLY A 267 -44.42 34.23 127.32
N THR A 268 -45.42 33.42 127.00
CA THR A 268 -45.41 32.00 127.32
C THR A 268 -44.09 31.36 126.97
N LEU A 269 -43.75 31.46 125.70
CA LEU A 269 -42.53 30.86 125.20
C LEU A 269 -41.94 31.79 124.13
N SER A 270 -40.62 31.81 124.01
CA SER A 270 -39.98 32.61 122.98
C SER A 270 -39.51 31.62 121.93
N VAL A 271 -40.14 31.65 120.77
CA VAL A 271 -39.77 30.74 119.69
C VAL A 271 -39.80 31.41 118.33
N ALA A 272 -39.44 30.61 117.33
CA ALA A 272 -39.42 31.03 115.95
C ALA A 272 -39.38 29.76 115.13
N ALA A 273 -40.13 29.78 114.03
CA ALA A 273 -40.17 28.64 113.12
C ALA A 273 -39.46 29.07 111.83
N VAL A 274 -38.75 28.11 111.24
CA VAL A 274 -37.99 28.34 110.01
C VAL A 274 -38.04 27.07 109.15
N LYS A 275 -38.30 27.22 107.86
CA LYS A 275 -38.36 26.05 106.96
C LYS A 275 -36.98 25.42 106.81
N ALA A 276 -36.95 24.10 106.66
CA ALA A 276 -35.68 23.41 106.52
C ALA A 276 -34.85 24.08 105.41
N PRO A 277 -33.54 23.81 105.38
CA PRO A 277 -32.67 24.40 104.37
C PRO A 277 -33.00 23.95 102.94
N GLY A 278 -32.23 22.99 102.42
CA GLY A 278 -32.43 22.54 101.05
C GLY A 278 -33.79 22.04 100.60
N PHE A 279 -33.74 21.10 99.66
CA PHE A 279 -34.90 20.43 99.09
C PHE A 279 -34.53 18.96 98.91
N GLY A 280 -35.42 18.19 98.29
CA GLY A 280 -35.15 16.78 98.06
C GLY A 280 -34.36 16.12 99.18
N ASP A 281 -33.49 15.19 98.82
CA ASP A 281 -32.70 14.47 99.80
C ASP A 281 -31.54 15.27 100.35
N ARG A 282 -31.43 16.53 99.95
CA ARG A 282 -30.32 17.29 100.46
C ARG A 282 -30.75 17.99 101.74
N ARG A 283 -31.96 18.54 101.78
CA ARG A 283 -32.37 19.20 103.00
C ARG A 283 -32.45 18.13 104.06
N LYS A 284 -32.63 16.88 103.63
CA LYS A 284 -32.68 15.77 104.55
C LYS A 284 -31.28 15.60 105.12
N GLU A 285 -30.30 15.59 104.23
CA GLU A 285 -28.90 15.45 104.61
C GLU A 285 -28.39 16.69 105.33
N MET A 286 -29.01 17.84 105.06
CA MET A 286 -28.61 19.08 105.69
C MET A 286 -29.19 19.22 107.08
N LEU A 287 -30.39 18.70 107.28
CA LEU A 287 -31.00 18.77 108.61
C LEU A 287 -30.08 18.01 109.56
N LYS A 288 -29.51 16.91 109.06
CA LYS A 288 -28.58 16.10 109.82
C LYS A 288 -27.34 16.90 110.12
N ASP A 289 -26.91 17.65 109.12
CA ASP A 289 -25.74 18.50 109.22
C ASP A 289 -26.01 19.43 110.39
N ILE A 290 -27.20 20.06 110.36
CA ILE A 290 -27.63 20.98 111.43
C ILE A 290 -27.69 20.26 112.76
N ALA A 291 -28.07 18.99 112.73
CA ALA A 291 -28.15 18.20 113.95
C ALA A 291 -26.76 18.12 114.56
N ALA A 292 -25.85 17.47 113.86
CA ALA A 292 -24.46 17.31 114.32
C ALA A 292 -23.80 18.59 114.81
N VAL A 293 -24.23 19.73 114.28
CA VAL A 293 -23.66 21.01 114.64
C VAL A 293 -24.25 21.55 115.94
N THR A 294 -25.55 21.31 116.13
CA THR A 294 -26.26 21.76 117.32
C THR A 294 -26.24 20.69 118.38
N GLY A 295 -26.18 19.44 117.93
CA GLY A 295 -26.17 18.31 118.84
C GLY A 295 -27.50 17.59 118.92
N GLY A 296 -28.59 18.31 118.68
CA GLY A 296 -29.91 17.72 118.73
C GLY A 296 -30.07 16.46 117.88
N THR A 297 -31.28 15.94 117.81
CA THR A 297 -31.55 14.75 117.01
C THR A 297 -32.62 15.04 115.97
N VAL A 298 -32.45 14.48 114.77
CA VAL A 298 -33.40 14.72 113.71
C VAL A 298 -34.62 13.83 113.85
N ILE A 299 -35.78 14.46 113.96
CA ILE A 299 -37.03 13.73 114.09
C ILE A 299 -37.36 13.23 112.68
N SER A 300 -36.53 12.28 112.24
CA SER A 300 -36.62 11.66 110.93
C SER A 300 -37.85 10.81 110.78
N GLU A 301 -38.84 11.29 110.03
CA GLU A 301 -40.06 10.52 109.85
C GLU A 301 -39.72 9.13 109.30
N GLU A 302 -38.57 9.02 108.63
CA GLU A 302 -38.16 7.73 108.08
C GLU A 302 -37.03 7.04 108.84
N LEU A 303 -36.94 7.34 110.13
CA LEU A 303 -35.97 6.70 111.01
C LEU A 303 -36.82 6.11 112.13
N GLY A 304 -38.07 6.56 112.20
CA GLY A 304 -38.99 6.06 113.20
C GLY A 304 -39.11 6.92 114.43
N PHE A 305 -39.59 8.15 114.26
CA PHE A 305 -39.76 9.05 115.38
C PHE A 305 -41.07 9.80 115.23
N LYS A 306 -41.70 10.10 116.36
CA LYS A 306 -42.93 10.85 116.37
C LYS A 306 -42.64 12.15 117.06
N LEU A 307 -43.10 13.24 116.47
CA LEU A 307 -42.87 14.56 117.04
C LEU A 307 -43.42 14.62 118.47
N GLU A 308 -44.60 14.02 118.67
CA GLU A 308 -45.24 14.01 119.98
C GLU A 308 -44.38 13.37 121.08
N ASN A 309 -43.59 12.37 120.71
CA ASN A 309 -42.73 11.66 121.66
C ASN A 309 -41.33 12.28 121.76
N ALA A 310 -41.21 13.55 121.38
CA ALA A 310 -39.93 14.23 121.44
C ALA A 310 -39.55 14.60 122.86
N THR A 311 -38.25 14.66 123.12
CA THR A 311 -37.73 15.02 124.44
C THR A 311 -36.70 16.13 124.39
N LEU A 312 -36.50 16.78 125.52
CA LEU A 312 -35.49 17.82 125.55
C LEU A 312 -34.15 17.15 125.29
N SER A 313 -34.07 15.87 125.61
CA SER A 313 -32.84 15.12 125.43
C SER A 313 -32.38 15.07 124.00
N MET A 314 -33.31 15.14 123.06
CA MET A 314 -32.94 15.08 121.65
C MET A 314 -33.04 16.40 120.93
N LEU A 315 -32.99 17.50 121.67
CA LEU A 315 -33.05 18.82 121.08
C LEU A 315 -31.66 19.37 120.79
N GLY A 316 -31.59 20.26 119.80
CA GLY A 316 -30.33 20.86 119.47
C GLY A 316 -30.15 22.05 120.39
N ARG A 317 -28.90 22.45 120.63
CA ARG A 317 -28.66 23.56 121.51
C ARG A 317 -27.58 24.46 120.92
N ALA A 318 -27.78 25.78 121.03
CA ALA A 318 -26.82 26.72 120.47
C ALA A 318 -26.65 28.00 121.28
N GLU A 319 -25.45 28.59 121.20
CA GLU A 319 -25.17 29.81 121.94
C GLU A 319 -26.05 30.97 121.50
N ARG A 320 -26.43 31.00 120.22
CA ARG A 320 -27.29 32.08 119.72
C ARG A 320 -27.90 31.76 118.37
N VAL A 321 -28.99 32.45 118.04
CA VAL A 321 -29.70 32.25 116.78
C VAL A 321 -30.32 33.54 116.26
N ARG A 322 -29.91 33.93 115.06
CA ARG A 322 -30.39 35.13 114.38
C ARG A 322 -31.31 34.72 113.25
N ILE A 323 -32.43 35.40 113.13
CA ILE A 323 -33.38 35.10 112.08
C ILE A 323 -33.85 36.38 111.43
N THR A 324 -33.55 36.49 110.13
CA THR A 324 -33.92 37.66 109.35
C THR A 324 -35.08 37.28 108.45
N LYS A 325 -35.66 38.28 107.78
CA LYS A 325 -36.77 38.06 106.89
C LYS A 325 -36.50 36.89 105.93
N ASP A 326 -35.23 36.62 105.64
CA ASP A 326 -34.93 35.53 104.73
C ASP A 326 -33.66 34.75 105.03
N GLU A 327 -33.12 34.95 106.23
CA GLU A 327 -31.91 34.24 106.60
C GLU A 327 -31.93 33.72 108.05
N THR A 328 -31.17 32.66 108.29
CA THR A 328 -31.08 32.07 109.62
C THR A 328 -29.66 31.65 109.94
N THR A 329 -29.14 32.16 111.05
CA THR A 329 -27.78 31.85 111.47
C THR A 329 -27.78 31.24 112.88
N ILE A 330 -27.19 30.06 113.00
CA ILE A 330 -27.11 29.35 114.28
C ILE A 330 -25.68 29.44 114.82
N VAL A 331 -25.47 30.43 115.69
CA VAL A 331 -24.17 30.65 116.30
C VAL A 331 -23.94 29.74 117.50
N GLY A 332 -22.67 29.47 117.79
CA GLY A 332 -22.33 28.63 118.92
C GLY A 332 -23.07 27.32 119.07
N GLY A 333 -23.16 26.55 117.98
CA GLY A 333 -23.82 25.26 118.07
C GLY A 333 -23.08 24.45 119.13
N LYS A 334 -23.80 23.64 119.89
CA LYS A 334 -23.17 22.84 120.94
C LYS A 334 -22.86 21.43 120.50
N GLY A 335 -23.17 21.11 119.26
CA GLY A 335 -22.93 19.77 118.74
C GLY A 335 -21.63 19.10 119.12
N LYS A 336 -21.58 17.79 118.92
CA LYS A 336 -20.41 16.99 119.24
C LYS A 336 -19.38 17.10 118.10
N LYS A 337 -18.14 17.41 118.45
CA LYS A 337 -17.07 17.55 117.46
C LYS A 337 -16.94 16.35 116.52
N GLU A 338 -16.91 15.14 117.07
CA GLU A 338 -16.81 13.95 116.23
C GLU A 338 -17.98 13.93 115.28
N ASP A 339 -19.16 14.27 115.78
CA ASP A 339 -20.36 14.29 114.97
C ASP A 339 -20.15 15.16 113.75
N ILE A 340 -19.53 16.32 113.95
CA ILE A 340 -19.27 17.22 112.85
C ILE A 340 -18.24 16.67 111.88
N GLU A 341 -17.10 16.24 112.39
CA GLU A 341 -16.05 15.69 111.54
C GLU A 341 -16.57 14.52 110.73
N ALA A 342 -17.30 13.62 111.38
CA ALA A 342 -17.86 12.46 110.72
C ALA A 342 -18.87 12.91 109.68
N ARG A 343 -19.56 14.01 109.96
CA ARG A 343 -20.55 14.53 109.04
C ARG A 343 -19.80 15.12 107.86
N ILE A 344 -18.64 15.70 108.16
CA ILE A 344 -17.77 16.32 107.17
C ILE A 344 -17.09 15.29 106.25
N ASN A 345 -16.24 14.45 106.84
CA ASN A 345 -15.53 13.41 106.10
C ASN A 345 -16.47 12.50 105.34
N GLY A 346 -17.77 12.73 105.52
CA GLY A 346 -18.76 11.94 104.82
C GLY A 346 -18.97 12.58 103.46
N ILE A 347 -18.88 13.89 103.44
CA ILE A 347 -19.01 14.63 102.21
C ILE A 347 -17.73 14.42 101.40
N LYS A 348 -16.58 14.50 102.07
CA LYS A 348 -15.29 14.32 101.42
C LYS A 348 -15.17 12.96 100.75
N LYS A 349 -15.31 11.89 101.53
CA LYS A 349 -15.22 10.54 101.00
C LYS A 349 -16.36 10.23 100.02
N GLU A 350 -17.10 11.26 99.67
CA GLU A 350 -18.21 11.12 98.76
C GLU A 350 -17.93 11.95 97.51
N LEU A 351 -17.29 13.10 97.70
CA LEU A 351 -16.95 13.99 96.59
C LEU A 351 -16.00 13.28 95.63
N GLU A 352 -15.21 12.38 96.18
CA GLU A 352 -14.26 11.62 95.37
C GLU A 352 -14.97 10.53 94.57
N THR A 353 -16.19 10.82 94.15
CA THR A 353 -16.98 9.90 93.35
C THR A 353 -18.06 10.69 92.63
N THR A 354 -18.09 12.00 92.89
CA THR A 354 -19.06 12.88 92.26
C THR A 354 -18.45 13.42 90.96
N ASP A 355 -19.29 13.61 89.95
CA ASP A 355 -18.80 14.14 88.68
C ASP A 355 -19.39 15.51 88.40
N SER A 356 -20.64 15.55 87.99
CA SER A 356 -21.28 16.81 87.67
C SER A 356 -20.79 17.88 88.62
N GLU A 357 -19.96 18.78 88.10
CA GLU A 357 -19.39 19.85 88.89
C GLU A 357 -20.46 20.55 89.71
N TYR A 358 -21.70 20.49 89.26
CA TYR A 358 -22.80 21.12 90.00
C TYR A 358 -23.06 20.41 91.31
N ALA A 359 -22.91 19.10 91.30
CA ALA A 359 -23.12 18.30 92.49
C ALA A 359 -21.96 18.51 93.45
N ARG A 360 -20.77 18.75 92.91
CA ARG A 360 -19.59 18.97 93.74
C ARG A 360 -19.66 20.33 94.42
N GLU A 361 -20.43 21.25 93.86
CA GLU A 361 -20.56 22.57 94.44
C GLU A 361 -21.57 22.54 95.60
N LYS A 362 -22.57 21.68 95.47
CA LYS A 362 -23.58 21.54 96.49
C LYS A 362 -22.98 20.84 97.69
N LEU A 363 -22.23 19.77 97.41
CA LEU A 363 -21.59 18.97 98.44
C LEU A 363 -20.37 19.71 98.92
N GLN A 364 -20.27 20.98 98.54
CA GLN A 364 -19.14 21.79 98.94
C GLN A 364 -19.59 22.87 99.91
N GLU A 365 -20.70 23.53 99.60
CA GLU A 365 -21.23 24.57 100.48
C GLU A 365 -21.70 23.92 101.77
N ARG A 366 -21.98 22.63 101.71
CA ARG A 366 -22.40 21.91 102.90
C ARG A 366 -21.13 21.83 103.74
N LEU A 367 -20.12 21.18 103.17
CA LEU A 367 -18.83 21.02 103.83
C LEU A 367 -18.22 22.38 104.18
N ALA A 368 -18.74 23.44 103.58
CA ALA A 368 -18.26 24.78 103.87
C ALA A 368 -18.93 25.24 105.15
N LYS A 369 -20.26 25.26 105.15
CA LYS A 369 -21.03 25.68 106.32
C LYS A 369 -20.55 24.87 107.51
N LEU A 370 -20.37 23.57 107.29
CA LEU A 370 -19.92 22.65 108.34
C LEU A 370 -18.59 23.02 108.97
N ALA A 371 -17.70 23.59 108.18
CA ALA A 371 -16.40 23.99 108.71
C ALA A 371 -16.41 25.50 108.95
N GLY A 372 -17.61 26.05 109.14
CA GLY A 372 -17.78 27.47 109.39
C GLY A 372 -16.91 28.28 108.48
N GLY A 373 -16.64 27.73 107.30
CA GLY A 373 -15.78 28.41 106.35
C GLY A 373 -16.43 28.98 105.11
N VAL A 374 -17.24 30.00 105.28
CA VAL A 374 -17.92 30.63 104.16
C VAL A 374 -17.60 32.11 104.08
N ALA A 375 -16.93 32.49 103.01
CA ALA A 375 -16.56 33.88 102.79
C ALA A 375 -17.49 34.44 101.74
N VAL A 376 -17.66 35.75 101.74
CA VAL A 376 -18.51 36.39 100.77
C VAL A 376 -18.06 37.81 100.44
N ILE A 377 -17.69 38.00 99.18
CA ILE A 377 -17.21 39.30 98.73
C ILE A 377 -18.39 40.03 98.11
N ARG A 378 -18.75 41.17 98.68
CA ARG A 378 -19.84 41.92 98.14
C ARG A 378 -19.27 43.10 97.34
N VAL A 379 -19.23 42.94 96.02
CA VAL A 379 -18.70 43.93 95.10
C VAL A 379 -19.49 45.22 94.98
N GLY A 380 -18.81 46.35 95.11
CA GLY A 380 -19.49 47.63 95.01
C GLY A 380 -19.01 48.39 93.79
N ALA A 381 -19.80 49.35 93.35
CA ALA A 381 -19.48 50.15 92.18
C ALA A 381 -20.45 51.32 92.08
N ALA A 382 -20.19 52.25 91.19
CA ALA A 382 -21.08 53.40 91.07
C ALA A 382 -22.20 53.22 90.05
N THR A 383 -21.96 52.32 89.11
CA THR A 383 -22.96 52.07 88.07
C THR A 383 -23.09 50.57 87.82
N GLU A 384 -24.26 50.21 87.30
CA GLU A 384 -24.53 48.81 86.99
C GLU A 384 -23.48 48.29 86.01
N THR A 385 -23.23 49.06 84.96
CA THR A 385 -22.29 48.63 83.94
C THR A 385 -20.93 48.35 84.49
N GLU A 386 -20.43 49.25 85.34
CA GLU A 386 -19.12 49.05 85.93
C GLU A 386 -19.15 47.83 86.85
N LEU A 387 -20.15 47.82 87.71
CA LEU A 387 -20.34 46.74 88.66
C LEU A 387 -20.36 45.36 88.03
N LYS A 388 -21.16 45.23 86.99
CA LYS A 388 -21.26 43.96 86.32
C LYS A 388 -19.89 43.40 85.91
N GLU A 389 -18.99 44.28 85.48
CA GLU A 389 -17.64 43.88 85.05
C GLU A 389 -16.74 43.64 86.25
N LYS A 390 -16.79 44.57 87.20
CA LYS A 390 -15.97 44.45 88.40
C LYS A 390 -16.24 43.09 89.01
N LYS A 391 -17.54 42.79 89.16
CA LYS A 391 -18.05 41.54 89.71
C LYS A 391 -17.46 40.38 88.91
N HIS A 392 -17.51 40.50 87.59
CA HIS A 392 -16.98 39.45 86.74
C HIS A 392 -15.50 39.19 86.97
N ARG A 393 -14.72 40.25 87.13
CA ARG A 393 -13.29 40.07 87.35
C ARG A 393 -13.03 39.23 88.60
N PHE A 394 -13.81 39.47 89.66
CA PHE A 394 -13.64 38.67 90.87
C PHE A 394 -13.89 37.22 90.56
N GLU A 395 -14.96 36.97 89.80
CA GLU A 395 -15.31 35.62 89.44
C GLU A 395 -14.19 34.95 88.67
N ASP A 396 -13.60 35.65 87.71
CA ASP A 396 -12.49 35.05 86.96
C ASP A 396 -11.33 34.73 87.89
N ALA A 397 -11.00 35.71 88.74
CA ALA A 397 -9.92 35.58 89.71
C ALA A 397 -10.10 34.27 90.51
N LEU A 398 -11.31 34.04 90.98
CA LEU A 398 -11.57 32.82 91.74
C LEU A 398 -11.34 31.56 90.91
N ASN A 399 -11.92 31.52 89.70
CA ASN A 399 -11.75 30.35 88.84
C ASN A 399 -10.28 30.07 88.64
N ALA A 400 -9.49 31.14 88.64
CA ALA A 400 -8.05 31.04 88.46
C ALA A 400 -7.48 30.35 89.67
N THR A 401 -7.74 30.95 90.83
CA THR A 401 -7.27 30.42 92.11
C THR A 401 -7.58 28.94 92.22
N ARG A 402 -8.82 28.57 91.93
CA ARG A 402 -9.24 27.18 91.98
C ARG A 402 -8.31 26.33 91.14
N ALA A 403 -8.17 26.70 89.87
CA ALA A 403 -7.32 25.95 88.95
C ALA A 403 -5.88 25.92 89.44
N ALA A 404 -5.46 27.03 90.03
CA ALA A 404 -4.10 27.18 90.53
C ALA A 404 -3.81 26.10 91.57
N VAL A 405 -4.71 25.97 92.53
CA VAL A 405 -4.57 24.97 93.59
C VAL A 405 -4.60 23.56 93.03
N GLU A 406 -5.41 23.34 92.00
CA GLU A 406 -5.53 22.02 91.39
C GLU A 406 -4.26 21.55 90.72
N GLU A 407 -3.89 22.20 89.61
CA GLU A 407 -2.73 21.77 88.82
C GLU A 407 -1.42 22.52 88.97
N GLY A 408 -1.43 23.60 89.74
CA GLY A 408 -0.18 24.31 89.90
C GLY A 408 -0.17 25.71 89.34
N ILE A 409 1.03 26.27 89.27
CA ILE A 409 1.23 27.62 88.78
C ILE A 409 2.47 27.64 87.87
N VAL A 410 2.44 28.46 86.83
CA VAL A 410 3.57 28.61 85.89
C VAL A 410 3.82 30.08 85.61
N PRO A 411 4.98 30.40 85.01
CA PRO A 411 5.25 31.81 84.73
C PRO A 411 4.28 32.36 83.67
N GLY A 412 3.79 33.58 83.91
CA GLY A 412 2.84 34.22 83.02
C GLY A 412 3.31 34.87 81.72
N GLY A 413 2.55 35.87 81.25
CA GLY A 413 2.87 36.56 80.01
C GLY A 413 3.18 35.67 78.80
N GLY A 414 2.66 34.45 78.78
CA GLY A 414 2.90 33.57 77.66
C GLY A 414 4.28 32.95 77.71
N VAL A 415 5.07 33.40 78.67
CA VAL A 415 6.43 32.91 78.85
C VAL A 415 6.51 31.40 78.91
N THR A 416 5.64 30.83 79.72
CA THR A 416 5.62 29.39 79.91
C THR A 416 5.39 28.64 78.60
N LEU A 417 4.53 29.14 77.73
CA LEU A 417 4.31 28.49 76.43
C LEU A 417 5.52 28.65 75.52
N LEU A 418 6.22 29.79 75.66
CA LEU A 418 7.42 30.03 74.85
C LEU A 418 8.45 28.97 75.23
N ARG A 419 8.58 28.71 76.53
CA ARG A 419 9.53 27.70 76.99
C ARG A 419 9.19 26.30 76.47
N ALA A 420 7.94 26.12 76.06
CA ALA A 420 7.50 24.85 75.52
C ALA A 420 8.09 24.61 74.13
N ILE A 421 8.42 25.70 73.45
CA ILE A 421 8.98 25.59 72.11
C ILE A 421 10.20 24.66 72.04
N SER A 422 11.18 24.87 72.92
CA SER A 422 12.38 24.04 72.94
C SER A 422 12.02 22.57 72.96
N ALA A 423 10.91 22.24 73.63
CA ALA A 423 10.45 20.85 73.72
C ALA A 423 9.95 20.40 72.35
N VAL A 424 9.16 21.25 71.71
CA VAL A 424 8.63 20.92 70.40
C VAL A 424 9.80 20.80 69.44
N GLU A 425 10.77 21.69 69.62
CA GLU A 425 11.96 21.72 68.80
C GLU A 425 12.62 20.35 68.87
N GLU A 426 12.88 19.88 70.08
CA GLU A 426 13.52 18.60 70.29
C GLU A 426 12.71 17.49 69.61
N LEU A 427 11.40 17.62 69.70
CA LEU A 427 10.51 16.64 69.10
C LEU A 427 10.70 16.62 67.58
N ILE A 428 10.71 17.80 66.96
CA ILE A 428 10.89 17.94 65.52
C ILE A 428 12.10 17.16 65.03
N LYS A 429 13.20 17.25 65.75
CA LYS A 429 14.42 16.55 65.37
C LYS A 429 14.13 15.07 65.22
N LYS A 430 13.08 14.61 65.88
CA LYS A 430 12.73 13.21 65.80
C LYS A 430 11.64 12.91 64.82
N LEU A 431 11.14 13.95 64.17
CA LEU A 431 10.06 13.81 63.23
C LEU A 431 10.46 14.04 61.78
N GLU A 432 9.62 13.60 60.85
CA GLU A 432 9.86 13.76 59.42
C GLU A 432 8.63 14.27 58.68
N GLY A 433 8.74 14.33 57.36
CA GLY A 433 7.65 14.75 56.51
C GLY A 433 6.72 15.84 57.01
N ASP A 434 5.46 15.76 56.59
CA ASP A 434 4.46 16.73 57.00
C ASP A 434 4.23 16.70 58.51
N GLU A 435 4.52 15.55 59.11
CA GLU A 435 4.34 15.40 60.54
C GLU A 435 5.24 16.39 61.26
N ALA A 436 6.45 16.55 60.74
CA ALA A 436 7.39 17.49 61.31
C ALA A 436 6.86 18.90 61.08
N THR A 437 6.25 19.11 59.93
CA THR A 437 5.67 20.40 59.60
C THR A 437 4.62 20.70 60.66
N GLY A 438 3.81 19.69 60.95
CA GLY A 438 2.76 19.86 61.94
C GLY A 438 3.33 20.40 63.24
N ALA A 439 4.34 19.70 63.75
CA ALA A 439 5.02 20.12 64.97
C ALA A 439 5.43 21.59 64.86
N LYS A 440 6.10 21.94 63.75
CA LYS A 440 6.55 23.31 63.52
C LYS A 440 5.39 24.30 63.64
N ILE A 441 4.22 23.89 63.19
CA ILE A 441 3.05 24.75 63.27
C ILE A 441 2.82 25.16 64.73
N VAL A 442 2.94 24.19 65.64
CA VAL A 442 2.70 24.47 67.04
C VAL A 442 3.81 25.37 67.53
N ARG A 443 5.03 25.01 67.13
CA ARG A 443 6.22 25.78 67.50
C ARG A 443 5.99 27.27 67.29
N ARG A 444 5.47 27.63 66.12
CA ARG A 444 5.20 29.03 65.83
C ARG A 444 4.04 29.56 66.66
N ALA A 445 2.93 28.81 66.66
CA ALA A 445 1.73 29.20 67.38
C ALA A 445 2.04 29.57 68.83
N LEU A 446 2.89 28.77 69.46
CA LEU A 446 3.27 28.99 70.84
C LEU A 446 3.71 30.44 71.17
N GLU A 447 4.08 31.19 70.15
CA GLU A 447 4.55 32.56 70.34
C GLU A 447 3.42 33.58 70.39
N GLU A 448 2.32 33.28 69.70
CA GLU A 448 1.21 34.20 69.63
C GLU A 448 0.75 34.88 70.91
N PRO A 449 0.53 34.09 71.98
CA PRO A 449 0.09 34.68 73.25
C PRO A 449 1.08 35.76 73.73
N ALA A 450 2.35 35.37 73.89
CA ALA A 450 3.39 36.32 74.31
C ALA A 450 3.35 37.56 73.39
N ARG A 451 3.44 37.33 72.07
CA ARG A 451 3.40 38.42 71.09
C ARG A 451 2.25 39.39 71.30
N GLN A 452 1.03 38.88 71.19
CA GLN A 452 -0.17 39.69 71.34
C GLN A 452 -0.21 40.47 72.63
N ILE A 453 0.30 39.89 73.72
CA ILE A 453 0.29 40.59 75.00
C ILE A 453 1.14 41.83 74.79
N ALA A 454 2.39 41.60 74.44
CA ALA A 454 3.33 42.68 74.18
C ALA A 454 2.72 43.65 73.17
N GLU A 455 2.26 43.11 72.05
CA GLU A 455 1.67 43.93 71.01
C GLU A 455 0.60 44.87 71.56
N ASN A 456 -0.41 44.34 72.27
CA ASN A 456 -1.49 45.16 72.82
C ASN A 456 -0.97 46.18 73.81
N ALA A 457 0.25 45.93 74.30
CA ALA A 457 0.92 46.84 75.24
C ALA A 457 1.65 47.98 74.53
N GLY A 458 1.91 47.82 73.23
CA GLY A 458 2.58 48.84 72.44
C GLY A 458 4.01 48.47 72.12
N TYR A 459 4.30 47.18 72.02
CA TYR A 459 5.65 46.72 71.75
C TYR A 459 5.74 45.80 70.53
N GLU A 460 6.94 45.38 70.18
CA GLU A 460 7.08 44.53 69.04
C GLU A 460 7.05 43.07 69.40
N GLY A 461 5.93 42.44 69.07
CA GLY A 461 5.76 41.04 69.37
C GLY A 461 7.02 40.24 69.09
N SER A 462 7.46 40.23 67.83
CA SER A 462 8.64 39.46 67.46
C SER A 462 9.88 39.84 68.26
N VAL A 463 10.08 41.14 68.46
CA VAL A 463 11.24 41.58 69.23
C VAL A 463 11.28 40.93 70.61
N ILE A 464 10.27 41.24 71.42
CA ILE A 464 10.17 40.74 72.78
C ILE A 464 10.29 39.23 72.88
N VAL A 465 9.55 38.54 72.04
CA VAL A 465 9.60 37.09 72.02
C VAL A 465 11.03 36.59 71.82
N GLN A 466 11.80 37.34 71.04
CA GLN A 466 13.18 36.95 70.77
C GLN A 466 14.06 37.08 72.01
N GLN A 467 14.00 38.24 72.66
CA GLN A 467 14.80 38.45 73.86
C GLN A 467 14.45 37.43 74.93
N ILE A 468 13.18 37.05 75.01
CA ILE A 468 12.73 36.07 75.99
C ILE A 468 13.34 34.72 75.67
N LEU A 469 13.13 34.27 74.44
CA LEU A 469 13.68 33.00 74.00
C LEU A 469 15.20 33.03 73.99
N ALA A 470 15.76 34.24 74.10
CA ALA A 470 17.21 34.45 74.10
C ALA A 470 17.82 33.96 75.40
N GLU A 471 17.48 34.61 76.51
CA GLU A 471 18.02 34.21 77.78
C GLU A 471 17.41 32.88 78.20
N THR A 472 18.18 31.80 78.01
CA THR A 472 17.74 30.45 78.32
C THR A 472 18.38 29.82 79.56
N LYS A 473 18.79 30.67 80.50
CA LYS A 473 19.42 30.18 81.71
C LYS A 473 18.29 29.90 82.69
N ASN A 474 17.43 30.90 82.87
CA ASN A 474 16.29 30.82 83.78
C ASN A 474 14.97 30.95 83.04
N PRO A 475 14.24 29.83 82.88
CA PRO A 475 12.96 29.84 82.17
C PRO A 475 11.96 30.84 82.69
N ARG A 476 12.13 31.25 83.95
CA ARG A 476 11.21 32.24 84.55
C ARG A 476 11.40 33.62 83.94
N TYR A 477 12.34 33.73 82.99
CA TYR A 477 12.64 35.00 82.37
C TYR A 477 11.59 35.39 81.33
N GLY A 478 10.99 36.57 81.49
CA GLY A 478 9.98 36.99 80.55
C GLY A 478 9.74 38.49 80.55
N PHE A 479 8.80 38.94 79.73
CA PHE A 479 8.52 40.36 79.62
C PHE A 479 7.28 40.82 80.42
N ASN A 480 7.45 41.88 81.19
CA ASN A 480 6.37 42.43 82.00
C ASN A 480 5.68 43.50 81.20
N ALA A 481 4.77 43.06 80.33
CA ALA A 481 4.04 43.97 79.46
C ALA A 481 3.40 45.16 80.17
N ALA A 482 3.46 45.21 81.49
CA ALA A 482 2.82 46.32 82.18
C ALA A 482 3.76 47.42 82.56
N THR A 483 5.01 47.05 82.86
CA THR A 483 6.04 48.01 83.24
C THR A 483 7.01 48.24 82.06
N GLY A 484 7.06 47.28 81.14
CA GLY A 484 7.94 47.39 80.00
C GLY A 484 9.35 46.92 80.33
N GLU A 485 9.48 45.94 81.21
CA GLU A 485 10.78 45.45 81.59
C GLU A 485 10.86 43.96 81.70
N PHE A 486 11.98 43.40 81.27
CA PHE A 486 12.16 41.96 81.35
C PHE A 486 12.48 41.64 82.79
N VAL A 487 11.82 40.60 83.31
CA VAL A 487 11.99 40.20 84.70
C VAL A 487 11.78 38.71 84.90
N ASP A 488 11.96 38.27 86.15
CA ASP A 488 11.72 36.87 86.47
C ASP A 488 10.22 36.88 86.73
N MET A 489 9.46 36.36 85.76
CA MET A 489 8.01 36.34 85.86
C MET A 489 7.47 35.86 87.21
N VAL A 490 7.99 34.75 87.72
CA VAL A 490 7.55 34.23 89.02
C VAL A 490 7.86 35.22 90.14
N GLU A 491 9.11 35.64 90.23
CA GLU A 491 9.51 36.60 91.26
C GLU A 491 8.74 37.91 91.13
N ALA A 492 8.33 38.25 89.91
CA ALA A 492 7.59 39.49 89.67
C ALA A 492 6.13 39.34 90.02
N GLY A 493 5.72 38.09 90.26
CA GLY A 493 4.34 37.83 90.62
C GLY A 493 3.43 37.71 89.42
N ILE A 494 4.02 37.44 88.26
CA ILE A 494 3.25 37.29 87.04
C ILE A 494 3.16 35.81 86.71
N VAL A 495 2.23 35.15 87.36
CA VAL A 495 2.03 33.72 87.20
C VAL A 495 0.63 33.32 86.73
N ASP A 496 0.54 32.14 86.12
CA ASP A 496 -0.72 31.65 85.59
C ASP A 496 -0.99 30.22 86.03
N PRO A 497 -2.26 29.90 86.23
CA PRO A 497 -2.58 28.54 86.63
C PRO A 497 -2.17 27.58 85.50
N ALA A 498 -1.25 26.67 85.79
CA ALA A 498 -0.80 25.72 84.79
C ALA A 498 -1.98 25.01 84.14
N LYS A 499 -3.09 24.92 84.85
CA LYS A 499 -4.27 24.26 84.29
C LYS A 499 -4.82 25.01 83.08
N VAL A 500 -5.03 26.32 83.21
CA VAL A 500 -5.56 27.11 82.09
C VAL A 500 -4.64 27.01 80.88
N THR A 501 -3.35 27.23 81.09
CA THR A 501 -2.39 27.16 80.00
C THR A 501 -2.56 25.83 79.27
N ARG A 502 -2.37 24.72 79.95
CA ARG A 502 -2.53 23.42 79.31
C ARG A 502 -3.88 23.29 78.58
N SER A 503 -4.94 23.76 79.20
CA SER A 503 -6.26 23.66 78.59
C SER A 503 -6.35 24.46 77.29
N ALA A 504 -6.13 25.77 77.40
CA ALA A 504 -6.19 26.66 76.25
C ALA A 504 -5.50 26.05 75.04
N LEU A 505 -4.25 25.62 75.22
CA LEU A 505 -3.50 25.03 74.11
C LEU A 505 -4.19 23.75 73.57
N GLN A 506 -4.54 22.83 74.45
CA GLN A 506 -5.20 21.59 74.02
C GLN A 506 -6.50 21.83 73.28
N ASN A 507 -7.25 22.82 73.72
CA ASN A 507 -8.50 23.14 73.06
C ASN A 507 -8.27 23.82 71.72
N ALA A 508 -7.33 24.76 71.69
CA ALA A 508 -7.00 25.48 70.48
C ALA A 508 -6.51 24.47 69.44
N ALA A 509 -5.57 23.64 69.83
CA ALA A 509 -5.02 22.66 68.91
C ALA A 509 -6.05 21.63 68.47
N SER A 510 -7.07 21.41 69.30
CA SER A 510 -8.09 20.41 68.97
C SER A 510 -8.88 20.86 67.76
N ILE A 511 -9.46 22.05 67.84
CA ILE A 511 -10.25 22.60 66.75
C ILE A 511 -9.35 22.95 65.56
N GLY A 512 -8.21 23.57 65.86
CA GLY A 512 -7.27 23.97 64.81
C GLY A 512 -6.94 22.87 63.82
N ALA A 513 -6.35 21.80 64.32
CA ALA A 513 -6.00 20.69 63.47
C ALA A 513 -7.20 20.24 62.65
N LEU A 514 -8.38 20.20 63.26
CA LEU A 514 -9.60 19.74 62.56
C LEU A 514 -9.75 20.54 61.28
N ILE A 515 -9.75 21.86 61.43
CA ILE A 515 -9.90 22.77 60.30
C ILE A 515 -8.97 22.42 59.13
N LEU A 516 -7.67 22.26 59.41
CA LEU A 516 -6.70 21.91 58.38
C LEU A 516 -7.09 20.68 57.56
N THR A 517 -8.02 19.88 58.05
CA THR A 517 -8.41 18.70 57.31
C THR A 517 -9.63 18.92 56.44
N THR A 518 -10.15 20.15 56.42
CA THR A 518 -11.30 20.45 55.58
C THR A 518 -10.94 20.35 54.11
N GLU A 519 -11.85 19.79 53.31
CA GLU A 519 -11.65 19.66 51.88
C GLU A 519 -12.96 19.96 51.20
N ALA A 520 -13.99 20.17 52.01
CA ALA A 520 -15.31 20.52 51.50
C ALA A 520 -16.14 21.07 52.65
N VAL A 521 -17.21 21.74 52.29
CA VAL A 521 -18.11 22.31 53.26
C VAL A 521 -19.52 22.30 52.66
N VAL A 522 -20.51 21.92 53.45
CA VAL A 522 -21.87 21.90 52.96
C VAL A 522 -22.62 22.90 53.80
N ALA A 523 -22.94 24.05 53.23
CA ALA A 523 -23.66 25.08 53.97
C ALA A 523 -24.94 25.48 53.28
N GLU A 524 -25.68 26.37 53.92
CA GLU A 524 -26.95 26.83 53.38
C GLU A 524 -26.71 27.82 52.27
N LYS A 525 -27.39 27.61 51.15
CA LYS A 525 -27.26 28.50 50.01
C LYS A 525 -27.73 29.86 50.48
N PRO A 526 -26.89 30.89 50.28
CA PRO A 526 -27.08 32.29 50.66
C PRO A 526 -28.22 33.05 50.02
N GLU A 527 -28.93 33.74 50.88
CA GLU A 527 -29.94 34.67 50.42
C GLU A 527 -30.72 34.24 49.08
N LYS A 528 -31.92 33.56 49.21
CA LYS A 528 -32.68 33.15 48.08
C LYS A 528 -33.89 34.05 48.12
N ALA B 2 -47.82 23.15 37.40
CA ALA B 2 -46.88 23.03 38.54
C ALA B 2 -45.78 22.05 38.18
N LYS B 3 -46.06 21.19 37.21
CA LYS B 3 -45.08 20.18 36.81
C LYS B 3 -44.37 20.57 35.54
N ILE B 4 -43.25 19.90 35.30
CA ILE B 4 -42.42 20.14 34.12
C ILE B 4 -42.02 18.76 33.60
N LEU B 5 -42.14 18.54 32.29
CA LEU B 5 -41.80 17.22 31.77
C LEU B 5 -40.54 17.26 30.95
N VAL B 6 -39.51 16.60 31.46
CA VAL B 6 -38.19 16.57 30.82
C VAL B 6 -37.91 15.20 30.29
N PHE B 7 -37.48 15.13 29.04
CA PHE B 7 -37.20 13.85 28.45
C PHE B 7 -35.77 13.60 28.09
N ASP B 8 -35.57 12.47 27.44
CA ASP B 8 -34.29 12.00 26.97
C ASP B 8 -33.05 12.48 27.70
N GLU B 9 -32.01 12.76 26.93
CA GLU B 9 -30.73 13.20 27.46
C GLU B 9 -30.83 14.41 28.37
N ALA B 10 -31.77 15.30 28.08
CA ALA B 10 -31.94 16.46 28.92
C ALA B 10 -32.14 16.01 30.36
N ALA B 11 -33.02 15.03 30.52
CA ALA B 11 -33.35 14.43 31.81
C ALA B 11 -32.17 13.68 32.41
N ARG B 12 -31.62 12.72 31.66
CA ARG B 12 -30.49 11.98 32.20
C ARG B 12 -29.32 12.88 32.65
N ARG B 13 -29.00 13.90 31.86
CA ARG B 13 -27.89 14.78 32.23
C ARG B 13 -28.17 15.46 33.56
N ALA B 14 -29.33 16.08 33.68
CA ALA B 14 -29.68 16.76 34.93
C ALA B 14 -29.53 15.79 36.11
N LEU B 15 -30.13 14.61 36.00
CA LEU B 15 -30.03 13.62 37.07
C LEU B 15 -28.55 13.40 37.37
N GLU B 16 -27.79 13.08 36.33
CA GLU B 16 -26.36 12.83 36.49
C GLU B 16 -25.66 13.97 37.23
N ARG B 17 -26.00 15.21 36.87
CA ARG B 17 -25.41 16.36 37.53
C ARG B 17 -25.61 16.23 39.04
N GLY B 18 -26.84 15.94 39.46
CA GLY B 18 -27.11 15.77 40.88
C GLY B 18 -26.29 14.61 41.44
N VAL B 19 -26.26 13.50 40.72
CA VAL B 19 -25.53 12.36 41.22
C VAL B 19 -24.11 12.76 41.54
N ASN B 20 -23.47 13.40 40.57
CA ASN B 20 -22.09 13.82 40.76
C ASN B 20 -21.93 14.84 41.87
N ALA B 21 -22.87 15.77 41.98
CA ALA B 21 -22.83 16.79 43.02
C ALA B 21 -22.57 16.16 44.38
N VAL B 22 -23.39 15.18 44.72
CA VAL B 22 -23.27 14.50 45.99
C VAL B 22 -22.02 13.63 46.04
N ALA B 23 -21.86 12.79 45.01
CA ALA B 23 -20.73 11.88 44.95
C ALA B 23 -19.38 12.54 45.14
N ASN B 24 -19.20 13.71 44.53
CA ASN B 24 -17.92 14.39 44.65
C ASN B 24 -17.68 15.03 46.00
N ALA B 25 -18.75 15.34 46.73
CA ALA B 25 -18.57 15.92 48.06
C ALA B 25 -18.20 14.76 48.96
N VAL B 26 -18.74 13.60 48.66
CA VAL B 26 -18.49 12.41 49.46
C VAL B 26 -17.10 11.81 49.28
N LYS B 27 -16.76 11.42 48.05
CA LYS B 27 -15.50 10.76 47.74
C LYS B 27 -14.25 11.40 48.37
N VAL B 28 -14.35 12.68 48.68
CA VAL B 28 -13.24 13.39 49.30
C VAL B 28 -12.74 12.70 50.60
N THR B 29 -13.57 11.83 51.17
CA THR B 29 -13.24 11.15 52.43
C THR B 29 -12.66 9.77 52.26
N LEU B 30 -12.99 9.11 51.16
CA LEU B 30 -12.54 7.76 50.90
C LEU B 30 -11.09 7.47 51.16
N GLY B 31 -10.84 6.33 51.77
CA GLY B 31 -9.48 5.88 52.03
C GLY B 31 -8.79 6.46 53.25
N PRO B 32 -7.57 5.98 53.54
CA PRO B 32 -6.74 6.40 54.67
C PRO B 32 -6.27 7.83 54.55
N ARG B 33 -6.05 8.31 53.33
CA ARG B 33 -5.60 9.67 53.16
C ARG B 33 -6.80 10.59 52.94
N GLY B 34 -7.99 10.01 53.01
CA GLY B 34 -9.20 10.79 52.83
C GLY B 34 -9.23 11.96 53.79
N ARG B 35 -9.94 13.01 53.41
CA ARG B 35 -10.03 14.20 54.25
C ARG B 35 -11.45 14.38 54.75
N ASN B 36 -11.66 15.40 55.57
CA ASN B 36 -12.97 15.66 56.15
C ASN B 36 -13.83 16.71 55.47
N VAL B 37 -15.14 16.54 55.63
CA VAL B 37 -16.10 17.48 55.08
C VAL B 37 -16.64 18.20 56.28
N VAL B 38 -17.03 19.45 56.11
CA VAL B 38 -17.54 20.25 57.20
C VAL B 38 -19.00 20.57 56.93
N LEU B 39 -19.87 20.00 57.77
CA LEU B 39 -21.31 20.17 57.61
C LEU B 39 -21.88 21.23 58.56
N GLU B 40 -22.44 22.28 57.98
CA GLU B 40 -22.98 23.36 58.78
C GLU B 40 -24.18 22.91 59.56
N LYS B 41 -24.22 23.27 60.84
CA LYS B 41 -25.36 22.91 61.69
C LYS B 41 -26.13 24.17 62.00
N LYS B 42 -27.44 24.03 62.13
CA LYS B 42 -28.34 25.14 62.40
C LYS B 42 -27.99 26.06 63.56
N PHE B 43 -27.44 25.50 64.64
CA PHE B 43 -27.12 26.36 65.78
C PHE B 43 -25.70 26.30 66.33
N GLY B 44 -25.26 25.13 66.74
CA GLY B 44 -23.94 25.02 67.30
C GLY B 44 -22.80 25.11 66.30
N SER B 45 -21.66 24.55 66.67
CA SER B 45 -20.52 24.53 65.80
C SER B 45 -20.92 23.49 64.73
N PRO B 46 -20.18 23.42 63.62
CA PRO B 46 -20.56 22.44 62.60
C PRO B 46 -20.11 21.02 62.95
N THR B 47 -20.35 20.10 62.01
CA THR B 47 -19.99 18.70 62.15
C THR B 47 -18.80 18.47 61.23
N ILE B 48 -17.71 17.89 61.75
CA ILE B 48 -16.54 17.66 60.91
C ILE B 48 -16.39 16.15 60.83
N THR B 49 -16.84 15.58 59.72
CA THR B 49 -16.81 14.12 59.53
C THR B 49 -15.92 13.65 58.41
N LYS B 50 -15.91 12.33 58.25
CA LYS B 50 -15.17 11.60 57.21
C LYS B 50 -16.14 10.49 56.79
N ASP B 51 -17.38 10.61 57.24
CA ASP B 51 -18.39 9.61 56.99
C ASP B 51 -19.27 9.91 55.78
N GLY B 52 -19.31 8.95 54.86
CA GLY B 52 -20.11 9.09 53.67
C GLY B 52 -21.55 9.56 53.88
N VAL B 53 -22.41 8.65 54.33
CA VAL B 53 -23.83 8.99 54.55
C VAL B 53 -24.07 10.29 55.27
N THR B 54 -23.28 10.55 56.31
CA THR B 54 -23.45 11.79 57.06
C THR B 54 -23.38 13.00 56.14
N VAL B 55 -22.35 13.04 55.29
CA VAL B 55 -22.18 14.11 54.32
C VAL B 55 -23.31 14.01 53.32
N ALA B 56 -23.39 12.87 52.64
CA ALA B 56 -24.44 12.65 51.62
C ALA B 56 -25.83 13.15 52.05
N LYS B 57 -26.23 12.85 53.28
CA LYS B 57 -27.53 13.29 53.78
C LYS B 57 -27.73 14.77 53.90
N GLU B 58 -26.65 15.53 54.04
CA GLU B 58 -26.76 16.99 54.17
C GLU B 58 -26.92 17.71 52.85
N VAL B 59 -26.57 17.02 51.76
CA VAL B 59 -26.65 17.64 50.44
C VAL B 59 -28.07 17.79 49.92
N GLU B 60 -28.43 19.03 49.61
CA GLU B 60 -29.74 19.37 49.07
C GLU B 60 -29.52 20.37 47.93
N LEU B 61 -29.79 19.97 46.69
CA LEU B 61 -29.61 20.86 45.54
C LEU B 61 -30.83 21.72 45.24
N GLU B 62 -30.59 22.91 44.71
CA GLU B 62 -31.65 23.87 44.39
C GLU B 62 -32.46 23.51 43.16
N ASP B 63 -31.83 22.86 42.20
CA ASP B 63 -32.54 22.49 40.98
C ASP B 63 -33.23 21.18 41.17
N HIS B 64 -34.55 21.20 41.01
CA HIS B 64 -35.37 20.01 41.17
C HIS B 64 -34.80 18.74 40.51
N LEU B 65 -34.56 18.77 39.20
CA LEU B 65 -34.06 17.54 38.58
C LEU B 65 -32.73 17.10 39.13
N GLU B 66 -31.82 18.06 39.29
CA GLU B 66 -30.49 17.73 39.79
C GLU B 66 -30.58 17.16 41.19
N ASN B 67 -31.52 17.69 41.96
CA ASN B 67 -31.74 17.23 43.33
C ASN B 67 -32.22 15.79 43.36
N ILE B 68 -33.13 15.45 42.44
CA ILE B 68 -33.66 14.10 42.34
C ILE B 68 -32.50 13.12 42.23
N GLY B 69 -31.51 13.52 41.46
CA GLY B 69 -30.36 12.65 41.31
C GLY B 69 -29.60 12.60 42.61
N ALA B 70 -29.49 13.74 43.28
CA ALA B 70 -28.78 13.81 44.55
C ALA B 70 -29.41 12.84 45.55
N GLN B 71 -30.75 12.81 45.56
CA GLN B 71 -31.48 11.90 46.45
C GLN B 71 -31.14 10.44 46.13
N LEU B 72 -31.38 10.03 44.88
CA LEU B 72 -31.11 8.65 44.48
C LEU B 72 -29.75 8.17 44.94
N LEU B 73 -28.77 9.07 44.90
CA LEU B 73 -27.43 8.66 45.33
C LEU B 73 -27.40 8.53 46.85
N LYS B 74 -28.08 9.45 47.54
CA LYS B 74 -28.13 9.39 49.00
C LYS B 74 -28.67 8.04 49.43
N GLU B 75 -29.71 7.59 48.73
CA GLU B 75 -30.31 6.28 49.05
C GLU B 75 -29.24 5.20 49.02
N VAL B 76 -28.43 5.18 47.97
CA VAL B 76 -27.37 4.20 47.88
C VAL B 76 -26.53 4.24 49.15
N ALA B 77 -26.25 5.45 49.61
CA ALA B 77 -25.42 5.64 50.79
C ALA B 77 -26.04 5.09 52.06
N SER B 78 -27.26 5.52 52.36
CA SER B 78 -27.94 5.11 53.57
C SER B 78 -28.27 3.64 53.61
N LYS B 79 -28.95 3.13 52.59
CA LYS B 79 -29.30 1.71 52.59
C LYS B 79 -28.08 0.84 52.86
N THR B 80 -26.90 1.36 52.54
CA THR B 80 -25.67 0.61 52.78
C THR B 80 -25.30 0.76 54.24
N ASN B 81 -25.60 1.93 54.78
CA ASN B 81 -25.31 2.22 56.17
C ASN B 81 -26.23 1.37 57.04
N ASP B 82 -27.45 1.18 56.56
CA ASP B 82 -28.44 0.37 57.28
C ASP B 82 -28.05 -1.09 57.29
N VAL B 83 -27.65 -1.60 56.12
CA VAL B 83 -27.28 -2.99 55.97
C VAL B 83 -25.89 -3.36 56.50
N ALA B 84 -25.01 -2.37 56.68
CA ALA B 84 -23.68 -2.71 57.16
C ALA B 84 -23.04 -1.71 58.09
N GLY B 85 -23.56 -0.48 58.11
CA GLY B 85 -23.01 0.55 58.98
C GLY B 85 -21.67 1.13 58.56
N ASP B 86 -21.06 0.55 57.53
CA ASP B 86 -19.78 1.02 57.02
C ASP B 86 -19.75 0.79 55.52
N GLY B 87 -18.83 1.45 54.83
CA GLY B 87 -18.72 1.29 53.39
C GLY B 87 -19.66 2.18 52.59
N THR B 88 -20.13 3.27 53.20
CA THR B 88 -21.03 4.17 52.51
C THR B 88 -20.34 4.90 51.38
N THR B 89 -19.15 5.41 51.65
CA THR B 89 -18.42 6.13 50.61
C THR B 89 -18.20 5.20 49.40
N THR B 90 -17.68 4.01 49.68
CA THR B 90 -17.44 3.04 48.62
C THR B 90 -18.67 2.79 47.75
N ALA B 91 -19.84 2.73 48.37
CA ALA B 91 -21.06 2.49 47.62
C ALA B 91 -21.38 3.69 46.71
N THR B 92 -21.12 4.90 47.23
CA THR B 92 -21.38 6.14 46.49
C THR B 92 -20.55 6.15 45.22
N VAL B 93 -19.25 5.99 45.41
CA VAL B 93 -18.31 5.97 44.30
C VAL B 93 -18.74 4.98 43.23
N LEU B 94 -18.95 3.73 43.61
CA LEU B 94 -19.39 2.70 42.66
C LEU B 94 -20.68 3.11 41.93
N ALA B 95 -21.54 3.87 42.61
CA ALA B 95 -22.79 4.30 41.99
C ALA B 95 -22.47 5.31 40.90
N GLN B 96 -21.68 6.32 41.25
CA GLN B 96 -21.29 7.35 40.32
C GLN B 96 -20.68 6.71 39.08
N ALA B 97 -19.72 5.83 39.30
CA ALA B 97 -19.05 5.11 38.22
C ALA B 97 -20.07 4.45 37.31
N ILE B 98 -20.93 3.64 37.88
CA ILE B 98 -21.94 2.94 37.11
C ILE B 98 -22.85 3.92 36.35
N VAL B 99 -23.22 5.01 36.99
CA VAL B 99 -24.08 5.99 36.33
C VAL B 99 -23.44 6.66 35.11
N ARG B 100 -22.17 7.04 35.18
CA ARG B 100 -21.54 7.72 34.04
C ARG B 100 -21.25 6.76 32.89
N GLU B 101 -20.45 5.73 33.18
CA GLU B 101 -20.11 4.77 32.15
C GLU B 101 -21.38 4.25 31.50
N GLY B 102 -22.44 4.19 32.30
CA GLY B 102 -23.70 3.70 31.81
C GLY B 102 -24.45 4.70 30.97
N LEU B 103 -24.61 5.91 31.51
CA LEU B 103 -25.34 6.96 30.79
C LEU B 103 -24.68 7.25 29.44
N LYS B 104 -23.37 7.00 29.37
CA LYS B 104 -22.60 7.21 28.16
C LYS B 104 -23.16 6.23 27.14
N ASN B 105 -23.11 4.94 27.50
CA ASN B 105 -23.62 3.89 26.64
C ASN B 105 -25.08 4.09 26.23
N VAL B 106 -25.86 4.74 27.08
CA VAL B 106 -27.24 4.98 26.71
C VAL B 106 -27.29 5.99 25.59
N ALA B 107 -26.45 7.03 25.68
CA ALA B 107 -26.40 8.08 24.66
C ALA B 107 -25.94 7.46 23.35
N ALA B 108 -25.07 6.47 23.44
CA ALA B 108 -24.57 5.78 22.27
C ALA B 108 -25.66 4.89 21.65
N GLY B 109 -26.86 4.93 22.24
CA GLY B 109 -27.96 4.13 21.73
C GLY B 109 -28.27 2.78 22.38
N ALA B 110 -27.50 2.38 23.39
CA ALA B 110 -27.71 1.09 24.05
C ALA B 110 -29.08 1.01 24.71
N ASN B 111 -29.64 -0.18 24.74
CA ASN B 111 -30.94 -0.41 25.37
C ASN B 111 -30.70 -0.52 26.87
N PRO B 112 -31.22 0.45 27.64
CA PRO B 112 -31.02 0.43 29.10
C PRO B 112 -31.48 -0.83 29.80
N LEU B 113 -32.63 -1.38 29.38
CA LEU B 113 -33.12 -2.61 30.01
C LEU B 113 -32.05 -3.71 29.95
N ALA B 114 -31.50 -3.94 28.76
CA ALA B 114 -30.46 -4.94 28.60
C ALA B 114 -29.24 -4.59 29.45
N LEU B 115 -28.89 -3.31 29.48
CA LEU B 115 -27.76 -2.83 30.26
C LEU B 115 -27.94 -3.26 31.70
N LYS B 116 -29.18 -3.16 32.19
CA LYS B 116 -29.52 -3.53 33.57
C LYS B 116 -29.23 -5.02 33.76
N ARG B 117 -29.86 -5.86 32.94
CA ARG B 117 -29.67 -7.30 33.02
C ARG B 117 -28.19 -7.62 33.13
N GLY B 118 -27.40 -7.03 32.24
CA GLY B 118 -25.97 -7.26 32.25
C GLY B 118 -25.34 -6.80 33.55
N ILE B 119 -25.76 -5.64 34.04
CA ILE B 119 -25.19 -5.12 35.28
C ILE B 119 -25.51 -6.11 36.38
N GLU B 120 -26.76 -6.56 36.41
CA GLU B 120 -27.20 -7.52 37.42
C GLU B 120 -26.35 -8.77 37.38
N LYS B 121 -26.27 -9.40 36.21
CA LYS B 121 -25.48 -10.62 36.07
C LYS B 121 -24.05 -10.40 36.50
N ALA B 122 -23.49 -9.27 36.07
CA ALA B 122 -22.12 -8.90 36.41
C ALA B 122 -21.92 -8.81 37.92
N VAL B 123 -22.86 -8.14 38.60
CA VAL B 123 -22.77 -8.00 40.06
C VAL B 123 -22.81 -9.37 40.75
N GLU B 124 -23.72 -10.23 40.31
CA GLU B 124 -23.84 -11.58 40.88
C GLU B 124 -22.48 -12.24 40.82
N ALA B 125 -21.91 -12.31 39.61
CA ALA B 125 -20.60 -12.92 39.43
C ALA B 125 -19.61 -12.26 40.37
N ALA B 126 -19.71 -10.94 40.49
CA ALA B 126 -18.80 -10.18 41.34
C ALA B 126 -18.96 -10.57 42.80
N VAL B 127 -20.20 -10.61 43.27
CA VAL B 127 -20.48 -10.96 44.65
C VAL B 127 -19.95 -12.35 44.94
N GLU B 128 -20.20 -13.29 44.04
CA GLU B 128 -19.77 -14.68 44.20
C GLU B 128 -18.28 -14.76 44.45
N LYS B 129 -17.53 -13.93 43.73
CA LYS B 129 -16.09 -13.89 43.88
C LYS B 129 -15.71 -13.28 45.23
N ILE B 130 -16.52 -12.35 45.72
CA ILE B 130 -16.26 -11.72 47.02
C ILE B 130 -16.29 -12.80 48.09
N LYS B 131 -17.36 -13.58 48.06
CA LYS B 131 -17.53 -14.68 49.00
C LYS B 131 -16.34 -15.59 48.87
N ALA B 132 -16.09 -16.03 47.65
CA ALA B 132 -14.98 -16.92 47.34
C ALA B 132 -13.66 -16.54 47.99
N LEU B 133 -13.43 -15.25 48.20
CA LEU B 133 -12.17 -14.79 48.80
C LEU B 133 -12.30 -14.47 50.29
N ALA B 134 -13.49 -14.65 50.84
CA ALA B 134 -13.73 -14.36 52.23
C ALA B 134 -13.01 -15.33 53.16
N ILE B 135 -12.56 -14.80 54.29
CA ILE B 135 -11.87 -15.55 55.31
C ILE B 135 -12.60 -15.33 56.64
N PRO B 136 -12.83 -16.40 57.40
CA PRO B 136 -13.53 -16.21 58.68
C PRO B 136 -12.64 -15.53 59.71
N VAL B 137 -13.24 -14.64 60.50
CA VAL B 137 -12.53 -13.94 61.57
C VAL B 137 -12.36 -14.99 62.66
N GLU B 138 -11.13 -15.22 63.12
CA GLU B 138 -10.95 -16.24 64.16
C GLU B 138 -10.05 -15.87 65.32
N ASP B 139 -9.70 -14.59 65.48
CA ASP B 139 -8.85 -14.22 66.59
C ASP B 139 -8.76 -12.72 66.87
N ARG B 140 -8.18 -12.40 68.03
CA ARG B 140 -8.02 -11.03 68.49
C ARG B 140 -7.39 -10.13 67.44
N LYS B 141 -6.41 -10.66 66.72
CA LYS B 141 -5.72 -9.90 65.69
C LYS B 141 -6.67 -9.58 64.54
N ALA B 142 -7.21 -10.62 63.90
CA ALA B 142 -8.13 -10.43 62.78
C ALA B 142 -9.13 -9.30 63.05
N ILE B 143 -9.62 -9.22 64.29
CA ILE B 143 -10.57 -8.18 64.61
C ILE B 143 -9.87 -6.85 64.81
N GLU B 144 -8.73 -6.86 65.52
CA GLU B 144 -8.01 -5.61 65.73
C GLU B 144 -7.79 -4.93 64.38
N GLU B 145 -7.48 -5.72 63.35
CA GLU B 145 -7.25 -5.19 62.02
C GLU B 145 -8.51 -4.55 61.47
N VAL B 146 -9.53 -5.36 61.21
CA VAL B 146 -10.80 -4.84 60.70
C VAL B 146 -11.17 -3.50 61.34
N ALA B 147 -11.09 -3.43 62.66
CA ALA B 147 -11.44 -2.22 63.40
C ALA B 147 -10.47 -1.08 63.15
N THR B 148 -9.16 -1.38 63.23
CA THR B 148 -8.15 -0.35 63.02
C THR B 148 -8.40 0.32 61.68
N ILE B 149 -8.65 -0.48 60.65
CA ILE B 149 -8.92 0.08 59.35
C ILE B 149 -10.20 0.90 59.30
N SER B 150 -11.34 0.29 59.60
CA SER B 150 -12.63 1.00 59.55
C SER B 150 -12.58 2.33 60.32
N ALA B 151 -11.82 2.37 61.40
CA ALA B 151 -11.71 3.58 62.21
C ALA B 151 -10.52 4.44 61.76
N ASN B 152 -9.62 3.82 61.02
CA ASN B 152 -8.44 4.50 60.52
C ASN B 152 -7.67 5.00 61.75
N ASP B 153 -7.44 4.09 62.69
CA ASP B 153 -6.74 4.40 63.93
C ASP B 153 -6.38 3.10 64.64
N PRO B 154 -5.10 2.89 64.95
CA PRO B 154 -4.69 1.66 65.63
C PRO B 154 -5.29 1.54 67.03
N GLU B 155 -5.31 2.65 67.77
CA GLU B 155 -5.84 2.68 69.12
C GLU B 155 -7.28 2.17 69.17
N VAL B 156 -8.15 2.80 68.40
CA VAL B 156 -9.54 2.38 68.34
C VAL B 156 -9.64 0.88 68.05
N GLY B 157 -8.87 0.44 67.08
CA GLY B 157 -8.87 -0.96 66.71
C GLY B 157 -8.39 -1.84 67.84
N LYS B 158 -7.60 -1.27 68.75
CA LYS B 158 -7.11 -2.05 69.88
C LYS B 158 -8.25 -2.27 70.89
N LEU B 159 -8.77 -1.19 71.46
CA LEU B 159 -9.86 -1.27 72.42
C LEU B 159 -11.00 -2.14 71.92
N ILE B 160 -11.37 -1.99 70.65
CA ILE B 160 -12.46 -2.79 70.11
C ILE B 160 -12.07 -4.25 70.18
N ALA B 161 -10.80 -4.55 69.92
CA ALA B 161 -10.34 -5.93 69.97
C ALA B 161 -10.29 -6.41 71.41
N ASP B 162 -9.75 -5.58 72.31
CA ASP B 162 -9.67 -5.93 73.72
C ASP B 162 -11.06 -6.27 74.27
N ALA B 163 -11.98 -5.32 74.13
CA ALA B 163 -13.34 -5.51 74.61
C ALA B 163 -13.96 -6.74 73.96
N MET B 164 -14.06 -6.71 72.62
CA MET B 164 -14.63 -7.82 71.86
C MET B 164 -14.11 -9.16 72.39
N GLU B 165 -12.83 -9.23 72.71
CA GLU B 165 -12.21 -10.47 73.19
C GLU B 165 -12.73 -10.93 74.55
N LYS B 166 -12.75 -10.00 75.49
CA LYS B 166 -13.20 -10.27 76.85
C LYS B 166 -14.71 -10.07 77.02
N VAL B 167 -15.48 -10.44 76.00
CA VAL B 167 -16.93 -10.29 76.03
C VAL B 167 -17.51 -11.26 75.01
N GLY B 168 -16.63 -11.96 74.30
CA GLY B 168 -17.06 -12.92 73.30
C GLY B 168 -17.74 -12.26 72.12
N LYS B 169 -17.75 -12.93 70.97
CA LYS B 169 -18.37 -12.38 69.77
C LYS B 169 -19.88 -12.18 69.94
N GLU B 170 -20.48 -12.88 70.90
CA GLU B 170 -21.91 -12.74 71.16
C GLU B 170 -22.10 -11.69 72.25
N GLY B 171 -21.01 -11.06 72.65
CA GLY B 171 -21.06 -10.05 73.69
C GLY B 171 -21.68 -8.74 73.24
N ILE B 172 -21.52 -7.71 74.07
CA ILE B 172 -22.08 -6.40 73.76
C ILE B 172 -21.11 -5.28 74.12
N ILE B 173 -20.84 -4.40 73.16
CA ILE B 173 -19.95 -3.28 73.39
C ILE B 173 -20.74 -1.99 73.20
N THR B 174 -20.47 -1.00 74.04
CA THR B 174 -21.18 0.27 73.98
C THR B 174 -20.26 1.49 73.95
N VAL B 175 -20.64 2.48 73.17
CA VAL B 175 -19.83 3.67 73.06
C VAL B 175 -20.48 4.80 73.80
N GLU B 176 -19.75 5.30 74.79
CA GLU B 176 -20.23 6.39 75.61
C GLU B 176 -19.26 7.56 75.60
N GLU B 177 -19.77 8.69 76.05
CA GLU B 177 -19.02 9.93 76.10
C GLU B 177 -18.33 10.11 77.46
N SER B 178 -17.06 9.73 77.53
CA SER B 178 -16.25 9.88 78.75
C SER B 178 -16.24 11.35 79.15
N LYS B 179 -15.58 11.66 80.26
CA LYS B 179 -15.51 13.05 80.68
C LYS B 179 -14.09 13.59 80.62
N SER B 180 -13.11 12.70 80.75
CA SER B 180 -11.71 13.09 80.69
C SER B 180 -11.30 13.22 79.24
N LEU B 181 -10.09 13.70 79.02
CA LEU B 181 -9.58 13.86 77.66
C LEU B 181 -9.25 12.51 77.12
N GLU B 182 -9.11 11.54 78.01
CA GLU B 182 -8.78 10.19 77.59
C GLU B 182 -9.96 9.21 77.53
N THR B 183 -9.86 8.28 76.60
CA THR B 183 -10.85 7.25 76.36
C THR B 183 -10.54 6.04 77.23
N GLU B 184 -11.57 5.46 77.82
CA GLU B 184 -11.40 4.30 78.69
C GLU B 184 -12.31 3.12 78.32
N LEU B 185 -11.80 1.92 78.49
CA LEU B 185 -12.56 0.71 78.22
C LEU B 185 -12.85 0.12 79.58
N LYS B 186 -14.12 -0.16 79.85
CA LYS B 186 -14.50 -0.74 81.14
C LYS B 186 -15.59 -1.79 80.99
N PHE B 187 -15.46 -2.87 81.77
CA PHE B 187 -16.44 -3.95 81.73
C PHE B 187 -17.41 -3.88 82.89
N VAL B 188 -18.61 -4.40 82.67
CA VAL B 188 -19.66 -4.41 83.69
C VAL B 188 -19.98 -5.83 84.10
N GLU B 189 -20.65 -5.97 85.23
CA GLU B 189 -21.00 -7.29 85.73
C GLU B 189 -22.50 -7.41 85.94
N GLY B 190 -23.18 -8.25 85.18
CA GLY B 190 -24.61 -8.44 85.39
C GLY B 190 -25.55 -7.29 85.10
N TYR B 191 -26.65 -7.27 85.84
CA TYR B 191 -27.69 -6.25 85.66
C TYR B 191 -27.48 -5.06 86.57
N GLN B 192 -27.66 -3.86 86.04
CA GLN B 192 -27.51 -2.66 86.83
C GLN B 192 -28.24 -1.44 86.23
N PHE B 193 -28.69 -0.54 87.09
CA PHE B 193 -29.39 0.67 86.67
C PHE B 193 -28.92 1.82 87.58
N ASP B 194 -29.19 3.04 87.15
CA ASP B 194 -28.73 4.20 87.89
C ASP B 194 -29.66 4.74 88.95
N LYS B 195 -29.83 3.94 89.99
CA LYS B 195 -30.67 4.27 91.14
C LYS B 195 -29.92 3.67 92.31
N GLY B 196 -29.81 4.41 93.42
CA GLY B 196 -29.10 3.88 94.57
C GLY B 196 -29.98 3.64 95.77
N TYR B 197 -29.35 3.39 96.91
CA TYR B 197 -30.07 3.16 98.15
C TYR B 197 -30.94 4.34 98.58
N ILE B 198 -32.24 4.10 98.74
CA ILE B 198 -33.20 5.13 99.10
C ILE B 198 -32.88 5.83 100.41
N SER B 199 -31.95 5.28 101.19
CA SER B 199 -31.53 5.86 102.45
C SER B 199 -30.15 5.37 102.83
N PRO B 200 -29.26 6.32 103.16
CA PRO B 200 -27.88 6.04 103.55
C PRO B 200 -27.72 4.96 104.60
N TYR B 201 -28.75 4.76 105.42
CA TYR B 201 -28.67 3.77 106.48
C TYR B 201 -28.49 2.35 105.97
N PHE B 202 -28.95 2.10 104.75
CA PHE B 202 -28.84 0.76 104.16
C PHE B 202 -27.40 0.38 103.87
N VAL B 203 -26.47 1.29 104.13
CA VAL B 203 -25.06 1.04 103.88
C VAL B 203 -24.49 -0.15 104.65
N THR B 204 -23.72 -0.97 103.93
CA THR B 204 -23.08 -2.13 104.49
C THR B 204 -21.64 -1.81 104.84
N ASN B 205 -20.97 -1.10 103.93
CA ASN B 205 -19.58 -0.74 104.12
C ASN B 205 -19.41 0.75 104.35
N PRO B 206 -18.79 1.13 105.47
CA PRO B 206 -18.56 2.54 105.80
C PRO B 206 -17.38 3.11 105.02
N GLU B 207 -16.57 2.23 104.45
CA GLU B 207 -15.40 2.66 103.68
C GLU B 207 -15.70 2.86 102.22
N THR B 208 -16.71 2.18 101.72
CA THR B 208 -17.07 2.26 100.32
C THR B 208 -18.46 2.85 100.08
N MET B 209 -19.15 3.21 101.16
CA MET B 209 -20.49 3.77 101.03
C MET B 209 -21.39 2.88 100.18
N GLU B 210 -21.10 1.57 100.19
CA GLU B 210 -21.89 0.62 99.43
C GLU B 210 -22.84 -0.18 100.30
N ALA B 211 -23.69 -0.95 99.65
CA ALA B 211 -24.64 -1.81 100.35
C ALA B 211 -24.47 -3.15 99.66
N VAL B 212 -23.67 -4.02 100.26
CA VAL B 212 -23.42 -5.33 99.70
C VAL B 212 -24.28 -6.38 100.38
N LEU B 213 -25.13 -7.04 99.59
CA LEU B 213 -26.01 -8.07 100.11
C LEU B 213 -25.64 -9.39 99.46
N GLU B 214 -25.07 -10.30 100.26
CA GLU B 214 -24.66 -11.61 99.76
C GLU B 214 -25.84 -12.59 99.68
N ASP B 215 -25.97 -13.25 98.53
CA ASP B 215 -27.06 -14.19 98.29
C ASP B 215 -28.34 -13.65 98.92
N ALA B 216 -29.08 -12.83 98.16
CA ALA B 216 -30.30 -12.25 98.69
C ALA B 216 -31.51 -12.42 97.80
N PHE B 217 -32.64 -11.98 98.35
CA PHE B 217 -33.93 -12.04 97.66
C PHE B 217 -34.24 -10.67 97.10
N ILE B 218 -34.92 -10.67 95.97
CA ILE B 218 -35.30 -9.44 95.31
C ILE B 218 -36.81 -9.30 95.28
N LEU B 219 -37.32 -8.29 95.97
CA LEU B 219 -38.75 -8.05 95.98
C LEU B 219 -39.03 -7.00 94.91
N ILE B 220 -39.57 -7.45 93.79
CA ILE B 220 -39.86 -6.56 92.69
C ILE B 220 -41.31 -6.09 92.76
N VAL B 221 -41.50 -4.86 93.21
CA VAL B 221 -42.85 -4.30 93.36
C VAL B 221 -43.09 -3.17 92.37
N GLU B 222 -44.16 -3.25 91.60
CA GLU B 222 -44.46 -2.21 90.63
C GLU B 222 -44.90 -0.92 91.26
N LYS B 223 -45.99 -0.99 92.02
CA LYS B 223 -46.56 0.16 92.71
C LYS B 223 -45.63 0.64 93.83
N LYS B 224 -46.01 1.72 94.51
CA LYS B 224 -45.20 2.25 95.60
C LYS B 224 -45.28 1.37 96.85
N VAL B 225 -44.65 1.81 97.93
CA VAL B 225 -44.65 1.06 99.18
C VAL B 225 -44.53 2.00 100.38
N SER B 226 -45.65 2.32 101.01
CA SER B 226 -45.62 3.23 102.14
C SER B 226 -46.28 2.65 103.39
N ASN B 227 -47.17 1.68 103.17
CA ASN B 227 -47.90 1.02 104.25
C ASN B 227 -47.15 -0.18 104.81
N VAL B 228 -46.87 -0.14 106.12
CA VAL B 228 -46.13 -1.21 106.78
C VAL B 228 -46.82 -2.57 106.70
N ARG B 229 -48.14 -2.55 106.86
CA ARG B 229 -48.90 -3.78 106.83
C ARG B 229 -48.50 -4.63 105.64
N GLU B 230 -48.86 -4.18 104.44
CA GLU B 230 -48.54 -4.91 103.22
C GLU B 230 -47.16 -5.58 103.19
N LEU B 231 -46.15 -4.92 103.78
CA LEU B 231 -44.80 -5.46 103.77
C LEU B 231 -44.58 -6.63 104.72
N LEU B 232 -44.86 -6.37 105.98
CA LEU B 232 -44.69 -7.34 107.04
C LEU B 232 -44.79 -8.81 106.63
N PRO B 233 -45.94 -9.24 106.08
CA PRO B 233 -46.05 -10.65 105.68
C PRO B 233 -44.80 -11.22 105.02
N ILE B 234 -44.37 -10.55 103.95
CA ILE B 234 -43.20 -10.99 103.22
C ILE B 234 -41.91 -10.73 104.00
N LEU B 235 -41.87 -9.63 104.74
CA LEU B 235 -40.69 -9.28 105.53
C LEU B 235 -40.41 -10.35 106.56
N GLU B 236 -41.49 -10.91 107.12
CA GLU B 236 -41.36 -11.97 108.11
C GLU B 236 -40.87 -13.22 107.41
N GLN B 237 -41.57 -13.63 106.35
CA GLN B 237 -41.17 -14.82 105.61
C GLN B 237 -39.66 -14.76 105.38
N VAL B 238 -39.20 -13.63 104.84
CA VAL B 238 -37.79 -13.44 104.52
C VAL B 238 -36.89 -13.42 105.74
N ALA B 239 -37.30 -12.66 106.76
CA ALA B 239 -36.51 -12.56 107.97
C ALA B 239 -36.22 -13.96 108.50
N GLN B 240 -37.19 -14.85 108.35
CA GLN B 240 -37.05 -16.22 108.80
C GLN B 240 -36.11 -17.04 107.94
N THR B 241 -35.79 -16.54 106.75
CA THR B 241 -34.89 -17.29 105.88
C THR B 241 -33.46 -17.01 106.29
N GLY B 242 -33.26 -15.86 106.94
CA GLY B 242 -31.93 -15.47 107.39
C GLY B 242 -31.10 -14.90 106.24
N LYS B 243 -31.76 -14.67 105.11
CA LYS B 243 -31.12 -14.14 103.92
C LYS B 243 -31.43 -12.64 103.75
N PRO B 244 -30.49 -11.87 103.19
CA PRO B 244 -30.67 -10.43 102.97
C PRO B 244 -31.79 -10.18 101.99
N LEU B 245 -32.27 -8.96 101.91
CA LEU B 245 -33.36 -8.68 100.98
C LEU B 245 -33.27 -7.31 100.31
N LEU B 246 -33.43 -7.30 98.98
CA LEU B 246 -33.40 -6.06 98.21
C LEU B 246 -34.81 -5.78 97.71
N ILE B 247 -35.35 -4.63 98.07
CA ILE B 247 -36.70 -4.26 97.64
C ILE B 247 -36.60 -3.24 96.50
N ILE B 248 -37.30 -3.52 95.40
CA ILE B 248 -37.32 -2.62 94.25
C ILE B 248 -38.77 -2.25 93.97
N ALA B 249 -39.10 -0.99 94.17
CA ALA B 249 -40.44 -0.47 93.98
C ALA B 249 -40.37 0.95 93.42
N GLU B 250 -41.46 1.40 92.80
CA GLU B 250 -41.53 2.75 92.27
C GLU B 250 -40.88 3.68 93.29
N ASP B 251 -41.10 3.41 94.57
CA ASP B 251 -40.53 4.17 95.68
C ASP B 251 -40.89 3.44 96.98
N VAL B 252 -40.17 3.77 98.04
CA VAL B 252 -40.39 3.18 99.36
C VAL B 252 -40.33 4.36 100.32
N GLU B 253 -41.49 4.81 100.78
CA GLU B 253 -41.56 5.95 101.67
C GLU B 253 -42.31 5.68 102.96
N GLY B 254 -42.61 6.76 103.67
CA GLY B 254 -43.34 6.69 104.93
C GLY B 254 -42.85 5.73 106.00
N GLU B 255 -43.82 5.10 106.66
CA GLU B 255 -43.58 4.14 107.71
C GLU B 255 -42.97 2.84 107.17
N ALA B 256 -43.31 2.52 105.92
CA ALA B 256 -42.79 1.31 105.29
C ALA B 256 -41.26 1.39 105.22
N LEU B 257 -40.77 2.56 104.84
CA LEU B 257 -39.34 2.75 104.75
C LEU B 257 -38.77 2.73 106.16
N ALA B 258 -39.37 3.53 107.04
CA ALA B 258 -38.93 3.62 108.42
C ALA B 258 -38.71 2.23 109.02
N THR B 259 -39.60 1.32 108.66
CA THR B 259 -39.55 -0.06 109.13
C THR B 259 -38.25 -0.73 108.72
N LEU B 260 -38.01 -0.76 107.41
CA LEU B 260 -36.81 -1.37 106.84
C LEU B 260 -35.53 -0.81 107.45
N VAL B 261 -35.50 0.50 107.66
CA VAL B 261 -34.33 1.16 108.23
C VAL B 261 -34.05 0.63 109.63
N VAL B 262 -35.05 0.76 110.49
CA VAL B 262 -34.94 0.32 111.87
C VAL B 262 -34.47 -1.12 111.96
N ASN B 263 -35.18 -2.03 111.31
CA ASN B 263 -34.83 -3.44 111.35
C ASN B 263 -33.44 -3.69 110.81
N LYS B 264 -33.07 -2.87 109.84
CA LYS B 264 -31.75 -2.94 109.21
C LYS B 264 -30.71 -2.55 110.24
N LEU B 265 -30.95 -1.42 110.89
CA LEU B 265 -30.07 -0.89 111.93
C LEU B 265 -30.08 -1.76 113.20
N ARG B 266 -31.15 -2.53 113.37
CA ARG B 266 -31.32 -3.37 114.53
C ARG B 266 -30.52 -4.67 114.44
N GLY B 267 -30.63 -5.35 113.31
CA GLY B 267 -29.95 -6.61 113.11
C GLY B 267 -31.05 -7.58 112.73
N THR B 268 -32.27 -7.09 112.84
CA THR B 268 -33.48 -7.85 112.52
C THR B 268 -33.34 -8.43 111.13
N LEU B 269 -33.26 -7.52 110.16
CA LEU B 269 -33.18 -7.90 108.77
C LEU B 269 -32.18 -7.06 108.00
N SER B 270 -31.44 -7.69 107.10
CA SER B 270 -30.48 -6.96 106.28
C SER B 270 -31.20 -6.65 104.97
N VAL B 271 -31.57 -5.40 104.79
CA VAL B 271 -32.27 -4.98 103.58
C VAL B 271 -31.79 -3.67 102.98
N ALA B 272 -32.35 -3.34 101.82
CA ALA B 272 -32.03 -2.13 101.08
C ALA B 272 -33.10 -1.83 100.04
N ALA B 273 -33.63 -0.62 100.05
CA ALA B 273 -34.66 -0.22 99.09
C ALA B 273 -34.04 0.64 97.99
N VAL B 274 -34.54 0.48 96.77
CA VAL B 274 -34.05 1.20 95.60
C VAL B 274 -35.22 1.51 94.69
N LYS B 275 -35.29 2.70 94.11
CA LYS B 275 -36.42 3.02 93.24
C LYS B 275 -36.36 2.22 91.94
N ALA B 276 -37.50 2.09 91.28
CA ALA B 276 -37.58 1.34 90.02
C ALA B 276 -36.63 1.98 89.04
N PRO B 277 -36.02 1.19 88.17
CA PRO B 277 -35.10 1.78 87.20
C PRO B 277 -35.70 2.93 86.39
N GLY B 278 -36.19 2.62 85.20
CA GLY B 278 -36.73 3.66 84.33
C GLY B 278 -37.90 4.53 84.76
N PHE B 279 -38.77 4.83 83.79
CA PHE B 279 -39.96 5.63 84.00
C PHE B 279 -41.13 5.05 83.21
N GLY B 280 -42.26 5.73 83.27
CA GLY B 280 -43.44 5.28 82.54
C GLY B 280 -43.51 3.78 82.30
N ASP B 281 -43.87 3.38 81.09
CA ASP B 281 -44.00 1.97 80.76
C ASP B 281 -42.67 1.25 80.62
N ARG B 282 -41.57 1.99 80.51
CA ARG B 282 -40.31 1.30 80.35
C ARG B 282 -39.81 0.72 81.67
N ARG B 283 -40.05 1.38 82.79
CA ARG B 283 -39.58 0.82 84.05
C ARG B 283 -40.47 -0.37 84.38
N LYS B 284 -41.69 -0.38 83.86
CA LYS B 284 -42.55 -1.52 84.08
C LYS B 284 -41.88 -2.64 83.31
N GLU B 285 -41.64 -2.39 82.04
CA GLU B 285 -41.00 -3.40 81.19
C GLU B 285 -39.62 -3.76 81.70
N MET B 286 -38.97 -2.84 82.41
CA MET B 286 -37.65 -3.11 82.94
C MET B 286 -37.73 -3.96 84.20
N LEU B 287 -38.75 -3.76 85.03
CA LEU B 287 -38.92 -4.54 86.25
C LEU B 287 -38.97 -6.01 85.84
N LYS B 288 -39.77 -6.24 84.80
CA LYS B 288 -39.91 -7.57 84.22
C LYS B 288 -38.57 -8.12 83.84
N ASP B 289 -37.76 -7.25 83.25
CA ASP B 289 -36.42 -7.64 82.84
C ASP B 289 -35.70 -8.12 84.10
N ILE B 290 -35.65 -7.24 85.11
CA ILE B 290 -34.98 -7.58 86.36
C ILE B 290 -35.55 -8.89 86.84
N ALA B 291 -36.88 -8.99 86.80
CA ALA B 291 -37.55 -10.21 87.20
C ALA B 291 -36.89 -11.40 86.51
N ALA B 292 -37.08 -11.50 85.19
CA ALA B 292 -36.52 -12.60 84.43
C ALA B 292 -35.06 -12.90 84.74
N VAL B 293 -34.31 -11.86 85.13
CA VAL B 293 -32.89 -12.04 85.43
C VAL B 293 -32.63 -12.65 86.78
N THR B 294 -33.42 -12.21 87.76
CA THR B 294 -33.30 -12.68 89.12
C THR B 294 -34.13 -13.92 89.38
N GLY B 295 -35.18 -14.11 88.57
CA GLY B 295 -36.04 -15.27 88.70
C GLY B 295 -37.33 -14.99 89.44
N GLY B 296 -37.35 -13.96 90.27
CA GLY B 296 -38.54 -13.62 91.02
C GLY B 296 -39.74 -13.24 90.17
N THR B 297 -40.74 -12.65 90.82
CA THR B 297 -41.97 -12.27 90.14
C THR B 297 -42.33 -10.83 90.39
N VAL B 298 -42.81 -10.17 89.35
CA VAL B 298 -43.19 -8.77 89.47
C VAL B 298 -44.57 -8.66 90.08
N ILE B 299 -44.63 -8.04 91.25
CA ILE B 299 -45.89 -7.82 91.94
C ILE B 299 -46.64 -6.71 91.21
N SER B 300 -47.03 -7.06 89.99
CA SER B 300 -47.74 -6.16 89.11
C SER B 300 -49.12 -5.82 89.65
N GLU B 301 -49.31 -4.54 89.98
CA GLU B 301 -50.59 -4.08 90.48
C GLU B 301 -51.66 -4.31 89.42
N GLU B 302 -51.23 -4.27 88.15
CA GLU B 302 -52.16 -4.48 87.04
C GLU B 302 -52.17 -5.89 86.46
N LEU B 303 -51.63 -6.84 87.21
CA LEU B 303 -51.62 -8.24 86.78
C LEU B 303 -52.39 -9.00 87.84
N GLY B 304 -52.79 -8.28 88.89
CA GLY B 304 -53.55 -8.89 89.95
C GLY B 304 -52.74 -9.55 91.06
N PHE B 305 -51.96 -8.75 91.77
CA PHE B 305 -51.16 -9.26 92.87
C PHE B 305 -51.19 -8.25 93.99
N LYS B 306 -51.25 -8.73 95.21
CA LYS B 306 -51.26 -7.83 96.34
C LYS B 306 -49.96 -8.04 97.09
N LEU B 307 -49.30 -6.94 97.44
CA LEU B 307 -48.04 -7.04 98.14
C LEU B 307 -48.17 -7.92 99.38
N GLU B 308 -49.21 -7.67 100.17
CA GLU B 308 -49.44 -8.43 101.38
C GLU B 308 -49.45 -9.95 101.19
N ASN B 309 -50.01 -10.40 100.07
CA ASN B 309 -50.08 -11.83 99.78
C ASN B 309 -48.84 -12.38 99.09
N ALA B 310 -47.73 -11.66 99.22
CA ALA B 310 -46.48 -12.07 98.59
C ALA B 310 -45.91 -13.33 99.24
N THR B 311 -45.03 -14.02 98.51
CA THR B 311 -44.43 -15.27 99.00
C THR B 311 -42.95 -15.37 98.63
N LEU B 312 -42.18 -16.14 99.40
CA LEU B 312 -40.77 -16.32 99.09
C LEU B 312 -40.67 -16.99 97.72
N SER B 313 -41.76 -17.62 97.31
CA SER B 313 -41.80 -18.32 96.04
C SER B 313 -41.68 -17.31 94.91
N MET B 314 -42.28 -16.14 95.08
CA MET B 314 -42.21 -15.13 94.03
C MET B 314 -41.16 -14.03 94.23
N LEU B 315 -40.07 -14.39 94.91
CA LEU B 315 -38.99 -13.45 95.15
C LEU B 315 -37.82 -13.71 94.21
N GLY B 316 -37.15 -12.64 93.82
CA GLY B 316 -35.99 -12.81 92.96
C GLY B 316 -34.83 -13.24 93.84
N ARG B 317 -33.83 -13.85 93.25
CA ARG B 317 -32.69 -14.30 94.03
C ARG B 317 -31.40 -14.05 93.26
N ALA B 318 -30.38 -13.56 93.95
CA ALA B 318 -29.12 -13.25 93.29
C ALA B 318 -27.89 -13.59 94.12
N GLU B 319 -26.78 -13.84 93.44
CA GLU B 319 -25.51 -14.17 94.10
C GLU B 319 -24.95 -12.98 94.88
N ARG B 320 -25.21 -11.76 94.40
CA ARG B 320 -24.74 -10.57 95.10
C ARG B 320 -25.42 -9.31 94.64
N VAL B 321 -25.35 -8.26 95.46
CA VAL B 321 -25.99 -7.00 95.13
C VAL B 321 -25.24 -5.81 95.75
N ARG B 322 -24.82 -4.88 94.90
CA ARG B 322 -24.10 -3.68 95.35
C ARG B 322 -24.95 -2.45 95.15
N ILE B 323 -25.06 -1.64 96.18
CA ILE B 323 -25.84 -0.42 96.07
C ILE B 323 -25.04 0.79 96.52
N THR B 324 -24.74 1.66 95.56
CA THR B 324 -23.96 2.86 95.82
C THR B 324 -24.93 4.01 95.97
N LYS B 325 -24.39 5.18 96.30
CA LYS B 325 -25.22 6.36 96.50
C LYS B 325 -26.19 6.61 95.37
N ASP B 326 -25.84 6.14 94.18
CA ASP B 326 -26.71 6.35 93.02
C ASP B 326 -26.66 5.25 91.96
N GLU B 327 -26.32 4.04 92.38
CA GLU B 327 -26.24 2.95 91.43
C GLU B 327 -26.48 1.59 92.10
N THR B 328 -27.12 0.68 91.37
CA THR B 328 -27.40 -0.66 91.88
C THR B 328 -26.99 -1.74 90.89
N THR B 329 -26.22 -2.72 91.37
CA THR B 329 -25.76 -3.80 90.52
C THR B 329 -26.18 -5.15 91.07
N ILE B 330 -26.94 -5.90 90.28
CA ILE B 330 -27.40 -7.23 90.67
C ILE B 330 -26.57 -8.30 89.99
N VAL B 331 -25.56 -8.79 90.70
CA VAL B 331 -24.65 -9.82 90.22
C VAL B 331 -25.27 -11.18 90.47
N GLY B 332 -24.84 -12.16 89.70
CA GLY B 332 -25.31 -13.54 89.85
C GLY B 332 -26.81 -13.78 89.95
N GLY B 333 -27.61 -13.10 89.13
CA GLY B 333 -29.05 -13.32 89.17
C GLY B 333 -29.36 -14.78 88.92
N LYS B 334 -30.34 -15.32 89.64
CA LYS B 334 -30.69 -16.72 89.48
C LYS B 334 -31.83 -16.95 88.50
N GLY B 335 -32.22 -15.91 87.78
CA GLY B 335 -33.31 -16.02 86.82
C GLY B 335 -33.21 -17.22 85.91
N LYS B 336 -34.34 -17.57 85.29
CA LYS B 336 -34.42 -18.71 84.39
C LYS B 336 -33.88 -18.34 83.00
N LYS B 337 -32.97 -19.14 82.47
CA LYS B 337 -32.37 -18.87 81.16
C LYS B 337 -33.41 -18.56 80.09
N GLU B 338 -34.45 -19.37 80.00
CA GLU B 338 -35.49 -19.15 79.00
C GLU B 338 -36.17 -17.81 79.20
N ASP B 339 -36.32 -17.40 80.46
CA ASP B 339 -36.96 -16.14 80.81
C ASP B 339 -36.19 -14.95 80.30
N ILE B 340 -34.86 -15.05 80.35
CA ILE B 340 -34.01 -13.98 79.88
C ILE B 340 -34.14 -13.92 78.36
N GLU B 341 -33.76 -15.00 77.68
CA GLU B 341 -33.84 -15.07 76.22
C GLU B 341 -35.15 -14.56 75.67
N ALA B 342 -36.24 -14.97 76.29
CA ALA B 342 -37.56 -14.56 75.85
C ALA B 342 -37.74 -13.09 76.10
N ARG B 343 -37.04 -12.58 77.11
CA ARG B 343 -37.11 -11.17 77.48
C ARG B 343 -36.30 -10.32 76.49
N ILE B 344 -35.16 -10.87 76.09
CA ILE B 344 -34.25 -10.25 75.12
C ILE B 344 -34.78 -10.20 73.69
N ASN B 345 -35.04 -11.40 73.13
CA ASN B 345 -35.56 -11.52 71.78
C ASN B 345 -36.86 -10.77 71.57
N GLY B 346 -37.50 -10.37 72.66
CA GLY B 346 -38.74 -9.64 72.57
C GLY B 346 -38.41 -8.22 72.19
N ILE B 347 -37.21 -7.80 72.59
CA ILE B 347 -36.71 -6.47 72.30
C ILE B 347 -36.25 -6.45 70.85
N LYS B 348 -35.50 -7.48 70.46
CA LYS B 348 -35.02 -7.60 69.11
C LYS B 348 -36.21 -7.65 68.15
N LYS B 349 -37.09 -8.64 68.30
CA LYS B 349 -38.26 -8.76 67.44
C LYS B 349 -39.17 -7.54 67.56
N GLU B 350 -38.66 -6.49 68.19
CA GLU B 350 -39.43 -5.26 68.36
C GLU B 350 -38.63 -4.07 67.82
N LEU B 351 -37.31 -4.17 67.85
CA LEU B 351 -36.46 -3.11 67.33
C LEU B 351 -36.63 -3.03 65.82
N GLU B 352 -36.98 -4.14 65.22
CA GLU B 352 -37.19 -4.19 63.77
C GLU B 352 -38.55 -3.60 63.37
N THR B 353 -38.98 -2.60 64.11
CA THR B 353 -40.26 -1.92 63.86
C THR B 353 -40.13 -0.55 64.51
N THR B 354 -39.00 -0.33 65.17
CA THR B 354 -38.72 0.92 65.86
C THR B 354 -38.00 1.91 64.95
N ASP B 355 -38.54 3.12 64.86
CA ASP B 355 -37.95 4.15 64.03
C ASP B 355 -37.09 5.14 64.79
N SER B 356 -37.71 6.14 65.42
CA SER B 356 -36.96 7.16 66.17
C SER B 356 -35.74 6.54 66.82
N GLU B 357 -34.57 6.81 66.23
CA GLU B 357 -33.32 6.27 66.74
C GLU B 357 -33.17 6.40 68.25
N TYR B 358 -33.94 7.28 68.86
CA TYR B 358 -33.88 7.46 70.30
C TYR B 358 -34.45 6.23 71.00
N ALA B 359 -35.60 5.78 70.52
CA ALA B 359 -36.27 4.62 71.09
C ALA B 359 -35.44 3.37 70.85
N ARG B 360 -34.68 3.35 69.76
CA ARG B 360 -33.85 2.21 69.43
C ARG B 360 -32.64 2.19 70.36
N GLU B 361 -32.36 3.33 70.99
CA GLU B 361 -31.24 3.42 71.91
C GLU B 361 -31.62 2.89 73.27
N LYS B 362 -32.88 3.08 73.62
CA LYS B 362 -33.40 2.62 74.90
C LYS B 362 -33.69 1.14 74.89
N LEU B 363 -34.36 0.69 73.82
CA LEU B 363 -34.70 -0.71 73.66
C LEU B 363 -33.39 -1.42 73.39
N GLN B 364 -32.30 -0.75 73.69
CA GLN B 364 -30.99 -1.33 73.46
C GLN B 364 -30.16 -1.37 74.72
N GLU B 365 -30.33 -0.39 75.58
CA GLU B 365 -29.56 -0.40 76.80
C GLU B 365 -30.19 -1.47 77.68
N ARG B 366 -31.47 -1.73 77.45
CA ARG B 366 -32.16 -2.80 78.16
C ARG B 366 -31.46 -4.08 77.67
N LEU B 367 -31.57 -4.34 76.36
CA LEU B 367 -30.98 -5.51 75.73
C LEU B 367 -29.51 -5.63 76.11
N ALA B 368 -28.97 -4.52 76.60
CA ALA B 368 -27.57 -4.40 77.03
C ALA B 368 -27.36 -5.00 78.40
N LYS B 369 -28.07 -4.48 79.38
CA LYS B 369 -27.99 -4.99 80.75
C LYS B 369 -28.27 -6.50 80.76
N LEU B 370 -29.47 -6.85 80.32
CA LEU B 370 -29.93 -8.24 80.24
C LEU B 370 -28.83 -9.19 79.79
N ALA B 371 -27.97 -8.73 78.89
CA ALA B 371 -26.92 -9.59 78.36
C ALA B 371 -25.61 -9.70 79.16
N GLY B 372 -25.55 -9.16 80.39
CA GLY B 372 -24.32 -9.29 81.19
C GLY B 372 -22.93 -8.94 80.60
N GLY B 373 -22.12 -9.92 80.17
CA GLY B 373 -20.82 -9.63 79.54
C GLY B 373 -20.99 -8.38 78.71
N VAL B 374 -20.78 -7.25 79.35
CA VAL B 374 -20.96 -5.96 78.73
C VAL B 374 -19.74 -5.06 78.86
N ALA B 375 -19.20 -4.63 77.72
CA ALA B 375 -18.03 -3.76 77.68
C ALA B 375 -18.52 -2.36 77.37
N VAL B 376 -17.77 -1.36 77.81
CA VAL B 376 -18.15 0.02 77.55
C VAL B 376 -16.97 0.94 77.31
N ILE B 377 -16.86 1.44 76.09
CA ILE B 377 -15.78 2.34 75.73
C ILE B 377 -16.27 3.78 75.94
N ARG B 378 -15.63 4.48 76.87
CA ARG B 378 -16.02 5.86 77.09
C ARG B 378 -14.99 6.75 76.39
N VAL B 379 -15.40 7.25 75.22
CA VAL B 379 -14.57 8.08 74.37
C VAL B 379 -14.31 9.47 74.93
N GLY B 380 -13.04 9.85 74.95
CA GLY B 380 -12.66 11.16 75.43
C GLY B 380 -12.09 12.05 74.34
N ALA B 381 -12.18 13.35 74.52
CA ALA B 381 -11.68 14.33 73.57
C ALA B 381 -11.60 15.69 74.24
N ALA B 382 -10.89 16.62 73.64
CA ALA B 382 -10.77 17.94 74.24
C ALA B 382 -11.93 18.86 73.88
N THR B 383 -12.54 18.61 72.73
CA THR B 383 -13.65 19.45 72.29
C THR B 383 -14.84 18.61 71.82
N GLU B 384 -16.01 19.21 71.89
CA GLU B 384 -17.22 18.53 71.47
C GLU B 384 -17.06 18.06 70.04
N THR B 385 -16.66 18.99 69.17
CA THR B 385 -16.51 18.66 67.76
C THR B 385 -15.59 17.49 67.49
N GLU B 386 -14.47 17.46 68.17
CA GLU B 386 -13.54 16.37 67.96
C GLU B 386 -14.13 15.10 68.48
N LEU B 387 -14.69 15.20 69.69
CA LEU B 387 -15.31 14.07 70.37
C LEU B 387 -16.36 13.38 69.53
N LYS B 388 -17.33 14.16 69.07
CA LYS B 388 -18.40 13.63 68.27
C LYS B 388 -17.91 12.77 67.10
N GLU B 389 -16.78 13.14 66.51
CA GLU B 389 -16.25 12.38 65.38
C GLU B 389 -15.46 11.18 65.87
N LYS B 390 -14.71 11.38 66.95
CA LYS B 390 -13.91 10.32 67.50
C LYS B 390 -14.88 9.20 67.92
N LYS B 391 -15.95 9.62 68.60
CA LYS B 391 -16.99 8.70 69.05
C LYS B 391 -17.52 7.94 67.81
N HIS B 392 -17.91 8.69 66.79
CA HIS B 392 -18.41 8.07 65.56
C HIS B 392 -17.47 7.01 64.98
N ARG B 393 -16.19 7.32 64.88
CA ARG B 393 -15.25 6.35 64.32
C ARG B 393 -15.35 5.01 65.05
N PHE B 394 -15.48 5.05 66.37
CA PHE B 394 -15.61 3.83 67.16
C PHE B 394 -16.84 3.07 66.72
N GLU B 395 -17.95 3.79 66.58
CA GLU B 395 -19.20 3.18 66.15
C GLU B 395 -19.00 2.49 64.83
N ASP B 396 -18.40 3.17 63.86
CA ASP B 396 -18.17 2.54 62.56
C ASP B 396 -17.34 1.27 62.75
N ALA B 397 -16.22 1.40 63.48
CA ALA B 397 -15.34 0.27 63.74
C ALA B 397 -16.15 -0.93 64.26
N LEU B 398 -17.07 -0.70 65.18
CA LEU B 398 -17.88 -1.79 65.69
C LEU B 398 -18.70 -2.38 64.53
N ASN B 399 -19.55 -1.55 63.92
CA ASN B 399 -20.37 -1.99 62.79
C ASN B 399 -19.56 -2.85 61.83
N ALA B 400 -18.29 -2.50 61.68
CA ALA B 400 -17.41 -3.25 60.79
C ALA B 400 -17.21 -4.63 61.39
N THR B 401 -16.71 -4.64 62.62
CA THR B 401 -16.44 -5.87 63.34
C THR B 401 -17.64 -6.83 63.23
N ARG B 402 -18.81 -6.36 63.65
CA ARG B 402 -20.02 -7.17 63.58
C ARG B 402 -20.13 -7.80 62.19
N ALA B 403 -20.08 -6.97 61.15
CA ALA B 403 -20.20 -7.47 59.79
C ALA B 403 -19.08 -8.45 59.45
N ALA B 404 -17.91 -8.21 60.01
CA ALA B 404 -16.76 -9.08 59.75
C ALA B 404 -17.07 -10.48 60.24
N VAL B 405 -17.57 -10.57 61.47
CA VAL B 405 -17.94 -11.85 62.07
C VAL B 405 -19.04 -12.59 61.27
N GLU B 406 -20.05 -11.84 60.83
CA GLU B 406 -21.12 -12.43 60.06
C GLU B 406 -20.69 -13.05 58.75
N GLU B 407 -20.25 -12.23 57.79
CA GLU B 407 -19.91 -12.76 56.46
C GLU B 407 -18.47 -12.98 56.11
N GLY B 408 -17.58 -12.72 57.05
CA GLY B 408 -16.20 -12.92 56.72
C GLY B 408 -15.38 -11.65 56.58
N ILE B 409 -14.18 -11.83 56.03
CA ILE B 409 -13.22 -10.78 55.78
C ILE B 409 -12.57 -10.91 54.40
N VAL B 410 -12.36 -9.80 53.71
CA VAL B 410 -11.68 -9.85 52.41
C VAL B 410 -10.54 -8.82 52.34
N PRO B 411 -9.67 -8.88 51.31
CA PRO B 411 -8.58 -7.89 51.23
C PRO B 411 -9.17 -6.50 50.96
N GLY B 412 -8.61 -5.48 51.62
CA GLY B 412 -9.11 -4.11 51.48
C GLY B 412 -8.61 -3.28 50.32
N GLY B 413 -8.62 -1.96 50.51
CA GLY B 413 -8.17 -1.05 49.48
C GLY B 413 -8.85 -1.27 48.14
N GLY B 414 -10.08 -1.77 48.16
CA GLY B 414 -10.79 -1.99 46.91
C GLY B 414 -10.22 -3.16 46.12
N VAL B 415 -9.12 -3.72 46.61
CA VAL B 415 -8.46 -4.83 45.92
C VAL B 415 -9.42 -5.98 45.63
N THR B 416 -10.20 -6.35 46.64
CA THR B 416 -11.14 -7.43 46.51
C THR B 416 -12.08 -7.17 45.32
N LEU B 417 -12.59 -5.95 45.18
CA LEU B 417 -13.49 -5.67 44.04
C LEU B 417 -12.76 -5.72 42.70
N LEU B 418 -11.47 -5.39 42.72
CA LEU B 418 -10.68 -5.42 41.49
C LEU B 418 -10.59 -6.87 41.04
N ARG B 419 -10.37 -7.77 41.99
CA ARG B 419 -10.29 -9.19 41.69
C ARG B 419 -11.61 -9.72 41.15
N ALA B 420 -12.70 -9.01 41.40
CA ALA B 420 -14.01 -9.41 40.92
C ALA B 420 -14.09 -9.18 39.42
N ILE B 421 -13.22 -8.33 38.90
CA ILE B 421 -13.21 -8.02 37.47
C ILE B 421 -13.03 -9.26 36.59
N SER B 422 -12.00 -10.06 36.89
CA SER B 422 -11.76 -11.26 36.10
C SER B 422 -13.02 -12.11 36.00
N ALA B 423 -13.84 -12.10 37.04
CA ALA B 423 -15.06 -12.87 37.04
C ALA B 423 -16.06 -12.27 36.04
N VAL B 424 -16.23 -10.95 36.08
CA VAL B 424 -17.14 -10.28 35.17
C VAL B 424 -16.61 -10.48 33.76
N GLU B 425 -15.29 -10.45 33.65
CA GLU B 425 -14.63 -10.64 32.37
C GLU B 425 -15.12 -11.95 31.75
N GLU B 426 -14.94 -13.02 32.50
CA GLU B 426 -15.32 -14.36 32.11
C GLU B 426 -16.81 -14.39 31.72
N LEU B 427 -17.61 -13.67 32.49
CA LEU B 427 -19.04 -13.60 32.23
C LEU B 427 -19.31 -12.95 30.88
N ILE B 428 -18.61 -11.86 30.61
CA ILE B 428 -18.78 -11.14 29.35
C ILE B 428 -18.60 -12.09 28.16
N LYS B 429 -17.59 -12.94 28.22
CA LYS B 429 -17.31 -13.89 27.14
C LYS B 429 -18.55 -14.70 26.83
N LYS B 430 -19.43 -14.77 27.81
CA LYS B 430 -20.64 -15.54 27.65
C LYS B 430 -21.84 -14.68 27.30
N LEU B 431 -21.62 -13.38 27.24
CA LEU B 431 -22.68 -12.44 26.96
C LEU B 431 -22.59 -11.79 25.60
N GLU B 432 -23.70 -11.20 25.15
CA GLU B 432 -23.77 -10.53 23.85
C GLU B 432 -24.45 -9.18 23.97
N GLY B 433 -24.69 -8.58 22.81
CA GLY B 433 -25.36 -7.28 22.73
C GLY B 433 -25.13 -6.29 23.86
N ASP B 434 -26.14 -5.45 24.10
CA ASP B 434 -26.07 -4.46 25.16
C ASP B 434 -25.88 -5.12 26.53
N GLU B 435 -26.36 -6.35 26.67
CA GLU B 435 -26.24 -7.07 27.92
C GLU B 435 -24.76 -7.21 28.28
N ALA B 436 -23.94 -7.44 27.26
CA ALA B 436 -22.51 -7.59 27.48
C ALA B 436 -21.94 -6.21 27.83
N THR B 437 -22.52 -5.16 27.23
CA THR B 437 -22.10 -3.81 27.52
C THR B 437 -22.35 -3.56 29.00
N GLY B 438 -23.55 -3.92 29.44
CA GLY B 438 -23.92 -3.77 30.84
C GLY B 438 -22.87 -4.37 31.74
N ALA B 439 -22.47 -5.60 31.47
CA ALA B 439 -21.45 -6.26 32.28
C ALA B 439 -20.18 -5.43 32.30
N LYS B 440 -19.79 -4.96 31.12
CA LYS B 440 -18.60 -4.14 30.97
C LYS B 440 -18.69 -2.91 31.86
N ILE B 441 -19.88 -2.32 31.96
CA ILE B 441 -20.08 -1.17 32.84
C ILE B 441 -19.62 -1.50 34.28
N VAL B 442 -20.04 -2.65 34.78
CA VAL B 442 -19.64 -3.06 36.13
C VAL B 442 -18.15 -3.27 36.16
N ARG B 443 -17.62 -3.90 35.11
CA ARG B 443 -16.20 -4.16 35.00
C ARG B 443 -15.37 -2.91 35.26
N ARG B 444 -15.78 -1.80 34.64
CA ARG B 444 -15.08 -0.55 34.82
C ARG B 444 -15.31 -0.02 36.24
N ALA B 445 -16.58 0.10 36.61
CA ALA B 445 -16.97 0.60 37.93
C ALA B 445 -16.15 -0.03 39.06
N LEU B 446 -15.96 -1.33 38.97
CA LEU B 446 -15.22 -2.05 39.98
C LEU B 446 -13.85 -1.45 40.30
N GLU B 447 -13.35 -0.59 39.44
CA GLU B 447 -12.05 0.02 39.68
C GLU B 447 -12.15 1.30 40.53
N GLU B 448 -13.26 2.02 40.39
CA GLU B 448 -13.44 3.28 41.11
C GLU B 448 -12.96 3.34 42.56
N PRO B 449 -13.40 2.40 43.40
CA PRO B 449 -12.97 2.40 44.79
C PRO B 449 -11.45 2.41 44.91
N ALA B 450 -10.80 1.43 44.28
CA ALA B 450 -9.34 1.35 44.34
C ALA B 450 -8.74 2.67 43.89
N ARG B 451 -9.17 3.16 42.73
CA ARG B 451 -8.68 4.42 42.17
C ARG B 451 -8.75 5.57 43.15
N GLN B 452 -9.97 5.96 43.51
CA GLN B 452 -10.21 7.07 44.45
C GLN B 452 -9.40 6.96 45.74
N ILE B 453 -9.17 5.73 46.20
CA ILE B 453 -8.42 5.58 47.43
C ILE B 453 -7.05 6.11 47.11
N ALA B 454 -6.43 5.50 46.11
CA ALA B 454 -5.09 5.90 45.69
C ALA B 454 -5.06 7.38 45.34
N GLU B 455 -6.04 7.82 44.57
CA GLU B 455 -6.12 9.22 44.16
C GLU B 455 -6.07 10.15 45.36
N ASN B 456 -7.00 10.02 46.31
CA ASN B 456 -7.04 10.88 47.50
C ASN B 456 -5.73 10.82 48.27
N ALA B 457 -4.95 9.77 48.03
CA ALA B 457 -3.66 9.59 48.69
C ALA B 457 -2.56 10.33 47.95
N GLY B 458 -2.84 10.72 46.70
CA GLY B 458 -1.86 11.45 45.90
C GLY B 458 -1.16 10.57 44.89
N TYR B 459 -1.88 9.60 44.35
CA TYR B 459 -1.31 8.69 43.37
C TYR B 459 -2.18 8.59 42.13
N GLU B 460 -1.69 7.86 41.15
CA GLU B 460 -2.45 7.74 39.91
C GLU B 460 -3.37 6.56 39.90
N GLY B 461 -4.66 6.87 40.01
CA GLY B 461 -5.68 5.84 40.02
C GLY B 461 -5.39 4.74 39.02
N SER B 462 -5.47 5.10 37.74
CA SER B 462 -5.24 4.13 36.68
C SER B 462 -3.93 3.38 36.85
N VAL B 463 -2.87 4.09 37.19
CA VAL B 463 -1.57 3.45 37.35
C VAL B 463 -1.60 2.31 38.34
N ILE B 464 -1.92 2.65 39.58
CA ILE B 464 -1.96 1.66 40.65
C ILE B 464 -2.89 0.49 40.34
N VAL B 465 -4.09 0.80 39.88
CA VAL B 465 -5.04 -0.24 39.54
C VAL B 465 -4.43 -1.23 38.56
N GLN B 466 -3.60 -0.73 37.64
CA GLN B 466 -2.96 -1.60 36.65
C GLN B 466 -1.96 -2.53 37.28
N GLN B 467 -1.08 -2.02 38.14
CA GLN B 467 -0.09 -2.87 38.77
C GLN B 467 -0.73 -3.94 39.64
N ILE B 468 -1.86 -3.59 40.23
CA ILE B 468 -2.59 -4.52 41.08
C ILE B 468 -3.13 -5.63 40.22
N LEU B 469 -3.93 -5.25 39.22
CA LEU B 469 -4.52 -6.21 38.28
C LEU B 469 -3.43 -6.97 37.53
N ALA B 470 -2.22 -6.43 37.57
CA ALA B 470 -1.09 -7.03 36.89
C ALA B 470 -0.70 -8.34 37.56
N GLU B 471 -0.20 -8.25 38.78
CA GLU B 471 0.21 -9.46 39.48
C GLU B 471 -1.00 -10.25 39.90
N THR B 472 -1.27 -11.31 39.13
CA THR B 472 -2.42 -12.19 39.33
C THR B 472 -2.10 -13.57 39.93
N LYS B 473 -0.99 -13.66 40.64
CA LYS B 473 -0.59 -14.91 41.27
C LYS B 473 -1.36 -14.99 42.58
N ASN B 474 -1.21 -13.94 43.39
CA ASN B 474 -1.85 -13.85 44.69
C ASN B 474 -2.85 -12.71 44.76
N PRO B 475 -4.14 -13.04 44.76
CA PRO B 475 -5.20 -12.02 44.80
C PRO B 475 -5.08 -11.05 45.96
N ARG B 476 -4.38 -11.46 47.01
CA ARG B 476 -4.20 -10.60 48.19
C ARG B 476 -3.26 -9.43 47.89
N TYR B 477 -2.74 -9.38 46.67
CA TYR B 477 -1.82 -8.32 46.26
C TYR B 477 -2.57 -7.01 46.04
N GLY B 478 -2.17 -5.96 46.75
CA GLY B 478 -2.84 -4.69 46.60
C GLY B 478 -1.96 -3.52 46.97
N PHE B 479 -2.51 -2.31 46.87
CA PHE B 479 -1.75 -1.11 47.18
C PHE B 479 -2.10 -0.55 48.56
N ASN B 480 -1.08 -0.29 49.37
CA ASN B 480 -1.26 0.28 50.69
C ASN B 480 -1.22 1.79 50.56
N ALA B 481 -2.35 2.40 50.24
CA ALA B 481 -2.44 3.84 50.06
C ALA B 481 -1.88 4.69 51.19
N ALA B 482 -1.50 4.05 52.29
CA ALA B 482 -1.00 4.81 53.43
C ALA B 482 0.52 4.90 53.48
N THR B 483 1.19 3.83 53.04
CA THR B 483 2.65 3.77 53.04
C THR B 483 3.18 3.97 51.61
N GLY B 484 2.30 3.77 50.64
CA GLY B 484 2.70 3.94 49.25
C GLY B 484 3.46 2.73 48.74
N GLU B 485 3.08 1.55 49.22
CA GLU B 485 3.76 0.35 48.78
C GLU B 485 2.79 -0.79 48.49
N PHE B 486 3.10 -1.56 47.45
CA PHE B 486 2.26 -2.70 47.09
C PHE B 486 2.62 -3.81 48.06
N VAL B 487 1.60 -4.47 48.60
CA VAL B 487 1.79 -5.52 49.58
C VAL B 487 0.64 -6.53 49.55
N ASP B 488 0.77 -7.56 50.40
CA ASP B 488 -0.28 -8.56 50.51
C ASP B 488 -1.26 -7.91 51.48
N MET B 489 -2.37 -7.41 50.94
CA MET B 489 -3.37 -6.73 51.76
C MET B 489 -3.75 -7.43 53.06
N VAL B 490 -3.98 -8.73 53.00
CA VAL B 490 -4.34 -9.48 54.20
C VAL B 490 -3.19 -9.49 55.20
N GLU B 491 -2.01 -9.89 54.75
CA GLU B 491 -0.83 -9.94 55.61
C GLU B 491 -0.51 -8.56 56.16
N ALA B 492 -0.83 -7.52 55.40
CA ALA B 492 -0.56 -6.16 55.82
C ALA B 492 -1.58 -5.68 56.84
N GLY B 493 -2.66 -6.43 56.98
CA GLY B 493 -3.69 -6.05 57.93
C GLY B 493 -4.70 -5.10 57.34
N ILE B 494 -4.73 -5.01 56.01
CA ILE B 494 -5.67 -4.14 55.34
C ILE B 494 -6.84 -4.98 54.80
N VAL B 495 -7.80 -5.25 55.68
CA VAL B 495 -8.95 -6.07 55.33
C VAL B 495 -10.31 -5.39 55.54
N ASP B 496 -11.30 -5.87 54.81
CA ASP B 496 -12.67 -5.34 54.89
C ASP B 496 -13.72 -6.40 55.07
N PRO B 497 -14.76 -6.07 55.84
CA PRO B 497 -15.82 -7.05 56.04
C PRO B 497 -16.49 -7.37 54.71
N ALA B 498 -16.35 -8.62 54.28
CA ALA B 498 -16.94 -9.06 53.01
C ALA B 498 -18.37 -8.60 52.91
N LYS B 499 -19.03 -8.45 54.05
CA LYS B 499 -20.42 -8.02 54.04
C LYS B 499 -20.60 -6.61 53.46
N VAL B 500 -19.81 -5.65 53.94
CA VAL B 500 -19.92 -4.28 53.45
C VAL B 500 -19.63 -4.21 51.95
N THR B 501 -18.53 -4.84 51.53
CA THR B 501 -18.18 -4.86 50.11
C THR B 501 -19.40 -5.31 49.29
N ARG B 502 -19.85 -6.54 49.52
CA ARG B 502 -21.01 -7.07 48.80
C ARG B 502 -22.19 -6.09 48.81
N SER B 503 -22.50 -5.55 49.98
CA SER B 503 -23.62 -4.62 50.10
C SER B 503 -23.42 -3.38 49.24
N ALA B 504 -22.34 -2.65 49.50
CA ALA B 504 -22.03 -1.42 48.77
C ALA B 504 -22.29 -1.61 47.30
N LEU B 505 -21.67 -2.63 46.71
CA LEU B 505 -21.83 -2.90 45.27
C LEU B 505 -23.28 -3.19 44.88
N GLN B 506 -23.94 -4.05 45.66
CA GLN B 506 -25.32 -4.39 45.36
C GLN B 506 -26.23 -3.18 45.42
N ASN B 507 -25.98 -2.31 46.39
CA ASN B 507 -26.82 -1.11 46.52
C ASN B 507 -26.51 -0.11 45.42
N ALA B 508 -25.22 0.05 45.11
CA ALA B 508 -24.78 0.98 44.07
C ALA B 508 -25.38 0.57 42.75
N ALA B 509 -25.19 -0.71 42.40
CA ALA B 509 -25.72 -1.26 41.16
C ALA B 509 -27.25 -1.25 41.11
N SER B 510 -27.91 -1.29 42.26
CA SER B 510 -29.37 -1.28 42.28
C SER B 510 -29.93 0.04 41.78
N ILE B 511 -29.46 1.14 42.36
CA ILE B 511 -29.95 2.47 41.95
C ILE B 511 -29.32 2.88 40.62
N GLY B 512 -28.08 2.48 40.41
CA GLY B 512 -27.39 2.81 39.18
C GLY B 512 -28.17 2.40 37.96
N ALA B 513 -28.35 1.09 37.83
CA ALA B 513 -29.10 0.53 36.72
C ALA B 513 -30.44 1.24 36.51
N LEU B 514 -31.14 1.52 37.60
CA LEU B 514 -32.44 2.18 37.55
C LEU B 514 -32.33 3.45 36.73
N ILE B 515 -31.43 4.34 37.13
CA ILE B 515 -31.20 5.61 36.44
C ILE B 515 -31.05 5.44 34.92
N LEU B 516 -30.19 4.51 34.51
CA LEU B 516 -29.97 4.26 33.10
C LEU B 516 -31.26 4.02 32.31
N THR B 517 -32.35 3.69 33.01
CA THR B 517 -33.59 3.42 32.33
C THR B 517 -34.51 4.63 32.32
N THR B 518 -33.97 5.78 32.68
CA THR B 518 -34.82 6.98 32.69
C THR B 518 -35.02 7.45 31.26
N GLU B 519 -36.19 7.97 30.97
CA GLU B 519 -36.47 8.45 29.63
C GLU B 519 -37.35 9.65 29.79
N ALA B 520 -37.72 9.91 31.05
CA ALA B 520 -38.54 11.09 31.34
C ALA B 520 -38.48 11.37 32.82
N VAL B 521 -38.87 12.57 33.21
CA VAL B 521 -38.86 12.96 34.62
C VAL B 521 -39.95 13.97 34.79
N VAL B 522 -40.70 13.84 35.88
CA VAL B 522 -41.78 14.77 36.14
C VAL B 522 -41.44 15.45 37.44
N ALA B 523 -40.97 16.68 37.36
CA ALA B 523 -40.60 17.41 38.57
C ALA B 523 -41.39 18.68 38.72
N GLU B 524 -41.15 19.36 39.83
CA GLU B 524 -41.85 20.61 40.11
C GLU B 524 -41.30 21.74 39.25
N LYS B 525 -42.19 22.49 38.61
CA LYS B 525 -41.75 23.60 37.78
C LYS B 525 -40.95 24.55 38.69
N PRO B 526 -39.67 24.75 38.33
CA PRO B 526 -38.75 25.61 39.08
C PRO B 526 -39.40 26.87 39.57
N GLU B 527 -39.12 27.21 40.84
CA GLU B 527 -39.64 28.43 41.42
C GLU B 527 -38.94 29.57 40.70
N LYS B 528 -39.42 29.90 39.50
CA LYS B 528 -38.88 30.94 38.62
C LYS B 528 -38.31 32.15 39.32
N ALA C 2 -63.16 36.34 36.68
CA ALA C 2 -62.24 35.27 37.17
C ALA C 2 -62.19 34.19 36.11
N LYS C 3 -63.20 34.18 35.25
CA LYS C 3 -63.28 33.19 34.20
C LYS C 3 -62.82 33.72 32.87
N ILE C 4 -62.52 32.80 31.97
CA ILE C 4 -62.07 33.15 30.63
C ILE C 4 -62.86 32.22 29.69
N LEU C 5 -63.45 32.76 28.64
CA LEU C 5 -64.22 31.95 27.72
C LEU C 5 -63.53 31.71 26.39
N VAL C 6 -63.00 30.51 26.22
CA VAL C 6 -62.32 30.11 25.00
C VAL C 6 -63.23 29.29 24.09
N PHE C 7 -63.26 29.65 22.81
CA PHE C 7 -64.09 28.90 21.90
C PHE C 7 -63.33 28.15 20.83
N ASP C 8 -64.12 27.60 19.91
CA ASP C 8 -63.63 26.85 18.77
C ASP C 8 -62.27 26.19 18.84
N GLU C 9 -61.56 26.25 17.72
CA GLU C 9 -60.25 25.62 17.60
C GLU C 9 -59.27 26.07 18.68
N ALA C 10 -59.38 27.32 19.09
CA ALA C 10 -58.53 27.82 20.14
C ALA C 10 -58.61 26.89 21.33
N ALA C 11 -59.84 26.58 21.73
CA ALA C 11 -60.17 25.69 22.84
C ALA C 11 -59.71 24.26 22.59
N ARG C 12 -60.09 23.70 21.44
CA ARG C 12 -59.68 22.32 21.17
C ARG C 12 -58.16 22.15 21.17
N ARG C 13 -57.44 23.10 20.54
CA ARG C 13 -55.97 23.00 20.48
C ARG C 13 -55.36 22.97 21.87
N ALA C 14 -55.86 23.87 22.72
CA ALA C 14 -55.39 23.96 24.10
C ALA C 14 -55.56 22.60 24.77
N LEU C 15 -56.80 22.09 24.75
CA LEU C 15 -57.08 20.80 25.36
C LEU C 15 -56.14 19.77 24.80
N GLU C 16 -56.07 19.71 23.47
CA GLU C 16 -55.21 18.74 22.83
C GLU C 16 -53.77 18.82 23.33
N ARG C 17 -53.29 20.04 23.54
CA ARG C 17 -51.92 20.21 24.02
C ARG C 17 -51.79 19.45 25.33
N GLY C 18 -52.77 19.67 26.21
CA GLY C 18 -52.76 19.00 27.51
C GLY C 18 -52.77 17.50 27.34
N VAL C 19 -53.72 17.01 26.54
CA VAL C 19 -53.81 15.59 26.29
C VAL C 19 -52.46 15.03 25.88
N ASN C 20 -51.84 15.66 24.90
CA ASN C 20 -50.54 15.17 24.44
C ASN C 20 -49.46 15.25 25.50
N ALA C 21 -49.46 16.35 26.25
CA ALA C 21 -48.48 16.55 27.33
C ALA C 21 -48.38 15.28 28.17
N VAL C 22 -49.52 14.84 28.71
CA VAL C 22 -49.59 13.64 29.53
C VAL C 22 -49.27 12.38 28.75
N ALA C 23 -50.01 12.19 27.67
CA ALA C 23 -49.83 10.99 26.82
C ALA C 23 -48.41 10.69 26.46
N ASN C 24 -47.65 11.72 26.10
CA ASN C 24 -46.25 11.51 25.70
C ASN C 24 -45.30 11.20 26.85
N ALA C 25 -45.68 11.57 28.07
CA ALA C 25 -44.86 11.25 29.21
C ALA C 25 -45.11 9.78 29.50
N VAL C 26 -46.37 9.39 29.33
CA VAL C 26 -46.81 8.01 29.58
C VAL C 26 -46.29 6.98 28.57
N LYS C 27 -46.60 7.20 27.29
CA LYS C 27 -46.23 6.23 26.25
C LYS C 27 -44.81 5.74 26.27
N VAL C 28 -43.93 6.48 26.94
CA VAL C 28 -42.52 6.13 27.02
C VAL C 28 -42.30 4.76 27.67
N THR C 29 -43.32 4.28 28.38
CA THR C 29 -43.25 3.03 29.10
C THR C 29 -43.79 1.82 28.36
N LEU C 30 -44.76 2.06 27.48
CA LEU C 30 -45.41 1.01 26.72
C LEU C 30 -44.53 -0.07 26.13
N GLY C 31 -44.98 -1.31 26.28
CA GLY C 31 -44.29 -2.47 25.75
C GLY C 31 -43.11 -3.03 26.52
N PRO C 32 -42.50 -4.08 26.00
CA PRO C 32 -41.34 -4.75 26.61
C PRO C 32 -40.07 -3.93 26.59
N ARG C 33 -39.90 -3.06 25.59
CA ARG C 33 -38.71 -2.25 25.52
C ARG C 33 -38.97 -0.89 26.15
N GLY C 34 -40.21 -0.73 26.63
CA GLY C 34 -40.58 0.52 27.30
C GLY C 34 -39.58 0.86 28.39
N ARG C 35 -39.45 2.15 28.68
CA ARG C 35 -38.49 2.59 29.69
C ARG C 35 -39.25 3.22 30.85
N ASN C 36 -38.51 3.61 31.88
CA ASN C 36 -39.13 4.19 33.07
C ASN C 36 -39.17 5.70 33.16
N VAL C 37 -40.18 6.19 33.86
CA VAL C 37 -40.36 7.61 34.10
C VAL C 37 -39.92 7.83 35.56
N VAL C 38 -39.39 9.00 35.87
CA VAL C 38 -38.95 9.28 37.24
C VAL C 38 -39.83 10.36 37.82
N LEU C 39 -40.63 9.99 38.81
CA LEU C 39 -41.55 10.93 39.46
C LEU C 39 -40.97 11.48 40.77
N GLU C 40 -40.84 12.79 40.85
CA GLU C 40 -40.27 13.42 42.01
C GLU C 40 -41.22 13.37 43.18
N LYS C 41 -40.71 12.96 44.33
CA LYS C 41 -41.53 12.88 45.53
C LYS C 41 -41.14 14.00 46.47
N LYS C 42 -42.13 14.51 47.19
CA LYS C 42 -41.95 15.63 48.13
C LYS C 42 -40.80 15.52 49.11
N PHE C 43 -40.53 14.31 49.62
CA PHE C 43 -39.44 14.17 50.58
C PHE C 43 -38.37 13.14 50.29
N GLY C 44 -38.76 11.86 50.17
CA GLY C 44 -37.75 10.84 49.96
C GLY C 44 -37.15 10.83 48.59
N SER C 45 -36.60 9.69 48.21
CA SER C 45 -36.02 9.55 46.89
C SER C 45 -37.27 9.53 45.97
N PRO C 46 -37.07 9.61 44.66
CA PRO C 46 -38.25 9.60 43.79
C PRO C 46 -38.82 8.19 43.54
N THR C 47 -39.84 8.16 42.70
CA THR C 47 -40.50 6.93 42.28
C THR C 47 -40.03 6.63 40.85
N ILE C 48 -39.48 5.45 40.62
CA ILE C 48 -39.06 5.10 39.27
C ILE C 48 -39.99 4.00 38.76
N THR C 49 -40.99 4.38 37.98
CA THR C 49 -41.98 3.43 37.45
C THR C 49 -41.97 3.16 35.96
N LYS C 50 -42.92 2.31 35.55
CA LYS C 50 -43.14 1.93 34.16
C LYS C 50 -44.65 1.80 34.04
N ASP C 51 -45.34 2.32 35.06
CA ASP C 51 -46.78 2.26 35.16
C ASP C 51 -47.45 3.52 34.65
N GLY C 52 -48.35 3.33 33.69
CA GLY C 52 -49.10 4.43 33.13
C GLY C 52 -49.73 5.36 34.17
N VAL C 53 -50.86 4.96 34.77
CA VAL C 53 -51.56 5.78 35.76
C VAL C 53 -50.67 6.45 36.79
N THR C 54 -49.67 5.74 37.28
CA THR C 54 -48.77 6.32 38.27
C THR C 54 -48.16 7.61 37.72
N VAL C 55 -47.57 7.54 36.54
CA VAL C 55 -47.01 8.72 35.89
C VAL C 55 -48.14 9.72 35.58
N ALA C 56 -49.14 9.28 34.82
CA ALA C 56 -50.24 10.15 34.46
C ALA C 56 -50.78 10.98 35.62
N LYS C 57 -50.91 10.36 36.78
CA LYS C 57 -51.45 11.05 37.94
C LYS C 57 -50.58 12.16 38.47
N GLU C 58 -49.27 12.06 38.27
CA GLU C 58 -48.34 13.09 38.74
C GLU C 58 -48.30 14.34 37.87
N VAL C 59 -48.76 14.23 36.62
CA VAL C 59 -48.76 15.35 35.69
C VAL C 59 -49.79 16.42 35.98
N GLU C 60 -49.30 17.63 36.16
CA GLU C 60 -50.11 18.80 36.44
C GLU C 60 -49.54 19.94 35.59
N LEU C 61 -50.34 20.49 34.69
CA LEU C 61 -49.90 21.56 33.80
C LEU C 61 -50.23 22.94 34.33
N GLU C 62 -49.34 23.90 34.07
CA GLU C 62 -49.53 25.26 34.53
C GLU C 62 -50.65 26.02 33.83
N ASP C 63 -50.87 25.73 32.55
CA ASP C 63 -51.92 26.44 31.83
C ASP C 63 -53.27 25.81 32.07
N HIS C 64 -54.21 26.59 32.58
CA HIS C 64 -55.54 26.06 32.85
C HIS C 64 -56.15 25.18 31.75
N LEU C 65 -56.38 25.71 30.56
CA LEU C 65 -56.97 24.87 29.51
C LEU C 65 -56.14 23.63 29.17
N GLU C 66 -54.83 23.78 29.03
CA GLU C 66 -54.02 22.61 28.73
C GLU C 66 -54.11 21.57 29.83
N ASN C 67 -54.29 22.03 31.06
CA ASN C 67 -54.38 21.14 32.22
C ASN C 67 -55.68 20.35 32.19
N ILE C 68 -56.78 21.02 31.89
CA ILE C 68 -58.08 20.37 31.77
C ILE C 68 -57.92 19.17 30.86
N GLY C 69 -57.18 19.32 29.77
CA GLY C 69 -56.97 18.21 28.88
C GLY C 69 -56.14 17.16 29.59
N ALA C 70 -55.11 17.57 30.31
CA ALA C 70 -54.26 16.60 30.99
C ALA C 70 -55.11 15.76 31.93
N GLN C 71 -56.10 16.39 32.55
CA GLN C 71 -56.97 15.68 33.47
C GLN C 71 -57.80 14.64 32.71
N LEU C 72 -58.62 15.09 31.76
CA LEU C 72 -59.44 14.16 30.96
C LEU C 72 -58.67 12.91 30.57
N LEU C 73 -57.40 13.07 30.19
CA LEU C 73 -56.62 11.91 29.80
C LEU C 73 -56.28 11.06 31.03
N LYS C 74 -55.99 11.72 32.15
CA LYS C 74 -55.69 10.99 33.37
C LYS C 74 -56.88 10.08 33.71
N GLU C 75 -58.08 10.61 33.56
CA GLU C 75 -59.27 9.84 33.85
C GLU C 75 -59.25 8.56 33.04
N VAL C 76 -58.95 8.68 31.75
CA VAL C 76 -58.89 7.49 30.92
C VAL C 76 -57.97 6.49 31.57
N ALA C 77 -56.84 6.98 32.04
CA ALA C 77 -55.87 6.10 32.66
C ALA C 77 -56.34 5.38 33.91
N SER C 78 -56.85 6.15 34.89
CA SER C 78 -57.29 5.58 36.16
C SER C 78 -58.52 4.69 36.05
N LYS C 79 -59.58 5.19 35.42
CA LYS C 79 -60.79 4.38 35.27
C LYS C 79 -60.44 3.02 34.68
N THR C 80 -59.35 2.93 33.93
CA THR C 80 -58.93 1.69 33.34
C THR C 80 -58.22 0.87 34.40
N ASN C 81 -57.52 1.57 35.29
CA ASN C 81 -56.77 0.93 36.37
C ASN C 81 -57.79 0.36 37.35
N ASP C 82 -58.89 1.09 37.52
CA ASP C 82 -59.93 0.66 38.43
C ASP C 82 -60.61 -0.59 37.93
N VAL C 83 -61.00 -0.57 36.67
CA VAL C 83 -61.69 -1.68 36.05
C VAL C 83 -60.83 -2.89 35.70
N ALA C 84 -59.51 -2.75 35.64
CA ALA C 84 -58.67 -3.90 35.26
C ALA C 84 -57.32 -3.95 35.93
N GLY C 85 -56.85 -2.81 36.42
CA GLY C 85 -55.56 -2.78 37.11
C GLY C 85 -54.34 -2.86 36.24
N ASP C 86 -54.56 -3.03 34.94
CA ASP C 86 -53.48 -3.12 33.97
C ASP C 86 -53.97 -2.56 32.65
N GLY C 87 -53.03 -2.25 31.76
CA GLY C 87 -53.38 -1.68 30.46
C GLY C 87 -53.69 -0.19 30.49
N THR C 88 -53.12 0.52 31.47
CA THR C 88 -53.36 1.96 31.58
C THR C 88 -52.63 2.72 30.46
N THR C 89 -51.41 2.32 30.17
CA THR C 89 -50.66 2.98 29.11
C THR C 89 -51.41 2.84 27.78
N THR C 90 -51.78 1.60 27.45
CA THR C 90 -52.53 1.30 26.24
C THR C 90 -53.78 2.17 26.09
N ALA C 91 -54.47 2.42 27.18
CA ALA C 91 -55.67 3.22 27.10
C ALA C 91 -55.33 4.68 26.77
N THR C 92 -54.23 5.16 27.35
CA THR C 92 -53.76 6.54 27.16
C THR C 92 -53.47 6.73 25.67
N VAL C 93 -52.59 5.88 25.14
CA VAL C 93 -52.24 5.92 23.73
C VAL C 93 -53.49 5.97 22.83
N LEU C 94 -54.39 5.00 23.02
CA LEU C 94 -55.62 4.94 22.23
C LEU C 94 -56.42 6.25 22.33
N ALA C 95 -56.35 6.91 23.48
CA ALA C 95 -57.08 8.15 23.70
C ALA C 95 -56.45 9.25 22.88
N GLN C 96 -55.13 9.33 22.95
CA GLN C 96 -54.38 10.35 22.24
C GLN C 96 -54.73 10.23 20.77
N ALA C 97 -54.53 9.02 20.24
CA ALA C 97 -54.84 8.69 18.84
C ALA C 97 -56.24 9.17 18.45
N ILE C 98 -57.24 8.77 19.22
CA ILE C 98 -58.60 9.16 18.92
C ILE C 98 -58.77 10.67 18.94
N VAL C 99 -58.10 11.33 19.88
CA VAL C 99 -58.23 12.79 19.99
C VAL C 99 -57.63 13.56 18.81
N ARG C 100 -56.46 13.14 18.33
CA ARG C 100 -55.86 13.86 17.21
C ARG C 100 -56.60 13.61 15.91
N GLU C 101 -56.63 12.35 15.47
CA GLU C 101 -57.31 12.00 14.24
C GLU C 101 -58.72 12.58 14.24
N GLY C 102 -59.30 12.68 15.43
CA GLY C 102 -60.62 13.23 15.53
C GLY C 102 -60.70 14.74 15.48
N LEU C 103 -59.83 15.40 16.24
CA LEU C 103 -59.79 16.86 16.27
C LEU C 103 -59.49 17.41 14.89
N LYS C 104 -58.71 16.64 14.14
CA LYS C 104 -58.37 16.98 12.77
C LYS C 104 -59.69 17.05 11.99
N ASN C 105 -60.43 15.95 11.98
CA ASN C 105 -61.71 15.88 11.28
C ASN C 105 -62.69 16.95 11.70
N VAL C 106 -62.58 17.40 12.95
CA VAL C 106 -63.49 18.45 13.40
C VAL C 106 -63.12 19.76 12.73
N ALA C 107 -61.81 19.98 12.60
CA ALA C 107 -61.29 21.17 11.97
C ALA C 107 -61.71 21.19 10.51
N ALA C 108 -61.76 20.00 9.92
CA ALA C 108 -62.18 19.83 8.54
C ALA C 108 -63.70 20.05 8.36
N GLY C 109 -64.38 20.37 9.46
CA GLY C 109 -65.81 20.63 9.39
C GLY C 109 -66.76 19.52 9.82
N ALA C 110 -66.22 18.35 10.16
CA ALA C 110 -67.03 17.23 10.60
C ALA C 110 -67.91 17.52 11.81
N ASN C 111 -69.12 16.96 11.83
CA ASN C 111 -70.04 17.13 12.96
C ASN C 111 -69.55 16.19 14.04
N PRO C 112 -69.11 16.74 15.18
CA PRO C 112 -68.60 15.91 16.27
C PRO C 112 -69.62 14.90 16.82
N LEU C 113 -70.88 15.32 16.91
CA LEU C 113 -71.92 14.43 17.40
C LEU C 113 -71.92 13.12 16.60
N ALA C 114 -71.94 13.26 15.27
CA ALA C 114 -71.92 12.10 14.38
C ALA C 114 -70.61 11.33 14.53
N LEU C 115 -69.52 12.07 14.71
CA LEU C 115 -68.23 11.43 14.88
C LEU C 115 -68.29 10.50 16.08
N LYS C 116 -68.99 10.96 17.13
CA LYS C 116 -69.15 10.19 18.36
C LYS C 116 -69.88 8.88 18.06
N ARG C 117 -71.09 9.01 17.52
CA ARG C 117 -71.89 7.85 17.15
C ARG C 117 -71.03 6.81 16.42
N GLY C 118 -70.32 7.26 15.40
CA GLY C 118 -69.47 6.36 14.65
C GLY C 118 -68.40 5.73 15.51
N ILE C 119 -67.78 6.54 16.38
CA ILE C 119 -66.74 6.01 17.25
C ILE C 119 -67.34 4.92 18.12
N GLU C 120 -68.53 5.21 18.67
CA GLU C 120 -69.24 4.25 19.53
C GLU C 120 -69.48 2.95 18.79
N LYS C 121 -70.16 3.06 17.65
CA LYS C 121 -70.44 1.87 16.85
C LYS C 121 -69.15 1.11 16.55
N ALA C 122 -68.14 1.85 16.12
CA ALA C 122 -66.87 1.24 15.80
C ALA C 122 -66.29 0.46 16.99
N VAL C 123 -66.39 1.05 18.18
CA VAL C 123 -65.85 0.38 19.37
C VAL C 123 -66.62 -0.90 19.65
N GLU C 124 -67.94 -0.85 19.54
CA GLU C 124 -68.77 -2.03 19.78
C GLU C 124 -68.26 -3.14 18.88
N ALA C 125 -68.22 -2.86 17.58
CA ALA C 125 -67.73 -3.86 16.64
C ALA C 125 -66.37 -4.38 17.06
N ALA C 126 -65.51 -3.45 17.51
CA ALA C 126 -64.16 -3.78 17.94
C ALA C 126 -64.15 -4.70 19.16
N VAL C 127 -64.96 -4.36 20.16
CA VAL C 127 -65.05 -5.16 21.38
C VAL C 127 -65.55 -6.56 21.05
N GLU C 128 -66.59 -6.64 20.24
CA GLU C 128 -67.16 -7.91 19.84
C GLU C 128 -66.09 -8.83 19.26
N LYS C 129 -65.21 -8.25 18.47
CA LYS C 129 -64.14 -9.02 17.87
C LYS C 129 -63.12 -9.45 18.90
N ILE C 130 -63.00 -8.66 19.97
CA ILE C 130 -62.04 -8.98 21.03
C ILE C 130 -62.53 -10.27 21.69
N LYS C 131 -63.80 -10.26 22.07
CA LYS C 131 -64.42 -11.40 22.70
C LYS C 131 -64.24 -12.60 21.78
N ALA C 132 -64.66 -12.42 20.54
CA ALA C 132 -64.55 -13.45 19.53
C ALA C 132 -63.20 -14.16 19.46
N LEU C 133 -62.12 -13.46 19.83
CA LEU C 133 -60.78 -14.06 19.79
C LEU C 133 -60.30 -14.49 21.16
N ALA C 134 -61.13 -14.26 22.17
CA ALA C 134 -60.77 -14.62 23.54
C ALA C 134 -60.69 -16.14 23.71
N ILE C 135 -59.69 -16.56 24.44
CA ILE C 135 -59.49 -17.95 24.75
C ILE C 135 -59.55 -18.05 26.27
N PRO C 136 -60.33 -19.01 26.80
CA PRO C 136 -60.42 -19.14 28.25
C PRO C 136 -59.11 -19.63 28.85
N VAL C 137 -58.78 -19.14 30.04
CA VAL C 137 -57.55 -19.55 30.73
C VAL C 137 -57.86 -20.90 31.31
N GLU C 138 -57.01 -21.90 31.06
CA GLU C 138 -57.30 -23.22 31.61
C GLU C 138 -56.16 -24.01 32.22
N ASP C 139 -55.02 -23.38 32.45
CA ASP C 139 -53.90 -24.11 33.04
C ASP C 139 -52.77 -23.25 33.56
N ARG C 140 -51.85 -23.90 34.25
CA ARG C 140 -50.72 -23.24 34.86
C ARG C 140 -49.93 -22.39 33.87
N LYS C 141 -49.72 -22.92 32.68
CA LYS C 141 -48.97 -22.19 31.65
C LYS C 141 -49.71 -20.91 31.24
N ALA C 142 -50.94 -21.06 30.74
CA ALA C 142 -51.73 -19.91 30.30
C ALA C 142 -51.63 -18.75 31.28
N ILE C 143 -51.50 -19.06 32.56
CA ILE C 143 -51.40 -18.02 33.54
C ILE C 143 -49.98 -17.49 33.65
N GLU C 144 -49.01 -18.39 33.70
CA GLU C 144 -47.62 -17.97 33.77
C GLU C 144 -47.35 -16.97 32.66
N GLU C 145 -47.93 -17.19 31.49
CA GLU C 145 -47.74 -16.28 30.37
C GLU C 145 -48.36 -14.91 30.69
N VAL C 146 -49.68 -14.85 30.84
CA VAL C 146 -50.36 -13.61 31.17
C VAL C 146 -49.56 -12.83 32.20
N ALA C 147 -49.11 -13.51 33.25
CA ALA C 147 -48.34 -12.83 34.29
C ALA C 147 -46.98 -12.36 33.80
N THR C 148 -46.19 -13.27 33.24
CA THR C 148 -44.85 -12.91 32.74
C THR C 148 -44.90 -11.65 31.88
N ILE C 149 -45.90 -11.56 31.04
CA ILE C 149 -46.02 -10.39 30.19
C ILE C 149 -46.35 -9.16 31.00
N SER C 150 -47.52 -9.13 31.63
CA SER C 150 -47.94 -7.97 32.43
C SER C 150 -46.83 -7.38 33.31
N ALA C 151 -45.98 -8.26 33.83
CA ALA C 151 -44.88 -7.87 34.69
C ALA C 151 -43.59 -7.71 33.93
N ASN C 152 -43.56 -8.24 32.72
CA ASN C 152 -42.38 -8.14 31.88
C ASN C 152 -41.22 -8.77 32.60
N ASP C 153 -41.48 -9.97 33.14
CA ASP C 153 -40.49 -10.73 33.88
C ASP C 153 -40.94 -12.19 34.00
N PRO C 154 -40.10 -13.14 33.59
CA PRO C 154 -40.45 -14.56 33.67
C PRO C 154 -40.63 -15.03 35.12
N GLU C 155 -39.70 -14.64 35.99
CA GLU C 155 -39.75 -15.01 37.40
C GLU C 155 -41.06 -14.60 38.06
N VAL C 156 -41.48 -13.35 37.87
CA VAL C 156 -42.72 -12.90 38.46
C VAL C 156 -43.88 -13.75 37.95
N GLY C 157 -43.89 -14.02 36.66
CA GLY C 157 -44.94 -14.83 36.06
C GLY C 157 -44.96 -16.26 36.58
N LYS C 158 -43.80 -16.76 36.99
CA LYS C 158 -43.72 -18.10 37.52
C LYS C 158 -44.41 -18.12 38.87
N LEU C 159 -43.88 -17.37 39.83
CA LEU C 159 -44.45 -17.32 41.17
C LEU C 159 -45.94 -17.11 41.15
N ILE C 160 -46.41 -16.14 40.37
CA ILE C 160 -47.85 -15.91 40.31
C ILE C 160 -48.56 -17.16 39.82
N ALA C 161 -47.90 -17.92 38.95
CA ALA C 161 -48.49 -19.14 38.43
C ALA C 161 -48.46 -20.19 39.52
N ASP C 162 -47.29 -20.40 40.11
CA ASP C 162 -47.14 -21.36 41.18
C ASP C 162 -48.20 -21.15 42.26
N ALA C 163 -48.23 -19.95 42.82
CA ALA C 163 -49.21 -19.62 43.85
C ALA C 163 -50.64 -19.81 43.34
N MET C 164 -50.97 -19.13 42.25
CA MET C 164 -52.31 -19.24 41.68
C MET C 164 -52.75 -20.70 41.53
N GLU C 165 -51.84 -21.58 41.13
CA GLU C 165 -52.15 -23.00 40.96
C GLU C 165 -52.55 -23.69 42.28
N LYS C 166 -51.67 -23.61 43.27
CA LYS C 166 -51.90 -24.23 44.58
C LYS C 166 -52.76 -23.37 45.49
N VAL C 167 -53.77 -22.71 44.93
CA VAL C 167 -54.66 -21.83 45.71
C VAL C 167 -55.95 -21.66 44.94
N GLY C 168 -55.99 -22.32 43.79
CA GLY C 168 -57.19 -22.27 42.98
C GLY C 168 -57.58 -20.88 42.55
N LYS C 169 -58.24 -20.83 41.39
CA LYS C 169 -58.66 -19.58 40.81
C LYS C 169 -59.49 -18.75 41.77
N GLU C 170 -60.10 -19.38 42.77
CA GLU C 170 -60.92 -18.67 43.75
C GLU C 170 -60.12 -18.35 45.00
N GLY C 171 -58.84 -18.67 44.99
CA GLY C 171 -58.01 -18.37 46.15
C GLY C 171 -57.65 -16.91 46.37
N ILE C 172 -56.55 -16.66 47.06
CA ILE C 172 -56.11 -15.28 47.29
C ILE C 172 -54.60 -15.17 47.39
N ILE C 173 -54.06 -14.22 46.64
CA ILE C 173 -52.63 -13.98 46.62
C ILE C 173 -52.31 -12.58 47.11
N THR C 174 -51.24 -12.46 47.88
CA THR C 174 -50.88 -11.18 48.45
C THR C 174 -49.43 -10.81 48.25
N VAL C 175 -49.22 -9.52 48.02
CA VAL C 175 -47.88 -9.02 47.82
C VAL C 175 -47.38 -8.29 49.06
N GLU C 176 -46.29 -8.81 49.63
CA GLU C 176 -45.73 -8.22 50.83
C GLU C 176 -44.25 -7.95 50.67
N GLU C 177 -43.79 -7.04 51.51
CA GLU C 177 -42.40 -6.59 51.52
C GLU C 177 -41.48 -7.50 52.32
N SER C 178 -40.82 -8.45 51.65
CA SER C 178 -39.88 -9.36 52.28
C SER C 178 -38.79 -8.55 52.95
N LYS C 179 -37.84 -9.22 53.59
CA LYS C 179 -36.75 -8.51 54.23
C LYS C 179 -35.40 -8.83 53.62
N SER C 180 -35.29 -10.00 52.99
CA SER C 180 -34.05 -10.40 52.35
C SER C 180 -33.98 -9.74 50.97
N LEU C 181 -32.92 -10.03 50.22
CA LEU C 181 -32.79 -9.47 48.88
C LEU C 181 -33.64 -10.32 47.97
N GLU C 182 -33.92 -11.54 48.41
CA GLU C 182 -34.72 -12.45 47.60
C GLU C 182 -36.22 -12.47 47.90
N THR C 183 -36.99 -12.72 46.83
CA THR C 183 -38.42 -12.79 46.91
C THR C 183 -38.81 -14.21 47.25
N GLU C 184 -39.86 -14.37 48.07
CA GLU C 184 -40.32 -15.71 48.47
C GLU C 184 -41.85 -15.85 48.39
N LEU C 185 -42.27 -17.04 47.98
CA LEU C 185 -43.69 -17.39 47.87
C LEU C 185 -43.99 -18.33 49.01
N LYS C 186 -44.97 -17.98 49.84
CA LYS C 186 -45.31 -18.83 50.97
C LYS C 186 -46.83 -18.96 51.15
N PHE C 187 -47.27 -20.17 51.49
CA PHE C 187 -48.69 -20.42 51.69
C PHE C 187 -49.07 -20.48 53.15
N VAL C 188 -50.27 -20.02 53.46
CA VAL C 188 -50.75 -20.04 54.82
C VAL C 188 -51.62 -21.23 55.04
N GLU C 189 -51.21 -22.00 56.03
CA GLU C 189 -51.93 -23.18 56.41
C GLU C 189 -53.04 -22.89 57.38
N GLY C 190 -54.24 -23.31 57.05
CA GLY C 190 -55.34 -23.11 57.98
C GLY C 190 -55.93 -21.73 57.98
N TYR C 191 -56.54 -21.39 59.12
CA TYR C 191 -57.19 -20.09 59.27
C TYR C 191 -56.31 -19.21 60.11
N GLN C 192 -56.24 -17.93 59.74
CA GLN C 192 -55.42 -16.99 60.49
C GLN C 192 -55.92 -15.57 60.28
N PHE C 193 -55.73 -14.75 61.30
CA PHE C 193 -56.14 -13.36 61.27
C PHE C 193 -55.05 -12.56 61.97
N ASP C 194 -55.05 -11.26 61.72
CA ASP C 194 -54.01 -10.39 62.24
C ASP C 194 -54.23 -9.84 63.65
N LYS C 195 -54.25 -10.75 64.61
CA LYS C 195 -54.42 -10.43 66.04
C LYS C 195 -53.49 -11.39 66.80
N GLY C 196 -52.71 -10.85 67.73
CA GLY C 196 -51.78 -11.68 68.47
C GLY C 196 -52.13 -11.84 69.93
N TYR C 197 -51.25 -12.50 70.69
CA TYR C 197 -51.50 -12.72 72.11
C TYR C 197 -51.70 -11.42 72.86
N ILE C 198 -52.79 -11.35 73.60
CA ILE C 198 -53.17 -10.18 74.39
C ILE C 198 -52.22 -9.90 75.56
N SER C 199 -51.25 -10.78 75.76
CA SER C 199 -50.26 -10.60 76.81
C SER C 199 -49.06 -11.48 76.51
N PRO C 200 -47.86 -10.87 76.49
CA PRO C 200 -46.62 -11.56 76.22
C PRO C 200 -46.35 -12.76 77.12
N TYR C 201 -47.09 -12.86 78.22
CA TYR C 201 -46.86 -13.99 79.11
C TYR C 201 -47.33 -15.30 78.50
N PHE C 202 -48.25 -15.23 77.54
CA PHE C 202 -48.77 -16.44 76.91
C PHE C 202 -47.71 -17.09 76.03
N VAL C 203 -46.56 -16.44 75.86
CA VAL C 203 -45.49 -16.97 75.02
C VAL C 203 -44.98 -18.35 75.43
N THR C 204 -44.93 -19.24 74.44
CA THR C 204 -44.48 -20.60 74.65
C THR C 204 -43.02 -20.74 74.31
N ASN C 205 -42.63 -20.08 73.22
CA ASN C 205 -41.26 -20.15 72.75
C ASN C 205 -40.56 -18.81 73.00
N PRO C 206 -39.42 -18.83 73.72
CA PRO C 206 -38.62 -17.64 74.05
C PRO C 206 -37.73 -17.25 72.87
N GLU C 207 -37.55 -18.20 71.95
CA GLU C 207 -36.72 -17.98 70.76
C GLU C 207 -37.56 -17.48 69.58
N THR C 208 -38.85 -17.80 69.58
CA THR C 208 -39.72 -17.40 68.48
C THR C 208 -40.79 -16.38 68.88
N MET C 209 -40.91 -16.09 70.17
CA MET C 209 -41.92 -15.14 70.68
C MET C 209 -43.31 -15.57 70.25
N GLU C 210 -43.50 -16.89 70.15
CA GLU C 210 -44.76 -17.47 69.75
C GLU C 210 -45.41 -18.17 70.94
N ALA C 211 -46.69 -18.46 70.77
CA ALA C 211 -47.46 -19.17 71.76
C ALA C 211 -47.98 -20.36 70.97
N VAL C 212 -47.37 -21.52 71.15
CA VAL C 212 -47.79 -22.72 70.45
C VAL C 212 -48.65 -23.63 71.35
N LEU C 213 -49.89 -23.85 70.93
CA LEU C 213 -50.81 -24.69 71.68
C LEU C 213 -51.12 -25.94 70.87
N GLU C 214 -50.64 -27.09 71.33
CA GLU C 214 -50.88 -28.34 70.62
C GLU C 214 -52.24 -28.98 70.97
N ASP C 215 -53.00 -29.36 69.93
CA ASP C 215 -54.32 -29.97 70.11
C ASP C 215 -55.04 -29.27 71.26
N ALA C 216 -55.69 -28.15 70.96
CA ALA C 216 -56.35 -27.39 72.00
C ALA C 216 -57.79 -27.04 71.72
N PHE C 217 -58.42 -26.44 72.72
CA PHE C 217 -59.79 -26.03 72.64
C PHE C 217 -59.84 -24.54 72.36
N ILE C 218 -60.80 -24.14 71.53
CA ILE C 218 -60.96 -22.74 71.17
C ILE C 218 -62.27 -22.22 71.78
N LEU C 219 -62.18 -21.20 72.62
CA LEU C 219 -63.36 -20.61 73.22
C LEU C 219 -63.71 -19.36 72.44
N ILE C 220 -64.72 -19.45 71.58
CA ILE C 220 -65.11 -18.30 70.76
C ILE C 220 -66.20 -17.49 71.42
N VAL C 221 -65.80 -16.40 72.07
CA VAL C 221 -66.73 -15.53 72.78
C VAL C 221 -66.95 -14.20 72.08
N GLU C 222 -68.18 -13.93 71.66
CA GLU C 222 -68.47 -12.66 70.99
C GLU C 222 -68.23 -11.45 71.89
N LYS C 223 -69.01 -11.32 72.95
CA LYS C 223 -68.86 -10.20 73.88
C LYS C 223 -67.44 -10.18 74.46
N LYS C 224 -67.17 -9.23 75.36
CA LYS C 224 -65.85 -9.13 76.00
C LYS C 224 -65.72 -10.13 77.16
N VAL C 225 -64.64 -10.02 77.92
CA VAL C 225 -64.41 -10.92 79.05
C VAL C 225 -63.52 -10.24 80.10
N SER C 226 -64.10 -9.89 81.24
CA SER C 226 -63.35 -9.23 82.30
C SER C 226 -63.64 -9.79 83.69
N ASN C 227 -64.78 -10.45 83.83
CA ASN C 227 -65.22 -11.03 85.10
C ASN C 227 -64.70 -12.46 85.28
N VAL C 228 -63.92 -12.70 86.33
CA VAL C 228 -63.37 -14.03 86.56
C VAL C 228 -64.42 -15.12 86.66
N ARG C 229 -65.55 -14.77 87.28
CA ARG C 229 -66.64 -15.72 87.47
C ARG C 229 -67.07 -16.46 86.22
N GLU C 230 -67.65 -15.74 85.26
CA GLU C 230 -68.10 -16.35 84.03
C GLU C 230 -67.12 -17.34 83.40
N LEU C 231 -65.83 -17.05 83.54
CA LEU C 231 -64.81 -17.91 82.97
C LEU C 231 -64.65 -19.23 83.71
N LEU C 232 -64.33 -19.11 84.99
CA LEU C 232 -64.12 -20.26 85.86
C LEU C 232 -64.81 -21.56 85.44
N PRO C 233 -66.14 -21.54 85.27
CA PRO C 233 -66.81 -22.78 84.85
C PRO C 233 -66.08 -23.52 83.72
N ILE C 234 -65.91 -22.85 82.58
CA ILE C 234 -65.22 -23.48 81.45
C ILE C 234 -63.76 -23.78 81.71
N LEU C 235 -63.06 -22.80 82.28
CA LEU C 235 -61.64 -22.97 82.58
C LEU C 235 -61.42 -24.24 83.39
N GLU C 236 -62.39 -24.55 84.25
CA GLU C 236 -62.33 -25.75 85.09
C GLU C 236 -62.56 -26.96 84.21
N GLN C 237 -63.67 -26.98 83.48
CA GLN C 237 -63.93 -28.12 82.61
C GLN C 237 -62.70 -28.40 81.73
N VAL C 238 -62.14 -27.33 81.16
CA VAL C 238 -60.98 -27.44 80.29
C VAL C 238 -59.77 -27.93 81.06
N ALA C 239 -59.44 -27.21 82.13
CA ALA C 239 -58.28 -27.54 82.97
C ALA C 239 -58.21 -29.04 83.23
N GLN C 240 -59.37 -29.64 83.47
CA GLN C 240 -59.43 -31.06 83.76
C GLN C 240 -59.20 -31.91 82.52
N THR C 241 -59.38 -31.31 81.35
CA THR C 241 -59.17 -32.03 80.10
C THR C 241 -57.69 -32.27 79.89
N GLY C 242 -56.88 -31.37 80.45
CA GLY C 242 -55.44 -31.47 80.31
C GLY C 242 -54.97 -30.95 78.96
N LYS C 243 -55.90 -30.36 78.23
CA LYS C 243 -55.60 -29.82 76.92
C LYS C 243 -55.51 -28.30 76.99
N PRO C 244 -54.74 -27.70 76.07
CA PRO C 244 -54.51 -26.25 75.98
C PRO C 244 -55.79 -25.52 75.58
N LEU C 245 -55.84 -24.23 75.83
CA LEU C 245 -57.02 -23.48 75.48
C LEU C 245 -56.77 -22.09 74.90
N LEU C 246 -57.43 -21.81 73.79
CA LEU C 246 -57.31 -20.52 73.15
C LEU C 246 -58.63 -19.79 73.32
N ILE C 247 -58.59 -18.62 73.93
CA ILE C 247 -59.80 -17.84 74.12
C ILE C 247 -59.81 -16.70 73.10
N ILE C 248 -60.92 -16.59 72.35
CA ILE C 248 -61.06 -15.54 71.37
C ILE C 248 -62.29 -14.72 71.72
N ALA C 249 -62.08 -13.50 72.18
CA ALA C 249 -63.20 -12.65 72.54
C ALA C 249 -62.89 -11.22 72.11
N GLU C 250 -63.94 -10.41 72.01
CA GLU C 250 -63.81 -9.00 71.65
C GLU C 250 -62.55 -8.49 72.34
N ASP C 251 -62.34 -8.94 73.56
CA ASP C 251 -61.17 -8.57 74.31
C ASP C 251 -61.15 -9.40 75.58
N VAL C 252 -59.99 -9.46 76.22
CA VAL C 252 -59.83 -10.20 77.45
C VAL C 252 -59.08 -9.27 78.40
N GLU C 253 -59.83 -8.60 79.27
CA GLU C 253 -59.25 -7.64 80.21
C GLU C 253 -59.51 -7.94 81.68
N GLY C 254 -59.10 -6.97 82.51
CA GLY C 254 -59.28 -7.05 83.95
C GLY C 254 -58.73 -8.26 84.69
N GLU C 255 -59.51 -8.72 85.66
CA GLU C 255 -59.15 -9.87 86.46
C GLU C 255 -59.23 -11.15 85.62
N ALA C 256 -60.13 -11.12 84.64
CA ALA C 256 -60.31 -12.27 83.75
C ALA C 256 -58.97 -12.61 83.15
N LEU C 257 -58.37 -11.61 82.51
CA LEU C 257 -57.06 -11.77 81.90
C LEU C 257 -56.03 -12.17 82.93
N ALA C 258 -55.99 -11.43 84.03
CA ALA C 258 -55.06 -11.69 85.12
C ALA C 258 -55.06 -13.16 85.51
N THR C 259 -56.26 -13.73 85.57
CA THR C 259 -56.45 -15.13 85.92
C THR C 259 -55.69 -16.03 84.96
N LEU C 260 -56.02 -15.88 83.68
CA LEU C 260 -55.40 -16.67 82.62
C LEU C 260 -53.87 -16.62 82.68
N VAL C 261 -53.34 -15.42 82.91
CA VAL C 261 -51.90 -15.20 82.99
C VAL C 261 -51.27 -15.91 84.17
N VAL C 262 -51.94 -15.86 85.32
CA VAL C 262 -51.43 -16.50 86.51
C VAL C 262 -51.44 -18.03 86.43
N ASN C 263 -52.49 -18.58 85.83
CA ASN C 263 -52.58 -20.02 85.69
C ASN C 263 -51.59 -20.50 84.65
N LYS C 264 -51.51 -19.72 83.58
CA LYS C 264 -50.61 -20.00 82.47
C LYS C 264 -49.21 -20.13 83.04
N LEU C 265 -48.75 -19.07 83.71
CA LEU C 265 -47.43 -19.04 84.32
C LEU C 265 -47.26 -20.13 85.38
N ARG C 266 -48.37 -20.46 86.04
CA ARG C 266 -48.41 -21.44 87.10
C ARG C 266 -48.21 -22.89 86.63
N GLY C 267 -48.88 -23.26 85.55
CA GLY C 267 -48.78 -24.61 85.05
C GLY C 267 -50.19 -25.17 85.07
N THR C 268 -51.04 -24.44 85.80
CA THR C 268 -52.44 -24.79 85.96
C THR C 268 -53.05 -25.10 84.61
N LEU C 269 -53.08 -24.08 83.76
CA LEU C 269 -53.66 -24.21 82.45
C LEU C 269 -52.80 -23.50 81.42
N SER C 270 -52.56 -24.14 80.27
CA SER C 270 -51.78 -23.49 79.21
C SER C 270 -52.80 -22.81 78.31
N VAL C 271 -52.87 -21.48 78.40
CA VAL C 271 -53.81 -20.73 77.59
C VAL C 271 -53.22 -19.51 76.90
N ALA C 272 -54.10 -18.84 76.17
CA ALA C 272 -53.75 -17.63 75.43
C ALA C 272 -55.04 -16.93 74.98
N ALA C 273 -55.11 -15.62 75.19
CA ALA C 273 -56.26 -14.82 74.78
C ALA C 273 -55.85 -13.99 73.55
N VAL C 274 -56.79 -13.83 72.62
CA VAL C 274 -56.52 -13.10 71.39
C VAL C 274 -57.79 -12.38 70.98
N LYS C 275 -57.69 -11.10 70.67
CA LYS C 275 -58.85 -10.32 70.28
C LYS C 275 -59.51 -10.88 69.02
N ALA C 276 -60.80 -10.58 68.89
CA ALA C 276 -61.57 -11.07 67.75
C ALA C 276 -60.97 -10.51 66.46
N PRO C 277 -61.23 -11.18 65.32
CA PRO C 277 -60.71 -10.72 64.04
C PRO C 277 -61.24 -9.32 63.77
N GLY C 278 -61.80 -9.11 62.59
CA GLY C 278 -62.32 -7.83 62.18
C GLY C 278 -63.02 -6.91 63.17
N PHE C 279 -63.99 -6.16 62.66
CA PHE C 279 -64.77 -5.25 63.47
C PHE C 279 -66.26 -5.38 63.19
N GLY C 280 -67.03 -4.38 63.63
CA GLY C 280 -68.47 -4.37 63.41
C GLY C 280 -69.08 -5.75 63.24
N ASP C 281 -70.01 -5.86 62.29
CA ASP C 281 -70.67 -7.14 62.07
C ASP C 281 -69.82 -8.14 61.30
N ARG C 282 -68.63 -7.75 60.88
CA ARG C 282 -67.81 -8.70 60.14
C ARG C 282 -67.00 -9.60 61.05
N ARG C 283 -66.62 -9.14 62.24
CA ARG C 283 -65.87 -10.00 63.12
C ARG C 283 -66.88 -10.95 63.75
N LYS C 284 -68.15 -10.53 63.74
CA LYS C 284 -69.19 -11.37 64.28
C LYS C 284 -69.29 -12.54 63.30
N GLU C 285 -69.44 -12.18 62.03
CA GLU C 285 -69.54 -13.15 60.96
C GLU C 285 -68.26 -13.96 60.81
N MET C 286 -67.15 -13.37 61.21
CA MET C 286 -65.87 -14.05 61.13
C MET C 286 -65.71 -15.01 62.29
N LEU C 287 -66.26 -14.65 63.45
CA LEU C 287 -66.18 -15.52 64.61
C LEU C 287 -66.86 -16.84 64.24
N LYS C 288 -67.95 -16.72 63.49
CA LYS C 288 -68.69 -17.88 63.02
C LYS C 288 -67.87 -18.73 62.08
N ASP C 289 -67.15 -18.05 61.21
CA ASP C 289 -66.29 -18.73 60.26
C ASP C 289 -65.32 -19.57 61.08
N ILE C 290 -64.61 -18.90 62.01
CA ILE C 290 -63.65 -19.58 62.87
C ILE C 290 -64.35 -20.79 63.50
N ALA C 291 -65.53 -20.55 64.05
CA ALA C 291 -66.31 -21.62 64.65
C ALA C 291 -66.42 -22.78 63.67
N ALA C 292 -67.11 -22.55 62.55
CA ALA C 292 -67.31 -23.58 61.52
C ALA C 292 -66.01 -24.29 61.16
N VAL C 293 -64.89 -23.61 61.34
CA VAL C 293 -63.59 -24.17 61.01
C VAL C 293 -63.00 -25.03 62.13
N THR C 294 -63.31 -24.65 63.36
CA THR C 294 -62.83 -25.35 64.54
C THR C 294 -63.85 -26.37 65.05
N GLY C 295 -65.11 -26.14 64.68
CA GLY C 295 -66.19 -27.01 65.11
C GLY C 295 -66.93 -26.43 66.29
N GLY C 296 -66.21 -25.70 67.14
CA GLY C 296 -66.81 -25.08 68.32
C GLY C 296 -68.03 -24.22 68.04
N THR C 297 -68.57 -23.64 69.12
CA THR C 297 -69.75 -22.78 69.02
C THR C 297 -69.52 -21.37 69.53
N VAL C 298 -70.15 -20.41 68.86
CA VAL C 298 -69.97 -19.02 69.20
C VAL C 298 -70.86 -18.59 70.34
N ILE C 299 -70.26 -18.15 71.43
CA ILE C 299 -71.01 -17.68 72.59
C ILE C 299 -71.60 -16.32 72.26
N SER C 300 -72.49 -16.34 71.27
CA SER C 300 -73.17 -15.15 70.76
C SER C 300 -74.07 -14.53 71.78
N GLU C 301 -73.67 -13.37 72.30
CA GLU C 301 -74.48 -12.69 73.30
C GLU C 301 -75.88 -12.41 72.76
N GLU C 302 -76.09 -12.54 71.45
CA GLU C 302 -77.42 -12.33 70.90
C GLU C 302 -78.06 -13.58 70.33
N LEU C 303 -77.53 -14.73 70.72
CA LEU C 303 -78.13 -15.97 70.28
C LEU C 303 -78.68 -16.59 71.55
N GLY C 304 -78.37 -15.93 72.67
CA GLY C 304 -78.84 -16.39 73.96
C GLY C 304 -77.92 -17.33 74.71
N PHE C 305 -76.63 -17.06 74.75
CA PHE C 305 -75.72 -17.92 75.49
C PHE C 305 -75.09 -17.11 76.60
N LYS C 306 -74.69 -17.82 77.64
CA LYS C 306 -74.09 -17.22 78.82
C LYS C 306 -72.73 -17.87 78.98
N LEU C 307 -71.67 -17.07 78.93
CA LEU C 307 -70.30 -17.58 79.04
C LEU C 307 -70.16 -18.55 80.19
N GLU C 308 -70.80 -18.17 81.27
CA GLU C 308 -70.85 -18.89 82.51
C GLU C 308 -71.39 -20.31 82.34
N ASN C 309 -72.35 -20.48 81.45
CA ASN C 309 -72.94 -21.79 81.20
C ASN C 309 -72.33 -22.49 79.97
N ALA C 310 -71.08 -22.21 79.66
CA ALA C 310 -70.44 -22.84 78.50
C ALA C 310 -69.95 -24.24 78.83
N THR C 311 -69.86 -25.08 77.80
CA THR C 311 -69.43 -26.48 77.97
C THR C 311 -68.30 -26.89 77.05
N LEU C 312 -67.60 -27.96 77.40
CA LEU C 312 -66.52 -28.43 76.54
C LEU C 312 -67.16 -28.87 75.22
N SER C 313 -68.46 -29.14 75.27
CA SER C 313 -69.19 -29.56 74.09
C SER C 313 -69.19 -28.46 73.03
N MET C 314 -69.37 -27.22 73.46
CA MET C 314 -69.41 -26.10 72.54
C MET C 314 -68.09 -25.35 72.33
N LEU C 315 -66.99 -26.07 72.46
CA LEU C 315 -65.67 -25.47 72.24
C LEU C 315 -65.12 -25.91 70.91
N GLY C 316 -64.30 -25.05 70.32
CA GLY C 316 -63.67 -25.37 69.06
C GLY C 316 -62.42 -26.19 69.32
N ARG C 317 -62.04 -27.00 68.35
CA ARG C 317 -60.87 -27.81 68.56
C ARG C 317 -59.97 -27.76 67.32
N ALA C 318 -58.67 -27.69 67.53
CA ALA C 318 -57.72 -27.63 66.41
C ALA C 318 -56.45 -28.44 66.65
N GLU C 319 -55.79 -28.84 65.57
CA GLU C 319 -54.57 -29.62 65.66
C GLU C 319 -53.44 -28.82 66.29
N ARG C 320 -53.42 -27.51 66.04
CA ARG C 320 -52.39 -26.63 66.57
C ARG C 320 -52.77 -25.17 66.46
N VAL C 321 -52.14 -24.33 67.27
CA VAL C 321 -52.40 -22.90 67.23
C VAL C 321 -51.15 -22.09 67.47
N ARG C 322 -50.82 -21.20 66.52
CA ARG C 322 -49.64 -20.33 66.63
C ARG C 322 -50.06 -18.91 66.87
N ILE C 323 -49.46 -18.29 67.88
CA ILE C 323 -49.75 -16.92 68.22
C ILE C 323 -48.45 -16.11 68.29
N THR C 324 -48.38 -15.04 67.49
CA THR C 324 -47.22 -14.17 67.46
C THR C 324 -47.66 -12.88 68.09
N LYS C 325 -46.74 -11.95 68.22
CA LYS C 325 -47.04 -10.65 68.80
C LYS C 325 -48.20 -9.94 68.08
N ASP C 326 -48.55 -10.40 66.89
CA ASP C 326 -49.64 -9.75 66.17
C ASP C 326 -50.37 -10.61 65.14
N GLU C 327 -50.17 -11.92 65.23
CA GLU C 327 -50.83 -12.81 64.29
C GLU C 327 -51.23 -14.13 64.96
N THR C 328 -52.38 -14.66 64.58
CA THR C 328 -52.86 -15.91 65.14
C THR C 328 -53.19 -16.88 64.01
N THR C 329 -52.70 -18.11 64.11
CA THR C 329 -52.94 -19.10 63.07
C THR C 329 -53.49 -20.42 63.63
N ILE C 330 -54.70 -20.76 63.21
CA ILE C 330 -55.38 -21.99 63.65
C ILE C 330 -55.22 -23.14 62.64
N VAL C 331 -54.26 -24.00 62.90
CA VAL C 331 -53.97 -25.14 62.06
C VAL C 331 -54.84 -26.33 62.45
N GLY C 332 -55.06 -27.23 61.51
CA GLY C 332 -55.86 -28.42 61.77
C GLY C 332 -57.18 -28.21 62.49
N GLY C 333 -57.98 -27.25 62.04
CA GLY C 333 -59.27 -27.01 62.67
C GLY C 333 -60.07 -28.28 62.53
N LYS C 334 -60.80 -28.65 63.58
CA LYS C 334 -61.58 -29.89 63.55
C LYS C 334 -63.02 -29.69 63.09
N GLY C 335 -63.40 -28.46 62.78
CA GLY C 335 -64.74 -28.15 62.32
C GLY C 335 -65.36 -29.15 61.35
N LYS C 336 -66.68 -29.06 61.20
CA LYS C 336 -67.46 -29.94 60.34
C LYS C 336 -67.40 -29.48 58.88
N LYS C 337 -67.03 -30.38 57.96
CA LYS C 337 -66.92 -30.04 56.54
C LYS C 337 -68.13 -29.29 55.97
N GLU C 338 -69.34 -29.76 56.30
CA GLU C 338 -70.56 -29.12 55.83
C GLU C 338 -70.63 -27.70 56.34
N ASP C 339 -70.31 -27.53 57.63
CA ASP C 339 -70.32 -26.21 58.26
C ASP C 339 -69.47 -25.21 57.51
N ILE C 340 -68.29 -25.65 57.06
CA ILE C 340 -67.38 -24.81 56.31
C ILE C 340 -68.00 -24.46 54.96
N GLU C 341 -68.35 -25.49 54.20
CA GLU C 341 -68.97 -25.32 52.89
C GLU C 341 -70.14 -24.37 52.96
N ALA C 342 -71.03 -24.63 53.91
CA ALA C 342 -72.20 -23.79 54.09
C ALA C 342 -71.77 -22.37 54.44
N ARG C 343 -70.72 -22.29 55.25
CA ARG C 343 -70.20 -21.01 55.68
C ARG C 343 -69.65 -20.26 54.49
N ILE C 344 -69.06 -21.01 53.56
CA ILE C 344 -68.47 -20.48 52.32
C ILE C 344 -69.51 -20.03 51.29
N ASN C 345 -70.33 -20.98 50.84
CA ASN C 345 -71.36 -20.74 49.83
C ASN C 345 -72.31 -19.65 50.29
N GLY C 346 -72.14 -19.23 51.54
CA GLY C 346 -72.97 -18.17 52.08
C GLY C 346 -72.37 -16.85 51.65
N ILE C 347 -71.05 -16.87 51.48
CA ILE C 347 -70.35 -15.68 51.05
C ILE C 347 -70.54 -15.58 49.54
N LYS C 348 -70.34 -16.70 48.85
CA LYS C 348 -70.51 -16.72 47.39
C LYS C 348 -71.91 -16.25 47.05
N LYS C 349 -72.91 -16.98 47.50
CA LYS C 349 -74.30 -16.63 47.25
C LYS C 349 -74.64 -15.25 47.80
N GLU C 350 -73.61 -14.55 48.25
CA GLU C 350 -73.78 -13.22 48.80
C GLU C 350 -73.00 -12.20 47.96
N LEU C 351 -71.86 -12.64 47.41
CA LEU C 351 -71.04 -11.77 46.57
C LEU C 351 -71.79 -11.35 45.31
N GLU C 352 -72.65 -12.23 44.82
CA GLU C 352 -73.43 -11.94 43.62
C GLU C 352 -74.56 -10.95 43.89
N THR C 353 -74.30 -10.02 44.80
CA THR C 353 -75.27 -8.99 45.17
C THR C 353 -74.48 -7.80 45.75
N THR C 354 -73.17 -8.00 45.86
CA THR C 354 -72.28 -6.98 46.39
C THR C 354 -71.73 -6.10 45.27
N ASP C 355 -71.74 -4.79 45.51
CA ASP C 355 -71.24 -3.84 44.54
C ASP C 355 -69.87 -3.28 44.92
N SER C 356 -69.87 -2.24 45.76
CA SER C 356 -68.62 -1.60 46.18
C SER C 356 -67.51 -2.63 46.22
N GLU C 357 -66.62 -2.56 45.24
CA GLU C 357 -65.53 -3.51 45.14
C GLU C 357 -64.80 -3.68 46.46
N TYR C 358 -64.95 -2.72 47.38
CA TYR C 358 -64.30 -2.84 48.67
C TYR C 358 -64.95 -3.94 49.51
N ALA C 359 -66.27 -4.01 49.44
CA ALA C 359 -67.02 -5.02 50.19
C ALA C 359 -66.77 -6.41 49.59
N ARG C 360 -66.49 -6.44 48.29
CA ARG C 360 -66.23 -7.69 47.58
C ARG C 360 -64.87 -8.26 47.92
N GLU C 361 -63.97 -7.41 48.38
CA GLU C 361 -62.63 -7.85 48.74
C GLU C 361 -62.66 -8.38 50.16
N LYS C 362 -63.51 -7.78 50.99
CA LYS C 362 -63.66 -8.20 52.37
C LYS C 362 -64.32 -9.56 52.42
N LEU C 363 -65.42 -9.69 51.67
CA LEU C 363 -66.15 -10.93 51.62
C LEU C 363 -65.40 -11.91 50.74
N GLN C 364 -64.14 -11.60 50.49
CA GLN C 364 -63.30 -12.46 49.67
C GLN C 364 -62.12 -13.00 50.46
N GLU C 365 -61.67 -12.26 51.47
CA GLU C 365 -60.55 -12.72 52.28
C GLU C 365 -61.09 -13.70 53.29
N ARG C 366 -62.41 -13.62 53.52
CA ARG C 366 -63.08 -14.54 54.45
C ARG C 366 -63.15 -15.88 53.73
N LEU C 367 -63.70 -15.84 52.52
CA LEU C 367 -63.82 -17.02 51.68
C LEU C 367 -62.44 -17.60 51.38
N ALA C 368 -61.43 -16.73 51.39
CA ALA C 368 -60.07 -17.15 51.12
C ALA C 368 -59.52 -17.96 52.27
N LYS C 369 -59.68 -17.42 53.50
CA LYS C 369 -59.20 -18.09 54.70
C LYS C 369 -59.95 -19.40 54.87
N LEU C 370 -61.27 -19.34 54.73
CA LEU C 370 -62.13 -20.52 54.87
C LEU C 370 -61.73 -21.62 53.93
N ALA C 371 -61.26 -21.26 52.75
CA ALA C 371 -60.83 -22.26 51.78
C ALA C 371 -59.34 -22.58 51.95
N GLY C 372 -58.79 -22.26 53.12
CA GLY C 372 -57.39 -22.53 53.41
C GLY C 372 -56.48 -22.30 52.21
N GLY C 373 -56.88 -21.35 51.38
CA GLY C 373 -56.09 -21.07 50.21
C GLY C 373 -55.59 -19.64 50.17
N VAL C 374 -54.53 -19.37 50.93
CA VAL C 374 -53.95 -18.03 50.96
C VAL C 374 -52.45 -18.10 50.71
N ALA C 375 -52.05 -17.51 49.59
CA ALA C 375 -50.65 -17.45 49.20
C ALA C 375 -50.13 -16.05 49.47
N VAL C 376 -48.83 -15.92 49.65
CA VAL C 376 -48.24 -14.62 49.90
C VAL C 376 -46.84 -14.52 49.32
N ILE C 377 -46.67 -13.56 48.42
CA ILE C 377 -45.38 -13.35 47.79
C ILE C 377 -44.71 -12.21 48.52
N ARG C 378 -43.56 -12.50 49.14
CA ARG C 378 -42.83 -11.46 49.84
C ARG C 378 -41.68 -11.03 48.92
N VAL C 379 -41.87 -9.89 48.28
CA VAL C 379 -40.90 -9.32 47.33
C VAL C 379 -39.64 -8.76 48.00
N GLY C 380 -38.50 -9.16 47.46
CA GLY C 380 -37.23 -8.70 47.97
C GLY C 380 -36.51 -7.82 46.97
N ALA C 381 -35.65 -6.94 47.45
CA ALA C 381 -34.87 -6.02 46.61
C ALA C 381 -33.74 -5.45 47.44
N ALA C 382 -32.75 -4.85 46.79
CA ALA C 382 -31.63 -4.27 47.52
C ALA C 382 -31.89 -2.85 47.99
N THR C 383 -32.77 -2.13 47.32
CA THR C 383 -33.09 -0.75 47.71
C THR C 383 -34.58 -0.49 47.69
N GLU C 384 -35.00 0.47 48.50
CA GLU C 384 -36.41 0.82 48.59
C GLU C 384 -36.99 1.15 47.23
N THR C 385 -36.28 1.99 46.47
CA THR C 385 -36.77 2.41 45.16
C THR C 385 -36.95 1.21 44.22
N GLU C 386 -36.00 0.28 44.23
CA GLU C 386 -36.12 -0.89 43.36
C GLU C 386 -37.31 -1.70 43.80
N LEU C 387 -37.32 -2.03 45.09
CA LEU C 387 -38.38 -2.81 45.71
C LEU C 387 -39.78 -2.31 45.37
N LYS C 388 -40.03 -1.03 45.66
CA LYS C 388 -41.32 -0.43 45.41
C LYS C 388 -41.86 -0.66 43.99
N GLU C 389 -40.96 -0.79 43.00
CA GLU C 389 -41.37 -1.01 41.60
C GLU C 389 -41.52 -2.50 41.36
N LYS C 390 -40.56 -3.28 41.86
CA LYS C 390 -40.59 -4.72 41.71
C LYS C 390 -41.91 -5.17 42.33
N LYS C 391 -42.19 -4.63 43.51
CA LYS C 391 -43.41 -4.94 44.23
C LYS C 391 -44.59 -4.59 43.34
N HIS C 392 -44.56 -3.42 42.72
CA HIS C 392 -45.66 -3.01 41.86
C HIS C 392 -45.89 -3.88 40.62
N ARG C 393 -44.81 -4.44 40.09
CA ARG C 393 -44.95 -5.27 38.89
C ARG C 393 -45.76 -6.52 39.23
N PHE C 394 -45.51 -7.10 40.40
CA PHE C 394 -46.27 -8.27 40.85
C PHE C 394 -47.77 -7.89 40.90
N GLU C 395 -48.07 -6.77 41.55
CA GLU C 395 -49.44 -6.33 41.68
C GLU C 395 -50.09 -6.22 40.32
N ASP C 396 -49.38 -5.66 39.34
CA ASP C 396 -49.96 -5.56 38.01
C ASP C 396 -50.25 -6.94 37.43
N ALA C 397 -49.24 -7.81 37.50
CA ALA C 397 -49.36 -9.18 37.01
C ALA C 397 -50.62 -9.82 37.58
N LEU C 398 -50.86 -9.63 38.87
CA LEU C 398 -52.03 -10.20 39.50
C LEU C 398 -53.29 -9.64 38.87
N ASN C 399 -53.42 -8.32 38.87
CA ASN C 399 -54.60 -7.69 38.28
C ASN C 399 -54.84 -8.24 36.89
N ALA C 400 -53.76 -8.57 36.19
CA ALA C 400 -53.87 -9.13 34.86
C ALA C 400 -54.53 -10.48 34.98
N THR C 401 -53.85 -11.36 35.73
CA THR C 401 -54.31 -12.74 35.97
C THR C 401 -55.81 -12.75 36.27
N ARG C 402 -56.22 -11.95 37.23
CA ARG C 402 -57.62 -11.86 37.59
C ARG C 402 -58.46 -11.57 36.37
N ALA C 403 -58.12 -10.51 35.64
CA ALA C 403 -58.90 -10.13 34.47
C ALA C 403 -58.85 -11.21 33.42
N ALA C 404 -57.77 -11.98 33.45
CA ALA C 404 -57.58 -13.06 32.48
C ALA C 404 -58.63 -14.14 32.70
N VAL C 405 -58.77 -14.55 33.94
CA VAL C 405 -59.74 -15.56 34.32
C VAL C 405 -61.18 -15.09 34.04
N GLU C 406 -61.47 -13.82 34.31
CA GLU C 406 -62.80 -13.29 34.07
C GLU C 406 -63.24 -13.32 32.62
N GLU C 407 -62.61 -12.53 31.77
CA GLU C 407 -63.03 -12.43 30.35
C GLU C 407 -62.18 -13.14 29.31
N GLY C 408 -61.21 -13.91 29.74
CA GLY C 408 -60.42 -14.60 28.75
C GLY C 408 -59.03 -14.07 28.52
N ILE C 409 -58.44 -14.57 27.44
CA ILE C 409 -57.10 -14.21 27.02
C ILE C 409 -57.10 -13.91 25.50
N VAL C 410 -56.33 -12.92 25.07
CA VAL C 410 -56.23 -12.62 23.63
C VAL C 410 -54.77 -12.44 23.24
N PRO C 411 -54.46 -12.42 21.93
CA PRO C 411 -53.05 -12.25 21.54
C PRO C 411 -52.59 -10.83 21.91
N GLY C 412 -51.35 -10.72 22.40
CA GLY C 412 -50.81 -9.43 22.81
C GLY C 412 -50.20 -8.51 21.77
N GLY C 413 -49.27 -7.67 22.23
CA GLY C 413 -48.60 -6.73 21.34
C GLY C 413 -49.55 -5.87 20.52
N GLY C 414 -50.75 -5.63 21.04
CA GLY C 414 -51.72 -4.82 20.32
C GLY C 414 -52.30 -5.53 19.12
N VAL C 415 -51.76 -6.71 18.84
CA VAL C 415 -52.21 -7.52 17.71
C VAL C 415 -53.72 -7.68 17.68
N THR C 416 -54.27 -8.05 18.83
CA THR C 416 -55.68 -8.26 18.96
C THR C 416 -56.46 -7.01 18.52
N LEU C 417 -56.01 -5.82 18.91
CA LEU C 417 -56.74 -4.62 18.49
C LEU C 417 -56.58 -4.33 16.99
N LEU C 418 -55.48 -4.80 16.42
CA LEU C 418 -55.25 -4.62 15.00
C LEU C 418 -56.27 -5.45 14.27
N ARG C 419 -56.48 -6.68 14.75
CA ARG C 419 -57.46 -7.58 14.15
C ARG C 419 -58.88 -7.01 14.22
N ALA C 420 -59.11 -6.11 15.17
CA ALA C 420 -60.42 -5.49 15.31
C ALA C 420 -60.68 -4.53 14.16
N ILE C 421 -59.62 -4.12 13.47
CA ILE C 421 -59.77 -3.17 12.37
C ILE C 421 -60.71 -3.69 11.30
N SER C 422 -60.44 -4.91 10.81
CA SER C 422 -61.27 -5.51 9.78
C SER C 422 -62.75 -5.41 10.13
N ALA C 423 -63.05 -5.52 11.42
CA ALA C 423 -64.43 -5.43 11.87
C ALA C 423 -64.96 -4.02 11.68
N VAL C 424 -64.14 -3.03 12.05
CA VAL C 424 -64.56 -1.65 11.92
C VAL C 424 -64.70 -1.36 10.44
N GLU C 425 -63.78 -1.93 9.68
CA GLU C 425 -63.77 -1.78 8.23
C GLU C 425 -65.14 -2.18 7.69
N GLU C 426 -65.52 -3.42 7.97
CA GLU C 426 -66.81 -3.95 7.53
C GLU C 426 -67.93 -3.00 7.95
N LEU C 427 -67.81 -2.48 9.17
CA LEU C 427 -68.81 -1.56 9.70
C LEU C 427 -68.91 -0.30 8.88
N ILE C 428 -67.76 0.23 8.49
CA ILE C 428 -67.71 1.45 7.71
C ILE C 428 -68.50 1.32 6.42
N LYS C 429 -68.35 0.17 5.76
CA LYS C 429 -69.06 -0.10 4.52
C LYS C 429 -70.57 0.09 4.72
N LYS C 430 -71.02 -0.04 5.96
CA LYS C 430 -72.44 0.11 6.26
C LYS C 430 -72.77 1.51 6.77
N LEU C 431 -71.74 2.33 6.94
CA LEU C 431 -71.92 3.69 7.44
C LEU C 431 -71.76 4.80 6.39
N GLU C 432 -72.31 5.97 6.71
CA GLU C 432 -72.23 7.13 5.82
C GLU C 432 -71.75 8.38 6.55
N GLY C 433 -71.78 9.50 5.83
CA GLY C 433 -71.37 10.78 6.39
C GLY C 433 -70.28 10.81 7.43
N ASP C 434 -70.39 11.76 8.35
CA ASP C 434 -69.42 11.92 9.42
C ASP C 434 -69.38 10.69 10.32
N GLU C 435 -70.50 10.00 10.43
CA GLU C 435 -70.58 8.79 11.25
C GLU C 435 -69.57 7.78 10.74
N ALA C 436 -69.37 7.75 9.42
CA ALA C 436 -68.41 6.82 8.82
C ALA C 436 -67.02 7.31 9.16
N THR C 437 -66.88 8.63 9.19
CA THR C 437 -65.60 9.24 9.51
C THR C 437 -65.23 8.78 10.92
N GLY C 438 -66.20 8.92 11.82
CA GLY C 438 -65.99 8.52 13.20
C GLY C 438 -65.44 7.11 13.26
N ALA C 439 -66.09 6.18 12.58
CA ALA C 439 -65.63 4.80 12.60
C ALA C 439 -64.18 4.75 12.17
N LYS C 440 -63.87 5.48 11.09
CA LYS C 440 -62.53 5.53 10.55
C LYS C 440 -61.53 5.98 11.60
N ILE C 441 -61.94 6.94 12.42
CA ILE C 441 -61.09 7.43 13.51
C ILE C 441 -60.65 6.25 14.37
N VAL C 442 -61.62 5.42 14.78
CA VAL C 442 -61.30 4.25 15.59
C VAL C 442 -60.37 3.34 14.81
N ARG C 443 -60.70 3.15 13.53
CA ARG C 443 -59.89 2.30 12.67
C ARG C 443 -58.42 2.65 12.75
N ARG C 444 -58.10 3.95 12.73
CA ARG C 444 -56.73 4.39 12.80
C ARG C 444 -56.20 4.17 14.19
N ALA C 445 -56.88 4.77 15.16
CA ALA C 445 -56.51 4.65 16.57
C ALA C 445 -56.06 3.23 16.94
N LEU C 446 -56.82 2.23 16.50
CA LEU C 446 -56.53 0.85 16.79
C LEU C 446 -55.08 0.43 16.54
N GLU C 447 -54.39 1.18 15.68
CA GLU C 447 -53.00 0.84 15.37
C GLU C 447 -51.99 1.38 16.37
N GLU C 448 -52.35 2.48 17.05
CA GLU C 448 -51.44 3.12 18.01
C GLU C 448 -50.72 2.20 18.97
N PRO C 449 -51.45 1.35 19.69
CA PRO C 449 -50.81 0.44 20.64
C PRO C 449 -49.72 -0.38 20.00
N ALA C 450 -50.07 -1.08 18.92
CA ALA C 450 -49.09 -1.92 18.24
C ALA C 450 -47.88 -1.06 17.81
N ARG C 451 -48.16 0.10 17.23
CA ARG C 451 -47.11 1.01 16.77
C ARG C 451 -46.12 1.40 17.86
N GLN C 452 -46.64 2.09 18.88
CA GLN C 452 -45.83 2.53 20.02
C GLN C 452 -44.99 1.40 20.61
N ILE C 453 -45.56 0.21 20.68
CA ILE C 453 -44.81 -0.89 21.27
C ILE C 453 -43.58 -1.08 20.43
N ALA C 454 -43.80 -1.27 19.13
CA ALA C 454 -42.72 -1.48 18.19
C ALA C 454 -41.79 -0.27 18.21
N GLU C 455 -42.38 0.92 18.15
CA GLU C 455 -41.61 2.14 18.16
C GLU C 455 -40.63 2.14 19.36
N ASN C 456 -41.15 2.15 20.60
CA ASN C 456 -40.29 2.15 21.78
C ASN C 456 -39.26 1.03 21.74
N ALA C 457 -39.45 0.07 20.84
CA ALA C 457 -38.51 -1.07 20.76
C ALA C 457 -37.42 -0.74 19.77
N GLY C 458 -37.66 0.28 18.97
CA GLY C 458 -36.69 0.69 17.97
C GLY C 458 -37.04 0.23 16.57
N TYR C 459 -38.33 0.23 16.25
CA TYR C 459 -38.81 -0.23 14.96
C TYR C 459 -39.80 0.73 14.37
N GLU C 460 -40.16 0.47 13.12
CA GLU C 460 -41.09 1.35 12.46
C GLU C 460 -42.53 0.97 12.67
N GLY C 461 -43.19 1.77 13.49
CA GLY C 461 -44.59 1.53 13.78
C GLY C 461 -45.35 1.14 12.53
N SER C 462 -45.48 2.07 11.60
CA SER C 462 -46.19 1.82 10.36
C SER C 462 -45.76 0.54 9.65
N VAL C 463 -44.46 0.32 9.54
CA VAL C 463 -43.96 -0.88 8.87
C VAL C 463 -44.49 -2.17 9.49
N ILE C 464 -44.18 -2.37 10.77
CA ILE C 464 -44.60 -3.56 11.48
C ILE C 464 -46.09 -3.79 11.44
N VAL C 465 -46.86 -2.74 11.72
CA VAL C 465 -48.31 -2.81 11.68
C VAL C 465 -48.79 -3.32 10.33
N GLN C 466 -48.08 -2.96 9.26
CA GLN C 466 -48.46 -3.39 7.93
C GLN C 466 -48.26 -4.89 7.73
N GLN C 467 -47.09 -5.39 8.08
CA GLN C 467 -46.82 -6.82 7.92
C GLN C 467 -47.76 -7.66 8.75
N ILE C 468 -48.18 -7.13 9.90
CA ILE C 468 -49.11 -7.86 10.77
C ILE C 468 -50.47 -7.93 10.08
N LEU C 469 -51.01 -6.77 9.73
CA LEU C 469 -52.29 -6.70 9.04
C LEU C 469 -52.21 -7.39 7.68
N ALA C 470 -50.99 -7.68 7.26
CA ALA C 470 -50.76 -8.33 5.97
C ALA C 470 -51.19 -9.78 6.04
N GLU C 471 -50.47 -10.58 6.81
CA GLU C 471 -50.82 -11.99 6.94
C GLU C 471 -52.14 -12.15 7.70
N THR C 472 -53.22 -12.35 6.97
CA THR C 472 -54.56 -12.48 7.52
C THR C 472 -55.10 -13.92 7.53
N LYS C 473 -54.20 -14.89 7.57
CA LYS C 473 -54.60 -16.29 7.62
C LYS C 473 -54.87 -16.63 9.07
N ASN C 474 -53.87 -16.33 9.89
CA ASN C 474 -53.94 -16.59 11.33
C ASN C 474 -53.87 -15.31 12.14
N PRO C 475 -55.00 -14.87 12.70
CA PRO C 475 -55.05 -13.65 13.51
C PRO C 475 -54.03 -13.59 14.64
N ARG C 476 -53.57 -14.75 15.09
CA ARG C 476 -52.57 -14.82 16.15
C ARG C 476 -51.19 -14.34 15.69
N TYR C 477 -51.10 -13.93 14.42
CA TYR C 477 -49.84 -13.46 13.84
C TYR C 477 -49.53 -12.04 14.31
N GLY C 478 -48.36 -11.88 14.93
CA GLY C 478 -48.00 -10.57 15.43
C GLY C 478 -46.51 -10.36 15.57
N PHE C 479 -46.13 -9.15 16.01
CA PHE C 479 -44.71 -8.84 16.17
C PHE C 479 -44.23 -8.94 17.61
N ASN C 480 -43.15 -9.70 17.80
CA ASN C 480 -42.59 -9.87 19.14
C ASN C 480 -41.57 -8.78 19.37
N ALA C 481 -42.05 -7.61 19.80
CA ALA C 481 -41.19 -6.45 20.04
C ALA C 481 -39.95 -6.70 20.89
N ALA C 482 -39.83 -7.87 21.49
CA ALA C 482 -38.68 -8.14 22.32
C ALA C 482 -37.58 -8.93 21.64
N THR C 483 -37.93 -9.74 20.64
CA THR C 483 -36.94 -10.53 19.92
C THR C 483 -36.77 -9.96 18.51
N GLY C 484 -37.75 -9.16 18.09
CA GLY C 484 -37.70 -8.56 16.78
C GLY C 484 -38.09 -9.55 15.69
N GLU C 485 -39.05 -10.41 16.01
CA GLU C 485 -39.49 -11.40 15.05
C GLU C 485 -41.00 -11.56 15.05
N PHE C 486 -41.56 -11.77 13.85
CA PHE C 486 -43.00 -11.97 13.72
C PHE C 486 -43.27 -13.41 14.09
N VAL C 487 -44.30 -13.62 14.91
CA VAL C 487 -44.65 -14.94 15.39
C VAL C 487 -46.14 -15.09 15.72
N ASP C 488 -46.50 -16.29 16.17
CA ASP C 488 -47.88 -16.54 16.58
C ASP C 488 -47.89 -16.05 18.02
N MET C 489 -48.46 -14.87 18.23
CA MET C 489 -48.51 -14.28 19.55
C MET C 489 -48.89 -15.24 20.65
N VAL C 490 -49.96 -16.02 20.45
CA VAL C 490 -50.42 -16.97 21.46
C VAL C 490 -49.40 -18.08 21.72
N GLU C 491 -48.96 -18.72 20.65
CA GLU C 491 -47.97 -19.77 20.77
C GLU C 491 -46.69 -19.23 21.41
N ALA C 492 -46.37 -17.96 21.15
CA ALA C 492 -45.17 -17.34 21.68
C ALA C 492 -45.33 -16.97 23.15
N GLY C 493 -46.55 -17.02 23.65
CA GLY C 493 -46.81 -16.71 25.04
C GLY C 493 -47.04 -15.22 25.30
N ILE C 494 -47.31 -14.48 24.23
CA ILE C 494 -47.52 -13.06 24.33
C ILE C 494 -49.02 -12.80 24.27
N VAL C 495 -49.66 -12.94 25.41
CA VAL C 495 -51.10 -12.77 25.50
C VAL C 495 -51.55 -11.74 26.53
N ASP C 496 -52.74 -11.20 26.33
CA ASP C 496 -53.27 -10.19 27.20
C ASP C 496 -54.69 -10.49 27.65
N PRO C 497 -55.02 -10.11 28.88
CA PRO C 497 -56.36 -10.35 29.36
C PRO C 497 -57.38 -9.59 28.51
N ALA C 498 -58.20 -10.32 27.78
CA ALA C 498 -59.21 -9.69 26.94
C ALA C 498 -59.94 -8.60 27.70
N LYS C 499 -60.01 -8.73 29.02
CA LYS C 499 -60.72 -7.74 29.82
C LYS C 499 -60.05 -6.37 29.74
N VAL C 500 -58.73 -6.33 29.94
CA VAL C 500 -57.99 -5.06 29.89
C VAL C 500 -58.15 -4.40 28.53
N THR C 501 -57.85 -5.16 27.46
CA THR C 501 -58.01 -4.67 26.10
C THR C 501 -59.36 -3.98 25.91
N ARG C 502 -60.44 -4.75 26.05
CA ARG C 502 -61.79 -4.17 25.94
C ARG C 502 -61.93 -2.88 26.77
N SER C 503 -61.47 -2.93 28.02
CA SER C 503 -61.59 -1.78 28.92
C SER C 503 -60.88 -0.57 28.40
N ALA C 504 -59.57 -0.72 28.21
CA ALA C 504 -58.70 0.34 27.70
C ALA C 504 -59.38 1.06 26.54
N LEU C 505 -59.78 0.30 25.53
CA LEU C 505 -60.46 0.90 24.38
C LEU C 505 -61.77 1.61 24.71
N GLN C 506 -62.61 0.99 25.53
CA GLN C 506 -63.87 1.62 25.86
C GLN C 506 -63.70 2.91 26.65
N ASN C 507 -62.70 2.93 27.53
CA ASN C 507 -62.45 4.14 28.31
C ASN C 507 -61.82 5.23 27.44
N ALA C 508 -60.88 4.82 26.60
CA ALA C 508 -60.20 5.74 25.70
C ALA C 508 -61.25 6.42 24.85
N ALA C 509 -62.03 5.58 24.16
CA ALA C 509 -63.07 6.07 23.29
C ALA C 509 -64.12 6.91 24.01
N SER C 510 -64.31 6.65 25.30
CA SER C 510 -65.31 7.37 26.07
C SER C 510 -64.94 8.83 26.22
N ILE C 511 -63.72 9.07 26.72
CA ILE C 511 -63.26 10.45 26.90
C ILE C 511 -62.95 11.09 25.55
N GLY C 512 -62.24 10.34 24.70
CA GLY C 512 -61.92 10.83 23.37
C GLY C 512 -63.10 11.52 22.66
N ALA C 513 -64.14 10.73 22.38
CA ALA C 513 -65.30 11.26 21.69
C ALA C 513 -65.83 12.52 22.35
N LEU C 514 -65.83 12.54 23.68
CA LEU C 514 -66.35 13.68 24.40
C LEU C 514 -65.64 14.94 23.95
N ILE C 515 -64.31 14.91 24.04
CA ILE C 515 -63.47 16.05 23.64
C ILE C 515 -63.86 16.61 22.27
N LEU C 516 -63.93 15.74 21.26
CA LEU C 516 -64.31 16.17 19.92
C LEU C 516 -65.60 17.01 19.88
N THR C 517 -66.36 16.98 20.97
CA THR C 517 -67.60 17.73 20.97
C THR C 517 -67.47 19.06 21.67
N THR C 518 -66.23 19.44 21.96
CA THR C 518 -66.00 20.72 22.61
C THR C 518 -66.15 21.86 21.63
N GLU C 519 -66.76 22.95 22.09
CA GLU C 519 -66.94 24.11 21.25
C GLU C 519 -66.69 25.33 22.11
N ALA C 520 -66.47 25.07 23.39
CA ALA C 520 -66.19 26.14 24.33
C ALA C 520 -65.58 25.57 25.59
N VAL C 521 -64.95 26.44 26.36
CA VAL C 521 -64.33 26.05 27.61
C VAL C 521 -64.40 27.22 28.54
N VAL C 522 -64.72 26.97 29.80
CA VAL C 522 -64.80 28.04 30.78
C VAL C 522 -63.81 27.68 31.85
N ALA C 523 -62.66 28.36 31.85
CA ALA C 523 -61.63 28.10 32.83
C ALA C 523 -61.31 29.33 33.65
N GLU C 524 -60.35 29.16 34.56
CA GLU C 524 -59.92 30.25 35.42
C GLU C 524 -58.98 31.16 34.67
N LYS C 525 -59.24 32.45 34.78
CA LYS C 525 -58.43 33.45 34.10
C LYS C 525 -57.03 33.39 34.70
N PRO C 526 -56.02 33.33 33.82
CA PRO C 526 -54.65 33.27 34.34
C PRO C 526 -54.47 34.40 35.33
N GLU C 527 -53.51 34.27 36.24
CA GLU C 527 -53.29 35.30 37.24
C GLU C 527 -51.93 35.99 37.07
N ALA D 2 -65.31 53.92 46.79
CA ALA D 2 -65.28 52.47 46.45
C ALA D 2 -66.23 52.23 45.29
N LYS D 3 -67.15 53.16 45.09
CA LYS D 3 -68.13 53.02 44.03
C LYS D 3 -67.78 53.80 42.79
N ILE D 4 -68.42 53.45 41.69
CA ILE D 4 -68.21 54.08 40.40
C ILE D 4 -69.60 54.25 39.82
N LEU D 5 -69.92 55.44 39.35
CA LEU D 5 -71.23 55.70 38.79
C LEU D 5 -71.22 55.84 37.27
N VAL D 6 -71.70 54.81 36.59
CA VAL D 6 -71.76 54.81 35.13
C VAL D 6 -73.15 55.14 34.64
N PHE D 7 -73.26 56.00 33.64
CA PHE D 7 -74.55 56.35 33.12
C PHE D 7 -74.78 55.99 31.66
N ASP D 8 -75.92 56.45 31.18
CA ASP D 8 -76.38 56.21 29.83
C ASP D 8 -75.82 55.00 29.09
N GLU D 9 -75.64 55.20 27.79
CA GLU D 9 -75.12 54.16 26.92
C GLU D 9 -73.88 53.46 27.45
N ALA D 10 -73.01 54.21 28.14
CA ALA D 10 -71.81 53.62 28.69
C ALA D 10 -72.19 52.44 29.56
N ALA D 11 -73.21 52.68 30.40
CA ALA D 11 -73.74 51.66 31.29
C ALA D 11 -74.40 50.54 30.49
N ARG D 12 -75.38 50.88 29.66
CA ARG D 12 -76.04 49.82 28.90
C ARG D 12 -75.08 48.92 28.09
N ARG D 13 -74.10 49.52 27.40
CA ARG D 13 -73.15 48.72 26.61
C ARG D 13 -72.39 47.74 27.49
N ALA D 14 -71.91 48.23 28.63
CA ALA D 14 -71.16 47.37 29.53
C ALA D 14 -72.03 46.17 29.94
N LEU D 15 -73.25 46.45 30.39
CA LEU D 15 -74.18 45.40 30.78
C LEU D 15 -74.32 44.43 29.61
N GLU D 16 -74.69 44.99 28.45
CA GLU D 16 -74.88 44.18 27.26
C GLU D 16 -73.69 43.28 26.97
N ARG D 17 -72.48 43.80 27.18
CA ARG D 17 -71.28 43.00 26.92
C ARG D 17 -71.33 41.74 27.80
N GLY D 18 -71.73 41.93 29.05
CA GLY D 18 -71.81 40.82 29.96
C GLY D 18 -72.86 39.84 29.51
N VAL D 19 -74.05 40.35 29.21
CA VAL D 19 -75.15 39.53 28.76
C VAL D 19 -74.66 38.65 27.63
N ASN D 20 -74.04 39.27 26.63
CA ASN D 20 -73.58 38.49 25.50
C ASN D 20 -72.51 37.49 25.87
N ALA D 21 -71.62 37.88 26.78
CA ALA D 21 -70.54 36.98 27.17
C ALA D 21 -71.10 35.62 27.56
N VAL D 22 -72.08 35.63 28.46
CA VAL D 22 -72.70 34.40 28.94
C VAL D 22 -73.50 33.75 27.84
N ALA D 23 -74.42 34.51 27.28
CA ALA D 23 -75.26 34.02 26.21
C ALA D 23 -74.51 33.25 25.11
N ASN D 24 -73.38 33.77 24.66
CA ASN D 24 -72.67 33.10 23.57
C ASN D 24 -71.95 31.85 24.00
N ALA D 25 -71.69 31.71 25.28
CA ALA D 25 -71.04 30.49 25.76
C ALA D 25 -72.12 29.41 25.83
N VAL D 26 -73.34 29.84 26.17
CA VAL D 26 -74.49 28.97 26.32
C VAL D 26 -75.06 28.46 25.01
N LYS D 27 -75.47 29.39 24.14
CA LYS D 27 -76.09 29.04 22.87
C LYS D 27 -75.39 27.96 22.05
N VAL D 28 -74.14 27.68 22.39
CA VAL D 28 -73.34 26.71 21.66
C VAL D 28 -73.94 25.30 21.77
N THR D 29 -74.81 25.14 22.76
CA THR D 29 -75.43 23.85 23.05
C THR D 29 -76.81 23.67 22.42
N LEU D 30 -77.53 24.77 22.24
CA LEU D 30 -78.87 24.74 21.70
C LEU D 30 -79.11 23.79 20.54
N GLY D 31 -80.23 23.07 20.60
CA GLY D 31 -80.63 22.15 19.56
C GLY D 31 -79.94 20.81 19.48
N PRO D 32 -80.35 19.98 18.51
CA PRO D 32 -79.82 18.64 18.27
C PRO D 32 -78.40 18.59 17.83
N ARG D 33 -77.98 19.61 17.07
CA ARG D 33 -76.61 19.61 16.59
C ARG D 33 -75.73 20.36 17.57
N GLY D 34 -76.37 20.97 18.57
CA GLY D 34 -75.63 21.68 19.59
C GLY D 34 -74.43 20.91 20.13
N ARG D 35 -73.40 21.63 20.58
CA ARG D 35 -72.21 20.96 21.05
C ARG D 35 -72.03 21.20 22.55
N ASN D 36 -70.99 20.60 23.11
CA ASN D 36 -70.72 20.73 24.54
C ASN D 36 -69.73 21.78 24.99
N VAL D 37 -69.96 22.30 26.19
CA VAL D 37 -69.10 23.27 26.82
C VAL D 37 -68.30 22.48 27.86
N VAL D 38 -67.04 22.86 28.07
CA VAL D 38 -66.21 22.17 29.05
C VAL D 38 -65.97 23.09 30.25
N LEU D 39 -66.56 22.74 31.39
CA LEU D 39 -66.44 23.54 32.61
C LEU D 39 -65.33 23.00 33.50
N GLU D 40 -64.36 23.86 33.83
CA GLU D 40 -63.23 23.45 34.66
C GLU D 40 -63.66 23.33 36.10
N LYS D 41 -63.27 22.22 36.72
CA LYS D 41 -63.61 21.97 38.12
C LYS D 41 -62.35 22.10 38.96
N LYS D 42 -62.54 22.63 40.17
CA LYS D 42 -61.46 22.87 41.12
C LYS D 42 -60.50 21.71 41.32
N PHE D 43 -60.98 20.48 41.37
CA PHE D 43 -60.05 19.37 41.61
C PHE D 43 -60.04 18.24 40.60
N GLY D 44 -61.18 17.60 40.41
CA GLY D 44 -61.21 16.47 39.49
C GLY D 44 -61.15 16.83 38.03
N SER D 45 -61.64 15.91 37.19
CA SER D 45 -61.69 16.15 35.76
C SER D 45 -62.80 17.20 35.60
N PRO D 46 -62.93 17.80 34.42
CA PRO D 46 -63.97 18.81 34.29
C PRO D 46 -65.34 18.22 34.03
N THR D 47 -66.28 19.12 33.84
CA THR D 47 -67.66 18.80 33.55
C THR D 47 -67.89 19.07 32.07
N ILE D 48 -68.34 18.08 31.31
CA ILE D 48 -68.60 18.30 29.89
C ILE D 48 -70.10 18.18 29.71
N THR D 49 -70.78 19.32 29.63
CA THR D 49 -72.23 19.42 29.50
C THR D 49 -72.74 19.97 28.19
N LYS D 50 -74.06 20.08 28.11
CA LYS D 50 -74.78 20.61 26.97
C LYS D 50 -75.95 21.32 27.61
N ASP D 51 -75.83 21.50 28.94
CA ASP D 51 -76.90 22.12 29.70
C ASP D 51 -76.70 23.60 29.91
N GLY D 52 -77.69 24.38 29.52
CA GLY D 52 -77.63 25.82 29.70
C GLY D 52 -77.20 26.28 31.09
N VAL D 53 -78.14 26.33 32.03
CA VAL D 53 -77.82 26.80 33.38
C VAL D 53 -76.50 26.32 33.92
N THR D 54 -76.16 25.06 33.68
CA THR D 54 -74.88 24.54 34.19
C THR D 54 -73.72 25.42 33.73
N VAL D 55 -73.68 25.69 32.43
CA VAL D 55 -72.65 26.53 31.86
C VAL D 55 -72.83 27.95 32.41
N ALA D 56 -73.98 28.54 32.14
CA ALA D 56 -74.25 29.90 32.60
C ALA D 56 -73.80 30.19 34.02
N LYS D 57 -74.04 29.24 34.93
CA LYS D 57 -73.68 29.43 36.32
C LYS D 57 -72.19 29.52 36.58
N GLU D 58 -71.39 28.87 35.72
CA GLU D 58 -69.94 28.92 35.88
C GLU D 58 -69.27 30.19 35.39
N VAL D 59 -69.99 30.98 34.61
CA VAL D 59 -69.47 32.21 34.04
C VAL D 59 -69.39 33.36 35.02
N GLU D 60 -68.18 33.85 35.23
CA GLU D 60 -67.91 34.96 36.13
C GLU D 60 -66.96 35.91 35.38
N LEU D 61 -67.42 37.12 35.10
CA LEU D 61 -66.59 38.10 34.38
C LEU D 61 -65.76 38.98 35.32
N GLU D 62 -64.55 39.35 34.87
CA GLU D 62 -63.65 40.20 35.65
C GLU D 62 -64.10 41.65 35.79
N ASP D 63 -64.72 42.21 34.75
CA ASP D 63 -65.21 43.58 34.83
C ASP D 63 -66.54 43.70 35.57
N HIS D 64 -66.57 44.46 36.65
CA HIS D 64 -67.79 44.61 37.43
C HIS D 64 -69.07 44.84 36.61
N LEU D 65 -69.15 45.92 35.85
CA LEU D 65 -70.37 46.17 35.10
C LEU D 65 -70.73 45.02 34.15
N GLU D 66 -69.75 44.51 33.41
CA GLU D 66 -70.01 43.42 32.49
C GLU D 66 -70.52 42.20 33.22
N ASN D 67 -70.00 41.99 34.43
CA ASN D 67 -70.39 40.85 35.24
C ASN D 67 -71.84 40.97 35.72
N ILE D 68 -72.24 42.18 36.04
CA ILE D 68 -73.60 42.44 36.48
C ILE D 68 -74.53 41.94 35.40
N GLY D 69 -74.16 42.19 34.15
CA GLY D 69 -74.98 41.74 33.06
C GLY D 69 -74.97 40.23 32.99
N ALA D 70 -73.80 39.63 33.18
CA ALA D 70 -73.67 38.18 33.12
C ALA D 70 -74.58 37.54 34.15
N GLN D 71 -74.69 38.18 35.31
CA GLN D 71 -75.55 37.67 36.37
C GLN D 71 -77.01 37.72 35.93
N LEU D 72 -77.50 38.91 35.60
CA LEU D 72 -78.87 39.06 35.17
C LEU D 72 -79.28 37.99 34.16
N LEU D 73 -78.39 37.62 33.27
CA LEU D 73 -78.72 36.61 32.30
C LEU D 73 -78.78 35.26 33.00
N LYS D 74 -77.83 34.97 33.88
CA LYS D 74 -77.82 33.70 34.59
C LYS D 74 -79.15 33.51 35.28
N GLU D 75 -79.71 34.60 35.81
CA GLU D 75 -80.99 34.51 36.50
C GLU D 75 -82.05 33.96 35.54
N VAL D 76 -82.11 34.52 34.34
CA VAL D 76 -83.05 34.04 33.36
C VAL D 76 -82.91 32.53 33.21
N ALA D 77 -81.67 32.08 33.15
CA ALA D 77 -81.39 30.66 33.00
C ALA D 77 -81.91 29.80 34.14
N SER D 78 -81.47 30.11 35.35
CA SER D 78 -81.85 29.34 36.52
C SER D 78 -83.35 29.37 36.86
N LYS D 79 -83.93 30.56 36.96
CA LYS D 79 -85.36 30.65 37.28
C LYS D 79 -86.18 29.80 36.31
N THR D 80 -85.65 29.57 35.11
CA THR D 80 -86.34 28.75 34.12
C THR D 80 -86.10 27.28 34.45
N ASN D 81 -84.95 26.98 35.02
CA ASN D 81 -84.58 25.61 35.41
C ASN D 81 -85.41 25.24 36.63
N ASP D 82 -85.69 26.23 37.47
CA ASP D 82 -86.46 26.02 38.67
C ASP D 82 -87.91 25.75 38.32
N VAL D 83 -88.45 26.58 37.44
CA VAL D 83 -89.85 26.47 37.02
C VAL D 83 -90.13 25.34 36.03
N ALA D 84 -89.11 24.81 35.34
CA ALA D 84 -89.37 23.75 34.37
C ALA D 84 -88.30 22.69 34.23
N GLY D 85 -87.10 22.96 34.72
CA GLY D 85 -86.06 21.95 34.64
C GLY D 85 -85.47 21.73 33.26
N ASP D 86 -86.05 22.37 32.25
CA ASP D 86 -85.56 22.26 30.89
C ASP D 86 -85.87 23.56 30.14
N GLY D 87 -85.16 23.78 29.03
CA GLY D 87 -85.36 25.00 28.24
C GLY D 87 -84.57 26.21 28.72
N THR D 88 -83.47 25.96 29.43
CA THR D 88 -82.63 27.05 29.95
C THR D 88 -81.95 27.78 28.82
N THR D 89 -81.33 27.02 27.91
CA THR D 89 -80.64 27.62 26.75
C THR D 89 -81.60 28.52 25.97
N THR D 90 -82.78 27.98 25.64
CA THR D 90 -83.80 28.73 24.93
C THR D 90 -84.16 30.05 25.62
N ALA D 91 -84.16 30.05 26.94
CA ALA D 91 -84.51 31.26 27.66
C ALA D 91 -83.37 32.27 27.54
N THR D 92 -82.14 31.77 27.57
CA THR D 92 -80.94 32.61 27.45
C THR D 92 -81.03 33.36 26.13
N VAL D 93 -81.04 32.57 25.05
CA VAL D 93 -81.14 33.13 23.70
C VAL D 93 -82.21 34.21 23.57
N LEU D 94 -83.42 33.90 23.99
CA LEU D 94 -84.51 34.87 23.90
C LEU D 94 -84.22 36.14 24.69
N ALA D 95 -83.39 36.01 25.74
CA ALA D 95 -83.03 37.16 26.59
C ALA D 95 -82.07 38.03 25.79
N GLN D 96 -81.00 37.39 25.31
CA GLN D 96 -80.01 38.09 24.51
C GLN D 96 -80.70 38.88 23.41
N ALA D 97 -81.52 38.19 22.62
CA ALA D 97 -82.27 38.80 21.52
C ALA D 97 -83.06 40.02 21.96
N ILE D 98 -83.78 39.89 23.08
CA ILE D 98 -84.59 40.98 23.57
C ILE D 98 -83.71 42.14 24.01
N VAL D 99 -82.58 41.81 24.64
CA VAL D 99 -81.66 42.87 25.10
C VAL D 99 -81.04 43.69 23.95
N ARG D 100 -80.54 43.01 22.91
CA ARG D 100 -79.95 43.75 21.81
C ARG D 100 -80.98 44.58 21.05
N GLU D 101 -81.93 43.91 20.41
CA GLU D 101 -82.92 44.62 19.65
C GLU D 101 -83.53 45.74 20.49
N GLY D 102 -83.54 45.55 21.80
CA GLY D 102 -84.13 46.55 22.68
C GLY D 102 -83.18 47.71 22.97
N LEU D 103 -81.97 47.37 23.36
CA LEU D 103 -80.98 48.39 23.66
C LEU D 103 -80.76 49.31 22.45
N LYS D 104 -80.84 48.73 21.26
CA LYS D 104 -80.72 49.47 20.02
C LYS D 104 -81.81 50.54 20.02
N ASN D 105 -83.05 50.11 20.21
CA ASN D 105 -84.15 51.07 20.23
C ASN D 105 -84.04 52.10 21.32
N VAL D 106 -83.31 51.77 22.39
CA VAL D 106 -83.18 52.76 23.45
C VAL D 106 -82.23 53.84 22.97
N ALA D 107 -81.16 53.40 22.31
CA ALA D 107 -80.18 54.34 21.77
C ALA D 107 -80.84 55.23 20.72
N ALA D 108 -81.82 54.70 20.01
CA ALA D 108 -82.51 55.49 19.00
C ALA D 108 -83.48 56.45 19.66
N GLY D 109 -83.42 56.53 20.99
CA GLY D 109 -84.30 57.44 21.72
C GLY D 109 -85.63 56.95 22.26
N ALA D 110 -85.92 55.66 22.09
CA ALA D 110 -87.19 55.11 22.56
C ALA D 110 -87.31 55.15 24.09
N ASN D 111 -88.53 55.36 24.60
CA ASN D 111 -88.80 55.37 26.05
C ASN D 111 -88.82 53.91 26.52
N PRO D 112 -87.84 53.51 27.34
CA PRO D 112 -87.77 52.14 27.82
C PRO D 112 -89.02 51.67 28.59
N LEU D 113 -89.63 52.57 29.36
CA LEU D 113 -90.82 52.18 30.09
C LEU D 113 -91.88 51.64 29.11
N ALA D 114 -92.16 52.41 28.07
CA ALA D 114 -93.13 52.01 27.06
C ALA D 114 -92.68 50.73 26.38
N LEU D 115 -91.38 50.61 26.14
CA LEU D 115 -90.85 49.43 25.49
C LEU D 115 -91.18 48.22 26.32
N LYS D 116 -91.17 48.39 27.64
CA LYS D 116 -91.48 47.32 28.58
C LYS D 116 -92.93 46.92 28.38
N ARG D 117 -93.84 47.88 28.54
CA ARG D 117 -95.26 47.64 28.39
C ARG D 117 -95.54 46.84 27.13
N GLY D 118 -94.95 47.28 26.04
CA GLY D 118 -95.15 46.60 24.77
C GLY D 118 -94.62 45.19 24.81
N ILE D 119 -93.46 44.99 25.42
CA ILE D 119 -92.86 43.66 25.51
C ILE D 119 -93.78 42.75 26.31
N GLU D 120 -94.29 43.30 27.41
CA GLU D 120 -95.20 42.56 28.26
C GLU D 120 -96.41 42.13 27.46
N LYS D 121 -97.14 43.09 26.91
CA LYS D 121 -98.33 42.79 26.11
C LYS D 121 -98.02 41.75 25.05
N ALA D 122 -96.93 41.95 24.32
CA ALA D 122 -96.52 41.04 23.27
C ALA D 122 -96.31 39.62 23.81
N VAL D 123 -95.67 39.49 24.97
CA VAL D 123 -95.43 38.17 25.56
C VAL D 123 -96.77 37.53 25.90
N GLU D 124 -97.68 38.29 26.51
CA GLU D 124 -98.99 37.76 26.86
C GLU D 124 -99.59 37.12 25.63
N ALA D 125 -99.74 37.91 24.58
CA ALA D 125 -100.29 37.42 23.33
C ALA D 125 -99.56 36.16 22.87
N ALA D 126 -98.24 36.16 23.04
CA ALA D 126 -97.43 35.02 22.62
C ALA D 126 -97.74 33.80 23.46
N VAL D 127 -97.83 33.98 24.77
CA VAL D 127 -98.12 32.87 25.67
C VAL D 127 -99.47 32.28 25.31
N GLU D 128 -100.45 33.15 25.18
CA GLU D 128 -101.80 32.73 24.82
C GLU D 128 -101.79 31.81 23.60
N LYS D 129 -101.03 32.18 22.59
CA LYS D 129 -100.90 31.37 21.39
C LYS D 129 -100.18 30.04 21.67
N ILE D 130 -99.32 30.02 22.69
CA ILE D 130 -98.59 28.79 23.01
C ILE D 130 -99.62 27.79 23.51
N LYS D 131 -100.46 28.26 24.43
CA LYS D 131 -101.51 27.47 25.02
C LYS D 131 -102.38 26.97 23.89
N ALA D 132 -102.90 27.91 23.11
CA ALA D 132 -103.74 27.59 21.97
C ALA D 132 -103.25 26.45 21.09
N LEU D 133 -101.95 26.19 21.07
CA LEU D 133 -101.43 25.13 20.22
C LEU D 133 -101.03 23.91 21.03
N ALA D 134 -101.27 23.98 22.33
CA ALA D 134 -100.92 22.87 23.21
C ALA D 134 -101.82 21.66 22.97
N ILE D 135 -101.24 20.48 23.08
CA ILE D 135 -101.96 19.24 22.90
C ILE D 135 -101.70 18.37 24.14
N PRO D 136 -102.76 17.87 24.79
CA PRO D 136 -102.60 17.03 25.98
C PRO D 136 -101.88 15.74 25.65
N VAL D 137 -101.02 15.29 26.58
CA VAL D 137 -100.25 14.04 26.40
C VAL D 137 -101.22 12.93 26.74
N GLU D 138 -101.37 11.94 25.87
CA GLU D 138 -102.33 10.88 26.16
C GLU D 138 -101.88 9.46 25.88
N ASP D 139 -100.58 9.26 25.68
CA ASP D 139 -100.12 7.90 25.43
C ASP D 139 -98.63 7.69 25.47
N ARG D 140 -98.25 6.43 25.46
CA ARG D 140 -96.85 6.03 25.52
C ARG D 140 -95.99 6.71 24.47
N LYS D 141 -96.54 6.93 23.27
CA LYS D 141 -95.78 7.58 22.19
C LYS D 141 -95.54 9.05 22.53
N ALA D 142 -96.62 9.81 22.71
CA ALA D 142 -96.53 11.23 23.04
C ALA D 142 -95.45 11.50 24.09
N ILE D 143 -95.25 10.57 25.00
CA ILE D 143 -94.26 10.73 26.03
C ILE D 143 -92.88 10.33 25.52
N GLU D 144 -92.79 9.21 24.83
CA GLU D 144 -91.51 8.77 24.31
C GLU D 144 -90.89 9.88 23.48
N GLU D 145 -91.73 10.66 22.80
CA GLU D 145 -91.24 11.75 21.98
C GLU D 145 -90.66 12.83 22.87
N VAL D 146 -91.52 13.54 23.60
CA VAL D 146 -91.07 14.58 24.53
C VAL D 146 -89.73 14.23 25.17
N ALA D 147 -89.64 13.03 25.73
CA ALA D 147 -88.41 12.56 26.36
C ALA D 147 -87.27 12.41 25.36
N THR D 148 -87.51 11.74 24.24
CA THR D 148 -86.44 11.53 23.26
C THR D 148 -85.81 12.86 22.87
N ILE D 149 -86.65 13.87 22.69
CA ILE D 149 -86.16 15.18 22.33
C ILE D 149 -85.35 15.79 23.45
N SER D 150 -86.00 16.11 24.57
CA SER D 150 -85.32 16.73 25.70
C SER D 150 -83.98 16.09 26.03
N ALA D 151 -83.86 14.77 25.83
CA ALA D 151 -82.63 14.04 26.10
C ALA D 151 -81.76 13.94 24.85
N ASN D 152 -82.37 14.24 23.70
CA ASN D 152 -81.68 14.17 22.44
C ASN D 152 -81.11 12.76 22.31
N ASP D 153 -81.96 11.78 22.55
CA ASP D 153 -81.59 10.37 22.48
C ASP D 153 -82.85 9.50 22.47
N PRO D 154 -82.97 8.60 21.49
CA PRO D 154 -84.15 7.72 21.39
C PRO D 154 -84.23 6.77 22.58
N GLU D 155 -83.11 6.12 22.89
CA GLU D 155 -83.04 5.20 24.00
C GLU D 155 -83.59 5.78 25.29
N VAL D 156 -83.06 6.94 25.68
CA VAL D 156 -83.54 7.57 26.90
C VAL D 156 -85.04 7.82 26.84
N GLY D 157 -85.51 8.33 25.72
CA GLY D 157 -86.93 8.59 25.58
C GLY D 157 -87.72 7.30 25.66
N LYS D 158 -87.09 6.18 25.35
CA LYS D 158 -87.78 4.91 25.41
C LYS D 158 -87.96 4.52 26.87
N LEU D 159 -86.87 4.27 27.58
CA LEU D 159 -86.96 3.89 28.99
C LEU D 159 -87.87 4.83 29.78
N ILE D 160 -87.79 6.14 29.54
CA ILE D 160 -88.65 7.05 30.27
C ILE D 160 -90.10 6.74 29.98
N ALA D 161 -90.40 6.37 28.73
CA ALA D 161 -91.75 6.04 28.32
C ALA D 161 -92.16 4.70 28.94
N ASP D 162 -91.29 3.71 28.80
CA ASP D 162 -91.56 2.39 29.36
C ASP D 162 -91.95 2.52 30.84
N ALA D 163 -91.05 3.10 31.62
CA ALA D 163 -91.29 3.29 33.04
C ALA D 163 -92.54 4.12 33.28
N MET D 164 -92.61 5.31 32.69
CA MET D 164 -93.77 6.18 32.85
C MET D 164 -95.08 5.43 32.64
N GLU D 165 -95.09 4.53 31.66
CA GLU D 165 -96.27 3.75 31.34
C GLU D 165 -96.66 2.79 32.45
N LYS D 166 -95.73 1.93 32.83
CA LYS D 166 -95.96 0.92 33.87
C LYS D 166 -95.81 1.45 35.30
N VAL D 167 -96.20 2.71 35.53
CA VAL D 167 -96.11 3.35 36.83
C VAL D 167 -97.11 4.49 36.85
N GLY D 168 -97.80 4.66 35.73
CA GLY D 168 -98.82 5.68 35.62
C GLY D 168 -98.26 7.08 35.80
N LYS D 169 -98.96 8.07 35.23
CA LYS D 169 -98.52 9.47 35.31
C LYS D 169 -98.39 9.99 36.75
N GLU D 170 -99.02 9.32 37.70
CA GLU D 170 -98.92 9.75 39.09
C GLU D 170 -97.84 8.92 39.80
N GLY D 171 -97.17 8.07 39.04
CA GLY D 171 -96.13 7.24 39.64
C GLY D 171 -94.87 7.99 40.00
N ILE D 172 -93.76 7.28 40.13
CA ILE D 172 -92.47 7.90 40.47
C ILE D 172 -91.28 7.23 39.78
N ILE D 173 -90.50 8.03 39.06
CA ILE D 173 -89.32 7.48 38.40
C ILE D 173 -88.08 8.06 39.03
N THR D 174 -87.04 7.24 39.13
CA THR D 174 -85.81 7.66 39.76
C THR D 174 -84.58 7.30 38.95
N VAL D 175 -83.62 8.22 38.93
CA VAL D 175 -82.38 8.01 38.21
C VAL D 175 -81.24 7.68 39.15
N GLU D 176 -80.69 6.49 38.99
CA GLU D 176 -79.59 6.05 39.81
C GLU D 176 -78.37 5.68 38.99
N GLU D 177 -77.26 5.56 39.70
CA GLU D 177 -75.98 5.24 39.10
C GLU D 177 -75.71 3.74 39.07
N SER D 178 -76.06 3.10 37.95
CA SER D 178 -75.83 1.66 37.76
C SER D 178 -74.35 1.36 37.95
N LYS D 179 -73.96 0.10 37.82
CA LYS D 179 -72.55 -0.25 37.95
C LYS D 179 -71.96 -0.82 36.67
N SER D 180 -72.81 -1.41 35.84
CA SER D 180 -72.36 -1.97 34.57
C SER D 180 -72.27 -0.82 33.55
N LEU D 181 -71.76 -1.13 32.36
CA LEU D 181 -71.65 -0.12 31.32
C LEU D 181 -73.03 0.16 30.74
N GLU D 182 -73.96 -0.75 31.01
CA GLU D 182 -75.31 -0.60 30.50
C GLU D 182 -76.31 -0.05 31.50
N THR D 183 -77.29 0.65 30.95
CA THR D 183 -78.35 1.25 31.74
C THR D 183 -79.47 0.23 31.84
N GLU D 184 -80.14 0.20 33.00
CA GLU D 184 -81.23 -0.75 33.24
C GLU D 184 -82.44 -0.07 33.87
N LEU D 185 -83.63 -0.52 33.47
CA LEU D 185 -84.88 -0.02 34.02
C LEU D 185 -85.40 -1.13 34.90
N LYS D 186 -85.80 -0.79 36.12
CA LYS D 186 -86.30 -1.78 37.07
C LYS D 186 -87.41 -1.21 37.95
N PHE D 187 -88.40 -2.03 38.24
CA PHE D 187 -89.53 -1.60 39.06
C PHE D 187 -89.47 -2.22 40.45
N VAL D 188 -90.17 -1.63 41.41
CA VAL D 188 -90.22 -2.11 42.79
C VAL D 188 -91.70 -2.57 43.06
N GLU D 189 -91.97 -3.88 43.33
CA GLU D 189 -93.34 -4.46 43.55
C GLU D 189 -94.31 -4.02 44.65
N GLY D 190 -94.32 -4.57 45.85
CA GLY D 190 -95.28 -4.06 46.82
C GLY D 190 -94.72 -2.84 47.55
N TYR D 191 -94.94 -2.76 48.85
CA TYR D 191 -94.36 -1.65 49.61
C TYR D 191 -93.01 -2.15 50.04
N GLN D 192 -91.98 -1.31 49.92
CA GLN D 192 -90.66 -1.73 50.34
C GLN D 192 -89.80 -0.54 50.74
N PHE D 193 -88.83 -0.80 51.60
CA PHE D 193 -87.92 0.22 52.08
C PHE D 193 -86.56 -0.45 52.20
N ASP D 194 -85.53 0.38 52.28
CA ASP D 194 -84.16 -0.13 52.31
C ASP D 194 -83.59 -0.51 53.67
N LYS D 195 -84.24 -1.47 54.32
CA LYS D 195 -83.79 -1.98 55.61
C LYS D 195 -83.82 -3.51 55.51
N GLY D 196 -82.73 -4.16 55.91
CA GLY D 196 -82.65 -5.62 55.82
C GLY D 196 -82.87 -6.35 57.14
N TYR D 197 -82.68 -7.67 57.13
CA TYR D 197 -82.88 -8.46 58.35
C TYR D 197 -81.84 -8.20 59.44
N ILE D 198 -82.32 -7.71 60.58
CA ILE D 198 -81.47 -7.37 61.72
C ILE D 198 -80.53 -8.47 62.19
N SER D 199 -80.58 -9.63 61.55
CA SER D 199 -79.70 -10.72 61.87
C SER D 199 -79.79 -11.78 60.80
N PRO D 200 -78.64 -12.23 60.30
CA PRO D 200 -78.55 -13.24 59.25
C PRO D 200 -79.25 -14.55 59.59
N TYR D 201 -79.65 -14.72 60.84
CA TYR D 201 -80.30 -15.96 61.23
C TYR D 201 -81.74 -16.09 60.72
N PHE D 202 -82.41 -14.95 60.57
CA PHE D 202 -83.80 -14.92 60.10
C PHE D 202 -83.95 -15.44 58.66
N VAL D 203 -82.82 -15.69 58.00
CA VAL D 203 -82.83 -16.17 56.62
C VAL D 203 -83.64 -17.44 56.40
N THR D 204 -84.44 -17.44 55.34
CA THR D 204 -85.30 -18.55 54.95
C THR D 204 -84.64 -19.39 53.85
N ASN D 205 -84.02 -18.71 52.89
CA ASN D 205 -83.37 -19.41 51.79
C ASN D 205 -81.86 -19.25 51.86
N PRO D 206 -81.14 -20.37 51.91
CA PRO D 206 -79.67 -20.38 51.99
C PRO D 206 -79.01 -20.07 50.64
N GLU D 207 -79.82 -20.10 49.59
CA GLU D 207 -79.34 -19.83 48.24
C GLU D 207 -79.61 -18.40 47.79
N THR D 208 -80.51 -17.73 48.49
CA THR D 208 -80.84 -16.36 48.15
C THR D 208 -80.68 -15.41 49.31
N MET D 209 -80.14 -15.90 50.43
CA MET D 209 -79.94 -15.06 51.60
C MET D 209 -81.15 -14.17 51.86
N GLU D 210 -82.32 -14.69 51.51
CA GLU D 210 -83.57 -13.98 51.71
C GLU D 210 -84.34 -14.54 52.88
N ALA D 211 -85.26 -13.73 53.40
CA ALA D 211 -86.13 -14.13 54.49
C ALA D 211 -87.53 -14.03 53.89
N VAL D 212 -88.06 -15.16 53.44
CA VAL D 212 -89.39 -15.17 52.85
C VAL D 212 -90.42 -15.60 53.89
N LEU D 213 -91.42 -14.75 54.11
CA LEU D 213 -92.47 -15.05 55.07
C LEU D 213 -93.83 -15.12 54.40
N GLU D 214 -94.32 -16.33 54.13
CA GLU D 214 -95.60 -16.52 53.47
C GLU D 214 -96.78 -16.19 54.38
N ASP D 215 -97.69 -15.36 53.88
CA ASP D 215 -98.87 -14.96 54.63
C ASP D 215 -98.47 -14.77 56.09
N ALA D 216 -97.91 -13.60 56.41
CA ALA D 216 -97.47 -13.36 57.77
C ALA D 216 -98.07 -12.13 58.43
N PHE D 217 -97.85 -12.02 59.73
CA PHE D 217 -98.34 -10.89 60.51
C PHE D 217 -97.21 -9.88 60.62
N ILE D 218 -97.57 -8.60 60.58
CA ILE D 218 -96.59 -7.54 60.69
C ILE D 218 -96.74 -6.80 62.02
N LEU D 219 -95.67 -6.79 62.81
CA LEU D 219 -95.70 -6.11 64.10
C LEU D 219 -95.06 -4.74 63.94
N ILE D 220 -95.90 -3.72 63.81
CA ILE D 220 -95.45 -2.35 63.63
C ILE D 220 -95.23 -1.59 64.94
N VAL D 221 -94.04 -1.72 65.52
CA VAL D 221 -93.74 -1.04 66.79
C VAL D 221 -92.94 0.26 66.61
N GLU D 222 -93.48 1.37 67.11
CA GLU D 222 -92.78 2.64 67.01
C GLU D 222 -91.48 2.64 67.84
N LYS D 223 -91.62 2.62 69.16
CA LYS D 223 -90.47 2.60 70.06
C LYS D 223 -89.53 1.42 69.74
N LYS D 224 -88.45 1.29 70.49
CA LYS D 224 -87.50 0.18 70.28
C LYS D 224 -88.04 -1.13 70.89
N VAL D 225 -87.17 -2.13 70.99
CA VAL D 225 -87.54 -3.43 71.56
C VAL D 225 -86.31 -4.21 72.03
N SER D 226 -86.16 -4.32 73.36
CA SER D 226 -85.02 -5.03 73.95
C SER D 226 -85.43 -5.91 75.14
N ASN D 227 -86.60 -5.63 75.72
CA ASN D 227 -87.13 -6.36 76.87
C ASN D 227 -88.07 -7.52 76.51
N VAL D 228 -87.54 -8.74 76.60
CA VAL D 228 -88.27 -9.94 76.26
C VAL D 228 -89.72 -9.93 76.76
N ARG D 229 -89.91 -9.43 77.97
CA ARG D 229 -91.24 -9.38 78.55
C ARG D 229 -92.30 -8.84 77.59
N GLU D 230 -92.23 -7.54 77.33
CA GLU D 230 -93.18 -6.90 76.45
C GLU D 230 -93.56 -7.69 75.20
N LEU D 231 -92.59 -8.39 74.63
CA LEU D 231 -92.83 -9.17 73.41
C LEU D 231 -93.68 -10.41 73.61
N LEU D 232 -93.24 -11.25 74.53
CA LEU D 232 -93.90 -12.51 74.84
C LEU D 232 -95.42 -12.54 74.60
N PRO D 233 -96.17 -11.63 75.24
CA PRO D 233 -97.62 -11.67 74.99
C PRO D 233 -97.99 -11.85 73.51
N ILE D 234 -97.54 -10.94 72.66
CA ILE D 234 -97.84 -11.06 71.24
C ILE D 234 -97.25 -12.32 70.64
N LEU D 235 -95.96 -12.53 70.90
CA LEU D 235 -95.24 -13.67 70.39
C LEU D 235 -95.97 -15.00 70.60
N GLU D 236 -96.65 -15.13 71.73
CA GLU D 236 -97.39 -16.35 72.02
C GLU D 236 -98.64 -16.35 71.15
N GLN D 237 -99.39 -15.25 71.19
CA GLN D 237 -100.60 -15.12 70.39
C GLN D 237 -100.34 -15.57 68.95
N VAL D 238 -99.25 -15.04 68.39
CA VAL D 238 -98.86 -15.35 67.03
C VAL D 238 -98.38 -16.79 66.89
N ALA D 239 -97.45 -17.21 67.75
CA ALA D 239 -96.92 -18.56 67.70
C ALA D 239 -98.04 -19.59 67.58
N GLN D 240 -99.15 -19.32 68.27
CA GLN D 240 -100.30 -20.21 68.26
C GLN D 240 -101.05 -20.13 66.93
N THR D 241 -100.89 -19.01 66.23
CA THR D 241 -101.55 -18.81 64.94
C THR D 241 -100.93 -19.70 63.87
N GLY D 242 -99.72 -20.20 64.16
CA GLY D 242 -99.04 -21.06 63.22
C GLY D 242 -98.61 -20.26 62.01
N LYS D 243 -98.74 -18.94 62.13
CA LYS D 243 -98.38 -18.03 61.05
C LYS D 243 -97.10 -17.26 61.35
N PRO D 244 -96.28 -16.98 60.31
CA PRO D 244 -95.02 -16.24 60.45
C PRO D 244 -95.25 -14.83 60.94
N LEU D 245 -94.20 -14.19 61.43
CA LEU D 245 -94.30 -12.82 61.93
C LEU D 245 -93.11 -11.96 61.58
N LEU D 246 -93.40 -10.74 61.14
CA LEU D 246 -92.38 -9.76 60.81
C LEU D 246 -92.47 -8.62 61.81
N ILE D 247 -91.37 -8.35 62.50
CA ILE D 247 -91.38 -7.28 63.50
C ILE D 247 -90.62 -6.06 63.02
N ILE D 248 -91.34 -4.95 62.94
CA ILE D 248 -90.77 -3.70 62.51
C ILE D 248 -90.86 -2.72 63.67
N ALA D 249 -89.68 -2.34 64.18
CA ALA D 249 -89.58 -1.40 65.29
C ALA D 249 -88.31 -0.58 65.10
N GLU D 250 -88.21 0.51 65.86
CA GLU D 250 -87.04 1.38 65.79
C GLU D 250 -85.77 0.52 65.74
N ASP D 251 -85.81 -0.59 66.45
CA ASP D 251 -84.69 -1.51 66.45
C ASP D 251 -85.06 -2.70 67.35
N VAL D 252 -84.38 -3.82 67.13
CA VAL D 252 -84.62 -5.03 67.90
C VAL D 252 -83.27 -5.53 68.40
N GLU D 253 -82.99 -5.20 69.66
CA GLU D 253 -81.72 -5.54 70.28
C GLU D 253 -81.86 -6.38 71.55
N GLY D 254 -80.72 -6.55 72.22
CA GLY D 254 -80.67 -7.28 73.47
C GLY D 254 -81.26 -8.68 73.50
N GLU D 255 -81.85 -9.00 74.65
CA GLU D 255 -82.47 -10.30 74.87
C GLU D 255 -83.67 -10.49 73.94
N ALA D 256 -84.39 -9.40 73.67
CA ALA D 256 -85.55 -9.44 72.80
C ALA D 256 -85.16 -10.06 71.46
N LEU D 257 -84.06 -9.57 70.90
CA LEU D 257 -83.60 -10.09 69.63
C LEU D 257 -83.21 -11.54 69.82
N ALA D 258 -82.36 -11.77 70.82
CA ALA D 258 -81.88 -13.11 71.15
C ALA D 258 -83.03 -14.12 71.16
N THR D 259 -84.18 -13.71 71.70
CA THR D 259 -85.37 -14.55 71.77
C THR D 259 -85.81 -14.97 70.36
N LEU D 260 -86.27 -13.98 69.60
CA LEU D 260 -86.72 -14.18 68.22
C LEU D 260 -85.81 -15.13 67.46
N VAL D 261 -84.51 -14.93 67.62
CA VAL D 261 -83.53 -15.75 66.94
C VAL D 261 -83.61 -17.20 67.36
N VAL D 262 -83.64 -17.43 68.68
CA VAL D 262 -83.69 -18.78 69.19
C VAL D 262 -84.94 -19.52 68.79
N ASN D 263 -86.09 -18.85 68.89
CA ASN D 263 -87.35 -19.46 68.51
C ASN D 263 -87.40 -19.71 67.02
N LYS D 264 -86.85 -18.78 66.26
CA LYS D 264 -86.80 -18.90 64.82
C LYS D 264 -85.97 -20.14 64.47
N LEU D 265 -84.77 -20.22 65.04
CA LEU D 265 -83.86 -21.34 64.80
C LEU D 265 -84.41 -22.65 65.39
N ARG D 266 -85.30 -22.51 66.37
CA ARG D 266 -85.88 -23.67 67.05
C ARG D 266 -86.99 -24.33 66.25
N GLY D 267 -87.88 -23.52 65.72
CA GLY D 267 -89.00 -24.02 64.96
C GLY D 267 -90.22 -23.45 65.65
N THR D 268 -89.98 -22.96 66.86
CA THR D 268 -91.02 -22.37 67.67
C THR D 268 -91.85 -21.40 66.84
N LEU D 269 -91.17 -20.33 66.39
CA LEU D 269 -91.84 -19.29 65.61
C LEU D 269 -91.00 -18.81 64.42
N SER D 270 -91.64 -18.64 63.26
CA SER D 270 -90.93 -18.13 62.08
C SER D 270 -91.14 -16.62 62.09
N VAL D 271 -90.04 -15.90 62.34
CA VAL D 271 -90.03 -14.44 62.39
C VAL D 271 -88.78 -13.79 61.83
N ALA D 272 -88.80 -12.47 61.88
CA ALA D 272 -87.71 -11.63 61.39
C ALA D 272 -87.90 -10.20 61.88
N ALA D 273 -86.80 -9.56 62.27
CA ALA D 273 -86.83 -8.19 62.74
C ALA D 273 -86.11 -7.26 61.75
N VAL D 274 -86.71 -6.11 61.53
CA VAL D 274 -86.18 -5.14 60.59
C VAL D 274 -86.37 -3.74 61.14
N LYS D 275 -85.34 -2.92 61.04
CA LYS D 275 -85.41 -1.55 61.54
C LYS D 275 -86.44 -0.72 60.78
N ALA D 276 -87.04 0.24 61.46
CA ALA D 276 -88.05 1.11 60.84
C ALA D 276 -87.50 1.73 59.57
N PRO D 277 -88.39 2.17 58.66
CA PRO D 277 -87.92 2.78 57.42
C PRO D 277 -87.10 4.05 57.65
N GLY D 278 -87.73 5.20 57.43
CA GLY D 278 -87.04 6.49 57.58
C GLY D 278 -86.47 6.87 58.94
N PHE D 279 -86.35 8.18 59.15
CA PHE D 279 -85.83 8.76 60.39
C PHE D 279 -86.78 9.86 60.85
N GLY D 280 -86.43 10.53 61.92
CA GLY D 280 -87.29 11.59 62.42
C GLY D 280 -88.77 11.27 62.35
N ASP D 281 -89.59 12.29 62.11
CA ASP D 281 -91.04 12.13 62.02
C ASP D 281 -91.51 11.54 60.71
N ARG D 282 -90.59 10.99 59.93
CA ARG D 282 -91.02 10.42 58.67
C ARG D 282 -91.10 8.90 58.80
N ARG D 283 -90.24 8.31 59.62
CA ARG D 283 -90.33 6.86 59.78
C ARG D 283 -91.57 6.62 60.62
N LYS D 284 -91.99 7.64 61.37
CA LYS D 284 -93.20 7.53 62.18
C LYS D 284 -94.39 7.57 61.21
N GLU D 285 -94.40 8.55 60.32
CA GLU D 285 -95.46 8.67 59.33
C GLU D 285 -95.44 7.50 58.35
N MET D 286 -94.26 6.94 58.13
CA MET D 286 -94.12 5.83 57.20
C MET D 286 -94.64 4.55 57.85
N LEU D 287 -94.40 4.40 59.14
CA LEU D 287 -94.87 3.22 59.86
C LEU D 287 -96.38 3.14 59.65
N LYS D 288 -97.04 4.30 59.73
CA LYS D 288 -98.49 4.40 59.51
C LYS D 288 -98.83 4.00 58.10
N ASP D 289 -97.98 4.42 57.17
CA ASP D 289 -98.20 4.07 55.78
C ASP D 289 -98.24 2.54 55.77
N ILE D 290 -97.15 1.95 56.26
CA ILE D 290 -97.01 0.49 56.35
C ILE D 290 -98.23 -0.13 57.01
N ALA D 291 -98.74 0.54 58.05
CA ALA D 291 -99.92 0.05 58.76
C ALA D 291 -101.09 -0.04 57.81
N ALA D 292 -101.56 1.12 57.33
CA ALA D 292 -102.69 1.17 56.41
C ALA D 292 -102.55 0.22 55.22
N VAL D 293 -101.31 -0.16 54.89
CA VAL D 293 -101.05 -1.05 53.77
C VAL D 293 -101.22 -2.51 54.16
N THR D 294 -100.81 -2.86 55.36
CA THR D 294 -100.93 -4.23 55.86
C THR D 294 -102.25 -4.36 56.59
N GLY D 295 -102.77 -3.23 57.07
CA GLY D 295 -104.01 -3.22 57.81
C GLY D 295 -103.80 -3.21 59.32
N GLY D 296 -102.61 -3.60 59.74
CA GLY D 296 -102.29 -3.63 61.16
C GLY D 296 -102.40 -2.29 61.85
N THR D 297 -101.94 -2.25 63.09
CA THR D 297 -101.98 -1.03 63.88
C THR D 297 -100.58 -0.68 64.38
N VAL D 298 -100.29 0.61 64.40
CA VAL D 298 -98.99 1.08 64.84
C VAL D 298 -98.98 1.18 66.36
N ILE D 299 -98.01 0.51 66.98
CA ILE D 299 -97.88 0.55 68.44
C ILE D 299 -97.14 1.86 68.79
N SER D 300 -97.84 2.95 68.51
CA SER D 300 -97.33 4.30 68.73
C SER D 300 -97.18 4.58 70.21
N GLU D 301 -95.94 4.67 70.67
CA GLU D 301 -95.67 4.95 72.07
C GLU D 301 -96.34 6.26 72.50
N GLU D 302 -96.68 7.13 71.55
CA GLU D 302 -97.36 8.38 71.91
C GLU D 302 -98.83 8.37 71.53
N LEU D 303 -99.38 7.21 71.23
CA LEU D 303 -100.80 7.15 70.92
C LEU D 303 -101.43 6.50 72.15
N GLY D 304 -100.55 5.92 72.97
CA GLY D 304 -100.97 5.27 74.19
C GLY D 304 -101.13 3.77 74.09
N PHE D 305 -100.13 3.10 73.54
CA PHE D 305 -100.17 1.64 73.41
C PHE D 305 -98.99 1.00 74.09
N LYS D 306 -99.20 -0.18 74.65
CA LYS D 306 -98.13 -0.93 75.31
C LYS D 306 -97.86 -2.18 74.49
N LEU D 307 -96.59 -2.44 74.23
CA LEU D 307 -96.20 -3.60 73.46
C LEU D 307 -96.77 -4.85 74.11
N GLU D 308 -96.73 -4.89 75.43
CA GLU D 308 -97.24 -6.03 76.18
C GLU D 308 -98.72 -6.26 75.90
N ASN D 309 -99.48 -5.18 75.85
CA ASN D 309 -100.91 -5.27 75.61
C ASN D 309 -101.34 -5.33 74.12
N ALA D 310 -100.45 -5.80 73.26
CA ALA D 310 -100.78 -5.89 71.85
C ALA D 310 -101.58 -7.16 71.59
N THR D 311 -102.36 -7.16 70.50
CA THR D 311 -103.21 -8.28 70.13
C THR D 311 -103.10 -8.66 68.66
N LEU D 312 -103.49 -9.89 68.31
CA LEU D 312 -103.44 -10.32 66.91
C LEU D 312 -104.44 -9.49 66.13
N SER D 313 -105.34 -8.83 66.84
CA SER D 313 -106.35 -7.97 66.23
C SER D 313 -105.70 -6.72 65.64
N MET D 314 -104.64 -6.25 66.29
CA MET D 314 -103.95 -5.06 65.83
C MET D 314 -102.63 -5.37 65.11
N LEU D 315 -102.58 -6.47 64.36
CA LEU D 315 -101.38 -6.86 63.62
C LEU D 315 -101.56 -6.66 62.12
N GLY D 316 -100.45 -6.35 61.46
CA GLY D 316 -100.46 -6.17 60.02
C GLY D 316 -100.45 -7.53 59.37
N ARG D 317 -101.06 -7.65 58.20
CA ARG D 317 -101.11 -8.93 57.52
C ARG D 317 -100.75 -8.72 56.04
N ALA D 318 -99.98 -9.65 55.48
CA ALA D 318 -99.58 -9.56 54.08
C ALA D 318 -99.40 -10.92 53.43
N GLU D 319 -99.57 -10.96 52.10
CA GLU D 319 -99.45 -12.20 51.34
C GLU D 319 -98.02 -12.74 51.34
N ARG D 320 -97.04 -11.84 51.33
CA ARG D 320 -95.64 -12.26 51.33
C ARG D 320 -94.68 -11.15 51.77
N VAL D 321 -93.51 -11.54 52.26
CA VAL D 321 -92.51 -10.58 52.71
C VAL D 321 -91.09 -11.10 52.48
N ARG D 322 -90.35 -10.35 51.67
CA ARG D 322 -88.96 -10.67 51.33
C ARG D 322 -88.03 -9.76 52.10
N ILE D 323 -86.98 -10.36 52.66
CA ILE D 323 -86.01 -9.61 53.45
C ILE D 323 -84.62 -10.05 53.05
N THR D 324 -83.88 -9.11 52.46
CA THR D 324 -82.52 -9.34 52.00
C THR D 324 -81.58 -8.71 53.01
N LYS D 325 -80.28 -8.95 52.81
CA LYS D 325 -79.28 -8.39 53.70
C LYS D 325 -79.52 -6.90 53.99
N ASP D 326 -80.23 -6.21 53.09
CA ASP D 326 -80.50 -4.79 53.30
C ASP D 326 -81.80 -4.27 52.71
N GLU D 327 -82.68 -5.17 52.30
CA GLU D 327 -83.94 -4.73 51.73
C GLU D 327 -85.18 -5.49 52.24
N THR D 328 -86.30 -4.78 52.38
CA THR D 328 -87.54 -5.38 52.85
C THR D 328 -88.73 -5.08 51.95
N THR D 329 -89.35 -6.12 51.43
CA THR D 329 -90.48 -5.92 50.54
C THR D 329 -91.76 -6.59 51.08
N ILE D 330 -92.81 -5.79 51.20
CA ILE D 330 -94.10 -6.25 51.70
C ILE D 330 -95.12 -6.43 50.57
N VAL D 331 -95.22 -7.68 50.09
CA VAL D 331 -96.14 -8.07 49.03
C VAL D 331 -97.52 -8.43 49.59
N GLY D 332 -98.55 -8.24 48.76
CA GLY D 332 -99.90 -8.57 49.16
C GLY D 332 -100.33 -8.05 50.51
N GLY D 333 -100.15 -6.75 50.74
CA GLY D 333 -100.58 -6.17 52.01
C GLY D 333 -102.08 -6.33 52.07
N LYS D 334 -102.62 -6.69 53.22
CA LYS D 334 -104.06 -6.87 53.37
C LYS D 334 -104.79 -5.60 53.79
N GLY D 335 -104.05 -4.50 53.95
CA GLY D 335 -104.62 -3.23 54.34
C GLY D 335 -106.00 -2.91 53.79
N LYS D 336 -106.68 -1.97 54.45
CA LYS D 336 -108.02 -1.54 54.06
C LYS D 336 -107.83 -0.49 52.95
N LYS D 337 -108.58 -0.63 51.86
CA LYS D 337 -108.46 0.30 50.74
C LYS D 337 -108.62 1.78 51.11
N GLU D 338 -109.58 2.09 51.98
CA GLU D 338 -109.81 3.47 52.41
C GLU D 338 -108.61 4.00 53.18
N ASP D 339 -107.99 3.13 53.97
CA ASP D 339 -106.84 3.51 54.77
C ASP D 339 -105.70 3.97 53.88
N ILE D 340 -105.46 3.21 52.80
CA ILE D 340 -104.39 3.55 51.88
C ILE D 340 -104.68 4.90 51.21
N GLU D 341 -105.86 5.00 50.60
CA GLU D 341 -106.25 6.24 49.93
C GLU D 341 -106.17 7.43 50.87
N ALA D 342 -106.71 7.29 52.08
CA ALA D 342 -106.69 8.37 53.06
C ALA D 342 -105.27 8.65 53.49
N ARG D 343 -104.42 7.64 53.41
CA ARG D 343 -103.03 7.79 53.77
C ARG D 343 -102.35 8.52 52.63
N ILE D 344 -102.86 8.26 51.41
CA ILE D 344 -102.34 8.87 50.20
C ILE D 344 -102.74 10.35 50.03
N ASN D 345 -104.05 10.62 49.95
CA ASN D 345 -104.53 11.98 49.79
C ASN D 345 -104.10 12.91 50.91
N GLY D 346 -103.39 12.35 51.89
CA GLY D 346 -102.90 13.15 52.99
C GLY D 346 -101.58 13.75 52.57
N ILE D 347 -100.85 13.00 51.74
CA ILE D 347 -99.57 13.43 51.22
C ILE D 347 -99.86 14.44 50.11
N LYS D 348 -100.88 14.15 49.31
CA LYS D 348 -101.28 15.03 48.21
C LYS D 348 -101.75 16.38 48.71
N LYS D 349 -102.76 16.38 49.57
CA LYS D 349 -103.29 17.63 50.13
C LYS D 349 -102.28 18.33 51.04
N GLU D 350 -101.04 17.82 51.03
CA GLU D 350 -99.97 18.35 51.84
C GLU D 350 -98.83 18.85 50.95
N LEU D 351 -98.57 18.15 49.84
CA LEU D 351 -97.54 18.53 48.90
C LEU D 351 -97.85 19.91 48.34
N GLU D 352 -99.13 20.24 48.26
CA GLU D 352 -99.55 21.52 47.74
C GLU D 352 -99.36 22.61 48.80
N THR D 353 -98.25 22.50 49.54
CA THR D 353 -97.89 23.44 50.59
C THR D 353 -96.40 23.27 50.89
N THR D 354 -95.78 22.25 50.28
CA THR D 354 -94.36 21.96 50.46
C THR D 354 -93.55 22.74 49.44
N ASP D 355 -92.46 23.36 49.89
CA ASP D 355 -91.65 24.14 48.96
C ASP D 355 -90.37 23.41 48.62
N SER D 356 -89.38 23.49 49.50
CA SER D 356 -88.08 22.84 49.27
C SER D 356 -88.32 21.56 48.47
N GLU D 357 -87.89 21.56 47.22
CA GLU D 357 -88.04 20.44 46.31
C GLU D 357 -87.59 19.10 46.91
N TYR D 358 -86.68 19.17 47.90
CA TYR D 358 -86.20 17.97 48.54
C TYR D 358 -87.30 17.33 49.37
N ALA D 359 -88.11 18.17 50.02
CA ALA D 359 -89.22 17.72 50.85
C ALA D 359 -90.33 17.18 49.97
N ARG D 360 -90.42 17.68 48.75
CA ARG D 360 -91.43 17.23 47.81
C ARG D 360 -91.03 15.90 47.18
N GLU D 361 -89.75 15.53 47.33
CA GLU D 361 -89.25 14.26 46.79
C GLU D 361 -89.39 13.18 47.84
N LYS D 362 -89.39 13.60 49.10
CA LYS D 362 -89.54 12.69 50.22
C LYS D 362 -90.99 12.28 50.35
N LEU D 363 -91.86 13.28 50.31
CA LEU D 363 -93.31 13.11 50.41
C LEU D 363 -93.84 12.56 49.09
N GLN D 364 -92.92 12.12 48.24
CA GLN D 364 -93.28 11.59 46.94
C GLN D 364 -93.02 10.09 46.93
N GLU D 365 -91.84 9.68 47.38
CA GLU D 365 -91.51 8.26 47.39
C GLU D 365 -92.43 7.51 48.33
N ARG D 366 -93.09 8.25 49.23
CA ARG D 366 -94.03 7.64 50.16
C ARG D 366 -95.26 7.32 49.33
N LEU D 367 -95.80 8.37 48.72
CA LEU D 367 -96.96 8.30 47.85
C LEU D 367 -96.71 7.40 46.65
N ALA D 368 -95.46 7.03 46.43
CA ALA D 368 -95.12 6.17 45.31
C ALA D 368 -95.22 4.75 45.85
N LYS D 369 -94.56 4.53 46.96
CA LYS D 369 -94.55 3.23 47.61
C LYS D 369 -96.01 2.86 47.80
N LEU D 370 -96.78 3.79 48.39
CA LEU D 370 -98.21 3.58 48.66
C LEU D 370 -99.06 3.26 47.44
N ALA D 371 -98.62 3.71 46.28
CA ALA D 371 -99.34 3.47 45.03
C ALA D 371 -98.68 2.31 44.27
N GLY D 372 -97.88 1.53 44.99
CA GLY D 372 -97.18 0.38 44.41
C GLY D 372 -96.61 0.65 43.04
N GLY D 373 -96.04 1.84 42.87
CA GLY D 373 -95.50 2.18 41.58
C GLY D 373 -94.23 3.01 41.61
N VAL D 374 -93.11 2.33 41.72
CA VAL D 374 -91.81 2.99 41.73
C VAL D 374 -90.87 2.36 40.71
N ALA D 375 -90.51 3.18 39.71
CA ALA D 375 -89.59 2.76 38.67
C ALA D 375 -88.21 3.36 38.96
N VAL D 376 -87.16 2.68 38.51
CA VAL D 376 -85.83 3.17 38.74
C VAL D 376 -84.89 2.86 37.59
N ILE D 377 -84.40 3.91 36.94
CA ILE D 377 -83.47 3.75 35.83
C ILE D 377 -82.05 3.86 36.39
N ARG D 378 -81.26 2.82 36.20
CA ARG D 378 -79.90 2.86 36.70
C ARG D 378 -78.96 3.08 35.51
N VAL D 379 -78.53 4.33 35.34
CA VAL D 379 -77.67 4.76 34.23
C VAL D 379 -76.25 4.23 34.25
N GLY D 380 -75.85 3.62 33.14
CA GLY D 380 -74.50 3.07 33.06
C GLY D 380 -73.66 3.86 32.07
N ALA D 381 -72.34 3.80 32.25
CA ALA D 381 -71.41 4.49 31.36
C ALA D 381 -70.01 3.96 31.59
N ALA D 382 -69.12 4.21 30.65
CA ALA D 382 -67.76 3.72 30.78
C ALA D 382 -66.89 4.56 31.70
N THR D 383 -67.21 5.85 31.77
CA THR D 383 -66.43 6.79 32.60
C THR D 383 -67.32 7.70 33.41
N GLU D 384 -66.73 8.23 34.48
CA GLU D 384 -67.47 9.11 35.38
C GLU D 384 -67.97 10.34 34.64
N THR D 385 -67.10 10.91 33.81
CA THR D 385 -67.47 12.11 33.08
C THR D 385 -68.60 11.87 32.11
N GLU D 386 -68.56 10.75 31.40
CA GLU D 386 -69.63 10.46 30.45
C GLU D 386 -70.93 10.22 31.25
N LEU D 387 -70.80 9.34 32.25
CA LEU D 387 -71.92 8.98 33.11
C LEU D 387 -72.66 10.16 33.69
N LYS D 388 -71.89 11.09 34.27
CA LYS D 388 -72.47 12.25 34.90
C LYS D 388 -73.36 13.06 33.97
N GLU D 389 -73.06 13.01 32.67
CA GLU D 389 -73.84 13.76 31.69
C GLU D 389 -75.01 12.92 31.20
N LYS D 390 -74.75 11.63 30.98
CA LYS D 390 -75.76 10.70 30.52
C LYS D 390 -76.88 10.73 31.56
N LYS D 391 -76.47 10.59 32.82
CA LYS D 391 -77.39 10.64 33.95
C LYS D 391 -78.20 11.92 33.89
N HIS D 392 -77.52 13.03 33.66
CA HIS D 392 -78.18 14.33 33.59
C HIS D 392 -79.23 14.39 32.49
N ARG D 393 -78.92 13.81 31.34
CA ARG D 393 -79.87 13.84 30.24
C ARG D 393 -81.20 13.19 30.64
N PHE D 394 -81.11 12.07 31.35
CA PHE D 394 -82.31 11.40 31.83
C PHE D 394 -83.10 12.37 32.67
N GLU D 395 -82.46 12.92 33.69
CA GLU D 395 -83.12 13.86 34.59
C GLU D 395 -83.85 14.96 33.85
N ASP D 396 -83.23 15.49 32.80
CA ASP D 396 -83.87 16.55 32.02
C ASP D 396 -85.09 15.98 31.34
N ALA D 397 -84.92 14.82 30.71
CA ALA D 397 -86.02 14.14 30.03
C ALA D 397 -87.22 14.04 30.97
N LEU D 398 -86.97 13.59 32.20
CA LEU D 398 -88.04 13.49 33.17
C LEU D 398 -88.70 14.83 33.41
N ASN D 399 -87.92 15.83 33.78
CA ASN D 399 -88.49 17.16 34.04
C ASN D 399 -89.37 17.60 32.89
N ALA D 400 -88.96 17.23 31.68
CA ALA D 400 -89.73 17.58 30.51
C ALA D 400 -91.07 16.86 30.57
N THR D 401 -91.01 15.52 30.65
CA THR D 401 -92.20 14.67 30.75
C THR D 401 -93.17 15.27 31.77
N ARG D 402 -92.69 15.46 32.99
CA ARG D 402 -93.51 16.05 34.05
C ARG D 402 -94.24 17.29 33.57
N ALA D 403 -93.48 18.22 32.98
CA ALA D 403 -94.07 19.46 32.50
C ALA D 403 -95.02 19.23 31.34
N ALA D 404 -94.73 18.21 30.54
CA ALA D 404 -95.55 17.90 29.38
C ALA D 404 -96.96 17.52 29.85
N VAL D 405 -97.00 16.64 30.84
CA VAL D 405 -98.26 16.19 31.41
C VAL D 405 -99.03 17.37 32.02
N GLU D 406 -98.34 18.24 32.72
CA GLU D 406 -98.99 19.38 33.34
C GLU D 406 -99.69 20.32 32.38
N GLU D 407 -98.90 21.03 31.55
CA GLU D 407 -99.46 22.03 30.63
C GLU D 407 -99.59 21.66 29.16
N GLY D 408 -99.17 20.45 28.81
CA GLY D 408 -99.32 20.09 27.42
C GLY D 408 -98.05 19.92 26.62
N ILE D 409 -98.24 19.92 25.31
CA ILE D 409 -97.13 19.72 24.41
C ILE D 409 -97.35 20.63 23.18
N VAL D 410 -96.26 21.16 22.63
CA VAL D 410 -96.32 22.03 21.44
C VAL D 410 -95.24 21.60 20.46
N PRO D 411 -95.34 22.06 19.21
CA PRO D 411 -94.31 21.69 18.21
C PRO D 411 -92.96 22.28 18.60
N GLY D 412 -91.91 21.47 18.43
CA GLY D 412 -90.56 21.89 18.79
C GLY D 412 -89.76 22.76 17.82
N GLY D 413 -88.43 22.67 17.93
CA GLY D 413 -87.53 23.45 17.09
C GLY D 413 -87.83 24.95 17.06
N GLY D 414 -88.37 25.49 18.15
CA GLY D 414 -88.69 26.90 18.16
C GLY D 414 -89.89 27.26 17.32
N VAL D 415 -90.40 26.28 16.56
CA VAL D 415 -91.54 26.49 15.67
C VAL D 415 -92.73 27.12 16.38
N THR D 416 -93.04 26.56 17.54
CA THR D 416 -94.15 27.08 18.28
C THR D 416 -93.97 28.58 18.55
N LEU D 417 -92.78 29.02 18.93
CA LEU D 417 -92.60 30.45 19.22
C LEU D 417 -92.67 31.31 17.95
N LEU D 418 -92.29 30.72 16.82
CA LEU D 418 -92.37 31.43 15.56
C LEU D 418 -93.84 31.68 15.26
N ARG D 419 -94.68 30.69 15.55
CA ARG D 419 -96.10 30.83 15.31
C ARG D 419 -96.70 31.91 16.20
N ALA D 420 -96.00 32.23 17.29
CA ALA D 420 -96.48 33.26 18.20
C ALA D 420 -96.37 34.65 17.58
N ILE D 421 -95.47 34.78 16.60
CA ILE D 421 -95.24 36.04 15.92
C ILE D 421 -96.50 36.67 15.35
N SER D 422 -97.23 35.90 14.55
CA SER D 422 -98.46 36.39 13.96
C SER D 422 -99.36 37.02 15.03
N ALA D 423 -99.30 36.49 16.24
CA ALA D 423 -100.11 37.00 17.34
C ALA D 423 -99.62 38.37 17.76
N VAL D 424 -98.30 38.48 17.89
CA VAL D 424 -97.71 39.75 18.28
C VAL D 424 -97.99 40.75 17.17
N GLU D 425 -97.90 40.26 15.94
CA GLU D 425 -98.15 41.07 14.75
C GLU D 425 -99.51 41.71 14.88
N GLU D 426 -100.54 40.89 15.10
CA GLU D 426 -101.89 41.38 15.24
C GLU D 426 -101.97 42.40 16.37
N LEU D 427 -101.24 42.14 17.44
CA LEU D 427 -101.21 43.03 18.58
C LEU D 427 -100.66 44.39 18.20
N ILE D 428 -99.57 44.37 17.44
CA ILE D 428 -98.90 45.59 16.99
C ILE D 428 -99.86 46.52 16.27
N LYS D 429 -100.70 45.95 15.42
CA LYS D 429 -101.69 46.72 14.67
C LYS D 429 -102.59 47.51 15.64
N LYS D 430 -102.64 47.06 16.89
CA LYS D 430 -103.49 47.75 17.86
C LYS D 430 -102.67 48.66 18.76
N LEU D 431 -101.35 48.63 18.59
CA LEU D 431 -100.42 49.44 19.38
C LEU D 431 -99.83 50.67 18.67
N GLU D 432 -99.34 51.62 19.46
CA GLU D 432 -98.73 52.84 18.93
C GLU D 432 -97.39 53.12 19.60
N GLY D 433 -96.83 54.29 19.26
CA GLY D 433 -95.55 54.72 19.82
C GLY D 433 -94.49 53.69 20.14
N ASP D 434 -93.75 53.95 21.21
CA ASP D 434 -92.69 53.05 21.63
C ASP D 434 -93.25 51.70 22.09
N GLU D 435 -94.48 51.74 22.57
CA GLU D 435 -95.15 50.53 23.03
C GLU D 435 -95.25 49.52 21.89
N ALA D 436 -95.51 50.02 20.69
CA ALA D 436 -95.57 49.16 19.50
C ALA D 436 -94.15 48.66 19.19
N THR D 437 -93.18 49.54 19.40
CA THR D 437 -91.78 49.18 19.17
C THR D 437 -91.49 48.01 20.09
N GLY D 438 -91.89 48.16 21.36
CA GLY D 438 -91.68 47.11 22.34
C GLY D 438 -92.17 45.78 21.81
N ALA D 439 -93.42 45.76 21.34
CA ALA D 439 -94.01 44.55 20.78
C ALA D 439 -93.11 44.00 19.69
N LYS D 440 -92.71 44.88 18.77
CA LYS D 440 -91.84 44.48 17.68
C LYS D 440 -90.57 43.78 18.18
N ILE D 441 -90.05 44.25 19.30
CA ILE D 441 -88.85 43.65 19.87
C ILE D 441 -89.09 42.17 20.11
N VAL D 442 -90.23 41.86 20.74
CA VAL D 442 -90.57 40.48 21.04
C VAL D 442 -90.71 39.76 19.72
N ARG D 443 -91.42 40.39 18.79
CA ARG D 443 -91.60 39.81 17.46
C ARG D 443 -90.31 39.27 16.87
N ARG D 444 -89.24 40.05 16.97
CA ARG D 444 -87.97 39.64 16.41
C ARG D 444 -87.39 38.54 17.27
N ALA D 445 -87.32 38.81 18.57
CA ALA D 445 -86.75 37.86 19.51
C ALA D 445 -87.25 36.43 19.28
N LEU D 446 -88.57 36.31 19.13
CA LEU D 446 -89.23 35.02 18.90
C LEU D 446 -88.55 34.14 17.87
N GLU D 447 -87.75 34.73 16.98
CA GLU D 447 -87.06 33.96 15.95
C GLU D 447 -85.74 33.37 16.43
N GLU D 448 -85.18 33.96 17.47
CA GLU D 448 -83.87 33.51 17.92
C GLU D 448 -83.69 32.03 18.12
N PRO D 449 -84.56 31.42 18.93
CA PRO D 449 -84.48 29.97 19.21
C PRO D 449 -84.44 29.16 17.91
N ALA D 450 -85.42 29.37 17.04
CA ALA D 450 -85.45 28.66 15.77
C ALA D 450 -84.11 28.85 15.03
N ARG D 451 -83.72 30.11 14.87
CA ARG D 451 -82.48 30.46 14.18
C ARG D 451 -81.27 29.72 14.70
N GLN D 452 -80.98 29.91 15.99
CA GLN D 452 -79.84 29.28 16.63
C GLN D 452 -79.82 27.78 16.49
N ILE D 453 -80.99 27.17 16.56
CA ILE D 453 -81.06 25.73 16.42
C ILE D 453 -80.50 25.39 15.05
N ALA D 454 -81.12 25.98 14.03
CA ALA D 454 -80.70 25.75 12.65
C ALA D 454 -79.23 26.11 12.49
N GLU D 455 -78.86 27.29 13.00
CA GLU D 455 -77.48 27.78 12.91
C GLU D 455 -76.49 26.74 13.42
N ASN D 456 -76.64 26.35 14.68
CA ASN D 456 -75.73 25.35 15.26
C ASN D 456 -75.74 24.04 14.45
N ALA D 457 -76.75 23.88 13.61
CA ALA D 457 -76.87 22.68 12.78
C ALA D 457 -76.10 22.82 11.47
N GLY D 458 -75.78 24.05 11.11
CA GLY D 458 -75.03 24.31 9.89
C GLY D 458 -75.94 24.89 8.81
N TYR D 459 -76.91 25.70 9.21
CA TYR D 459 -77.87 26.26 8.27
C TYR D 459 -78.07 27.73 8.51
N GLU D 460 -78.78 28.37 7.59
CA GLU D 460 -79.02 29.78 7.68
C GLU D 460 -80.23 30.15 8.48
N GLY D 461 -79.97 30.61 9.70
CA GLY D 461 -81.05 31.02 10.57
C GLY D 461 -82.17 31.73 9.84
N SER D 462 -81.88 32.90 9.28
CA SER D 462 -82.90 33.68 8.59
C SER D 462 -83.61 32.91 7.50
N VAL D 463 -82.84 32.16 6.70
CA VAL D 463 -83.42 31.38 5.61
C VAL D 463 -84.52 30.45 6.12
N ILE D 464 -84.12 29.49 6.94
CA ILE D 464 -85.03 28.51 7.50
C ILE D 464 -86.25 29.15 8.16
N VAL D 465 -86.02 30.14 9.02
CA VAL D 465 -87.11 30.84 9.69
C VAL D 465 -88.10 31.41 8.69
N GLN D 466 -87.61 31.81 7.52
CA GLN D 466 -88.50 32.34 6.50
C GLN D 466 -89.39 31.27 5.90
N GLN D 467 -88.81 30.14 5.53
CA GLN D 467 -89.60 29.07 4.93
C GLN D 467 -90.63 28.56 5.90
N ILE D 468 -90.31 28.57 7.19
CA ILE D 468 -91.23 28.12 8.21
C ILE D 468 -92.39 29.09 8.30
N LEU D 469 -92.08 30.35 8.51
CA LEU D 469 -93.09 31.38 8.60
C LEU D 469 -93.86 31.50 7.30
N ALA D 470 -93.29 30.93 6.24
CA ALA D 470 -93.89 30.95 4.91
C ALA D 470 -95.15 30.10 4.86
N GLU D 471 -94.98 28.78 5.00
CA GLU D 471 -96.13 27.90 4.95
C GLU D 471 -96.98 28.07 6.19
N THR D 472 -98.06 28.84 6.06
CA THR D 472 -98.96 29.15 7.16
C THR D 472 -100.30 28.40 7.13
N LYS D 473 -100.30 27.24 6.50
CA LYS D 473 -101.51 26.43 6.42
C LYS D 473 -101.56 25.63 7.71
N ASN D 474 -100.47 24.89 7.95
CA ASN D 474 -100.34 24.04 9.14
C ASN D 474 -99.24 24.51 10.09
N PRO D 475 -99.61 25.14 11.21
CA PRO D 475 -98.63 25.63 12.18
C PRO D 475 -97.60 24.59 12.62
N ARG D 476 -97.93 23.31 12.49
CA ARG D 476 -97.03 22.23 12.89
C ARG D 476 -95.87 22.11 11.92
N TYR D 477 -95.84 22.99 10.91
CA TYR D 477 -94.78 22.96 9.91
C TYR D 477 -93.49 23.58 10.47
N GLY D 478 -92.41 22.81 10.48
CA GLY D 478 -91.16 23.31 11.02
C GLY D 478 -89.93 22.65 10.42
N PHE D 479 -88.75 23.07 10.86
CA PHE D 479 -87.51 22.51 10.34
C PHE D 479 -86.92 21.48 11.28
N ASN D 480 -86.53 20.34 10.73
CA ASN D 480 -85.93 19.27 11.53
C ASN D 480 -84.44 19.44 11.41
N ALA D 481 -83.88 20.28 12.28
CA ALA D 481 -82.47 20.58 12.29
C ALA D 481 -81.57 19.35 12.33
N ALA D 482 -82.13 18.17 12.53
CA ALA D 482 -81.29 16.99 12.61
C ALA D 482 -81.16 16.23 11.32
N THR D 483 -82.20 16.28 10.49
CA THR D 483 -82.23 15.58 9.20
C THR D 483 -82.09 16.59 8.07
N GLY D 484 -82.37 17.84 8.38
CA GLY D 484 -82.26 18.88 7.38
C GLY D 484 -83.45 18.93 6.46
N GLU D 485 -84.62 18.64 7.00
CA GLU D 485 -85.82 18.66 6.18
C GLU D 485 -86.98 19.28 6.90
N PHE D 486 -87.78 20.04 6.16
CA PHE D 486 -88.97 20.65 6.75
C PHE D 486 -90.03 19.56 6.86
N VAL D 487 -90.70 19.53 8.01
CA VAL D 487 -91.69 18.51 8.28
C VAL D 487 -92.76 19.01 9.23
N ASP D 488 -93.70 18.12 9.55
CA ASP D 488 -94.74 18.47 10.51
C ASP D 488 -94.04 18.11 11.81
N MET D 489 -93.72 19.14 12.58
CA MET D 489 -93.00 18.92 13.82
C MET D 489 -93.63 17.88 14.73
N VAL D 490 -94.95 17.98 14.93
CA VAL D 490 -95.66 17.03 15.79
C VAL D 490 -95.59 15.62 15.22
N GLU D 491 -96.00 15.46 13.97
CA GLU D 491 -95.95 14.16 13.34
C GLU D 491 -94.52 13.59 13.32
N ALA D 492 -93.52 14.47 13.29
CA ALA D 492 -92.13 14.04 13.25
C ALA D 492 -91.65 13.63 14.63
N GLY D 493 -92.43 14.01 15.65
CA GLY D 493 -92.08 13.67 17.03
C GLY D 493 -91.16 14.70 17.66
N ILE D 494 -91.13 15.89 17.08
CA ILE D 494 -90.29 16.96 17.58
C ILE D 494 -91.19 17.92 18.34
N VAL D 495 -91.45 17.59 19.59
CA VAL D 495 -92.32 18.39 20.43
C VAL D 495 -91.69 18.86 21.73
N ASP D 496 -92.24 19.92 22.29
CA ASP D 496 -91.73 20.49 23.53
C ASP D 496 -92.83 20.78 24.54
N PRO D 497 -92.52 20.58 25.83
CA PRO D 497 -93.53 20.86 26.86
C PRO D 497 -93.92 22.32 26.84
N ALA D 498 -95.16 22.59 26.45
CA ALA D 498 -95.66 23.95 26.39
C ALA D 498 -95.28 24.73 27.63
N LYS D 499 -95.08 24.04 28.75
CA LYS D 499 -94.72 24.71 29.98
C LYS D 499 -93.35 25.38 29.86
N VAL D 500 -92.34 24.63 29.43
CA VAL D 500 -91.00 25.20 29.28
C VAL D 500 -91.01 26.42 28.35
N THR D 501 -91.56 26.25 27.15
CA THR D 501 -91.64 27.34 26.21
C THR D 501 -92.19 28.58 26.91
N ARG D 502 -93.43 28.51 27.40
CA ARG D 502 -94.02 29.66 28.08
C ARG D 502 -93.08 30.25 29.15
N SER D 503 -92.47 29.38 29.96
CA SER D 503 -91.57 29.83 31.02
C SER D 503 -90.38 30.58 30.46
N ALA D 504 -89.59 29.89 29.63
CA ALA D 504 -88.40 30.48 29.01
C ALA D 504 -88.66 31.90 28.53
N LEU D 505 -89.67 32.07 27.68
CA LEU D 505 -90.03 33.40 27.19
C LEU D 505 -90.40 34.37 28.29
N GLN D 506 -91.24 33.96 29.23
CA GLN D 506 -91.64 34.89 30.30
C GLN D 506 -90.47 35.32 31.16
N ASN D 507 -89.54 34.41 31.38
CA ASN D 507 -88.38 34.73 32.18
C ASN D 507 -87.41 35.62 31.41
N ALA D 508 -87.19 35.27 30.16
CA ALA D 508 -86.31 36.05 29.30
C ALA D 508 -86.81 37.47 29.27
N ALA D 509 -88.06 37.63 28.85
CA ALA D 509 -88.66 38.96 28.76
C ALA D 509 -88.76 39.72 30.09
N SER D 510 -88.65 39.00 31.20
CA SER D 510 -88.77 39.64 32.52
C SER D 510 -87.50 40.43 32.81
N ILE D 511 -86.36 39.76 32.69
CA ILE D 511 -85.07 40.39 32.91
C ILE D 511 -84.76 41.35 31.76
N GLY D 512 -84.98 40.89 30.53
CA GLY D 512 -84.71 41.72 29.37
C GLY D 512 -85.28 43.12 29.47
N ALA D 513 -86.60 43.22 29.60
CA ALA D 513 -87.24 44.51 29.69
C ALA D 513 -86.61 45.36 30.79
N LEU D 514 -86.28 44.72 31.92
CA LEU D 514 -85.68 45.46 33.04
C LEU D 514 -84.43 46.21 32.58
N ILE D 515 -83.51 45.47 31.97
CA ILE D 515 -82.28 46.03 31.45
C ILE D 515 -82.50 47.30 30.62
N LEU D 516 -83.38 47.23 29.63
CA LEU D 516 -83.69 48.38 28.78
C LEU D 516 -84.08 49.63 29.61
N THR D 517 -84.33 49.47 30.90
CA THR D 517 -84.71 50.64 31.69
C THR D 517 -83.55 51.20 32.49
N THR D 518 -82.36 50.63 32.28
CA THR D 518 -81.17 51.08 32.96
C THR D 518 -80.77 52.46 32.45
N GLU D 519 -80.37 53.33 33.36
CA GLU D 519 -79.93 54.68 33.00
C GLU D 519 -78.75 55.01 33.87
N ALA D 520 -78.42 54.09 34.77
CA ALA D 520 -77.30 54.27 35.67
C ALA D 520 -76.94 52.93 36.26
N VAL D 521 -75.74 52.84 36.81
CA VAL D 521 -75.28 51.62 37.44
C VAL D 521 -74.29 52.04 38.51
N VAL D 522 -74.37 51.43 39.68
CA VAL D 522 -73.46 51.76 40.76
C VAL D 522 -72.72 50.49 41.08
N ALA D 523 -71.49 50.38 40.62
CA ALA D 523 -70.70 49.19 40.85
C ALA D 523 -69.46 49.49 41.67
N GLU D 524 -68.69 48.45 41.95
CA GLU D 524 -67.45 48.56 42.70
C GLU D 524 -66.35 49.11 41.80
N LYS D 525 -65.66 50.15 42.28
CA LYS D 525 -64.58 50.75 41.53
C LYS D 525 -63.54 49.65 41.32
N PRO D 526 -63.15 49.41 40.06
CA PRO D 526 -62.18 48.37 39.72
C PRO D 526 -61.02 48.29 40.68
N GLU D 527 -60.65 47.07 41.04
CA GLU D 527 -59.56 46.82 41.95
C GLU D 527 -58.42 47.80 41.68
N ALA E 2 -52.70 62.63 60.16
CA ALA E 2 -53.73 61.75 59.53
C ALA E 2 -54.83 62.60 58.99
N LYS E 3 -54.96 63.81 59.52
CA LYS E 3 -56.01 64.74 59.08
C LYS E 3 -55.51 65.74 58.05
N ILE E 4 -56.46 66.39 57.41
CA ILE E 4 -56.20 67.38 56.36
C ILE E 4 -57.21 68.50 56.59
N LEU E 5 -56.76 69.74 56.63
CA LEU E 5 -57.68 70.82 56.89
C LEU E 5 -57.95 71.66 55.66
N VAL E 6 -59.16 71.52 55.13
CA VAL E 6 -59.54 72.27 53.96
C VAL E 6 -60.44 73.44 54.33
N PHE E 7 -60.20 74.61 53.73
CA PHE E 7 -60.99 75.79 54.06
C PHE E 7 -61.74 76.37 52.89
N ASP E 8 -62.42 77.47 53.17
CA ASP E 8 -63.21 78.20 52.20
C ASP E 8 -63.78 77.42 51.00
N GLU E 9 -63.84 78.11 49.87
CA GLU E 9 -64.38 77.54 48.64
C GLU E 9 -63.81 76.15 48.33
N ALA E 10 -62.55 75.94 48.65
CA ALA E 10 -61.96 74.64 48.35
C ALA E 10 -62.85 73.58 48.98
N ALA E 11 -63.19 73.82 50.24
CA ALA E 11 -64.02 72.91 51.01
C ALA E 11 -65.44 72.81 50.45
N ARG E 12 -66.12 73.96 50.33
CA ARG E 12 -67.47 73.93 49.80
C ARG E 12 -67.55 73.23 48.43
N ARG E 13 -66.62 73.51 47.53
CA ARG E 13 -66.66 72.87 46.20
C ARG E 13 -66.59 71.36 46.32
N ALA E 14 -65.64 70.86 47.10
CA ALA E 14 -65.48 69.42 47.27
C ALA E 14 -66.79 68.81 47.78
N LEU E 15 -67.36 69.40 48.83
CA LEU E 15 -68.61 68.91 49.39
C LEU E 15 -69.63 68.88 48.26
N GLU E 16 -69.85 70.02 47.63
CA GLU E 16 -70.80 70.12 46.53
C GLU E 16 -70.56 69.03 45.47
N ARG E 17 -69.32 68.70 45.19
CA ARG E 17 -69.07 67.69 44.19
C ARG E 17 -69.73 66.40 44.66
N GLY E 18 -69.55 66.08 45.94
CA GLY E 18 -70.14 64.86 46.47
C GLY E 18 -71.65 64.92 46.42
N VAL E 19 -72.19 66.03 46.91
CA VAL E 19 -73.64 66.20 46.89
C VAL E 19 -74.17 65.88 45.49
N ASN E 20 -73.60 66.53 44.48
CA ASN E 20 -74.04 66.33 43.11
C ASN E 20 -73.83 64.89 42.63
N ALA E 21 -72.75 64.26 43.06
CA ALA E 21 -72.45 62.89 42.65
C ALA E 21 -73.65 62.01 42.92
N VAL E 22 -74.11 62.05 44.16
CA VAL E 22 -75.25 61.26 44.59
C VAL E 22 -76.53 61.74 43.91
N ALA E 23 -76.84 63.01 44.09
CA ALA E 23 -78.05 63.57 43.52
C ALA E 23 -78.27 63.26 42.06
N ASN E 24 -77.22 63.23 41.26
CA ASN E 24 -77.41 62.97 39.84
C ASN E 24 -77.64 61.50 39.52
N ALA E 25 -77.21 60.62 40.42
CA ALA E 25 -77.45 59.20 40.20
C ALA E 25 -78.93 58.97 40.58
N VAL E 26 -79.38 59.69 41.60
CA VAL E 26 -80.74 59.58 42.07
C VAL E 26 -81.80 60.16 41.12
N LYS E 27 -81.75 61.46 40.90
CA LYS E 27 -82.73 62.14 40.06
C LYS E 27 -83.10 61.42 38.75
N VAL E 28 -82.26 60.50 38.31
CA VAL E 28 -82.53 59.77 37.08
C VAL E 28 -83.86 59.01 37.18
N THR E 29 -84.34 58.78 38.40
CA THR E 29 -85.56 58.04 38.67
C THR E 29 -86.84 58.91 38.79
N LEU E 30 -86.69 60.11 39.34
CA LEU E 30 -87.80 61.03 39.53
C LEU E 30 -88.86 61.08 38.43
N GLY E 31 -90.12 61.06 38.85
CA GLY E 31 -91.25 61.12 37.92
C GLY E 31 -91.72 59.83 37.26
N PRO E 32 -92.78 59.95 36.45
CA PRO E 32 -93.39 58.82 35.70
C PRO E 32 -92.50 58.32 34.61
N ARG E 33 -91.75 59.23 33.98
CA ARG E 33 -90.87 58.79 32.90
C ARG E 33 -89.48 58.42 33.45
N GLY E 34 -89.30 58.59 34.75
CA GLY E 34 -88.05 58.23 35.39
C GLY E 34 -87.58 56.83 35.00
N ARG E 35 -86.30 56.57 35.10
CA ARG E 35 -85.78 55.28 34.71
C ARG E 35 -85.13 54.62 35.91
N ASN E 36 -84.56 53.44 35.69
CA ASN E 36 -83.98 52.71 36.80
C ASN E 36 -82.49 52.73 36.90
N VAL E 37 -82.03 52.59 38.14
CA VAL E 37 -80.62 52.54 38.46
C VAL E 37 -80.32 51.08 38.75
N VAL E 38 -79.12 50.62 38.43
CA VAL E 38 -78.76 49.24 38.66
C VAL E 38 -77.68 49.18 39.71
N LEU E 39 -78.01 48.66 40.89
CA LEU E 39 -77.05 48.60 41.98
C LEU E 39 -76.41 47.22 42.10
N GLU E 40 -75.09 47.16 41.96
CA GLU E 40 -74.40 45.90 42.05
C GLU E 40 -74.45 45.34 43.45
N LYS E 41 -74.70 44.03 43.53
CA LYS E 41 -74.77 43.35 44.81
C LYS E 41 -73.60 42.40 44.92
N LYS E 42 -73.10 42.26 46.13
CA LYS E 42 -71.95 41.42 46.41
C LYS E 42 -71.98 40.03 45.84
N PHE E 43 -73.13 39.35 45.85
CA PHE E 43 -73.16 37.99 45.32
C PHE E 43 -74.13 37.64 44.21
N GLY E 44 -75.43 37.86 44.46
CA GLY E 44 -76.40 37.52 43.44
C GLY E 44 -76.47 38.47 42.26
N SER E 45 -77.63 38.53 41.63
CA SER E 45 -77.83 39.43 40.51
C SER E 45 -77.96 40.80 41.20
N PRO E 46 -77.94 41.88 40.40
CA PRO E 46 -78.05 43.18 41.04
C PRO E 46 -79.48 43.55 41.41
N THR E 47 -79.63 44.76 41.88
CA THR E 47 -80.89 45.33 42.28
C THR E 47 -81.23 46.36 41.22
N ILE E 48 -82.43 46.28 40.66
CA ILE E 48 -82.83 47.27 39.68
C ILE E 48 -84.00 48.03 40.26
N THR E 49 -83.71 49.22 40.76
CA THR E 49 -84.71 50.06 41.42
C THR E 49 -85.04 51.36 40.69
N LYS E 50 -85.94 52.11 41.33
CA LYS E 50 -86.38 53.41 40.87
C LYS E 50 -86.57 54.21 42.16
N ASP E 51 -86.06 53.63 43.24
CA ASP E 51 -86.19 54.22 44.56
C ASP E 51 -84.99 55.04 44.97
N GLY E 52 -85.25 56.30 45.33
CA GLY E 52 -84.20 57.20 45.76
C GLY E 52 -83.25 56.63 46.81
N VAL E 53 -83.66 56.64 48.08
CA VAL E 53 -82.82 56.15 49.16
C VAL E 53 -82.07 54.89 48.86
N THR E 54 -82.70 53.96 48.13
CA THR E 54 -82.02 52.71 47.83
C THR E 54 -80.76 52.98 47.03
N VAL E 55 -80.87 53.82 46.02
CA VAL E 55 -79.71 54.17 45.21
C VAL E 55 -78.75 54.99 46.07
N ALA E 56 -79.26 56.12 46.58
CA ALA E 56 -78.45 57.01 47.41
C ALA E 56 -77.58 56.26 48.41
N LYS E 57 -78.16 55.28 49.10
CA LYS E 57 -77.41 54.55 50.10
C LYS E 57 -76.26 53.74 49.58
N GLU E 58 -76.31 53.37 48.31
CA GLU E 58 -75.24 52.56 47.72
C GLU E 58 -74.02 53.37 47.28
N VAL E 59 -74.22 54.68 47.12
CA VAL E 59 -73.15 55.57 46.68
C VAL E 59 -72.10 55.86 47.72
N GLU E 60 -70.86 55.51 47.39
CA GLU E 60 -69.71 55.73 48.27
C GLU E 60 -68.58 56.29 47.40
N LEU E 61 -68.19 57.53 47.65
CA LEU E 61 -67.13 58.18 46.87
C LEU E 61 -65.73 57.94 47.44
N GLU E 62 -64.74 57.85 46.55
CA GLU E 62 -63.36 57.60 46.94
C GLU E 62 -62.71 58.78 47.66
N ASP E 63 -63.02 60.00 47.24
CA ASP E 63 -62.43 61.17 47.86
C ASP E 63 -63.12 61.55 49.14
N HIS E 64 -62.39 61.49 50.24
CA HIS E 64 -62.94 61.86 51.54
C HIS E 64 -63.86 63.08 51.56
N LEU E 65 -63.40 64.27 51.17
CA LEU E 65 -64.29 65.43 51.22
C LEU E 65 -65.53 65.28 50.35
N GLU E 66 -65.36 64.78 49.13
CA GLU E 66 -66.51 64.62 48.24
C GLU E 66 -67.52 63.64 48.85
N ASN E 67 -66.99 62.62 49.51
CA ASN E 67 -67.81 61.59 50.13
C ASN E 67 -68.63 62.15 51.27
N ILE E 68 -68.03 63.02 52.07
CA ILE E 68 -68.72 63.67 53.18
C ILE E 68 -69.96 64.34 52.61
N GLY E 69 -69.83 64.92 51.44
CA GLY E 69 -70.97 65.58 50.82
C GLY E 69 -71.98 64.52 50.42
N ALA E 70 -71.50 63.44 49.85
CA ALA E 70 -72.38 62.36 49.42
C ALA E 70 -73.22 61.88 50.60
N GLN E 71 -72.59 61.75 51.78
CA GLN E 71 -73.29 61.29 52.97
C GLN E 71 -74.39 62.28 53.37
N LEU E 72 -74.00 63.52 53.63
CA LEU E 72 -74.97 64.55 53.99
C LEU E 72 -76.22 64.50 53.11
N LEU E 73 -76.04 64.21 51.83
CA LEU E 73 -77.20 64.14 50.94
C LEU E 73 -78.00 62.86 51.23
N LYS E 74 -77.30 61.74 51.40
CA LYS E 74 -77.96 60.47 51.72
C LYS E 74 -78.86 60.67 52.93
N GLU E 75 -78.37 61.38 53.93
CA GLU E 75 -79.16 61.62 55.11
C GLU E 75 -80.48 62.26 54.71
N VAL E 76 -80.43 63.26 53.83
CA VAL E 76 -81.66 63.90 53.44
C VAL E 76 -82.61 62.86 52.88
N ALA E 77 -82.05 61.94 52.11
CA ALA E 77 -82.85 60.89 51.50
C ALA E 77 -83.50 59.96 52.53
N SER E 78 -82.68 59.35 53.37
CA SER E 78 -83.18 58.42 54.36
C SER E 78 -84.15 59.01 55.39
N LYS E 79 -83.75 60.07 56.08
CA LYS E 79 -84.62 60.69 57.07
C LYS E 79 -85.99 60.99 56.47
N THR E 80 -86.04 61.13 55.15
CA THR E 80 -87.32 61.40 54.47
C THR E 80 -88.04 60.07 54.30
N ASN E 81 -87.27 59.01 54.11
CA ASN E 81 -87.82 57.67 53.94
C ASN E 81 -88.36 57.21 55.30
N ASP E 82 -87.70 57.64 56.37
CA ASP E 82 -88.10 57.28 57.71
C ASP E 82 -89.40 57.97 58.11
N VAL E 83 -89.49 59.25 57.81
CA VAL E 83 -90.65 60.04 58.16
C VAL E 83 -91.85 59.88 57.22
N ALA E 84 -91.64 59.32 56.03
CA ALA E 84 -92.76 59.19 55.11
C ALA E 84 -92.73 57.98 54.20
N GLY E 85 -91.60 57.30 54.11
CA GLY E 85 -91.50 56.13 53.25
C GLY E 85 -91.56 56.37 51.75
N ASP E 86 -91.83 57.61 51.35
CA ASP E 86 -91.91 57.97 49.93
C ASP E 86 -91.44 59.42 49.77
N GLY E 87 -91.08 59.81 48.55
CA GLY E 87 -90.62 61.16 48.29
C GLY E 87 -89.13 61.38 48.52
N THR E 88 -88.34 60.30 48.55
CA THR E 88 -86.92 60.43 48.77
C THR E 88 -86.21 61.18 47.63
N THR E 89 -86.53 60.81 46.40
CA THR E 89 -85.92 61.45 45.24
C THR E 89 -86.21 62.95 45.29
N THR E 90 -87.47 63.31 45.48
CA THR E 90 -87.83 64.71 45.56
C THR E 90 -87.04 65.46 46.61
N ALA E 91 -86.74 64.82 47.73
CA ALA E 91 -86.01 65.48 48.78
C ALA E 91 -84.55 65.71 48.35
N THR E 92 -84.00 64.75 47.62
CA THR E 92 -82.62 64.83 47.12
C THR E 92 -82.49 66.05 46.19
N VAL E 93 -83.31 66.07 45.15
CA VAL E 93 -83.31 67.16 44.19
C VAL E 93 -83.38 68.51 44.89
N LEU E 94 -84.37 68.69 45.75
CA LEU E 94 -84.53 69.96 46.46
C LEU E 94 -83.27 70.32 47.27
N ALA E 95 -82.54 69.30 47.74
CA ALA E 95 -81.32 69.54 48.51
C ALA E 95 -80.26 70.07 47.57
N GLN E 96 -80.03 69.34 46.48
CA GLN E 96 -79.05 69.74 45.48
C GLN E 96 -79.29 71.19 45.10
N ALA E 97 -80.52 71.48 44.70
CA ALA E 97 -80.92 72.83 44.28
C ALA E 97 -80.51 73.84 45.33
N ILE E 98 -80.93 73.62 46.56
CA ILE E 98 -80.62 74.54 47.63
C ILE E 98 -79.13 74.69 47.82
N VAL E 99 -78.40 73.59 47.66
CA VAL E 99 -76.95 73.65 47.84
C VAL E 99 -76.24 74.48 46.79
N ARG E 100 -76.60 74.31 45.52
CA ARG E 100 -75.92 75.07 44.49
C ARG E 100 -76.28 76.55 44.56
N GLU E 101 -77.55 76.86 44.39
CA GLU E 101 -77.99 78.24 44.39
C GLU E 101 -77.51 78.93 45.67
N GLY E 102 -77.32 78.15 46.72
CA GLY E 102 -76.87 78.72 47.98
C GLY E 102 -75.37 78.93 48.00
N LEU E 103 -74.62 77.90 47.63
CA LEU E 103 -73.17 77.96 47.60
C LEU E 103 -72.69 79.10 46.66
N LYS E 104 -73.46 79.37 45.63
CA LYS E 104 -73.14 80.43 44.69
C LYS E 104 -73.17 81.73 45.47
N ASN E 105 -74.30 82.00 46.12
CA ASN E 105 -74.47 83.21 46.93
C ASN E 105 -73.42 83.34 48.03
N VAL E 106 -72.87 82.23 48.51
CA VAL E 106 -71.86 82.30 49.56
C VAL E 106 -70.58 82.82 48.94
N ALA E 107 -70.28 82.32 47.75
CA ALA E 107 -69.10 82.73 47.00
C ALA E 107 -69.23 84.23 46.67
N ALA E 108 -70.45 84.68 46.42
CA ALA E 108 -70.69 86.10 46.15
C ALA E 108 -70.58 86.94 47.44
N GLY E 109 -70.17 86.30 48.54
CA GLY E 109 -70.01 87.01 49.80
C GLY E 109 -71.16 87.04 50.79
N ALA E 110 -72.25 86.35 50.49
CA ALA E 110 -73.41 86.34 51.40
C ALA E 110 -73.07 85.68 52.74
N ASN E 111 -73.67 86.19 53.81
CA ASN E 111 -73.47 85.61 55.14
C ASN E 111 -74.33 84.35 55.21
N PRO E 112 -73.70 83.17 55.29
CA PRO E 112 -74.45 81.91 55.37
C PRO E 112 -75.45 81.83 56.50
N LEU E 113 -75.10 82.37 57.67
CA LEU E 113 -76.02 82.33 58.80
C LEU E 113 -77.35 82.98 58.43
N ALA E 114 -77.28 84.17 57.84
CA ALA E 114 -78.49 84.87 57.42
C ALA E 114 -79.21 84.08 56.31
N LEU E 115 -78.43 83.49 55.43
CA LEU E 115 -79.00 82.70 54.35
C LEU E 115 -79.87 81.60 54.95
N LYS E 116 -79.40 81.01 56.05
CA LYS E 116 -80.10 79.93 56.76
C LYS E 116 -81.43 80.47 57.28
N ARG E 117 -81.37 81.53 58.06
CA ARG E 117 -82.56 82.14 58.61
C ARG E 117 -83.61 82.34 57.54
N GLY E 118 -83.18 82.90 56.41
CA GLY E 118 -84.09 83.13 55.30
C GLY E 118 -84.65 81.85 54.72
N ILE E 119 -83.81 80.82 54.62
CA ILE E 119 -84.23 79.54 54.08
C ILE E 119 -85.27 78.99 55.00
N GLU E 120 -84.98 79.02 56.30
CA GLU E 120 -85.90 78.53 57.32
C GLU E 120 -87.26 79.22 57.22
N LYS E 121 -87.27 80.55 57.26
CA LYS E 121 -88.51 81.31 57.15
C LYS E 121 -89.24 80.96 55.86
N ALA E 122 -88.49 80.90 54.76
CA ALA E 122 -89.05 80.56 53.46
C ALA E 122 -89.75 79.20 53.50
N VAL E 123 -89.08 78.20 54.06
CA VAL E 123 -89.65 76.86 54.18
C VAL E 123 -90.95 76.90 54.98
N GLU E 124 -90.94 77.59 56.11
CA GLU E 124 -92.13 77.71 56.95
C GLU E 124 -93.29 78.17 56.09
N ALA E 125 -93.14 79.33 55.49
CA ALA E 125 -94.17 79.87 54.62
C ALA E 125 -94.59 78.80 53.59
N ALA E 126 -93.60 78.08 53.05
CA ALA E 126 -93.88 77.06 52.05
C ALA E 126 -94.72 75.94 52.62
N VAL E 127 -94.31 75.44 53.77
CA VAL E 127 -95.05 74.35 54.42
C VAL E 127 -96.49 74.77 54.69
N GLU E 128 -96.65 75.95 55.24
CA GLU E 128 -97.97 76.48 55.53
C GLU E 128 -98.87 76.45 54.30
N LYS E 129 -98.29 76.75 53.14
CA LYS E 129 -99.04 76.74 51.90
C LYS E 129 -99.37 75.33 51.46
N ILE E 130 -98.51 74.38 51.82
CA ILE E 130 -98.75 72.97 51.47
C ILE E 130 -100.02 72.51 52.21
N LYS E 131 -100.04 72.80 53.50
CA LYS E 131 -101.17 72.47 54.34
C LYS E 131 -102.41 73.12 53.73
N ALA E 132 -102.36 74.44 53.59
CA ALA E 132 -103.44 75.19 53.01
C ALA E 132 -104.09 74.56 51.77
N LEU E 133 -103.32 73.79 51.00
CA LEU E 133 -103.86 73.18 49.79
C LEU E 133 -104.20 71.71 49.98
N ALA E 134 -103.95 71.20 51.18
CA ALA E 134 -104.22 69.79 51.46
C ALA E 134 -105.71 69.47 51.46
N ILE E 135 -106.04 68.33 50.88
CA ILE E 135 -107.40 67.87 50.83
C ILE E 135 -107.46 66.53 51.47
N PRO E 136 -108.46 66.31 52.35
CA PRO E 136 -108.64 65.03 53.08
C PRO E 136 -109.03 63.88 52.16
N VAL E 137 -108.46 62.72 52.41
CA VAL E 137 -108.78 61.53 51.61
C VAL E 137 -110.13 61.05 52.15
N GLU E 138 -111.10 60.85 51.26
CA GLU E 138 -112.42 60.42 51.73
C GLU E 138 -113.08 59.32 50.95
N ASP E 139 -112.35 58.61 50.10
CA ASP E 139 -112.97 57.54 49.34
C ASP E 139 -112.03 56.64 48.59
N ARG E 140 -112.59 55.54 48.11
CA ARG E 140 -111.84 54.52 47.39
C ARG E 140 -111.02 55.10 46.22
N LYS E 141 -111.58 56.09 45.51
CA LYS E 141 -110.89 56.71 44.39
C LYS E 141 -109.65 57.48 44.89
N ALA E 142 -109.86 58.48 45.72
CA ALA E 142 -108.78 59.26 46.28
C ALA E 142 -107.59 58.37 46.63
N ILE E 143 -107.85 57.23 47.22
CA ILE E 143 -106.77 56.33 47.61
C ILE E 143 -106.18 55.61 46.41
N GLU E 144 -107.04 55.13 45.51
CA GLU E 144 -106.53 54.43 44.34
C GLU E 144 -105.56 55.36 43.60
N GLU E 145 -105.86 56.65 43.56
CA GLU E 145 -104.99 57.60 42.88
C GLU E 145 -103.64 57.63 43.60
N VAL E 146 -103.61 58.21 44.80
CA VAL E 146 -102.38 58.27 45.59
C VAL E 146 -101.46 57.04 45.40
N ALA E 147 -102.04 55.85 45.48
CA ALA E 147 -101.27 54.62 45.33
C ALA E 147 -100.82 54.40 43.89
N THR E 148 -101.70 54.65 42.92
CA THR E 148 -101.34 54.43 41.52
C THR E 148 -100.11 55.27 41.17
N ILE E 149 -100.12 56.51 41.65
CA ILE E 149 -98.99 57.40 41.41
C ILE E 149 -97.73 56.90 42.14
N SER E 150 -97.75 56.91 43.47
CA SER E 150 -96.57 56.46 44.23
C SER E 150 -95.93 55.18 43.70
N ALA E 151 -96.73 54.30 43.11
CA ALA E 151 -96.19 53.03 42.59
C ALA E 151 -96.01 53.12 41.08
N ASN E 152 -96.58 54.16 40.48
CA ASN E 152 -96.47 54.37 39.05
C ASN E 152 -97.00 53.12 38.33
N ASP E 153 -98.19 52.70 38.75
CA ASP E 153 -98.87 51.51 38.20
C ASP E 153 -100.31 51.52 38.63
N PRO E 154 -101.25 51.45 37.67
CA PRO E 154 -102.67 51.45 38.01
C PRO E 154 -103.07 50.22 38.82
N GLU E 155 -102.62 49.06 38.35
CA GLU E 155 -102.93 47.81 39.04
C GLU E 155 -102.60 47.89 40.52
N VAL E 156 -101.37 48.26 40.82
CA VAL E 156 -100.98 48.36 42.21
C VAL E 156 -101.89 49.31 42.98
N GLY E 157 -102.26 50.42 42.37
CA GLY E 157 -103.10 51.37 43.04
C GLY E 157 -104.50 50.83 43.23
N LYS E 158 -104.86 49.85 42.42
CA LYS E 158 -106.17 49.24 42.53
C LYS E 158 -106.19 48.36 43.77
N LEU E 159 -105.40 47.28 43.77
CA LEU E 159 -105.37 46.39 44.93
C LEU E 159 -105.24 47.12 46.26
N ILE E 160 -104.35 48.12 46.32
CA ILE E 160 -104.18 48.89 47.56
C ILE E 160 -105.51 49.54 47.92
N ALA E 161 -106.24 50.01 46.91
CA ALA E 161 -107.54 50.66 47.16
C ALA E 161 -108.56 49.60 47.58
N ASP E 162 -108.62 48.51 46.83
CA ASP E 162 -109.53 47.44 47.15
C ASP E 162 -109.32 47.02 48.60
N ALA E 163 -108.12 46.56 48.91
CA ALA E 163 -107.80 46.14 50.28
C ALA E 163 -108.11 47.23 51.30
N MET E 164 -107.49 48.40 51.14
CA MET E 164 -107.72 49.51 52.06
C MET E 164 -109.21 49.70 52.36
N GLU E 165 -110.03 49.60 51.33
CA GLU E 165 -111.47 49.78 51.46
C GLU E 165 -112.11 48.73 52.36
N LYS E 166 -111.86 47.47 52.02
CA LYS E 166 -112.42 46.35 52.75
C LYS E 166 -111.63 45.97 54.00
N VAL E 167 -111.05 46.96 54.68
CA VAL E 167 -110.29 46.73 55.91
C VAL E 167 -110.28 48.02 56.72
N GLY E 168 -110.89 49.07 56.15
CA GLY E 168 -110.96 50.35 56.82
C GLY E 168 -109.60 51.03 56.92
N LYS E 169 -109.61 52.34 57.06
CA LYS E 169 -108.36 53.09 57.17
C LYS E 169 -107.53 52.71 58.39
N GLU E 170 -108.17 52.10 59.38
CA GLU E 170 -107.46 51.68 60.58
C GLU E 170 -107.05 50.24 60.42
N GLY E 171 -107.28 49.71 59.23
CA GLY E 171 -106.95 48.33 58.95
C GLY E 171 -105.47 48.03 58.85
N ILE E 172 -105.15 46.87 58.31
CA ILE E 172 -103.77 46.45 58.14
C ILE E 172 -103.55 45.70 56.84
N ILE E 173 -102.64 46.22 56.02
CA ILE E 173 -102.31 45.58 54.76
C ILE E 173 -100.89 45.04 54.82
N THR E 174 -100.64 43.94 54.14
CA THR E 174 -99.34 43.33 54.18
C THR E 174 -98.88 42.89 52.81
N VAL E 175 -97.57 43.00 52.56
CA VAL E 175 -97.04 42.59 51.28
C VAL E 175 -96.22 41.33 51.43
N GLU E 176 -96.61 40.31 50.68
CA GLU E 176 -95.93 39.05 50.74
C GLU E 176 -95.56 38.56 49.36
N GLU E 177 -94.61 37.63 49.35
CA GLU E 177 -94.08 37.05 48.14
C GLU E 177 -94.89 35.86 47.62
N SER E 178 -95.86 36.12 46.75
CA SER E 178 -96.68 35.05 46.16
C SER E 178 -95.75 34.00 45.53
N LYS E 179 -96.32 32.98 44.91
CA LYS E 179 -95.51 31.95 44.27
C LYS E 179 -95.80 31.85 42.78
N SER E 180 -96.99 32.27 42.39
CA SER E 180 -97.40 32.26 40.99
C SER E 180 -96.85 33.51 40.32
N LEU E 181 -97.00 33.61 39.01
CA LEU E 181 -96.54 34.78 38.29
C LEU E 181 -97.48 35.93 38.59
N GLU E 182 -98.67 35.60 39.08
CA GLU E 182 -99.63 36.64 39.37
C GLU E 182 -99.75 37.02 40.84
N THR E 183 -100.07 38.29 41.04
CA THR E 183 -100.24 38.88 42.36
C THR E 183 -101.67 38.69 42.79
N GLU E 184 -101.88 38.39 44.06
CA GLU E 184 -103.22 38.17 44.58
C GLU E 184 -103.50 38.94 45.87
N LEU E 185 -104.72 39.46 45.98
CA LEU E 185 -105.17 40.17 47.18
C LEU E 185 -106.06 39.21 47.97
N LYS E 186 -105.74 38.98 49.24
CA LYS E 186 -106.53 38.08 50.04
C LYS E 186 -106.75 38.59 51.46
N PHE E 187 -107.96 38.39 51.99
CA PHE E 187 -108.27 38.84 53.34
C PHE E 187 -108.23 37.68 54.34
N VAL E 188 -107.97 38.02 55.60
CA VAL E 188 -107.89 37.03 56.67
C VAL E 188 -109.00 37.21 57.68
N GLU E 189 -109.33 36.14 58.39
CA GLU E 189 -110.40 36.20 59.39
C GLU E 189 -110.00 36.78 60.73
N GLY E 190 -109.50 35.91 61.60
CA GLY E 190 -109.12 36.34 62.92
C GLY E 190 -107.66 36.14 63.21
N TYR E 191 -107.36 35.95 64.49
CA TYR E 191 -106.00 35.76 64.94
C TYR E 191 -105.47 34.40 64.45
N GLN E 192 -104.44 34.43 63.61
CA GLN E 192 -103.87 33.18 63.13
C GLN E 192 -102.36 33.13 63.34
N PHE E 193 -101.82 31.92 63.36
CA PHE E 193 -100.38 31.73 63.54
C PHE E 193 -99.92 30.44 62.86
N ASP E 194 -98.77 30.52 62.21
CA ASP E 194 -98.20 29.42 61.46
C ASP E 194 -97.79 28.21 62.29
N LYS E 195 -98.78 27.56 62.87
CA LYS E 195 -98.57 26.36 63.68
C LYS E 195 -99.85 25.57 63.62
N GLY E 196 -99.72 24.28 63.32
CA GLY E 196 -100.89 23.43 63.20
C GLY E 196 -100.91 22.26 64.15
N TYR E 197 -101.82 21.33 63.91
CA TYR E 197 -101.97 20.19 64.78
C TYR E 197 -100.74 19.30 64.94
N ILE E 198 -100.50 18.88 66.18
CA ILE E 198 -99.38 18.04 66.55
C ILE E 198 -99.60 16.59 66.08
N SER E 199 -100.82 16.29 65.68
CA SER E 199 -101.16 14.96 65.16
C SER E 199 -102.43 15.04 64.31
N PRO E 200 -102.42 14.37 63.16
CA PRO E 200 -103.54 14.34 62.21
C PRO E 200 -104.91 13.96 62.79
N TYR E 201 -104.93 12.97 63.70
CA TYR E 201 -106.16 12.48 64.31
C TYR E 201 -107.13 13.59 64.72
N PHE E 202 -106.59 14.78 64.91
CA PHE E 202 -107.40 15.90 65.33
C PHE E 202 -108.29 16.43 64.20
N VAL E 203 -108.10 15.93 62.99
CA VAL E 203 -108.89 16.38 61.85
C VAL E 203 -110.40 16.24 62.02
N THR E 204 -111.13 17.21 61.48
CA THR E 204 -112.59 17.26 61.52
C THR E 204 -113.05 16.99 60.08
N ASN E 205 -112.19 17.33 59.14
CA ASN E 205 -112.46 17.14 57.73
C ASN E 205 -111.41 16.21 57.16
N PRO E 206 -111.84 15.21 56.37
CA PRO E 206 -110.92 14.25 55.75
C PRO E 206 -110.15 14.87 54.59
N GLU E 207 -110.88 15.25 53.54
CA GLU E 207 -110.29 15.84 52.34
C GLU E 207 -109.44 17.06 52.67
N THR E 208 -109.98 17.94 53.51
CA THR E 208 -109.26 19.15 53.87
C THR E 208 -108.14 18.90 54.87
N MET E 209 -108.19 17.76 55.55
CA MET E 209 -107.15 17.43 56.52
C MET E 209 -107.08 18.57 57.54
N GLU E 210 -108.21 19.21 57.79
CA GLU E 210 -108.28 20.30 58.75
C GLU E 210 -109.03 19.89 59.99
N ALA E 211 -109.26 20.85 60.87
CA ALA E 211 -109.97 20.57 62.10
C ALA E 211 -110.80 21.76 62.53
N VAL E 212 -112.04 21.84 62.05
CA VAL E 212 -112.91 22.95 62.45
C VAL E 212 -113.56 22.60 63.77
N LEU E 213 -113.73 23.61 64.63
CA LEU E 213 -114.31 23.38 65.94
C LEU E 213 -115.28 24.47 66.36
N GLU E 214 -116.55 24.30 66.04
CA GLU E 214 -117.58 25.29 66.38
C GLU E 214 -117.61 25.60 67.88
N ASP E 215 -117.67 26.88 68.22
CA ASP E 215 -117.71 27.33 69.62
C ASP E 215 -116.86 26.45 70.54
N ALA E 216 -115.55 26.44 70.32
CA ALA E 216 -114.64 25.64 71.14
C ALA E 216 -114.07 26.43 72.31
N PHE E 217 -113.54 25.69 73.27
CA PHE E 217 -112.92 26.29 74.43
C PHE E 217 -111.44 26.32 74.12
N ILE E 218 -110.74 27.27 74.72
CA ILE E 218 -109.32 27.40 74.45
C ILE E 218 -108.46 27.44 75.71
N LEU E 219 -107.76 26.34 75.94
CA LEU E 219 -106.88 26.22 77.09
C LEU E 219 -105.60 26.92 76.65
N ILE E 220 -104.90 27.58 77.58
CA ILE E 220 -103.69 28.29 77.18
C ILE E 220 -102.52 28.14 78.14
N VAL E 221 -101.81 27.01 78.05
CA VAL E 221 -100.67 26.72 78.91
C VAL E 221 -99.36 27.30 78.35
N GLU E 222 -98.54 27.88 79.22
CA GLU E 222 -97.27 28.46 78.79
C GLU E 222 -96.17 27.41 78.77
N LYS E 223 -96.22 26.51 79.74
CA LYS E 223 -95.24 25.44 79.82
C LYS E 223 -95.70 24.25 79.00
N LYS E 224 -94.83 23.24 78.89
CA LYS E 224 -95.15 22.04 78.14
C LYS E 224 -96.19 21.21 78.89
N VAL E 225 -96.82 20.26 78.20
CA VAL E 225 -97.83 19.42 78.83
C VAL E 225 -97.71 17.97 78.38
N SER E 226 -97.15 17.12 79.24
CA SER E 226 -96.98 15.70 78.93
C SER E 226 -97.57 14.84 80.04
N ASN E 227 -97.73 15.45 81.21
CA ASN E 227 -98.29 14.79 82.38
C ASN E 227 -99.81 14.84 82.30
N VAL E 228 -100.45 13.67 82.23
CA VAL E 228 -101.90 13.59 82.09
C VAL E 228 -102.70 14.12 83.27
N ARG E 229 -102.36 13.67 84.47
CA ARG E 229 -103.05 14.09 85.69
C ARG E 229 -103.46 15.56 85.67
N GLU E 230 -102.51 16.44 85.43
CA GLU E 230 -102.80 17.86 85.40
C GLU E 230 -103.96 18.22 84.45
N LEU E 231 -104.07 17.47 83.35
CA LEU E 231 -105.10 17.72 82.35
C LEU E 231 -106.50 17.22 82.69
N LEU E 232 -106.59 15.94 83.02
CA LEU E 232 -107.83 15.25 83.33
C LEU E 232 -108.98 16.13 83.83
N PRO E 233 -108.75 16.88 84.92
CA PRO E 233 -109.85 17.74 85.41
C PRO E 233 -110.54 18.58 84.33
N ILE E 234 -109.78 19.42 83.64
CA ILE E 234 -110.39 20.25 82.61
C ILE E 234 -110.92 19.44 81.46
N LEU E 235 -110.19 18.37 81.14
CA LEU E 235 -110.58 17.50 80.05
C LEU E 235 -111.98 16.96 80.27
N GLU E 236 -112.31 16.73 81.53
CA GLU E 236 -113.64 16.24 81.89
C GLU E 236 -114.61 17.42 81.91
N GLN E 237 -114.33 18.40 82.77
CA GLN E 237 -115.17 19.60 82.87
C GLN E 237 -115.72 19.98 81.49
N VAL E 238 -114.84 19.86 80.49
CA VAL E 238 -115.14 20.17 79.10
C VAL E 238 -115.81 18.99 78.37
N ALA E 239 -115.24 17.80 78.53
CA ALA E 239 -115.79 16.61 77.89
C ALA E 239 -117.29 16.55 78.15
N GLN E 240 -117.66 16.82 79.39
CA GLN E 240 -119.06 16.80 79.83
C GLN E 240 -119.84 17.96 79.23
N THR E 241 -119.15 19.05 78.90
CA THR E 241 -119.80 20.23 78.30
C THR E 241 -120.05 19.98 76.81
N GLY E 242 -119.55 18.84 76.30
CA GLY E 242 -119.74 18.46 74.92
C GLY E 242 -119.36 19.49 73.87
N LYS E 243 -118.34 20.30 74.14
CA LYS E 243 -117.87 21.35 73.23
C LYS E 243 -116.44 21.06 72.76
N PRO E 244 -116.07 21.58 71.56
CA PRO E 244 -114.72 21.38 71.01
C PRO E 244 -113.65 22.09 71.84
N LEU E 245 -112.48 21.47 71.94
CA LEU E 245 -111.41 22.05 72.73
C LEU E 245 -110.13 22.29 71.95
N LEU E 246 -109.60 23.50 72.07
CA LEU E 246 -108.35 23.88 71.42
C LEU E 246 -107.31 24.12 72.50
N ILE E 247 -106.29 23.28 72.53
CA ILE E 247 -105.23 23.41 73.51
C ILE E 247 -104.01 24.07 72.89
N ILE E 248 -103.68 25.27 73.38
CA ILE E 248 -102.52 26.02 72.90
C ILE E 248 -101.49 26.06 74.02
N ALA E 249 -100.65 25.03 74.08
CA ALA E 249 -99.62 24.93 75.11
C ALA E 249 -98.25 24.86 74.45
N GLU E 250 -97.22 25.23 75.19
CA GLU E 250 -95.84 25.21 74.69
C GLU E 250 -95.59 23.91 73.91
N ASP E 251 -96.35 22.87 74.25
CA ASP E 251 -96.24 21.58 73.59
C ASP E 251 -97.15 20.56 74.28
N VAL E 252 -97.42 19.46 73.60
CA VAL E 252 -98.26 18.41 74.16
C VAL E 252 -97.64 17.10 73.76
N GLU E 253 -96.98 16.45 74.72
CA GLU E 253 -96.29 15.19 74.45
C GLU E 253 -96.69 14.02 75.34
N GLY E 254 -96.31 12.82 74.91
CA GLY E 254 -96.59 11.61 75.65
C GLY E 254 -98.05 11.22 75.80
N GLU E 255 -98.38 10.67 76.96
CA GLU E 255 -99.74 10.24 77.27
C GLU E 255 -100.72 11.41 77.30
N ALA E 256 -100.20 12.61 77.55
CA ALA E 256 -101.04 13.81 77.56
C ALA E 256 -101.65 13.92 76.16
N LEU E 257 -100.79 13.80 75.16
CA LEU E 257 -101.19 13.85 73.77
C LEU E 257 -102.07 12.64 73.48
N ALA E 258 -101.51 11.46 73.71
CA ALA E 258 -102.18 10.19 73.48
C ALA E 258 -103.64 10.17 73.93
N THR E 259 -103.89 10.75 75.10
CA THR E 259 -105.24 10.80 75.64
C THR E 259 -106.12 11.65 74.73
N LEU E 260 -105.61 12.81 74.34
CA LEU E 260 -106.33 13.72 73.45
C LEU E 260 -106.70 12.99 72.17
N VAL E 261 -105.70 12.39 71.53
CA VAL E 261 -105.90 11.64 70.31
C VAL E 261 -107.01 10.61 70.49
N VAL E 262 -106.72 9.62 71.31
CA VAL E 262 -107.64 8.52 71.61
C VAL E 262 -109.07 8.99 71.90
N ASN E 263 -109.21 9.89 72.88
CA ASN E 263 -110.53 10.41 73.24
C ASN E 263 -111.21 11.11 72.06
N LYS E 264 -110.43 11.82 71.25
CA LYS E 264 -110.95 12.51 70.08
C LYS E 264 -111.64 11.46 69.23
N LEU E 265 -110.89 10.41 68.93
CA LEU E 265 -111.36 9.29 68.12
C LEU E 265 -112.63 8.64 68.68
N ARG E 266 -112.60 8.17 69.92
CA ARG E 266 -113.77 7.52 70.53
C ARG E 266 -114.89 8.48 70.89
N GLY E 267 -115.05 9.53 70.09
CA GLY E 267 -116.11 10.50 70.32
C GLY E 267 -116.28 10.98 71.75
N THR E 268 -115.23 10.87 72.54
CA THR E 268 -115.28 11.30 73.95
C THR E 268 -115.32 12.82 74.04
N LEU E 269 -114.40 13.46 73.33
CA LEU E 269 -114.28 14.91 73.30
C LEU E 269 -113.56 15.32 72.02
N SER E 270 -113.95 16.44 71.41
CA SER E 270 -113.33 16.91 70.17
C SER E 270 -112.21 17.92 70.46
N VAL E 271 -110.96 17.43 70.45
CA VAL E 271 -109.81 18.28 70.72
C VAL E 271 -108.85 18.46 69.56
N ALA E 272 -107.88 19.33 69.79
CA ALA E 272 -106.86 19.67 68.80
C ALA E 272 -105.75 20.37 69.56
N ALA E 273 -104.54 19.83 69.51
CA ALA E 273 -103.40 20.43 70.22
C ALA E 273 -102.40 21.13 69.31
N VAL E 274 -102.35 22.45 69.43
CA VAL E 274 -101.46 23.26 68.61
C VAL E 274 -100.26 23.80 69.41
N LYS E 275 -99.04 23.50 68.95
CA LYS E 275 -97.82 23.96 69.64
C LYS E 275 -97.83 25.47 69.92
N ALA E 276 -96.81 25.93 70.63
CA ALA E 276 -96.70 27.34 70.99
C ALA E 276 -96.69 28.22 69.75
N PRO E 277 -97.38 29.36 69.82
CA PRO E 277 -97.47 30.34 68.72
C PRO E 277 -96.11 30.72 68.15
N GLY E 278 -95.29 31.35 68.99
CA GLY E 278 -93.98 31.78 68.55
C GLY E 278 -92.80 30.96 69.03
N PHE E 279 -91.80 31.64 69.58
CA PHE E 279 -90.58 31.02 70.10
C PHE E 279 -89.86 31.93 71.10
N GLY E 280 -89.56 31.40 72.27
CA GLY E 280 -88.88 32.18 73.30
C GLY E 280 -89.84 33.01 74.13
N ASP E 281 -89.36 34.14 74.64
CA ASP E 281 -90.20 35.04 75.44
C ASP E 281 -91.23 35.68 74.55
N ARG E 282 -90.99 35.56 73.25
CA ARG E 282 -91.88 36.12 72.25
C ARG E 282 -93.25 35.43 72.32
N ARG E 283 -93.25 34.10 72.41
CA ARG E 283 -94.49 33.35 72.49
C ARG E 283 -95.16 33.57 73.84
N LYS E 284 -94.35 33.70 74.89
CA LYS E 284 -94.89 33.93 76.21
C LYS E 284 -95.67 35.25 76.16
N GLU E 285 -95.27 36.12 75.23
CA GLU E 285 -95.92 37.40 75.06
C GLU E 285 -97.10 37.29 74.12
N MET E 286 -97.05 36.30 73.23
CA MET E 286 -98.14 36.06 72.28
C MET E 286 -99.23 35.26 72.97
N LEU E 287 -98.85 34.41 73.90
CA LEU E 287 -99.83 33.60 74.62
C LEU E 287 -100.78 34.53 75.37
N LYS E 288 -100.25 35.68 75.79
CA LYS E 288 -101.04 36.68 76.51
C LYS E 288 -101.92 37.43 75.50
N ASP E 289 -101.49 37.35 74.24
CA ASP E 289 -102.22 37.96 73.14
C ASP E 289 -103.40 37.05 72.82
N ILE E 290 -103.07 35.78 72.52
CA ILE E 290 -104.08 34.76 72.20
C ILE E 290 -105.09 34.81 73.32
N ALA E 291 -104.56 34.94 74.54
CA ALA E 291 -105.40 35.05 75.71
C ALA E 291 -106.28 36.25 75.40
N ALA E 292 -105.83 37.45 75.78
CA ALA E 292 -106.55 38.69 75.54
C ALA E 292 -107.73 38.61 74.57
N VAL E 293 -107.45 38.20 73.33
CA VAL E 293 -108.44 38.10 72.27
C VAL E 293 -109.53 37.06 72.47
N THR E 294 -109.14 35.90 73.00
CA THR E 294 -110.09 34.83 73.22
C THR E 294 -110.84 35.00 74.54
N GLY E 295 -110.19 35.64 75.50
CA GLY E 295 -110.79 35.88 76.81
C GLY E 295 -110.45 34.81 77.83
N GLY E 296 -109.23 34.28 77.75
CA GLY E 296 -108.82 33.24 78.66
C GLY E 296 -107.67 33.64 79.55
N THR E 297 -107.09 32.66 80.22
CA THR E 297 -105.99 32.93 81.13
C THR E 297 -104.73 32.15 80.84
N VAL E 298 -103.63 32.88 80.79
CA VAL E 298 -102.32 32.30 80.52
C VAL E 298 -101.98 31.40 81.70
N ILE E 299 -101.95 30.10 81.46
CA ILE E 299 -101.63 29.17 82.51
C ILE E 299 -100.12 29.14 82.70
N SER E 300 -99.64 30.04 83.55
CA SER E 300 -98.22 30.16 83.84
C SER E 300 -98.05 30.64 85.28
N GLU E 301 -96.84 30.56 85.80
CA GLU E 301 -96.57 30.99 87.17
C GLU E 301 -96.88 32.46 87.41
N GLU E 302 -96.90 33.25 86.35
CA GLU E 302 -97.20 34.67 86.47
C GLU E 302 -98.63 34.88 86.94
N LEU E 303 -99.57 34.55 86.07
CA LEU E 303 -100.99 34.70 86.34
C LEU E 303 -101.42 33.98 87.62
N GLY E 304 -100.52 33.18 88.18
CA GLY E 304 -100.82 32.46 89.40
C GLY E 304 -101.74 31.27 89.27
N PHE E 305 -101.60 30.50 88.20
CA PHE E 305 -102.44 29.34 87.99
C PHE E 305 -101.61 28.05 87.93
N LYS E 306 -102.30 26.92 88.00
CA LYS E 306 -101.68 25.60 87.95
C LYS E 306 -102.59 24.70 87.12
N LEU E 307 -102.01 24.03 86.12
CA LEU E 307 -102.78 23.18 85.20
C LEU E 307 -104.00 22.46 85.75
N GLU E 308 -103.80 21.51 86.65
CA GLU E 308 -104.90 20.74 87.22
C GLU E 308 -106.01 21.67 87.72
N ASN E 309 -105.60 22.73 88.42
CA ASN E 309 -106.55 23.70 88.95
C ASN E 309 -107.11 24.58 87.83
N ALA E 310 -107.66 23.94 86.80
CA ALA E 310 -108.23 24.70 85.70
C ALA E 310 -109.71 24.87 85.97
N THR E 311 -110.41 25.45 85.00
CA THR E 311 -111.84 25.70 85.16
C THR E 311 -112.45 25.89 83.78
N LEU E 312 -113.76 25.73 83.68
CA LEU E 312 -114.41 25.94 82.40
C LEU E 312 -114.58 27.45 82.28
N SER E 313 -114.08 28.16 83.28
CA SER E 313 -114.17 29.62 83.35
C SER E 313 -112.85 30.35 83.15
N MET E 314 -111.73 29.65 83.32
CA MET E 314 -110.40 30.25 83.17
C MET E 314 -109.82 30.23 81.76
N LEU E 315 -110.60 29.79 80.79
CA LEU E 315 -110.10 29.71 79.42
C LEU E 315 -110.89 30.56 78.42
N GLY E 316 -110.45 30.53 77.17
CA GLY E 316 -111.14 31.31 76.14
C GLY E 316 -112.03 30.50 75.23
N ARG E 317 -112.86 31.21 74.46
CA ARG E 317 -113.78 30.58 73.53
C ARG E 317 -113.69 31.30 72.19
N ALA E 318 -114.37 30.75 71.20
CA ALA E 318 -114.37 31.34 69.86
C ALA E 318 -115.71 31.06 69.20
N GLU E 319 -115.73 31.12 67.87
CA GLU E 319 -116.93 30.85 67.10
C GLU E 319 -116.57 29.74 66.13
N ARG E 320 -115.25 29.59 65.93
CA ARG E 320 -114.69 28.56 65.07
C ARG E 320 -113.18 28.48 65.27
N VAL E 321 -112.55 27.42 64.75
CA VAL E 321 -111.11 27.23 64.89
C VAL E 321 -110.63 26.28 63.81
N ARG E 322 -110.00 26.83 62.77
CA ARG E 322 -109.47 26.03 61.67
C ARG E 322 -108.00 25.75 61.94
N ILE E 323 -107.61 24.49 61.78
CA ILE E 323 -106.24 24.13 62.03
C ILE E 323 -105.75 23.17 60.98
N THR E 324 -104.96 23.67 60.05
CA THR E 324 -104.43 22.82 59.00
C THR E 324 -103.16 22.17 59.52
N LYS E 325 -102.44 21.48 58.63
CA LYS E 325 -101.23 20.79 58.99
C LYS E 325 -100.20 21.71 59.61
N ASP E 326 -100.18 22.98 59.20
CA ASP E 326 -99.18 23.90 59.74
C ASP E 326 -99.66 25.32 60.02
N GLU E 327 -100.95 25.50 60.24
CA GLU E 327 -101.48 26.84 60.54
C GLU E 327 -102.77 26.80 61.34
N THR E 328 -102.94 27.77 62.24
CA THR E 328 -104.14 27.85 63.08
C THR E 328 -104.86 29.18 62.87
N THR E 329 -106.19 29.15 62.86
CA THR E 329 -106.99 30.35 62.65
C THR E 329 -108.16 30.43 63.65
N ILE E 330 -107.88 30.97 64.83
CA ILE E 330 -108.89 31.13 65.87
C ILE E 330 -109.91 32.21 65.49
N VAL E 331 -110.94 31.81 64.75
CA VAL E 331 -111.98 32.73 64.29
C VAL E 331 -112.92 33.19 65.42
N GLY E 332 -113.34 34.45 65.36
CA GLY E 332 -114.24 35.02 66.37
C GLY E 332 -113.92 34.84 67.84
N GLY E 333 -112.84 35.48 68.30
CA GLY E 333 -112.44 35.38 69.70
C GLY E 333 -113.45 36.02 70.63
N LYS E 334 -113.43 35.62 71.90
CA LYS E 334 -114.39 36.16 72.84
C LYS E 334 -113.81 37.22 73.76
N GLY E 335 -112.48 37.22 73.89
CA GLY E 335 -111.80 38.19 74.70
C GLY E 335 -112.40 39.56 74.56
N LYS E 336 -112.11 40.47 75.50
CA LYS E 336 -112.68 41.79 75.43
C LYS E 336 -111.91 42.99 74.94
N LYS E 337 -112.69 43.90 74.35
CA LYS E 337 -112.26 45.15 73.79
C LYS E 337 -111.02 45.73 74.47
N GLU E 338 -111.19 46.08 75.75
CA GLU E 338 -110.12 46.67 76.57
C GLU E 338 -108.86 45.82 76.69
N ASP E 339 -109.02 44.52 76.88
CA ASP E 339 -107.87 43.60 77.07
C ASP E 339 -106.99 43.51 75.83
N ILE E 340 -107.58 43.67 74.66
CA ILE E 340 -106.83 43.60 73.43
C ILE E 340 -106.43 45.03 73.04
N GLU E 341 -107.37 45.96 73.19
CA GLU E 341 -107.14 47.37 72.87
C GLU E 341 -106.03 47.96 73.74
N ALA E 342 -105.32 47.09 74.44
CA ALA E 342 -104.23 47.49 75.33
C ALA E 342 -103.09 46.50 75.19
N ARG E 343 -103.39 45.33 74.61
CA ARG E 343 -102.40 44.29 74.39
C ARG E 343 -101.77 44.63 73.04
N ILE E 344 -102.57 45.26 72.18
CA ILE E 344 -102.14 45.68 70.85
C ILE E 344 -101.64 47.13 70.96
N ASN E 345 -102.21 47.87 71.91
CA ASN E 345 -101.84 49.27 72.15
C ASN E 345 -100.54 49.38 72.93
N GLY E 346 -100.06 48.26 73.44
CA GLY E 346 -98.81 48.25 74.18
C GLY E 346 -97.69 47.74 73.30
N ILE E 347 -98.06 47.00 72.26
CA ILE E 347 -97.12 46.45 71.31
C ILE E 347 -96.71 47.54 70.31
N LYS E 348 -97.57 48.55 70.21
CA LYS E 348 -97.36 49.67 69.29
C LYS E 348 -96.49 50.73 69.95
N LYS E 349 -96.68 50.89 71.25
CA LYS E 349 -95.99 51.86 72.07
C LYS E 349 -94.50 51.57 72.30
N GLU E 350 -94.16 50.29 72.14
CA GLU E 350 -92.81 49.81 72.32
C GLU E 350 -92.14 49.79 70.96
N LEU E 351 -92.98 49.67 69.95
CA LEU E 351 -92.55 49.63 68.56
C LEU E 351 -91.93 50.97 68.14
N GLU E 352 -92.46 52.05 68.68
CA GLU E 352 -91.95 53.39 68.37
C GLU E 352 -90.54 53.59 68.93
N THR E 353 -90.03 52.60 69.68
CA THR E 353 -88.69 52.69 70.24
C THR E 353 -87.86 51.48 69.80
N THR E 354 -88.17 50.95 68.62
CA THR E 354 -87.44 49.81 68.09
C THR E 354 -86.99 50.09 66.67
N ASP E 355 -85.71 50.38 66.50
CA ASP E 355 -85.15 50.68 65.19
C ASP E 355 -84.52 49.45 64.53
N SER E 356 -84.59 48.32 65.22
CA SER E 356 -84.04 47.08 64.69
C SER E 356 -85.01 46.51 63.67
N GLU E 357 -84.58 46.41 62.42
CA GLU E 357 -85.42 45.89 61.35
C GLU E 357 -86.06 44.56 61.71
N TYR E 358 -85.43 43.82 62.62
CA TYR E 358 -85.97 42.53 63.04
C TYR E 358 -87.06 42.73 64.07
N ALA E 359 -86.73 43.41 65.16
CA ALA E 359 -87.66 43.69 66.23
C ALA E 359 -88.79 44.59 65.75
N ARG E 360 -88.55 45.26 64.63
CA ARG E 360 -89.53 46.16 64.04
C ARG E 360 -90.66 45.37 63.38
N GLU E 361 -90.29 44.36 62.61
CA GLU E 361 -91.26 43.52 61.90
C GLU E 361 -91.95 42.52 62.82
N LYS E 362 -91.26 42.11 63.88
CA LYS E 362 -91.81 41.14 64.83
C LYS E 362 -92.96 41.71 65.67
N LEU E 363 -92.86 42.99 66.00
CA LEU E 363 -93.90 43.65 66.79
C LEU E 363 -95.06 44.12 65.92
N GLN E 364 -94.82 44.18 64.61
CA GLN E 364 -95.84 44.60 63.66
C GLN E 364 -96.57 43.38 63.12
N GLU E 365 -95.97 42.23 63.39
CA GLU E 365 -96.50 40.94 62.97
C GLU E 365 -97.46 40.48 64.06
N ARG E 366 -97.19 40.92 65.29
CA ARG E 366 -98.01 40.61 66.46
C ARG E 366 -99.20 41.56 66.45
N LEU E 367 -98.92 42.82 66.13
CA LEU E 367 -99.93 43.86 66.09
C LEU E 367 -100.89 43.56 64.93
N ALA E 368 -100.49 42.61 64.10
CA ALA E 368 -101.28 42.19 62.95
C ALA E 368 -102.34 41.18 63.40
N LYS E 369 -101.86 39.98 63.76
CA LYS E 369 -102.72 38.90 64.22
C LYS E 369 -103.84 39.45 65.10
N LEU E 370 -103.46 40.35 66.02
CA LEU E 370 -104.38 41.00 66.96
C LEU E 370 -105.36 41.96 66.27
N ALA E 371 -105.97 41.49 65.19
CA ALA E 371 -106.93 42.28 64.45
C ALA E 371 -107.64 41.31 63.52
N GLY E 372 -108.87 41.66 63.15
CA GLY E 372 -109.63 40.82 62.22
C GLY E 372 -109.36 41.33 60.82
N GLY E 373 -109.64 42.62 60.61
CA GLY E 373 -109.43 43.24 59.31
C GLY E 373 -107.97 43.23 58.89
N VAL E 374 -107.58 42.17 58.21
CA VAL E 374 -106.22 42.01 57.75
C VAL E 374 -106.19 41.62 56.27
N ALA E 375 -105.62 42.51 55.46
CA ALA E 375 -105.49 42.28 54.03
C ALA E 375 -104.07 41.81 53.75
N VAL E 376 -103.88 41.09 52.67
CA VAL E 376 -102.57 40.58 52.33
C VAL E 376 -102.35 40.44 50.83
N ILE E 377 -101.49 41.29 50.29
CA ILE E 377 -101.17 41.26 48.88
C ILE E 377 -99.97 40.37 48.67
N ARG E 378 -100.16 39.31 47.90
CA ARG E 378 -99.06 38.40 47.62
C ARG E 378 -98.57 38.70 46.19
N VAL E 379 -97.49 39.47 46.12
CA VAL E 379 -96.89 39.91 44.86
C VAL E 379 -96.22 38.82 44.05
N GLY E 380 -96.56 38.75 42.77
CA GLY E 380 -95.98 37.74 41.90
C GLY E 380 -95.15 38.31 40.80
N ALA E 381 -94.22 37.50 40.31
CA ALA E 381 -93.34 37.93 39.24
C ALA E 381 -92.62 36.72 38.66
N ALA E 382 -92.08 36.88 37.45
CA ALA E 382 -91.37 35.76 36.83
C ALA E 382 -89.95 35.55 37.34
N THR E 383 -89.32 36.62 37.81
CA THR E 383 -87.95 36.54 38.29
C THR E 383 -87.77 37.24 39.61
N GLU E 384 -86.76 36.80 40.36
CA GLU E 384 -86.50 37.38 41.66
C GLU E 384 -86.27 38.88 41.56
N THR E 385 -85.45 39.27 40.60
CA THR E 385 -85.11 40.67 40.41
C THR E 385 -86.34 41.49 40.14
N GLU E 386 -87.19 41.03 39.24
CA GLU E 386 -88.40 41.79 38.94
C GLU E 386 -89.28 41.88 40.17
N LEU E 387 -89.46 40.72 40.81
CA LEU E 387 -90.29 40.60 42.00
C LEU E 387 -89.89 41.56 43.11
N LYS E 388 -88.62 41.52 43.48
CA LYS E 388 -88.11 42.38 44.53
C LYS E 388 -88.49 43.85 44.31
N GLU E 389 -88.50 44.31 43.06
CA GLU E 389 -88.86 45.70 42.76
C GLU E 389 -90.36 45.92 42.78
N LYS E 390 -91.08 44.98 42.18
CA LYS E 390 -92.54 45.05 42.13
C LYS E 390 -93.02 45.12 43.57
N LYS E 391 -92.52 44.18 44.37
CA LYS E 391 -92.84 44.11 45.77
C LYS E 391 -92.60 45.47 46.41
N HIS E 392 -91.44 46.05 46.13
CA HIS E 392 -91.08 47.35 46.68
C HIS E 392 -92.05 48.44 46.31
N ARG E 393 -92.50 48.46 45.07
CA ARG E 393 -93.45 49.49 44.66
C ARG E 393 -94.71 49.45 45.51
N PHE E 394 -95.21 48.25 45.79
CA PHE E 394 -96.41 48.09 46.61
C PHE E 394 -96.15 48.75 47.95
N GLU E 395 -95.03 48.38 48.56
CA GLU E 395 -94.65 48.94 49.84
C GLU E 395 -94.63 50.48 49.80
N ASP E 396 -94.09 51.06 48.74
CA ASP E 396 -94.05 52.53 48.66
C ASP E 396 -95.46 53.06 48.59
N ALA E 397 -96.27 52.42 47.75
CA ALA E 397 -97.67 52.81 47.56
C ALA E 397 -98.38 52.86 48.92
N LEU E 398 -98.16 51.84 49.75
CA LEU E 398 -98.78 51.84 51.07
C LEU E 398 -98.33 53.04 51.88
N ASN E 399 -97.02 53.14 52.11
CA ASN E 399 -96.47 54.26 52.89
C ASN E 399 -97.13 55.55 52.47
N ALA E 400 -97.30 55.72 51.15
CA ALA E 400 -97.94 56.94 50.63
C ALA E 400 -99.36 57.00 51.16
N THR E 401 -100.13 55.95 50.93
CA THR E 401 -101.50 55.90 51.39
C THR E 401 -101.59 56.31 52.86
N ARG E 402 -100.78 55.66 53.70
CA ARG E 402 -100.76 55.98 55.13
C ARG E 402 -100.60 57.48 55.34
N ALA E 403 -99.53 58.04 54.76
CA ALA E 403 -99.25 59.46 54.90
C ALA E 403 -100.39 60.31 54.35
N ALA E 404 -101.05 59.78 53.30
CA ALA E 404 -102.15 60.47 52.66
C ALA E 404 -103.27 60.67 53.68
N VAL E 405 -103.62 59.57 54.34
CA VAL E 405 -104.69 59.60 55.33
C VAL E 405 -104.35 60.55 56.48
N GLU E 406 -103.08 60.53 56.90
CA GLU E 406 -102.65 61.38 57.98
C GLU E 406 -102.77 62.88 57.72
N GLU E 407 -101.94 63.42 56.83
CA GLU E 407 -101.93 64.88 56.59
C GLU E 407 -102.68 65.37 55.39
N GLY E 408 -103.23 64.43 54.65
CA GLY E 408 -103.98 64.87 53.50
C GLY E 408 -103.35 64.57 52.18
N ILE E 409 -103.83 65.28 51.17
CA ILE E 409 -103.36 65.09 49.81
C ILE E 409 -103.22 66.46 49.13
N VAL E 410 -102.23 66.59 48.24
CA VAL E 410 -102.02 67.84 47.50
C VAL E 410 -101.75 67.50 46.03
N PRO E 411 -101.81 68.50 45.14
CA PRO E 411 -101.56 68.23 43.73
C PRO E 411 -100.13 67.77 43.52
N GLY E 412 -99.93 66.76 42.68
CA GLY E 412 -98.59 66.24 42.44
C GLY E 412 -97.74 66.91 41.37
N GLY E 413 -96.80 66.14 40.81
CA GLY E 413 -95.92 66.68 39.79
C GLY E 413 -95.15 67.91 40.22
N GLY E 414 -94.92 68.03 41.53
CA GLY E 414 -94.20 69.18 42.05
C GLY E 414 -95.03 70.46 42.01
N VAL E 415 -96.22 70.37 41.41
CA VAL E 415 -97.09 71.52 41.29
C VAL E 415 -97.35 72.20 42.61
N THR E 416 -97.59 71.39 43.63
CA THR E 416 -97.89 71.94 44.94
C THR E 416 -96.72 72.79 45.43
N LEU E 417 -95.48 72.33 45.26
CA LEU E 417 -94.35 73.15 45.72
C LEU E 417 -94.16 74.41 44.89
N LEU E 418 -94.52 74.34 43.61
CA LEU E 418 -94.43 75.52 42.77
C LEU E 418 -95.38 76.58 43.33
N ARG E 419 -96.53 76.13 43.81
CA ARG E 419 -97.52 77.06 44.34
C ARG E 419 -97.02 77.69 45.62
N ALA E 420 -96.04 77.04 46.23
CA ALA E 420 -95.47 77.56 47.47
C ALA E 420 -94.62 78.78 47.19
N ILE E 421 -94.15 78.92 45.96
CA ILE E 421 -93.31 80.04 45.58
C ILE E 421 -93.96 81.39 45.89
N SER E 422 -95.19 81.59 45.41
CA SER E 422 -95.88 82.86 45.66
C SER E 422 -95.85 83.22 47.16
N ALA E 423 -95.81 82.21 48.01
CA ALA E 423 -95.80 82.45 49.44
C ALA E 423 -94.43 82.98 49.82
N VAL E 424 -93.39 82.29 49.36
CA VAL E 424 -92.05 82.72 49.66
C VAL E 424 -91.87 84.12 49.11
N GLU E 425 -92.45 84.34 47.92
CA GLU E 425 -92.37 85.62 47.24
C GLU E 425 -92.87 86.71 48.18
N GLU E 426 -94.08 86.53 48.68
CA GLU E 426 -94.68 87.48 49.59
C GLU E 426 -93.79 87.69 50.80
N LEU E 427 -93.19 86.61 51.27
CA LEU E 427 -92.28 86.68 52.41
C LEU E 427 -91.08 87.57 52.11
N ILE E 428 -90.49 87.38 50.93
CA ILE E 428 -89.32 88.15 50.52
C ILE E 428 -89.58 89.63 50.62
N LYS E 429 -90.76 90.06 50.19
CA LYS E 429 -91.12 91.47 50.24
C LYS E 429 -90.98 92.00 51.65
N LYS E 430 -91.04 91.11 52.62
CA LYS E 430 -90.93 91.51 54.02
C LYS E 430 -89.50 91.29 54.58
N LEU E 431 -88.62 90.71 53.76
CA LEU E 431 -87.25 90.44 54.18
C LEU E 431 -86.21 91.36 53.55
N GLU E 432 -85.03 91.39 54.18
CA GLU E 432 -83.94 92.23 53.71
C GLU E 432 -82.63 91.46 53.66
N GLY E 433 -81.56 92.17 53.27
CA GLY E 433 -80.24 91.58 53.22
C GLY E 433 -80.10 90.16 52.74
N ASP E 434 -79.10 89.46 53.27
CA ASP E 434 -78.83 88.08 52.89
C ASP E 434 -80.01 87.18 53.26
N GLU E 435 -80.75 87.58 54.29
CA GLU E 435 -81.90 86.82 54.74
C GLU E 435 -82.91 86.72 53.59
N ALA E 436 -83.07 87.81 52.85
CA ALA E 436 -83.96 87.81 51.70
C ALA E 436 -83.37 86.89 50.63
N THR E 437 -82.05 86.92 50.50
CA THR E 437 -81.38 86.07 49.53
C THR E 437 -81.72 84.63 49.89
N GLY E 438 -81.58 84.30 51.16
CA GLY E 438 -81.89 82.96 51.63
C GLY E 438 -83.26 82.52 51.15
N ALA E 439 -84.26 83.36 51.36
CA ALA E 439 -85.62 83.05 50.94
C ALA E 439 -85.60 82.76 49.45
N LYS E 440 -84.98 83.66 48.68
CA LYS E 440 -84.87 83.51 47.24
C LYS E 440 -84.32 82.14 46.86
N ILE E 441 -83.35 81.66 47.62
CA ILE E 441 -82.75 80.35 47.36
C ILE E 441 -83.85 79.30 47.36
N VAL E 442 -84.72 79.33 48.36
CA VAL E 442 -85.80 78.37 48.44
C VAL E 442 -86.71 78.58 47.24
N ARG E 443 -87.02 79.84 46.96
CA ARG E 443 -87.88 80.17 45.84
C ARG E 443 -87.45 79.48 44.57
N ARG E 444 -86.14 79.42 44.34
CA ARG E 444 -85.67 78.77 43.14
C ARG E 444 -85.77 77.28 43.31
N ALA E 445 -85.20 76.77 44.39
CA ALA E 445 -85.21 75.34 44.64
C ALA E 445 -86.59 74.69 44.43
N LEU E 446 -87.63 75.38 44.88
CA LEU E 446 -89.00 74.88 44.77
C LEU E 446 -89.37 74.41 43.36
N GLU E 447 -88.62 74.87 42.36
CA GLU E 447 -88.89 74.50 40.97
C GLU E 447 -88.23 73.20 40.57
N GLU E 448 -87.18 72.82 41.27
CA GLU E 448 -86.45 71.63 40.88
C GLU E 448 -87.25 70.37 40.63
N PRO E 449 -88.10 69.99 41.58
CA PRO E 449 -88.92 68.78 41.44
C PRO E 449 -89.75 68.83 40.13
N ALA E 450 -90.55 69.88 39.97
CA ALA E 450 -91.36 70.02 38.76
C ALA E 450 -90.47 69.88 37.52
N ARG E 451 -89.38 70.65 37.50
CA ARG E 451 -88.44 70.63 36.39
C ARG E 451 -87.93 69.23 36.04
N GLN E 452 -87.27 68.60 37.00
CA GLN E 452 -86.70 67.29 36.77
C GLN E 452 -87.72 66.27 36.32
N ILE E 453 -88.96 66.41 36.81
CA ILE E 453 -90.00 65.47 36.41
C ILE E 453 -90.14 65.64 34.90
N ALA E 454 -90.49 66.85 34.49
CA ALA E 454 -90.66 67.18 33.10
C ALA E 454 -89.42 66.81 32.29
N GLU E 455 -88.25 67.19 32.82
CA GLU E 455 -87.00 66.92 32.15
C GLU E 455 -86.87 65.44 31.84
N ASN E 456 -86.91 64.58 32.87
CA ASN E 456 -86.77 63.14 32.65
C ASN E 456 -87.82 62.60 31.68
N ALA E 457 -88.89 63.36 31.49
CA ALA E 457 -89.97 62.98 30.59
C ALA E 457 -89.66 63.39 29.16
N GLY E 458 -88.65 64.26 29.02
CA GLY E 458 -88.24 64.74 27.70
C GLY E 458 -88.76 66.13 27.37
N TYR E 459 -88.96 66.95 28.39
CA TYR E 459 -89.47 68.29 28.18
C TYR E 459 -88.56 69.34 28.78
N GLU E 460 -88.89 70.60 28.52
CA GLU E 460 -88.08 71.68 29.04
C GLU E 460 -88.50 72.14 30.41
N GLY E 461 -87.71 71.72 31.39
CA GLY E 461 -87.97 72.10 32.76
C GLY E 461 -88.45 73.54 32.88
N SER E 462 -87.60 74.48 32.52
CA SER E 462 -87.94 75.89 32.62
C SER E 462 -89.22 76.25 31.91
N VAL E 463 -89.42 75.72 30.71
CA VAL E 463 -90.62 76.02 29.93
C VAL E 463 -91.88 75.64 30.69
N ILE E 464 -92.00 74.35 30.99
CA ILE E 464 -93.17 73.84 31.69
C ILE E 464 -93.44 74.57 33.00
N VAL E 465 -92.42 74.70 33.83
CA VAL E 465 -92.55 75.41 35.08
C VAL E 465 -93.17 76.79 34.86
N GLN E 466 -92.82 77.43 33.76
CA GLN E 466 -93.34 78.76 33.48
C GLN E 466 -94.83 78.74 33.20
N GLN E 467 -95.27 77.85 32.31
CA GLN E 467 -96.68 77.78 31.98
C GLN E 467 -97.52 77.44 33.20
N ILE E 468 -96.96 76.62 34.10
CA ILE E 468 -97.65 76.24 35.32
C ILE E 468 -97.82 77.46 36.21
N LEU E 469 -96.71 78.10 36.53
CA LEU E 469 -96.72 79.30 37.36
C LEU E 469 -97.50 80.41 36.65
N ALA E 470 -97.74 80.20 35.36
CA ALA E 470 -98.46 81.19 34.57
C ALA E 470 -99.92 81.24 34.95
N GLU E 471 -100.63 80.14 34.72
CA GLU E 471 -102.05 80.13 35.05
C GLU E 471 -102.22 80.03 36.55
N THR E 472 -102.55 81.16 37.17
CA THR E 472 -102.72 81.28 38.63
C THR E 472 -104.18 81.42 39.09
N LYS E 473 -105.10 80.91 38.28
CA LYS E 473 -106.51 80.96 38.66
C LYS E 473 -106.76 79.79 39.57
N ASN E 474 -106.40 78.61 39.08
CA ASN E 474 -106.59 77.37 39.81
C ASN E 474 -105.26 76.67 40.14
N PRO E 475 -104.84 76.70 41.41
CA PRO E 475 -103.57 76.07 41.82
C PRO E 475 -103.43 74.63 41.45
N ARG E 476 -104.54 73.97 41.17
CA ARG E 476 -104.47 72.56 40.80
C ARG E 476 -103.91 72.38 39.38
N TYR E 477 -103.67 73.50 38.69
CA TYR E 477 -103.16 73.44 37.33
C TYR E 477 -101.70 72.98 37.33
N GLY E 478 -101.44 71.92 36.57
CA GLY E 478 -100.08 71.39 36.50
C GLY E 478 -99.80 70.63 35.21
N PHE E 479 -98.60 70.08 35.09
CA PHE E 479 -98.22 69.35 33.91
C PHE E 479 -98.21 67.85 34.15
N ASN E 480 -98.89 67.13 33.26
CA ASN E 480 -98.96 65.67 33.35
C ASN E 480 -97.80 65.13 32.54
N ALA E 481 -96.64 65.03 33.18
CA ALA E 481 -95.44 64.52 32.51
C ALA E 481 -95.60 63.16 31.83
N ALA E 482 -96.76 62.51 31.98
CA ALA E 482 -96.92 61.20 31.37
C ALA E 482 -97.65 61.25 30.03
N THR E 483 -98.56 62.20 29.89
CA THR E 483 -99.35 62.36 28.68
C THR E 483 -98.88 63.57 27.91
N GLY E 484 -98.15 64.45 28.60
CA GLY E 484 -97.62 65.65 27.96
C GLY E 484 -98.67 66.73 27.83
N GLU E 485 -99.59 66.81 28.78
CA GLU E 485 -100.62 67.83 28.71
C GLU E 485 -100.85 68.50 30.05
N PHE E 486 -101.15 69.80 30.01
CA PHE E 486 -101.40 70.54 31.22
C PHE E 486 -102.82 70.24 31.61
N VAL E 487 -103.02 69.94 32.90
CA VAL E 487 -104.34 69.58 33.40
C VAL E 487 -104.53 69.98 34.85
N ASP E 488 -105.71 69.68 35.40
CA ASP E 488 -105.98 69.95 36.79
C ASP E 488 -105.42 68.71 37.46
N MET E 489 -104.26 68.85 38.08
CA MET E 489 -103.60 67.73 38.73
C MET E 489 -104.50 66.87 39.59
N VAL E 490 -105.31 67.49 40.43
CA VAL E 490 -106.20 66.74 41.31
C VAL E 490 -107.21 65.97 40.48
N GLU E 491 -107.94 66.68 39.62
CA GLU E 491 -108.93 66.05 38.75
C GLU E 491 -108.31 64.93 37.92
N ALA E 492 -107.06 65.10 37.54
CA ALA E 492 -106.37 64.11 36.73
C ALA E 492 -105.94 62.92 37.55
N GLY E 493 -106.02 63.05 38.86
CA GLY E 493 -105.62 61.94 39.72
C GLY E 493 -104.14 61.92 40.01
N ILE E 494 -103.48 63.05 39.80
CA ILE E 494 -102.05 63.16 40.06
C ILE E 494 -101.87 63.91 41.36
N VAL E 495 -101.94 63.17 42.46
CA VAL E 495 -101.82 63.77 43.77
C VAL E 495 -100.73 63.15 44.63
N ASP E 496 -100.29 63.90 45.64
CA ASP E 496 -99.25 63.43 46.54
C ASP E 496 -99.59 63.67 47.98
N PRO E 497 -99.13 62.77 48.85
CA PRO E 497 -99.41 62.93 50.28
C PRO E 497 -98.73 64.19 50.81
N ALA E 498 -99.55 65.18 51.18
CA ALA E 498 -99.04 66.44 51.71
C ALA E 498 -97.94 66.19 52.72
N LYS E 499 -97.99 65.05 53.40
CA LYS E 499 -96.98 64.71 54.39
C LYS E 499 -95.60 64.56 53.76
N VAL E 500 -95.49 63.76 52.69
CA VAL E 500 -94.19 63.56 52.04
C VAL E 500 -93.62 64.88 51.52
N THR E 501 -94.45 65.66 50.82
CA THR E 501 -94.02 66.96 50.30
C THR E 501 -93.41 67.78 51.44
N ARG E 502 -94.20 68.10 52.45
CA ARG E 502 -93.69 68.84 53.60
C ARG E 502 -92.37 68.26 54.13
N SER E 503 -92.33 66.95 54.31
CA SER E 503 -91.12 66.30 54.82
C SER E 503 -89.91 66.51 53.92
N ALA E 504 -90.02 66.07 52.68
CA ALA E 504 -88.92 66.18 51.73
C ALA E 504 -88.30 67.57 51.80
N LEU E 505 -89.11 68.61 51.66
CA LEU E 505 -88.60 69.98 51.72
C LEU E 505 -87.91 70.31 53.04
N GLN E 506 -88.56 70.02 54.16
CA GLN E 506 -87.96 70.32 55.47
C GLN E 506 -86.63 69.61 55.68
N ASN E 507 -86.52 68.38 55.20
CA ASN E 507 -85.30 67.62 55.35
C ASN E 507 -84.22 68.16 54.40
N ALA E 508 -84.63 68.49 53.18
CA ALA E 508 -83.68 69.01 52.20
C ALA E 508 -83.12 70.30 52.76
N ALA E 509 -84.02 71.22 53.09
CA ALA E 509 -83.60 72.50 53.59
C ALA E 509 -82.82 72.41 54.90
N SER E 510 -82.97 71.32 55.63
CA SER E 510 -82.26 71.19 56.90
C SER E 510 -80.79 70.97 56.64
N ILE E 511 -80.45 69.96 55.84
CA ILE E 511 -79.06 69.67 55.52
C ILE E 511 -78.47 70.74 54.59
N GLY E 512 -79.26 71.19 53.63
CA GLY E 512 -78.79 72.22 52.70
C GLY E 512 -78.24 73.43 53.41
N ALA E 513 -79.08 74.11 54.17
CA ALA E 513 -78.65 75.30 54.88
C ALA E 513 -77.36 75.03 55.67
N LEU E 514 -77.28 73.88 56.32
CA LEU E 514 -76.09 73.53 57.11
C LEU E 514 -74.84 73.66 56.26
N ILE E 515 -74.82 73.00 55.11
CA ILE E 515 -73.69 73.04 54.20
C ILE E 515 -73.21 74.47 53.88
N LEU E 516 -74.15 75.35 53.53
CA LEU E 516 -73.82 76.75 53.25
C LEU E 516 -73.00 77.43 54.37
N THR E 517 -73.02 76.87 55.57
CA THR E 517 -72.32 77.49 56.68
C THR E 517 -70.94 76.87 56.87
N THR E 518 -70.53 75.99 55.95
CA THR E 518 -69.21 75.38 56.06
C THR E 518 -68.16 76.41 55.74
N GLU E 519 -67.05 76.36 56.49
CA GLU E 519 -65.93 77.27 56.30
C GLU E 519 -64.65 76.49 56.47
N ALA E 520 -64.80 75.23 56.83
CA ALA E 520 -63.65 74.35 57.01
C ALA E 520 -64.15 72.93 57.07
N VAL E 521 -63.24 71.99 56.94
CA VAL E 521 -63.57 70.58 56.94
C VAL E 521 -62.35 69.84 57.41
N VAL E 522 -62.53 68.88 58.30
CA VAL E 522 -61.42 68.11 58.80
C VAL E 522 -61.67 66.68 58.40
N ALA E 523 -60.96 66.24 57.37
CA ALA E 523 -61.12 64.88 56.88
C ALA E 523 -59.84 64.08 57.00
N GLU E 524 -59.90 62.83 56.57
CA GLU E 524 -58.74 61.95 56.61
C GLU E 524 -57.82 62.26 55.45
N LYS E 525 -56.53 62.34 55.74
CA LYS E 525 -55.55 62.63 54.71
C LYS E 525 -55.56 61.49 53.71
N PRO E 526 -55.68 61.84 52.41
CA PRO E 526 -55.73 60.93 51.26
C PRO E 526 -54.54 60.00 51.17
N GLU E 527 -54.61 58.87 51.88
CA GLU E 527 -53.55 57.87 51.84
C GLU E 527 -53.70 56.86 52.97
N ALA F 2 -34.85 55.87 66.61
CA ALA F 2 -36.31 56.03 66.42
C ALA F 2 -36.67 57.47 66.72
N LYS F 3 -35.80 58.13 67.48
CA LYS F 3 -36.03 59.51 67.85
C LYS F 3 -35.27 60.49 66.97
N ILE F 4 -35.71 61.74 67.01
CA ILE F 4 -35.10 62.82 66.25
C ILE F 4 -35.00 64.00 67.22
N LEU F 5 -33.82 64.62 67.31
CA LEU F 5 -33.64 65.75 68.24
C LEU F 5 -33.57 67.08 67.51
N VAL F 6 -34.61 67.87 67.68
CA VAL F 6 -34.74 69.18 67.05
C VAL F 6 -34.53 70.27 68.08
N PHE F 7 -33.68 71.25 67.75
CA PHE F 7 -33.42 72.33 68.68
C PHE F 7 -33.85 73.71 68.20
N ASP F 8 -33.53 74.68 69.04
CA ASP F 8 -33.82 76.08 68.80
C ASP F 8 -35.02 76.42 67.95
N GLU F 9 -34.87 77.46 67.14
CA GLU F 9 -35.93 77.96 66.28
C GLU F 9 -36.56 76.89 65.41
N ALA F 10 -35.76 75.90 65.02
CA ALA F 10 -36.27 74.80 64.19
C ALA F 10 -37.45 74.19 64.91
N ALA F 11 -37.22 73.88 66.17
CA ALA F 11 -38.22 73.28 67.04
C ALA F 11 -39.40 74.22 67.29
N ARG F 12 -39.14 75.43 67.78
CA ARG F 12 -40.23 76.36 68.04
C ARG F 12 -41.11 76.61 66.80
N ARG F 13 -40.50 76.78 65.62
CA ARG F 13 -41.30 77.02 64.40
C ARG F 13 -42.24 75.84 64.14
N ALA F 14 -41.70 74.62 64.18
CA ALA F 14 -42.51 73.43 63.96
C ALA F 14 -43.71 73.44 64.91
N LEU F 15 -43.44 73.53 66.21
CA LEU F 15 -44.51 73.58 67.20
C LEU F 15 -45.52 74.65 66.81
N GLU F 16 -45.02 75.85 66.53
CA GLU F 16 -45.88 76.95 66.17
C GLU F 16 -46.77 76.62 64.99
N ARG F 17 -46.21 75.91 64.00
CA ARG F 17 -46.98 75.52 62.81
C ARG F 17 -48.19 74.69 63.25
N GLY F 18 -47.95 73.72 64.13
CA GLY F 18 -49.03 72.91 64.65
C GLY F 18 -50.04 73.76 65.40
N VAL F 19 -49.55 74.59 66.32
CA VAL F 19 -50.44 75.44 67.07
C VAL F 19 -51.38 76.18 66.13
N ASN F 20 -50.81 76.84 65.12
CA ASN F 20 -51.61 77.60 64.17
C ASN F 20 -52.55 76.73 63.34
N ALA F 21 -52.08 75.53 62.97
CA ALA F 21 -52.92 74.58 62.20
C ALA F 21 -54.27 74.46 62.88
N VAL F 22 -54.25 74.03 64.15
CA VAL F 22 -55.46 73.87 64.94
C VAL F 22 -56.20 75.20 65.16
N ALA F 23 -55.51 76.18 65.71
CA ALA F 23 -56.10 77.49 65.99
C ALA F 23 -56.86 78.12 64.83
N ASN F 24 -56.34 77.95 63.62
CA ASN F 24 -57.02 78.56 62.48
C ASN F 24 -58.22 77.79 62.02
N ALA F 25 -58.30 76.51 62.36
CA ALA F 25 -59.47 75.71 62.01
C ALA F 25 -60.57 76.10 62.99
N VAL F 26 -60.17 76.31 64.24
CA VAL F 26 -61.08 76.70 65.30
C VAL F 26 -61.66 78.12 65.19
N LYS F 27 -60.78 79.12 65.17
CA LYS F 27 -61.22 80.51 65.15
C LYS F 27 -62.29 80.87 64.12
N VAL F 28 -62.48 80.01 63.13
CA VAL F 28 -63.48 80.25 62.09
C VAL F 28 -64.89 80.31 62.69
N THR F 29 -65.04 79.80 63.91
CA THR F 29 -66.33 79.75 64.59
C THR F 29 -66.63 80.90 65.52
N LEU F 30 -65.58 81.45 66.11
CA LEU F 30 -65.69 82.54 67.07
C LEU F 30 -66.66 83.66 66.74
N GLY F 31 -67.45 84.04 67.75
CA GLY F 31 -68.41 85.13 67.60
C GLY F 31 -69.75 84.79 66.96
N PRO F 32 -70.66 85.78 66.92
CA PRO F 32 -72.00 85.66 66.34
C PRO F 32 -72.02 85.42 64.84
N ARG F 33 -71.04 85.95 64.12
CA ARG F 33 -71.01 85.73 62.69
C ARG F 33 -70.13 84.55 62.35
N GLY F 34 -69.60 83.91 63.39
CA GLY F 34 -68.76 82.73 63.19
C GLY F 34 -69.49 81.69 62.34
N ARG F 35 -68.73 80.87 61.65
CA ARG F 35 -69.31 79.86 60.79
C ARG F 35 -68.99 78.47 61.34
N ASN F 36 -69.46 77.44 60.61
CA ASN F 36 -69.26 76.07 61.07
C ASN F 36 -68.17 75.30 60.39
N VAL F 37 -67.63 74.34 61.13
CA VAL F 37 -66.60 73.44 60.67
C VAL F 37 -67.30 72.11 60.44
N VAL F 38 -66.86 71.34 59.45
CA VAL F 38 -67.46 70.06 59.13
C VAL F 38 -66.46 68.95 59.47
N LEU F 39 -66.79 68.17 60.50
CA LEU F 39 -65.89 67.09 60.95
C LEU F 39 -66.33 65.75 60.41
N GLU F 40 -65.48 65.14 59.61
CA GLU F 40 -65.79 63.84 59.01
C GLU F 40 -65.86 62.77 60.05
N LYS F 41 -66.93 61.97 60.00
CA LYS F 41 -67.10 60.87 60.94
C LYS F 41 -66.85 59.55 60.20
N LYS F 42 -66.30 58.58 60.92
CA LYS F 42 -65.97 57.27 60.36
C LYS F 42 -67.08 56.56 59.59
N PHE F 43 -68.32 56.68 60.04
CA PHE F 43 -69.40 55.99 59.33
C PHE F 43 -70.57 56.82 58.86
N GLY F 44 -71.25 57.47 59.81
CA GLY F 44 -72.42 58.24 59.44
C GLY F 44 -72.13 59.53 58.70
N SER F 45 -73.10 60.43 58.73
CA SER F 45 -72.93 61.72 58.11
C SER F 45 -71.90 62.42 59.02
N PRO F 46 -71.37 63.57 58.59
CA PRO F 46 -70.41 64.23 59.46
C PRO F 46 -71.04 65.02 60.57
N THR F 47 -70.19 65.70 61.32
CA THR F 47 -70.58 66.57 62.41
C THR F 47 -70.42 68.00 61.93
N ILE F 48 -71.45 68.82 62.06
CA ILE F 48 -71.36 70.19 61.63
C ILE F 48 -71.52 71.04 62.89
N THR F 49 -70.38 71.47 63.45
CA THR F 49 -70.35 72.26 64.67
C THR F 49 -69.88 73.71 64.52
N LYS F 50 -69.83 74.39 65.67
CA LYS F 50 -69.38 75.77 65.81
C LYS F 50 -68.67 75.79 67.17
N ASP F 51 -68.40 74.60 67.67
CA ASP F 51 -67.79 74.43 68.98
C ASP F 51 -66.30 74.22 68.89
N GLY F 52 -65.57 75.07 69.60
CA GLY F 52 -64.12 74.99 69.61
C GLY F 52 -63.56 73.60 69.85
N VAL F 53 -63.57 73.14 71.10
CA VAL F 53 -63.02 71.83 71.44
C VAL F 53 -63.42 70.68 70.53
N THR F 54 -64.67 70.67 70.08
CA THR F 54 -65.12 69.58 69.21
C THR F 54 -64.24 69.53 67.97
N VAL F 55 -64.05 70.68 67.33
CA VAL F 55 -63.19 70.77 66.16
C VAL F 55 -61.75 70.46 66.59
N ALA F 56 -61.23 71.26 67.50
CA ALA F 56 -59.87 71.08 67.97
C ALA F 56 -59.49 69.61 68.21
N LYS F 57 -60.37 68.86 68.87
CA LYS F 57 -60.08 67.47 69.16
C LYS F 57 -59.97 66.58 67.95
N GLU F 58 -60.57 66.98 66.84
CA GLU F 58 -60.51 66.16 65.63
C GLU F 58 -59.22 66.35 64.83
N VAL F 59 -58.51 67.46 65.10
CA VAL F 59 -57.28 67.76 64.38
C VAL F 59 -56.08 66.91 64.76
N GLU F 60 -55.50 66.26 63.77
CA GLU F 60 -54.34 65.39 63.96
C GLU F 60 -53.41 65.66 62.78
N LEU F 61 -52.23 66.17 63.06
CA LEU F 61 -51.27 66.49 62.01
C LEU F 61 -50.30 65.36 61.69
N GLU F 62 -49.92 65.25 60.41
CA GLU F 62 -49.00 64.19 59.97
C GLU F 62 -47.57 64.35 60.47
N ASP F 63 -47.09 65.58 60.55
CA ASP F 63 -45.73 65.80 61.02
C ASP F 63 -45.63 65.76 62.54
N HIS F 64 -44.85 64.83 63.06
CA HIS F 64 -44.69 64.70 64.50
C HIS F 64 -44.56 66.02 65.30
N LEU F 65 -43.53 66.82 65.01
CA LEU F 65 -43.35 68.06 65.75
C LEU F 65 -44.56 68.99 65.61
N GLU F 66 -45.04 69.19 64.39
CA GLU F 66 -46.18 70.08 64.19
C GLU F 66 -47.40 69.59 64.97
N ASN F 67 -47.52 68.27 65.08
CA ASN F 67 -48.63 67.64 65.77
C ASN F 67 -48.56 67.91 67.28
N ILE F 68 -47.36 67.82 67.84
CA ILE F 68 -47.14 68.07 69.25
C ILE F 68 -47.69 69.45 69.58
N GLY F 69 -47.52 70.37 68.63
CA GLY F 69 -48.03 71.71 68.83
C GLY F 69 -49.53 71.67 68.82
N ALA F 70 -50.09 70.95 67.84
CA ALA F 70 -51.52 70.82 67.71
C ALA F 70 -52.15 70.30 68.99
N GLN F 71 -51.48 69.34 69.62
CA GLN F 71 -51.93 68.77 70.88
C GLN F 71 -51.96 69.82 71.99
N LEU F 72 -50.80 70.38 72.32
CA LEU F 72 -50.71 71.40 73.33
C LEU F 72 -51.84 72.41 73.20
N LEU F 73 -52.22 72.78 71.97
CA LEU F 73 -53.31 73.75 71.81
C LEU F 73 -54.64 73.11 72.14
N LYS F 74 -54.80 71.84 71.78
CA LYS F 74 -56.04 71.14 72.07
C LYS F 74 -56.26 71.17 73.58
N GLU F 75 -55.19 70.90 74.32
CA GLU F 75 -55.27 70.92 75.77
C GLU F 75 -55.87 72.22 76.27
N VAL F 76 -55.39 73.34 75.75
CA VAL F 76 -55.94 74.61 76.15
C VAL F 76 -57.44 74.59 75.94
N ALA F 77 -57.87 74.06 74.80
CA ALA F 77 -59.29 74.00 74.46
C ALA F 77 -60.12 73.16 75.43
N SER F 78 -59.75 71.90 75.60
CA SER F 78 -60.47 70.97 76.48
C SER F 78 -60.46 71.38 77.97
N LYS F 79 -59.28 71.59 78.55
CA LYS F 79 -59.21 71.98 79.96
C LYS F 79 -60.13 73.18 80.24
N THR F 80 -60.43 73.97 79.21
CA THR F 80 -61.32 75.13 79.37
C THR F 80 -62.76 74.64 79.32
N ASN F 81 -62.99 73.62 78.52
CA ASN F 81 -64.31 73.03 78.37
C ASN F 81 -64.65 72.31 79.68
N ASP F 82 -63.64 71.70 80.28
CA ASP F 82 -63.81 70.98 81.54
C ASP F 82 -64.16 71.93 82.69
N VAL F 83 -63.40 73.00 82.79
CA VAL F 83 -63.59 73.99 83.84
C VAL F 83 -64.78 74.94 83.66
N ALA F 84 -65.32 75.06 82.45
CA ALA F 84 -66.44 75.99 82.25
C ALA F 84 -67.45 75.56 81.18
N GLY F 85 -67.09 74.58 80.34
CA GLY F 85 -67.99 74.11 79.30
C GLY F 85 -68.26 75.05 78.13
N ASP F 86 -67.75 76.28 78.24
CA ASP F 86 -67.93 77.28 77.19
C ASP F 86 -66.66 78.17 77.13
N GLY F 87 -66.48 78.85 76.00
CA GLY F 87 -65.32 79.71 75.82
C GLY F 87 -64.08 78.98 75.35
N THR F 88 -64.26 77.84 74.68
CA THR F 88 -63.12 77.08 74.19
C THR F 88 -62.43 77.81 73.04
N THR F 89 -63.22 78.35 72.11
CA THR F 89 -62.65 79.06 70.97
C THR F 89 -61.81 80.22 71.50
N THR F 90 -62.41 81.02 72.38
CA THR F 90 -61.71 82.17 72.98
C THR F 90 -60.35 81.79 73.58
N ALA F 91 -60.28 80.64 74.21
CA ALA F 91 -59.04 80.21 74.82
C ALA F 91 -58.00 79.86 73.77
N THR F 92 -58.47 79.29 72.67
CA THR F 92 -57.60 78.87 71.56
C THR F 92 -56.93 80.12 70.98
N VAL F 93 -57.77 81.07 70.58
CA VAL F 93 -57.29 82.32 70.04
C VAL F 93 -56.24 82.96 70.95
N LEU F 94 -56.57 83.17 72.22
CA LEU F 94 -55.63 83.77 73.18
C LEU F 94 -54.31 83.01 73.26
N ALA F 95 -54.37 81.69 73.12
CA ALA F 95 -53.16 80.88 73.17
C ALA F 95 -52.32 81.14 71.91
N GLN F 96 -52.95 81.13 70.74
CA GLN F 96 -52.27 81.37 69.48
C GLN F 96 -51.54 82.68 69.61
N ALA F 97 -52.29 83.72 69.98
CA ALA F 97 -51.76 85.08 70.14
C ALA F 97 -50.54 85.10 71.02
N ILE F 98 -50.68 84.54 72.22
CA ILE F 98 -49.57 84.49 73.15
C ILE F 98 -48.37 83.75 72.57
N VAL F 99 -48.62 82.69 71.80
CA VAL F 99 -47.52 81.92 71.23
C VAL F 99 -46.74 82.66 70.16
N ARG F 100 -47.42 83.37 69.27
CA ARG F 100 -46.71 84.09 68.21
C ARG F 100 -45.96 85.28 68.75
N GLU F 101 -46.69 86.22 69.34
CA GLU F 101 -46.06 87.42 69.91
C GLU F 101 -44.92 87.03 70.83
N GLY F 102 -45.03 85.89 71.48
CA GLY F 102 -44.00 85.46 72.37
C GLY F 102 -42.83 84.82 71.66
N LEU F 103 -43.12 83.90 70.74
CA LEU F 103 -42.07 83.21 70.01
C LEU F 103 -41.21 84.21 69.25
N LYS F 104 -41.83 85.32 68.85
CA LYS F 104 -41.14 86.39 68.14
C LYS F 104 -40.09 86.93 69.11
N ASN F 105 -40.54 87.38 70.28
CA ASN F 105 -39.64 87.90 71.30
C ASN F 105 -38.54 86.92 71.67
N VAL F 106 -38.81 85.62 71.59
CA VAL F 106 -37.77 84.66 71.94
C VAL F 106 -36.69 84.68 70.88
N ALA F 107 -37.10 84.82 69.62
CA ALA F 107 -36.19 84.85 68.51
C ALA F 107 -35.35 86.11 68.63
N ALA F 108 -35.97 87.17 69.16
CA ALA F 108 -35.27 88.45 69.36
C ALA F 108 -34.30 88.36 70.54
N GLY F 109 -34.13 87.17 71.09
CA GLY F 109 -33.20 86.97 72.20
C GLY F 109 -33.75 87.03 73.61
N ALA F 110 -35.03 87.30 73.77
CA ALA F 110 -35.61 87.39 75.11
C ALA F 110 -35.50 86.09 75.90
N ASN F 111 -35.33 86.20 77.22
CA ASN F 111 -35.24 85.02 78.08
C ASN F 111 -36.67 84.53 78.31
N PRO F 112 -36.99 83.32 77.83
CA PRO F 112 -38.34 82.78 77.99
C PRO F 112 -38.81 82.68 79.43
N LEU F 113 -37.93 82.25 80.34
CA LEU F 113 -38.30 82.14 81.74
C LEU F 113 -38.88 83.46 82.25
N ALA F 114 -38.19 84.56 81.97
CA ALA F 114 -38.67 85.87 82.39
C ALA F 114 -39.97 86.21 81.71
N LEU F 115 -40.05 85.87 80.43
CA LEU F 115 -41.26 86.12 79.64
C LEU F 115 -42.44 85.46 80.35
N LYS F 116 -42.21 84.26 80.89
CA LYS F 116 -43.23 83.51 81.59
C LYS F 116 -43.70 84.31 82.82
N ARG F 117 -42.76 84.62 83.71
CA ARG F 117 -43.07 85.38 84.92
C ARG F 117 -43.91 86.60 84.59
N GLY F 118 -43.52 87.31 83.54
CA GLY F 118 -44.27 88.49 83.15
C GLY F 118 -45.67 88.13 82.69
N ILE F 119 -45.78 87.07 81.91
CA ILE F 119 -47.08 86.63 81.40
C ILE F 119 -47.97 86.33 82.58
N GLU F 120 -47.41 85.58 83.53
CA GLU F 120 -48.13 85.19 84.74
C GLU F 120 -48.64 86.42 85.48
N LYS F 121 -47.73 87.30 85.86
CA LYS F 121 -48.12 88.52 86.56
C LYS F 121 -49.18 89.27 85.77
N ALA F 122 -48.99 89.36 84.46
CA ALA F 122 -49.93 90.07 83.61
C ALA F 122 -51.30 89.44 83.66
N VAL F 123 -51.35 88.11 83.64
CA VAL F 123 -52.63 87.42 83.69
C VAL F 123 -53.33 87.70 85.02
N GLU F 124 -52.58 87.58 86.12
CA GLU F 124 -53.14 87.86 87.44
C GLU F 124 -53.85 89.20 87.42
N ALA F 125 -53.11 90.23 87.06
CA ALA F 125 -53.68 91.56 86.98
C ALA F 125 -54.94 91.55 86.11
N ALA F 126 -54.87 90.80 85.02
CA ALA F 126 -55.99 90.72 84.08
C ALA F 126 -57.19 90.09 84.75
N VAL F 127 -56.98 88.93 85.37
CA VAL F 127 -58.04 88.21 86.07
C VAL F 127 -58.71 89.11 87.13
N GLU F 128 -57.88 89.75 87.95
CA GLU F 128 -58.36 90.63 88.98
C GLU F 128 -59.32 91.68 88.40
N LYS F 129 -58.98 92.20 87.22
CA LYS F 129 -59.83 93.19 86.59
C LYS F 129 -61.12 92.56 86.07
N ILE F 130 -61.07 91.27 85.73
CA ILE F 130 -62.27 90.57 85.25
C ILE F 130 -63.25 90.54 86.41
N LYS F 131 -62.76 90.09 87.56
CA LYS F 131 -63.57 90.01 88.77
C LYS F 131 -64.14 91.39 89.05
N ALA F 132 -63.26 92.38 89.11
CA ALA F 132 -63.64 93.76 89.36
C ALA F 132 -64.84 94.26 88.55
N LEU F 133 -65.04 93.71 87.36
CA LEU F 133 -66.14 94.15 86.50
C LEU F 133 -67.34 93.18 86.53
N ALA F 134 -67.18 92.08 87.26
CA ALA F 134 -68.23 91.09 87.36
C ALA F 134 -69.48 91.62 88.06
N ILE F 135 -70.64 91.24 87.56
CA ILE F 135 -71.93 91.64 88.10
C ILE F 135 -72.66 90.36 88.42
N PRO F 136 -73.27 90.26 89.61
CA PRO F 136 -74.01 89.06 90.00
C PRO F 136 -75.29 88.88 89.20
N VAL F 137 -75.60 87.63 88.84
CA VAL F 137 -76.81 87.36 88.07
C VAL F 137 -77.94 87.43 89.07
N GLU F 138 -78.96 88.23 88.81
CA GLU F 138 -80.04 88.31 89.80
C GLU F 138 -81.45 88.28 89.28
N ASP F 139 -81.64 87.83 88.04
CA ASP F 139 -83.00 87.77 87.52
C ASP F 139 -83.15 87.03 86.21
N ARG F 140 -84.41 86.75 85.87
CA ARG F 140 -84.76 86.03 84.66
C ARG F 140 -84.10 86.63 83.41
N LYS F 141 -84.02 87.96 83.35
CA LYS F 141 -83.41 88.63 82.21
C LYS F 141 -81.91 88.31 82.14
N ALA F 142 -81.19 88.66 83.19
CA ALA F 142 -79.75 88.42 83.25
C ALA F 142 -79.40 87.03 82.70
N ILE F 143 -80.21 86.04 83.04
CA ILE F 143 -79.95 84.69 82.57
C ILE F 143 -80.34 84.50 81.11
N GLU F 144 -81.51 85.02 80.73
CA GLU F 144 -81.94 84.87 79.36
C GLU F 144 -80.86 85.40 78.44
N GLU F 145 -80.18 86.45 78.89
CA GLU F 145 -79.10 87.06 78.11
C GLU F 145 -77.91 86.12 77.96
N VAL F 146 -77.30 85.77 79.10
CA VAL F 146 -76.17 84.84 79.10
C VAL F 146 -76.39 83.66 78.17
N ALA F 147 -77.58 83.07 78.26
CA ALA F 147 -77.96 81.90 77.46
C ALA F 147 -78.15 82.22 75.99
N THR F 148 -78.88 83.29 75.70
CA THR F 148 -79.10 83.70 74.32
C THR F 148 -77.76 83.86 73.62
N ILE F 149 -76.80 84.48 74.29
CA ILE F 149 -75.48 84.67 73.72
C ILE F 149 -74.72 83.38 73.52
N SER F 150 -74.45 82.67 74.61
CA SER F 150 -73.72 81.42 74.53
C SER F 150 -74.26 80.48 73.44
N ALA F 151 -75.57 80.51 73.22
CA ALA F 151 -76.19 79.64 72.23
C ALA F 151 -76.33 80.35 70.90
N ASN F 152 -76.24 81.66 70.94
CA ASN F 152 -76.35 82.46 69.75
C ASN F 152 -77.73 82.22 69.17
N ASP F 153 -78.73 82.27 70.06
CA ASP F 153 -80.12 82.07 69.70
C ASP F 153 -81.03 82.60 70.81
N PRO F 154 -81.98 83.48 70.46
CA PRO F 154 -82.90 84.05 71.46
C PRO F 154 -83.80 83.00 72.08
N GLU F 155 -84.37 82.15 71.22
CA GLU F 155 -85.26 81.09 71.67
C GLU F 155 -84.59 80.23 72.73
N VAL F 156 -83.42 79.70 72.42
CA VAL F 156 -82.71 78.86 73.39
C VAL F 156 -82.52 79.63 74.69
N GLY F 157 -82.18 80.90 74.58
CA GLY F 157 -81.97 81.70 75.77
C GLY F 157 -83.25 81.88 76.56
N LYS F 158 -84.38 81.80 75.86
CA LYS F 158 -85.66 81.94 76.54
C LYS F 158 -85.97 80.71 77.37
N LEU F 159 -86.11 79.56 76.72
CA LEU F 159 -86.39 78.32 77.44
C LEU F 159 -85.48 78.12 78.65
N ILE F 160 -84.17 78.35 78.46
CA ILE F 160 -83.21 78.20 79.55
C ILE F 160 -83.56 79.13 80.71
N ALA F 161 -84.06 80.31 80.39
CA ALA F 161 -84.45 81.27 81.41
C ALA F 161 -85.73 80.79 82.06
N ASP F 162 -86.71 80.47 81.23
CA ASP F 162 -87.98 79.96 81.73
C ASP F 162 -87.75 78.82 82.71
N ALA F 163 -87.07 77.77 82.24
CA ALA F 163 -86.79 76.60 83.06
C ALA F 163 -86.02 77.01 84.30
N MET F 164 -84.86 77.62 84.10
CA MET F 164 -84.03 78.06 85.21
C MET F 164 -84.86 78.79 86.28
N GLU F 165 -85.75 79.67 85.84
CA GLU F 165 -86.60 80.43 86.75
C GLU F 165 -87.51 79.54 87.59
N LYS F 166 -88.32 78.73 86.94
CA LYS F 166 -89.25 77.85 87.62
C LYS F 166 -88.61 76.55 88.13
N VAL F 167 -87.35 76.62 88.53
CA VAL F 167 -86.62 75.45 89.06
C VAL F 167 -85.53 75.96 89.99
N GLY F 168 -85.50 77.27 90.18
CA GLY F 168 -84.51 77.87 91.07
C GLY F 168 -83.09 77.58 90.63
N LYS F 169 -82.17 78.47 91.01
CA LYS F 169 -80.76 78.32 90.64
C LYS F 169 -80.12 77.04 91.16
N GLU F 170 -80.76 76.40 92.14
CA GLU F 170 -80.22 75.16 92.67
C GLU F 170 -80.92 73.98 92.02
N GLY F 171 -81.81 74.28 91.08
CA GLY F 171 -82.55 73.23 90.40
C GLY F 171 -81.74 72.36 89.45
N ILE F 172 -82.42 71.78 88.45
CA ILE F 172 -81.75 70.94 87.48
C ILE F 172 -82.47 70.95 86.14
N ILE F 173 -81.70 71.21 85.09
CA ILE F 173 -82.24 71.24 83.74
C ILE F 173 -81.55 70.16 82.90
N THR F 174 -82.32 69.49 82.06
CA THR F 174 -81.78 68.43 81.23
C THR F 174 -82.14 68.60 79.77
N VAL F 175 -81.20 68.23 78.90
CA VAL F 175 -81.43 68.34 77.48
C VAL F 175 -81.69 66.97 76.89
N GLU F 176 -82.88 66.80 76.34
CA GLU F 176 -83.28 65.54 75.74
C GLU F 176 -83.73 65.65 74.29
N GLU F 177 -83.63 64.53 73.60
CA GLU F 177 -83.98 64.45 72.19
C GLU F 177 -85.47 64.26 71.95
N SER F 178 -86.19 65.36 71.73
CA SER F 178 -87.64 65.30 71.45
C SER F 178 -87.84 64.47 70.18
N LYS F 179 -89.09 64.31 69.78
CA LYS F 179 -89.38 63.54 68.58
C LYS F 179 -90.02 64.38 67.50
N SER F 180 -90.71 65.43 67.89
CA SER F 180 -91.36 66.31 66.93
C SER F 180 -90.30 67.24 66.39
N LEU F 181 -90.66 68.08 65.42
CA LEU F 181 -89.73 69.03 64.85
C LEU F 181 -89.56 70.16 65.83
N GLU F 182 -90.48 70.27 66.77
CA GLU F 182 -90.39 71.34 67.75
C GLU F 182 -89.80 70.94 69.09
N THR F 183 -89.17 71.93 69.72
CA THR F 183 -88.53 71.77 71.01
C THR F 183 -89.54 72.13 72.11
N GLU F 184 -89.56 71.34 73.18
CA GLU F 184 -90.51 71.60 74.25
C GLU F 184 -89.85 71.61 75.62
N LEU F 185 -90.32 72.51 76.48
CA LEU F 185 -89.82 72.61 77.84
C LEU F 185 -90.88 72.02 78.74
N LYS F 186 -90.49 71.05 79.57
CA LYS F 186 -91.44 70.39 80.46
C LYS F 186 -90.84 70.15 81.83
N PHE F 187 -91.64 70.35 82.87
CA PHE F 187 -91.20 70.14 84.24
C PHE F 187 -91.73 68.84 84.80
N VAL F 188 -90.98 68.26 85.73
CA VAL F 188 -91.37 67.01 86.38
C VAL F 188 -91.96 67.35 87.75
N GLU F 189 -93.25 67.06 87.87
CA GLU F 189 -94.01 67.36 89.08
C GLU F 189 -93.58 66.76 90.39
N GLY F 190 -93.91 65.52 90.67
CA GLY F 190 -93.48 64.99 91.95
C GLY F 190 -92.10 64.39 91.90
N TYR F 191 -91.90 63.37 92.72
CA TYR F 191 -90.63 62.69 92.73
C TYR F 191 -90.82 61.65 91.64
N GLN F 192 -89.75 61.30 90.95
CA GLN F 192 -89.88 60.32 89.90
C GLN F 192 -88.53 59.73 89.58
N PHE F 193 -88.53 58.49 89.13
CA PHE F 193 -87.31 57.80 88.76
C PHE F 193 -87.58 56.93 87.55
N ASP F 194 -86.52 56.54 86.86
CA ASP F 194 -86.66 55.76 85.65
C ASP F 194 -86.80 54.24 85.80
N LYS F 195 -87.88 53.85 86.48
CA LYS F 195 -88.23 52.45 86.70
C LYS F 195 -89.75 52.40 86.45
N GLY F 196 -90.19 51.37 85.74
CA GLY F 196 -91.61 51.25 85.45
C GLY F 196 -92.23 50.03 86.10
N TYR F 197 -93.49 49.75 85.77
CA TYR F 197 -94.18 48.61 86.34
C TYR F 197 -93.50 47.28 86.00
N ILE F 198 -93.13 46.54 87.04
CA ILE F 198 -92.47 45.24 86.89
C ILE F 198 -93.30 44.23 86.08
N SER F 199 -94.58 44.52 85.89
CA SER F 199 -95.47 43.66 85.11
C SER F 199 -96.58 44.45 84.45
N PRO F 200 -96.73 44.29 83.13
CA PRO F 200 -97.76 44.99 82.35
C PRO F 200 -99.19 44.85 82.91
N TYR F 201 -99.44 43.81 83.69
CA TYR F 201 -100.76 43.59 84.26
C TYR F 201 -101.20 44.69 85.19
N PHE F 202 -100.24 45.36 85.81
CA PHE F 202 -100.52 46.44 86.74
C PHE F 202 -101.24 47.61 86.09
N VAL F 203 -101.12 47.74 84.78
CA VAL F 203 -101.74 48.85 84.05
C VAL F 203 -103.17 49.19 84.46
N THR F 204 -103.44 50.51 84.54
CA THR F 204 -104.75 51.04 84.91
C THR F 204 -105.44 51.62 83.70
N ASN F 205 -104.66 52.22 82.80
CA ASN F 205 -105.23 52.79 81.59
C ASN F 205 -104.77 52.01 80.37
N PRO F 206 -105.71 51.46 79.59
CA PRO F 206 -105.38 50.68 78.40
C PRO F 206 -105.02 51.58 77.21
N GLU F 207 -105.38 52.87 77.33
CA GLU F 207 -105.11 53.85 76.29
C GLU F 207 -103.77 54.58 76.49
N THR F 208 -103.26 54.57 77.72
CA THR F 208 -102.01 55.26 78.04
C THR F 208 -100.91 54.34 78.64
N MET F 209 -101.21 53.05 78.71
CA MET F 209 -100.25 52.08 79.25
C MET F 209 -99.63 52.54 80.56
N GLU F 210 -100.39 53.28 81.35
CA GLU F 210 -99.92 53.77 82.64
C GLU F 210 -100.58 52.99 83.77
N ALA F 211 -100.08 53.22 84.97
CA ALA F 211 -100.62 52.58 86.17
C ALA F 211 -100.92 53.70 87.15
N VAL F 212 -102.14 54.24 87.08
CA VAL F 212 -102.54 55.33 87.94
C VAL F 212 -103.22 54.91 89.25
N LEU F 213 -102.53 55.15 90.37
CA LEU F 213 -103.03 54.82 91.71
C LEU F 213 -103.37 56.11 92.46
N GLU F 214 -104.65 56.36 92.67
CA GLU F 214 -105.08 57.58 93.36
C GLU F 214 -104.98 57.42 94.88
N ASP F 215 -104.40 58.42 95.52
CA ASP F 215 -104.24 58.42 96.98
C ASP F 215 -103.89 57.00 97.45
N ALA F 216 -102.62 56.64 97.35
CA ALA F 216 -102.19 55.29 97.73
C ALA F 216 -101.10 55.22 98.79
N PHE F 217 -100.75 53.99 99.16
CA PHE F 217 -99.72 53.72 100.14
C PHE F 217 -98.47 53.26 99.42
N ILE F 218 -97.31 53.69 99.89
CA ILE F 218 -96.05 53.30 99.30
C ILE F 218 -95.33 52.33 100.23
N LEU F 219 -95.06 51.13 99.74
CA LEU F 219 -94.37 50.15 100.53
C LEU F 219 -92.90 50.16 100.11
N ILE F 220 -92.05 50.79 100.91
CA ILE F 220 -90.63 50.89 100.59
C ILE F 220 -89.80 49.79 101.24
N VAL F 221 -89.52 48.72 100.48
CA VAL F 221 -88.72 47.59 100.97
C VAL F 221 -87.33 47.59 100.36
N GLU F 222 -86.29 47.61 101.19
CA GLU F 222 -84.94 47.62 100.67
C GLU F 222 -84.57 46.31 99.99
N LYS F 223 -84.73 45.20 100.70
CA LYS F 223 -84.41 43.89 100.15
C LYS F 223 -85.39 43.51 99.02
N LYS F 224 -85.15 42.36 98.40
CA LYS F 224 -86.04 41.89 97.34
C LYS F 224 -87.35 41.40 97.94
N VAL F 225 -88.20 40.79 97.12
CA VAL F 225 -89.48 40.27 97.58
C VAL F 225 -89.93 39.15 96.68
N SER F 226 -89.94 37.92 97.19
CA SER F 226 -90.36 36.76 96.40
C SER F 226 -91.27 35.82 97.16
N ASN F 227 -91.20 35.87 98.48
CA ASN F 227 -91.99 35.01 99.35
C ASN F 227 -93.34 35.62 99.74
N VAL F 228 -94.42 34.99 99.31
CA VAL F 228 -95.78 35.46 99.58
C VAL F 228 -96.06 35.73 101.06
N ARG F 229 -95.52 34.87 101.91
CA ARG F 229 -95.73 35.01 103.34
C ARG F 229 -95.45 36.42 103.83
N GLU F 230 -94.18 36.80 103.90
CA GLU F 230 -93.80 38.13 104.37
C GLU F 230 -94.74 39.26 103.91
N LEU F 231 -95.26 39.15 102.69
CA LEU F 231 -96.15 40.19 102.15
C LEU F 231 -97.54 40.21 102.77
N LEU F 232 -98.21 39.07 102.70
CA LEU F 232 -99.56 38.90 103.22
C LEU F 232 -99.94 39.80 104.39
N PRO F 233 -99.14 39.82 105.47
CA PRO F 233 -99.52 40.70 106.58
C PRO F 233 -99.84 42.14 106.19
N ILE F 234 -99.00 42.79 105.40
CA ILE F 234 -99.30 44.17 105.04
C ILE F 234 -100.40 44.25 104.01
N LEU F 235 -100.30 43.37 103.01
CA LEU F 235 -101.26 43.33 101.92
C LEU F 235 -102.67 43.26 102.49
N GLU F 236 -102.83 42.60 103.63
CA GLU F 236 -104.14 42.48 104.29
C GLU F 236 -104.51 43.78 104.96
N GLN F 237 -103.54 44.36 105.67
CA GLN F 237 -103.77 45.62 106.36
C GLN F 237 -104.18 46.67 105.33
N VAL F 238 -103.46 46.72 104.23
CA VAL F 238 -103.75 47.69 103.19
C VAL F 238 -105.08 47.38 102.53
N ALA F 239 -105.20 46.16 102.03
CA ALA F 239 -106.40 45.68 101.34
C ALA F 239 -107.65 46.10 102.09
N GLN F 240 -107.58 46.09 103.42
CA GLN F 240 -108.70 46.46 104.25
C GLN F 240 -108.88 47.97 104.32
N THR F 241 -107.88 48.71 103.90
CA THR F 241 -107.98 50.16 103.93
C THR F 241 -108.79 50.64 102.75
N GLY F 242 -108.88 49.80 101.72
CA GLY F 242 -109.62 50.14 100.53
C GLY F 242 -108.84 51.10 99.65
N LYS F 243 -107.57 51.29 99.96
CA LYS F 243 -106.71 52.19 99.19
C LYS F 243 -105.70 51.43 98.34
N PRO F 244 -105.22 52.08 97.27
CA PRO F 244 -104.24 51.47 96.37
C PRO F 244 -102.90 51.30 97.07
N LEU F 245 -102.00 50.56 96.45
CA LEU F 245 -100.71 50.37 97.05
C LEU F 245 -99.60 50.20 96.00
N LEU F 246 -98.50 50.91 96.24
CA LEU F 246 -97.36 50.87 95.37
C LEU F 246 -96.25 50.19 96.15
N ILE F 247 -95.69 49.12 95.61
CA ILE F 247 -94.60 48.42 96.29
C ILE F 247 -93.26 48.68 95.61
N ILE F 248 -92.33 49.21 96.37
CA ILE F 248 -91.00 49.52 95.87
C ILE F 248 -89.95 48.67 96.59
N ALA F 249 -89.43 47.67 95.90
CA ALA F 249 -88.42 46.79 96.47
C ALA F 249 -87.35 46.51 95.41
N GLU F 250 -86.17 46.08 95.85
CA GLU F 250 -85.06 45.78 94.93
C GLU F 250 -85.61 45.09 93.70
N ASP F 251 -86.68 44.34 93.92
CA ASP F 251 -87.34 43.61 92.85
C ASP F 251 -88.47 42.80 93.49
N VAL F 252 -89.48 42.51 92.70
CA VAL F 252 -90.61 41.72 93.16
C VAL F 252 -90.75 40.59 92.16
N GLU F 253 -90.33 39.41 92.60
CA GLU F 253 -90.35 38.22 91.75
C GLU F 253 -91.11 37.04 92.35
N GLY F 254 -91.02 35.90 91.66
CA GLY F 254 -91.68 34.67 92.10
C GLY F 254 -93.17 34.70 92.41
N GLU F 255 -93.54 33.94 93.44
CA GLU F 255 -94.92 33.83 93.89
C GLU F 255 -95.40 35.13 94.52
N ALA F 256 -94.46 35.92 95.03
CA ALA F 256 -94.77 37.21 95.64
C ALA F 256 -95.39 38.14 94.60
N LEU F 257 -94.78 38.15 93.41
CA LEU F 257 -95.27 38.98 92.31
C LEU F 257 -96.56 38.38 91.78
N ALA F 258 -96.54 37.07 91.56
CA ALA F 258 -97.71 36.35 91.06
C ALA F 258 -98.95 36.73 91.89
N THR F 259 -98.76 36.86 93.20
CA THR F 259 -99.84 37.23 94.12
C THR F 259 -100.44 38.57 93.70
N LEU F 260 -99.63 39.62 93.86
CA LEU F 260 -100.01 40.99 93.55
C LEU F 260 -100.75 41.08 92.23
N VAL F 261 -100.26 40.34 91.25
CA VAL F 261 -100.88 40.35 89.93
C VAL F 261 -102.28 39.80 90.02
N VAL F 262 -102.40 38.57 90.53
CA VAL F 262 -103.70 37.95 90.64
C VAL F 262 -104.69 38.83 91.39
N ASN F 263 -104.27 39.35 92.54
CA ASN F 263 -105.12 40.21 93.32
C ASN F 263 -105.46 41.49 92.59
N LYS F 264 -104.50 41.98 91.82
CA LYS F 264 -104.69 43.17 91.04
C LYS F 264 -105.81 42.89 90.04
N LEU F 265 -105.60 41.86 89.22
CA LEU F 265 -106.56 41.45 88.19
C LEU F 265 -107.91 41.01 88.76
N ARG F 266 -107.90 40.63 90.03
CA ARG F 266 -109.09 40.16 90.72
C ARG F 266 -109.99 41.29 91.17
N GLY F 267 -109.38 42.36 91.68
CA GLY F 267 -110.15 43.47 92.18
C GLY F 267 -109.94 43.47 93.69
N THR F 268 -109.21 42.46 94.15
CA THR F 268 -108.88 42.29 95.57
C THR F 268 -108.18 43.53 96.08
N LEU F 269 -107.06 43.83 95.42
CA LEU F 269 -106.22 44.97 95.77
C LEU F 269 -105.63 45.60 94.51
N SER F 270 -105.69 46.93 94.45
CA SER F 270 -105.12 47.65 93.30
C SER F 270 -103.70 47.94 93.73
N VAL F 271 -102.76 47.34 93.02
CA VAL F 271 -101.36 47.53 93.34
C VAL F 271 -100.48 47.64 92.08
N ALA F 272 -99.19 47.86 92.33
CA ALA F 272 -98.20 47.98 91.26
C ALA F 272 -96.83 47.86 91.90
N ALA F 273 -95.96 47.08 91.27
CA ALA F 273 -94.61 46.88 91.78
C ALA F 273 -93.62 47.59 90.87
N VAL F 274 -92.61 48.21 91.47
CA VAL F 274 -91.60 48.95 90.74
C VAL F 274 -90.24 48.75 91.40
N LYS F 275 -89.23 48.41 90.61
CA LYS F 275 -87.89 48.20 91.16
C LYS F 275 -87.33 49.47 91.81
N ALA F 276 -86.40 49.30 92.74
CA ALA F 276 -85.79 50.44 93.43
C ALA F 276 -85.16 51.38 92.42
N PRO F 277 -85.00 52.66 92.80
CA PRO F 277 -84.39 53.60 91.86
C PRO F 277 -82.96 53.22 91.46
N GLY F 278 -81.97 53.85 92.08
CA GLY F 278 -80.59 53.57 91.73
C GLY F 278 -80.03 52.18 91.93
N PHE F 279 -78.73 52.14 92.21
CA PHE F 279 -78.01 50.91 92.47
C PHE F 279 -77.11 51.15 93.66
N GLY F 280 -76.32 50.13 94.01
CA GLY F 280 -75.41 50.25 95.14
C GLY F 280 -76.01 50.95 96.34
N ASP F 281 -75.21 51.77 97.00
CA ASP F 281 -75.68 52.48 98.16
C ASP F 281 -76.51 53.71 97.82
N ARG F 282 -76.62 54.04 96.55
CA ARG F 282 -77.41 55.22 96.22
C ARG F 282 -78.90 54.88 96.15
N ARG F 283 -79.27 53.68 95.70
CA ARG F 283 -80.70 53.37 95.68
C ARG F 283 -81.14 53.18 97.12
N LYS F 284 -80.19 52.88 98.01
CA LYS F 284 -80.50 52.73 99.42
C LYS F 284 -80.78 54.13 99.97
N GLU F 285 -79.92 55.06 99.57
CA GLU F 285 -80.03 56.46 99.97
C GLU F 285 -81.20 57.14 99.27
N MET F 286 -81.60 56.62 98.11
CA MET F 286 -82.73 57.19 97.38
C MET F 286 -84.04 56.69 97.94
N LEU F 287 -84.08 55.40 98.31
CA LEU F 287 -85.27 54.83 98.90
C LEU F 287 -85.68 55.71 100.07
N LYS F 288 -84.70 56.08 100.88
CA LYS F 288 -84.91 56.96 102.03
C LYS F 288 -85.41 58.30 101.59
N ASP F 289 -84.93 58.74 100.42
CA ASP F 289 -85.35 60.00 99.86
C ASP F 289 -86.83 59.86 99.55
N ILE F 290 -87.17 58.76 98.88
CA ILE F 290 -88.56 58.47 98.54
C ILE F 290 -89.36 58.44 99.83
N ALA F 291 -88.76 57.82 100.85
CA ALA F 291 -89.36 57.72 102.16
C ALA F 291 -89.74 59.11 102.66
N ALA F 292 -88.73 59.94 102.89
CA ALA F 292 -88.94 61.29 103.38
C ALA F 292 -89.94 62.11 102.59
N VAL F 293 -90.13 61.76 101.32
CA VAL F 293 -91.07 62.49 100.46
C VAL F 293 -92.49 61.98 100.57
N THR F 294 -92.62 60.68 100.79
CA THR F 294 -93.93 60.06 100.92
C THR F 294 -94.34 60.07 102.39
N GLY F 295 -93.35 59.91 103.26
CA GLY F 295 -93.61 59.89 104.69
C GLY F 295 -93.46 58.50 105.26
N GLY F 296 -93.51 57.49 104.39
CA GLY F 296 -93.40 56.12 104.84
C GLY F 296 -92.06 55.81 105.48
N THR F 297 -91.85 54.54 105.79
CA THR F 297 -90.61 54.10 106.39
C THR F 297 -89.98 53.01 105.57
N VAL F 298 -88.68 53.11 105.42
CA VAL F 298 -87.97 52.12 104.64
C VAL F 298 -87.81 50.86 105.45
N ILE F 299 -88.10 49.73 104.82
CA ILE F 299 -87.95 48.45 105.47
C ILE F 299 -86.50 48.04 105.24
N SER F 300 -85.62 48.78 105.92
CA SER F 300 -84.18 48.58 105.85
C SER F 300 -83.76 47.24 106.41
N GLU F 301 -83.33 46.32 105.54
CA GLU F 301 -82.88 45.01 106.01
C GLU F 301 -81.68 45.16 106.96
N GLU F 302 -81.00 46.30 106.89
CA GLU F 302 -79.85 46.54 107.76
C GLU F 302 -80.10 47.58 108.86
N LEU F 303 -81.37 47.80 109.16
CA LEU F 303 -81.75 48.71 110.22
C LEU F 303 -82.52 47.83 111.21
N GLY F 304 -82.86 46.62 110.77
CA GLY F 304 -83.58 45.68 111.60
C GLY F 304 -85.09 45.68 111.44
N PHE F 305 -85.57 45.41 110.23
CA PHE F 305 -87.00 45.38 109.97
C PHE F 305 -87.35 44.17 109.14
N LYS F 306 -88.45 43.52 109.50
CA LYS F 306 -88.93 42.36 108.77
C LYS F 306 -90.17 42.77 108.00
N LEU F 307 -90.23 42.38 106.73
CA LEU F 307 -91.38 42.73 105.89
C LEU F 307 -92.70 42.24 106.50
N GLU F 308 -92.67 41.02 107.03
CA GLU F 308 -93.84 40.42 107.64
C GLU F 308 -94.39 41.23 108.82
N ASN F 309 -93.50 41.91 109.53
CA ASN F 309 -93.92 42.72 110.67
C ASN F 309 -94.21 44.17 110.29
N ALA F 310 -94.43 44.42 109.01
CA ALA F 310 -94.69 45.79 108.58
C ALA F 310 -96.08 46.27 109.02
N THR F 311 -96.29 47.57 109.02
CA THR F 311 -97.56 48.14 109.46
C THR F 311 -98.02 49.33 108.62
N LEU F 312 -99.33 49.60 108.62
CA LEU F 312 -99.85 50.72 107.87
C LEU F 312 -99.25 51.99 108.44
N SER F 313 -98.72 51.89 109.65
CA SER F 313 -98.11 53.04 110.30
C SER F 313 -96.81 53.43 109.58
N MET F 314 -96.08 52.44 109.10
CA MET F 314 -94.82 52.71 108.41
C MET F 314 -94.89 52.60 106.88
N LEU F 315 -95.99 53.12 106.32
CA LEU F 315 -96.17 53.11 104.88
C LEU F 315 -96.19 54.53 104.34
N GLY F 316 -95.69 54.67 103.12
CA GLY F 316 -95.65 55.97 102.49
C GLY F 316 -97.02 56.30 101.95
N ARG F 317 -97.33 57.59 101.83
CA ARG F 317 -98.62 57.98 101.33
C ARG F 317 -98.47 59.13 100.34
N ALA F 318 -99.19 59.06 99.23
CA ALA F 318 -99.09 60.11 98.23
C ALA F 318 -100.44 60.39 97.60
N GLU F 319 -100.61 61.62 97.10
CA GLU F 319 -101.85 62.03 96.47
C GLU F 319 -102.08 61.30 95.14
N ARG F 320 -101.01 60.81 94.51
CA ARG F 320 -101.17 60.10 93.26
C ARG F 320 -99.91 59.37 92.83
N VAL F 321 -100.06 58.43 91.90
CA VAL F 321 -98.92 57.68 91.41
C VAL F 321 -99.11 57.24 89.97
N ARG F 322 -98.17 57.61 89.09
CA ARG F 322 -98.19 57.23 87.68
C ARG F 322 -97.04 56.26 87.37
N ILE F 323 -97.35 55.19 86.65
CA ILE F 323 -96.33 54.20 86.31
C ILE F 323 -96.42 53.81 84.85
N THR F 324 -95.37 54.16 84.11
CA THR F 324 -95.30 53.87 82.69
C THR F 324 -94.43 52.64 82.49
N LYS F 325 -94.41 52.13 81.27
CA LYS F 325 -93.62 50.95 80.95
C LYS F 325 -92.20 51.03 81.51
N ASP F 326 -91.71 52.24 81.76
CA ASP F 326 -90.35 52.40 82.28
C ASP F 326 -90.11 53.63 83.15
N GLU F 327 -91.18 54.24 83.67
CA GLU F 327 -91.02 55.42 84.49
C GLU F 327 -92.06 55.48 85.61
N THR F 328 -91.64 55.96 86.77
CA THR F 328 -92.54 56.09 87.93
C THR F 328 -92.56 57.52 88.47
N THR F 329 -93.75 58.03 88.78
CA THR F 329 -93.88 59.39 89.32
C THR F 329 -94.81 59.40 90.54
N ILE F 330 -94.27 59.80 91.68
CA ILE F 330 -95.02 59.88 92.93
C ILE F 330 -95.48 61.32 93.18
N VAL F 331 -96.72 61.62 92.79
CA VAL F 331 -97.25 62.97 92.97
C VAL F 331 -97.86 63.14 94.36
N GLY F 332 -97.87 64.38 94.84
CA GLY F 332 -98.42 64.70 96.14
C GLY F 332 -98.00 63.81 97.31
N GLY F 333 -96.69 63.59 97.45
CA GLY F 333 -96.19 62.78 98.55
C GLY F 333 -96.62 63.44 99.84
N LYS F 334 -96.96 62.64 100.85
CA LYS F 334 -97.41 63.19 102.12
C LYS F 334 -96.29 63.33 103.14
N GLY F 335 -95.06 63.11 102.69
CA GLY F 335 -93.91 63.22 103.57
C GLY F 335 -93.86 64.45 104.48
N LYS F 336 -93.08 64.33 105.54
CA LYS F 336 -92.93 65.40 106.53
C LYS F 336 -91.91 66.42 106.01
N LYS F 337 -92.29 67.70 105.98
CA LYS F 337 -91.40 68.75 105.49
C LYS F 337 -89.98 68.69 106.07
N GLU F 338 -89.85 68.52 107.38
CA GLU F 338 -88.54 68.45 108.04
C GLU F 338 -87.73 67.26 107.53
N ASP F 339 -88.42 66.17 107.20
CA ASP F 339 -87.74 64.97 106.70
C ASP F 339 -87.11 65.23 105.36
N ILE F 340 -87.81 66.02 104.54
CA ILE F 340 -87.32 66.36 103.22
C ILE F 340 -86.11 67.26 103.42
N GLU F 341 -86.33 68.46 103.95
CA GLU F 341 -85.23 69.41 104.18
C GLU F 341 -83.98 68.79 104.75
N ALA F 342 -84.14 67.98 105.78
CA ALA F 342 -82.99 67.33 106.41
C ALA F 342 -82.39 66.29 105.44
N ARG F 343 -83.23 65.78 104.56
CA ARG F 343 -82.77 64.80 103.59
C ARG F 343 -81.98 65.53 102.51
N ILE F 344 -82.43 66.76 102.23
CA ILE F 344 -81.81 67.63 101.25
C ILE F 344 -80.48 68.15 101.78
N ASN F 345 -80.54 68.94 102.84
CA ASN F 345 -79.35 69.53 103.46
C ASN F 345 -78.30 68.51 103.86
N GLY F 346 -78.62 67.24 103.64
CA GLY F 346 -77.66 66.20 103.96
C GLY F 346 -76.80 66.03 102.73
N ILE F 347 -77.42 66.29 101.57
CA ILE F 347 -76.75 66.20 100.28
C ILE F 347 -75.91 67.46 100.06
N LYS F 348 -76.43 68.62 100.45
CA LYS F 348 -75.69 69.89 100.32
C LYS F 348 -74.43 69.84 101.18
N LYS F 349 -74.62 69.63 102.48
CA LYS F 349 -73.52 69.56 103.45
C LYS F 349 -72.66 68.34 103.21
N GLU F 350 -72.73 67.80 102.00
CA GLU F 350 -71.96 66.64 101.62
C GLU F 350 -71.31 66.93 100.26
N LEU F 351 -72.01 67.71 99.43
CA LEU F 351 -71.48 68.07 98.12
C LEU F 351 -70.20 68.87 98.33
N GLU F 352 -70.22 69.68 99.38
CA GLU F 352 -69.07 70.52 99.72
C GLU F 352 -67.91 69.66 100.22
N THR F 353 -67.78 68.47 99.64
CA THR F 353 -66.71 67.55 100.00
C THR F 353 -66.59 66.53 98.87
N THR F 354 -67.43 66.69 97.86
CA THR F 354 -67.39 65.78 96.72
C THR F 354 -66.49 66.39 95.65
N ASP F 355 -65.69 65.56 95.01
CA ASP F 355 -64.81 66.03 93.95
C ASP F 355 -65.25 65.60 92.56
N SER F 356 -64.94 64.36 92.17
CA SER F 356 -65.32 63.84 90.86
C SER F 356 -66.67 64.43 90.47
N GLU F 357 -66.63 65.36 89.51
CA GLU F 357 -67.84 66.04 89.06
C GLU F 357 -68.99 65.07 88.79
N TYR F 358 -68.65 63.80 88.57
CA TYR F 358 -69.68 62.80 88.32
C TYR F 358 -70.51 62.51 89.56
N ALA F 359 -69.84 62.46 90.71
CA ALA F 359 -70.49 62.22 91.99
C ALA F 359 -71.28 63.46 92.41
N ARG F 360 -70.87 64.61 91.89
CA ARG F 360 -71.56 65.86 92.22
C ARG F 360 -72.81 66.00 91.37
N GLU F 361 -72.89 65.22 90.28
CA GLU F 361 -74.04 65.24 89.39
C GLU F 361 -75.10 64.26 89.87
N LYS F 362 -74.65 63.16 90.48
CA LYS F 362 -75.53 62.14 91.02
C LYS F 362 -76.22 62.68 92.27
N LEU F 363 -75.41 63.25 93.16
CA LEU F 363 -75.88 63.83 94.41
C LEU F 363 -76.61 65.13 94.12
N GLN F 364 -76.81 65.40 92.84
CA GLN F 364 -77.50 66.62 92.44
C GLN F 364 -78.88 66.29 91.89
N GLU F 365 -79.00 65.19 91.17
CA GLU F 365 -80.30 64.84 90.62
C GLU F 365 -81.18 64.37 91.77
N ARG F 366 -80.54 63.96 92.86
CA ARG F 366 -81.26 63.52 94.06
C ARG F 366 -81.86 64.78 94.67
N LEU F 367 -80.97 65.73 94.99
CA LEU F 367 -81.38 67.01 95.57
C LEU F 367 -82.31 67.76 94.62
N ALA F 368 -82.37 67.32 93.37
CA ALA F 368 -83.23 67.97 92.38
C ALA F 368 -84.64 67.38 92.51
N LYS F 369 -84.67 66.05 92.54
CA LYS F 369 -85.92 65.34 92.68
C LYS F 369 -86.58 65.78 93.97
N LEU F 370 -85.80 65.75 95.06
CA LEU F 370 -86.29 66.15 96.39
C LEU F 370 -86.85 67.55 96.45
N ALA F 371 -86.35 68.43 95.58
CA ALA F 371 -86.84 69.80 95.54
C ALA F 371 -87.89 69.94 94.43
N GLY F 372 -88.38 68.79 93.94
CA GLY F 372 -89.39 68.77 92.89
C GLY F 372 -89.06 69.73 91.79
N GLY F 373 -87.78 70.04 91.68
CA GLY F 373 -87.34 70.99 90.68
C GLY F 373 -86.53 70.39 89.54
N VAL F 374 -87.21 69.71 88.64
CA VAL F 374 -86.56 69.08 87.50
C VAL F 374 -87.22 69.52 86.19
N ALA F 375 -86.48 70.29 85.40
CA ALA F 375 -86.97 70.76 84.11
C ALA F 375 -86.28 69.92 83.07
N VAL F 376 -86.86 69.84 81.88
CA VAL F 376 -86.28 69.06 80.82
C VAL F 376 -86.65 69.67 79.49
N ILE F 377 -85.62 70.01 78.72
CA ILE F 377 -85.84 70.59 77.40
C ILE F 377 -85.65 69.46 76.40
N ARG F 378 -86.70 69.21 75.60
CA ARG F 378 -86.64 68.17 74.60
C ARG F 378 -86.50 68.87 73.25
N VAL F 379 -85.26 68.88 72.74
CA VAL F 379 -84.89 69.54 71.50
C VAL F 379 -85.35 68.84 70.23
N GLY F 380 -85.99 69.61 69.36
CA GLY F 380 -86.48 69.05 68.11
C GLY F 380 -85.77 69.61 66.90
N ALA F 381 -85.73 68.83 65.83
CA ALA F 381 -85.08 69.22 64.59
C ALA F 381 -85.56 68.30 63.48
N ALA F 382 -85.34 68.71 62.23
CA ALA F 382 -85.77 67.89 61.09
C ALA F 382 -84.79 66.81 60.71
N THR F 383 -83.52 67.00 61.06
CA THR F 383 -82.49 66.01 60.70
C THR F 383 -81.59 65.72 61.87
N GLU F 384 -80.99 64.54 61.87
CA GLU F 384 -80.10 64.16 62.93
C GLU F 384 -78.96 65.16 63.08
N THR F 385 -78.32 65.48 61.95
CA THR F 385 -77.22 66.41 61.95
C THR F 385 -77.61 67.75 62.57
N GLU F 386 -78.70 68.35 62.10
CA GLU F 386 -79.13 69.63 62.65
C GLU F 386 -79.41 69.50 64.15
N LEU F 387 -80.12 68.45 64.52
CA LEU F 387 -80.49 68.20 65.89
C LEU F 387 -79.30 68.13 66.83
N LYS F 388 -78.36 67.28 66.48
CA LYS F 388 -77.16 67.09 67.28
C LYS F 388 -76.45 68.41 67.62
N GLU F 389 -76.52 69.41 66.72
CA GLU F 389 -75.90 70.71 66.97
C GLU F 389 -76.82 71.61 67.78
N LYS F 390 -78.10 71.59 67.45
CA LYS F 390 -79.08 72.39 68.17
C LYS F 390 -79.05 71.92 69.62
N LYS F 391 -79.01 70.61 69.79
CA LYS F 391 -78.94 70.00 71.11
C LYS F 391 -77.71 70.55 71.83
N HIS F 392 -76.57 70.49 71.16
CA HIS F 392 -75.32 70.97 71.72
C HIS F 392 -75.37 72.40 72.17
N ARG F 393 -75.92 73.28 71.33
CA ARG F 393 -76.02 74.69 71.69
C ARG F 393 -76.72 74.85 73.04
N PHE F 394 -77.79 74.08 73.26
CA PHE F 394 -78.50 74.16 74.53
C PHE F 394 -77.52 73.84 75.66
N GLU F 395 -76.82 72.72 75.51
CA GLU F 395 -75.86 72.31 76.52
C GLU F 395 -74.84 73.40 76.82
N ASP F 396 -74.34 74.07 75.78
CA ASP F 396 -73.38 75.13 76.03
C ASP F 396 -74.04 76.24 76.83
N ALA F 397 -75.20 76.69 76.37
CA ALA F 397 -75.93 77.74 77.06
C ALA F 397 -76.09 77.43 78.55
N LEU F 398 -76.37 76.17 78.89
CA LEU F 398 -76.53 75.79 80.28
C LEU F 398 -75.20 75.97 80.99
N ASN F 399 -74.16 75.33 80.47
CA ASN F 399 -72.82 75.45 81.06
C ASN F 399 -72.49 76.91 81.34
N ALA F 400 -72.91 77.79 80.42
CA ALA F 400 -72.68 79.20 80.58
C ALA F 400 -73.43 79.67 81.81
N THR F 401 -74.75 79.49 81.77
CA THR F 401 -75.62 79.87 82.87
C THR F 401 -75.04 79.43 84.21
N ARG F 402 -74.69 78.16 84.33
CA ARG F 402 -74.10 77.66 85.56
C ARG F 402 -72.93 78.56 85.97
N ALA F 403 -71.95 78.68 85.10
CA ALA F 403 -70.79 79.50 85.38
C ALA F 403 -71.17 80.95 85.68
N ALA F 404 -72.24 81.45 85.07
CA ALA F 404 -72.64 82.83 85.29
C ALA F 404 -73.07 83.03 86.73
N VAL F 405 -73.85 82.09 87.23
CA VAL F 405 -74.32 82.16 88.59
C VAL F 405 -73.15 82.04 89.56
N GLU F 406 -72.21 81.17 89.25
CA GLU F 406 -71.04 80.99 90.12
C GLU F 406 -70.18 82.24 90.30
N GLU F 407 -69.47 82.67 89.24
CA GLU F 407 -68.58 83.80 89.36
C GLU F 407 -69.08 85.14 88.85
N GLY F 408 -70.29 85.16 88.34
CA GLY F 408 -70.78 86.43 87.85
C GLY F 408 -70.85 86.57 86.36
N ILE F 409 -71.04 87.80 85.92
CA ILE F 409 -71.19 88.10 84.52
C ILE F 409 -70.35 89.35 84.17
N VAL F 410 -69.80 89.39 82.95
CA VAL F 410 -69.01 90.53 82.48
C VAL F 410 -69.43 90.90 81.07
N PRO F 411 -69.02 92.09 80.58
CA PRO F 411 -69.41 92.48 79.23
C PRO F 411 -68.74 91.54 78.21
N GLY F 412 -69.50 91.18 77.17
CA GLY F 412 -68.99 90.25 76.17
C GLY F 412 -68.18 90.83 75.01
N GLY F 413 -68.22 90.13 73.88
CA GLY F 413 -67.50 90.56 72.70
C GLY F 413 -66.03 90.79 72.96
N GLY F 414 -65.49 90.08 73.94
CA GLY F 414 -64.09 90.24 74.29
C GLY F 414 -63.80 91.56 74.96
N VAL F 415 -64.82 92.43 75.01
CA VAL F 415 -64.68 93.75 75.61
C VAL F 415 -64.04 93.70 76.99
N THR F 416 -64.54 92.80 77.82
CA THR F 416 -64.03 92.67 79.16
C THR F 416 -62.51 92.43 79.15
N LEU F 417 -62.01 91.58 78.26
CA LEU F 417 -60.56 91.33 78.22
C LEU F 417 -59.78 92.53 77.72
N LEU F 418 -60.40 93.32 76.87
CA LEU F 418 -59.75 94.53 76.35
C LEU F 418 -59.55 95.48 77.53
N ARG F 419 -60.56 95.57 78.39
CA ARG F 419 -60.49 96.43 79.58
C ARG F 419 -59.38 95.97 80.53
N ALA F 420 -58.98 94.71 80.42
CA ALA F 420 -57.93 94.17 81.27
C ALA F 420 -56.59 94.74 80.85
N ILE F 421 -56.52 95.26 79.63
CA ILE F 421 -55.27 95.81 79.12
C ILE F 421 -54.73 96.92 80.01
N SER F 422 -55.55 97.93 80.27
CA SER F 422 -55.13 99.04 81.11
C SER F 422 -54.49 98.55 82.41
N ALA F 423 -54.96 97.41 82.92
CA ALA F 423 -54.40 96.85 84.13
C ALA F 423 -53.00 96.31 83.88
N VAL F 424 -52.83 95.57 82.80
CA VAL F 424 -51.52 95.01 82.46
C VAL F 424 -50.58 96.20 82.19
N GLU F 425 -51.15 97.24 81.56
CA GLU F 425 -50.41 98.44 81.22
C GLU F 425 -49.79 99.00 82.50
N GLU F 426 -50.64 99.23 83.49
CA GLU F 426 -50.18 99.74 84.77
C GLU F 426 -49.10 98.83 85.34
N LEU F 427 -49.31 97.53 85.19
CA LEU F 427 -48.33 96.57 85.69
C LEU F 427 -46.99 96.75 85.02
N ILE F 428 -47.00 96.89 83.71
CA ILE F 428 -45.78 97.05 82.94
C ILE F 428 -44.93 98.18 83.50
N LYS F 429 -45.59 99.29 83.83
CA LYS F 429 -44.89 100.44 84.38
C LYS F 429 -44.07 100.05 85.61
N LYS F 430 -44.47 98.96 86.25
CA LYS F 430 -43.76 98.50 87.42
C LYS F 430 -42.78 97.37 87.10
N LEU F 431 -42.74 96.97 85.84
CA LEU F 431 -41.86 95.88 85.42
C LEU F 431 -40.65 96.33 84.59
N GLU F 432 -39.66 95.45 84.49
CA GLU F 432 -38.45 95.73 83.71
C GLU F 432 -38.08 94.53 82.84
N GLY F 433 -36.93 94.66 82.19
CA GLY F 433 -36.43 93.58 81.34
C GLY F 433 -37.41 92.76 80.52
N ASP F 434 -37.06 91.50 80.32
CA ASP F 434 -37.89 90.58 79.55
C ASP F 434 -39.23 90.36 80.26
N GLU F 435 -39.21 90.48 81.58
CA GLU F 435 -40.42 90.31 82.36
C GLU F 435 -41.48 91.31 81.91
N ALA F 436 -41.03 92.51 81.58
CA ALA F 436 -41.94 93.55 81.12
C ALA F 436 -42.41 93.14 79.74
N THR F 437 -41.51 92.53 78.97
CA THR F 437 -41.85 92.08 77.62
C THR F 437 -42.98 91.07 77.76
N GLY F 438 -42.78 90.11 78.68
CA GLY F 438 -43.78 89.10 78.93
C GLY F 438 -45.16 89.73 79.14
N ALA F 439 -45.24 90.69 80.04
CA ALA F 439 -46.50 91.36 80.31
C ALA F 439 -47.08 91.91 79.02
N LYS F 440 -46.22 92.55 78.22
CA LYS F 440 -46.63 93.16 76.94
C LYS F 440 -47.25 92.11 76.01
N ILE F 441 -46.70 90.90 76.04
CA ILE F 441 -47.22 89.80 75.24
C ILE F 441 -48.71 89.61 75.56
N VAL F 442 -49.04 89.51 76.85
CA VAL F 442 -50.44 89.37 77.26
C VAL F 442 -51.23 90.59 76.81
N ARG F 443 -50.65 91.78 77.00
CA ARG F 443 -51.31 93.00 76.60
C ARG F 443 -51.83 92.91 75.18
N ARG F 444 -51.00 92.36 74.28
CA ARG F 444 -51.39 92.24 72.89
C ARG F 444 -52.43 91.15 72.73
N ALA F 445 -52.10 89.96 73.25
CA ALA F 445 -52.98 88.79 73.18
C ALA F 445 -54.44 89.13 73.56
N LEU F 446 -54.60 89.90 74.64
CA LEU F 446 -55.92 90.31 75.10
C LEU F 446 -56.84 90.90 74.03
N GLU F 447 -56.26 91.35 72.92
CA GLU F 447 -57.06 91.93 71.83
C GLU F 447 -57.59 90.86 70.87
N GLU F 448 -56.88 89.75 70.76
CA GLU F 448 -57.28 88.71 69.82
C GLU F 448 -58.75 88.34 69.79
N PRO F 449 -59.32 88.03 70.96
CA PRO F 449 -60.74 87.66 70.99
C PRO F 449 -61.61 88.74 70.34
N ALA F 450 -61.52 89.96 70.84
CA ALA F 450 -62.32 91.04 70.28
C ALA F 450 -62.07 91.14 68.76
N ARG F 451 -60.81 91.08 68.36
CA ARG F 451 -60.45 91.18 66.94
C ARG F 451 -61.15 90.14 66.08
N GLN F 452 -60.87 88.87 66.37
CA GLN F 452 -61.43 87.73 65.64
C GLN F 452 -62.95 87.77 65.55
N ILE F 453 -63.61 88.18 66.63
CA ILE F 453 -65.05 88.28 66.59
C ILE F 453 -65.39 89.25 65.45
N ALA F 454 -64.92 90.48 65.57
CA ALA F 454 -65.17 91.50 64.56
C ALA F 454 -64.75 91.01 63.19
N GLU F 455 -63.56 90.42 63.13
CA GLU F 455 -63.04 89.92 61.87
C GLU F 455 -64.06 88.98 61.22
N ASN F 456 -64.35 87.85 61.87
CA ASN F 456 -65.31 86.86 61.34
C ASN F 456 -66.65 87.50 60.98
N ALA F 457 -66.92 88.67 61.51
CA ALA F 457 -68.15 89.38 61.22
C ALA F 457 -67.99 90.22 59.93
N GLY F 458 -66.74 90.44 59.51
CA GLY F 458 -66.48 91.23 58.32
C GLY F 458 -66.04 92.65 58.60
N TYR F 459 -65.31 92.82 59.70
CA TYR F 459 -64.84 94.13 60.12
C TYR F 459 -63.34 94.12 60.39
N GLU F 460 -62.78 95.31 60.60
CA GLU F 460 -61.36 95.41 60.87
C GLU F 460 -61.02 95.24 62.31
N GLY F 461 -60.45 94.08 62.61
CA GLY F 461 -60.04 93.77 63.97
C GLY F 461 -59.43 94.99 64.65
N SER F 462 -58.27 95.40 64.15
CA SER F 462 -57.57 96.54 64.72
C SER F 462 -58.44 97.79 64.85
N VAL F 463 -59.18 98.11 63.80
CA VAL F 463 -60.01 99.31 63.86
C VAL F 463 -60.96 99.30 65.04
N ILE F 464 -61.83 98.30 65.08
CA ILE F 464 -62.81 98.18 66.15
C ILE F 464 -62.20 98.18 67.54
N VAL F 465 -61.18 97.36 67.73
CA VAL F 465 -60.51 97.30 69.03
C VAL F 465 -60.04 98.70 69.47
N GLN F 466 -59.64 99.53 68.51
CA GLN F 466 -59.18 100.88 68.83
C GLN F 466 -60.30 101.75 69.36
N GLN F 467 -61.41 101.80 68.64
CA GLN F 467 -62.55 102.64 69.06
C GLN F 467 -63.06 102.19 70.42
N ILE F 468 -62.97 100.89 70.71
CA ILE F 468 -63.42 100.36 71.99
C ILE F 468 -62.50 100.88 73.08
N LEU F 469 -61.22 100.58 72.94
CA LEU F 469 -60.21 101.03 73.90
C LEU F 469 -60.17 102.55 73.95
N ALA F 470 -60.76 103.19 72.93
CA ALA F 470 -60.81 104.63 72.85
C ALA F 470 -61.71 105.22 73.93
N GLU F 471 -63.00 104.96 73.85
CA GLU F 471 -63.94 105.48 74.83
C GLU F 471 -63.73 104.74 76.15
N THR F 472 -63.02 105.39 77.09
CA THR F 472 -62.71 104.82 78.40
C THR F 472 -63.50 105.41 79.57
N LYS F 473 -64.69 105.91 79.28
CA LYS F 473 -65.53 106.48 80.31
C LYS F 473 -66.28 105.31 80.94
N ASN F 474 -66.96 104.55 80.09
CA ASN F 474 -67.75 103.41 80.51
C ASN F 474 -67.20 102.09 79.95
N PRO F 475 -66.53 101.30 80.79
CA PRO F 475 -65.95 100.02 80.36
C PRO F 475 -66.93 99.09 79.64
N ARG F 476 -68.22 99.28 79.88
CA ARG F 476 -69.24 98.46 79.23
C ARG F 476 -69.37 98.80 77.73
N TYR F 477 -68.57 99.74 77.25
CA TYR F 477 -68.60 100.13 75.85
C TYR F 477 -67.91 99.08 74.99
N GLY F 478 -68.61 98.58 73.98
CA GLY F 478 -68.03 97.57 73.12
C GLY F 478 -68.69 97.53 71.75
N PHE F 479 -68.24 96.61 70.92
CA PHE F 479 -68.79 96.48 69.57
C PHE F 479 -69.74 95.30 69.47
N ASN F 480 -70.92 95.54 68.92
CA ASN F 480 -71.91 94.48 68.71
C ASN F 480 -71.66 93.91 67.32
N ALA F 481 -70.79 92.92 67.23
CA ALA F 481 -70.45 92.29 65.97
C ALA F 481 -71.64 91.75 65.17
N ALA F 482 -72.82 91.74 65.77
CA ALA F 482 -73.98 91.23 65.06
C ALA F 482 -74.80 92.30 64.33
N THR F 483 -74.84 93.50 64.89
CA THR F 483 -75.59 94.61 64.31
C THR F 483 -74.63 95.61 63.68
N GLY F 484 -73.35 95.53 64.07
CA GLY F 484 -72.35 96.43 63.53
C GLY F 484 -72.40 97.80 64.17
N GLU F 485 -72.71 97.84 65.46
CA GLU F 485 -72.79 99.10 66.16
C GLU F 485 -72.15 99.04 67.55
N PHE F 486 -71.50 100.14 67.93
CA PHE F 486 -70.88 100.20 69.24
C PHE F 486 -71.99 100.50 70.22
N VAL F 487 -71.98 99.77 71.32
CA VAL F 487 -73.02 99.92 72.34
C VAL F 487 -72.51 99.55 73.75
N ASP F 488 -73.40 99.71 74.74
CA ASP F 488 -73.07 99.34 76.09
C ASP F 488 -73.33 97.84 76.10
N MET F 489 -72.27 97.05 76.05
CA MET F 489 -72.39 95.60 76.02
C MET F 489 -73.39 94.99 77.02
N VAL F 490 -73.34 95.45 78.26
CA VAL F 490 -74.26 94.94 79.27
C VAL F 490 -75.72 95.31 78.96
N GLU F 491 -75.95 96.58 78.72
CA GLU F 491 -77.28 97.05 78.40
C GLU F 491 -77.80 96.37 77.14
N ALA F 492 -76.89 96.07 76.21
CA ALA F 492 -77.28 95.42 74.95
C ALA F 492 -77.56 93.95 75.15
N GLY F 493 -77.20 93.44 76.33
CA GLY F 493 -77.43 92.03 76.63
C GLY F 493 -76.33 91.11 76.13
N ILE F 494 -75.16 91.71 75.84
CA ILE F 494 -74.04 90.93 75.34
C ILE F 494 -73.10 90.72 76.49
N VAL F 495 -73.37 89.69 77.26
CA VAL F 495 -72.57 89.38 78.43
C VAL F 495 -72.01 87.96 78.46
N ASP F 496 -70.94 87.78 79.24
CA ASP F 496 -70.29 86.49 79.35
C ASP F 496 -70.01 86.10 80.78
N PRO F 497 -70.11 84.81 81.09
CA PRO F 497 -69.83 84.37 82.45
C PRO F 497 -68.38 84.67 82.79
N ALA F 498 -68.18 85.56 83.77
CA ALA F 498 -66.83 85.93 84.19
C ALA F 498 -65.97 84.70 84.39
N LYS F 499 -66.58 83.59 84.75
CA LYS F 499 -65.82 82.37 84.97
C LYS F 499 -65.14 81.87 83.70
N VAL F 500 -65.86 81.85 82.58
CA VAL F 500 -65.27 81.35 81.34
C VAL F 500 -64.11 82.22 80.90
N THR F 501 -64.34 83.54 80.90
CA THR F 501 -63.30 84.49 80.52
C THR F 501 -62.02 84.22 81.33
N ARG F 502 -62.09 84.35 82.64
CA ARG F 502 -60.95 84.08 83.50
C ARG F 502 -60.30 82.72 83.17
N SER F 503 -61.10 81.67 82.99
CA SER F 503 -60.58 80.34 82.69
C SER F 503 -59.84 80.30 81.36
N ALA F 504 -60.51 80.74 80.30
CA ALA F 504 -59.92 80.76 78.98
C ALA F 504 -58.52 81.36 79.02
N LEU F 505 -58.43 82.58 79.52
CA LEU F 505 -57.14 83.26 79.60
C LEU F 505 -56.11 82.50 80.43
N GLN F 506 -56.48 82.04 81.61
CA GLN F 506 -55.55 81.29 82.46
C GLN F 506 -55.04 80.02 81.81
N ASN F 507 -55.91 79.34 81.05
CA ASN F 507 -55.52 78.10 80.39
C ASN F 507 -54.67 78.40 79.18
N ALA F 508 -55.04 79.44 78.42
CA ALA F 508 -54.29 79.83 77.24
C ALA F 508 -52.88 80.19 77.68
N ALA F 509 -52.81 81.11 78.64
CA ALA F 509 -51.54 81.59 79.18
C ALA F 509 -50.70 80.46 79.80
N SER F 510 -51.35 79.43 80.30
CA SER F 510 -50.62 78.33 80.92
C SER F 510 -49.80 77.56 79.92
N ILE F 511 -50.45 77.13 78.85
CA ILE F 511 -49.76 76.37 77.81
C ILE F 511 -48.84 77.30 77.00
N GLY F 512 -49.35 78.48 76.64
CA GLY F 512 -48.56 79.44 75.89
C GLY F 512 -47.16 79.66 76.45
N ALA F 513 -47.09 80.22 77.65
CA ALA F 513 -45.81 80.46 78.28
C ALA F 513 -44.92 79.23 78.22
N LEU F 514 -45.47 78.06 78.50
CA LEU F 514 -44.69 76.83 78.46
C LEU F 514 -43.92 76.69 77.15
N ILE F 515 -44.64 76.84 76.04
CA ILE F 515 -44.06 76.73 74.70
C ILE F 515 -42.85 77.61 74.52
N LEU F 516 -43.01 78.90 74.84
CA LEU F 516 -41.92 79.87 74.76
C LEU F 516 -40.61 79.40 75.42
N THR F 517 -40.69 78.42 76.32
CA THR F 517 -39.50 77.92 77.01
C THR F 517 -38.91 76.69 76.34
N THR F 518 -39.38 76.39 75.14
CA THR F 518 -38.85 75.22 74.44
C THR F 518 -37.51 75.55 73.83
N GLU F 519 -36.61 74.59 73.90
CA GLU F 519 -35.27 74.79 73.34
C GLU F 519 -34.86 73.48 72.65
N ALA F 520 -35.71 72.48 72.79
CA ALA F 520 -35.45 71.20 72.17
C ALA F 520 -36.73 70.40 72.17
N VAL F 521 -36.77 69.39 71.31
CA VAL F 521 -37.94 68.53 71.18
C VAL F 521 -37.46 67.14 70.83
N VAL F 522 -38.01 66.13 71.47
CA VAL F 522 -37.62 64.77 71.14
C VAL F 522 -38.86 64.07 70.63
N ALA F 523 -38.93 63.89 69.32
CA ALA F 523 -40.09 63.27 68.69
C ALA F 523 -39.70 62.00 67.95
N GLU F 524 -40.70 61.36 67.36
CA GLU F 524 -40.46 60.13 66.61
C GLU F 524 -39.92 60.47 65.24
N LYS F 525 -38.88 59.77 64.82
CA LYS F 525 -38.28 60.01 63.51
C LYS F 525 -39.37 59.61 62.51
N PRO F 526 -39.77 60.52 61.60
CA PRO F 526 -40.81 60.12 60.65
C PRO F 526 -40.58 58.71 60.16
N GLU F 527 -41.40 57.79 60.65
CA GLU F 527 -41.29 56.39 60.30
C GLU F 527 -41.40 56.17 58.79
N LYS F 528 -40.38 55.51 58.24
CA LYS F 528 -40.34 55.20 56.81
C LYS F 528 -40.82 56.34 55.92
N LYS F 529 -40.15 57.48 55.98
CA LYS F 529 -40.52 58.62 55.16
C LYS F 529 -39.29 59.47 54.86
N GLU F 530 -39.42 60.37 53.89
CA GLU F 530 -38.31 61.23 53.50
C GLU F 530 -38.80 62.62 53.08
N ALA G 2 -25.34 38.76 61.34
CA ALA G 2 -26.27 39.69 62.02
C ALA G 2 -25.46 40.75 62.76
N LYS G 3 -24.24 40.38 63.11
CA LYS G 3 -23.36 41.29 63.83
C LYS G 3 -22.40 42.06 62.92
N ILE G 4 -21.86 43.14 63.45
CA ILE G 4 -20.91 43.99 62.73
C ILE G 4 -19.81 44.29 63.74
N LEU G 5 -18.56 44.13 63.35
CA LEU G 5 -17.45 44.39 64.25
C LEU G 5 -16.68 45.66 63.92
N VAL G 6 -16.87 46.69 64.73
CA VAL G 6 -16.22 47.97 64.54
C VAL G 6 -15.08 48.16 65.52
N PHE G 7 -13.91 48.53 65.01
CA PHE G 7 -12.77 48.74 65.88
C PHE G 7 -12.28 50.17 65.99
N ASP G 8 -11.19 50.30 66.73
CA ASP G 8 -10.53 51.57 66.98
C ASP G 8 -11.36 52.83 66.93
N GLU G 9 -10.76 53.89 66.42
CA GLU G 9 -11.40 55.19 66.37
C GLU G 9 -12.78 55.18 65.78
N ALA G 10 -12.98 54.31 64.79
CA ALA G 10 -14.28 54.20 64.11
C ALA G 10 -15.32 54.00 65.19
N ALA G 11 -15.06 53.02 66.05
CA ALA G 11 -15.92 52.68 67.17
C ALA G 11 -16.07 53.83 68.15
N ARG G 12 -14.95 54.30 68.72
CA ARG G 12 -15.00 55.42 69.66
C ARG G 12 -15.77 56.65 69.13
N ARG G 13 -15.57 57.00 67.85
CA ARG G 13 -16.27 58.17 67.33
C ARG G 13 -17.77 57.92 67.35
N ALA G 14 -18.18 56.75 66.88
CA ALA G 14 -19.59 56.40 66.83
C ALA G 14 -20.20 56.55 68.23
N LEU G 15 -19.61 55.83 69.19
CA LEU G 15 -20.06 55.92 70.57
C LEU G 15 -20.16 57.41 70.96
N GLU G 16 -19.06 58.13 70.78
CA GLU G 16 -19.03 59.54 71.12
C GLU G 16 -20.20 60.31 70.52
N ARG G 17 -20.49 60.04 69.26
CA ARG G 17 -21.60 60.70 68.57
C ARG G 17 -22.88 60.50 69.36
N GLY G 18 -23.06 59.28 69.84
CA GLY G 18 -24.26 58.98 70.62
C GLY G 18 -24.27 59.74 71.92
N VAL G 19 -23.14 59.64 72.64
CA VAL G 19 -22.99 60.34 73.91
C VAL G 19 -23.40 61.79 73.74
N ASN G 20 -22.81 62.45 72.74
CA ASN G 20 -23.13 63.85 72.52
C ASN G 20 -24.59 64.08 72.15
N ALA G 21 -25.15 63.18 71.36
CA ALA G 21 -26.54 63.31 70.93
C ALA G 21 -27.42 63.58 72.13
N VAL G 22 -27.35 62.67 73.10
CA VAL G 22 -28.13 62.78 74.32
C VAL G 22 -27.71 63.99 75.15
N ALA G 23 -26.43 64.06 75.48
CA ALA G 23 -25.90 65.15 76.28
C ALA G 23 -26.33 66.54 75.85
N ASN G 24 -26.34 66.79 74.55
CA ASN G 24 -26.71 68.12 74.08
C ASN G 24 -28.20 68.40 74.15
N ALA G 25 -29.01 67.34 74.21
CA ALA G 25 -30.45 67.56 74.32
C ALA G 25 -30.72 67.89 75.79
N VAL G 26 -29.96 67.22 76.65
CA VAL G 26 -30.07 67.40 78.08
C VAL G 26 -29.58 68.75 78.61
N LYS G 27 -28.29 69.05 78.38
CA LYS G 27 -27.66 70.28 78.86
C LYS G 27 -28.45 71.57 78.64
N VAL G 28 -29.38 71.55 77.71
CA VAL G 28 -30.20 72.71 77.41
C VAL G 28 -30.99 73.18 78.63
N THR G 29 -31.11 72.31 79.62
CA THR G 29 -31.88 72.60 80.83
C THR G 29 -31.09 73.12 82.00
N LEU G 30 -29.85 72.66 82.11
CA LEU G 30 -28.93 73.04 83.19
C LEU G 30 -28.99 74.48 83.67
N GLY G 31 -29.00 74.63 85.00
CA GLY G 31 -29.02 75.94 85.65
C GLY G 31 -30.33 76.69 85.69
N PRO G 32 -30.34 77.90 86.28
CA PRO G 32 -31.48 78.80 86.44
C PRO G 32 -32.03 79.38 85.14
N ARG G 33 -31.17 79.56 84.14
CA ARG G 33 -31.63 80.12 82.88
C ARG G 33 -31.92 78.99 81.91
N GLY G 34 -31.68 77.76 82.37
CA GLY G 34 -31.93 76.59 81.57
C GLY G 34 -33.32 76.64 80.97
N ARG G 35 -33.51 76.01 79.83
CA ARG G 35 -34.82 75.99 79.18
C ARG G 35 -35.43 74.58 79.18
N ASN G 36 -36.65 74.46 78.64
CA ASN G 36 -37.30 73.14 78.63
C ASN G 36 -37.23 72.37 77.33
N VAL G 37 -37.22 71.05 77.49
CA VAL G 37 -37.23 70.11 76.39
C VAL G 37 -38.68 69.63 76.23
N VAL G 38 -39.13 69.37 75.01
CA VAL G 38 -40.50 68.89 74.79
C VAL G 38 -40.44 67.45 74.34
N LEU G 39 -40.94 66.54 75.17
CA LEU G 39 -40.93 65.11 74.86
C LEU G 39 -42.30 64.65 74.34
N GLU G 40 -42.31 64.12 73.13
CA GLU G 40 -43.56 63.67 72.54
C GLU G 40 -44.06 62.42 73.23
N LYS G 41 -45.36 62.42 73.54
CA LYS G 41 -45.98 61.27 74.19
C LYS G 41 -46.89 60.59 73.19
N LYS G 42 -46.94 59.26 73.27
CA LYS G 42 -47.73 58.42 72.38
C LYS G 42 -49.17 58.86 72.14
N PHE G 43 -49.85 59.34 73.17
CA PHE G 43 -51.24 59.73 72.98
C PHE G 43 -51.64 61.14 73.35
N GLY G 44 -51.43 61.50 74.60
CA GLY G 44 -51.85 62.83 75.01
C GLY G 44 -50.98 63.96 74.53
N SER G 45 -51.04 65.08 75.25
CA SER G 45 -50.20 66.21 74.91
C SER G 45 -48.80 65.75 75.31
N PRO G 46 -47.76 66.50 74.95
CA PRO G 46 -46.41 66.05 75.31
C PRO G 46 -46.05 66.42 76.74
N THR G 47 -44.84 66.06 77.11
CA THR G 47 -44.27 66.35 78.43
C THR G 47 -43.31 67.54 78.24
N ILE G 48 -43.49 68.60 79.01
CA ILE G 48 -42.58 69.74 78.90
C ILE G 48 -41.79 69.82 80.19
N THR G 49 -40.56 69.29 80.18
CA THR G 49 -39.68 69.23 81.35
C THR G 49 -38.45 70.12 81.32
N LYS G 50 -37.66 69.98 82.38
CA LYS G 50 -36.39 70.67 82.59
C LYS G 50 -35.56 69.67 83.36
N ASP G 51 -36.06 68.44 83.39
CA ASP G 51 -35.39 67.37 84.11
C ASP G 51 -34.50 66.51 83.23
N GLY G 52 -33.25 66.39 83.65
CA GLY G 52 -32.30 65.60 82.90
C GLY G 52 -32.77 64.22 82.50
N VAL G 53 -32.72 63.27 83.43
CA VAL G 53 -33.13 61.88 83.18
C VAL G 53 -34.41 61.74 82.37
N THR G 54 -35.40 62.58 82.64
CA THR G 54 -36.65 62.50 81.90
C THR G 54 -36.35 62.60 80.41
N VAL G 55 -35.62 63.64 80.03
CA VAL G 55 -35.24 63.85 78.62
C VAL G 55 -34.33 62.70 78.16
N ALA G 56 -33.22 62.53 78.86
CA ALA G 56 -32.28 61.48 78.51
C ALA G 56 -32.93 60.13 78.22
N LYS G 57 -33.91 59.75 79.03
CA LYS G 57 -34.55 58.46 78.83
C LYS G 57 -35.37 58.33 77.56
N GLU G 58 -35.84 59.46 77.03
CA GLU G 58 -36.63 59.46 75.81
C GLU G 58 -35.79 59.37 74.54
N VAL G 59 -34.50 59.63 74.65
CA VAL G 59 -33.62 59.59 73.50
C VAL G 59 -33.25 58.20 73.03
N GLU G 60 -33.59 57.93 71.77
CA GLU G 60 -33.30 56.65 71.14
C GLU G 60 -32.76 56.97 69.73
N LEU G 61 -31.53 56.57 69.45
CA LEU G 61 -30.90 56.84 68.14
C LEU G 61 -31.03 55.69 67.17
N GLU G 62 -31.21 56.04 65.90
CA GLU G 62 -31.37 55.05 64.85
C GLU G 62 -30.13 54.21 64.56
N ASP G 63 -28.94 54.80 64.68
CA ASP G 63 -27.74 54.04 64.41
C ASP G 63 -27.31 53.22 65.63
N HIS G 64 -27.15 51.91 65.43
CA HIS G 64 -26.78 51.04 66.53
C HIS G 64 -25.63 51.52 67.41
N LEU G 65 -24.44 51.69 66.84
CA LEU G 65 -23.31 52.13 67.65
C LEU G 65 -23.57 53.48 68.34
N GLU G 66 -24.10 54.45 67.61
CA GLU G 66 -24.37 55.74 68.21
C GLU G 66 -25.37 55.60 69.35
N ASN G 67 -26.31 54.68 69.20
CA ASN G 67 -27.32 54.45 70.22
C ASN G 67 -26.74 53.85 71.49
N ILE G 68 -25.80 52.92 71.30
CA ILE G 68 -25.10 52.29 72.42
C ILE G 68 -24.49 53.41 73.28
N GLY G 69 -23.97 54.43 72.62
CA GLY G 69 -23.39 55.55 73.34
C GLY G 69 -24.48 56.31 74.08
N ALA G 70 -25.58 56.57 73.39
CA ALA G 70 -26.69 57.29 73.99
C ALA G 70 -27.15 56.56 75.26
N GLN G 71 -27.10 55.23 75.24
CA GLN G 71 -27.52 54.44 76.40
C GLN G 71 -26.58 54.67 77.56
N LEU G 72 -25.30 54.33 77.36
CA LEU G 72 -24.29 54.53 78.40
C LEU G 72 -24.47 55.88 79.11
N LEU G 73 -24.76 56.94 78.36
CA LEU G 73 -24.93 58.25 78.96
C LEU G 73 -26.19 58.28 79.78
N LYS G 74 -27.27 57.68 79.26
CA LYS G 74 -28.53 57.64 79.99
C LYS G 74 -28.30 57.00 81.36
N GLU G 75 -27.50 55.94 81.38
CA GLU G 75 -27.20 55.26 82.62
C GLU G 75 -26.63 56.26 83.63
N VAL G 76 -25.67 57.07 83.19
CA VAL G 76 -25.10 58.06 84.08
C VAL G 76 -26.23 58.89 84.67
N ALA G 77 -27.17 59.29 83.82
CA ALA G 77 -28.28 60.12 84.27
C ALA G 77 -29.17 59.47 85.29
N SER G 78 -29.66 58.28 84.98
CA SER G 78 -30.57 57.57 85.88
C SER G 78 -29.93 57.13 87.20
N LYS G 79 -28.81 56.41 87.15
CA LYS G 79 -28.16 55.96 88.38
C LYS G 79 -27.92 57.13 89.33
N THR G 80 -27.85 58.35 88.79
CA THR G 80 -27.67 59.55 89.60
C THR G 80 -29.02 59.95 90.19
N ASN G 81 -30.08 59.73 89.42
CA ASN G 81 -31.44 60.04 89.85
C ASN G 81 -31.82 59.05 90.96
N ASP G 82 -31.34 57.83 90.82
CA ASP G 82 -31.61 56.78 91.79
C ASP G 82 -30.92 57.08 93.12
N VAL G 83 -29.65 57.43 93.06
CA VAL G 83 -28.87 57.71 94.25
C VAL G 83 -29.13 59.08 94.88
N ALA G 84 -29.74 60.01 94.16
CA ALA G 84 -29.96 61.33 94.75
C ALA G 84 -31.22 62.06 94.32
N GLY G 85 -31.84 61.59 93.24
CA GLY G 85 -33.07 62.23 92.79
C GLY G 85 -32.92 63.62 92.17
N ASP G 86 -31.71 64.17 92.21
CA ASP G 86 -31.42 65.49 91.62
C ASP G 86 -29.98 65.51 91.07
N GLY G 87 -29.69 66.48 90.20
CA GLY G 87 -28.36 66.60 89.63
C GLY G 87 -28.08 65.66 88.46
N THR G 88 -29.13 65.28 87.75
CA THR G 88 -28.96 64.39 86.62
C THR G 88 -28.30 65.10 85.47
N THR G 89 -28.74 66.32 85.18
CA THR G 89 -28.16 67.12 84.10
C THR G 89 -26.65 67.26 84.36
N THR G 90 -26.31 67.71 85.57
CA THR G 90 -24.91 67.90 85.95
C THR G 90 -24.07 66.65 85.70
N ALA G 91 -24.62 65.48 85.98
CA ALA G 91 -23.87 64.25 85.78
C ALA G 91 -23.65 63.99 84.29
N THR G 92 -24.63 64.39 83.48
CA THR G 92 -24.57 64.18 82.02
C THR G 92 -23.40 64.98 81.48
N VAL G 93 -23.47 66.30 81.72
CA VAL G 93 -22.43 67.22 81.30
C VAL G 93 -21.03 66.72 81.66
N LEU G 94 -20.79 66.44 82.93
CA LEU G 94 -19.50 65.91 83.36
C LEU G 94 -19.09 64.66 82.60
N ALA G 95 -20.08 63.89 82.18
CA ALA G 95 -19.78 62.64 81.46
C ALA G 95 -19.30 62.98 80.07
N GLN G 96 -20.05 63.87 79.41
CA GLN G 96 -19.72 64.31 78.06
C GLN G 96 -18.30 64.82 78.07
N ALA G 97 -18.04 65.77 78.98
CA ALA G 97 -16.73 66.39 79.17
C ALA G 97 -15.64 65.35 79.27
N ILE G 98 -15.79 64.44 80.23
CA ILE G 98 -14.80 63.39 80.43
C ILE G 98 -14.60 62.53 79.18
N VAL G 99 -15.68 62.29 78.43
CA VAL G 99 -15.59 61.46 77.24
C VAL G 99 -14.79 62.12 76.12
N ARG G 100 -15.06 63.40 75.84
CA ARG G 100 -14.34 64.05 74.76
C ARG G 100 -12.89 64.27 75.09
N GLU G 101 -12.63 65.00 76.15
CA GLU G 101 -11.25 65.27 76.53
C GLU G 101 -10.49 63.96 76.63
N GLY G 102 -11.18 62.89 77.00
CA GLY G 102 -10.50 61.62 77.15
C GLY G 102 -10.30 60.90 75.83
N LEU G 103 -11.33 60.87 75.00
CA LEU G 103 -11.22 60.21 73.71
C LEU G 103 -10.11 60.87 72.89
N LYS G 104 -9.96 62.18 73.07
CA LYS G 104 -8.93 62.93 72.37
C LYS G 104 -7.58 62.33 72.74
N ASN G 105 -7.30 62.27 74.03
CA ASN G 105 -6.05 61.69 74.54
C ASN G 105 -5.84 60.25 74.10
N VAL G 106 -6.93 59.53 73.85
CA VAL G 106 -6.76 58.16 73.42
C VAL G 106 -6.27 58.15 72.00
N ALA G 107 -6.81 59.06 71.20
CA ALA G 107 -6.42 59.17 69.80
C ALA G 107 -4.96 59.59 69.77
N ALA G 108 -4.55 60.36 70.76
CA ALA G 108 -3.17 60.84 70.86
C ALA G 108 -2.23 59.72 71.30
N GLY G 109 -2.77 58.53 71.44
CA GLY G 109 -1.95 57.40 71.83
C GLY G 109 -1.94 57.02 73.31
N ALA G 110 -2.65 57.77 74.14
CA ALA G 110 -2.68 57.47 75.56
C ALA G 110 -3.21 56.09 75.89
N ASN G 111 -2.67 55.45 76.92
CA ASN G 111 -3.17 54.14 77.37
C ASN G 111 -4.44 54.40 78.18
N PRO G 112 -5.59 53.93 77.68
CA PRO G 112 -6.87 54.14 78.38
C PRO G 112 -6.90 53.57 79.81
N LEU G 113 -6.30 52.41 80.02
CA LEU G 113 -6.30 51.86 81.37
C LEU G 113 -5.72 52.84 82.36
N ALA G 114 -4.55 53.39 82.04
CA ALA G 114 -3.90 54.36 82.91
C ALA G 114 -4.78 55.59 83.04
N LEU G 115 -5.39 56.00 81.93
CA LEU G 115 -6.25 57.17 81.95
C LEU G 115 -7.33 56.97 83.00
N LYS G 116 -7.81 55.72 83.10
CA LYS G 116 -8.87 55.36 84.04
C LYS G 116 -8.35 55.57 85.47
N ARG G 117 -7.26 54.88 85.81
CA ARG G 117 -6.66 55.00 87.14
C ARG G 117 -6.52 56.46 87.55
N GLY G 118 -6.04 57.28 86.62
CA GLY G 118 -5.90 58.69 86.90
C GLY G 118 -7.22 59.36 87.17
N ILE G 119 -8.22 59.03 86.34
CA ILE G 119 -9.54 59.61 86.50
C ILE G 119 -10.07 59.23 87.86
N GLU G 120 -9.91 57.97 88.22
CA GLU G 120 -10.37 57.47 89.52
C GLU G 120 -9.75 58.25 90.66
N LYS G 121 -8.41 58.25 90.70
CA LYS G 121 -7.67 58.97 91.73
C LYS G 121 -8.14 60.42 91.77
N ALA G 122 -8.19 61.05 90.60
CA ALA G 122 -8.62 62.44 90.51
C ALA G 122 -10.01 62.65 91.12
N VAL G 123 -10.94 61.73 90.87
CA VAL G 123 -12.28 61.84 91.41
C VAL G 123 -12.24 61.73 92.93
N GLU G 124 -11.48 60.76 93.43
CA GLU G 124 -11.39 60.58 94.87
C GLU G 124 -11.01 61.90 95.51
N ALA G 125 -9.90 62.47 95.06
CA ALA G 125 -9.40 63.75 95.57
C ALA G 125 -10.51 64.80 95.48
N ALA G 126 -11.22 64.79 94.36
CA ALA G 126 -12.29 65.74 94.16
C ALA G 126 -13.44 65.53 95.14
N VAL G 127 -13.80 64.27 95.38
CA VAL G 127 -14.89 63.97 96.30
C VAL G 127 -14.52 64.44 97.69
N GLU G 128 -13.31 64.08 98.10
CA GLU G 128 -12.77 64.46 99.41
C GLU G 128 -12.92 65.96 99.66
N LYS G 129 -12.64 66.74 98.62
CA LYS G 129 -12.74 68.20 98.72
C LYS G 129 -14.19 68.63 98.82
N ILE G 130 -15.11 67.84 98.26
CA ILE G 130 -16.52 68.18 98.29
C ILE G 130 -16.96 68.08 99.74
N LYS G 131 -16.58 66.98 100.37
CA LYS G 131 -16.91 66.73 101.77
C LYS G 131 -16.33 67.88 102.58
N ALA G 132 -15.03 68.09 102.39
CA ALA G 132 -14.30 69.15 103.08
C ALA G 132 -15.01 70.51 103.11
N LEU G 133 -15.82 70.79 102.09
CA LEU G 133 -16.53 72.07 102.03
C LEU G 133 -18.01 71.96 102.42
N ALA G 134 -18.42 70.76 102.82
CA ALA G 134 -19.81 70.53 103.19
C ALA G 134 -20.18 71.19 104.53
N ILE G 135 -21.38 71.78 104.58
CA ILE G 135 -21.93 72.44 105.78
C ILE G 135 -23.24 71.73 106.18
N PRO G 136 -23.39 71.38 107.46
CA PRO G 136 -24.63 70.71 107.88
C PRO G 136 -25.84 71.64 107.83
N VAL G 137 -27.00 71.09 107.49
CA VAL G 137 -28.21 71.90 107.42
C VAL G 137 -28.70 71.99 108.85
N GLU G 138 -29.03 73.20 109.32
CA GLU G 138 -29.47 73.32 110.70
C GLU G 138 -30.64 74.25 110.95
N ASP G 139 -31.36 74.65 109.90
CA ASP G 139 -32.50 75.54 110.12
C ASP G 139 -33.44 75.73 108.93
N ARG G 140 -34.60 76.31 109.23
CA ARG G 140 -35.62 76.55 108.23
C ARG G 140 -35.08 77.24 107.00
N LYS G 141 -34.16 78.18 107.18
CA LYS G 141 -33.58 78.91 106.05
C LYS G 141 -32.72 77.98 105.19
N ALA G 142 -31.71 77.37 105.80
CA ALA G 142 -30.84 76.46 105.08
C ALA G 142 -31.63 75.52 104.18
N ILE G 143 -32.80 75.10 104.62
CA ILE G 143 -33.62 74.22 103.81
C ILE G 143 -34.40 74.98 102.76
N GLU G 144 -34.98 76.12 103.12
CA GLU G 144 -35.73 76.90 102.14
C GLU G 144 -34.85 77.18 100.92
N GLU G 145 -33.56 77.37 101.16
CA GLU G 145 -32.63 77.64 100.07
C GLU G 145 -32.45 76.40 99.18
N VAL G 146 -31.89 75.33 99.73
CA VAL G 146 -31.69 74.09 98.98
C VAL G 146 -32.91 73.79 98.10
N ALA G 147 -34.09 73.90 98.69
CA ALA G 147 -35.33 73.65 97.97
C ALA G 147 -35.54 74.69 96.88
N THR G 148 -35.52 75.97 97.25
CA THR G 148 -35.73 77.04 96.29
C THR G 148 -34.90 76.86 95.04
N ILE G 149 -33.67 76.42 95.23
CA ILE G 149 -32.77 76.21 94.11
C ILE G 149 -33.17 75.00 93.28
N SER G 150 -33.09 73.82 93.89
CA SER G 150 -33.43 72.59 93.19
C SER G 150 -34.69 72.72 92.36
N ALA G 151 -35.67 73.47 92.86
CA ALA G 151 -36.95 73.67 92.17
C ALA G 151 -36.93 74.92 91.31
N ASN G 152 -35.94 75.76 91.53
CA ASN G 152 -35.80 77.00 90.80
C ASN G 152 -37.08 77.83 90.98
N ASP G 153 -37.55 77.92 92.22
CA ASP G 153 -38.75 78.67 92.54
C ASP G 153 -38.77 78.95 94.04
N PRO G 154 -38.93 80.22 94.44
CA PRO G 154 -38.95 80.58 95.86
C PRO G 154 -40.14 79.96 96.56
N GLU G 155 -41.32 80.09 95.95
CA GLU G 155 -42.54 79.54 96.52
C GLU G 155 -42.40 78.08 96.90
N VAL G 156 -41.91 77.27 95.97
CA VAL G 156 -41.72 75.86 96.23
C VAL G 156 -40.77 75.63 97.40
N GLY G 157 -39.68 76.38 97.43
CA GLY G 157 -38.72 76.23 98.51
C GLY G 157 -39.34 76.63 99.84
N LYS G 158 -40.34 77.51 99.79
CA LYS G 158 -40.99 77.96 101.02
C LYS G 158 -41.80 76.80 101.58
N LEU G 159 -42.82 76.37 100.85
CA LEU G 159 -43.67 75.28 101.32
C LEU G 159 -42.86 74.10 101.81
N ILE G 160 -41.83 73.74 101.07
CA ILE G 160 -40.99 72.61 101.47
C ILE G 160 -40.35 72.90 102.83
N ALA G 161 -40.00 74.16 103.06
CA ALA G 161 -39.38 74.54 104.32
C ALA G 161 -40.46 74.50 105.39
N ASP G 162 -41.58 75.20 105.16
CA ASP G 162 -42.68 75.24 106.12
C ASP G 162 -43.02 73.84 106.59
N ALA G 163 -43.36 72.96 105.65
CA ALA G 163 -43.72 71.58 105.96
C ALA G 163 -42.58 70.88 106.68
N MET G 164 -41.42 70.85 106.06
CA MET G 164 -40.24 70.19 106.64
C MET G 164 -40.07 70.57 108.12
N GLU G 165 -40.27 71.85 108.41
CA GLU G 165 -40.13 72.38 109.76
C GLU G 165 -41.14 71.80 110.74
N LYS G 166 -42.42 71.91 110.40
CA LYS G 166 -43.49 71.42 111.25
C LYS G 166 -43.77 69.93 111.11
N VAL G 167 -42.74 69.14 110.85
CA VAL G 167 -42.87 67.69 110.69
C VAL G 167 -41.52 67.06 111.01
N GLY G 168 -40.55 67.91 111.32
CA GLY G 168 -39.21 67.43 111.67
C GLY G 168 -38.51 66.78 110.52
N LYS G 169 -37.18 66.75 110.56
CA LYS G 169 -36.39 66.15 109.49
C LYS G 169 -36.64 64.65 109.34
N GLU G 170 -37.24 64.05 110.36
CA GLU G 170 -37.55 62.62 110.30
C GLU G 170 -39.00 62.47 109.85
N GLY G 171 -39.65 63.61 109.60
CA GLY G 171 -41.04 63.60 109.17
C GLY G 171 -41.28 63.02 107.80
N ILE G 172 -42.45 63.30 107.24
CA ILE G 172 -42.82 62.80 105.92
C ILE G 172 -43.63 63.82 105.14
N ILE G 173 -43.15 64.14 103.94
CA ILE G 173 -43.87 65.09 103.10
C ILE G 173 -44.33 64.36 101.85
N THR G 174 -45.49 64.74 101.33
CA THR G 174 -46.05 64.10 100.16
C THR G 174 -46.58 65.09 99.15
N VAL G 175 -46.35 64.77 97.87
CA VAL G 175 -46.82 65.64 96.81
C VAL G 175 -48.04 65.02 96.17
N GLU G 176 -49.12 65.80 96.14
CA GLU G 176 -50.37 65.36 95.58
C GLU G 176 -50.93 66.39 94.61
N GLU G 177 -51.86 65.92 93.82
CA GLU G 177 -52.50 66.71 92.79
C GLU G 177 -53.75 67.43 93.31
N SER G 178 -53.58 68.67 93.72
CA SER G 178 -54.70 69.47 94.19
C SER G 178 -55.72 69.57 93.06
N LYS G 179 -56.81 70.29 93.30
CA LYS G 179 -57.83 70.45 92.28
C LYS G 179 -57.99 71.92 91.88
N SER G 180 -57.69 72.83 92.79
CA SER G 180 -57.79 74.25 92.50
C SER G 180 -56.56 74.65 91.70
N LEU G 181 -56.53 75.90 91.24
CA LEU G 181 -55.39 76.42 90.49
C LEU G 181 -54.25 76.65 91.46
N GLU G 182 -54.59 76.77 92.74
CA GLU G 182 -53.56 77.02 93.74
C GLU G 182 -53.07 75.78 94.48
N THR G 183 -51.81 75.84 94.88
CA THR G 183 -51.14 74.78 95.63
C THR G 183 -51.38 75.01 97.13
N GLU G 184 -51.61 73.93 97.87
CA GLU G 184 -51.84 74.07 99.31
C GLU G 184 -51.00 73.09 100.13
N LEU G 185 -50.61 73.54 101.32
CA LEU G 185 -49.84 72.72 102.25
C LEU G 185 -50.79 72.39 103.38
N LYS G 186 -50.90 71.09 103.69
CA LYS G 186 -51.80 70.66 104.76
C LYS G 186 -51.17 69.52 105.55
N PHE G 187 -51.35 69.57 106.86
CA PHE G 187 -50.81 68.54 107.75
C PHE G 187 -51.90 67.56 108.16
N VAL G 188 -51.49 66.33 108.43
CA VAL G 188 -52.41 65.29 108.85
C VAL G 188 -52.20 64.88 110.29
N GLU G 189 -53.17 64.17 110.82
CA GLU G 189 -53.06 63.75 112.19
C GLU G 189 -53.37 62.28 112.39
N GLY G 190 -52.38 61.50 112.76
CA GLY G 190 -52.64 60.10 113.00
C GLY G 190 -52.71 59.21 111.79
N TYR G 191 -53.43 58.11 111.95
CA TYR G 191 -53.62 57.10 110.92
C TYR G 191 -54.97 57.35 110.27
N GLN G 192 -55.01 57.25 108.94
CA GLN G 192 -56.26 57.46 108.26
C GLN G 192 -56.26 56.80 106.89
N PHE G 193 -57.41 56.24 106.52
CA PHE G 193 -57.57 55.59 105.23
C PHE G 193 -58.84 56.13 104.59
N ASP G 194 -59.04 55.82 103.32
CA ASP G 194 -60.19 56.31 102.59
C ASP G 194 -61.42 55.42 102.58
N LYS G 195 -61.95 55.18 103.77
CA LYS G 195 -63.15 54.38 103.96
C LYS G 195 -63.91 55.17 105.00
N GLY G 196 -65.23 55.20 104.88
CA GLY G 196 -66.05 55.94 105.83
C GLY G 196 -66.99 55.07 106.62
N TYR G 197 -68.01 55.68 107.20
CA TYR G 197 -68.98 54.93 107.97
C TYR G 197 -69.87 54.07 107.09
N ILE G 198 -69.92 52.77 107.38
CA ILE G 198 -70.72 51.82 106.62
C ILE G 198 -72.21 52.12 106.63
N SER G 199 -72.64 53.02 107.51
CA SER G 199 -74.04 53.42 107.57
C SER G 199 -74.16 54.82 108.12
N PRO G 200 -74.87 55.68 107.38
CA PRO G 200 -75.06 57.07 107.80
C PRO G 200 -75.59 57.21 109.22
N TYR G 201 -76.23 56.17 109.74
CA TYR G 201 -76.79 56.20 111.08
C TYR G 201 -75.73 56.44 112.15
N PHE G 202 -74.52 55.93 111.90
CA PHE G 202 -73.42 56.05 112.84
C PHE G 202 -73.04 57.51 113.12
N VAL G 203 -73.54 58.42 112.30
CA VAL G 203 -73.22 59.84 112.45
C VAL G 203 -73.41 60.41 113.86
N THR G 204 -72.41 61.17 114.30
CA THR G 204 -72.39 61.80 115.63
C THR G 204 -72.78 63.27 115.56
N ASN G 205 -72.41 63.92 114.48
CA ASN G 205 -72.70 65.33 114.29
C ASN G 205 -73.57 65.50 113.03
N PRO G 206 -74.73 66.14 113.18
CA PRO G 206 -75.66 66.37 112.06
C PRO G 206 -75.23 67.54 111.17
N GLU G 207 -74.35 68.39 111.70
CA GLU G 207 -73.87 69.56 110.97
C GLU G 207 -72.59 69.25 110.19
N THR G 208 -71.90 68.20 110.59
CA THR G 208 -70.67 67.82 109.94
C THR G 208 -70.69 66.41 109.34
N MET G 209 -71.83 65.73 109.42
CA MET G 209 -71.94 64.38 108.87
C MET G 209 -70.77 63.49 109.29
N GLU G 210 -70.21 63.78 110.46
CA GLU G 210 -69.07 63.03 111.00
C GLU G 210 -69.52 62.07 112.10
N ALA G 211 -68.63 61.16 112.45
CA ALA G 211 -68.87 60.20 113.51
C ALA G 211 -67.68 60.33 114.43
N VAL G 212 -67.82 61.13 115.49
CA VAL G 212 -66.75 61.33 116.46
C VAL G 212 -66.92 60.42 117.68
N LEU G 213 -65.93 59.57 117.92
CA LEU G 213 -65.95 58.65 119.03
C LEU G 213 -64.80 58.99 119.96
N GLU G 214 -65.08 59.67 121.07
CA GLU G 214 -64.04 60.03 122.01
C GLU G 214 -63.55 58.80 122.78
N ASP G 215 -62.25 58.72 123.02
CA ASP G 215 -61.66 57.59 123.73
C ASP G 215 -62.44 56.30 123.48
N ALA G 216 -62.15 55.63 122.38
CA ALA G 216 -62.87 54.41 122.04
C ALA G 216 -62.02 53.17 121.85
N PHE G 217 -62.69 52.04 121.63
CA PHE G 217 -62.03 50.77 121.41
C PHE G 217 -62.07 50.47 119.92
N ILE G 218 -61.09 49.72 119.44
CA ILE G 218 -61.06 49.40 118.03
C ILE G 218 -61.14 47.90 117.84
N LEU G 219 -62.14 47.47 117.10
CA LEU G 219 -62.30 46.05 116.84
C LEU G 219 -61.76 45.83 115.43
N ILE G 220 -60.59 45.20 115.36
CA ILE G 220 -59.97 44.94 114.07
C ILE G 220 -60.22 43.49 113.67
N VAL G 221 -61.22 43.30 112.81
CA VAL G 221 -61.54 41.94 112.37
C VAL G 221 -61.16 41.73 110.91
N GLU G 222 -60.42 40.65 110.64
CA GLU G 222 -60.00 40.35 109.27
C GLU G 222 -61.16 39.93 108.40
N LYS G 223 -61.76 38.78 108.70
CA LYS G 223 -62.90 38.26 107.96
C LYS G 223 -64.07 39.26 107.97
N LYS G 224 -65.19 38.86 107.37
CA LYS G 224 -66.37 39.73 107.36
C LYS G 224 -67.14 39.59 108.66
N VAL G 225 -68.22 40.34 108.79
CA VAL G 225 -69.05 40.28 109.99
C VAL G 225 -70.53 40.42 109.64
N SER G 226 -71.28 39.31 109.71
CA SER G 226 -72.70 39.32 109.37
C SER G 226 -73.57 38.61 110.41
N ASN G 227 -72.97 37.69 111.16
CA ASN G 227 -73.68 36.91 112.17
C ASN G 227 -73.67 37.58 113.54
N VAL G 228 -74.84 38.02 114.00
CA VAL G 228 -74.96 38.70 115.29
C VAL G 228 -74.39 37.97 116.49
N ARG G 229 -74.37 36.65 116.43
CA ARG G 229 -73.85 35.87 117.55
C ARG G 229 -72.42 36.24 117.85
N GLU G 230 -71.52 35.98 116.89
CA GLU G 230 -70.10 36.28 117.06
C GLU G 230 -69.80 37.65 117.69
N LEU G 231 -70.61 38.65 117.36
CA LEU G 231 -70.41 40.01 117.88
C LEU G 231 -70.75 40.19 119.34
N LEU G 232 -72.00 39.88 119.67
CA LEU G 232 -72.52 40.04 121.01
C LEU G 232 -71.52 39.91 122.15
N PRO G 233 -70.80 38.77 122.24
CA PRO G 233 -69.82 38.63 123.34
C PRO G 233 -68.99 39.90 123.57
N ILE G 234 -68.30 40.37 122.54
CA ILE G 234 -67.50 41.58 122.65
C ILE G 234 -68.39 42.79 122.87
N LEU G 235 -69.43 42.91 122.05
CA LEU G 235 -70.38 44.02 122.13
C LEU G 235 -70.86 44.28 123.55
N GLU G 236 -71.01 43.21 124.32
CA GLU G 236 -71.46 43.31 125.69
C GLU G 236 -70.29 43.82 126.53
N GLN G 237 -69.17 43.10 126.46
CA GLN G 237 -67.98 43.47 127.21
C GLN G 237 -67.70 44.96 127.05
N VAL G 238 -67.87 45.46 125.84
CA VAL G 238 -67.62 46.88 125.57
C VAL G 238 -68.78 47.76 126.04
N ALA G 239 -70.01 47.27 125.85
CA ALA G 239 -71.19 48.03 126.25
C ALA G 239 -71.13 48.33 127.75
N GLN G 240 -70.42 47.46 128.47
CA GLN G 240 -70.27 47.60 129.92
C GLN G 240 -69.12 48.53 130.31
N THR G 241 -68.22 48.80 129.36
CA THR G 241 -67.08 49.68 129.61
C THR G 241 -67.52 51.14 129.58
N GLY G 242 -68.66 51.40 128.95
CA GLY G 242 -69.16 52.75 128.84
C GLY G 242 -68.42 53.54 127.78
N LYS G 243 -67.51 52.86 127.09
CA LYS G 243 -66.71 53.49 126.05
C LYS G 243 -67.20 53.17 124.64
N PRO G 244 -67.00 54.12 123.71
CA PRO G 244 -67.42 53.96 122.31
C PRO G 244 -66.63 52.83 121.66
N LEU G 245 -67.08 52.40 120.50
CA LEU G 245 -66.40 51.32 119.79
C LEU G 245 -66.40 51.51 118.28
N LEU G 246 -65.27 51.19 117.66
CA LEU G 246 -65.11 51.28 116.22
C LEU G 246 -64.82 49.87 115.70
N ILE G 247 -65.61 49.41 114.75
CA ILE G 247 -65.40 48.08 114.20
C ILE G 247 -64.84 48.19 112.80
N ILE G 248 -63.71 47.51 112.59
CA ILE G 248 -63.03 47.51 111.31
C ILE G 248 -62.93 46.05 110.86
N ALA G 249 -63.66 45.73 109.79
CA ALA G 249 -63.66 44.39 109.25
C ALA G 249 -63.82 44.47 107.75
N GLU G 250 -63.57 43.36 107.05
CA GLU G 250 -63.71 43.32 105.59
C GLU G 250 -65.01 44.02 105.23
N ASP G 251 -66.05 43.75 106.01
CA ASP G 251 -67.35 44.39 105.82
C ASP G 251 -68.26 44.02 106.99
N VAL G 252 -69.27 44.85 107.22
CA VAL G 252 -70.23 44.64 108.29
C VAL G 252 -71.59 44.72 107.63
N GLU G 253 -72.19 43.56 107.40
CA GLU G 253 -73.48 43.47 106.73
C GLU G 253 -74.54 42.71 107.54
N GLY G 254 -75.62 42.38 106.85
CA GLY G 254 -76.72 41.65 107.45
C GLY G 254 -77.21 42.11 108.82
N GLU G 255 -77.63 41.13 109.60
CA GLU G 255 -78.15 41.36 110.94
C GLU G 255 -77.11 42.01 111.84
N ALA G 256 -75.85 41.61 111.68
CA ALA G 256 -74.72 42.13 112.47
C ALA G 256 -74.68 43.64 112.43
N LEU G 257 -74.79 44.20 111.24
CA LEU G 257 -74.78 45.64 111.09
C LEU G 257 -76.07 46.20 111.67
N ALA G 258 -77.19 45.56 111.32
CA ALA G 258 -78.50 45.97 111.79
C ALA G 258 -78.43 46.17 113.31
N THR G 259 -77.73 45.25 113.96
CA THR G 259 -77.58 45.30 115.41
C THR G 259 -76.97 46.63 115.83
N LEU G 260 -75.72 46.83 115.42
CA LEU G 260 -74.95 48.04 115.72
C LEU G 260 -75.75 49.32 115.49
N VAL G 261 -76.55 49.33 114.44
CA VAL G 261 -77.38 50.49 114.09
C VAL G 261 -78.48 50.73 115.13
N VAL G 262 -79.14 49.65 115.53
CA VAL G 262 -80.22 49.73 116.50
C VAL G 262 -79.73 50.16 117.86
N ASN G 263 -78.64 49.55 118.32
CA ASN G 263 -78.07 49.89 119.61
C ASN G 263 -77.52 51.31 119.62
N LYS G 264 -76.92 51.70 118.50
CA LYS G 264 -76.34 53.03 118.31
C LYS G 264 -77.47 54.07 118.44
N LEU G 265 -78.52 53.90 117.65
CA LEU G 265 -79.66 54.81 117.67
C LEU G 265 -80.37 54.77 119.02
N ARG G 266 -80.32 53.62 119.66
CA ARG G 266 -80.96 53.39 120.95
C ARG G 266 -80.29 54.18 122.08
N GLY G 267 -78.98 54.03 122.20
CA GLY G 267 -78.23 54.70 123.25
C GLY G 267 -77.43 53.63 123.97
N THR G 268 -77.74 52.39 123.59
CA THR G 268 -77.11 51.20 124.15
C THR G 268 -75.59 51.26 124.07
N LEU G 269 -75.10 51.44 122.86
CA LEU G 269 -73.68 51.49 122.58
C LEU G 269 -73.40 52.47 121.44
N SER G 270 -72.40 53.32 121.61
CA SER G 270 -72.04 54.27 120.56
C SER G 270 -70.98 53.60 119.71
N VAL G 271 -71.35 53.24 118.48
CA VAL G 271 -70.40 52.57 117.60
C VAL G 271 -70.45 53.06 116.16
N ALA G 272 -69.57 52.46 115.37
CA ALA G 272 -69.44 52.78 113.95
C ALA G 272 -68.62 51.69 113.25
N ALA G 273 -69.08 51.27 112.08
CA ALA G 273 -68.39 50.24 111.30
C ALA G 273 -67.77 50.89 110.08
N VAL G 274 -66.56 50.44 109.74
CA VAL G 274 -65.82 50.94 108.60
C VAL G 274 -65.10 49.79 107.93
N LYS G 275 -65.24 49.67 106.60
CA LYS G 275 -64.58 48.57 105.88
C LYS G 275 -63.07 48.64 105.98
N ALA G 276 -62.41 47.50 105.81
CA ALA G 276 -60.95 47.42 105.90
C ALA G 276 -60.34 48.45 104.95
N PRO G 277 -59.08 48.82 105.21
CA PRO G 277 -58.44 49.80 104.33
C PRO G 277 -58.26 49.29 102.90
N GLY G 278 -57.13 48.69 102.61
CA GLY G 278 -56.88 48.22 101.25
C GLY G 278 -57.65 47.02 100.72
N PHE G 279 -56.97 46.24 99.90
CA PHE G 279 -57.50 45.04 99.29
C PHE G 279 -56.43 43.97 99.35
N GLY G 280 -56.70 42.81 98.76
CA GLY G 280 -55.74 41.73 98.77
C GLY G 280 -54.99 41.57 100.08
N ASP G 281 -53.70 41.23 99.99
CA ASP G 281 -52.89 41.04 101.19
C ASP G 281 -52.42 42.34 101.82
N ARG G 282 -52.66 43.46 101.17
CA ARG G 282 -52.23 44.71 101.74
C ARG G 282 -53.21 45.20 102.81
N ARG G 283 -54.50 44.87 102.69
CA ARG G 283 -55.43 45.32 103.72
C ARG G 283 -55.27 44.41 104.93
N LYS G 284 -54.61 43.26 104.71
CA LYS G 284 -54.34 42.35 105.81
C LYS G 284 -53.18 42.96 106.60
N GLU G 285 -52.14 43.34 105.86
CA GLU G 285 -50.95 43.95 106.44
C GLU G 285 -51.25 45.34 107.02
N MET G 286 -52.26 46.02 106.48
CA MET G 286 -52.64 47.34 106.97
C MET G 286 -53.45 47.24 108.25
N LEU G 287 -54.23 46.18 108.37
CA LEU G 287 -55.03 45.97 109.56
C LEU G 287 -54.02 45.86 110.71
N LYS G 288 -52.94 45.14 110.43
CA LYS G 288 -51.87 44.94 111.41
C LYS G 288 -51.20 46.27 111.71
N ASP G 289 -51.19 47.12 110.69
CA ASP G 289 -50.61 48.44 110.86
C ASP G 289 -51.53 49.11 111.86
N ILE G 290 -52.80 49.25 111.48
CA ILE G 290 -53.78 49.87 112.35
C ILE G 290 -53.67 49.29 113.75
N ALA G 291 -53.52 47.97 113.82
CA ALA G 291 -53.36 47.28 115.09
C ALA G 291 -52.24 47.93 115.88
N ALA G 292 -51.01 47.71 115.46
CA ALA G 292 -49.83 48.27 116.12
C ALA G 292 -49.97 49.75 116.48
N VAL G 293 -50.83 50.49 115.78
CA VAL G 293 -50.99 51.90 116.08
C VAL G 293 -51.96 52.17 117.21
N THR G 294 -52.98 51.32 117.30
CA THR G 294 -54.00 51.47 118.31
C THR G 294 -53.71 50.57 119.51
N GLY G 295 -52.86 49.57 119.28
CA GLY G 295 -52.49 48.62 120.31
C GLY G 295 -53.31 47.34 120.28
N GLY G 296 -54.50 47.41 119.68
CA GLY G 296 -55.36 46.24 119.60
C GLY G 296 -54.75 45.04 118.93
N THR G 297 -55.53 43.96 118.82
CA THR G 297 -55.09 42.73 118.19
C THR G 297 -55.96 42.44 116.99
N VAL G 298 -55.34 41.98 115.91
CA VAL G 298 -56.07 41.66 114.70
C VAL G 298 -56.71 40.29 114.88
N ILE G 299 -58.03 40.22 114.71
CA ILE G 299 -58.73 38.95 114.82
C ILE G 299 -58.55 38.24 113.48
N SER G 300 -57.33 37.77 113.27
CA SER G 300 -56.91 37.10 112.05
C SER G 300 -57.53 35.73 111.91
N GLU G 301 -58.44 35.60 110.95
CA GLU G 301 -59.11 34.33 110.69
C GLU G 301 -58.05 33.27 110.37
N GLU G 302 -56.89 33.70 109.90
CA GLU G 302 -55.83 32.75 109.58
C GLU G 302 -54.70 32.71 110.60
N LEU G 303 -54.93 33.30 111.78
CA LEU G 303 -53.94 33.28 112.84
C LEU G 303 -54.48 32.45 113.98
N GLY G 304 -55.78 32.15 113.90
CA GLY G 304 -56.40 31.35 114.93
C GLY G 304 -57.21 32.10 115.98
N PHE G 305 -58.17 32.90 115.55
CA PHE G 305 -59.00 33.66 116.46
C PHE G 305 -60.45 33.63 116.02
N LYS G 306 -61.33 33.59 117.00
CA LYS G 306 -62.75 33.59 116.71
C LYS G 306 -63.32 34.88 117.26
N LEU G 307 -64.08 35.59 116.43
CA LEU G 307 -64.66 36.85 116.82
C LEU G 307 -65.46 36.72 118.12
N GLU G 308 -66.12 35.58 118.28
CA GLU G 308 -66.94 35.33 119.46
C GLU G 308 -66.10 35.26 120.75
N ASN G 309 -64.90 34.69 120.65
CA ASN G 309 -64.02 34.58 121.81
C ASN G 309 -63.12 35.81 122.01
N ALA G 310 -63.46 36.92 121.36
CA ALA G 310 -62.66 38.12 121.48
C ALA G 310 -62.81 38.74 122.88
N THR G 311 -61.83 39.55 123.26
CA THR G 311 -61.81 40.20 124.57
C THR G 311 -61.52 41.69 124.54
N LEU G 312 -61.77 42.35 125.67
CA LEU G 312 -61.51 43.77 125.76
C LEU G 312 -59.99 43.96 125.77
N SER G 313 -59.29 42.89 126.14
CA SER G 313 -57.84 42.88 126.21
C SER G 313 -57.22 42.97 124.81
N MET G 314 -57.88 42.36 123.83
CA MET G 314 -57.38 42.37 122.47
C MET G 314 -58.03 43.43 121.59
N LEU G 315 -58.41 44.54 122.21
CA LEU G 315 -59.03 45.66 121.51
C LEU G 315 -58.06 46.82 121.34
N GLY G 316 -58.22 47.55 120.26
CA GLY G 316 -57.37 48.69 120.01
C GLY G 316 -57.96 49.85 120.78
N ARG G 317 -57.13 50.83 121.09
CA ARG G 317 -57.60 51.98 121.84
C ARG G 317 -57.00 53.23 121.24
N ALA G 318 -57.78 54.30 121.21
CA ALA G 318 -57.35 55.58 120.65
C ALA G 318 -58.02 56.78 121.30
N GLU G 319 -57.30 57.90 121.36
CA GLU G 319 -57.80 59.12 121.96
C GLU G 319 -59.01 59.68 121.21
N ARG G 320 -59.20 59.25 119.96
CA ARG G 320 -60.33 59.78 119.19
C ARG G 320 -60.45 59.15 117.81
N VAL G 321 -61.60 59.36 117.17
CA VAL G 321 -61.85 58.82 115.84
C VAL G 321 -62.93 59.60 115.10
N ARG G 322 -62.61 60.06 113.90
CA ARG G 322 -63.56 60.79 113.07
C ARG G 322 -63.91 59.90 111.91
N ILE G 323 -65.15 59.98 111.44
CA ILE G 323 -65.54 59.16 110.31
C ILE G 323 -66.47 59.94 109.41
N THR G 324 -66.01 60.15 108.18
CA THR G 324 -66.78 60.89 107.19
C THR G 324 -67.40 59.90 106.22
N LYS G 325 -68.33 60.40 105.42
CA LYS G 325 -69.03 59.58 104.45
C LYS G 325 -68.08 58.63 103.73
N ASP G 326 -66.80 59.03 103.63
CA ASP G 326 -65.81 58.23 102.92
C ASP G 326 -64.37 58.26 103.48
N GLU G 327 -64.20 58.67 104.72
CA GLU G 327 -62.87 58.73 105.29
C GLU G 327 -62.86 58.41 106.80
N THR G 328 -61.80 57.78 107.26
CA THR G 328 -61.68 57.42 108.67
C THR G 328 -60.32 57.81 109.23
N THR G 329 -60.32 58.55 110.34
CA THR G 329 -59.07 58.98 110.95
C THR G 329 -58.95 58.56 112.42
N ILE G 330 -57.91 57.80 112.72
CA ILE G 330 -57.69 57.31 114.07
C ILE G 330 -56.64 58.13 114.85
N VAL G 331 -57.09 59.25 115.41
CA VAL G 331 -56.24 60.12 116.20
C VAL G 331 -55.84 59.42 117.51
N GLY G 332 -54.71 59.84 118.07
CA GLY G 332 -54.23 59.29 119.32
C GLY G 332 -54.29 57.80 119.59
N GLY G 333 -53.75 56.99 118.68
CA GLY G 333 -53.75 55.55 118.92
C GLY G 333 -52.90 55.28 120.14
N LYS G 334 -53.29 54.31 120.97
CA LYS G 334 -52.52 53.99 122.18
C LYS G 334 -51.55 52.85 121.95
N GLY G 335 -51.30 52.53 120.69
CA GLY G 335 -50.40 51.44 120.36
C GLY G 335 -49.04 51.50 121.04
N LYS G 336 -48.40 50.34 121.13
CA LYS G 336 -47.09 50.22 121.73
C LYS G 336 -46.06 50.79 120.75
N LYS G 337 -45.20 51.66 121.26
CA LYS G 337 -44.19 52.29 120.42
C LYS G 337 -43.30 51.31 119.64
N GLU G 338 -42.93 50.20 120.26
CA GLU G 338 -42.08 49.23 119.57
C GLU G 338 -42.85 48.53 118.45
N ASP G 339 -44.15 48.40 118.63
CA ASP G 339 -44.99 47.75 117.63
C ASP G 339 -45.03 48.57 116.36
N ILE G 340 -45.10 49.89 116.51
CA ILE G 340 -45.13 50.79 115.38
C ILE G 340 -43.79 50.75 114.65
N GLU G 341 -42.70 50.89 115.39
CA GLU G 341 -41.36 50.86 114.80
C GLU G 341 -41.08 49.57 114.04
N ALA G 342 -41.39 48.44 114.67
CA ALA G 342 -41.17 47.14 114.04
C ALA G 342 -42.08 46.99 112.82
N ARG G 343 -43.19 47.71 112.84
CA ARG G 343 -44.15 47.66 111.75
C ARG G 343 -43.58 48.48 110.60
N ILE G 344 -43.00 49.62 110.96
CA ILE G 344 -42.38 50.54 110.01
C ILE G 344 -41.13 49.95 109.35
N ASN G 345 -40.11 49.65 110.15
CA ASN G 345 -38.86 49.09 109.64
C ASN G 345 -39.05 47.77 108.92
N GLY G 346 -40.28 47.28 108.91
CA GLY G 346 -40.54 46.05 108.19
C GLY G 346 -40.74 46.45 106.75
N ILE G 347 -41.39 47.60 106.58
CA ILE G 347 -41.66 48.16 105.28
C ILE G 347 -40.33 48.61 104.69
N LYS G 348 -39.54 49.30 105.50
CA LYS G 348 -38.23 49.77 105.06
C LYS G 348 -37.33 48.63 104.61
N LYS G 349 -37.04 47.70 105.52
CA LYS G 349 -36.20 46.56 105.20
C LYS G 349 -36.82 45.71 104.10
N GLU G 350 -37.90 46.21 103.51
CA GLU G 350 -38.59 45.49 102.46
C GLU G 350 -38.55 46.30 101.18
N LEU G 351 -38.62 47.63 101.31
CA LEU G 351 -38.56 48.50 100.15
C LEU G 351 -37.26 48.29 99.42
N GLU G 352 -36.21 47.99 100.16
CA GLU G 352 -34.92 47.77 99.56
C GLU G 352 -34.83 46.44 98.79
N THR G 353 -35.95 46.03 98.21
CA THR G 353 -36.04 44.79 97.44
C THR G 353 -37.20 44.92 96.45
N THR G 354 -37.91 46.04 96.56
CA THR G 354 -39.06 46.33 95.71
C THR G 354 -38.62 47.04 94.44
N ASP G 355 -39.15 46.60 93.30
CA ASP G 355 -38.80 47.21 92.03
C ASP G 355 -39.87 48.10 91.45
N SER G 356 -40.90 47.49 90.85
CA SER G 356 -42.00 48.25 90.25
C SER G 356 -42.32 49.45 91.11
N GLU G 357 -41.95 50.64 90.62
CA GLU G 357 -42.17 51.87 91.35
C GLU G 357 -43.58 52.00 91.93
N TYR G 358 -44.51 51.21 91.41
CA TYR G 358 -45.87 51.26 91.91
C TYR G 358 -45.95 50.62 93.30
N ALA G 359 -45.28 49.50 93.47
CA ALA G 359 -45.26 48.80 94.74
C ALA G 359 -44.50 49.62 95.79
N ARG G 360 -43.53 50.41 95.34
CA ARG G 360 -42.74 51.23 96.24
C ARG G 360 -43.56 52.41 96.73
N GLU G 361 -44.60 52.76 95.98
CA GLU G 361 -45.46 53.86 96.37
C GLU G 361 -46.51 53.37 97.37
N LYS G 362 -46.93 52.12 97.20
CA LYS G 362 -47.92 51.51 98.09
C LYS G 362 -47.31 51.26 99.45
N LEU G 363 -46.13 50.63 99.45
CA LEU G 363 -45.42 50.32 100.69
C LEU G 363 -44.86 51.62 101.23
N GLN G 364 -45.27 52.75 100.65
CA GLN G 364 -44.77 54.03 101.09
C GLN G 364 -45.84 54.82 101.81
N GLU G 365 -47.06 54.79 101.29
CA GLU G 365 -48.15 55.51 101.93
C GLU G 365 -48.47 54.81 103.26
N ARG G 366 -48.15 53.53 103.34
CA ARG G 366 -48.35 52.79 104.57
C ARG G 366 -47.39 53.43 105.56
N LEU G 367 -46.10 53.32 105.24
CA LEU G 367 -45.01 53.85 106.05
C LEU G 367 -45.25 55.32 106.32
N ALA G 368 -46.21 55.90 105.61
CA ALA G 368 -46.55 57.32 105.74
C ALA G 368 -47.57 57.54 106.83
N LYS G 369 -48.64 56.75 106.80
CA LYS G 369 -49.72 56.85 107.79
C LYS G 369 -49.16 56.50 109.17
N LEU G 370 -48.52 55.32 109.23
CA LEU G 370 -47.88 54.84 110.44
C LEU G 370 -47.13 55.99 111.13
N ALA G 371 -46.52 56.86 110.33
CA ALA G 371 -45.75 57.96 110.90
C ALA G 371 -46.50 59.29 110.97
N GLY G 372 -47.50 59.37 111.83
CA GLY G 372 -48.26 60.60 112.00
C GLY G 372 -47.76 61.96 111.44
N GLY G 373 -46.75 62.61 112.07
CA GLY G 373 -46.21 63.86 111.54
C GLY G 373 -46.14 63.75 110.02
N VAL G 374 -47.26 64.10 109.38
CA VAL G 374 -47.37 64.00 107.91
C VAL G 374 -47.86 65.26 107.25
N ALA G 375 -47.02 65.82 106.39
CA ALA G 375 -47.35 67.02 105.64
C ALA G 375 -47.70 66.60 104.23
N VAL G 376 -48.59 67.37 103.59
CA VAL G 376 -49.00 67.06 102.24
C VAL G 376 -49.19 68.29 101.37
N ILE G 377 -48.38 68.40 100.32
CA ILE G 377 -48.47 69.54 99.41
C ILE G 377 -49.34 69.11 98.23
N ARG G 378 -50.42 69.85 98.02
CA ARG G 378 -51.31 69.54 96.92
C ARG G 378 -51.09 70.61 95.88
N VAL G 379 -50.32 70.24 94.87
CA VAL G 379 -49.93 71.12 93.75
C VAL G 379 -51.06 71.47 92.77
N GLY G 380 -51.28 72.76 92.58
CA GLY G 380 -52.32 73.21 91.67
C GLY G 380 -51.73 73.82 90.41
N ALA G 381 -52.52 73.82 89.33
CA ALA G 381 -52.07 74.36 88.05
C ALA G 381 -53.30 74.54 87.20
N ALA G 382 -53.18 75.31 86.12
CA ALA G 382 -54.33 75.52 85.25
C ALA G 382 -54.46 74.42 84.20
N THR G 383 -53.37 73.71 83.91
CA THR G 383 -53.40 72.66 82.89
C THR G 383 -52.62 71.45 83.33
N GLU G 384 -52.97 70.32 82.73
CA GLU G 384 -52.32 69.08 83.09
C GLU G 384 -50.85 69.18 82.82
N THR G 385 -50.48 69.64 81.63
CA THR G 385 -49.07 69.73 81.27
C THR G 385 -48.29 70.57 82.24
N GLU G 386 -48.81 71.74 82.60
CA GLU G 386 -48.12 72.62 83.55
C GLU G 386 -47.97 71.91 84.89
N LEU G 387 -49.10 71.42 85.38
CA LEU G 387 -49.17 70.73 86.64
C LEU G 387 -48.14 69.61 86.78
N LYS G 388 -48.14 68.70 85.82
CA LYS G 388 -47.23 67.59 85.86
C LYS G 388 -45.78 68.02 86.08
N GLU G 389 -45.41 69.21 85.59
CA GLU G 389 -44.04 69.71 85.75
C GLU G 389 -43.88 70.38 87.09
N LYS G 390 -44.84 71.24 87.43
CA LYS G 390 -44.84 71.93 88.72
C LYS G 390 -44.74 70.88 89.81
N LYS G 391 -45.55 69.84 89.67
CA LYS G 391 -45.56 68.74 90.61
C LYS G 391 -44.16 68.13 90.67
N HIS G 392 -43.54 67.95 89.51
CA HIS G 392 -42.21 67.35 89.45
C HIS G 392 -41.16 68.19 90.16
N ARG G 393 -41.24 69.49 89.98
CA ARG G 393 -40.26 70.36 90.61
C ARG G 393 -40.27 70.13 92.13
N PHE G 394 -41.46 70.13 92.74
CA PHE G 394 -41.56 69.88 94.18
C PHE G 394 -40.83 68.60 94.54
N GLU G 395 -41.14 67.53 93.82
CA GLU G 395 -40.52 66.24 94.08
C GLU G 395 -39.00 66.33 94.03
N ASP G 396 -38.46 67.05 93.05
CA ASP G 396 -37.01 67.20 92.97
C ASP G 396 -36.53 67.93 94.22
N ALA G 397 -37.22 69.02 94.55
CA ALA G 397 -36.88 69.84 95.73
C ALA G 397 -36.75 68.97 96.97
N LEU G 398 -37.72 68.08 97.17
CA LEU G 398 -37.69 67.19 98.31
C LEU G 398 -36.46 66.32 98.26
N ASN G 399 -36.27 65.61 97.14
CA ASN G 399 -35.12 64.74 96.96
C ASN G 399 -33.84 65.46 97.30
N ALA G 400 -33.80 66.76 97.00
CA ALA G 400 -32.65 67.58 97.28
C ALA G 400 -32.54 67.69 98.80
N THR G 401 -33.56 68.30 99.41
CA THR G 401 -33.64 68.47 100.86
C THR G 401 -33.18 67.19 101.58
N ARG G 402 -33.75 66.06 101.21
CA ARG G 402 -33.38 64.79 101.85
C ARG G 402 -31.87 64.60 101.77
N ALA G 403 -31.31 64.71 100.59
CA ALA G 403 -29.87 64.54 100.41
C ALA G 403 -29.13 65.59 101.22
N ALA G 404 -29.68 66.80 101.24
CA ALA G 404 -29.04 67.88 101.98
C ALA G 404 -28.84 67.48 103.43
N VAL G 405 -29.91 67.04 104.06
CA VAL G 405 -29.83 66.62 105.45
C VAL G 405 -28.81 65.49 105.64
N GLU G 406 -28.78 64.55 104.71
CA GLU G 406 -27.87 63.43 104.81
C GLU G 406 -26.39 63.78 104.82
N GLU G 407 -25.87 64.24 103.68
CA GLU G 407 -24.44 64.54 103.55
C GLU G 407 -24.00 65.99 103.64
N GLY G 408 -24.94 66.89 103.79
CA GLY G 408 -24.52 68.27 103.89
C GLY G 408 -24.91 69.14 102.71
N ILE G 409 -24.29 70.30 102.69
CA ILE G 409 -24.57 71.28 101.67
C ILE G 409 -23.23 71.90 101.23
N VAL G 410 -23.15 72.29 99.96
CA VAL G 410 -21.96 72.92 99.40
C VAL G 410 -22.38 74.10 98.53
N PRO G 411 -21.41 74.93 98.11
CA PRO G 411 -21.78 76.09 97.28
C PRO G 411 -22.20 75.61 95.89
N GLY G 412 -23.25 76.23 95.36
CA GLY G 412 -23.78 75.85 94.07
C GLY G 412 -23.11 76.36 92.82
N GLY G 413 -23.90 76.46 91.75
CA GLY G 413 -23.41 76.93 90.46
C GLY G 413 -22.15 76.22 89.96
N GLY G 414 -21.96 74.98 90.37
CA GLY G 414 -20.78 74.24 89.94
C GLY G 414 -19.52 74.72 90.62
N VAL G 415 -19.65 75.79 91.39
CA VAL G 415 -18.54 76.38 92.13
C VAL G 415 -17.78 75.34 92.94
N THR G 416 -18.53 74.54 93.69
CA THR G 416 -17.92 73.54 94.52
C THR G 416 -17.05 72.59 93.70
N LEU G 417 -17.45 72.23 92.48
CA LEU G 417 -16.64 71.31 91.66
C LEU G 417 -15.39 72.01 91.12
N LEU G 418 -15.53 73.31 90.85
CA LEU G 418 -14.40 74.09 90.39
C LEU G 418 -13.32 74.07 91.50
N ARG G 419 -13.74 74.26 92.75
CA ARG G 419 -12.81 74.25 93.87
C ARG G 419 -12.14 72.90 94.00
N ALA G 420 -12.73 71.87 93.40
CA ALA G 420 -12.15 70.54 93.48
C ALA G 420 -10.92 70.45 92.60
N ILE G 421 -10.83 71.36 91.63
CA ILE G 421 -9.72 71.38 90.69
C ILE G 421 -8.36 71.46 91.39
N SER G 422 -8.19 72.47 92.25
CA SER G 422 -6.94 72.65 92.97
C SER G 422 -6.49 71.34 93.60
N ALA G 423 -7.45 70.53 94.03
CA ALA G 423 -7.14 69.26 94.64
C ALA G 423 -6.58 68.29 93.61
N VAL G 424 -7.20 68.26 92.44
CA VAL G 424 -6.75 67.38 91.38
C VAL G 424 -5.37 67.86 90.96
N GLU G 425 -5.24 69.18 90.88
CA GLU G 425 -3.99 69.82 90.49
C GLU G 425 -2.88 69.26 91.37
N GLU G 426 -3.07 69.38 92.69
CA GLU G 426 -2.08 68.89 93.64
C GLU G 426 -1.78 67.43 93.41
N LEU G 427 -2.82 66.67 93.08
CA LEU G 427 -2.66 65.24 92.82
C LEU G 427 -1.77 65.01 91.61
N ILE G 428 -2.03 65.78 90.56
CA ILE G 428 -1.27 65.66 89.32
C ILE G 428 0.22 65.75 89.59
N LYS G 429 0.60 66.74 90.39
CA LYS G 429 2.01 66.95 90.74
C LYS G 429 2.61 65.67 91.28
N LYS G 430 1.77 64.76 91.78
CA LYS G 430 2.26 63.51 92.32
C LYS G 430 2.11 62.36 91.33
N LEU G 431 1.52 62.66 90.17
CA LEU G 431 1.31 61.65 89.14
C LEU G 431 2.22 61.76 87.93
N GLU G 432 2.33 60.67 87.17
CA GLU G 432 3.15 60.64 85.97
C GLU G 432 2.40 60.04 84.78
N GLY G 433 3.12 59.86 83.68
CA GLY G 433 2.55 59.28 82.47
C GLY G 433 1.11 59.59 82.13
N ASP G 434 0.46 58.61 81.51
CA ASP G 434 -0.94 58.74 81.11
C ASP G 434 -1.83 58.91 82.32
N GLU G 435 -1.41 58.32 83.43
CA GLU G 435 -2.17 58.42 84.68
C GLU G 435 -2.37 59.89 85.05
N ALA G 436 -1.33 60.68 84.80
CA ALA G 436 -1.39 62.11 85.09
C ALA G 436 -2.35 62.74 84.11
N THR G 437 -2.33 62.23 82.88
CA THR G 437 -3.21 62.72 81.83
C THR G 437 -4.64 62.49 82.28
N GLY G 438 -4.89 61.29 82.77
CA GLY G 438 -6.21 60.95 83.28
C GLY G 438 -6.68 62.00 84.26
N ALA G 439 -5.85 62.26 85.28
CA ALA G 439 -6.20 63.27 86.29
C ALA G 439 -6.56 64.59 85.61
N LYS G 440 -5.75 64.98 84.64
CA LYS G 440 -5.98 66.23 83.92
C LYS G 440 -7.35 66.23 83.27
N ILE G 441 -7.76 65.07 82.77
CA ILE G 441 -9.06 64.95 82.13
C ILE G 441 -10.15 65.42 83.10
N VAL G 442 -10.11 64.87 84.32
CA VAL G 442 -11.09 65.27 85.34
C VAL G 442 -10.97 66.76 85.60
N ARG G 443 -9.73 67.24 85.69
CA ARG G 443 -9.47 68.66 85.95
C ARG G 443 -10.22 69.57 85.00
N ARG G 444 -10.30 69.17 83.74
CA ARG G 444 -11.00 69.96 82.73
C ARG G 444 -12.49 69.77 82.90
N ALA G 445 -12.91 68.52 82.94
CA ALA G 445 -14.32 68.18 83.08
C ALA G 445 -15.00 68.96 84.22
N LEU G 446 -14.32 69.07 85.35
CA LEU G 446 -14.84 69.78 86.51
C LEU G 446 -15.37 71.19 86.19
N GLU G 447 -14.95 71.76 85.07
CA GLU G 447 -15.40 73.09 84.70
C GLU G 447 -16.72 73.10 83.93
N GLU G 448 -17.02 71.99 83.28
CA GLU G 448 -18.23 71.90 82.46
C GLU G 448 -19.51 72.40 83.10
N PRO G 449 -19.83 71.90 84.30
CA PRO G 449 -21.06 72.31 84.97
C PRO G 449 -21.15 73.83 85.12
N ALA G 450 -20.11 74.42 85.69
CA ALA G 450 -20.06 75.86 85.89
C ALA G 450 -20.22 76.58 84.53
N ARG G 451 -19.49 76.11 83.53
CA ARG G 451 -19.53 76.68 82.19
C ARG G 451 -20.94 76.69 81.61
N GLN G 452 -21.50 75.48 81.44
CA GLN G 452 -22.83 75.32 80.88
C GLN G 452 -23.88 76.15 81.60
N ILE G 453 -23.77 76.26 82.92
CA ILE G 453 -24.74 77.05 83.65
C ILE G 453 -24.67 78.47 83.10
N ALA G 454 -23.48 79.04 83.18
CA ALA G 454 -23.23 80.39 82.70
C ALA G 454 -23.62 80.50 81.24
N GLU G 455 -23.15 79.54 80.45
CA GLU G 455 -23.44 79.53 79.04
C GLU G 455 -24.95 79.66 78.77
N ASN G 456 -25.74 78.73 79.31
CA ASN G 456 -27.20 78.75 79.10
C ASN G 456 -27.80 80.06 79.60
N ALA G 457 -27.06 80.77 80.46
CA ALA G 457 -27.54 82.04 80.99
C ALA G 457 -27.22 83.19 80.04
N GLY G 458 -26.32 82.94 79.09
CA GLY G 458 -25.96 83.96 78.13
C GLY G 458 -24.62 84.60 78.44
N TYR G 459 -23.70 83.80 78.99
CA TYR G 459 -22.39 84.30 79.36
C TYR G 459 -21.29 83.41 78.81
N GLU G 460 -20.05 83.86 78.97
CA GLU G 460 -18.93 83.09 78.48
C GLU G 460 -18.42 82.10 79.49
N GLY G 461 -18.71 80.84 79.24
CA GLY G 461 -18.28 79.78 80.13
C GLY G 461 -16.85 79.99 80.61
N SER G 462 -15.90 79.92 79.68
CA SER G 462 -14.50 80.09 80.05
C SER G 462 -14.25 81.37 80.86
N VAL G 463 -14.80 82.49 80.43
CA VAL G 463 -14.60 83.74 81.14
C VAL G 463 -14.95 83.63 82.62
N ILE G 464 -16.23 83.36 82.88
CA ILE G 464 -16.72 83.24 84.25
C ILE G 464 -15.96 82.22 85.08
N VAL G 465 -15.71 81.06 84.51
CA VAL G 465 -14.95 80.03 85.22
C VAL G 465 -13.59 80.58 85.67
N GLN G 466 -13.00 81.46 84.86
CA GLN G 466 -11.70 82.04 85.18
C GLN G 466 -11.79 82.96 86.37
N GLN G 467 -12.70 83.92 86.33
CA GLN G 467 -12.85 84.84 87.45
C GLN G 467 -13.15 84.11 88.74
N ILE G 468 -13.85 83.00 88.66
CA ILE G 468 -14.18 82.23 89.87
C ILE G 468 -12.92 81.58 90.40
N LEU G 469 -12.22 80.85 89.54
CA LEU G 469 -10.98 80.19 89.93
C LEU G 469 -9.91 81.23 90.29
N ALA G 470 -10.19 82.47 89.92
CA ALA G 470 -9.28 83.58 90.20
C ALA G 470 -9.26 83.87 91.70
N GLU G 471 -10.35 84.41 92.21
CA GLU G 471 -10.42 84.74 93.62
C GLU G 471 -10.42 83.46 94.44
N THR G 472 -9.25 83.12 94.98
CA THR G 472 -9.07 81.92 95.78
C THR G 472 -8.95 82.18 97.29
N LYS G 473 -9.52 83.28 97.75
CA LYS G 473 -9.48 83.59 99.18
C LYS G 473 -10.59 82.82 99.84
N ASN G 474 -11.79 83.04 99.32
CA ASN G 474 -13.00 82.42 99.81
C ASN G 474 -13.62 81.49 98.78
N PRO G 475 -13.49 80.16 99.00
CA PRO G 475 -14.05 79.18 98.06
C PRO G 475 -15.53 79.37 97.75
N ARG G 476 -16.26 80.00 98.66
CA ARG G 476 -17.69 80.27 98.46
C ARG G 476 -17.92 81.30 97.35
N TYR G 477 -16.84 81.74 96.72
CA TYR G 477 -16.95 82.75 95.67
C TYR G 477 -17.38 82.11 94.35
N GLY G 478 -18.52 82.56 93.82
CA GLY G 478 -19.00 81.98 92.57
C GLY G 478 -19.87 82.94 91.80
N PHE G 479 -20.32 82.49 90.63
CA PHE G 479 -21.16 83.32 89.77
C PHE G 479 -22.66 82.99 89.91
N ASN G 480 -23.46 84.03 90.10
CA ASN G 480 -24.90 83.88 90.23
C ASN G 480 -25.48 84.04 88.84
N ALA G 481 -25.52 82.94 88.09
CA ALA G 481 -26.02 82.95 86.73
C ALA G 481 -27.41 83.59 86.55
N ALA G 482 -28.09 83.88 87.64
CA ALA G 482 -29.43 84.43 87.53
C ALA G 482 -29.48 85.93 87.59
N THR G 483 -28.54 86.53 88.32
CA THR G 483 -28.49 87.98 88.46
C THR G 483 -27.33 88.54 87.64
N GLY G 484 -26.40 87.66 87.30
CA GLY G 484 -25.24 88.07 86.53
C GLY G 484 -24.21 88.76 87.39
N GLU G 485 -24.04 88.29 88.61
CA GLU G 485 -23.07 88.89 89.50
C GLU G 485 -22.33 87.86 90.31
N PHE G 486 -21.04 88.10 90.55
CA PHE G 486 -20.24 87.18 91.35
C PHE G 486 -20.57 87.49 92.79
N VAL G 487 -20.72 86.43 93.58
CA VAL G 487 -21.08 86.58 94.98
C VAL G 487 -20.62 85.39 95.80
N ASP G 488 -20.93 85.43 97.09
CA ASP G 488 -20.57 84.33 97.97
C ASP G 488 -21.76 83.41 97.79
N MET G 489 -21.55 82.33 97.06
CA MET G 489 -22.60 81.38 96.77
C MET G 489 -23.44 80.98 97.98
N VAL G 490 -22.79 80.65 99.10
CA VAL G 490 -23.53 80.25 100.30
C VAL G 490 -24.36 81.40 100.87
N GLU G 491 -23.73 82.55 101.04
CA GLU G 491 -24.44 83.71 101.55
C GLU G 491 -25.58 84.10 100.63
N ALA G 492 -25.40 83.90 99.33
CA ALA G 492 -26.43 84.23 98.35
C ALA G 492 -27.57 83.21 98.34
N GLY G 493 -27.36 82.09 99.04
CA GLY G 493 -28.38 81.07 99.10
C GLY G 493 -28.36 80.11 97.92
N ILE G 494 -27.23 80.06 97.23
CA ILE G 494 -27.09 79.19 96.08
C ILE G 494 -26.26 78.00 96.48
N VAL G 495 -26.92 77.04 97.11
CA VAL G 495 -26.25 75.85 97.60
C VAL G 495 -26.81 74.54 97.01
N ASP G 496 -26.00 73.49 97.07
CA ASP G 496 -26.37 72.18 96.54
C ASP G 496 -26.07 71.06 97.51
N PRO G 497 -26.92 70.06 97.53
CA PRO G 497 -26.66 68.93 98.43
C PRO G 497 -25.35 68.23 98.07
N ALA G 498 -24.38 68.30 98.96
CA ALA G 498 -23.09 67.67 98.72
C ALA G 498 -23.26 66.25 98.20
N LYS G 499 -24.37 65.61 98.54
CA LYS G 499 -24.60 64.25 98.09
C LYS G 499 -24.77 64.15 96.59
N VAL G 500 -25.57 65.05 96.02
CA VAL G 500 -25.79 65.01 94.58
C VAL G 500 -24.49 65.24 93.83
N THR G 501 -23.78 66.31 94.20
CA THR G 501 -22.51 66.66 93.57
C THR G 501 -21.58 65.44 93.54
N ARG G 502 -21.29 64.89 94.71
CA ARG G 502 -20.44 63.71 94.79
C ARG G 502 -20.92 62.58 93.88
N SER G 503 -22.23 62.33 93.92
CA SER G 503 -22.82 61.27 93.11
C SER G 503 -22.63 61.53 91.63
N ALA G 504 -23.20 62.65 91.16
CA ALA G 504 -23.08 63.04 89.77
C ALA G 504 -21.68 62.75 89.21
N LEU G 505 -20.66 63.33 89.84
CA LEU G 505 -19.29 63.13 89.41
C LEU G 505 -18.83 61.68 89.44
N GLN G 506 -19.16 60.95 90.50
CA GLN G 506 -18.72 59.56 90.56
C GLN G 506 -19.39 58.69 89.50
N ASN G 507 -20.64 59.02 89.16
CA ASN G 507 -21.36 58.27 88.15
C ASN G 507 -20.84 58.64 86.78
N ALA G 508 -20.68 59.94 86.54
CA ALA G 508 -20.17 60.42 85.25
C ALA G 508 -18.83 59.76 85.00
N ALA G 509 -17.91 59.91 85.93
CA ALA G 509 -16.58 59.34 85.80
C ALA G 509 -16.58 57.82 85.66
N SER G 510 -17.63 57.18 86.15
CA SER G 510 -17.70 55.73 86.12
C SER G 510 -17.88 55.23 84.71
N ILE G 511 -18.88 55.78 84.04
CA ILE G 511 -19.17 55.39 82.67
C ILE G 511 -18.08 55.97 81.74
N GLY G 512 -17.77 57.25 81.93
CA GLY G 512 -16.77 57.91 81.11
C GLY G 512 -15.48 57.09 80.95
N ALA G 513 -14.81 56.84 82.06
CA ALA G 513 -13.59 56.07 82.01
C ALA G 513 -13.77 54.78 81.21
N LEU G 514 -14.90 54.11 81.43
CA LEU G 514 -15.16 52.86 80.73
C LEU G 514 -15.04 53.03 79.22
N ILE G 515 -15.76 54.01 78.69
CA ILE G 515 -15.77 54.30 77.27
C ILE G 515 -14.35 54.42 76.69
N LEU G 516 -13.52 55.25 77.30
CA LEU G 516 -12.14 55.43 76.84
C LEU G 516 -11.39 54.10 76.65
N THR G 517 -11.88 53.02 77.24
CA THR G 517 -11.18 51.74 77.11
C THR G 517 -11.73 50.89 75.97
N THR G 518 -12.64 51.48 75.18
CA THR G 518 -13.21 50.75 74.06
C THR G 518 -12.18 50.60 72.96
N GLU G 519 -12.13 49.42 72.38
CA GLU G 519 -11.23 49.15 71.28
C GLU G 519 -11.98 48.34 70.22
N ALA G 520 -13.22 48.00 70.55
CA ALA G 520 -14.04 47.24 69.64
C ALA G 520 -15.48 47.34 70.10
N VAL G 521 -16.40 47.04 69.20
CA VAL G 521 -17.83 47.07 69.49
C VAL G 521 -18.49 46.03 68.64
N VAL G 522 -19.41 45.25 69.20
CA VAL G 522 -20.12 44.26 68.42
C VAL G 522 -21.58 44.62 68.49
N ALA G 523 -22.10 45.18 67.40
CA ALA G 523 -23.50 45.59 67.38
C ALA G 523 -24.28 44.87 66.30
N GLU G 524 -25.56 45.20 66.17
CA GLU G 524 -26.41 44.59 65.18
C GLU G 524 -26.17 45.21 63.83
N LYS G 525 -26.01 44.37 62.80
CA LYS G 525 -25.77 44.86 61.45
C LYS G 525 -27.01 45.64 61.01
N PRO G 526 -26.79 46.84 60.43
CA PRO G 526 -27.85 47.74 59.96
C PRO G 526 -29.03 47.08 59.24
N ALA H 2 -6.76 60.20 32.67
CA ALA H 2 -7.75 59.42 33.47
C ALA H 2 -7.29 57.98 33.62
N LYS H 3 -6.46 57.73 34.62
CA LYS H 3 -5.93 56.39 34.87
C LYS H 3 -6.85 55.65 35.84
N ILE H 4 -6.39 54.49 36.30
CA ILE H 4 -7.16 53.66 37.24
C ILE H 4 -6.20 52.76 38.01
N LEU H 5 -6.06 53.02 39.31
CA LEU H 5 -5.15 52.25 40.14
C LEU H 5 -5.77 50.98 40.68
N VAL H 6 -4.93 49.98 40.94
CA VAL H 6 -5.34 48.68 41.44
C VAL H 6 -4.18 48.09 42.20
N PHE H 7 -4.42 47.70 43.44
CA PHE H 7 -3.35 47.13 44.25
C PHE H 7 -3.47 45.67 44.64
N ASP H 8 -2.50 45.23 45.44
CA ASP H 8 -2.38 43.87 45.94
C ASP H 8 -3.05 42.77 45.13
N GLU H 9 -3.68 41.83 45.83
CA GLU H 9 -4.32 40.71 45.19
C GLU H 9 -5.26 41.16 44.09
N ALA H 10 -5.95 42.27 44.31
CA ALA H 10 -6.86 42.78 43.29
C ALA H 10 -6.16 42.80 41.94
N ALA H 11 -4.98 43.43 41.93
CA ALA H 11 -4.18 43.55 40.73
C ALA H 11 -3.68 42.20 40.25
N ARG H 12 -2.99 41.47 41.11
CA ARG H 12 -2.47 40.16 40.73
C ARG H 12 -3.52 39.22 40.16
N ARG H 13 -4.74 39.28 40.70
CA ARG H 13 -5.81 38.43 40.20
C ARG H 13 -6.23 38.84 38.80
N ALA H 14 -6.30 40.15 38.58
CA ALA H 14 -6.65 40.68 37.27
C ALA H 14 -5.64 40.19 36.22
N LEU H 15 -4.36 40.37 36.50
CA LEU H 15 -3.31 39.94 35.60
C LEU H 15 -3.46 38.46 35.32
N GLU H 16 -3.63 37.68 36.38
CA GLU H 16 -3.79 36.24 36.25
C GLU H 16 -4.93 35.89 35.29
N ARG H 17 -6.04 36.61 35.39
CA ARG H 17 -7.17 36.38 34.52
C ARG H 17 -6.70 36.48 33.06
N GLY H 18 -5.95 37.54 32.77
CA GLY H 18 -5.41 37.73 31.44
C GLY H 18 -4.48 36.59 31.08
N VAL H 19 -3.54 36.29 31.98
CA VAL H 19 -2.59 35.21 31.76
C VAL H 19 -3.30 33.94 31.35
N ASN H 20 -4.38 33.61 32.06
CA ASN H 20 -5.12 32.40 31.75
C ASN H 20 -5.82 32.46 30.41
N ALA H 21 -6.46 33.59 30.11
CA ALA H 21 -7.13 33.77 28.83
C ALA H 21 -6.25 33.29 27.70
N VAL H 22 -5.02 33.79 27.66
CA VAL H 22 -4.07 33.42 26.61
C VAL H 22 -3.71 31.94 26.74
N ALA H 23 -3.10 31.58 27.85
CA ALA H 23 -2.68 30.20 28.11
C ALA H 23 -3.71 29.13 27.79
N ASN H 24 -4.97 29.38 28.13
CA ASN H 24 -6.01 28.40 27.88
C ASN H 24 -6.34 28.24 26.40
N ALA H 25 -6.23 29.31 25.64
CA ALA H 25 -6.50 29.23 24.21
C ALA H 25 -5.31 28.61 23.49
N VAL H 26 -4.10 28.88 23.97
CA VAL H 26 -2.87 28.40 23.38
C VAL H 26 -2.50 26.95 23.62
N LYS H 27 -2.53 26.51 24.88
CA LYS H 27 -2.11 25.15 25.19
C LYS H 27 -2.83 24.01 24.50
N VAL H 28 -4.03 24.25 24.02
CA VAL H 28 -4.75 23.18 23.34
C VAL H 28 -4.06 22.79 22.04
N THR H 29 -2.94 23.43 21.71
CA THR H 29 -2.22 23.16 20.47
C THR H 29 -0.86 22.51 20.68
N LEU H 30 -0.38 22.54 21.92
CA LEU H 30 0.92 21.97 22.27
C LEU H 30 1.06 20.49 21.88
N GLY H 31 2.21 20.14 21.35
CA GLY H 31 2.45 18.75 20.99
C GLY H 31 2.08 18.34 19.57
N PRO H 32 2.42 17.10 19.20
CA PRO H 32 2.18 16.45 17.91
C PRO H 32 0.73 16.43 17.47
N ARG H 33 -0.18 16.54 18.43
CA ARG H 33 -1.59 16.45 18.11
C ARG H 33 -2.44 17.58 18.66
N GLY H 34 -1.96 18.82 18.56
CA GLY H 34 -2.73 19.93 19.06
C GLY H 34 -4.16 19.92 18.55
N ARG H 35 -5.07 20.49 19.32
CA ARG H 35 -6.47 20.54 18.92
C ARG H 35 -6.66 21.78 18.06
N ASN H 36 -7.84 21.90 17.47
CA ASN H 36 -8.15 23.03 16.62
C ASN H 36 -8.66 24.23 17.36
N VAL H 37 -8.20 25.41 16.97
CA VAL H 37 -8.66 26.65 17.55
C VAL H 37 -9.21 27.43 16.37
N VAL H 38 -10.39 27.98 16.50
CA VAL H 38 -11.00 28.75 15.43
C VAL H 38 -10.81 30.24 15.64
N LEU H 39 -10.30 30.94 14.64
CA LEU H 39 -10.10 32.39 14.73
C LEU H 39 -10.85 33.07 13.60
N GLU H 40 -11.61 34.10 13.90
CA GLU H 40 -12.36 34.76 12.85
C GLU H 40 -11.67 36.04 12.42
N LYS H 41 -11.66 36.27 11.11
CA LYS H 41 -11.05 37.47 10.53
C LYS H 41 -12.19 38.44 10.27
N LYS H 42 -11.97 39.71 10.59
CA LYS H 42 -13.02 40.72 10.39
C LYS H 42 -13.70 40.65 9.04
N PHE H 43 -12.92 40.51 7.97
CA PHE H 43 -13.48 40.46 6.63
C PHE H 43 -13.55 39.04 6.07
N GLY H 44 -12.39 38.41 5.91
CA GLY H 44 -12.35 37.05 5.39
C GLY H 44 -13.12 36.10 6.28
N SER H 45 -13.34 34.88 5.82
CA SER H 45 -14.06 33.87 6.60
C SER H 45 -13.18 33.39 7.78
N PRO H 46 -13.72 32.52 8.65
CA PRO H 46 -12.96 32.00 9.78
C PRO H 46 -11.73 31.19 9.41
N THR H 47 -10.83 31.05 10.37
CA THR H 47 -9.56 30.34 10.22
C THR H 47 -9.45 29.26 11.29
N ILE H 48 -8.74 28.19 11.01
CA ILE H 48 -8.55 27.14 12.00
C ILE H 48 -7.06 26.91 12.10
N THR H 49 -6.54 26.78 13.31
CA THR H 49 -5.11 26.59 13.52
C THR H 49 -4.80 25.44 14.46
N LYS H 50 -3.51 25.23 14.69
CA LYS H 50 -3.01 24.23 15.61
C LYS H 50 -1.67 24.80 16.05
N ASP H 51 -1.49 26.08 15.73
CA ASP H 51 -0.27 26.80 16.05
C ASP H 51 -0.50 27.77 17.21
N GLY H 52 0.26 27.57 18.27
CA GLY H 52 0.14 28.41 19.42
C GLY H 52 0.35 29.88 19.14
N VAL H 53 1.45 30.18 18.44
CA VAL H 53 1.79 31.57 18.13
C VAL H 53 0.73 32.28 17.32
N THR H 54 0.13 31.58 16.37
CA THR H 54 -0.92 32.15 15.54
C THR H 54 -2.07 32.59 16.42
N VAL H 55 -2.49 31.69 17.31
CA VAL H 55 -3.58 31.97 18.23
C VAL H 55 -3.21 33.09 19.20
N ALA H 56 -2.04 32.98 19.82
CA ALA H 56 -1.58 33.99 20.77
C ALA H 56 -1.71 35.41 20.20
N LYS H 57 -1.31 35.59 18.94
CA LYS H 57 -1.39 36.91 18.31
C LYS H 57 -2.81 37.46 18.33
N GLU H 58 -3.79 36.60 18.06
CA GLU H 58 -5.19 37.01 18.00
C GLU H 58 -5.88 37.23 19.35
N VAL H 59 -5.18 36.99 20.45
CA VAL H 59 -5.78 37.14 21.77
C VAL H 59 -5.64 38.52 22.40
N GLU H 60 -6.77 39.23 22.46
CA GLU H 60 -6.80 40.56 23.02
C GLU H 60 -8.11 40.68 23.77
N LEU H 61 -8.00 40.96 25.08
CA LEU H 61 -9.16 41.06 25.95
C LEU H 61 -9.78 42.45 26.05
N GLU H 62 -11.08 42.50 26.30
CA GLU H 62 -11.81 43.76 26.42
C GLU H 62 -11.36 44.57 27.63
N ASP H 63 -11.26 43.89 28.78
CA ASP H 63 -10.86 44.56 30.00
C ASP H 63 -9.39 44.97 29.98
N HIS H 64 -9.14 46.24 30.23
CA HIS H 64 -7.77 46.77 30.23
C HIS H 64 -6.80 45.99 31.12
N LEU H 65 -7.14 45.86 32.40
CA LEU H 65 -6.29 45.15 33.34
C LEU H 65 -6.00 43.71 32.90
N GLU H 66 -7.05 42.95 32.60
CA GLU H 66 -6.86 41.57 32.19
C GLU H 66 -6.01 41.49 30.94
N ASN H 67 -6.23 42.41 30.00
CA ASN H 67 -5.46 42.43 28.76
C ASN H 67 -3.99 42.63 29.07
N ILE H 68 -3.71 43.60 29.93
CA ILE H 68 -2.35 43.90 30.37
C ILE H 68 -1.63 42.60 30.71
N GLY H 69 -2.32 41.71 31.39
CA GLY H 69 -1.71 40.44 31.77
C GLY H 69 -1.48 39.59 30.53
N ALA H 70 -2.47 39.56 29.66
CA ALA H 70 -2.36 38.77 28.44
C ALA H 70 -1.15 39.24 27.64
N GLN H 71 -1.09 40.56 27.40
CA GLN H 71 -0.01 41.16 26.62
C GLN H 71 1.33 40.91 27.29
N LEU H 72 1.38 41.16 28.58
CA LEU H 72 2.59 40.93 29.35
C LEU H 72 3.09 39.49 29.18
N LEU H 73 2.16 38.53 29.13
CA LEU H 73 2.54 37.12 28.97
C LEU H 73 3.08 36.92 27.56
N LYS H 74 2.26 37.28 26.58
CA LYS H 74 2.65 37.12 25.18
C LYS H 74 4.06 37.63 24.91
N GLU H 75 4.37 38.82 25.42
CA GLU H 75 5.71 39.41 25.24
C GLU H 75 6.79 38.45 25.72
N VAL H 76 6.87 38.28 27.03
CA VAL H 76 7.86 37.40 27.63
C VAL H 76 7.85 36.00 27.03
N ALA H 77 6.68 35.53 26.65
CA ALA H 77 6.59 34.19 26.07
C ALA H 77 7.29 34.17 24.73
N SER H 78 6.98 35.17 23.89
CA SER H 78 7.54 35.25 22.55
C SER H 78 9.05 35.45 22.53
N LYS H 79 9.59 36.15 23.51
CA LYS H 79 11.03 36.37 23.52
C LYS H 79 11.78 35.06 23.74
N THR H 80 11.14 33.94 23.37
CA THR H 80 11.73 32.59 23.49
C THR H 80 11.88 32.11 22.06
N ASN H 81 10.87 32.39 21.26
CA ASN H 81 10.85 32.05 19.86
C ASN H 81 11.87 33.00 19.22
N ASP H 82 12.04 34.17 19.84
CA ASP H 82 12.97 35.18 19.38
C ASP H 82 14.43 34.79 19.57
N VAL H 83 14.68 33.80 20.43
CA VAL H 83 16.06 33.39 20.69
C VAL H 83 16.29 31.91 20.40
N ALA H 84 15.26 31.20 19.94
CA ALA H 84 15.39 29.78 19.63
C ALA H 84 14.40 29.35 18.55
N GLY H 85 13.58 30.29 18.10
CA GLY H 85 12.60 30.00 17.05
C GLY H 85 11.57 28.93 17.37
N ASP H 86 11.24 28.79 18.65
CA ASP H 86 10.26 27.79 19.08
C ASP H 86 10.12 27.79 20.61
N GLY H 87 9.11 27.07 21.09
CA GLY H 87 8.86 26.96 22.51
C GLY H 87 8.18 28.15 23.14
N THR H 88 7.52 28.95 22.32
CA THR H 88 6.83 30.11 22.86
C THR H 88 5.57 29.62 23.58
N THR H 89 4.90 28.62 23.02
CA THR H 89 3.69 28.04 23.63
C THR H 89 4.07 27.31 24.92
N THR H 90 5.10 26.47 24.87
CA THR H 90 5.55 25.76 26.05
C THR H 90 5.84 26.73 27.22
N ALA H 91 6.44 27.87 26.92
CA ALA H 91 6.75 28.83 27.96
C ALA H 91 5.46 29.33 28.58
N THR H 92 4.43 29.49 27.76
CA THR H 92 3.13 29.98 28.22
C THR H 92 2.54 29.00 29.21
N VAL H 93 2.48 27.72 28.84
CA VAL H 93 1.96 26.70 29.73
C VAL H 93 2.66 26.75 31.09
N LEU H 94 3.98 26.60 31.10
CA LEU H 94 4.75 26.67 32.34
C LEU H 94 4.40 27.93 33.13
N ALA H 95 4.27 29.06 32.43
CA ALA H 95 3.96 30.31 33.08
C ALA H 95 2.61 30.29 33.78
N GLN H 96 1.59 29.75 33.13
CA GLN H 96 0.25 29.67 33.71
C GLN H 96 0.32 28.96 35.05
N ALA H 97 0.88 27.76 35.02
CA ALA H 97 1.05 26.94 36.21
C ALA H 97 1.76 27.76 37.30
N ILE H 98 2.99 28.17 37.04
CA ILE H 98 3.73 28.96 38.02
C ILE H 98 2.90 30.12 38.61
N VAL H 99 2.16 30.83 37.77
CA VAL H 99 1.35 31.94 38.24
C VAL H 99 0.24 31.50 39.18
N ARG H 100 -0.43 30.41 38.81
CA ARG H 100 -1.55 29.83 39.59
C ARG H 100 -1.10 29.47 40.99
N GLU H 101 -0.29 28.42 41.09
CA GLU H 101 0.26 27.97 42.36
C GLU H 101 0.88 29.10 43.16
N GLY H 102 1.54 30.02 42.46
CA GLY H 102 2.16 31.12 43.14
C GLY H 102 1.15 31.96 43.87
N LEU H 103 0.14 32.42 43.13
CA LEU H 103 -0.89 33.26 43.72
C LEU H 103 -1.70 32.55 44.79
N LYS H 104 -1.88 31.24 44.63
CA LYS H 104 -2.62 30.43 45.60
C LYS H 104 -1.90 30.46 46.94
N ASN H 105 -0.62 30.06 46.94
CA ASN H 105 0.19 30.07 48.15
C ASN H 105 0.38 31.47 48.72
N VAL H 106 0.37 32.48 47.86
CA VAL H 106 0.54 33.84 48.35
C VAL H 106 -0.73 34.21 49.11
N ALA H 107 -1.86 33.73 48.60
CA ALA H 107 -3.16 33.98 49.20
C ALA H 107 -3.35 33.17 50.48
N ALA H 108 -2.51 32.16 50.68
CA ALA H 108 -2.58 31.33 51.87
C ALA H 108 -1.56 31.85 52.90
N GLY H 109 -0.95 33.00 52.59
CA GLY H 109 0.01 33.61 53.49
C GLY H 109 1.50 33.46 53.20
N ALA H 110 1.84 32.81 52.09
CA ALA H 110 3.26 32.62 51.75
C ALA H 110 3.85 33.96 51.36
N ASN H 111 5.14 34.14 51.65
CA ASN H 111 5.82 35.40 51.30
C ASN H 111 6.21 35.34 49.82
N PRO H 112 5.72 36.32 49.03
CA PRO H 112 6.03 36.36 47.60
C PRO H 112 7.53 36.24 47.31
N LEU H 113 8.33 37.13 47.91
CA LEU H 113 9.76 37.13 47.70
C LEU H 113 10.37 35.77 47.97
N ALA H 114 9.99 35.15 49.08
CA ALA H 114 10.52 33.84 49.40
C ALA H 114 10.14 32.84 48.30
N LEU H 115 8.89 32.93 47.82
CA LEU H 115 8.44 32.04 46.76
C LEU H 115 9.36 32.22 45.56
N LYS H 116 9.63 33.47 45.24
CA LYS H 116 10.50 33.81 44.12
C LYS H 116 11.86 33.18 44.33
N ARG H 117 12.57 33.56 45.39
CA ARG H 117 13.92 33.02 45.67
C ARG H 117 13.91 31.52 45.39
N GLY H 118 12.81 30.87 45.77
CA GLY H 118 12.69 29.43 45.57
C GLY H 118 12.44 29.03 44.14
N ILE H 119 11.57 29.77 43.45
CA ILE H 119 11.29 29.48 42.06
C ILE H 119 12.55 29.60 41.24
N GLU H 120 13.39 30.57 41.60
CA GLU H 120 14.65 30.83 40.91
C GLU H 120 15.62 29.69 41.14
N LYS H 121 15.88 29.36 42.40
CA LYS H 121 16.80 28.26 42.69
C LYS H 121 16.33 26.99 41.98
N ALA H 122 15.02 26.82 41.94
CA ALA H 122 14.43 25.66 41.29
C ALA H 122 14.81 25.64 39.82
N VAL H 123 14.53 26.75 39.12
CA VAL H 123 14.85 26.84 37.69
C VAL H 123 16.32 26.54 37.44
N GLU H 124 17.21 27.20 38.21
CA GLU H 124 18.63 26.96 38.07
C GLU H 124 18.86 25.45 38.01
N ALA H 125 18.55 24.77 39.10
CA ALA H 125 18.74 23.34 39.18
C ALA H 125 18.14 22.63 37.96
N ALA H 126 17.01 23.12 37.49
CA ALA H 126 16.34 22.52 36.34
C ALA H 126 17.20 22.69 35.09
N VAL H 127 17.58 23.94 34.82
CA VAL H 127 18.42 24.25 33.67
C VAL H 127 19.70 23.40 33.71
N GLU H 128 20.38 23.43 34.84
CA GLU H 128 21.62 22.66 34.98
C GLU H 128 21.41 21.21 34.57
N LYS H 129 20.22 20.67 34.81
CA LYS H 129 19.93 19.29 34.45
C LYS H 129 19.70 19.20 32.94
N ILE H 130 19.07 20.24 32.38
CA ILE H 130 18.82 20.28 30.94
C ILE H 130 20.17 20.21 30.25
N LYS H 131 21.11 21.02 30.72
CA LYS H 131 22.45 21.06 30.16
C LYS H 131 23.12 19.72 30.24
N ALA H 132 23.29 19.22 31.46
CA ALA H 132 23.96 17.94 31.66
C ALA H 132 23.24 16.81 30.93
N LEU H 133 22.10 17.13 30.33
CA LEU H 133 21.30 16.12 29.64
C LEU H 133 21.30 16.32 28.13
N ALA H 134 21.89 17.42 27.68
CA ALA H 134 21.95 17.75 26.27
C ALA H 134 23.07 17.06 25.49
N ILE H 135 22.75 16.54 24.31
CA ILE H 135 23.71 15.87 23.43
C ILE H 135 24.30 16.95 22.54
N PRO H 136 25.64 17.10 22.50
CA PRO H 136 26.25 18.12 21.65
C PRO H 136 26.08 17.81 20.16
N VAL H 137 25.84 18.86 19.37
CA VAL H 137 25.68 18.72 17.93
C VAL H 137 26.70 19.64 17.28
N GLU H 138 27.85 19.07 16.94
CA GLU H 138 28.93 19.83 16.31
C GLU H 138 29.59 19.09 15.16
N ASP H 139 29.37 17.78 15.10
CA ASP H 139 29.94 16.98 14.02
C ASP H 139 29.28 17.37 12.71
N ARG H 140 29.77 16.79 11.62
CA ARG H 140 29.21 17.04 10.31
C ARG H 140 27.92 16.25 10.23
N LYS H 141 28.02 14.96 10.57
CA LYS H 141 26.86 14.08 10.54
C LYS H 141 25.81 14.60 11.50
N ALA H 142 26.26 14.97 12.70
CA ALA H 142 25.36 15.49 13.71
C ALA H 142 24.47 16.57 13.11
N ILE H 143 25.07 17.72 12.82
CA ILE H 143 24.36 18.85 12.25
C ILE H 143 23.45 18.47 11.09
N GLU H 144 23.91 17.56 10.25
CA GLU H 144 23.09 17.17 9.11
C GLU H 144 21.87 16.40 9.56
N GLU H 145 22.09 15.36 10.36
CA GLU H 145 21.00 14.54 10.85
C GLU H 145 19.92 15.35 11.56
N VAL H 146 20.34 16.24 12.47
CA VAL H 146 19.40 17.08 13.17
C VAL H 146 18.49 17.77 12.16
N ALA H 147 19.12 18.54 11.27
CA ALA H 147 18.40 19.28 10.24
C ALA H 147 17.59 18.35 9.35
N THR H 148 18.16 17.20 9.04
CA THR H 148 17.49 16.21 8.20
C THR H 148 16.14 15.85 8.81
N ILE H 149 16.12 15.67 10.13
CA ILE H 149 14.90 15.32 10.82
C ILE H 149 13.91 16.49 10.87
N SER H 150 14.33 17.59 11.45
CA SER H 150 13.49 18.78 11.58
C SER H 150 12.93 19.27 10.24
N ALA H 151 13.50 18.77 9.15
CA ALA H 151 13.04 19.16 7.82
C ALA H 151 12.25 18.04 7.19
N ASN H 152 12.59 16.81 7.57
CA ASN H 152 11.96 15.61 7.03
C ASN H 152 12.34 15.56 5.56
N ASP H 153 13.63 15.72 5.31
CA ASP H 153 14.20 15.72 3.96
C ASP H 153 15.71 15.58 4.10
N PRO H 154 16.26 14.41 3.75
CA PRO H 154 17.71 14.17 3.84
C PRO H 154 18.53 15.12 2.97
N GLU H 155 17.90 15.58 1.89
CA GLU H 155 18.54 16.49 0.95
C GLU H 155 18.72 17.87 1.59
N VAL H 156 17.59 18.48 1.97
CA VAL H 156 17.62 19.79 2.60
C VAL H 156 18.52 19.72 3.82
N GLY H 157 18.63 18.51 4.38
CA GLY H 157 19.48 18.31 5.54
C GLY H 157 20.91 18.60 5.12
N LYS H 158 21.31 18.00 4.00
CA LYS H 158 22.64 18.20 3.46
C LYS H 158 22.88 19.69 3.22
N LEU H 159 22.03 20.30 2.40
CA LEU H 159 22.13 21.71 2.09
C LEU H 159 22.31 22.55 3.35
N ILE H 160 21.39 22.40 4.30
CA ILE H 160 21.46 23.15 5.55
C ILE H 160 22.81 22.90 6.22
N ALA H 161 23.28 21.66 6.17
CA ALA H 161 24.57 21.31 6.76
C ALA H 161 25.69 22.06 6.04
N ASP H 162 25.72 21.94 4.72
CA ASP H 162 26.72 22.61 3.90
C ASP H 162 26.67 24.12 4.12
N ALA H 163 25.49 24.70 3.96
CA ALA H 163 25.31 26.13 4.17
C ALA H 163 25.97 26.56 5.48
N MET H 164 25.78 25.78 6.54
CA MET H 164 26.37 26.10 7.84
C MET H 164 27.88 25.86 7.79
N GLU H 165 28.26 24.73 7.20
CA GLU H 165 29.66 24.35 7.08
C GLU H 165 30.52 25.49 6.55
N LYS H 166 30.01 26.16 5.51
CA LYS H 166 30.74 27.25 4.85
C LYS H 166 30.59 28.63 5.46
N VAL H 167 29.35 29.09 5.62
CA VAL H 167 29.12 30.43 6.17
C VAL H 167 29.53 30.56 7.64
N GLY H 168 29.55 29.44 8.37
CA GLY H 168 29.95 29.49 9.76
C GLY H 168 28.83 29.75 10.76
N LYS H 169 29.16 29.63 12.05
CA LYS H 169 28.19 29.83 13.12
C LYS H 169 27.56 31.22 13.07
N GLU H 170 28.39 32.25 13.12
CA GLU H 170 27.87 33.61 13.08
C GLU H 170 27.62 34.10 11.65
N GLY H 171 27.54 33.15 10.72
CA GLY H 171 27.30 33.50 9.32
C GLY H 171 25.85 33.80 9.00
N ILE H 172 25.55 33.97 7.72
CA ILE H 172 24.18 34.25 7.28
C ILE H 172 23.61 33.15 6.40
N ILE H 173 22.42 32.68 6.75
CA ILE H 173 21.75 31.64 5.97
C ILE H 173 20.28 32.02 5.86
N THR H 174 19.68 31.78 4.70
CA THR H 174 18.29 32.12 4.50
C THR H 174 17.60 31.13 3.59
N VAL H 175 16.28 31.09 3.69
CA VAL H 175 15.50 30.18 2.86
C VAL H 175 14.67 31.09 1.99
N GLU H 176 14.85 31.00 0.67
CA GLU H 176 14.07 31.84 -0.23
C GLU H 176 13.13 31.04 -1.11
N GLU H 177 12.00 31.65 -1.45
CA GLU H 177 11.01 30.99 -2.28
C GLU H 177 11.46 31.04 -3.70
N SER H 178 12.20 30.02 -4.12
CA SER H 178 12.69 29.96 -5.49
C SER H 178 11.51 29.94 -6.45
N LYS H 179 11.79 29.97 -7.75
CA LYS H 179 10.75 29.94 -8.76
C LYS H 179 10.89 28.58 -9.45
N SER H 180 12.10 28.03 -9.34
CA SER H 180 12.41 26.73 -9.93
C SER H 180 11.72 25.64 -9.13
N LEU H 181 11.45 24.51 -9.79
CA LEU H 181 10.79 23.39 -9.12
C LEU H 181 11.78 22.49 -8.40
N GLU H 182 13.00 22.98 -8.21
CA GLU H 182 14.04 22.23 -7.53
C GLU H 182 14.65 23.06 -6.42
N THR H 183 15.09 22.39 -5.36
CA THR H 183 15.70 23.07 -4.23
C THR H 183 17.21 23.03 -4.37
N GLU H 184 17.84 24.21 -4.33
CA GLU H 184 19.28 24.32 -4.48
C GLU H 184 19.90 25.23 -3.43
N LEU H 185 21.22 25.16 -3.30
CA LEU H 185 21.97 26.01 -2.39
C LEU H 185 22.92 26.89 -3.20
N LYS H 186 22.78 28.20 -3.05
CA LYS H 186 23.62 29.14 -3.78
C LYS H 186 24.23 30.15 -2.81
N PHE H 187 25.50 30.50 -3.01
CA PHE H 187 26.17 31.47 -2.14
C PHE H 187 26.30 32.86 -2.75
N VAL H 188 25.24 33.65 -2.65
CA VAL H 188 25.24 35.00 -3.19
C VAL H 188 26.00 35.91 -2.22
N GLU H 189 25.94 37.21 -2.47
CA GLU H 189 26.64 38.20 -1.66
C GLU H 189 25.55 38.97 -0.92
N GLY H 190 25.86 39.47 0.28
CA GLY H 190 24.86 40.21 1.02
C GLY H 190 25.22 40.58 2.46
N TYR H 191 24.21 41.02 3.20
CA TYR H 191 24.40 41.42 4.59
C TYR H 191 23.09 41.19 5.35
N GLN H 192 23.12 41.44 6.66
CA GLN H 192 21.94 41.26 7.48
C GLN H 192 22.16 41.84 8.87
N PHE H 193 21.23 42.68 9.31
CA PHE H 193 21.33 43.30 10.63
C PHE H 193 20.02 43.19 11.42
N ASP H 194 20.12 43.34 12.74
CA ASP H 194 18.97 43.22 13.63
C ASP H 194 18.16 44.51 13.79
N LYS H 195 17.34 44.79 12.80
CA LYS H 195 16.48 45.97 12.78
C LYS H 195 15.35 45.62 11.81
N GLY H 196 14.13 46.05 12.11
CA GLY H 196 13.01 45.73 11.24
C GLY H 196 12.22 46.91 10.73
N TYR H 197 11.11 46.63 10.05
CA TYR H 197 10.30 47.69 9.51
C TYR H 197 9.83 48.70 10.54
N ILE H 198 10.11 49.97 10.25
CA ILE H 198 9.75 51.08 11.11
C ILE H 198 8.25 51.19 11.27
N SER H 199 7.53 50.59 10.33
CA SER H 199 6.07 50.58 10.36
C SER H 199 5.56 49.25 9.83
N PRO H 200 4.65 48.61 10.56
CA PRO H 200 4.11 47.32 10.15
C PRO H 200 3.35 47.38 8.83
N TYR H 201 3.04 48.58 8.36
CA TYR H 201 2.34 48.76 7.09
C TYR H 201 3.23 48.46 5.87
N PHE H 202 4.53 48.33 6.11
CA PHE H 202 5.46 48.05 5.02
C PHE H 202 5.45 46.57 4.68
N VAL H 203 4.71 45.79 5.45
CA VAL H 203 4.62 44.35 5.25
C VAL H 203 4.09 43.95 3.88
N THR H 204 4.71 42.94 3.28
CA THR H 204 4.34 42.40 1.97
C THR H 204 3.34 41.25 2.14
N ASN H 205 3.68 40.33 3.04
CA ASN H 205 2.86 39.16 3.33
C ASN H 205 2.24 39.27 4.73
N PRO H 206 0.92 39.48 4.81
CA PRO H 206 0.21 39.61 6.09
C PRO H 206 0.45 38.42 7.03
N GLU H 207 0.42 37.21 6.48
CA GLU H 207 0.62 36.01 7.28
C GLU H 207 1.99 35.98 7.95
N THR H 208 3.04 35.92 7.15
CA THR H 208 4.41 35.87 7.68
C THR H 208 4.85 37.18 8.33
N MET H 209 4.10 38.24 8.11
CA MET H 209 4.42 39.56 8.68
C MET H 209 5.82 40.03 8.25
N GLU H 210 6.15 39.79 7.00
CA GLU H 210 7.43 40.19 6.44
C GLU H 210 7.21 41.18 5.30
N ALA H 211 8.29 41.86 4.93
CA ALA H 211 8.27 42.81 3.84
C ALA H 211 9.32 42.30 2.87
N VAL H 212 8.88 41.76 1.74
CA VAL H 212 9.80 41.24 0.75
C VAL H 212 9.85 42.13 -0.48
N LEU H 213 11.07 42.59 -0.79
CA LEU H 213 11.33 43.45 -1.94
C LEU H 213 12.30 42.75 -2.87
N GLU H 214 11.97 42.69 -4.16
CA GLU H 214 12.86 42.03 -5.12
C GLU H 214 13.44 43.00 -6.15
N ASP H 215 14.77 42.91 -6.31
CA ASP H 215 15.49 43.79 -7.23
C ASP H 215 15.16 45.23 -6.90
N ALA H 216 15.55 45.64 -5.69
CA ALA H 216 15.28 47.00 -5.23
C ALA H 216 16.57 47.78 -4.96
N PHE H 217 16.43 49.09 -4.90
CA PHE H 217 17.56 49.95 -4.63
C PHE H 217 17.66 50.07 -3.10
N ILE H 218 18.86 50.30 -2.62
CA ILE H 218 19.08 50.41 -1.20
C ILE H 218 19.62 51.78 -0.81
N LEU H 219 18.71 52.74 -0.67
CA LEU H 219 19.05 54.10 -0.29
C LEU H 219 19.64 54.13 1.14
N ILE H 220 20.96 54.23 1.25
CA ILE H 220 21.61 54.23 2.55
C ILE H 220 21.85 55.63 3.08
N VAL H 221 20.98 56.08 3.98
CA VAL H 221 21.09 57.41 4.58
C VAL H 221 21.71 57.28 5.97
N GLU H 222 22.05 58.41 6.59
CA GLU H 222 22.67 58.40 7.91
C GLU H 222 22.03 59.45 8.79
N LYS H 223 21.18 60.28 8.18
CA LYS H 223 20.48 61.34 8.88
C LYS H 223 19.06 60.86 9.23
N LYS H 224 18.33 61.67 9.98
CA LYS H 224 16.96 61.33 10.33
C LYS H 224 16.07 61.92 9.26
N VAL H 225 15.67 61.09 8.30
CA VAL H 225 14.80 61.55 7.22
C VAL H 225 13.40 61.83 7.73
N SER H 226 13.07 63.10 7.90
CA SER H 226 11.76 63.49 8.41
C SER H 226 11.08 64.53 7.52
N ASN H 227 11.84 65.09 6.60
CA ASN H 227 11.31 66.10 5.70
C ASN H 227 11.03 65.49 4.33
N VAL H 228 9.85 65.77 3.77
CA VAL H 228 9.46 65.25 2.47
C VAL H 228 10.28 65.88 1.34
N ARG H 229 10.45 67.20 1.40
CA ARG H 229 11.18 67.90 0.38
C ARG H 229 12.55 67.28 0.08
N GLU H 230 13.29 66.91 1.12
CA GLU H 230 14.61 66.33 0.92
C GLU H 230 14.56 64.87 0.50
N LEU H 231 13.36 64.33 0.35
CA LEU H 231 13.20 62.94 -0.03
C LEU H 231 12.54 62.77 -1.40
N LEU H 232 11.57 63.63 -1.71
CA LEU H 232 10.87 63.56 -2.99
C LEU H 232 11.76 63.34 -4.22
N PRO H 233 12.87 64.09 -4.34
CA PRO H 233 13.73 63.90 -5.50
C PRO H 233 14.12 62.43 -5.80
N ILE H 234 14.82 61.78 -4.88
CA ILE H 234 15.23 60.39 -5.10
C ILE H 234 14.04 59.46 -5.20
N LEU H 235 13.02 59.76 -4.39
CA LEU H 235 11.82 58.96 -4.36
C LEU H 235 11.20 58.93 -5.76
N GLU H 236 11.28 60.05 -6.48
CA GLU H 236 10.74 60.16 -7.82
C GLU H 236 11.55 59.39 -8.84
N GLN H 237 12.87 59.55 -8.79
CA GLN H 237 13.75 58.87 -9.72
C GLN H 237 13.48 57.37 -9.65
N VAL H 238 13.44 56.85 -8.43
CA VAL H 238 13.19 55.43 -8.21
C VAL H 238 11.78 55.03 -8.65
N ALA H 239 10.83 55.93 -8.46
CA ALA H 239 9.44 55.67 -8.84
C ALA H 239 9.35 55.30 -10.32
N GLN H 240 10.01 56.08 -11.17
CA GLN H 240 9.97 55.81 -12.60
C GLN H 240 10.78 54.60 -13.00
N THR H 241 11.47 53.99 -12.02
CA THR H 241 12.29 52.81 -12.29
C THR H 241 11.40 51.57 -12.31
N GLY H 242 10.24 51.68 -11.68
CA GLY H 242 9.33 50.56 -11.61
C GLY H 242 9.81 49.55 -10.59
N LYS H 243 10.99 49.82 -10.01
CA LYS H 243 11.58 48.93 -9.02
C LYS H 243 11.26 49.38 -7.59
N PRO H 244 11.35 48.47 -6.62
CA PRO H 244 11.09 48.74 -5.20
C PRO H 244 12.28 49.40 -4.51
N LEU H 245 12.04 49.96 -3.33
CA LEU H 245 13.10 50.67 -2.60
C LEU H 245 13.18 50.37 -1.11
N LEU H 246 14.40 50.11 -0.63
CA LEU H 246 14.64 49.85 0.78
C LEU H 246 15.42 51.03 1.36
N ILE H 247 14.80 51.75 2.29
CA ILE H 247 15.46 52.89 2.92
C ILE H 247 16.08 52.48 4.25
N ILE H 248 17.35 52.80 4.45
CA ILE H 248 18.06 52.43 5.68
C ILE H 248 18.64 53.62 6.44
N ALA H 249 17.82 54.63 6.72
CA ALA H 249 18.26 55.82 7.46
C ALA H 249 18.43 55.44 8.95
N GLU H 250 18.83 56.38 9.79
CA GLU H 250 18.97 56.05 11.20
C GLU H 250 17.57 56.06 11.75
N ASP H 251 16.67 56.69 11.01
CA ASP H 251 15.26 56.76 11.38
C ASP H 251 14.46 57.54 10.36
N VAL H 252 13.21 57.14 10.18
CA VAL H 252 12.29 57.78 9.26
C VAL H 252 11.04 58.13 10.05
N GLU H 253 10.73 59.41 10.16
CA GLU H 253 9.58 59.86 10.94
C GLU H 253 8.79 60.95 10.23
N GLY H 254 7.84 61.55 10.95
CA GLY H 254 7.01 62.60 10.41
C GLY H 254 6.48 62.41 9.00
N GLU H 255 6.49 63.49 8.22
CA GLU H 255 6.02 63.47 6.84
C GLU H 255 6.67 62.33 6.06
N ALA H 256 7.99 62.28 6.11
CA ALA H 256 8.75 61.26 5.40
C ALA H 256 8.14 59.86 5.58
N LEU H 257 8.08 59.40 6.83
CA LEU H 257 7.53 58.08 7.11
C LEU H 257 6.09 57.97 6.65
N ALA H 258 5.30 59.02 6.90
CA ALA H 258 3.91 59.03 6.50
C ALA H 258 3.75 58.82 5.00
N THR H 259 4.47 59.62 4.22
CA THR H 259 4.42 59.53 2.76
C THR H 259 4.79 58.15 2.27
N LEU H 260 5.91 57.63 2.76
CA LEU H 260 6.39 56.32 2.36
C LEU H 260 5.33 55.26 2.58
N VAL H 261 4.59 55.39 3.68
CA VAL H 261 3.55 54.42 3.98
C VAL H 261 2.34 54.56 3.06
N VAL H 262 1.93 55.79 2.79
CA VAL H 262 0.78 56.03 1.94
C VAL H 262 0.94 55.48 0.52
N ASN H 263 2.00 55.88 -0.17
CA ASN H 263 2.25 55.41 -1.53
C ASN H 263 2.44 53.90 -1.58
N LYS H 264 2.94 53.34 -0.48
CA LYS H 264 3.17 51.90 -0.33
C LYS H 264 1.84 51.16 -0.36
N LEU H 265 0.93 51.60 0.50
CA LEU H 265 -0.39 51.00 0.61
C LEU H 265 -1.26 51.44 -0.55
N ARG H 266 -0.76 52.40 -1.31
CA ARG H 266 -1.47 52.96 -2.45
C ARG H 266 -1.10 52.22 -3.73
N GLY H 267 0.18 51.91 -3.88
CA GLY H 267 0.63 51.20 -5.05
C GLY H 267 1.52 52.10 -5.88
N THR H 268 1.74 53.31 -5.38
CA THR H 268 2.59 54.28 -6.07
C THR H 268 4.05 53.85 -6.04
N LEU H 269 4.51 53.41 -4.88
CA LEU H 269 5.90 52.97 -4.72
C LEU H 269 5.99 51.95 -3.59
N SER H 270 6.54 50.77 -3.88
CA SER H 270 6.67 49.75 -2.83
C SER H 270 8.00 49.95 -2.12
N VAL H 271 7.93 50.49 -0.91
CA VAL H 271 9.12 50.75 -0.11
C VAL H 271 9.03 50.18 1.29
N ALA H 272 10.11 50.32 2.04
CA ALA H 272 10.18 49.84 3.41
C ALA H 272 11.36 50.52 4.10
N ALA H 273 11.09 51.16 5.24
CA ALA H 273 12.13 51.85 5.98
C ALA H 273 12.57 51.07 7.19
N VAL H 274 13.88 50.98 7.37
CA VAL H 274 14.47 50.26 8.49
C VAL H 274 15.49 51.15 9.18
N LYS H 275 15.57 51.11 10.49
CA LYS H 275 16.56 51.91 11.19
C LYS H 275 17.96 51.37 10.90
N ALA H 276 18.97 52.21 11.10
CA ALA H 276 20.33 51.80 10.83
C ALA H 276 20.87 50.82 11.88
N PRO H 277 21.58 49.78 11.43
CA PRO H 277 22.15 48.76 12.31
C PRO H 277 23.14 49.36 13.29
N GLY H 278 23.40 48.63 14.37
CA GLY H 278 24.35 49.10 15.37
C GLY H 278 24.03 50.47 15.96
N PHE H 279 24.96 50.96 16.79
CA PHE H 279 24.83 52.25 17.45
C PHE H 279 26.20 52.92 17.53
N GLY H 280 26.22 54.23 17.30
CA GLY H 280 27.45 54.99 17.37
C GLY H 280 28.40 54.78 16.22
N ASP H 281 29.69 54.94 16.52
CA ASP H 281 30.74 54.76 15.52
C ASP H 281 30.49 53.42 14.85
N ARG H 282 30.09 52.44 15.66
CA ARG H 282 29.82 51.10 15.19
C ARG H 282 28.84 51.09 14.02
N ARG H 283 27.90 52.02 14.05
CA ARG H 283 26.88 52.11 13.03
C ARG H 283 27.37 52.54 11.66
N LYS H 284 28.03 53.69 11.59
CA LYS H 284 28.50 54.16 10.29
C LYS H 284 29.38 53.10 9.65
N GLU H 285 30.14 52.40 10.48
CA GLU H 285 31.03 51.37 9.98
C GLU H 285 30.20 50.27 9.33
N MET H 286 29.04 49.98 9.91
CA MET H 286 28.16 48.95 9.37
C MET H 286 27.41 49.44 8.14
N LEU H 287 27.10 50.74 8.11
CA LEU H 287 26.40 51.33 6.97
C LEU H 287 27.27 51.24 5.72
N LYS H 288 28.58 51.25 5.93
CA LYS H 288 29.53 51.16 4.83
C LYS H 288 29.55 49.73 4.36
N ASP H 289 29.53 48.80 5.31
CA ASP H 289 29.53 47.37 5.00
C ASP H 289 28.39 47.10 4.03
N ILE H 290 27.29 47.81 4.23
CA ILE H 290 26.12 47.66 3.39
C ILE H 290 26.36 48.26 2.01
N ALA H 291 26.79 49.52 2.00
CA ALA H 291 27.08 50.21 0.75
C ALA H 291 28.03 49.37 -0.11
N ALA H 292 29.02 48.77 0.55
CA ALA H 292 30.01 47.92 -0.11
C ALA H 292 29.39 46.74 -0.86
N VAL H 293 28.62 45.93 -0.14
CA VAL H 293 28.00 44.75 -0.72
C VAL H 293 26.84 45.11 -1.62
N THR H 294 26.30 46.31 -1.45
CA THR H 294 25.18 46.76 -2.26
C THR H 294 25.61 47.45 -3.53
N GLY H 295 26.63 48.31 -3.42
CA GLY H 295 27.09 49.05 -4.56
C GLY H 295 26.46 50.44 -4.47
N GLY H 296 26.30 50.91 -3.23
CA GLY H 296 25.73 52.21 -2.99
C GLY H 296 26.68 53.00 -2.13
N THR H 297 26.26 54.18 -1.69
CA THR H 297 27.14 55.02 -0.87
C THR H 297 26.40 55.69 0.29
N VAL H 298 27.04 55.68 1.45
CA VAL H 298 26.46 56.27 2.65
C VAL H 298 26.23 57.78 2.52
N ILE H 299 25.00 58.18 2.21
CA ILE H 299 24.65 59.59 2.11
C ILE H 299 24.78 60.28 3.48
N SER H 300 26.02 60.55 3.92
CA SER H 300 26.24 61.19 5.22
C SER H 300 26.36 62.71 5.10
N GLU H 301 25.64 63.42 5.96
CA GLU H 301 25.66 64.87 5.96
C GLU H 301 27.07 65.30 6.38
N GLU H 302 27.77 64.41 7.08
CA GLU H 302 29.13 64.67 7.53
C GLU H 302 30.01 65.10 6.38
N LEU H 303 30.16 64.22 5.40
CA LEU H 303 30.97 64.51 4.23
C LEU H 303 30.23 65.49 3.35
N GLY H 304 29.44 66.35 4.00
CA GLY H 304 28.66 67.36 3.32
C GLY H 304 27.97 66.90 2.07
N PHE H 305 26.68 66.58 2.19
CA PHE H 305 25.90 66.15 1.03
C PHE H 305 24.41 66.03 1.31
N LYS H 306 23.63 66.89 0.67
CA LYS H 306 22.18 66.92 0.85
C LYS H 306 21.49 65.73 0.16
N LEU H 307 20.37 65.30 0.71
CA LEU H 307 19.60 64.18 0.17
C LEU H 307 18.95 64.49 -1.16
N GLU H 308 18.32 65.65 -1.26
CA GLU H 308 17.66 66.02 -2.49
C GLU H 308 18.60 65.88 -3.69
N ASN H 309 19.88 66.09 -3.47
CA ASN H 309 20.88 65.99 -4.53
C ASN H 309 21.40 64.56 -4.69
N ALA H 310 20.62 63.57 -4.29
CA ALA H 310 21.10 62.20 -4.42
C ALA H 310 20.65 61.53 -5.71
N THR H 311 21.62 60.99 -6.42
CA THR H 311 21.39 60.34 -7.69
C THR H 311 20.91 58.91 -7.56
N LEU H 312 20.09 58.50 -8.54
CA LEU H 312 19.54 57.16 -8.58
C LEU H 312 20.68 56.18 -8.86
N SER H 313 21.88 56.55 -8.46
CA SER H 313 23.05 55.70 -8.70
C SER H 313 23.94 55.64 -7.46
N MET H 314 23.67 56.52 -6.50
CA MET H 314 24.45 56.56 -5.26
C MET H 314 23.96 55.45 -4.36
N LEU H 315 22.76 54.97 -4.65
CA LEU H 315 22.13 53.91 -3.88
C LEU H 315 22.40 52.56 -4.53
N GLY H 316 22.98 51.63 -3.77
CA GLY H 316 23.24 50.32 -4.31
C GLY H 316 21.96 49.53 -4.44
N ARG H 317 22.05 48.25 -4.80
CA ARG H 317 20.87 47.42 -4.94
C ARG H 317 21.19 45.93 -4.83
N ALA H 318 20.15 45.13 -4.61
CA ALA H 318 20.30 43.68 -4.48
C ALA H 318 19.12 42.94 -5.10
N GLU H 319 19.27 41.64 -5.30
CA GLU H 319 18.21 40.81 -5.90
C GLU H 319 16.97 40.65 -5.02
N ARG H 320 17.16 40.62 -3.71
CA ARG H 320 16.04 40.49 -2.79
C ARG H 320 16.33 41.00 -1.39
N VAL H 321 15.36 41.72 -0.84
CA VAL H 321 15.46 42.26 0.51
C VAL H 321 14.27 41.78 1.34
N ARG H 322 14.55 41.16 2.49
CA ARG H 322 13.52 40.64 3.37
C ARG H 322 13.51 41.38 4.71
N ILE H 323 12.38 42.00 5.03
CA ILE H 323 12.27 42.76 6.27
C ILE H 323 11.23 42.18 7.24
N THR H 324 11.70 41.92 8.47
CA THR H 324 10.91 41.37 9.57
C THR H 324 10.83 42.47 10.61
N LYS H 325 9.88 42.38 11.54
CA LYS H 325 9.78 43.42 12.54
C LYS H 325 11.03 43.45 13.43
N ASP H 326 11.85 42.41 13.32
CA ASP H 326 13.07 42.34 14.13
C ASP H 326 14.35 42.20 13.32
N GLU H 327 14.24 41.94 12.03
CA GLU H 327 15.45 41.74 11.25
C GLU H 327 15.36 42.09 9.78
N THR H 328 16.44 42.66 9.24
CA THR H 328 16.50 42.99 7.83
C THR H 328 17.55 42.10 7.19
N THR H 329 17.24 41.60 5.99
CA THR H 329 18.15 40.72 5.27
C THR H 329 18.28 41.11 3.80
N ILE H 330 19.51 41.22 3.33
CA ILE H 330 19.78 41.60 1.95
C ILE H 330 20.46 40.49 1.20
N VAL H 331 19.71 39.86 0.30
CA VAL H 331 20.23 38.75 -0.50
C VAL H 331 20.47 39.19 -1.94
N GLY H 332 21.63 38.84 -2.47
CA GLY H 332 21.93 39.20 -3.83
C GLY H 332 22.58 40.56 -3.90
N GLY H 333 23.57 40.78 -3.03
CA GLY H 333 24.26 42.05 -3.02
C GLY H 333 24.96 42.23 -4.35
N LYS H 334 24.80 43.40 -4.96
CA LYS H 334 25.43 43.66 -6.24
C LYS H 334 26.57 44.69 -6.19
N GLY H 335 27.19 44.83 -5.03
CA GLY H 335 28.29 45.76 -4.89
C GLY H 335 29.52 45.16 -5.53
N LYS H 336 30.53 45.99 -5.75
CA LYS H 336 31.77 45.53 -6.38
C LYS H 336 32.51 44.55 -5.47
N LYS H 337 32.81 43.38 -6.00
CA LYS H 337 33.51 42.35 -5.24
C LYS H 337 34.76 42.93 -4.57
N GLU H 338 35.21 44.06 -5.09
CA GLU H 338 36.40 44.74 -4.57
C GLU H 338 36.08 45.45 -3.26
N ASP H 339 35.06 46.31 -3.29
CA ASP H 339 34.63 47.09 -2.13
C ASP H 339 34.38 46.15 -0.95
N ILE H 340 33.84 44.98 -1.27
CA ILE H 340 33.54 43.97 -0.26
C ILE H 340 34.81 43.48 0.42
N GLU H 341 35.72 42.91 -0.37
CA GLU H 341 36.99 42.41 0.15
C GLU H 341 37.75 43.53 0.83
N ALA H 342 37.40 44.77 0.48
CA ALA H 342 38.02 45.94 1.07
C ALA H 342 37.70 46.01 2.56
N ARG H 343 36.41 45.84 2.90
CA ARG H 343 35.99 45.88 4.29
C ARG H 343 36.54 44.67 5.03
N ILE H 344 36.36 43.50 4.43
CA ILE H 344 36.84 42.25 5.01
C ILE H 344 38.27 42.37 5.54
N ASN H 345 39.14 42.96 4.74
CA ASN H 345 40.53 43.11 5.14
C ASN H 345 40.71 44.24 6.15
N GLY H 346 40.18 45.42 5.82
CA GLY H 346 40.31 46.55 6.72
C GLY H 346 39.76 46.23 8.10
N ILE H 347 38.93 45.19 8.16
CA ILE H 347 38.31 44.77 9.41
C ILE H 347 39.27 43.88 10.18
N LYS H 348 40.03 43.05 9.45
CA LYS H 348 40.99 42.13 10.06
C LYS H 348 42.18 42.89 10.64
N LYS H 349 42.58 43.96 9.96
CA LYS H 349 43.70 44.79 10.41
C LYS H 349 43.35 45.44 11.74
N GLU H 350 42.16 46.03 11.80
CA GLU H 350 41.69 46.69 13.01
C GLU H 350 41.38 45.66 14.09
N LEU H 351 41.33 44.40 13.68
CA LEU H 351 41.04 43.30 14.59
C LEU H 351 42.25 42.94 15.43
N GLU H 352 43.44 43.21 14.90
CA GLU H 352 44.70 42.93 15.60
C GLU H 352 45.04 44.06 16.56
N THR H 353 44.53 45.25 16.25
CA THR H 353 44.76 46.43 17.07
C THR H 353 43.75 46.48 18.21
N THR H 354 42.70 45.68 18.07
CA THR H 354 41.64 45.61 19.08
C THR H 354 42.13 44.84 20.31
N ASP H 355 41.68 45.28 21.49
CA ASP H 355 42.08 44.66 22.73
C ASP H 355 40.91 44.19 23.60
N SER H 356 39.78 44.89 23.50
CA SER H 356 38.60 44.53 24.28
C SER H 356 37.85 43.36 23.63
N GLU H 357 37.81 42.23 24.34
CA GLU H 357 37.15 41.03 23.84
C GLU H 357 35.79 41.30 23.22
N TYR H 358 35.01 42.21 23.82
CA TYR H 358 33.68 42.51 23.29
C TYR H 358 33.75 43.05 21.88
N ALA H 359 34.60 44.05 21.68
CA ALA H 359 34.76 44.64 20.36
C ALA H 359 35.15 43.57 19.34
N ARG H 360 35.96 42.61 19.77
CA ARG H 360 36.41 41.56 18.87
C ARG H 360 35.27 40.71 18.30
N GLU H 361 34.54 40.05 19.19
CA GLU H 361 33.42 39.20 18.80
C GLU H 361 32.49 39.94 17.87
N LYS H 362 32.36 41.24 18.10
CA LYS H 362 31.45 42.03 17.31
C LYS H 362 32.02 42.33 15.93
N LEU H 363 33.33 42.48 15.80
CA LEU H 363 33.88 42.68 14.46
C LEU H 363 33.74 41.30 13.81
N GLN H 364 33.87 40.27 14.64
CA GLN H 364 33.75 38.88 14.20
C GLN H 364 32.49 38.63 13.37
N GLU H 365 31.36 39.16 13.84
CA GLU H 365 30.09 38.97 13.13
C GLU H 365 30.06 39.71 11.81
N ARG H 366 30.60 40.93 11.79
CA ARG H 366 30.65 41.69 10.55
C ARG H 366 31.52 40.90 9.57
N LEU H 367 32.63 40.40 10.10
CA LEU H 367 33.57 39.62 9.33
C LEU H 367 32.90 38.38 8.73
N ALA H 368 32.12 37.68 9.55
CA ALA H 368 31.43 36.47 9.13
C ALA H 368 30.24 36.75 8.19
N LYS H 369 29.69 37.96 8.28
CA LYS H 369 28.57 38.35 7.43
C LYS H 369 29.09 38.62 6.01
N LEU H 370 30.10 39.48 5.93
CA LEU H 370 30.72 39.83 4.65
C LEU H 370 31.36 38.60 4.03
N ALA H 371 32.26 37.96 4.78
CA ALA H 371 32.89 36.74 4.32
C ALA H 371 31.80 35.66 4.39
N GLY H 372 31.98 34.55 3.68
CA GLY H 372 30.94 33.53 3.70
C GLY H 372 29.76 34.00 2.86
N GLY H 373 29.43 35.29 2.96
CA GLY H 373 28.34 35.85 2.18
C GLY H 373 26.97 35.59 2.76
N VAL H 374 26.09 35.09 1.90
CA VAL H 374 24.72 34.78 2.29
C VAL H 374 24.24 33.47 1.68
N ALA H 375 24.48 32.36 2.39
CA ALA H 375 24.06 31.05 1.91
C ALA H 375 22.55 31.07 1.74
N VAL H 376 22.08 30.87 0.50
CA VAL H 376 20.67 30.89 0.22
C VAL H 376 20.19 29.51 -0.20
N ILE H 377 18.98 29.16 0.25
CA ILE H 377 18.40 27.88 -0.08
C ILE H 377 17.14 28.11 -0.89
N ARG H 378 17.29 28.20 -2.21
CA ARG H 378 16.16 28.42 -3.11
C ARG H 378 15.27 27.21 -2.95
N VAL H 379 14.02 27.43 -2.52
CA VAL H 379 13.07 26.35 -2.29
C VAL H 379 12.18 26.06 -3.49
N GLY H 380 12.24 24.83 -3.98
CA GLY H 380 11.43 24.46 -5.13
C GLY H 380 10.12 23.83 -4.72
N ALA H 381 9.05 24.20 -5.42
CA ALA H 381 7.73 23.66 -5.16
C ALA H 381 6.99 23.43 -6.48
N ALA H 382 5.67 23.35 -6.41
CA ALA H 382 4.84 23.14 -7.60
C ALA H 382 3.57 23.96 -7.44
N THR H 383 3.17 24.15 -6.19
CA THR H 383 1.97 24.92 -5.88
C THR H 383 2.39 26.08 -4.99
N GLU H 384 1.58 27.13 -4.96
CA GLU H 384 1.88 28.27 -4.12
C GLU H 384 1.70 27.76 -2.70
N THR H 385 0.88 26.72 -2.58
CA THR H 385 0.58 26.09 -1.30
C THR H 385 1.76 25.22 -0.86
N GLU H 386 2.07 24.21 -1.66
CA GLU H 386 3.18 23.32 -1.37
C GLU H 386 4.43 24.11 -0.99
N LEU H 387 4.55 25.30 -1.59
CA LEU H 387 5.70 26.16 -1.32
C LEU H 387 5.67 26.72 0.09
N LYS H 388 4.59 27.44 0.44
CA LYS H 388 4.45 28.00 1.79
C LYS H 388 4.83 26.98 2.83
N GLU H 389 4.48 25.75 2.54
CA GLU H 389 4.70 24.61 3.42
C GLU H 389 6.18 24.27 3.55
N LYS H 390 6.81 23.96 2.42
CA LYS H 390 8.23 23.64 2.42
C LYS H 390 9.00 24.84 2.96
N LYS H 391 8.56 26.03 2.55
CA LYS H 391 9.19 27.28 2.98
C LYS H 391 9.31 27.30 4.50
N HIS H 392 8.15 27.17 5.14
CA HIS H 392 8.05 27.16 6.59
C HIS H 392 8.86 26.00 7.17
N ARG H 393 8.54 24.79 6.73
CA ARG H 393 9.22 23.58 7.22
C ARG H 393 10.73 23.71 7.19
N PHE H 394 11.28 24.04 6.02
CA PHE H 394 12.72 24.19 5.85
C PHE H 394 13.26 25.33 6.73
N GLU H 395 12.54 26.45 6.76
CA GLU H 395 12.99 27.57 7.56
C GLU H 395 13.10 27.18 9.05
N ASP H 396 12.09 26.49 9.56
CA ASP H 396 12.11 26.05 10.95
C ASP H 396 13.27 25.07 11.14
N ALA H 397 13.34 24.07 10.27
CA ALA H 397 14.40 23.08 10.32
C ALA H 397 15.74 23.79 10.44
N LEU H 398 15.88 24.90 9.72
CA LEU H 398 17.11 25.68 9.78
C LEU H 398 17.29 26.25 11.18
N ASN H 399 16.35 27.09 11.63
CA ASN H 399 16.42 27.70 12.96
C ASN H 399 16.66 26.64 14.03
N ALA H 400 16.00 25.50 13.88
CA ALA H 400 16.13 24.41 14.84
C ALA H 400 17.59 24.03 14.94
N THR H 401 18.11 23.53 13.82
CA THR H 401 19.49 23.09 13.69
C THR H 401 20.49 24.12 14.18
N ARG H 402 20.29 25.38 13.80
CA ARG H 402 21.23 26.42 14.23
C ARG H 402 21.24 26.49 15.74
N ALA H 403 20.05 26.48 16.35
CA ALA H 403 19.93 26.53 17.81
C ALA H 403 20.52 25.24 18.37
N ALA H 404 20.20 24.12 17.71
CA ALA H 404 20.68 22.82 18.11
C ALA H 404 22.20 22.82 18.31
N VAL H 405 22.91 23.56 17.49
CA VAL H 405 24.37 23.63 17.58
C VAL H 405 24.83 24.45 18.79
N GLU H 406 24.08 25.48 19.13
CA GLU H 406 24.45 26.35 20.24
C GLU H 406 24.48 25.67 21.61
N GLU H 407 23.45 24.90 21.91
CA GLU H 407 23.36 24.25 23.22
C GLU H 407 23.05 22.78 23.17
N GLY H 408 23.18 22.20 21.99
CA GLY H 408 22.88 20.79 21.85
C GLY H 408 21.39 20.58 21.86
N ILE H 409 21.01 19.31 21.83
CA ILE H 409 19.60 18.93 21.80
C ILE H 409 19.26 18.01 22.97
N VAL H 410 17.99 18.03 23.36
CA VAL H 410 17.47 17.22 24.46
C VAL H 410 16.19 16.51 24.02
N PRO H 411 15.78 15.47 24.75
CA PRO H 411 14.55 14.73 24.40
C PRO H 411 13.35 15.66 24.34
N GLY H 412 12.51 15.50 23.32
CA GLY H 412 11.33 16.34 23.17
C GLY H 412 10.07 15.83 23.86
N GLY H 413 8.93 16.36 23.44
CA GLY H 413 7.68 15.94 24.04
C GLY H 413 7.62 16.21 25.54
N GLY H 414 8.27 17.29 25.98
CA GLY H 414 8.26 17.65 27.38
C GLY H 414 9.10 16.77 28.27
N VAL H 415 9.51 15.62 27.75
CA VAL H 415 10.31 14.66 28.53
C VAL H 415 11.50 15.25 29.27
N THR H 416 12.20 16.18 28.62
CA THR H 416 13.36 16.78 29.25
C THR H 416 12.94 17.56 30.48
N LEU H 417 11.88 18.36 30.37
CA LEU H 417 11.42 19.13 31.53
C LEU H 417 11.04 18.22 32.70
N LEU H 418 10.56 17.02 32.38
CA LEU H 418 10.20 16.05 33.41
C LEU H 418 11.45 15.58 34.13
N ARG H 419 12.47 15.19 33.38
CA ARG H 419 13.72 14.73 33.96
C ARG H 419 14.38 15.79 34.84
N ALA H 420 13.90 17.02 34.74
CA ALA H 420 14.45 18.11 35.54
C ALA H 420 13.89 18.05 36.96
N ILE H 421 12.72 17.44 37.09
CA ILE H 421 12.08 17.34 38.38
C ILE H 421 13.01 16.77 39.44
N SER H 422 13.66 15.65 39.16
CA SER H 422 14.59 15.03 40.11
C SER H 422 15.54 16.07 40.69
N ALA H 423 16.11 16.88 39.80
CA ALA H 423 17.05 17.91 40.20
C ALA H 423 16.38 18.88 41.16
N VAL H 424 15.13 19.24 40.87
CA VAL H 424 14.39 20.16 41.72
C VAL H 424 14.08 19.50 43.07
N GLU H 425 13.78 18.19 43.04
CA GLU H 425 13.48 17.43 44.26
C GLU H 425 14.67 17.54 45.21
N GLU H 426 15.84 17.23 44.68
CA GLU H 426 17.08 17.27 45.45
C GLU H 426 17.24 18.64 46.10
N LEU H 427 16.88 19.68 45.36
CA LEU H 427 17.00 21.04 45.87
C LEU H 427 16.05 21.24 47.05
N ILE H 428 14.79 20.87 46.85
CA ILE H 428 13.79 21.02 47.89
C ILE H 428 14.26 20.43 49.21
N LYS H 429 14.85 19.23 49.15
CA LYS H 429 15.34 18.57 50.35
C LYS H 429 16.31 19.46 51.13
N LYS H 430 16.88 20.46 50.46
CA LYS H 430 17.83 21.36 51.09
C LYS H 430 17.18 22.71 51.38
N LEU H 431 15.91 22.83 51.04
CA LEU H 431 15.17 24.06 51.25
C LEU H 431 14.10 23.92 52.32
N GLU H 432 13.67 25.05 52.86
CA GLU H 432 12.65 25.07 53.89
C GLU H 432 11.85 26.37 53.83
N GLY H 433 10.67 26.35 54.43
CA GLY H 433 9.86 27.55 54.45
C GLY H 433 9.18 27.81 53.12
N ASP H 434 8.76 29.06 52.92
CA ASP H 434 8.11 29.46 51.68
C ASP H 434 9.03 29.26 50.48
N GLU H 435 10.33 29.37 50.73
CA GLU H 435 11.32 29.22 49.67
C GLU H 435 11.18 27.82 49.12
N ALA H 436 11.03 26.84 50.01
CA ALA H 436 10.88 25.46 49.59
C ALA H 436 9.58 25.32 48.79
N THR H 437 8.55 26.04 49.21
CA THR H 437 7.27 26.01 48.50
C THR H 437 7.47 26.40 47.03
N GLY H 438 8.19 27.50 46.81
CA GLY H 438 8.45 27.95 45.46
C GLY H 438 9.09 26.85 44.64
N ALA H 439 10.12 26.21 45.20
CA ALA H 439 10.78 25.13 44.51
C ALA H 439 9.74 24.11 44.11
N LYS H 440 8.82 23.86 45.04
CA LYS H 440 7.76 22.89 44.80
C LYS H 440 6.86 23.34 43.67
N ILE H 441 6.60 24.64 43.58
CA ILE H 441 5.76 25.17 42.51
C ILE H 441 6.36 24.86 41.14
N VAL H 442 7.65 25.12 40.99
CA VAL H 442 8.33 24.86 39.73
C VAL H 442 8.23 23.37 39.42
N ARG H 443 8.46 22.55 40.44
CA ARG H 443 8.42 21.10 40.27
C ARG H 443 7.10 20.65 39.70
N ARG H 444 6.02 21.27 40.16
CA ARG H 444 4.70 20.93 39.67
C ARG H 444 4.54 21.41 38.23
N ALA H 445 4.97 22.65 37.98
CA ALA H 445 4.86 23.22 36.63
C ALA H 445 5.53 22.35 35.56
N LEU H 446 6.74 21.90 35.84
CA LEU H 446 7.49 21.06 34.92
C LEU H 446 6.70 19.90 34.31
N GLU H 447 5.64 19.49 35.00
CA GLU H 447 4.81 18.38 34.52
C GLU H 447 3.82 18.80 33.45
N GLU H 448 3.37 20.06 33.49
CA GLU H 448 2.38 20.55 32.55
C GLU H 448 2.61 20.30 31.05
N PRO H 449 3.75 20.75 30.52
CA PRO H 449 3.99 20.52 29.09
C PRO H 449 3.72 19.08 28.68
N ALA H 450 4.48 18.13 29.24
CA ALA H 450 4.32 16.72 28.90
C ALA H 450 2.86 16.29 29.05
N ARG H 451 2.28 16.61 30.20
CA ARG H 451 0.91 16.28 30.50
C ARG H 451 -0.04 16.84 29.45
N GLN H 452 0.03 18.15 29.26
CA GLN H 452 -0.81 18.83 28.30
C GLN H 452 -0.72 18.24 26.89
N ILE H 453 0.47 17.79 26.49
CA ILE H 453 0.66 17.21 25.16
C ILE H 453 -0.16 15.95 25.07
N ALA H 454 0.10 15.04 26.01
CA ALA H 454 -0.61 13.76 26.07
C ALA H 454 -2.13 14.02 26.10
N GLU H 455 -2.52 14.99 26.91
CA GLU H 455 -3.93 15.34 27.03
C GLU H 455 -4.52 15.74 25.68
N ASN H 456 -3.88 16.69 24.99
CA ASN H 456 -4.37 17.16 23.68
C ASN H 456 -4.47 15.99 22.71
N ALA H 457 -3.56 15.03 22.87
CA ALA H 457 -3.54 13.85 22.02
C ALA H 457 -4.65 12.87 22.37
N GLY H 458 -5.37 13.16 23.46
CA GLY H 458 -6.47 12.29 23.88
C GLY H 458 -6.03 11.14 24.78
N TYR H 459 -5.15 11.42 25.73
CA TYR H 459 -4.64 10.43 26.66
C TYR H 459 -4.69 10.99 28.08
N GLU H 460 -4.52 10.14 29.08
CA GLU H 460 -4.54 10.62 30.45
C GLU H 460 -3.20 11.24 30.78
N GLY H 461 -3.17 12.57 30.74
CA GLY H 461 -1.93 13.29 31.02
C GLY H 461 -1.17 12.75 32.22
N SER H 462 -1.74 13.01 33.39
CA SER H 462 -1.14 12.57 34.65
C SER H 462 -0.63 11.14 34.61
N VAL H 463 -1.37 10.27 33.94
CA VAL H 463 -0.99 8.87 33.86
C VAL H 463 0.29 8.69 33.08
N ILE H 464 0.34 9.27 31.89
CA ILE H 464 1.52 9.17 31.05
C ILE H 464 2.71 9.81 31.73
N VAL H 465 2.51 10.98 32.33
CA VAL H 465 3.60 11.65 33.02
C VAL H 465 4.19 10.75 34.10
N GLN H 466 3.37 9.89 34.66
CA GLN H 466 3.82 9.00 35.70
C GLN H 466 4.68 7.89 35.13
N GLN H 467 4.13 7.16 34.17
CA GLN H 467 4.84 6.06 33.53
C GLN H 467 6.18 6.48 32.96
N ILE H 468 6.32 7.76 32.66
CA ILE H 468 7.58 8.29 32.12
C ILE H 468 8.57 8.46 33.25
N LEU H 469 8.13 9.14 34.31
CA LEU H 469 8.98 9.37 35.47
C LEU H 469 9.31 8.05 36.15
N ALA H 470 8.57 7.00 35.79
CA ALA H 470 8.75 5.67 36.36
C ALA H 470 10.06 5.08 35.87
N GLU H 471 10.30 5.16 34.57
CA GLU H 471 11.52 4.67 33.97
C GLU H 471 12.67 5.56 34.41
N THR H 472 13.63 5.00 35.17
CA THR H 472 14.79 5.76 35.64
C THR H 472 16.05 5.39 34.87
N LYS H 473 16.04 4.22 34.24
CA LYS H 473 17.19 3.77 33.48
C LYS H 473 17.61 4.76 32.40
N ASN H 474 16.85 4.82 31.32
CA ASN H 474 17.16 5.73 30.22
C ASN H 474 16.33 7.00 30.30
N PRO H 475 16.97 8.13 30.64
CA PRO H 475 16.26 9.41 30.75
C PRO H 475 15.61 9.86 29.45
N ARG H 476 16.03 9.25 28.34
CA ARG H 476 15.48 9.60 27.04
C ARG H 476 14.16 8.87 26.81
N TYR H 477 13.77 8.05 27.79
CA TYR H 477 12.52 7.32 27.71
C TYR H 477 11.40 8.35 27.78
N GLY H 478 10.42 8.24 26.89
CA GLY H 478 9.34 9.19 26.89
C GLY H 478 8.13 8.70 26.11
N PHE H 479 7.10 9.53 26.04
CA PHE H 479 5.88 9.15 25.36
C PHE H 479 5.74 9.92 24.06
N ASN H 480 5.55 9.18 22.97
CA ASN H 480 5.38 9.79 21.68
C ASN H 480 3.88 9.95 21.41
N ALA H 481 3.34 11.09 21.82
CA ALA H 481 1.91 11.35 21.66
C ALA H 481 1.41 11.12 20.24
N ALA H 482 2.34 11.07 19.29
CA ALA H 482 1.97 10.89 17.89
C ALA H 482 1.52 9.48 17.58
N THR H 483 2.34 8.49 17.94
CA THR H 483 2.02 7.08 17.73
C THR H 483 1.38 6.44 18.96
N GLY H 484 1.36 7.19 20.07
CA GLY H 484 0.78 6.66 21.28
C GLY H 484 1.59 5.52 21.87
N GLU H 485 2.92 5.65 21.85
CA GLU H 485 3.78 4.62 22.39
C GLU H 485 4.95 5.23 23.12
N PHE H 486 5.52 4.49 24.06
CA PHE H 486 6.68 4.99 24.79
C PHE H 486 7.91 4.53 24.02
N VAL H 487 8.89 5.42 23.90
CA VAL H 487 10.10 5.11 23.15
C VAL H 487 11.25 5.99 23.61
N ASP H 488 12.38 5.87 22.92
CA ASP H 488 13.54 6.70 23.23
C ASP H 488 13.32 7.96 22.40
N MET H 489 12.86 9.01 23.05
CA MET H 489 12.60 10.27 22.38
C MET H 489 13.67 10.64 21.34
N VAL H 490 14.93 10.41 21.71
CA VAL H 490 16.04 10.71 20.82
C VAL H 490 15.96 9.81 19.60
N GLU H 491 16.23 8.52 19.80
CA GLU H 491 16.19 7.57 18.71
C GLU H 491 14.90 7.60 17.91
N ALA H 492 13.89 8.31 18.41
CA ALA H 492 12.61 8.39 17.73
C ALA H 492 12.53 9.68 16.93
N GLY H 493 13.59 10.48 17.03
CA GLY H 493 13.62 11.74 16.31
C GLY H 493 12.69 12.78 16.87
N ILE H 494 12.54 12.76 18.19
CA ILE H 494 11.66 13.72 18.84
C ILE H 494 12.56 14.46 19.80
N VAL H 495 13.29 15.42 19.27
CA VAL H 495 14.24 16.19 20.06
C VAL H 495 13.91 17.68 20.04
N ASP H 496 14.59 18.45 20.89
CA ASP H 496 14.37 19.88 20.99
C ASP H 496 15.68 20.60 21.29
N PRO H 497 15.88 21.77 20.66
CA PRO H 497 17.12 22.49 20.94
C PRO H 497 17.12 22.80 22.43
N ALA H 498 18.10 22.27 23.16
CA ALA H 498 18.19 22.52 24.59
C ALA H 498 18.07 24.01 24.86
N LYS H 499 18.48 24.84 23.89
CA LYS H 499 18.38 26.28 24.06
C LYS H 499 16.92 26.68 24.21
N VAL H 500 16.05 26.06 23.41
CA VAL H 500 14.62 26.35 23.42
C VAL H 500 13.99 26.06 24.80
N THR H 501 14.24 24.85 25.29
CA THR H 501 13.75 24.44 26.58
C THR H 501 14.24 25.39 27.69
N ARG H 502 15.55 25.47 27.90
CA ARG H 502 16.10 26.36 28.93
C ARG H 502 15.43 27.73 28.88
N SER H 503 15.14 28.21 27.69
CA SER H 503 14.52 29.52 27.53
C SER H 503 13.07 29.54 27.98
N ALA H 504 12.26 28.68 27.39
CA ALA H 504 10.84 28.62 27.75
C ALA H 504 10.66 28.61 29.27
N LEU H 505 11.46 27.80 29.97
CA LEU H 505 11.38 27.72 31.42
C LEU H 505 11.74 29.07 32.06
N GLN H 506 12.99 29.49 31.88
CA GLN H 506 13.47 30.74 32.45
C GLN H 506 12.50 31.90 32.18
N ASN H 507 11.95 31.95 30.98
CA ASN H 507 11.02 33.01 30.62
C ASN H 507 9.74 32.90 31.42
N ALA H 508 9.13 31.72 31.42
CA ALA H 508 7.89 31.49 32.15
C ALA H 508 8.11 31.93 33.59
N ALA H 509 9.13 31.32 34.21
CA ALA H 509 9.50 31.63 35.59
C ALA H 509 9.71 33.13 35.78
N SER H 510 10.12 33.82 34.74
CA SER H 510 10.31 35.24 34.87
C SER H 510 8.94 35.88 35.07
N ILE H 511 8.02 35.55 34.18
CA ILE H 511 6.67 36.10 34.27
C ILE H 511 6.07 35.81 35.65
N GLY H 512 6.26 34.58 36.12
CA GLY H 512 5.74 34.19 37.41
C GLY H 512 6.26 35.12 38.50
N ALA H 513 7.57 35.14 38.64
CA ALA H 513 8.20 36.00 39.64
C ALA H 513 7.74 37.45 39.51
N LEU H 514 7.55 37.91 38.28
CA LEU H 514 7.10 39.29 38.06
C LEU H 514 5.75 39.55 38.73
N ILE H 515 4.78 38.72 38.42
CA ILE H 515 3.44 38.87 38.97
C ILE H 515 3.38 38.79 40.49
N LEU H 516 4.08 37.82 41.08
CA LEU H 516 4.11 37.69 42.55
C LEU H 516 4.67 38.97 43.19
N THR H 517 5.62 39.59 42.50
CA THR H 517 6.25 40.80 43.00
C THR H 517 5.46 42.07 42.65
N THR H 518 4.34 41.93 41.94
CA THR H 518 3.56 43.08 41.56
C THR H 518 2.66 43.55 42.67
N GLU H 519 2.78 44.83 43.02
CA GLU H 519 2.00 45.42 44.11
C GLU H 519 0.99 46.45 43.65
N ALA H 520 1.06 46.82 42.37
CA ALA H 520 0.14 47.81 41.84
C ALA H 520 0.22 47.92 40.33
N VAL H 521 -0.85 48.40 39.71
CA VAL H 521 -0.84 48.59 38.27
C VAL H 521 -1.68 49.82 37.99
N VAL H 522 -1.16 50.68 37.11
CA VAL H 522 -1.83 51.91 36.74
C VAL H 522 -2.24 51.80 35.27
N ALA H 523 -3.51 51.48 35.04
CA ALA H 523 -4.01 51.33 33.68
C ALA H 523 -4.79 52.55 33.21
N GLU H 524 -5.06 52.59 31.91
CA GLU H 524 -5.81 53.69 31.31
C GLU H 524 -7.28 53.35 31.44
N LYS H 525 -8.09 54.34 31.80
CA LYS H 525 -9.53 54.14 31.93
C LYS H 525 -10.05 54.21 30.49
N PRO H 526 -11.16 53.52 30.17
CA PRO H 526 -11.66 53.59 28.80
C PRO H 526 -11.55 54.95 28.08
N GLU H 527 -11.94 56.03 28.78
CA GLU H 527 -11.90 57.40 28.25
C GLU H 527 -12.68 57.61 26.95
N ALA I 2 -10.34 43.99 19.91
CA ALA I 2 -11.34 43.56 20.92
C ALA I 2 -11.96 42.23 20.50
N LYS I 3 -11.31 41.14 20.87
CA LYS I 3 -11.79 39.81 20.53
C LYS I 3 -12.71 39.28 21.64
N ILE I 4 -13.05 38.00 21.56
CA ILE I 4 -13.91 37.36 22.55
C ILE I 4 -13.66 35.86 22.52
N LEU I 5 -13.07 35.35 23.60
CA LEU I 5 -12.77 33.93 23.67
C LEU I 5 -13.95 33.09 24.15
N VAL I 6 -13.98 31.82 23.72
CA VAL I 6 -15.03 30.87 24.07
C VAL I 6 -14.43 29.47 23.99
N PHE I 7 -14.55 28.70 25.07
CA PHE I 7 -13.96 27.37 25.08
C PHE I 7 -14.95 26.22 25.17
N ASP I 8 -14.38 25.02 25.26
CA ASP I 8 -15.09 23.76 25.34
C ASP I 8 -16.50 23.72 24.78
N GLU I 9 -17.38 23.02 25.48
CA GLU I 9 -18.76 22.89 25.02
C GLU I 9 -19.38 24.23 24.68
N ALA I 10 -19.02 25.26 25.44
CA ALA I 10 -19.57 26.58 25.16
C ALA I 10 -19.41 26.89 23.67
N ALA I 11 -18.17 26.73 23.20
CA ALA I 11 -17.82 26.98 21.80
C ALA I 11 -18.50 26.02 20.84
N ARG I 12 -18.30 24.72 21.06
CA ARG I 12 -18.92 23.72 20.20
C ARG I 12 -20.44 23.89 20.08
N ARG I 13 -21.12 24.26 21.16
CA ARG I 13 -22.55 24.45 21.08
C ARG I 13 -22.92 25.66 20.23
N ALA I 14 -22.10 26.71 20.33
CA ALA I 14 -22.34 27.92 19.55
C ALA I 14 -22.22 27.58 18.07
N LEU I 15 -21.14 26.91 17.70
CA LEU I 15 -20.92 26.53 16.31
C LEU I 15 -22.11 25.70 15.84
N GLU I 16 -22.45 24.68 16.62
CA GLU I 16 -23.58 23.82 16.28
C GLU I 16 -24.81 24.67 15.98
N ARG I 17 -25.12 25.64 16.83
CA ARG I 17 -26.29 26.49 16.58
C ARG I 17 -26.23 27.02 15.17
N GLY I 18 -25.03 27.45 14.76
CA GLY I 18 -24.86 28.01 13.43
C GLY I 18 -25.11 26.93 12.42
N VAL I 19 -24.41 25.81 12.61
CA VAL I 19 -24.55 24.66 11.71
C VAL I 19 -26.03 24.31 11.47
N ASN I 20 -26.82 24.32 12.53
CA ASN I 20 -28.23 24.01 12.40
C ASN I 20 -29.03 25.07 11.67
N ALA I 21 -28.72 26.34 11.91
CA ALA I 21 -29.42 27.43 11.23
C ALA I 21 -29.39 27.23 9.71
N VAL I 22 -28.20 26.96 9.17
CA VAL I 22 -28.04 26.73 7.74
C VAL I 22 -28.76 25.46 7.36
N ALA I 23 -28.26 24.33 7.86
CA ALA I 23 -28.85 23.01 7.59
C ALA I 23 -30.39 22.94 7.61
N ASN I 24 -31.03 23.52 8.63
CA ASN I 24 -32.49 23.49 8.69
C ASN I 24 -33.19 24.28 7.59
N ALA I 25 -32.54 25.34 7.11
CA ALA I 25 -33.13 26.16 6.06
C ALA I 25 -32.93 25.46 4.72
N VAL I 26 -31.78 24.82 4.59
CA VAL I 26 -31.39 24.12 3.38
C VAL I 26 -32.07 22.78 3.07
N LYS I 27 -32.05 21.87 4.03
CA LYS I 27 -32.61 20.54 3.81
C LYS I 27 -34.05 20.45 3.34
N VAL I 28 -34.86 21.48 3.62
CA VAL I 28 -36.24 21.42 3.17
C VAL I 28 -36.37 21.44 1.64
N THR I 29 -35.24 21.45 0.94
CA THR I 29 -35.25 21.49 -0.53
C THR I 29 -34.67 20.23 -1.16
N LEU I 30 -34.00 19.41 -0.34
CA LEU I 30 -33.39 18.19 -0.83
C LEU I 30 -34.37 17.26 -1.53
N GLY I 31 -33.94 16.68 -2.64
CA GLY I 31 -34.78 15.76 -3.37
C GLY I 31 -35.70 16.36 -4.43
N PRO I 32 -36.37 15.49 -5.20
CA PRO I 32 -37.30 15.78 -6.29
C PRO I 32 -38.44 16.69 -5.93
N ARG I 33 -38.77 16.78 -4.64
CA ARG I 33 -39.89 17.62 -4.23
C ARG I 33 -39.59 18.56 -3.09
N GLY I 34 -38.44 19.22 -3.13
CA GLY I 34 -38.09 20.15 -2.08
C GLY I 34 -39.22 21.12 -1.78
N ARG I 35 -39.27 21.65 -0.58
CA ARG I 35 -40.32 22.60 -0.22
C ARG I 35 -39.84 23.98 -0.59
N ASN I 36 -40.71 24.97 -0.46
CA ASN I 36 -40.39 26.34 -0.78
C ASN I 36 -39.74 27.10 0.37
N VAL I 37 -38.69 27.85 0.07
CA VAL I 37 -38.02 28.69 1.05
C VAL I 37 -38.14 30.10 0.50
N VAL I 38 -38.61 31.03 1.34
CA VAL I 38 -38.78 32.41 0.91
C VAL I 38 -37.58 33.27 1.34
N LEU I 39 -37.02 34.01 0.39
CA LEU I 39 -35.87 34.88 0.66
C LEU I 39 -36.22 36.28 0.22
N GLU I 40 -35.97 37.27 1.09
CA GLU I 40 -36.29 38.64 0.73
C GLU I 40 -35.05 39.39 0.29
N LYS I 41 -35.21 40.18 -0.78
CA LYS I 41 -34.14 40.99 -1.32
C LYS I 41 -34.34 42.39 -0.75
N LYS I 42 -33.25 43.03 -0.34
CA LYS I 42 -33.34 44.37 0.25
C LYS I 42 -34.20 45.34 -0.56
N PHE I 43 -33.99 45.37 -1.88
CA PHE I 43 -34.74 46.28 -2.73
C PHE I 43 -35.88 45.58 -3.46
N GLY I 44 -35.54 44.60 -4.30
CA GLY I 44 -36.57 43.88 -5.04
C GLY I 44 -37.53 43.16 -4.11
N SER I 45 -38.62 42.64 -4.66
CA SER I 45 -39.61 41.92 -3.85
C SER I 45 -39.03 40.56 -3.42
N PRO I 46 -39.79 39.79 -2.62
CA PRO I 46 -39.33 38.48 -2.16
C PRO I 46 -39.11 37.46 -3.26
N THR I 47 -38.32 36.44 -2.94
CA THR I 47 -37.96 35.36 -3.85
C THR I 47 -38.37 34.03 -3.24
N ILE I 48 -38.67 33.03 -4.06
CA ILE I 48 -39.02 31.71 -3.53
C ILE I 48 -38.09 30.74 -4.24
N THR I 49 -37.53 29.78 -3.50
CA THR I 49 -36.62 28.82 -4.09
C THR I 49 -36.95 27.39 -3.71
N LYS I 50 -36.10 26.48 -4.15
CA LYS I 50 -36.21 25.06 -3.87
C LYS I 50 -34.81 24.57 -4.10
N ASP I 51 -33.90 25.55 -4.22
CA ASP I 51 -32.49 25.27 -4.42
C ASP I 51 -31.72 25.49 -3.14
N GLY I 52 -31.06 24.45 -2.66
CA GLY I 52 -30.29 24.55 -1.43
C GLY I 52 -29.21 25.61 -1.47
N VAL I 53 -28.39 25.57 -2.53
CA VAL I 53 -27.29 26.51 -2.68
C VAL I 53 -27.76 27.96 -2.66
N THR I 54 -28.88 28.24 -3.33
CA THR I 54 -29.43 29.59 -3.35
C THR I 54 -29.74 30.05 -1.92
N VAL I 55 -30.39 29.18 -1.15
CA VAL I 55 -30.74 29.50 0.22
C VAL I 55 -29.51 29.62 1.09
N ALA I 56 -28.61 28.65 0.96
CA ALA I 56 -27.39 28.68 1.75
C ALA I 56 -26.66 30.02 1.63
N LYS I 57 -26.58 30.56 0.42
CA LYS I 57 -25.89 31.84 0.21
C LYS I 57 -26.48 32.96 1.06
N GLU I 58 -27.81 33.00 1.14
CA GLU I 58 -28.51 34.03 1.90
C GLU I 58 -28.52 33.86 3.42
N VAL I 59 -27.90 32.80 3.92
CA VAL I 59 -27.91 32.58 5.35
C VAL I 59 -26.73 33.19 6.09
N GLU I 60 -27.02 34.22 6.88
CA GLU I 60 -26.00 34.90 7.65
C GLU I 60 -26.64 35.28 8.98
N LEU I 61 -26.06 34.79 10.07
CA LEU I 61 -26.60 35.02 11.42
C LEU I 61 -26.09 36.27 12.13
N GLU I 62 -26.92 36.85 12.99
CA GLU I 62 -26.52 38.04 13.73
C GLU I 62 -25.37 37.79 14.68
N ASP I 63 -25.48 36.72 15.47
CA ASP I 63 -24.43 36.39 16.42
C ASP I 63 -23.14 35.94 15.75
N HIS I 64 -22.04 36.58 16.12
CA HIS I 64 -20.74 36.24 15.54
C HIS I 64 -20.37 34.78 15.62
N LEU I 65 -20.38 34.22 16.84
CA LEU I 65 -20.02 32.81 17.05
C LEU I 65 -20.88 31.86 16.23
N GLU I 66 -22.20 32.02 16.32
CA GLU I 66 -23.11 31.17 15.59
C GLU I 66 -22.85 31.29 14.10
N ASN I 67 -22.63 32.51 13.62
CA ASN I 67 -22.38 32.73 12.20
C ASN I 67 -21.14 31.98 11.76
N ILE I 68 -20.11 32.04 12.59
CA ILE I 68 -18.87 31.35 12.31
C ILE I 68 -19.14 29.90 11.96
N GLY I 69 -20.06 29.29 12.69
CA GLY I 69 -20.42 27.90 12.41
C GLY I 69 -21.11 27.79 11.06
N ALA I 70 -22.06 28.68 10.84
CA ALA I 70 -22.80 28.71 9.59
C ALA I 70 -21.85 28.85 8.40
N GLN I 71 -20.95 29.83 8.48
CA GLN I 71 -20.00 30.06 7.38
C GLN I 71 -19.08 28.88 7.21
N LEU I 72 -18.56 28.40 8.32
CA LEU I 72 -17.67 27.24 8.32
C LEU I 72 -18.33 26.03 7.63
N LEU I 73 -19.64 25.85 7.84
CA LEU I 73 -20.37 24.74 7.22
C LEU I 73 -20.50 25.00 5.73
N LYS I 74 -21.05 26.17 5.40
CA LYS I 74 -21.23 26.56 4.02
C LYS I 74 -19.99 26.34 3.17
N GLU I 75 -18.83 26.76 3.70
CA GLU I 75 -17.57 26.57 3.01
C GLU I 75 -17.34 25.09 2.66
N VAL I 76 -17.10 24.28 3.69
CA VAL I 76 -16.85 22.86 3.48
C VAL I 76 -17.95 22.18 2.67
N ALA I 77 -19.17 22.62 2.85
CA ALA I 77 -20.27 22.04 2.12
C ALA I 77 -20.14 22.32 0.63
N SER I 78 -19.88 23.59 0.29
CA SER I 78 -19.76 24.00 -1.11
C SER I 78 -18.58 23.39 -1.85
N LYS I 79 -17.49 23.09 -1.14
CA LYS I 79 -16.33 22.51 -1.81
C LYS I 79 -16.63 21.08 -2.25
N THR I 80 -17.91 20.82 -2.53
CA THR I 80 -18.39 19.52 -2.98
C THR I 80 -18.95 19.82 -4.35
N ASN I 81 -19.70 20.92 -4.42
CA ASN I 81 -20.28 21.38 -5.67
C ASN I 81 -19.09 21.82 -6.52
N ASP I 82 -18.02 22.25 -5.85
CA ASP I 82 -16.79 22.71 -6.48
C ASP I 82 -16.00 21.59 -7.16
N VAL I 83 -16.26 20.35 -6.78
CA VAL I 83 -15.52 19.23 -7.34
C VAL I 83 -16.43 18.20 -8.01
N ALA I 84 -17.72 18.47 -8.05
CA ALA I 84 -18.67 17.55 -8.66
C ALA I 84 -19.92 18.27 -9.15
N GLY I 85 -19.99 19.58 -8.91
CA GLY I 85 -21.11 20.36 -9.36
C GLY I 85 -22.46 19.99 -8.81
N ASP I 86 -22.48 19.40 -7.61
CA ASP I 86 -23.71 19.02 -6.96
C ASP I 86 -23.43 18.35 -5.63
N GLY I 87 -24.50 18.14 -4.87
CA GLY I 87 -24.38 17.50 -3.57
C GLY I 87 -23.90 18.39 -2.45
N THR I 88 -24.09 19.69 -2.61
CA THR I 88 -23.65 20.60 -1.58
C THR I 88 -24.67 20.53 -0.44
N THR I 89 -25.96 20.49 -0.78
CA THR I 89 -27.04 20.39 0.22
C THR I 89 -26.97 19.05 0.95
N THR I 90 -26.76 17.97 0.20
CA THR I 90 -26.64 16.65 0.80
C THR I 90 -25.53 16.63 1.84
N ALA I 91 -24.41 17.25 1.53
CA ALA I 91 -23.29 17.27 2.46
C ALA I 91 -23.68 17.99 3.74
N THR I 92 -24.49 19.04 3.62
CA THR I 92 -24.97 19.81 4.77
C THR I 92 -25.81 18.92 5.70
N VAL I 93 -26.81 18.25 5.14
CA VAL I 93 -27.66 17.36 5.93
C VAL I 93 -26.83 16.35 6.72
N LEU I 94 -25.99 15.58 6.03
CA LEU I 94 -25.12 14.61 6.68
C LEU I 94 -24.31 15.26 7.80
N ALA I 95 -23.79 16.46 7.54
CA ALA I 95 -22.98 17.18 8.51
C ALA I 95 -23.76 17.52 9.76
N GLN I 96 -24.99 18.02 9.60
CA GLN I 96 -25.85 18.37 10.75
C GLN I 96 -25.93 17.17 11.67
N ALA I 97 -26.37 16.05 11.10
CA ALA I 97 -26.51 14.80 11.83
C ALA I 97 -25.23 14.47 12.56
N ILE I 98 -24.14 14.31 11.80
CA ILE I 98 -22.86 13.99 12.44
C ILE I 98 -22.50 14.93 13.58
N VAL I 99 -22.74 16.23 13.42
CA VAL I 99 -22.42 17.20 14.47
C VAL I 99 -23.27 16.96 15.73
N ARG I 100 -24.57 16.79 15.53
CA ARG I 100 -25.54 16.56 16.61
C ARG I 100 -25.11 15.37 17.48
N GLU I 101 -25.20 14.18 16.90
CA GLU I 101 -24.86 12.95 17.60
C GLU I 101 -23.50 13.04 18.22
N GLY I 102 -22.57 13.65 17.49
CA GLY I 102 -21.22 13.76 17.98
C GLY I 102 -21.17 14.55 19.27
N LEU I 103 -21.80 15.73 19.27
CA LEU I 103 -21.79 16.58 20.44
C LEU I 103 -22.56 15.95 21.59
N LYS I 104 -23.59 15.19 21.27
CA LYS I 104 -24.40 14.52 22.28
C LYS I 104 -23.54 13.51 23.08
N ASN I 105 -22.92 12.60 22.35
CA ASN I 105 -22.08 11.61 22.96
C ASN I 105 -20.87 12.21 23.64
N VAL I 106 -20.40 13.36 23.15
CA VAL I 106 -19.25 13.98 23.77
C VAL I 106 -19.70 14.51 25.12
N ALA I 107 -20.91 15.03 25.14
CA ALA I 107 -21.50 15.58 26.35
C ALA I 107 -21.86 14.47 27.33
N ALA I 108 -21.89 13.24 26.85
CA ALA I 108 -22.21 12.11 27.69
C ALA I 108 -20.92 11.45 28.14
N GLY I 109 -19.81 12.09 27.83
CA GLY I 109 -18.52 11.56 28.24
C GLY I 109 -17.67 10.84 27.23
N ALA I 110 -18.11 10.78 25.98
CA ALA I 110 -17.35 10.10 24.95
C ALA I 110 -16.13 10.91 24.61
N ASN I 111 -15.02 10.25 24.27
CA ASN I 111 -13.80 10.95 23.89
C ASN I 111 -13.95 11.44 22.45
N PRO I 112 -13.79 12.75 22.23
CA PRO I 112 -13.92 13.32 20.88
C PRO I 112 -13.02 12.65 19.86
N LEU I 113 -11.73 12.52 20.18
CA LEU I 113 -10.78 11.90 19.27
C LEU I 113 -11.19 10.49 18.88
N ALA I 114 -11.61 9.70 19.86
CA ALA I 114 -12.05 8.34 19.57
C ALA I 114 -13.24 8.36 18.63
N LEU I 115 -14.17 9.29 18.86
CA LEU I 115 -15.36 9.42 18.01
C LEU I 115 -14.92 9.70 16.59
N LYS I 116 -13.93 10.58 16.46
CA LYS I 116 -13.38 10.94 15.16
C LYS I 116 -12.79 9.68 14.51
N ARG I 117 -11.76 9.10 15.13
CA ARG I 117 -11.13 7.88 14.58
C ARG I 117 -12.23 6.96 14.01
N GLY I 118 -13.32 6.83 14.75
CA GLY I 118 -14.41 5.98 14.32
C GLY I 118 -15.20 6.55 13.16
N ILE I 119 -15.48 7.84 13.21
CA ILE I 119 -16.23 8.49 12.14
C ILE I 119 -15.46 8.32 10.84
N GLU I 120 -14.15 8.37 10.93
CA GLU I 120 -13.29 8.24 9.78
C GLU I 120 -13.37 6.83 9.23
N LYS I 121 -13.05 5.85 10.07
CA LYS I 121 -13.09 4.46 9.63
C LYS I 121 -14.46 4.15 9.02
N ALA I 122 -15.49 4.76 9.56
CA ALA I 122 -16.85 4.57 9.07
C ALA I 122 -16.96 5.07 7.64
N VAL I 123 -16.58 6.33 7.44
CA VAL I 123 -16.64 6.92 6.11
C VAL I 123 -15.85 6.06 5.10
N GLU I 124 -14.61 5.72 5.43
CA GLU I 124 -13.81 4.87 4.55
C GLU I 124 -14.69 3.74 4.05
N ALA I 125 -15.09 2.88 4.98
CA ALA I 125 -15.94 1.73 4.68
C ALA I 125 -17.12 2.13 3.80
N ALA I 126 -17.71 3.29 4.09
CA ALA I 126 -18.85 3.77 3.30
C ALA I 126 -18.45 4.07 1.87
N VAL I 127 -17.38 4.85 1.71
CA VAL I 127 -16.89 5.21 0.38
C VAL I 127 -16.58 3.94 -0.42
N GLU I 128 -15.83 3.04 0.20
CA GLU I 128 -15.44 1.81 -0.45
C GLU I 128 -16.66 1.07 -1.00
N LYS I 129 -17.79 1.20 -0.33
CA LYS I 129 -19.01 0.55 -0.78
C LYS I 129 -19.57 1.35 -1.96
N ILE I 130 -19.48 2.67 -1.88
CA ILE I 130 -19.97 3.53 -2.93
C ILE I 130 -19.24 3.17 -4.21
N LYS I 131 -17.94 2.98 -4.09
CA LYS I 131 -17.12 2.63 -5.24
C LYS I 131 -17.56 1.30 -5.81
N ALA I 132 -17.43 0.25 -5.00
CA ALA I 132 -17.81 -1.09 -5.42
C ALA I 132 -19.25 -1.18 -5.90
N LEU I 133 -19.98 -0.08 -5.78
CA LEU I 133 -21.37 -0.05 -6.16
C LEU I 133 -21.62 0.83 -7.36
N ALA I 134 -20.58 1.52 -7.81
CA ALA I 134 -20.68 2.44 -8.95
C ALA I 134 -20.54 1.74 -10.31
N ILE I 135 -21.44 2.07 -11.22
CA ILE I 135 -21.46 1.53 -12.58
C ILE I 135 -20.54 2.42 -13.41
N PRO I 136 -19.52 1.82 -14.07
CA PRO I 136 -18.61 2.64 -14.88
C PRO I 136 -19.30 3.25 -16.10
N VAL I 137 -18.94 4.48 -16.43
CA VAL I 137 -19.50 5.17 -17.58
C VAL I 137 -18.33 5.58 -18.47
N GLU I 138 -18.01 4.75 -19.45
CA GLU I 138 -16.90 5.01 -20.35
C GLU I 138 -17.25 4.72 -21.80
N ASP I 139 -18.31 3.96 -22.03
CA ASP I 139 -18.74 3.63 -23.38
C ASP I 139 -19.24 4.89 -24.07
N ARG I 140 -19.59 4.75 -25.34
CA ARG I 140 -20.09 5.87 -26.10
C ARG I 140 -21.55 6.03 -25.67
N LYS I 141 -22.28 4.91 -25.70
CA LYS I 141 -23.69 4.92 -25.32
C LYS I 141 -23.81 5.36 -23.88
N ALA I 142 -22.96 4.81 -23.04
CA ALA I 142 -22.96 5.16 -21.63
C ALA I 142 -22.98 6.67 -21.47
N ILE I 143 -21.85 7.29 -21.79
CA ILE I 143 -21.69 8.73 -21.68
C ILE I 143 -22.85 9.51 -22.27
N GLU I 144 -23.37 9.05 -23.39
CA GLU I 144 -24.47 9.76 -24.00
C GLU I 144 -25.75 9.65 -23.18
N GLU I 145 -26.09 8.43 -22.80
CA GLU I 145 -27.28 8.17 -22.01
C GLU I 145 -27.29 8.97 -20.69
N VAL I 146 -26.17 8.92 -19.97
CA VAL I 146 -26.06 9.65 -18.72
C VAL I 146 -26.45 11.11 -18.96
N ALA I 147 -25.73 11.77 -19.87
CA ALA I 147 -25.96 13.16 -20.21
C ALA I 147 -27.37 13.37 -20.73
N THR I 148 -27.84 12.41 -21.53
CA THR I 148 -29.18 12.49 -22.10
C THR I 148 -30.22 12.65 -20.99
N ILE I 149 -30.04 11.87 -19.91
CA ILE I 149 -30.96 11.92 -18.77
C ILE I 149 -30.83 13.24 -18.01
N SER I 150 -29.62 13.52 -17.50
CA SER I 150 -29.35 14.73 -16.73
C SER I 150 -29.73 16.00 -17.45
N ALA I 151 -29.92 15.90 -18.75
CA ALA I 151 -30.27 17.06 -19.55
C ALA I 151 -31.74 17.02 -19.93
N ASN I 152 -32.27 15.80 -20.02
CA ASN I 152 -33.66 15.56 -20.40
C ASN I 152 -33.80 16.04 -21.83
N ASP I 153 -32.86 15.59 -22.66
CA ASP I 153 -32.81 15.94 -24.07
C ASP I 153 -31.84 15.00 -24.76
N PRO I 154 -32.36 14.06 -25.57
CA PRO I 154 -31.52 13.08 -26.27
C PRO I 154 -30.52 13.75 -27.23
N GLU I 155 -30.89 14.93 -27.72
CA GLU I 155 -30.05 15.69 -28.64
C GLU I 155 -28.83 16.25 -27.92
N VAL I 156 -29.07 17.09 -26.91
CA VAL I 156 -28.00 17.66 -26.13
C VAL I 156 -27.14 16.53 -25.59
N GLY I 157 -27.75 15.36 -25.39
CA GLY I 157 -27.03 14.21 -24.89
C GLY I 157 -25.96 13.87 -25.90
N LYS I 158 -26.37 13.79 -27.16
CA LYS I 158 -25.46 13.49 -28.26
C LYS I 158 -24.32 14.50 -28.28
N LEU I 159 -24.68 15.78 -28.40
CA LEU I 159 -23.71 16.87 -28.44
C LEU I 159 -22.70 16.73 -27.30
N ILE I 160 -23.21 16.64 -26.07
CA ILE I 160 -22.34 16.51 -24.90
C ILE I 160 -21.42 15.31 -25.08
N ALA I 161 -21.97 14.23 -25.62
CA ALA I 161 -21.20 13.02 -25.85
C ALA I 161 -20.10 13.32 -26.85
N ASP I 162 -20.50 13.86 -28.00
CA ASP I 162 -19.54 14.19 -29.05
C ASP I 162 -18.48 15.15 -28.54
N ALA I 163 -18.93 16.24 -27.92
CA ALA I 163 -18.01 17.23 -27.39
C ALA I 163 -16.94 16.54 -26.55
N MET I 164 -17.36 15.60 -25.73
CA MET I 164 -16.42 14.87 -24.88
C MET I 164 -15.56 13.93 -25.73
N GLU I 165 -16.22 13.24 -26.65
CA GLU I 165 -15.55 12.30 -27.55
C GLU I 165 -14.31 12.90 -28.20
N LYS I 166 -14.44 14.14 -28.67
CA LYS I 166 -13.36 14.82 -29.36
C LYS I 166 -12.37 15.58 -28.48
N VAL I 167 -12.85 16.47 -27.62
CA VAL I 167 -11.95 17.24 -26.76
C VAL I 167 -11.22 16.40 -25.72
N GLY I 168 -11.80 15.26 -25.35
CA GLY I 168 -11.16 14.40 -24.37
C GLY I 168 -11.50 14.68 -22.92
N LYS I 169 -11.06 13.79 -22.03
CA LYS I 169 -11.31 13.92 -20.60
C LYS I 169 -10.79 15.24 -20.03
N GLU I 170 -9.50 15.50 -20.21
CA GLU I 170 -8.91 16.74 -19.71
C GLU I 170 -9.10 17.90 -20.69
N GLY I 171 -10.04 17.75 -21.61
CA GLY I 171 -10.30 18.80 -22.57
C GLY I 171 -11.19 19.92 -22.05
N ILE I 172 -11.57 20.83 -22.94
CA ILE I 172 -12.42 21.96 -22.55
C ILE I 172 -13.80 21.93 -23.22
N ILE I 173 -14.85 22.05 -22.42
CA ILE I 173 -16.21 22.07 -22.94
C ILE I 173 -16.97 23.15 -22.20
N THR I 174 -17.81 23.88 -22.92
CA THR I 174 -18.58 24.96 -22.32
C THR I 174 -19.95 25.06 -22.95
N VAL I 175 -20.87 25.67 -22.22
CA VAL I 175 -22.22 25.88 -22.69
C VAL I 175 -22.38 27.38 -22.79
N GLU I 176 -22.69 27.86 -23.99
CA GLU I 176 -22.84 29.29 -24.20
C GLU I 176 -24.24 29.66 -24.63
N GLU I 177 -24.69 30.83 -24.19
CA GLU I 177 -26.02 31.30 -24.54
C GLU I 177 -26.01 31.81 -25.96
N SER I 178 -26.32 30.92 -26.90
CA SER I 178 -26.35 31.28 -28.30
C SER I 178 -27.42 32.34 -28.50
N LYS I 179 -27.51 32.86 -29.74
CA LYS I 179 -28.48 33.88 -30.06
C LYS I 179 -29.48 33.21 -31.00
N SER I 180 -29.03 32.13 -31.62
CA SER I 180 -29.85 31.35 -32.54
C SER I 180 -30.89 30.56 -31.75
N LEU I 181 -31.99 30.23 -32.39
CA LEU I 181 -33.06 29.49 -31.72
C LEU I 181 -32.82 27.99 -31.82
N GLU I 182 -31.60 27.60 -32.16
CA GLU I 182 -31.24 26.19 -32.28
C GLU I 182 -29.98 25.91 -31.48
N THR I 183 -29.88 24.70 -30.97
CA THR I 183 -28.71 24.30 -30.19
C THR I 183 -27.74 23.53 -31.08
N GLU I 184 -26.50 24.00 -31.12
CA GLU I 184 -25.47 23.38 -31.96
C GLU I 184 -24.17 23.19 -31.20
N LEU I 185 -23.29 22.39 -31.78
CA LEU I 185 -21.98 22.13 -31.18
C LEU I 185 -20.92 22.63 -32.17
N LYS I 186 -20.07 23.55 -31.72
CA LYS I 186 -19.02 24.12 -32.57
C LYS I 186 -17.67 24.03 -31.88
N PHE I 187 -16.61 23.71 -32.61
CA PHE I 187 -15.29 23.60 -32.00
C PHE I 187 -14.39 24.80 -32.30
N VAL I 188 -14.55 25.85 -31.50
CA VAL I 188 -13.73 27.04 -31.68
C VAL I 188 -12.34 26.81 -31.07
N GLU I 189 -11.54 27.86 -30.95
CA GLU I 189 -10.18 27.77 -30.44
C GLU I 189 -10.18 28.48 -29.07
N GLY I 190 -9.29 28.09 -28.16
CA GLY I 190 -9.28 28.74 -26.86
C GLY I 190 -8.42 28.11 -25.79
N TYR I 191 -8.62 28.58 -24.55
CA TYR I 191 -7.87 28.08 -23.40
C TYR I 191 -8.75 28.22 -22.15
N GLN I 192 -8.25 27.70 -21.03
CA GLN I 192 -8.95 27.75 -19.75
C GLN I 192 -8.05 27.36 -18.58
N PHE I 193 -7.98 28.22 -17.57
CA PHE I 193 -7.15 27.95 -16.41
C PHE I 193 -7.93 28.17 -15.10
N ASP I 194 -7.42 27.57 -14.03
CA ASP I 194 -8.07 27.66 -12.73
C ASP I 194 -7.73 28.88 -11.88
N LYS I 195 -8.33 30.01 -12.22
CA LYS I 195 -8.14 31.25 -11.47
C LYS I 195 -9.36 32.06 -11.80
N GLY I 196 -9.84 32.86 -10.85
CA GLY I 196 -11.03 33.65 -11.10
C GLY I 196 -10.88 35.14 -10.85
N TYR I 197 -12.00 35.85 -10.91
CA TYR I 197 -11.95 37.29 -10.72
C TYR I 197 -11.33 37.70 -9.40
N ILE I 198 -10.33 38.58 -9.50
CA ILE I 198 -9.58 39.11 -8.35
C ILE I 198 -10.50 39.89 -7.43
N SER I 199 -11.63 40.33 -7.96
CA SER I 199 -12.61 41.07 -7.20
C SER I 199 -14.01 40.69 -7.66
N PRO I 200 -14.88 40.33 -6.71
CA PRO I 200 -16.25 39.94 -7.04
C PRO I 200 -17.05 41.05 -7.70
N TYR I 201 -16.49 42.26 -7.78
CA TYR I 201 -17.20 43.36 -8.40
C TYR I 201 -17.16 43.30 -9.92
N PHE I 202 -16.26 42.46 -10.44
CA PHE I 202 -16.11 42.31 -11.89
C PHE I 202 -17.24 41.47 -12.47
N VAL I 203 -18.07 40.90 -11.60
CA VAL I 203 -19.18 40.06 -12.02
C VAL I 203 -20.19 40.72 -12.94
N THR I 204 -20.55 40.01 -14.00
CA THR I 204 -21.51 40.48 -15.02
C THR I 204 -22.93 40.10 -14.60
N ASN I 205 -23.09 38.84 -14.21
CA ASN I 205 -24.37 38.30 -13.79
C ASN I 205 -24.36 38.02 -12.29
N PRO I 206 -25.14 38.78 -11.50
CA PRO I 206 -25.24 38.62 -10.04
C PRO I 206 -25.65 37.21 -9.62
N GLU I 207 -26.64 36.67 -10.33
CA GLU I 207 -27.15 35.32 -10.05
C GLU I 207 -26.08 34.24 -10.21
N THR I 208 -25.58 34.08 -11.42
CA THR I 208 -24.55 33.08 -11.72
C THR I 208 -23.20 33.42 -11.11
N MET I 209 -23.03 34.68 -10.68
CA MET I 209 -21.77 35.12 -10.10
C MET I 209 -20.59 34.94 -11.06
N GLU I 210 -20.85 35.22 -12.33
CA GLU I 210 -19.83 35.11 -13.36
C GLU I 210 -19.59 36.48 -13.98
N ALA I 211 -18.47 36.58 -14.68
CA ALA I 211 -18.10 37.80 -15.38
C ALA I 211 -17.98 37.39 -16.83
N VAL I 212 -18.93 37.81 -17.67
CA VAL I 212 -18.88 37.45 -19.07
C VAL I 212 -18.51 38.64 -19.96
N LEU I 213 -17.44 38.48 -20.74
CA LEU I 213 -16.94 39.51 -21.64
C LEU I 213 -16.96 39.00 -23.07
N GLU I 214 -17.60 39.76 -23.96
CA GLU I 214 -17.71 39.37 -25.36
C GLU I 214 -16.91 40.24 -26.33
N ASP I 215 -16.08 39.59 -27.15
CA ASP I 215 -15.21 40.25 -28.11
C ASP I 215 -14.35 41.25 -27.36
N ALA I 216 -13.49 40.73 -26.49
CA ALA I 216 -12.65 41.60 -25.68
C ALA I 216 -11.20 41.33 -25.95
N PHE I 217 -10.36 42.28 -25.53
CA PHE I 217 -8.93 42.14 -25.68
C PHE I 217 -8.42 41.43 -24.44
N ILE I 218 -7.31 40.70 -24.61
CA ILE I 218 -6.74 39.95 -23.49
C ILE I 218 -5.32 40.41 -23.16
N LEU I 219 -5.25 41.48 -22.37
CA LEU I 219 -3.99 42.04 -21.94
C LEU I 219 -3.26 41.03 -21.05
N ILE I 220 -2.28 40.36 -21.62
CA ILE I 220 -1.51 39.36 -20.90
C ILE I 220 -0.23 39.95 -20.28
N VAL I 221 -0.29 40.29 -19.00
CA VAL I 221 0.85 40.86 -18.28
C VAL I 221 1.56 39.77 -17.48
N GLU I 222 2.73 40.09 -16.94
CA GLU I 222 3.49 39.10 -16.17
C GLU I 222 4.00 39.72 -14.90
N LYS I 223 3.82 41.04 -14.77
CA LYS I 223 4.25 41.78 -13.60
C LYS I 223 3.05 42.01 -12.69
N LYS I 224 3.29 42.56 -11.51
CA LYS I 224 2.22 42.88 -10.59
C LYS I 224 1.75 44.30 -10.88
N VAL I 225 0.69 44.42 -11.66
CA VAL I 225 0.15 45.72 -12.00
C VAL I 225 -0.50 46.36 -10.78
N SER I 226 0.19 47.32 -10.18
CA SER I 226 -0.34 48.01 -9.01
C SER I 226 -0.34 49.53 -9.17
N ASN I 227 0.37 50.00 -10.20
CA ASN I 227 0.48 51.43 -10.48
C ASN I 227 -0.47 51.85 -11.60
N VAL I 228 -1.22 52.92 -11.37
CA VAL I 228 -2.16 53.44 -12.35
C VAL I 228 -1.44 54.01 -13.58
N ARG I 229 -0.38 54.77 -13.34
CA ARG I 229 0.37 55.38 -14.43
C ARG I 229 0.82 54.41 -15.51
N GLU I 230 1.29 53.23 -15.12
CA GLU I 230 1.74 52.25 -16.09
C GLU I 230 0.61 51.47 -16.74
N LEU I 231 -0.63 51.78 -16.34
CA LEU I 231 -1.79 51.08 -16.88
C LEU I 231 -2.71 52.00 -17.72
N LEU I 232 -2.85 53.26 -17.30
CA LEU I 232 -3.68 54.22 -18.02
C LEU I 232 -3.53 54.25 -19.55
N PRO I 233 -2.29 54.21 -20.07
CA PRO I 233 -2.12 54.23 -21.53
C PRO I 233 -2.94 53.18 -22.27
N ILE I 234 -2.70 51.91 -21.99
CA ILE I 234 -3.43 50.83 -22.65
C ILE I 234 -4.91 50.86 -22.30
N LEU I 235 -5.19 51.16 -21.04
CA LEU I 235 -6.55 51.23 -20.56
C LEU I 235 -7.35 52.21 -21.41
N GLU I 236 -6.69 53.28 -21.84
CA GLU I 236 -7.29 54.32 -22.66
C GLU I 236 -7.55 53.87 -24.10
N GLN I 237 -6.52 53.32 -24.74
CA GLN I 237 -6.64 52.85 -26.11
C GLN I 237 -7.84 51.91 -26.21
N VAL I 238 -7.91 50.94 -25.30
CA VAL I 238 -9.01 49.98 -25.28
C VAL I 238 -10.34 50.66 -24.99
N ALA I 239 -10.32 51.67 -24.14
CA ALA I 239 -11.54 52.39 -23.80
C ALA I 239 -12.24 52.95 -25.03
N GLN I 240 -11.46 53.54 -25.94
CA GLN I 240 -12.03 54.12 -27.15
C GLN I 240 -12.43 53.06 -28.17
N THR I 241 -12.11 51.81 -27.88
CA THR I 241 -12.45 50.71 -28.78
C THR I 241 -13.92 50.34 -28.61
N GLY I 242 -14.46 50.67 -27.45
CA GLY I 242 -15.86 50.33 -27.16
C GLY I 242 -15.97 48.89 -26.73
N LYS I 243 -14.84 48.17 -26.81
CA LYS I 243 -14.78 46.76 -26.46
C LYS I 243 -14.33 46.52 -25.02
N PRO I 244 -14.65 45.33 -24.47
CA PRO I 244 -14.28 44.96 -23.11
C PRO I 244 -12.84 44.47 -23.02
N LEU I 245 -12.33 44.36 -21.80
CA LEU I 245 -10.94 43.93 -21.60
C LEU I 245 -10.73 42.96 -20.45
N LEU I 246 -9.95 41.91 -20.75
CA LEU I 246 -9.60 40.92 -19.75
C LEU I 246 -8.13 41.05 -19.42
N ILE I 247 -7.82 41.38 -18.16
CA ILE I 247 -6.44 41.53 -17.71
C ILE I 247 -6.01 40.23 -17.03
N ILE I 248 -4.85 39.70 -17.43
CA ILE I 248 -4.34 38.46 -16.86
C ILE I 248 -2.92 38.62 -16.33
N ALA I 249 -2.72 39.54 -15.40
CA ALA I 249 -1.40 39.77 -14.80
C ALA I 249 -1.19 38.70 -13.72
N GLU I 250 -0.03 38.70 -13.05
CA GLU I 250 0.18 37.72 -12.00
C GLU I 250 -0.63 38.19 -10.80
N ASP I 251 -1.00 39.47 -10.81
CA ASP I 251 -1.82 40.06 -9.76
C ASP I 251 -2.09 41.53 -10.07
N VAL I 252 -3.24 42.03 -9.61
CA VAL I 252 -3.65 43.41 -9.82
C VAL I 252 -4.07 43.93 -8.46
N GLU I 253 -3.32 44.89 -7.93
CA GLU I 253 -3.60 45.43 -6.61
C GLU I 253 -3.57 46.95 -6.52
N GLY I 254 -3.74 47.45 -5.30
CA GLY I 254 -3.73 48.88 -5.06
C GLY I 254 -4.54 49.74 -6.00
N GLU I 255 -3.96 50.84 -6.45
CA GLU I 255 -4.62 51.75 -7.36
C GLU I 255 -5.17 51.02 -8.58
N ALA I 256 -4.29 50.28 -9.25
CA ALA I 256 -4.65 49.52 -10.45
C ALA I 256 -5.98 48.77 -10.29
N LEU I 257 -6.04 47.85 -9.33
CA LEU I 257 -7.25 47.09 -9.10
C LEU I 257 -8.42 48.00 -8.75
N ALA I 258 -8.17 49.03 -7.95
CA ALA I 258 -9.20 49.98 -7.54
C ALA I 258 -9.84 50.70 -8.72
N THR I 259 -9.01 51.23 -9.61
CA THR I 259 -9.48 51.95 -10.79
C THR I 259 -10.32 51.04 -11.70
N LEU I 260 -9.77 49.86 -11.99
CA LEU I 260 -10.44 48.90 -12.84
C LEU I 260 -11.84 48.64 -12.33
N VAL I 261 -11.97 48.47 -11.02
CA VAL I 261 -13.26 48.21 -10.41
C VAL I 261 -14.22 49.39 -10.49
N VAL I 262 -13.71 50.59 -10.27
CA VAL I 262 -14.56 51.78 -10.31
C VAL I 262 -15.18 52.04 -11.67
N ASN I 263 -14.35 52.08 -12.70
CA ASN I 263 -14.83 52.33 -14.06
C ASN I 263 -15.77 51.22 -14.52
N LYS I 264 -15.52 50.01 -14.01
CA LYS I 264 -16.31 48.84 -14.33
C LYS I 264 -17.73 49.03 -13.80
N LEU I 265 -17.83 49.37 -12.52
CA LEU I 265 -19.11 49.58 -11.86
C LEU I 265 -19.69 50.92 -12.30
N ARG I 266 -18.86 51.69 -12.99
CA ARG I 266 -19.27 53.02 -13.44
C ARG I 266 -19.87 52.92 -14.84
N GLY I 267 -19.22 52.14 -15.70
CA GLY I 267 -19.70 51.99 -17.05
C GLY I 267 -18.68 52.56 -18.02
N THR I 268 -17.59 53.07 -17.47
CA THR I 268 -16.52 53.65 -18.26
C THR I 268 -15.82 52.56 -19.09
N LEU I 269 -15.49 51.44 -18.45
CA LEU I 269 -14.82 50.33 -19.12
C LEU I 269 -15.19 49.02 -18.46
N SER I 270 -15.68 48.06 -19.24
CA SER I 270 -16.04 46.77 -18.65
C SER I 270 -14.81 45.87 -18.71
N VAL I 271 -14.21 45.63 -17.55
CA VAL I 271 -13.02 44.78 -17.47
C VAL I 271 -13.15 43.78 -16.34
N ALA I 272 -12.13 42.93 -16.22
CA ALA I 272 -12.06 41.91 -15.19
C ALA I 272 -10.62 41.42 -15.11
N ALA I 273 -10.07 41.44 -13.90
CA ALA I 273 -8.70 41.00 -13.72
C ALA I 273 -8.64 39.62 -13.08
N VAL I 274 -7.76 38.79 -13.60
CA VAL I 274 -7.58 37.42 -13.13
C VAL I 274 -6.10 37.14 -12.92
N LYS I 275 -5.75 36.38 -11.90
CA LYS I 275 -4.35 36.08 -11.66
C LYS I 275 -3.84 35.14 -12.73
N ALA I 276 -2.52 35.12 -12.94
CA ALA I 276 -1.93 34.27 -13.96
C ALA I 276 -1.98 32.81 -13.54
N PRO I 277 -2.30 31.92 -14.49
CA PRO I 277 -2.40 30.47 -14.27
C PRO I 277 -1.06 29.87 -13.85
N GLY I 278 -1.12 28.70 -13.23
CA GLY I 278 0.09 28.03 -12.82
C GLY I 278 0.96 28.83 -11.87
N PHE I 279 2.11 28.27 -11.53
CA PHE I 279 3.06 28.90 -10.64
C PHE I 279 4.49 28.62 -11.12
N GLY I 280 5.34 29.64 -11.06
CA GLY I 280 6.73 29.50 -11.48
C GLY I 280 6.95 29.42 -12.97
N ASP I 281 7.97 28.69 -13.37
CA ASP I 281 8.32 28.51 -14.78
C ASP I 281 7.07 28.06 -15.49
N ARG I 282 6.35 27.18 -14.81
CA ARG I 282 5.10 26.63 -15.32
C ARG I 282 4.16 27.72 -15.81
N ARG I 283 4.17 28.83 -15.11
CA ARG I 283 3.29 29.95 -15.42
C ARG I 283 3.59 30.70 -16.71
N LYS I 284 4.83 31.14 -16.88
CA LYS I 284 5.15 31.89 -18.08
C LYS I 284 4.84 31.02 -19.28
N GLU I 285 5.14 29.74 -19.15
CA GLU I 285 4.88 28.82 -20.23
C GLU I 285 3.39 28.83 -20.60
N MET I 286 2.53 28.89 -19.59
CA MET I 286 1.10 28.90 -19.80
C MET I 286 0.64 30.25 -20.32
N LEU I 287 1.30 31.31 -19.88
CA LEU I 287 0.93 32.65 -20.33
C LEU I 287 1.12 32.76 -21.85
N LYS I 288 2.11 32.02 -22.36
CA LYS I 288 2.41 32.02 -23.78
C LYS I 288 1.32 31.26 -24.51
N ASP I 289 0.88 30.15 -23.90
CA ASP I 289 -0.19 29.33 -24.46
C ASP I 289 -1.41 30.21 -24.73
N ILE I 290 -1.63 31.17 -23.84
CA ILE I 290 -2.75 32.10 -23.94
C ILE I 290 -2.48 33.07 -25.08
N ALA I 291 -1.32 33.71 -25.03
CA ALA I 291 -0.94 34.65 -26.07
C ALA I 291 -1.11 33.99 -27.46
N ALA I 292 -0.66 32.74 -27.56
CA ALA I 292 -0.73 31.98 -28.81
C ALA I 292 -2.15 31.83 -29.34
N VAL I 293 -3.07 31.36 -28.51
CA VAL I 293 -4.45 31.16 -28.92
C VAL I 293 -5.23 32.47 -29.00
N THR I 294 -4.70 33.51 -28.36
CA THR I 294 -5.37 34.80 -28.36
C THR I 294 -4.90 35.70 -29.48
N GLY I 295 -3.59 35.69 -29.74
CA GLY I 295 -3.03 36.54 -30.77
C GLY I 295 -2.49 37.79 -30.08
N GLY I 296 -1.97 37.60 -28.88
CA GLY I 296 -1.41 38.70 -28.12
C GLY I 296 0.01 38.33 -27.75
N THR I 297 0.63 39.11 -26.86
CA THR I 297 2.00 38.80 -26.47
C THR I 297 2.22 39.06 -25.00
N VAL I 298 3.01 38.18 -24.38
CA VAL I 298 3.32 38.27 -22.96
C VAL I 298 4.16 39.50 -22.61
N ILE I 299 3.52 40.53 -22.09
CA ILE I 299 4.21 41.75 -21.69
C ILE I 299 5.08 41.46 -20.47
N SER I 300 6.24 40.84 -20.70
CA SER I 300 7.17 40.52 -19.61
C SER I 300 8.26 41.58 -19.43
N GLU I 301 8.50 41.98 -18.19
CA GLU I 301 9.52 42.97 -17.90
C GLU I 301 10.88 42.34 -18.20
N GLU I 302 10.92 41.00 -18.15
CA GLU I 302 12.15 40.24 -18.40
C GLU I 302 12.78 40.67 -19.72
N LEU I 303 12.05 40.44 -20.81
CA LEU I 303 12.53 40.81 -22.14
C LEU I 303 12.45 42.33 -22.28
N GLY I 304 12.65 43.01 -21.14
CA GLY I 304 12.63 44.46 -21.09
C GLY I 304 11.52 45.13 -21.86
N PHE I 305 10.44 45.52 -21.18
CA PHE I 305 9.34 46.21 -21.85
C PHE I 305 8.33 46.77 -20.86
N LYS I 306 8.20 48.09 -20.86
CA LYS I 306 7.27 48.77 -19.96
C LYS I 306 5.81 48.69 -20.44
N LEU I 307 4.88 48.66 -19.47
CA LEU I 307 3.45 48.56 -19.75
C LEU I 307 2.89 49.78 -20.45
N GLU I 308 3.21 50.96 -19.93
CA GLU I 308 2.71 52.18 -20.54
C GLU I 308 2.95 52.17 -22.04
N ASN I 309 4.05 51.55 -22.47
CA ASN I 309 4.40 51.47 -23.88
C ASN I 309 3.76 50.29 -24.59
N ALA I 310 2.61 49.83 -24.11
CA ALA I 310 1.98 48.70 -24.74
C ALA I 310 0.89 49.11 -25.74
N THR I 311 1.02 48.59 -26.95
CA THR I 311 0.09 48.89 -28.04
C THR I 311 -1.19 48.08 -27.96
N LEU I 312 -2.27 48.71 -28.42
CA LEU I 312 -3.59 48.09 -28.46
C LEU I 312 -3.56 46.98 -29.52
N SER I 313 -2.39 46.37 -29.71
CA SER I 313 -2.25 45.30 -30.70
C SER I 313 -1.39 44.17 -30.15
N MET I 314 -0.67 44.46 -29.06
CA MET I 314 0.18 43.46 -28.42
C MET I 314 -0.70 42.50 -27.64
N LEU I 315 -1.93 42.95 -27.39
CA LEU I 315 -2.90 42.16 -26.66
C LEU I 315 -3.82 41.40 -27.62
N GLY I 316 -3.85 40.08 -27.49
CA GLY I 316 -4.73 39.29 -28.35
C GLY I 316 -6.17 39.48 -27.94
N ARG I 317 -7.07 38.72 -28.56
CA ARG I 317 -8.49 38.83 -28.23
C ARG I 317 -9.28 37.59 -28.61
N ALA I 318 -10.47 37.47 -28.04
CA ALA I 318 -11.34 36.32 -28.31
C ALA I 318 -12.81 36.73 -28.36
N GLU I 319 -13.65 35.84 -28.90
CA GLU I 319 -15.07 36.11 -29.03
C GLU I 319 -15.80 36.22 -27.71
N ARG I 320 -15.39 35.44 -26.72
CA ARG I 320 -16.02 35.50 -25.41
C ARG I 320 -15.10 35.01 -24.30
N VAL I 321 -15.22 35.68 -23.16
CA VAL I 321 -14.44 35.32 -21.98
C VAL I 321 -15.38 35.19 -20.78
N ARG I 322 -15.28 34.06 -20.10
CA ARG I 322 -16.10 33.78 -18.93
C ARG I 322 -15.26 33.64 -17.66
N ILE I 323 -15.55 34.49 -16.68
CA ILE I 323 -14.81 34.45 -15.44
C ILE I 323 -15.66 34.12 -14.22
N THR I 324 -15.22 33.09 -13.52
CA THR I 324 -15.85 32.57 -12.32
C THR I 324 -14.88 32.84 -11.18
N LYS I 325 -15.37 32.86 -9.94
CA LYS I 325 -14.47 33.12 -8.83
C LYS I 325 -13.40 32.04 -8.75
N ASP I 326 -13.57 30.94 -9.48
CA ASP I 326 -12.60 29.86 -9.44
C ASP I 326 -12.03 29.50 -10.80
N GLU I 327 -12.61 30.01 -11.88
CA GLU I 327 -12.11 29.64 -13.18
C GLU I 327 -12.31 30.64 -14.30
N THR I 328 -11.31 30.75 -15.17
CA THR I 328 -11.39 31.66 -16.29
C THR I 328 -11.42 30.83 -17.56
N THR I 329 -12.27 31.22 -18.50
CA THR I 329 -12.41 30.49 -19.74
C THR I 329 -12.39 31.43 -20.93
N ILE I 330 -11.62 31.07 -21.95
CA ILE I 330 -11.51 31.89 -23.15
C ILE I 330 -12.00 31.12 -24.38
N VAL I 331 -13.16 31.54 -24.88
CA VAL I 331 -13.79 30.92 -26.03
C VAL I 331 -13.71 31.84 -27.24
N GLY I 332 -13.30 31.27 -28.37
CA GLY I 332 -13.18 32.06 -29.58
C GLY I 332 -11.79 32.67 -29.70
N GLY I 333 -10.77 31.86 -29.40
CA GLY I 333 -9.40 32.35 -29.49
C GLY I 333 -9.11 32.78 -30.90
N LYS I 334 -8.59 33.99 -31.06
CA LYS I 334 -8.31 34.49 -32.39
C LYS I 334 -6.82 34.57 -32.73
N GLY I 335 -6.01 33.75 -32.07
CA GLY I 335 -4.59 33.74 -32.33
C GLY I 335 -4.31 33.02 -33.63
N LYS I 336 -3.12 33.20 -34.19
CA LYS I 336 -2.75 32.55 -35.45
C LYS I 336 -2.67 31.04 -35.27
N LYS I 337 -3.45 30.32 -36.07
CA LYS I 337 -3.47 28.86 -36.02
C LYS I 337 -2.05 28.28 -35.99
N GLU I 338 -1.09 29.09 -36.43
CA GLU I 338 0.30 28.68 -36.47
C GLU I 338 0.91 28.69 -35.07
N ASP I 339 0.82 29.84 -34.40
CA ASP I 339 1.35 30.01 -33.04
C ASP I 339 0.83 28.90 -32.14
N ILE I 340 -0.43 28.54 -32.34
CA ILE I 340 -1.08 27.50 -31.56
C ILE I 340 -0.38 26.17 -31.77
N GLU I 341 -0.38 25.69 -33.01
CA GLU I 341 0.25 24.42 -33.34
C GLU I 341 1.72 24.46 -32.92
N ALA I 342 2.24 25.68 -32.79
CA ALA I 342 3.61 25.89 -32.38
C ALA I 342 3.81 25.35 -30.96
N ARG I 343 2.92 25.74 -30.05
CA ARG I 343 2.99 25.31 -28.65
C ARG I 343 2.73 23.82 -28.56
N ILE I 344 1.66 23.37 -29.22
CA ILE I 344 1.28 21.96 -29.24
C ILE I 344 2.48 21.05 -29.52
N ASN I 345 3.25 21.39 -30.53
CA ASN I 345 4.40 20.57 -30.90
C ASN I 345 5.55 20.75 -29.93
N GLY I 346 5.90 22.00 -29.65
CA GLY I 346 6.99 22.28 -28.73
C GLY I 346 6.73 21.64 -27.37
N ILE I 347 5.46 21.34 -27.12
CA ILE I 347 5.05 20.75 -25.87
C ILE I 347 5.30 19.24 -25.91
N LYS I 348 5.04 18.63 -27.06
CA LYS I 348 5.24 17.20 -27.23
C LYS I 348 6.72 16.83 -27.19
N LYS I 349 7.56 17.70 -27.77
CA LYS I 349 9.00 17.46 -27.79
C LYS I 349 9.56 17.43 -26.37
N GLU I 350 9.15 18.41 -25.58
CA GLU I 350 9.60 18.53 -24.20
C GLU I 350 8.96 17.43 -23.37
N LEU I 351 7.93 16.80 -23.93
CA LEU I 351 7.21 15.73 -23.26
C LEU I 351 7.99 14.42 -23.28
N GLU I 352 8.87 14.28 -24.26
CA GLU I 352 9.70 13.08 -24.39
C GLU I 352 10.95 13.20 -23.51
N THR I 353 11.36 14.43 -23.28
CA THR I 353 12.53 14.73 -22.46
C THR I 353 12.15 14.71 -20.98
N THR I 354 10.84 14.77 -20.72
CA THR I 354 10.34 14.78 -19.35
C THR I 354 10.45 13.39 -18.76
N ASP I 355 10.71 13.33 -17.46
CA ASP I 355 10.87 12.06 -16.76
C ASP I 355 9.97 11.92 -15.52
N SER I 356 9.66 13.04 -14.87
CA SER I 356 8.81 13.00 -13.69
C SER I 356 7.34 12.90 -14.10
N GLU I 357 6.71 11.81 -13.71
CA GLU I 357 5.30 11.56 -14.04
C GLU I 357 4.39 12.76 -13.78
N TYR I 358 4.67 13.52 -12.73
CA TYR I 358 3.83 14.67 -12.41
C TYR I 358 3.89 15.73 -13.50
N ALA I 359 5.10 16.08 -13.92
CA ALA I 359 5.29 17.08 -14.96
C ALA I 359 4.56 16.66 -16.22
N ARG I 360 4.63 15.37 -16.54
CA ARG I 360 3.97 14.84 -17.73
C ARG I 360 2.47 15.10 -17.77
N GLU I 361 1.78 14.70 -16.71
CA GLU I 361 0.32 14.88 -16.61
C GLU I 361 -0.13 16.31 -16.80
N LYS I 362 0.70 17.23 -16.34
CA LYS I 362 0.37 18.64 -16.48
C LYS I 362 0.59 19.14 -17.89
N LEU I 363 1.65 18.68 -18.55
CA LEU I 363 1.88 19.09 -19.92
C LEU I 363 0.68 18.52 -20.68
N GLN I 364 0.23 17.36 -20.22
CA GLN I 364 -0.90 16.67 -20.80
C GLN I 364 -2.13 17.57 -20.87
N GLU I 365 -2.44 18.26 -19.77
CA GLU I 365 -3.61 19.12 -19.75
C GLU I 365 -3.46 20.32 -20.67
N ARG I 366 -2.25 20.89 -20.71
CA ARG I 366 -1.97 22.02 -21.58
C ARG I 366 -2.14 21.51 -23.00
N LEU I 367 -1.61 20.32 -23.23
CA LEU I 367 -1.69 19.67 -24.52
C LEU I 367 -3.14 19.46 -24.96
N ALA I 368 -3.97 19.00 -24.02
CA ALA I 368 -5.39 18.76 -24.30
C ALA I 368 -6.23 20.04 -24.40
N LYS I 369 -5.77 21.11 -23.78
CA LYS I 369 -6.48 22.37 -23.83
C LYS I 369 -6.30 22.99 -25.20
N LEU I 370 -5.04 23.09 -25.63
CA LEU I 370 -4.67 23.66 -26.92
C LEU I 370 -5.25 22.77 -28.02
N ALA I 371 -4.88 21.49 -28.01
CA ALA I 371 -5.40 20.54 -28.98
C ALA I 371 -6.86 20.36 -28.60
N GLY I 372 -7.67 19.86 -29.52
CA GLY I 372 -9.08 19.69 -29.19
C GLY I 372 -9.79 21.02 -29.15
N GLY I 373 -9.13 22.05 -28.61
CA GLY I 373 -9.71 23.38 -28.56
C GLY I 373 -10.70 23.63 -27.46
N VAL I 374 -11.86 24.17 -27.84
CA VAL I 374 -12.91 24.49 -26.89
C VAL I 374 -14.28 24.13 -27.44
N ALA I 375 -14.71 22.89 -27.19
CA ALA I 375 -16.02 22.44 -27.64
C ALA I 375 -17.08 23.33 -27.00
N VAL I 376 -17.82 24.04 -27.83
CA VAL I 376 -18.86 24.94 -27.35
C VAL I 376 -20.25 24.43 -27.75
N ILE I 377 -21.20 24.60 -26.84
CA ILE I 377 -22.56 24.18 -27.08
C ILE I 377 -23.47 25.39 -27.10
N ARG I 378 -23.60 26.01 -28.26
CA ARG I 378 -24.45 27.20 -28.39
C ARG I 378 -25.87 26.74 -28.05
N VAL I 379 -26.45 27.35 -27.01
CA VAL I 379 -27.80 27.00 -26.57
C VAL I 379 -28.89 27.87 -27.17
N GLY I 380 -29.81 27.23 -27.88
CA GLY I 380 -30.90 27.95 -28.50
C GLY I 380 -32.14 28.00 -27.60
N ALA I 381 -32.79 29.15 -27.59
CA ALA I 381 -34.00 29.35 -26.80
C ALA I 381 -34.97 30.23 -27.58
N ALA I 382 -35.91 30.83 -26.87
CA ALA I 382 -36.90 31.70 -27.50
C ALA I 382 -37.17 32.85 -26.55
N THR I 383 -37.01 32.59 -25.26
CA THR I 383 -37.23 33.60 -24.23
C THR I 383 -35.92 33.75 -23.46
N GLU I 384 -35.74 34.90 -22.80
CA GLU I 384 -34.54 35.11 -22.01
C GLU I 384 -34.67 34.16 -20.84
N THR I 385 -35.92 33.81 -20.54
CA THR I 385 -36.26 32.90 -19.45
C THR I 385 -35.94 31.47 -19.85
N GLU I 386 -36.63 31.00 -20.88
CA GLU I 386 -36.41 29.65 -21.40
C GLU I 386 -34.92 29.37 -21.55
N LEU I 387 -34.15 30.43 -21.84
CA LEU I 387 -32.70 30.29 -22.03
C LEU I 387 -31.99 30.02 -20.73
N LYS I 388 -32.15 30.91 -19.77
CA LYS I 388 -31.52 30.72 -18.47
C LYS I 388 -31.74 29.28 -18.00
N GLU I 389 -32.91 28.74 -18.31
CA GLU I 389 -33.25 27.41 -17.88
C GLU I 389 -32.46 26.31 -18.60
N LYS I 390 -32.53 26.32 -19.93
CA LYS I 390 -31.79 25.35 -20.73
C LYS I 390 -30.31 25.52 -20.42
N LYS I 391 -29.90 26.77 -20.31
CA LYS I 391 -28.52 27.10 -20.00
C LYS I 391 -28.06 26.32 -18.77
N HIS I 392 -28.78 26.52 -17.67
CA HIS I 392 -28.50 25.86 -16.40
C HIS I 392 -28.60 24.34 -16.56
N ARG I 393 -29.78 23.88 -17.01
CA ARG I 393 -30.00 22.46 -17.20
C ARG I 393 -28.87 21.77 -17.97
N PHE I 394 -28.58 22.27 -19.17
CA PHE I 394 -27.52 21.70 -20.00
C PHE I 394 -26.17 21.78 -19.30
N GLU I 395 -25.90 22.92 -18.67
CA GLU I 395 -24.61 23.05 -17.99
C GLU I 395 -24.43 22.01 -16.90
N ASP I 396 -25.48 21.79 -16.11
CA ASP I 396 -25.42 20.80 -15.04
C ASP I 396 -25.26 19.42 -15.67
N ALA I 397 -26.11 19.14 -16.65
CA ALA I 397 -26.06 17.88 -17.36
C ALA I 397 -24.61 17.60 -17.76
N LEU I 398 -23.93 18.64 -18.21
CA LEU I 398 -22.54 18.50 -18.63
C LEU I 398 -21.67 18.11 -17.43
N ASN I 399 -21.66 18.96 -16.40
CA ASN I 399 -20.86 18.71 -15.21
C ASN I 399 -21.13 17.33 -14.65
N ALA I 400 -22.41 16.96 -14.65
CA ALA I 400 -22.84 15.67 -14.15
C ALA I 400 -22.08 14.58 -14.91
N THR I 401 -22.35 14.52 -16.21
CA THR I 401 -21.74 13.55 -17.10
C THR I 401 -20.24 13.49 -16.98
N ARG I 402 -19.60 14.66 -16.94
CA ARG I 402 -18.15 14.68 -16.84
C ARG I 402 -17.71 13.97 -15.56
N ALA I 403 -18.40 14.29 -14.45
CA ALA I 403 -18.09 13.69 -13.18
C ALA I 403 -18.42 12.21 -13.25
N ALA I 404 -19.55 11.93 -13.88
CA ALA I 404 -20.03 10.57 -14.07
C ALA I 404 -18.94 9.67 -14.65
N VAL I 405 -18.16 10.22 -15.57
CA VAL I 405 -17.10 9.45 -16.20
C VAL I 405 -15.90 9.19 -15.29
N GLU I 406 -15.65 10.12 -14.37
CA GLU I 406 -14.53 10.00 -13.45
C GLU I 406 -14.63 8.84 -12.47
N GLU I 407 -15.80 8.69 -11.84
CA GLU I 407 -15.98 7.64 -10.85
C GLU I 407 -17.23 6.83 -11.03
N GLY I 408 -17.83 7.01 -12.19
CA GLY I 408 -19.04 6.27 -12.47
C GLY I 408 -20.22 6.88 -11.77
N ILE I 409 -21.35 6.20 -11.90
CA ILE I 409 -22.58 6.66 -11.29
C ILE I 409 -23.16 5.61 -10.33
N VAL I 410 -23.94 6.10 -9.36
CA VAL I 410 -24.58 5.26 -8.34
C VAL I 410 -26.05 5.63 -8.23
N PRO I 411 -26.86 4.77 -7.58
CA PRO I 411 -28.28 5.05 -7.45
C PRO I 411 -28.51 6.35 -6.68
N GLY I 412 -29.44 7.16 -7.17
CA GLY I 412 -29.75 8.42 -6.52
C GLY I 412 -30.78 8.34 -5.41
N GLY I 413 -31.37 9.48 -5.09
CA GLY I 413 -32.39 9.55 -4.03
C GLY I 413 -31.86 9.06 -2.69
N GLY I 414 -30.58 9.27 -2.41
CA GLY I 414 -30.05 8.84 -1.13
C GLY I 414 -29.80 7.34 -0.99
N VAL I 415 -30.43 6.56 -1.86
CA VAL I 415 -30.31 5.11 -1.83
C VAL I 415 -28.87 4.56 -1.68
N THR I 416 -27.93 5.16 -2.42
CA THR I 416 -26.53 4.69 -2.35
C THR I 416 -25.97 4.85 -0.95
N LEU I 417 -26.24 6.01 -0.33
CA LEU I 417 -25.75 6.23 1.02
C LEU I 417 -26.34 5.21 2.00
N LEU I 418 -27.59 4.80 1.74
CA LEU I 418 -28.24 3.80 2.59
C LEU I 418 -27.51 2.45 2.44
N ARG I 419 -27.21 2.07 1.20
CA ARG I 419 -26.51 0.80 0.98
C ARG I 419 -25.15 0.78 1.61
N ALA I 420 -24.67 1.95 2.04
CA ALA I 420 -23.35 2.04 2.65
C ALA I 420 -23.42 1.57 4.08
N ILE I 421 -24.61 1.70 4.67
CA ILE I 421 -24.80 1.31 6.06
C ILE I 421 -24.30 -0.09 6.38
N SER I 422 -24.67 -1.06 5.56
CA SER I 422 -24.23 -2.43 5.77
C SER I 422 -22.71 -2.47 5.98
N ALA I 423 -22.00 -1.72 5.16
CA ALA I 423 -20.54 -1.69 5.21
C ALA I 423 -20.10 -1.14 6.55
N VAL I 424 -20.81 -0.13 7.03
CA VAL I 424 -20.50 0.48 8.31
C VAL I 424 -20.82 -0.49 9.45
N GLU I 425 -21.93 -1.21 9.32
CA GLU I 425 -22.35 -2.20 10.30
C GLU I 425 -21.21 -3.22 10.50
N GLU I 426 -20.75 -3.79 9.39
CA GLU I 426 -19.67 -4.76 9.43
C GLU I 426 -18.48 -4.18 10.18
N LEU I 427 -18.21 -2.91 9.96
CA LEU I 427 -17.09 -2.24 10.63
C LEU I 427 -17.31 -2.21 12.13
N ILE I 428 -18.47 -1.70 12.55
CA ILE I 428 -18.82 -1.60 13.96
C ILE I 428 -18.56 -2.92 14.69
N LYS I 429 -18.96 -4.03 14.09
CA LYS I 429 -18.78 -5.34 14.72
C LYS I 429 -17.32 -5.61 15.07
N LYS I 430 -16.41 -4.86 14.44
CA LYS I 430 -14.98 -5.05 14.70
C LYS I 430 -14.45 -3.90 15.55
N LEU I 431 -15.35 -2.99 15.92
CA LEU I 431 -14.98 -1.84 16.72
C LEU I 431 -15.57 -1.91 18.12
N GLU I 432 -14.98 -1.15 19.04
CA GLU I 432 -15.43 -1.12 20.41
C GLU I 432 -15.15 0.24 21.04
N GLY I 433 -15.82 0.54 22.14
CA GLY I 433 -15.60 1.80 22.81
C GLY I 433 -16.19 2.98 22.09
N ASP I 434 -15.66 4.17 22.38
CA ASP I 434 -16.15 5.40 21.77
C ASP I 434 -15.90 5.39 20.27
N GLU I 435 -14.89 4.64 19.85
CA GLU I 435 -14.55 4.55 18.43
C GLU I 435 -15.74 3.92 17.71
N ALA I 436 -16.28 2.85 18.31
CA ALA I 436 -17.41 2.16 17.73
C ALA I 436 -18.61 3.12 17.69
N THR I 437 -18.72 3.98 18.70
CA THR I 437 -19.80 4.96 18.76
C THR I 437 -19.76 5.87 17.54
N GLY I 438 -18.56 6.32 17.21
CA GLY I 438 -18.38 7.20 16.07
C GLY I 438 -18.91 6.51 14.82
N ALA I 439 -18.47 5.28 14.62
CA ALA I 439 -18.91 4.50 13.47
C ALA I 439 -20.43 4.51 13.47
N LYS I 440 -21.02 4.32 14.65
CA LYS I 440 -22.46 4.32 14.80
C LYS I 440 -23.06 5.65 14.40
N ILE I 441 -22.36 6.74 14.71
CA ILE I 441 -22.84 8.07 14.36
C ILE I 441 -22.99 8.21 12.86
N VAL I 442 -21.96 7.80 12.14
CA VAL I 442 -22.00 7.88 10.69
C VAL I 442 -23.15 7.05 10.15
N ARG I 443 -23.28 5.82 10.67
CA ARG I 443 -24.34 4.91 10.24
C ARG I 443 -25.71 5.56 10.35
N ARG I 444 -25.90 6.33 11.41
CA ARG I 444 -27.18 6.99 11.60
C ARG I 444 -27.34 8.11 10.60
N ALA I 445 -26.27 8.88 10.41
CA ALA I 445 -26.27 10.01 9.47
C ALA I 445 -26.70 9.58 8.08
N LEU I 446 -26.09 8.49 7.60
CA LEU I 446 -26.37 7.97 6.26
C LEU I 446 -27.85 7.88 5.91
N GLU I 447 -28.70 7.79 6.92
CA GLU I 447 -30.13 7.68 6.69
C GLU I 447 -30.80 9.00 6.40
N GLU I 448 -30.20 10.08 6.88
CA GLU I 448 -30.80 11.40 6.73
C GLU I 448 -31.18 11.86 5.33
N PRO I 449 -30.25 11.80 4.37
CA PRO I 449 -30.55 12.23 3.00
C PRO I 449 -31.81 11.56 2.46
N ALA I 450 -31.78 10.23 2.37
CA ALA I 450 -32.94 9.46 1.90
C ALA I 450 -34.21 9.87 2.65
N ARG I 451 -34.12 9.79 3.97
CA ARG I 451 -35.22 10.14 4.88
C ARG I 451 -35.77 11.54 4.60
N GLN I 452 -34.88 12.52 4.64
CA GLN I 452 -35.21 13.91 4.40
C GLN I 452 -35.90 14.14 3.05
N ILE I 453 -35.44 13.41 2.02
CA ILE I 453 -36.05 13.54 0.71
C ILE I 453 -37.52 13.11 0.79
N ALA I 454 -37.73 11.86 1.21
CA ALA I 454 -39.07 11.32 1.35
C ALA I 454 -39.93 12.28 2.17
N GLU I 455 -39.37 12.74 3.28
CA GLU I 455 -40.07 13.68 4.15
C GLU I 455 -40.52 14.91 3.38
N ASN I 456 -39.59 15.58 2.72
CA ASN I 456 -39.93 16.79 1.98
C ASN I 456 -41.02 16.51 0.97
N ALA I 457 -41.01 15.28 0.47
CA ALA I 457 -41.99 14.85 -0.51
C ALA I 457 -43.36 14.60 0.11
N GLY I 458 -43.41 14.56 1.44
CA GLY I 458 -44.66 14.33 2.14
C GLY I 458 -44.93 12.85 2.44
N TYR I 459 -43.89 12.14 2.85
CA TYR I 459 -43.98 10.72 3.18
C TYR I 459 -43.27 10.48 4.50
N GLU I 460 -43.48 9.30 5.09
CA GLU I 460 -42.84 8.96 6.36
C GLU I 460 -41.41 8.55 6.08
N GLY I 461 -40.50 9.50 6.27
CA GLY I 461 -39.08 9.23 6.03
C GLY I 461 -38.59 7.91 6.55
N SER I 462 -38.61 7.76 7.88
CA SER I 462 -38.14 6.56 8.55
C SER I 462 -38.76 5.30 7.97
N VAL I 463 -40.03 5.40 7.59
CA VAL I 463 -40.73 4.24 7.02
C VAL I 463 -40.09 3.84 5.71
N ILE I 464 -40.05 4.78 4.77
CA ILE I 464 -39.47 4.53 3.47
C ILE I 464 -38.04 4.04 3.55
N VAL I 465 -37.25 4.67 4.41
CA VAL I 465 -35.86 4.27 4.58
C VAL I 465 -35.81 2.80 4.99
N GLN I 466 -36.84 2.35 5.69
CA GLN I 466 -36.87 0.98 6.16
C GLN I 466 -37.16 0.02 5.03
N GLN I 467 -38.24 0.29 4.31
CA GLN I 467 -38.67 -0.54 3.20
C GLN I 467 -37.60 -0.68 2.14
N ILE I 468 -36.69 0.30 2.07
CA ILE I 468 -35.60 0.28 1.11
C ILE I 468 -34.51 -0.65 1.60
N LEU I 469 -34.11 -0.47 2.86
CA LEU I 469 -33.07 -1.29 3.45
C LEU I 469 -33.56 -2.73 3.59
N ALA I 470 -34.88 -2.90 3.46
CA ALA I 470 -35.52 -4.21 3.54
C ALA I 470 -35.09 -5.07 2.36
N GLU I 471 -35.23 -4.52 1.16
CA GLU I 471 -34.84 -5.22 -0.06
C GLU I 471 -33.32 -5.38 -0.07
N THR I 472 -32.85 -6.63 -0.06
CA THR I 472 -31.43 -6.92 -0.07
C THR I 472 -30.99 -7.45 -1.44
N LYS I 473 -31.96 -7.95 -2.21
CA LYS I 473 -31.66 -8.48 -3.54
C LYS I 473 -30.93 -7.48 -4.43
N ASN I 474 -31.68 -6.51 -4.94
CA ASN I 474 -31.13 -5.49 -5.83
C ASN I 474 -30.82 -4.19 -5.08
N PRO I 475 -29.52 -3.89 -4.85
CA PRO I 475 -29.11 -2.68 -4.14
C PRO I 475 -29.57 -1.40 -4.81
N ARG I 476 -29.96 -1.51 -6.06
CA ARG I 476 -30.44 -0.35 -6.80
C ARG I 476 -31.90 -0.09 -6.49
N TYR I 477 -32.46 -0.92 -5.61
CA TYR I 477 -33.85 -0.77 -5.21
C TYR I 477 -33.92 0.50 -4.36
N GLY I 478 -34.87 1.37 -4.67
CA GLY I 478 -35.02 2.61 -3.92
C GLY I 478 -36.37 3.25 -4.10
N PHE I 479 -36.58 4.38 -3.42
CA PHE I 479 -37.85 5.09 -3.47
C PHE I 479 -37.74 6.33 -4.33
N ASN I 480 -38.64 6.46 -5.29
CA ASN I 480 -38.64 7.63 -6.16
C ASN I 480 -39.65 8.63 -5.62
N ALA I 481 -39.18 9.48 -4.74
CA ALA I 481 -40.03 10.49 -4.10
C ALA I 481 -40.87 11.26 -5.09
N ALA I 482 -40.49 11.22 -6.37
CA ALA I 482 -41.23 11.94 -7.39
C ALA I 482 -42.59 11.33 -7.68
N THR I 483 -42.58 10.06 -8.04
CA THR I 483 -43.80 9.33 -8.37
C THR I 483 -44.39 8.63 -7.15
N GLY I 484 -43.62 8.59 -6.06
CA GLY I 484 -44.09 7.93 -4.86
C GLY I 484 -44.13 6.44 -5.03
N GLU I 485 -43.12 5.86 -5.66
CA GLU I 485 -43.09 4.43 -5.87
C GLU I 485 -41.68 3.90 -5.74
N PHE I 486 -41.56 2.63 -5.39
CA PHE I 486 -40.25 2.01 -5.26
C PHE I 486 -39.90 1.46 -6.63
N VAL I 487 -38.64 1.62 -7.02
CA VAL I 487 -38.19 1.16 -8.34
C VAL I 487 -36.69 0.95 -8.33
N ASP I 488 -36.14 0.61 -9.50
CA ASP I 488 -34.70 0.44 -9.65
C ASP I 488 -34.22 1.83 -9.98
N MET I 489 -33.64 2.50 -8.99
CA MET I 489 -33.14 3.85 -9.14
C MET I 489 -32.38 4.07 -10.45
N VAL I 490 -31.58 3.09 -10.82
CA VAL I 490 -30.82 3.19 -12.07
C VAL I 490 -31.80 3.18 -13.25
N GLU I 491 -32.42 2.03 -13.50
CA GLU I 491 -33.37 1.91 -14.60
C GLU I 491 -34.45 2.98 -14.59
N ALA I 492 -34.53 3.75 -13.52
CA ALA I 492 -35.55 4.80 -13.43
C ALA I 492 -34.93 6.13 -13.79
N GLY I 493 -33.63 6.12 -14.06
CA GLY I 493 -32.95 7.37 -14.41
C GLY I 493 -32.78 8.31 -13.23
N ILE I 494 -32.54 7.74 -12.06
CA ILE I 494 -32.34 8.53 -10.86
C ILE I 494 -30.98 8.10 -10.34
N VAL I 495 -29.94 8.65 -10.97
CA VAL I 495 -28.57 8.32 -10.62
C VAL I 495 -27.82 9.57 -10.17
N ASP I 496 -26.63 9.36 -9.61
CA ASP I 496 -25.78 10.44 -9.12
C ASP I 496 -24.31 10.11 -9.38
N PRO I 497 -23.52 11.12 -9.75
CA PRO I 497 -22.10 10.85 -9.99
C PRO I 497 -21.53 10.35 -8.68
N ALA I 498 -21.03 9.11 -8.68
CA ALA I 498 -20.44 8.55 -7.47
C ALA I 498 -19.45 9.55 -6.87
N LYS I 499 -18.85 10.39 -7.71
CA LYS I 499 -17.90 11.38 -7.20
C LYS I 499 -18.62 12.32 -6.25
N VAL I 500 -19.80 12.78 -6.66
CA VAL I 500 -20.61 13.69 -5.85
C VAL I 500 -20.88 13.11 -4.45
N THR I 501 -21.42 11.90 -4.41
CA THR I 501 -21.73 11.22 -3.15
C THR I 501 -20.50 11.09 -2.26
N ARG I 502 -19.46 10.40 -2.74
CA ARG I 502 -18.23 10.24 -1.95
C ARG I 502 -17.78 11.56 -1.35
N SER I 503 -18.00 12.64 -2.10
CA SER I 503 -17.57 13.94 -1.65
C SER I 503 -18.44 14.46 -0.52
N ALA I 504 -19.71 14.68 -0.80
CA ALA I 504 -20.64 15.16 0.22
C ALA I 504 -20.38 14.47 1.56
N LEU I 505 -20.20 13.15 1.53
CA LEU I 505 -19.96 12.39 2.76
C LEU I 505 -18.66 12.85 3.41
N GLN I 506 -17.55 12.57 2.74
CA GLN I 506 -16.22 12.95 3.24
C GLN I 506 -16.18 14.38 3.76
N ASN I 507 -16.83 15.28 3.04
CA ASN I 507 -16.87 16.67 3.45
C ASN I 507 -17.62 16.87 4.75
N ALA I 508 -18.85 16.36 4.80
CA ALA I 508 -19.69 16.48 5.98
C ALA I 508 -18.92 15.94 7.20
N ALA I 509 -18.39 14.74 7.02
CA ALA I 509 -17.62 14.08 8.06
C ALA I 509 -16.44 14.92 8.47
N SER I 510 -15.94 15.73 7.55
CA SER I 510 -14.80 16.57 7.85
C SER I 510 -15.25 17.64 8.83
N ILE I 511 -16.32 18.34 8.47
CA ILE I 511 -16.87 19.37 9.35
C ILE I 511 -17.14 18.79 10.74
N GLY I 512 -17.72 17.59 10.77
CA GLY I 512 -18.02 16.94 12.03
C GLY I 512 -16.78 16.79 12.88
N ALA I 513 -15.81 16.04 12.37
CA ALA I 513 -14.57 15.84 13.09
C ALA I 513 -13.96 17.18 13.51
N LEU I 514 -14.10 18.20 12.68
CA LEU I 514 -13.54 19.50 13.00
C LEU I 514 -14.11 20.04 14.29
N ILE I 515 -15.44 20.15 14.33
CA ILE I 515 -16.13 20.66 15.51
C ILE I 515 -15.85 19.87 16.80
N LEU I 516 -15.85 18.55 16.70
CA LEU I 516 -15.56 17.72 17.89
C LEU I 516 -14.17 18.01 18.42
N THR I 517 -13.25 18.30 17.50
CA THR I 517 -11.87 18.59 17.87
C THR I 517 -11.64 20.06 18.23
N THR I 518 -12.69 20.88 18.16
CA THR I 518 -12.56 22.31 18.48
C THR I 518 -12.59 22.56 19.99
N GLU I 519 -11.55 23.21 20.51
CA GLU I 519 -11.44 23.49 21.94
C GLU I 519 -11.55 24.96 22.29
N ALA I 520 -11.59 25.82 21.27
CA ALA I 520 -11.70 27.25 21.49
C ALA I 520 -11.91 28.03 20.20
N VAL I 521 -12.53 29.20 20.32
CA VAL I 521 -12.74 30.05 19.16
C VAL I 521 -12.54 31.50 19.58
N VAL I 522 -11.78 32.25 18.79
CA VAL I 522 -11.52 33.65 19.08
C VAL I 522 -12.25 34.48 18.04
N ALA I 523 -13.37 35.06 18.44
CA ALA I 523 -14.16 35.87 17.52
C ALA I 523 -14.00 37.35 17.76
N GLU I 524 -14.49 38.14 16.82
CA GLU I 524 -14.42 39.58 16.92
C GLU I 524 -15.64 40.04 17.70
N LYS I 525 -15.44 40.98 18.61
CA LYS I 525 -16.53 41.51 19.42
C LYS I 525 -17.27 42.52 18.53
N PRO I 526 -18.58 42.71 18.77
CA PRO I 526 -19.35 43.67 17.96
C PRO I 526 -18.71 45.06 17.91
N ALA J 2 -26.72 40.33 7.73
CA ALA J 2 -27.47 40.03 8.98
C ALA J 2 -28.91 39.64 8.67
N LYS J 3 -29.12 38.36 8.40
CA LYS J 3 -30.45 37.86 8.08
C LYS J 3 -31.16 37.41 9.35
N ILE J 4 -32.29 36.75 9.18
CA ILE J 4 -33.07 36.25 10.32
C ILE J 4 -33.94 35.08 9.86
N LEU J 5 -33.60 33.87 10.32
CA LEU J 5 -34.34 32.68 9.93
C LEU J 5 -35.61 32.44 10.75
N VAL J 6 -36.61 31.84 10.12
CA VAL J 6 -37.88 31.53 10.75
C VAL J 6 -38.46 30.28 10.09
N PHE J 7 -38.78 29.27 10.89
CA PHE J 7 -39.29 28.03 10.32
C PHE J 7 -40.75 27.68 10.61
N ASP J 8 -41.15 26.50 10.11
CA ASP J 8 -42.47 25.93 10.28
C ASP J 8 -43.60 26.92 10.54
N GLU J 9 -44.50 26.55 11.45
CA GLU J 9 -45.65 27.38 11.74
C GLU J 9 -45.27 28.81 12.07
N ALA J 10 -44.13 28.99 12.73
CA ALA J 10 -43.66 30.33 13.07
C ALA J 10 -43.73 31.20 11.82
N ALA J 11 -43.10 30.70 10.77
CA ALA J 11 -43.05 31.38 9.49
C ALA J 11 -44.43 31.54 8.89
N ARG J 12 -45.09 30.41 8.62
CA ARG J 12 -46.41 30.45 8.02
C ARG J 12 -47.35 31.42 8.71
N ARG J 13 -47.27 31.50 10.04
CA ARG J 13 -48.15 32.41 10.76
C ARG J 13 -47.79 33.85 10.48
N ALA J 14 -46.49 34.10 10.38
CA ALA J 14 -46.02 35.46 10.10
C ALA J 14 -46.57 35.91 8.75
N LEU J 15 -46.35 35.08 7.71
CA LEU J 15 -46.84 35.40 6.38
C LEU J 15 -48.35 35.63 6.44
N GLU J 16 -49.05 34.74 7.13
CA GLU J 16 -50.49 34.88 7.24
C GLU J 16 -50.86 36.25 7.77
N ARG J 17 -50.15 36.69 8.81
CA ARG J 17 -50.45 37.99 9.40
C ARG J 17 -50.41 39.04 8.30
N GLY J 18 -49.37 38.95 7.46
CA GLY J 18 -49.24 39.88 6.37
C GLY J 18 -50.41 39.76 5.43
N VAL J 19 -50.63 38.53 4.98
CA VAL J 19 -51.74 38.24 4.07
C VAL J 19 -53.02 38.89 4.55
N ASN J 20 -53.31 38.75 5.83
CA ASN J 20 -54.53 39.33 6.36
C ASN J 20 -54.54 40.83 6.35
N ALA J 21 -53.40 41.44 6.70
CA ALA J 21 -53.28 42.89 6.74
C ALA J 21 -53.81 43.50 5.43
N VAL J 22 -53.28 43.00 4.31
CA VAL J 22 -53.71 43.46 3.00
C VAL J 22 -55.18 43.15 2.81
N ALA J 23 -55.48 41.85 2.75
CA ALA J 23 -56.83 41.32 2.56
C ALA J 23 -57.93 42.06 3.30
N ASN J 24 -57.71 42.31 4.58
CA ASN J 24 -58.70 43.01 5.38
C ASN J 24 -58.92 44.44 5.00
N ALA J 25 -57.87 45.07 4.48
CA ALA J 25 -57.97 46.47 4.10
C ALA J 25 -58.67 46.56 2.75
N VAL J 26 -58.33 45.60 1.89
CA VAL J 26 -58.84 45.52 0.54
C VAL J 26 -60.29 45.10 0.33
N LYS J 27 -60.69 44.00 0.96
CA LYS J 27 -62.04 43.47 0.78
C LYS J 27 -63.22 44.37 1.10
N VAL J 28 -63.00 45.39 1.91
CA VAL J 28 -64.11 46.27 2.25
C VAL J 28 -64.53 47.11 1.07
N THR J 29 -63.92 46.86 -0.08
CA THR J 29 -64.25 47.62 -1.30
C THR J 29 -64.89 46.79 -2.40
N LEU J 30 -64.78 45.47 -2.26
CA LEU J 30 -65.34 44.53 -3.22
C LEU J 30 -66.84 44.72 -3.50
N GLY J 31 -67.18 44.71 -4.78
CA GLY J 31 -68.57 44.85 -5.15
C GLY J 31 -69.06 46.24 -5.45
N PRO J 32 -70.31 46.36 -5.92
CA PRO J 32 -71.00 47.59 -6.28
C PRO J 32 -71.08 48.63 -5.19
N ARG J 33 -70.93 48.21 -3.93
CA ARG J 33 -71.02 49.14 -2.83
C ARG J 33 -69.88 49.09 -1.83
N GLY J 34 -68.64 49.00 -2.32
CA GLY J 34 -67.48 48.98 -1.44
C GLY J 34 -67.56 50.07 -0.37
N ARG J 35 -66.89 49.85 0.75
CA ARG J 35 -66.92 50.85 1.81
C ARG J 35 -65.72 51.74 1.56
N ASN J 36 -65.64 52.83 2.31
CA ASN J 36 -64.56 53.78 2.18
C ASN J 36 -63.30 53.39 2.96
N VAL J 37 -62.15 53.53 2.32
CA VAL J 37 -60.87 53.28 2.97
C VAL J 37 -60.12 54.60 2.91
N VAL J 38 -59.59 55.06 4.03
CA VAL J 38 -58.86 56.32 4.09
C VAL J 38 -57.36 56.12 4.01
N LEU J 39 -56.72 56.80 3.06
CA LEU J 39 -55.28 56.71 2.87
C LEU J 39 -54.68 58.09 3.01
N GLU J 40 -53.61 58.21 3.79
CA GLU J 40 -52.98 59.50 3.96
C GLU J 40 -51.71 59.61 3.11
N LYS J 41 -51.55 60.77 2.49
CA LYS J 41 -50.38 61.05 1.66
C LYS J 41 -49.42 61.86 2.54
N LYS J 42 -48.13 61.53 2.48
CA LYS J 42 -47.15 62.22 3.30
C LYS J 42 -47.29 63.73 3.29
N PHE J 43 -47.42 64.31 2.11
CA PHE J 43 -47.55 65.75 1.97
C PHE J 43 -49.00 66.22 1.78
N GLY J 44 -49.64 65.80 0.70
CA GLY J 44 -51.01 66.20 0.45
C GLY J 44 -51.92 65.72 1.57
N SER J 45 -53.17 66.20 1.58
CA SER J 45 -54.12 65.77 2.61
C SER J 45 -54.54 64.32 2.37
N PRO J 46 -55.39 63.76 3.25
CA PRO J 46 -55.85 62.38 3.11
C PRO J 46 -56.70 62.09 1.88
N THR J 47 -56.73 60.83 1.50
CA THR J 47 -57.47 60.36 0.34
C THR J 47 -58.53 59.34 0.78
N ILE J 48 -59.61 59.20 0.03
CA ILE J 48 -60.61 58.20 0.37
C ILE J 48 -60.81 57.40 -0.92
N THR J 49 -60.90 56.09 -0.82
CA THR J 49 -61.09 55.24 -1.98
C THR J 49 -62.20 54.23 -1.79
N LYS J 50 -62.38 53.38 -2.80
CA LYS J 50 -63.35 52.29 -2.81
C LYS J 50 -62.75 51.31 -3.80
N ASP J 51 -61.50 51.58 -4.15
CA ASP J 51 -60.76 50.77 -5.09
C ASP J 51 -59.75 49.90 -4.39
N GLY J 52 -59.92 48.59 -4.55
CA GLY J 52 -59.01 47.65 -3.93
C GLY J 52 -57.56 47.84 -4.32
N VAL J 53 -57.29 47.98 -5.62
CA VAL J 53 -55.92 48.13 -6.09
C VAL J 53 -55.24 49.38 -5.52
N THR J 54 -55.98 50.48 -5.45
CA THR J 54 -55.44 51.72 -4.90
C THR J 54 -54.95 51.46 -3.47
N VAL J 55 -55.82 50.88 -2.64
CA VAL J 55 -55.50 50.56 -1.25
C VAL J 55 -54.37 49.54 -1.15
N ALA J 56 -54.44 48.50 -1.95
CA ALA J 56 -53.41 47.47 -1.92
C ALA J 56 -52.02 48.07 -2.11
N LYS J 57 -51.90 49.05 -2.99
CA LYS J 57 -50.60 49.67 -3.26
C LYS J 57 -50.04 50.30 -1.99
N GLU J 58 -50.89 51.01 -1.26
CA GLU J 58 -50.49 51.71 -0.04
C GLU J 58 -50.24 50.86 1.18
N VAL J 59 -50.40 49.54 1.08
CA VAL J 59 -50.21 48.69 2.25
C VAL J 59 -48.81 48.14 2.37
N GLU J 60 -48.10 48.63 3.38
CA GLU J 60 -46.74 48.19 3.64
C GLU J 60 -46.61 48.12 5.15
N LEU J 61 -46.25 46.95 5.66
CA LEU J 61 -46.13 46.70 7.11
C LEU J 61 -44.75 46.94 7.67
N GLU J 62 -44.69 47.35 8.94
CA GLU J 62 -43.41 47.59 9.62
C GLU J 62 -42.57 46.33 9.78
N ASP J 63 -43.20 45.25 10.22
CA ASP J 63 -42.49 44.00 10.41
C ASP J 63 -42.06 43.36 9.09
N HIS J 64 -40.77 43.05 8.98
CA HIS J 64 -40.25 42.43 7.76
C HIS J 64 -41.00 41.17 7.34
N LEU J 65 -41.06 40.18 8.22
CA LEU J 65 -41.73 38.92 7.90
C LEU J 65 -43.17 39.13 7.47
N GLU J 66 -43.93 39.87 8.26
CA GLU J 66 -45.32 40.12 7.92
C GLU J 66 -45.46 40.84 6.59
N ASN J 67 -44.59 41.80 6.34
CA ASN J 67 -44.65 42.53 5.09
C ASN J 67 -44.41 41.57 3.93
N ILE J 68 -43.44 40.67 4.10
CA ILE J 68 -43.12 39.69 3.06
C ILE J 68 -44.39 39.00 2.59
N GLY J 69 -45.27 38.67 3.53
CA GLY J 69 -46.51 38.03 3.18
C GLY J 69 -47.38 39.00 2.39
N ALA J 70 -47.55 40.20 2.93
CA ALA J 70 -48.34 41.23 2.26
C ALA J 70 -47.88 41.45 0.84
N GLN J 71 -46.57 41.55 0.64
CA GLN J 71 -46.01 41.79 -0.67
C GLN J 71 -46.25 40.59 -1.57
N LEU J 72 -45.93 39.41 -1.04
CA LEU J 72 -46.12 38.16 -1.77
C LEU J 72 -47.57 38.05 -2.25
N LEU J 73 -48.52 38.46 -1.42
CA LEU J 73 -49.92 38.38 -1.81
C LEU J 73 -50.18 39.35 -2.93
N LYS J 74 -49.90 40.62 -2.66
CA LYS J 74 -50.10 41.69 -3.62
C LYS J 74 -49.57 41.33 -5.01
N GLU J 75 -48.38 40.71 -5.06
CA GLU J 75 -47.79 40.31 -6.32
C GLU J 75 -48.74 39.36 -7.06
N VAL J 76 -48.85 38.14 -6.53
CA VAL J 76 -49.71 37.13 -7.14
C VAL J 76 -51.13 37.65 -7.39
N ALA J 77 -51.66 38.47 -6.51
CA ALA J 77 -53.00 38.97 -6.70
C ALA J 77 -53.10 39.87 -7.92
N SER J 78 -52.12 40.74 -8.08
CA SER J 78 -52.09 41.69 -9.19
C SER J 78 -51.88 41.03 -10.53
N LYS J 79 -51.15 39.92 -10.57
CA LYS J 79 -50.91 39.24 -11.84
C LYS J 79 -52.20 38.62 -12.40
N THR J 80 -53.33 39.22 -12.03
CA THR J 80 -54.67 38.80 -12.45
C THR J 80 -55.20 39.98 -13.23
N ASN J 81 -54.98 41.16 -12.68
CA ASN J 81 -55.37 42.41 -13.29
C ASN J 81 -54.45 42.54 -14.50
N ASP J 82 -53.27 41.94 -14.39
CA ASP J 82 -52.26 41.92 -15.44
C ASP J 82 -52.62 41.07 -16.63
N VAL J 83 -53.58 40.17 -16.46
CA VAL J 83 -53.98 39.29 -17.55
C VAL J 83 -55.46 39.38 -17.86
N ALA J 84 -56.18 40.28 -17.18
CA ALA J 84 -57.62 40.43 -17.39
C ALA J 84 -58.11 41.82 -17.05
N GLY J 85 -57.22 42.63 -16.49
CA GLY J 85 -57.57 44.00 -16.15
C GLY J 85 -58.63 44.14 -15.08
N ASP J 86 -58.72 43.14 -14.20
CA ASP J 86 -59.68 43.14 -13.10
C ASP J 86 -59.59 41.88 -12.25
N GLY J 87 -60.30 41.90 -11.13
CA GLY J 87 -60.31 40.74 -10.24
C GLY J 87 -59.09 40.56 -9.38
N THR J 88 -58.36 41.64 -9.15
CA THR J 88 -57.17 41.53 -8.32
C THR J 88 -57.64 41.45 -6.87
N THR J 89 -58.63 42.25 -6.50
CA THR J 89 -59.20 42.26 -5.15
C THR J 89 -59.87 40.91 -4.86
N THR J 90 -60.69 40.45 -5.79
CA THR J 90 -61.37 39.16 -5.65
C THR J 90 -60.37 38.04 -5.39
N ALA J 91 -59.24 38.07 -6.06
CA ALA J 91 -58.23 37.03 -5.86
C ALA J 91 -57.68 37.08 -4.44
N THR J 92 -57.61 38.30 -3.89
CA THR J 92 -57.09 38.51 -2.53
C THR J 92 -58.02 37.85 -1.52
N VAL J 93 -59.31 38.22 -1.60
CA VAL J 93 -60.30 37.64 -0.72
C VAL J 93 -60.23 36.10 -0.72
N LEU J 94 -60.27 35.48 -1.90
CA LEU J 94 -60.19 34.03 -2.01
C LEU J 94 -58.92 33.52 -1.37
N ALA J 95 -57.83 34.24 -1.58
CA ALA J 95 -56.55 33.81 -1.03
C ALA J 95 -56.56 33.85 0.49
N GLN J 96 -57.13 34.90 1.07
CA GLN J 96 -57.19 35.02 2.53
C GLN J 96 -57.81 33.74 3.09
N ALA J 97 -59.03 33.45 2.62
CA ALA J 97 -59.80 32.28 3.03
C ALA J 97 -58.97 31.02 2.88
N ILE J 98 -58.51 30.76 1.67
CA ILE J 98 -57.71 29.56 1.48
C ILE J 98 -56.52 29.45 2.45
N VAL J 99 -55.86 30.57 2.74
CA VAL J 99 -54.72 30.56 3.66
C VAL J 99 -55.15 30.22 5.09
N ARG J 100 -56.21 30.89 5.54
CA ARG J 100 -56.77 30.66 6.89
C ARG J 100 -57.05 29.17 7.12
N GLU J 101 -58.11 28.68 6.48
CA GLU J 101 -58.52 27.28 6.60
C GLU J 101 -57.35 26.34 6.42
N GLY J 102 -56.50 26.64 5.46
CA GLY J 102 -55.37 25.78 5.21
C GLY J 102 -54.48 25.66 6.43
N LEU J 103 -54.09 26.80 6.99
CA LEU J 103 -53.19 26.79 8.13
C LEU J 103 -53.88 26.18 9.36
N LYS J 104 -55.19 26.40 9.48
CA LYS J 104 -55.95 25.82 10.58
C LYS J 104 -55.84 24.30 10.59
N ASN J 105 -56.23 23.70 9.46
CA ASN J 105 -56.17 22.27 9.29
C ASN J 105 -54.75 21.72 9.37
N VAL J 106 -53.79 22.52 8.93
CA VAL J 106 -52.38 22.07 9.00
C VAL J 106 -52.00 22.03 10.48
N ALA J 107 -52.55 22.96 11.24
CA ALA J 107 -52.31 23.05 12.68
C ALA J 107 -53.05 21.96 13.44
N ALA J 108 -54.06 21.38 12.79
CA ALA J 108 -54.84 20.32 13.39
C ALA J 108 -54.26 18.97 13.03
N GLY J 109 -53.20 18.98 12.22
CA GLY J 109 -52.54 17.73 11.88
C GLY J 109 -52.66 17.30 10.45
N ALA J 110 -53.35 18.10 9.64
CA ALA J 110 -53.50 17.75 8.23
C ALA J 110 -52.16 17.88 7.51
N ASN J 111 -51.94 17.05 6.49
CA ASN J 111 -50.70 17.10 5.70
C ASN J 111 -50.84 18.21 4.68
N PRO J 112 -49.88 19.15 4.69
CA PRO J 112 -49.90 20.28 3.76
C PRO J 112 -50.00 19.85 2.29
N LEU J 113 -49.12 18.95 1.87
CA LEU J 113 -49.12 18.50 0.50
C LEU J 113 -50.49 17.96 0.10
N ALA J 114 -51.04 17.06 0.92
CA ALA J 114 -52.36 16.48 0.64
C ALA J 114 -53.39 17.60 0.49
N LEU J 115 -53.31 18.60 1.37
CA LEU J 115 -54.25 19.73 1.31
C LEU J 115 -54.11 20.41 -0.04
N LYS J 116 -52.87 20.53 -0.48
CA LYS J 116 -52.57 21.17 -1.76
C LYS J 116 -53.19 20.35 -2.88
N ARG J 117 -52.78 19.09 -3.02
CA ARG J 117 -53.30 18.21 -4.05
C ARG J 117 -54.81 18.42 -4.17
N GLY J 118 -55.47 18.51 -3.01
CA GLY J 118 -56.90 18.69 -2.98
C GLY J 118 -57.36 20.07 -3.38
N ILE J 119 -56.62 21.10 -2.98
CA ILE J 119 -56.97 22.47 -3.33
C ILE J 119 -56.88 22.62 -4.85
N GLU J 120 -55.91 21.94 -5.43
CA GLU J 120 -55.70 21.98 -6.87
C GLU J 120 -56.86 21.31 -7.60
N LYS J 121 -57.10 20.04 -7.27
CA LYS J 121 -58.21 19.32 -7.90
C LYS J 121 -59.50 20.14 -7.78
N ALA J 122 -59.69 20.77 -6.64
CA ALA J 122 -60.88 21.56 -6.42
C ALA J 122 -60.94 22.68 -7.45
N VAL J 123 -59.84 23.43 -7.57
CA VAL J 123 -59.82 24.55 -8.50
C VAL J 123 -60.11 24.07 -9.90
N GLU J 124 -59.40 23.03 -10.35
CA GLU J 124 -59.65 22.47 -11.67
C GLU J 124 -61.16 22.36 -11.89
N ALA J 125 -61.80 21.53 -11.08
CA ALA J 125 -63.24 21.33 -11.17
C ALA J 125 -64.01 22.66 -11.20
N ALA J 126 -63.56 23.62 -10.42
CA ALA J 126 -64.21 24.91 -10.36
C ALA J 126 -64.05 25.66 -11.68
N VAL J 127 -62.83 25.68 -12.19
CA VAL J 127 -62.56 26.36 -13.45
C VAL J 127 -63.42 25.72 -14.53
N GLU J 128 -63.36 24.39 -14.58
CA GLU J 128 -64.13 23.66 -15.58
C GLU J 128 -65.60 24.04 -15.61
N LYS J 129 -66.13 24.36 -14.45
CA LYS J 129 -67.52 24.78 -14.34
C LYS J 129 -67.66 26.21 -14.84
N ILE J 130 -66.65 27.04 -14.57
CA ILE J 130 -66.66 28.43 -15.00
C ILE J 130 -66.77 28.41 -16.52
N LYS J 131 -65.94 27.57 -17.14
CA LYS J 131 -65.92 27.45 -18.60
C LYS J 131 -67.28 27.07 -19.11
N ALA J 132 -67.71 25.87 -18.72
CA ALA J 132 -68.99 25.33 -19.12
C ALA J 132 -70.15 26.25 -18.79
N LEU J 133 -69.86 27.33 -18.08
CA LEU J 133 -70.91 28.26 -17.69
C LEU J 133 -70.81 29.60 -18.42
N ALA J 134 -69.71 29.77 -19.18
CA ALA J 134 -69.44 31.01 -19.92
C ALA J 134 -70.12 31.07 -21.28
N ILE J 135 -70.70 32.21 -21.64
CA ILE J 135 -71.36 32.49 -22.93
C ILE J 135 -70.30 33.03 -23.91
N PRO J 136 -70.16 32.44 -25.12
CA PRO J 136 -69.15 32.95 -26.05
C PRO J 136 -69.48 34.35 -26.57
N VAL J 137 -68.45 35.17 -26.72
CA VAL J 137 -68.61 36.53 -27.24
C VAL J 137 -67.71 36.66 -28.45
N GLU J 138 -68.29 36.44 -29.63
CA GLU J 138 -67.53 36.50 -30.89
C GLU J 138 -68.29 37.22 -32.00
N ASP J 139 -69.60 37.37 -31.83
CA ASP J 139 -70.42 38.06 -32.81
C ASP J 139 -70.05 39.53 -32.82
N ARG J 140 -70.66 40.26 -33.74
CA ARG J 140 -70.42 41.68 -33.84
C ARG J 140 -71.22 42.31 -32.71
N LYS J 141 -72.51 41.95 -32.65
CA LYS J 141 -73.39 42.49 -31.62
C LYS J 141 -72.87 42.11 -30.26
N ALA J 142 -72.44 40.87 -30.12
CA ALA J 142 -71.91 40.37 -28.86
C ALA J 142 -70.85 41.34 -28.34
N ILE J 143 -69.71 41.35 -29.02
CA ILE J 143 -68.59 42.19 -28.65
C ILE J 143 -68.99 43.63 -28.38
N GLU J 144 -69.93 44.16 -29.16
CA GLU J 144 -70.33 45.53 -28.95
C GLU J 144 -71.10 45.69 -27.65
N GLU J 145 -72.11 44.84 -27.46
CA GLU J 145 -72.94 44.87 -26.27
C GLU J 145 -72.13 44.74 -24.99
N VAL J 146 -71.21 43.76 -24.97
CA VAL J 146 -70.34 43.58 -23.81
C VAL J 146 -69.68 44.90 -23.46
N ALA J 147 -68.91 45.42 -24.42
CA ALA J 147 -68.21 46.69 -24.26
C ALA J 147 -69.16 47.84 -23.92
N THR J 148 -70.30 47.85 -24.59
CA THR J 148 -71.30 48.89 -24.37
C THR J 148 -71.65 48.96 -22.88
N ILE J 149 -71.82 47.79 -22.26
CA ILE J 149 -72.17 47.71 -20.85
C ILE J 149 -71.01 48.12 -19.95
N SER J 150 -69.87 47.43 -20.08
CA SER J 150 -68.69 47.73 -19.27
C SER J 150 -68.23 49.19 -19.39
N ALA J 151 -68.74 49.88 -20.40
CA ALA J 151 -68.38 51.28 -20.59
C ALA J 151 -69.53 52.19 -20.16
N ASN J 152 -70.75 51.66 -20.27
CA ASN J 152 -71.95 52.41 -19.94
C ASN J 152 -72.02 53.54 -20.95
N ASP J 153 -71.86 53.18 -22.22
CA ASP J 153 -71.89 54.13 -23.34
C ASP J 153 -72.03 53.31 -24.63
N PRO J 154 -73.21 53.35 -25.26
CA PRO J 154 -73.45 52.61 -26.50
C PRO J 154 -72.51 53.03 -27.63
N GLU J 155 -72.08 54.29 -27.58
CA GLU J 155 -71.17 54.85 -28.57
C GLU J 155 -69.79 54.24 -28.45
N VAL J 156 -69.16 54.43 -27.30
CA VAL J 156 -67.83 53.88 -27.06
C VAL J 156 -67.91 52.37 -27.32
N GLY J 157 -69.09 51.81 -27.11
CA GLY J 157 -69.27 50.39 -27.35
C GLY J 157 -68.98 50.12 -28.81
N LYS J 158 -69.60 50.92 -29.67
CA LYS J 158 -69.41 50.80 -31.10
C LYS J 158 -67.94 50.91 -31.43
N LEU J 159 -67.34 52.03 -31.05
CA LEU J 159 -65.91 52.29 -31.30
C LEU J 159 -65.06 51.11 -30.90
N ILE J 160 -65.20 50.66 -29.65
CA ILE J 160 -64.42 49.54 -29.15
C ILE J 160 -64.66 48.34 -30.05
N ALA J 161 -65.89 48.16 -30.48
CA ALA J 161 -66.23 47.04 -31.35
C ALA J 161 -65.49 47.17 -32.66
N ASP J 162 -65.65 48.34 -33.30
CA ASP J 162 -65.00 48.62 -34.58
C ASP J 162 -63.49 48.46 -34.44
N ALA J 163 -62.91 49.14 -33.44
CA ALA J 163 -61.48 49.07 -33.21
C ALA J 163 -61.01 47.62 -33.22
N MET J 164 -61.77 46.75 -32.55
CA MET J 164 -61.43 45.33 -32.49
C MET J 164 -61.66 44.69 -33.85
N GLU J 165 -62.79 45.02 -34.46
CA GLU J 165 -63.19 44.50 -35.77
C GLU J 165 -62.05 44.59 -36.78
N LYS J 166 -61.41 45.75 -36.82
CA LYS J 166 -60.33 46.02 -37.77
C LYS J 166 -58.93 45.59 -37.36
N VAL J 167 -58.48 45.99 -36.18
CA VAL J 167 -57.13 45.63 -35.74
C VAL J 167 -56.97 44.14 -35.43
N GLY J 168 -58.07 43.47 -35.10
CA GLY J 168 -57.99 42.05 -34.83
C GLY J 168 -57.72 41.68 -33.39
N LYS J 169 -57.82 40.39 -33.09
CA LYS J 169 -57.59 39.87 -31.75
C LYS J 169 -56.21 40.21 -31.23
N GLU J 170 -55.18 39.83 -31.96
CA GLU J 170 -53.82 40.12 -31.53
C GLU J 170 -53.36 41.50 -31.97
N GLY J 171 -54.32 42.38 -32.29
CA GLY J 171 -53.97 43.72 -32.72
C GLY J 171 -53.69 44.67 -31.56
N ILE J 172 -53.56 45.95 -31.87
CA ILE J 172 -53.28 46.97 -30.86
C ILE J 172 -54.40 48.00 -30.74
N ILE J 173 -54.88 48.21 -29.52
CA ILE J 173 -55.92 49.18 -29.26
C ILE J 173 -55.54 49.94 -28.01
N THR J 174 -55.82 51.24 -27.99
CA THR J 174 -55.46 52.08 -26.85
C THR J 174 -56.49 53.19 -26.65
N VAL J 175 -56.54 53.71 -25.43
CA VAL J 175 -57.45 54.77 -25.11
C VAL J 175 -56.56 55.94 -24.77
N GLU J 176 -56.69 57.04 -25.49
CA GLU J 176 -55.85 58.19 -25.24
C GLU J 176 -56.66 59.39 -24.79
N GLU J 177 -56.07 60.22 -23.94
CA GLU J 177 -56.75 61.41 -23.44
C GLU J 177 -56.70 62.49 -24.50
N SER J 178 -57.73 62.51 -25.33
CA SER J 178 -57.83 63.50 -26.39
C SER J 178 -57.87 64.88 -25.77
N LYS J 179 -57.87 65.90 -26.62
CA LYS J 179 -57.92 67.29 -26.16
C LYS J 179 -59.28 67.82 -26.57
N SER J 180 -59.85 67.17 -27.60
CA SER J 180 -61.15 67.52 -28.13
C SER J 180 -62.24 67.11 -27.15
N LEU J 181 -63.38 67.78 -27.20
CA LEU J 181 -64.49 67.48 -26.30
C LEU J 181 -65.37 66.37 -26.85
N GLU J 182 -64.86 65.65 -27.84
CA GLU J 182 -65.61 64.55 -28.46
C GLU J 182 -64.76 63.30 -28.50
N THR J 183 -65.40 62.15 -28.41
CA THR J 183 -64.69 60.88 -28.44
C THR J 183 -64.73 60.31 -29.85
N GLU J 184 -63.55 60.01 -30.39
CA GLU J 184 -63.44 59.49 -31.76
C GLU J 184 -62.50 58.30 -31.84
N LEU J 185 -62.58 57.58 -32.96
CA LEU J 185 -61.72 56.44 -33.20
C LEU J 185 -60.85 56.74 -34.43
N LYS J 186 -59.52 56.67 -34.26
CA LYS J 186 -58.60 56.97 -35.35
C LYS J 186 -57.57 55.85 -35.47
N PHE J 187 -57.21 55.47 -36.69
CA PHE J 187 -56.24 54.41 -36.89
C PHE J 187 -54.87 54.92 -37.30
N VAL J 188 -54.06 55.32 -36.32
CA VAL J 188 -52.72 55.82 -36.58
C VAL J 188 -51.75 54.64 -36.80
N GLU J 189 -50.45 54.93 -36.87
CA GLU J 189 -49.39 53.92 -37.06
C GLU J 189 -48.65 53.77 -35.73
N GLY J 190 -47.97 52.65 -35.55
CA GLY J 190 -47.26 52.44 -34.31
C GLY J 190 -46.85 51.01 -34.06
N TYR J 191 -46.47 50.73 -32.83
CA TYR J 191 -46.03 49.39 -32.45
C TYR J 191 -46.21 49.26 -30.93
N GLN J 192 -45.89 48.09 -30.38
CA GLN J 192 -46.04 47.82 -28.95
C GLN J 192 -45.39 46.51 -28.56
N PHE J 193 -44.53 46.54 -27.56
CA PHE J 193 -43.85 45.33 -27.09
C PHE J 193 -43.97 45.18 -25.57
N ASP J 194 -43.70 43.97 -25.09
CA ASP J 194 -43.82 43.68 -23.66
C ASP J 194 -42.58 43.94 -22.81
N LYS J 195 -42.34 45.21 -22.55
CA LYS J 195 -41.24 45.65 -21.71
C LYS J 195 -41.65 47.01 -21.19
N GLY J 196 -41.24 47.35 -19.97
CA GLY J 196 -41.62 48.62 -19.40
C GLY J 196 -40.45 49.40 -18.85
N TYR J 197 -40.76 50.47 -18.12
CA TYR J 197 -39.72 51.30 -17.58
C TYR J 197 -38.70 50.61 -16.70
N ILE J 198 -37.43 50.79 -17.08
CA ILE J 198 -36.28 50.21 -16.38
C ILE J 198 -36.19 50.73 -14.95
N SER J 199 -36.83 51.87 -14.68
CA SER J 199 -36.85 52.45 -13.34
C SER J 199 -38.18 53.11 -13.13
N PRO J 200 -38.81 52.82 -12.00
CA PRO J 200 -40.11 53.40 -11.68
C PRO J 200 -40.10 54.91 -11.54
N TYR J 201 -38.90 55.50 -11.60
CA TYR J 201 -38.77 56.95 -11.47
C TYR J 201 -39.16 57.68 -12.75
N PHE J 202 -39.21 56.94 -13.86
CA PHE J 202 -39.57 57.53 -15.15
C PHE J 202 -41.07 57.76 -15.26
N VAL J 203 -41.82 57.33 -14.24
CA VAL J 203 -43.27 57.47 -14.23
C VAL J 203 -43.77 58.90 -14.30
N THR J 204 -44.73 59.13 -15.18
CA THR J 204 -45.34 60.44 -15.39
C THR J 204 -46.50 60.64 -14.42
N ASN J 205 -47.38 59.64 -14.38
CA ASN J 205 -48.55 59.70 -13.51
C ASN J 205 -48.37 58.70 -12.36
N PRO J 206 -48.24 59.21 -11.12
CA PRO J 206 -48.06 58.37 -9.92
C PRO J 206 -49.21 57.37 -9.72
N GLU J 207 -50.43 57.86 -9.90
CA GLU J 207 -51.62 57.04 -9.75
C GLU J 207 -51.62 55.84 -10.70
N THR J 208 -51.68 56.12 -12.00
CA THR J 208 -51.68 55.06 -13.01
C THR J 208 -50.35 54.31 -13.12
N MET J 209 -49.29 54.88 -12.57
CA MET J 209 -47.97 54.25 -12.61
C MET J 209 -47.45 54.07 -14.04
N GLU J 210 -47.77 55.02 -14.89
CA GLU J 210 -47.35 54.98 -16.28
C GLU J 210 -46.39 56.14 -16.55
N ALA J 211 -45.72 56.06 -17.70
CA ALA J 211 -44.81 57.09 -18.13
C ALA J 211 -45.36 57.48 -19.50
N VAL J 212 -45.95 58.67 -19.60
CA VAL J 212 -46.47 59.15 -20.87
C VAL J 212 -45.60 60.27 -21.48
N LEU J 213 -45.13 60.04 -22.71
CA LEU J 213 -44.29 61.01 -23.43
C LEU J 213 -45.00 61.44 -24.70
N GLU J 214 -45.15 62.75 -24.92
CA GLU J 214 -45.82 63.22 -26.14
C GLU J 214 -44.88 63.91 -27.16
N ASP J 215 -44.98 63.48 -28.43
CA ASP J 215 -44.14 64.00 -29.49
C ASP J 215 -42.71 63.87 -29.06
N ALA J 216 -42.26 62.63 -28.91
CA ALA J 216 -40.90 62.39 -28.46
C ALA J 216 -40.08 61.63 -29.47
N PHE J 217 -38.77 61.69 -29.32
CA PHE J 217 -37.87 61.00 -30.22
C PHE J 217 -37.71 59.62 -29.64
N ILE J 218 -37.35 58.68 -30.50
CA ILE J 218 -37.18 57.32 -30.06
C ILE J 218 -35.79 56.82 -30.42
N LEU J 219 -34.85 57.09 -29.54
CA LEU J 219 -33.49 56.64 -29.71
C LEU J 219 -33.42 55.12 -29.64
N ILE J 220 -33.29 54.48 -30.78
CA ILE J 220 -33.26 53.02 -30.82
C ILE J 220 -31.84 52.45 -30.78
N VAL J 221 -31.36 52.09 -29.60
CA VAL J 221 -30.02 51.54 -29.44
C VAL J 221 -30.04 50.01 -29.41
N GLU J 222 -28.87 49.38 -29.53
CA GLU J 222 -28.81 47.93 -29.54
C GLU J 222 -27.74 47.43 -28.57
N LYS J 223 -26.97 48.36 -28.03
CA LYS J 223 -25.90 48.05 -27.09
C LYS J 223 -26.41 48.32 -25.67
N LYS J 224 -25.59 47.97 -24.69
CA LYS J 224 -25.93 48.23 -23.30
C LYS J 224 -25.40 49.62 -22.95
N VAL J 225 -26.28 50.62 -22.99
CA VAL J 225 -25.89 51.98 -22.68
C VAL J 225 -25.60 52.14 -21.18
N SER J 226 -24.32 52.17 -20.81
CA SER J 226 -23.94 52.30 -19.41
C SER J 226 -22.95 53.44 -19.16
N ASN J 227 -22.37 53.97 -20.24
CA ASN J 227 -21.41 55.06 -20.13
C ASN J 227 -22.06 56.40 -20.48
N VAL J 228 -21.84 57.39 -19.63
CA VAL J 228 -22.38 58.72 -19.84
C VAL J 228 -21.80 59.40 -21.08
N ARG J 229 -20.48 59.30 -21.23
CA ARG J 229 -19.81 59.93 -22.35
C ARG J 229 -20.43 59.61 -23.71
N GLU J 230 -20.73 58.33 -23.96
CA GLU J 230 -21.31 57.95 -25.24
C GLU J 230 -22.79 58.31 -25.38
N LEU J 231 -23.38 58.89 -24.34
CA LEU J 231 -24.79 59.26 -24.38
C LEU J 231 -25.02 60.77 -24.36
N LEU J 232 -24.19 61.49 -23.62
CA LEU J 232 -24.30 62.94 -23.51
C LEU J 232 -24.55 63.67 -24.82
N PRO J 233 -23.77 63.34 -25.88
CA PRO J 233 -23.98 64.01 -27.16
C PRO J 233 -25.44 64.07 -27.63
N ILE J 234 -26.05 62.90 -27.86
CA ILE J 234 -27.44 62.88 -28.32
C ILE J 234 -28.38 63.41 -27.27
N LEU J 235 -28.07 63.09 -26.02
CA LEU J 235 -28.89 63.54 -24.91
C LEU J 235 -29.02 65.06 -24.94
N GLU J 236 -27.97 65.73 -25.40
CA GLU J 236 -27.95 67.18 -25.48
C GLU J 236 -28.68 67.76 -26.66
N GLN J 237 -28.51 67.16 -27.83
CA GLN J 237 -29.18 67.63 -29.02
C GLN J 237 -30.69 67.63 -28.72
N VAL J 238 -31.16 66.51 -28.16
CA VAL J 238 -32.57 66.35 -27.82
C VAL J 238 -33.03 67.33 -26.75
N ALA J 239 -32.15 67.60 -25.80
CA ALA J 239 -32.43 68.52 -24.71
C ALA J 239 -32.87 69.89 -25.25
N GLN J 240 -32.12 70.41 -26.23
CA GLN J 240 -32.44 71.71 -26.79
C GLN J 240 -33.66 71.70 -27.69
N THR J 241 -34.19 70.51 -27.95
CA THR J 241 -35.37 70.35 -28.78
C THR J 241 -36.61 70.70 -28.00
N GLY J 242 -36.50 70.57 -26.68
CA GLY J 242 -37.62 70.86 -25.82
C GLY J 242 -38.59 69.69 -25.81
N LYS J 243 -38.25 68.68 -26.60
CA LYS J 243 -39.08 67.49 -26.71
C LYS J 243 -38.58 66.35 -25.83
N PRO J 244 -39.49 65.42 -25.47
CA PRO J 244 -39.17 64.27 -24.63
C PRO J 244 -38.46 63.18 -25.42
N LEU J 245 -37.85 62.23 -24.71
CA LEU J 245 -37.11 61.16 -25.35
C LEU J 245 -37.35 59.76 -24.78
N LEU J 246 -37.57 58.81 -25.67
CA LEU J 246 -37.75 57.41 -25.26
C LEU J 246 -36.52 56.64 -25.73
N ILE J 247 -35.79 56.05 -24.81
CA ILE J 247 -34.61 55.26 -25.15
C ILE J 247 -35.02 53.78 -25.13
N ILE J 248 -34.60 53.04 -26.14
CA ILE J 248 -34.95 51.62 -26.24
C ILE J 248 -33.71 50.76 -26.48
N ALA J 249 -32.74 50.82 -25.59
CA ALA J 249 -31.52 50.04 -25.72
C ALA J 249 -31.80 48.65 -25.20
N GLU J 250 -30.83 47.74 -25.28
CA GLU J 250 -31.09 46.40 -24.75
C GLU J 250 -31.08 46.48 -23.23
N ASP J 251 -30.48 47.54 -22.71
CA ASP J 251 -30.44 47.82 -21.28
C ASP J 251 -29.72 49.15 -21.02
N VAL J 252 -30.15 49.83 -19.97
CA VAL J 252 -29.57 51.10 -19.57
C VAL J 252 -29.21 50.94 -18.11
N GLU J 253 -27.91 51.00 -17.80
CA GLU J 253 -27.43 50.82 -16.44
C GLU J 253 -26.38 51.84 -16.00
N GLY J 254 -25.83 51.63 -14.79
CA GLY J 254 -24.80 52.49 -14.25
C GLY J 254 -25.05 53.98 -14.38
N GLU J 255 -24.01 54.71 -14.75
CA GLU J 255 -24.09 56.16 -14.92
C GLU J 255 -25.24 56.55 -15.82
N ALA J 256 -25.30 55.90 -16.97
CA ALA J 256 -26.34 56.16 -17.96
C ALA J 256 -27.73 56.22 -17.34
N LEU J 257 -28.13 55.14 -16.70
CA LEU J 257 -29.44 55.07 -16.10
C LEU J 257 -29.58 56.11 -15.00
N ALA J 258 -28.53 56.29 -14.21
CA ALA J 258 -28.54 57.27 -13.12
C ALA J 258 -28.82 58.68 -13.63
N THR J 259 -28.05 59.10 -14.62
CA THR J 259 -28.20 60.43 -15.21
C THR J 259 -29.61 60.65 -15.74
N LEU J 260 -30.08 59.71 -16.55
CA LEU J 260 -31.41 59.79 -17.15
C LEU J 260 -32.46 60.03 -16.09
N VAL J 261 -32.35 59.32 -14.98
CA VAL J 261 -33.31 59.45 -13.89
C VAL J 261 -33.24 60.81 -13.22
N VAL J 262 -32.03 61.26 -12.91
CA VAL J 262 -31.83 62.53 -12.25
C VAL J 262 -32.41 63.73 -13.00
N ASN J 263 -31.99 63.89 -14.26
CA ASN J 263 -32.48 64.99 -15.06
C ASN J 263 -34.00 64.92 -15.25
N LYS J 264 -34.50 63.69 -15.24
CA LYS J 264 -35.93 63.41 -15.39
C LYS J 264 -36.69 63.98 -14.19
N LEU J 265 -36.24 63.59 -13.00
CA LEU J 265 -36.85 64.03 -11.75
C LEU J 265 -36.49 65.48 -11.47
N ARG J 266 -35.53 65.98 -12.23
CA ARG J 266 -35.05 67.33 -12.07
C ARG J 266 -35.86 68.30 -12.95
N GLY J 267 -36.12 67.88 -14.18
CA GLY J 267 -36.87 68.73 -15.09
C GLY J 267 -35.99 69.07 -16.28
N THR J 268 -34.75 68.60 -16.23
CA THR J 268 -33.79 68.86 -17.29
C THR J 268 -34.22 68.22 -18.60
N LEU J 269 -34.55 66.93 -18.53
CA LEU J 269 -34.98 66.18 -19.70
C LEU J 269 -35.99 65.13 -19.29
N SER J 270 -37.17 65.10 -19.93
CA SER J 270 -38.16 64.09 -19.60
C SER J 270 -37.93 62.87 -20.48
N VAL J 271 -37.29 61.85 -19.91
CA VAL J 271 -37.02 60.62 -20.63
C VAL J 271 -37.57 59.40 -19.92
N ALA J 272 -37.33 58.25 -20.53
CA ALA J 272 -37.76 56.97 -20.02
C ALA J 272 -37.01 55.89 -20.81
N ALA J 273 -36.37 54.97 -20.09
CA ALA J 273 -35.63 53.88 -20.71
C ALA J 273 -36.36 52.54 -20.57
N VAL J 274 -36.44 51.80 -21.68
CA VAL J 274 -37.11 50.51 -21.74
C VAL J 274 -36.18 49.51 -22.38
N LYS J 275 -36.19 48.27 -21.93
CA LYS J 275 -35.32 47.28 -22.54
C LYS J 275 -35.85 46.90 -23.92
N ALA J 276 -34.98 46.34 -24.75
CA ALA J 276 -35.36 45.96 -26.11
C ALA J 276 -36.29 44.76 -26.14
N PRO J 277 -37.36 44.82 -26.95
CA PRO J 277 -38.33 43.74 -27.09
C PRO J 277 -37.70 42.45 -27.60
N GLY J 278 -38.36 41.32 -27.33
CA GLY J 278 -37.86 40.04 -27.80
C GLY J 278 -36.51 39.67 -27.27
N PHE J 279 -35.96 38.56 -27.76
CA PHE J 279 -34.65 38.09 -27.33
C PHE J 279 -33.92 37.46 -28.50
N GLY J 280 -32.62 37.71 -28.59
CA GLY J 280 -31.82 37.16 -29.68
C GLY J 280 -32.08 37.75 -31.04
N ASP J 281 -31.91 36.95 -32.08
CA ASP J 281 -32.14 37.39 -33.46
C ASP J 281 -33.51 38.06 -33.53
N ARG J 282 -34.45 37.45 -32.84
CA ARG J 282 -35.82 37.91 -32.78
C ARG J 282 -35.88 39.38 -32.42
N ARG J 283 -34.94 39.78 -31.58
CA ARG J 283 -34.89 41.14 -31.11
C ARG J 283 -34.48 42.18 -32.13
N LYS J 284 -33.32 41.99 -32.77
CA LYS J 284 -32.90 42.99 -33.73
C LYS J 284 -33.99 43.18 -34.77
N GLU J 285 -34.64 42.08 -35.13
CA GLU J 285 -35.70 42.13 -36.12
C GLU J 285 -36.86 42.99 -35.67
N MET J 286 -37.12 43.00 -34.36
CA MET J 286 -38.20 43.81 -33.82
C MET J 286 -37.76 45.24 -33.64
N LEU J 287 -36.46 45.44 -33.42
CA LEU J 287 -35.91 46.79 -33.26
C LEU J 287 -36.06 47.55 -34.57
N LYS J 288 -35.97 46.82 -35.67
CA LYS J 288 -36.12 47.41 -36.99
C LYS J 288 -37.58 47.78 -37.21
N ASP J 289 -38.47 46.92 -36.75
CA ASP J 289 -39.91 47.16 -36.88
C ASP J 289 -40.24 48.50 -36.24
N ILE J 290 -39.53 48.81 -35.15
CA ILE J 290 -39.75 50.06 -34.44
C ILE J 290 -39.17 51.20 -35.28
N ALA J 291 -37.92 51.06 -35.67
CA ALA J 291 -37.27 52.08 -36.50
C ALA J 291 -38.16 52.42 -37.70
N ALA J 292 -38.68 51.38 -38.35
CA ALA J 292 -39.53 51.52 -39.51
C ALA J 292 -40.77 52.37 -39.26
N VAL J 293 -41.50 52.07 -38.19
CA VAL J 293 -42.72 52.81 -37.90
C VAL J 293 -42.40 54.16 -37.28
N THR J 294 -41.21 54.27 -36.72
CA THR J 294 -40.81 55.51 -36.08
C THR J 294 -40.14 56.49 -37.03
N GLY J 295 -39.29 55.97 -37.90
CA GLY J 295 -38.56 56.82 -38.83
C GLY J 295 -37.20 57.07 -38.19
N GLY J 296 -36.68 56.03 -37.54
CA GLY J 296 -35.40 56.11 -36.86
C GLY J 296 -34.55 54.98 -37.37
N THR J 297 -33.37 54.78 -36.78
CA THR J 297 -32.48 53.73 -37.24
C THR J 297 -31.79 53.03 -36.11
N VAL J 298 -31.69 51.72 -36.23
CA VAL J 298 -31.07 50.91 -35.21
C VAL J 298 -29.58 51.19 -35.08
N ILE J 299 -29.23 51.94 -34.05
CA ILE J 299 -27.84 52.27 -33.77
C ILE J 299 -27.14 51.00 -33.27
N SER J 300 -26.78 50.12 -34.20
CA SER J 300 -26.12 48.87 -33.85
C SER J 300 -24.60 48.98 -33.99
N GLU J 301 -23.88 48.52 -32.97
CA GLU J 301 -22.42 48.56 -32.99
C GLU J 301 -21.93 47.61 -34.09
N GLU J 302 -22.78 46.64 -34.43
CA GLU J 302 -22.47 45.65 -35.46
C GLU J 302 -22.06 46.33 -36.75
N LEU J 303 -22.99 47.09 -37.33
CA LEU J 303 -22.71 47.80 -38.58
C LEU J 303 -21.77 48.96 -38.27
N GLY J 304 -20.91 48.76 -37.28
CA GLY J 304 -19.95 49.77 -36.87
C GLY J 304 -20.45 51.20 -36.78
N PHE J 305 -20.81 51.62 -35.57
CA PHE J 305 -21.29 52.99 -35.36
C PHE J 305 -21.41 53.36 -33.89
N LYS J 306 -20.64 54.36 -33.47
CA LYS J 306 -20.64 54.82 -32.10
C LYS J 306 -21.85 55.70 -31.76
N LEU J 307 -22.28 55.64 -30.50
CA LEU J 307 -23.42 56.40 -30.03
C LEU J 307 -23.19 57.90 -30.00
N GLU J 308 -22.03 58.32 -29.50
CA GLU J 308 -21.71 59.74 -29.43
C GLU J 308 -21.90 60.40 -30.79
N ASN J 309 -21.63 59.65 -31.85
CA ASN J 309 -21.76 60.18 -33.19
C ASN J 309 -23.18 60.01 -33.72
N ALA J 310 -24.17 60.01 -32.84
CA ALA J 310 -25.53 59.84 -33.32
C ALA J 310 -26.24 61.17 -33.47
N THR J 311 -26.83 61.36 -34.64
CA THR J 311 -27.52 62.58 -35.00
C THR J 311 -28.95 62.60 -34.51
N LEU J 312 -29.40 63.80 -34.16
CA LEU J 312 -30.76 64.01 -33.69
C LEU J 312 -31.72 63.76 -34.86
N SER J 313 -31.35 62.86 -35.76
CA SER J 313 -32.17 62.56 -36.93
C SER J 313 -32.17 61.06 -37.23
N MET J 314 -31.26 60.33 -36.59
CA MET J 314 -31.17 58.89 -36.77
C MET J 314 -32.24 58.24 -35.91
N LEU J 315 -32.77 59.02 -34.99
CA LEU J 315 -33.79 58.56 -34.07
C LEU J 315 -35.17 58.99 -34.56
N GLY J 316 -36.04 58.02 -34.75
CA GLY J 316 -37.39 58.32 -35.21
C GLY J 316 -38.19 58.97 -34.10
N ARG J 317 -39.47 59.22 -34.36
CA ARG J 317 -40.32 59.81 -33.34
C ARG J 317 -41.81 59.49 -33.56
N ALA J 318 -42.60 59.70 -32.51
CA ALA J 318 -44.04 59.44 -32.56
C ALA J 318 -44.83 60.42 -31.71
N GLU J 319 -46.10 60.60 -32.06
CA GLU J 319 -46.98 61.53 -31.34
C GLU J 319 -47.13 61.28 -29.84
N ARG J 320 -47.12 60.02 -29.43
CA ARG J 320 -47.23 59.67 -28.01
C ARG J 320 -46.67 58.29 -27.66
N VAL J 321 -45.91 58.24 -26.57
CA VAL J 321 -45.33 57.00 -26.08
C VAL J 321 -45.80 56.75 -24.65
N ARG J 322 -46.39 55.56 -24.43
CA ARG J 322 -46.90 55.16 -23.12
C ARG J 322 -46.12 54.00 -22.53
N ILE J 323 -45.52 54.22 -21.36
CA ILE J 323 -44.74 53.18 -20.74
C ILE J 323 -45.32 52.74 -19.41
N THR J 324 -45.43 51.44 -19.27
CA THR J 324 -45.96 50.76 -18.09
C THR J 324 -44.82 49.92 -17.55
N LYS J 325 -44.96 49.40 -16.34
CA LYS J 325 -43.89 48.59 -15.79
C LYS J 325 -43.78 47.29 -16.55
N ASP J 326 -44.81 47.00 -17.34
CA ASP J 326 -44.83 45.75 -18.09
C ASP J 326 -44.95 45.91 -19.59
N GLU J 327 -45.32 47.11 -20.05
CA GLU J 327 -45.51 47.30 -21.48
C GLU J 327 -45.24 48.70 -22.07
N THR J 328 -44.62 48.71 -23.24
CA THR J 328 -44.33 49.97 -23.92
C THR J 328 -45.23 50.08 -25.15
N THR J 329 -45.79 51.26 -25.38
CA THR J 329 -46.69 51.48 -26.50
C THR J 329 -46.31 52.77 -27.27
N ILE J 330 -46.23 52.65 -28.59
CA ILE J 330 -45.87 53.78 -29.44
C ILE J 330 -47.01 54.16 -30.39
N VAL J 331 -47.69 55.23 -30.06
CA VAL J 331 -48.83 55.72 -30.82
C VAL J 331 -48.45 56.94 -31.64
N GLY J 332 -48.80 56.91 -32.93
CA GLY J 332 -48.49 58.03 -33.80
C GLY J 332 -47.13 57.88 -34.44
N GLY J 333 -46.81 56.67 -34.87
CA GLY J 333 -45.52 56.44 -35.49
C GLY J 333 -45.39 57.34 -36.70
N LYS J 334 -44.23 57.96 -36.85
CA LYS J 334 -44.02 58.87 -37.98
C LYS J 334 -43.00 58.37 -39.01
N GLY J 335 -42.76 57.08 -39.03
CA GLY J 335 -41.84 56.51 -39.99
C GLY J 335 -42.44 56.55 -41.38
N LYS J 336 -41.64 56.26 -42.40
CA LYS J 336 -42.10 56.29 -43.78
C LYS J 336 -43.02 55.11 -44.09
N LYS J 337 -44.25 55.41 -44.50
CA LYS J 337 -45.23 54.38 -44.85
C LYS J 337 -44.59 53.28 -45.69
N GLU J 338 -43.50 53.60 -46.36
CA GLU J 338 -42.80 52.65 -47.20
C GLU J 338 -42.04 51.66 -46.33
N ASP J 339 -41.19 52.17 -45.45
CA ASP J 339 -40.38 51.32 -44.56
C ASP J 339 -41.26 50.33 -43.82
N ILE J 340 -42.44 50.80 -43.46
CA ILE J 340 -43.40 49.98 -42.75
C ILE J 340 -43.83 48.80 -43.62
N GLU J 341 -44.50 49.11 -44.74
CA GLU J 341 -44.95 48.06 -45.65
C GLU J 341 -43.78 47.18 -46.06
N ALA J 342 -42.57 47.69 -45.88
CA ALA J 342 -41.36 46.96 -46.22
C ALA J 342 -41.22 45.77 -45.29
N ARG J 343 -41.42 46.01 -43.99
CA ARG J 343 -41.33 44.94 -43.00
C ARG J 343 -42.49 43.97 -43.19
N ILE J 344 -43.70 44.52 -43.24
CA ILE J 344 -44.92 43.74 -43.44
C ILE J 344 -44.76 42.67 -44.52
N ASN J 345 -44.15 43.04 -45.66
CA ASN J 345 -43.98 42.07 -46.73
C ASN J 345 -42.79 41.14 -46.53
N GLY J 346 -41.67 41.69 -46.09
CA GLY J 346 -40.49 40.87 -45.87
C GLY J 346 -40.76 39.85 -44.79
N ILE J 347 -41.79 40.15 -44.00
CA ILE J 347 -42.20 39.29 -42.91
C ILE J 347 -43.07 38.15 -43.40
N LYS J 348 -43.89 38.43 -44.42
CA LYS J 348 -44.77 37.42 -44.99
C LYS J 348 -43.98 36.43 -45.82
N LYS J 349 -42.94 36.92 -46.49
CA LYS J 349 -42.10 36.08 -47.34
C LYS J 349 -41.38 35.06 -46.46
N GLU J 350 -40.82 35.53 -45.35
CA GLU J 350 -40.11 34.67 -44.42
C GLU J 350 -41.10 33.77 -43.69
N LEU J 351 -42.37 34.11 -43.79
CA LEU J 351 -43.44 33.35 -43.14
C LEU J 351 -43.72 32.06 -43.88
N GLU J 352 -43.47 32.06 -45.19
CA GLU J 352 -43.70 30.90 -46.02
C GLU J 352 -42.52 29.93 -45.93
N THR J 353 -41.36 30.45 -45.58
CA THR J 353 -40.16 29.63 -45.44
C THR J 353 -40.08 29.07 -44.02
N THR J 354 -40.91 29.61 -43.14
CA THR J 354 -40.94 29.16 -41.76
C THR J 354 -41.64 27.82 -41.67
N ASP J 355 -41.19 26.97 -40.75
CA ASP J 355 -41.76 25.65 -40.58
C ASP J 355 -42.21 25.35 -39.15
N SER J 356 -41.52 25.92 -38.16
CA SER J 356 -41.88 25.69 -36.77
C SER J 356 -43.08 26.56 -36.38
N GLU J 357 -44.16 25.89 -36.02
CA GLU J 357 -45.41 26.56 -35.63
C GLU J 357 -45.20 27.72 -34.67
N TYR J 358 -44.25 27.59 -33.74
CA TYR J 358 -43.99 28.64 -32.77
C TYR J 358 -43.50 29.93 -33.42
N ALA J 359 -42.48 29.81 -34.25
CA ALA J 359 -41.93 30.95 -34.93
C ALA J 359 -43.05 31.65 -35.71
N ARG J 360 -43.93 30.86 -36.32
CA ARG J 360 -45.02 31.42 -37.12
C ARG J 360 -45.91 32.36 -36.33
N GLU J 361 -46.41 31.88 -35.20
CA GLU J 361 -47.30 32.67 -34.35
C GLU J 361 -46.69 34.00 -33.97
N LYS J 362 -45.39 33.99 -33.73
CA LYS J 362 -44.70 35.20 -33.33
C LYS J 362 -44.53 36.18 -34.47
N LEU J 363 -44.26 35.69 -35.68
CA LEU J 363 -44.17 36.58 -36.82
C LEU J 363 -45.58 37.14 -36.95
N GLN J 364 -46.56 36.29 -36.68
CA GLN J 364 -47.96 36.68 -36.73
C GLN J 364 -48.23 37.97 -35.95
N GLU J 365 -47.77 38.01 -34.70
CA GLU J 365 -48.01 39.19 -33.88
C GLU J 365 -47.33 40.44 -34.44
N ARG J 366 -46.08 40.29 -34.86
CA ARG J 366 -45.38 41.42 -35.44
C ARG J 366 -46.23 41.88 -36.62
N LEU J 367 -46.66 40.90 -37.42
CA LEU J 367 -47.47 41.15 -38.59
C LEU J 367 -48.72 41.92 -38.26
N ALA J 368 -49.40 41.49 -37.20
CA ALA J 368 -50.64 42.12 -36.78
C ALA J 368 -50.40 43.47 -36.12
N LYS J 369 -49.20 43.68 -35.58
CA LYS J 369 -48.88 44.95 -34.93
C LYS J 369 -48.68 46.01 -36.03
N LEU J 370 -47.76 45.71 -36.95
CA LEU J 370 -47.43 46.60 -38.05
C LEU J 370 -48.68 46.85 -38.89
N ALA J 371 -49.26 45.77 -39.40
CA ALA J 371 -50.48 45.91 -40.17
C ALA J 371 -51.57 46.26 -39.15
N GLY J 372 -52.73 46.69 -39.61
CA GLY J 372 -53.78 47.04 -38.68
C GLY J 372 -53.43 48.33 -37.98
N GLY J 373 -52.18 48.43 -37.52
CA GLY J 373 -51.72 49.64 -36.88
C GLY J 373 -52.00 49.76 -35.41
N VAL J 374 -52.55 50.90 -35.01
CA VAL J 374 -52.85 51.18 -33.62
C VAL J 374 -54.18 51.90 -33.46
N ALA J 375 -55.26 51.15 -33.33
CA ALA J 375 -56.58 51.75 -33.16
C ALA J 375 -56.57 52.59 -31.90
N VAL J 376 -56.80 53.88 -32.03
CA VAL J 376 -56.80 54.78 -30.89
C VAL J 376 -58.19 55.35 -30.64
N ILE J 377 -58.52 55.50 -29.38
CA ILE J 377 -59.81 56.03 -29.01
C ILE J 377 -59.60 57.34 -28.26
N ARG J 378 -59.53 58.43 -29.00
CA ARG J 378 -59.34 59.75 -28.41
C ARG J 378 -60.55 59.99 -27.51
N VAL J 379 -60.31 60.17 -26.21
CA VAL J 379 -61.38 60.40 -25.25
C VAL J 379 -61.69 61.87 -24.98
N GLY J 380 -62.92 62.26 -25.27
CA GLY J 380 -63.32 63.63 -25.06
C GLY J 380 -63.95 63.86 -23.70
N ALA J 381 -63.60 64.98 -23.07
CA ALA J 381 -64.13 65.32 -21.76
C ALA J 381 -64.40 66.83 -21.70
N ALA J 382 -64.48 67.38 -20.50
CA ALA J 382 -64.71 68.80 -20.31
C ALA J 382 -63.89 69.26 -19.11
N THR J 383 -63.67 68.34 -18.19
CA THR J 383 -62.90 68.60 -16.98
C THR J 383 -61.73 67.65 -16.96
N GLU J 384 -60.68 68.00 -16.22
CA GLU J 384 -59.52 67.14 -16.11
C GLU J 384 -60.00 65.94 -15.30
N THR J 385 -61.04 66.20 -14.50
CA THR J 385 -61.65 65.18 -13.65
C THR J 385 -62.50 64.24 -14.51
N GLU J 386 -63.54 64.79 -15.12
CA GLU J 386 -64.42 64.03 -15.99
C GLU J 386 -63.61 63.14 -16.94
N LEU J 387 -62.43 63.62 -17.32
CA LEU J 387 -61.56 62.88 -18.23
C LEU J 387 -60.96 61.66 -17.56
N LYS J 388 -60.24 61.86 -16.45
CA LYS J 388 -59.64 60.73 -15.76
C LYS J 388 -60.67 59.62 -15.59
N GLU J 389 -61.92 60.02 -15.39
CA GLU J 389 -62.97 59.06 -15.20
C GLU J 389 -63.32 58.28 -16.47
N LYS J 390 -63.68 58.99 -17.54
CA LYS J 390 -64.01 58.35 -18.81
C LYS J 390 -62.78 57.56 -19.23
N LYS J 391 -61.61 58.13 -19.03
CA LYS J 391 -60.37 57.49 -19.40
C LYS J 391 -60.32 56.09 -18.82
N HIS J 392 -60.43 56.05 -17.50
CA HIS J 392 -60.42 54.80 -16.75
C HIS J 392 -61.57 53.89 -17.20
N ARG J 393 -62.79 54.40 -17.11
CA ARG J 393 -63.98 53.63 -17.49
C ARG J 393 -63.84 52.98 -18.85
N PHE J 394 -63.56 53.77 -19.87
CA PHE J 394 -63.39 53.26 -21.25
C PHE J 394 -62.24 52.27 -21.30
N GLU J 395 -61.13 52.58 -20.64
CA GLU J 395 -60.00 51.67 -20.69
C GLU J 395 -60.34 50.31 -20.13
N ASP J 396 -61.05 50.29 -19.01
CA ASP J 396 -61.45 49.03 -18.39
C ASP J 396 -62.39 48.32 -19.33
N ALA J 397 -63.41 49.05 -19.77
CA ALA J 397 -64.39 48.51 -20.70
C ALA J 397 -63.67 47.80 -21.83
N LEU J 398 -62.58 48.39 -22.29
CA LEU J 398 -61.82 47.79 -23.36
C LEU J 398 -61.22 46.46 -22.89
N ASN J 399 -60.38 46.51 -21.86
CA ASN J 399 -59.74 45.31 -21.34
C ASN J 399 -60.78 44.23 -21.05
N ALA J 400 -61.92 44.65 -20.50
CA ALA J 400 -63.00 43.72 -20.17
C ALA J 400 -63.38 42.98 -21.44
N THR J 401 -63.86 43.75 -22.41
CA THR J 401 -64.30 43.23 -23.71
C THR J 401 -63.28 42.34 -24.42
N ARG J 402 -62.03 42.76 -24.39
CA ARG J 402 -61.00 41.97 -25.03
C ARG J 402 -60.90 40.63 -24.35
N ALA J 403 -60.91 40.62 -23.02
CA ALA J 403 -60.82 39.37 -22.26
C ALA J 403 -62.09 38.58 -22.51
N ALA J 404 -63.21 39.29 -22.53
CA ALA J 404 -64.53 38.70 -22.75
C ALA J 404 -64.53 37.82 -24.01
N VAL J 405 -63.79 38.26 -25.02
CA VAL J 405 -63.72 37.52 -26.27
C VAL J 405 -62.88 36.27 -26.14
N GLU J 406 -61.85 36.32 -25.32
CA GLU J 406 -60.96 35.17 -25.14
C GLU J 406 -61.61 33.92 -24.54
N GLU J 407 -62.39 34.11 -23.49
CA GLU J 407 -63.02 32.98 -22.81
C GLU J 407 -64.49 33.20 -22.50
N GLY J 408 -65.07 34.27 -23.03
CA GLY J 408 -66.46 34.51 -22.77
C GLY J 408 -66.71 35.24 -21.46
N ILE J 409 -67.98 35.42 -21.14
CA ILE J 409 -68.38 36.09 -19.92
C ILE J 409 -69.25 35.18 -19.03
N VAL J 410 -69.22 35.43 -17.72
CA VAL J 410 -69.99 34.66 -16.74
C VAL J 410 -70.72 35.64 -15.82
N PRO J 411 -71.72 35.16 -15.06
CA PRO J 411 -72.47 36.03 -14.15
C PRO J 411 -71.57 36.69 -13.10
N GLY J 412 -71.77 37.99 -12.87
CA GLY J 412 -70.95 38.69 -11.91
C GLY J 412 -71.43 38.60 -10.47
N GLY J 413 -70.96 39.54 -9.65
CA GLY J 413 -71.35 39.55 -8.25
C GLY J 413 -71.00 38.28 -7.49
N GLY J 414 -69.91 37.63 -7.85
CA GLY J 414 -69.51 36.42 -7.17
C GLY J 414 -70.31 35.19 -7.52
N VAL J 415 -71.50 35.40 -8.08
CA VAL J 415 -72.40 34.30 -8.44
C VAL J 415 -71.76 33.13 -9.18
N THR J 416 -70.89 33.40 -10.15
CA THR J 416 -70.27 32.31 -10.88
C THR J 416 -69.43 31.46 -9.94
N LEU J 417 -68.67 32.11 -9.08
CA LEU J 417 -67.82 31.34 -8.16
C LEU J 417 -68.66 30.46 -7.25
N LEU J 418 -69.86 30.91 -6.94
CA LEU J 418 -70.79 30.14 -6.11
C LEU J 418 -71.22 28.88 -6.88
N ARG J 419 -71.64 29.07 -8.14
CA ARG J 419 -72.08 27.95 -8.96
C ARG J 419 -70.99 26.91 -9.16
N ALA J 420 -69.77 27.25 -8.78
CA ALA J 420 -68.66 26.31 -8.95
C ALA J 420 -68.66 25.33 -7.79
N ILE J 421 -69.29 25.73 -6.68
CA ILE J 421 -69.30 24.89 -5.49
C ILE J 421 -69.79 23.49 -5.82
N SER J 422 -70.94 23.39 -6.47
CA SER J 422 -71.51 22.10 -6.87
C SER J 422 -70.42 21.21 -7.48
N ALA J 423 -69.67 21.77 -8.40
CA ALA J 423 -68.62 21.00 -9.05
C ALA J 423 -67.61 20.50 -8.04
N VAL J 424 -67.31 21.33 -7.04
CA VAL J 424 -66.34 20.97 -6.02
C VAL J 424 -66.92 19.89 -5.11
N GLU J 425 -68.21 20.03 -4.79
CA GLU J 425 -68.93 19.04 -3.99
C GLU J 425 -68.77 17.67 -4.63
N GLU J 426 -69.14 17.60 -5.90
CA GLU J 426 -69.04 16.36 -6.65
C GLU J 426 -67.67 15.74 -6.51
N LEU J 427 -66.65 16.60 -6.55
CA LEU J 427 -65.27 16.16 -6.44
C LEU J 427 -65.02 15.56 -5.08
N ILE J 428 -65.44 16.30 -4.05
CA ILE J 428 -65.24 15.86 -2.68
C ILE J 428 -65.74 14.43 -2.47
N LYS J 429 -66.93 14.14 -2.99
CA LYS J 429 -67.54 12.82 -2.86
C LYS J 429 -66.64 11.70 -3.38
N LYS J 430 -65.67 12.07 -4.21
CA LYS J 430 -64.73 11.10 -4.77
C LYS J 430 -63.37 11.22 -4.09
N LEU J 431 -63.26 12.10 -3.11
CA LEU J 431 -62.02 12.33 -2.40
C LEU J 431 -62.12 11.91 -0.96
N GLU J 432 -60.97 11.62 -0.36
CA GLU J 432 -60.92 11.21 1.03
C GLU J 432 -59.63 11.70 1.69
N GLY J 433 -59.61 11.69 3.01
CA GLY J 433 -58.42 12.12 3.72
C GLY J 433 -58.20 13.61 3.71
N ASP J 434 -56.96 14.02 3.91
CA ASP J 434 -56.62 15.44 3.92
C ASP J 434 -56.86 16.07 2.54
N GLU J 435 -56.70 15.26 1.50
CA GLU J 435 -56.94 15.72 0.13
C GLU J 435 -58.36 16.23 0.01
N ALA J 436 -59.31 15.47 0.55
CA ALA J 436 -60.71 15.88 0.53
C ALA J 436 -60.88 17.16 1.34
N THR J 437 -60.11 17.30 2.42
CA THR J 437 -60.20 18.51 3.26
C THR J 437 -59.89 19.72 2.40
N GLY J 438 -58.77 19.61 1.64
CA GLY J 438 -58.35 20.67 0.75
C GLY J 438 -59.49 21.11 -0.16
N ALA J 439 -60.08 20.13 -0.85
CA ALA J 439 -61.23 20.39 -1.73
C ALA J 439 -62.28 21.17 -0.95
N LYS J 440 -62.47 20.79 0.32
CA LYS J 440 -63.44 21.44 1.19
C LYS J 440 -63.06 22.88 1.46
N ILE J 441 -61.77 23.13 1.60
CA ILE J 441 -61.28 24.48 1.83
C ILE J 441 -61.69 25.39 0.67
N VAL J 442 -61.38 24.94 -0.54
CA VAL J 442 -61.72 25.71 -1.73
C VAL J 442 -63.22 25.96 -1.78
N ARG J 443 -63.99 24.92 -1.47
CA ARG J 443 -65.45 25.05 -1.50
C ARG J 443 -65.90 26.16 -0.59
N ARG J 444 -65.27 26.28 0.57
CA ARG J 444 -65.65 27.32 1.53
C ARG J 444 -65.23 28.68 0.98
N ALA J 445 -64.00 28.76 0.50
CA ALA J 445 -63.47 30.01 -0.07
C ALA J 445 -64.42 30.64 -1.09
N LEU J 446 -64.82 29.83 -2.08
CA LEU J 446 -65.73 30.27 -3.14
C LEU J 446 -66.91 31.11 -2.66
N GLU J 447 -67.24 31.00 -1.37
CA GLU J 447 -68.39 31.74 -0.87
C GLU J 447 -68.05 33.17 -0.51
N GLU J 448 -66.79 33.38 -0.15
CA GLU J 448 -66.36 34.69 0.30
C GLU J 448 -66.67 35.90 -0.58
N PRO J 449 -66.24 35.86 -1.84
CA PRO J 449 -66.52 37.00 -2.72
C PRO J 449 -67.97 37.46 -2.66
N ALA J 450 -68.88 36.55 -3.05
CA ALA J 450 -70.31 36.87 -3.04
C ALA J 450 -70.74 37.41 -1.68
N ARG J 451 -70.33 36.69 -0.64
CA ARG J 451 -70.67 37.02 0.74
C ARG J 451 -70.17 38.43 1.08
N GLN J 452 -68.87 38.63 0.87
CA GLN J 452 -68.21 39.89 1.14
C GLN J 452 -68.90 41.06 0.44
N ILE J 453 -69.29 40.86 -0.81
CA ILE J 453 -69.98 41.91 -1.54
C ILE J 453 -71.25 42.31 -0.83
N ALA J 454 -72.11 41.32 -0.62
CA ALA J 454 -73.38 41.55 0.04
C ALA J 454 -73.14 42.25 1.36
N GLU J 455 -72.15 41.76 2.10
CA GLU J 455 -71.79 42.31 3.40
C GLU J 455 -71.43 43.79 3.26
N ASN J 456 -70.49 44.12 2.37
CA ASN J 456 -70.10 45.52 2.18
C ASN J 456 -71.29 46.37 1.82
N ALA J 457 -72.24 45.78 1.10
CA ALA J 457 -73.45 46.51 0.71
C ALA J 457 -74.41 46.69 1.89
N GLY J 458 -74.13 46.04 3.03
CA GLY J 458 -74.96 46.15 4.21
C GLY J 458 -76.09 45.13 4.30
N TYR J 459 -75.76 43.88 3.99
CA TYR J 459 -76.71 42.77 3.98
C TYR J 459 -76.07 41.55 4.63
N GLU J 460 -76.88 40.59 5.03
CA GLU J 460 -76.34 39.38 5.66
C GLU J 460 -75.70 38.49 4.60
N GLY J 461 -74.38 38.55 4.52
CA GLY J 461 -73.65 37.77 3.54
C GLY J 461 -74.10 36.34 3.42
N SER J 462 -73.86 35.56 4.48
CA SER J 462 -74.21 34.15 4.54
C SER J 462 -75.65 33.88 4.12
N VAL J 463 -76.55 34.80 4.47
CA VAL J 463 -77.96 34.67 4.11
C VAL J 463 -78.15 34.72 2.60
N ILE J 464 -77.66 35.80 2.00
CA ILE J 464 -77.77 35.98 0.56
C ILE J 464 -77.10 34.83 -0.19
N VAL J 465 -75.91 34.47 0.24
CA VAL J 465 -75.19 33.37 -0.39
C VAL J 465 -76.03 32.10 -0.40
N GLN J 466 -76.90 31.98 0.60
CA GLN J 466 -77.74 30.79 0.71
C GLN J 466 -78.88 30.86 -0.29
N GLN J 467 -79.65 31.94 -0.20
CA GLN J 467 -80.76 32.13 -1.11
C GLN J 467 -80.35 32.01 -2.58
N ILE J 468 -79.08 32.24 -2.88
CA ILE J 468 -78.59 32.18 -4.24
C ILE J 468 -78.37 30.73 -4.60
N LEU J 469 -77.66 30.03 -3.73
CA LEU J 469 -77.39 28.62 -3.92
C LEU J 469 -78.67 27.78 -3.84
N ALA J 470 -79.74 28.42 -3.38
CA ALA J 470 -81.05 27.78 -3.25
C ALA J 470 -81.65 27.57 -4.63
N GLU J 471 -81.68 28.64 -5.43
CA GLU J 471 -82.21 28.54 -6.79
C GLU J 471 -81.28 27.66 -7.63
N THR J 472 -81.82 26.55 -8.15
CA THR J 472 -81.04 25.62 -8.97
C THR J 472 -81.44 25.69 -10.43
N LYS J 473 -82.60 26.28 -10.69
CA LYS J 473 -83.08 26.41 -12.06
C LYS J 473 -82.11 27.17 -12.91
N ASN J 474 -82.13 28.48 -12.77
CA ASN J 474 -81.26 29.34 -13.54
C ASN J 474 -79.98 29.68 -12.79
N PRO J 475 -78.83 29.10 -13.22
CA PRO J 475 -77.55 29.38 -12.55
C PRO J 475 -77.14 30.86 -12.60
N ARG J 476 -77.79 31.63 -13.47
CA ARG J 476 -77.48 33.05 -13.61
C ARG J 476 -78.23 33.81 -12.54
N TYR J 477 -78.94 33.08 -11.70
CA TYR J 477 -79.69 33.73 -10.64
C TYR J 477 -78.70 34.23 -9.62
N GLY J 478 -78.87 35.47 -9.19
CA GLY J 478 -77.96 36.01 -8.21
C GLY J 478 -78.48 37.22 -7.48
N PHE J 479 -77.61 37.82 -6.66
CA PHE J 479 -78.00 38.99 -5.88
C PHE J 479 -77.28 40.22 -6.42
N ASN J 480 -78.04 41.26 -6.73
CA ASN J 480 -77.48 42.52 -7.21
C ASN J 480 -77.37 43.45 -5.99
N ALA J 481 -76.21 43.40 -5.34
CA ALA J 481 -75.97 44.21 -4.15
C ALA J 481 -76.26 45.70 -4.34
N ALA J 482 -76.34 46.11 -5.61
CA ALA J 482 -76.61 47.50 -5.95
C ALA J 482 -78.04 47.91 -5.66
N THR J 483 -78.99 47.16 -6.22
CA THR J 483 -80.39 47.46 -6.03
C THR J 483 -80.96 46.67 -4.86
N GLY J 484 -80.20 45.69 -4.40
CA GLY J 484 -80.66 44.86 -3.29
C GLY J 484 -81.79 43.95 -3.69
N GLU J 485 -81.68 43.34 -4.86
CA GLU J 485 -82.69 42.43 -5.36
C GLU J 485 -82.05 41.27 -6.09
N PHE J 486 -82.74 40.13 -6.11
CA PHE J 486 -82.21 38.97 -6.81
C PHE J 486 -82.68 39.06 -8.24
N VAL J 487 -81.81 38.73 -9.20
CA VAL J 487 -82.14 38.83 -10.60
C VAL J 487 -81.25 37.93 -11.44
N ASP J 488 -81.39 38.04 -12.76
CA ASP J 488 -80.54 37.24 -13.66
C ASP J 488 -79.33 38.12 -13.87
N MET J 489 -78.24 37.79 -13.18
CA MET J 489 -77.01 38.55 -13.27
C MET J 489 -76.71 38.96 -14.70
N VAL J 490 -76.89 38.04 -15.63
CA VAL J 490 -76.65 38.34 -17.03
C VAL J 490 -77.62 39.40 -17.55
N GLU J 491 -78.89 39.05 -17.63
CA GLU J 491 -79.88 40.00 -18.10
C GLU J 491 -79.88 41.30 -17.30
N ALA J 492 -79.11 41.34 -16.23
CA ALA J 492 -79.05 42.52 -15.39
C ALA J 492 -77.81 43.34 -15.71
N GLY J 493 -76.99 42.80 -16.62
CA GLY J 493 -75.78 43.48 -17.03
C GLY J 493 -74.70 43.46 -15.96
N ILE J 494 -74.67 42.37 -15.22
CA ILE J 494 -73.71 42.24 -14.15
C ILE J 494 -72.91 41.01 -14.49
N VAL J 495 -72.03 41.16 -15.46
CA VAL J 495 -71.20 40.05 -15.92
C VAL J 495 -69.73 40.27 -15.64
N ASP J 496 -68.93 39.22 -15.85
CA ASP J 496 -67.49 39.27 -15.64
C ASP J 496 -66.73 38.44 -16.68
N PRO J 497 -65.60 38.96 -17.16
CA PRO J 497 -64.87 38.15 -18.14
C PRO J 497 -64.50 36.84 -17.47
N ALA J 498 -64.99 35.74 -18.02
CA ALA J 498 -64.68 34.44 -17.45
C ALA J 498 -63.17 34.30 -17.25
N LYS J 499 -62.39 35.03 -18.04
CA LYS J 499 -60.94 34.95 -17.91
C LYS J 499 -60.54 35.52 -16.54
N VAL J 500 -61.18 36.62 -16.16
CA VAL J 500 -60.92 37.28 -14.89
C VAL J 500 -61.12 36.32 -13.72
N THR J 501 -62.31 35.74 -13.69
CA THR J 501 -62.68 34.80 -12.65
C THR J 501 -61.70 33.63 -12.55
N ARG J 502 -61.56 32.88 -13.64
CA ARG J 502 -60.65 31.75 -13.66
C ARG J 502 -59.28 32.12 -13.10
N SER J 503 -58.86 33.35 -13.38
CA SER J 503 -57.56 33.81 -12.94
C SER J 503 -57.54 34.05 -11.44
N ALA J 504 -58.38 34.97 -10.99
CA ALA J 504 -58.44 35.29 -9.56
C ALA J 504 -58.35 34.01 -8.73
N LEU J 505 -59.17 33.03 -9.10
CA LEU J 505 -59.19 31.75 -8.39
C LEU J 505 -57.84 31.04 -8.43
N GLN J 506 -57.42 30.69 -9.63
CA GLN J 506 -56.14 30.01 -9.79
C GLN J 506 -55.00 30.72 -9.11
N ASN J 507 -55.03 32.06 -9.12
CA ASN J 507 -53.98 32.83 -8.48
C ASN J 507 -54.04 32.69 -6.96
N ALA J 508 -55.21 32.97 -6.39
CA ALA J 508 -55.41 32.86 -4.95
C ALA J 508 -54.94 31.46 -4.49
N ALA J 509 -55.48 30.44 -5.12
CA ALA J 509 -55.12 29.09 -4.79
C ALA J 509 -53.62 28.92 -4.88
N SER J 510 -52.98 29.73 -5.71
CA SER J 510 -51.55 29.58 -5.88
C SER J 510 -50.84 30.09 -4.66
N ILE J 511 -51.28 31.24 -4.16
CA ILE J 511 -50.69 31.75 -2.96
C ILE J 511 -50.91 30.76 -1.81
N GLY J 512 -52.14 30.28 -1.70
CA GLY J 512 -52.48 29.32 -0.66
C GLY J 512 -51.53 28.14 -0.65
N ALA J 513 -51.45 27.44 -1.78
CA ALA J 513 -50.59 26.28 -1.86
C ALA J 513 -49.14 26.66 -1.52
N LEU J 514 -48.76 27.87 -1.90
CA LEU J 514 -47.40 28.34 -1.65
C LEU J 514 -47.09 28.36 -0.16
N ILE J 515 -47.90 29.11 0.58
CA ILE J 515 -47.74 29.23 2.02
C ILE J 515 -47.76 27.91 2.79
N LEU J 516 -48.70 27.00 2.47
CA LEU J 516 -48.76 25.69 3.12
C LEU J 516 -47.47 24.92 2.87
N THR J 517 -46.88 25.13 1.69
CA THR J 517 -45.65 24.45 1.33
C THR J 517 -44.39 25.16 1.83
N THR J 518 -44.56 26.30 2.50
CA THR J 518 -43.40 27.03 3.00
C THR J 518 -42.91 26.48 4.32
N GLU J 519 -41.63 26.13 4.36
CA GLU J 519 -41.02 25.57 5.57
C GLU J 519 -40.01 26.48 6.22
N ALA J 520 -39.71 27.61 5.57
CA ALA J 520 -38.74 28.55 6.13
C ALA J 520 -38.68 29.83 5.33
N VAL J 521 -38.25 30.91 5.98
CA VAL J 521 -38.12 32.19 5.32
C VAL J 521 -36.88 32.88 5.89
N VAL J 522 -36.05 33.44 5.01
CA VAL J 522 -34.84 34.14 5.41
C VAL J 522 -35.02 35.62 5.10
N ALA J 523 -35.33 36.40 6.12
CA ALA J 523 -35.54 37.83 5.96
C ALA J 523 -34.34 38.66 6.40
N GLU J 524 -34.36 39.93 6.01
CA GLU J 524 -33.29 40.85 6.37
C GLU J 524 -33.62 41.39 7.74
N LYS J 525 -32.63 41.48 8.60
CA LYS J 525 -32.83 42.01 9.94
C LYS J 525 -32.92 43.54 9.82
N PRO J 526 -33.78 44.18 10.64
CA PRO J 526 -34.02 45.63 10.67
C PRO J 526 -32.82 46.53 10.40
N ALA K 2 -43.65 52.45 6.20
CA ALA K 2 -44.09 52.02 7.56
C ALA K 2 -45.45 52.61 7.87
N LYS K 3 -46.49 51.93 7.44
CA LYS K 3 -47.86 52.39 7.67
C LYS K 3 -48.41 51.79 8.97
N ILE K 4 -49.68 52.03 9.24
CA ILE K 4 -50.34 51.50 10.43
C ILE K 4 -51.83 51.34 10.14
N LEU K 5 -52.31 50.10 10.09
CA LEU K 5 -53.72 49.85 9.82
C LEU K 5 -54.62 49.90 11.05
N VAL K 6 -55.87 50.29 10.84
CA VAL K 6 -56.84 50.41 11.90
C VAL K 6 -58.20 50.14 11.31
N PHE K 7 -58.95 49.20 11.88
CA PHE K 7 -60.26 48.92 11.32
C PHE K 7 -61.47 49.23 12.21
N ASP K 8 -62.64 48.86 11.70
CA ASP K 8 -63.93 49.03 12.35
C ASP K 8 -64.05 50.16 13.37
N GLU K 9 -64.73 49.90 14.48
CA GLU K 9 -64.94 50.93 15.49
C GLU K 9 -63.63 51.55 15.92
N ALA K 10 -62.57 50.76 15.97
CA ALA K 10 -61.26 51.30 16.36
C ALA K 10 -60.97 52.57 15.57
N ALA K 11 -61.08 52.46 14.24
CA ALA K 11 -60.87 53.56 13.32
C ALA K 11 -61.91 54.66 13.46
N ARG K 12 -63.18 54.32 13.30
CA ARG K 12 -64.21 55.33 13.41
C ARG K 12 -64.07 56.14 14.70
N ARG K 13 -63.70 55.49 15.80
CA ARG K 13 -63.59 56.20 17.06
C ARG K 13 -62.44 57.18 17.04
N ALA K 14 -61.34 56.78 16.41
CA ALA K 14 -60.16 57.62 16.27
C ALA K 14 -60.57 58.88 15.48
N LEU K 15 -61.13 58.69 14.29
CA LEU K 15 -61.59 59.82 13.48
C LEU K 15 -62.52 60.72 14.30
N GLU K 16 -63.48 60.12 14.99
CA GLU K 16 -64.41 60.91 15.79
C GLU K 16 -63.66 61.78 16.81
N ARG K 17 -62.61 61.24 17.43
CA ARG K 17 -61.83 62.01 18.41
C ARG K 17 -61.33 63.27 17.72
N GLY K 18 -60.79 63.10 16.52
CA GLY K 18 -60.31 64.24 15.76
C GLY K 18 -61.48 65.19 15.50
N VAL K 19 -62.56 64.64 14.95
CA VAL K 19 -63.72 65.44 14.63
C VAL K 19 -64.12 66.31 15.78
N ASN K 20 -64.11 65.73 16.97
CA ASN K 20 -64.51 66.50 18.12
C ASN K 20 -63.55 67.59 18.49
N ALA K 21 -62.25 67.28 18.41
CA ALA K 21 -61.18 68.26 18.73
C ALA K 21 -61.46 69.57 18.00
N VAL K 22 -61.65 69.46 16.70
CA VAL K 22 -61.94 70.64 15.91
C VAL K 22 -63.25 71.27 16.38
N ALA K 23 -64.34 70.55 16.15
CA ALA K 23 -65.70 71.00 16.50
C ALA K 23 -65.83 71.67 17.87
N ASN K 24 -65.20 71.10 18.89
CA ASN K 24 -65.29 71.70 20.22
C ASN K 24 -64.57 73.03 20.36
N ALA K 25 -63.48 73.20 19.62
CA ALA K 25 -62.73 74.44 19.67
C ALA K 25 -63.48 75.49 18.85
N VAL K 26 -64.07 75.05 17.75
CA VAL K 26 -64.79 75.92 16.83
C VAL K 26 -66.15 76.47 17.23
N LYS K 27 -67.02 75.58 17.70
CA LYS K 27 -68.38 75.99 18.03
C LYS K 27 -68.54 77.06 19.09
N VAL K 28 -67.55 77.25 19.95
CA VAL K 28 -67.68 78.26 20.98
C VAL K 28 -67.73 79.66 20.39
N THR K 29 -67.64 79.77 19.06
CA THR K 29 -67.65 81.08 18.38
C THR K 29 -68.89 81.35 17.55
N LEU K 30 -69.66 80.29 17.32
CA LEU K 30 -70.87 80.38 16.52
C LEU K 30 -71.85 81.42 17.05
N GLY K 31 -72.43 82.20 16.14
CA GLY K 31 -73.39 83.20 16.54
C GLY K 31 -72.87 84.59 16.86
N PRO K 32 -73.79 85.53 17.08
CA PRO K 32 -73.57 86.94 17.40
C PRO K 32 -72.69 87.16 18.62
N ARG K 33 -72.56 86.16 19.47
CA ARG K 33 -71.80 86.33 20.68
C ARG K 33 -70.81 85.23 20.97
N GLY K 34 -70.10 84.78 19.94
CA GLY K 34 -69.10 83.74 20.14
C GLY K 34 -68.19 84.04 21.31
N ARG K 35 -67.65 83.00 21.93
CA ARG K 35 -66.76 83.18 23.06
C ARG K 35 -65.36 83.32 22.49
N ASN K 36 -64.41 83.64 23.36
CA ASN K 36 -63.02 83.85 22.96
C ASN K 36 -62.21 82.57 22.94
N VAL K 37 -61.45 82.38 21.86
CA VAL K 37 -60.56 81.23 21.74
C VAL K 37 -59.16 81.83 21.65
N VAL K 38 -58.23 81.33 22.45
CA VAL K 38 -56.86 81.82 22.48
C VAL K 38 -55.95 80.96 21.63
N LEU K 39 -55.23 81.59 20.69
CA LEU K 39 -54.30 80.89 19.82
C LEU K 39 -52.91 81.51 19.99
N GLU K 40 -51.91 80.66 20.22
CA GLU K 40 -50.55 81.15 20.38
C GLU K 40 -49.74 81.01 19.09
N LYS K 41 -49.00 82.06 18.75
CA LYS K 41 -48.15 82.08 17.56
C LYS K 41 -46.76 81.71 18.03
N LYS K 42 -46.06 80.86 17.27
CA LYS K 42 -44.73 80.45 17.66
C LYS K 42 -43.80 81.60 18.07
N PHE K 43 -43.80 82.68 17.29
CA PHE K 43 -42.94 83.82 17.59
C PHE K 43 -43.70 84.96 18.25
N GLY K 44 -44.67 85.53 17.54
CA GLY K 44 -45.44 86.63 18.09
C GLY K 44 -46.17 86.20 19.35
N SER K 45 -46.77 87.16 20.06
CA SER K 45 -47.51 86.85 21.29
C SER K 45 -48.83 86.15 20.94
N PRO K 46 -49.62 85.75 21.95
CA PRO K 46 -50.90 85.08 21.72
C PRO K 46 -51.95 85.91 21.00
N THR K 47 -52.90 85.22 20.38
CA THR K 47 -53.99 85.85 19.63
C THR K 47 -55.33 85.45 20.25
N ILE K 48 -56.36 86.26 20.10
CA ILE K 48 -57.67 85.89 20.62
C ILE K 48 -58.65 86.06 19.45
N THR K 49 -59.53 85.10 19.26
CA THR K 49 -60.47 85.17 18.16
C THR K 49 -61.90 84.93 18.61
N LYS K 50 -62.79 84.92 17.63
CA LYS K 50 -64.22 84.67 17.81
C LYS K 50 -64.65 84.19 16.43
N ASP K 51 -63.66 83.87 15.61
CA ASP K 51 -63.87 83.42 14.24
C ASP K 51 -63.56 81.94 14.15
N GLY K 52 -64.58 81.19 13.76
CA GLY K 52 -64.44 79.76 13.64
C GLY K 52 -63.33 79.34 12.70
N VAL K 53 -63.31 79.95 11.51
CA VAL K 53 -62.32 79.61 10.47
C VAL K 53 -60.90 79.84 10.92
N THR K 54 -60.69 80.94 11.63
CA THR K 54 -59.39 81.28 12.15
C THR K 54 -58.91 80.15 13.06
N VAL K 55 -59.77 79.76 14.01
CA VAL K 55 -59.45 78.68 14.96
C VAL K 55 -59.25 77.35 14.26
N ALA K 56 -60.17 77.02 13.36
CA ALA K 56 -60.09 75.77 12.64
C ALA K 56 -58.72 75.61 11.98
N LYS K 57 -58.24 76.67 11.34
CA LYS K 57 -56.93 76.60 10.67
C LYS K 57 -55.82 76.16 11.62
N GLU K 58 -55.84 76.68 12.84
CA GLU K 58 -54.81 76.38 13.83
C GLU K 58 -54.93 75.02 14.52
N VAL K 59 -55.96 74.26 14.20
CA VAL K 59 -56.13 72.98 14.86
C VAL K 59 -55.46 71.82 14.17
N GLU K 60 -54.42 71.29 14.81
CA GLU K 60 -53.66 70.17 14.29
C GLU K 60 -53.27 69.29 15.48
N LEU K 61 -53.67 68.02 15.44
CA LEU K 61 -53.45 67.10 16.56
C LEU K 61 -52.18 66.28 16.43
N GLU K 62 -51.63 65.89 17.57
CA GLU K 62 -50.41 65.09 17.62
C GLU K 62 -50.59 63.72 17.01
N ASP K 63 -51.66 63.04 17.41
CA ASP K 63 -51.93 61.69 16.92
C ASP K 63 -52.34 61.68 15.45
N HIS K 64 -51.64 60.87 14.65
CA HIS K 64 -51.94 60.78 13.23
C HIS K 64 -53.41 60.49 12.91
N LEU K 65 -53.92 59.39 13.44
CA LEU K 65 -55.32 59.02 13.19
C LEU K 65 -56.30 60.11 13.57
N GLU K 66 -56.20 60.59 14.81
CA GLU K 66 -57.12 61.63 15.23
C GLU K 66 -57.04 62.85 14.33
N ASN K 67 -55.82 63.21 13.95
CA ASN K 67 -55.61 64.38 13.09
C ASN K 67 -56.35 64.18 11.77
N ILE K 68 -56.16 62.98 11.20
CA ILE K 68 -56.79 62.61 9.94
C ILE K 68 -58.26 62.98 10.00
N GLY K 69 -58.89 62.72 11.15
CA GLY K 69 -60.28 63.08 11.32
C GLY K 69 -60.44 64.59 11.30
N ALA K 70 -59.61 65.27 12.10
CA ALA K 70 -59.65 66.73 12.17
C ALA K 70 -59.48 67.37 10.80
N GLN K 71 -58.53 66.84 10.04
CA GLN K 71 -58.28 67.40 8.71
C GLN K 71 -59.44 67.12 7.80
N LEU K 72 -59.89 65.88 7.82
CA LEU K 72 -61.01 65.44 7.00
C LEU K 72 -62.23 66.34 7.23
N LEU K 73 -62.46 66.70 8.49
CA LEU K 73 -63.60 67.55 8.81
C LEU K 73 -63.37 68.92 8.23
N LYS K 74 -62.24 69.54 8.61
CA LYS K 74 -61.89 70.87 8.14
C LYS K 74 -62.06 71.03 6.64
N GLU K 75 -61.59 70.04 5.88
CA GLU K 75 -61.74 70.05 4.43
C GLU K 75 -63.21 70.21 4.03
N VAL K 76 -63.98 69.16 4.26
CA VAL K 76 -65.38 69.18 3.90
C VAL K 76 -66.10 70.39 4.47
N ALA K 77 -65.75 70.77 5.68
CA ALA K 77 -66.42 71.90 6.29
C ALA K 77 -66.16 73.18 5.50
N SER K 78 -64.90 73.40 5.15
CA SER K 78 -64.51 74.61 4.44
C SER K 78 -65.10 74.70 3.04
N LYS K 79 -65.32 73.56 2.38
CA LYS K 79 -65.86 73.61 1.04
C LYS K 79 -67.31 74.11 1.05
N THR K 80 -67.63 74.91 2.05
CA THR K 80 -68.95 75.49 2.22
C THR K 80 -68.72 76.98 2.09
N ASN K 81 -67.66 77.43 2.75
CA ASN K 81 -67.25 78.82 2.73
C ASN K 81 -66.79 79.04 1.30
N ASP K 82 -66.25 77.99 0.69
CA ASP K 82 -65.78 78.01 -0.68
C ASP K 82 -66.88 78.20 -1.72
N VAL K 83 -68.13 77.92 -1.36
CA VAL K 83 -69.23 78.04 -2.31
C VAL K 83 -70.30 79.02 -1.84
N ALA K 84 -70.09 79.64 -0.68
CA ALA K 84 -71.07 80.58 -0.16
C ALA K 84 -70.41 81.62 0.73
N GLY K 85 -69.11 81.45 0.96
CA GLY K 85 -68.37 82.42 1.76
C GLY K 85 -68.79 82.55 3.20
N ASP K 86 -69.30 81.45 3.77
CA ASP K 86 -69.74 81.43 5.16
C ASP K 86 -70.35 80.09 5.51
N GLY K 87 -70.64 79.90 6.79
CA GLY K 87 -71.25 78.67 7.26
C GLY K 87 -70.31 77.48 7.37
N THR K 88 -69.03 77.76 7.47
CA THR K 88 -68.09 76.68 7.57
C THR K 88 -68.13 76.15 9.00
N THR K 89 -68.33 77.04 9.97
CA THR K 89 -68.42 76.64 11.38
C THR K 89 -69.72 75.89 11.63
N THR K 90 -70.82 76.43 11.10
CA THR K 90 -72.13 75.79 11.23
C THR K 90 -72.09 74.36 10.71
N ALA K 91 -71.43 74.15 9.58
CA ALA K 91 -71.33 72.80 9.04
C ALA K 91 -70.60 71.87 10.00
N THR K 92 -69.61 72.43 10.71
CA THR K 92 -68.80 71.65 11.65
C THR K 92 -69.67 71.16 12.80
N VAL K 93 -70.43 72.07 13.39
CA VAL K 93 -71.33 71.73 14.49
C VAL K 93 -72.26 70.59 14.07
N LEU K 94 -73.03 70.80 13.00
CA LEU K 94 -73.93 69.77 12.47
C LEU K 94 -73.20 68.43 12.31
N ALA K 95 -72.02 68.48 11.72
CA ALA K 95 -71.25 67.28 11.50
C ALA K 95 -70.89 66.56 12.79
N GLN K 96 -70.53 67.31 13.83
CA GLN K 96 -70.15 66.70 15.10
C GLN K 96 -71.29 65.85 15.57
N ALA K 97 -72.45 66.48 15.67
CA ALA K 97 -73.70 65.83 16.10
C ALA K 97 -73.94 64.57 15.29
N ILE K 98 -74.09 64.75 13.98
CA ILE K 98 -74.32 63.62 13.10
C ILE K 98 -73.33 62.48 13.35
N VAL K 99 -72.06 62.79 13.54
CA VAL K 99 -71.05 61.75 13.78
C VAL K 99 -71.27 61.01 15.10
N ARG K 100 -71.59 61.78 16.14
CA ARG K 100 -71.82 61.27 17.49
C ARG K 100 -72.94 60.24 17.48
N GLU K 101 -74.16 60.74 17.29
CA GLU K 101 -75.35 59.90 17.24
C GLU K 101 -75.17 58.71 16.29
N GLY K 102 -74.56 58.98 15.15
CA GLY K 102 -74.33 57.94 14.18
C GLY K 102 -73.51 56.81 14.75
N LEU K 103 -72.36 57.14 15.33
CA LEU K 103 -71.50 56.11 15.88
C LEU K 103 -72.13 55.43 17.10
N LYS K 104 -72.94 56.17 17.85
CA LYS K 104 -73.61 55.62 19.03
C LYS K 104 -74.53 54.48 18.57
N ASN K 105 -75.51 54.83 17.75
CA ASN K 105 -76.43 53.85 17.21
C ASN K 105 -75.74 52.69 16.48
N VAL K 106 -74.62 52.95 15.83
CA VAL K 106 -73.91 51.92 15.11
C VAL K 106 -73.34 50.97 16.15
N ALA K 107 -72.95 51.53 17.29
CA ALA K 107 -72.38 50.75 18.38
C ALA K 107 -73.47 50.01 19.13
N ALA K 108 -74.71 50.41 18.89
CA ALA K 108 -75.81 49.75 19.55
C ALA K 108 -76.42 48.72 18.57
N GLY K 109 -75.74 48.51 17.45
CA GLY K 109 -76.16 47.52 16.47
C GLY K 109 -76.86 48.00 15.22
N ALA K 110 -77.05 49.31 15.07
CA ALA K 110 -77.70 49.85 13.87
C ALA K 110 -76.83 49.60 12.65
N ASN K 111 -77.44 49.44 11.48
CA ASN K 111 -76.69 49.21 10.25
C ASN K 111 -76.25 50.56 9.72
N PRO K 112 -74.94 50.74 9.54
CA PRO K 112 -74.39 51.99 9.04
C PRO K 112 -75.06 52.46 7.75
N LEU K 113 -75.10 51.57 6.74
CA LEU K 113 -75.72 51.93 5.46
C LEU K 113 -77.16 52.39 5.63
N ALA K 114 -77.92 51.68 6.46
CA ALA K 114 -79.30 52.09 6.70
C ALA K 114 -79.34 53.48 7.31
N LEU K 115 -78.46 53.73 8.26
CA LEU K 115 -78.40 55.04 8.91
C LEU K 115 -78.16 56.10 7.86
N LYS K 116 -77.20 55.83 6.98
CA LYS K 116 -76.88 56.74 5.90
C LYS K 116 -78.13 57.00 5.06
N ARG K 117 -78.68 55.95 4.43
CA ARG K 117 -79.89 56.09 3.57
C ARG K 117 -80.86 57.05 4.25
N GLY K 118 -80.97 56.89 5.56
CA GLY K 118 -81.88 57.75 6.32
C GLY K 118 -81.39 59.16 6.51
N ILE K 119 -80.09 59.31 6.77
CA ILE K 119 -79.52 60.64 6.96
C ILE K 119 -79.70 61.44 5.68
N GLU K 120 -79.51 60.76 4.55
CA GLU K 120 -79.67 61.39 3.24
C GLU K 120 -81.11 61.84 3.00
N LYS K 121 -82.06 60.91 3.12
CA LYS K 121 -83.46 61.26 2.91
C LYS K 121 -83.82 62.44 3.81
N ALA K 122 -83.28 62.42 5.03
CA ALA K 122 -83.54 63.47 6.00
C ALA K 122 -83.10 64.81 5.45
N VAL K 123 -81.82 64.88 5.04
CA VAL K 123 -81.25 66.12 4.50
C VAL K 123 -82.09 66.61 3.33
N GLU K 124 -82.38 65.73 2.37
CA GLU K 124 -83.23 66.10 1.23
C GLU K 124 -84.44 66.89 1.72
N ALA K 125 -85.26 66.22 2.54
CA ALA K 125 -86.45 66.85 3.09
C ALA K 125 -86.13 68.20 3.72
N ALA K 126 -85.00 68.25 4.44
CA ALA K 126 -84.58 69.48 5.11
C ALA K 126 -84.28 70.59 4.09
N VAL K 127 -83.46 70.26 3.09
CA VAL K 127 -83.09 71.22 2.04
C VAL K 127 -84.36 71.73 1.38
N GLU K 128 -85.22 70.81 0.97
CA GLU K 128 -86.46 71.17 0.31
C GLU K 128 -87.25 72.20 1.11
N LYS K 129 -87.17 72.11 2.43
CA LYS K 129 -87.87 73.05 3.28
C LYS K 129 -87.13 74.38 3.23
N ILE K 130 -85.80 74.30 3.23
CA ILE K 130 -84.99 75.51 3.20
C ILE K 130 -85.38 76.31 1.98
N LYS K 131 -85.44 75.62 0.85
CA LYS K 131 -85.81 76.23 -0.41
C LYS K 131 -87.19 76.89 -0.34
N ALA K 132 -88.21 76.07 -0.05
CA ALA K 132 -89.57 76.57 0.03
C ALA K 132 -89.72 77.66 1.09
N LEU K 133 -88.66 77.89 1.84
CA LEU K 133 -88.69 78.87 2.90
C LEU K 133 -87.86 80.12 2.59
N ALA K 134 -87.13 80.09 1.48
CA ALA K 134 -86.27 81.20 1.04
C ALA K 134 -86.95 82.36 0.31
N ILE K 135 -86.65 83.61 0.70
CA ILE K 135 -87.17 84.85 0.08
C ILE K 135 -86.25 85.18 -1.11
N PRO K 136 -86.80 85.30 -2.33
CA PRO K 136 -85.94 85.62 -3.48
C PRO K 136 -85.37 87.04 -3.42
N VAL K 137 -84.12 87.16 -3.85
CA VAL K 137 -83.43 88.46 -3.89
C VAL K 137 -82.97 88.69 -5.33
N GLU K 138 -83.79 89.41 -6.09
CA GLU K 138 -83.50 89.70 -7.48
C GLU K 138 -83.81 91.15 -7.87
N ASP K 139 -84.62 91.82 -7.04
CA ASP K 139 -84.95 93.22 -7.31
C ASP K 139 -83.70 94.06 -7.15
N ARG K 140 -83.85 95.35 -7.45
CA ARG K 140 -82.74 96.28 -7.32
C ARG K 140 -82.64 96.58 -5.82
N LYS K 141 -83.77 96.94 -5.22
CA LYS K 141 -83.81 97.26 -3.79
C LYS K 141 -83.38 96.05 -3.00
N ALA K 142 -83.89 94.89 -3.39
CA ALA K 142 -83.57 93.65 -2.71
C ALA K 142 -82.05 93.52 -2.57
N ILE K 143 -81.39 93.28 -3.70
CA ILE K 143 -79.94 93.11 -3.73
C ILE K 143 -79.21 94.18 -2.96
N GLU K 144 -79.68 95.42 -3.04
CA GLU K 144 -79.00 96.50 -2.33
C GLU K 144 -79.15 96.35 -0.83
N GLU K 145 -80.39 96.20 -0.38
CA GLU K 145 -80.68 96.04 1.03
C GLU K 145 -79.90 94.90 1.66
N VAL K 146 -79.89 93.75 1.00
CA VAL K 146 -79.14 92.58 1.51
C VAL K 146 -77.71 93.00 1.78
N ALA K 147 -77.03 93.45 0.73
CA ALA K 147 -75.65 93.90 0.83
C ALA K 147 -75.47 95.03 1.85
N THR K 148 -76.45 95.95 1.86
CA THR K 148 -76.42 97.06 2.79
C THR K 148 -76.28 96.56 4.22
N ILE K 149 -77.04 95.51 4.54
CA ILE K 149 -77.02 94.93 5.88
C ILE K 149 -75.71 94.19 6.16
N SER K 150 -75.41 93.19 5.34
CA SER K 150 -74.20 92.39 5.51
C SER K 150 -72.92 93.23 5.53
N ALA K 151 -73.03 94.48 5.09
CA ALA K 151 -71.88 95.37 5.08
C ALA K 151 -71.98 96.40 6.21
N ASN K 152 -73.22 96.70 6.58
CA ASN K 152 -73.49 97.68 7.62
C ASN K 152 -73.02 99.02 7.08
N ASP K 153 -73.43 99.31 5.86
CA ASP K 153 -73.08 100.54 5.17
C ASP K 153 -73.99 100.68 3.96
N PRO K 154 -74.94 101.63 4.01
CA PRO K 154 -75.89 101.85 2.92
C PRO K 154 -75.19 102.24 1.61
N GLU K 155 -74.02 102.85 1.73
CA GLU K 155 -73.24 103.29 0.58
C GLU K 155 -72.64 102.09 -0.14
N VAL K 156 -71.83 101.32 0.58
CA VAL K 156 -71.21 100.13 0.02
C VAL K 156 -72.31 99.22 -0.52
N GLY K 157 -73.50 99.34 0.08
CA GLY K 157 -74.63 98.56 -0.36
C GLY K 157 -74.94 98.95 -1.80
N LYS K 158 -75.04 100.26 -2.03
CA LYS K 158 -75.30 100.79 -3.36
C LYS K 158 -74.24 100.28 -4.34
N LEU K 159 -72.99 100.58 -4.03
CA LEU K 159 -71.87 100.16 -4.87
C LEU K 159 -71.97 98.69 -5.24
N ILE K 160 -72.06 97.83 -4.23
CA ILE K 160 -72.17 96.40 -4.45
C ILE K 160 -73.34 96.11 -5.38
N ALA K 161 -74.43 96.83 -5.18
CA ALA K 161 -75.62 96.66 -6.01
C ALA K 161 -75.30 97.05 -7.43
N ASP K 162 -74.77 98.25 -7.61
CA ASP K 162 -74.40 98.75 -8.93
C ASP K 162 -73.41 97.81 -9.60
N ALA K 163 -72.33 97.47 -8.88
CA ALA K 163 -71.31 96.58 -9.41
C ALA K 163 -71.96 95.33 -10.00
N MET K 164 -72.93 94.77 -9.28
CA MET K 164 -73.63 93.58 -9.74
C MET K 164 -74.53 93.92 -10.92
N GLU K 165 -75.25 95.03 -10.79
CA GLU K 165 -76.17 95.52 -11.82
C GLU K 165 -75.53 95.52 -13.20
N LYS K 166 -74.30 96.02 -13.27
CA LYS K 166 -73.58 96.13 -14.52
C LYS K 166 -72.79 94.90 -14.97
N VAL K 167 -71.93 94.38 -14.11
CA VAL K 167 -71.12 93.21 -14.48
C VAL K 167 -71.94 91.93 -14.66
N GLY K 168 -73.10 91.87 -14.01
CA GLY K 168 -73.95 90.70 -14.14
C GLY K 168 -73.67 89.58 -13.16
N LYS K 169 -74.54 88.56 -13.17
CA LYS K 169 -74.43 87.42 -12.28
C LYS K 169 -73.10 86.70 -12.43
N GLU K 170 -72.79 86.25 -13.65
CA GLU K 170 -71.55 85.55 -13.90
C GLU K 170 -70.38 86.51 -14.17
N GLY K 171 -70.55 87.77 -13.75
CA GLY K 171 -69.52 88.77 -13.95
C GLY K 171 -68.43 88.73 -12.90
N ILE K 172 -67.53 89.70 -12.94
CA ILE K 172 -66.43 89.76 -11.97
C ILE K 172 -66.52 90.99 -11.07
N ILE K 173 -66.41 90.77 -9.76
CA ILE K 173 -66.44 91.87 -8.81
C ILE K 173 -65.38 91.59 -7.75
N THR K 174 -64.68 92.63 -7.32
CA THR K 174 -63.63 92.47 -6.33
C THR K 174 -63.56 93.67 -5.40
N VAL K 175 -62.97 93.44 -4.24
CA VAL K 175 -62.82 94.50 -3.26
C VAL K 175 -61.32 94.69 -3.13
N GLU K 176 -60.84 95.90 -3.41
CA GLU K 176 -59.42 96.16 -3.33
C GLU K 176 -59.09 97.20 -2.28
N GLU K 177 -57.94 97.03 -1.64
CA GLU K 177 -57.50 97.97 -0.61
C GLU K 177 -56.98 99.24 -1.28
N SER K 178 -57.88 100.19 -1.49
CA SER K 178 -57.51 101.46 -2.11
C SER K 178 -56.48 102.14 -1.22
N LYS K 179 -55.98 103.28 -1.68
CA LYS K 179 -55.00 104.04 -0.94
C LYS K 179 -55.70 105.31 -0.51
N SER K 180 -56.76 105.65 -1.24
CA SER K 180 -57.55 106.85 -0.96
C SER K 180 -58.37 106.61 0.31
N LEU K 181 -58.74 107.70 0.99
CA LEU K 181 -59.52 107.59 2.22
C LEU K 181 -61.01 107.53 1.93
N GLU K 182 -61.36 107.28 0.67
CA GLU K 182 -62.75 107.19 0.26
C GLU K 182 -63.01 105.90 -0.50
N THR K 183 -64.22 105.37 -0.37
CA THR K 183 -64.58 104.13 -1.06
C THR K 183 -65.30 104.46 -2.36
N GLU K 184 -64.79 103.92 -3.46
CA GLU K 184 -65.38 104.18 -4.78
C GLU K 184 -65.53 102.91 -5.60
N LEU K 185 -66.31 103.00 -6.67
CA LEU K 185 -66.52 101.86 -7.56
C LEU K 185 -65.99 102.25 -8.93
N LYS K 186 -65.05 101.45 -9.44
CA LYS K 186 -64.44 101.71 -10.75
C LYS K 186 -64.49 100.47 -11.62
N PHE K 187 -64.78 100.64 -12.91
CA PHE K 187 -64.85 99.49 -13.80
C PHE K 187 -63.63 99.34 -14.70
N VAL K 188 -62.58 98.74 -14.16
CA VAL K 188 -61.35 98.53 -14.92
C VAL K 188 -61.50 97.32 -15.87
N GLU K 189 -60.40 96.88 -16.46
CA GLU K 189 -60.41 95.74 -17.37
C GLU K 189 -59.70 94.61 -16.67
N GLY K 190 -60.01 93.38 -17.05
CA GLY K 190 -59.36 92.25 -16.43
C GLY K 190 -60.00 90.90 -16.73
N TYR K 191 -59.59 89.90 -15.96
CA TYR K 191 -60.10 88.56 -16.12
C TYR K 191 -59.99 87.83 -14.78
N GLN K 192 -60.52 86.61 -14.73
CA GLN K 192 -60.49 85.81 -13.51
C GLN K 192 -60.88 84.36 -13.82
N PHE K 193 -60.04 83.43 -13.39
CA PHE K 193 -60.29 82.01 -13.62
C PHE K 193 -60.14 81.20 -12.33
N ASP K 194 -60.71 80.00 -12.30
CA ASP K 194 -60.65 79.16 -11.11
C ASP K 194 -59.44 78.25 -10.98
N LYS K 195 -58.33 78.84 -10.59
CA LYS K 195 -57.08 78.11 -10.36
C LYS K 195 -56.30 79.00 -9.39
N GLY K 196 -55.49 78.39 -8.55
CA GLY K 196 -54.75 79.17 -7.59
C GLY K 196 -53.28 78.83 -7.50
N TYR K 197 -52.60 79.40 -6.50
CA TYR K 197 -51.18 79.16 -6.37
C TYR K 197 -50.74 77.71 -6.30
N ILE K 198 -49.87 77.35 -7.23
CA ILE K 198 -49.31 76.01 -7.35
C ILE K 198 -48.54 75.62 -6.08
N SER K 199 -48.20 76.61 -5.28
CA SER K 199 -47.49 76.35 -4.03
C SER K 199 -47.93 77.40 -3.05
N PRO K 200 -48.29 76.98 -1.85
CA PRO K 200 -48.73 77.90 -0.81
C PRO K 200 -47.63 78.88 -0.39
N TYR K 201 -46.41 78.64 -0.84
CA TYR K 201 -45.28 79.53 -0.50
C TYR K 201 -45.32 80.88 -1.23
N PHE K 202 -46.13 80.95 -2.29
CA PHE K 202 -46.29 82.16 -3.07
C PHE K 202 -47.18 83.16 -2.36
N VAL K 203 -47.75 82.76 -1.23
CA VAL K 203 -48.64 83.63 -0.49
C VAL K 203 -47.97 84.93 -0.02
N THR K 204 -48.68 86.05 -0.17
CA THR K 204 -48.21 87.37 0.24
C THR K 204 -48.65 87.64 1.69
N ASN K 205 -49.94 87.44 1.93
CA ASN K 205 -50.49 87.65 3.26
C ASN K 205 -50.80 86.32 3.93
N PRO K 206 -50.08 86.01 5.02
CA PRO K 206 -50.29 84.75 5.75
C PRO K 206 -51.71 84.57 6.26
N GLU K 207 -52.28 85.64 6.81
CA GLU K 207 -53.64 85.60 7.35
C GLU K 207 -54.69 85.24 6.30
N THR K 208 -54.84 86.09 5.29
CA THR K 208 -55.81 85.84 4.23
C THR K 208 -55.40 84.68 3.31
N MET K 209 -54.15 84.25 3.38
CA MET K 209 -53.67 83.16 2.54
C MET K 209 -53.77 83.47 1.05
N GLU K 210 -53.52 84.73 0.69
CA GLU K 210 -53.58 85.17 -0.69
C GLU K 210 -52.19 85.58 -1.16
N ALA K 211 -52.03 85.72 -2.46
CA ALA K 211 -50.77 86.15 -3.06
C ALA K 211 -51.15 87.39 -3.85
N VAL K 212 -50.80 88.57 -3.34
CA VAL K 212 -51.11 89.80 -4.04
C VAL K 212 -49.89 90.39 -4.73
N LEU K 213 -50.03 90.66 -6.03
CA LEU K 213 -48.96 91.21 -6.85
C LEU K 213 -49.44 92.51 -7.48
N GLU K 214 -48.68 93.58 -7.32
CA GLU K 214 -49.07 94.86 -7.91
C GLU K 214 -48.15 95.30 -9.04
N ASP K 215 -48.77 95.69 -10.16
CA ASP K 215 -48.07 96.12 -11.36
C ASP K 215 -47.05 95.06 -11.72
N ALA K 216 -47.55 93.89 -12.08
CA ALA K 216 -46.68 92.78 -12.44
C ALA K 216 -46.91 92.33 -13.87
N PHE K 217 -45.93 91.60 -14.40
CA PHE K 217 -46.02 91.08 -15.75
C PHE K 217 -46.74 89.75 -15.65
N ILE K 218 -47.40 89.36 -16.72
CA ILE K 218 -48.15 88.13 -16.75
C ILE K 218 -47.65 87.19 -17.83
N LEU K 219 -46.58 86.46 -17.51
CA LEU K 219 -45.98 85.51 -18.43
C LEU K 219 -46.95 84.38 -18.74
N ILE K 220 -47.64 84.46 -19.88
CA ILE K 220 -48.62 83.46 -20.28
C ILE K 220 -48.01 82.32 -21.10
N VAL K 221 -47.68 81.20 -20.43
CA VAL K 221 -47.09 80.04 -21.10
C VAL K 221 -48.19 79.02 -21.43
N GLU K 222 -47.84 77.96 -22.17
CA GLU K 222 -48.81 76.95 -22.55
C GLU K 222 -48.22 75.56 -22.38
N LYS K 223 -46.92 75.52 -22.10
CA LYS K 223 -46.19 74.26 -21.92
C LYS K 223 -46.03 74.02 -20.42
N LYS K 224 -45.42 72.89 -20.08
CA LYS K 224 -45.15 72.57 -18.69
C LYS K 224 -43.77 73.04 -18.35
N VAL K 225 -43.68 74.23 -17.77
CA VAL K 225 -42.39 74.80 -17.41
C VAL K 225 -41.75 74.01 -16.26
N SER K 226 -40.79 73.14 -16.58
CA SER K 226 -40.13 72.34 -15.56
C SER K 226 -38.61 72.50 -15.57
N ASN K 227 -38.10 73.10 -16.63
CA ASN K 227 -36.67 73.32 -16.80
C ASN K 227 -36.25 74.75 -16.47
N VAL K 228 -35.21 74.88 -15.67
CA VAL K 228 -34.71 76.19 -15.28
C VAL K 228 -34.13 76.95 -16.45
N ARG K 229 -33.29 76.27 -17.23
CA ARG K 229 -32.65 76.89 -18.39
C ARG K 229 -33.60 77.64 -19.30
N GLU K 230 -34.78 77.08 -19.59
CA GLU K 230 -35.73 77.73 -20.47
C GLU K 230 -36.54 78.82 -19.77
N LEU K 231 -36.27 79.04 -18.49
CA LEU K 231 -36.99 80.05 -17.73
C LEU K 231 -36.10 81.21 -17.30
N LEU K 232 -34.85 80.90 -16.93
CA LEU K 232 -33.90 81.92 -16.47
C LEU K 232 -33.88 83.19 -17.32
N PRO K 233 -33.82 83.07 -18.65
CA PRO K 233 -33.79 84.29 -19.48
C PRO K 233 -34.86 85.33 -19.14
N ILE K 234 -36.12 84.95 -19.26
CA ILE K 234 -37.20 85.89 -18.94
C ILE K 234 -37.23 86.23 -17.46
N LEU K 235 -36.86 85.26 -16.63
CA LEU K 235 -36.87 85.47 -15.19
C LEU K 235 -35.89 86.58 -14.81
N GLU K 236 -34.81 86.64 -15.58
CA GLU K 236 -33.70 87.58 -15.47
C GLU K 236 -34.18 88.99 -15.86
N GLN K 237 -34.72 89.12 -17.08
CA GLN K 237 -35.23 90.40 -17.60
C GLN K 237 -36.21 91.07 -16.63
N VAL K 238 -37.17 90.29 -16.15
CA VAL K 238 -38.18 90.79 -15.22
C VAL K 238 -37.56 91.16 -13.88
N ALA K 239 -36.54 90.40 -13.47
CA ALA K 239 -35.86 90.64 -12.20
C ALA K 239 -35.31 92.07 -12.11
N GLN K 240 -34.68 92.54 -13.18
CA GLN K 240 -34.11 93.88 -13.21
C GLN K 240 -35.18 94.95 -13.36
N THR K 241 -36.43 94.53 -13.57
CA THR K 241 -37.52 95.48 -13.72
C THR K 241 -37.96 95.98 -12.37
N GLY K 242 -37.64 95.21 -11.34
CA GLY K 242 -38.03 95.57 -9.98
C GLY K 242 -39.50 95.28 -9.76
N LYS K 243 -40.17 94.83 -10.82
CA LYS K 243 -41.59 94.50 -10.76
C LYS K 243 -41.83 93.01 -10.49
N PRO K 244 -43.01 92.66 -9.98
CA PRO K 244 -43.39 91.28 -9.68
C PRO K 244 -43.85 90.51 -10.93
N LEU K 245 -43.90 89.18 -10.82
CA LEU K 245 -44.31 88.38 -11.97
C LEU K 245 -45.31 87.26 -11.68
N LEU K 246 -46.32 87.16 -12.53
CA LEU K 246 -47.34 86.11 -12.42
C LEU K 246 -47.18 85.13 -13.59
N ILE K 247 -46.81 83.89 -13.30
CA ILE K 247 -46.64 82.89 -14.34
C ILE K 247 -47.91 82.06 -14.45
N ILE K 248 -48.44 81.94 -15.66
CA ILE K 248 -49.66 81.20 -15.89
C ILE K 248 -49.47 80.07 -16.89
N ALA K 249 -48.55 79.15 -16.60
CA ALA K 249 -48.31 77.99 -17.47
C ALA K 249 -49.38 76.89 -17.22
N GLU K 250 -49.35 75.81 -17.98
CA GLU K 250 -50.35 74.77 -17.73
C GLU K 250 -49.91 74.08 -16.45
N ASP K 251 -48.65 74.28 -16.08
CA ASP K 251 -48.10 73.70 -14.87
C ASP K 251 -46.62 74.09 -14.70
N VAL K 252 -46.22 74.26 -13.45
CA VAL K 252 -44.84 74.61 -13.11
C VAL K 252 -44.36 73.59 -12.09
N GLU K 253 -43.40 72.77 -12.49
CA GLU K 253 -42.87 71.72 -11.63
C GLU K 253 -41.34 71.63 -11.58
N GLY K 254 -40.85 70.63 -10.86
CA GLY K 254 -39.41 70.42 -10.74
C GLY K 254 -38.57 71.62 -10.38
N GLU K 255 -37.44 71.77 -11.06
CA GLU K 255 -36.53 72.88 -10.82
C GLU K 255 -37.28 74.21 -10.94
N ALA K 256 -37.98 74.37 -12.06
CA ALA K 256 -38.73 75.59 -12.31
C ALA K 256 -39.50 76.05 -11.07
N LEU K 257 -40.42 75.21 -10.61
CA LEU K 257 -41.23 75.56 -9.45
C LEU K 257 -40.38 75.80 -8.20
N ALA K 258 -39.34 74.99 -8.03
CA ALA K 258 -38.47 75.13 -6.87
C ALA K 258 -37.76 76.49 -6.86
N THR K 259 -37.16 76.86 -7.98
CA THR K 259 -36.46 78.12 -8.10
C THR K 259 -37.39 79.29 -7.80
N LEU K 260 -38.51 79.34 -8.49
CA LEU K 260 -39.50 80.40 -8.30
C LEU K 260 -39.83 80.59 -6.82
N VAL K 261 -39.96 79.49 -6.10
CA VAL K 261 -40.29 79.52 -4.68
C VAL K 261 -39.16 80.05 -3.82
N VAL K 262 -37.94 79.61 -4.10
CA VAL K 262 -36.78 80.03 -3.34
C VAL K 262 -36.52 81.53 -3.42
N ASN K 263 -36.45 82.06 -4.64
CA ASN K 263 -36.22 83.49 -4.83
C ASN K 263 -37.36 84.33 -4.27
N LYS K 264 -38.55 83.76 -4.27
CA LYS K 264 -39.73 84.42 -3.76
C LYS K 264 -39.64 84.59 -2.24
N LEU K 265 -39.27 83.51 -1.56
CA LEU K 265 -39.13 83.52 -0.11
C LEU K 265 -37.80 84.16 0.28
N ARG K 266 -36.98 84.40 -0.73
CA ARG K 266 -35.66 84.98 -0.55
C ARG K 266 -35.70 86.50 -0.67
N GLY K 267 -36.45 87.00 -1.65
CA GLY K 267 -36.54 88.43 -1.85
C GLY K 267 -35.96 88.80 -3.19
N THR K 268 -35.47 87.79 -3.91
CA THR K 268 -34.88 87.98 -5.22
C THR K 268 -35.92 88.38 -6.26
N LEU K 269 -37.05 87.66 -6.25
CA LEU K 269 -38.13 87.95 -7.20
C LEU K 269 -39.47 87.54 -6.61
N SER K 270 -40.43 88.45 -6.56
CA SER K 270 -41.73 88.09 -6.03
C SER K 270 -42.57 87.60 -7.22
N VAL K 271 -42.81 86.30 -7.24
CA VAL K 271 -43.61 85.65 -8.28
C VAL K 271 -44.66 84.72 -7.69
N ALA K 272 -45.45 84.14 -8.59
CA ALA K 272 -46.51 83.22 -8.20
C ALA K 272 -46.96 82.47 -9.46
N ALA K 273 -46.92 81.14 -9.39
CA ALA K 273 -47.32 80.31 -10.52
C ALA K 273 -48.73 79.74 -10.33
N VAL K 274 -49.52 79.83 -11.40
CA VAL K 274 -50.91 79.34 -11.40
C VAL K 274 -51.13 78.48 -12.63
N LYS K 275 -51.85 77.36 -12.49
CA LYS K 275 -52.12 76.51 -13.63
C LYS K 275 -53.05 77.21 -14.60
N ALA K 276 -53.00 76.83 -15.87
CA ALA K 276 -53.83 77.44 -16.89
C ALA K 276 -55.31 77.12 -16.71
N PRO K 277 -56.18 78.11 -16.90
CA PRO K 277 -57.63 77.96 -16.77
C PRO K 277 -58.18 76.97 -17.77
N GLY K 278 -59.36 76.45 -17.47
CA GLY K 278 -60.02 75.50 -18.34
C GLY K 278 -59.21 74.27 -18.64
N PHE K 279 -59.71 73.46 -19.57
CA PHE K 279 -59.06 72.22 -19.98
C PHE K 279 -59.27 72.01 -21.49
N GLY K 280 -58.23 71.52 -22.16
CA GLY K 280 -58.31 71.25 -23.59
C GLY K 280 -58.39 72.48 -24.47
N ASP K 281 -59.11 72.35 -25.58
CA ASP K 281 -59.27 73.44 -26.53
C ASP K 281 -59.76 74.67 -25.77
N ARG K 282 -60.65 74.40 -24.82
CA ARG K 282 -61.23 75.43 -23.99
C ARG K 282 -60.17 76.30 -23.33
N ARG K 283 -59.05 75.68 -23.01
CA ARG K 283 -57.93 76.34 -22.35
C ARG K 283 -57.17 77.35 -23.19
N LYS K 284 -56.65 76.93 -24.34
CA LYS K 284 -55.90 77.88 -25.15
C LYS K 284 -56.77 79.07 -25.46
N GLU K 285 -58.06 78.83 -25.67
CA GLU K 285 -58.97 79.91 -25.98
C GLU K 285 -59.03 80.89 -24.81
N MET K 286 -58.95 80.39 -23.59
CA MET K 286 -58.98 81.26 -22.41
C MET K 286 -57.64 81.93 -22.16
N LEU K 287 -56.56 81.25 -22.54
CA LEU K 287 -55.22 81.81 -22.36
C LEU K 287 -55.07 83.04 -23.24
N LYS K 288 -55.81 83.06 -24.35
CA LYS K 288 -55.78 84.19 -25.27
C LYS K 288 -56.57 85.34 -24.67
N ASP K 289 -57.70 85.01 -24.04
CA ASP K 289 -58.56 86.00 -23.40
C ASP K 289 -57.71 86.77 -22.40
N ILE K 290 -56.76 86.08 -21.80
CA ILE K 290 -55.87 86.69 -20.83
C ILE K 290 -54.87 87.59 -21.55
N ALA K 291 -54.18 87.02 -22.54
CA ALA K 291 -53.21 87.79 -23.31
C ALA K 291 -53.87 89.07 -23.84
N ALA K 292 -55.12 88.95 -24.26
CA ALA K 292 -55.88 90.06 -24.81
C ALA K 292 -56.05 91.20 -23.81
N VAL K 293 -56.56 90.88 -22.64
CA VAL K 293 -56.79 91.88 -21.62
C VAL K 293 -55.50 92.33 -20.94
N THR K 294 -54.47 91.49 -21.03
CA THR K 294 -53.19 91.80 -20.40
C THR K 294 -52.23 92.58 -21.28
N GLY K 295 -52.27 92.27 -22.58
CA GLY K 295 -51.37 92.90 -23.52
C GLY K 295 -50.13 92.04 -23.65
N GLY K 296 -50.32 90.72 -23.51
CA GLY K 296 -49.22 89.78 -23.64
C GLY K 296 -49.55 88.80 -24.75
N THR K 297 -48.73 87.76 -24.91
CA THR K 297 -48.97 86.78 -25.95
C THR K 297 -48.74 85.35 -25.46
N VAL K 298 -49.60 84.45 -25.91
CA VAL K 298 -49.53 83.05 -25.53
C VAL K 298 -48.27 82.36 -26.09
N ILE K 299 -47.26 82.20 -25.25
CA ILE K 299 -46.02 81.54 -25.63
C ILE K 299 -46.27 80.05 -25.89
N SER K 300 -46.93 79.73 -27.00
CA SER K 300 -47.24 78.34 -27.33
C SER K 300 -46.15 77.68 -28.18
N GLU K 301 -45.75 76.47 -27.79
CA GLU K 301 -44.73 75.73 -28.52
C GLU K 301 -45.32 75.36 -29.90
N GLU K 302 -46.64 75.34 -29.97
CA GLU K 302 -47.36 75.01 -31.20
C GLU K 302 -46.88 75.90 -32.35
N LEU K 303 -47.11 77.21 -32.21
CA LEU K 303 -46.69 78.17 -33.24
C LEU K 303 -45.18 78.31 -33.19
N GLY K 304 -44.50 77.22 -32.85
CA GLY K 304 -43.05 77.19 -32.77
C GLY K 304 -42.41 78.38 -32.08
N PHE K 305 -42.09 78.24 -30.81
CA PHE K 305 -41.45 79.33 -30.07
C PHE K 305 -40.94 78.93 -28.69
N LYS K 306 -39.63 78.96 -28.53
CA LYS K 306 -38.98 78.61 -27.27
C LYS K 306 -39.14 79.69 -26.19
N LEU K 307 -39.14 79.26 -24.93
CA LEU K 307 -39.30 80.16 -23.81
C LEU K 307 -38.09 81.06 -23.56
N GLU K 308 -36.91 80.47 -23.62
CA GLU K 308 -35.68 81.24 -23.40
C GLU K 308 -35.65 82.48 -24.30
N ASN K 309 -36.23 82.34 -25.48
CA ASN K 309 -36.30 83.43 -26.46
C ASN K 309 -37.49 84.35 -26.23
N ALA K 310 -37.97 84.45 -25.00
CA ALA K 310 -39.11 85.32 -24.77
C ALA K 310 -38.68 86.68 -24.23
N THR K 311 -39.19 87.70 -24.90
CA THR K 311 -38.90 89.08 -24.58
C THR K 311 -39.75 89.60 -23.44
N LEU K 312 -39.15 90.49 -22.66
CA LEU K 312 -39.84 91.10 -21.54
C LEU K 312 -40.94 92.03 -22.08
N SER K 313 -41.48 91.69 -23.25
CA SER K 313 -42.53 92.49 -23.89
C SER K 313 -43.65 91.63 -24.46
N MET K 314 -43.40 90.32 -24.54
CA MET K 314 -44.38 89.38 -25.07
C MET K 314 -45.40 89.10 -23.97
N LEU K 315 -44.99 89.39 -22.74
CA LEU K 315 -45.81 89.19 -21.56
C LEU K 315 -46.59 90.44 -21.19
N GLY K 316 -47.92 90.36 -21.18
CA GLY K 316 -48.74 91.49 -20.80
C GLY K 316 -48.59 91.82 -19.32
N ARG K 317 -49.37 92.80 -18.85
CA ARG K 317 -49.30 93.15 -17.44
C ARG K 317 -50.57 93.85 -16.95
N ALA K 318 -50.72 93.90 -15.62
CA ALA K 318 -51.90 94.52 -15.00
C ALA K 318 -51.56 95.20 -13.67
N GLU K 319 -52.45 96.08 -13.23
CA GLU K 319 -52.23 96.84 -12.01
C GLU K 319 -52.17 96.00 -10.75
N ARG K 320 -52.95 94.92 -10.71
CA ARG K 320 -52.93 94.06 -9.55
C ARG K 320 -53.43 92.64 -9.84
N VAL K 321 -52.71 91.66 -9.30
CA VAL K 321 -53.05 90.27 -9.47
C VAL K 321 -53.24 89.64 -8.09
N ARG K 322 -54.40 89.04 -7.86
CA ARG K 322 -54.74 88.42 -6.59
C ARG K 322 -54.86 86.92 -6.75
N ILE K 323 -54.05 86.18 -6.01
CA ILE K 323 -54.07 84.72 -6.11
C ILE K 323 -54.47 84.06 -4.81
N THR K 324 -55.49 83.20 -4.91
CA THR K 324 -56.04 82.44 -3.80
C THR K 324 -55.72 80.99 -4.09
N LYS K 325 -55.80 80.11 -3.10
CA LYS K 325 -55.50 78.71 -3.39
C LYS K 325 -56.48 78.12 -4.39
N ASP K 326 -57.62 78.80 -4.59
CA ASP K 326 -58.65 78.32 -5.51
C ASP K 326 -58.97 79.27 -6.65
N GLU K 327 -58.45 80.49 -6.59
CA GLU K 327 -58.80 81.45 -7.63
C GLU K 327 -57.77 82.51 -7.94
N THR K 328 -57.60 82.82 -9.22
CA THR K 328 -56.67 83.86 -9.65
C THR K 328 -57.48 85.02 -10.24
N THR K 329 -57.13 86.24 -9.85
CA THR K 329 -57.85 87.42 -10.31
C THR K 329 -56.88 88.46 -10.88
N ILE K 330 -57.20 89.01 -12.05
CA ILE K 330 -56.35 90.01 -12.67
C ILE K 330 -57.08 91.33 -12.83
N VAL K 331 -56.75 92.28 -11.97
CA VAL K 331 -57.36 93.60 -11.97
C VAL K 331 -56.45 94.63 -12.61
N GLY K 332 -57.00 95.44 -13.51
CA GLY K 332 -56.22 96.47 -14.16
C GLY K 332 -55.53 95.93 -15.40
N GLY K 333 -56.30 95.23 -16.23
CA GLY K 333 -55.74 94.68 -17.45
C GLY K 333 -55.30 95.82 -18.34
N LYS K 334 -54.07 95.74 -18.83
CA LYS K 334 -53.53 96.80 -19.69
C LYS K 334 -53.39 96.41 -21.15
N GLY K 335 -54.20 95.46 -21.59
CA GLY K 335 -54.14 95.05 -22.98
C GLY K 335 -54.84 96.08 -23.84
N LYS K 336 -54.64 95.99 -25.15
CA LYS K 336 -55.26 96.92 -26.07
C LYS K 336 -56.77 96.72 -26.12
N LYS K 337 -57.52 97.78 -25.82
CA LYS K 337 -58.97 97.74 -25.84
C LYS K 337 -59.49 97.09 -27.12
N GLU K 338 -58.62 97.01 -28.12
CA GLU K 338 -58.99 96.42 -29.40
C GLU K 338 -58.98 94.90 -29.25
N ASP K 339 -57.83 94.36 -28.85
CA ASP K 339 -57.67 92.92 -28.68
C ASP K 339 -58.81 92.34 -27.85
N ILE K 340 -59.21 93.09 -26.83
CA ILE K 340 -60.28 92.67 -25.94
C ILE K 340 -61.60 92.56 -26.69
N GLU K 341 -62.03 93.66 -27.31
CA GLU K 341 -63.29 93.67 -28.07
C GLU K 341 -63.22 92.65 -29.19
N ALA K 342 -62.00 92.24 -29.52
CA ALA K 342 -61.76 91.25 -30.55
C ALA K 342 -62.28 89.89 -30.12
N ARG K 343 -61.97 89.52 -28.87
CA ARG K 343 -62.41 88.24 -28.32
C ARG K 343 -63.93 88.31 -28.11
N ILE K 344 -64.37 89.39 -27.47
CA ILE K 344 -65.79 89.60 -27.20
C ILE K 344 -66.67 89.28 -28.42
N ASN K 345 -66.28 89.81 -29.58
CA ASN K 345 -67.05 89.58 -30.79
C ASN K 345 -66.84 88.20 -31.37
N GLY K 346 -65.58 87.78 -31.49
CA GLY K 346 -65.29 86.47 -32.03
C GLY K 346 -65.95 85.38 -31.21
N ILE K 347 -66.31 85.74 -29.98
CA ILE K 347 -66.94 84.81 -29.05
C ILE K 347 -68.46 84.74 -29.31
N LYS K 348 -69.05 85.89 -29.65
CA LYS K 348 -70.48 85.96 -29.94
C LYS K 348 -70.82 85.23 -31.24
N LYS K 349 -69.93 85.36 -32.23
CA LYS K 349 -70.10 84.72 -33.53
C LYS K 349 -70.14 83.21 -33.38
N GLU K 350 -69.16 82.70 -32.64
CA GLU K 350 -69.05 81.27 -32.38
C GLU K 350 -70.18 80.83 -31.46
N LEU K 351 -70.84 81.81 -30.86
CA LEU K 351 -71.93 81.55 -29.93
C LEU K 351 -73.21 81.17 -30.69
N GLU K 352 -73.32 81.66 -31.92
CA GLU K 352 -74.48 81.40 -32.77
C GLU K 352 -74.34 80.04 -33.45
N THR K 353 -73.10 79.65 -33.70
CA THR K 353 -72.80 78.37 -34.35
C THR K 353 -72.84 77.23 -33.33
N THR K 354 -72.83 77.60 -32.05
CA THR K 354 -72.86 76.63 -30.96
C THR K 354 -74.26 76.05 -30.82
N ASP K 355 -74.33 74.76 -30.49
CA ASP K 355 -75.60 74.07 -30.34
C ASP K 355 -75.78 73.40 -28.98
N SER K 356 -74.69 72.95 -28.37
CA SER K 356 -74.75 72.30 -27.06
C SER K 356 -74.90 73.33 -25.95
N GLU K 357 -76.02 73.26 -25.24
CA GLU K 357 -76.32 74.19 -24.15
C GLU K 357 -75.16 74.38 -23.17
N TYR K 358 -74.40 73.31 -22.92
CA TYR K 358 -73.27 73.41 -22.00
C TYR K 358 -72.19 74.37 -22.51
N ALA K 359 -71.78 74.17 -23.76
CA ALA K 359 -70.75 75.02 -24.35
C ALA K 359 -71.19 76.49 -24.33
N ARG K 360 -72.48 76.73 -24.56
CA ARG K 360 -73.01 78.08 -24.57
C ARG K 360 -72.79 78.80 -23.25
N GLU K 361 -73.26 78.20 -22.16
CA GLU K 361 -73.13 78.78 -20.84
C GLU K 361 -71.70 79.16 -20.50
N LYS K 362 -70.75 78.36 -20.98
CA LYS K 362 -69.36 78.60 -20.69
C LYS K 362 -68.79 79.75 -21.52
N LEU K 363 -69.22 79.87 -22.76
CA LEU K 363 -68.75 80.99 -23.55
C LEU K 363 -69.37 82.19 -22.83
N GLN K 364 -70.58 81.98 -22.29
CA GLN K 364 -71.30 83.01 -21.56
C GLN K 364 -70.45 83.67 -20.48
N GLU K 365 -69.76 82.85 -19.68
CA GLU K 365 -68.94 83.38 -18.62
C GLU K 365 -67.72 84.12 -19.14
N ARG K 366 -67.08 83.59 -20.18
CA ARG K 366 -65.93 84.27 -20.78
C ARG K 366 -66.44 85.60 -21.28
N LEU K 367 -67.62 85.56 -21.89
CA LEU K 367 -68.26 86.75 -22.43
C LEU K 367 -68.52 87.76 -21.34
N ALA K 368 -69.01 87.30 -20.20
CA ALA K 368 -69.32 88.19 -19.08
C ALA K 368 -68.06 88.66 -18.34
N LYS K 369 -66.96 87.93 -18.48
CA LYS K 369 -65.72 88.31 -17.82
C LYS K 369 -65.08 89.45 -18.59
N LEU K 370 -64.90 89.23 -19.90
CA LEU K 370 -64.31 90.23 -20.79
C LEU K 370 -65.20 91.47 -20.79
N ALA K 371 -66.46 91.30 -21.18
CA ALA K 371 -67.42 92.40 -21.18
C ALA K 371 -67.69 92.70 -19.70
N GLY K 372 -68.28 93.84 -19.40
CA GLY K 372 -68.54 94.18 -18.01
C GLY K 372 -67.20 94.47 -17.33
N GLY K 373 -66.21 93.64 -17.66
CA GLY K 373 -64.88 93.83 -17.14
C GLY K 373 -64.67 93.33 -15.74
N VAL K 374 -64.19 94.20 -14.87
CA VAL K 374 -63.91 93.85 -13.49
C VAL K 374 -64.30 94.98 -12.52
N ALA K 375 -65.56 94.95 -12.09
CA ALA K 375 -66.06 95.95 -11.15
C ALA K 375 -65.19 95.90 -9.90
N VAL K 376 -64.50 97.00 -9.61
CA VAL K 376 -63.65 97.06 -8.43
C VAL K 376 -64.19 98.05 -7.41
N ILE K 377 -64.04 97.69 -6.14
CA ILE K 377 -64.52 98.53 -5.06
C ILE K 377 -63.31 98.96 -4.24
N ARG K 378 -62.71 100.07 -4.63
CA ARG K 378 -61.55 100.60 -3.91
C ARG K 378 -62.05 100.95 -2.50
N VAL K 379 -61.46 100.31 -1.49
CA VAL K 379 -61.85 100.53 -0.11
C VAL K 379 -61.03 101.59 0.60
N GLY K 380 -61.70 102.64 1.07
CA GLY K 380 -61.02 103.71 1.77
C GLY K 380 -61.00 103.51 3.26
N ALA K 381 -59.86 103.79 3.88
CA ALA K 381 -59.69 103.66 5.32
C ALA K 381 -58.85 104.82 5.85
N ALA K 382 -58.28 104.65 7.04
CA ALA K 382 -57.46 105.67 7.65
C ALA K 382 -56.30 104.98 8.35
N THR K 383 -56.56 103.76 8.81
CA THR K 383 -55.55 102.96 9.51
C THR K 383 -55.36 101.67 8.72
N GLU K 384 -54.23 101.02 8.92
CA GLU K 384 -53.96 99.76 8.24
C GLU K 384 -54.94 98.77 8.87
N THR K 385 -55.32 99.07 10.10
CA THR K 385 -56.24 98.24 10.87
C THR K 385 -57.66 98.45 10.35
N GLU K 386 -58.15 99.67 10.47
CA GLU K 386 -59.50 100.01 10.00
C GLU K 386 -59.72 99.47 8.60
N LEU K 387 -58.66 99.35 7.82
CA LEU K 387 -58.75 98.86 6.45
C LEU K 387 -59.00 97.37 6.42
N LYS K 388 -58.11 96.59 7.04
CA LYS K 388 -58.29 95.15 7.07
C LYS K 388 -59.73 94.83 7.45
N GLU K 389 -60.30 95.63 8.33
CA GLU K 389 -61.65 95.39 8.78
C GLU K 389 -62.71 95.67 7.71
N LYS K 390 -62.71 96.88 7.16
CA LYS K 390 -63.66 97.21 6.10
C LYS K 390 -63.43 96.24 4.95
N LYS K 391 -62.16 95.96 4.67
CA LYS K 391 -61.79 95.06 3.59
C LYS K 391 -62.57 93.76 3.73
N HIS K 392 -62.38 93.13 4.89
CA HIS K 392 -63.06 91.87 5.22
C HIS K 392 -64.57 92.05 5.18
N ARG K 393 -65.07 92.95 6.01
CA ARG K 393 -66.50 93.22 6.08
C ARG K 393 -67.15 93.37 4.69
N PHE K 394 -66.63 94.29 3.90
CA PHE K 394 -67.15 94.54 2.56
C PHE K 394 -67.03 93.31 1.69
N GLU K 395 -65.90 92.61 1.79
CA GLU K 395 -65.72 91.42 0.97
C GLU K 395 -66.78 90.36 1.28
N ASP K 396 -67.02 90.13 2.57
CA ASP K 396 -68.01 89.16 3.00
C ASP K 396 -69.37 89.63 2.50
N ALA K 397 -69.71 90.87 2.82
CA ALA K 397 -70.97 91.44 2.40
C ALA K 397 -71.19 91.15 0.91
N LEU K 398 -70.13 91.24 0.13
CA LEU K 398 -70.22 90.97 -1.30
C LEU K 398 -70.58 89.51 -1.51
N ASN K 399 -69.70 88.61 -1.07
CA ASN K 399 -69.95 87.17 -1.20
C ASN K 399 -71.35 86.77 -0.71
N ALA K 400 -71.76 87.37 0.41
CA ALA K 400 -73.07 87.11 0.98
C ALA K 400 -74.12 87.42 -0.07
N THR K 401 -74.17 88.69 -0.47
CA THR K 401 -75.13 89.19 -1.45
C THR K 401 -75.14 88.40 -2.75
N ARG K 402 -73.96 88.04 -3.23
CA ARG K 402 -73.90 87.28 -4.47
C ARG K 402 -74.59 85.95 -4.27
N ALA K 403 -74.29 85.29 -3.15
CA ALA K 403 -74.91 84.00 -2.85
C ALA K 403 -76.40 84.23 -2.62
N ALA K 404 -76.71 85.32 -1.94
CA ALA K 404 -78.09 85.67 -1.63
C ALA K 404 -78.96 85.68 -2.87
N VAL K 405 -78.37 86.12 -3.99
CA VAL K 405 -79.11 86.18 -5.24
C VAL K 405 -79.33 84.81 -5.87
N GLU K 406 -78.38 83.90 -5.68
CA GLU K 406 -78.47 82.55 -6.23
C GLU K 406 -79.63 81.70 -5.70
N GLU K 407 -79.82 81.69 -4.39
CA GLU K 407 -80.87 80.87 -3.79
C GLU K 407 -81.73 81.60 -2.80
N GLY K 408 -81.62 82.92 -2.83
CA GLY K 408 -82.42 83.68 -1.89
C GLY K 408 -81.84 83.62 -0.50
N ILE K 409 -82.60 84.20 0.43
CA ILE K 409 -82.19 84.25 1.82
C ILE K 409 -83.23 83.63 2.74
N VAL K 410 -82.75 83.12 3.88
CA VAL K 410 -83.60 82.48 4.88
C VAL K 410 -83.29 83.09 6.25
N PRO K 411 -84.18 82.88 7.24
CA PRO K 411 -83.96 83.42 8.59
C PRO K 411 -82.65 82.92 9.19
N GLY K 412 -81.89 83.82 9.80
CA GLY K 412 -80.61 83.42 10.37
C GLY K 412 -80.69 82.92 11.80
N GLY K 413 -79.54 82.87 12.46
CA GLY K 413 -79.51 82.41 13.84
C GLY K 413 -79.96 80.99 14.02
N GLY K 414 -79.70 80.15 13.03
CA GLY K 414 -80.08 78.74 13.11
C GLY K 414 -81.56 78.44 12.94
N VAL K 415 -82.39 79.47 13.05
CA VAL K 415 -83.83 79.31 12.93
C VAL K 415 -84.31 78.53 11.70
N THR K 416 -83.71 78.77 10.55
CA THR K 416 -84.13 78.06 9.35
C THR K 416 -83.90 76.56 9.50
N LEU K 417 -82.76 76.18 10.03
CA LEU K 417 -82.47 74.77 10.22
C LEU K 417 -83.50 74.15 11.17
N LEU K 418 -83.98 74.93 12.13
CA LEU K 418 -84.95 74.44 13.08
C LEU K 418 -86.25 74.14 12.32
N ARG K 419 -86.69 75.12 11.54
CA ARG K 419 -87.90 74.95 10.76
C ARG K 419 -87.84 73.75 9.83
N ALA K 420 -86.65 73.21 9.62
CA ALA K 420 -86.51 72.05 8.75
C ALA K 420 -86.92 70.78 9.48
N ILE K 421 -86.87 70.83 10.81
CA ILE K 421 -87.23 69.67 11.61
C ILE K 421 -88.59 69.10 11.24
N SER K 422 -89.61 69.96 11.17
CA SER K 422 -90.96 69.54 10.78
C SER K 422 -90.90 68.61 9.56
N ALA K 423 -90.24 69.08 8.51
CA ALA K 423 -90.13 68.30 7.28
C ALA K 423 -89.50 66.94 7.56
N VAL K 424 -88.49 66.91 8.42
CA VAL K 424 -87.83 65.65 8.76
C VAL K 424 -88.78 64.75 9.55
N GLU K 425 -89.58 65.35 10.44
CA GLU K 425 -90.55 64.60 11.26
C GLU K 425 -91.47 63.86 10.32
N GLU K 426 -92.06 64.61 9.38
CA GLU K 426 -92.98 64.05 8.40
C GLU K 426 -92.36 62.86 7.71
N LEU K 427 -91.06 62.97 7.39
CA LEU K 427 -90.35 61.91 6.72
C LEU K 427 -90.25 60.68 7.61
N ILE K 428 -89.87 60.89 8.86
CA ILE K 428 -89.71 59.81 9.82
C ILE K 428 -90.97 58.96 9.90
N LYS K 429 -92.12 59.63 9.96
CA LYS K 429 -93.41 58.95 10.02
C LYS K 429 -93.60 57.93 8.90
N LYS K 430 -92.86 58.11 7.81
CA LYS K 430 -92.95 57.23 6.65
C LYS K 430 -91.76 56.29 6.63
N LEU K 431 -90.90 56.39 7.62
CA LEU K 431 -89.70 55.56 7.68
C LEU K 431 -89.74 54.59 8.84
N GLU K 432 -88.94 53.54 8.74
CA GLU K 432 -88.90 52.54 9.78
C GLU K 432 -87.52 51.88 9.83
N GLY K 433 -87.22 51.26 10.96
CA GLY K 433 -85.94 50.59 11.10
C GLY K 433 -84.79 51.55 11.33
N ASP K 434 -83.57 51.10 11.06
CA ASP K 434 -82.37 51.92 11.22
C ASP K 434 -82.42 53.16 10.32
N GLU K 435 -83.07 53.02 9.18
CA GLU K 435 -83.23 54.11 8.24
C GLU K 435 -83.99 55.24 8.94
N ALA K 436 -85.00 54.89 9.73
CA ALA K 436 -85.76 55.89 10.45
C ALA K 436 -84.85 56.52 11.49
N THR K 437 -83.98 55.71 12.07
CA THR K 437 -83.05 56.20 13.08
C THR K 437 -82.21 57.33 12.49
N GLY K 438 -81.62 57.07 11.32
CA GLY K 438 -80.81 58.08 10.66
C GLY K 438 -81.58 59.38 10.56
N ALA K 439 -82.79 59.33 10.00
CA ALA K 439 -83.60 60.51 9.86
C ALA K 439 -83.68 61.20 11.21
N LYS K 440 -83.82 60.40 12.26
CA LYS K 440 -83.91 60.94 13.60
C LYS K 440 -82.61 61.63 13.98
N ILE K 441 -81.49 61.07 13.56
CA ILE K 441 -80.19 61.66 13.86
C ILE K 441 -80.10 63.08 13.30
N VAL K 442 -80.45 63.23 12.03
CA VAL K 442 -80.42 64.53 11.39
C VAL K 442 -81.34 65.49 12.13
N ARG K 443 -82.53 65.00 12.50
CA ARG K 443 -83.48 65.85 13.19
C ARG K 443 -82.89 66.42 14.47
N ARG K 444 -82.10 65.61 15.15
CA ARG K 444 -81.48 66.06 16.39
C ARG K 444 -80.41 67.10 16.08
N ALA K 445 -79.57 66.78 15.11
CA ALA K 445 -78.50 67.67 14.67
C ALA K 445 -78.99 69.10 14.40
N LEU K 446 -80.01 69.21 13.56
CA LEU K 446 -80.58 70.50 13.20
C LEU K 446 -80.77 71.45 14.37
N GLU K 447 -80.84 70.92 15.60
CA GLU K 447 -81.06 71.77 16.76
C GLU K 447 -79.76 72.41 17.25
N GLU K 448 -78.65 71.71 17.04
CA GLU K 448 -77.37 72.20 17.52
C GLU K 448 -76.99 73.65 17.23
N PRO K 449 -76.99 74.04 15.95
CA PRO K 449 -76.65 75.42 15.60
C PRO K 449 -77.37 76.44 16.48
N ALA K 450 -78.68 76.50 16.33
CA ALA K 450 -79.49 77.43 17.11
C ALA K 450 -79.16 77.33 18.59
N ARG K 451 -79.11 76.09 19.09
CA ARG K 451 -78.84 75.83 20.49
C ARG K 451 -77.49 76.41 20.91
N GLN K 452 -76.46 75.99 20.19
CA GLN K 452 -75.09 76.42 20.44
C GLN K 452 -74.93 77.95 20.44
N ILE K 453 -75.63 78.63 19.55
CA ILE K 453 -75.56 80.08 19.48
C ILE K 453 -76.05 80.67 20.79
N ALA K 454 -77.29 80.34 21.15
CA ALA K 454 -77.91 80.82 22.38
C ALA K 454 -77.03 80.48 23.58
N GLU K 455 -76.46 79.29 23.57
CA GLU K 455 -75.59 78.83 24.64
C GLU K 455 -74.36 79.75 24.73
N ASN K 456 -73.67 79.96 23.62
CA ASN K 456 -72.49 80.81 23.60
C ASN K 456 -72.86 82.21 24.10
N ALA K 457 -74.06 82.66 23.77
CA ALA K 457 -74.54 83.97 24.20
C ALA K 457 -74.88 84.02 25.69
N GLY K 458 -74.84 82.86 26.35
CA GLY K 458 -75.14 82.78 27.76
C GLY K 458 -76.61 82.56 28.09
N TYR K 459 -77.26 81.69 27.34
CA TYR K 459 -78.68 81.38 27.54
C TYR K 459 -78.87 79.87 27.51
N GLU K 460 -80.05 79.40 27.94
CA GLU K 460 -80.33 77.98 27.93
C GLU K 460 -80.68 77.55 26.52
N GLY K 461 -79.71 76.94 25.84
CA GLY K 461 -79.93 76.49 24.47
C GLY K 461 -81.24 75.77 24.27
N SER K 462 -81.33 74.57 24.81
CA SER K 462 -82.51 73.72 24.72
C SER K 462 -83.79 74.50 24.97
N VAL K 463 -83.74 75.41 25.93
CA VAL K 463 -84.92 76.21 26.25
C VAL K 463 -85.33 77.10 25.09
N ILE K 464 -84.38 77.90 24.61
CA ILE K 464 -84.65 78.80 23.52
C ILE K 464 -85.10 78.03 22.28
N VAL K 465 -84.39 76.96 21.98
CA VAL K 465 -84.74 76.13 20.83
C VAL K 465 -86.20 75.69 20.90
N GLN K 466 -86.69 75.49 22.12
CA GLN K 466 -88.05 75.05 22.33
C GLN K 466 -89.03 76.17 22.04
N GLN K 467 -88.84 77.29 22.72
CA GLN K 467 -89.72 78.43 22.55
C GLN K 467 -89.83 78.88 21.08
N ILE K 468 -88.81 78.56 20.28
CA ILE K 468 -88.80 78.94 18.88
C ILE K 468 -89.69 77.98 18.12
N LEU K 469 -89.45 76.69 18.30
CA LEU K 469 -90.23 75.66 17.64
C LEU K 469 -91.69 75.70 18.13
N ALA K 470 -91.93 76.43 19.22
CA ALA K 470 -93.26 76.56 19.78
C ALA K 470 -94.12 77.39 18.86
N GLU K 471 -93.59 78.53 18.41
CA GLU K 471 -94.32 79.41 17.51
C GLU K 471 -94.44 78.73 16.16
N THR K 472 -95.66 78.48 15.70
CA THR K 472 -95.89 77.82 14.42
C THR K 472 -96.42 78.79 13.39
N LYS K 473 -96.98 79.90 13.85
CA LYS K 473 -97.51 80.91 12.95
C LYS K 473 -96.49 81.40 11.96
N ASN K 474 -95.60 82.25 12.42
CA ASN K 474 -94.57 82.82 11.58
C ASN K 474 -93.26 82.06 11.69
N PRO K 475 -92.88 81.32 10.63
CA PRO K 475 -91.64 80.54 10.61
C PRO K 475 -90.37 81.39 10.75
N ARG K 476 -90.52 82.67 10.51
CA ARG K 476 -89.39 83.60 10.63
C ARG K 476 -89.18 84.01 12.10
N TYR K 477 -90.02 83.49 12.98
CA TYR K 477 -89.91 83.78 14.40
C TYR K 477 -88.63 83.11 14.89
N GLY K 478 -87.83 83.83 15.65
CA GLY K 478 -86.60 83.26 16.14
C GLY K 478 -86.04 84.04 17.31
N PHE K 479 -84.87 83.60 17.78
CA PHE K 479 -84.20 84.23 18.91
C PHE K 479 -82.99 85.01 18.44
N ASN K 480 -82.94 86.28 18.80
CA ASN K 480 -81.81 87.12 18.44
C ASN K 480 -80.86 87.12 19.63
N ALA K 481 -79.92 86.18 19.63
CA ALA K 481 -78.93 86.03 20.71
C ALA K 481 -78.21 87.32 21.04
N ALA K 482 -78.24 88.28 20.11
CA ALA K 482 -77.57 89.54 20.32
C ALA K 482 -78.28 90.40 21.36
N THR K 483 -79.57 90.67 21.13
CA THR K 483 -80.35 91.50 22.05
C THR K 483 -81.05 90.66 23.10
N GLY K 484 -81.01 89.33 22.93
CA GLY K 484 -81.67 88.44 23.87
C GLY K 484 -83.18 88.55 23.81
N GLU K 485 -83.74 88.65 22.61
CA GLU K 485 -85.19 88.75 22.45
C GLU K 485 -85.64 87.96 21.24
N PHE K 486 -86.90 87.55 21.25
CA PHE K 486 -87.44 86.80 20.13
C PHE K 486 -88.04 87.82 19.17
N VAL K 487 -87.81 87.62 17.87
CA VAL K 487 -88.29 88.54 16.87
C VAL K 487 -88.41 87.86 15.53
N ASP K 488 -88.78 88.65 14.51
CA ASP K 488 -88.87 88.11 13.16
C ASP K 488 -87.46 88.22 12.61
N MET K 489 -86.74 87.10 12.61
CA MET K 489 -85.37 87.06 12.13
C MET K 489 -85.16 87.91 10.87
N VAL K 490 -86.10 87.84 9.94
CA VAL K 490 -86.01 88.60 8.71
C VAL K 490 -86.11 90.09 9.01
N GLU K 491 -87.28 90.52 9.47
CA GLU K 491 -87.47 91.93 9.80
C GLU K 491 -86.44 92.49 10.77
N ALA K 492 -85.62 91.60 11.33
CA ALA K 492 -84.61 92.00 12.29
C ALA K 492 -83.26 92.07 11.62
N GLY K 493 -83.24 91.75 10.33
CA GLY K 493 -81.99 91.79 9.58
C GLY K 493 -81.02 90.70 9.96
N ILE K 494 -81.56 89.56 10.36
CA ILE K 494 -80.72 88.42 10.73
C ILE K 494 -81.06 87.32 9.75
N VAL K 495 -80.49 87.42 8.56
CA VAL K 495 -80.75 86.46 7.50
C VAL K 495 -79.49 85.74 7.10
N ASP K 496 -79.62 84.73 6.24
CA ASP K 496 -78.50 83.95 5.74
C ASP K 496 -78.76 83.49 4.32
N PRO K 497 -77.71 83.48 3.48
CA PRO K 497 -77.90 83.04 2.10
C PRO K 497 -78.39 81.61 2.17
N ALA K 498 -79.58 81.35 1.64
CA ALA K 498 -80.10 80.00 1.65
C ALA K 498 -79.05 79.03 1.11
N LYS K 499 -78.20 79.51 0.21
CA LYS K 499 -77.17 78.65 -0.35
C LYS K 499 -76.23 78.17 0.78
N VAL K 500 -75.87 79.09 1.66
CA VAL K 500 -74.97 78.79 2.76
C VAL K 500 -75.51 77.65 3.61
N THR K 501 -76.73 77.83 4.08
CA THR K 501 -77.40 76.84 4.90
C THR K 501 -77.46 75.47 4.20
N ARG K 502 -78.07 75.43 3.02
CA ARG K 502 -78.16 74.16 2.29
C ARG K 502 -76.82 73.47 2.23
N SER K 503 -75.79 74.26 2.05
CA SER K 503 -74.46 73.71 1.93
C SER K 503 -73.96 73.14 3.23
N ALA K 504 -73.92 73.97 4.27
CA ALA K 504 -73.43 73.54 5.58
C ALA K 504 -74.03 72.18 5.94
N LEU K 505 -75.35 72.05 5.77
CA LEU K 505 -76.04 70.79 6.05
C LEU K 505 -75.54 69.64 5.19
N GLN K 506 -75.76 69.74 3.89
CA GLN K 506 -75.31 68.69 2.97
C GLN K 506 -73.86 68.27 3.23
N ASN K 507 -73.00 69.25 3.50
CA ASN K 507 -71.59 68.96 3.74
C ASN K 507 -71.38 68.18 5.01
N ALA K 508 -71.99 68.63 6.11
CA ALA K 508 -71.87 67.96 7.40
C ALA K 508 -72.33 66.52 7.23
N ALA K 509 -73.55 66.40 6.71
CA ALA K 509 -74.15 65.10 6.48
C ALA K 509 -73.21 64.23 5.65
N SER K 510 -72.46 64.87 4.76
CA SER K 510 -71.53 64.12 3.94
C SER K 510 -70.44 63.53 4.82
N ILE K 511 -69.87 64.34 5.71
CA ILE K 511 -68.82 63.83 6.58
C ILE K 511 -69.35 62.68 7.44
N GLY K 512 -70.55 62.88 7.99
CA GLY K 512 -71.15 61.84 8.80
C GLY K 512 -71.24 60.53 8.05
N ALA K 513 -71.95 60.56 6.92
CA ALA K 513 -72.10 59.37 6.11
C ALA K 513 -70.74 58.72 5.81
N LEU K 514 -69.74 59.56 5.56
CA LEU K 514 -68.40 59.08 5.25
C LEU K 514 -67.82 58.23 6.37
N ILE K 515 -67.82 58.78 7.58
CA ILE K 515 -67.27 58.07 8.73
C ILE K 515 -68.01 56.77 9.05
N LEU K 516 -69.34 56.80 9.02
CA LEU K 516 -70.13 55.59 9.28
C LEU K 516 -69.76 54.49 8.26
N THR K 517 -69.48 54.90 7.02
CA THR K 517 -69.11 53.97 5.96
C THR K 517 -67.62 53.61 5.96
N THR K 518 -66.85 54.16 6.90
CA THR K 518 -65.42 53.86 6.97
C THR K 518 -65.14 52.57 7.70
N GLU K 519 -64.43 51.67 7.03
CA GLU K 519 -64.11 50.36 7.59
C GLU K 519 -62.64 50.16 7.86
N ALA K 520 -61.83 51.11 7.43
CA ALA K 520 -60.39 51.02 7.65
C ALA K 520 -59.65 52.29 7.28
N VAL K 521 -58.49 52.51 7.90
CA VAL K 521 -57.67 53.68 7.61
C VAL K 521 -56.22 53.25 7.67
N VAL K 522 -55.46 53.67 6.67
CA VAL K 522 -54.05 53.33 6.58
C VAL K 522 -53.27 54.63 6.77
N ALA K 523 -52.75 54.83 7.98
CA ALA K 523 -51.98 56.04 8.29
C ALA K 523 -50.49 55.79 8.29
N GLU K 524 -49.73 56.88 8.32
CA GLU K 524 -48.28 56.80 8.34
C GLU K 524 -47.87 56.69 9.80
N LYS K 525 -46.89 55.81 10.06
CA LYS K 525 -46.40 55.63 11.42
C LYS K 525 -45.47 56.82 11.67
N PRO K 526 -45.44 57.33 12.92
CA PRO K 526 -44.58 58.47 13.26
C PRO K 526 -43.13 58.39 12.74
N ALA L 2 -48.26 69.98 15.80
CA ALA L 2 -48.59 69.24 17.05
C ALA L 2 -49.06 70.22 18.12
N LYS L 3 -50.35 70.52 18.12
CA LYS L 3 -50.92 71.43 19.10
C LYS L 3 -51.42 70.65 20.31
N ILE L 4 -52.13 71.33 21.20
CA ILE L 4 -52.68 70.73 22.40
C ILE L 4 -53.89 71.56 22.85
N LEU L 5 -55.07 70.96 22.77
CA LEU L 5 -56.30 71.65 23.15
C LEU L 5 -56.60 71.55 24.65
N VAL L 6 -57.30 72.55 25.17
CA VAL L 6 -57.67 72.61 26.58
C VAL L 6 -58.94 73.43 26.66
N PHE L 7 -59.95 72.91 27.36
CA PHE L 7 -61.21 73.63 27.44
C PHE L 7 -61.65 74.05 28.83
N ASP L 8 -62.81 74.68 28.87
CA ASP L 8 -63.45 75.17 30.09
C ASP L 8 -62.53 75.53 31.24
N GLU L 9 -62.96 75.20 32.46
CA GLU L 9 -62.18 75.54 33.64
C GLU L 9 -60.73 75.10 33.50
N ALA L 10 -60.50 73.96 32.86
CA ALA L 10 -59.14 73.47 32.70
C ALA L 10 -58.25 74.57 32.13
N ALA L 11 -58.72 75.17 31.05
CA ALA L 11 -58.02 76.25 30.38
C ALA L 11 -57.96 77.51 31.25
N ARG L 12 -59.12 78.01 31.68
CA ARG L 12 -59.16 79.19 32.53
C ARG L 12 -58.23 79.09 33.76
N ARG L 13 -58.16 77.91 34.37
CA ARG L 13 -57.30 77.74 35.53
C ARG L 13 -55.85 77.85 35.15
N ALA L 14 -55.49 77.28 34.00
CA ALA L 14 -54.12 77.34 33.50
C ALA L 14 -53.70 78.80 33.29
N LEU L 15 -54.50 79.55 32.54
CA LEU L 15 -54.23 80.96 32.30
C LEU L 15 -54.08 81.70 33.64
N GLU L 16 -55.03 81.47 34.55
CA GLU L 16 -54.97 82.11 35.85
C GLU L 16 -53.63 81.85 36.54
N ARG L 17 -53.13 80.63 36.43
CA ARG L 17 -51.87 80.26 37.05
C ARG L 17 -50.81 81.22 36.53
N GLY L 18 -50.79 81.41 35.22
CA GLY L 18 -49.84 82.31 34.61
C GLY L 18 -50.06 83.72 35.15
N VAL L 19 -51.31 84.18 35.08
CA VAL L 19 -51.66 85.50 35.55
C VAL L 19 -51.11 85.75 36.94
N ASN L 20 -51.22 84.75 37.80
CA ASN L 20 -50.73 84.93 39.15
C ASN L 20 -49.21 84.98 39.22
N ALA L 21 -48.55 84.15 38.40
CA ALA L 21 -47.08 84.12 38.39
C ALA L 21 -46.53 85.52 38.20
N VAL L 22 -47.04 86.21 37.20
CA VAL L 22 -46.61 87.56 36.93
C VAL L 22 -47.03 88.46 38.09
N ALA L 23 -48.32 88.65 38.25
CA ALA L 23 -48.86 89.52 39.30
C ALA L 23 -48.20 89.39 40.68
N ASN L 24 -47.89 88.17 41.10
CA ASN L 24 -47.29 88.00 42.41
C ASN L 24 -45.86 88.48 42.50
N ALA L 25 -45.14 88.41 41.39
CA ALA L 25 -43.76 88.86 41.36
C ALA L 25 -43.73 90.38 41.24
N VAL L 26 -44.67 90.92 40.49
CA VAL L 26 -44.77 92.36 40.25
C VAL L 26 -45.31 93.24 41.37
N LYS L 27 -46.43 92.87 41.97
CA LYS L 27 -47.05 93.69 43.01
C LYS L 27 -46.22 93.99 44.24
N VAL L 28 -45.19 93.20 44.50
CA VAL L 28 -44.35 93.46 45.67
C VAL L 28 -43.55 94.76 45.51
N THR L 29 -43.73 95.45 44.38
CA THR L 29 -42.99 96.68 44.09
C THR L 29 -43.87 97.91 44.05
N LEU L 30 -45.18 97.69 44.02
CA LEU L 30 -46.15 98.77 43.93
C LEU L 30 -46.02 99.75 45.10
N GLY L 31 -46.13 101.05 44.79
CA GLY L 31 -46.05 102.07 45.82
C GLY L 31 -44.67 102.61 46.14
N PRO L 32 -44.63 103.64 47.00
CA PRO L 32 -43.44 104.35 47.48
C PRO L 32 -42.40 103.47 48.13
N ARG L 33 -42.80 102.30 48.58
CA ARG L 33 -41.85 101.42 49.25
C ARG L 33 -41.84 99.98 48.74
N GLY L 34 -41.90 99.81 47.43
CA GLY L 34 -41.88 98.46 46.89
C GLY L 34 -40.76 97.64 47.52
N ARG L 35 -40.94 96.33 47.54
CA ARG L 35 -39.94 95.44 48.10
C ARG L 35 -38.98 95.07 46.96
N ASN L 36 -37.88 94.39 47.32
CA ASN L 36 -36.88 94.00 46.34
C ASN L 36 -37.18 92.70 45.65
N VAL L 37 -36.97 92.67 44.34
CA VAL L 37 -37.16 91.47 43.54
C VAL L 37 -35.81 91.24 42.90
N VAL L 38 -35.29 90.03 43.05
CA VAL L 38 -34.00 89.68 42.48
C VAL L 38 -34.12 88.97 41.11
N LEU L 39 -33.43 89.48 40.12
CA LEU L 39 -33.46 88.90 38.78
C LEU L 39 -32.05 88.52 38.37
N GLU L 40 -31.85 87.29 37.89
CA GLU L 40 -30.52 86.88 37.50
C GLU L 40 -30.35 86.97 35.99
N LYS L 41 -29.18 87.46 35.58
CA LYS L 41 -28.87 87.61 34.16
C LYS L 41 -28.01 86.41 33.80
N LYS L 42 -28.25 85.83 32.63
CA LYS L 42 -27.51 84.65 32.20
C LYS L 42 -25.99 84.75 32.35
N PHE L 43 -25.44 85.90 31.95
CA PHE L 43 -23.99 86.11 32.03
C PHE L 43 -23.60 87.00 33.21
N GLY L 44 -24.06 88.25 33.21
CA GLY L 44 -23.75 89.14 34.29
C GLY L 44 -24.27 88.63 35.62
N SER L 45 -23.88 89.28 36.72
CA SER L 45 -24.34 88.87 38.04
C SER L 45 -25.83 89.24 38.25
N PRO L 46 -26.41 88.86 39.39
CA PRO L 46 -27.81 89.18 39.65
C PRO L 46 -28.13 90.65 39.71
N THR L 47 -29.41 90.97 39.55
CA THR L 47 -29.94 92.32 39.56
C THR L 47 -31.02 92.41 40.65
N ILE L 48 -31.23 93.60 41.20
CA ILE L 48 -32.27 93.78 42.20
C ILE L 48 -33.08 94.95 41.71
N THR L 49 -34.40 94.85 41.81
CA THR L 49 -35.28 95.93 41.35
C THR L 49 -36.36 96.26 42.35
N LYS L 50 -37.21 97.21 41.95
CA LYS L 50 -38.34 97.67 42.74
C LYS L 50 -39.23 98.25 41.68
N ASP L 51 -38.92 97.90 40.44
CA ASP L 51 -39.68 98.36 39.29
C ASP L 51 -40.51 97.22 38.75
N GLY L 52 -41.82 97.39 38.76
CA GLY L 52 -42.70 96.37 38.25
C GLY L 52 -42.42 95.97 36.82
N VAL L 53 -42.32 96.96 35.94
CA VAL L 53 -42.08 96.69 34.52
C VAL L 53 -40.81 95.92 34.26
N THR L 54 -39.77 96.22 35.04
CA THR L 54 -38.50 95.53 34.90
C THR L 54 -38.69 94.06 35.18
N VAL L 55 -39.37 93.76 36.28
CA VAL L 55 -39.62 92.38 36.69
C VAL L 55 -40.56 91.69 35.70
N ALA L 56 -41.65 92.36 35.34
CA ALA L 56 -42.58 91.79 34.39
C ALA L 56 -41.89 91.28 33.14
N LYS L 57 -40.95 92.06 32.59
CA LYS L 57 -40.23 91.65 31.39
C LYS L 57 -39.52 90.32 31.54
N GLU L 58 -38.93 90.10 32.71
CA GLU L 58 -38.19 88.88 32.97
C GLU L 58 -39.05 87.67 33.32
N VAL L 59 -40.36 87.81 33.37
CA VAL L 59 -41.21 86.67 33.72
C VAL L 59 -41.69 85.85 32.53
N GLU L 60 -41.19 84.63 32.47
CA GLU L 60 -41.53 83.69 31.40
C GLU L 60 -41.60 82.31 32.05
N LEU L 61 -42.75 81.65 31.95
CA LEU L 61 -42.95 80.35 32.56
C LEU L 61 -42.62 79.17 31.65
N GLU L 62 -42.22 78.05 32.25
CA GLU L 62 -41.89 76.84 31.49
C GLU L 62 -43.10 76.25 30.78
N ASP L 63 -44.21 76.11 31.50
CA ASP L 63 -45.42 75.56 30.92
C ASP L 63 -46.06 76.49 29.89
N HIS L 64 -46.26 75.97 28.69
CA HIS L 64 -46.88 76.74 27.59
C HIS L 64 -48.19 77.42 27.97
N LEU L 65 -49.16 76.64 28.46
CA LEU L 65 -50.45 77.20 28.83
C LEU L 65 -50.33 78.30 29.87
N GLU L 66 -49.62 78.02 30.96
CA GLU L 66 -49.46 79.01 32.01
C GLU L 66 -48.77 80.25 31.48
N ASN L 67 -47.76 80.05 30.63
CA ASN L 67 -47.04 81.18 30.08
C ASN L 67 -48.00 82.04 29.26
N ILE L 68 -48.83 81.38 28.47
CA ILE L 68 -49.79 82.09 27.64
C ILE L 68 -50.55 83.13 28.46
N GLY L 69 -50.90 82.75 29.69
CA GLY L 69 -51.62 83.67 30.54
C GLY L 69 -50.71 84.80 30.93
N ALA L 70 -49.50 84.45 31.36
CA ALA L 70 -48.52 85.44 31.76
C ALA L 70 -48.34 86.49 30.67
N GLN L 71 -48.05 86.01 29.47
CA GLN L 71 -47.84 86.91 28.35
C GLN L 71 -49.08 87.72 28.07
N LEU L 72 -50.22 87.05 28.08
CA LEU L 72 -51.47 87.72 27.79
C LEU L 72 -51.70 88.87 28.78
N LEU L 73 -51.30 88.66 30.04
CA LEU L 73 -51.48 89.68 31.07
C LEU L 73 -50.51 90.82 30.81
N LYS L 74 -49.24 90.47 30.66
CA LYS L 74 -48.19 91.46 30.39
C LYS L 74 -48.57 92.38 29.24
N GLU L 75 -49.06 91.80 28.15
CA GLU L 75 -49.47 92.59 27.00
C GLU L 75 -50.48 93.66 27.40
N VAL L 76 -51.67 93.21 27.76
CA VAL L 76 -52.72 94.14 28.14
C VAL L 76 -52.32 95.08 29.25
N ALA L 77 -51.47 94.61 30.15
CA ALA L 77 -51.04 95.46 31.25
C ALA L 77 -50.17 96.62 30.76
N SER L 78 -49.20 96.30 29.90
CA SER L 78 -48.29 97.30 29.37
C SER L 78 -48.97 98.32 28.49
N LYS L 79 -50.01 97.93 27.77
CA LYS L 79 -50.69 98.90 26.90
C LYS L 79 -51.36 100.00 27.73
N THR L 80 -50.83 100.21 28.93
CA THR L 80 -51.32 101.23 29.87
C THR L 80 -50.17 102.22 29.96
N ASN L 81 -48.98 101.67 30.07
CA ASN L 81 -47.76 102.45 30.14
C ASN L 81 -47.61 103.07 28.75
N ASP L 82 -48.10 102.35 27.75
CA ASP L 82 -48.05 102.79 26.36
C ASP L 82 -48.94 103.98 26.05
N VAL L 83 -49.90 104.28 26.92
CA VAL L 83 -50.80 105.39 26.69
C VAL L 83 -50.81 106.41 27.83
N ALA L 84 -49.99 106.15 28.85
CA ALA L 84 -49.92 107.07 29.99
C ALA L 84 -48.55 107.01 30.67
N GLY L 85 -47.69 106.13 30.16
CA GLY L 85 -46.35 106.01 30.68
C GLY L 85 -46.22 105.63 32.15
N ASP L 86 -47.20 104.88 32.63
CA ASP L 86 -47.20 104.42 34.02
C ASP L 86 -48.47 103.65 34.32
N GLY L 87 -48.49 103.02 35.49
CA GLY L 87 -49.65 102.25 35.90
C GLY L 87 -49.76 100.87 35.29
N THR L 88 -48.64 100.35 34.80
CA THR L 88 -48.69 99.04 34.20
C THR L 88 -48.79 98.01 35.32
N THR L 89 -48.08 98.25 36.43
CA THR L 89 -48.12 97.36 37.59
C THR L 89 -49.49 97.38 38.28
N THR L 90 -50.05 98.57 38.43
CA THR L 90 -51.35 98.73 39.06
C THR L 90 -52.40 97.96 38.28
N ALA L 91 -52.30 98.01 36.95
CA ALA L 91 -53.28 97.31 36.13
C ALA L 91 -53.18 95.80 36.38
N THR L 92 -51.97 95.32 36.60
CA THR L 92 -51.71 93.90 36.87
C THR L 92 -52.40 93.48 38.14
N VAL L 93 -52.18 94.24 39.21
CA VAL L 93 -52.80 93.95 40.50
C VAL L 93 -54.32 93.83 40.37
N LEU L 94 -54.95 94.90 39.88
CA LEU L 94 -56.40 94.89 39.68
C LEU L 94 -56.83 93.66 38.89
N ALA L 95 -56.09 93.35 37.83
CA ALA L 95 -56.41 92.21 36.97
C ALA L 95 -56.37 90.89 37.74
N GLN L 96 -55.34 90.69 38.54
CA GLN L 96 -55.22 89.45 39.32
C GLN L 96 -56.50 89.24 40.10
N ALA L 97 -56.86 90.26 40.89
CA ALA L 97 -58.05 90.23 41.71
C ALA L 97 -59.27 89.89 40.87
N ILE L 98 -59.54 90.70 39.86
CA ILE L 98 -60.69 90.45 39.01
C ILE L 98 -60.72 89.01 38.48
N VAL L 99 -59.57 88.49 38.07
CA VAL L 99 -59.51 87.13 37.56
C VAL L 99 -59.87 86.10 38.61
N ARG L 100 -59.31 86.29 39.80
CA ARG L 100 -59.52 85.39 40.94
C ARG L 100 -61.02 85.26 41.26
N GLU L 101 -61.59 86.33 41.82
CA GLU L 101 -62.99 86.37 42.17
C GLU L 101 -63.86 85.92 41.02
N GLY L 102 -63.48 86.33 39.81
CA GLY L 102 -64.26 85.97 38.65
C GLY L 102 -64.37 84.47 38.50
N LEU L 103 -63.22 83.81 38.44
CA LEU L 103 -63.19 82.37 38.28
C LEU L 103 -63.81 81.64 39.47
N LYS L 104 -63.72 82.22 40.66
CA LYS L 104 -64.28 81.62 41.86
C LYS L 104 -65.79 81.52 41.72
N ASN L 105 -66.42 82.66 41.52
CA ASN L 105 -67.85 82.75 41.32
C ASN L 105 -68.34 81.94 40.09
N VAL L 106 -67.50 81.83 39.06
CA VAL L 106 -67.89 81.07 37.87
C VAL L 106 -67.91 79.60 38.23
N ALA L 107 -67.00 79.21 39.11
CA ALA L 107 -66.89 77.84 39.57
C ALA L 107 -67.96 77.53 40.60
N ALA L 108 -68.67 78.55 41.05
CA ALA L 108 -69.72 78.36 42.03
C ALA L 108 -71.05 78.41 41.30
N GLY L 109 -70.96 78.46 39.98
CA GLY L 109 -72.15 78.49 39.14
C GLY L 109 -72.61 79.81 38.56
N ALA L 110 -71.84 80.87 38.77
CA ALA L 110 -72.22 82.18 38.23
C ALA L 110 -72.07 82.16 36.71
N ASN L 111 -72.87 82.95 36.02
CA ASN L 111 -72.78 83.00 34.56
C ASN L 111 -71.66 83.97 34.17
N PRO L 112 -70.67 83.48 33.40
CA PRO L 112 -69.55 84.32 32.99
C PRO L 112 -70.00 85.63 32.34
N LEU L 113 -70.83 85.52 31.32
CA LEU L 113 -71.28 86.71 30.62
C LEU L 113 -71.93 87.70 31.56
N ALA L 114 -72.74 87.22 32.49
CA ALA L 114 -73.42 88.11 33.44
C ALA L 114 -72.40 88.82 34.32
N LEU L 115 -71.39 88.07 34.74
CA LEU L 115 -70.32 88.63 35.56
C LEU L 115 -69.68 89.76 34.77
N LYS L 116 -69.40 89.49 33.50
CA LYS L 116 -68.81 90.47 32.61
C LYS L 116 -69.69 91.71 32.55
N ARG L 117 -70.92 91.58 32.05
CA ARG L 117 -71.85 92.72 31.94
C ARG L 117 -71.75 93.57 33.20
N GLY L 118 -71.59 92.90 34.34
CA GLY L 118 -71.50 93.59 35.61
C GLY L 118 -70.16 94.23 35.86
N ILE L 119 -69.08 93.53 35.51
CA ILE L 119 -67.74 94.06 35.67
C ILE L 119 -67.60 95.34 34.84
N GLU L 120 -68.22 95.34 33.67
CA GLU L 120 -68.18 96.48 32.77
C GLU L 120 -68.92 97.66 33.38
N LYS L 121 -70.19 97.45 33.72
CA LYS L 121 -70.99 98.52 34.32
C LYS L 121 -70.27 99.08 35.53
N ALA L 122 -69.58 98.21 36.26
CA ALA L 122 -68.85 98.64 37.45
C ALA L 122 -67.74 99.60 37.05
N VAL L 123 -66.91 99.17 36.12
CA VAL L 123 -65.82 100.00 35.65
C VAL L 123 -66.34 101.36 35.17
N GLU L 124 -67.34 101.37 34.29
CA GLU L 124 -67.89 102.63 33.81
C GLU L 124 -68.10 103.57 34.99
N ALA L 125 -68.95 103.16 35.92
CA ALA L 125 -69.24 103.94 37.12
C ALA L 125 -67.96 104.39 37.80
N ALA L 126 -66.98 103.50 37.85
CA ALA L 126 -65.70 103.80 38.47
C ALA L 126 -65.00 104.92 37.73
N VAL L 127 -64.82 104.72 36.43
CA VAL L 127 -64.17 105.73 35.60
C VAL L 127 -64.87 107.08 35.74
N GLU L 128 -66.20 107.07 35.63
CA GLU L 128 -66.97 108.29 35.73
C GLU L 128 -66.67 109.04 37.03
N LYS L 129 -66.33 108.30 38.08
CA LYS L 129 -66.00 108.91 39.36
C LYS L 129 -64.59 109.47 39.29
N ILE L 130 -63.69 108.75 38.62
CA ILE L 130 -62.31 109.19 38.44
C ILE L 130 -62.32 110.54 37.75
N LYS L 131 -63.12 110.65 36.70
CA LYS L 131 -63.23 111.89 35.96
C LYS L 131 -63.73 113.02 36.85
N ALA L 132 -64.94 112.88 37.36
CA ALA L 132 -65.55 113.89 38.21
C ALA L 132 -64.69 114.22 39.42
N LEU L 133 -63.61 113.47 39.59
CA LEU L 133 -62.71 113.63 40.73
C LEU L 133 -61.35 114.19 40.32
N ALA L 134 -61.16 114.34 39.01
CA ALA L 134 -59.89 114.82 38.47
C ALA L 134 -59.68 116.32 38.44
N ILE L 135 -58.42 116.72 38.68
CA ILE L 135 -58.00 118.12 38.68
C ILE L 135 -57.34 118.41 37.35
N PRO L 136 -57.88 119.37 36.58
CA PRO L 136 -57.28 119.70 35.27
C PRO L 136 -55.91 120.34 35.42
N VAL L 137 -54.99 119.98 34.51
CA VAL L 137 -53.65 120.54 34.48
C VAL L 137 -53.44 121.17 33.10
N GLU L 138 -53.69 122.46 33.00
CA GLU L 138 -53.56 123.19 31.73
C GLU L 138 -52.87 124.54 31.91
N ASP L 139 -52.84 125.05 33.13
CA ASP L 139 -52.19 126.32 33.41
C ASP L 139 -50.70 126.18 33.17
N ARG L 140 -50.00 127.30 33.30
CA ARG L 140 -48.56 127.30 33.14
C ARG L 140 -47.99 126.73 34.45
N LYS L 141 -48.45 127.29 35.58
CA LYS L 141 -48.00 126.85 36.90
C LYS L 141 -48.34 125.40 37.09
N ALA L 142 -49.57 125.05 36.72
CA ALA L 142 -50.04 123.68 36.82
C ALA L 142 -49.02 122.72 36.21
N ILE L 143 -48.91 122.76 34.89
CA ILE L 143 -47.98 121.90 34.16
C ILE L 143 -46.59 121.89 34.74
N GLU L 144 -46.12 123.05 35.19
CA GLU L 144 -44.78 123.08 35.75
C GLU L 144 -44.71 122.34 37.06
N GLU L 145 -45.61 122.67 37.98
CA GLU L 145 -45.65 122.03 39.28
C GLU L 145 -45.72 120.51 39.18
N VAL L 146 -46.65 120.01 38.37
CA VAL L 146 -46.80 118.57 38.17
C VAL L 146 -45.43 117.98 37.85
N ALA L 147 -44.84 118.47 36.75
CA ALA L 147 -43.53 118.00 36.31
C ALA L 147 -42.46 118.20 37.38
N THR L 148 -42.55 119.33 38.06
CA THR L 148 -41.59 119.65 39.10
C THR L 148 -41.57 118.54 40.13
N ILE L 149 -42.75 118.06 40.49
CA ILE L 149 -42.86 117.00 41.48
C ILE L 149 -42.36 115.66 40.95
N SER L 150 -42.97 115.18 39.86
CA SER L 150 -42.60 113.91 39.27
C SER L 150 -41.13 113.83 38.91
N ALA L 151 -40.47 114.97 38.91
CA ALA L 151 -39.06 114.97 38.58
C ALA L 151 -38.23 115.18 39.83
N ASN L 152 -38.83 115.89 40.79
CA ASN L 152 -38.15 116.21 42.05
C ASN L 152 -37.01 117.16 41.69
N ASP L 153 -37.34 118.18 40.91
CA ASP L 153 -36.39 119.19 40.46
C ASP L 153 -37.18 120.34 39.87
N PRO L 154 -37.23 121.48 40.59
CA PRO L 154 -37.97 122.66 40.13
C PRO L 154 -37.45 123.20 38.80
N GLU L 155 -36.18 122.93 38.53
CA GLU L 155 -35.55 123.39 37.31
C GLU L 155 -36.07 122.58 36.13
N VAL L 156 -35.86 121.27 36.18
CA VAL L 156 -36.33 120.39 35.12
C VAL L 156 -37.83 120.61 34.93
N GLY L 157 -38.49 121.01 36.01
CA GLY L 157 -39.91 121.27 35.94
C GLY L 157 -40.12 122.39 34.95
N LYS L 158 -39.36 123.47 35.12
CA LYS L 158 -39.44 124.63 34.24
C LYS L 158 -39.20 124.19 32.80
N LEU L 159 -38.05 123.57 32.57
CA LEU L 159 -37.69 123.11 31.24
C LEU L 159 -38.82 122.31 30.61
N ILE L 160 -39.27 121.28 31.32
CA ILE L 160 -40.35 120.45 30.81
C ILE L 160 -41.55 121.32 30.48
N ALA L 161 -41.85 122.28 31.35
CA ALA L 161 -42.96 123.18 31.12
C ALA L 161 -42.74 123.98 29.84
N ASP L 162 -41.57 124.62 29.74
CA ASP L 162 -41.24 125.43 28.57
C ASP L 162 -41.29 124.58 27.31
N ALA L 163 -40.59 123.44 27.35
CA ALA L 163 -40.56 122.54 26.21
C ALA L 163 -41.99 122.29 25.69
N MET L 164 -42.91 122.03 26.62
CA MET L 164 -44.30 121.79 26.25
C MET L 164 -44.92 123.08 25.75
N GLU L 165 -44.68 124.18 26.46
CA GLU L 165 -45.21 125.49 26.12
C GLU L 165 -45.01 125.83 24.65
N LYS L 166 -43.81 125.56 24.15
CA LYS L 166 -43.46 125.87 22.77
C LYS L 166 -43.80 124.82 21.73
N VAL L 167 -43.37 123.57 21.94
CA VAL L 167 -43.65 122.51 20.98
C VAL L 167 -45.13 122.14 20.88
N GLY L 168 -45.88 122.38 21.95
CA GLY L 168 -47.29 122.08 21.93
C GLY L 168 -47.67 120.67 22.36
N LYS L 169 -48.97 120.44 22.52
CA LYS L 169 -49.49 119.14 22.94
C LYS L 169 -49.05 118.00 22.01
N GLU L 170 -49.36 118.12 20.72
CA GLU L 170 -48.98 117.08 19.77
C GLU L 170 -47.55 117.26 19.24
N GLY L 171 -46.76 118.04 19.98
CA GLY L 171 -45.38 118.28 19.59
C GLY L 171 -44.43 117.18 20.00
N ILE L 172 -43.14 117.39 19.78
CA ILE L 172 -42.12 116.41 20.11
C ILE L 172 -41.20 116.88 21.22
N ILE L 173 -41.01 116.04 22.24
CA ILE L 173 -40.11 116.37 23.35
C ILE L 173 -39.33 115.11 23.69
N THR L 174 -38.07 115.26 24.02
CA THR L 174 -37.23 114.11 24.33
C THR L 174 -36.19 114.45 25.38
N VAL L 175 -35.70 113.44 26.06
CA VAL L 175 -34.70 113.63 27.09
C VAL L 175 -33.47 112.91 26.57
N GLU L 176 -32.38 113.64 26.39
CA GLU L 176 -31.18 113.03 25.88
C GLU L 176 -30.05 113.07 26.89
N GLU L 177 -29.21 112.04 26.87
CA GLU L 177 -28.07 111.97 27.79
C GLU L 177 -26.97 112.90 27.29
N SER L 178 -27.01 114.14 27.75
CA SER L 178 -26.02 115.14 27.36
C SER L 178 -24.65 114.64 27.80
N LYS L 179 -23.63 115.39 27.46
CA LYS L 179 -22.28 115.05 27.83
C LYS L 179 -21.86 116.11 28.85
N SER L 180 -22.50 117.27 28.77
CA SER L 180 -22.22 118.37 29.68
C SER L 180 -22.72 118.03 31.08
N LEU L 181 -22.13 118.65 32.09
CA LEU L 181 -22.52 118.39 33.47
C LEU L 181 -23.68 119.29 33.90
N GLU L 182 -24.35 119.90 32.92
CA GLU L 182 -25.48 120.77 33.19
C GLU L 182 -26.68 120.36 32.33
N THR L 183 -27.87 120.57 32.87
CA THR L 183 -29.09 120.22 32.14
C THR L 183 -29.64 121.47 31.44
N GLU L 184 -29.84 121.35 30.13
CA GLU L 184 -30.33 122.47 29.35
C GLU L 184 -31.46 122.04 28.40
N LEU L 185 -32.16 123.04 27.86
CA LEU L 185 -33.24 122.80 26.92
C LEU L 185 -32.86 123.45 25.59
N LYS L 186 -32.81 122.65 24.53
CA LYS L 186 -32.44 123.14 23.20
C LYS L 186 -33.48 122.71 22.17
N PHE L 187 -33.85 123.59 21.25
CA PHE L 187 -34.83 123.26 20.22
C PHE L 187 -34.21 122.95 18.86
N VAL L 188 -33.76 121.72 18.70
CA VAL L 188 -33.14 121.29 17.44
C VAL L 188 -34.22 120.97 16.42
N GLU L 189 -33.79 120.35 15.32
CA GLU L 189 -34.69 119.97 14.24
C GLU L 189 -34.77 118.45 14.24
N GLY L 190 -35.94 117.94 13.86
CA GLY L 190 -36.14 116.51 13.82
C GLY L 190 -37.56 116.09 13.51
N TYR L 191 -37.82 114.78 13.66
CA TYR L 191 -39.13 114.22 13.41
C TYR L 191 -39.28 113.01 14.30
N GLN L 192 -40.49 112.45 14.31
CA GLN L 192 -40.82 111.30 15.14
C GLN L 192 -42.15 110.66 14.74
N PHE L 193 -42.11 109.37 14.45
CA PHE L 193 -43.31 108.64 14.04
C PHE L 193 -43.52 107.39 14.87
N ASP L 194 -44.75 106.87 14.85
CA ASP L 194 -45.12 105.69 15.62
C ASP L 194 -44.86 104.37 14.92
N LYS L 195 -43.60 103.96 14.90
CA LYS L 195 -43.17 102.71 14.29
C LYS L 195 -41.87 102.40 15.00
N GLY L 196 -41.51 101.12 15.10
CA GLY L 196 -40.30 100.76 15.81
C GLY L 196 -39.46 99.70 15.12
N TYR L 197 -38.44 99.23 15.83
CA TYR L 197 -37.58 98.26 15.21
C TYR L 197 -38.26 97.01 14.70
N ILE L 198 -38.09 96.77 13.41
CA ILE L 198 -38.63 95.61 12.72
C ILE L 198 -38.12 94.31 13.36
N SER L 199 -37.01 94.40 14.10
CA SER L 199 -36.47 93.23 14.79
C SER L 199 -35.87 93.66 16.11
N PRO L 200 -36.21 92.95 17.20
CA PRO L 200 -35.69 93.29 18.52
C PRO L 200 -34.17 93.12 18.66
N TYR L 201 -33.54 92.61 17.62
CA TYR L 201 -32.09 92.42 17.63
C TYR L 201 -31.33 93.72 17.36
N PHE L 202 -32.04 94.71 16.83
CA PHE L 202 -31.45 96.01 16.52
C PHE L 202 -31.25 96.85 17.78
N VAL L 203 -31.74 96.33 18.90
CA VAL L 203 -31.63 97.05 20.16
C VAL L 203 -30.18 97.31 20.55
N THR L 204 -29.93 98.52 21.06
CA THR L 204 -28.61 98.98 21.51
C THR L 204 -28.46 98.68 23.00
N ASN L 205 -29.47 99.08 23.76
CA ASN L 205 -29.50 98.88 25.21
C ASN L 205 -30.54 97.82 25.58
N PRO L 206 -30.08 96.67 26.07
CA PRO L 206 -30.94 95.56 26.47
C PRO L 206 -31.97 95.98 27.51
N GLU L 207 -31.53 96.73 28.51
CA GLU L 207 -32.41 97.17 29.59
C GLU L 207 -33.57 98.02 29.08
N THR L 208 -33.25 99.18 28.51
CA THR L 208 -34.28 100.07 28.00
C THR L 208 -34.98 99.52 26.75
N MET L 209 -34.38 98.51 26.12
CA MET L 209 -34.97 97.91 24.92
C MET L 209 -35.10 98.90 23.77
N GLU L 210 -34.13 99.80 23.65
CA GLU L 210 -34.13 100.81 22.60
C GLU L 210 -32.93 100.57 21.70
N ALA L 211 -32.94 101.22 20.54
CA ALA L 211 -31.85 101.15 19.58
C ALA L 211 -31.44 102.60 19.39
N VAL L 212 -30.29 102.96 19.94
CA VAL L 212 -29.79 104.33 19.83
C VAL L 212 -28.65 104.43 18.82
N LEU L 213 -28.84 105.30 17.83
CA LEU L 213 -27.85 105.52 16.78
C LEU L 213 -27.41 106.97 16.80
N GLU L 214 -26.09 107.20 16.85
CA GLU L 214 -25.59 108.57 16.87
C GLU L 214 -24.84 108.97 15.62
N ASP L 215 -25.24 110.10 15.03
CA ASP L 215 -24.63 110.60 13.80
C ASP L 215 -24.71 109.50 12.75
N ALA L 216 -25.93 109.15 12.36
CA ALA L 216 -26.14 108.11 11.37
C ALA L 216 -26.85 108.64 10.16
N PHE L 217 -26.78 107.87 9.07
CA PHE L 217 -27.44 108.24 7.83
C PHE L 217 -28.84 107.68 7.90
N ILE L 218 -29.76 108.31 7.18
CA ILE L 218 -31.13 107.87 7.20
C ILE L 218 -31.62 107.51 5.81
N LEU L 219 -31.32 106.27 5.42
CA LEU L 219 -31.72 105.74 4.13
C LEU L 219 -33.23 105.65 4.07
N ILE L 220 -33.86 106.60 3.38
CA ILE L 220 -35.30 106.63 3.27
C ILE L 220 -35.78 105.96 1.98
N VAL L 221 -36.23 104.71 2.11
CA VAL L 221 -36.74 103.93 0.98
C VAL L 221 -38.27 103.95 0.96
N GLU L 222 -38.86 103.47 -0.13
CA GLU L 222 -40.32 103.46 -0.26
C GLU L 222 -40.80 102.10 -0.75
N LYS L 223 -39.85 101.25 -1.12
CA LYS L 223 -40.15 99.91 -1.60
C LYS L 223 -39.96 98.91 -0.45
N LYS L 224 -40.29 97.65 -0.71
CA LYS L 224 -40.09 96.61 0.27
C LYS L 224 -38.72 96.01 0.01
N VAL L 225 -37.74 96.47 0.78
CA VAL L 225 -36.38 95.98 0.63
C VAL L 225 -36.26 94.54 1.14
N SER L 226 -36.19 93.60 0.20
CA SER L 226 -36.10 92.19 0.57
C SER L 226 -34.93 91.50 -0.11
N ASN L 227 -34.40 92.15 -1.15
CA ASN L 227 -33.27 91.60 -1.89
C ASN L 227 -31.94 92.19 -1.44
N VAL L 228 -30.96 91.32 -1.17
CA VAL L 228 -29.63 91.75 -0.74
C VAL L 228 -28.90 92.53 -1.84
N ARG L 229 -28.94 92.00 -3.06
CA ARG L 229 -28.27 92.64 -4.17
C ARG L 229 -28.58 94.13 -4.31
N GLU L 230 -29.85 94.51 -4.19
CA GLU L 230 -30.24 95.91 -4.31
C GLU L 230 -29.93 96.74 -3.07
N LEU L 231 -29.36 96.11 -2.06
CA LEU L 231 -29.04 96.82 -0.82
C LEU L 231 -27.53 96.89 -0.53
N LEU L 232 -26.80 95.84 -0.89
CA LEU L 232 -25.36 95.81 -0.68
C LEU L 232 -24.60 97.07 -1.09
N PRO L 233 -24.87 97.63 -2.29
CA PRO L 233 -24.16 98.83 -2.68
C PRO L 233 -24.14 99.93 -1.60
N ILE L 234 -25.30 100.52 -1.29
CA ILE L 234 -25.35 101.56 -0.28
C ILE L 234 -24.88 101.08 1.07
N LEU L 235 -25.17 99.83 1.37
CA LEU L 235 -24.79 99.26 2.65
C LEU L 235 -23.27 99.32 2.80
N GLU L 236 -22.58 99.14 1.69
CA GLU L 236 -21.12 99.17 1.66
C GLU L 236 -20.57 100.59 1.83
N GLN L 237 -21.06 101.51 1.01
CA GLN L 237 -20.60 102.91 1.08
C GLN L 237 -20.67 103.37 2.53
N VAL L 238 -21.82 103.12 3.17
CA VAL L 238 -22.02 103.52 4.55
C VAL L 238 -21.12 102.74 5.50
N ALA L 239 -20.79 101.51 5.12
CA ALA L 239 -19.94 100.68 5.97
C ALA L 239 -18.57 101.33 6.18
N GLN L 240 -17.99 101.83 5.09
CA GLN L 240 -16.69 102.48 5.16
C GLN L 240 -16.73 103.86 5.79
N THR L 241 -17.93 104.36 6.07
CA THR L 241 -18.08 105.67 6.68
C THR L 241 -17.82 105.60 8.17
N GLY L 242 -17.97 104.40 8.72
CA GLY L 242 -17.74 104.24 10.14
C GLY L 242 -18.93 104.68 10.95
N LYS L 243 -19.91 105.23 10.25
CA LYS L 243 -21.11 105.72 10.87
C LYS L 243 -22.25 104.70 10.82
N PRO L 244 -23.23 104.83 11.73
CA PRO L 244 -24.40 103.95 11.81
C PRO L 244 -25.45 104.30 10.76
N LEU L 245 -26.39 103.40 10.51
CA LEU L 245 -27.42 103.63 9.51
C LEU L 245 -28.84 103.27 9.94
N LEU L 246 -29.77 104.19 9.67
CA LEU L 246 -31.17 103.95 9.99
C LEU L 246 -31.93 103.75 8.68
N ILE L 247 -32.49 102.57 8.49
CA ILE L 247 -33.27 102.29 7.29
C ILE L 247 -34.75 102.47 7.54
N ILE L 248 -35.42 103.24 6.70
CA ILE L 248 -36.84 103.49 6.88
C ILE L 248 -37.64 103.15 5.63
N ALA L 249 -37.62 101.87 5.25
CA ALA L 249 -38.37 101.40 4.08
C ALA L 249 -39.80 101.10 4.54
N GLU L 250 -40.68 100.72 3.61
CA GLU L 250 -42.06 100.40 4.04
C GLU L 250 -42.02 99.05 4.74
N ASP L 251 -40.92 98.33 4.54
CA ASP L 251 -40.71 97.04 5.21
C ASP L 251 -39.37 96.43 4.78
N VAL L 252 -38.73 95.73 5.70
CA VAL L 252 -37.44 95.07 5.42
C VAL L 252 -37.63 93.60 5.79
N GLU L 253 -37.60 92.72 4.79
CA GLU L 253 -37.80 91.30 5.02
C GLU L 253 -36.79 90.39 4.32
N GLY L 254 -36.98 89.08 4.47
CA GLY L 254 -36.10 88.12 3.84
C GLY L 254 -34.61 88.35 4.04
N GLU L 255 -33.83 88.13 2.98
CA GLU L 255 -32.39 88.28 3.04
C GLU L 255 -32.00 89.63 3.63
N ALA L 256 -32.58 90.69 3.04
CA ALA L 256 -32.30 92.05 3.49
C ALA L 256 -32.31 92.15 5.01
N LEU L 257 -33.47 91.89 5.61
CA LEU L 257 -33.58 91.97 7.06
C LEU L 257 -32.61 91.04 7.78
N ALA L 258 -32.41 89.84 7.23
CA ALA L 258 -31.49 88.87 7.84
C ALA L 258 -30.06 89.39 7.90
N THR L 259 -29.59 89.90 6.76
CA THR L 259 -28.23 90.44 6.66
C THR L 259 -28.02 91.60 7.64
N LEU L 260 -28.93 92.57 7.60
CA LEU L 260 -28.87 93.73 8.47
C LEU L 260 -28.69 93.32 9.93
N VAL L 261 -29.43 92.27 10.33
CA VAL L 261 -29.37 91.79 11.69
C VAL L 261 -28.04 91.09 12.02
N VAL L 262 -27.55 90.29 11.09
CA VAL L 262 -26.30 89.58 11.31
C VAL L 262 -25.12 90.52 11.52
N ASN L 263 -24.89 91.43 10.57
CA ASN L 263 -23.78 92.38 10.67
C ASN L 263 -23.90 93.29 11.88
N LYS L 264 -25.14 93.54 12.28
CA LYS L 264 -25.44 94.38 13.43
C LYS L 264 -24.98 93.68 14.72
N LEU L 265 -25.33 92.42 14.84
CA LEU L 265 -24.96 91.61 16.02
C LEU L 265 -23.52 91.15 15.89
N ARG L 266 -22.95 91.38 14.73
CA ARG L 266 -21.59 90.99 14.42
C ARG L 266 -20.61 92.13 14.70
N GLY L 267 -21.04 93.34 14.38
CA GLY L 267 -20.21 94.51 14.59
C GLY L 267 -19.80 95.11 13.26
N THR L 268 -20.19 94.46 12.18
CA THR L 268 -19.85 94.93 10.84
C THR L 268 -20.49 96.27 10.56
N LEU L 269 -21.77 96.40 10.89
CA LEU L 269 -22.48 97.64 10.65
C LEU L 269 -23.61 97.79 11.67
N SER L 270 -23.64 98.91 12.39
CA SER L 270 -24.70 99.11 13.36
C SER L 270 -25.86 99.78 12.65
N VAL L 271 -26.91 99.01 12.38
CA VAL L 271 -28.09 99.53 11.71
C VAL L 271 -29.35 99.22 12.49
N ALA L 272 -30.48 99.63 11.91
CA ALA L 272 -31.78 99.41 12.50
C ALA L 272 -32.84 99.74 11.45
N ALA L 273 -33.75 98.80 11.19
CA ALA L 273 -34.80 99.00 10.20
C ALA L 273 -36.15 99.29 10.87
N VAL L 274 -36.86 100.27 10.33
CA VAL L 274 -38.16 100.68 10.85
C VAL L 274 -39.13 100.83 9.69
N LYS L 275 -40.38 100.46 9.91
CA LYS L 275 -41.37 100.57 8.85
C LYS L 275 -41.74 102.02 8.63
N ALA L 276 -42.14 102.35 7.42
CA ALA L 276 -42.51 103.72 7.11
C ALA L 276 -43.74 104.18 7.88
N PRO L 277 -43.70 105.42 8.37
CA PRO L 277 -44.81 106.02 9.14
C PRO L 277 -46.08 106.13 8.30
N GLY L 278 -47.22 106.24 8.98
CA GLY L 278 -48.50 106.38 8.31
C GLY L 278 -48.83 105.27 7.32
N PHE L 279 -49.91 105.46 6.57
CA PHE L 279 -50.36 104.49 5.58
C PHE L 279 -50.92 105.21 4.36
N GLY L 280 -50.70 104.63 3.18
CA GLY L 280 -51.22 105.22 1.95
C GLY L 280 -50.58 106.53 1.54
N ASP L 281 -51.36 107.36 0.86
CA ASP L 281 -50.88 108.66 0.41
C ASP L 281 -50.20 109.36 1.58
N ARG L 282 -50.87 109.28 2.70
CA ARG L 282 -50.41 109.86 3.95
C ARG L 282 -48.94 109.54 4.25
N ARG L 283 -48.52 108.35 3.84
CA ARG L 283 -47.17 107.89 4.09
C ARG L 283 -46.08 108.55 3.26
N LYS L 284 -46.23 108.56 1.93
CA LYS L 284 -45.19 109.17 1.12
C LYS L 284 -45.02 110.61 1.57
N GLU L 285 -46.13 111.24 1.91
CA GLU L 285 -46.08 112.63 2.35
C GLU L 285 -45.23 112.76 3.61
N MET L 286 -45.29 111.76 4.47
CA MET L 286 -44.52 111.78 5.71
C MET L 286 -43.07 111.39 5.47
N LEU L 287 -42.83 110.56 4.48
CA LEU L 287 -41.47 110.13 4.15
C LEU L 287 -40.68 111.32 3.66
N LYS L 288 -41.37 112.28 3.04
CA LYS L 288 -40.75 113.49 2.51
C LYS L 288 -40.42 114.39 3.70
N ASP L 289 -41.37 114.49 4.64
CA ASP L 289 -41.17 115.28 5.86
C ASP L 289 -39.86 114.86 6.51
N ILE L 290 -39.56 113.56 6.42
CA ILE L 290 -38.33 113.03 6.99
C ILE L 290 -37.14 113.45 6.14
N ALA L 291 -37.21 113.19 4.84
CA ALA L 291 -36.13 113.57 3.94
C ALA L 291 -35.81 115.05 4.16
N ALA L 292 -36.84 115.88 4.25
CA ALA L 292 -36.68 117.32 4.45
C ALA L 292 -35.86 117.69 5.69
N VAL L 293 -36.24 117.17 6.85
CA VAL L 293 -35.54 117.47 8.09
C VAL L 293 -34.21 116.71 8.19
N THR L 294 -34.05 115.69 7.35
CA THR L 294 -32.84 114.89 7.39
C THR L 294 -31.79 115.33 6.40
N GLY L 295 -32.23 115.74 5.21
CA GLY L 295 -31.32 116.17 4.17
C GLY L 295 -31.07 115.00 3.24
N GLY L 296 -32.06 114.11 3.14
CA GLY L 296 -31.95 112.95 2.27
C GLY L 296 -33.06 113.00 1.24
N THR L 297 -33.25 111.91 0.50
CA THR L 297 -34.30 111.89 -0.50
C THR L 297 -35.03 110.56 -0.52
N VAL L 298 -36.33 110.63 -0.77
CA VAL L 298 -37.17 109.44 -0.81
C VAL L 298 -36.85 108.59 -2.04
N ILE L 299 -36.13 107.50 -1.84
CA ILE L 299 -35.79 106.62 -2.94
C ILE L 299 -37.05 105.87 -3.40
N SER L 300 -37.90 106.53 -4.18
CA SER L 300 -39.13 105.89 -4.66
C SER L 300 -38.96 105.29 -6.04
N GLU L 301 -39.46 104.06 -6.21
CA GLU L 301 -39.38 103.38 -7.49
C GLU L 301 -40.29 104.13 -8.47
N GLU L 302 -41.26 104.85 -7.92
CA GLU L 302 -42.22 105.62 -8.71
C GLU L 302 -41.49 106.54 -9.68
N LEU L 303 -40.73 107.48 -9.13
CA LEU L 303 -39.97 108.42 -9.94
C LEU L 303 -38.79 107.67 -10.57
N GLY L 304 -39.01 106.39 -10.85
CA GLY L 304 -38.00 105.54 -11.46
C GLY L 304 -36.60 105.68 -10.91
N PHE L 305 -36.21 104.79 -10.01
CA PHE L 305 -34.87 104.82 -9.44
C PHE L 305 -34.55 103.59 -8.61
N LYS L 306 -33.57 102.82 -9.06
CA LYS L 306 -33.15 101.60 -8.38
C LYS L 306 -32.32 101.86 -7.13
N LEU L 307 -32.41 100.96 -6.15
CA LEU L 307 -31.68 101.11 -4.88
C LEU L 307 -30.18 100.96 -4.99
N GLU L 308 -29.74 99.96 -5.75
CA GLU L 308 -28.32 99.73 -5.93
C GLU L 308 -27.61 101.00 -6.40
N ASN L 309 -28.30 101.82 -7.19
CA ASN L 309 -27.75 103.08 -7.71
C ASN L 309 -27.94 104.24 -6.75
N ALA L 310 -28.02 103.96 -5.45
CA ALA L 310 -28.21 105.05 -4.51
C ALA L 310 -26.89 105.51 -3.91
N THR L 311 -26.67 106.81 -3.97
CA THR L 311 -25.45 107.44 -3.49
C THR L 311 -25.47 107.70 -1.99
N LEU L 312 -24.30 107.56 -1.38
CA LEU L 312 -24.13 107.80 0.04
C LEU L 312 -24.39 109.28 0.32
N SER L 313 -25.21 109.91 -0.51
CA SER L 313 -25.53 111.33 -0.36
C SER L 313 -27.01 111.61 -0.56
N MET L 314 -27.74 110.62 -1.06
CA MET L 314 -29.17 110.77 -1.28
C MET L 314 -29.89 110.55 0.06
N LEU L 315 -29.14 109.96 1.00
CA LEU L 315 -29.64 109.66 2.32
C LEU L 315 -29.27 110.73 3.35
N GLY L 316 -30.26 111.42 3.90
CA GLY L 316 -29.99 112.43 4.90
C GLY L 316 -29.39 111.83 6.17
N ARG L 317 -29.23 112.66 7.20
CA ARG L 317 -28.65 112.17 8.45
C ARG L 317 -28.97 113.10 9.60
N ALA L 318 -28.78 112.61 10.82
CA ALA L 318 -29.06 113.39 12.02
C ALA L 318 -28.09 113.04 13.14
N GLU L 319 -28.11 113.87 14.17
CA GLU L 319 -27.19 113.68 15.28
C GLU L 319 -27.45 112.43 16.07
N ARG L 320 -28.72 112.11 16.29
CA ARG L 320 -29.07 110.92 17.06
C ARG L 320 -30.44 110.37 16.69
N VAL L 321 -30.50 109.04 16.59
CA VAL L 321 -31.74 108.34 16.26
C VAL L 321 -32.06 107.32 17.36
N ARG L 322 -33.28 107.42 17.89
CA ARG L 322 -33.76 106.54 18.95
C ARG L 322 -34.93 105.67 18.51
N ILE L 323 -34.70 104.36 18.53
CA ILE L 323 -35.71 103.42 18.13
C ILE L 323 -36.24 102.55 19.27
N THR L 324 -37.56 102.57 19.42
CA THR L 324 -38.28 101.80 20.43
C THR L 324 -39.12 100.79 19.66
N LYS L 325 -39.64 99.77 20.33
CA LYS L 325 -40.44 98.79 19.62
C LYS L 325 -41.74 99.43 19.09
N ASP L 326 -42.08 100.60 19.62
CA ASP L 326 -43.29 101.28 19.21
C ASP L 326 -43.08 102.66 18.59
N GLU L 327 -41.86 103.19 18.70
CA GLU L 327 -41.64 104.54 18.19
C GLU L 327 -40.22 104.85 17.74
N THR L 328 -40.10 105.63 16.66
CA THR L 328 -38.80 106.04 16.15
C THR L 328 -38.67 107.54 16.32
N THR L 329 -37.52 107.97 16.82
CA THR L 329 -37.27 109.39 17.03
C THR L 329 -35.98 109.89 16.36
N ILE L 330 -36.07 111.02 15.65
CA ILE L 330 -34.89 111.55 14.99
C ILE L 330 -34.55 112.92 15.56
N VAL L 331 -33.45 112.98 16.30
CA VAL L 331 -32.97 114.21 16.93
C VAL L 331 -31.72 114.74 16.23
N GLY L 332 -31.70 116.03 15.92
CA GLY L 332 -30.55 116.60 15.24
C GLY L 332 -30.69 116.48 13.74
N GLY L 333 -31.85 116.84 13.24
CA GLY L 333 -32.07 116.77 11.81
C GLY L 333 -31.11 117.73 11.14
N LYS L 334 -30.46 117.27 10.08
CA LYS L 334 -29.51 118.13 9.37
C LYS L 334 -29.93 118.51 7.96
N GLY L 335 -31.24 118.52 7.73
CA GLY L 335 -31.73 118.88 6.42
C GLY L 335 -31.72 120.38 6.29
N LYS L 336 -31.83 120.85 5.05
CA LYS L 336 -31.82 122.28 4.79
C LYS L 336 -33.03 122.96 5.41
N LYS L 337 -32.78 123.93 6.28
CA LYS L 337 -33.82 124.70 6.94
C LYS L 337 -34.86 125.18 5.91
N GLU L 338 -34.49 125.19 4.65
CA GLU L 338 -35.38 125.61 3.56
C GLU L 338 -36.40 124.52 3.27
N ASP L 339 -35.90 123.32 2.97
CA ASP L 339 -36.76 122.18 2.67
C ASP L 339 -37.80 122.01 3.75
N ILE L 340 -37.36 122.18 4.99
CA ILE L 340 -38.25 122.05 6.13
C ILE L 340 -39.38 123.06 6.09
N GLU L 341 -39.04 124.35 6.01
CA GLU L 341 -40.05 125.39 5.95
C GLU L 341 -40.91 125.20 4.71
N ALA L 342 -40.37 124.42 3.77
CA ALA L 342 -41.07 124.13 2.53
C ALA L 342 -42.30 123.28 2.82
N ARG L 343 -42.12 122.23 3.62
CA ARG L 343 -43.21 121.33 4.00
C ARG L 343 -44.21 122.09 4.87
N ILE L 344 -43.70 122.70 5.94
CA ILE L 344 -44.51 123.46 6.88
C ILE L 344 -45.52 124.33 6.14
N ASN L 345 -45.06 125.04 5.11
CA ASN L 345 -45.97 125.92 4.38
C ASN L 345 -46.90 125.17 3.45
N GLY L 346 -46.35 124.23 2.69
CA GLY L 346 -47.18 123.46 1.78
C GLY L 346 -48.26 122.70 2.53
N ILE L 347 -47.99 122.44 3.81
CA ILE L 347 -48.92 121.71 4.65
C ILE L 347 -50.05 122.64 5.09
N LYS L 348 -49.72 123.91 5.33
CA LYS L 348 -50.71 124.89 5.76
C LYS L 348 -51.65 125.24 4.63
N LYS L 349 -51.12 125.24 3.41
CA LYS L 349 -51.91 125.57 2.23
C LYS L 349 -52.96 124.51 2.00
N GLU L 350 -52.51 123.26 2.03
CA GLU L 350 -53.38 122.13 1.85
C GLU L 350 -54.36 121.97 3.03
N LEU L 351 -54.05 122.64 4.13
CA LEU L 351 -54.86 122.59 5.34
C LEU L 351 -56.12 123.43 5.19
N GLU L 352 -56.07 124.43 4.31
CA GLU L 352 -57.21 125.31 4.07
C GLU L 352 -58.16 124.66 3.09
N THR L 353 -57.59 123.81 2.24
CA THR L 353 -58.35 123.09 1.23
C THR L 353 -58.96 121.83 1.81
N THR L 354 -58.50 121.45 3.00
CA THR L 354 -59.01 120.26 3.68
C THR L 354 -60.36 120.56 4.31
N ASP L 355 -61.24 119.55 4.29
CA ASP L 355 -62.58 119.72 4.84
C ASP L 355 -62.94 118.70 5.92
N SER L 356 -62.37 117.51 5.83
CA SER L 356 -62.63 116.45 6.81
C SER L 356 -61.82 116.66 8.08
N GLU L 357 -62.51 116.93 9.17
CA GLU L 357 -61.89 117.18 10.47
C GLU L 357 -60.77 116.21 10.81
N TYR L 358 -60.90 114.95 10.40
CA TYR L 358 -59.89 113.95 10.71
C TYR L 358 -58.57 114.24 10.02
N ALA L 359 -58.65 114.52 8.72
CA ALA L 359 -57.46 114.82 7.94
C ALA L 359 -56.78 116.04 8.56
N ARG L 360 -57.57 117.02 8.99
CA ARG L 360 -57.02 118.22 9.59
C ARG L 360 -56.11 117.93 10.77
N GLU L 361 -56.65 117.23 11.77
CA GLU L 361 -55.90 116.89 12.98
C GLU L 361 -54.59 116.19 12.71
N LYS L 362 -54.56 115.41 11.63
CA LYS L 362 -53.34 114.70 11.31
C LYS L 362 -52.32 115.60 10.65
N LEU L 363 -52.76 116.53 9.81
CA LEU L 363 -51.83 117.44 9.18
C LEU L 363 -51.31 118.28 10.35
N GLN L 364 -52.19 118.50 11.33
CA GLN L 364 -51.84 119.25 12.53
C GLN L 364 -50.61 118.67 13.21
N GLU L 365 -50.54 117.35 13.36
CA GLU L 365 -49.41 116.73 14.04
C GLU L 365 -48.13 116.81 13.22
N ARG L 366 -48.24 116.69 11.91
CA ARG L 366 -47.06 116.82 11.05
C ARG L 366 -46.60 118.25 11.20
N LEU L 367 -47.56 119.16 11.17
CA LEU L 367 -47.29 120.57 11.31
C LEU L 367 -46.57 120.88 12.62
N ALA L 368 -47.02 120.25 13.71
CA ALA L 368 -46.42 120.47 15.03
C ALA L 368 -45.08 119.75 15.21
N LYS L 369 -44.84 118.71 14.42
CA LYS L 369 -43.59 117.97 14.51
C LYS L 369 -42.50 118.79 13.85
N LEU L 370 -42.77 119.21 12.62
CA LEU L 370 -41.84 120.01 11.82
C LEU L 370 -41.58 121.35 12.51
N ALA L 371 -42.65 122.11 12.70
CA ALA L 371 -42.55 123.39 13.39
C ALA L 371 -42.30 123.03 14.86
N GLY L 372 -41.89 123.98 15.68
CA GLY L 372 -41.62 123.64 17.07
C GLY L 372 -40.41 122.72 17.08
N GLY L 373 -40.40 121.79 16.13
CA GLY L 373 -39.26 120.92 15.99
C GLY L 373 -39.19 119.79 16.98
N VAL L 374 -38.07 119.73 17.69
CA VAL L 374 -37.85 118.67 18.67
C VAL L 374 -37.21 119.19 19.95
N ALA L 375 -38.04 119.65 20.89
CA ALA L 375 -37.53 120.15 22.17
C ALA L 375 -36.72 119.04 22.84
N VAL L 376 -35.43 119.30 23.05
CA VAL L 376 -34.56 118.33 23.66
C VAL L 376 -34.09 118.80 25.03
N ILE L 377 -33.98 117.86 25.96
CA ILE L 377 -33.55 118.18 27.30
C ILE L 377 -32.25 117.46 27.57
N ARG L 378 -31.14 118.11 27.23
CA ARG L 378 -29.83 117.52 27.44
C ARG L 378 -29.68 117.35 28.96
N VAL L 379 -29.49 116.12 29.40
CA VAL L 379 -29.36 115.81 30.83
C VAL L 379 -27.93 115.78 31.32
N GLY L 380 -27.62 116.63 32.27
CA GLY L 380 -26.27 116.68 32.81
C GLY L 380 -26.11 115.81 34.04
N ALA L 381 -24.99 115.11 34.11
CA ALA L 381 -24.68 114.23 35.25
C ALA L 381 -23.21 114.36 35.59
N ALA L 382 -22.69 113.35 36.30
CA ALA L 382 -21.29 113.35 36.70
C ALA L 382 -20.79 111.92 36.61
N THR L 383 -21.71 110.98 36.82
CA THR L 383 -21.40 109.55 36.77
C THR L 383 -22.28 108.92 35.70
N GLU L 384 -21.86 107.79 35.17
CA GLU L 384 -22.65 107.10 34.15
C GLU L 384 -23.89 106.59 34.90
N THR L 385 -23.72 106.42 36.20
CA THR L 385 -24.78 105.96 37.08
C THR L 385 -25.77 107.09 37.33
N GLU L 386 -25.28 108.16 37.96
CA GLU L 386 -26.10 109.32 38.25
C GLU L 386 -26.91 109.74 37.02
N LEU L 387 -26.33 109.49 35.84
CA LEU L 387 -27.00 109.84 34.59
C LEU L 387 -28.20 108.94 34.33
N LYS L 388 -27.98 107.63 34.27
CA LYS L 388 -29.07 106.69 34.04
C LYS L 388 -30.25 107.05 34.94
N GLU L 389 -29.94 107.49 36.14
CA GLU L 389 -30.94 107.85 37.11
C GLU L 389 -31.75 109.08 36.72
N LYS L 390 -31.06 110.20 36.55
CA LYS L 390 -31.70 111.44 36.15
C LYS L 390 -32.41 111.21 34.81
N LYS L 391 -31.74 110.48 33.92
CA LYS L 391 -32.29 110.16 32.60
C LYS L 391 -33.69 109.59 32.76
N HIS L 392 -33.76 108.50 33.50
CA HIS L 392 -35.01 107.81 33.78
C HIS L 392 -35.98 108.76 34.48
N ARG L 393 -35.57 109.26 35.64
CA ARG L 393 -36.40 110.16 36.42
C ARG L 393 -37.03 111.27 35.57
N PHE L 394 -36.19 112.02 34.87
CA PHE L 394 -36.67 113.12 34.04
C PHE L 394 -37.60 112.62 32.94
N GLU L 395 -37.22 111.50 32.32
CA GLU L 395 -38.04 110.97 31.25
C GLU L 395 -39.44 110.63 31.75
N ASP L 396 -39.52 109.96 32.90
CA ASP L 396 -40.80 109.60 33.47
C ASP L 396 -41.57 110.89 33.79
N ALA L 397 -40.91 111.79 34.52
CA ALA L 397 -41.52 113.06 34.88
C ALA L 397 -42.16 113.68 33.65
N LEU L 398 -41.48 113.55 32.52
CA LEU L 398 -41.99 114.10 31.27
C LEU L 398 -43.29 113.39 30.90
N ASN L 399 -43.20 112.06 30.68
CA ASN L 399 -44.35 111.25 30.31
C ASN L 399 -45.51 111.50 31.27
N ALA L 400 -45.19 111.58 32.55
CA ALA L 400 -46.20 111.81 33.57
C ALA L 400 -46.94 113.08 33.23
N THR L 401 -46.21 114.19 33.23
CA THR L 401 -46.75 115.51 32.96
C THR L 401 -47.54 115.57 31.67
N ARG L 402 -47.00 114.98 30.61
CA ARG L 402 -47.71 115.00 29.34
C ARG L 402 -49.08 114.34 29.48
N ALA L 403 -49.09 113.18 30.15
CA ALA L 403 -50.32 112.45 30.39
C ALA L 403 -51.22 113.28 31.30
N ALA L 404 -50.60 113.86 32.32
CA ALA L 404 -51.28 114.68 33.29
C ALA L 404 -52.11 115.76 32.61
N VAL L 405 -51.61 116.29 31.50
CA VAL L 405 -52.33 117.33 30.78
C VAL L 405 -53.54 116.79 30.03
N GLU L 406 -53.44 115.55 29.56
CA GLU L 406 -54.51 114.93 28.78
C GLU L 406 -55.80 114.69 29.56
N GLU L 407 -55.68 114.16 30.77
CA GLU L 407 -56.88 113.88 31.56
C GLU L 407 -56.91 114.39 32.99
N GLY L 408 -56.18 115.47 33.26
CA GLY L 408 -56.17 115.99 34.61
C GLY L 408 -55.45 115.03 35.53
N ILE L 409 -55.42 115.36 36.82
CA ILE L 409 -54.77 114.51 37.80
C ILE L 409 -55.70 114.15 38.95
N VAL L 410 -55.42 113.02 39.61
CA VAL L 410 -56.23 112.53 40.72
C VAL L 410 -55.31 112.10 41.85
N PRO L 411 -55.85 111.98 43.08
CA PRO L 411 -55.06 111.57 44.24
C PRO L 411 -54.37 110.24 44.02
N GLY L 412 -53.10 110.16 44.36
CA GLY L 412 -52.36 108.93 44.15
C GLY L 412 -52.43 107.96 45.30
N GLY L 413 -51.50 106.99 45.29
CA GLY L 413 -51.46 105.99 46.34
C GLY L 413 -52.71 105.14 46.39
N GLY L 414 -53.28 104.86 45.22
CA GLY L 414 -54.49 104.05 45.18
C GLY L 414 -55.76 104.73 45.66
N VAL L 415 -55.61 105.82 46.41
CA VAL L 415 -56.75 106.55 46.94
C VAL L 415 -57.89 106.87 45.97
N THR L 416 -57.56 107.22 44.72
CA THR L 416 -58.61 107.53 43.75
C THR L 416 -59.43 106.29 43.45
N LEU L 417 -58.77 105.16 43.26
CA LEU L 417 -59.48 103.92 42.99
C LEU L 417 -60.42 103.55 44.14
N LEU L 418 -60.02 103.87 45.37
CA LEU L 418 -60.84 103.59 46.54
C LEU L 418 -62.12 104.45 46.50
N ARG L 419 -61.95 105.73 46.18
CA ARG L 419 -63.08 106.65 46.11
C ARG L 419 -64.08 106.23 45.04
N ALA L 420 -63.64 105.35 44.15
CA ALA L 420 -64.50 104.86 43.09
C ALA L 420 -65.49 103.84 43.61
N ILE L 421 -65.13 103.18 44.72
CA ILE L 421 -65.97 102.17 45.32
C ILE L 421 -67.40 102.67 45.55
N SER L 422 -67.54 103.82 46.18
CA SER L 422 -68.85 104.39 46.44
C SER L 422 -69.72 104.36 45.18
N ALA L 423 -69.12 104.74 44.07
CA ALA L 423 -69.83 104.79 42.81
C ALA L 423 -70.30 103.41 42.41
N VAL L 424 -69.44 102.42 42.65
CA VAL L 424 -69.75 101.02 42.33
C VAL L 424 -70.85 100.52 43.26
N GLU L 425 -70.78 100.88 44.53
CA GLU L 425 -71.81 100.51 45.53
C GLU L 425 -73.19 100.94 45.01
N GLU L 426 -73.31 102.23 44.70
CA GLU L 426 -74.55 102.79 44.20
C GLU L 426 -75.07 101.95 43.03
N LEU L 427 -74.15 101.49 42.18
CA LEU L 427 -74.52 100.71 41.01
C LEU L 427 -75.10 99.38 41.45
N ILE L 428 -74.39 98.71 42.33
CA ILE L 428 -74.81 97.41 42.84
C ILE L 428 -76.26 97.44 43.34
N LYS L 429 -76.61 98.48 44.08
CA LYS L 429 -77.95 98.63 44.63
C LYS L 429 -79.01 98.59 43.53
N LYS L 430 -78.61 98.85 42.29
CA LYS L 430 -79.55 98.85 41.17
C LYS L 430 -79.34 97.59 40.34
N LEU L 431 -78.45 96.72 40.78
CA LEU L 431 -78.14 95.48 40.07
C LEU L 431 -78.58 94.26 40.86
N GLU L 432 -78.76 93.16 40.15
CA GLU L 432 -79.18 91.92 40.78
C GLU L 432 -78.62 90.74 40.02
N GLY L 433 -78.59 89.58 40.68
CA GLY L 433 -78.10 88.37 40.04
C GLY L 433 -76.60 88.32 39.90
N ASP L 434 -76.13 87.51 38.95
CA ASP L 434 -74.70 87.38 38.71
C ASP L 434 -74.12 88.70 38.24
N GLU L 435 -74.94 89.51 37.59
CA GLU L 435 -74.49 90.81 37.11
C GLU L 435 -74.05 91.65 38.30
N ALA L 436 -74.86 91.63 39.35
CA ALA L 436 -74.53 92.36 40.56
C ALA L 436 -73.23 91.80 41.14
N THR L 437 -73.06 90.48 41.04
CA THR L 437 -71.85 89.86 41.58
C THR L 437 -70.62 90.46 40.90
N GLY L 438 -70.68 90.58 39.57
CA GLY L 438 -69.57 91.17 38.85
C GLY L 438 -69.22 92.54 39.39
N ALA L 439 -70.23 93.39 39.52
CA ALA L 439 -70.03 94.73 40.06
C ALA L 439 -69.30 94.59 41.39
N LYS L 440 -69.72 93.62 42.18
CA LYS L 440 -69.10 93.39 43.48
C LYS L 440 -67.64 92.98 43.32
N ILE L 441 -67.33 92.23 42.26
CA ILE L 441 -65.96 91.81 42.04
C ILE L 441 -65.07 93.02 41.84
N VAL L 442 -65.49 93.93 40.97
CA VAL L 442 -64.72 95.14 40.71
C VAL L 442 -64.54 95.92 42.01
N ARG L 443 -65.63 96.07 42.77
CA ARG L 443 -65.58 96.79 44.03
C ARG L 443 -64.51 96.26 44.96
N ARG L 444 -64.34 94.94 44.97
CA ARG L 444 -63.34 94.34 45.83
C ARG L 444 -61.95 94.63 45.26
N ALA L 445 -61.81 94.47 43.95
CA ALA L 445 -60.54 94.70 43.28
C ALA L 445 -60.00 96.08 43.60
N LEU L 446 -60.85 97.10 43.41
CA LEU L 446 -60.47 98.49 43.67
C LEU L 446 -59.67 98.74 44.96
N GLU L 447 -59.78 97.83 45.92
CA GLU L 447 -59.08 97.97 47.18
C GLU L 447 -57.63 97.50 47.11
N GLU L 448 -57.36 96.53 46.24
CA GLU L 448 -56.03 95.97 46.14
C GLU L 448 -54.86 96.94 46.01
N PRO L 449 -54.86 97.80 44.98
CA PRO L 449 -53.76 98.72 44.85
C PRO L 449 -53.40 99.39 46.20
N ALA L 450 -54.33 100.18 46.73
CA ALA L 450 -54.10 100.87 48.01
C ALA L 450 -53.57 99.94 49.08
N ARG L 451 -54.27 98.84 49.24
CA ARG L 451 -53.92 97.83 50.22
C ARG L 451 -52.49 97.31 50.00
N GLN L 452 -52.21 96.86 48.79
CA GLN L 452 -50.90 96.32 48.43
C GLN L 452 -49.75 97.29 48.71
N ILE L 453 -49.98 98.57 48.40
CA ILE L 453 -48.97 99.60 48.65
C ILE L 453 -48.65 99.61 50.15
N ALA L 454 -49.66 99.90 50.96
CA ALA L 454 -49.51 99.93 52.41
C ALA L 454 -48.83 98.64 52.88
N GLU L 455 -49.26 97.51 52.33
CA GLU L 455 -48.72 96.22 52.70
C GLU L 455 -47.22 96.17 52.40
N ASN L 456 -46.83 96.54 51.17
CA ASN L 456 -45.43 96.51 50.79
C ASN L 456 -44.61 97.41 51.72
N ALA L 457 -45.22 98.51 52.12
CA ALA L 457 -44.60 99.48 53.02
C ALA L 457 -44.49 98.98 54.45
N GLY L 458 -45.08 97.82 54.74
CA GLY L 458 -45.01 97.25 56.07
C GLY L 458 -46.12 97.69 57.01
N TYR L 459 -47.33 97.82 56.49
CA TYR L 459 -48.50 98.25 57.26
C TYR L 459 -49.67 97.30 57.02
N GLU L 460 -50.70 97.38 57.85
CA GLU L 460 -51.86 96.53 57.66
C GLU L 460 -52.72 97.09 56.54
N GLY L 461 -52.59 96.49 55.36
CA GLY L 461 -53.33 96.95 54.20
C GLY L 461 -54.80 97.22 54.47
N SER L 462 -55.52 96.15 54.76
CA SER L 462 -56.95 96.23 55.04
C SER L 462 -57.28 97.31 56.04
N VAL L 463 -56.43 97.47 57.06
CA VAL L 463 -56.67 98.49 58.08
C VAL L 463 -56.62 99.89 57.51
N ILE L 464 -55.52 100.19 56.81
CA ILE L 464 -55.34 101.50 56.21
C ILE L 464 -56.47 101.79 55.22
N VAL L 465 -56.75 100.83 54.35
CA VAL L 465 -57.81 100.99 53.35
C VAL L 465 -59.13 101.38 54.04
N GLN L 466 -59.31 100.90 55.27
CA GLN L 466 -60.51 101.20 56.01
C GLN L 466 -60.52 102.63 56.49
N GLN L 467 -59.46 103.00 57.19
CA GLN L 467 -59.34 104.35 57.74
C GLN L 467 -59.46 105.41 56.66
N ILE L 468 -59.10 105.05 55.42
CA ILE L 468 -59.20 105.99 54.31
C ILE L 468 -60.65 106.13 53.88
N LEU L 469 -61.30 104.99 53.67
CA LEU L 469 -62.70 104.99 53.26
C LEU L 469 -63.56 105.60 54.33
N ALA L 470 -63.03 105.66 55.55
CA ALA L 470 -63.75 106.22 56.70
C ALA L 470 -63.97 107.73 56.50
N GLU L 471 -62.93 108.44 56.10
CA GLU L 471 -63.03 109.88 55.89
C GLU L 471 -63.86 110.13 54.65
N THR L 472 -65.01 110.78 54.80
CA THR L 472 -65.90 111.07 53.68
C THR L 472 -65.86 112.54 53.30
N LYS L 473 -65.42 113.37 54.24
CA LYS L 473 -65.31 114.81 54.00
C LYS L 473 -64.49 115.14 52.76
N ASN L 474 -63.18 114.99 52.88
CA ASN L 474 -62.28 115.29 51.78
C ASN L 474 -61.84 114.01 51.07
N PRO L 475 -62.31 113.79 49.84
CA PRO L 475 -61.95 112.60 49.07
C PRO L 475 -60.46 112.47 48.79
N ARG L 476 -59.73 113.56 48.88
CA ARG L 476 -58.28 113.56 48.66
C ARG L 476 -57.55 113.02 49.89
N TYR L 477 -58.30 112.67 50.93
CA TYR L 477 -57.72 112.12 52.16
C TYR L 477 -57.16 110.74 51.80
N GLY L 478 -55.91 110.50 52.18
CA GLY L 478 -55.30 109.22 51.85
C GLY L 478 -54.12 108.90 52.76
N PHE L 479 -53.49 107.76 52.49
CA PHE L 479 -52.36 107.33 53.30
C PHE L 479 -51.09 107.41 52.48
N ASN L 480 -50.11 108.12 53.01
CA ASN L 480 -48.83 108.27 52.35
C ASN L 480 -47.91 107.20 52.91
N ALA L 481 -47.90 106.05 52.24
CA ALA L 481 -47.07 104.92 52.65
C ALA L 481 -45.59 105.29 52.86
N ALA L 482 -45.18 106.42 52.29
CA ALA L 482 -43.79 106.86 52.41
C ALA L 482 -43.46 107.35 53.83
N THR L 483 -44.23 108.31 54.33
CA THR L 483 -44.03 108.85 55.68
C THR L 483 -44.87 108.11 56.72
N GLY L 484 -45.77 107.26 56.26
CA GLY L 484 -46.62 106.52 57.18
C GLY L 484 -47.62 107.43 57.89
N GLU L 485 -48.22 108.36 57.15
CA GLU L 485 -49.20 109.27 57.73
C GLU L 485 -50.33 109.55 56.77
N PHE L 486 -51.50 109.89 57.30
CA PHE L 486 -52.63 110.20 56.45
C PHE L 486 -52.57 111.68 56.16
N VAL L 487 -52.81 112.04 54.91
CA VAL L 487 -52.75 113.44 54.49
C VAL L 487 -53.63 113.68 53.27
N ASP L 488 -53.60 114.89 52.74
CA ASP L 488 -54.35 115.20 51.53
C ASP L 488 -53.37 114.84 50.41
N MET L 489 -53.60 113.68 49.80
CA MET L 489 -52.77 113.19 48.72
C MET L 489 -52.35 114.27 47.73
N VAL L 490 -53.27 115.16 47.40
CA VAL L 490 -52.96 116.24 46.46
C VAL L 490 -51.95 117.21 47.08
N GLU L 491 -52.36 117.90 48.14
CA GLU L 491 -51.48 118.85 48.81
C GLU L 491 -50.17 118.22 49.27
N ALA L 492 -50.09 116.90 49.20
CA ALA L 492 -48.89 116.19 49.62
C ALA L 492 -48.05 115.84 48.40
N GLY L 493 -48.53 116.26 47.23
CA GLY L 493 -47.81 115.99 45.99
C GLY L 493 -47.77 114.52 45.60
N ILE L 494 -48.82 113.80 45.94
CA ILE L 494 -48.92 112.39 45.59
C ILE L 494 -50.13 112.28 44.69
N VAL L 495 -49.93 112.61 43.42
CA VAL L 495 -50.99 112.59 42.45
C VAL L 495 -50.65 111.62 41.31
N ASP L 496 -51.65 111.34 40.46
CA ASP L 496 -51.49 110.46 39.30
C ASP L 496 -52.30 110.98 38.13
N PRO L 497 -51.78 110.80 36.91
CA PRO L 497 -52.53 111.28 35.76
C PRO L 497 -53.82 110.48 35.71
N ALA L 498 -54.96 111.17 35.83
CA ALA L 498 -56.23 110.47 35.79
C ALA L 498 -56.26 109.53 34.59
N LYS L 499 -55.52 109.87 33.53
CA LYS L 499 -55.50 109.01 32.36
C LYS L 499 -54.90 107.66 32.71
N VAL L 500 -53.81 107.67 33.48
CA VAL L 500 -53.14 106.44 33.89
C VAL L 500 -54.11 105.53 34.67
N THR L 501 -54.77 106.09 35.68
CA THR L 501 -55.70 105.32 36.48
C THR L 501 -56.81 104.73 35.61
N ARG L 502 -57.56 105.58 34.90
CA ARG L 502 -58.66 105.09 34.05
C ARG L 502 -58.21 103.94 33.18
N SER L 503 -56.98 104.01 32.73
CA SER L 503 -56.44 102.99 31.86
C SER L 503 -56.18 101.70 32.58
N ALA L 504 -55.33 101.74 33.60
CA ALA L 504 -55.00 100.55 34.38
C ALA L 504 -56.27 99.74 34.68
N LEU L 505 -57.30 100.42 35.17
CA LEU L 505 -58.57 99.77 35.50
C LEU L 505 -59.15 99.13 34.25
N GLN L 506 -59.59 99.95 33.30
CA GLN L 506 -60.18 99.45 32.05
C GLN L 506 -59.39 98.30 31.43
N ASN L 507 -58.07 98.36 31.51
CA ASN L 507 -57.24 97.32 30.94
C ASN L 507 -57.34 96.05 31.75
N ALA L 508 -57.16 96.17 33.07
CA ALA L 508 -57.25 95.01 33.96
C ALA L 508 -58.60 94.32 33.76
N ALA L 509 -59.67 95.10 33.86
CA ALA L 509 -61.02 94.60 33.67
C ALA L 509 -61.14 93.93 32.28
N SER L 510 -60.37 94.40 31.31
CA SER L 510 -60.45 93.80 30.00
C SER L 510 -59.92 92.38 30.11
N ILE L 511 -58.71 92.22 30.65
CA ILE L 511 -58.14 90.89 30.81
C ILE L 511 -59.11 89.96 31.55
N GLY L 512 -59.69 90.46 32.64
CA GLY L 512 -60.64 89.68 33.42
C GLY L 512 -61.76 89.15 32.53
N ALA L 513 -62.50 90.07 31.93
CA ALA L 513 -63.59 89.69 31.05
C ALA L 513 -63.12 88.67 30.00
N LEU L 514 -61.92 88.88 29.48
CA LEU L 514 -61.38 87.99 28.47
C LEU L 514 -61.31 86.55 28.95
N ILE L 515 -60.65 86.34 30.08
CA ILE L 515 -60.49 85.02 30.65
C ILE L 515 -61.82 84.34 31.01
N LEU L 516 -62.77 85.08 31.60
CA LEU L 516 -64.07 84.50 31.94
C LEU L 516 -64.77 84.02 30.67
N THR L 517 -64.59 84.76 29.58
CA THR L 517 -65.20 84.42 28.29
C THR L 517 -64.38 83.39 27.48
N THR L 518 -63.28 82.90 28.03
CA THR L 518 -62.45 81.93 27.31
C THR L 518 -62.96 80.52 27.51
N GLU L 519 -63.23 79.85 26.40
CA GLU L 519 -63.75 78.48 26.43
C GLU L 519 -62.78 77.44 25.92
N ALA L 520 -61.66 77.89 25.38
CA ALA L 520 -60.67 76.96 24.88
C ALA L 520 -59.38 77.67 24.46
N VAL L 521 -58.27 76.93 24.49
CA VAL L 521 -56.99 77.48 24.09
C VAL L 521 -56.20 76.39 23.34
N VAL L 522 -55.64 76.77 22.20
CA VAL L 522 -54.87 75.84 21.38
C VAL L 522 -53.40 76.24 21.46
N ALA L 523 -52.64 75.51 22.27
CA ALA L 523 -51.23 75.82 22.43
C ALA L 523 -50.35 74.89 21.64
N GLU L 524 -49.08 75.23 21.55
CA GLU L 524 -48.12 74.40 20.84
C GLU L 524 -47.59 73.39 21.83
N LYS L 525 -47.43 72.15 21.39
CA LYS L 525 -46.90 71.10 22.27
C LYS L 525 -45.39 71.25 22.28
N PRO L 526 -44.71 70.81 23.36
CA PRO L 526 -43.26 70.97 23.35
C PRO L 526 -42.67 70.55 22.00
N GLU L 527 -42.18 71.56 21.27
CA GLU L 527 -41.61 71.39 19.94
C GLU L 527 -40.57 70.26 19.82
N ALA M 2 -37.92 80.91 29.52
CA ALA M 2 -38.29 79.92 30.57
C ALA M 2 -37.68 80.31 31.91
N LYS M 3 -38.37 81.17 32.65
CA LYS M 3 -37.91 81.61 33.94
C LYS M 3 -38.42 80.68 35.04
N ILE M 4 -38.28 81.11 36.29
CA ILE M 4 -38.72 80.33 37.44
C ILE M 4 -38.90 81.24 38.66
N LEU M 5 -40.14 81.52 39.01
CA LEU M 5 -40.44 82.38 40.14
C LEU M 5 -40.30 81.67 41.51
N VAL M 6 -40.01 82.46 42.54
CA VAL M 6 -39.84 81.98 43.91
C VAL M 6 -40.17 83.14 44.82
N PHE M 7 -41.03 82.92 45.80
CA PHE M 7 -41.42 84.02 46.68
C PHE M 7 -41.08 83.86 48.15
N ASP M 8 -41.51 84.83 48.93
CA ASP M 8 -41.30 84.90 50.36
C ASP M 8 -40.09 84.13 50.90
N GLU M 9 -40.26 83.52 52.07
CA GLU M 9 -39.18 82.79 52.70
C GLU M 9 -38.49 81.83 51.74
N ALA M 10 -39.26 81.22 50.84
CA ALA M 10 -38.67 80.29 49.88
C ALA M 10 -37.47 80.96 49.23
N ALA M 11 -37.70 82.17 48.75
CA ALA M 11 -36.66 82.96 48.09
C ALA M 11 -35.52 83.34 49.03
N ARG M 12 -35.87 84.11 50.06
CA ARG M 12 -34.88 84.53 51.04
C ARG M 12 -34.00 83.40 51.53
N ARG M 13 -34.56 82.22 51.73
CA ARG M 13 -33.75 81.12 52.22
C ARG M 13 -32.78 80.67 51.14
N ALA M 14 -33.24 80.73 49.88
CA ALA M 14 -32.41 80.32 48.76
C ALA M 14 -31.20 81.23 48.71
N LEU M 15 -31.46 82.54 48.64
CA LEU M 15 -30.40 83.53 48.61
C LEU M 15 -29.45 83.31 49.78
N GLU M 16 -30.00 83.18 50.99
CA GLU M 16 -29.17 82.94 52.17
C GLU M 16 -28.25 81.73 51.97
N ARG M 17 -28.75 80.68 51.34
CA ARG M 17 -27.91 79.51 51.11
C ARG M 17 -26.67 79.94 50.33
N GLY M 18 -26.87 80.74 49.29
CA GLY M 18 -25.77 81.22 48.48
C GLY M 18 -24.86 82.09 49.35
N VAL M 19 -25.46 83.07 50.04
CA VAL M 19 -24.71 83.96 50.91
C VAL M 19 -23.78 83.15 51.82
N ASN M 20 -24.28 82.08 52.40
CA ASN M 20 -23.46 81.28 53.29
C ASN M 20 -22.35 80.53 52.57
N ALA M 21 -22.64 80.04 51.36
CA ALA M 21 -21.65 79.30 50.58
C ALA M 21 -20.36 80.10 50.44
N VAL M 22 -20.51 81.35 50.02
CA VAL M 22 -19.41 82.27 49.85
C VAL M 22 -18.78 82.53 51.22
N ALA M 23 -19.53 83.23 52.06
CA ALA M 23 -19.07 83.57 53.41
C ALA M 23 -18.30 82.49 54.14
N ASN M 24 -18.79 81.25 54.11
CA ASN M 24 -18.13 80.16 54.84
C ASN M 24 -16.80 79.79 54.25
N ALA M 25 -16.64 79.98 52.94
CA ALA M 25 -15.39 79.65 52.28
C ALA M 25 -14.40 80.79 52.52
N VAL M 26 -14.91 82.01 52.49
CA VAL M 26 -14.10 83.21 52.68
C VAL M 26 -13.57 83.49 54.08
N LYS M 27 -14.44 83.56 55.08
CA LYS M 27 -14.03 83.90 56.43
C LYS M 27 -12.90 83.07 57.05
N VAL M 28 -12.61 81.89 56.52
CA VAL M 28 -11.56 81.09 57.12
C VAL M 28 -10.19 81.71 56.84
N THR M 29 -10.18 82.86 56.17
CA THR M 29 -8.93 83.53 55.85
C THR M 29 -8.74 84.86 56.55
N LEU M 30 -9.81 85.37 57.14
CA LEU M 30 -9.79 86.64 57.85
C LEU M 30 -8.75 86.71 58.95
N GLY M 31 -8.04 87.83 59.00
CA GLY M 31 -7.03 88.01 60.03
C GLY M 31 -5.61 87.58 59.68
N PRO M 32 -4.67 87.87 60.59
CA PRO M 32 -3.24 87.58 60.51
C PRO M 32 -2.91 86.11 60.31
N ARG M 33 -3.84 85.23 60.63
CA ARG M 33 -3.57 83.80 60.50
C ARG M 33 -4.66 83.00 59.78
N GLY M 34 -5.21 83.56 58.72
CA GLY M 34 -6.22 82.85 57.97
C GLY M 34 -5.81 81.41 57.68
N ARG M 35 -6.80 80.55 57.51
CA ARG M 35 -6.52 79.15 57.22
C ARG M 35 -6.40 79.00 55.72
N ASN M 36 -5.97 77.81 55.31
CA ASN M 36 -5.79 77.50 53.89
C ASN M 36 -7.07 77.06 53.19
N VAL M 37 -7.30 77.61 52.01
CA VAL M 37 -8.44 77.24 51.17
C VAL M 37 -7.83 76.72 49.87
N VAL M 38 -8.21 75.51 49.46
CA VAL M 38 -7.68 74.91 48.23
C VAL M 38 -8.61 75.16 47.04
N LEU M 39 -8.04 75.66 45.94
CA LEU M 39 -8.81 75.96 44.73
C LEU M 39 -8.19 75.22 43.57
N GLU M 40 -9.00 74.49 42.80
CA GLU M 40 -8.44 73.75 41.68
C GLU M 40 -8.65 74.49 40.38
N LYS M 41 -7.63 74.46 39.55
CA LYS M 41 -7.68 75.11 38.24
C LYS M 41 -7.99 74.02 37.23
N LYS M 42 -8.88 74.31 36.28
CA LYS M 42 -9.26 73.31 35.29
C LYS M 42 -8.08 72.59 34.66
N PHE M 43 -7.06 73.34 34.28
CA PHE M 43 -5.89 72.75 33.65
C PHE M 43 -4.71 72.61 34.61
N GLY M 44 -4.21 73.74 35.12
CA GLY M 44 -3.10 73.70 36.05
C GLY M 44 -3.45 72.91 37.29
N SER M 45 -2.44 72.62 38.11
CA SER M 45 -2.67 71.87 39.35
C SER M 45 -3.40 72.75 40.37
N PRO M 46 -3.74 72.19 41.54
CA PRO M 46 -4.44 72.97 42.56
C PRO M 46 -3.67 74.18 43.10
N THR M 47 -4.41 75.09 43.72
CA THR M 47 -3.86 76.30 44.31
C THR M 47 -4.26 76.37 45.79
N ILE M 48 -3.46 77.03 46.60
CA ILE M 48 -3.79 77.20 48.01
C ILE M 48 -3.73 78.69 48.30
N THR M 49 -4.69 79.20 49.06
CA THR M 49 -4.71 80.63 49.35
C THR M 49 -4.95 80.90 50.83
N LYS M 50 -5.07 82.18 51.14
CA LYS M 50 -5.34 82.66 52.50
C LYS M 50 -5.92 84.04 52.25
N ASP M 51 -6.23 84.27 50.97
CA ASP M 51 -6.81 85.54 50.54
C ASP M 51 -8.30 85.39 50.25
N GLY M 52 -9.09 86.15 51.00
CA GLY M 52 -10.53 86.10 50.82
C GLY M 52 -10.97 86.38 49.40
N VAL M 53 -10.49 87.47 48.82
CA VAL M 53 -10.89 87.87 47.47
C VAL M 53 -10.57 86.83 46.43
N THR M 54 -9.43 86.15 46.59
CA THR M 54 -9.03 85.12 45.65
C THR M 54 -10.07 84.03 45.65
N VAL M 55 -10.42 83.57 46.85
CA VAL M 55 -11.41 82.52 47.04
C VAL M 55 -12.78 82.98 46.56
N ALA M 56 -13.20 84.15 47.00
CA ALA M 56 -14.50 84.66 46.58
C ALA M 56 -14.70 84.58 45.06
N LYS M 57 -13.69 84.95 44.30
CA LYS M 57 -13.78 84.92 42.83
C LYS M 57 -14.13 83.54 42.28
N GLU M 58 -13.53 82.51 42.86
CA GLU M 58 -13.75 81.13 42.42
C GLU M 58 -15.04 80.48 42.91
N VAL M 59 -15.86 81.19 43.69
CA VAL M 59 -17.09 80.61 44.20
C VAL M 59 -18.27 80.83 43.29
N GLU M 60 -18.72 79.74 42.68
CA GLU M 60 -19.88 79.75 41.79
C GLU M 60 -20.66 78.48 42.05
N LEU M 61 -21.93 78.64 42.43
CA LEU M 61 -22.79 77.51 42.76
C LEU M 61 -23.58 76.96 41.58
N GLU M 62 -23.87 75.65 41.61
CA GLU M 62 -24.65 75.00 40.55
C GLU M 62 -26.10 75.53 40.50
N ASP M 63 -26.76 75.61 41.64
CA ASP M 63 -28.13 76.08 41.69
C ASP M 63 -28.25 77.56 41.36
N HIS M 64 -29.07 77.88 40.36
CA HIS M 64 -29.28 79.26 39.95
C HIS M 64 -29.65 80.19 41.10
N LEU M 65 -30.69 79.83 41.84
CA LEU M 65 -31.14 80.65 42.95
C LEU M 65 -30.03 80.90 43.98
N GLU M 66 -29.44 79.82 44.45
CA GLU M 66 -28.38 79.94 45.44
C GLU M 66 -27.23 80.77 44.93
N ASN M 67 -26.85 80.55 43.68
CA ASN M 67 -25.76 81.30 43.09
C ASN M 67 -26.12 82.78 43.11
N ILE M 68 -27.36 83.10 42.76
CA ILE M 68 -27.80 84.49 42.73
C ILE M 68 -27.43 85.19 44.02
N GLY M 69 -27.55 84.46 45.12
CA GLY M 69 -27.24 85.02 46.42
C GLY M 69 -25.74 85.21 46.53
N ALA M 70 -24.99 84.19 46.16
CA ALA M 70 -23.53 84.24 46.19
C ALA M 70 -22.99 85.44 45.37
N GLN M 71 -23.47 85.58 44.15
CA GLN M 71 -23.04 86.68 43.30
C GLN M 71 -23.44 88.00 43.90
N LEU M 72 -24.69 88.09 44.36
CA LEU M 72 -25.22 89.31 44.93
C LEU M 72 -24.35 89.75 46.11
N LEU M 73 -23.87 88.78 46.88
CA LEU M 73 -23.02 89.10 48.03
C LEU M 73 -21.69 89.60 47.54
N LYS M 74 -21.04 88.77 46.71
CA LYS M 74 -19.76 89.11 46.13
C LYS M 74 -19.71 90.52 45.58
N GLU M 75 -20.72 90.90 44.81
CA GLU M 75 -20.80 92.26 44.26
C GLU M 75 -20.68 93.30 45.37
N VAL M 76 -21.73 93.42 46.18
CA VAL M 76 -21.76 94.40 47.26
C VAL M 76 -20.54 94.30 48.18
N ALA M 77 -20.02 93.10 48.37
CA ALA M 77 -18.87 92.94 49.24
C ALA M 77 -17.64 93.57 48.63
N SER M 78 -17.44 93.34 47.33
CA SER M 78 -16.28 93.87 46.63
C SER M 78 -16.30 95.37 46.48
N LYS M 79 -17.48 95.97 46.38
CA LYS M 79 -17.55 97.42 46.24
C LYS M 79 -17.10 98.12 47.54
N THR M 80 -16.24 97.43 48.28
CA THR M 80 -15.66 97.94 49.52
C THR M 80 -14.17 98.04 49.21
N ASN M 81 -13.66 97.01 48.57
CA ASN M 81 -12.27 96.95 48.16
C ASN M 81 -12.14 98.01 47.06
N ASP M 82 -13.23 98.24 46.34
CA ASP M 82 -13.30 99.22 45.26
C ASP M 82 -13.21 100.66 45.73
N VAL M 83 -13.47 100.89 47.02
CA VAL M 83 -13.43 102.25 47.55
C VAL M 83 -12.46 102.40 48.73
N ALA M 84 -11.74 101.33 49.05
CA ALA M 84 -10.79 101.38 50.16
C ALA M 84 -9.66 100.35 49.99
N GLY M 85 -9.74 99.58 48.91
CA GLY M 85 -8.70 98.60 48.62
C GLY M 85 -8.51 97.51 49.66
N ASP M 86 -9.58 97.20 50.41
CA ASP M 86 -9.51 96.18 51.44
C ASP M 86 -10.84 96.07 52.17
N GLY M 87 -10.94 95.05 53.03
CA GLY M 87 -12.13 94.83 53.83
C GLY M 87 -13.30 94.21 53.08
N THR M 88 -13.00 93.54 51.97
CA THR M 88 -14.07 92.91 51.22
C THR M 88 -14.51 91.67 52.01
N THR M 89 -13.56 90.92 52.53
CA THR M 89 -13.86 89.72 53.31
C THR M 89 -14.59 90.06 54.60
N THR M 90 -14.15 91.12 55.27
CA THR M 90 -14.79 91.56 56.52
C THR M 90 -16.25 91.93 56.29
N ALA M 91 -16.54 92.54 55.15
CA ALA M 91 -17.92 92.92 54.84
C ALA M 91 -18.77 91.67 54.65
N THR M 92 -18.17 90.62 54.08
CA THR M 92 -18.84 89.35 53.85
C THR M 92 -19.26 88.75 55.19
N VAL M 93 -18.31 88.58 56.11
CA VAL M 93 -18.62 88.03 57.42
C VAL M 93 -19.79 88.79 58.08
N LEU M 94 -19.66 90.10 58.23
CA LEU M 94 -20.71 90.91 58.83
C LEU M 94 -22.03 90.64 58.15
N ALA M 95 -22.01 90.55 56.81
CA ALA M 95 -23.22 90.33 56.03
C ALA M 95 -23.86 88.96 56.37
N GLN M 96 -23.05 87.92 56.40
CA GLN M 96 -23.55 86.58 56.73
C GLN M 96 -24.38 86.69 58.03
N ALA M 97 -23.74 87.17 59.09
CA ALA M 97 -24.38 87.35 60.38
C ALA M 97 -25.69 88.11 60.25
N ILE M 98 -25.62 89.34 59.74
CA ILE M 98 -26.83 90.14 59.60
C ILE M 98 -27.94 89.38 58.86
N VAL M 99 -27.60 88.67 57.79
CA VAL M 99 -28.60 87.92 57.04
C VAL M 99 -29.22 86.81 57.90
N ARG M 100 -28.38 86.05 58.59
CA ARG M 100 -28.82 84.95 59.46
C ARG M 100 -29.85 85.44 60.47
N GLU M 101 -29.40 86.22 61.45
CA GLU M 101 -30.26 86.73 62.49
C GLU M 101 -31.48 87.45 61.92
N GLY M 102 -31.29 88.13 60.80
CA GLY M 102 -32.40 88.84 60.19
C GLY M 102 -33.51 87.89 59.79
N LEU M 103 -33.15 86.89 58.99
CA LEU M 103 -34.11 85.90 58.52
C LEU M 103 -34.72 85.12 59.69
N LYS M 104 -33.92 84.83 60.70
CA LYS M 104 -34.40 84.11 61.87
C LYS M 104 -35.57 84.83 62.52
N ASN M 105 -35.34 86.09 62.85
CA ASN M 105 -36.33 86.93 63.50
C ASN M 105 -37.49 87.21 62.57
N VAL M 106 -37.25 87.20 61.26
CA VAL M 106 -38.35 87.44 60.34
C VAL M 106 -39.26 86.21 60.33
N ALA M 107 -38.63 85.05 60.47
CA ALA M 107 -39.33 83.78 60.51
C ALA M 107 -40.06 83.58 61.84
N ALA M 108 -39.69 84.38 62.84
CA ALA M 108 -40.33 84.28 64.14
C ALA M 108 -41.45 85.31 64.22
N GLY M 109 -41.69 85.97 63.10
CA GLY M 109 -42.75 86.97 63.05
C GLY M 109 -42.34 88.44 63.09
N ALA M 110 -41.05 88.73 63.13
CA ALA M 110 -40.60 90.13 63.17
C ALA M 110 -40.89 90.78 61.82
N ASN M 111 -41.22 92.08 61.84
CA ASN M 111 -41.47 92.83 60.61
C ASN M 111 -40.15 93.19 59.92
N PRO M 112 -39.97 92.76 58.66
CA PRO M 112 -38.74 93.04 57.92
C PRO M 112 -38.36 94.52 57.91
N LEU M 113 -39.27 95.36 57.48
CA LEU M 113 -38.99 96.80 57.42
C LEU M 113 -38.52 97.34 58.76
N ALA M 114 -39.21 96.98 59.83
CA ALA M 114 -38.81 97.46 61.16
C ALA M 114 -37.40 97.00 61.47
N LEU M 115 -37.08 95.75 61.13
CA LEU M 115 -35.75 95.22 61.38
C LEU M 115 -34.74 96.09 60.65
N LYS M 116 -35.09 96.44 59.41
CA LYS M 116 -34.24 97.28 58.58
C LYS M 116 -34.06 98.62 59.28
N ARG M 117 -35.15 99.36 59.47
CA ARG M 117 -35.09 100.67 60.13
C ARG M 117 -34.08 100.61 61.30
N GLY M 118 -34.12 99.52 62.06
CA GLY M 118 -33.23 99.37 63.18
C GLY M 118 -31.81 98.99 62.82
N ILE M 119 -31.64 98.17 61.79
CA ILE M 119 -30.29 97.79 61.36
C ILE M 119 -29.59 99.05 60.90
N GLU M 120 -30.35 99.92 60.24
CA GLU M 120 -29.83 101.18 59.73
C GLU M 120 -29.38 102.10 60.87
N LYS M 121 -30.30 102.43 61.77
CA LYS M 121 -29.99 103.28 62.91
C LYS M 121 -28.79 102.72 63.66
N ALA M 122 -28.69 101.40 63.72
CA ALA M 122 -27.58 100.75 64.40
C ALA M 122 -26.27 101.09 63.69
N VAL M 123 -26.23 100.87 62.37
CA VAL M 123 -25.03 101.16 61.62
C VAL M 123 -24.63 102.62 61.83
N GLU M 124 -25.56 103.55 61.62
CA GLU M 124 -25.26 104.98 61.81
C GLU M 124 -24.45 105.15 63.07
N ALA M 125 -25.08 104.88 64.20
CA ALA M 125 -24.41 104.97 65.49
C ALA M 125 -23.04 104.29 65.50
N ALA M 126 -22.92 103.17 64.79
CA ALA M 126 -21.66 102.43 64.75
C ALA M 126 -20.63 103.24 63.98
N VAL M 127 -21.02 103.72 62.80
CA VAL M 127 -20.12 104.51 61.97
C VAL M 127 -19.67 105.72 62.77
N GLU M 128 -20.63 106.45 63.33
CA GLU M 128 -20.35 107.64 64.10
C GLU M 128 -19.28 107.38 65.16
N LYS M 129 -19.26 106.17 65.70
CA LYS M 129 -18.28 105.81 66.70
C LYS M 129 -16.95 105.55 66.02
N ILE M 130 -17.00 104.96 64.84
CA ILE M 130 -15.77 104.66 64.10
C ILE M 130 -15.07 106.00 63.84
N LYS M 131 -15.85 106.99 63.42
CA LYS M 131 -15.33 108.33 63.14
C LYS M 131 -14.68 108.93 64.36
N ALA M 132 -15.49 109.14 65.39
CA ALA M 132 -15.01 109.72 66.63
C ALA M 132 -13.88 108.91 67.24
N LEU M 133 -13.54 107.80 66.62
CA LEU M 133 -12.50 106.92 67.15
C LEU M 133 -11.32 106.85 66.21
N ALA M 134 -11.48 107.47 65.04
CA ALA M 134 -10.49 107.45 64.00
C ALA M 134 -9.24 108.22 64.19
N ILE M 135 -8.19 107.49 63.81
CA ILE M 135 -6.86 108.05 63.90
C ILE M 135 -6.52 108.76 62.62
N PRO M 136 -6.41 110.09 62.68
CA PRO M 136 -6.07 110.87 61.49
C PRO M 136 -4.64 110.60 61.03
N VAL M 137 -4.47 110.56 59.72
CA VAL M 137 -3.15 110.33 59.12
C VAL M 137 -2.86 111.50 58.20
N GLU M 138 -2.16 112.49 58.73
CA GLU M 138 -1.83 113.70 57.97
C GLU M 138 -0.39 114.13 58.18
N ASP M 139 0.23 113.64 59.25
CA ASP M 139 1.62 113.98 59.53
C ASP M 139 2.51 113.41 58.44
N ARG M 140 3.80 113.72 58.54
CA ARG M 140 4.76 113.21 57.59
C ARG M 140 5.03 111.77 58.01
N LYS M 141 5.34 111.58 59.30
CA LYS M 141 5.62 110.27 59.85
C LYS M 141 4.41 109.38 59.68
N ALA M 142 3.24 109.94 59.99
CA ALA M 142 2.00 109.20 59.85
C ALA M 142 1.92 108.55 58.46
N ILE M 143 1.72 109.37 57.45
CA ILE M 143 1.61 108.90 56.07
C ILE M 143 2.69 107.92 55.68
N GLU M 144 3.92 108.14 56.15
CA GLU M 144 4.99 107.23 55.80
C GLU M 144 4.80 105.88 56.46
N GLU M 145 4.58 105.90 57.78
CA GLU M 145 4.38 104.66 58.53
C GLU M 145 3.26 103.80 57.99
N VAL M 146 2.12 104.42 57.70
CA VAL M 146 0.97 103.70 57.14
C VAL M 146 1.43 102.94 55.90
N ALA M 147 1.93 103.69 54.92
CA ALA M 147 2.41 103.12 53.67
C ALA M 147 3.52 102.10 53.92
N THR M 148 4.41 102.42 54.86
CA THR M 148 5.52 101.53 55.20
C THR M 148 4.99 100.14 55.56
N ILE M 149 3.91 100.12 56.33
CA ILE M 149 3.30 98.88 56.75
C ILE M 149 2.61 98.15 55.59
N SER M 150 1.63 98.81 54.98
CA SER M 150 0.87 98.24 53.88
C SER M 150 1.74 97.77 52.73
N ALA M 151 3.00 98.21 52.74
CA ALA M 151 3.93 97.82 51.67
C ALA M 151 4.92 96.79 52.20
N ASN M 152 5.18 96.86 53.50
CA ASN M 152 6.13 95.97 54.14
C ASN M 152 7.50 96.30 53.55
N ASP M 153 7.80 97.59 53.53
CA ASP M 153 9.06 98.11 53.00
C ASP M 153 9.20 99.57 53.46
N PRO M 154 10.10 99.83 54.42
CA PRO M 154 10.31 101.19 54.94
C PRO M 154 10.75 102.17 53.85
N GLU M 155 11.41 101.64 52.83
CA GLU M 155 11.90 102.45 51.71
C GLU M 155 10.72 102.92 50.86
N VAL M 156 9.97 101.98 50.32
CA VAL M 156 8.82 102.31 49.49
C VAL M 156 7.91 103.20 50.31
N GLY M 157 7.96 103.03 51.62
CA GLY M 157 7.14 103.86 52.49
C GLY M 157 7.56 105.30 52.29
N LYS M 158 8.87 105.54 52.35
CA LYS M 158 9.42 106.88 52.16
C LYS M 158 8.97 107.43 50.82
N LEU M 159 9.32 106.71 49.75
CA LEU M 159 8.95 107.12 48.40
C LEU M 159 7.49 107.51 48.31
N ILE M 160 6.62 106.60 48.72
CA ILE M 160 5.18 106.86 48.68
C ILE M 160 4.88 108.15 49.45
N ALA M 161 5.55 108.32 50.58
CA ALA M 161 5.35 109.51 51.40
C ALA M 161 5.79 110.75 50.61
N ASP M 162 7.01 110.71 50.09
CA ASP M 162 7.55 111.82 49.32
C ASP M 162 6.66 112.12 48.12
N ALA M 163 6.35 111.09 47.35
CA ALA M 163 5.51 111.23 46.17
C ALA M 163 4.24 112.01 46.52
N MET M 164 3.64 111.67 47.66
CA MET M 164 2.43 112.35 48.10
C MET M 164 2.78 113.77 48.56
N GLU M 165 3.87 113.89 49.32
CA GLU M 165 4.35 115.17 49.85
C GLU M 165 4.40 116.24 48.77
N LYS M 166 4.94 115.87 47.62
CA LYS M 166 5.10 116.80 46.50
C LYS M 166 3.91 116.96 45.56
N VAL M 167 3.39 115.86 45.03
CA VAL M 167 2.27 115.94 44.10
C VAL M 167 0.97 116.41 44.75
N GLY M 168 0.84 116.20 46.06
CA GLY M 168 -0.35 116.63 46.76
C GLY M 168 -1.48 115.62 46.80
N LYS M 169 -2.52 115.94 47.58
CA LYS M 169 -3.68 115.06 47.73
C LYS M 169 -4.37 114.75 46.40
N GLU M 170 -4.78 115.79 45.67
CA GLU M 170 -5.43 115.59 44.38
C GLU M 170 -4.43 115.43 43.24
N GLY M 171 -3.19 115.11 43.59
CA GLY M 171 -2.14 114.93 42.60
C GLY M 171 -2.17 113.55 41.94
N ILE M 172 -1.16 113.27 41.12
CA ILE M 172 -1.08 111.99 40.42
C ILE M 172 0.12 111.16 40.86
N ILE M 173 -0.12 109.90 41.20
CA ILE M 173 0.97 109.02 41.61
C ILE M 173 0.71 107.67 40.97
N THR M 174 1.77 107.03 40.50
CA THR M 174 1.61 105.73 39.86
C THR M 174 2.78 104.81 40.15
N VAL M 175 2.56 103.52 40.01
CA VAL M 175 3.59 102.55 40.25
C VAL M 175 3.85 101.92 38.90
N GLU M 176 5.07 102.03 38.40
CA GLU M 176 5.37 101.44 37.10
C GLU M 176 6.39 100.31 37.21
N GLU M 177 6.27 99.32 36.33
CA GLU M 177 7.18 98.17 36.34
C GLU M 177 8.48 98.59 35.69
N SER M 178 9.40 99.10 36.49
CA SER M 178 10.69 99.53 35.98
C SER M 178 11.40 98.35 35.33
N LYS M 179 12.55 98.62 34.74
CA LYS M 179 13.34 97.57 34.10
C LYS M 179 14.59 97.38 34.96
N SER M 180 14.90 98.43 35.72
CA SER M 180 16.05 98.42 36.60
C SER M 180 15.76 97.52 37.80
N LEU M 181 16.81 97.00 38.43
CA LEU M 181 16.64 96.13 39.58
C LEU M 181 16.55 96.92 40.88
N GLU M 182 16.31 98.22 40.76
CA GLU M 182 16.18 99.09 41.92
C GLU M 182 14.89 99.89 41.84
N THR M 183 14.33 100.20 43.00
CA THR M 183 13.10 100.98 43.05
C THR M 183 13.44 102.44 43.29
N GLU M 184 12.94 103.31 42.42
CA GLU M 184 13.20 104.74 42.51
C GLU M 184 11.94 105.57 42.33
N LEU M 185 12.03 106.85 42.69
CA LEU M 185 10.92 107.78 42.53
C LEU M 185 11.36 108.87 41.58
N LYS M 186 10.62 109.05 40.49
CA LYS M 186 10.93 110.05 39.48
C LYS M 186 9.69 110.90 39.18
N PHE M 187 9.87 112.20 39.01
CA PHE M 187 8.74 113.10 38.72
C PHE M 187 8.67 113.51 37.26
N VAL M 188 8.09 112.64 36.44
CA VAL M 188 7.94 112.92 35.03
C VAL M 188 6.72 113.79 34.76
N GLU M 189 6.26 113.60 33.53
CA GLU M 189 5.13 114.26 32.91
C GLU M 189 4.08 113.17 32.54
N GLY M 190 2.81 113.52 32.66
CA GLY M 190 1.76 112.57 32.32
C GLY M 190 0.37 113.00 32.74
N TYR M 191 -0.56 112.04 32.70
CA TYR M 191 -1.96 112.28 33.05
C TYR M 191 -2.58 110.98 33.54
N GLN M 192 -3.82 111.06 34.00
CA GLN M 192 -4.54 109.90 34.50
C GLN M 192 -6.03 110.19 34.68
N PHE M 193 -6.88 109.33 34.11
CA PHE M 193 -8.32 109.50 34.20
C PHE M 193 -9.01 108.20 34.63
N ASP M 194 -10.22 108.33 35.17
CA ASP M 194 -11.00 107.18 35.65
C ASP M 194 -11.82 106.49 34.57
N LYS M 195 -11.16 105.65 33.78
CA LYS M 195 -11.77 104.91 32.68
C LYS M 195 -10.81 103.74 32.42
N GLY M 196 -11.33 102.56 32.10
CA GLY M 196 -10.44 101.43 31.87
C GLY M 196 -10.63 100.70 30.55
N TYR M 197 -9.91 99.59 30.37
CA TYR M 197 -10.01 98.82 29.14
C TYR M 197 -11.45 98.44 28.79
N ILE M 198 -11.85 98.83 27.57
CA ILE M 198 -13.18 98.56 27.02
C ILE M 198 -13.46 97.06 26.92
N SER M 199 -12.38 96.26 26.92
CA SER M 199 -12.49 94.81 26.84
C SER M 199 -11.40 94.19 27.72
N PRO M 200 -11.78 93.24 28.60
CA PRO M 200 -10.81 92.58 29.49
C PRO M 200 -9.73 91.78 28.75
N TYR M 201 -9.88 91.68 27.42
CA TYR M 201 -8.92 90.94 26.59
C TYR M 201 -7.65 91.75 26.30
N PHE M 202 -7.70 93.04 26.59
CA PHE M 202 -6.56 93.95 26.37
C PHE M 202 -5.54 93.84 27.51
N VAL M 203 -5.89 93.06 28.54
CA VAL M 203 -5.03 92.86 29.70
C VAL M 203 -3.67 92.23 29.34
N THR M 204 -2.62 92.79 29.92
CA THR M 204 -1.26 92.33 29.69
C THR M 204 -0.92 91.24 30.72
N ASN M 205 -1.21 91.54 31.98
CA ASN M 205 -0.93 90.64 33.07
C ASN M 205 -2.25 90.04 33.61
N PRO M 206 -2.43 88.72 33.45
CA PRO M 206 -3.64 88.02 33.90
C PRO M 206 -3.89 88.19 35.41
N GLU M 207 -2.82 88.07 36.19
CA GLU M 207 -2.89 88.19 37.64
C GLU M 207 -3.36 89.58 38.10
N THR M 208 -2.58 90.61 37.81
CA THR M 208 -2.93 91.98 38.19
C THR M 208 -4.12 92.54 37.41
N MET M 209 -4.50 91.87 36.32
CA MET M 209 -5.62 92.28 35.47
C MET M 209 -5.44 93.68 34.91
N GLU M 210 -4.20 94.00 34.53
CA GLU M 210 -3.87 95.31 33.98
C GLU M 210 -3.40 95.14 32.55
N ALA M 211 -3.36 96.26 31.83
CA ALA M 211 -2.89 96.30 30.45
C ALA M 211 -1.73 97.30 30.44
N VAL M 212 -0.51 96.78 30.43
CA VAL M 212 0.69 97.63 30.42
C VAL M 212 1.33 97.76 29.02
N LEU M 213 1.42 99.00 28.55
CA LEU M 213 1.99 99.31 27.24
C LEU M 213 3.20 100.22 27.44
N GLU M 214 4.34 99.85 26.85
CA GLU M 214 5.55 100.66 26.99
C GLU M 214 5.99 101.31 25.68
N ASP M 215 6.26 102.62 25.73
CA ASP M 215 6.65 103.40 24.57
C ASP M 215 5.64 103.20 23.46
N ALA M 216 4.40 103.60 23.73
CA ALA M 216 3.32 103.45 22.78
C ALA M 216 2.77 104.79 22.30
N PHE M 217 2.05 104.76 21.17
CA PHE M 217 1.43 105.96 20.62
C PHE M 217 0.06 106.09 21.27
N ILE M 218 -0.40 107.32 21.42
CA ILE M 218 -1.69 107.57 22.05
C ILE M 218 -2.67 108.22 21.08
N LEU M 219 -3.33 107.38 20.27
CA LEU M 219 -4.31 107.83 19.31
C LEU M 219 -5.53 108.42 20.03
N ILE M 220 -5.56 109.74 20.16
CA ILE M 220 -6.66 110.42 20.85
C ILE M 220 -7.80 110.80 19.89
N VAL M 221 -8.85 109.97 19.85
CA VAL M 221 -10.00 110.23 18.99
C VAL M 221 -11.13 110.89 19.80
N GLU M 222 -12.16 111.36 19.10
CA GLU M 222 -13.27 112.03 19.76
C GLU M 222 -14.60 111.46 19.24
N LYS M 223 -14.51 110.63 18.20
CA LYS M 223 -15.69 110.00 17.62
C LYS M 223 -15.83 108.57 18.11
N LYS M 224 -16.94 107.93 17.79
CA LYS M 224 -17.16 106.53 18.16
C LYS M 224 -16.59 105.66 17.06
N VAL M 225 -15.36 105.21 17.26
CA VAL M 225 -14.69 104.37 16.28
C VAL M 225 -15.34 102.98 16.24
N SER M 226 -16.18 102.76 15.23
CA SER M 226 -16.88 101.49 15.08
C SER M 226 -16.64 100.84 13.71
N ASN M 227 -16.05 101.61 12.79
CA ASN M 227 -15.77 101.12 11.45
C ASN M 227 -14.29 100.77 11.31
N VAL M 228 -14.04 99.64 10.67
CA VAL M 228 -12.68 99.17 10.43
C VAL M 228 -11.98 100.03 9.37
N ARG M 229 -12.69 100.35 8.29
CA ARG M 229 -12.11 101.14 7.21
C ARG M 229 -11.47 102.45 7.66
N GLU M 230 -12.12 103.18 8.56
CA GLU M 230 -11.60 104.46 9.04
C GLU M 230 -10.50 104.29 10.11
N LEU M 231 -10.18 103.04 10.44
CA LEU M 231 -9.17 102.77 11.46
C LEU M 231 -7.94 102.07 10.89
N LEU M 232 -8.14 101.19 9.91
CA LEU M 232 -7.05 100.44 9.29
C LEU M 232 -5.82 101.27 8.90
N PRO M 233 -6.00 102.46 8.29
CA PRO M 233 -4.85 103.29 7.90
C PRO M 233 -3.84 103.56 9.03
N ILE M 234 -4.30 104.17 10.13
CA ILE M 234 -3.44 104.47 11.28
C ILE M 234 -2.97 103.20 11.96
N LEU M 235 -3.85 102.21 12.02
CA LEU M 235 -3.55 100.91 12.64
C LEU M 235 -2.37 100.22 11.94
N GLU M 236 -2.26 100.48 10.64
CA GLU M 236 -1.20 99.93 9.80
C GLU M 236 0.14 100.65 10.02
N GLN M 237 0.10 101.99 9.97
CA GLN M 237 1.29 102.80 10.17
C GLN M 237 1.95 102.41 11.49
N VAL M 238 1.15 102.37 12.56
CA VAL M 238 1.64 102.01 13.90
C VAL M 238 2.11 100.55 13.94
N ALA M 239 1.46 99.67 13.17
CA ALA M 239 1.83 98.25 13.13
C ALA M 239 3.28 98.06 12.70
N GLN M 240 3.71 98.81 11.68
CA GLN M 240 5.07 98.72 11.18
C GLN M 240 6.09 99.43 12.08
N THR M 241 5.61 100.12 13.12
CA THR M 241 6.48 100.83 14.06
C THR M 241 7.06 99.84 15.06
N GLY M 242 6.39 98.71 15.24
CA GLY M 242 6.83 97.70 16.18
C GLY M 242 6.44 98.09 17.59
N LYS M 243 5.86 99.29 17.72
CA LYS M 243 5.44 99.82 19.01
C LYS M 243 3.95 99.58 19.30
N PRO M 244 3.57 99.59 20.59
CA PRO M 244 2.18 99.37 21.04
C PRO M 244 1.33 100.64 20.84
N LEU M 245 0.01 100.49 20.92
CA LEU M 245 -0.90 101.62 20.73
C LEU M 245 -2.05 101.70 21.74
N LEU M 246 -2.27 102.90 22.29
CA LEU M 246 -3.36 103.14 23.24
C LEU M 246 -4.42 104.01 22.54
N ILE M 247 -5.62 103.49 22.38
CA ILE M 247 -6.72 104.23 21.74
C ILE M 247 -7.61 104.83 22.84
N ILE M 248 -7.91 106.13 22.72
CA ILE M 248 -8.73 106.82 23.70
C ILE M 248 -9.91 107.54 23.06
N ALA M 249 -10.71 106.79 22.31
CA ALA M 249 -11.88 107.36 21.65
C ALA M 249 -12.98 107.48 22.71
N GLU M 250 -14.13 108.05 22.35
CA GLU M 250 -15.20 108.16 23.34
C GLU M 250 -15.78 106.76 23.53
N ASP M 251 -15.47 105.89 22.56
CA ASP M 251 -15.92 104.49 22.59
C ASP M 251 -15.43 103.73 21.36
N VAL M 252 -15.13 102.45 21.55
CA VAL M 252 -14.69 101.57 20.47
C VAL M 252 -15.63 100.35 20.49
N GLU M 253 -16.39 100.19 19.41
CA GLU M 253 -17.36 99.09 19.31
C GLU M 253 -17.35 98.38 17.95
N GLY M 254 -18.29 97.44 17.79
CA GLY M 254 -18.41 96.69 16.55
C GLY M 254 -17.12 96.11 15.98
N GLU M 255 -16.95 96.26 14.67
CA GLU M 255 -15.76 95.75 13.97
C GLU M 255 -14.49 96.29 14.60
N ALA M 256 -14.43 97.61 14.76
CA ALA M 256 -13.27 98.29 15.35
C ALA M 256 -12.77 97.58 16.62
N LEU M 257 -13.64 97.47 17.62
CA LEU M 257 -13.27 96.82 18.88
C LEU M 257 -12.92 95.34 18.67
N ALA M 258 -13.64 94.67 17.77
CA ALA M 258 -13.41 93.25 17.47
C ALA M 258 -12.02 93.02 16.88
N THR M 259 -11.66 93.84 15.89
CA THR M 259 -10.35 93.75 15.23
C THR M 259 -9.21 94.01 16.20
N LEU M 260 -9.31 95.10 16.97
CA LEU M 260 -8.29 95.47 17.95
C LEU M 260 -8.01 94.32 18.92
N VAL M 261 -9.08 93.62 19.34
CA VAL M 261 -8.96 92.49 20.26
C VAL M 261 -8.32 91.25 19.63
N VAL M 262 -8.69 90.96 18.38
CA VAL M 262 -8.16 89.79 17.67
C VAL M 262 -6.64 89.87 17.43
N ASN M 263 -6.18 90.98 16.84
CA ASN M 263 -4.75 91.19 16.56
C ASN M 263 -3.93 91.26 17.85
N LYS M 264 -4.57 91.76 18.92
CA LYS M 264 -3.96 91.89 20.24
C LYS M 264 -3.67 90.51 20.82
N LEU M 265 -4.68 89.64 20.80
CA LEU M 265 -4.58 88.27 21.31
C LEU M 265 -3.84 87.39 20.30
N ARG M 266 -3.62 87.94 19.12
CA ARG M 266 -2.95 87.25 18.02
C ARG M 266 -1.45 87.54 18.03
N GLY M 267 -1.11 88.80 18.32
CA GLY M 267 0.29 89.19 18.36
C GLY M 267 0.60 90.16 17.22
N THR M 268 -0.41 90.47 16.41
CA THR M 268 -0.25 91.37 15.28
C THR M 268 0.02 92.81 15.76
N LEU M 269 -0.75 93.26 16.75
CA LEU M 269 -0.59 94.60 17.31
C LEU M 269 -1.08 94.61 18.77
N SER M 270 -0.22 95.06 19.69
CA SER M 270 -0.58 95.14 21.11
C SER M 270 -1.23 96.50 21.37
N VAL M 271 -2.55 96.50 21.45
CA VAL M 271 -3.31 97.72 21.71
C VAL M 271 -4.23 97.56 22.91
N ALA M 272 -4.94 98.65 23.21
CA ALA M 272 -5.89 98.70 24.31
C ALA M 272 -6.76 99.95 24.15
N ALA M 273 -8.07 99.76 24.11
CA ALA M 273 -8.99 100.86 23.94
C ALA M 273 -9.63 101.27 25.28
N VAL M 274 -9.64 102.59 25.52
CA VAL M 274 -10.22 103.15 26.76
C VAL M 274 -11.18 104.28 26.37
N LYS M 275 -12.31 104.38 27.07
CA LYS M 275 -13.27 105.43 26.80
C LYS M 275 -12.69 106.78 27.21
N ALA M 276 -13.17 107.84 26.57
CA ALA M 276 -12.68 109.19 26.86
C ALA M 276 -13.10 109.65 28.26
N PRO M 277 -12.16 110.29 29.00
CA PRO M 277 -12.39 110.79 30.36
C PRO M 277 -13.47 111.87 30.41
N GLY M 278 -14.05 112.05 31.60
CA GLY M 278 -15.08 113.05 31.77
C GLY M 278 -16.28 112.87 30.86
N PHE M 279 -17.20 113.82 30.92
CA PHE M 279 -18.41 113.77 30.10
C PHE M 279 -18.71 115.19 29.61
N GLY M 280 -19.08 115.30 28.33
CA GLY M 280 -19.42 116.58 27.75
C GLY M 280 -18.32 117.53 27.44
N ASP M 281 -18.62 118.83 27.54
CA ASP M 281 -17.64 119.88 27.30
C ASP M 281 -16.40 119.52 28.11
N ARG M 282 -16.67 119.01 29.31
CA ARG M 282 -15.64 118.60 30.27
C ARG M 282 -14.66 117.60 29.67
N ARG M 283 -15.20 116.77 28.78
CA ARG M 283 -14.42 115.74 28.12
C ARG M 283 -13.44 116.23 27.06
N LYS M 284 -13.91 117.01 26.08
CA LYS M 284 -13.01 117.50 25.05
C LYS M 284 -11.88 118.29 25.69
N GLU M 285 -12.20 119.00 26.77
CA GLU M 285 -11.21 119.79 27.48
C GLU M 285 -10.13 118.87 28.08
N MET M 286 -10.56 117.70 28.56
CA MET M 286 -9.62 116.73 29.14
C MET M 286 -8.86 115.96 28.06
N LEU M 287 -9.47 115.80 26.89
CA LEU M 287 -8.83 115.10 25.76
C LEU M 287 -7.65 115.93 25.24
N LYS M 288 -7.73 117.24 25.43
CA LYS M 288 -6.68 118.16 25.01
C LYS M 288 -5.55 118.09 26.03
N ASP M 289 -5.92 117.99 27.31
CA ASP M 289 -4.94 117.87 28.40
C ASP M 289 -4.03 116.68 28.11
N ILE M 290 -4.62 115.64 27.53
CA ILE M 290 -3.89 114.42 27.16
C ILE M 290 -3.00 114.71 25.95
N ALA M 291 -3.58 115.26 24.90
CA ALA M 291 -2.81 115.59 23.70
C ALA M 291 -1.60 116.48 24.06
N ALA M 292 -1.81 117.43 24.98
CA ALA M 292 -0.76 118.36 25.41
C ALA M 292 0.44 117.65 26.06
N VAL M 293 0.17 116.79 27.04
CA VAL M 293 1.21 116.06 27.75
C VAL M 293 1.77 114.90 26.91
N THR M 294 1.02 114.46 25.90
CA THR M 294 1.42 113.34 25.04
C THR M 294 2.20 113.80 23.80
N GLY M 295 1.77 114.90 23.19
CA GLY M 295 2.42 115.39 22.00
C GLY M 295 1.61 114.90 20.81
N GLY M 296 0.31 114.80 21.02
CA GLY M 296 -0.60 114.36 19.98
C GLY M 296 -1.69 115.39 19.78
N THR M 297 -2.71 115.06 18.99
CA THR M 297 -3.78 116.00 18.73
C THR M 297 -5.14 115.29 18.72
N VAL M 298 -6.14 115.99 19.25
CA VAL M 298 -7.51 115.47 19.33
C VAL M 298 -8.17 115.36 17.95
N ILE M 299 -8.24 114.14 17.41
CA ILE M 299 -8.86 113.89 16.10
C ILE M 299 -10.38 114.07 16.21
N SER M 300 -10.80 115.33 16.25
CA SER M 300 -12.22 115.64 16.36
C SER M 300 -12.83 115.87 14.98
N GLU M 301 -14.00 115.26 14.76
CA GLU M 301 -14.70 115.39 13.48
C GLU M 301 -15.21 116.83 13.40
N GLU M 302 -15.31 117.48 14.56
CA GLU M 302 -15.77 118.87 14.65
C GLU M 302 -14.95 119.78 13.75
N LEU M 303 -13.65 119.87 14.04
CA LEU M 303 -12.75 120.70 13.25
C LEU M 303 -12.50 120.02 11.90
N GLY M 304 -13.51 119.28 11.44
CA GLY M 304 -13.45 118.57 10.17
C GLY M 304 -12.17 117.79 9.90
N PHE M 305 -12.20 116.49 10.16
CA PHE M 305 -11.05 115.65 9.92
C PHE M 305 -11.33 114.16 10.09
N LYS M 306 -11.21 113.42 9.00
CA LYS M 306 -11.45 111.99 8.98
C LYS M 306 -10.30 111.20 9.61
N LEU M 307 -10.63 110.04 10.20
CA LEU M 307 -9.64 109.19 10.86
C LEU M 307 -8.66 108.49 9.91
N GLU M 308 -9.17 107.99 8.78
CA GLU M 308 -8.32 107.33 7.80
C GLU M 308 -7.15 108.23 7.36
N ASN M 309 -7.37 109.54 7.39
CA ASN M 309 -6.36 110.53 7.01
C ASN M 309 -5.49 110.96 8.18
N ALA M 310 -5.39 110.11 9.21
CA ALA M 310 -4.58 110.47 10.38
C ALA M 310 -3.15 109.95 10.26
N THR M 311 -2.20 110.87 10.40
CA THR M 311 -0.78 110.56 10.32
C THR M 311 -0.24 109.92 11.60
N LEU M 312 0.79 109.10 11.43
CA LEU M 312 1.45 108.44 12.55
C LEU M 312 2.27 109.48 13.32
N SER M 313 1.81 110.73 13.29
CA SER M 313 2.49 111.83 13.98
C SER M 313 1.50 112.74 14.73
N MET M 314 0.21 112.58 14.42
CA MET M 314 -0.85 113.37 15.05
C MET M 314 -1.13 112.79 16.43
N LEU M 315 -0.68 111.55 16.63
CA LEU M 315 -0.87 110.84 17.89
C LEU M 315 0.38 110.97 18.75
N GLY M 316 0.22 111.55 19.93
CA GLY M 316 1.36 111.70 20.80
C GLY M 316 1.80 110.34 21.31
N ARG M 317 2.71 110.34 22.28
CA ARG M 317 3.19 109.09 22.87
C ARG M 317 3.85 109.27 24.25
N ALA M 318 3.95 108.18 25.01
CA ALA M 318 4.54 108.23 26.34
C ALA M 318 5.40 106.97 26.59
N GLU M 319 6.21 107.03 27.65
CA GLU M 319 7.09 105.92 27.99
C GLU M 319 6.36 104.67 28.50
N ARG M 320 5.23 104.87 29.17
CA ARG M 320 4.44 103.75 29.67
C ARG M 320 2.97 104.11 29.95
N VAL M 321 2.08 103.21 29.54
CA VAL M 321 0.65 103.39 29.75
C VAL M 321 0.11 102.18 30.50
N ARG M 322 -0.55 102.43 31.63
CA ARG M 322 -1.12 101.38 32.46
C ARG M 322 -2.65 101.43 32.45
N ILE M 323 -3.28 100.34 32.03
CA ILE M 323 -4.74 100.30 31.97
C ILE M 323 -5.36 99.24 32.90
N THR M 324 -6.23 99.73 33.77
CA THR M 324 -6.95 98.92 34.74
C THR M 324 -8.42 98.94 34.28
N LYS M 325 -9.24 98.02 34.79
CA LYS M 325 -10.64 98.00 34.37
C LYS M 325 -11.36 99.25 34.86
N ASP M 326 -10.72 99.99 35.76
CA ASP M 326 -11.32 101.21 36.31
C ASP M 326 -10.49 102.47 36.09
N GLU M 327 -9.23 102.32 35.69
CA GLU M 327 -8.38 103.50 35.53
C GLU M 327 -7.26 103.40 34.49
N THR M 328 -7.04 104.49 33.76
CA THR M 328 -5.97 104.56 32.75
C THR M 328 -4.92 105.55 33.25
N THR M 329 -3.65 105.16 33.13
CA THR M 329 -2.54 105.99 33.59
C THR M 329 -1.48 106.15 32.49
N ILE M 330 -1.04 107.39 32.29
CA ILE M 330 -0.03 107.68 31.27
C ILE M 330 1.23 108.28 31.88
N VAL M 331 2.27 107.44 32.00
CA VAL M 331 3.56 107.82 32.57
C VAL M 331 4.61 108.08 31.49
N GLY M 332 5.31 109.20 31.62
CA GLY M 332 6.33 109.50 30.64
C GLY M 332 5.76 110.27 29.46
N GLY M 333 4.93 111.26 29.77
CA GLY M 333 4.34 112.08 28.72
C GLY M 333 5.45 112.79 27.96
N LYS M 334 5.42 112.68 26.64
CA LYS M 334 6.45 113.31 25.80
C LYS M 334 5.96 114.51 25.01
N GLY M 335 4.92 115.16 25.53
CA GLY M 335 4.38 116.34 24.88
C GLY M 335 5.28 117.53 25.14
N LYS M 336 5.14 118.57 24.32
CA LYS M 336 5.95 119.76 24.48
C LYS M 336 5.66 120.41 25.84
N LYS M 337 6.71 120.61 26.62
CA LYS M 337 6.61 121.24 27.93
C LYS M 337 5.80 122.54 27.83
N GLU M 338 5.73 123.09 26.62
CA GLU M 338 5.00 124.32 26.35
C GLU M 338 3.48 124.08 26.35
N ASP M 339 3.03 123.15 25.51
CA ASP M 339 1.61 122.79 25.40
C ASP M 339 1.03 122.46 26.76
N ILE M 340 1.87 121.85 27.60
CA ILE M 340 1.49 121.47 28.96
C ILE M 340 1.22 122.72 29.81
N GLU M 341 2.23 123.57 29.97
CA GLU M 341 2.10 124.79 30.75
C GLU M 341 0.99 125.68 30.15
N ALA M 342 0.66 125.42 28.89
CA ALA M 342 -0.39 126.17 28.19
C ALA M 342 -1.75 125.87 28.81
N ARG M 343 -1.99 124.59 29.09
CA ARG M 343 -3.25 124.16 29.71
C ARG M 343 -3.27 124.61 31.18
N ILE M 344 -2.16 124.38 31.89
CA ILE M 344 -2.04 124.77 33.30
C ILE M 344 -2.47 126.21 33.56
N ASN M 345 -2.05 127.11 32.68
CA ASN M 345 -2.39 128.52 32.81
C ASN M 345 -3.81 128.85 32.33
N GLY M 346 -4.16 128.35 31.15
CA GLY M 346 -5.51 128.61 30.63
C GLY M 346 -6.58 128.04 31.55
N ILE M 347 -6.15 127.12 32.43
CA ILE M 347 -7.05 126.47 33.39
C ILE M 347 -7.23 127.36 34.62
N LYS M 348 -6.14 128.04 35.01
CA LYS M 348 -6.15 128.93 36.16
C LYS M 348 -6.97 130.20 35.86
N LYS M 349 -6.89 130.67 34.62
CA LYS M 349 -7.61 131.87 34.19
C LYS M 349 -9.12 131.61 34.23
N GLU M 350 -9.53 130.45 33.70
CA GLU M 350 -10.93 130.05 33.68
C GLU M 350 -11.38 129.69 35.10
N LEU M 351 -10.41 129.50 35.98
CA LEU M 351 -10.67 129.15 37.38
C LEU M 351 -11.16 130.36 38.19
N GLU M 352 -10.78 131.55 37.76
CA GLU M 352 -11.17 132.80 38.42
C GLU M 352 -12.55 133.24 37.93
N THR M 353 -12.89 132.84 36.71
CA THR M 353 -14.17 133.18 36.10
C THR M 353 -15.22 132.17 36.56
N THR M 354 -14.77 131.06 37.13
CA THR M 354 -15.67 130.01 37.62
C THR M 354 -16.31 130.46 38.94
N ASP M 355 -17.58 130.10 39.11
CA ASP M 355 -18.34 130.48 40.31
C ASP M 355 -18.92 129.27 41.07
N SER M 356 -19.25 128.21 40.35
CA SER M 356 -19.81 127.01 40.97
C SER M 356 -18.70 126.18 41.62
N GLU M 357 -18.78 126.04 42.95
CA GLU M 357 -17.80 125.29 43.71
C GLU M 357 -17.46 123.93 43.10
N TYR M 358 -18.46 123.26 42.53
CA TYR M 358 -18.23 121.94 41.92
C TYR M 358 -17.28 122.00 40.73
N ALA M 359 -17.52 122.95 39.82
CA ALA M 359 -16.67 123.12 38.65
C ALA M 359 -15.23 123.39 39.09
N ARG M 360 -15.08 124.19 40.15
CA ARG M 360 -13.76 124.55 40.68
C ARG M 360 -12.93 123.33 41.09
N GLU M 361 -13.49 122.50 41.96
CA GLU M 361 -12.81 121.29 42.44
C GLU M 361 -12.32 120.37 41.34
N LYS M 362 -13.07 120.34 40.24
CA LYS M 362 -12.73 119.50 39.10
C LYS M 362 -11.62 120.09 38.25
N LEU M 363 -11.62 121.40 38.08
CA LEU M 363 -10.54 122.04 37.34
C LEU M 363 -9.32 121.82 38.24
N GLN M 364 -9.57 121.76 39.56
CA GLN M 364 -8.53 121.54 40.57
C GLN M 364 -7.76 120.24 40.32
N GLU M 365 -8.49 119.15 40.04
CA GLU M 365 -7.84 117.87 39.78
C GLU M 365 -7.06 117.86 38.47
N ARG M 366 -7.61 118.51 37.43
CA ARG M 366 -6.92 118.60 36.15
C ARG M 366 -5.64 119.39 36.39
N LEU M 367 -5.77 120.47 37.16
CA LEU M 367 -4.66 121.36 37.53
C LEU M 367 -3.57 120.60 38.28
N ALA M 368 -3.98 119.74 39.22
CA ALA M 368 -3.05 118.95 40.02
C ALA M 368 -2.47 117.77 39.25
N LYS M 369 -3.16 117.34 38.20
CA LYS M 369 -2.69 116.23 37.37
C LYS M 369 -1.56 116.72 36.47
N LEU M 370 -1.84 117.81 35.74
CA LEU M 370 -0.87 118.42 34.84
C LEU M 370 0.31 118.93 35.66
N ALA M 371 0.04 119.80 36.64
CA ALA M 371 1.07 120.34 37.52
C ALA M 371 1.48 119.23 38.50
N GLY M 372 2.60 119.42 39.20
CA GLY M 372 3.09 118.42 40.16
C GLY M 372 3.57 117.28 39.33
N GLY M 373 2.89 117.22 38.22
CA GLY M 373 3.20 116.22 37.25
C GLY M 373 2.64 114.86 37.58
N VAL M 374 3.52 113.88 37.46
CA VAL M 374 3.15 112.50 37.70
C VAL M 374 4.23 111.74 38.45
N ALA M 375 4.14 111.76 39.78
CA ALA M 375 5.11 111.05 40.60
C ALA M 375 5.06 109.57 40.24
N VAL M 376 6.17 109.05 39.73
CA VAL M 376 6.25 107.65 39.34
C VAL M 376 7.19 106.86 40.23
N ILE M 377 6.81 105.63 40.52
CA ILE M 377 7.61 104.77 41.37
C ILE M 377 8.06 103.57 40.56
N ARG M 378 9.18 103.72 39.87
CA ARG M 378 9.72 102.63 39.07
C ARG M 378 10.04 101.49 40.03
N VAL M 379 9.39 100.34 39.81
CA VAL M 379 9.58 99.18 40.67
C VAL M 379 10.65 98.22 40.17
N GLY M 380 11.64 98.00 41.01
CA GLY M 380 12.72 97.10 40.66
C GLY M 380 12.49 95.69 41.16
N ALA M 381 12.80 94.71 40.32
CA ALA M 381 12.64 93.31 40.66
C ALA M 381 13.82 92.51 40.11
N ALA M 382 13.63 91.21 39.97
CA ALA M 382 14.67 90.34 39.44
C ALA M 382 14.01 89.29 38.58
N THR M 383 12.77 88.95 38.93
CA THR M 383 11.97 87.97 38.20
C THR M 383 10.71 88.65 37.71
N GLU M 384 10.09 88.09 36.67
CA GLU M 384 8.87 88.65 36.13
C GLU M 384 7.83 88.40 37.21
N THR M 385 8.09 87.37 38.00
CA THR M 385 7.22 86.97 39.11
C THR M 385 7.39 87.96 40.26
N GLU M 386 8.60 88.00 40.82
CA GLU M 386 8.90 88.90 41.92
C GLU M 386 8.37 90.30 41.63
N LEU M 387 8.33 90.66 40.35
CA LEU M 387 7.86 91.98 39.94
C LEU M 387 6.37 92.12 40.11
N LYS M 388 5.61 91.24 39.46
CA LYS M 388 4.15 91.28 39.59
C LYS M 388 3.78 91.41 41.07
N GLU M 389 4.55 90.77 41.93
CA GLU M 389 4.25 90.82 43.36
C GLU M 389 4.49 92.20 43.98
N LYS M 390 5.71 92.69 43.85
CA LYS M 390 6.06 94.01 44.37
C LYS M 390 5.11 95.02 43.71
N LYS M 391 4.91 94.88 42.41
CA LYS M 391 4.02 95.75 41.67
C LYS M 391 2.68 95.90 42.39
N HIS M 392 2.04 94.75 42.58
CA HIS M 392 0.75 94.69 43.27
C HIS M 392 0.88 95.26 44.68
N ARG M 393 1.76 94.64 45.48
CA ARG M 393 1.97 95.06 46.86
C ARG M 393 2.12 96.58 47.00
N PHE M 394 3.08 97.14 46.28
CA PHE M 394 3.34 98.58 46.32
C PHE M 394 2.12 99.36 45.85
N GLU M 395 1.48 98.89 44.80
CA GLU M 395 0.31 99.59 44.29
C GLU M 395 -0.78 99.67 45.34
N ASP M 396 -1.04 98.55 46.01
CA ASP M 396 -2.08 98.52 47.04
C ASP M 396 -1.66 99.45 48.17
N ALA M 397 -0.43 99.26 48.65
CA ALA M 397 0.12 100.09 49.73
C ALA M 397 -0.17 101.55 49.42
N LEU M 398 -0.01 101.91 48.14
CA LEU M 398 -0.27 103.28 47.72
C LEU M 398 -1.74 103.62 47.95
N ASN M 399 -2.63 102.91 47.26
CA ASN M 399 -4.07 103.13 47.37
C ASN M 399 -4.51 103.15 48.83
N ALA M 400 -3.95 102.24 49.62
CA ALA M 400 -4.28 102.15 51.04
C ALA M 400 -3.98 103.51 51.68
N THR M 401 -2.70 103.87 51.64
CA THR M 401 -2.21 105.11 52.21
C THR M 401 -2.99 106.33 51.74
N ARG M 402 -3.27 106.39 50.44
CA ARG M 402 -4.00 107.54 49.92
C ARG M 402 -5.37 107.61 50.58
N ALA M 403 -6.03 106.46 50.69
CA ALA M 403 -7.34 106.41 51.30
C ALA M 403 -7.19 106.70 52.80
N ALA M 404 -6.14 106.13 53.39
CA ALA M 404 -5.85 106.33 54.81
C ALA M 404 -5.83 107.82 55.17
N VAL M 405 -5.33 108.65 54.25
CA VAL M 405 -5.27 110.08 54.50
C VAL M 405 -6.64 110.76 54.45
N GLU M 406 -7.51 110.25 53.59
CA GLU M 406 -8.85 110.82 53.43
C GLU M 406 -9.73 110.74 54.66
N GLU M 407 -9.76 109.57 55.32
CA GLU M 407 -10.60 109.39 56.49
C GLU M 407 -9.97 108.80 57.76
N GLY M 408 -8.68 108.97 57.96
CA GLY M 408 -8.05 108.48 59.19
C GLY M 408 -7.96 106.97 59.35
N ILE M 409 -7.32 106.54 60.41
CA ILE M 409 -7.15 105.12 60.72
C ILE M 409 -7.72 104.75 62.08
N VAL M 410 -8.10 103.49 62.24
CA VAL M 410 -8.68 102.98 63.48
C VAL M 410 -8.00 101.68 63.86
N PRO M 411 -8.15 101.24 65.10
CA PRO M 411 -7.51 99.98 65.52
C PRO M 411 -7.98 98.81 64.66
N GLY M 412 -7.04 97.96 64.24
CA GLY M 412 -7.40 96.83 63.42
C GLY M 412 -7.80 95.58 64.19
N GLY M 413 -7.75 94.43 63.52
CA GLY M 413 -8.11 93.17 64.16
C GLY M 413 -9.54 93.12 64.66
N GLY M 414 -10.42 93.83 63.97
CA GLY M 414 -11.81 93.86 64.37
C GLY M 414 -12.13 94.72 65.57
N VAL M 415 -11.11 95.04 66.36
CA VAL M 415 -11.29 95.84 67.57
C VAL M 415 -12.14 97.10 67.44
N THR M 416 -12.01 97.82 66.33
CA THR M 416 -12.80 99.03 66.16
C THR M 416 -14.28 98.69 66.09
N LEU M 417 -14.62 97.66 65.30
CA LEU M 417 -16.01 97.26 65.18
C LEU M 417 -16.59 96.89 66.54
N LEU M 418 -15.77 96.25 67.39
CA LEU M 418 -16.20 95.88 68.73
C LEU M 418 -16.54 97.14 69.54
N ARG M 419 -15.67 98.14 69.48
CA ARG M 419 -15.88 99.38 70.21
C ARG M 419 -17.15 100.08 69.76
N ALA M 420 -17.68 99.68 68.61
CA ALA M 420 -18.89 100.29 68.09
C ALA M 420 -20.10 99.78 68.86
N ILE M 421 -19.98 98.57 69.39
CA ILE M 421 -21.07 97.96 70.12
C ILE M 421 -21.70 98.88 71.15
N SER M 422 -20.87 99.47 72.01
CA SER M 422 -21.36 100.39 73.05
C SER M 422 -22.31 101.43 72.46
N ALA M 423 -21.93 101.96 71.31
CA ALA M 423 -22.74 102.99 70.66
C ALA M 423 -24.10 102.40 70.28
N VAL M 424 -24.08 101.16 69.80
CA VAL M 424 -25.29 100.46 69.39
C VAL M 424 -26.15 100.18 70.62
N GLU M 425 -25.51 99.74 71.71
CA GLU M 425 -26.20 99.46 72.98
C GLU M 425 -27.01 100.70 73.41
N GLU M 426 -26.33 101.84 73.43
CA GLU M 426 -26.97 103.10 73.81
C GLU M 426 -28.20 103.33 72.93
N LEU M 427 -28.08 103.00 71.65
CA LEU M 427 -29.18 103.20 70.72
C LEU M 427 -30.35 102.30 71.10
N ILE M 428 -30.06 101.02 71.30
CA ILE M 428 -31.08 100.05 71.66
C ILE M 428 -31.94 100.51 72.83
N LYS M 429 -31.30 101.05 73.86
CA LYS M 429 -32.01 101.54 75.05
C LYS M 429 -33.05 102.59 74.70
N LYS M 430 -32.95 103.18 73.51
CA LYS M 430 -33.90 104.20 73.10
C LYS M 430 -34.85 103.60 72.06
N LEU M 431 -34.64 102.33 71.73
CA LEU M 431 -35.46 101.65 70.73
C LEU M 431 -36.36 100.58 71.33
N GLU M 432 -37.41 100.26 70.60
CA GLU M 432 -38.35 99.24 71.05
C GLU M 432 -38.96 98.51 69.87
N GLY M 433 -39.52 97.35 70.14
CA GLY M 433 -40.16 96.59 69.08
C GLY M 433 -39.16 95.88 68.20
N ASP M 434 -39.60 95.55 66.99
CA ASP M 434 -38.76 94.87 66.03
C ASP M 434 -37.59 95.75 65.62
N GLU M 435 -37.80 97.06 65.67
CA GLU M 435 -36.77 98.04 65.34
C GLU M 435 -35.59 97.82 66.29
N ALA M 436 -35.88 97.67 67.57
CA ALA M 436 -34.84 97.43 68.54
C ALA M 436 -34.14 96.10 68.24
N THR M 437 -34.90 95.14 67.73
CA THR M 437 -34.34 93.83 67.40
C THR M 437 -33.26 94.01 66.34
N GLY M 438 -33.56 94.81 65.33
CA GLY M 438 -32.61 95.05 64.25
C GLY M 438 -31.32 95.55 64.85
N ALA M 439 -31.43 96.63 65.63
CA ALA M 439 -30.29 97.20 66.29
C ALA M 439 -29.50 96.07 66.97
N LYS M 440 -30.22 95.18 67.63
CA LYS M 440 -29.55 94.09 68.32
C LYS M 440 -28.85 93.18 67.33
N ILE M 441 -29.39 93.04 66.13
CA ILE M 441 -28.79 92.16 65.14
C ILE M 441 -27.41 92.68 64.79
N VAL M 442 -27.36 93.97 64.47
CA VAL M 442 -26.11 94.62 64.12
C VAL M 442 -25.12 94.45 65.26
N ARG M 443 -25.57 94.70 66.49
CA ARG M 443 -24.72 94.56 67.66
C ARG M 443 -24.08 93.19 67.75
N ARG M 444 -24.82 92.15 67.39
CA ARG M 444 -24.28 90.81 67.44
C ARG M 444 -23.29 90.62 66.31
N ALA M 445 -23.64 91.13 65.12
CA ALA M 445 -22.78 91.01 63.95
C ALA M 445 -21.38 91.56 64.24
N LEU M 446 -21.34 92.78 64.75
CA LEU M 446 -20.08 93.47 65.07
C LEU M 446 -19.02 92.60 65.76
N GLU M 447 -19.45 91.53 66.41
CA GLU M 447 -18.52 90.64 67.11
C GLU M 447 -17.87 89.63 66.19
N GLU M 448 -18.51 89.32 65.09
CA GLU M 448 -17.98 88.29 64.20
C GLU M 448 -16.56 88.47 63.70
N PRO M 449 -16.26 89.61 63.06
CA PRO M 449 -14.90 89.82 62.57
C PRO M 449 -13.86 89.47 63.62
N ALA M 450 -13.87 90.23 64.71
CA ALA M 450 -12.91 89.98 65.78
C ALA M 450 -12.85 88.50 66.15
N ARG M 451 -14.03 87.96 66.46
CA ARG M 451 -14.20 86.57 66.86
C ARG M 451 -13.62 85.61 65.83
N GLN M 452 -14.01 85.79 64.57
CA GLN M 452 -13.57 84.94 63.49
C GLN M 452 -12.06 84.93 63.35
N ILE M 453 -11.45 86.10 63.49
CA ILE M 453 -9.98 86.23 63.38
C ILE M 453 -9.32 85.36 64.44
N ALA M 454 -9.67 85.61 65.69
CA ALA M 454 -9.14 84.84 66.81
C ALA M 454 -9.35 83.36 66.56
N GLU M 455 -10.54 83.03 66.08
CA GLU M 455 -10.90 81.66 65.80
C GLU M 455 -9.95 81.06 64.79
N ASN M 456 -9.83 81.70 63.63
CA ASN M 456 -8.94 81.20 62.58
C ASN M 456 -7.53 81.02 63.11
N ALA M 457 -7.14 81.89 64.04
CA ALA M 457 -5.82 81.84 64.63
C ALA M 457 -5.69 80.69 65.63
N GLY M 458 -6.81 80.04 65.93
CA GLY M 458 -6.80 78.91 66.85
C GLY M 458 -6.98 79.28 68.31
N TYR M 459 -7.91 80.21 68.55
CA TYR M 459 -8.19 80.69 69.91
C TYR M 459 -9.71 80.72 70.11
N GLU M 460 -10.16 80.85 71.35
CA GLU M 460 -11.58 80.90 71.61
C GLU M 460 -12.13 82.29 71.26
N GLY M 461 -12.70 82.41 70.07
CA GLY M 461 -13.24 83.69 69.64
C GLY M 461 -14.03 84.42 70.70
N SER M 462 -15.18 83.87 71.06
CA SER M 462 -16.06 84.46 72.07
C SER M 462 -15.30 84.91 73.31
N VAL M 463 -14.32 84.11 73.73
CA VAL M 463 -13.52 84.42 74.91
C VAL M 463 -12.73 85.70 74.72
N ILE M 464 -11.92 85.73 73.67
CA ILE M 464 -11.11 86.90 73.37
C ILE M 464 -11.98 88.13 73.17
N VAL M 465 -13.09 87.97 72.45
CA VAL M 465 -13.99 89.10 72.20
C VAL M 465 -14.48 89.68 73.51
N GLN M 466 -14.51 88.84 74.53
CA GLN M 466 -14.98 89.28 75.83
C GLN M 466 -13.92 90.09 76.55
N GLN M 467 -12.74 89.48 76.66
CA GLN M 467 -11.61 90.12 77.33
C GLN M 467 -11.26 91.47 76.73
N ILE M 468 -11.62 91.67 75.46
CA ILE M 468 -11.36 92.92 74.78
C ILE M 468 -12.40 93.95 75.21
N LEU M 469 -13.67 93.55 75.17
CA LEU M 469 -14.76 94.44 75.56
C LEU M 469 -14.71 94.71 77.06
N ALA M 470 -13.89 93.93 77.76
CA ALA M 470 -13.71 94.06 79.20
C ALA M 470 -12.99 95.36 79.51
N GLU M 471 -11.86 95.57 78.82
CA GLU M 471 -11.06 96.77 78.99
C GLU M 471 -11.83 97.97 78.45
N THR M 472 -12.15 98.91 79.32
CA THR M 472 -12.90 100.11 78.93
C THR M 472 -11.98 101.33 78.90
N LYS M 473 -10.86 101.23 79.59
CA LYS M 473 -9.92 102.32 79.63
C LYS M 473 -9.46 102.77 78.27
N ASN M 474 -8.58 101.98 77.66
CA ASN M 474 -8.06 102.31 76.34
C ASN M 474 -8.78 101.55 75.24
N PRO M 475 -9.61 102.26 74.45
CA PRO M 475 -10.36 101.62 73.36
C PRO M 475 -9.48 100.93 72.32
N ARG M 476 -8.21 101.33 72.27
CA ARG M 476 -7.27 100.74 71.32
C ARG M 476 -6.77 99.40 71.82
N TYR M 477 -7.26 99.00 73.00
CA TYR M 477 -6.87 97.72 73.57
C TYR M 477 -7.48 96.65 72.68
N GLY M 478 -6.67 95.66 72.30
CA GLY M 478 -7.16 94.60 71.45
C GLY M 478 -6.31 93.33 71.48
N PHE M 479 -6.71 92.35 70.68
CA PHE M 479 -6.00 91.09 70.65
C PHE M 479 -5.25 90.99 69.33
N ASN M 480 -3.97 90.69 69.42
CA ASN M 480 -3.14 90.54 68.23
C ASN M 480 -3.04 89.04 67.96
N ALA M 481 -3.96 88.55 67.12
CA ALA M 481 -4.03 87.14 66.77
C ALA M 481 -2.72 86.58 66.27
N ALA M 482 -1.82 87.47 65.86
CA ALA M 482 -0.52 87.06 65.35
C ALA M 482 0.42 86.56 66.43
N THR M 483 0.63 87.37 67.47
CA THR M 483 1.51 86.97 68.58
C THR M 483 0.73 86.32 69.69
N GLY M 484 -0.59 86.40 69.62
CA GLY M 484 -1.41 85.80 70.65
C GLY M 484 -1.32 86.57 71.96
N GLU M 485 -1.34 87.90 71.87
CA GLU M 485 -1.28 88.75 73.05
C GLU M 485 -2.14 89.97 72.89
N PHE M 486 -2.62 90.51 74.01
CA PHE M 486 -3.43 91.70 73.99
C PHE M 486 -2.48 92.89 74.05
N VAL M 487 -2.76 93.90 73.22
CA VAL M 487 -1.91 95.08 73.15
C VAL M 487 -2.68 96.30 72.66
N ASP M 488 -1.98 97.40 72.45
CA ASP M 488 -2.61 98.60 71.92
C ASP M 488 -2.50 98.42 70.43
N MET M 489 -3.61 98.03 69.81
CA MET M 489 -3.66 97.79 68.38
C MET M 489 -2.91 98.85 67.59
N VAL M 490 -3.05 100.11 67.98
CA VAL M 490 -2.37 101.20 67.30
C VAL M 490 -0.85 101.09 67.49
N GLU M 491 -0.39 101.29 68.72
CA GLU M 491 1.03 101.21 69.01
C GLU M 491 1.64 99.89 68.55
N ALA M 492 0.79 98.95 68.16
CA ALA M 492 1.28 97.65 67.73
C ALA M 492 1.35 97.59 66.21
N GLY M 493 0.91 98.68 65.58
CA GLY M 493 0.94 98.75 64.13
C GLY M 493 -0.09 97.84 63.47
N ILE M 494 -1.24 97.72 64.13
CA ILE M 494 -2.33 96.91 63.61
C ILE M 494 -3.50 97.85 63.49
N VAL M 495 -3.49 98.62 62.41
CA VAL M 495 -4.53 99.62 62.18
C VAL M 495 -5.24 99.33 60.88
N ASP M 496 -6.30 100.09 60.59
CA ASP M 496 -7.09 99.94 59.37
C ASP M 496 -7.65 101.29 58.94
N PRO M 497 -7.69 101.53 57.64
CA PRO M 497 -8.24 102.81 57.18
C PRO M 497 -9.69 102.88 57.68
N ALA M 498 -10.01 103.86 58.50
CA ALA M 498 -11.37 104.00 59.00
C ALA M 498 -12.36 103.95 57.82
N LYS M 499 -11.91 104.36 56.64
CA LYS M 499 -12.79 104.33 55.47
C LYS M 499 -13.16 102.88 55.14
N VAL M 500 -12.18 101.98 55.22
CA VAL M 500 -12.40 100.56 54.93
C VAL M 500 -13.48 99.99 55.85
N THR M 501 -13.29 100.17 57.16
CA THR M 501 -14.25 99.68 58.16
C THR M 501 -15.66 100.24 57.92
N ARG M 502 -15.82 101.56 57.97
CA ARG M 502 -17.12 102.17 57.72
C ARG M 502 -17.81 101.56 56.49
N SER M 503 -17.02 101.27 55.46
CA SER M 503 -17.55 100.71 54.24
C SER M 503 -18.03 99.28 54.41
N ALA M 504 -17.13 98.39 54.80
CA ALA M 504 -17.46 96.98 55.01
C ALA M 504 -18.78 96.85 55.76
N LEU M 505 -18.93 97.62 56.84
CA LEU M 505 -20.16 97.59 57.64
C LEU M 505 -21.35 98.04 56.81
N GLN M 506 -21.35 99.31 56.41
CA GLN M 506 -22.44 99.84 55.60
C GLN M 506 -22.81 98.92 54.44
N ASN M 507 -21.82 98.31 53.79
CA ASN M 507 -22.07 97.43 52.66
C ASN M 507 -22.78 96.15 53.11
N ALA M 508 -22.22 95.49 54.11
CA ALA M 508 -22.81 94.26 54.62
C ALA M 508 -24.27 94.55 55.00
N ALA M 509 -24.47 95.54 55.87
CA ALA M 509 -25.79 95.94 56.29
C ALA M 509 -26.69 96.26 55.11
N SER M 510 -26.12 96.62 53.98
CA SER M 510 -26.94 96.92 52.82
C SER M 510 -27.45 95.59 52.27
N ILE M 511 -26.55 94.60 52.15
CA ILE M 511 -26.98 93.30 51.62
C ILE M 511 -28.07 92.78 52.52
N GLY M 512 -27.85 92.87 53.84
CA GLY M 512 -28.82 92.38 54.81
C GLY M 512 -30.19 92.96 54.56
N ALA M 513 -30.29 94.29 54.62
CA ALA M 513 -31.55 94.97 54.41
C ALA M 513 -32.17 94.57 53.06
N LEU M 514 -31.31 94.35 52.07
CA LEU M 514 -31.78 93.97 50.74
C LEU M 514 -32.56 92.65 50.80
N ILE M 515 -31.93 91.62 51.33
CA ILE M 515 -32.53 90.30 51.43
C ILE M 515 -33.82 90.29 52.25
N LEU M 516 -33.82 90.96 53.41
CA LEU M 516 -35.02 91.02 54.24
C LEU M 516 -36.19 91.66 53.49
N THR M 517 -35.87 92.60 52.61
CA THR M 517 -36.88 93.30 51.82
C THR M 517 -37.22 92.56 50.51
N THR M 518 -36.59 91.41 50.28
CA THR M 518 -36.84 90.65 49.05
C THR M 518 -38.08 89.78 49.17
N GLU M 519 -39.02 89.98 48.25
CA GLU M 519 -40.27 89.23 48.26
C GLU M 519 -40.40 88.25 47.12
N ALA M 520 -39.46 88.28 46.19
CA ALA M 520 -39.52 87.37 45.05
C ALA M 520 -38.27 87.48 44.21
N VAL M 521 -37.97 86.41 43.49
CA VAL M 521 -36.82 86.38 42.59
C VAL M 521 -37.15 85.59 41.32
N VAL M 522 -36.91 86.19 40.16
CA VAL M 522 -37.17 85.57 38.87
C VAL M 522 -35.86 85.11 38.27
N ALA M 523 -35.57 83.82 38.41
CA ALA M 523 -34.35 83.24 37.85
C ALA M 523 -34.57 82.55 36.51
N GLU M 524 -33.46 82.25 35.83
CA GLU M 524 -33.51 81.57 34.55
C GLU M 524 -33.54 80.09 34.86
N LYS M 525 -34.37 79.34 34.16
CA LYS M 525 -34.47 77.89 34.37
C LYS M 525 -33.25 77.28 33.69
N PRO M 526 -32.66 76.25 34.30
CA PRO M 526 -31.47 75.53 33.83
C PRO M 526 -31.32 75.41 32.31
N ALA N 2 -19.33 76.44 36.95
CA ALA N 2 -20.00 75.40 37.77
C ALA N 2 -18.99 74.72 38.69
N LYS N 3 -18.79 75.30 39.87
CA LYS N 3 -17.85 74.77 40.85
C LYS N 3 -18.56 73.81 41.80
N ILE N 4 -17.84 73.41 42.85
CA ILE N 4 -18.40 72.51 43.84
C ILE N 4 -17.63 72.70 45.15
N LEU N 5 -18.30 73.26 46.17
CA LEU N 5 -17.68 73.49 47.46
C LEU N 5 -17.69 72.25 48.36
N VAL N 6 -16.70 72.17 49.25
CA VAL N 6 -16.57 71.08 50.20
C VAL N 6 -15.82 71.63 51.41
N PHE N 7 -16.37 71.44 52.60
CA PHE N 7 -15.72 71.97 53.78
C PHE N 7 -15.20 70.95 54.78
N ASP N 8 -14.75 71.47 55.92
CA ASP N 8 -14.20 70.69 57.02
C ASP N 8 -13.71 69.29 56.71
N GLU N 9 -13.98 68.35 57.61
CA GLU N 9 -13.51 66.99 57.44
C GLU N 9 -13.86 66.42 56.09
N ALA N 10 -15.00 66.85 55.55
CA ALA N 10 -15.43 66.37 54.24
C ALA N 10 -14.29 66.57 53.24
N ALA N 11 -13.80 67.80 53.21
CA ALA N 11 -12.71 68.18 52.33
C ALA N 11 -11.40 67.47 52.70
N ARG N 12 -10.97 67.61 53.95
CA ARG N 12 -9.73 66.97 54.36
C ARG N 12 -9.67 65.49 54.04
N ARG N 13 -10.80 64.79 54.22
CA ARG N 13 -10.82 63.36 53.94
C ARG N 13 -10.68 63.07 52.46
N ALA N 14 -11.24 63.95 51.63
CA ALA N 14 -11.16 63.80 50.19
C ALA N 14 -9.70 63.92 49.77
N LEU N 15 -9.05 65.01 50.20
CA LEU N 15 -7.63 65.22 49.88
C LEU N 15 -6.82 64.02 50.35
N GLU N 16 -7.05 63.59 51.58
CA GLU N 16 -6.32 62.45 52.11
C GLU N 16 -6.46 61.23 51.21
N ARG N 17 -7.66 61.01 50.65
CA ARG N 17 -7.88 59.87 49.78
C ARG N 17 -6.92 59.97 48.60
N GLY N 18 -6.81 61.17 48.04
CA GLY N 18 -5.88 61.39 46.94
C GLY N 18 -4.45 61.14 47.41
N VAL N 19 -4.06 61.79 48.49
CA VAL N 19 -2.74 61.63 49.06
C VAL N 19 -2.36 60.16 49.13
N ASN N 20 -3.26 59.34 49.67
CA ASN N 20 -2.99 57.90 49.81
C ASN N 20 -2.87 57.16 48.49
N ALA N 21 -3.69 57.54 47.51
CA ALA N 21 -3.65 56.90 46.19
C ALA N 21 -2.21 56.96 45.66
N VAL N 22 -1.65 58.16 45.66
CA VAL N 22 -0.30 58.34 45.19
C VAL N 22 0.64 57.55 46.09
N ALA N 23 0.76 58.02 47.33
CA ALA N 23 1.64 57.38 48.32
C ALA N 23 1.67 55.87 48.30
N ASN N 24 0.50 55.22 48.20
CA ASN N 24 0.46 53.76 48.21
C ASN N 24 1.04 53.13 46.97
N ALA N 25 0.94 53.82 45.84
CA ALA N 25 1.47 53.29 44.59
C ALA N 25 2.99 53.47 44.58
N VAL N 26 3.42 54.62 45.08
CA VAL N 26 4.83 55.02 45.13
C VAL N 26 5.75 54.30 46.12
N LYS N 27 5.35 54.25 47.38
CA LYS N 27 6.19 53.62 48.40
C LYS N 27 6.63 52.18 48.20
N VAL N 28 5.96 51.43 47.33
CA VAL N 28 6.34 50.04 47.12
C VAL N 28 7.66 49.94 46.37
N THR N 29 8.24 51.09 46.04
CA THR N 29 9.51 51.16 45.30
C THR N 29 10.69 51.67 46.12
N LEU N 30 10.39 52.30 47.26
CA LEU N 30 11.40 52.86 48.15
C LEU N 30 12.45 51.85 48.59
N GLY N 31 13.70 52.26 48.55
CA GLY N 31 14.77 51.38 48.96
C GLY N 31 15.44 50.57 47.87
N PRO N 32 16.50 49.84 48.24
CA PRO N 32 17.33 48.98 47.39
C PRO N 32 16.57 47.86 46.71
N ARG N 33 15.39 47.54 47.23
CA ARG N 33 14.62 46.43 46.67
C ARG N 33 13.16 46.75 46.39
N GLY N 34 12.88 47.95 45.88
CA GLY N 34 11.51 48.32 45.59
C GLY N 34 10.80 47.21 44.82
N ARG N 35 9.48 47.15 44.96
CA ARG N 35 8.71 46.14 44.25
C ARG N 35 8.35 46.70 42.88
N ASN N 36 7.78 45.86 42.02
CA ASN N 36 7.39 46.27 40.68
C ASN N 36 6.01 46.91 40.64
N VAL N 37 5.90 47.98 39.86
CA VAL N 37 4.64 48.67 39.68
C VAL N 37 4.43 48.60 38.17
N VAL N 38 3.25 48.18 37.74
CA VAL N 38 2.94 48.06 36.30
C VAL N 38 2.17 49.28 35.82
N LEU N 39 2.65 49.90 34.75
CA LEU N 39 2.00 51.08 34.18
C LEU N 39 1.68 50.81 32.73
N GLU N 40 0.43 51.06 32.33
CA GLU N 40 0.06 50.80 30.94
C GLU N 40 0.08 52.09 30.13
N LYS N 41 0.59 51.98 28.91
CA LYS N 41 0.66 53.11 27.99
C LYS N 41 -0.51 52.95 27.03
N LYS N 42 -1.19 54.07 26.74
CA LYS N 42 -2.36 54.03 25.86
C LYS N 42 -2.14 53.23 24.59
N PHE N 43 -1.01 53.46 23.93
CA PHE N 43 -0.70 52.78 22.69
C PHE N 43 0.28 51.62 22.88
N GLY N 44 1.50 51.95 23.33
CA GLY N 44 2.49 50.91 23.54
C GLY N 44 2.04 49.91 24.58
N SER N 45 2.76 48.80 24.71
CA SER N 45 2.41 47.78 25.68
C SER N 45 2.69 48.28 27.11
N PRO N 46 2.40 47.46 28.12
CA PRO N 46 2.64 47.85 29.50
C PRO N 46 4.11 48.05 29.88
N THR N 47 4.32 48.80 30.95
CA THR N 47 5.65 49.12 31.45
C THR N 47 5.75 48.63 32.91
N ILE N 48 6.95 48.30 33.36
CA ILE N 48 7.14 47.90 34.75
C ILE N 48 8.25 48.80 35.32
N THR N 49 8.07 49.29 36.53
CA THR N 49 9.05 50.18 37.12
C THR N 49 9.42 49.77 38.53
N LYS N 50 10.27 50.59 39.15
CA LYS N 50 10.71 50.41 40.52
C LYS N 50 11.12 51.83 40.92
N ASP N 51 10.72 52.79 40.09
CA ASP N 51 11.05 54.18 40.30
C ASP N 51 9.83 54.95 40.74
N GLY N 52 9.91 55.48 41.96
CA GLY N 52 8.80 56.24 42.48
C GLY N 52 8.34 57.36 41.58
N VAL N 53 9.29 58.18 41.11
CA VAL N 53 8.94 59.34 40.27
C VAL N 53 8.21 58.95 38.98
N THR N 54 8.63 57.85 38.39
CA THR N 54 8.01 57.36 37.17
C THR N 54 6.54 57.08 37.48
N VAL N 55 6.29 56.31 38.53
CA VAL N 55 4.94 55.96 38.93
C VAL N 55 4.12 57.20 39.31
N ALA N 56 4.70 58.04 40.16
CA ALA N 56 4.00 59.24 40.58
C ALA N 56 3.44 60.03 39.40
N LYS N 57 4.22 60.16 38.32
CA LYS N 57 3.77 60.91 37.14
C LYS N 57 2.49 60.35 36.54
N GLU N 58 2.40 59.02 36.49
CA GLU N 58 1.24 58.34 35.91
C GLU N 58 0.01 58.28 36.81
N VAL N 59 0.09 58.81 38.02
CA VAL N 59 -1.06 58.77 38.93
C VAL N 59 -2.00 59.95 38.82
N GLU N 60 -3.18 59.70 38.27
CA GLU N 60 -4.21 60.70 38.09
C GLU N 60 -5.55 60.04 38.40
N LEU N 61 -6.27 60.57 39.40
CA LEU N 61 -7.55 60.02 39.83
C LEU N 61 -8.77 60.59 39.10
N GLU N 62 -9.83 59.78 39.01
CA GLU N 62 -11.06 60.20 38.34
C GLU N 62 -11.77 61.30 39.07
N ASP N 63 -11.89 61.14 40.38
CA ASP N 63 -12.56 62.14 41.21
C ASP N 63 -11.76 63.42 41.34
N HIS N 64 -12.39 64.54 40.98
CA HIS N 64 -11.73 65.84 41.07
C HIS N 64 -11.10 66.14 42.42
N LEU N 65 -11.90 66.07 43.49
CA LEU N 65 -11.39 66.35 44.83
C LEU N 65 -10.21 65.47 45.21
N GLU N 66 -10.38 64.16 45.07
CA GLU N 66 -9.31 63.23 45.40
C GLU N 66 -8.05 63.51 44.58
N ASN N 67 -8.24 63.81 43.29
CA ASN N 67 -7.11 64.09 42.42
C ASN N 67 -6.37 65.32 42.96
N ILE N 68 -7.13 66.35 43.31
CA ILE N 68 -6.56 67.58 43.87
C ILE N 68 -5.53 67.24 44.95
N GLY N 69 -5.85 66.26 45.78
CA GLY N 69 -4.94 65.85 46.83
C GLY N 69 -3.73 65.19 46.21
N ALA N 70 -3.95 64.25 45.30
CA ALA N 70 -2.85 63.57 44.64
C ALA N 70 -1.89 64.55 43.98
N GLN N 71 -2.45 65.50 43.20
CA GLN N 71 -1.65 66.49 42.52
C GLN N 71 -0.92 67.35 43.53
N LEU N 72 -1.64 67.83 44.52
CA LEU N 72 -1.08 68.67 45.57
C LEU N 72 0.12 67.97 46.21
N LEU N 73 0.01 66.66 46.44
CA LEU N 73 1.12 65.91 47.04
C LEU N 73 2.28 65.86 46.07
N LYS N 74 2.03 65.33 44.88
CA LYS N 74 3.06 65.23 43.85
C LYS N 74 3.88 66.51 43.69
N GLU N 75 3.21 67.66 43.63
CA GLU N 75 3.90 68.94 43.51
C GLU N 75 4.92 69.09 44.64
N VAL N 76 4.43 69.30 45.84
CA VAL N 76 5.28 69.47 46.99
C VAL N 76 6.32 68.35 47.14
N ALA N 77 5.96 67.15 46.75
CA ALA N 77 6.91 66.06 46.89
C ALA N 77 8.06 66.20 45.91
N SER N 78 7.73 66.59 44.68
CA SER N 78 8.74 66.73 43.64
C SER N 78 9.67 67.90 43.88
N LYS N 79 9.18 68.97 44.50
CA LYS N 79 10.05 70.10 44.75
C LYS N 79 11.17 69.75 45.76
N THR N 80 11.53 68.47 45.80
CA THR N 80 12.56 67.96 46.69
C THR N 80 13.61 67.43 45.71
N ASN N 81 13.13 66.79 44.67
CA ASN N 81 13.99 66.25 43.65
C ASN N 81 14.52 67.48 42.93
N ASP N 82 13.71 68.53 42.92
CA ASP N 82 14.04 69.79 42.28
C ASP N 82 15.16 70.55 42.97
N VAL N 83 15.45 70.20 44.23
CA VAL N 83 16.48 70.89 44.97
C VAL N 83 17.55 69.96 45.53
N ALA N 84 17.49 68.68 45.16
CA ALA N 84 18.48 67.72 45.63
C ALA N 84 18.59 66.52 44.70
N GLY N 85 17.75 66.52 43.67
CA GLY N 85 17.78 65.44 42.68
C GLY N 85 17.46 64.05 43.21
N ASP N 86 16.67 63.99 44.29
CA ASP N 86 16.28 62.72 44.90
C ASP N 86 15.43 62.93 46.13
N GLY N 87 14.90 61.82 46.66
CA GLY N 87 14.08 61.86 47.85
C GLY N 87 12.65 62.34 47.66
N THR N 88 12.15 62.25 46.44
CA THR N 88 10.80 62.71 46.18
C THR N 88 9.84 61.65 46.75
N THR N 89 10.19 60.38 46.58
CA THR N 89 9.38 59.27 47.08
C THR N 89 9.38 59.26 48.61
N THR N 90 10.56 59.38 49.21
CA THR N 90 10.68 59.43 50.67
C THR N 90 9.82 60.56 51.26
N ALA N 91 9.72 61.69 50.58
CA ALA N 91 8.93 62.80 51.08
C ALA N 91 7.47 62.40 51.06
N THR N 92 7.08 61.63 50.05
CA THR N 92 5.70 61.15 49.91
C THR N 92 5.31 60.28 51.08
N VAL N 93 6.13 59.26 51.35
CA VAL N 93 5.88 58.36 52.47
C VAL N 93 5.67 59.14 53.78
N LEU N 94 6.65 59.96 54.16
CA LEU N 94 6.55 60.77 55.35
C LEU N 94 5.25 61.56 55.36
N ALA N 95 4.91 62.14 54.21
CA ALA N 95 3.70 62.95 54.11
C ALA N 95 2.46 62.14 54.39
N GLN N 96 2.38 60.93 53.83
CA GLN N 96 1.22 60.08 54.04
C GLN N 96 0.99 59.94 55.54
N ALA N 97 1.99 59.38 56.23
CA ALA N 97 1.94 59.21 57.69
C ALA N 97 1.50 60.49 58.40
N ILE N 98 2.21 61.58 58.19
CA ILE N 98 1.85 62.82 58.84
C ILE N 98 0.37 63.17 58.60
N VAL N 99 -0.11 63.02 57.38
CA VAL N 99 -1.50 63.35 57.06
C VAL N 99 -2.51 62.45 57.80
N ARG N 100 -2.20 61.15 57.82
CA ARG N 100 -3.02 60.14 58.49
C ARG N 100 -3.19 60.53 59.96
N GLU N 101 -2.13 60.35 60.75
CA GLU N 101 -2.16 60.65 62.18
C GLU N 101 -2.70 62.03 62.45
N GLY N 102 -2.39 62.95 61.55
CA GLY N 102 -2.86 64.30 61.75
C GLY N 102 -4.37 64.36 61.77
N LEU N 103 -4.97 63.86 60.69
CA LEU N 103 -6.41 63.87 60.56
C LEU N 103 -7.08 63.04 61.66
N LYS N 104 -6.43 61.95 62.06
CA LYS N 104 -6.96 61.09 63.10
C LYS N 104 -7.20 61.87 64.38
N ASN N 105 -6.12 62.46 64.89
CA ASN N 105 -6.16 63.25 66.11
C ASN N 105 -7.05 64.47 65.95
N VAL N 106 -7.15 65.00 64.75
CA VAL N 106 -8.00 66.17 64.56
C VAL N 106 -9.44 65.71 64.69
N ALA N 107 -9.70 64.48 64.25
CA ALA N 107 -11.03 63.91 64.31
C ALA N 107 -11.37 63.51 65.73
N ALA N 108 -10.36 63.39 66.57
CA ALA N 108 -10.57 63.01 67.96
C ALA N 108 -10.67 64.27 68.84
N GLY N 109 -10.73 65.42 68.17
CA GLY N 109 -10.82 66.69 68.89
C GLY N 109 -9.56 67.54 69.06
N ALA N 110 -8.42 67.09 68.53
CA ALA N 110 -7.17 67.85 68.65
C ALA N 110 -7.28 69.13 67.83
N ASN N 111 -6.65 70.20 68.29
CA ASN N 111 -6.66 71.47 67.56
C ASN N 111 -5.65 71.41 66.41
N PRO N 112 -6.13 71.64 65.18
CA PRO N 112 -5.23 71.59 64.02
C PRO N 112 -3.98 72.45 64.20
N LEU N 113 -4.19 73.73 64.47
CA LEU N 113 -3.08 74.67 64.63
C LEU N 113 -2.06 74.21 65.64
N ALA N 114 -2.52 73.75 66.80
CA ALA N 114 -1.60 73.24 67.81
C ALA N 114 -0.82 72.05 67.25
N LEU N 115 -1.49 71.17 66.50
CA LEU N 115 -0.83 70.00 65.91
C LEU N 115 0.27 70.49 65.01
N LYS N 116 -0.03 71.53 64.24
CA LYS N 116 0.94 72.13 63.33
C LYS N 116 2.14 72.63 64.13
N ARG N 117 1.92 73.65 64.98
CA ARG N 117 2.99 74.23 65.82
C ARG N 117 3.92 73.11 66.26
N GLY N 118 3.33 72.01 66.69
CA GLY N 118 4.13 70.89 67.15
C GLY N 118 4.82 70.13 66.04
N ILE N 119 4.16 69.97 64.90
CA ILE N 119 4.78 69.23 63.81
C ILE N 119 6.00 70.00 63.35
N GLU N 120 5.87 71.32 63.38
CA GLU N 120 6.96 72.23 62.99
C GLU N 120 8.14 72.13 63.97
N LYS N 121 7.88 72.36 65.25
CA LYS N 121 8.95 72.24 66.25
C LYS N 121 9.65 70.89 66.13
N ALA N 122 8.87 69.86 65.85
CA ALA N 122 9.40 68.52 65.72
C ALA N 122 10.37 68.45 64.56
N VAL N 123 9.96 68.96 63.40
CA VAL N 123 10.83 68.93 62.21
C VAL N 123 12.13 69.68 62.52
N GLU N 124 12.01 70.89 63.07
CA GLU N 124 13.19 71.68 63.42
C GLU N 124 14.20 70.77 64.11
N ALA N 125 13.81 70.33 65.30
CA ALA N 125 14.66 69.43 66.08
C ALA N 125 15.21 68.28 65.24
N ALA N 126 14.40 67.77 64.31
CA ALA N 126 14.82 66.66 63.45
C ALA N 126 15.90 67.12 62.49
N VAL N 127 15.66 68.24 61.83
CA VAL N 127 16.62 68.78 60.89
C VAL N 127 17.93 69.04 61.62
N GLU N 128 17.84 69.75 62.73
CA GLU N 128 19.02 70.08 63.51
C GLU N 128 19.88 68.85 63.81
N LYS N 129 19.25 67.69 63.97
CA LYS N 129 19.98 66.47 64.25
C LYS N 129 20.60 65.98 62.95
N ILE N 130 19.87 66.15 61.85
CA ILE N 130 20.36 65.71 60.55
C ILE N 130 21.67 66.44 60.31
N LYS N 131 21.65 67.74 60.55
CA LYS N 131 22.83 68.59 60.36
C LYS N 131 23.97 68.09 61.21
N ALA N 132 23.77 68.14 62.53
CA ALA N 132 24.81 67.71 63.47
C ALA N 132 25.24 66.28 63.23
N LEU N 133 24.58 65.63 62.28
CA LEU N 133 24.89 64.23 62.00
C LEU N 133 25.52 64.06 60.63
N ALA N 134 25.57 65.15 59.87
CA ALA N 134 26.12 65.16 58.52
C ALA N 134 27.64 65.31 58.45
N ILE N 135 28.23 64.71 57.43
CA ILE N 135 29.65 64.75 57.20
C ILE N 135 29.93 65.72 56.06
N PRO N 136 30.80 66.73 56.27
CA PRO N 136 31.07 67.69 55.19
C PRO N 136 31.82 67.05 54.05
N VAL N 137 31.48 67.45 52.83
CA VAL N 137 32.13 66.95 51.62
C VAL N 137 32.67 68.16 50.86
N GLU N 138 33.95 68.47 51.09
CA GLU N 138 34.61 69.60 50.46
C GLU N 138 36.02 69.28 49.97
N ASP N 139 36.59 68.19 50.49
CA ASP N 139 37.92 67.78 50.09
C ASP N 139 37.88 67.33 48.64
N ARG N 140 39.05 67.02 48.11
CA ARG N 140 39.16 66.56 46.75
C ARG N 140 38.73 65.10 46.78
N LYS N 141 39.31 64.34 47.69
CA LYS N 141 38.99 62.92 47.82
C LYS N 141 37.51 62.77 48.16
N ALA N 142 37.06 63.62 49.08
CA ALA N 142 35.67 63.58 49.50
C ALA N 142 34.76 63.59 48.27
N ILE N 143 34.70 64.75 47.62
CA ILE N 143 33.87 64.93 46.43
C ILE N 143 34.02 63.81 45.41
N GLU N 144 35.22 63.30 45.24
CA GLU N 144 35.42 62.24 44.27
C GLU N 144 34.76 60.96 44.74
N GLU N 145 35.06 60.56 45.97
CA GLU N 145 34.50 59.34 46.55
C GLU N 145 32.97 59.32 46.53
N VAL N 146 32.36 60.42 46.94
CA VAL N 146 30.90 60.52 46.94
C VAL N 146 30.40 60.18 45.57
N ALA N 147 30.83 60.96 44.58
CA ALA N 147 30.45 60.77 43.19
C ALA N 147 30.80 59.36 42.69
N THR N 148 31.98 58.88 43.08
CA THR N 148 32.44 57.55 42.69
C THR N 148 31.39 56.51 43.06
N ILE N 149 30.84 56.64 44.27
CA ILE N 149 29.83 55.71 44.76
C ILE N 149 28.51 55.87 44.02
N SER N 150 27.92 57.06 44.10
CA SER N 150 26.66 57.35 43.43
C SER N 150 26.66 57.03 41.94
N ALA N 151 27.85 56.84 41.37
CA ALA N 151 27.95 56.53 39.97
C ALA N 151 28.32 55.05 39.79
N ASN N 152 29.01 54.51 40.79
CA ASN N 152 29.46 53.13 40.73
C ASN N 152 30.46 53.04 39.59
N ASP N 153 31.40 53.98 39.60
CA ASP N 153 32.45 54.07 38.58
C ASP N 153 33.51 55.04 39.10
N PRO N 154 34.67 54.50 39.50
CA PRO N 154 35.77 55.33 40.01
C PRO N 154 36.26 56.37 39.01
N GLU N 155 36.11 56.04 37.71
CA GLU N 155 36.53 56.93 36.63
C GLU N 155 35.60 58.15 36.56
N VAL N 156 34.31 57.89 36.35
CA VAL N 156 33.33 58.96 36.26
C VAL N 156 33.42 59.77 37.55
N GLY N 157 33.84 59.12 38.63
CA GLY N 157 33.99 59.81 39.89
C GLY N 157 35.04 60.89 39.72
N LYS N 158 36.18 60.51 39.16
CA LYS N 158 37.27 61.46 38.89
C LYS N 158 36.74 62.60 38.04
N LEU N 159 36.22 62.26 36.86
CA LEU N 159 35.69 63.26 35.95
C LEU N 159 34.77 64.25 36.65
N ILE N 160 33.77 63.72 37.34
CA ILE N 160 32.82 64.56 38.04
C ILE N 160 33.56 65.45 39.02
N ALA N 161 34.56 64.88 39.68
CA ALA N 161 35.38 65.64 40.63
C ALA N 161 36.11 66.77 39.90
N ASP N 162 36.84 66.42 38.86
CA ASP N 162 37.57 67.40 38.08
C ASP N 162 36.63 68.47 37.55
N ALA N 163 35.56 68.04 36.89
CA ALA N 163 34.59 68.96 36.33
C ALA N 163 34.19 70.00 37.38
N MET N 164 33.97 69.54 38.61
CA MET N 164 33.58 70.45 39.68
C MET N 164 34.77 71.30 40.08
N GLU N 165 35.92 70.65 40.21
CA GLU N 165 37.18 71.30 40.60
C GLU N 165 37.42 72.57 39.81
N LYS N 166 37.21 72.48 38.50
CA LYS N 166 37.46 73.59 37.60
C LYS N 166 36.33 74.59 37.40
N VAL N 167 35.13 74.11 37.06
CA VAL N 167 34.00 75.00 36.85
C VAL N 167 33.51 75.68 38.12
N GLY N 168 33.76 75.06 39.26
CA GLY N 168 33.35 75.67 40.52
C GLY N 168 31.95 75.31 40.98
N LYS N 169 31.64 75.70 42.21
CA LYS N 169 30.34 75.42 42.81
C LYS N 169 29.18 75.96 41.97
N GLU N 170 29.18 77.26 41.70
CA GLU N 170 28.12 77.86 40.91
C GLU N 170 28.38 77.74 39.41
N GLY N 171 29.27 76.82 39.04
CA GLY N 171 29.59 76.62 37.64
C GLY N 171 28.57 75.75 36.92
N ILE N 172 28.87 75.39 35.67
CA ILE N 172 27.98 74.57 34.85
C ILE N 172 28.59 73.21 34.49
N ILE N 173 27.85 72.16 34.76
CA ILE N 173 28.31 70.80 34.43
C ILE N 173 27.13 70.06 33.83
N THR N 174 27.40 69.24 32.82
CA THR N 174 26.36 68.49 32.13
C THR N 174 26.85 67.13 31.68
N VAL N 175 25.91 66.22 31.50
CA VAL N 175 26.25 64.88 31.05
C VAL N 175 25.59 64.77 29.70
N GLU N 176 26.39 64.51 28.66
CA GLU N 176 25.85 64.41 27.32
C GLU N 176 26.04 63.03 26.72
N GLU N 177 25.06 62.59 25.92
CA GLU N 177 25.14 61.28 25.29
C GLU N 177 26.11 61.34 24.14
N SER N 178 27.37 61.04 24.43
CA SER N 178 28.41 61.05 23.43
C SER N 178 28.05 60.03 22.36
N LYS N 179 28.86 59.96 21.30
CA LYS N 179 28.64 59.02 20.22
C LYS N 179 29.78 58.02 20.31
N SER N 180 30.87 58.47 20.94
CA SER N 180 32.06 57.64 21.13
C SER N 180 31.77 56.57 22.17
N LEU N 181 32.50 55.46 22.09
CA LEU N 181 32.30 54.36 23.04
C LEU N 181 33.12 54.56 24.30
N GLU N 182 33.62 55.77 24.50
CA GLU N 182 34.42 56.10 25.68
C GLU N 182 33.87 57.33 26.37
N THR N 183 34.03 57.37 27.69
CA THR N 183 33.54 58.51 28.46
C THR N 183 34.69 59.50 28.70
N GLU N 184 34.48 60.75 28.31
CA GLU N 184 35.51 61.78 28.46
C GLU N 184 34.95 63.06 29.04
N LEU N 185 35.84 63.93 29.50
CA LEU N 185 35.48 65.23 30.05
C LEU N 185 36.07 66.33 29.15
N LYS N 186 35.21 67.20 28.62
CA LYS N 186 35.64 68.27 27.73
C LYS N 186 35.07 69.60 28.21
N PHE N 187 35.87 70.65 28.16
CA PHE N 187 35.39 71.97 28.61
C PHE N 187 35.05 72.90 27.45
N VAL N 188 33.84 72.76 26.92
CA VAL N 188 33.41 73.60 25.82
C VAL N 188 32.99 74.97 26.32
N GLU N 189 32.51 75.78 25.40
CA GLU N 189 32.04 77.12 25.71
C GLU N 189 30.53 77.02 25.66
N GLY N 190 29.85 77.89 26.38
CA GLY N 190 28.41 77.85 26.36
C GLY N 190 27.78 78.76 27.39
N TYR N 191 26.47 78.61 27.56
CA TYR N 191 25.72 79.42 28.49
C TYR N 191 24.53 78.60 28.95
N GLN N 192 23.77 79.14 29.88
CA GLN N 192 22.60 78.45 30.42
C GLN N 192 21.74 79.37 31.26
N PHE N 193 20.47 79.47 30.92
CA PHE N 193 19.55 80.32 31.66
C PHE N 193 18.29 79.57 32.09
N ASP N 194 17.59 80.12 33.09
CA ASP N 194 16.38 79.49 33.63
C ASP N 194 15.05 79.82 32.93
N LYS N 195 14.87 79.25 31.74
CA LYS N 195 13.66 79.43 30.96
C LYS N 195 13.59 78.16 30.13
N GLY N 196 12.37 77.70 29.80
CA GLY N 196 12.22 76.49 29.03
C GLY N 196 11.32 76.62 27.82
N TYR N 197 11.04 75.49 27.17
CA TYR N 197 10.20 75.51 25.99
C TYR N 197 8.83 76.16 26.17
N ILE N 198 8.57 77.16 25.33
CA ILE N 198 7.31 77.92 25.33
C ILE N 198 6.12 77.01 25.07
N SER N 199 6.39 75.84 24.49
CA SER N 199 5.34 74.87 24.23
C SER N 199 5.90 73.47 24.40
N PRO N 200 5.22 72.64 25.18
CA PRO N 200 5.66 71.26 25.42
C PRO N 200 5.78 70.41 24.15
N TYR N 201 5.27 70.94 23.04
CA TYR N 201 5.32 70.21 21.77
C TYR N 201 6.71 70.23 21.14
N PHE N 202 7.57 71.11 21.63
CA PHE N 202 8.92 71.23 21.12
C PHE N 202 9.81 70.11 21.64
N VAL N 203 9.26 69.30 22.54
CA VAL N 203 10.00 68.20 23.12
C VAL N 203 10.50 67.17 22.11
N THR N 204 11.75 66.75 22.30
CA THR N 204 12.43 65.77 21.45
C THR N 204 12.22 64.36 22.02
N ASN N 205 12.47 64.23 23.33
CA ASN N 205 12.33 62.95 24.03
C ASN N 205 11.13 63.01 24.97
N PRO N 206 10.05 62.26 24.65
CA PRO N 206 8.83 62.22 25.46
C PRO N 206 9.08 61.87 26.92
N GLU N 207 9.94 60.86 27.14
CA GLU N 207 10.28 60.40 28.48
C GLU N 207 10.92 61.48 29.34
N THR N 208 12.09 61.95 28.92
CA THR N 208 12.82 62.98 29.67
C THR N 208 12.16 64.35 29.58
N MET N 209 11.20 64.49 28.67
CA MET N 209 10.49 65.76 28.49
C MET N 209 11.43 66.91 28.16
N GLU N 210 12.45 66.61 27.37
CA GLU N 210 13.44 67.60 26.96
C GLU N 210 13.39 67.81 25.47
N ALA N 211 14.00 68.90 25.02
CA ALA N 211 14.08 69.25 23.61
C ALA N 211 15.58 69.34 23.30
N VAL N 212 16.10 68.33 22.61
CA VAL N 212 17.52 68.30 22.27
C VAL N 212 17.76 68.62 20.80
N LEU N 213 18.51 69.70 20.56
CA LEU N 213 18.85 70.16 19.22
C LEU N 213 20.37 70.07 19.04
N GLU N 214 20.80 69.44 17.96
CA GLU N 214 22.24 69.33 17.70
C GLU N 214 22.71 70.11 16.48
N ASP N 215 23.77 70.89 16.66
CA ASP N 215 24.35 71.73 15.62
C ASP N 215 23.26 72.60 15.04
N ALA N 216 22.70 73.46 15.89
CA ALA N 216 21.62 74.33 15.47
C ALA N 216 21.98 75.79 15.55
N PHE N 217 21.21 76.62 14.86
CA PHE N 217 21.44 78.05 14.87
C PHE N 217 20.68 78.59 16.06
N ILE N 218 21.12 79.73 16.56
CA ILE N 218 20.49 80.34 17.71
C ILE N 218 20.01 81.75 17.40
N LEU N 219 18.83 81.83 16.79
CA LEU N 219 18.22 83.11 16.43
C LEU N 219 17.89 83.89 17.69
N ILE N 220 18.72 84.89 17.99
CA ILE N 220 18.51 85.69 19.20
C ILE N 220 17.74 86.97 18.94
N VAL N 221 16.45 86.94 19.26
CA VAL N 221 15.56 88.08 19.06
C VAL N 221 15.33 88.81 20.39
N GLU N 222 14.71 89.99 20.32
CA GLU N 222 14.48 90.78 21.52
C GLU N 222 13.06 91.31 21.53
N LYS N 223 12.37 91.13 20.41
CA LYS N 223 10.99 91.55 20.25
C LYS N 223 10.08 90.35 20.51
N LYS N 224 8.77 90.61 20.51
CA LYS N 224 7.78 89.55 20.68
C LYS N 224 7.40 89.06 19.29
N VAL N 225 8.02 87.96 18.88
CA VAL N 225 7.75 87.40 17.57
C VAL N 225 6.36 86.77 17.55
N SER N 226 5.41 87.46 16.92
CA SER N 226 4.04 86.95 16.85
C SER N 226 3.51 86.95 15.42
N ASN N 227 4.22 87.62 14.52
CA ASN N 227 3.81 87.68 13.13
C ASN N 227 4.61 86.68 12.29
N VAL N 228 3.93 85.95 11.43
CA VAL N 228 4.58 84.96 10.57
C VAL N 228 5.43 85.63 9.50
N ARG N 229 4.88 86.66 8.86
CA ARG N 229 5.58 87.36 7.79
C ARG N 229 7.00 87.79 8.17
N GLU N 230 7.18 88.33 9.38
CA GLU N 230 8.50 88.76 9.82
C GLU N 230 9.40 87.62 10.26
N LEU N 231 8.89 86.39 10.20
CA LEU N 231 9.66 85.23 10.62
C LEU N 231 9.97 84.26 9.46
N LEU N 232 9.04 84.14 8.51
CA LEU N 232 9.22 83.26 7.37
C LEU N 232 10.58 83.36 6.65
N PRO N 233 11.07 84.60 6.41
CA PRO N 233 12.35 84.72 5.73
C PRO N 233 13.50 83.90 6.35
N ILE N 234 13.81 84.17 7.62
CA ILE N 234 14.89 83.45 8.30
C ILE N 234 14.55 81.97 8.49
N LEU N 235 13.29 81.72 8.79
CA LEU N 235 12.79 80.37 9.01
C LEU N 235 13.09 79.51 7.80
N GLU N 236 13.07 80.14 6.62
CA GLU N 236 13.33 79.45 5.37
C GLU N 236 14.79 79.23 5.08
N GLN N 237 15.61 80.25 5.30
CA GLN N 237 17.03 80.15 5.06
C GLN N 237 17.54 78.97 5.89
N VAL N 238 17.10 78.91 7.15
CA VAL N 238 17.50 77.84 8.05
C VAL N 238 16.96 76.50 7.59
N ALA N 239 15.73 76.50 7.09
CA ALA N 239 15.09 75.28 6.61
C ALA N 239 15.96 74.55 5.58
N GLN N 240 16.48 75.27 4.59
CA GLN N 240 17.31 74.67 3.57
C GLN N 240 18.69 74.27 4.08
N THR N 241 18.99 74.62 5.33
CA THR N 241 20.28 74.28 5.93
C THR N 241 20.28 72.83 6.37
N GLY N 242 19.08 72.31 6.62
CA GLY N 242 18.98 70.93 7.08
C GLY N 242 19.29 70.85 8.56
N LYS N 243 19.67 71.98 9.14
CA LYS N 243 19.99 72.06 10.55
C LYS N 243 18.82 72.55 11.40
N PRO N 244 18.85 72.27 12.71
CA PRO N 244 17.80 72.67 13.67
C PRO N 244 17.94 74.12 14.11
N LEU N 245 16.88 74.70 14.68
CA LEU N 245 16.92 76.08 15.12
C LEU N 245 16.37 76.34 16.52
N LEU N 246 17.10 77.14 17.30
CA LEU N 246 16.67 77.53 18.64
C LEU N 246 16.34 79.02 18.64
N ILE N 247 15.08 79.35 18.88
CA ILE N 247 14.66 80.74 18.90
C ILE N 247 14.64 81.20 20.34
N ILE N 248 15.21 82.39 20.60
CA ILE N 248 15.26 82.91 21.96
C ILE N 248 14.72 84.33 22.06
N ALA N 249 13.48 84.53 21.62
CA ALA N 249 12.86 85.86 21.67
C ALA N 249 12.38 86.14 23.09
N GLU N 250 11.84 87.32 23.36
CA GLU N 250 11.35 87.58 24.71
C GLU N 250 10.06 86.79 24.85
N ASP N 251 9.50 86.40 23.71
CA ASP N 251 8.28 85.61 23.66
C ASP N 251 7.87 85.29 22.22
N VAL N 252 7.29 84.12 22.03
CA VAL N 252 6.81 83.66 20.73
C VAL N 252 5.34 83.29 20.92
N GLU N 253 4.45 84.00 20.23
CA GLU N 253 3.02 83.76 20.36
C GLU N 253 2.28 83.77 19.03
N GLY N 254 0.95 83.68 19.11
CA GLY N 254 0.11 83.70 17.93
C GLY N 254 0.56 82.81 16.78
N GLU N 255 0.44 83.36 15.56
CA GLU N 255 0.83 82.65 14.35
C GLU N 255 2.25 82.11 14.46
N ALA N 256 3.18 82.97 14.86
CA ALA N 256 4.58 82.59 15.01
C ALA N 256 4.75 81.28 15.78
N LEU N 257 4.26 81.24 17.01
CA LEU N 257 4.38 80.05 17.85
C LEU N 257 3.64 78.86 17.24
N ALA N 258 2.48 79.13 16.66
CA ALA N 258 1.68 78.08 16.03
C ALA N 258 2.43 77.40 14.88
N THR N 259 2.96 78.21 13.97
CA THR N 259 3.70 77.72 12.81
C THR N 259 4.92 76.89 13.24
N LEU N 260 5.70 77.43 14.17
CA LEU N 260 6.89 76.76 14.68
C LEU N 260 6.53 75.35 15.16
N VAL N 261 5.46 75.25 15.92
CA VAL N 261 5.01 73.98 16.45
C VAL N 261 4.56 72.99 15.37
N VAL N 262 3.78 73.48 14.40
CA VAL N 262 3.29 72.64 13.32
C VAL N 262 4.39 71.97 12.50
N ASN N 263 5.30 72.78 11.96
CA ASN N 263 6.39 72.25 11.16
C ASN N 263 7.29 71.33 11.98
N LYS N 264 7.36 71.62 13.27
CA LYS N 264 8.16 70.87 14.24
C LYS N 264 7.63 69.44 14.34
N LEU N 265 6.33 69.35 14.59
CA LEU N 265 5.63 68.08 14.72
C LEU N 265 5.41 67.47 13.34
N ARG N 266 5.67 68.25 12.30
CA ARG N 266 5.48 67.82 10.92
C ARG N 266 6.75 67.21 10.35
N GLY N 267 7.89 67.81 10.69
CA GLY N 267 9.16 67.30 10.21
C GLY N 267 9.77 68.29 9.23
N THR N 268 9.07 69.40 9.01
CA THR N 268 9.55 70.45 8.11
C THR N 268 10.76 71.16 8.68
N LEU N 269 10.71 71.49 9.97
CA LEU N 269 11.81 72.17 10.63
C LEU N 269 11.80 71.85 12.13
N SER N 270 12.91 71.35 12.66
CA SER N 270 12.99 71.05 14.08
C SER N 270 13.45 72.28 14.85
N VAL N 271 12.51 72.97 15.49
CA VAL N 271 12.81 74.17 16.27
C VAL N 271 12.32 74.08 17.69
N ALA N 272 12.55 75.14 18.45
CA ALA N 272 12.15 75.22 19.84
C ALA N 272 12.27 76.67 20.30
N ALA N 273 11.19 77.24 20.82
CA ALA N 273 11.22 78.62 21.28
C ALA N 273 11.28 78.72 22.79
N VAL N 274 12.18 79.57 23.28
CA VAL N 274 12.36 79.78 24.71
C VAL N 274 12.31 81.27 25.00
N LYS N 275 11.76 81.66 26.13
CA LYS N 275 11.71 83.09 26.46
C LYS N 275 13.10 83.61 26.83
N ALA N 276 13.31 84.91 26.68
CA ALA N 276 14.60 85.52 26.98
C ALA N 276 14.91 85.51 28.48
N PRO N 277 16.16 85.18 28.84
CA PRO N 277 16.63 85.12 30.24
C PRO N 277 16.55 86.46 30.92
N GLY N 278 16.51 86.44 32.26
CA GLY N 278 16.45 87.67 33.01
C GLY N 278 15.26 88.55 32.67
N PHE N 279 15.21 89.72 33.28
CA PHE N 279 14.12 90.67 33.05
C PHE N 279 14.68 92.08 33.04
N GLY N 280 14.17 92.90 32.12
CA GLY N 280 14.62 94.28 31.99
C GLY N 280 15.99 94.49 31.39
N ASP N 281 16.67 95.54 31.85
CA ASP N 281 18.03 95.86 31.38
C ASP N 281 18.86 94.59 31.50
N ARG N 282 18.68 93.90 32.62
CA ARG N 282 19.39 92.67 32.93
C ARG N 282 19.31 91.68 31.78
N ARG N 283 18.16 91.68 31.10
CA ARG N 283 17.92 90.78 30.00
C ARG N 283 18.74 91.03 28.75
N LYS N 284 18.66 92.24 28.20
CA LYS N 284 19.44 92.51 27.00
C LYS N 284 20.90 92.20 27.25
N GLU N 285 21.36 92.49 28.46
CA GLU N 285 22.75 92.23 28.81
C GLU N 285 23.07 90.74 28.70
N MET N 286 22.10 89.90 29.09
CA MET N 286 22.29 88.46 29.03
C MET N 286 22.12 87.95 27.59
N LEU N 287 21.28 88.61 26.82
CA LEU N 287 21.05 88.20 25.43
C LEU N 287 22.35 88.34 24.66
N LYS N 288 23.15 89.33 25.05
CA LYS N 288 24.44 89.60 24.41
C LYS N 288 25.41 88.51 24.82
N ASP N 289 25.35 88.10 26.08
CA ASP N 289 26.22 87.06 26.59
C ASP N 289 26.04 85.82 25.73
N ILE N 290 24.81 85.62 25.28
CA ILE N 290 24.48 84.48 24.45
C ILE N 290 25.08 84.67 23.06
N ALA N 291 24.78 85.81 22.45
CA ALA N 291 25.29 86.14 21.12
C ALA N 291 26.81 85.96 21.09
N ALA N 292 27.47 86.43 22.16
CA ALA N 292 28.91 86.32 22.27
C ALA N 292 29.42 84.89 22.20
N VAL N 293 28.90 84.03 23.08
CA VAL N 293 29.32 82.63 23.12
C VAL N 293 28.82 81.82 21.93
N THR N 294 27.78 82.33 21.28
CA THR N 294 27.20 81.63 20.14
C THR N 294 27.83 82.08 18.82
N GLY N 295 28.00 83.39 18.66
CA GLY N 295 28.56 83.92 17.42
C GLY N 295 27.42 84.48 16.60
N GLY N 296 26.43 85.02 17.30
CA GLY N 296 25.27 85.59 16.64
C GLY N 296 25.11 87.02 17.09
N THR N 297 23.97 87.62 16.80
CA THR N 297 23.75 89.00 17.20
C THR N 297 22.30 89.26 17.61
N VAL N 298 22.16 90.01 18.70
CA VAL N 298 20.86 90.36 19.21
C VAL N 298 20.08 91.21 18.22
N ILE N 299 19.11 90.60 17.56
CA ILE N 299 18.26 91.29 16.60
C ILE N 299 17.32 92.24 17.35
N SER N 300 17.82 93.39 17.80
CA SER N 300 16.98 94.32 18.55
C SER N 300 16.38 95.41 17.68
N GLU N 301 15.08 95.66 17.86
CA GLU N 301 14.39 96.68 17.08
C GLU N 301 14.94 98.05 17.49
N GLU N 302 15.53 98.10 18.69
CA GLU N 302 16.11 99.32 19.22
C GLU N 302 17.12 99.89 18.23
N LEU N 303 18.16 99.13 17.96
CA LEU N 303 19.20 99.55 17.02
C LEU N 303 18.64 99.47 15.61
N GLY N 304 17.33 99.69 15.49
CA GLY N 304 16.66 99.67 14.21
C GLY N 304 17.02 98.53 13.27
N PHE N 305 16.21 97.47 13.27
CA PHE N 305 16.46 96.34 12.40
C PHE N 305 15.32 95.33 12.39
N LYS N 306 14.69 95.17 11.24
CA LYS N 306 13.57 94.25 11.08
C LYS N 306 14.01 92.78 11.02
N LEU N 307 13.12 91.89 11.43
CA LEU N 307 13.42 90.45 11.43
C LEU N 307 13.48 89.83 10.05
N GLU N 308 12.53 90.19 9.20
CA GLU N 308 12.52 89.64 7.85
C GLU N 308 13.87 89.84 7.16
N ASN N 309 14.54 90.92 7.49
CA ASN N 309 15.84 91.23 6.90
C ASN N 309 16.98 90.58 7.66
N ALA N 310 16.72 89.48 8.36
CA ALA N 310 17.79 88.84 9.11
C ALA N 310 18.46 87.73 8.33
N THR N 311 19.78 87.82 8.27
CA THR N 311 20.61 86.87 7.53
C THR N 311 20.91 85.61 8.30
N LEU N 312 21.04 84.51 7.55
CA LEU N 312 21.34 83.21 8.12
C LEU N 312 22.78 83.22 8.67
N SER N 313 23.25 84.39 9.08
CA SER N 313 24.60 84.51 9.59
C SER N 313 24.65 85.42 10.83
N MET N 314 23.55 86.14 11.05
CA MET N 314 23.43 87.05 12.19
C MET N 314 23.17 86.20 13.43
N LEU N 315 22.69 84.98 13.19
CA LEU N 315 22.37 84.04 14.24
C LEU N 315 23.53 83.09 14.50
N GLY N 316 24.01 83.09 15.73
CA GLY N 316 25.12 82.22 16.09
C GLY N 316 24.66 80.77 16.14
N ARG N 317 25.54 79.89 16.60
CA ARG N 317 25.19 78.48 16.68
C ARG N 317 26.08 77.71 17.66
N ALA N 318 25.61 76.52 18.05
CA ALA N 318 26.32 75.68 19.00
C ALA N 318 26.17 74.20 18.64
N GLU N 319 27.03 73.36 19.20
CA GLU N 319 27.01 71.92 18.93
C GLU N 319 25.78 71.20 19.46
N ARG N 320 25.24 71.67 20.57
CA ARG N 320 24.03 71.06 21.13
C ARG N 320 23.27 72.00 22.06
N VAL N 321 21.95 72.00 21.91
CA VAL N 321 21.07 72.81 22.72
C VAL N 321 20.05 71.90 23.40
N ARG N 322 19.97 72.01 24.73
CA ARG N 322 19.04 71.19 25.51
C ARG N 322 18.03 72.07 26.21
N ILE N 323 16.75 71.81 25.92
CA ILE N 323 15.67 72.58 26.50
C ILE N 323 14.74 71.76 27.40
N THR N 324 14.54 72.25 28.61
CA THR N 324 13.68 71.63 29.62
C THR N 324 12.55 72.61 29.85
N LYS N 325 11.46 72.17 30.47
CA LYS N 325 10.35 73.10 30.70
C LYS N 325 10.77 74.22 31.65
N ASP N 326 11.91 74.04 32.30
CA ASP N 326 12.40 75.03 33.24
C ASP N 326 13.77 75.61 32.92
N GLU N 327 14.51 74.97 32.02
CA GLU N 327 15.85 75.46 31.76
C GLU N 327 16.39 75.21 30.36
N THR N 328 17.11 76.19 29.82
CA THR N 328 17.72 76.05 28.51
C THR N 328 19.22 75.94 28.71
N THR N 329 19.85 75.07 27.92
CA THR N 329 21.29 74.87 28.01
C THR N 329 21.96 74.87 26.63
N ILE N 330 23.02 75.66 26.48
CA ILE N 330 23.74 75.73 25.20
C ILE N 330 25.16 75.21 25.35
N VAL N 331 25.40 74.02 24.79
CA VAL N 331 26.70 73.37 24.85
C VAL N 331 27.37 73.41 23.49
N GLY N 332 28.64 73.82 23.47
CA GLY N 332 29.37 73.90 22.22
C GLY N 332 29.24 75.27 21.59
N GLY N 333 29.34 76.31 22.41
CA GLY N 333 29.23 77.67 21.90
C GLY N 333 30.31 77.92 20.86
N LYS N 334 29.90 78.41 19.70
CA LYS N 334 30.87 78.66 18.63
C LYS N 334 31.17 80.12 18.36
N GLY N 335 30.95 80.96 19.38
CA GLY N 335 31.23 82.37 19.23
C GLY N 335 32.73 82.62 19.28
N LYS N 336 33.14 83.82 18.87
CA LYS N 336 34.55 84.19 18.86
C LYS N 336 35.08 84.30 20.28
N LYS N 337 36.11 83.51 20.58
CA LYS N 337 36.72 83.51 21.90
C LYS N 337 36.95 84.96 22.38
N GLU N 338 37.04 85.88 21.44
CA GLU N 338 37.26 87.28 21.75
C GLU N 338 36.00 87.89 22.37
N ASP N 339 34.89 87.82 21.62
CA ASP N 339 33.62 88.37 22.08
C ASP N 339 33.28 87.88 23.48
N ILE N 340 33.62 86.63 23.75
CA ILE N 340 33.36 86.03 25.04
C ILE N 340 34.15 86.73 26.13
N GLU N 341 35.48 86.74 25.98
CA GLU N 341 36.36 87.38 26.94
C GLU N 341 36.01 88.86 27.04
N ALA N 342 35.29 89.36 26.03
CA ALA N 342 34.88 90.76 26.00
C ALA N 342 33.83 91.02 27.08
N ARG N 343 32.89 90.09 27.22
CA ARG N 343 31.83 90.20 28.22
C ARG N 343 32.45 89.97 29.60
N ILE N 344 33.18 88.86 29.74
CA ILE N 344 33.84 88.52 31.00
C ILE N 344 34.53 89.71 31.66
N ASN N 345 35.27 90.49 30.88
CA ASN N 345 35.97 91.65 31.40
C ASN N 345 35.05 92.83 31.64
N GLY N 346 34.23 93.18 30.64
CA GLY N 346 33.32 94.29 30.79
C GLY N 346 32.36 94.09 31.95
N ILE N 347 32.25 92.83 32.38
CA ILE N 347 31.38 92.47 33.49
C ILE N 347 32.11 92.72 34.81
N LYS N 348 33.42 92.46 34.82
CA LYS N 348 34.24 92.66 36.01
C LYS N 348 34.40 94.15 36.33
N LYS N 349 34.51 94.96 35.28
CA LYS N 349 34.67 96.41 35.42
C LYS N 349 33.42 96.99 36.06
N GLU N 350 32.27 96.60 35.53
CA GLU N 350 31.00 97.07 36.05
C GLU N 350 30.73 96.46 37.43
N LEU N 351 31.52 95.46 37.79
CA LEU N 351 31.39 94.77 39.07
C LEU N 351 32.00 95.57 40.22
N GLU N 352 32.96 96.42 39.89
CA GLU N 352 33.63 97.26 40.88
C GLU N 352 32.80 98.52 41.13
N THR N 353 32.05 98.94 40.12
CA THR N 353 31.20 100.12 40.20
C THR N 353 29.87 99.77 40.87
N THR N 354 29.61 98.48 40.98
CA THR N 354 28.38 97.98 41.60
C THR N 354 28.47 98.13 43.11
N ASP N 355 27.34 98.48 43.73
CA ASP N 355 27.28 98.67 45.17
C ASP N 355 26.24 97.80 45.86
N SER N 356 25.13 97.50 45.17
CA SER N 356 24.09 96.68 45.75
C SER N 356 24.47 95.19 45.70
N GLU N 357 24.60 94.58 46.88
CA GLU N 357 24.98 93.18 47.01
C GLU N 357 24.21 92.25 46.09
N TYR N 358 22.93 92.53 45.88
CA TYR N 358 22.11 91.69 45.01
C TYR N 358 22.63 91.72 43.58
N ALA N 359 22.86 92.91 43.05
CA ALA N 359 23.36 93.05 41.69
C ALA N 359 24.68 92.31 41.50
N ARG N 360 25.51 92.30 42.55
CA ARG N 360 26.81 91.63 42.50
C ARG N 360 26.74 90.12 42.26
N GLU N 361 26.05 89.41 43.15
CA GLU N 361 25.89 87.94 43.07
C GLU N 361 25.37 87.55 41.71
N LYS N 362 24.54 88.44 41.18
CA LYS N 362 23.89 88.25 39.92
C LYS N 362 24.85 88.41 38.74
N LEU N 363 25.78 89.36 38.81
CA LEU N 363 26.77 89.48 37.76
C LEU N 363 27.69 88.27 37.96
N GLN N 364 27.79 87.85 39.22
CA GLN N 364 28.61 86.70 39.60
C GLN N 364 28.27 85.46 38.80
N GLU N 365 26.97 85.15 38.68
CA GLU N 365 26.56 83.98 37.94
C GLU N 365 26.86 84.11 36.44
N ARG N 366 26.60 85.28 35.86
CA ARG N 366 26.90 85.49 34.44
C ARG N 366 28.39 85.26 34.27
N LEU N 367 29.15 85.80 35.21
CA LEU N 367 30.61 85.69 35.22
C LEU N 367 31.06 84.24 35.29
N ALA N 368 30.39 83.45 36.14
CA ALA N 368 30.74 82.04 36.31
C ALA N 368 30.25 81.17 35.15
N LYS N 369 29.23 81.65 34.43
CA LYS N 369 28.70 80.92 33.28
C LYS N 369 29.66 81.07 32.11
N LEU N 370 29.97 82.32 31.77
CA LEU N 370 30.89 82.63 30.69
C LEU N 370 32.26 82.04 31.02
N ALA N 371 32.80 82.41 32.18
CA ALA N 371 34.08 81.89 32.61
C ALA N 371 33.83 80.43 33.01
N GLY N 372 34.89 79.65 33.15
CA GLY N 372 34.74 78.24 33.53
C GLY N 372 34.13 77.46 32.38
N GLY N 373 33.13 78.06 31.78
CA GLY N 373 32.48 77.46 30.65
C GLY N 373 31.40 76.46 30.98
N VAL N 374 31.46 75.31 30.29
CA VAL N 374 30.48 74.25 30.47
C VAL N 374 31.15 72.88 30.46
N ALA N 375 31.56 72.42 31.63
CA ALA N 375 32.21 71.10 31.76
C ALA N 375 31.22 70.05 31.28
N VAL N 376 31.60 69.35 30.21
CA VAL N 376 30.73 68.33 29.65
C VAL N 376 31.33 66.94 29.83
N ILE N 377 30.46 65.98 30.10
CA ILE N 377 30.89 64.60 30.30
C ILE N 377 30.27 63.74 29.22
N ARG N 378 30.97 63.64 28.09
CA ARG N 378 30.50 62.82 26.98
C ARG N 378 30.45 61.38 27.48
N VAL N 379 29.25 60.80 27.48
CA VAL N 379 29.05 59.44 27.96
C VAL N 379 29.14 58.38 26.87
N GLY N 380 30.07 57.45 27.05
CA GLY N 380 30.25 56.40 26.08
C GLY N 380 29.48 55.15 26.43
N ALA N 381 28.87 54.53 25.41
CA ALA N 381 28.10 53.31 25.60
C ALA N 381 28.35 52.37 24.42
N ALA N 382 27.45 51.42 24.22
CA ALA N 382 27.56 50.47 23.12
C ALA N 382 26.16 50.22 22.56
N THR N 383 25.16 50.34 23.43
CA THR N 383 23.77 50.14 23.08
C THR N 383 23.02 51.43 23.37
N GLU N 384 21.89 51.62 22.71
CA GLU N 384 21.09 52.81 22.95
C GLU N 384 20.54 52.62 24.37
N THR N 385 20.46 51.36 24.78
CA THR N 385 19.97 50.98 26.09
C THR N 385 21.04 51.29 27.15
N GLU N 386 22.17 50.60 27.02
CA GLU N 386 23.28 50.78 27.94
C GLU N 386 23.56 52.29 28.16
N LEU N 387 23.28 53.08 27.13
CA LEU N 387 23.50 54.51 27.20
C LEU N 387 22.50 55.19 28.14
N LYS N 388 21.22 55.03 27.84
CA LYS N 388 20.19 55.64 28.68
C LYS N 388 20.52 55.35 30.14
N GLU N 389 21.07 54.18 30.40
CA GLU N 389 21.36 53.78 31.75
C GLU N 389 22.51 54.57 32.36
N LYS N 390 23.68 54.52 31.72
CA LYS N 390 24.85 55.27 32.19
C LYS N 390 24.46 56.77 32.22
N LYS N 391 23.76 57.23 31.20
CA LYS N 391 23.27 58.60 31.10
C LYS N 391 22.63 59.01 32.41
N HIS N 392 21.59 58.27 32.75
CA HIS N 392 20.83 58.49 33.97
C HIS N 392 21.73 58.35 35.21
N ARG N 393 22.36 57.18 35.36
CA ARG N 393 23.25 56.89 36.48
C ARG N 393 24.22 58.03 36.74
N PHE N 394 25.02 58.35 35.72
CA PHE N 394 26.00 59.41 35.81
C PHE N 394 25.36 60.75 36.14
N GLU N 395 24.26 61.07 35.48
CA GLU N 395 23.59 62.34 35.73
C GLU N 395 23.15 62.46 37.20
N ASP N 396 22.59 61.38 37.75
CA ASP N 396 22.17 61.39 39.13
C ASP N 396 23.39 61.54 40.01
N ALA N 397 24.38 60.69 39.78
CA ALA N 397 25.62 60.73 40.53
C ALA N 397 26.10 62.17 40.60
N LEU N 398 25.96 62.89 39.50
CA LEU N 398 26.39 64.28 39.45
C LEU N 398 25.56 65.11 40.42
N ASN N 399 24.24 65.16 40.19
CA ASN N 399 23.32 65.91 41.05
C ASN N 399 23.52 65.56 42.52
N ALA N 400 23.72 64.28 42.78
CA ALA N 400 23.96 63.79 44.13
C ALA N 400 25.13 64.53 44.72
N THR N 401 26.28 64.31 44.10
CA THR N 401 27.54 64.91 44.51
C THR N 401 27.47 66.42 44.69
N ARG N 402 26.85 67.09 43.74
CA ARG N 402 26.74 68.54 43.82
C ARG N 402 25.98 68.92 45.08
N ALA N 403 24.88 68.23 45.33
CA ALA N 403 24.08 68.50 46.51
C ALA N 403 24.88 68.12 47.73
N ALA N 404 25.57 66.98 47.64
CA ALA N 404 26.40 66.47 48.72
C ALA N 404 27.36 67.53 49.25
N VAL N 405 27.87 68.36 48.34
CA VAL N 405 28.81 69.40 48.72
C VAL N 405 28.10 70.54 49.46
N GLU N 406 26.86 70.83 49.09
CA GLU N 406 26.12 71.94 49.71
C GLU N 406 25.83 71.77 51.18
N GLU N 407 25.44 70.56 51.58
CA GLU N 407 25.09 70.31 52.96
C GLU N 407 25.66 69.01 53.57
N GLY N 408 26.63 68.36 52.93
CA GLY N 408 27.21 67.14 53.49
C GLY N 408 26.37 65.89 53.26
N ILE N 409 26.83 64.75 53.78
CA ILE N 409 26.09 63.50 53.63
C ILE N 409 25.76 62.84 54.96
N VAL N 410 24.68 62.04 54.97
CA VAL N 410 24.20 61.33 56.17
C VAL N 410 23.94 59.87 55.83
N PRO N 411 23.86 59.00 56.85
CA PRO N 411 23.61 57.57 56.60
C PRO N 411 22.31 57.35 55.82
N GLY N 412 22.34 56.48 54.83
CA GLY N 412 21.14 56.24 54.05
C GLY N 412 20.21 55.17 54.61
N GLY N 413 19.35 54.65 53.74
CA GLY N 413 18.41 53.62 54.16
C GLY N 413 17.50 54.05 55.29
N GLY N 414 17.09 55.32 55.26
CA GLY N 414 16.22 55.85 56.30
C GLY N 414 16.84 55.99 57.66
N VAL N 415 18.00 55.36 57.87
CA VAL N 415 18.66 55.42 59.17
C VAL N 415 18.81 56.81 59.79
N THR N 416 19.13 57.82 58.98
CA THR N 416 19.31 59.16 59.52
C THR N 416 17.99 59.64 60.09
N LEU N 417 16.90 59.48 59.36
CA LEU N 417 15.61 59.94 59.85
C LEU N 417 15.27 59.28 61.18
N LEU N 418 15.74 58.05 61.36
CA LEU N 418 15.50 57.32 62.59
C LEU N 418 16.23 58.00 63.74
N ARG N 419 17.51 58.28 63.51
CA ARG N 419 18.33 58.94 64.53
C ARG N 419 17.77 60.29 64.93
N ALA N 420 16.84 60.82 64.15
CA ALA N 420 16.25 62.12 64.48
C ALA N 420 15.19 61.95 65.55
N ILE N 421 14.67 60.74 65.67
CA ILE N 421 13.63 60.49 66.65
C ILE N 421 14.03 60.98 68.02
N SER N 422 15.20 60.55 68.49
CA SER N 422 15.68 60.95 69.81
C SER N 422 15.53 62.47 70.01
N ALA N 423 15.91 63.23 69.00
CA ALA N 423 15.83 64.68 69.09
C ALA N 423 14.40 65.11 69.29
N VAL N 424 13.49 64.41 68.62
CA VAL N 424 12.07 64.72 68.70
C VAL N 424 11.56 64.35 70.08
N GLU N 425 12.02 63.20 70.60
CA GLU N 425 11.62 62.73 71.93
C GLU N 425 11.92 63.81 72.97
N GLU N 426 13.17 64.27 72.96
CA GLU N 426 13.62 65.30 73.87
C GLU N 426 12.69 66.50 73.79
N LEU N 427 12.27 66.84 72.58
CA LEU N 427 11.37 67.98 72.39
C LEU N 427 10.04 67.72 73.06
N ILE N 428 9.48 66.54 72.82
CA ILE N 428 8.19 66.15 73.37
C ILE N 428 8.15 66.33 74.88
N LYS N 429 9.22 65.90 75.56
CA LYS N 429 9.31 66.02 77.01
C LYS N 429 9.15 67.46 77.50
N LYS N 430 9.35 68.42 76.60
CA LYS N 430 9.21 69.84 76.94
C LYS N 430 7.90 70.38 76.38
N LEU N 431 7.14 69.51 75.72
CA LEU N 431 5.86 69.91 75.12
C LEU N 431 4.66 69.28 75.82
N GLU N 432 3.50 69.92 75.66
CA GLU N 432 2.29 69.42 76.27
C GLU N 432 1.07 69.77 75.41
N GLY N 433 -0.03 69.06 75.64
CA GLY N 433 -1.26 69.31 74.90
C GLY N 433 -1.24 68.75 73.48
N ASP N 434 -2.02 69.38 72.60
CA ASP N 434 -2.08 68.94 71.22
C ASP N 434 -0.74 69.18 70.53
N GLU N 435 -0.06 70.23 70.96
CA GLU N 435 1.24 70.58 70.41
C GLU N 435 2.19 69.39 70.57
N ALA N 436 2.18 68.77 71.74
CA ALA N 436 3.01 67.61 71.99
C ALA N 436 2.55 66.46 71.08
N THR N 437 1.25 66.40 70.81
CA THR N 437 0.74 65.34 69.96
C THR N 437 1.40 65.46 68.60
N GLY N 438 1.41 66.69 68.07
CA GLY N 438 2.01 66.97 66.78
C GLY N 438 3.43 66.43 66.74
N ALA N 439 4.23 66.82 67.72
CA ALA N 439 5.59 66.34 67.82
C ALA N 439 5.59 64.81 67.73
N LYS N 440 4.63 64.20 68.43
CA LYS N 440 4.52 62.75 68.44
C LYS N 440 4.21 62.18 67.06
N ILE N 441 3.38 62.91 66.31
CA ILE N 441 3.05 62.49 64.95
C ILE N 441 4.33 62.39 64.11
N VAL N 442 5.15 63.44 64.12
CA VAL N 442 6.39 63.47 63.35
C VAL N 442 7.26 62.33 63.82
N ARG N 443 7.30 62.14 65.14
CA ARG N 443 8.13 61.04 65.64
C ARG N 443 7.78 59.71 65.05
N ARG N 444 6.48 59.48 64.85
CA ARG N 444 5.99 58.23 64.28
C ARG N 444 6.34 58.17 62.80
N ALA N 445 6.07 59.27 62.09
CA ALA N 445 6.38 59.35 60.66
C ALA N 445 7.82 58.93 60.36
N LEU N 446 8.77 59.52 61.09
CA LEU N 446 10.19 59.25 60.90
C LEU N 446 10.55 57.78 60.77
N GLU N 447 9.68 56.91 61.25
CA GLU N 447 9.97 55.49 61.17
C GLU N 447 9.60 54.91 59.81
N GLU N 448 8.61 55.52 59.17
CA GLU N 448 8.11 54.96 57.91
C GLU N 448 9.09 54.60 56.82
N PRO N 449 9.94 55.56 56.40
CA PRO N 449 10.94 55.32 55.35
C PRO N 449 11.76 54.05 55.63
N ALA N 450 12.45 54.03 56.77
CA ALA N 450 13.27 52.86 57.12
C ALA N 450 12.44 51.57 57.06
N ARG N 451 11.28 51.62 57.74
CA ARG N 451 10.35 50.51 57.83
C ARG N 451 9.91 50.04 56.46
N GLN N 452 9.36 50.97 55.68
CA GLN N 452 8.91 50.69 54.32
C GLN N 452 9.98 50.03 53.44
N ILE N 453 11.21 50.48 53.57
CA ILE N 453 12.30 49.92 52.78
C ILE N 453 12.46 48.45 53.14
N ALA N 454 12.70 48.19 54.41
CA ALA N 454 12.86 46.83 54.91
C ALA N 454 11.69 45.97 54.47
N GLU N 455 10.49 46.54 54.58
CA GLU N 455 9.26 45.84 54.20
C GLU N 455 9.31 45.46 52.71
N ASN N 456 9.55 46.44 51.84
CA ASN N 456 9.61 46.15 50.42
C ASN N 456 10.64 45.07 50.13
N ALA N 457 11.70 45.03 50.94
CA ALA N 457 12.77 44.06 50.74
C ALA N 457 12.37 42.69 51.25
N GLY N 458 11.20 42.61 51.87
CA GLY N 458 10.72 41.34 52.39
C GLY N 458 11.18 41.00 53.80
N TYR N 459 11.16 42.01 54.68
CA TYR N 459 11.57 41.83 56.07
C TYR N 459 10.54 42.50 56.96
N GLU N 460 10.62 42.24 58.26
CA GLU N 460 9.68 42.84 59.21
C GLU N 460 10.08 44.27 59.51
N GLY N 461 9.41 45.21 58.87
CA GLY N 461 9.73 46.62 59.05
C GLY N 461 9.96 47.02 60.49
N SER N 462 8.88 47.04 61.25
CA SER N 462 8.90 47.39 62.66
C SER N 462 10.03 46.70 63.42
N VAL N 463 10.31 45.46 63.09
CA VAL N 463 11.38 44.72 63.77
C VAL N 463 12.75 45.34 63.51
N ILE N 464 13.08 45.49 62.24
CA ILE N 464 14.35 46.07 61.84
C ILE N 464 14.51 47.50 62.40
N VAL N 465 13.47 48.31 62.28
CA VAL N 465 13.52 49.68 62.80
C VAL N 465 13.87 49.68 64.28
N GLN N 466 13.52 48.60 64.95
CA GLN N 466 13.74 48.47 66.38
C GLN N 466 15.19 48.16 66.64
N GLN N 467 15.68 47.09 66.01
CA GLN N 467 17.05 46.67 66.18
C GLN N 467 18.04 47.78 65.83
N ILE N 468 17.60 48.71 64.99
CA ILE N 468 18.44 49.83 64.58
C ILE N 468 18.48 50.86 65.70
N LEU N 469 17.30 51.27 66.16
CA LEU N 469 17.19 52.24 67.25
C LEU N 469 17.78 51.65 68.52
N ALA N 470 18.03 50.35 68.50
CA ALA N 470 18.59 49.66 69.63
C ALA N 470 20.02 50.10 69.80
N GLU N 471 20.75 50.09 68.70
CA GLU N 471 22.13 50.50 68.76
C GLU N 471 22.28 51.99 69.01
N THR N 472 22.86 52.36 70.15
CA THR N 472 23.04 53.78 70.46
C THR N 472 24.49 54.22 70.28
N LYS N 473 25.40 53.25 70.30
CA LYS N 473 26.80 53.58 70.13
C LYS N 473 27.06 54.34 68.85
N ASN N 474 27.07 53.62 67.73
CA ASN N 474 27.34 54.21 66.42
C ASN N 474 26.04 54.56 65.67
N PRO N 475 25.69 55.86 65.61
CA PRO N 475 24.47 56.30 64.92
C PRO N 475 24.42 55.90 63.46
N ARG N 476 25.58 55.56 62.92
CA ARG N 476 25.67 55.16 61.53
C ARG N 476 25.26 53.71 61.36
N TYR N 477 24.93 53.07 62.49
CA TYR N 477 24.51 51.68 62.45
C TYR N 477 23.15 51.66 61.76
N GLY N 478 22.99 50.72 60.83
CA GLY N 478 21.74 50.64 60.09
C GLY N 478 21.56 49.30 59.41
N PHE N 479 20.44 49.16 58.71
CA PHE N 479 20.13 47.91 58.04
C PHE N 479 20.27 48.10 56.55
N ASN N 480 21.04 47.23 55.92
CA ASN N 480 21.23 47.29 54.48
C ASN N 480 20.24 46.31 53.82
N ALA N 481 19.07 46.83 53.46
CA ALA N 481 18.02 46.02 52.87
C ALA N 481 18.48 45.21 51.67
N ALA N 482 19.59 45.61 51.09
CA ALA N 482 20.13 44.92 49.92
C ALA N 482 20.74 43.56 50.27
N THR N 483 21.67 43.54 51.22
CA THR N 483 22.31 42.29 51.62
C THR N 483 21.58 41.65 52.81
N GLY N 484 20.67 42.41 53.41
CA GLY N 484 19.94 41.91 54.56
C GLY N 484 20.81 41.77 55.78
N GLU N 485 21.67 42.74 56.02
CA GLU N 485 22.56 42.72 57.18
C GLU N 485 22.70 44.10 57.78
N PHE N 486 23.01 44.14 59.07
CA PHE N 486 23.19 45.43 59.73
C PHE N 486 24.64 45.82 59.59
N VAL N 487 24.89 47.07 59.27
CA VAL N 487 26.26 47.54 59.06
C VAL N 487 26.37 49.04 59.32
N ASP N 488 27.54 49.60 59.06
CA ASP N 488 27.75 51.04 59.21
C ASP N 488 27.34 51.60 57.86
N MET N 489 26.14 52.17 57.82
CA MET N 489 25.61 52.73 56.59
C MET N 489 26.65 53.51 55.77
N VAL N 490 27.47 54.29 56.47
CA VAL N 490 28.51 55.07 55.82
C VAL N 490 29.56 54.15 55.21
N GLU N 491 30.34 53.48 56.05
CA GLU N 491 31.37 52.56 55.56
C GLU N 491 30.83 51.53 54.58
N ALA N 492 29.51 51.47 54.43
CA ALA N 492 28.88 50.53 53.53
C ALA N 492 28.49 51.23 52.26
N GLY N 493 28.84 52.50 52.14
CA GLY N 493 28.53 53.27 50.96
C GLY N 493 27.04 53.46 50.71
N ILE N 494 26.29 53.58 51.80
CA ILE N 494 24.85 53.77 51.69
C ILE N 494 24.60 55.09 52.38
N VAL N 495 24.86 56.15 51.63
CA VAL N 495 24.71 57.49 52.17
C VAL N 495 23.69 58.29 51.36
N ASP N 496 23.34 59.47 51.88
CA ASP N 496 22.37 60.36 51.22
C ASP N 496 22.73 61.82 51.46
N PRO N 497 22.55 62.65 50.43
CA PRO N 497 22.89 64.06 50.62
C PRO N 497 22.00 64.57 51.75
N ALA N 498 22.61 65.01 52.84
CA ALA N 498 21.84 65.54 53.96
C ALA N 498 20.87 66.60 53.44
N LYS N 499 21.16 67.21 52.30
CA LYS N 499 20.25 68.21 51.75
C LYS N 499 18.95 67.52 51.34
N VAL N 500 19.08 66.35 50.72
CA VAL N 500 17.93 65.56 50.27
C VAL N 500 16.97 65.24 51.42
N THR N 501 17.52 64.63 52.47
CA THR N 501 16.78 64.27 53.67
C THR N 501 16.06 65.47 54.29
N ARG N 502 16.82 66.48 54.70
CA ARG N 502 16.22 67.67 55.30
C ARG N 502 15.06 68.18 54.45
N SER N 503 15.19 68.05 53.13
CA SER N 503 14.14 68.52 52.23
C SER N 503 12.90 67.65 52.26
N ALA N 504 13.09 66.35 51.99
CA ALA N 504 11.98 65.41 51.99
C ALA N 504 11.11 65.61 53.24
N LEU N 505 11.76 65.71 54.40
CA LEU N 505 11.03 65.90 55.64
C LEU N 505 10.26 67.22 55.65
N GLN N 506 11.00 68.33 55.58
CA GLN N 506 10.38 69.65 55.59
C GLN N 506 9.24 69.76 54.59
N ASN N 507 9.40 69.12 53.43
CA ASN N 507 8.37 69.17 52.40
C ASN N 507 7.15 68.38 52.82
N ALA N 508 7.37 67.13 53.25
CA ALA N 508 6.27 66.27 53.69
C ALA N 508 5.49 67.02 54.76
N ALA N 509 6.20 67.43 55.79
CA ALA N 509 5.59 68.16 56.89
C ALA N 509 4.86 69.41 56.41
N SER N 510 5.24 69.92 55.26
CA SER N 510 4.57 71.11 54.78
C SER N 510 3.18 70.70 54.30
N ILE N 511 3.15 69.64 53.51
CA ILE N 511 1.91 69.12 52.97
C ILE N 511 0.98 68.78 54.13
N GLY N 512 1.52 68.11 55.14
CA GLY N 512 0.75 67.76 56.32
C GLY N 512 0.11 68.99 56.92
N ALA N 513 0.92 69.96 57.35
CA ALA N 513 0.37 71.18 57.94
C ALA N 513 -0.65 71.85 57.03
N LEU N 514 -0.42 71.78 55.72
CA LEU N 514 -1.34 72.40 54.77
C LEU N 514 -2.74 71.79 54.88
N ILE N 515 -2.84 70.47 54.76
CA ILE N 515 -4.12 69.78 54.85
C ILE N 515 -4.86 69.99 56.19
N LEU N 516 -4.16 69.86 57.32
CA LEU N 516 -4.79 70.11 58.61
C LEU N 516 -5.38 71.52 58.68
N THR N 517 -4.73 72.47 58.02
CA THR N 517 -5.17 73.86 58.03
C THR N 517 -6.20 74.15 56.94
N THR N 518 -6.56 73.14 56.14
CA THR N 518 -7.53 73.35 55.08
C THR N 518 -8.96 73.27 55.59
N GLU N 519 -9.71 74.33 55.34
CA GLU N 519 -11.10 74.40 55.79
C GLU N 519 -12.12 74.34 54.67
N ALA N 520 -11.65 74.35 53.43
CA ALA N 520 -12.54 74.33 52.29
C ALA N 520 -11.80 74.17 50.97
N VAL N 521 -12.46 73.62 49.95
CA VAL N 521 -11.86 73.45 48.63
C VAL N 521 -12.93 73.70 47.58
N VAL N 522 -12.59 74.50 46.58
CA VAL N 522 -13.53 74.82 45.51
C VAL N 522 -13.04 74.15 44.25
N ALA N 523 -13.65 73.03 43.92
CA ALA N 523 -13.26 72.31 42.73
C ALA N 523 -14.23 72.56 41.57
N GLU N 524 -13.81 72.14 40.37
CA GLU N 524 -14.62 72.23 39.15
C GLU N 524 -15.49 70.99 39.09
N LYS N 525 -16.76 71.23 38.75
CA LYS N 525 -17.73 70.15 38.61
C LYS N 525 -17.40 69.46 37.26
N PRO N 526 -17.70 68.15 37.09
CA PRO N 526 -17.40 67.45 35.84
C PRO N 526 -17.16 68.33 34.60
N GLU N 527 -15.94 68.30 34.10
CA GLU N 527 -15.59 69.11 32.93
C GLU N 527 -16.50 68.75 31.76
N LYS O 5 -86.14 35.48 138.28
CA LYS O 5 -85.97 34.13 138.89
C LYS O 5 -86.91 33.09 138.29
N THR O 6 -86.37 31.89 138.01
CA THR O 6 -87.13 30.78 137.44
C THR O 6 -86.43 29.47 137.82
N VAL O 7 -86.95 28.36 137.32
CA VAL O 7 -86.37 27.03 137.57
C VAL O 7 -86.71 26.11 136.41
N ILE O 8 -85.70 25.55 135.78
CA ILE O 8 -85.90 24.67 134.64
C ILE O 8 -86.38 23.29 135.07
N LYS O 9 -87.43 22.80 134.38
CA LYS O 9 -88.00 21.49 134.69
C LYS O 9 -87.86 20.47 133.58
N PRO O 10 -86.70 19.80 133.51
CA PRO O 10 -86.48 18.79 132.47
C PRO O 10 -87.58 17.71 132.51
N LEU O 11 -87.61 16.85 131.51
CA LEU O 11 -88.60 15.80 131.46
C LEU O 11 -87.87 14.49 131.21
N GLY O 12 -88.57 13.50 130.67
CA GLY O 12 -87.93 12.23 130.39
C GLY O 12 -86.75 12.03 131.32
N ASP O 13 -85.61 11.62 130.81
CA ASP O 13 -84.46 11.47 131.68
C ASP O 13 -83.53 12.67 131.43
N ARG O 14 -84.12 13.72 130.87
CA ARG O 14 -83.40 14.95 130.54
C ARG O 14 -82.76 15.64 131.74
N VAL O 15 -81.52 16.09 131.57
CA VAL O 15 -80.79 16.81 132.61
C VAL O 15 -80.53 18.22 132.07
N VAL O 16 -80.07 19.13 132.94
CA VAL O 16 -79.75 20.47 132.49
C VAL O 16 -78.36 20.85 133.00
N VAL O 17 -77.38 20.72 132.11
CA VAL O 17 -75.97 20.99 132.40
C VAL O 17 -75.52 22.40 132.02
N LYS O 18 -74.49 22.88 132.71
CA LYS O 18 -73.91 24.19 132.43
C LYS O 18 -72.43 23.97 132.11
N ARG O 19 -72.11 23.97 130.82
CA ARG O 19 -70.75 23.76 130.33
C ARG O 19 -69.66 24.40 131.18
N ILE O 20 -68.46 23.82 131.14
CA ILE O 20 -67.31 24.32 131.89
C ILE O 20 -66.18 24.57 130.89
N GLU O 21 -65.74 25.82 130.74
CA GLU O 21 -64.67 26.14 129.80
C GLU O 21 -63.34 25.57 130.32
N GLU O 22 -62.55 24.98 129.44
CA GLU O 22 -61.28 24.43 129.85
C GLU O 22 -60.37 25.56 130.26
N GLU O 23 -59.37 25.21 131.06
CA GLU O 23 -58.39 26.17 131.53
C GLU O 23 -57.74 26.90 130.35
N PRO O 24 -57.24 28.13 130.58
CA PRO O 24 -56.60 28.91 129.52
C PRO O 24 -55.45 28.13 128.95
N LYS O 25 -54.62 27.60 129.85
CA LYS O 25 -53.45 26.83 129.45
C LYS O 25 -53.73 25.35 129.47
N THR O 26 -52.68 24.56 129.36
CA THR O 26 -52.81 23.12 129.39
C THR O 26 -51.96 22.58 130.54
N LYS O 27 -51.76 21.27 130.57
CA LYS O 27 -50.96 20.66 131.62
C LYS O 27 -49.49 21.11 131.54
N GLY O 28 -49.13 21.80 130.46
CA GLY O 28 -47.76 22.24 130.29
C GLY O 28 -47.51 23.73 130.28
N GLY O 29 -48.56 24.53 130.31
CA GLY O 29 -48.38 25.99 130.30
C GLY O 29 -48.67 26.67 128.97
N ILE O 30 -48.67 25.88 127.90
CA ILE O 30 -48.94 26.38 126.56
C ILE O 30 -50.31 27.02 126.40
N VAL O 31 -50.35 28.34 126.36
CA VAL O 31 -51.61 29.04 126.17
C VAL O 31 -52.23 28.71 124.82
N LEU O 32 -53.39 28.07 124.83
CA LEU O 32 -54.07 27.69 123.59
C LEU O 32 -54.91 28.84 123.05
N PRO O 33 -55.04 28.91 121.71
CA PRO O 33 -55.83 29.96 121.05
C PRO O 33 -57.30 29.55 121.10
N ASP O 34 -58.19 30.52 121.36
CA ASP O 34 -59.62 30.19 121.43
C ASP O 34 -60.21 29.71 120.10
N THR O 35 -59.37 29.12 119.28
CA THR O 35 -59.81 28.57 118.02
C THR O 35 -59.45 27.10 118.05
N ALA O 36 -58.40 26.77 118.79
CA ALA O 36 -57.95 25.40 118.92
C ALA O 36 -58.82 24.60 119.89
N LYS O 37 -59.20 25.23 121.00
CA LYS O 37 -60.03 24.58 122.02
C LYS O 37 -61.50 24.56 121.62
N GLU O 38 -62.09 23.37 121.56
CA GLU O 38 -63.49 23.27 121.20
C GLU O 38 -64.38 23.20 122.43
N LYS O 39 -65.69 23.12 122.19
CA LYS O 39 -66.66 23.08 123.27
C LYS O 39 -66.44 21.97 124.29
N PRO O 40 -66.53 22.32 125.59
CA PRO O 40 -66.34 21.38 126.69
C PRO O 40 -67.32 20.22 126.71
N GLN O 41 -66.85 19.08 127.20
CA GLN O 41 -67.67 17.89 127.30
C GLN O 41 -68.04 17.78 128.78
N LYS O 42 -67.86 18.87 129.51
CA LYS O 42 -68.14 18.90 130.93
C LYS O 42 -69.13 19.98 131.35
N GLY O 43 -69.66 19.84 132.56
CA GLY O 43 -70.62 20.80 133.09
C GLY O 43 -71.35 20.25 134.29
N LYS O 44 -71.94 21.15 135.08
CA LYS O 44 -72.68 20.75 136.26
C LYS O 44 -74.17 20.66 136.00
N VAL O 45 -74.80 19.65 136.59
CA VAL O 45 -76.23 19.46 136.44
C VAL O 45 -76.91 20.53 137.29
N ILE O 46 -77.92 21.17 136.72
CA ILE O 46 -78.62 22.21 137.43
C ILE O 46 -80.08 21.84 137.65
N ALA O 47 -80.53 20.77 137.03
CA ALA O 47 -81.91 20.34 137.17
C ALA O 47 -82.09 18.96 136.59
N VAL O 48 -82.28 17.98 137.47
CA VAL O 48 -82.48 16.60 137.04
C VAL O 48 -83.95 16.45 136.70
N GLY O 49 -84.26 15.53 135.79
CA GLY O 49 -85.63 15.33 135.37
C GLY O 49 -86.29 14.09 135.95
N THR O 50 -87.57 13.95 135.63
CA THR O 50 -88.39 12.85 136.12
C THR O 50 -87.93 11.40 135.92
N GLY O 51 -86.84 11.12 135.25
CA GLY O 51 -86.49 9.72 135.07
C GLY O 51 -87.29 9.15 133.91
N ARG O 52 -86.71 8.18 133.20
CA ARG O 52 -87.36 7.60 132.03
C ARG O 52 -88.43 6.57 132.35
N VAL O 53 -89.63 6.79 131.84
CA VAL O 53 -90.74 5.86 132.07
C VAL O 53 -90.53 4.57 131.27
N LEU O 54 -90.02 3.56 131.98
CA LEU O 54 -89.74 2.24 131.40
C LEU O 54 -90.99 1.61 130.77
N GLU O 55 -90.85 0.36 130.32
CA GLU O 55 -91.96 -0.34 129.69
C GLU O 55 -93.05 -0.77 130.69
N ASN O 56 -92.66 -0.88 131.97
CA ASN O 56 -93.59 -1.26 133.04
C ASN O 56 -94.03 -0.03 133.82
N GLY O 57 -94.14 1.11 133.16
CA GLY O 57 -94.55 2.30 133.88
C GLY O 57 -93.63 2.65 135.04
N GLN O 58 -92.48 1.99 135.12
CA GLN O 58 -91.51 2.24 136.19
C GLN O 58 -90.56 3.38 135.80
N ARG O 59 -90.56 4.46 136.57
CA ARG O 59 -89.67 5.58 136.28
C ARG O 59 -88.31 5.44 136.95
N VAL O 60 -87.32 4.99 136.19
CA VAL O 60 -85.97 4.83 136.69
C VAL O 60 -85.37 6.21 136.89
N PRO O 61 -85.00 6.54 138.13
CA PRO O 61 -84.40 7.85 138.40
C PRO O 61 -82.99 7.99 137.83
N LEU O 62 -82.65 9.22 137.45
CA LEU O 62 -81.37 9.54 136.85
C LEU O 62 -80.20 9.27 137.78
N GLU O 63 -79.21 8.51 137.32
CA GLU O 63 -78.05 8.18 138.15
C GLU O 63 -77.26 9.44 138.49
N VAL O 64 -77.81 10.60 138.15
CA VAL O 64 -77.14 11.86 138.40
C VAL O 64 -77.87 12.83 139.35
N LYS O 65 -77.16 13.23 140.40
CA LYS O 65 -77.67 14.15 141.40
C LYS O 65 -77.67 15.58 140.88
N GLU O 66 -78.48 16.42 141.49
CA GLU O 66 -78.61 17.80 141.07
C GLU O 66 -77.44 18.70 141.46
N GLY O 67 -76.37 18.63 140.67
CA GLY O 67 -75.19 19.45 140.95
C GLY O 67 -73.86 18.77 140.69
N ASP O 68 -73.87 17.62 140.03
CA ASP O 68 -72.63 16.89 139.76
C ASP O 68 -71.91 17.37 138.51
N ILE O 69 -70.66 16.91 138.37
CA ILE O 69 -69.80 17.24 137.23
C ILE O 69 -69.94 16.10 136.21
N VAL O 70 -70.65 16.38 135.11
CA VAL O 70 -70.90 15.38 134.07
C VAL O 70 -70.04 15.44 132.81
N VAL O 71 -69.76 14.27 132.27
CA VAL O 71 -68.99 14.13 131.05
C VAL O 71 -69.91 13.56 129.96
N PHE O 72 -70.11 14.32 128.90
CA PHE O 72 -70.99 13.91 127.81
C PHE O 72 -70.40 14.16 126.44
N ALA O 73 -70.86 13.42 125.44
CA ALA O 73 -70.38 13.59 124.07
C ALA O 73 -70.86 14.95 123.57
N LYS O 74 -70.07 15.98 123.88
CA LYS O 74 -70.33 17.39 123.52
C LYS O 74 -71.18 17.68 122.29
N TYR O 75 -71.12 16.80 121.30
CA TYR O 75 -71.87 17.01 120.06
C TYR O 75 -73.39 16.94 120.16
N GLY O 76 -73.92 16.10 121.04
CA GLY O 76 -75.37 15.95 121.17
C GLY O 76 -76.06 16.79 122.22
N GLY O 77 -77.40 16.74 122.19
CA GLY O 77 -78.21 17.48 123.14
C GLY O 77 -78.47 18.94 122.81
N THR O 78 -79.74 19.33 122.79
CA THR O 78 -80.13 20.71 122.50
C THR O 78 -79.51 21.68 123.51
N GLU O 79 -79.44 22.95 123.13
CA GLU O 79 -78.86 23.97 124.00
C GLU O 79 -79.80 25.17 124.00
N ILE O 80 -79.92 25.84 125.15
CA ILE O 80 -80.76 27.01 125.26
C ILE O 80 -80.27 27.95 126.36
N GLU O 81 -80.68 29.21 126.24
CA GLU O 81 -80.32 30.25 127.20
C GLU O 81 -81.58 30.68 127.94
N ILE O 82 -81.40 31.20 129.16
CA ILE O 82 -82.53 31.66 129.98
C ILE O 82 -82.10 32.79 130.90
N ASP O 83 -82.78 33.93 130.79
CA ASP O 83 -82.47 35.09 131.61
C ASP O 83 -80.99 35.42 131.54
N GLY O 84 -80.43 35.38 130.33
CA GLY O 84 -79.02 35.67 130.16
C GLY O 84 -78.10 34.59 130.69
N GLU O 85 -78.17 33.42 130.08
CA GLU O 85 -77.33 32.29 130.49
C GLU O 85 -77.73 31.08 129.67
N GLU O 86 -76.76 30.40 129.07
CA GLU O 86 -77.05 29.24 128.23
C GLU O 86 -76.65 27.90 128.86
N TYR O 87 -77.52 26.89 128.68
CA TYR O 87 -77.28 25.55 129.19
C TYR O 87 -77.60 24.49 128.13
N VAL O 88 -77.34 23.22 128.47
CA VAL O 88 -77.57 22.12 127.54
C VAL O 88 -78.51 21.04 128.07
N ILE O 89 -79.62 20.82 127.37
CA ILE O 89 -80.60 19.81 127.76
C ILE O 89 -80.23 18.45 127.14
N LEU O 90 -79.45 17.68 127.88
CA LEU O 90 -79.01 16.36 127.42
C LEU O 90 -79.89 15.25 127.96
N SER O 91 -79.83 14.09 127.33
CA SER O 91 -80.59 12.93 127.78
C SER O 91 -79.63 12.07 128.58
N GLU O 92 -80.13 10.98 129.12
CA GLU O 92 -79.32 10.07 129.92
C GLU O 92 -78.31 9.37 129.02
N ARG O 93 -78.70 9.15 127.78
CA ARG O 93 -77.82 8.49 126.82
C ARG O 93 -76.55 9.31 126.67
N ASP O 94 -76.74 10.61 126.47
CA ASP O 94 -75.62 11.52 126.28
C ASP O 94 -74.67 11.60 127.46
N LEU O 95 -75.17 11.32 128.67
CA LEU O 95 -74.32 11.36 129.86
C LEU O 95 -73.43 10.12 129.88
N LEU O 96 -72.12 10.34 129.84
CA LEU O 96 -71.14 9.25 129.80
C LEU O 96 -70.60 8.85 131.17
N ALA O 97 -70.40 9.83 132.05
CA ALA O 97 -69.89 9.57 133.39
C ALA O 97 -69.90 10.81 134.26
N VAL O 98 -69.46 10.64 135.50
CA VAL O 98 -69.42 11.75 136.45
C VAL O 98 -68.04 11.88 137.09
N LEU O 99 -67.59 13.11 137.26
CA LEU O 99 -66.30 13.39 137.85
C LEU O 99 -66.39 13.57 139.35
N GLN O 100 -65.69 12.69 140.08
CA GLN O 100 -65.66 12.72 141.54
C GLN O 100 -64.33 13.28 142.06
N VAL P 7 -62.90 9.80 141.82
CA VAL P 7 -62.22 9.41 140.55
C VAL P 7 -63.20 9.49 139.39
N ILE P 8 -63.15 8.47 138.55
CA ILE P 8 -64.02 8.40 137.39
C ILE P 8 -65.23 7.50 137.67
N LYS P 9 -66.40 8.09 137.53
CA LYS P 9 -67.62 7.33 137.74
C LYS P 9 -68.42 7.20 136.45
N PRO P 10 -68.25 6.07 135.75
CA PRO P 10 -68.95 5.79 134.50
C PRO P 10 -70.45 5.57 134.74
N LEU P 11 -71.26 5.70 133.69
CA LEU P 11 -72.70 5.51 133.82
C LEU P 11 -73.19 4.33 132.99
N GLY P 12 -74.47 4.36 132.61
CA GLY P 12 -75.05 3.28 131.81
C GLY P 12 -74.27 2.00 132.01
N ASP P 13 -73.71 1.43 130.97
CA ASP P 13 -72.92 0.23 131.13
C ASP P 13 -71.50 0.62 130.78
N ARG P 14 -71.22 1.91 130.90
CA ARG P 14 -69.91 2.46 130.58
C ARG P 14 -68.76 1.99 131.45
N VAL P 15 -67.66 1.64 130.79
CA VAL P 15 -66.45 1.19 131.45
C VAL P 15 -65.39 2.27 131.19
N VAL P 16 -64.28 2.19 131.90
CA VAL P 16 -63.19 3.14 131.72
C VAL P 16 -61.90 2.34 131.55
N VAL P 17 -61.44 2.27 130.31
CA VAL P 17 -60.23 1.54 129.97
C VAL P 17 -59.02 2.42 129.79
N LYS P 18 -57.85 1.83 129.98
CA LYS P 18 -56.59 2.53 129.82
C LYS P 18 -55.74 1.75 128.81
N ARG P 19 -55.79 2.19 127.55
CA ARG P 19 -55.09 1.56 126.43
C ARG P 19 -53.72 0.94 126.78
N ILE P 20 -53.39 -0.16 126.10
CA ILE P 20 -52.11 -0.87 126.31
C ILE P 20 -51.22 -0.68 125.08
N GLU P 21 -50.01 -0.22 125.32
CA GLU P 21 -49.04 0.09 124.25
C GLU P 21 -48.44 -0.95 123.30
N GLU P 22 -49.15 -1.98 122.83
CA GLU P 22 -48.52 -2.99 121.95
C GLU P 22 -47.03 -3.17 122.24
N GLU P 23 -46.39 -4.03 121.47
CA GLU P 23 -44.98 -4.33 121.68
C GLU P 23 -44.09 -3.59 120.70
N PRO P 24 -42.87 -3.27 121.15
CA PRO P 24 -41.91 -2.55 120.32
C PRO P 24 -41.70 -3.36 119.04
N LYS P 25 -41.44 -4.66 119.22
CA LYS P 25 -41.23 -5.57 118.09
C LYS P 25 -42.51 -6.36 117.82
N THR P 26 -42.46 -7.30 116.87
CA THR P 26 -43.61 -8.14 116.56
C THR P 26 -43.19 -9.56 116.90
N LYS P 27 -43.86 -10.55 116.35
CA LYS P 27 -43.50 -11.93 116.64
C LYS P 27 -42.26 -12.35 115.84
N GLY P 28 -41.86 -11.52 114.88
CA GLY P 28 -40.69 -11.79 114.07
C GLY P 28 -39.47 -11.01 114.55
N GLY P 29 -39.69 -10.11 115.52
CA GLY P 29 -38.60 -9.29 116.04
C GLY P 29 -38.52 -7.97 115.31
N ILE P 30 -39.35 -7.84 114.28
CA ILE P 30 -39.40 -6.65 113.45
C ILE P 30 -39.82 -5.38 114.16
N VAL P 31 -38.85 -4.63 114.67
CA VAL P 31 -39.13 -3.39 115.36
C VAL P 31 -39.99 -2.48 114.47
N LEU P 32 -41.20 -2.20 114.93
CA LEU P 32 -42.07 -1.35 114.12
C LEU P 32 -41.88 0.11 114.44
N PRO P 33 -41.93 0.95 113.41
CA PRO P 33 -41.73 2.40 113.62
C PRO P 33 -43.02 2.92 114.22
N ASP P 34 -42.92 3.97 115.00
CA ASP P 34 -44.10 4.56 115.65
C ASP P 34 -45.15 5.04 114.67
N THR P 35 -44.83 5.04 113.38
CA THR P 35 -45.78 5.49 112.41
C THR P 35 -46.65 4.35 111.95
N ALA P 36 -46.09 3.14 112.04
CA ALA P 36 -46.79 1.93 111.64
C ALA P 36 -47.79 1.43 112.67
N LYS P 37 -47.44 1.52 113.95
CA LYS P 37 -48.34 1.06 115.02
C LYS P 37 -49.55 1.92 115.17
N GLU P 38 -50.70 1.26 115.28
CA GLU P 38 -51.97 1.92 115.43
C GLU P 38 -52.27 1.95 116.91
N LYS P 39 -53.41 2.52 117.20
CA LYS P 39 -53.82 2.60 118.58
C LYS P 39 -54.37 1.22 119.06
N PRO P 40 -53.95 0.80 120.23
CA PRO P 40 -54.35 -0.46 120.80
C PRO P 40 -55.86 -0.68 120.96
N GLN P 41 -56.26 -1.94 120.83
CA GLN P 41 -57.70 -2.27 120.94
C GLN P 41 -57.77 -2.97 122.29
N LYS P 42 -56.75 -2.77 123.15
CA LYS P 42 -56.71 -3.39 124.45
C LYS P 42 -56.57 -2.36 125.57
N GLY P 43 -56.77 -2.82 126.81
CA GLY P 43 -56.65 -1.96 127.96
C GLY P 43 -57.32 -2.54 129.19
N LYS P 44 -56.89 -2.09 130.37
CA LYS P 44 -57.45 -2.56 131.62
C LYS P 44 -58.59 -1.67 132.07
N VAL P 45 -59.64 -2.28 132.60
CA VAL P 45 -60.79 -1.53 133.09
C VAL P 45 -60.35 -0.89 134.39
N ILE P 46 -60.68 0.38 134.56
CA ILE P 46 -60.29 1.08 135.77
C ILE P 46 -61.52 1.59 136.53
N ALA P 47 -62.68 1.48 135.91
CA ALA P 47 -63.91 1.93 136.56
C ALA P 47 -65.16 1.41 135.86
N VAL P 48 -65.76 0.36 136.41
CA VAL P 48 -66.97 -0.22 135.85
C VAL P 48 -68.16 0.66 136.29
N GLY P 49 -69.24 0.67 135.51
CA GLY P 49 -70.41 1.48 135.84
C GLY P 49 -71.60 0.68 136.35
N THR P 50 -72.67 1.36 136.74
CA THR P 50 -73.84 0.66 137.27
C THR P 50 -74.44 -0.49 136.47
N GLY P 51 -74.30 -0.54 135.17
CA GLY P 51 -74.93 -1.62 134.45
C GLY P 51 -76.13 -1.03 133.74
N ARG P 52 -76.51 -1.65 132.63
CA ARG P 52 -77.61 -1.15 131.82
C ARG P 52 -79.00 -1.43 132.37
N VAL P 53 -79.76 -0.36 132.59
CA VAL P 53 -81.12 -0.49 133.09
C VAL P 53 -82.00 -1.08 131.99
N LEU P 54 -82.36 -2.35 132.14
CA LEU P 54 -83.18 -3.07 131.17
C LEU P 54 -84.61 -2.54 131.04
N GLU P 55 -85.41 -3.18 130.18
CA GLU P 55 -86.79 -2.76 129.95
C GLU P 55 -87.69 -2.91 131.17
N ASN P 56 -87.23 -3.68 132.16
CA ASN P 56 -87.99 -3.88 133.39
C ASN P 56 -87.22 -3.46 134.63
N GLY P 57 -86.62 -2.26 134.58
CA GLY P 57 -85.87 -1.71 135.70
C GLY P 57 -84.75 -2.60 136.19
N GLN P 58 -84.45 -3.60 135.39
CA GLN P 58 -83.43 -4.60 135.65
C GLN P 58 -82.03 -4.12 135.25
N ARG P 59 -81.17 -3.80 136.23
CA ARG P 59 -79.81 -3.36 135.90
C ARG P 59 -78.82 -4.52 135.74
N VAL P 60 -78.60 -4.93 134.51
CA VAL P 60 -77.68 -6.01 134.21
C VAL P 60 -76.25 -5.55 134.46
N PRO P 61 -75.55 -6.19 135.41
CA PRO P 61 -74.17 -5.85 135.73
C PRO P 61 -73.24 -6.14 134.56
N LEU P 62 -72.20 -5.34 134.41
CA LEU P 62 -71.24 -5.51 133.33
C LEU P 62 -70.47 -6.82 133.51
N GLU P 63 -70.41 -7.63 132.46
CA GLU P 63 -69.69 -8.89 132.54
C GLU P 63 -68.19 -8.69 132.76
N VAL P 64 -67.76 -7.44 133.02
CA VAL P 64 -66.34 -7.14 133.21
C VAL P 64 -65.99 -6.57 134.57
N LYS P 65 -65.02 -7.23 135.21
CA LYS P 65 -64.55 -6.84 136.54
C LYS P 65 -63.65 -5.62 136.45
N GLU P 66 -63.63 -4.86 137.53
CA GLU P 66 -62.82 -3.66 137.59
C GLU P 66 -61.33 -3.99 137.62
N GLY P 67 -60.76 -4.24 136.44
CA GLY P 67 -59.34 -4.56 136.38
C GLY P 67 -58.91 -5.56 135.32
N ASP P 68 -59.85 -6.00 134.49
CA ASP P 68 -59.54 -6.98 133.44
C ASP P 68 -58.90 -6.37 132.19
N ILE P 69 -58.39 -7.25 131.32
CA ILE P 69 -57.78 -6.85 130.06
C ILE P 69 -58.86 -6.97 129.00
N VAL P 70 -59.34 -5.84 128.49
CA VAL P 70 -60.42 -5.83 127.49
C VAL P 70 -60.05 -5.57 126.04
N VAL P 71 -60.75 -6.26 125.14
CA VAL P 71 -60.57 -6.14 123.70
C VAL P 71 -61.78 -5.42 123.11
N PHE P 72 -61.56 -4.29 122.47
CA PHE P 72 -62.66 -3.54 121.90
C PHE P 72 -62.34 -3.00 120.52
N ALA P 73 -63.38 -2.64 119.77
CA ALA P 73 -63.20 -2.09 118.43
C ALA P 73 -62.63 -0.69 118.60
N LYS P 74 -61.29 -0.63 118.68
CA LYS P 74 -60.50 0.59 118.87
C LYS P 74 -61.06 1.91 118.35
N TYR P 75 -61.92 1.82 117.34
CA TYR P 75 -62.50 3.02 116.75
C TYR P 75 -63.57 3.75 117.56
N GLY P 76 -64.43 3.00 118.27
CA GLY P 76 -65.49 3.62 119.05
C GLY P 76 -65.19 3.96 120.50
N GLY P 77 -66.08 4.76 121.10
CA GLY P 77 -65.93 5.15 122.50
C GLY P 77 -65.13 6.43 122.75
N THR P 78 -65.73 7.40 123.43
CA THR P 78 -65.06 8.68 123.73
C THR P 78 -63.79 8.51 124.56
N GLU P 79 -62.85 9.44 124.39
CA GLU P 79 -61.58 9.41 125.11
C GLU P 79 -61.40 10.74 125.85
N ILE P 80 -60.74 10.70 127.00
CA ILE P 80 -60.50 11.90 127.78
C ILE P 80 -59.25 11.69 128.64
N GLU P 81 -58.77 12.79 129.23
CA GLU P 81 -57.61 12.76 130.12
C GLU P 81 -57.96 13.39 131.47
N ILE P 82 -57.31 12.90 132.53
CA ILE P 82 -57.55 13.39 133.88
C ILE P 82 -56.26 13.40 134.68
N ASP P 83 -55.97 14.55 135.28
CA ASP P 83 -54.77 14.70 136.11
C ASP P 83 -53.52 14.11 135.43
N GLY P 84 -53.36 14.41 134.14
CA GLY P 84 -52.22 13.93 133.40
C GLY P 84 -52.29 12.44 133.09
N GLU P 85 -53.28 12.06 132.29
CA GLU P 85 -53.46 10.66 131.93
C GLU P 85 -54.74 10.52 131.12
N GLU P 86 -54.67 9.83 129.97
CA GLU P 86 -55.85 9.65 129.13
C GLU P 86 -56.42 8.24 129.09
N TYR P 87 -57.75 8.13 129.13
CA TYR P 87 -58.45 6.84 129.09
C TYR P 87 -59.60 6.89 128.08
N VAL P 88 -60.28 5.76 127.93
CA VAL P 88 -61.40 5.67 127.00
C VAL P 88 -62.67 5.22 127.69
N ILE P 89 -63.75 5.97 127.45
CA ILE P 89 -65.08 5.69 128.01
C ILE P 89 -65.88 4.90 126.98
N LEU P 90 -65.79 3.57 127.08
CA LEU P 90 -66.48 2.67 126.17
C LEU P 90 -67.79 2.15 126.78
N SER P 91 -68.66 1.59 125.94
CA SER P 91 -69.92 1.00 126.37
C SER P 91 -69.74 -0.51 126.31
N GLU P 92 -70.78 -1.25 126.64
CA GLU P 92 -70.73 -2.70 126.61
C GLU P 92 -70.52 -3.17 125.19
N ARG P 93 -71.29 -2.57 124.29
CA ARG P 93 -71.23 -2.91 122.88
C ARG P 93 -69.81 -2.97 122.36
N ASP P 94 -69.06 -1.90 122.64
CA ASP P 94 -67.69 -1.79 122.19
C ASP P 94 -66.78 -2.86 122.81
N LEU P 95 -67.17 -3.40 123.96
CA LEU P 95 -66.39 -4.45 124.62
C LEU P 95 -66.65 -5.76 123.88
N LEU P 96 -65.59 -6.29 123.27
CA LEU P 96 -65.71 -7.51 122.48
C LEU P 96 -65.32 -8.78 123.24
N ALA P 97 -64.34 -8.68 124.13
CA ALA P 97 -63.88 -9.84 124.87
C ALA P 97 -62.95 -9.46 126.01
N VAL P 98 -62.40 -10.47 126.68
CA VAL P 98 -61.49 -10.24 127.79
C VAL P 98 -60.33 -11.24 127.70
N LEU P 99 -59.12 -10.77 127.95
CA LEU P 99 -57.95 -11.65 127.88
C LEU P 99 -57.57 -12.24 129.22
N GLN P 100 -57.52 -13.57 129.27
CA GLN P 100 -57.20 -14.31 130.49
C GLN P 100 -55.80 -14.93 130.38
N LYS Q 5 -48.44 -16.72 126.91
CA LYS Q 5 -49.73 -17.36 126.53
C LYS Q 5 -50.92 -16.57 127.08
N THR Q 6 -52.05 -16.66 126.37
CA THR Q 6 -53.27 -15.98 126.78
C THR Q 6 -54.47 -16.78 126.26
N VAL Q 7 -55.67 -16.32 126.62
CA VAL Q 7 -56.90 -16.96 126.18
C VAL Q 7 -57.95 -15.87 126.01
N ILE Q 8 -58.80 -16.01 125.01
CA ILE Q 8 -59.82 -15.01 124.72
C ILE Q 8 -61.14 -15.29 125.41
N LYS Q 9 -61.70 -14.24 126.01
CA LYS Q 9 -62.97 -14.34 126.70
C LYS Q 9 -64.01 -13.41 126.09
N PRO Q 10 -64.71 -13.88 125.05
CA PRO Q 10 -65.76 -13.09 124.39
C PRO Q 10 -66.89 -12.72 125.34
N LEU Q 11 -67.75 -11.79 124.93
CA LEU Q 11 -68.86 -11.37 125.78
C LEU Q 11 -70.21 -11.65 125.14
N GLY Q 12 -71.20 -10.80 125.44
CA GLY Q 12 -72.55 -10.96 124.89
C GLY Q 12 -72.73 -12.36 124.35
N ASP Q 13 -72.85 -12.52 123.04
CA ASP Q 13 -73.00 -13.84 122.45
C ASP Q 13 -71.88 -13.93 121.41
N ARG Q 14 -70.84 -13.14 121.66
CA ARG Q 14 -69.70 -13.08 120.78
C ARG Q 14 -68.87 -14.35 120.77
N VAL Q 15 -68.54 -14.80 119.57
CA VAL Q 15 -67.70 -15.98 119.42
C VAL Q 15 -66.35 -15.46 118.92
N VAL Q 16 -65.38 -16.36 118.83
CA VAL Q 16 -64.06 -15.98 118.34
C VAL Q 16 -63.64 -17.01 117.29
N VAL Q 17 -63.80 -16.63 116.03
CA VAL Q 17 -63.48 -17.49 114.90
C VAL Q 17 -62.10 -17.21 114.30
N LYS Q 18 -61.55 -18.23 113.64
CA LYS Q 18 -60.25 -18.13 113.00
C LYS Q 18 -60.43 -18.49 111.52
N ARG Q 19 -60.61 -17.49 110.67
CA ARG Q 19 -60.81 -17.67 109.23
C ARG Q 19 -60.07 -18.87 108.64
N ILE Q 20 -60.61 -19.38 107.52
CA ILE Q 20 -60.02 -20.51 106.80
C ILE Q 20 -59.85 -20.08 105.33
N GLU Q 21 -58.59 -20.05 104.88
CA GLU Q 21 -58.31 -19.65 103.50
C GLU Q 21 -58.84 -20.72 102.55
N GLU Q 22 -59.46 -20.28 101.46
CA GLU Q 22 -59.98 -21.23 100.48
C GLU Q 22 -58.81 -21.93 99.82
N GLU Q 23 -59.07 -23.11 99.30
CA GLU Q 23 -58.05 -23.89 98.64
C GLU Q 23 -57.40 -23.03 97.55
N PRO Q 24 -56.14 -23.34 97.21
CA PRO Q 24 -55.41 -22.59 96.18
C PRO Q 24 -56.14 -22.67 94.84
N LYS Q 25 -56.68 -23.85 94.54
CA LYS Q 25 -57.43 -24.10 93.32
C LYS Q 25 -58.94 -24.17 93.58
N THR Q 26 -59.72 -24.34 92.53
CA THR Q 26 -61.15 -24.41 92.67
C THR Q 26 -61.61 -25.85 92.38
N LYS Q 27 -62.92 -26.03 92.20
CA LYS Q 27 -63.48 -27.35 91.90
C LYS Q 27 -63.06 -27.80 90.49
N GLY Q 28 -62.42 -26.89 89.76
CA GLY Q 28 -61.99 -27.20 88.41
C GLY Q 28 -60.49 -27.28 88.26
N GLY Q 29 -59.76 -26.86 89.28
CA GLY Q 29 -58.30 -26.90 89.23
C GLY Q 29 -57.64 -25.57 88.93
N ILE Q 30 -58.47 -24.58 88.61
CA ILE Q 30 -58.01 -23.23 88.28
C ILE Q 30 -57.44 -22.49 89.48
N VAL Q 31 -56.16 -22.19 89.40
CA VAL Q 31 -55.49 -21.43 90.46
C VAL Q 31 -55.91 -19.98 90.37
N LEU Q 32 -56.62 -19.51 91.38
CA LEU Q 32 -57.08 -18.12 91.39
C LEU Q 32 -56.01 -17.16 91.88
N PRO Q 33 -56.04 -15.92 91.39
CA PRO Q 33 -55.05 -14.92 91.80
C PRO Q 33 -55.48 -14.37 93.14
N ASP Q 34 -54.54 -14.25 94.07
CA ASP Q 34 -54.88 -13.75 95.40
C ASP Q 34 -55.56 -12.39 95.37
N THR Q 35 -55.88 -11.89 94.19
CA THR Q 35 -56.59 -10.62 94.10
C THR Q 35 -58.06 -10.94 93.87
N ALA Q 36 -58.29 -12.07 93.21
CA ALA Q 36 -59.65 -12.52 92.89
C ALA Q 36 -60.33 -13.16 94.10
N LYS Q 37 -59.58 -13.91 94.88
CA LYS Q 37 -60.12 -14.57 96.06
C LYS Q 37 -60.19 -13.64 97.25
N GLU Q 38 -61.40 -13.43 97.73
CA GLU Q 38 -61.67 -12.55 98.86
C GLU Q 38 -61.60 -13.28 100.19
N LYS Q 39 -61.81 -12.53 101.27
CA LYS Q 39 -61.75 -13.08 102.61
C LYS Q 39 -62.79 -14.16 102.84
N PRO Q 40 -62.35 -15.30 103.38
CA PRO Q 40 -63.23 -16.43 103.65
C PRO Q 40 -64.38 -16.06 104.58
N GLN Q 41 -65.48 -16.79 104.45
CA GLN Q 41 -66.64 -16.57 105.28
C GLN Q 41 -66.71 -17.74 106.25
N LYS Q 42 -65.60 -18.48 106.37
CA LYS Q 42 -65.54 -19.64 107.24
C LYS Q 42 -64.47 -19.54 108.32
N GLY Q 43 -64.54 -20.45 109.28
CA GLY Q 43 -63.59 -20.48 110.38
C GLY Q 43 -64.08 -21.30 111.56
N LYS Q 44 -63.16 -21.73 112.42
CA LYS Q 44 -63.51 -22.51 113.60
C LYS Q 44 -63.65 -21.60 114.82
N VAL Q 45 -64.57 -21.94 115.71
CA VAL Q 45 -64.75 -21.14 116.91
C VAL Q 45 -63.67 -21.59 117.86
N ILE Q 46 -63.04 -20.63 118.52
CA ILE Q 46 -61.97 -20.93 119.44
C ILE Q 46 -62.37 -20.50 120.84
N ALA Q 47 -63.46 -19.76 120.95
CA ALA Q 47 -63.92 -19.28 122.24
C ALA Q 47 -65.33 -18.72 122.21
N VAL Q 48 -66.29 -19.49 122.73
CA VAL Q 48 -67.68 -19.05 122.79
C VAL Q 48 -67.85 -18.16 124.02
N GLY Q 49 -68.82 -17.27 123.99
CA GLY Q 49 -69.03 -16.40 125.12
C GLY Q 49 -70.24 -16.73 125.98
N THR Q 50 -70.47 -15.89 126.96
CA THR Q 50 -71.59 -16.02 127.89
C THR Q 50 -72.89 -16.47 127.24
N GLY Q 51 -73.46 -15.64 126.40
CA GLY Q 51 -74.73 -15.98 125.78
C GLY Q 51 -75.46 -14.68 125.95
N ARG Q 52 -76.37 -14.37 125.04
CA ARG Q 52 -77.08 -13.11 125.13
C ARG Q 52 -78.10 -13.05 126.25
N VAL Q 53 -78.02 -11.98 127.04
CA VAL Q 53 -78.94 -11.76 128.14
C VAL Q 53 -80.25 -11.17 127.64
N LEU Q 54 -81.28 -12.01 127.48
CA LEU Q 54 -82.59 -11.59 127.00
C LEU Q 54 -83.24 -10.47 127.82
N GLU Q 55 -84.56 -10.39 127.69
CA GLU Q 55 -85.40 -9.41 128.39
C GLU Q 55 -85.71 -9.84 129.83
N ASN Q 56 -85.75 -11.15 130.07
CA ASN Q 56 -86.04 -11.64 131.40
C ASN Q 56 -84.77 -12.28 131.97
N GLY Q 57 -83.65 -11.59 131.79
CA GLY Q 57 -82.37 -12.03 132.30
C GLY Q 57 -81.91 -13.40 131.86
N GLN Q 58 -82.64 -14.01 130.94
CA GLN Q 58 -82.33 -15.34 130.46
C GLN Q 58 -81.10 -15.35 129.53
N ARG Q 59 -80.02 -16.03 129.92
CA ARG Q 59 -78.84 -16.11 129.06
C ARG Q 59 -78.87 -17.31 128.10
N VAL Q 60 -79.38 -17.05 126.90
CA VAL Q 60 -79.47 -18.09 125.88
C VAL Q 60 -78.07 -18.52 125.43
N PRO Q 61 -77.71 -19.79 125.63
CA PRO Q 61 -76.38 -20.26 125.21
C PRO Q 61 -76.26 -20.16 123.70
N LEU Q 62 -75.03 -20.00 123.22
CA LEU Q 62 -74.82 -19.91 121.77
C LEU Q 62 -74.94 -21.28 121.12
N GLU Q 63 -75.78 -21.37 120.09
CA GLU Q 63 -75.99 -22.63 119.39
C GLU Q 63 -74.69 -23.21 118.85
N VAL Q 64 -73.57 -22.51 119.08
CA VAL Q 64 -72.29 -22.96 118.58
C VAL Q 64 -71.32 -23.46 119.64
N LYS Q 65 -70.73 -24.62 119.36
CA LYS Q 65 -69.78 -25.27 120.24
C LYS Q 65 -68.38 -24.72 120.02
N GLU Q 66 -67.56 -24.80 121.06
CA GLU Q 66 -66.19 -24.31 121.01
C GLU Q 66 -65.30 -25.14 120.10
N GLY Q 67 -65.40 -24.92 118.79
CA GLY Q 67 -64.58 -25.65 117.84
C GLY Q 67 -65.24 -26.07 116.53
N ASP Q 68 -66.41 -25.50 116.24
CA ASP Q 68 -67.14 -25.85 115.02
C ASP Q 68 -66.71 -25.00 113.84
N ILE Q 69 -67.12 -25.42 112.65
CA ILE Q 69 -66.85 -24.71 111.41
C ILE Q 69 -68.06 -23.82 111.19
N VAL Q 70 -67.88 -22.51 111.26
CA VAL Q 70 -68.99 -21.59 111.10
C VAL Q 70 -68.98 -20.75 109.81
N VAL Q 71 -70.18 -20.43 109.33
CA VAL Q 71 -70.37 -19.63 108.12
C VAL Q 71 -70.98 -18.29 108.52
N PHE Q 72 -70.31 -17.19 108.17
CA PHE Q 72 -70.80 -15.86 108.51
C PHE Q 72 -70.64 -14.87 107.37
N ALA Q 73 -71.40 -13.78 107.45
CA ALA Q 73 -71.33 -12.74 106.44
C ALA Q 73 -69.99 -12.01 106.61
N LYS Q 74 -68.94 -12.61 106.04
CA LYS Q 74 -67.56 -12.12 106.09
C LYS Q 74 -67.34 -10.63 106.35
N TYR Q 75 -68.30 -9.80 105.93
CA TYR Q 75 -68.18 -8.36 106.07
C TYR Q 75 -68.30 -7.75 107.48
N GLY Q 76 -69.10 -8.34 108.36
CA GLY Q 76 -69.24 -7.79 109.69
C GLY Q 76 -68.36 -8.40 110.77
N GLY Q 77 -68.36 -7.77 111.95
CA GLY Q 77 -67.59 -8.28 113.06
C GLY Q 77 -66.12 -7.88 113.13
N THR Q 78 -65.74 -7.20 114.20
CA THR Q 78 -64.36 -6.76 114.41
C THR Q 78 -63.33 -7.89 114.28
N GLU Q 79 -62.09 -7.52 113.95
CA GLU Q 79 -60.99 -8.47 113.80
C GLU Q 79 -59.82 -7.99 114.63
N ILE Q 80 -59.06 -8.93 115.18
CA ILE Q 80 -57.93 -8.59 116.03
C ILE Q 80 -56.90 -9.70 116.08
N GLU Q 81 -55.67 -9.33 116.45
CA GLU Q 81 -54.58 -10.27 116.55
C GLU Q 81 -54.14 -10.40 118.01
N ILE Q 82 -53.57 -11.55 118.34
CA ILE Q 82 -53.09 -11.82 119.69
C ILE Q 82 -51.92 -12.79 119.67
N ASP Q 83 -50.78 -12.34 120.19
CA ASP Q 83 -49.58 -13.17 120.24
C ASP Q 83 -49.28 -13.78 118.89
N GLY Q 84 -49.28 -12.92 117.86
CA GLY Q 84 -48.99 -13.40 116.53
C GLY Q 84 -50.06 -14.32 115.96
N GLU Q 85 -51.26 -13.78 115.77
CA GLU Q 85 -52.38 -14.54 115.23
C GLU Q 85 -53.64 -13.70 115.25
N GLU Q 86 -54.32 -13.61 114.11
CA GLU Q 86 -55.54 -12.81 114.02
C GLU Q 86 -56.84 -13.61 113.91
N TYR Q 87 -57.89 -13.13 114.57
CA TYR Q 87 -59.19 -13.78 114.53
C TYR Q 87 -60.29 -12.74 114.40
N VAL Q 88 -61.53 -13.22 114.39
CA VAL Q 88 -62.66 -12.30 114.26
C VAL Q 88 -63.70 -12.51 115.35
N ILE Q 89 -64.01 -11.42 116.05
CA ILE Q 89 -64.99 -11.43 117.12
C ILE Q 89 -66.38 -11.12 116.55
N LEU Q 90 -67.09 -12.16 116.15
CA LEU Q 90 -68.42 -12.03 115.57
C LEU Q 90 -69.54 -12.23 116.59
N SER Q 91 -70.71 -11.67 116.27
CA SER Q 91 -71.86 -11.83 117.14
C SER Q 91 -72.64 -13.03 116.65
N GLU Q 92 -73.74 -13.33 117.32
CA GLU Q 92 -74.56 -14.46 116.95
C GLU Q 92 -75.24 -14.12 115.63
N ARG Q 93 -75.68 -12.86 115.50
CA ARG Q 93 -76.34 -12.42 114.29
C ARG Q 93 -75.49 -12.81 113.10
N ASP Q 94 -74.23 -12.40 113.14
CA ASP Q 94 -73.29 -12.67 112.06
C ASP Q 94 -73.09 -14.15 111.76
N LEU Q 95 -73.41 -15.02 112.72
CA LEU Q 95 -73.26 -16.45 112.48
C LEU Q 95 -74.47 -16.92 111.67
N LEU Q 96 -74.21 -17.49 110.51
CA LEU Q 96 -75.26 -17.93 109.60
C LEU Q 96 -75.54 -19.43 109.63
N ALA Q 97 -74.52 -20.22 109.90
CA ALA Q 97 -74.70 -21.67 109.94
C ALA Q 97 -73.44 -22.38 110.37
N VAL Q 98 -73.51 -23.71 110.39
CA VAL Q 98 -72.38 -24.52 110.79
C VAL Q 98 -72.20 -25.68 109.84
N LEU Q 99 -70.95 -25.95 109.48
CA LEU Q 99 -70.65 -27.04 108.57
C LEU Q 99 -70.38 -28.33 109.31
N GLN Q 100 -71.13 -29.35 108.94
CA GLN Q 100 -71.00 -30.66 109.56
C GLN Q 100 -70.32 -31.60 108.56
N LYS R 5 -69.05 -36.12 102.18
CA LYS R 5 -70.51 -35.87 102.38
C LYS R 5 -70.77 -34.97 103.58
N THR R 6 -71.03 -33.69 103.33
CA THR R 6 -71.28 -32.74 104.43
C THR R 6 -72.74 -32.35 104.62
N VAL R 7 -73.07 -31.99 105.86
CA VAL R 7 -74.42 -31.58 106.26
C VAL R 7 -74.46 -30.06 106.44
N ILE R 8 -75.66 -29.47 106.35
CA ILE R 8 -75.81 -28.03 106.53
C ILE R 8 -76.67 -27.74 107.74
N LYS R 9 -76.13 -26.97 108.68
CA LYS R 9 -76.88 -26.63 109.88
C LYS R 9 -77.10 -25.14 110.03
N PRO R 10 -78.20 -24.62 109.49
CA PRO R 10 -78.56 -23.20 109.57
C PRO R 10 -78.81 -22.77 111.01
N LEU R 11 -78.85 -21.46 111.26
CA LEU R 11 -79.09 -20.95 112.59
C LEU R 11 -80.31 -20.06 112.61
N GLY R 12 -80.36 -19.12 113.54
CA GLY R 12 -81.49 -18.19 113.66
C GLY R 12 -82.74 -18.82 113.08
N ASP R 13 -83.37 -18.19 112.12
CA ASP R 13 -84.54 -18.80 111.52
C ASP R 13 -84.18 -19.10 110.06
N ARG R 14 -82.89 -19.18 109.81
CA ARG R 14 -82.34 -19.44 108.49
C ARG R 14 -82.67 -20.81 107.87
N VAL R 15 -83.06 -20.81 106.61
CA VAL R 15 -83.34 -22.05 105.90
C VAL R 15 -82.23 -22.23 104.87
N VAL R 16 -82.27 -23.33 104.14
CA VAL R 16 -81.27 -23.62 103.11
C VAL R 16 -82.01 -24.14 101.89
N VAL R 17 -82.24 -23.25 100.95
CA VAL R 17 -82.96 -23.56 99.73
C VAL R 17 -82.04 -23.95 98.58
N LYS R 18 -82.61 -24.62 97.59
CA LYS R 18 -81.89 -25.05 96.40
C LYS R 18 -82.73 -24.58 95.21
N ARG R 19 -82.37 -23.41 94.68
CA ARG R 19 -83.07 -22.79 93.56
C ARG R 19 -83.59 -23.77 92.52
N ILE R 20 -84.65 -23.39 91.83
CA ILE R 20 -85.24 -24.22 90.77
C ILE R 20 -85.26 -23.42 89.47
N GLU R 21 -84.56 -23.91 88.44
CA GLU R 21 -84.53 -23.21 87.16
C GLU R 21 -85.89 -23.26 86.47
N GLU R 22 -86.31 -22.13 85.91
CA GLU R 22 -87.59 -22.07 85.22
C GLU R 22 -87.53 -22.89 83.96
N GLU R 23 -88.71 -23.33 83.54
CA GLU R 23 -88.83 -24.13 82.34
C GLU R 23 -88.16 -23.44 81.16
N PRO R 24 -87.62 -24.23 80.23
CA PRO R 24 -86.96 -23.69 79.05
C PRO R 24 -87.91 -22.78 78.27
N LYS R 25 -89.19 -23.17 78.22
CA LYS R 25 -90.20 -22.39 77.50
C LYS R 25 -91.08 -21.61 78.46
N THR R 26 -92.02 -20.85 77.90
CA THR R 26 -92.94 -20.08 78.72
C THR R 26 -94.31 -20.70 78.54
N LYS R 27 -95.35 -20.03 79.04
CA LYS R 27 -96.71 -20.54 78.92
C LYS R 27 -97.18 -20.53 77.47
N GLY R 28 -96.40 -19.87 76.60
CA GLY R 28 -96.75 -19.79 75.19
C GLY R 28 -95.89 -20.65 74.28
N GLY R 29 -94.84 -21.24 74.82
CA GLY R 29 -93.96 -22.10 74.03
C GLY R 29 -92.71 -21.37 73.60
N ILE R 30 -92.67 -20.08 73.89
CA ILE R 30 -91.54 -19.22 73.53
C ILE R 30 -90.25 -19.57 74.27
N VAL R 31 -89.34 -20.27 73.59
CA VAL R 31 -88.07 -20.64 74.21
C VAL R 31 -87.29 -19.39 74.58
N LEU R 32 -87.06 -19.19 75.87
CA LEU R 32 -86.32 -18.02 76.34
C LEU R 32 -84.81 -18.19 76.30
N PRO R 33 -84.09 -17.12 75.93
CA PRO R 33 -82.62 -17.18 75.86
C PRO R 33 -82.07 -17.08 77.28
N ASP R 34 -80.99 -17.79 77.58
CA ASP R 34 -80.42 -17.77 78.93
C ASP R 34 -80.04 -16.38 79.42
N THR R 35 -80.33 -15.36 78.64
CA THR R 35 -79.97 -14.01 79.01
C THR R 35 -81.20 -13.32 79.56
N ALA R 36 -82.35 -13.74 79.07
CA ALA R 36 -83.62 -13.15 79.48
C ALA R 36 -84.06 -13.66 80.84
N LYS R 37 -83.78 -14.94 81.12
CA LYS R 37 -84.16 -15.55 82.39
C LYS R 37 -83.27 -15.12 83.53
N GLU R 38 -83.88 -14.57 84.58
CA GLU R 38 -83.15 -14.15 85.76
C GLU R 38 -83.23 -15.32 86.71
N LYS R 39 -82.49 -15.26 87.81
CA LYS R 39 -82.50 -16.37 88.73
C LYS R 39 -83.82 -16.51 89.45
N PRO R 40 -84.23 -17.78 89.64
CA PRO R 40 -85.45 -18.23 90.30
C PRO R 40 -85.67 -17.65 91.67
N GLN R 41 -86.95 -17.52 92.03
CA GLN R 41 -87.35 -17.04 93.33
C GLN R 41 -87.93 -18.26 94.04
N LYS R 42 -87.64 -19.44 93.48
CA LYS R 42 -88.14 -20.69 94.02
C LYS R 42 -87.06 -21.71 94.35
N GLY R 43 -87.43 -22.67 95.19
CA GLY R 43 -86.51 -23.72 95.59
C GLY R 43 -87.05 -24.53 96.76
N LYS R 44 -86.51 -25.73 96.95
CA LYS R 44 -86.93 -26.60 98.04
C LYS R 44 -86.01 -26.41 99.23
N VAL R 45 -86.58 -26.41 100.43
CA VAL R 45 -85.76 -26.27 101.63
C VAL R 45 -85.05 -27.60 101.83
N ILE R 46 -83.82 -27.57 102.32
CA ILE R 46 -83.09 -28.81 102.52
C ILE R 46 -82.55 -28.86 103.93
N ALA R 47 -82.83 -27.82 104.69
CA ALA R 47 -82.36 -27.77 106.07
C ALA R 47 -82.96 -26.57 106.80
N VAL R 48 -83.92 -26.84 107.67
CA VAL R 48 -84.56 -25.79 108.45
C VAL R 48 -83.72 -25.54 109.70
N GLY R 49 -83.75 -24.31 110.18
CA GLY R 49 -82.97 -23.96 111.36
C GLY R 49 -83.77 -23.85 112.63
N THR R 50 -83.06 -23.81 113.75
CA THR R 50 -83.62 -23.71 115.10
C THR R 50 -84.88 -22.88 115.27
N GLY R 51 -84.93 -21.67 114.76
CA GLY R 51 -86.11 -20.87 114.96
C GLY R 51 -85.61 -19.64 115.67
N ARG R 52 -86.22 -18.50 115.40
CA ARG R 52 -85.79 -17.25 116.01
C ARG R 52 -86.16 -17.13 117.47
N VAL R 53 -85.13 -17.01 118.31
CA VAL R 53 -85.36 -16.87 119.75
C VAL R 53 -86.00 -15.51 120.03
N LEU R 54 -87.29 -15.52 120.26
CA LEU R 54 -88.05 -14.31 120.53
C LEU R 54 -87.51 -13.57 121.75
N GLU R 55 -88.22 -12.51 122.13
CA GLU R 55 -87.81 -11.69 123.26
C GLU R 55 -88.07 -12.35 124.60
N ASN R 56 -88.78 -13.48 124.58
CA ASN R 56 -89.09 -14.23 125.79
C ASN R 56 -88.43 -15.58 125.74
N GLY R 57 -87.24 -15.67 125.18
CA GLY R 57 -86.59 -16.97 125.12
C GLY R 57 -87.41 -17.99 124.33
N GLN R 58 -88.49 -17.51 123.72
CA GLN R 58 -89.39 -18.35 122.92
C GLN R 58 -88.91 -18.60 121.50
N ARG R 59 -88.46 -19.82 121.21
CA ARG R 59 -87.99 -20.15 119.85
C ARG R 59 -89.12 -20.49 118.89
N VAL R 60 -89.59 -19.49 118.14
CA VAL R 60 -90.66 -19.65 117.17
C VAL R 60 -90.21 -20.55 116.01
N PRO R 61 -90.77 -21.76 115.90
CA PRO R 61 -90.34 -22.60 114.79
C PRO R 61 -90.58 -21.93 113.42
N LEU R 62 -89.89 -22.46 112.41
CA LEU R 62 -89.99 -21.97 111.03
C LEU R 62 -91.25 -22.47 110.37
N GLU R 63 -92.09 -21.56 109.87
CA GLU R 63 -93.32 -22.00 109.23
C GLU R 63 -93.09 -22.92 108.03
N VAL R 64 -91.84 -23.30 107.82
CA VAL R 64 -91.52 -24.15 106.68
C VAL R 64 -90.91 -25.50 107.04
N LYS R 65 -91.46 -26.54 106.42
CA LYS R 65 -91.00 -27.89 106.64
C LYS R 65 -89.75 -28.15 105.80
N GLU R 66 -88.97 -29.13 106.23
CA GLU R 66 -87.74 -29.49 105.55
C GLU R 66 -88.03 -30.26 104.25
N GLY R 67 -88.49 -29.55 103.23
CA GLY R 67 -88.78 -30.20 101.96
C GLY R 67 -89.79 -29.48 101.06
N ASP R 68 -90.28 -28.32 101.49
CA ASP R 68 -91.26 -27.58 100.71
C ASP R 68 -90.71 -26.69 99.61
N ILE R 69 -91.62 -26.23 98.74
CA ILE R 69 -91.28 -25.35 97.65
C ILE R 69 -91.51 -23.94 98.15
N VAL R 70 -90.43 -23.16 98.25
CA VAL R 70 -90.52 -21.80 98.77
C VAL R 70 -90.34 -20.68 97.75
N VAL R 71 -91.02 -19.56 98.01
CA VAL R 71 -90.97 -18.37 97.17
C VAL R 71 -90.37 -17.21 97.98
N PHE R 72 -89.18 -16.77 97.58
CA PHE R 72 -88.50 -15.69 98.29
C PHE R 72 -88.07 -14.60 97.34
N ALA R 73 -87.78 -13.42 97.88
CA ALA R 73 -87.34 -12.31 97.06
C ALA R 73 -85.90 -12.57 96.62
N LYS R 74 -85.77 -13.37 95.56
CA LYS R 74 -84.50 -13.80 94.95
C LYS R 74 -83.25 -12.95 95.21
N TYR R 75 -83.45 -11.66 95.45
CA TYR R 75 -82.33 -10.77 95.67
C TYR R 75 -81.56 -10.94 96.99
N GLY R 76 -82.27 -11.17 98.09
CA GLY R 76 -81.59 -11.29 99.37
C GLY R 76 -81.05 -12.66 99.75
N GLY R 77 -80.37 -12.70 100.91
CA GLY R 77 -79.82 -13.93 101.43
C GLY R 77 -78.58 -14.48 100.79
N THR R 78 -77.57 -14.77 101.60
CA THR R 78 -76.29 -15.32 101.14
C THR R 78 -76.44 -16.61 100.34
N GLU R 79 -75.42 -16.93 99.54
CA GLU R 79 -75.42 -18.13 98.71
C GLU R 79 -74.08 -18.82 98.89
N ILE R 80 -74.07 -20.14 98.80
CA ILE R 80 -72.83 -20.90 98.93
C ILE R 80 -72.97 -22.26 98.27
N GLU R 81 -71.83 -22.89 97.99
CA GLU R 81 -71.77 -24.21 97.38
C GLU R 81 -71.11 -25.16 98.37
N ILE R 82 -71.44 -26.44 98.26
CA ILE R 82 -70.86 -27.45 99.13
C ILE R 82 -70.77 -28.78 98.38
N ASP R 83 -69.59 -29.37 98.40
CA ASP R 83 -69.34 -30.65 97.71
C ASP R 83 -69.92 -30.66 96.30
N GLY R 84 -69.68 -29.59 95.55
CA GLY R 84 -70.18 -29.48 94.19
C GLY R 84 -71.68 -29.27 94.11
N GLU R 85 -72.15 -28.14 94.63
CA GLU R 85 -73.58 -27.83 94.61
C GLU R 85 -73.79 -26.51 95.37
N GLU R 86 -74.56 -25.59 94.79
CA GLU R 86 -74.80 -24.31 95.42
C GLU R 86 -76.22 -24.10 95.91
N TYR R 87 -76.37 -23.54 97.11
CA TYR R 87 -77.68 -23.28 97.71
C TYR R 87 -77.72 -21.86 98.27
N VAL R 88 -78.87 -21.48 98.82
CA VAL R 88 -79.05 -20.16 99.38
C VAL R 88 -79.54 -20.17 100.83
N ILE R 89 -78.80 -19.48 101.70
CA ILE R 89 -79.15 -19.39 103.12
C ILE R 89 -79.99 -18.14 103.38
N LEU R 90 -81.31 -18.29 103.29
CA LEU R 90 -82.22 -17.18 103.49
C LEU R 90 -82.69 -17.11 104.94
N SER R 91 -83.35 -16.01 105.28
CA SER R 91 -83.90 -15.84 106.60
C SER R 91 -85.40 -15.99 106.43
N GLU R 92 -86.14 -15.90 107.52
CA GLU R 92 -87.57 -16.07 107.50
C GLU R 92 -88.22 -14.90 106.76
N ARG R 93 -87.66 -13.71 106.97
CA ARG R 93 -88.19 -12.51 106.34
C ARG R 93 -88.22 -12.70 104.83
N ASP R 94 -87.13 -13.26 104.30
CA ASP R 94 -87.00 -13.49 102.87
C ASP R 94 -88.02 -14.49 102.33
N LEU R 95 -88.49 -15.39 103.19
CA LEU R 95 -89.47 -16.38 102.77
C LEU R 95 -90.83 -15.68 102.67
N LEU R 96 -91.36 -15.64 101.45
CA LEU R 96 -92.63 -14.98 101.16
C LEU R 96 -93.84 -15.90 101.17
N ALA R 97 -93.65 -17.15 100.75
CA ALA R 97 -94.75 -18.10 100.71
C ALA R 97 -94.25 -19.49 100.34
N VAL R 98 -95.18 -20.44 100.30
CA VAL R 98 -94.86 -21.81 99.94
C VAL R 98 -95.84 -22.29 98.88
N LEU R 99 -95.35 -23.08 97.95
CA LEU R 99 -96.17 -23.59 96.86
C LEU R 99 -96.69 -24.99 97.11
N GLN R 100 -98.00 -25.17 96.99
CA GLN R 100 -98.57 -26.49 97.19
C GLN R 100 -99.19 -27.05 95.93
N LYS S 5 -101.78 -27.52 88.41
CA LYS S 5 -102.46 -26.68 89.43
C LYS S 5 -101.64 -26.63 90.73
N THR S 6 -101.49 -25.42 91.29
CA THR S 6 -100.73 -25.22 92.53
C THR S 6 -101.35 -24.17 93.46
N VAL S 7 -101.12 -24.33 94.77
CA VAL S 7 -101.67 -23.44 95.78
C VAL S 7 -100.63 -22.52 96.45
N ILE S 8 -100.99 -21.25 96.59
CA ILE S 8 -100.10 -20.27 97.21
C ILE S 8 -100.26 -20.24 98.72
N LYS S 9 -99.13 -20.28 99.41
CA LYS S 9 -99.12 -20.29 100.87
C LYS S 9 -98.31 -19.15 101.50
N PRO S 10 -98.92 -17.97 101.61
CA PRO S 10 -98.26 -16.80 102.21
C PRO S 10 -97.79 -17.07 103.63
N LEU S 11 -96.93 -16.20 104.16
CA LEU S 11 -96.45 -16.39 105.51
C LEU S 11 -96.81 -15.26 106.47
N GLY S 12 -96.05 -15.15 107.54
CA GLY S 12 -96.31 -14.14 108.53
C GLY S 12 -97.04 -12.87 108.13
N ASP S 13 -98.35 -12.93 107.93
CA ASP S 13 -99.09 -11.71 107.61
C ASP S 13 -99.17 -11.35 106.12
N ARG S 14 -98.49 -12.12 105.28
CA ARG S 14 -98.51 -11.85 103.84
C ARG S 14 -99.79 -12.36 103.17
N VAL S 15 -100.48 -11.51 102.43
CA VAL S 15 -101.68 -11.92 101.69
C VAL S 15 -101.26 -12.07 100.22
N VAL S 16 -102.17 -12.55 99.37
CA VAL S 16 -101.88 -12.69 97.95
C VAL S 16 -103.03 -12.13 97.13
N VAL S 17 -102.82 -10.91 96.66
CA VAL S 17 -103.80 -10.19 95.89
C VAL S 17 -103.62 -10.33 94.39
N LYS S 18 -104.73 -10.17 93.67
CA LYS S 18 -104.77 -10.24 92.22
C LYS S 18 -105.33 -8.92 91.72
N ARG S 19 -104.45 -8.02 91.32
CA ARG S 19 -104.80 -6.69 90.83
C ARG S 19 -106.05 -6.67 89.96
N ILE S 20 -106.68 -5.49 89.87
CA ILE S 20 -107.88 -5.30 89.07
C ILE S 20 -107.64 -4.10 88.15
N GLU S 21 -107.67 -4.31 86.85
CA GLU S 21 -107.44 -3.20 85.90
C GLU S 21 -108.60 -2.22 85.95
N GLU S 22 -108.28 -0.92 85.90
CA GLU S 22 -109.33 0.09 85.93
C GLU S 22 -110.11 0.05 84.66
N GLU S 23 -111.33 0.58 84.75
CA GLU S 23 -112.23 0.62 83.61
C GLU S 23 -111.55 1.33 82.45
N PRO S 24 -111.91 0.93 81.22
CA PRO S 24 -111.33 1.53 80.01
C PRO S 24 -111.57 3.04 79.97
N LYS S 25 -112.72 3.45 80.47
CA LYS S 25 -113.08 4.87 80.51
C LYS S 25 -112.96 5.39 81.93
N THR S 26 -113.35 6.64 82.12
CA THR S 26 -113.29 7.26 83.44
C THR S 26 -114.72 7.62 83.81
N LYS S 27 -114.88 8.49 84.81
CA LYS S 27 -116.21 8.91 85.22
C LYS S 27 -116.79 9.90 84.21
N GLY S 28 -115.92 10.40 83.32
CA GLY S 28 -116.34 11.33 82.30
C GLY S 28 -116.56 10.65 80.97
N GLY S 29 -116.13 9.39 80.89
CA GLY S 29 -116.27 8.61 79.67
C GLY S 29 -115.00 8.70 78.85
N ILE S 30 -114.02 9.43 79.37
CA ILE S 30 -112.73 9.63 78.71
C ILE S 30 -111.86 8.37 78.63
N VAL S 31 -111.93 7.68 77.49
CA VAL S 31 -111.15 6.47 77.30
C VAL S 31 -109.66 6.83 77.44
N LEU S 32 -109.05 6.32 78.51
CA LEU S 32 -107.65 6.58 78.79
C LEU S 32 -106.69 5.69 78.02
N PRO S 33 -105.58 6.27 77.57
CA PRO S 33 -104.58 5.48 76.83
C PRO S 33 -103.84 4.58 77.80
N ASP S 34 -103.42 3.40 77.33
CA ASP S 34 -102.70 2.44 78.17
C ASP S 34 -101.35 2.94 78.66
N THR S 35 -101.09 4.23 78.46
CA THR S 35 -99.83 4.82 78.88
C THR S 35 -100.12 5.75 80.04
N ALA S 36 -101.36 6.22 80.07
CA ALA S 36 -101.83 7.13 81.11
C ALA S 36 -102.17 6.42 82.42
N LYS S 37 -102.97 5.36 82.33
CA LYS S 37 -103.34 4.62 83.52
C LYS S 37 -102.19 3.77 84.05
N GLU S 38 -101.92 3.92 85.36
CA GLU S 38 -100.85 3.15 86.00
C GLU S 38 -101.40 1.92 86.69
N LYS S 39 -100.50 1.17 87.33
CA LYS S 39 -100.89 -0.05 88.02
C LYS S 39 -101.92 0.15 89.12
N PRO S 40 -102.97 -0.66 89.09
CA PRO S 40 -104.05 -0.58 90.07
C PRO S 40 -103.57 -0.77 91.51
N GLN S 41 -104.32 -0.16 92.42
CA GLN S 41 -104.01 -0.24 93.84
C GLN S 41 -105.04 -1.18 94.45
N LYS S 42 -105.81 -1.86 93.60
CA LYS S 42 -106.85 -2.77 94.06
C LYS S 42 -106.64 -4.23 93.66
N GLY S 43 -107.42 -5.12 94.28
CA GLY S 43 -107.33 -6.53 93.97
C GLY S 43 -108.00 -7.36 95.04
N LYS S 44 -108.33 -8.62 94.72
CA LYS S 44 -108.97 -9.51 95.67
C LYS S 44 -107.95 -10.44 96.32
N VAL S 45 -108.09 -10.67 97.62
CA VAL S 45 -107.17 -11.55 98.31
C VAL S 45 -107.47 -12.98 97.88
N ILE S 46 -106.43 -13.73 97.53
CA ILE S 46 -106.63 -15.09 97.09
C ILE S 46 -105.99 -16.07 98.06
N ALA S 47 -105.33 -15.54 99.09
CA ALA S 47 -104.69 -16.42 100.07
C ALA S 47 -104.09 -15.68 101.25
N VAL S 48 -104.82 -15.62 102.37
CA VAL S 48 -104.31 -14.97 103.57
C VAL S 48 -103.38 -15.99 104.19
N GLY S 49 -102.49 -15.52 105.06
CA GLY S 49 -101.57 -16.44 105.70
C GLY S 49 -101.64 -16.32 107.21
N THR S 50 -100.83 -17.12 107.88
CA THR S 50 -100.73 -17.10 109.34
C THR S 50 -100.77 -15.64 109.78
N GLY S 51 -101.31 -15.34 110.95
CA GLY S 51 -101.28 -13.95 111.37
C GLY S 51 -99.84 -13.54 111.70
N ARG S 52 -99.67 -12.29 112.12
CA ARG S 52 -98.32 -11.82 112.47
C ARG S 52 -97.92 -12.14 113.91
N VAL S 53 -96.87 -12.92 114.09
CA VAL S 53 -96.39 -13.28 115.42
C VAL S 53 -95.85 -12.05 116.20
N LEU S 54 -96.68 -11.46 117.05
CA LEU S 54 -96.25 -10.32 117.85
C LEU S 54 -95.08 -10.67 118.78
N GLU S 55 -94.83 -9.79 119.75
CA GLU S 55 -93.75 -9.96 120.71
C GLU S 55 -93.98 -10.97 121.82
N ASN S 56 -95.22 -11.31 122.13
CA ASN S 56 -95.49 -12.28 123.16
C ASN S 56 -96.00 -13.56 122.52
N GLY S 57 -95.53 -13.83 121.30
CA GLY S 57 -95.91 -14.99 120.55
C GLY S 57 -97.36 -15.03 120.09
N GLN S 58 -98.05 -13.90 120.08
CA GLN S 58 -99.44 -13.94 119.68
C GLN S 58 -99.83 -13.58 118.28
N ARG S 59 -100.18 -14.61 117.50
CA ARG S 59 -100.56 -14.45 116.10
C ARG S 59 -101.89 -13.74 115.88
N VAL S 60 -101.81 -12.42 115.71
CA VAL S 60 -102.98 -11.60 115.42
C VAL S 60 -103.40 -11.88 113.98
N PRO S 61 -104.62 -12.41 113.79
CA PRO S 61 -105.15 -12.73 112.47
C PRO S 61 -105.23 -11.52 111.56
N LEU S 62 -105.16 -11.78 110.26
CA LEU S 62 -105.22 -10.72 109.26
C LEU S 62 -106.65 -10.19 109.21
N GLU S 63 -106.83 -8.88 109.36
CA GLU S 63 -108.16 -8.26 109.33
C GLU S 63 -108.84 -8.46 107.97
N VAL S 64 -108.17 -9.19 107.07
CA VAL S 64 -108.69 -9.42 105.74
C VAL S 64 -109.05 -10.86 105.40
N LYS S 65 -110.28 -11.02 104.96
CA LYS S 65 -110.80 -12.32 104.60
C LYS S 65 -110.35 -12.78 103.22
N GLU S 66 -110.21 -14.09 103.07
CA GLU S 66 -109.80 -14.70 101.82
C GLU S 66 -110.78 -14.47 100.67
N GLY S 67 -110.75 -13.26 100.10
CA GLY S 67 -111.65 -12.96 98.99
C GLY S 67 -112.17 -11.55 98.94
N ASP S 68 -111.61 -10.65 99.74
CA ASP S 68 -112.08 -9.27 99.76
C ASP S 68 -111.37 -8.37 98.75
N ILE S 69 -111.94 -7.19 98.54
CA ILE S 69 -111.39 -6.20 97.63
C ILE S 69 -110.49 -5.32 98.50
N VAL S 70 -109.20 -5.35 98.21
CA VAL S 70 -108.21 -4.58 98.99
C VAL S 70 -107.57 -3.39 98.28
N VAL S 71 -107.26 -2.37 99.08
CA VAL S 71 -106.63 -1.13 98.64
C VAL S 71 -105.25 -1.04 99.26
N PHE S 72 -104.21 -1.02 98.44
CA PHE S 72 -102.84 -0.96 98.94
C PHE S 72 -102.00 0.03 98.15
N ALA S 73 -100.91 0.49 98.76
CA ALA S 73 -100.02 1.43 98.09
C ALA S 73 -99.29 0.68 96.97
N LYS S 74 -99.96 0.60 95.81
CA LYS S 74 -99.50 -0.07 94.60
C LYS S 74 -98.00 -0.25 94.40
N TYR S 75 -97.20 0.65 94.99
CA TYR S 75 -95.76 0.60 94.84
C TYR S 75 -95.04 -0.55 95.58
N GLY S 76 -95.51 -0.89 96.77
CA GLY S 76 -94.85 -1.95 97.54
C GLY S 76 -95.33 -3.37 97.34
N GLY S 77 -94.59 -4.31 97.91
CA GLY S 77 -94.96 -5.71 97.82
C GLY S 77 -94.46 -6.42 96.58
N THR S 78 -93.77 -7.53 96.78
CA THR S 78 -93.23 -8.35 95.69
C THR S 78 -94.34 -8.86 94.76
N GLU S 79 -93.98 -9.18 93.52
CA GLU S 79 -94.94 -9.69 92.54
C GLU S 79 -94.42 -10.97 91.89
N ILE S 80 -95.32 -11.90 91.62
CA ILE S 80 -94.93 -13.16 90.99
C ILE S 80 -96.08 -13.76 90.18
N GLU S 81 -95.72 -14.72 89.33
CA GLU S 81 -96.68 -15.42 88.47
C GLU S 81 -96.60 -16.92 88.77
N ILE S 82 -97.71 -17.61 88.56
CA ILE S 82 -97.80 -19.04 88.80
C ILE S 82 -98.78 -19.65 87.83
N ASP S 83 -98.32 -20.66 87.10
CA ASP S 83 -99.15 -21.35 86.13
C ASP S 83 -99.89 -20.39 85.20
N GLY S 84 -99.16 -19.42 84.67
CA GLY S 84 -99.77 -18.45 83.77
C GLY S 84 -100.73 -17.49 84.43
N GLU S 85 -100.23 -16.72 85.40
CA GLU S 85 -101.04 -15.76 86.12
C GLU S 85 -100.17 -15.07 87.18
N GLU S 86 -100.22 -13.74 87.23
CA GLU S 86 -99.41 -12.97 88.18
C GLU S 86 -100.18 -12.33 89.32
N TYR S 87 -99.63 -12.41 90.53
CA TYR S 87 -100.26 -11.83 91.72
C TYR S 87 -99.23 -11.04 92.51
N VAL S 88 -99.70 -10.40 93.58
CA VAL S 88 -98.83 -9.59 94.43
C VAL S 88 -98.84 -10.00 95.90
N ILE S 89 -97.67 -10.39 96.41
CA ILE S 89 -97.53 -10.78 97.82
C ILE S 89 -97.29 -9.55 98.68
N LEU S 90 -98.37 -9.04 99.27
CA LEU S 90 -98.29 -7.86 100.13
C LEU S 90 -98.30 -8.22 101.61
N SER S 91 -97.88 -7.28 102.45
CA SER S 91 -97.90 -7.50 103.89
C SER S 91 -99.09 -6.70 104.39
N GLU S 92 -99.34 -6.78 105.67
CA GLU S 92 -100.46 -6.09 106.28
C GLU S 92 -100.25 -4.59 106.20
N ARG S 93 -99.01 -4.17 106.41
CA ARG S 93 -98.68 -2.75 106.35
C ARG S 93 -99.20 -2.16 105.06
N ASP S 94 -98.85 -2.80 103.96
CA ASP S 94 -99.25 -2.36 102.63
C ASP S 94 -100.77 -2.29 102.46
N LEU S 95 -101.49 -3.14 103.19
CA LEU S 95 -102.96 -3.15 103.11
C LEU S 95 -103.50 -1.91 103.81
N LEU S 96 -104.17 -1.06 103.05
CA LEU S 96 -104.69 0.19 103.57
C LEU S 96 -106.15 0.14 104.01
N ALA S 97 -106.96 -0.66 103.31
CA ALA S 97 -108.38 -0.76 103.64
C ALA S 97 -109.04 -1.82 102.79
N VAL S 98 -110.36 -1.91 102.89
CA VAL S 98 -111.10 -2.89 102.09
C VAL S 98 -112.34 -2.24 101.51
N LEU S 99 -112.70 -2.65 100.29
CA LEU S 99 -113.88 -2.10 99.63
C LEU S 99 -115.11 -2.99 99.80
N GLN S 100 -116.13 -2.41 100.43
CA GLN S 100 -117.39 -3.09 100.71
C GLN S 100 -118.45 -2.59 99.75
N LYS T 5 -121.67 3.28 95.23
CA LYS T 5 -122.28 2.25 96.14
C LYS T 5 -121.21 1.66 97.05
N THR T 6 -119.99 1.56 96.54
CA THR T 6 -118.85 1.00 97.29
C THR T 6 -118.50 1.76 98.57
N VAL T 7 -118.17 1.02 99.62
CA VAL T 7 -117.80 1.62 100.91
C VAL T 7 -116.40 1.20 101.35
N ILE T 8 -115.67 2.14 101.94
CA ILE T 8 -114.29 1.93 102.38
C ILE T 8 -114.15 1.34 103.78
N LYS T 9 -113.34 0.30 103.90
CA LYS T 9 -113.11 -0.37 105.18
C LYS T 9 -111.66 -0.31 105.61
N PRO T 10 -111.26 0.80 106.28
CA PRO T 10 -109.89 0.98 106.75
C PRO T 10 -109.49 -0.10 107.73
N LEU T 11 -108.18 -0.33 107.87
CA LEU T 11 -107.71 -1.36 108.79
C LEU T 11 -107.03 -0.82 110.06
N GLY T 12 -106.13 -1.61 110.61
CA GLY T 12 -105.42 -1.24 111.84
C GLY T 12 -105.29 0.23 112.20
N ASP T 13 -106.35 0.80 112.76
CA ASP T 13 -106.38 2.20 113.19
C ASP T 13 -106.28 3.23 112.06
N ARG T 14 -106.40 2.76 110.83
CA ARG T 14 -106.37 3.64 109.68
C ARG T 14 -107.73 4.32 109.53
N VAL T 15 -107.72 5.62 109.28
CA VAL T 15 -108.96 6.36 109.05
C VAL T 15 -109.00 6.74 107.56
N VAL T 16 -110.11 7.31 107.13
CA VAL T 16 -110.25 7.74 105.74
C VAL T 16 -110.77 9.16 105.71
N VAL T 17 -109.85 10.09 105.44
CA VAL T 17 -110.14 11.52 105.40
C VAL T 17 -110.36 12.06 103.99
N LYS T 18 -111.15 13.13 103.90
CA LYS T 18 -111.42 13.79 102.63
C LYS T 18 -111.01 15.26 102.77
N ARG T 19 -109.79 15.56 102.30
CA ARG T 19 -109.21 16.90 102.37
C ARG T 19 -110.21 18.05 102.23
N ILE T 20 -109.86 19.21 102.78
CA ILE T 20 -110.69 20.41 102.72
C ILE T 20 -109.84 21.53 102.12
N GLU T 21 -110.23 22.04 100.96
CA GLU T 21 -109.47 23.12 100.33
C GLU T 21 -109.60 24.39 101.13
N GLU T 22 -108.50 25.10 101.30
CA GLU T 22 -108.50 26.36 102.06
C GLU T 22 -109.30 27.38 101.30
N GLU T 23 -109.86 28.32 102.04
CA GLU T 23 -110.65 29.38 101.44
C GLU T 23 -109.88 30.03 100.30
N PRO T 24 -110.60 30.71 99.39
CA PRO T 24 -109.97 31.38 98.24
C PRO T 24 -109.03 32.47 98.73
N LYS T 25 -109.52 33.25 99.70
CA LYS T 25 -108.77 34.35 100.28
C LYS T 25 -108.19 33.96 101.63
N THR T 26 -107.53 34.90 102.28
CA THR T 26 -106.94 34.66 103.57
C THR T 26 -107.68 35.52 104.59
N LYS T 27 -107.14 35.61 105.80
CA LYS T 27 -107.76 36.41 106.84
C LYS T 27 -107.77 37.90 106.47
N GLY T 28 -107.01 38.26 105.44
CA GLY T 28 -106.95 39.65 105.04
C GLY T 28 -107.69 39.97 103.74
N GLY T 29 -108.13 38.94 103.05
CA GLY T 29 -108.85 39.16 101.79
C GLY T 29 -107.98 38.93 100.58
N ILE T 30 -106.70 38.61 100.82
CA ILE T 30 -105.73 38.36 99.75
C ILE T 30 -105.98 37.06 99.02
N VAL T 31 -106.51 37.15 97.80
CA VAL T 31 -106.76 35.96 96.99
C VAL T 31 -105.42 35.36 96.57
N LEU T 32 -105.10 34.21 97.15
CA LEU T 32 -103.85 33.52 96.88
C LEU T 32 -103.88 32.76 95.56
N PRO T 33 -102.72 32.61 94.90
CA PRO T 33 -102.64 31.88 93.63
C PRO T 33 -102.59 30.39 93.94
N ASP T 34 -103.31 29.57 93.17
CA ASP T 34 -103.31 28.14 93.43
C ASP T 34 -101.95 27.48 93.19
N THR T 35 -100.89 28.28 93.28
CA THR T 35 -99.53 27.77 93.14
C THR T 35 -98.86 28.03 94.49
N ALA T 36 -99.41 28.99 95.21
CA ALA T 36 -98.90 29.36 96.53
C ALA T 36 -99.48 28.46 97.62
N LYS T 37 -100.80 28.20 97.56
CA LYS T 37 -101.46 27.36 98.56
C LYS T 37 -101.19 25.88 98.35
N GLU T 38 -100.82 25.21 99.44
CA GLU T 38 -100.50 23.79 99.41
C GLU T 38 -101.65 22.90 99.83
N LYS T 39 -101.39 21.60 99.74
CA LYS T 39 -102.37 20.61 100.11
C LYS T 39 -102.80 20.81 101.54
N PRO T 40 -104.11 20.86 101.78
CA PRO T 40 -104.67 21.04 103.11
C PRO T 40 -104.23 19.96 104.08
N GLN T 41 -104.14 20.32 105.36
CA GLN T 41 -103.77 19.38 106.39
C GLN T 41 -105.05 19.02 107.12
N LYS T 42 -106.17 19.37 106.51
CA LYS T 42 -107.49 19.14 107.08
C LYS T 42 -108.40 18.19 106.29
N GLY T 43 -109.50 17.79 106.92
CA GLY T 43 -110.45 16.89 106.27
C GLY T 43 -111.36 16.19 107.26
N LYS T 44 -112.46 15.63 106.77
CA LYS T 44 -113.41 14.90 107.60
C LYS T 44 -113.19 13.40 107.47
N VAL T 45 -113.30 12.67 108.57
CA VAL T 45 -113.13 11.22 108.52
C VAL T 45 -114.41 10.68 107.90
N ILE T 46 -114.26 9.71 107.02
CA ILE T 46 -115.41 9.13 106.35
C ILE T 46 -115.48 7.63 106.67
N ALA T 47 -114.48 7.14 107.39
CA ALA T 47 -114.45 5.74 107.76
C ALA T 47 -113.31 5.37 108.70
N VAL T 48 -113.64 5.23 109.98
CA VAL T 48 -112.65 4.84 110.98
C VAL T 48 -112.58 3.33 110.88
N GLY T 49 -111.47 2.74 111.32
CA GLY T 49 -111.36 1.30 111.24
C GLY T 49 -111.14 0.64 112.60
N THR T 50 -110.91 -0.66 112.56
CA THR T 50 -110.63 -1.45 113.76
C THR T 50 -109.57 -0.66 114.52
N GLY T 51 -109.56 -0.66 115.83
CA GLY T 51 -108.51 0.07 116.51
C GLY T 51 -107.18 -0.63 116.26
N ARG T 52 -106.12 -0.19 116.93
CA ARG T 52 -104.80 -0.81 116.77
C ARG T 52 -104.59 -1.95 117.77
N VAL T 53 -104.41 -3.17 117.27
CA VAL T 53 -104.21 -4.36 118.11
C VAL T 53 -102.97 -4.25 118.99
N LEU T 54 -103.20 -3.87 120.25
CA LEU T 54 -102.12 -3.70 121.23
C LEU T 54 -101.32 -4.98 121.50
N GLU T 55 -100.34 -4.86 122.40
CA GLU T 55 -99.44 -5.96 122.75
C GLU T 55 -100.14 -7.14 123.45
N ASN T 56 -101.28 -6.87 124.09
CA ASN T 56 -102.07 -7.91 124.77
C ASN T 56 -103.48 -7.91 124.17
N GLY T 57 -103.57 -8.42 122.94
CA GLY T 57 -104.82 -8.53 122.21
C GLY T 57 -105.86 -7.41 122.27
N GLN T 58 -105.57 -6.31 122.97
CA GLN T 58 -106.54 -5.22 123.09
C GLN T 58 -106.55 -4.20 121.94
N ARG T 59 -107.69 -4.05 121.29
CA ARG T 59 -107.83 -3.12 120.18
C ARG T 59 -108.28 -1.74 120.62
N VAL T 60 -107.33 -0.82 120.78
CA VAL T 60 -107.62 0.54 121.20
C VAL T 60 -108.41 1.27 120.12
N PRO T 61 -109.64 1.70 120.43
CA PRO T 61 -110.45 2.41 119.43
C PRO T 61 -109.76 3.73 119.04
N LEU T 62 -110.04 4.21 117.84
CA LEU T 62 -109.44 5.45 117.38
C LEU T 62 -110.12 6.63 118.04
N GLU T 63 -109.32 7.56 118.55
CA GLU T 63 -109.87 8.74 119.24
C GLU T 63 -110.66 9.63 118.30
N VAL T 64 -110.94 9.14 117.08
CA VAL T 64 -111.68 9.95 116.13
C VAL T 64 -112.98 9.31 115.67
N LYS T 65 -114.05 10.09 115.75
CA LYS T 65 -115.38 9.65 115.34
C LYS T 65 -115.53 9.75 113.83
N GLU T 66 -116.39 8.90 113.29
CA GLU T 66 -116.63 8.86 111.85
C GLU T 66 -117.34 10.13 111.36
N GLY T 67 -116.59 11.21 111.24
CA GLY T 67 -117.17 12.46 110.76
C GLY T 67 -116.60 13.73 111.35
N ASP T 68 -115.43 13.64 111.98
CA ASP T 68 -114.82 14.81 112.58
C ASP T 68 -113.84 15.52 111.65
N ILE T 69 -113.48 16.74 112.00
CA ILE T 69 -112.53 17.53 111.22
C ILE T 69 -111.15 17.25 111.83
N VAL T 70 -110.29 16.58 111.08
CA VAL T 70 -108.97 16.21 111.57
C VAL T 70 -107.82 17.04 111.03
N VAL T 71 -106.78 17.18 111.85
CA VAL T 71 -105.57 17.93 111.47
C VAL T 71 -104.41 16.93 111.41
N PHE T 72 -103.84 16.75 110.22
CA PHE T 72 -102.75 15.80 110.05
C PHE T 72 -101.56 16.35 109.28
N ALA T 73 -100.39 15.73 109.48
CA ALA T 73 -99.18 16.15 108.79
C ALA T 73 -99.34 15.80 107.32
N LYS T 74 -99.98 16.70 106.59
CA LYS T 74 -100.27 16.58 105.15
C LYS T 74 -99.34 15.72 104.30
N TYR T 75 -98.06 15.69 104.65
CA TYR T 75 -97.10 14.93 103.88
C TYR T 75 -97.27 13.41 103.90
N GLY T 76 -97.70 12.86 105.04
CA GLY T 76 -97.85 11.42 105.13
C GLY T 76 -99.22 10.85 104.79
N GLY T 77 -99.26 9.51 104.68
CA GLY T 77 -100.49 8.81 104.39
C GLY T 77 -100.90 8.67 102.93
N THR T 78 -100.96 7.44 102.46
CA THR T 78 -101.35 7.12 101.08
C THR T 78 -102.67 7.82 100.68
N GLU T 79 -102.85 8.04 99.38
CA GLU T 79 -104.04 8.69 98.85
C GLU T 79 -104.63 7.85 97.73
N ILE T 80 -105.96 7.81 97.62
CA ILE T 80 -106.63 7.04 96.58
C ILE T 80 -108.00 7.62 96.24
N GLU T 81 -108.48 7.29 95.05
CA GLU T 81 -109.76 7.76 94.56
C GLU T 81 -110.68 6.56 94.41
N ILE T 82 -111.98 6.81 94.51
CA ILE T 82 -112.99 5.77 94.38
C ILE T 82 -114.28 6.36 93.81
N ASP T 83 -114.78 5.73 92.74
CA ASP T 83 -116.02 6.18 92.08
C ASP T 83 -116.06 7.69 91.88
N GLY T 84 -114.95 8.23 91.38
CA GLY T 84 -114.88 9.66 91.13
C GLY T 84 -114.76 10.47 92.41
N GLU T 85 -113.69 10.26 93.16
CA GLU T 85 -113.45 10.96 94.42
C GLU T 85 -112.17 10.45 95.08
N GLU T 86 -111.30 11.35 95.52
CA GLU T 86 -110.04 10.96 96.16
C GLU T 86 -109.98 11.30 97.63
N TYR T 87 -109.38 10.40 98.42
CA TYR T 87 -109.27 10.60 99.85
C TYR T 87 -107.87 10.21 100.32
N VAL T 88 -107.65 10.25 101.63
CA VAL T 88 -106.35 9.91 102.21
C VAL T 88 -106.42 8.90 103.37
N ILE T 89 -105.76 7.76 103.19
CA ILE T 89 -105.73 6.71 104.19
C ILE T 89 -104.57 7.00 105.15
N LEU T 90 -104.88 7.67 106.25
CA LEU T 90 -103.89 8.02 107.25
C LEU T 90 -103.94 7.07 108.45
N SER T 91 -102.87 7.03 109.23
CA SER T 91 -102.85 6.20 110.42
C SER T 91 -103.24 7.09 111.59
N GLU T 92 -103.09 6.56 112.79
CA GLU T 92 -103.43 7.30 113.98
C GLU T 92 -102.30 8.28 114.26
N ARG T 93 -101.09 7.83 113.96
CA ARG T 93 -99.90 8.64 114.17
C ARG T 93 -99.97 9.93 113.41
N ASP T 94 -100.40 9.85 112.16
CA ASP T 94 -100.52 11.02 111.31
C ASP T 94 -101.58 11.99 111.80
N LEU T 95 -102.51 11.47 112.60
CA LEU T 95 -103.58 12.30 113.16
C LEU T 95 -103.02 13.13 114.31
N LEU T 96 -103.03 14.45 114.14
CA LEU T 96 -102.50 15.39 115.12
C LEU T 96 -103.53 15.96 116.09
N ALA T 97 -104.72 16.26 115.59
CA ALA T 97 -105.76 16.81 116.44
C ALA T 97 -107.09 16.85 115.73
N VAL T 98 -108.08 17.45 116.37
CA VAL T 98 -109.41 17.55 115.79
C VAL T 98 -109.94 18.95 116.06
N LEU T 99 -110.66 19.50 115.09
CA LEU T 99 -111.23 20.83 115.26
C LEU T 99 -112.65 20.76 115.74
N GLN T 100 -112.91 21.47 116.83
CA GLN T 100 -114.23 21.53 117.45
C GLN T 100 -114.83 22.92 117.28
N LYS U 5 -114.53 31.56 117.24
CA LYS U 5 -113.58 30.86 118.16
C LYS U 5 -113.62 29.36 117.91
N THR U 6 -112.43 28.76 117.74
CA THR U 6 -112.33 27.31 117.51
C THR U 6 -111.40 26.66 118.54
N VAL U 7 -111.89 25.63 119.20
CA VAL U 7 -111.10 24.94 120.20
C VAL U 7 -110.25 23.86 119.54
N ILE U 8 -109.12 23.57 120.18
CA ILE U 8 -108.19 22.59 119.65
C ILE U 8 -108.15 21.34 120.51
N LYS U 9 -108.29 20.19 119.86
CA LYS U 9 -108.26 18.94 120.59
C LYS U 9 -107.10 18.06 120.12
N PRO U 10 -105.95 18.20 120.78
CA PRO U 10 -104.77 17.42 120.42
C PRO U 10 -104.99 15.94 120.72
N LEU U 11 -104.22 15.07 120.09
CA LEU U 11 -104.40 13.64 120.29
C LEU U 11 -103.15 12.99 120.85
N GLY U 12 -103.18 11.67 120.99
CA GLY U 12 -102.06 10.91 121.52
C GLY U 12 -100.88 11.61 122.18
N ASP U 13 -101.10 12.32 123.28
CA ASP U 13 -100.05 13.02 124.03
C ASP U 13 -99.55 14.32 123.40
N ARG U 14 -100.22 14.78 122.35
CA ARG U 14 -99.84 16.03 121.70
C ARG U 14 -100.37 17.22 122.46
N VAL U 15 -99.51 18.20 122.69
CA VAL U 15 -99.91 19.42 123.40
C VAL U 15 -100.04 20.50 122.35
N VAL U 16 -100.57 21.65 122.76
CA VAL U 16 -100.73 22.76 121.85
C VAL U 16 -100.13 24.00 122.53
N VAL U 17 -98.94 24.38 122.07
CA VAL U 17 -98.20 25.51 122.60
C VAL U 17 -98.33 26.78 121.77
N LYS U 18 -98.13 27.91 122.43
CA LYS U 18 -98.18 29.21 121.76
C LYS U 18 -96.86 29.91 122.03
N ARG U 19 -95.96 29.86 121.05
CA ARG U 19 -94.63 30.47 121.15
C ARG U 19 -94.62 31.81 121.89
N ILE U 20 -93.48 32.13 122.50
CA ILE U 20 -93.27 33.38 123.21
C ILE U 20 -92.05 34.09 122.60
N GLU U 21 -92.25 35.26 122.02
CA GLU U 21 -91.15 35.99 121.41
C GLU U 21 -90.17 36.47 122.48
N GLU U 22 -88.88 36.32 122.22
CA GLU U 22 -87.86 36.73 123.17
C GLU U 22 -87.89 38.23 123.32
N GLU U 23 -87.37 38.70 124.44
CA GLU U 23 -87.34 40.11 124.73
C GLU U 23 -86.62 40.84 123.61
N PRO U 24 -86.97 42.12 123.40
CA PRO U 24 -86.37 42.96 122.35
C PRO U 24 -84.86 43.09 122.54
N LYS U 25 -84.44 43.18 123.81
CA LYS U 25 -83.04 43.30 124.16
C LYS U 25 -82.50 41.99 124.70
N THR U 26 -81.23 42.00 125.10
CA THR U 26 -80.60 40.82 125.66
C THR U 26 -80.23 41.18 127.10
N LYS U 27 -79.46 40.32 127.75
CA LYS U 27 -79.05 40.56 129.13
C LYS U 27 -78.07 41.73 129.21
N GLY U 28 -77.59 42.18 128.05
CA GLY U 28 -76.65 43.31 128.01
C GLY U 28 -77.29 44.61 127.55
N GLY U 29 -78.54 44.55 127.10
CA GLY U 29 -79.24 45.73 126.65
C GLY U 29 -79.19 45.83 125.13
N ILE U 30 -78.44 44.92 124.53
CA ILE U 30 -78.26 44.87 123.09
C ILE U 30 -79.54 44.54 122.32
N VAL U 31 -80.20 45.58 121.81
CA VAL U 31 -81.40 45.39 121.02
C VAL U 31 -81.10 44.58 119.77
N LEU U 32 -81.55 43.33 119.75
CA LEU U 32 -81.31 42.46 118.61
C LEU U 32 -82.13 42.78 117.35
N PRO U 33 -81.58 42.50 116.16
CA PRO U 33 -82.34 42.78 114.94
C PRO U 33 -83.23 41.56 114.65
N ASP U 34 -84.39 41.82 114.07
CA ASP U 34 -85.32 40.76 113.74
C ASP U 34 -84.76 39.71 112.81
N THR U 35 -83.46 39.75 112.55
CA THR U 35 -82.90 38.76 111.65
C THR U 35 -82.03 37.82 112.45
N ALA U 36 -81.57 38.32 113.58
CA ALA U 36 -80.70 37.59 114.49
C ALA U 36 -81.43 36.59 115.37
N LYS U 37 -82.56 37.02 115.91
CA LYS U 37 -83.34 36.17 116.80
C LYS U 37 -84.21 35.14 116.08
N GLU U 38 -84.01 33.87 116.42
CA GLU U 38 -84.78 32.79 115.81
C GLU U 38 -86.11 32.59 116.51
N LYS U 39 -86.83 31.56 116.07
CA LYS U 39 -88.11 31.21 116.65
C LYS U 39 -87.87 30.67 118.05
N PRO U 40 -88.64 31.17 119.01
CA PRO U 40 -88.56 30.77 120.43
C PRO U 40 -88.77 29.28 120.64
N GLN U 41 -88.13 28.75 121.67
CA GLN U 41 -88.27 27.33 122.00
C GLN U 41 -89.19 27.25 123.22
N LYS U 42 -89.92 28.33 123.46
CA LYS U 42 -90.82 28.44 124.60
C LYS U 42 -92.26 28.73 124.19
N GLY U 43 -93.17 28.51 125.15
CA GLY U 43 -94.58 28.74 124.90
C GLY U 43 -95.46 28.10 125.95
N LYS U 44 -96.67 28.62 126.10
CA LYS U 44 -97.62 28.09 127.07
C LYS U 44 -98.52 27.06 126.43
N VAL U 45 -98.79 25.99 127.18
CA VAL U 45 -99.67 24.94 126.68
C VAL U 45 -101.09 25.48 126.76
N ILE U 46 -101.87 25.26 125.70
CA ILE U 46 -103.22 25.76 125.66
C ILE U 46 -104.22 24.61 125.55
N ALA U 47 -103.71 23.39 125.36
CA ALA U 47 -104.58 22.25 125.24
C ALA U 47 -103.79 20.95 125.24
N VAL U 48 -103.80 20.27 126.38
CA VAL U 48 -103.11 19.00 126.53
C VAL U 48 -104.08 17.97 125.95
N GLY U 49 -103.58 16.80 125.61
CA GLY U 49 -104.47 15.80 125.07
C GLY U 49 -104.38 14.48 125.82
N THR U 50 -105.18 13.52 125.38
CA THR U 50 -105.19 12.19 125.94
C THR U 50 -103.74 11.78 126.13
N GLY U 51 -103.43 10.95 127.10
CA GLY U 51 -102.04 10.55 127.24
C GLY U 51 -101.71 9.55 126.14
N ARG U 52 -100.48 9.05 126.13
CA ARG U 52 -100.05 8.07 125.13
C ARG U 52 -100.49 6.69 125.62
N VAL U 53 -101.18 5.95 124.75
CA VAL U 53 -101.64 4.62 125.12
C VAL U 53 -100.49 3.62 125.10
N LEU U 54 -100.09 3.19 126.29
CA LEU U 54 -98.98 2.24 126.46
C LEU U 54 -99.37 0.88 125.90
N GLU U 55 -98.45 -0.08 125.98
CA GLU U 55 -98.75 -1.41 125.44
C GLU U 55 -99.67 -2.19 126.36
N ASN U 56 -99.99 -1.61 127.52
CA ASN U 56 -100.91 -2.23 128.48
C ASN U 56 -102.24 -1.53 128.45
N GLY U 57 -102.53 -0.83 127.36
CA GLY U 57 -103.79 -0.11 127.30
C GLY U 57 -103.87 0.99 128.35
N GLN U 58 -102.73 1.31 128.97
CA GLN U 58 -102.69 2.36 129.98
C GLN U 58 -102.27 3.70 129.41
N ARG U 59 -103.13 4.69 129.53
CA ARG U 59 -102.85 6.02 129.02
C ARG U 59 -102.13 6.90 130.04
N VAL U 60 -100.81 7.02 129.85
CA VAL U 60 -99.96 7.81 130.72
C VAL U 60 -100.19 9.27 130.43
N PRO U 61 -100.78 9.99 131.38
CA PRO U 61 -101.04 11.42 131.15
C PRO U 61 -99.76 12.23 130.92
N LEU U 62 -99.90 13.35 130.24
CA LEU U 62 -98.80 14.25 129.93
C LEU U 62 -98.30 14.98 131.16
N GLU U 63 -96.99 14.89 131.43
CA GLU U 63 -96.40 15.55 132.59
C GLU U 63 -96.56 17.07 132.55
N VAL U 64 -97.41 17.56 131.66
CA VAL U 64 -97.63 19.00 131.52
C VAL U 64 -99.09 19.41 131.69
N LYS U 65 -99.28 20.43 132.53
CA LYS U 65 -100.61 20.96 132.80
C LYS U 65 -101.05 21.91 131.71
N GLU U 66 -102.35 22.14 131.62
CA GLU U 66 -102.92 23.01 130.62
C GLU U 66 -102.68 24.49 130.91
N GLY U 67 -101.43 24.94 130.72
CA GLY U 67 -101.11 26.34 130.96
C GLY U 67 -99.69 26.61 131.43
N ASP U 68 -98.79 25.64 131.28
CA ASP U 68 -97.41 25.82 131.71
C ASP U 68 -96.52 26.40 130.63
N ILE U 69 -95.32 26.83 131.05
CA ILE U 69 -94.33 27.40 130.14
C ILE U 69 -93.43 26.23 129.77
N VAL U 70 -93.42 25.87 128.49
CA VAL U 70 -92.63 24.74 128.01
C VAL U 70 -91.42 25.09 127.15
N VAL U 71 -90.39 24.25 127.24
CA VAL U 71 -89.14 24.39 126.48
C VAL U 71 -89.02 23.17 125.57
N PHE U 72 -89.09 23.40 124.26
CA PHE U 72 -89.02 22.31 123.30
C PHE U 72 -88.01 22.60 122.20
N ALA U 73 -87.55 21.56 121.52
CA ALA U 73 -86.59 21.73 120.43
C ALA U 73 -87.33 22.39 119.27
N LYS U 74 -87.35 23.72 119.29
CA LYS U 74 -88.00 24.58 118.31
C LYS U 74 -88.16 24.04 116.89
N TYR U 75 -87.24 23.18 116.46
CA TYR U 75 -87.28 22.64 115.11
C TYR U 75 -88.41 21.67 114.77
N GLY U 76 -88.80 20.80 115.70
CA GLY U 76 -89.86 19.84 115.42
C GLY U 76 -91.27 20.30 115.76
N GLY U 77 -92.25 19.48 115.37
CA GLY U 77 -93.63 19.79 115.67
C GLY U 77 -94.35 20.67 114.68
N THR U 78 -95.44 20.15 114.12
CA THR U 78 -96.27 20.88 113.14
C THR U 78 -96.85 22.17 113.73
N GLU U 79 -97.00 23.18 112.88
CA GLU U 79 -97.53 24.47 113.28
C GLU U 79 -98.78 24.77 112.48
N ILE U 80 -99.75 25.45 113.10
CA ILE U 80 -100.99 25.80 112.41
C ILE U 80 -101.61 27.05 113.02
N GLU U 81 -102.52 27.67 112.26
CA GLU U 81 -103.22 28.87 112.70
C GLU U 81 -104.72 28.61 112.75
N ILE U 82 -105.40 29.26 113.68
CA ILE U 82 -106.84 29.11 113.85
C ILE U 82 -107.42 30.46 114.23
N ASP U 83 -108.51 30.82 113.55
CA ASP U 83 -109.21 32.08 113.82
C ASP U 83 -108.24 33.23 114.03
N GLY U 84 -107.25 33.34 113.17
CA GLY U 84 -106.29 34.43 113.29
C GLY U 84 -105.28 34.24 114.39
N GLU U 85 -104.54 33.14 114.33
CA GLU U 85 -103.49 32.86 115.30
C GLU U 85 -102.84 31.50 115.15
N GLU U 86 -101.52 31.49 115.31
CA GLU U 86 -100.75 30.27 115.15
C GLU U 86 -100.13 29.66 116.39
N TYR U 87 -100.21 28.34 116.48
CA TYR U 87 -99.66 27.60 117.61
C TYR U 87 -98.87 26.43 117.05
N VAL U 88 -98.30 25.61 117.95
CA VAL U 88 -97.51 24.46 117.54
C VAL U 88 -97.96 23.15 118.20
N ILE U 89 -98.32 22.17 117.38
CA ILE U 89 -98.74 20.88 117.90
C ILE U 89 -97.49 20.02 118.10
N LEU U 90 -97.00 19.96 119.33
CA LEU U 90 -95.80 19.18 119.64
C LEU U 90 -96.14 17.89 120.36
N SER U 91 -95.25 16.91 120.30
CA SER U 91 -95.43 15.64 120.99
C SER U 91 -94.76 15.84 122.34
N GLU U 92 -94.76 14.80 123.15
CA GLU U 92 -94.16 14.91 124.47
C GLU U 92 -92.66 14.70 124.34
N ARG U 93 -92.27 14.01 123.27
CA ARG U 93 -90.85 13.78 123.03
C ARG U 93 -90.22 15.15 122.84
N ASP U 94 -90.87 15.97 122.01
CA ASP U 94 -90.40 17.32 121.72
C ASP U 94 -90.35 18.21 122.96
N LEU U 95 -91.19 17.89 123.95
CA LEU U 95 -91.21 18.66 125.18
C LEU U 95 -89.95 18.28 125.97
N LEU U 96 -89.12 19.28 126.27
CA LEU U 96 -87.86 19.06 126.98
C LEU U 96 -87.87 19.44 128.45
N ALA U 97 -88.67 20.44 128.80
CA ALA U 97 -88.75 20.89 130.19
C ALA U 97 -89.84 21.94 130.37
N VAL U 98 -90.04 22.37 131.62
CA VAL U 98 -91.05 23.39 131.90
C VAL U 98 -90.41 24.44 132.79
N LEU U 99 -90.81 25.69 132.59
CA LEU U 99 -90.26 26.79 133.38
C LEU U 99 -91.16 27.18 134.54
N GLN U 100 -90.62 27.06 135.74
CA GLN U 100 -91.34 27.39 136.97
C GLN U 100 -90.86 28.74 137.50
N ALA V 2 48.64 -23.25 -37.72
CA ALA V 2 49.82 -24.09 -38.09
C ALA V 2 50.86 -23.96 -36.98
N LYS V 3 50.71 -22.92 -36.18
CA LYS V 3 51.64 -22.69 -35.08
C LYS V 3 51.14 -23.20 -33.74
N ILE V 4 52.07 -23.34 -32.81
CA ILE V 4 51.77 -23.80 -31.46
C ILE V 4 52.57 -22.90 -30.53
N LEU V 5 51.93 -22.32 -29.53
CA LEU V 5 52.62 -21.44 -28.60
C LEU V 5 52.89 -22.06 -27.22
N VAL V 6 54.13 -22.45 -26.99
CA VAL V 6 54.56 -23.04 -25.73
C VAL V 6 55.25 -22.03 -24.83
N PHE V 7 54.84 -21.98 -23.56
CA PHE V 7 55.46 -21.05 -22.66
C PHE V 7 56.27 -21.66 -21.53
N ASP V 8 56.70 -20.79 -20.64
CA ASP V 8 57.50 -21.14 -19.48
C ASP V 8 58.30 -22.43 -19.52
N GLU V 9 58.34 -23.09 -18.37
CA GLU V 9 59.10 -24.31 -18.20
C GLU V 9 58.82 -25.35 -19.26
N ALA V 10 57.58 -25.38 -19.73
CA ALA V 10 57.18 -26.33 -20.77
C ALA V 10 58.14 -26.17 -21.94
N ALA V 11 58.32 -24.91 -22.34
CA ALA V 11 59.19 -24.54 -23.43
C ALA V 11 60.65 -24.84 -23.12
N ARG V 12 61.14 -24.30 -22.00
CA ARG V 12 62.54 -24.55 -21.65
C ARG V 12 62.90 -26.04 -21.60
N ARG V 13 62.04 -26.85 -20.99
CA ARG V 13 62.34 -28.29 -20.89
C ARG V 13 62.46 -28.92 -22.27
N ALA V 14 61.53 -28.58 -23.15
CA ALA V 14 61.54 -29.13 -24.49
C ALA V 14 62.87 -28.80 -25.15
N LEU V 15 63.22 -27.51 -25.15
CA LEU V 15 64.48 -27.05 -25.72
C LEU V 15 65.64 -27.86 -25.13
N GLU V 16 65.71 -27.87 -23.81
CA GLU V 16 66.74 -28.60 -23.12
C GLU V 16 66.83 -30.04 -23.59
N ARG V 17 65.68 -30.68 -23.80
CA ARG V 17 65.66 -32.07 -24.25
C ARG V 17 66.45 -32.19 -25.55
N GLY V 18 66.16 -31.26 -26.46
CA GLY V 18 66.86 -31.25 -27.73
C GLY V 18 68.35 -31.03 -27.52
N VAL V 19 68.68 -30.00 -26.74
CA VAL V 19 70.07 -29.70 -26.47
C VAL V 19 70.79 -30.94 -26.00
N ASN V 20 70.21 -31.63 -25.03
CA ASN V 20 70.85 -32.83 -24.51
C ASN V 20 70.92 -33.95 -25.52
N ALA V 21 69.89 -34.07 -26.35
CA ALA V 21 69.84 -35.09 -27.38
C ALA V 21 71.13 -35.10 -28.17
N VAL V 22 71.45 -33.93 -28.74
CA VAL V 22 72.64 -33.74 -29.55
C VAL V 22 73.92 -33.89 -28.73
N ALA V 23 73.99 -33.09 -27.67
CA ALA V 23 75.16 -33.09 -26.80
C ALA V 23 75.61 -34.47 -26.36
N ASN V 24 74.66 -35.36 -26.04
CA ASN V 24 75.06 -36.68 -25.56
C ASN V 24 75.53 -37.60 -26.67
N ALA V 25 75.13 -37.31 -27.90
CA ALA V 25 75.58 -38.15 -28.99
C ALA V 25 77.03 -37.71 -29.28
N VAL V 26 77.27 -36.41 -29.14
CA VAL V 26 78.58 -35.82 -29.38
C VAL V 26 79.64 -36.19 -28.32
N LYS V 27 79.43 -35.75 -27.08
CA LYS V 27 80.38 -36.01 -26.00
C LYS V 27 81.00 -37.41 -25.97
N VAL V 28 80.36 -38.36 -26.64
CA VAL V 28 80.86 -39.74 -26.67
C VAL V 28 82.26 -39.83 -27.27
N THR V 29 82.64 -38.78 -27.98
CA THR V 29 83.95 -38.71 -28.65
C THR V 29 85.06 -38.01 -27.86
N LEU V 30 84.68 -36.99 -27.09
CA LEU V 30 85.61 -36.19 -26.30
C LEU V 30 86.77 -36.94 -25.66
N GLY V 31 87.96 -36.35 -25.78
CA GLY V 31 89.16 -36.92 -25.18
C GLY V 31 89.84 -38.07 -25.91
N PRO V 32 90.99 -38.51 -25.39
CA PRO V 32 91.80 -39.60 -25.94
C PRO V 32 91.14 -40.96 -25.90
N ARG V 33 90.29 -41.18 -24.90
CA ARG V 33 89.61 -42.46 -24.78
C ARG V 33 88.25 -42.39 -25.46
N GLY V 34 87.95 -41.21 -25.99
CA GLY V 34 86.68 -41.00 -26.68
C GLY V 34 86.47 -42.07 -27.75
N ARG V 35 85.21 -42.36 -28.04
CA ARG V 35 84.88 -43.38 -29.04
C ARG V 35 84.20 -42.75 -30.25
N ASN V 36 83.95 -43.57 -31.27
CA ASN V 36 83.33 -43.08 -32.49
C ASN V 36 81.83 -43.22 -32.62
N VAL V 37 81.26 -42.29 -33.36
CA VAL V 37 79.85 -42.28 -33.67
C VAL V 37 79.75 -42.80 -35.11
N VAL V 38 78.67 -43.50 -35.43
CA VAL V 38 78.48 -44.01 -36.77
C VAL V 38 77.31 -43.28 -37.43
N LEU V 39 77.61 -42.45 -38.43
CA LEU V 39 76.59 -41.70 -39.13
C LEU V 39 76.15 -42.39 -40.42
N GLU V 40 74.86 -42.69 -40.52
CA GLU V 40 74.31 -43.37 -41.68
C GLU V 40 74.27 -42.43 -42.88
N LYS V 41 74.79 -42.91 -44.01
CA LYS V 41 74.82 -42.13 -45.24
C LYS V 41 73.76 -42.68 -46.19
N LYS V 42 73.16 -41.78 -46.96
CA LYS V 42 72.10 -42.12 -47.90
C LYS V 42 72.38 -43.29 -48.83
N PHE V 43 73.61 -43.41 -49.33
CA PHE V 43 73.90 -44.50 -50.25
C PHE V 43 75.04 -45.46 -49.92
N GLY V 44 76.25 -44.93 -49.78
CA GLY V 44 77.39 -45.79 -49.50
C GLY V 44 77.44 -46.33 -48.08
N SER V 45 78.64 -46.71 -47.65
CA SER V 45 78.82 -47.20 -46.30
C SER V 45 78.64 -45.94 -45.42
N PRO V 46 78.55 -46.11 -44.10
CA PRO V 46 78.38 -44.93 -43.27
C PRO V 46 79.69 -44.20 -43.02
N THR V 47 79.60 -43.15 -42.22
CA THR V 47 80.73 -42.33 -41.82
C THR V 47 81.04 -42.72 -40.37
N ILE V 48 82.28 -43.08 -40.08
CA ILE V 48 82.65 -43.41 -38.72
C ILE V 48 83.64 -42.34 -38.24
N THR V 49 83.13 -41.36 -37.50
CA THR V 49 83.94 -40.24 -37.01
C THR V 49 84.16 -40.21 -35.49
N LYS V 50 84.84 -39.15 -35.07
CA LYS V 50 85.14 -38.86 -33.68
C LYS V 50 85.07 -37.32 -33.63
N ASP V 51 84.51 -36.76 -34.70
CA ASP V 51 84.42 -35.32 -34.84
C ASP V 51 83.09 -34.74 -34.41
N GLY V 52 83.17 -33.80 -33.47
CA GLY V 52 81.98 -33.14 -32.98
C GLY V 52 81.00 -32.71 -34.03
N VAL V 53 81.23 -31.54 -34.60
CA VAL V 53 80.34 -31.00 -35.63
C VAL V 53 79.82 -32.00 -36.66
N THR V 54 80.65 -32.95 -37.06
CA THR V 54 80.22 -33.92 -38.05
C THR V 54 79.01 -34.65 -37.51
N VAL V 55 79.11 -35.15 -36.29
CA VAL V 55 78.00 -35.85 -35.66
C VAL V 55 76.86 -34.86 -35.43
N ALA V 56 77.15 -33.81 -34.68
CA ALA V 56 76.13 -32.82 -34.38
C ALA V 56 75.26 -32.44 -35.57
N LYS V 57 75.89 -32.21 -36.72
CA LYS V 57 75.17 -31.82 -37.92
C LYS V 57 74.19 -32.85 -38.45
N GLU V 58 74.44 -34.13 -38.19
CA GLU V 58 73.56 -35.19 -38.66
C GLU V 58 72.31 -35.37 -37.80
N VAL V 59 72.33 -34.83 -36.58
CA VAL V 59 71.20 -34.96 -35.68
C VAL V 59 70.01 -34.09 -36.04
N GLU V 60 68.87 -34.74 -36.24
CA GLU V 60 67.61 -34.09 -36.57
C GLU V 60 66.52 -34.77 -35.74
N LEU V 61 65.88 -34.01 -34.84
CA LEU V 61 64.85 -34.57 -33.97
C LEU V 61 63.45 -34.44 -34.55
N GLU V 62 62.61 -35.42 -34.24
CA GLU V 62 61.24 -35.42 -34.75
C GLU V 62 60.33 -34.38 -34.13
N ASP V 63 60.54 -34.09 -32.84
CA ASP V 63 59.70 -33.08 -32.18
C ASP V 63 60.19 -31.66 -32.45
N HIS V 64 59.32 -30.84 -33.03
CA HIS V 64 59.69 -29.47 -33.33
C HIS V 64 60.46 -28.73 -32.24
N LEU V 65 59.86 -28.54 -31.06
CA LEU V 65 60.56 -27.84 -30.00
C LEU V 65 61.90 -28.47 -29.62
N GLU V 66 61.91 -29.78 -29.43
CA GLU V 66 63.14 -30.46 -29.08
C GLU V 66 64.21 -30.26 -30.15
N ASN V 67 63.76 -30.18 -31.40
CA ASN V 67 64.66 -30.02 -32.53
C ASN V 67 65.27 -28.63 -32.53
N ILE V 68 64.47 -27.63 -32.21
CA ILE V 68 64.95 -26.25 -32.16
C ILE V 68 66.16 -26.20 -31.20
N GLY V 69 66.07 -26.96 -30.12
CA GLY V 69 67.17 -26.99 -29.20
C GLY V 69 68.35 -27.67 -29.86
N ALA V 70 68.10 -28.79 -30.52
CA ALA V 70 69.17 -29.52 -31.19
C ALA V 70 69.92 -28.62 -32.16
N GLN V 71 69.20 -27.72 -32.80
CA GLN V 71 69.83 -26.81 -33.76
C GLN V 71 70.74 -25.83 -33.03
N LEU V 72 70.17 -25.06 -32.11
CA LEU V 72 70.95 -24.10 -31.34
C LEU V 72 72.27 -24.71 -30.86
N LEU V 73 72.24 -25.96 -30.44
CA LEU V 73 73.47 -26.58 -29.98
C LEU V 73 74.39 -26.82 -31.17
N LYS V 74 73.82 -27.26 -32.29
CA LYS V 74 74.61 -27.51 -33.48
C LYS V 74 75.39 -26.24 -33.85
N GLU V 75 74.72 -25.09 -33.72
CA GLU V 75 75.33 -23.80 -34.03
C GLU V 75 76.60 -23.62 -33.21
N VAL V 76 76.50 -23.90 -31.92
CA VAL V 76 77.67 -23.78 -31.08
C VAL V 76 78.78 -24.61 -31.69
N ALA V 77 78.47 -25.82 -32.11
CA ALA V 77 79.47 -26.70 -32.68
C ALA V 77 80.14 -26.17 -33.93
N SER V 78 79.33 -25.84 -34.94
CA SER V 78 79.86 -25.33 -36.20
C SER V 78 80.60 -24.00 -36.10
N LYS V 79 79.96 -22.98 -35.53
CA LYS V 79 80.61 -21.68 -35.40
C LYS V 79 81.98 -21.83 -34.76
N THR V 80 82.18 -22.91 -34.01
CA THR V 80 83.46 -23.16 -33.37
C THR V 80 84.39 -23.81 -34.37
N ASN V 81 83.82 -24.63 -35.24
CA ASN V 81 84.58 -25.31 -36.27
C ASN V 81 85.02 -24.26 -37.30
N ASP V 82 84.18 -23.26 -37.51
CA ASP V 82 84.48 -22.20 -38.46
C ASP V 82 85.63 -21.34 -37.94
N VAL V 83 85.52 -20.94 -36.68
CA VAL V 83 86.51 -20.08 -36.07
C VAL V 83 87.82 -20.76 -35.67
N ALA V 84 87.85 -22.09 -35.59
CA ALA V 84 89.08 -22.75 -35.17
C ALA V 84 89.31 -24.14 -35.78
N GLY V 85 88.27 -24.74 -36.35
CA GLY V 85 88.45 -26.04 -36.97
C GLY V 85 88.64 -27.21 -36.03
N ASP V 86 88.78 -26.92 -34.73
CA ASP V 86 88.95 -27.94 -33.71
C ASP V 86 88.30 -27.47 -32.42
N GLY V 87 88.02 -28.43 -31.53
CA GLY V 87 87.40 -28.11 -30.24
C GLY V 87 85.88 -27.98 -30.31
N THR V 88 85.28 -28.67 -31.27
CA THR V 88 83.83 -28.63 -31.42
C THR V 88 83.15 -29.37 -30.29
N THR V 89 83.62 -30.58 -29.98
CA THR V 89 83.06 -31.37 -28.89
C THR V 89 83.11 -30.57 -27.59
N THR V 90 84.28 -30.00 -27.28
CA THR V 90 84.46 -29.19 -26.08
C THR V 90 83.44 -28.07 -25.97
N ALA V 91 83.12 -27.44 -27.09
CA ALA V 91 82.15 -26.35 -27.08
C ALA V 91 80.73 -26.86 -26.80
N THR V 92 80.42 -28.05 -27.32
CA THR V 92 79.12 -28.68 -27.12
C THR V 92 78.92 -28.89 -25.62
N VAL V 93 79.80 -29.71 -25.04
CA VAL V 93 79.78 -30.00 -23.62
C VAL V 93 79.58 -28.74 -22.77
N LEU V 94 80.43 -27.73 -22.96
CA LEU V 94 80.31 -26.49 -22.22
C LEU V 94 78.95 -25.85 -22.40
N ALA V 95 78.32 -26.08 -23.55
CA ALA V 95 77.01 -25.49 -23.83
C ALA V 95 75.96 -26.22 -23.01
N GLN V 96 76.01 -27.54 -23.06
CA GLN V 96 75.08 -28.38 -22.33
C GLN V 96 75.13 -27.98 -20.87
N ALA V 97 76.34 -28.00 -20.31
CA ALA V 97 76.59 -27.62 -18.91
C ALA V 97 75.94 -26.30 -18.58
N ILE V 98 76.23 -25.28 -19.38
CA ILE V 98 75.67 -23.96 -19.13
C ILE V 98 74.17 -23.96 -19.19
N VAL V 99 73.62 -24.74 -20.11
CA VAL V 99 72.17 -24.80 -20.26
C VAL V 99 71.47 -25.43 -19.06
N ARG V 100 71.98 -26.56 -18.56
CA ARG V 100 71.31 -27.19 -17.42
C ARG V 100 71.43 -26.37 -16.15
N GLU V 101 72.66 -26.19 -15.68
CA GLU V 101 72.90 -25.44 -14.47
C GLU V 101 72.17 -24.11 -14.52
N GLY V 102 72.01 -23.58 -15.73
CA GLY V 102 71.33 -22.31 -15.88
C GLY V 102 69.82 -22.44 -15.86
N LEU V 103 69.28 -23.39 -16.61
CA LEU V 103 67.83 -23.59 -16.66
C LEU V 103 67.31 -23.90 -15.26
N LYS V 104 68.13 -24.62 -14.49
CA LYS V 104 67.80 -24.93 -13.12
C LYS V 104 67.54 -23.61 -12.38
N ASN V 105 68.55 -22.75 -12.36
CA ASN V 105 68.42 -21.46 -11.69
C ASN V 105 67.26 -20.62 -12.18
N VAL V 106 66.85 -20.82 -13.42
CA VAL V 106 65.73 -20.04 -13.94
C VAL V 106 64.46 -20.54 -13.29
N ALA V 107 64.37 -21.87 -13.17
CA ALA V 107 63.23 -22.52 -12.55
C ALA V 107 63.14 -22.06 -11.10
N ALA V 108 64.31 -21.86 -10.49
CA ALA V 108 64.38 -21.41 -9.12
C ALA V 108 64.02 -19.93 -9.00
N GLY V 109 63.59 -19.33 -10.11
CA GLY V 109 63.18 -17.93 -10.08
C GLY V 109 64.16 -16.85 -10.50
N ALA V 110 65.38 -17.25 -10.83
CA ALA V 110 66.41 -16.30 -11.24
C ALA V 110 66.03 -15.53 -12.48
N ASN V 111 66.44 -14.26 -12.55
CA ASN V 111 66.20 -13.40 -13.71
C ASN V 111 67.24 -13.80 -14.75
N PRO V 112 66.79 -14.36 -15.88
CA PRO V 112 67.70 -14.81 -16.94
C PRO V 112 68.58 -13.70 -17.51
N LEU V 113 68.03 -12.49 -17.66
CA LEU V 113 68.81 -11.37 -18.17
C LEU V 113 70.08 -11.19 -17.33
N ALA V 114 69.91 -11.09 -16.01
CA ALA V 114 71.04 -10.95 -15.10
C ALA V 114 71.94 -12.17 -15.20
N LEU V 115 71.36 -13.35 -15.30
CA LEU V 115 72.16 -14.57 -15.43
C LEU V 115 73.10 -14.44 -16.64
N LYS V 116 72.60 -13.78 -17.68
CA LYS V 116 73.36 -13.59 -18.91
C LYS V 116 74.57 -12.71 -18.57
N ARG V 117 74.28 -11.49 -18.12
CA ARG V 117 75.33 -10.54 -17.75
C ARG V 117 76.45 -11.23 -16.97
N GLY V 118 76.06 -11.96 -15.95
CA GLY V 118 77.03 -12.66 -15.14
C GLY V 118 77.80 -13.67 -15.94
N ILE V 119 77.11 -14.41 -16.82
CA ILE V 119 77.78 -15.42 -17.64
C ILE V 119 78.81 -14.71 -18.50
N GLU V 120 78.40 -13.60 -19.08
CA GLU V 120 79.27 -12.81 -19.94
C GLU V 120 80.51 -12.40 -19.18
N LYS V 121 80.30 -11.68 -18.08
CA LYS V 121 81.43 -11.22 -17.26
C LYS V 121 82.32 -12.39 -16.89
N ALA V 122 81.70 -13.49 -16.48
CA ALA V 122 82.45 -14.67 -16.09
C ALA V 122 83.31 -15.17 -17.24
N VAL V 123 82.76 -15.16 -18.44
CA VAL V 123 83.51 -15.66 -19.60
C VAL V 123 84.71 -14.77 -19.87
N GLU V 124 84.48 -13.45 -19.83
CA GLU V 124 85.57 -12.50 -20.05
C GLU V 124 86.73 -12.86 -19.13
N ALA V 125 86.47 -12.84 -17.84
CA ALA V 125 87.47 -13.19 -16.85
C ALA V 125 88.13 -14.52 -17.21
N ALA V 126 87.33 -15.49 -17.65
CA ALA V 126 87.85 -16.81 -18.00
C ALA V 126 88.77 -16.74 -19.23
N VAL V 127 88.35 -15.97 -20.23
CA VAL V 127 89.15 -15.83 -21.45
C VAL V 127 90.50 -15.19 -21.12
N GLU V 128 90.44 -14.09 -20.35
CA GLU V 128 91.64 -13.35 -19.94
C GLU V 128 92.66 -14.29 -19.31
N LYS V 129 92.17 -15.20 -18.49
CA LYS V 129 93.05 -16.17 -17.83
C LYS V 129 93.61 -17.16 -18.84
N ILE V 130 92.87 -17.43 -19.91
CA ILE V 130 93.33 -18.38 -20.91
C ILE V 130 94.56 -17.78 -21.59
N LYS V 131 94.43 -16.51 -21.94
CA LYS V 131 95.49 -15.75 -22.58
C LYS V 131 96.67 -15.77 -21.64
N ALA V 132 96.42 -15.28 -20.43
CA ALA V 132 97.43 -15.25 -19.39
C ALA V 132 98.31 -16.51 -19.27
N LEU V 133 97.78 -17.67 -19.64
CA LEU V 133 98.53 -18.94 -19.54
C LEU V 133 99.04 -19.40 -20.89
N ALA V 134 98.79 -18.61 -21.93
CA ALA V 134 99.23 -18.98 -23.27
C ALA V 134 100.75 -18.90 -23.44
N ILE V 135 101.29 -19.84 -24.19
CA ILE V 135 102.72 -19.93 -24.48
C ILE V 135 102.93 -19.94 -26.00
N PRO V 136 103.79 -19.07 -26.54
CA PRO V 136 104.02 -19.04 -27.99
C PRO V 136 104.70 -20.30 -28.49
N VAL V 137 104.26 -20.78 -29.65
CA VAL V 137 104.85 -21.97 -30.25
C VAL V 137 106.18 -21.52 -30.84
N GLU V 138 107.26 -22.22 -30.55
CA GLU V 138 108.55 -21.78 -31.08
C GLU V 138 109.45 -22.88 -31.61
N ASP V 139 108.92 -24.07 -31.84
CA ASP V 139 109.80 -25.13 -32.34
C ASP V 139 109.09 -26.38 -32.83
N ARG V 140 109.86 -27.24 -33.48
CA ARG V 140 109.38 -28.48 -34.06
C ARG V 140 108.64 -29.35 -33.05
N LYS V 141 109.11 -29.38 -31.81
CA LYS V 141 108.48 -30.18 -30.78
C LYS V 141 107.10 -29.60 -30.41
N ALA V 142 107.08 -28.34 -29.98
CA ALA V 142 105.85 -27.65 -29.60
C ALA V 142 104.74 -27.90 -30.61
N ILE V 143 105.10 -28.02 -31.88
CA ILE V 143 104.10 -28.29 -32.91
C ILE V 143 103.78 -29.77 -33.02
N GLU V 144 104.81 -30.61 -32.95
CA GLU V 144 104.56 -32.04 -33.03
C GLU V 144 103.54 -32.41 -31.95
N GLU V 145 103.64 -31.76 -30.79
CA GLU V 145 102.71 -32.03 -29.70
C GLU V 145 101.28 -31.63 -30.11
N VAL V 146 101.01 -30.33 -30.20
CA VAL V 146 99.69 -29.84 -30.60
C VAL V 146 99.05 -30.73 -31.67
N ALA V 147 99.84 -31.13 -32.66
CA ALA V 147 99.33 -31.97 -33.72
C ALA V 147 99.03 -33.39 -33.24
N THR V 148 99.97 -34.01 -32.52
CA THR V 148 99.76 -35.38 -32.04
C THR V 148 98.48 -35.47 -31.22
N ILE V 149 98.22 -34.45 -30.40
CA ILE V 149 97.03 -34.42 -29.58
C ILE V 149 95.78 -34.29 -30.44
N SER V 150 95.61 -33.13 -31.07
CA SER V 150 94.45 -32.87 -31.93
C SER V 150 94.04 -34.03 -32.83
N ALA V 151 95.03 -34.80 -33.28
CA ALA V 151 94.79 -35.95 -34.15
C ALA V 151 94.75 -37.25 -33.35
N ASN V 152 95.19 -37.16 -32.10
CA ASN V 152 95.20 -38.32 -31.24
C ASN V 152 96.01 -39.43 -31.90
N ASP V 153 97.17 -39.05 -32.41
CA ASP V 153 98.09 -39.97 -33.08
C ASP V 153 99.49 -39.34 -33.16
N PRO V 154 100.52 -40.08 -32.71
CA PRO V 154 101.89 -39.57 -32.74
C PRO V 154 102.37 -39.39 -34.16
N GLU V 155 102.13 -40.40 -35.00
CA GLU V 155 102.54 -40.37 -36.40
C GLU V 155 102.04 -39.12 -37.11
N VAL V 156 100.75 -38.84 -37.00
CA VAL V 156 100.17 -37.66 -37.62
C VAL V 156 100.84 -36.40 -37.11
N GLY V 157 101.06 -36.32 -35.80
CA GLY V 157 101.70 -35.16 -35.23
C GLY V 157 103.14 -35.03 -35.72
N LYS V 158 103.73 -36.15 -36.15
CA LYS V 158 105.10 -36.12 -36.64
C LYS V 158 105.11 -35.46 -38.02
N LEU V 159 104.51 -36.12 -39.00
CA LEU V 159 104.47 -35.58 -40.35
C LEU V 159 104.09 -34.12 -40.41
N ILE V 160 103.11 -33.70 -39.60
CA ILE V 160 102.69 -32.30 -39.59
C ILE V 160 103.84 -31.44 -39.09
N ALA V 161 104.64 -31.97 -38.16
CA ALA V 161 105.78 -31.23 -37.63
C ALA V 161 106.86 -31.20 -38.69
N ASP V 162 107.20 -32.37 -39.23
CA ASP V 162 108.21 -32.44 -40.28
C ASP V 162 107.87 -31.41 -41.36
N ALA V 163 106.73 -31.60 -42.00
CA ALA V 163 106.31 -30.68 -43.05
C ALA V 163 106.36 -29.23 -42.59
N MET V 164 105.57 -28.91 -41.56
CA MET V 164 105.52 -27.57 -41.02
C MET V 164 106.92 -26.97 -40.94
N GLU V 165 107.88 -27.77 -40.45
CA GLU V 165 109.25 -27.30 -40.30
C GLU V 165 109.94 -26.95 -41.62
N LYS V 166 110.04 -27.93 -42.51
CA LYS V 166 110.67 -27.71 -43.80
C LYS V 166 109.73 -26.98 -44.79
N VAL V 167 109.00 -25.95 -44.31
CA VAL V 167 108.08 -25.13 -45.14
C VAL V 167 107.77 -23.80 -44.44
N GLY V 168 108.29 -23.64 -43.22
CA GLY V 168 108.09 -22.41 -42.47
C GLY V 168 106.65 -22.25 -42.06
N LYS V 169 106.42 -21.50 -40.98
CA LYS V 169 105.07 -21.29 -40.48
C LYS V 169 104.18 -20.54 -41.46
N GLU V 170 104.80 -19.88 -42.44
CA GLU V 170 104.04 -19.15 -43.44
C GLU V 170 103.85 -20.02 -44.67
N GLY V 171 104.38 -21.24 -44.62
CA GLY V 171 104.25 -22.15 -45.75
C GLY V 171 102.84 -22.67 -46.01
N ILE V 172 102.76 -23.81 -46.68
CA ILE V 172 101.48 -24.43 -46.99
C ILE V 172 101.55 -25.95 -47.01
N ILE V 173 100.63 -26.57 -46.26
CA ILE V 173 100.56 -28.03 -46.20
C ILE V 173 99.22 -28.49 -46.77
N THR V 174 99.23 -29.62 -47.45
CA THR V 174 98.01 -30.14 -48.05
C THR V 174 97.77 -31.62 -47.80
N VAL V 175 96.50 -31.96 -47.59
CA VAL V 175 96.15 -33.34 -47.33
C VAL V 175 95.52 -33.94 -48.56
N GLU V 176 96.16 -34.98 -49.07
CA GLU V 176 95.68 -35.65 -50.27
C GLU V 176 95.49 -37.13 -50.06
N GLU V 177 94.74 -37.73 -50.97
CA GLU V 177 94.43 -39.14 -50.94
C GLU V 177 95.45 -40.02 -51.65
N SER V 178 96.44 -40.50 -50.90
CA SER V 178 97.47 -41.39 -51.46
C SER V 178 96.79 -42.58 -52.11
N LYS V 179 97.57 -43.49 -52.66
CA LYS V 179 97.01 -44.68 -53.30
C LYS V 179 97.48 -45.96 -52.62
N SER V 180 98.63 -45.90 -51.96
CA SER V 180 99.16 -47.07 -51.26
C SER V 180 98.51 -47.10 -49.88
N LEU V 181 98.76 -48.17 -49.14
CA LEU V 181 98.22 -48.32 -47.80
C LEU V 181 98.93 -47.34 -46.85
N GLU V 182 100.11 -46.89 -47.28
CA GLU V 182 100.89 -45.99 -46.45
C GLU V 182 100.76 -44.52 -46.82
N THR V 183 100.92 -43.68 -45.80
CA THR V 183 100.85 -42.24 -45.95
C THR V 183 102.25 -41.73 -46.23
N GLU V 184 102.34 -40.73 -47.12
CA GLU V 184 103.64 -40.16 -47.49
C GLU V 184 103.64 -38.64 -47.45
N LEU V 185 104.76 -38.08 -46.97
CA LEU V 185 104.92 -36.63 -46.94
C LEU V 185 105.87 -36.28 -48.09
N LYS V 186 105.47 -35.33 -48.91
CA LYS V 186 106.30 -34.91 -50.04
C LYS V 186 106.24 -33.41 -50.23
N PHE V 187 107.38 -32.85 -50.64
CA PHE V 187 107.46 -31.41 -50.88
C PHE V 187 107.49 -31.11 -52.36
N VAL V 188 106.98 -29.95 -52.72
CA VAL V 188 106.96 -29.57 -54.12
C VAL V 188 108.17 -28.72 -54.41
N GLU V 189 109.02 -29.35 -55.23
CA GLU V 189 110.30 -28.86 -55.71
C GLU V 189 110.10 -27.82 -56.80
N GLY V 190 110.42 -26.58 -56.49
CA GLY V 190 110.25 -25.53 -57.46
C GLY V 190 108.79 -25.14 -57.57
N TYR V 191 108.44 -24.54 -58.70
CA TYR V 191 107.08 -24.09 -58.95
C TYR V 191 106.32 -25.11 -59.80
N GLN V 192 105.03 -25.26 -59.53
CA GLN V 192 104.23 -26.19 -60.29
C GLN V 192 102.74 -25.89 -60.15
N PHE V 193 102.00 -26.19 -61.20
CA PHE V 193 100.55 -25.99 -61.23
C PHE V 193 99.92 -27.22 -61.86
N ASP V 194 98.63 -27.42 -61.63
CA ASP V 194 97.94 -28.59 -62.16
C ASP V 194 97.43 -28.47 -63.59
N LYS V 195 98.38 -28.32 -64.53
CA LYS V 195 98.08 -28.22 -65.95
C LYS V 195 99.15 -29.06 -66.67
N GLY V 196 98.72 -29.91 -67.60
CA GLY V 196 99.68 -30.75 -68.30
C GLY V 196 99.88 -30.39 -69.77
N TYR V 197 100.57 -31.26 -70.50
CA TYR V 197 100.82 -31.01 -71.92
C TYR V 197 99.55 -31.00 -72.76
N ILE V 198 99.30 -29.87 -73.42
CA ILE V 198 98.13 -29.68 -74.27
C ILE V 198 98.03 -30.70 -75.40
N SER V 199 99.07 -31.51 -75.58
CA SER V 199 99.08 -32.53 -76.61
C SER V 199 100.06 -33.65 -76.28
N PRO V 200 99.58 -34.91 -76.30
CA PRO V 200 100.40 -36.08 -75.99
C PRO V 200 101.68 -36.21 -76.83
N TYR V 201 101.72 -35.53 -77.97
CA TYR V 201 102.90 -35.60 -78.85
C TYR V 201 104.15 -35.00 -78.22
N PHE V 202 103.94 -34.04 -77.32
CA PHE V 202 105.04 -33.37 -76.63
C PHE V 202 105.86 -34.31 -75.73
N VAL V 203 105.30 -35.48 -75.43
CA VAL V 203 105.96 -36.44 -74.56
C VAL V 203 107.42 -36.72 -74.92
N THR V 204 108.27 -36.70 -73.89
CA THR V 204 109.71 -36.95 -74.02
C THR V 204 110.05 -38.40 -73.61
N ASN V 205 109.33 -38.91 -72.62
CA ASN V 205 109.55 -40.27 -72.13
C ASN V 205 108.32 -41.14 -72.39
N PRO V 206 108.52 -42.29 -73.08
CA PRO V 206 107.42 -43.22 -73.40
C PRO V 206 107.08 -44.15 -72.24
N GLU V 207 107.95 -44.16 -71.23
CA GLU V 207 107.75 -45.01 -70.05
C GLU V 207 107.14 -44.24 -68.89
N THR V 208 107.27 -42.92 -68.90
CA THR V 208 106.72 -42.10 -67.82
C THR V 208 105.66 -41.11 -68.28
N MET V 209 105.35 -41.11 -69.58
CA MET V 209 104.35 -40.20 -70.13
C MET V 209 104.60 -38.75 -69.69
N GLU V 210 105.88 -38.39 -69.63
CA GLU V 210 106.29 -37.04 -69.24
C GLU V 210 106.88 -36.29 -70.42
N ALA V 211 107.08 -34.99 -70.22
CA ALA V 211 107.66 -34.12 -71.21
C ALA V 211 108.80 -33.41 -70.47
N VAL V 212 109.99 -33.99 -70.52
CA VAL V 212 111.17 -33.44 -69.85
C VAL V 212 111.98 -32.49 -70.74
N LEU V 213 112.09 -31.24 -70.32
CA LEU V 213 112.83 -30.23 -71.07
C LEU V 213 114.01 -29.70 -70.27
N GLU V 214 115.20 -30.21 -70.57
CA GLU V 214 116.40 -29.79 -69.86
C GLU V 214 116.80 -28.37 -70.26
N ASP V 215 117.09 -27.53 -69.26
CA ASP V 215 117.52 -26.15 -69.50
C ASP V 215 116.77 -25.56 -70.70
N ALA V 216 115.53 -25.13 -70.46
CA ALA V 216 114.73 -24.58 -71.55
C ALA V 216 114.29 -23.13 -71.37
N PHE V 217 113.62 -22.61 -72.38
CA PHE V 217 113.11 -21.23 -72.38
C PHE V 217 111.60 -21.28 -72.13
N ILE V 218 111.09 -20.38 -71.30
CA ILE V 218 109.66 -20.34 -70.99
C ILE V 218 108.98 -19.16 -71.64
N LEU V 219 108.11 -19.45 -72.59
CA LEU V 219 107.37 -18.40 -73.26
C LEU V 219 106.09 -18.16 -72.48
N ILE V 220 106.06 -17.07 -71.73
CA ILE V 220 104.89 -16.75 -70.93
C ILE V 220 103.96 -15.81 -71.71
N VAL V 221 102.91 -16.37 -72.31
CA VAL V 221 101.95 -15.57 -73.07
C VAL V 221 100.58 -15.50 -72.40
N GLU V 222 100.13 -14.29 -72.09
CA GLU V 222 98.85 -14.08 -71.44
C GLU V 222 97.69 -14.48 -72.35
N LYS V 223 97.57 -13.79 -73.48
CA LYS V 223 96.51 -14.07 -74.43
C LYS V 223 96.64 -15.49 -75.01
N LYS V 224 95.65 -15.92 -75.78
CA LYS V 224 95.69 -17.26 -76.40
C LYS V 224 96.73 -17.34 -77.52
N VAL V 225 96.73 -18.44 -78.26
CA VAL V 225 97.67 -18.67 -79.37
C VAL V 225 97.11 -19.65 -80.42
N SER V 226 96.79 -19.15 -81.60
CA SER V 226 96.26 -20.01 -82.66
C SER V 226 96.82 -19.68 -84.04
N ASN V 227 97.37 -18.47 -84.17
CA ASN V 227 97.96 -17.98 -85.43
C ASN V 227 99.46 -18.26 -85.51
N VAL V 228 99.85 -19.11 -86.45
CA VAL V 228 101.26 -19.48 -86.61
C VAL V 228 102.18 -18.29 -86.78
N ARG V 229 101.73 -17.28 -87.51
CA ARG V 229 102.53 -16.09 -87.72
C ARG V 229 103.17 -15.58 -86.44
N GLU V 230 102.36 -14.97 -85.57
CA GLU V 230 102.86 -14.42 -84.31
C GLU V 230 103.95 -15.28 -83.68
N LEU V 231 103.74 -16.60 -83.67
CA LEU V 231 104.70 -17.50 -83.07
C LEU V 231 106.07 -17.52 -83.72
N LEU V 232 106.06 -17.85 -85.01
CA LEU V 232 107.29 -17.95 -85.80
C LEU V 232 108.44 -17.04 -85.37
N PRO V 233 108.17 -15.73 -85.17
CA PRO V 233 109.26 -14.83 -84.74
C PRO V 233 110.17 -15.42 -83.66
N ILE V 234 109.59 -15.75 -82.51
CA ILE V 234 110.38 -16.30 -81.43
C ILE V 234 110.71 -17.77 -81.55
N LEU V 235 109.83 -18.52 -82.20
CA LEU V 235 110.09 -19.95 -82.40
C LEU V 235 111.40 -20.09 -83.17
N GLU V 236 111.67 -19.13 -84.05
CA GLU V 236 112.88 -19.12 -84.86
C GLU V 236 114.08 -18.73 -83.99
N GLN V 237 113.94 -17.63 -83.25
CA GLN V 237 115.01 -17.15 -82.36
C GLN V 237 115.43 -18.26 -81.41
N VAL V 238 114.43 -19.04 -80.96
CA VAL V 238 114.66 -20.15 -80.04
C VAL V 238 115.23 -21.39 -80.73
N ALA V 239 114.65 -21.77 -81.86
CA ALA V 239 115.10 -22.94 -82.62
C ALA V 239 116.59 -22.85 -82.88
N GLN V 240 117.09 -21.64 -83.07
CA GLN V 240 118.51 -21.40 -83.34
C GLN V 240 119.37 -21.44 -82.07
N THR V 241 118.72 -21.36 -80.91
CA THR V 241 119.43 -21.40 -79.63
C THR V 241 119.83 -22.84 -79.33
N GLY V 242 119.12 -23.79 -79.96
CA GLY V 242 119.40 -25.20 -79.74
C GLY V 242 118.85 -25.64 -78.41
N LYS V 243 118.11 -24.74 -77.77
CA LYS V 243 117.50 -25.02 -76.46
C LYS V 243 116.00 -25.29 -76.57
N PRO V 244 115.48 -26.21 -75.73
CA PRO V 244 114.06 -26.56 -75.72
C PRO V 244 113.19 -25.36 -75.35
N LEU V 245 111.88 -25.49 -75.56
CA LEU V 245 111.01 -24.38 -75.22
C LEU V 245 109.67 -24.80 -74.66
N LEU V 246 109.24 -24.09 -73.61
CA LEU V 246 107.96 -24.32 -72.96
C LEU V 246 107.09 -23.11 -73.22
N ILE V 247 105.91 -23.33 -73.79
CA ILE V 247 105.00 -22.24 -74.08
C ILE V 247 103.78 -22.31 -73.19
N ILE V 248 103.61 -21.27 -72.39
CA ILE V 248 102.48 -21.18 -71.47
C ILE V 248 101.56 -20.04 -71.89
N ALA V 249 100.45 -20.39 -72.51
CA ALA V 249 99.51 -19.39 -72.96
C ALA V 249 98.11 -19.84 -72.60
N GLU V 250 97.18 -18.88 -72.52
CA GLU V 250 95.78 -19.14 -72.19
C GLU V 250 95.37 -20.48 -72.77
N ASP V 251 95.95 -20.79 -73.92
CA ASP V 251 95.68 -22.03 -74.60
C ASP V 251 96.40 -21.99 -75.94
N VAL V 252 96.80 -23.16 -76.42
CA VAL V 252 97.49 -23.29 -77.69
C VAL V 252 96.65 -24.17 -78.61
N GLU V 253 95.95 -23.52 -79.54
CA GLU V 253 95.05 -24.21 -80.47
C GLU V 253 95.33 -23.94 -81.95
N GLY V 254 94.50 -24.54 -82.80
CA GLY V 254 94.62 -24.36 -84.23
C GLY V 254 95.92 -24.75 -84.91
N GLU V 255 96.28 -23.96 -85.93
CA GLU V 255 97.49 -24.18 -86.69
C GLU V 255 98.74 -23.96 -85.84
N ALA V 256 98.66 -23.01 -84.90
CA ALA V 256 99.78 -22.68 -84.00
C ALA V 256 100.25 -23.94 -83.28
N LEU V 257 99.28 -24.70 -82.74
CA LEU V 257 99.56 -25.94 -82.03
C LEU V 257 100.06 -26.96 -83.05
N ALA V 258 99.35 -27.06 -84.17
CA ALA V 258 99.72 -27.98 -85.23
C ALA V 258 101.19 -27.79 -85.59
N THR V 259 101.63 -26.53 -85.58
CA THR V 259 103.02 -26.19 -85.90
C THR V 259 103.97 -26.83 -84.90
N LEU V 260 103.83 -26.42 -83.63
CA LEU V 260 104.66 -26.93 -82.54
C LEU V 260 104.77 -28.46 -82.53
N VAL V 261 103.66 -29.12 -82.81
CA VAL V 261 103.59 -30.58 -82.84
C VAL V 261 104.49 -31.16 -83.93
N VAL V 262 104.29 -30.70 -85.16
CA VAL V 262 105.06 -31.17 -86.30
C VAL V 262 106.55 -30.92 -86.17
N ASN V 263 106.91 -29.77 -85.59
CA ASN V 263 108.32 -29.44 -85.40
C ASN V 263 108.89 -30.29 -84.29
N LYS V 264 108.07 -30.55 -83.28
CA LYS V 264 108.47 -31.37 -82.15
C LYS V 264 108.79 -32.77 -82.67
N LEU V 265 107.82 -33.39 -83.33
CA LEU V 265 107.97 -34.73 -83.89
C LEU V 265 109.06 -34.77 -84.97
N ARG V 266 109.34 -33.61 -85.55
CA ARG V 266 110.33 -33.47 -86.62
C ARG V 266 111.75 -33.51 -86.10
N GLY V 267 112.00 -32.75 -85.03
CA GLY V 267 113.32 -32.68 -84.46
C GLY V 267 113.71 -31.21 -84.55
N THR V 268 112.90 -30.48 -85.31
CA THR V 268 113.07 -29.05 -85.52
C THR V 268 113.33 -28.35 -84.20
N LEU V 269 112.34 -28.44 -83.32
CA LEU V 269 112.42 -27.79 -82.03
C LEU V 269 111.77 -28.67 -80.99
N SER V 270 112.39 -28.77 -79.81
CA SER V 270 111.81 -29.56 -78.73
C SER V 270 110.98 -28.60 -77.86
N VAL V 271 109.66 -28.76 -77.94
CA VAL V 271 108.76 -27.92 -77.19
C VAL V 271 107.56 -28.63 -76.57
N ALA V 272 106.76 -27.83 -75.87
CA ALA V 272 105.57 -28.30 -75.21
C ALA V 272 104.69 -27.09 -74.88
N ALA V 273 103.39 -27.25 -75.07
CA ALA V 273 102.43 -26.19 -74.77
C ALA V 273 101.64 -26.65 -73.55
N VAL V 274 101.32 -25.71 -72.66
CA VAL V 274 100.59 -25.99 -71.44
C VAL V 274 99.69 -24.79 -71.17
N LYS V 275 98.47 -25.04 -70.72
CA LYS V 275 97.53 -23.95 -70.43
C LYS V 275 97.94 -23.18 -69.18
N ALA V 276 97.56 -21.90 -69.13
CA ALA V 276 97.88 -21.05 -67.98
C ALA V 276 97.41 -21.70 -66.68
N PRO V 277 98.02 -21.31 -65.55
CA PRO V 277 97.61 -21.91 -64.28
C PRO V 277 96.12 -21.67 -63.92
N GLY V 278 95.87 -20.71 -63.04
CA GLY V 278 94.50 -20.43 -62.61
C GLY V 278 93.52 -19.87 -63.63
N PHE V 279 92.60 -19.05 -63.17
CA PHE V 279 91.58 -18.41 -64.01
C PHE V 279 91.51 -16.93 -63.68
N GLY V 280 90.46 -16.27 -64.17
CA GLY V 280 90.29 -14.85 -63.90
C GLY V 280 91.58 -14.03 -63.82
N ASP V 281 91.62 -13.08 -62.89
CA ASP V 281 92.79 -12.21 -62.68
C ASP V 281 93.83 -12.90 -61.82
N ARG V 282 93.61 -14.18 -61.62
CA ARG V 282 94.51 -14.96 -60.80
C ARG V 282 95.61 -15.62 -61.62
N ARG V 283 95.27 -16.16 -62.79
CA ARG V 283 96.26 -16.79 -63.65
C ARG V 283 97.11 -15.68 -64.22
N LYS V 284 96.52 -14.49 -64.33
CA LYS V 284 97.25 -13.33 -64.83
C LYS V 284 98.36 -13.07 -63.81
N GLU V 285 97.94 -12.91 -62.56
CA GLU V 285 98.85 -12.68 -61.44
C GLU V 285 99.80 -13.85 -61.29
N MET V 286 99.34 -15.04 -61.64
CA MET V 286 100.16 -16.24 -61.52
C MET V 286 101.20 -16.34 -62.61
N LEU V 287 100.81 -15.99 -63.83
CA LEU V 287 101.76 -16.01 -64.95
C LEU V 287 102.93 -15.12 -64.54
N LYS V 288 102.55 -14.00 -63.92
CA LYS V 288 103.43 -12.97 -63.37
C LYS V 288 104.36 -13.58 -62.34
N ASP V 289 103.85 -14.54 -61.60
CA ASP V 289 104.64 -15.21 -60.59
C ASP V 289 105.67 -16.06 -61.33
N ILE V 290 105.16 -16.83 -62.28
CA ILE V 290 105.97 -17.74 -63.10
C ILE V 290 107.10 -16.94 -63.70
N ALA V 291 106.76 -15.73 -64.17
CA ALA V 291 107.74 -14.85 -64.77
C ALA V 291 108.88 -14.61 -63.78
N ALA V 292 108.57 -13.91 -62.69
CA ALA V 292 109.55 -13.60 -61.66
C ALA V 292 110.38 -14.81 -61.24
N VAL V 293 109.81 -16.02 -61.37
CA VAL V 293 110.52 -17.26 -60.99
C VAL V 293 111.50 -17.76 -62.06
N THR V 294 111.12 -17.65 -63.33
CA THR V 294 111.99 -18.07 -64.43
C THR V 294 112.87 -16.92 -64.90
N GLY V 295 112.41 -15.69 -64.65
CA GLY V 295 113.16 -14.52 -65.05
C GLY V 295 112.59 -13.91 -66.32
N GLY V 296 111.82 -14.71 -67.05
CA GLY V 296 111.22 -14.24 -68.30
C GLY V 296 110.25 -13.10 -68.15
N THR V 297 109.63 -12.70 -69.25
CA THR V 297 108.68 -11.61 -69.26
C THR V 297 107.30 -12.06 -69.70
N VAL V 298 106.27 -11.52 -69.05
CA VAL V 298 104.90 -11.86 -69.37
C VAL V 298 104.41 -11.05 -70.56
N ILE V 299 104.07 -11.74 -71.63
CA ILE V 299 103.56 -11.08 -72.82
C ILE V 299 102.11 -10.67 -72.53
N SER V 300 102.00 -9.71 -71.61
CA SER V 300 100.73 -9.16 -71.17
C SER V 300 100.04 -8.39 -72.29
N GLU V 301 98.96 -8.95 -72.83
CA GLU V 301 98.22 -8.30 -73.90
C GLU V 301 97.76 -6.90 -73.48
N GLU V 302 97.61 -6.69 -72.18
CA GLU V 302 97.18 -5.39 -71.67
C GLU V 302 98.30 -4.54 -71.08
N LEU V 303 99.55 -4.92 -71.35
CA LEU V 303 100.70 -4.15 -70.88
C LEU V 303 101.32 -3.55 -72.13
N GLY V 304 100.90 -4.06 -73.29
CA GLY V 304 101.40 -3.57 -74.56
C GLY V 304 102.52 -4.38 -75.19
N PHE V 305 102.30 -5.67 -75.39
CA PHE V 305 103.30 -6.54 -76.00
C PHE V 305 102.70 -7.36 -77.13
N LYS V 306 103.46 -7.55 -78.20
CA LYS V 306 102.99 -8.37 -79.31
C LYS V 306 103.82 -9.63 -79.35
N LEU V 307 103.13 -10.77 -79.46
CA LEU V 307 103.78 -12.06 -79.48
C LEU V 307 104.80 -12.13 -80.61
N GLU V 308 104.43 -11.57 -81.76
CA GLU V 308 105.29 -11.54 -82.93
C GLU V 308 106.58 -10.75 -82.66
N ASN V 309 106.47 -9.75 -81.79
CA ASN V 309 107.62 -8.92 -81.43
C ASN V 309 108.31 -9.40 -80.16
N ALA V 310 108.21 -10.69 -79.86
CA ALA V 310 108.85 -11.23 -78.67
C ALA V 310 110.33 -11.49 -78.96
N THR V 311 111.13 -11.58 -77.91
CA THR V 311 112.58 -11.81 -78.06
C THR V 311 113.10 -12.85 -77.08
N LEU V 312 114.29 -13.39 -77.34
CA LEU V 312 114.90 -14.37 -76.45
C LEU V 312 115.29 -13.65 -75.16
N SER V 313 115.29 -12.32 -75.24
CA SER V 313 115.62 -11.47 -74.10
C SER V 313 114.51 -11.50 -73.06
N MET V 314 113.27 -11.59 -73.53
CA MET V 314 112.13 -11.63 -72.62
C MET V 314 111.54 -13.04 -72.43
N LEU V 315 112.41 -14.04 -72.39
CA LEU V 315 112.00 -15.43 -72.18
C LEU V 315 112.38 -15.96 -70.80
N GLY V 316 111.53 -16.85 -70.26
CA GLY V 316 111.80 -17.45 -68.97
C GLY V 316 112.83 -18.54 -69.18
N ARG V 317 113.61 -18.83 -68.15
CA ARG V 317 114.64 -19.85 -68.28
C ARG V 317 114.63 -20.71 -67.02
N ALA V 318 114.79 -22.02 -67.19
CA ALA V 318 114.80 -22.93 -66.04
C ALA V 318 115.76 -24.10 -66.25
N GLU V 319 116.22 -24.65 -65.14
CA GLU V 319 117.15 -25.78 -65.18
C GLU V 319 116.47 -27.02 -65.73
N ARG V 320 115.17 -27.14 -65.50
CA ARG V 320 114.40 -28.29 -65.99
C ARG V 320 112.90 -28.02 -65.98
N VAL V 321 112.16 -28.88 -66.68
CA VAL V 321 110.70 -28.76 -66.75
C VAL V 321 110.04 -30.10 -67.07
N ARG V 322 109.20 -30.55 -66.15
CA ARG V 322 108.46 -31.81 -66.30
C ARG V 322 107.00 -31.51 -66.64
N ILE V 323 106.44 -32.32 -67.53
CA ILE V 323 105.06 -32.14 -67.92
C ILE V 323 104.37 -33.49 -68.03
N THR V 324 103.44 -33.74 -67.12
CA THR V 324 102.69 -34.99 -67.10
C THR V 324 101.38 -34.73 -67.83
N LYS V 325 100.59 -35.78 -67.98
CA LYS V 325 99.30 -35.66 -68.66
C LYS V 325 98.47 -34.52 -68.07
N ASP V 326 98.72 -34.16 -66.82
CA ASP V 326 97.95 -33.09 -66.17
C ASP V 326 98.71 -32.21 -65.19
N GLU V 327 100.04 -32.29 -65.19
CA GLU V 327 100.81 -31.49 -64.26
C GLU V 327 102.07 -30.92 -64.90
N THR V 328 102.49 -29.75 -64.43
CA THR V 328 103.68 -29.07 -64.94
C THR V 328 104.55 -28.54 -63.80
N THR V 329 105.81 -28.95 -63.77
CA THR V 329 106.75 -28.52 -62.73
C THR V 329 107.96 -27.81 -63.33
N ILE V 330 108.20 -26.58 -62.88
CA ILE V 330 109.34 -25.80 -63.37
C ILE V 330 110.50 -25.78 -62.37
N VAL V 331 111.44 -26.72 -62.55
CA VAL V 331 112.62 -26.85 -61.69
C VAL V 331 113.73 -25.85 -62.07
N GLY V 332 114.57 -25.53 -61.09
CA GLY V 332 115.69 -24.61 -61.29
C GLY V 332 115.39 -23.32 -62.04
N GLY V 333 114.33 -22.61 -61.66
CA GLY V 333 114.01 -21.36 -62.32
C GLY V 333 115.19 -20.41 -62.20
N LYS V 334 115.46 -19.65 -63.25
CA LYS V 334 116.58 -18.70 -63.25
C LYS V 334 116.17 -17.28 -62.87
N GLY V 335 114.90 -17.10 -62.49
CA GLY V 335 114.41 -15.78 -62.12
C GLY V 335 115.31 -14.98 -61.18
N LYS V 336 115.05 -13.68 -61.11
CA LYS V 336 115.81 -12.77 -60.27
C LYS V 336 115.31 -12.86 -58.82
N LYS V 337 116.23 -13.02 -57.88
CA LYS V 337 115.86 -13.14 -56.47
C LYS V 337 114.97 -12.00 -55.95
N GLU V 338 115.23 -10.77 -56.39
CA GLU V 338 114.43 -9.63 -55.95
C GLU V 338 113.02 -9.73 -56.52
N ASP V 339 112.92 -10.24 -57.75
CA ASP V 339 111.63 -10.40 -58.41
C ASP V 339 110.73 -11.33 -57.61
N ILE V 340 111.30 -12.43 -57.14
CA ILE V 340 110.56 -13.41 -56.34
C ILE V 340 110.09 -12.78 -55.04
N GLU V 341 111.03 -12.23 -54.27
CA GLU V 341 110.72 -11.59 -53.00
C GLU V 341 109.67 -10.49 -53.13
N ALA V 342 109.79 -9.67 -54.18
CA ALA V 342 108.86 -8.58 -54.42
C ALA V 342 107.51 -9.10 -54.88
N ARG V 343 107.51 -10.34 -55.37
CA ARG V 343 106.28 -10.98 -55.85
C ARG V 343 105.58 -11.60 -54.64
N ILE V 344 106.40 -12.08 -53.72
CA ILE V 344 105.97 -12.72 -52.46
C ILE V 344 105.42 -11.72 -51.46
N ASN V 345 106.24 -10.75 -51.07
CA ASN V 345 105.82 -9.72 -50.11
C ASN V 345 104.63 -8.90 -50.61
N GLY V 346 104.26 -9.09 -51.87
CA GLY V 346 103.12 -8.38 -52.42
C GLY V 346 101.86 -9.11 -52.01
N ILE V 347 102.01 -10.43 -51.83
CA ILE V 347 100.92 -11.31 -51.42
C ILE V 347 100.75 -11.19 -49.90
N LYS V 348 101.88 -11.19 -49.18
CA LYS V 348 101.88 -11.08 -47.72
C LYS V 348 101.21 -9.78 -47.32
N LYS V 349 101.80 -8.69 -47.78
CA LYS V 349 101.30 -7.37 -47.50
C LYS V 349 99.89 -7.19 -48.05
N GLU V 350 99.41 -8.18 -48.81
CA GLU V 350 98.07 -8.12 -49.39
C GLU V 350 97.11 -8.99 -48.57
N LEU V 351 97.63 -10.07 -48.01
CA LEU V 351 96.85 -10.97 -47.19
C LEU V 351 96.33 -10.25 -45.95
N GLU V 352 97.10 -9.28 -45.47
CA GLU V 352 96.72 -8.50 -44.29
C GLU V 352 95.62 -7.50 -44.64
N THR V 353 94.71 -7.92 -45.51
CA THR V 353 93.58 -7.10 -45.95
C THR V 353 92.52 -8.01 -46.56
N THR V 354 92.84 -9.30 -46.66
CA THR V 354 91.91 -10.31 -47.22
C THR V 354 91.07 -10.93 -46.11
N ASP V 355 89.76 -11.04 -46.34
CA ASP V 355 88.87 -11.63 -45.35
C ASP V 355 88.49 -13.07 -45.69
N SER V 356 87.46 -13.23 -46.53
CA SER V 356 87.00 -14.56 -46.92
C SER V 356 88.17 -15.53 -46.89
N GLU V 357 88.17 -16.40 -45.87
CA GLU V 357 89.23 -17.39 -45.69
C GLU V 357 89.55 -18.13 -46.98
N TYR V 358 88.63 -18.12 -47.95
CA TYR V 358 88.88 -18.79 -49.21
C TYR V 358 89.88 -17.98 -50.03
N ALA V 359 89.77 -16.65 -49.97
CA ALA V 359 90.68 -15.77 -50.71
C ALA V 359 92.07 -15.77 -50.10
N ARG V 360 92.16 -16.12 -48.82
CA ARG V 360 93.42 -16.18 -48.08
C ARG V 360 94.15 -17.50 -48.33
N GLU V 361 93.40 -18.53 -48.71
CA GLU V 361 93.95 -19.85 -48.96
C GLU V 361 94.67 -19.98 -50.31
N LYS V 362 94.19 -19.23 -51.30
CA LYS V 362 94.82 -19.29 -52.59
C LYS V 362 95.88 -18.24 -52.75
N LEU V 363 95.69 -17.11 -52.09
CA LEU V 363 96.70 -16.06 -52.13
C LEU V 363 97.78 -16.64 -51.22
N GLN V 364 97.62 -17.92 -50.89
CA GLN V 364 98.56 -18.63 -50.03
C GLN V 364 99.30 -19.73 -50.80
N GLU V 365 98.58 -20.50 -51.63
CA GLU V 365 99.22 -21.56 -52.40
C GLU V 365 100.13 -20.95 -53.46
N ARG V 366 99.95 -19.65 -53.69
CA ARG V 366 100.75 -18.90 -54.65
C ARG V 366 102.08 -18.66 -53.95
N LEU V 367 101.97 -17.96 -52.81
CA LEU V 367 103.10 -17.60 -51.94
C LEU V 367 103.84 -18.87 -51.51
N ALA V 368 103.14 -19.99 -51.61
CA ALA V 368 103.71 -21.28 -51.22
C ALA V 368 104.56 -21.79 -52.38
N LYS V 369 103.97 -21.81 -53.58
CA LYS V 369 104.69 -22.27 -54.74
C LYS V 369 105.93 -21.40 -54.88
N LEU V 370 105.73 -20.08 -54.73
CA LEU V 370 106.80 -19.08 -54.85
C LEU V 370 107.98 -19.31 -53.91
N ALA V 371 107.69 -19.79 -52.70
CA ALA V 371 108.73 -20.05 -51.72
C ALA V 371 109.18 -21.50 -51.82
N GLY V 372 108.82 -22.15 -52.92
CA GLY V 372 109.16 -23.56 -53.11
C GLY V 372 108.73 -24.22 -51.82
N GLY V 373 107.80 -23.55 -51.12
CA GLY V 373 107.33 -24.03 -49.84
C GLY V 373 105.94 -24.64 -49.79
N VAL V 374 105.79 -25.77 -50.45
CA VAL V 374 104.51 -26.48 -50.45
C VAL V 374 104.73 -27.92 -50.10
N ALA V 375 104.13 -28.33 -48.97
CA ALA V 375 104.22 -29.71 -48.48
C ALA V 375 102.89 -30.39 -48.76
N VAL V 376 102.93 -31.69 -49.02
CA VAL V 376 101.71 -32.42 -49.29
C VAL V 376 101.71 -33.80 -48.66
N ILE V 377 100.77 -34.02 -47.75
CA ILE V 377 100.66 -35.31 -47.08
C ILE V 377 99.63 -36.13 -47.83
N ARG V 378 100.06 -37.28 -48.33
CA ARG V 378 99.15 -38.16 -49.06
C ARG V 378 98.81 -39.32 -48.14
N VAL V 379 97.64 -39.20 -47.51
CA VAL V 379 97.14 -40.18 -46.55
C VAL V 379 96.75 -41.53 -47.15
N GLY V 380 97.30 -42.61 -46.60
CA GLY V 380 96.98 -43.94 -47.08
C GLY V 380 96.14 -44.72 -46.08
N ALA V 381 95.37 -45.68 -46.59
CA ALA V 381 94.50 -46.52 -45.76
C ALA V 381 94.08 -47.73 -46.56
N ALA V 382 93.57 -48.77 -45.89
CA ALA V 382 93.15 -50.00 -46.56
C ALA V 382 91.71 -49.94 -47.08
N THR V 383 90.89 -49.09 -46.48
CA THR V 383 89.49 -48.94 -46.87
C THR V 383 89.05 -47.49 -46.93
N GLU V 384 88.08 -47.21 -47.79
CA GLU V 384 87.59 -45.86 -47.96
C GLU V 384 87.16 -45.26 -46.63
N THR V 385 86.37 -46.03 -45.87
CA THR V 385 85.86 -45.57 -44.58
C THR V 385 86.98 -45.19 -43.62
N GLU V 386 87.99 -46.04 -43.48
CA GLU V 386 89.11 -45.73 -42.60
C GLU V 386 89.82 -44.48 -43.09
N LEU V 387 90.13 -44.48 -44.38
CA LEU V 387 90.82 -43.37 -45.02
C LEU V 387 90.18 -42.02 -44.74
N LYS V 388 88.91 -41.91 -45.11
CA LYS V 388 88.17 -40.68 -44.90
C LYS V 388 88.29 -40.12 -43.49
N GLU V 389 88.51 -40.97 -42.50
CA GLU V 389 88.62 -40.50 -41.12
C GLU V 389 90.07 -40.15 -40.85
N LYS V 390 90.97 -41.03 -41.28
CA LYS V 390 92.41 -40.80 -41.08
C LYS V 390 92.72 -39.46 -41.71
N LYS V 391 92.27 -39.29 -42.95
CA LYS V 391 92.46 -38.05 -43.68
C LYS V 391 91.92 -36.89 -42.83
N HIS V 392 90.73 -37.06 -42.26
CA HIS V 392 90.13 -36.00 -41.45
C HIS V 392 90.96 -35.62 -40.23
N ARG V 393 91.53 -36.61 -39.56
CA ARG V 393 92.33 -36.31 -38.39
C ARG V 393 93.48 -35.39 -38.75
N PHE V 394 94.10 -35.63 -39.91
CA PHE V 394 95.20 -34.80 -40.37
C PHE V 394 94.72 -33.36 -40.47
N GLU V 395 93.60 -33.18 -41.17
CA GLU V 395 93.04 -31.85 -41.37
C GLU V 395 92.77 -31.16 -40.04
N ASP V 396 92.31 -31.90 -39.05
CA ASP V 396 92.06 -31.29 -37.75
C ASP V 396 93.39 -30.87 -37.16
N ALA V 397 94.37 -31.78 -37.21
CA ALA V 397 95.71 -31.52 -36.70
C ALA V 397 96.22 -30.19 -37.24
N LEU V 398 96.11 -30.02 -38.55
CA LEU V 398 96.55 -28.77 -39.17
C LEU V 398 95.79 -27.57 -38.61
N ASN V 399 94.46 -27.61 -38.67
CA ASN V 399 93.67 -26.50 -38.15
C ASN V 399 94.13 -26.12 -36.75
N ALA V 400 94.53 -27.13 -35.97
CA ALA V 400 95.02 -26.90 -34.61
C ALA V 400 96.32 -26.12 -34.69
N THR V 401 97.31 -26.71 -35.37
CA THR V 401 98.62 -26.10 -35.55
C THR V 401 98.44 -24.64 -35.94
N ARG V 402 97.66 -24.37 -36.98
CA ARG V 402 97.42 -23.00 -37.43
C ARG V 402 96.98 -22.14 -36.26
N ALA V 403 95.96 -22.57 -35.53
CA ALA V 403 95.45 -21.80 -34.40
C ALA V 403 96.50 -21.68 -33.30
N ALA V 404 97.35 -22.70 -33.19
CA ALA V 404 98.41 -22.70 -32.19
C ALA V 404 99.36 -21.53 -32.44
N VAL V 405 99.85 -21.44 -33.66
CA VAL V 405 100.76 -20.38 -34.08
C VAL V 405 100.16 -18.98 -33.88
N GLU V 406 98.88 -18.84 -34.20
CA GLU V 406 98.18 -17.58 -34.04
C GLU V 406 98.11 -17.07 -32.60
N GLU V 407 97.30 -17.73 -31.76
CA GLU V 407 97.10 -17.25 -30.38
C GLU V 407 97.85 -17.94 -29.27
N GLY V 408 98.63 -18.94 -29.62
CA GLY V 408 99.36 -19.58 -28.56
C GLY V 408 98.95 -20.99 -28.24
N ILE V 409 99.38 -21.44 -27.06
CA ILE V 409 99.16 -22.79 -26.63
C ILE V 409 98.92 -22.79 -25.11
N VAL V 410 98.02 -23.65 -24.65
CA VAL V 410 97.71 -23.75 -23.22
C VAL V 410 97.69 -25.22 -22.81
N PRO V 411 97.68 -25.48 -21.48
CA PRO V 411 97.65 -26.88 -21.06
C PRO V 411 96.29 -27.52 -21.45
N GLY V 412 96.35 -28.77 -21.89
CA GLY V 412 95.16 -29.50 -22.33
C GLY V 412 94.31 -30.19 -21.27
N GLY V 413 93.62 -31.24 -21.69
CA GLY V 413 92.74 -32.00 -20.81
C GLY V 413 91.74 -31.13 -20.05
N GLY V 414 91.38 -29.99 -20.62
CA GLY V 414 90.43 -29.11 -19.97
C GLY V 414 91.03 -28.39 -18.79
N VAL V 415 92.27 -28.77 -18.46
CA VAL V 415 92.99 -28.19 -17.33
C VAL V 415 92.98 -26.68 -17.37
N THR V 416 93.28 -26.13 -18.53
CA THR V 416 93.32 -24.69 -18.68
C THR V 416 91.99 -24.06 -18.28
N LEU V 417 90.86 -24.65 -18.68
CA LEU V 417 89.57 -24.08 -18.33
C LEU V 417 89.30 -24.20 -16.84
N LEU V 418 89.80 -25.26 -16.23
CA LEU V 418 89.64 -25.45 -14.79
C LEU V 418 90.32 -24.28 -14.08
N ARG V 419 91.54 -23.95 -14.54
CA ARG V 419 92.29 -22.86 -13.95
C ARG V 419 91.55 -21.54 -14.08
N ALA V 420 90.63 -21.47 -15.03
CA ALA V 420 89.89 -20.24 -15.24
C ALA V 420 88.88 -20.05 -14.12
N ILE V 421 88.60 -21.13 -13.39
CA ILE V 421 87.62 -21.07 -12.31
C ILE V 421 87.98 -20.04 -11.25
N SER V 422 89.20 -20.15 -10.74
CA SER V 422 89.66 -19.23 -9.71
C SER V 422 89.41 -17.78 -10.11
N ALA V 423 89.50 -17.51 -11.41
CA ALA V 423 89.26 -16.16 -11.92
C ALA V 423 87.80 -15.80 -11.79
N VAL V 424 86.93 -16.73 -12.16
CA VAL V 424 85.50 -16.48 -12.08
C VAL V 424 85.16 -16.30 -10.61
N GLU V 425 85.77 -17.16 -9.80
CA GLU V 425 85.58 -17.15 -8.36
C GLU V 425 85.81 -15.73 -7.85
N GLU V 426 87.00 -15.21 -8.14
CA GLU V 426 87.37 -13.86 -7.72
C GLU V 426 86.31 -12.87 -8.20
N LEU V 427 85.83 -13.07 -9.42
CA LEU V 427 84.81 -12.20 -10.00
C LEU V 427 83.52 -12.22 -9.20
N ILE V 428 83.13 -13.43 -8.79
CA ILE V 428 81.91 -13.61 -8.03
C ILE V 428 81.92 -12.76 -6.76
N LYS V 429 83.05 -12.76 -6.07
CA LYS V 429 83.20 -11.98 -4.84
C LYS V 429 82.84 -10.53 -5.09
N LYS V 430 82.95 -10.09 -6.34
CA LYS V 430 82.63 -8.72 -6.69
C LYS V 430 81.22 -8.57 -7.26
N LEU V 431 80.52 -9.70 -7.40
CA LEU V 431 79.18 -9.69 -7.93
C LEU V 431 78.08 -9.94 -6.91
N GLU V 432 76.85 -9.58 -7.28
CA GLU V 432 75.68 -9.77 -6.43
C GLU V 432 74.52 -10.42 -7.18
N GLY V 433 73.37 -10.48 -6.51
CA GLY V 433 72.16 -11.05 -7.08
C GLY V 433 72.30 -12.19 -8.07
N ASP V 434 71.37 -12.24 -9.01
CA ASP V 434 71.35 -13.28 -10.04
C ASP V 434 72.60 -13.20 -10.91
N GLU V 435 73.16 -12.00 -11.02
CA GLU V 435 74.36 -11.78 -11.81
C GLU V 435 75.48 -12.66 -11.26
N ALA V 436 75.52 -12.80 -9.93
CA ALA V 436 76.53 -13.62 -9.28
C ALA V 436 76.24 -15.08 -9.60
N THR V 437 74.96 -15.39 -9.64
CA THR V 437 74.51 -16.75 -9.95
C THR V 437 75.04 -17.07 -11.33
N GLY V 438 74.80 -16.14 -12.25
CA GLY V 438 75.27 -16.30 -13.62
C GLY V 438 76.73 -16.72 -13.66
N ALA V 439 77.57 -15.95 -12.98
CA ALA V 439 78.99 -16.25 -12.92
C ALA V 439 79.18 -17.67 -12.42
N LYS V 440 78.46 -18.01 -11.36
CA LYS V 440 78.57 -19.34 -10.79
C LYS V 440 78.28 -20.40 -11.83
N ILE V 441 77.30 -20.12 -12.69
CA ILE V 441 76.96 -21.06 -13.75
C ILE V 441 78.19 -21.41 -14.57
N VAL V 442 78.93 -20.37 -14.97
CA VAL V 442 80.13 -20.58 -15.75
C VAL V 442 81.15 -21.35 -14.91
N ARG V 443 81.25 -20.98 -13.63
CA ARG V 443 82.19 -21.67 -12.75
C ARG V 443 82.01 -23.18 -12.80
N ARG V 444 80.75 -23.61 -12.76
CA ARG V 444 80.48 -25.03 -12.80
C ARG V 444 80.81 -25.58 -14.18
N ALA V 445 80.21 -24.95 -15.20
CA ALA V 445 80.40 -25.38 -16.58
C ALA V 445 81.86 -25.66 -16.92
N LEU V 446 82.74 -24.76 -16.50
CA LEU V 446 84.16 -24.92 -16.77
C LEU V 446 84.71 -26.30 -16.45
N GLU V 447 84.01 -27.06 -15.61
CA GLU V 447 84.50 -28.37 -15.23
C GLU V 447 84.14 -29.47 -16.21
N GLU V 448 83.04 -29.27 -16.92
CA GLU V 448 82.54 -30.27 -17.86
C GLU V 448 83.55 -30.91 -18.79
N PRO V 449 84.33 -30.09 -19.50
CA PRO V 449 85.33 -30.65 -20.42
C PRO V 449 86.28 -31.61 -19.71
N ALA V 450 86.85 -31.15 -18.59
CA ALA V 450 87.78 -31.98 -17.83
C ALA V 450 87.08 -33.29 -17.39
N ARG V 451 85.89 -33.15 -16.80
CA ARG V 451 85.11 -34.29 -16.34
C ARG V 451 84.85 -35.33 -17.42
N GLN V 452 84.20 -34.90 -18.51
CA GLN V 452 83.87 -35.78 -19.61
C GLN V 452 85.08 -36.50 -20.19
N ILE V 453 86.21 -35.81 -20.28
CA ILE V 453 87.41 -36.44 -20.81
C ILE V 453 87.72 -37.62 -19.92
N ALA V 454 87.88 -37.33 -18.63
CA ALA V 454 88.18 -38.35 -17.62
C ALA V 454 87.10 -39.43 -17.65
N GLU V 455 85.84 -38.99 -17.63
CA GLU V 455 84.72 -39.90 -17.65
C GLU V 455 84.85 -40.90 -18.80
N ASN V 456 84.87 -40.42 -20.05
CA ASN V 456 84.99 -41.31 -21.21
C ASN V 456 86.21 -42.20 -21.13
N ALA V 457 87.13 -41.86 -20.22
CA ALA V 457 88.36 -42.64 -20.05
C ALA V 457 88.13 -43.75 -19.03
N GLY V 458 87.07 -43.61 -18.25
CA GLY V 458 86.74 -44.60 -17.24
C GLY V 458 87.14 -44.14 -15.85
N TYR V 459 86.99 -42.86 -15.58
CA TYR V 459 87.36 -42.31 -14.29
C TYR V 459 86.27 -41.42 -13.75
N GLU V 460 86.43 -41.00 -12.50
CA GLU V 460 85.41 -40.17 -11.90
C GLU V 460 85.60 -38.70 -12.16
N GLY V 461 84.73 -38.17 -13.02
CA GLY V 461 84.78 -36.76 -13.36
C GLY V 461 85.07 -35.92 -12.14
N SER V 462 84.12 -35.88 -11.20
CA SER V 462 84.27 -35.08 -10.00
C SER V 462 85.56 -35.34 -9.23
N VAL V 463 85.93 -36.60 -9.07
CA VAL V 463 87.16 -36.93 -8.35
C VAL V 463 88.39 -36.24 -8.95
N ILE V 464 88.70 -36.60 -10.19
CA ILE V 464 89.84 -36.03 -10.92
C ILE V 464 89.85 -34.51 -10.93
N VAL V 465 88.73 -33.90 -11.29
CA VAL V 465 88.64 -32.45 -11.30
C VAL V 465 89.03 -31.86 -9.93
N GLN V 466 88.75 -32.59 -8.86
CA GLN V 466 89.08 -32.12 -7.51
C GLN V 466 90.58 -32.14 -7.28
N GLN V 467 91.22 -33.27 -7.58
CA GLN V 467 92.66 -33.35 -7.39
C GLN V 467 93.42 -32.33 -8.22
N ILE V 468 92.89 -32.01 -9.40
CA ILE V 468 93.51 -31.02 -10.27
C ILE V 468 93.40 -29.64 -9.63
N LEU V 469 92.18 -29.23 -9.33
CA LEU V 469 91.92 -27.95 -8.69
C LEU V 469 92.57 -27.90 -7.31
N ALA V 470 92.96 -29.07 -6.82
CA ALA V 470 93.59 -29.20 -5.52
C ALA V 470 94.98 -28.57 -5.55
N GLU V 471 95.89 -29.21 -6.27
CA GLU V 471 97.24 -28.68 -6.36
C GLU V 471 97.28 -27.43 -7.20
N THR V 472 97.32 -26.29 -6.52
CA THR V 472 97.34 -24.95 -7.11
C THR V 472 98.69 -24.23 -7.09
N LYS V 473 99.78 -25.00 -7.09
CA LYS V 473 101.12 -24.42 -7.10
C LYS V 473 101.43 -24.15 -8.56
N ASN V 474 101.33 -25.22 -9.35
CA ASN V 474 101.62 -25.17 -10.78
C ASN V 474 100.36 -25.42 -11.63
N PRO V 475 99.80 -24.36 -12.23
CA PRO V 475 98.60 -24.50 -13.07
C PRO V 475 98.71 -25.56 -14.17
N ARG V 476 99.93 -25.90 -14.58
CA ARG V 476 100.15 -26.91 -15.63
C ARG V 476 99.82 -28.31 -15.10
N TYR V 477 99.40 -28.40 -13.85
CA TYR V 477 99.06 -29.68 -13.25
C TYR V 477 97.69 -30.17 -13.74
N GLY V 478 97.68 -31.36 -14.32
CA GLY V 478 96.44 -31.89 -14.84
C GLY V 478 96.43 -33.40 -14.92
N PHE V 479 95.31 -33.95 -15.39
CA PHE V 479 95.18 -35.40 -15.51
C PHE V 479 95.40 -35.91 -16.92
N ASN V 480 96.25 -36.92 -17.06
CA ASN V 480 96.52 -37.51 -18.37
C ASN V 480 95.55 -38.67 -18.57
N ALA V 481 94.35 -38.33 -19.04
CA ALA V 481 93.31 -39.33 -19.27
C ALA V 481 93.75 -40.56 -20.10
N ALA V 482 94.94 -40.53 -20.67
CA ALA V 482 95.37 -41.66 -21.49
C ALA V 482 96.23 -42.66 -20.73
N THR V 483 97.01 -42.17 -19.77
CA THR V 483 97.88 -43.03 -18.97
C THR V 483 97.31 -43.22 -17.58
N GLY V 484 96.40 -42.32 -17.20
CA GLY V 484 95.78 -42.39 -15.90
C GLY V 484 96.67 -41.86 -14.80
N GLU V 485 97.42 -40.81 -15.11
CA GLU V 485 98.32 -40.24 -14.12
C GLU V 485 98.31 -38.74 -14.18
N PHE V 486 98.39 -38.11 -13.01
CA PHE V 486 98.42 -36.65 -12.93
C PHE V 486 99.84 -36.23 -13.29
N VAL V 487 99.94 -35.21 -14.14
CA VAL V 487 101.24 -34.73 -14.61
C VAL V 487 101.21 -33.25 -14.96
N ASP V 488 102.36 -32.74 -15.40
CA ASP V 488 102.44 -31.35 -15.83
C ASP V 488 101.99 -31.46 -17.28
N MET V 489 100.77 -31.03 -17.54
CA MET V 489 100.20 -31.10 -18.89
C MET V 489 101.14 -30.62 -20.00
N VAL V 490 101.76 -29.46 -19.81
CA VAL V 490 102.67 -28.92 -20.81
C VAL V 490 103.89 -29.82 -21.00
N GLU V 491 104.55 -30.16 -19.89
CA GLU V 491 105.71 -31.02 -19.95
C GLU V 491 105.37 -32.37 -20.54
N ALA V 492 104.15 -32.82 -20.32
CA ALA V 492 103.70 -34.11 -20.82
C ALA V 492 103.38 -34.05 -22.31
N GLY V 493 103.27 -32.84 -22.83
CA GLY V 493 102.96 -32.67 -24.24
C GLY V 493 101.47 -32.67 -24.53
N ILE V 494 100.67 -32.43 -23.50
CA ILE V 494 99.22 -32.38 -23.65
C ILE V 494 98.78 -30.94 -23.66
N VAL V 495 98.89 -30.31 -24.83
CA VAL V 495 98.53 -28.91 -24.96
C VAL V 495 97.47 -28.65 -26.02
N ASP V 496 96.80 -27.50 -25.88
CA ASP V 496 95.73 -27.09 -26.79
C ASP V 496 95.87 -25.66 -27.27
N PRO V 497 95.53 -25.42 -28.54
CA PRO V 497 95.62 -24.06 -29.06
C PRO V 497 94.71 -23.11 -28.28
N ALA V 498 95.32 -22.19 -27.55
CA ALA V 498 94.56 -21.25 -26.74
C ALA V 498 93.40 -20.66 -27.54
N LYS V 499 93.54 -20.65 -28.86
CA LYS V 499 92.49 -20.10 -29.70
C LYS V 499 91.20 -20.93 -29.61
N VAL V 500 91.32 -22.25 -29.80
CA VAL V 500 90.14 -23.12 -29.75
C VAL V 500 89.45 -23.01 -28.40
N THR V 501 90.21 -23.17 -27.32
CA THR V 501 89.66 -23.06 -25.97
C THR V 501 88.83 -21.76 -25.85
N ARG V 502 89.46 -20.61 -26.05
CA ARG V 502 88.73 -19.35 -25.97
C ARG V 502 87.46 -19.33 -26.84
N SER V 503 87.57 -19.89 -28.04
CA SER V 503 86.43 -19.91 -28.96
C SER V 503 85.30 -20.78 -28.43
N ALA V 504 85.60 -22.06 -28.22
CA ALA V 504 84.61 -23.01 -27.72
C ALA V 504 83.78 -22.39 -26.60
N LEU V 505 84.43 -21.88 -25.56
CA LEU V 505 83.73 -21.28 -24.44
C LEU V 505 82.88 -20.07 -24.83
N GLN V 506 83.43 -19.18 -25.64
CA GLN V 506 82.70 -17.99 -26.04
C GLN V 506 81.47 -18.34 -26.85
N ASN V 507 81.59 -19.37 -27.69
CA ASN V 507 80.47 -19.80 -28.51
C ASN V 507 79.43 -20.52 -27.68
N ALA V 508 79.89 -21.42 -26.81
CA ALA V 508 78.99 -22.16 -25.94
C ALA V 508 78.22 -21.17 -25.10
N ALA V 509 78.93 -20.28 -24.43
CA ALA V 509 78.27 -19.31 -23.58
C ALA V 509 77.36 -18.37 -24.36
N SER V 510 77.62 -18.20 -25.65
CA SER V 510 76.81 -17.27 -26.45
C SER V 510 75.40 -17.80 -26.62
N ILE V 511 75.30 -19.05 -27.07
CA ILE V 511 74.02 -19.70 -27.28
C ILE V 511 73.39 -20.03 -25.91
N GLY V 512 74.18 -20.64 -25.03
CA GLY V 512 73.68 -20.96 -23.70
C GLY V 512 72.88 -19.85 -23.04
N ALA V 513 73.53 -18.74 -22.76
CA ALA V 513 72.85 -17.63 -22.12
C ALA V 513 71.55 -17.30 -22.82
N LEU V 514 71.57 -17.34 -24.15
CA LEU V 514 70.38 -17.01 -24.95
C LEU V 514 69.19 -17.86 -24.52
N ILE V 515 69.41 -19.18 -24.51
CA ILE V 515 68.38 -20.13 -24.12
C ILE V 515 67.72 -19.77 -22.78
N LEU V 516 68.52 -19.60 -21.74
CA LEU V 516 68.00 -19.23 -20.41
C LEU V 516 67.04 -18.05 -20.46
N THR V 517 66.99 -17.33 -21.57
CA THR V 517 66.10 -16.15 -21.63
C THR V 517 64.81 -16.47 -22.35
N THR V 518 64.63 -17.75 -22.66
CA THR V 518 63.41 -18.19 -23.33
C THR V 518 62.24 -18.15 -22.35
N GLU V 519 61.11 -17.66 -22.82
CA GLU V 519 59.91 -17.59 -22.02
C GLU V 519 58.75 -18.00 -22.91
N ALA V 520 59.06 -18.27 -24.17
CA ALA V 520 58.05 -18.68 -25.12
C ALA V 520 58.73 -19.24 -26.36
N VAL V 521 57.97 -19.96 -27.16
CA VAL V 521 58.48 -20.57 -28.37
C VAL V 521 57.33 -20.66 -29.33
N VAL V 522 57.56 -20.39 -30.60
CA VAL V 522 56.50 -20.50 -31.59
C VAL V 522 56.99 -21.47 -32.62
N ALA V 523 56.47 -22.69 -32.55
CA ALA V 523 56.88 -23.73 -33.48
C ALA V 523 55.72 -24.22 -34.34
N GLU V 524 56.03 -25.16 -35.22
CA GLU V 524 55.03 -25.73 -36.10
C GLU V 524 54.23 -26.76 -35.35
N LYS V 525 52.90 -26.68 -35.45
CA LYS V 525 52.02 -27.64 -34.78
C LYS V 525 52.32 -29.01 -35.43
N PRO V 526 52.64 -30.03 -34.63
CA PRO V 526 52.95 -31.30 -35.28
C PRO V 526 51.80 -32.22 -35.64
N GLU V 527 52.08 -33.13 -36.57
CA GLU V 527 51.09 -34.13 -37.03
C GLU V 527 49.78 -33.57 -37.54
N LYS V 528 49.83 -32.52 -38.37
CA LYS V 528 48.62 -31.89 -38.91
C LYS V 528 47.47 -32.82 -39.29
N ALA W 2 31.06 -23.84 -47.85
CA ALA W 2 32.49 -23.67 -47.49
C ALA W 2 32.60 -22.66 -46.36
N LYS W 3 31.57 -21.84 -46.22
CA LYS W 3 31.56 -20.82 -45.17
C LYS W 3 30.79 -21.27 -43.93
N ILE W 4 31.01 -20.55 -42.85
CA ILE W 4 30.38 -20.81 -41.56
C ILE W 4 30.02 -19.43 -41.02
N LEU W 5 28.77 -19.26 -40.58
CA LEU W 5 28.34 -17.96 -40.06
C LEU W 5 28.18 -17.93 -38.55
N VAL W 6 29.12 -17.30 -37.87
CA VAL W 6 29.09 -17.20 -36.43
C VAL W 6 28.61 -15.84 -35.97
N PHE W 7 27.69 -15.82 -35.00
CA PHE W 7 27.16 -14.54 -34.53
C PHE W 7 27.47 -14.22 -33.09
N ASP W 8 26.92 -13.08 -32.67
CA ASP W 8 27.06 -12.56 -31.33
C ASP W 8 28.31 -12.97 -30.53
N GLU W 9 28.10 -13.17 -29.23
CA GLU W 9 29.17 -13.52 -28.32
C GLU W 9 30.01 -14.70 -28.80
N ALA W 10 29.40 -15.64 -29.50
CA ALA W 10 30.16 -16.77 -29.98
C ALA W 10 31.32 -16.26 -30.83
N ALA W 11 30.98 -15.30 -31.69
CA ALA W 11 31.94 -14.69 -32.59
C ALA W 11 32.97 -13.87 -31.81
N ARG W 12 32.49 -12.90 -31.03
CA ARG W 12 33.42 -12.08 -30.24
C ARG W 12 34.40 -12.91 -29.38
N ARG W 13 33.93 -13.95 -28.72
CA ARG W 13 34.82 -14.75 -27.87
C ARG W 13 35.90 -15.37 -28.72
N ALA W 14 35.51 -15.95 -29.84
CA ALA W 14 36.47 -16.61 -30.72
C ALA W 14 37.55 -15.62 -31.13
N LEU W 15 37.13 -14.45 -31.60
CA LEU W 15 38.06 -13.41 -32.00
C LEU W 15 38.99 -13.09 -30.83
N GLU W 16 38.40 -12.72 -29.71
CA GLU W 16 39.16 -12.43 -28.50
C GLU W 16 40.18 -13.54 -28.17
N ARG W 17 39.80 -14.81 -28.31
CA ARG W 17 40.73 -15.88 -28.01
C ARG W 17 41.98 -15.69 -28.86
N GLY W 18 41.77 -15.39 -30.14
CA GLY W 18 42.87 -15.19 -31.06
C GLY W 18 43.71 -14.02 -30.62
N VAL W 19 43.04 -12.89 -30.39
CA VAL W 19 43.72 -11.69 -29.93
C VAL W 19 44.65 -12.02 -28.75
N ASN W 20 44.11 -12.66 -27.75
CA ASN W 20 44.91 -12.99 -26.59
C ASN W 20 46.02 -13.96 -26.92
N ALA W 21 45.76 -14.89 -27.84
CA ALA W 21 46.77 -15.87 -28.20
C ALA W 21 48.06 -15.20 -28.58
N VAL W 22 47.95 -14.23 -29.48
CA VAL W 22 49.09 -13.48 -29.95
C VAL W 22 49.61 -12.56 -28.85
N ALA W 23 48.73 -11.69 -28.38
CA ALA W 23 49.11 -10.76 -27.31
C ALA W 23 49.92 -11.36 -26.15
N ASN W 24 49.56 -12.56 -25.69
CA ASN W 24 50.30 -13.15 -24.59
C ASN W 24 51.66 -13.73 -24.96
N ALA W 25 51.86 -14.00 -26.24
CA ALA W 25 53.16 -14.52 -26.65
C ALA W 25 54.10 -13.30 -26.75
N VAL W 26 53.52 -12.18 -27.16
CA VAL W 26 54.22 -10.92 -27.32
C VAL W 26 54.63 -10.25 -26.01
N LYS W 27 53.64 -9.88 -25.19
CA LYS W 27 53.87 -9.19 -23.91
C LYS W 27 55.00 -9.77 -23.06
N VAL W 28 55.36 -11.02 -23.29
CA VAL W 28 56.45 -11.65 -22.56
C VAL W 28 57.79 -10.89 -22.71
N THR W 29 57.85 -10.00 -23.69
CA THR W 29 59.07 -9.25 -23.97
C THR W 29 59.09 -7.84 -23.39
N LEU W 30 57.92 -7.22 -23.29
CA LEU W 30 57.77 -5.86 -22.78
C LEU W 30 58.67 -5.48 -21.60
N GLY W 31 59.22 -4.27 -21.68
CA GLY W 31 60.07 -3.75 -20.62
C GLY W 31 61.51 -4.24 -20.51
N PRO W 32 62.26 -3.73 -19.54
CA PRO W 32 63.67 -4.08 -19.25
C PRO W 32 63.87 -5.48 -18.75
N ARG W 33 62.89 -5.99 -18.02
CA ARG W 33 63.04 -7.34 -17.50
C ARG W 33 62.43 -8.33 -18.46
N GLY W 34 61.81 -7.82 -19.52
CA GLY W 34 61.19 -8.66 -20.54
C GLY W 34 62.12 -9.78 -20.99
N ARG W 35 61.55 -10.91 -21.39
CA ARG W 35 62.36 -12.02 -21.83
C ARG W 35 62.18 -12.25 -23.33
N ASN W 36 62.90 -13.25 -23.85
CA ASN W 36 62.81 -13.53 -25.27
C ASN W 36 61.93 -14.67 -25.70
N VAL W 37 61.44 -14.54 -26.93
CA VAL W 37 60.60 -15.55 -27.56
C VAL W 37 61.50 -16.26 -28.56
N VAL W 38 61.28 -17.56 -28.73
CA VAL W 38 62.08 -18.35 -29.66
C VAL W 38 61.22 -18.74 -30.87
N LEU W 39 61.50 -18.13 -32.02
CA LEU W 39 60.75 -18.42 -33.23
C LEU W 39 61.43 -19.46 -34.10
N GLU W 40 60.73 -20.55 -34.38
CA GLU W 40 61.28 -21.64 -35.18
C GLU W 40 61.40 -21.22 -36.64
N LYS W 41 62.56 -21.50 -37.23
CA LYS W 41 62.79 -21.16 -38.64
C LYS W 41 62.83 -22.45 -39.44
N LYS W 42 62.31 -22.37 -40.65
CA LYS W 42 62.23 -23.50 -41.55
C LYS W 42 63.50 -24.34 -41.71
N PHE W 43 64.66 -23.69 -41.76
CA PHE W 43 65.89 -24.47 -41.96
C PHE W 43 67.01 -24.32 -40.94
N GLY W 44 67.49 -23.10 -40.75
CA GLY W 44 68.60 -22.90 -39.82
C GLY W 44 68.20 -22.97 -38.37
N SER W 45 69.01 -22.35 -37.52
CA SER W 45 68.71 -22.31 -36.10
C SER W 45 67.54 -21.32 -35.99
N PRO W 46 66.89 -21.26 -34.82
CA PRO W 46 65.76 -20.33 -34.73
C PRO W 46 66.18 -18.90 -34.53
N THR W 47 65.18 -18.04 -34.39
CA THR W 47 65.33 -16.62 -34.17
C THR W 47 65.01 -16.41 -32.68
N ILE W 48 65.91 -15.77 -31.93
CA ILE W 48 65.64 -15.50 -30.52
C ILE W 48 65.53 -14.00 -30.37
N THR W 49 64.30 -13.49 -30.32
CA THR W 49 64.03 -12.06 -30.26
C THR W 49 63.40 -11.59 -28.97
N LYS W 50 63.10 -10.29 -28.95
CA LYS W 50 62.48 -9.60 -27.85
C LYS W 50 61.65 -8.53 -28.55
N ASP W 51 61.53 -8.70 -29.87
CA ASP W 51 60.79 -7.76 -30.68
C ASP W 51 59.34 -8.15 -30.91
N GLY W 52 58.44 -7.24 -30.57
CA GLY W 52 57.03 -7.49 -30.77
C GLY W 52 56.64 -8.04 -32.14
N VAL W 53 56.48 -7.15 -33.11
CA VAL W 53 56.09 -7.56 -34.46
C VAL W 53 56.76 -8.83 -34.94
N THR W 54 58.03 -9.02 -34.64
CA THR W 54 58.72 -10.21 -35.12
C THR W 54 57.98 -11.46 -34.63
N VAL W 55 57.69 -11.48 -33.33
CA VAL W 55 56.98 -12.61 -32.77
C VAL W 55 55.56 -12.61 -33.33
N ALA W 56 54.84 -11.52 -33.13
CA ALA W 56 53.47 -11.41 -33.61
C ALA W 56 53.27 -11.97 -35.02
N LYS W 57 54.17 -11.64 -35.93
CA LYS W 57 54.05 -12.09 -37.30
C LYS W 57 54.16 -13.60 -37.49
N GLU W 58 54.88 -14.29 -36.61
CA GLU W 58 55.03 -15.74 -36.74
C GLU W 58 53.82 -16.53 -36.23
N VAL W 59 52.94 -15.87 -35.49
CA VAL W 59 51.79 -16.54 -34.92
C VAL W 59 50.69 -16.80 -35.92
N GLU W 60 50.37 -18.09 -36.08
CA GLU W 60 49.31 -18.52 -36.99
C GLU W 60 48.48 -19.57 -36.23
N LEU W 61 47.21 -19.26 -35.98
CA LEU W 61 46.31 -20.16 -35.26
C LEU W 61 45.57 -21.13 -36.17
N GLU W 62 45.32 -22.35 -35.68
CA GLU W 62 44.62 -23.38 -36.46
C GLU W 62 43.12 -23.14 -36.63
N ASP W 63 42.49 -22.51 -35.67
CA ASP W 63 41.07 -22.25 -35.78
C ASP W 63 40.82 -20.95 -36.52
N HIS W 64 40.09 -21.05 -37.62
CA HIS W 64 39.78 -19.89 -38.44
C HIS W 64 39.37 -18.63 -37.68
N LEU W 65 38.31 -18.67 -36.89
CA LEU W 65 37.88 -17.47 -36.19
C LEU W 65 38.93 -16.94 -35.23
N GLU W 66 39.58 -17.82 -34.49
CA GLU W 66 40.59 -17.39 -33.53
C GLU W 66 41.75 -16.77 -34.26
N ASN W 67 42.05 -17.31 -35.43
CA ASN W 67 43.14 -16.80 -36.25
C ASN W 67 42.85 -15.40 -36.76
N ILE W 68 41.60 -15.17 -37.19
CA ILE W 68 41.19 -13.85 -37.65
C ILE W 68 41.54 -12.82 -36.59
N GLY W 69 41.34 -13.21 -35.33
CA GLY W 69 41.64 -12.31 -34.25
C GLY W 69 43.12 -12.12 -34.15
N ALA W 70 43.87 -13.21 -34.27
CA ALA W 70 45.33 -13.14 -34.20
C ALA W 70 45.87 -12.17 -35.25
N GLN W 71 45.26 -12.18 -36.43
CA GLN W 71 45.66 -11.30 -37.51
C GLN W 71 45.43 -9.85 -37.11
N LEU W 72 44.18 -9.50 -36.85
CA LEU W 72 43.85 -8.13 -36.46
C LEU W 72 44.83 -7.57 -35.44
N LEU W 73 45.32 -8.40 -34.53
CA LEU W 73 46.25 -7.92 -33.52
C LEU W 73 47.58 -7.70 -34.18
N LYS W 74 47.98 -8.63 -35.04
CA LYS W 74 49.25 -8.49 -35.75
C LYS W 74 49.30 -7.14 -36.48
N GLU W 75 48.19 -6.76 -37.10
CA GLU W 75 48.13 -5.49 -37.81
C GLU W 75 48.50 -4.35 -36.87
N VAL W 76 47.92 -4.34 -35.67
CA VAL W 76 48.24 -3.31 -34.71
C VAL W 76 49.74 -3.27 -34.51
N ALA W 77 50.35 -4.43 -34.38
CA ALA W 77 51.79 -4.51 -34.18
C ALA W 77 52.60 -3.93 -35.35
N SER W 78 52.38 -4.44 -36.56
CA SER W 78 53.13 -3.99 -37.72
C SER W 78 52.89 -2.52 -38.10
N LYS W 79 51.64 -2.10 -38.25
CA LYS W 79 51.37 -0.71 -38.61
C LYS W 79 52.08 0.24 -37.67
N THR W 80 52.39 -0.23 -36.47
CA THR W 80 53.10 0.58 -35.48
C THR W 80 54.59 0.55 -35.79
N ASN W 81 55.05 -0.59 -36.30
CA ASN W 81 56.45 -0.77 -36.66
C ASN W 81 56.72 0.06 -37.90
N ASP W 82 55.73 0.14 -38.78
CA ASP W 82 55.86 0.92 -40.00
C ASP W 82 55.95 2.40 -39.70
N VAL W 83 55.02 2.88 -38.87
CA VAL W 83 54.99 4.28 -38.49
C VAL W 83 56.06 4.74 -37.49
N ALA W 84 56.71 3.82 -36.79
CA ALA W 84 57.70 4.25 -35.81
C ALA W 84 58.87 3.31 -35.60
N GLY W 85 58.73 2.07 -36.03
CA GLY W 85 59.82 1.12 -35.89
C GLY W 85 60.11 0.61 -34.49
N ASP W 86 59.40 1.16 -33.52
CA ASP W 86 59.55 0.74 -32.13
C ASP W 86 58.20 0.90 -31.41
N GLY W 87 58.05 0.21 -30.27
CA GLY W 87 56.82 0.30 -29.51
C GLY W 87 55.73 -0.65 -29.99
N THR W 88 56.14 -1.73 -30.65
CA THR W 88 55.19 -2.70 -31.16
C THR W 88 54.51 -3.44 -30.00
N THR W 89 55.32 -3.97 -29.08
CA THR W 89 54.79 -4.67 -27.90
C THR W 89 53.76 -3.79 -27.16
N THR W 90 54.14 -2.55 -26.88
CA THR W 90 53.25 -1.61 -26.21
C THR W 90 51.92 -1.47 -26.94
N ALA W 91 51.96 -1.49 -28.27
CA ALA W 91 50.72 -1.34 -29.02
C ALA W 91 49.84 -2.58 -28.88
N THR W 92 50.49 -3.75 -28.84
CA THR W 92 49.79 -5.04 -28.71
C THR W 92 49.02 -5.05 -27.39
N VAL W 93 49.76 -4.90 -26.30
CA VAL W 93 49.18 -4.84 -24.98
C VAL W 93 47.98 -3.90 -24.91
N LEU W 94 48.15 -2.65 -25.31
CA LEU W 94 47.06 -1.68 -25.31
C LEU W 94 45.85 -2.15 -26.12
N ALA W 95 46.10 -2.98 -27.12
CA ALA W 95 45.03 -3.49 -27.97
C ALA W 95 44.26 -4.55 -27.17
N GLN W 96 45.01 -5.50 -26.62
CA GLN W 96 44.43 -6.57 -25.81
C GLN W 96 43.54 -5.94 -24.75
N ALA W 97 44.11 -5.02 -23.98
CA ALA W 97 43.39 -4.32 -22.92
C ALA W 97 42.08 -3.74 -23.43
N ILE W 98 42.15 -2.95 -24.51
CA ILE W 98 40.96 -2.34 -25.07
C ILE W 98 39.94 -3.38 -25.51
N VAL W 99 40.43 -4.50 -26.02
CA VAL W 99 39.53 -5.55 -26.50
C VAL W 99 38.76 -6.24 -25.38
N ARG W 100 39.44 -6.62 -24.30
CA ARG W 100 38.73 -7.29 -23.21
C ARG W 100 37.78 -6.35 -22.47
N GLU W 101 38.31 -5.29 -21.89
CA GLU W 101 37.48 -4.36 -21.16
C GLU W 101 36.32 -3.90 -22.03
N GLY W 102 36.55 -3.87 -23.33
CA GLY W 102 35.50 -3.44 -24.24
C GLY W 102 34.49 -4.54 -24.55
N LEU W 103 34.98 -5.74 -24.84
CA LEU W 103 34.10 -6.87 -25.15
C LEU W 103 33.18 -7.16 -23.98
N LYS W 104 33.72 -6.93 -22.77
CA LYS W 104 32.95 -7.13 -21.55
C LYS W 104 31.73 -6.22 -21.60
N ASN W 105 31.99 -4.93 -21.78
CA ASN W 105 30.91 -3.94 -21.85
C ASN W 105 29.93 -4.21 -22.98
N VAL W 106 30.35 -4.95 -23.99
CA VAL W 106 29.43 -5.22 -25.09
C VAL W 106 28.49 -6.31 -24.62
N ALA W 107 29.03 -7.29 -23.92
CA ALA W 107 28.24 -8.38 -23.38
C ALA W 107 27.23 -7.79 -22.40
N ALA W 108 27.65 -6.75 -21.68
CA ALA W 108 26.78 -6.10 -20.71
C ALA W 108 25.70 -5.28 -21.42
N GLY W 109 25.63 -5.42 -22.74
CA GLY W 109 24.62 -4.69 -23.50
C GLY W 109 24.97 -3.31 -24.06
N ALA W 110 26.20 -2.84 -23.87
CA ALA W 110 26.61 -1.53 -24.37
C ALA W 110 26.58 -1.47 -25.92
N ASN W 111 26.25 -0.30 -26.46
CA ASN W 111 26.24 -0.10 -27.92
C ASN W 111 27.70 0.10 -28.38
N PRO W 112 28.24 -0.84 -29.16
CA PRO W 112 29.62 -0.74 -29.63
C PRO W 112 29.93 0.53 -30.42
N LEU W 113 28.98 0.99 -31.22
CA LEU W 113 29.22 2.21 -31.98
C LEU W 113 29.57 3.35 -31.04
N ALA W 114 28.75 3.56 -30.01
CA ALA W 114 29.03 4.63 -29.06
C ALA W 114 30.33 4.35 -28.33
N LEU W 115 30.59 3.08 -28.03
CA LEU W 115 31.81 2.73 -27.35
C LEU W 115 32.99 3.22 -28.16
N LYS W 116 32.86 3.09 -29.48
CA LYS W 116 33.92 3.51 -30.40
C LYS W 116 34.11 5.02 -30.26
N ARG W 117 33.05 5.78 -30.49
CA ARG W 117 33.11 7.24 -30.39
C ARG W 117 33.86 7.67 -29.13
N GLY W 118 33.48 7.05 -28.01
CA GLY W 118 34.11 7.38 -26.75
C GLY W 118 35.59 7.04 -26.76
N ILE W 119 35.92 5.87 -27.28
CA ILE W 119 37.31 5.45 -27.34
C ILE W 119 38.09 6.48 -28.15
N GLU W 120 37.54 6.85 -29.31
CA GLU W 120 38.15 7.83 -30.18
C GLU W 120 38.41 9.11 -29.42
N LYS W 121 37.36 9.72 -28.89
CA LYS W 121 37.49 10.96 -28.14
C LYS W 121 38.52 10.80 -27.03
N ALA W 122 38.45 9.67 -26.32
CA ALA W 122 39.38 9.40 -25.24
C ALA W 122 40.83 9.41 -25.72
N VAL W 123 41.08 8.76 -26.86
CA VAL W 123 42.42 8.70 -27.42
C VAL W 123 42.91 10.09 -27.80
N GLU W 124 42.05 10.87 -28.43
CA GLU W 124 42.42 12.23 -28.82
C GLU W 124 42.96 12.95 -27.59
N ALA W 125 42.12 13.05 -26.56
CA ALA W 125 42.52 13.69 -25.31
C ALA W 125 43.85 13.13 -24.81
N ALA W 126 44.02 11.82 -24.92
CA ALA W 126 45.24 11.17 -24.46
C ALA W 126 46.44 11.61 -25.30
N VAL W 127 46.27 11.62 -26.62
CA VAL W 127 47.35 12.02 -27.50
C VAL W 127 47.76 13.44 -27.17
N GLU W 128 46.78 14.33 -27.12
CA GLU W 128 47.03 15.72 -26.80
C GLU W 128 47.91 15.88 -25.56
N LYS W 129 47.65 15.05 -24.56
CA LYS W 129 48.42 15.10 -23.33
C LYS W 129 49.83 14.57 -23.54
N ILE W 130 49.99 13.66 -24.51
CA ILE W 130 51.31 13.10 -24.79
C ILE W 130 52.18 14.23 -25.33
N LYS W 131 51.62 14.97 -26.28
CA LYS W 131 52.30 16.10 -26.90
C LYS W 131 52.66 17.07 -25.78
N ALA W 132 51.63 17.49 -25.05
CA ALA W 132 51.79 18.40 -23.94
C ALA W 132 52.99 18.11 -23.01
N LEU W 133 53.41 16.85 -22.93
CA LEU W 133 54.52 16.48 -22.05
C LEU W 133 55.78 16.20 -22.82
N ALA W 134 55.73 16.38 -24.13
CA ALA W 134 56.88 16.13 -24.98
C ALA W 134 57.99 17.16 -24.78
N ILE W 135 59.23 16.67 -24.81
CA ILE W 135 60.41 17.52 -24.65
C ILE W 135 61.32 17.33 -25.88
N PRO W 136 61.74 18.43 -26.51
CA PRO W 136 62.61 18.31 -27.69
C PRO W 136 63.99 17.76 -27.34
N VAL W 137 64.54 16.91 -28.22
CA VAL W 137 65.86 16.32 -28.01
C VAL W 137 66.83 17.44 -28.36
N GLU W 138 67.82 17.69 -27.51
CA GLU W 138 68.75 18.78 -27.83
C GLU W 138 70.19 18.53 -27.50
N ASP W 139 70.57 17.28 -27.31
CA ASP W 139 71.97 17.00 -26.99
C ASP W 139 72.36 15.53 -26.96
N ARG W 140 73.67 15.31 -26.94
CA ARG W 140 74.24 13.98 -26.94
C ARG W 140 73.66 13.07 -25.86
N LYS W 141 73.36 13.63 -24.70
CA LYS W 141 72.81 12.84 -23.61
C LYS W 141 71.38 12.41 -23.97
N ALA W 142 70.51 13.39 -24.19
CA ALA W 142 69.11 13.11 -24.54
C ALA W 142 68.99 11.96 -25.51
N ILE W 143 69.92 11.89 -26.46
CA ILE W 143 69.90 10.82 -27.44
C ILE W 143 70.47 9.52 -26.89
N GLU W 144 71.58 9.60 -26.16
CA GLU W 144 72.17 8.39 -25.59
C GLU W 144 71.13 7.66 -24.75
N GLU W 145 70.27 8.42 -24.09
CA GLU W 145 69.22 7.84 -23.27
C GLU W 145 68.22 7.09 -24.16
N VAL W 146 67.45 7.84 -24.95
CA VAL W 146 66.48 7.25 -25.85
C VAL W 146 67.00 5.94 -26.46
N ALA W 147 68.25 5.97 -26.93
CA ALA W 147 68.86 4.78 -27.54
C ALA W 147 69.16 3.69 -26.54
N THR W 148 69.73 4.04 -25.38
CA THR W 148 70.04 3.01 -24.37
C THR W 148 68.78 2.24 -23.98
N ILE W 149 67.68 2.98 -23.81
CA ILE W 149 66.42 2.35 -23.48
C ILE W 149 65.94 1.44 -24.63
N SER W 150 65.53 2.05 -25.74
CA SER W 150 65.06 1.29 -26.89
C SER W 150 65.84 0.00 -27.16
N ALA W 151 67.14 0.00 -26.92
CA ALA W 151 67.97 -1.18 -27.17
C ALA W 151 68.17 -1.96 -25.90
N ASN W 152 67.81 -1.34 -24.78
CA ASN W 152 67.97 -1.97 -23.48
C ASN W 152 69.44 -2.37 -23.31
N ASP W 153 70.33 -1.41 -23.59
CA ASP W 153 71.77 -1.60 -23.46
C ASP W 153 72.46 -0.24 -23.47
N PRO W 154 73.35 0.01 -22.50
CA PRO W 154 74.05 1.30 -22.42
C PRO W 154 75.02 1.48 -23.59
N GLU W 155 75.81 0.44 -23.87
CA GLU W 155 76.78 0.47 -24.95
C GLU W 155 76.15 0.90 -26.27
N VAL W 156 75.06 0.24 -26.66
CA VAL W 156 74.37 0.58 -27.89
C VAL W 156 73.93 2.03 -27.86
N GLY W 157 73.38 2.46 -26.74
CA GLY W 157 72.94 3.84 -26.63
C GLY W 157 74.11 4.80 -26.72
N LYS W 158 75.32 4.33 -26.42
CA LYS W 158 76.49 5.17 -26.50
C LYS W 158 76.86 5.37 -27.98
N LEU W 159 77.28 4.30 -28.64
CA LEU W 159 77.64 4.37 -30.05
C LEU W 159 76.64 5.16 -30.88
N ILE W 160 75.36 4.93 -30.65
CA ILE W 160 74.35 5.65 -31.43
C ILE W 160 74.45 7.15 -31.13
N ALA W 161 74.79 7.49 -29.89
CA ALA W 161 74.92 8.88 -29.53
C ALA W 161 76.20 9.43 -30.16
N ASP W 162 77.31 8.71 -29.97
CA ASP W 162 78.59 9.13 -30.54
C ASP W 162 78.43 9.42 -32.03
N ALA W 163 78.00 8.40 -32.78
CA ALA W 163 77.80 8.54 -34.21
C ALA W 163 76.82 9.68 -34.52
N MET W 164 75.61 9.61 -33.96
CA MET W 164 74.61 10.65 -34.19
C MET W 164 75.19 12.05 -34.01
N GLU W 165 76.02 12.22 -32.99
CA GLU W 165 76.63 13.51 -32.69
C GLU W 165 77.56 13.99 -33.80
N LYS W 166 78.52 13.15 -34.16
CA LYS W 166 79.51 13.46 -35.19
C LYS W 166 79.04 13.20 -36.63
N VAL W 167 77.76 13.43 -36.89
CA VAL W 167 77.17 13.24 -38.22
C VAL W 167 75.90 14.09 -38.28
N GLY W 168 75.66 14.85 -37.20
CA GLY W 168 74.50 15.71 -37.15
C GLY W 168 73.18 14.97 -37.28
N LYS W 169 72.11 15.57 -36.79
CA LYS W 169 70.79 14.94 -36.83
C LYS W 169 70.30 14.67 -38.26
N GLU W 170 70.87 15.36 -39.23
CA GLU W 170 70.48 15.16 -40.62
C GLU W 170 71.43 14.16 -41.27
N GLY W 171 72.33 13.61 -40.48
CA GLY W 171 73.30 12.66 -40.98
C GLY W 171 72.73 11.30 -41.32
N ILE W 172 73.59 10.29 -41.38
CA ILE W 172 73.16 8.94 -41.69
C ILE W 172 73.98 7.88 -40.97
N ILE W 173 73.29 6.98 -40.28
CA ILE W 173 73.95 5.91 -39.57
C ILE W 173 73.55 4.58 -40.22
N THR W 174 74.48 3.64 -40.25
CA THR W 174 74.22 2.35 -40.89
C THR W 174 74.69 1.19 -40.03
N VAL W 175 73.91 0.12 -40.03
CA VAL W 175 74.26 -1.04 -39.24
C VAL W 175 74.76 -2.12 -40.16
N GLU W 176 75.95 -2.60 -39.87
CA GLU W 176 76.57 -3.64 -40.67
C GLU W 176 77.11 -4.74 -39.79
N GLU W 177 77.36 -5.87 -40.43
CA GLU W 177 77.83 -7.05 -39.78
C GLU W 177 79.35 -7.13 -39.71
N SER W 178 79.92 -6.65 -38.60
CA SER W 178 81.37 -6.68 -38.41
C SER W 178 81.86 -8.13 -38.56
N LYS W 179 83.14 -8.36 -38.34
CA LYS W 179 83.66 -9.71 -38.46
C LYS W 179 84.28 -10.20 -37.16
N SER W 180 84.75 -9.25 -36.35
CA SER W 180 85.35 -9.59 -35.06
C SER W 180 84.22 -9.78 -34.05
N LEU W 181 84.56 -10.22 -32.85
CA LEU W 181 83.55 -10.39 -31.82
C LEU W 181 83.12 -9.04 -31.33
N GLU W 182 83.92 -8.02 -31.62
CA GLU W 182 83.58 -6.69 -31.15
C GLU W 182 82.91 -5.81 -32.18
N THR W 183 82.08 -4.90 -31.68
CA THR W 183 81.36 -3.94 -32.51
C THR W 183 82.23 -2.68 -32.64
N GLU W 184 82.25 -2.08 -33.84
CA GLU W 184 83.03 -0.87 -34.10
C GLU W 184 82.23 0.22 -34.80
N LEU W 185 82.45 1.46 -34.40
CA LEU W 185 81.79 2.61 -35.01
C LEU W 185 82.85 3.27 -35.88
N LYS W 186 82.53 3.49 -37.15
CA LYS W 186 83.49 4.11 -38.06
C LYS W 186 82.80 5.11 -38.97
N PHE W 187 83.49 6.20 -39.26
CA PHE W 187 82.91 7.22 -40.13
C PHE W 187 83.54 7.20 -41.51
N VAL W 188 82.78 7.65 -42.50
CA VAL W 188 83.27 7.69 -43.87
C VAL W 188 83.58 9.15 -44.22
N GLU W 189 84.80 9.36 -44.69
CA GLU W 189 85.37 10.66 -45.06
C GLU W 189 84.96 11.19 -46.43
N GLY W 190 84.58 12.47 -46.51
CA GLY W 190 84.20 13.01 -47.81
C GLY W 190 83.11 12.24 -48.52
N TYR W 191 83.14 12.25 -49.85
CA TYR W 191 82.14 11.55 -50.66
C TYR W 191 82.61 10.14 -51.00
N GLN W 192 81.66 9.23 -51.15
CA GLN W 192 82.00 7.86 -51.50
C GLN W 192 80.75 7.07 -51.86
N PHE W 193 80.95 6.09 -52.73
CA PHE W 193 79.88 5.22 -53.20
C PHE W 193 80.42 3.79 -53.27
N ASP W 194 79.52 2.83 -53.40
CA ASP W 194 79.91 1.42 -53.43
C ASP W 194 80.26 0.87 -54.80
N LYS W 195 81.24 1.49 -55.45
CA LYS W 195 81.73 1.09 -56.77
C LYS W 195 83.26 1.09 -56.69
N GLY W 196 83.88 -0.01 -57.11
CA GLY W 196 85.34 -0.11 -57.06
C GLY W 196 86.05 0.01 -58.39
N TYR W 197 87.37 -0.21 -58.38
CA TYR W 197 88.14 -0.12 -59.61
C TYR W 197 87.68 -1.15 -60.65
N ILE W 198 87.34 -0.68 -61.85
CA ILE W 198 86.86 -1.56 -62.92
C ILE W 198 87.92 -2.57 -63.39
N SER W 199 89.16 -2.39 -62.93
CA SER W 199 90.24 -3.31 -63.27
C SER W 199 91.31 -3.32 -62.19
N PRO W 200 91.61 -4.52 -61.66
CA PRO W 200 92.61 -4.71 -60.61
C PRO W 200 94.01 -4.15 -60.92
N TYR W 201 94.27 -3.84 -62.19
CA TYR W 201 95.57 -3.29 -62.55
C TYR W 201 95.77 -1.87 -62.03
N PHE W 202 94.64 -1.18 -61.83
CA PHE W 202 94.64 0.19 -61.34
C PHE W 202 95.22 0.32 -59.92
N VAL W 203 95.25 -0.78 -59.17
CA VAL W 203 95.76 -0.78 -57.79
C VAL W 203 97.09 -0.04 -57.56
N THR W 204 97.12 0.78 -56.50
CA THR W 204 98.28 1.58 -56.09
C THR W 204 99.08 0.84 -55.02
N ASN W 205 98.36 0.24 -54.07
CA ASN W 205 98.95 -0.50 -52.94
C ASN W 205 98.76 -2.01 -53.08
N PRO W 206 99.86 -2.78 -53.13
CA PRO W 206 99.81 -4.24 -53.26
C PRO W 206 99.51 -4.87 -51.91
N GLU W 207 99.51 -4.03 -50.88
CA GLU W 207 99.26 -4.44 -49.52
C GLU W 207 97.80 -4.22 -49.08
N THR W 208 97.17 -3.20 -49.64
CA THR W 208 95.80 -2.86 -49.28
C THR W 208 94.77 -3.02 -50.40
N MET W 209 95.22 -3.47 -51.57
CA MET W 209 94.34 -3.66 -52.72
C MET W 209 93.53 -2.41 -53.04
N GLU W 210 94.13 -1.26 -52.76
CA GLU W 210 93.48 0.01 -53.00
C GLU W 210 94.03 0.69 -54.24
N ALA W 211 93.47 1.84 -54.54
CA ALA W 211 93.87 2.66 -55.65
C ALA W 211 93.93 4.06 -55.05
N VAL W 212 95.15 4.52 -54.74
CA VAL W 212 95.34 5.84 -54.14
C VAL W 212 95.92 6.84 -55.13
N LEU W 213 95.16 7.89 -55.41
CA LEU W 213 95.56 8.94 -56.34
C LEU W 213 95.58 10.27 -55.63
N GLU W 214 96.78 10.75 -55.33
CA GLU W 214 96.94 12.03 -54.66
C GLU W 214 96.68 13.18 -55.62
N ASP W 215 95.86 14.13 -55.19
CA ASP W 215 95.59 15.31 -56.00
C ASP W 215 95.27 14.94 -57.44
N ALA W 216 94.12 14.35 -57.69
CA ALA W 216 93.81 13.94 -59.04
C ALA W 216 92.70 14.75 -59.71
N PHE W 217 92.50 14.45 -60.98
CA PHE W 217 91.46 15.08 -61.77
C PHE W 217 90.36 14.03 -61.95
N ILE W 218 89.10 14.46 -61.85
CA ILE W 218 87.98 13.54 -61.96
C ILE W 218 87.19 13.78 -63.24
N LEU W 219 87.20 12.76 -64.09
CA LEU W 219 86.51 12.80 -65.36
C LEU W 219 85.11 12.23 -65.18
N ILE W 220 84.13 13.13 -65.06
CA ILE W 220 82.72 12.77 -64.86
C ILE W 220 81.94 12.59 -66.18
N VAL W 221 82.03 11.41 -66.78
CA VAL W 221 81.35 11.12 -68.04
C VAL W 221 80.04 10.38 -67.83
N GLU W 222 78.92 10.97 -68.26
CA GLU W 222 77.62 10.33 -68.10
C GLU W 222 77.50 9.05 -68.92
N LYS W 223 77.64 9.16 -70.24
CA LYS W 223 77.56 8.01 -71.14
C LYS W 223 78.68 7.00 -70.85
N LYS W 224 78.74 5.92 -71.63
CA LYS W 224 79.79 4.91 -71.45
C LYS W 224 81.10 5.35 -72.07
N VAL W 225 82.08 4.45 -72.11
CA VAL W 225 83.40 4.76 -72.67
C VAL W 225 84.11 3.49 -73.21
N SER W 226 84.20 3.38 -74.53
CA SER W 226 84.84 2.23 -75.16
C SER W 226 85.75 2.58 -76.33
N ASN W 227 85.58 3.77 -76.87
CA ASN W 227 86.35 4.25 -78.03
C ASN W 227 87.60 5.08 -77.68
N VAL W 228 88.78 4.51 -77.94
CA VAL W 228 90.06 5.17 -77.63
C VAL W 228 90.12 6.63 -78.04
N ARG W 229 89.68 6.93 -79.26
CA ARG W 229 89.70 8.30 -79.77
C ARG W 229 89.16 9.34 -78.79
N GLU W 230 87.85 9.28 -78.49
CA GLU W 230 87.22 10.26 -77.58
C GLU W 230 88.02 10.57 -76.31
N LEU W 231 88.73 9.58 -75.78
CA LEU W 231 89.52 9.76 -74.56
C LEU W 231 90.79 10.55 -74.79
N LEU W 232 91.63 10.04 -75.67
CA LEU W 232 92.92 10.62 -76.00
C LEU W 232 93.04 12.13 -75.80
N PRO W 233 92.18 12.92 -76.46
CA PRO W 233 92.28 14.37 -76.26
C PRO W 233 92.49 14.78 -74.80
N ILE W 234 91.56 14.38 -73.95
CA ILE W 234 91.61 14.71 -72.54
C ILE W 234 92.70 13.91 -71.81
N LEU W 235 93.00 12.71 -72.30
CA LEU W 235 94.05 11.88 -71.71
C LEU W 235 95.40 12.55 -71.89
N GLU W 236 95.54 13.32 -72.96
CA GLU W 236 96.78 14.02 -73.24
C GLU W 236 96.87 15.27 -72.37
N GLN W 237 95.81 16.07 -72.37
CA GLN W 237 95.78 17.28 -71.55
C GLN W 237 96.15 16.97 -70.10
N VAL W 238 95.63 15.87 -69.59
CA VAL W 238 95.88 15.47 -68.23
C VAL W 238 97.29 14.90 -68.04
N ALA W 239 97.68 13.96 -68.90
CA ALA W 239 98.99 13.32 -68.83
C ALA W 239 100.11 14.36 -68.76
N GLN W 240 99.88 15.51 -69.37
CA GLN W 240 100.84 16.61 -69.41
C GLN W 240 100.80 17.43 -68.13
N THR W 241 99.72 17.28 -67.36
CA THR W 241 99.58 18.01 -66.10
C THR W 241 100.38 17.27 -65.02
N GLY W 242 100.76 16.04 -65.34
CA GLY W 242 101.53 15.21 -64.43
C GLY W 242 100.73 14.77 -63.23
N LYS W 243 99.43 15.06 -63.26
CA LYS W 243 98.55 14.69 -62.15
C LYS W 243 97.73 13.45 -62.46
N PRO W 244 97.42 12.66 -61.43
CA PRO W 244 96.62 11.44 -61.61
C PRO W 244 95.23 11.77 -62.15
N LEU W 245 94.53 10.75 -62.64
CA LEU W 245 93.21 10.97 -63.17
C LEU W 245 92.25 9.85 -62.84
N LEU W 246 91.05 10.23 -62.41
CA LEU W 246 90.00 9.27 -62.08
C LEU W 246 88.88 9.40 -63.11
N ILE W 247 88.50 8.29 -63.72
CA ILE W 247 87.44 8.34 -64.71
C ILE W 247 86.16 7.66 -64.21
N ILE W 248 85.08 8.45 -64.20
CA ILE W 248 83.78 7.97 -63.75
C ILE W 248 82.79 8.04 -64.90
N ALA W 249 82.57 6.91 -65.57
CA ALA W 249 81.64 6.84 -66.68
C ALA W 249 80.71 5.66 -66.43
N GLU W 250 79.57 5.62 -67.13
CA GLU W 250 78.61 4.53 -66.99
C GLU W 250 79.35 3.21 -66.87
N ASP W 251 80.50 3.16 -67.55
CA ASP W 251 81.36 1.99 -67.52
C ASP W 251 82.52 2.30 -68.44
N VAL W 252 83.63 1.59 -68.24
CA VAL W 252 84.82 1.76 -69.05
C VAL W 252 85.21 0.40 -69.61
N GLU W 253 84.92 0.21 -70.88
CA GLU W 253 85.16 -1.06 -71.57
C GLU W 253 85.95 -0.94 -72.87
N GLY W 254 86.07 -2.08 -73.54
CA GLY W 254 86.78 -2.17 -74.81
C GLY W 254 88.22 -1.71 -74.84
N GLU W 255 88.59 -1.08 -75.95
CA GLU W 255 89.92 -0.56 -76.15
C GLU W 255 90.16 0.65 -75.24
N ALA W 256 89.08 1.33 -74.89
CA ALA W 256 89.15 2.49 -74.01
C ALA W 256 89.77 2.08 -72.69
N LEU W 257 89.32 0.93 -72.17
CA LEU W 257 89.83 0.38 -70.90
C LEU W 257 91.25 -0.16 -71.08
N ALA W 258 91.45 -1.00 -72.10
CA ALA W 258 92.77 -1.56 -72.35
C ALA W 258 93.82 -0.44 -72.39
N THR W 259 93.45 0.72 -72.95
CA THR W 259 94.36 1.85 -73.03
C THR W 259 94.82 2.28 -71.64
N LEU W 260 93.86 2.81 -70.87
CA LEU W 260 94.11 3.28 -69.51
C LEU W 260 94.97 2.31 -68.74
N VAL W 261 94.70 1.02 -68.91
CA VAL W 261 95.45 -0.04 -68.23
C VAL W 261 96.92 -0.08 -68.65
N VAL W 262 97.15 -0.02 -69.96
CA VAL W 262 98.50 -0.06 -70.52
C VAL W 262 99.33 1.13 -70.08
N ASN W 263 98.72 2.31 -70.17
CA ASN W 263 99.40 3.54 -69.79
C ASN W 263 99.66 3.57 -68.29
N LYS W 264 98.70 3.07 -67.53
CA LYS W 264 98.80 3.01 -66.08
C LYS W 264 100.00 2.12 -65.74
N LEU W 265 100.01 0.92 -66.34
CA LEU W 265 101.07 -0.05 -66.13
C LEU W 265 102.40 0.43 -66.73
N ARG W 266 102.30 1.43 -67.61
CA ARG W 266 103.45 1.99 -68.29
C ARG W 266 104.18 3.01 -67.40
N GLY W 267 103.41 3.92 -66.83
CA GLY W 267 103.96 4.98 -66.00
C GLY W 267 103.58 6.23 -66.76
N THR W 268 102.96 5.99 -67.92
CA THR W 268 102.48 7.05 -68.82
C THR W 268 101.61 8.01 -68.02
N LEU W 269 100.56 7.45 -67.45
CA LEU W 269 99.59 8.21 -66.69
C LEU W 269 99.01 7.36 -65.56
N SER W 270 98.85 7.95 -64.38
CA SER W 270 98.27 7.23 -63.26
C SER W 270 96.77 7.47 -63.30
N VAL W 271 96.02 6.41 -63.53
CA VAL W 271 94.58 6.52 -63.59
C VAL W 271 93.85 5.31 -63.06
N ALA W 272 92.53 5.47 -62.95
CA ALA W 272 91.65 4.44 -62.46
C ALA W 272 90.24 4.71 -62.97
N ALA W 273 89.57 3.65 -63.41
CA ALA W 273 88.22 3.78 -63.92
C ALA W 273 87.27 3.15 -62.92
N VAL W 274 86.13 3.81 -62.71
CA VAL W 274 85.11 3.36 -61.78
C VAL W 274 83.73 3.63 -62.36
N LYS W 275 82.82 2.67 -62.18
CA LYS W 275 81.45 2.78 -62.69
C LYS W 275 80.61 3.83 -61.95
N ALA W 276 79.68 4.48 -62.66
CA ALA W 276 78.84 5.51 -62.06
C ALA W 276 78.20 5.01 -60.76
N PRO W 277 77.81 5.94 -59.87
CA PRO W 277 77.21 5.50 -58.61
C PRO W 277 75.93 4.67 -58.80
N GLY W 278 74.78 5.34 -58.67
CA GLY W 278 73.52 4.65 -58.81
C GLY W 278 73.14 4.13 -60.18
N PHE W 279 71.84 4.12 -60.41
CA PHE W 279 71.25 3.66 -61.67
C PHE W 279 70.24 4.71 -62.12
N GLY W 280 69.44 4.37 -63.13
CA GLY W 280 68.44 5.28 -63.64
C GLY W 280 68.81 6.75 -63.59
N ASP W 281 67.82 7.60 -63.31
CA ASP W 281 68.03 9.06 -63.25
C ASP W 281 68.68 9.47 -61.95
N ARG W 282 69.08 8.47 -61.19
CA ARG W 282 69.69 8.73 -59.92
C ARG W 282 71.20 8.91 -60.03
N ARG W 283 71.87 7.99 -60.74
CA ARG W 283 73.31 8.08 -60.91
C ARG W 283 73.62 9.30 -61.76
N LYS W 284 72.61 9.76 -62.50
CA LYS W 284 72.74 10.96 -63.32
C LYS W 284 72.75 12.13 -62.35
N GLU W 285 71.80 12.12 -61.42
CA GLU W 285 71.69 13.16 -60.40
C GLU W 285 72.83 13.07 -59.39
N MET W 286 73.43 11.88 -59.28
CA MET W 286 74.55 11.65 -58.36
C MET W 286 75.90 12.04 -58.95
N LEU W 287 76.09 11.81 -60.25
CA LEU W 287 77.33 12.20 -60.91
C LEU W 287 77.38 13.72 -60.75
N LYS W 288 76.20 14.30 -60.88
CA LYS W 288 75.96 15.74 -60.75
C LYS W 288 76.43 16.22 -59.37
N ASP W 289 76.15 15.39 -58.38
CA ASP W 289 76.52 15.67 -57.00
C ASP W 289 78.04 15.55 -56.91
N ILE W 290 78.57 14.43 -57.39
CA ILE W 290 80.02 14.20 -57.39
C ILE W 290 80.67 15.44 -58.00
N ALA W 291 80.09 15.93 -59.09
CA ALA W 291 80.61 17.11 -59.76
C ALA W 291 80.69 18.26 -58.75
N ALA W 292 79.54 18.74 -58.27
CA ALA W 292 79.47 19.85 -57.31
C ALA W 292 80.41 19.68 -56.11
N VAL W 293 80.85 18.45 -55.85
CA VAL W 293 81.75 18.17 -54.76
C VAL W 293 83.21 18.30 -55.18
N THR W 294 83.49 17.92 -56.43
CA THR W 294 84.86 18.00 -56.94
C THR W 294 85.10 19.30 -57.70
N GLY W 295 84.03 19.91 -58.18
CA GLY W 295 84.15 21.16 -58.93
C GLY W 295 84.09 20.95 -60.44
N GLY W 296 84.46 19.73 -60.87
CA GLY W 296 84.45 19.42 -62.29
C GLY W 296 83.09 19.60 -62.92
N THR W 297 82.99 19.18 -64.18
CA THR W 297 81.74 19.30 -64.91
C THR W 297 81.32 17.93 -65.43
N VAL W 298 80.01 17.68 -65.42
CA VAL W 298 79.48 16.41 -65.89
C VAL W 298 79.37 16.42 -67.41
N ILE W 299 80.01 15.45 -68.05
CA ILE W 299 79.96 15.35 -69.50
C ILE W 299 78.64 14.67 -69.85
N SER W 300 77.57 15.44 -69.67
CA SER W 300 76.20 15.00 -69.91
C SER W 300 75.90 14.84 -71.40
N GLU W 301 75.73 13.60 -71.86
CA GLU W 301 75.42 13.35 -73.26
C GLU W 301 74.12 14.04 -73.66
N GLU W 302 73.32 14.41 -72.66
CA GLU W 302 72.04 15.09 -72.91
C GLU W 302 72.03 16.57 -72.48
N LEU W 303 73.20 17.16 -72.36
CA LEU W 303 73.34 18.58 -72.03
C LEU W 303 74.10 19.18 -73.21
N GLY W 304 74.67 18.30 -74.04
CA GLY W 304 75.41 18.73 -75.21
C GLY W 304 76.92 18.78 -75.07
N PHE W 305 77.53 17.68 -74.64
CA PHE W 305 78.98 17.62 -74.48
C PHE W 305 79.55 16.35 -75.10
N LYS W 306 80.70 16.50 -75.77
CA LYS W 306 81.40 15.38 -76.39
C LYS W 306 82.67 15.09 -75.61
N LEU W 307 82.85 13.82 -75.26
CA LEU W 307 84.03 13.40 -74.50
C LEU W 307 85.29 13.94 -75.13
N GLU W 308 85.38 13.79 -76.45
CA GLU W 308 86.52 14.23 -77.22
C GLU W 308 86.83 15.72 -77.02
N ASN W 309 85.77 16.52 -76.85
CA ASN W 309 85.95 17.96 -76.66
C ASN W 309 86.02 18.36 -75.17
N ALA W 310 86.48 17.43 -74.34
CA ALA W 310 86.61 17.69 -72.91
C ALA W 310 87.88 18.48 -72.64
N THR W 311 87.87 19.29 -71.57
CA THR W 311 89.03 20.11 -71.23
C THR W 311 89.41 19.93 -69.78
N LEU W 312 90.64 20.32 -69.44
CA LEU W 312 91.09 20.22 -68.04
C LEU W 312 90.29 21.25 -67.24
N SER W 313 89.68 22.20 -67.94
CA SER W 313 88.88 23.25 -67.31
C SER W 313 87.63 22.68 -66.68
N MET W 314 87.06 21.65 -67.33
CA MET W 314 85.84 21.00 -66.86
C MET W 314 86.09 19.67 -66.14
N LEU W 315 87.22 19.57 -65.46
CA LEU W 315 87.58 18.37 -64.72
C LEU W 315 87.39 18.57 -63.22
N GLY W 316 86.92 17.53 -62.55
CA GLY W 316 86.76 17.61 -61.12
C GLY W 316 88.11 17.27 -60.53
N ARG W 317 88.39 17.74 -59.32
CA ARG W 317 89.65 17.41 -58.70
C ARG W 317 89.49 17.36 -57.19
N ALA W 318 90.29 16.52 -56.54
CA ALA W 318 90.21 16.38 -55.11
C ALA W 318 91.59 16.19 -54.51
N GLU W 319 91.65 16.29 -53.19
CA GLU W 319 92.90 16.14 -52.46
C GLU W 319 93.33 14.67 -52.47
N ARG W 320 92.34 13.78 -52.58
CA ARG W 320 92.65 12.36 -52.58
C ARG W 320 91.56 11.47 -53.16
N VAL W 321 91.94 10.23 -53.49
CA VAL W 321 91.03 9.26 -54.06
C VAL W 321 91.42 7.80 -53.79
N ARG W 322 90.61 7.11 -52.97
CA ARG W 322 90.84 5.71 -52.63
C ARG W 322 89.85 4.80 -53.35
N ILE W 323 90.37 3.73 -53.95
CA ILE W 323 89.53 2.78 -54.66
C ILE W 323 89.82 1.34 -54.27
N THR W 324 88.88 0.71 -53.58
CA THR W 324 89.01 -0.68 -53.14
C THR W 324 88.35 -1.56 -54.18
N LYS W 325 88.36 -2.85 -53.93
CA LYS W 325 87.75 -3.81 -54.84
C LYS W 325 86.28 -3.51 -55.16
N ASP W 326 85.62 -2.74 -54.30
CA ASP W 326 84.21 -2.43 -54.53
C ASP W 326 83.75 -1.13 -53.91
N GLU W 327 84.70 -0.24 -53.64
CA GLU W 327 84.36 1.03 -53.04
C GLU W 327 85.30 2.14 -53.49
N THR W 328 84.77 3.35 -53.59
CA THR W 328 85.55 4.51 -54.00
C THR W 328 85.28 5.67 -53.05
N THR W 329 86.36 6.35 -52.65
CA THR W 329 86.22 7.47 -51.74
C THR W 329 86.91 8.70 -52.32
N ILE W 330 86.16 9.78 -52.46
CA ILE W 330 86.69 11.03 -53.00
C ILE W 330 86.95 12.09 -51.92
N VAL W 331 88.10 11.98 -51.27
CA VAL W 331 88.51 12.89 -50.22
C VAL W 331 88.90 14.27 -50.78
N GLY W 332 88.81 15.29 -49.93
CA GLY W 332 89.18 16.64 -50.33
C GLY W 332 88.74 17.15 -51.69
N GLY W 333 87.46 17.01 -52.00
CA GLY W 333 86.96 17.52 -53.27
C GLY W 333 87.14 19.02 -53.26
N LYS W 334 87.50 19.61 -54.40
CA LYS W 334 87.71 21.05 -54.47
C LYS W 334 86.48 21.80 -54.96
N GLY W 335 85.36 21.09 -55.05
CA GLY W 335 84.13 21.71 -55.52
C GLY W 335 83.85 23.07 -54.93
N LYS W 336 82.93 23.80 -55.57
CA LYS W 336 82.55 25.13 -55.13
C LYS W 336 81.52 25.00 -54.01
N LYS W 337 81.72 25.72 -52.93
CA LYS W 337 80.81 25.67 -51.78
C LYS W 337 79.35 25.90 -52.17
N GLU W 338 79.10 26.92 -52.99
CA GLU W 338 77.74 27.23 -53.43
C GLU W 338 77.15 26.07 -54.21
N ASP W 339 78.00 25.40 -54.99
CA ASP W 339 77.56 24.26 -55.79
C ASP W 339 77.07 23.11 -54.91
N ILE W 340 77.75 22.88 -53.79
CA ILE W 340 77.37 21.83 -52.88
C ILE W 340 76.05 22.18 -52.20
N GLU W 341 76.00 23.36 -51.58
CA GLU W 341 74.78 23.81 -50.91
C GLU W 341 73.57 23.82 -51.83
N ALA W 342 73.75 24.33 -53.05
CA ALA W 342 72.68 24.38 -54.03
C ALA W 342 72.31 22.98 -54.48
N ARG W 343 73.26 22.07 -54.35
CA ARG W 343 73.04 20.69 -54.74
C ARG W 343 72.26 19.99 -53.63
N ILE W 344 72.53 20.40 -52.39
CA ILE W 344 71.91 19.86 -51.20
C ILE W 344 70.48 20.37 -51.00
N ASN W 345 70.32 21.69 -50.88
CA ASN W 345 69.00 22.29 -50.70
C ASN W 345 68.05 21.98 -51.85
N GLY W 346 68.54 21.26 -52.85
CA GLY W 346 67.71 20.88 -53.97
C GLY W 346 67.04 19.58 -53.59
N ILE W 347 67.73 18.83 -52.73
CA ILE W 347 67.26 17.55 -52.21
C ILE W 347 66.27 17.79 -51.06
N LYS W 348 66.54 18.80 -50.25
CA LYS W 348 65.67 19.17 -49.12
C LYS W 348 64.37 19.74 -49.68
N LYS W 349 64.48 20.75 -50.55
CA LYS W 349 63.31 21.38 -51.15
C LYS W 349 62.52 20.46 -52.08
N GLU W 350 62.86 19.17 -52.08
CA GLU W 350 62.11 18.22 -52.90
C GLU W 350 61.70 17.03 -52.03
N LEU W 351 62.35 16.85 -50.88
CA LEU W 351 61.99 15.76 -49.96
C LEU W 351 60.64 16.11 -49.35
N GLU W 352 60.37 17.42 -49.24
CA GLU W 352 59.13 17.92 -48.69
C GLU W 352 58.00 17.78 -49.72
N THR W 353 58.10 16.73 -50.54
CA THR W 353 57.12 16.43 -51.57
C THR W 353 57.21 14.93 -51.90
N THR W 354 58.19 14.27 -51.31
CA THR W 354 58.39 12.84 -51.54
C THR W 354 57.56 12.04 -50.52
N ASP W 355 56.92 10.98 -50.98
CA ASP W 355 56.12 10.15 -50.09
C ASP W 355 56.81 8.85 -49.75
N SER W 356 56.70 7.88 -50.66
CA SER W 356 57.30 6.56 -50.45
C SER W 356 58.57 6.69 -49.63
N GLU W 357 58.48 6.32 -48.35
CA GLU W 357 59.60 6.41 -47.43
C GLU W 357 60.87 5.84 -48.06
N TYR W 358 60.72 5.04 -49.10
CA TYR W 358 61.88 4.47 -49.79
C TYR W 358 62.61 5.52 -50.62
N ALA W 359 61.84 6.40 -51.26
CA ALA W 359 62.41 7.47 -52.07
C ALA W 359 63.03 8.53 -51.16
N ARG W 360 62.52 8.61 -49.93
CA ARG W 360 63.01 9.57 -48.94
C ARG W 360 64.35 9.14 -48.33
N GLU W 361 64.64 7.85 -48.41
CA GLU W 361 65.90 7.30 -47.90
C GLU W 361 66.98 7.40 -48.97
N LYS W 362 66.56 7.42 -50.23
CA LYS W 362 67.46 7.54 -51.37
C LYS W 362 67.90 8.98 -51.54
N LEU W 363 66.95 9.89 -51.43
CA LEU W 363 67.23 11.32 -51.53
C LEU W 363 67.75 11.78 -50.17
N GLN W 364 68.24 10.84 -49.36
CA GLN W 364 68.78 11.16 -48.05
C GLN W 364 70.25 10.72 -47.93
N GLU W 365 70.62 9.63 -48.60
CA GLU W 365 72.00 9.15 -48.54
C GLU W 365 72.83 9.98 -49.52
N ARG W 366 72.12 10.75 -50.35
CA ARG W 366 72.75 11.65 -51.31
C ARG W 366 73.11 12.86 -50.46
N LEU W 367 72.08 13.44 -49.83
CA LEU W 367 72.22 14.59 -48.96
C LEU W 367 73.16 14.30 -47.79
N ALA W 368 73.41 13.02 -47.52
CA ALA W 368 74.29 12.60 -46.43
C ALA W 368 75.72 12.65 -46.96
N LYS W 369 75.97 11.96 -48.06
CA LYS W 369 77.28 11.94 -48.65
C LYS W 369 77.70 13.39 -48.87
N LEU W 370 76.78 14.18 -49.44
CA LEU W 370 77.02 15.61 -49.74
C LEU W 370 77.40 16.44 -48.52
N ALA W 371 76.95 16.04 -47.35
CA ALA W 371 77.26 16.76 -46.12
C ALA W 371 78.37 16.00 -45.39
N GLY W 372 79.10 15.18 -46.15
CA GLY W 372 80.21 14.39 -45.64
C GLY W 372 79.95 13.78 -44.27
N GLY W 373 78.78 13.17 -44.11
CA GLY W 373 78.46 12.61 -42.82
C GLY W 373 77.80 11.24 -42.83
N VAL W 374 78.62 10.21 -42.91
CA VAL W 374 78.12 8.84 -42.92
C VAL W 374 78.81 7.98 -41.87
N ALA W 375 78.05 7.58 -40.86
CA ALA W 375 78.57 6.74 -39.78
C ALA W 375 78.15 5.31 -40.05
N VAL W 376 78.93 4.37 -39.54
CA VAL W 376 78.62 2.96 -39.76
C VAL W 376 79.03 2.07 -38.59
N ILE W 377 78.03 1.51 -37.93
CA ILE W 377 78.26 0.64 -36.79
C ILE W 377 78.34 -0.78 -37.27
N ARG W 378 79.50 -1.40 -37.09
CA ARG W 378 79.67 -2.78 -37.51
C ARG W 378 79.55 -3.69 -36.30
N VAL W 379 78.36 -4.24 -36.12
CA VAL W 379 78.04 -5.12 -34.99
C VAL W 379 78.77 -6.46 -35.00
N GLY W 380 79.31 -6.83 -33.83
CA GLY W 380 80.03 -8.08 -33.70
C GLY W 380 79.37 -8.96 -32.66
N ALA W 381 79.62 -10.26 -32.76
CA ALA W 381 79.05 -11.24 -31.84
C ALA W 381 79.78 -12.56 -32.08
N ALA W 382 79.66 -13.49 -31.14
CA ALA W 382 80.32 -14.78 -31.29
C ALA W 382 79.53 -15.80 -32.11
N THR W 383 78.22 -15.61 -32.20
CA THR W 383 77.36 -16.51 -32.95
C THR W 383 76.37 -15.76 -33.82
N GLU W 384 75.96 -16.41 -34.91
CA GLU W 384 75.03 -15.81 -35.85
C GLU W 384 73.74 -15.42 -35.14
N THR W 385 73.24 -16.35 -34.32
CA THR W 385 71.99 -16.13 -33.59
C THR W 385 72.07 -14.92 -32.68
N GLU W 386 73.16 -14.84 -31.91
CA GLU W 386 73.33 -13.69 -31.02
C GLU W 386 73.44 -12.42 -31.86
N LEU W 387 74.31 -12.48 -32.86
CA LEU W 387 74.54 -11.35 -33.73
C LEU W 387 73.25 -10.80 -34.30
N LYS W 388 72.48 -11.67 -34.94
CA LYS W 388 71.25 -11.24 -35.57
C LYS W 388 70.36 -10.39 -34.66
N GLU W 389 70.36 -10.70 -33.37
CA GLU W 389 69.54 -9.96 -32.42
C GLU W 389 70.24 -8.68 -31.99
N LYS W 390 71.54 -8.79 -31.72
CA LYS W 390 72.33 -7.64 -31.31
C LYS W 390 72.17 -6.58 -32.37
N LYS W 391 72.35 -7.01 -33.61
CA LYS W 391 72.22 -6.16 -34.78
C LYS W 391 70.83 -5.51 -34.79
N HIS W 392 69.81 -6.32 -34.51
CA HIS W 392 68.44 -5.81 -34.48
C HIS W 392 68.24 -4.75 -33.43
N ARG W 393 68.82 -4.96 -32.25
CA ARG W 393 68.66 -3.99 -31.19
C ARG W 393 69.15 -2.62 -31.64
N PHE W 394 70.28 -2.58 -32.34
CA PHE W 394 70.83 -1.32 -32.85
C PHE W 394 69.80 -0.65 -33.75
N GLU W 395 69.29 -1.42 -34.70
CA GLU W 395 68.31 -0.91 -35.63
C GLU W 395 67.12 -0.29 -34.89
N ASP W 396 66.63 -0.98 -33.86
CA ASP W 396 65.50 -0.44 -33.10
C ASP W 396 65.88 0.89 -32.46
N ALA W 397 67.05 0.90 -31.83
CA ALA W 397 67.57 2.10 -31.19
C ALA W 397 67.53 3.28 -32.17
N LEU W 398 68.02 3.06 -33.38
CA LEU W 398 68.03 4.11 -34.38
C LEU W 398 66.62 4.60 -34.67
N ASN W 399 65.73 3.67 -35.04
CA ASN W 399 64.36 4.06 -35.35
C ASN W 399 63.81 4.92 -34.23
N ALA W 400 64.22 4.61 -33.00
CA ALA W 400 63.78 5.34 -31.83
C ALA W 400 64.28 6.76 -31.93
N THR W 401 65.61 6.88 -32.02
CA THR W 401 66.30 8.15 -32.13
C THR W 401 65.61 9.02 -33.19
N ARG W 402 65.47 8.47 -34.39
CA ARG W 402 64.81 9.20 -35.47
C ARG W 402 63.49 9.77 -34.99
N ALA W 403 62.62 8.90 -34.48
CA ALA W 403 61.32 9.34 -34.01
C ALA W 403 61.46 10.36 -32.87
N ALA W 404 62.49 10.17 -32.07
CA ALA W 404 62.73 11.07 -30.94
C ALA W 404 62.94 12.48 -31.46
N VAL W 405 63.80 12.61 -32.48
CA VAL W 405 64.08 13.91 -33.05
C VAL W 405 62.83 14.53 -33.70
N GLU W 406 62.02 13.69 -34.34
CA GLU W 406 60.80 14.18 -35.00
C GLU W 406 59.75 14.78 -34.08
N GLU W 407 59.15 13.97 -33.21
CA GLU W 407 58.07 14.46 -32.35
C GLU W 407 58.38 14.72 -30.91
N GLY W 408 59.60 14.47 -30.50
CA GLY W 408 59.89 14.74 -29.11
C GLY W 408 60.19 13.54 -28.27
N ILE W 409 60.15 13.75 -26.97
CA ILE W 409 60.49 12.74 -26.02
C ILE W 409 59.56 12.90 -24.80
N VAL W 410 59.13 11.77 -24.24
CA VAL W 410 58.25 11.78 -23.06
C VAL W 410 58.78 10.79 -22.02
N PRO W 411 58.26 10.86 -20.78
CA PRO W 411 58.74 9.92 -19.75
C PRO W 411 58.32 8.49 -20.12
N GLY W 412 59.24 7.55 -19.91
CA GLY W 412 58.99 6.15 -20.23
C GLY W 412 58.23 5.28 -19.26
N GLY W 413 58.51 3.97 -19.32
CA GLY W 413 57.85 3.02 -18.45
C GLY W 413 56.34 3.15 -18.44
N GLY W 414 55.78 3.62 -19.55
CA GLY W 414 54.33 3.76 -19.64
C GLY W 414 53.79 4.89 -18.81
N VAL W 415 54.68 5.51 -18.05
CA VAL W 415 54.32 6.62 -17.19
C VAL W 415 53.54 7.69 -17.93
N THR W 416 54.04 8.04 -19.10
CA THR W 416 53.42 9.06 -19.91
C THR W 416 51.96 8.69 -20.22
N LEU W 417 51.70 7.43 -20.54
CA LEU W 417 50.32 7.05 -20.83
C LEU W 417 49.44 7.08 -19.60
N LEU W 418 50.03 6.79 -18.44
CA LEU W 418 49.28 6.83 -17.19
C LEU W 418 48.83 8.27 -16.96
N ARG W 419 49.72 9.22 -17.23
CA ARG W 419 49.40 10.63 -17.05
C ARG W 419 48.28 11.06 -17.98
N ALA W 420 48.07 10.29 -19.05
CA ALA W 420 47.02 10.61 -20.01
C ALA W 420 45.65 10.31 -19.40
N ILE W 421 45.63 9.45 -18.39
CA ILE W 421 44.39 9.07 -17.73
C ILE W 421 43.60 10.27 -17.21
N SER W 422 44.26 11.12 -16.42
CA SER W 422 43.60 12.29 -15.88
C SER W 422 42.89 13.08 -16.98
N ALA W 423 43.44 13.06 -18.18
CA ALA W 423 42.84 13.78 -19.29
C ALA W 423 41.55 13.10 -19.72
N VAL W 424 41.60 11.77 -19.83
CA VAL W 424 40.43 11.00 -20.23
C VAL W 424 39.39 11.18 -19.15
N GLU W 425 39.85 11.17 -17.91
CA GLU W 425 39.00 11.34 -16.75
C GLU W 425 38.17 12.61 -16.94
N GLU W 426 38.87 13.73 -17.13
CA GLU W 426 38.21 15.01 -17.33
C GLU W 426 37.20 14.92 -18.48
N LEU W 427 37.57 14.20 -19.52
CA LEU W 427 36.72 14.02 -20.68
C LEU W 427 35.43 13.33 -20.30
N ILE W 428 35.58 12.24 -19.52
CA ILE W 428 34.45 11.45 -19.08
C ILE W 428 33.40 12.33 -18.41
N LYS W 429 33.86 13.24 -17.56
CA LYS W 429 32.95 14.15 -16.87
C LYS W 429 32.06 14.88 -17.87
N LYS W 430 32.53 14.99 -19.10
CA LYS W 430 31.77 15.69 -20.12
C LYS W 430 30.99 14.73 -21.02
N LEU W 431 31.17 13.44 -20.79
CA LEU W 431 30.50 12.41 -21.58
C LEU W 431 29.35 11.70 -20.86
N GLU W 432 28.48 11.05 -21.64
CA GLU W 432 27.34 10.31 -21.12
C GLU W 432 27.23 8.92 -21.74
N GLY W 433 26.13 8.24 -21.43
CA GLY W 433 25.87 6.91 -21.95
C GLY W 433 27.04 5.99 -22.19
N ASP W 434 26.90 5.14 -23.20
CA ASP W 434 27.94 4.19 -23.57
C ASP W 434 29.21 4.91 -24.03
N GLU W 435 29.03 6.12 -24.55
CA GLU W 435 30.16 6.92 -25.03
C GLU W 435 31.10 7.16 -23.87
N ALA W 436 30.54 7.41 -22.69
CA ALA W 436 31.34 7.62 -21.50
C ALA W 436 32.02 6.31 -21.14
N THR W 437 31.30 5.20 -21.37
CA THR W 437 31.84 3.88 -21.08
C THR W 437 33.07 3.68 -21.97
N GLY W 438 32.91 4.03 -23.24
CA GLY W 438 34.00 3.91 -24.18
C GLY W 438 35.24 4.60 -23.64
N ALA W 439 35.09 5.86 -23.23
CA ALA W 439 36.20 6.62 -22.69
C ALA W 439 36.83 5.84 -21.55
N LYS W 440 35.99 5.34 -20.65
CA LYS W 440 36.47 4.58 -19.51
C LYS W 440 37.31 3.39 -19.95
N ILE W 441 36.95 2.79 -21.07
CA ILE W 441 37.69 1.66 -21.61
C ILE W 441 39.13 2.07 -21.81
N VAL W 442 39.31 3.25 -22.42
CA VAL W 442 40.66 3.75 -22.67
C VAL W 442 41.34 4.02 -21.34
N ARG W 443 40.61 4.66 -20.44
CA ARG W 443 41.17 4.95 -19.14
C ARG W 443 41.83 3.74 -18.48
N ARG W 444 41.18 2.59 -18.61
CA ARG W 444 41.73 1.39 -18.01
C ARG W 444 42.91 0.91 -18.82
N ALA W 445 42.70 0.79 -20.14
CA ALA W 445 43.74 0.32 -21.05
C ALA W 445 45.08 1.02 -20.83
N LEU W 446 44.99 2.33 -20.68
CA LEU W 446 46.18 3.16 -20.47
C LEU W 446 47.14 2.62 -19.42
N GLU W 447 46.65 1.77 -18.53
CA GLU W 447 47.47 1.22 -17.45
C GLU W 447 48.26 0.00 -17.88
N GLU W 448 47.73 -0.73 -18.86
CA GLU W 448 48.36 -1.96 -19.27
C GLU W 448 49.87 -1.93 -19.48
N PRO W 449 50.36 -0.98 -20.28
CA PRO W 449 51.80 -0.89 -20.54
C PRO W 449 52.62 -0.81 -19.25
N ALA W 450 52.24 0.15 -18.40
CA ALA W 450 52.91 0.33 -17.11
C ALA W 450 52.88 -1.00 -16.32
N ARG W 451 51.67 -1.56 -16.19
CA ARG W 451 51.46 -2.81 -15.47
C ARG W 451 52.37 -3.94 -15.92
N GLN W 452 52.25 -4.29 -17.20
CA GLN W 452 53.02 -5.38 -17.79
C GLN W 452 54.52 -5.20 -17.62
N ILE W 453 54.97 -3.94 -17.72
CA ILE W 453 56.40 -3.71 -17.57
C ILE W 453 56.76 -4.19 -16.18
N ALA W 454 56.12 -3.58 -15.19
CA ALA W 454 56.35 -3.92 -13.79
C ALA W 454 56.17 -5.41 -13.58
N GLU W 455 55.06 -5.92 -14.10
CA GLU W 455 54.74 -7.34 -13.98
C GLU W 455 55.89 -8.22 -14.44
N ASN W 456 56.33 -8.07 -15.69
CA ASN W 456 57.42 -8.87 -16.23
C ASN W 456 58.69 -8.72 -15.43
N ALA W 457 58.74 -7.65 -14.62
CA ALA W 457 59.89 -7.34 -13.77
C ALA W 457 59.81 -8.11 -12.46
N GLY W 458 58.61 -8.52 -12.09
CA GLY W 458 58.40 -9.28 -10.86
C GLY W 458 57.71 -8.43 -9.81
N TYR W 459 56.83 -7.53 -10.25
CA TYR W 459 56.14 -6.63 -9.33
C TYR W 459 54.64 -6.65 -9.57
N GLU W 460 53.91 -5.96 -8.71
CA GLU W 460 52.47 -5.93 -8.83
C GLU W 460 51.98 -4.81 -9.69
N GLY W 461 51.57 -5.16 -10.89
CA GLY W 461 51.05 -4.18 -11.81
C GLY W 461 50.18 -3.14 -11.14
N SER W 462 49.04 -3.57 -10.60
CA SER W 462 48.12 -2.66 -9.93
C SER W 462 48.78 -1.81 -8.85
N VAL W 463 49.61 -2.43 -8.02
CA VAL W 463 50.27 -1.71 -6.95
C VAL W 463 51.06 -0.52 -7.48
N ILE W 464 52.09 -0.80 -8.29
CA ILE W 464 52.95 0.22 -8.88
C ILE W 464 52.21 1.32 -9.61
N VAL W 465 51.26 0.92 -10.45
CA VAL W 465 50.46 1.89 -11.18
C VAL W 465 49.76 2.85 -10.20
N GLN W 466 49.39 2.35 -9.02
CA GLN W 466 48.71 3.17 -8.03
C GLN W 466 49.65 4.22 -7.44
N GLN W 467 50.82 3.78 -7.00
CA GLN W 467 51.76 4.71 -6.42
C GLN W 467 52.16 5.79 -7.42
N ILE W 468 52.23 5.41 -8.69
CA ILE W 468 52.60 6.35 -9.75
C ILE W 468 51.49 7.39 -9.89
N LEU W 469 50.27 6.93 -10.14
CA LEU W 469 49.11 7.80 -10.28
C LEU W 469 48.88 8.57 -8.98
N ALA W 470 49.51 8.09 -7.91
CA ALA W 470 49.38 8.71 -6.60
C ALA W 470 50.05 10.08 -6.58
N GLU W 471 51.37 10.09 -6.66
CA GLU W 471 52.09 11.36 -6.65
C GLU W 471 51.86 12.11 -7.95
N THR W 472 50.96 13.09 -7.90
CA THR W 472 50.57 13.91 -9.03
C THR W 472 51.13 15.34 -9.02
N LYS W 473 52.27 15.51 -8.37
CA LYS W 473 52.91 16.81 -8.31
C LYS W 473 53.72 16.93 -9.59
N ASN W 474 54.60 15.94 -9.79
CA ASN W 474 55.48 15.88 -10.95
C ASN W 474 55.18 14.70 -11.85
N PRO W 475 54.54 14.96 -13.00
CA PRO W 475 54.21 13.89 -13.94
C PRO W 475 55.37 12.98 -14.34
N ARG W 476 56.59 13.48 -14.20
CA ARG W 476 57.78 12.70 -14.53
C ARG W 476 58.01 11.57 -13.53
N TYR W 477 57.14 11.49 -12.52
CA TYR W 477 57.27 10.46 -11.50
C TYR W 477 56.82 9.09 -12.02
N GLY W 478 57.72 8.11 -11.95
CA GLY W 478 57.40 6.79 -12.44
C GLY W 478 58.21 5.68 -11.79
N PHE W 479 57.97 4.45 -12.22
CA PHE W 479 58.66 3.31 -11.66
C PHE W 479 59.77 2.80 -12.59
N ASN W 480 60.96 2.62 -12.02
CA ASN W 480 62.10 2.14 -12.78
C ASN W 480 62.14 0.64 -12.63
N ALA W 481 61.38 -0.05 -13.47
CA ALA W 481 61.28 -1.50 -13.43
C ALA W 481 62.62 -2.25 -13.44
N ALA W 482 63.71 -1.53 -13.63
CA ALA W 482 65.00 -2.21 -13.67
C ALA W 482 65.74 -2.19 -12.35
N THR W 483 65.52 -1.15 -11.56
CA THR W 483 66.18 -1.02 -10.25
C THR W 483 65.17 -1.28 -9.13
N GLY W 484 63.90 -1.15 -9.47
CA GLY W 484 62.87 -1.37 -8.48
C GLY W 484 62.66 -0.16 -7.61
N GLU W 485 62.82 1.03 -8.19
CA GLU W 485 62.64 2.26 -7.42
C GLU W 485 61.86 3.31 -8.19
N PHE W 486 61.02 4.04 -7.47
CA PHE W 486 60.25 5.11 -8.10
C PHE W 486 61.20 6.28 -8.24
N VAL W 487 61.17 6.91 -9.41
CA VAL W 487 62.06 8.03 -9.69
C VAL W 487 61.44 9.00 -10.69
N ASP W 488 62.22 10.03 -11.04
CA ASP W 488 61.76 10.99 -12.03
C ASP W 488 62.24 10.34 -13.32
N MET W 489 61.30 9.76 -14.05
CA MET W 489 61.62 9.07 -15.28
C MET W 489 62.58 9.82 -16.21
N VAL W 490 62.31 11.11 -16.44
CA VAL W 490 63.16 11.91 -17.32
C VAL W 490 64.56 12.01 -16.73
N GLU W 491 64.66 12.47 -15.49
CA GLU W 491 65.95 12.61 -14.84
C GLU W 491 66.70 11.29 -14.76
N ALA W 492 65.96 10.19 -14.67
CA ALA W 492 66.57 8.88 -14.58
C ALA W 492 67.05 8.41 -15.96
N GLY W 493 66.62 9.12 -17.00
CA GLY W 493 67.00 8.76 -18.34
C GLY W 493 66.12 7.68 -18.96
N ILE W 494 64.91 7.54 -18.41
CA ILE W 494 63.95 6.57 -18.90
C ILE W 494 62.90 7.31 -19.71
N VAL W 495 63.24 7.57 -20.97
CA VAL W 495 62.35 8.31 -21.84
C VAL W 495 61.99 7.58 -23.13
N ASP W 496 60.87 7.97 -23.73
CA ASP W 496 60.39 7.35 -24.96
C ASP W 496 59.99 8.35 -26.01
N PRO W 497 60.25 8.02 -27.28
CA PRO W 497 59.87 8.96 -28.35
C PRO W 497 58.37 9.17 -28.35
N ALA W 498 57.96 10.40 -28.03
CA ALA W 498 56.54 10.74 -28.01
C ALA W 498 55.82 10.22 -29.26
N LYS W 499 56.56 10.04 -30.35
CA LYS W 499 55.96 9.56 -31.58
C LYS W 499 55.48 8.14 -31.43
N VAL W 500 56.34 7.24 -30.93
CA VAL W 500 55.94 5.85 -30.77
C VAL W 500 54.73 5.72 -29.86
N THR W 501 54.79 6.35 -28.69
CA THR W 501 53.68 6.31 -27.75
C THR W 501 52.38 6.69 -28.48
N ARG W 502 52.29 7.89 -29.02
CA ARG W 502 51.10 8.32 -29.74
C ARG W 502 50.65 7.30 -30.78
N SER W 503 51.61 6.77 -31.54
CA SER W 503 51.30 5.79 -32.58
C SER W 503 50.69 4.51 -32.00
N ALA W 504 51.46 3.84 -31.15
CA ALA W 504 51.02 2.60 -30.53
C ALA W 504 49.55 2.72 -30.07
N LEU W 505 49.25 3.74 -29.28
CA LEU W 505 47.89 3.92 -28.80
C LEU W 505 46.88 4.11 -29.92
N GLN W 506 47.17 4.98 -30.87
CA GLN W 506 46.23 5.22 -31.97
C GLN W 506 45.98 3.98 -32.80
N ASN W 507 47.02 3.17 -32.98
CA ASN W 507 46.87 1.94 -33.75
C ASN W 507 46.09 0.91 -32.96
N ALA W 508 46.45 0.75 -31.69
CA ALA W 508 45.77 -0.19 -30.82
C ALA W 508 44.29 0.14 -30.78
N ALA W 509 43.97 1.39 -30.46
CA ALA W 509 42.59 1.81 -30.38
C ALA W 509 41.86 1.74 -31.72
N SER W 510 42.62 1.74 -32.82
CA SER W 510 41.99 1.69 -34.14
C SER W 510 41.36 0.34 -34.39
N ILE W 511 42.17 -0.71 -34.23
CA ILE W 511 41.71 -2.08 -34.41
C ILE W 511 40.77 -2.50 -33.28
N GLY W 512 41.15 -2.17 -32.04
CA GLY W 512 40.33 -2.51 -30.89
C GLY W 512 38.87 -2.12 -31.03
N ALA W 513 38.61 -0.82 -31.17
CA ALA W 513 37.25 -0.35 -31.32
C ALA W 513 36.53 -1.14 -32.41
N LEU W 514 37.20 -1.37 -33.53
CA LEU W 514 36.61 -2.11 -34.64
C LEU W 514 36.01 -3.43 -34.15
N ILE W 515 36.83 -4.22 -33.46
CA ILE W 515 36.41 -5.51 -32.93
C ILE W 515 35.10 -5.43 -32.13
N LEU W 516 35.04 -4.52 -31.16
CA LEU W 516 33.84 -4.35 -30.36
C LEU W 516 32.56 -4.18 -31.19
N THR W 517 32.70 -3.90 -32.49
CA THR W 517 31.52 -3.71 -33.31
C THR W 517 31.15 -4.97 -34.07
N THR W 518 31.87 -6.06 -33.80
CA THR W 518 31.57 -7.33 -34.47
C THR W 518 30.23 -7.88 -33.98
N GLU W 519 29.46 -8.42 -34.90
CA GLU W 519 28.16 -9.01 -34.56
C GLU W 519 27.99 -10.28 -35.38
N ALA W 520 28.97 -10.52 -36.24
CA ALA W 520 28.96 -11.70 -37.07
C ALA W 520 30.35 -11.87 -37.67
N VAL W 521 30.61 -13.07 -38.16
CA VAL W 521 31.87 -13.41 -38.78
C VAL W 521 31.64 -14.49 -39.85
N VAL W 522 32.24 -14.33 -41.02
CA VAL W 522 32.07 -15.29 -42.06
C VAL W 522 33.44 -15.86 -42.34
N ALA W 523 33.68 -17.07 -41.86
CA ALA W 523 34.97 -17.70 -42.06
C ALA W 523 34.84 -19.00 -42.82
N GLU W 524 35.97 -19.66 -42.99
CA GLU W 524 35.99 -20.91 -43.71
C GLU W 524 35.58 -22.02 -42.80
N LYS W 525 34.68 -22.87 -43.29
CA LYS W 525 34.19 -23.97 -42.53
C LYS W 525 35.33 -24.94 -42.24
N PRO W 526 35.36 -25.42 -40.98
CA PRO W 526 36.36 -26.35 -40.53
C PRO W 526 36.63 -27.37 -41.58
N GLU W 527 37.82 -27.51 -42.15
CA GLU W 527 38.10 -28.45 -43.14
C GLU W 527 38.18 -29.81 -42.49
N ALA X 2 24.30 -37.95 -60.73
CA ALA X 2 25.02 -36.79 -60.15
C ALA X 2 24.01 -35.76 -59.67
N LYS X 3 22.79 -35.85 -60.18
CA LYS X 3 21.76 -34.91 -59.79
C LYS X 3 20.81 -35.48 -58.73
N ILE X 4 20.05 -34.59 -58.12
CA ILE X 4 19.09 -34.95 -57.09
C ILE X 4 17.85 -34.10 -57.38
N LEU X 5 16.68 -34.72 -57.40
CA LEU X 5 15.47 -33.97 -57.70
C LEU X 5 14.59 -33.76 -56.49
N VAL X 6 14.54 -32.53 -56.02
CA VAL X 6 13.75 -32.20 -54.86
C VAL X 6 12.49 -31.47 -55.26
N PHE X 7 11.34 -31.88 -54.70
CA PHE X 7 10.09 -31.21 -55.04
C PHE X 7 9.40 -30.51 -53.91
N ASP X 8 8.24 -29.99 -54.23
CA ASP X 8 7.38 -29.28 -53.29
C ASP X 8 8.04 -28.56 -52.13
N GLU X 9 7.36 -28.57 -50.98
CA GLU X 9 7.83 -27.89 -49.78
C GLU X 9 9.26 -28.27 -49.39
N ALA X 10 9.67 -29.50 -49.67
CA ALA X 10 11.03 -29.90 -49.34
C ALA X 10 11.97 -28.92 -49.99
N ALA X 11 11.73 -28.67 -51.27
CA ALA X 11 12.53 -27.75 -52.06
C ALA X 11 12.41 -26.31 -51.54
N ARG X 12 11.20 -25.77 -51.49
CA ARG X 12 11.03 -24.42 -50.99
C ARG X 12 11.69 -24.20 -49.63
N ARG X 13 11.52 -25.13 -48.68
CA ARG X 13 12.13 -24.96 -47.36
C ARG X 13 13.63 -24.82 -47.46
N ALA X 14 14.25 -25.74 -48.20
CA ALA X 14 15.70 -25.71 -48.36
C ALA X 14 16.12 -24.34 -48.89
N LEU X 15 15.50 -23.91 -49.99
CA LEU X 15 15.83 -22.62 -50.57
C LEU X 15 15.69 -21.57 -49.50
N GLU X 16 14.55 -21.54 -48.84
CA GLU X 16 14.30 -20.56 -47.82
C GLU X 16 15.38 -20.55 -46.74
N ARG X 17 15.89 -21.73 -46.41
CA ARG X 17 16.93 -21.82 -45.40
C ARG X 17 18.12 -21.01 -45.86
N GLY X 18 18.51 -21.22 -47.11
CA GLY X 18 19.63 -20.48 -47.67
C GLY X 18 19.34 -18.98 -47.66
N VAL X 19 18.18 -18.61 -48.19
CA VAL X 19 17.82 -17.21 -48.22
C VAL X 19 18.05 -16.58 -46.86
N ASN X 20 17.52 -17.22 -45.83
CA ASN X 20 17.64 -16.70 -44.48
C ASN X 20 19.07 -16.68 -43.99
N ALA X 21 19.83 -17.72 -44.31
CA ALA X 21 21.23 -17.78 -43.88
C ALA X 21 21.95 -16.49 -44.24
N VAL X 22 21.86 -16.12 -45.52
CA VAL X 22 22.49 -14.89 -45.98
C VAL X 22 21.85 -13.66 -45.35
N ALA X 23 20.54 -13.53 -45.55
CA ALA X 23 19.79 -12.40 -45.04
C ALA X 23 20.09 -12.04 -43.60
N ASN X 24 20.21 -13.05 -42.74
CA ASN X 24 20.44 -12.77 -41.34
C ASN X 24 21.86 -12.33 -41.02
N ALA X 25 22.80 -12.69 -41.89
CA ALA X 25 24.17 -12.28 -41.66
C ALA X 25 24.24 -10.80 -42.07
N VAL X 26 23.49 -10.47 -43.11
CA VAL X 26 23.44 -9.12 -43.65
C VAL X 26 22.71 -8.10 -42.77
N LYS X 27 21.43 -8.34 -42.50
CA LYS X 27 20.60 -7.42 -41.72
C LYS X 27 21.23 -6.88 -40.42
N VAL X 28 22.25 -7.58 -39.92
CA VAL X 28 22.94 -7.16 -38.71
C VAL X 28 23.53 -5.75 -38.83
N THR X 29 23.68 -5.28 -40.07
CA THR X 29 24.28 -3.97 -40.35
C THR X 29 23.27 -2.85 -40.53
N LEU X 30 22.10 -3.19 -41.05
CA LEU X 30 21.05 -2.22 -41.32
C LEU X 30 20.85 -1.09 -40.29
N GLY X 31 20.68 0.13 -40.79
CA GLY X 31 20.46 1.28 -39.94
C GLY X 31 21.65 1.89 -39.24
N PRO X 32 21.44 2.99 -38.50
CA PRO X 32 22.44 3.73 -37.73
C PRO X 32 23.05 2.97 -36.58
N ARG X 33 22.27 2.10 -35.95
CA ARG X 33 22.81 1.34 -34.83
C ARG X 33 23.34 0.01 -35.33
N GLY X 34 23.23 -0.21 -36.64
CA GLY X 34 23.73 -1.44 -37.22
C GLY X 34 25.17 -1.70 -36.82
N ARG X 35 25.56 -2.98 -36.80
CA ARG X 35 26.91 -3.35 -36.42
C ARG X 35 27.66 -3.93 -37.61
N ASN X 36 28.92 -4.30 -37.38
CA ASN X 36 29.75 -4.81 -38.45
C ASN X 36 29.94 -6.30 -38.50
N VAL X 37 30.09 -6.79 -39.73
CA VAL X 37 30.35 -8.20 -39.98
C VAL X 37 31.86 -8.32 -40.24
N VAL X 38 32.45 -9.45 -39.89
CA VAL X 38 33.88 -9.65 -40.08
C VAL X 38 34.09 -10.75 -41.08
N LEU X 39 34.56 -10.39 -42.28
CA LEU X 39 34.79 -11.34 -43.35
C LEU X 39 36.24 -11.79 -43.40
N GLU X 40 36.46 -13.09 -43.23
CA GLU X 40 37.79 -13.63 -43.24
C GLU X 40 38.39 -13.55 -44.63
N LYS X 41 39.64 -13.10 -44.70
CA LYS X 41 40.35 -13.00 -45.98
C LYS X 41 41.43 -14.06 -46.04
N LYS X 42 41.63 -14.62 -47.23
CA LYS X 42 42.61 -15.66 -47.46
C LYS X 42 44.01 -15.43 -46.87
N PHE X 43 44.52 -14.20 -46.92
CA PHE X 43 45.87 -13.97 -46.38
C PHE X 43 46.04 -12.90 -45.32
N GLY X 44 45.66 -11.67 -45.63
CA GLY X 44 45.84 -10.61 -44.66
C GLY X 44 44.88 -10.63 -43.50
N SER X 45 44.71 -9.47 -42.89
CA SER X 45 43.78 -9.35 -41.79
C SER X 45 42.41 -9.44 -42.48
N PRO X 46 41.32 -9.56 -41.72
CA PRO X 46 40.01 -9.65 -42.37
C PRO X 46 39.47 -8.30 -42.78
N THR X 47 38.26 -8.33 -43.31
CA THR X 47 37.53 -7.15 -43.75
C THR X 47 36.45 -6.91 -42.71
N ILE X 48 36.37 -5.70 -42.18
CA ILE X 48 35.34 -5.39 -41.20
C ILE X 48 34.43 -4.35 -41.85
N THR X 49 33.29 -4.81 -42.36
CA THR X 49 32.35 -3.94 -43.05
C THR X 49 31.02 -3.74 -42.35
N LYS X 50 30.16 -2.99 -43.02
CA LYS X 50 28.78 -2.70 -42.60
C LYS X 50 28.01 -2.61 -43.92
N ASP X 51 28.64 -3.15 -44.96
CA ASP X 51 28.07 -3.12 -46.29
C ASP X 51 27.42 -4.43 -46.69
N GLY X 52 26.13 -4.32 -47.06
CA GLY X 52 25.38 -5.48 -47.46
C GLY X 52 26.08 -6.41 -48.41
N VAL X 53 26.03 -6.10 -49.71
CA VAL X 53 26.67 -6.92 -50.75
C VAL X 53 28.02 -7.48 -50.39
N THR X 54 28.85 -6.68 -49.72
CA THR X 54 30.17 -7.15 -49.37
C THR X 54 30.04 -8.43 -48.56
N VAL X 55 29.22 -8.37 -47.52
CA VAL X 55 28.96 -9.54 -46.68
C VAL X 55 28.29 -10.63 -47.52
N ALA X 56 27.13 -10.28 -48.08
CA ALA X 56 26.36 -11.21 -48.91
C ALA X 56 27.22 -12.03 -49.87
N LYS X 57 28.11 -11.35 -50.58
CA LYS X 57 28.95 -12.05 -51.54
C LYS X 57 29.88 -13.09 -50.94
N GLU X 58 30.26 -12.92 -49.68
CA GLU X 58 31.17 -13.87 -49.02
C GLU X 58 30.50 -15.16 -48.54
N VAL X 59 29.17 -15.12 -48.43
CA VAL X 59 28.43 -16.28 -47.96
C VAL X 59 28.30 -17.39 -48.98
N GLU X 60 28.78 -18.58 -48.59
CA GLU X 60 28.74 -19.77 -49.41
C GLU X 60 28.34 -20.94 -48.52
N LEU X 61 27.15 -21.49 -48.73
CA LEU X 61 26.64 -22.60 -47.92
C LEU X 61 27.06 -23.97 -48.44
N GLU X 62 27.27 -24.93 -47.52
CA GLU X 62 27.70 -26.28 -47.88
C GLU X 62 26.62 -27.14 -48.53
N ASP X 63 25.37 -26.92 -48.17
CA ASP X 63 24.29 -27.71 -48.75
C ASP X 63 23.87 -27.09 -50.07
N HIS X 64 23.96 -27.87 -51.13
CA HIS X 64 23.59 -27.40 -52.45
C HIS X 64 22.27 -26.62 -52.52
N LEU X 65 21.16 -27.22 -52.12
CA LEU X 65 19.90 -26.49 -52.22
C LEU X 65 19.89 -25.23 -51.39
N GLU X 66 20.39 -25.31 -50.16
CA GLU X 66 20.39 -24.12 -49.31
C GLU X 66 21.25 -23.03 -49.92
N ASN X 67 22.33 -23.45 -50.58
CA ASN X 67 23.24 -22.51 -51.22
C ASN X 67 22.57 -21.78 -52.39
N ILE X 68 21.82 -22.53 -53.19
CA ILE X 68 21.11 -21.96 -54.31
C ILE X 68 20.27 -20.80 -53.82
N GLY X 69 19.72 -20.95 -52.63
CA GLY X 69 18.92 -19.88 -52.10
C GLY X 69 19.81 -18.72 -51.72
N ALA X 70 20.96 -19.04 -51.12
CA ALA X 70 21.89 -18.02 -50.70
C ALA X 70 22.29 -17.17 -51.91
N GLN X 71 22.50 -17.83 -53.04
CA GLN X 71 22.86 -17.13 -54.27
C GLN X 71 21.74 -16.17 -54.70
N LEU X 72 20.55 -16.70 -54.95
CA LEU X 72 19.43 -15.86 -55.37
C LEU X 72 19.31 -14.60 -54.52
N LEU X 73 19.60 -14.71 -53.23
CA LEU X 73 19.49 -13.54 -52.37
C LEU X 73 20.65 -12.60 -52.66
N LYS X 74 21.84 -13.17 -52.87
CA LYS X 74 23.02 -12.38 -53.19
C LYS X 74 22.74 -11.52 -54.42
N GLU X 75 22.12 -12.13 -55.42
CA GLU X 75 21.79 -11.41 -56.65
C GLU X 75 20.96 -10.16 -56.30
N VAL X 76 19.97 -10.31 -55.44
CA VAL X 76 19.17 -9.16 -55.07
C VAL X 76 20.10 -8.07 -54.56
N ALA X 77 21.06 -8.48 -53.75
CA ALA X 77 22.02 -7.55 -53.16
C ALA X 77 22.88 -6.81 -54.18
N SER X 78 23.58 -7.57 -55.01
CA SER X 78 24.46 -6.97 -56.02
C SER X 78 23.73 -6.15 -57.07
N LYS X 79 22.74 -6.72 -57.73
CA LYS X 79 22.00 -5.98 -58.75
C LYS X 79 21.54 -4.62 -58.23
N THR X 80 21.37 -4.51 -56.92
CA THR X 80 20.95 -3.26 -56.31
C THR X 80 22.17 -2.36 -56.16
N ASN X 81 23.32 -2.99 -55.94
CA ASN X 81 24.57 -2.25 -55.77
C ASN X 81 24.97 -1.71 -57.12
N ASP X 82 24.68 -2.48 -58.16
CA ASP X 82 25.00 -2.08 -59.53
C ASP X 82 24.15 -0.89 -59.97
N VAL X 83 22.86 -0.98 -59.72
CA VAL X 83 21.91 0.06 -60.08
C VAL X 83 21.91 1.30 -59.19
N ALA X 84 22.43 1.20 -57.97
CA ALA X 84 22.42 2.37 -57.09
C ALA X 84 23.62 2.51 -56.16
N GLY X 85 24.40 1.43 -56.01
CA GLY X 85 25.57 1.50 -55.15
C GLY X 85 25.32 1.59 -53.66
N ASP X 86 24.06 1.75 -53.28
CA ASP X 86 23.68 1.85 -51.87
C ASP X 86 22.30 1.21 -51.70
N GLY X 87 21.96 0.86 -50.46
CA GLY X 87 20.67 0.25 -50.19
C GLY X 87 20.66 -1.25 -50.43
N THR X 88 21.82 -1.89 -50.35
CA THR X 88 21.90 -3.34 -50.55
C THR X 88 21.24 -4.09 -49.39
N THR X 89 21.54 -3.68 -48.17
CA THR X 89 20.97 -4.34 -47.00
C THR X 89 19.45 -4.28 -47.09
N THR X 90 18.92 -3.08 -47.29
CA THR X 90 17.48 -2.87 -47.42
C THR X 90 16.85 -3.79 -48.46
N ALA X 91 17.54 -4.05 -49.55
CA ALA X 91 16.98 -4.91 -50.58
C ALA X 91 16.96 -6.36 -50.10
N THR X 92 17.98 -6.74 -49.33
CA THR X 92 18.07 -8.11 -48.79
C THR X 92 16.87 -8.38 -47.89
N VAL X 93 16.74 -7.53 -46.87
CA VAL X 93 15.64 -7.61 -45.92
C VAL X 93 14.31 -7.76 -46.64
N LEU X 94 13.97 -6.81 -47.50
CA LEU X 94 12.71 -6.86 -48.25
C LEU X 94 12.55 -8.19 -48.98
N ALA X 95 13.65 -8.80 -49.41
CA ALA X 95 13.58 -10.05 -50.15
C ALA X 95 13.18 -11.16 -49.21
N GLN X 96 13.90 -11.25 -48.08
CA GLN X 96 13.63 -12.26 -47.07
C GLN X 96 12.16 -12.18 -46.67
N ALA X 97 11.69 -10.97 -46.35
CA ALA X 97 10.31 -10.73 -45.98
C ALA X 97 9.35 -11.29 -47.02
N ILE X 98 9.54 -10.88 -48.26
CA ILE X 98 8.67 -11.36 -49.32
C ILE X 98 8.73 -12.87 -49.45
N VAL X 99 9.91 -13.46 -49.24
CA VAL X 99 10.04 -14.90 -49.38
C VAL X 99 9.30 -15.70 -48.32
N ARG X 100 9.40 -15.29 -47.06
CA ARG X 100 8.72 -16.04 -46.00
C ARG X 100 7.21 -15.84 -46.08
N GLU X 101 6.74 -14.61 -45.92
CA GLU X 101 5.30 -14.34 -45.98
C GLU X 101 4.69 -14.97 -47.25
N GLY X 102 5.49 -15.08 -48.30
CA GLY X 102 5.00 -15.66 -49.53
C GLY X 102 5.03 -17.17 -49.53
N LEU X 103 6.15 -17.75 -49.10
CA LEU X 103 6.27 -19.21 -49.05
C LEU X 103 5.19 -19.79 -48.14
N LYS X 104 4.82 -19.00 -47.13
CA LYS X 104 3.79 -19.40 -46.19
C LYS X 104 2.51 -19.60 -47.01
N ASN X 105 2.12 -18.54 -47.70
CA ASN X 105 0.91 -18.55 -48.52
C ASN X 105 0.92 -19.64 -49.56
N VAL X 106 2.10 -20.08 -49.99
CA VAL X 106 2.16 -21.13 -50.98
C VAL X 106 1.81 -22.45 -50.31
N ALA X 107 2.31 -22.64 -49.10
CA ALA X 107 2.04 -23.85 -48.35
C ALA X 107 0.54 -23.90 -48.06
N ALA X 108 -0.05 -22.73 -47.87
CA ALA X 108 -1.48 -22.65 -47.60
C ALA X 108 -2.29 -22.94 -48.86
N GLY X 109 -1.59 -23.34 -49.92
CA GLY X 109 -2.26 -23.65 -51.18
C GLY X 109 -2.44 -22.54 -52.22
N ALA X 110 -1.94 -21.34 -51.96
CA ALA X 110 -2.07 -20.24 -52.91
C ALA X 110 -1.33 -20.51 -54.22
N ASN X 111 -1.87 -19.99 -55.33
CA ASN X 111 -1.24 -20.16 -56.64
C ASN X 111 -0.11 -19.15 -56.74
N PRO X 112 1.14 -19.64 -56.81
CA PRO X 112 2.30 -18.73 -56.88
C PRO X 112 2.25 -17.76 -58.06
N LEU X 113 1.81 -18.21 -59.23
CA LEU X 113 1.73 -17.33 -60.40
C LEU X 113 0.91 -16.09 -60.07
N ALA X 114 -0.28 -16.29 -59.50
CA ALA X 114 -1.14 -15.17 -59.13
C ALA X 114 -0.46 -14.34 -58.05
N LEU X 115 0.23 -15.00 -57.13
CA LEU X 115 0.93 -14.29 -56.07
C LEU X 115 1.91 -13.30 -56.70
N LYS X 116 2.57 -13.76 -57.75
CA LYS X 116 3.55 -12.94 -58.46
C LYS X 116 2.86 -11.70 -59.01
N ARG X 117 1.83 -11.93 -59.83
CA ARG X 117 1.08 -10.83 -60.42
C ARG X 117 0.74 -9.78 -59.37
N GLY X 118 0.22 -10.26 -58.24
CA GLY X 118 -0.16 -9.35 -57.17
C GLY X 118 1.03 -8.61 -56.61
N ILE X 119 2.15 -9.31 -56.46
CA ILE X 119 3.36 -8.69 -55.94
C ILE X 119 3.79 -7.60 -56.90
N GLU X 120 3.79 -7.93 -58.19
CA GLU X 120 4.18 -6.97 -59.21
C GLU X 120 3.32 -5.72 -59.13
N LYS X 121 2.00 -5.90 -59.23
CA LYS X 121 1.09 -4.76 -59.18
C LYS X 121 1.33 -3.96 -57.90
N ALA X 122 1.46 -4.67 -56.79
CA ALA X 122 1.70 -4.03 -55.50
C ALA X 122 2.96 -3.17 -55.54
N VAL X 123 4.03 -3.70 -56.12
CA VAL X 123 5.30 -2.97 -56.21
C VAL X 123 5.12 -1.72 -57.06
N GLU X 124 4.44 -1.86 -58.21
CA GLU X 124 4.19 -0.72 -59.08
C GLU X 124 3.57 0.40 -58.27
N ALA X 125 2.45 0.09 -57.63
CA ALA X 125 1.77 1.08 -56.81
C ALA X 125 2.74 1.67 -55.79
N ALA X 126 3.58 0.83 -55.21
CA ALA X 126 4.55 1.26 -54.21
C ALA X 126 5.55 2.24 -54.78
N VAL X 127 6.14 1.86 -55.91
CA VAL X 127 7.13 2.70 -56.58
C VAL X 127 6.52 4.06 -56.89
N GLU X 128 5.34 4.05 -57.50
CA GLU X 128 4.64 5.27 -57.86
C GLU X 128 4.54 6.22 -56.67
N LYS X 129 4.28 5.66 -55.49
CA LYS X 129 4.15 6.45 -54.29
C LYS X 129 5.51 6.98 -53.85
N ILE X 130 6.57 6.24 -54.18
CA ILE X 130 7.92 6.67 -53.81
C ILE X 130 8.23 7.96 -54.56
N LYS X 131 7.98 7.92 -55.88
CA LYS X 131 8.19 9.05 -56.76
C LYS X 131 7.39 10.21 -56.21
N ALA X 132 6.10 9.96 -56.02
CA ALA X 132 5.16 10.94 -55.49
C ALA X 132 5.66 11.70 -54.27
N LEU X 133 6.54 11.09 -53.49
CA LEU X 133 7.06 11.74 -52.29
C LEU X 133 8.47 12.25 -52.49
N ALA X 134 9.01 12.05 -53.67
CA ALA X 134 10.37 12.51 -53.99
C ALA X 134 10.50 14.03 -54.02
N ILE X 135 11.62 14.50 -53.51
CA ILE X 135 11.92 15.91 -53.49
C ILE X 135 13.27 16.09 -54.19
N PRO X 136 13.33 17.03 -55.15
CA PRO X 136 14.60 17.23 -55.86
C PRO X 136 15.68 17.85 -54.95
N VAL X 137 16.92 17.39 -55.13
CA VAL X 137 18.05 17.90 -54.36
C VAL X 137 18.34 19.28 -54.94
N GLU X 138 18.43 20.31 -54.10
CA GLU X 138 18.70 21.63 -54.64
C GLU X 138 19.70 22.50 -53.89
N ASP X 139 20.46 21.92 -52.98
CA ASP X 139 21.45 22.72 -52.25
C ASP X 139 22.45 21.94 -51.43
N ARG X 140 23.47 22.64 -50.98
CA ARG X 140 24.56 22.07 -50.21
C ARG X 140 24.06 21.24 -49.03
N LYS X 141 23.02 21.73 -48.37
CA LYS X 141 22.46 21.02 -47.21
C LYS X 141 21.87 19.67 -47.64
N ALA X 142 20.86 19.72 -48.50
CA ALA X 142 20.21 18.51 -48.99
C ALA X 142 21.21 17.40 -49.28
N ILE X 143 22.35 17.76 -49.86
CA ILE X 143 23.36 16.76 -50.18
C ILE X 143 24.14 16.35 -48.96
N GLU X 144 24.51 17.31 -48.10
CA GLU X 144 25.24 16.95 -46.90
C GLU X 144 24.47 15.89 -46.14
N GLU X 145 23.15 16.04 -46.11
CA GLU X 145 22.28 15.09 -45.41
C GLU X 145 22.39 13.70 -46.05
N VAL X 146 21.88 13.56 -47.27
CA VAL X 146 21.97 12.30 -47.99
C VAL X 146 23.31 11.61 -47.72
N ALA X 147 24.41 12.35 -47.85
CA ALA X 147 25.73 11.78 -47.64
C ALA X 147 25.96 11.38 -46.20
N THR X 148 25.66 12.28 -45.26
CA THR X 148 25.88 11.98 -43.85
C THR X 148 25.20 10.68 -43.48
N ILE X 149 23.98 10.51 -43.99
CA ILE X 149 23.24 9.28 -43.72
C ILE X 149 23.90 8.07 -44.34
N SER X 150 23.91 8.00 -45.66
CA SER X 150 24.51 6.84 -46.33
C SER X 150 25.85 6.39 -45.74
N ALA X 151 26.58 7.34 -45.17
CA ALA X 151 27.90 7.00 -44.63
C ALA X 151 27.81 6.84 -43.15
N ASN X 152 26.70 7.33 -42.61
CA ASN X 152 26.47 7.24 -41.18
C ASN X 152 27.62 7.96 -40.50
N ASP X 153 27.91 9.17 -40.98
CA ASP X 153 28.98 10.00 -40.43
C ASP X 153 28.79 11.43 -40.91
N PRO X 154 28.81 12.40 -39.98
CA PRO X 154 28.63 13.81 -40.34
C PRO X 154 29.80 14.34 -41.16
N GLU X 155 31.01 14.05 -40.71
CA GLU X 155 32.20 14.49 -41.42
C GLU X 155 32.19 14.07 -42.89
N VAL X 156 31.97 12.79 -43.15
CA VAL X 156 31.93 12.30 -44.52
C VAL X 156 30.89 13.04 -45.34
N GLY X 157 29.72 13.25 -44.76
CA GLY X 157 28.68 13.97 -45.47
C GLY X 157 29.07 15.41 -45.72
N LYS X 158 29.97 15.93 -44.89
CA LYS X 158 30.42 17.31 -45.08
C LYS X 158 31.30 17.36 -46.32
N LEU X 159 32.47 16.71 -46.25
CA LEU X 159 33.40 16.71 -47.38
C LEU X 159 32.71 16.43 -48.69
N ILE X 160 31.78 15.48 -48.69
CA ILE X 160 31.08 15.16 -49.93
C ILE X 160 30.24 16.36 -50.38
N ALA X 161 29.75 17.12 -49.42
CA ALA X 161 28.96 18.30 -49.75
C ALA X 161 29.89 19.41 -50.23
N ASP X 162 30.96 19.67 -49.47
CA ASP X 162 31.92 20.70 -49.86
C ASP X 162 32.38 20.46 -51.27
N ALA X 163 32.93 19.28 -51.51
CA ALA X 163 33.41 18.90 -52.85
C ALA X 163 32.30 19.06 -53.88
N MET X 164 31.24 18.28 -53.72
CA MET X 164 30.11 18.32 -54.63
C MET X 164 29.75 19.75 -55.01
N GLU X 165 29.76 20.64 -54.01
CA GLU X 165 29.43 22.04 -54.22
C GLU X 165 30.39 22.75 -55.17
N LYS X 166 31.67 22.72 -54.82
CA LYS X 166 32.70 23.39 -55.62
C LYS X 166 33.21 22.56 -56.80
N VAL X 167 32.30 21.84 -57.46
CA VAL X 167 32.64 21.01 -58.62
C VAL X 167 31.36 20.77 -59.39
N GLY X 168 30.28 21.40 -58.94
CA GLY X 168 28.99 21.27 -59.61
C GLY X 168 28.50 19.84 -59.66
N LYS X 169 27.19 19.65 -59.78
CA LYS X 169 26.60 18.31 -59.83
C LYS X 169 27.09 17.49 -61.03
N GLU X 170 27.64 18.18 -62.03
CA GLU X 170 28.16 17.48 -63.20
C GLU X 170 29.66 17.26 -63.03
N GLY X 171 30.17 17.63 -61.86
CA GLY X 171 31.58 17.47 -61.60
C GLY X 171 32.03 16.03 -61.38
N ILE X 172 33.21 15.88 -60.76
CA ILE X 172 33.75 14.57 -60.50
C ILE X 172 34.49 14.54 -59.19
N ILE X 173 34.14 13.58 -58.34
CA ILE X 173 34.80 13.42 -57.04
C ILE X 173 35.46 12.04 -57.03
N THR X 174 36.62 11.95 -56.40
CA THR X 174 37.36 10.71 -56.34
C THR X 174 37.83 10.39 -54.94
N VAL X 175 37.82 9.10 -54.61
CA VAL X 175 38.24 8.66 -53.29
C VAL X 175 39.60 8.00 -53.38
N GLU X 176 40.56 8.61 -52.70
CA GLU X 176 41.91 8.07 -52.69
C GLU X 176 42.40 7.81 -51.28
N GLU X 177 43.46 7.02 -51.23
CA GLU X 177 44.09 6.60 -49.99
C GLU X 177 45.18 7.58 -49.51
N SER X 178 44.81 8.53 -48.66
CA SER X 178 45.76 9.48 -48.12
C SER X 178 46.87 8.72 -47.40
N LYS X 179 47.82 9.44 -46.85
CA LYS X 179 48.92 8.80 -46.14
C LYS X 179 48.95 9.17 -44.67
N SER X 180 48.39 10.33 -44.33
CA SER X 180 48.36 10.77 -42.95
C SER X 180 47.15 10.13 -42.28
N LEU X 181 47.03 10.29 -40.96
CA LEU X 181 45.90 9.72 -40.25
C LEU X 181 44.66 10.50 -40.60
N GLU X 182 44.85 11.71 -41.13
CA GLU X 182 43.71 12.53 -41.46
C GLU X 182 43.30 12.50 -42.93
N THR X 183 42.00 12.69 -43.16
CA THR X 183 41.42 12.71 -44.50
C THR X 183 41.44 14.15 -45.02
N GLU X 184 41.76 14.31 -46.30
CA GLU X 184 41.83 15.64 -46.89
C GLU X 184 41.07 15.73 -48.20
N LEU X 185 40.43 16.88 -48.41
CA LEU X 185 39.71 17.16 -49.65
C LEU X 185 40.57 18.13 -50.43
N LYS X 186 40.82 17.81 -51.70
CA LYS X 186 41.65 18.66 -52.54
C LYS X 186 41.14 18.72 -53.96
N PHE X 187 41.18 19.91 -54.56
CA PHE X 187 40.71 20.09 -55.93
C PHE X 187 41.88 20.24 -56.91
N VAL X 188 41.61 19.91 -58.17
CA VAL X 188 42.60 19.97 -59.24
C VAL X 188 42.17 21.04 -60.26
N GLU X 189 43.10 21.78 -60.88
CA GLU X 189 42.71 22.82 -61.86
C GLU X 189 42.30 22.28 -63.22
N GLY X 190 43.30 21.94 -64.02
CA GLY X 190 43.04 21.45 -65.35
C GLY X 190 43.41 20.02 -65.56
N TYR X 191 43.79 19.72 -66.79
CA TYR X 191 44.17 18.37 -67.18
C TYR X 191 45.56 18.07 -66.64
N GLN X 192 45.64 17.11 -65.73
CA GLN X 192 46.93 16.75 -65.17
C GLN X 192 47.17 15.25 -65.23
N PHE X 193 48.44 14.86 -65.33
CA PHE X 193 48.83 13.46 -65.37
C PHE X 193 50.15 13.29 -64.59
N ASP X 194 50.28 12.13 -63.94
CA ASP X 194 51.43 11.82 -63.10
C ASP X 194 52.73 11.57 -63.84
N LYS X 195 53.25 12.63 -64.45
CA LYS X 195 54.50 12.60 -65.20
C LYS X 195 55.13 13.97 -65.17
N GLY X 196 56.40 14.02 -64.79
CA GLY X 196 57.08 15.30 -64.72
C GLY X 196 58.19 15.43 -65.73
N TYR X 197 58.96 16.50 -65.61
CA TYR X 197 60.05 16.76 -66.55
C TYR X 197 61.11 15.64 -66.60
N ILE X 198 61.63 15.41 -67.81
CA ILE X 198 62.64 14.38 -68.09
C ILE X 198 64.03 14.80 -67.58
N SER X 199 64.17 16.09 -67.31
CA SER X 199 65.41 16.65 -66.79
C SER X 199 65.07 17.93 -66.04
N PRO X 200 65.73 18.15 -64.89
CA PRO X 200 65.55 19.31 -64.00
C PRO X 200 65.69 20.64 -64.72
N TYR X 201 66.75 20.80 -65.51
CA TYR X 201 67.04 22.03 -66.23
C TYR X 201 65.83 22.83 -66.70
N PHE X 202 64.72 22.15 -66.92
CA PHE X 202 63.49 22.81 -67.36
C PHE X 202 62.81 23.66 -66.30
N VAL X 203 63.33 23.65 -65.08
CA VAL X 203 62.76 24.41 -63.97
C VAL X 203 62.60 25.91 -64.26
N THR X 204 61.52 26.48 -63.72
CA THR X 204 61.22 27.90 -63.86
C THR X 204 61.25 28.56 -62.48
N ASN X 205 60.99 27.74 -61.47
CA ASN X 205 60.98 28.18 -60.09
C ASN X 205 62.12 27.45 -59.40
N PRO X 206 62.92 28.19 -58.62
CA PRO X 206 64.05 27.57 -57.91
C PRO X 206 63.61 26.67 -56.77
N GLU X 207 62.95 27.26 -55.78
CA GLU X 207 62.47 26.57 -54.59
C GLU X 207 61.57 25.37 -54.92
N THR X 208 60.60 25.61 -55.80
CA THR X 208 59.65 24.57 -56.17
C THR X 208 60.23 23.52 -57.11
N MET X 209 61.32 23.88 -57.78
CA MET X 209 61.94 22.96 -58.71
C MET X 209 60.91 22.50 -59.76
N GLU X 210 60.07 23.43 -60.21
CA GLU X 210 59.10 23.13 -61.23
C GLU X 210 59.17 24.10 -62.40
N ALA X 211 58.39 23.82 -63.44
CA ALA X 211 58.43 24.67 -64.62
C ALA X 211 57.10 25.27 -65.04
N VAL X 212 56.88 26.54 -64.67
CA VAL X 212 55.65 27.24 -65.06
C VAL X 212 55.90 27.97 -66.37
N LEU X 213 55.04 27.74 -67.36
CA LEU X 213 55.18 28.34 -68.67
C LEU X 213 53.91 29.04 -69.10
N GLU X 214 53.88 30.35 -68.95
CA GLU X 214 52.69 31.11 -69.30
C GLU X 214 52.44 31.18 -70.81
N ASP X 215 51.21 30.89 -71.20
CA ASP X 215 50.80 30.85 -72.60
C ASP X 215 51.79 30.01 -73.40
N ALA X 216 52.00 28.78 -72.98
CA ALA X 216 52.93 27.90 -73.66
C ALA X 216 52.29 27.15 -74.81
N PHE X 217 53.13 26.69 -75.72
CA PHE X 217 52.65 25.93 -76.85
C PHE X 217 52.85 24.47 -76.45
N ILE X 218 52.01 23.60 -77.00
CA ILE X 218 52.05 22.19 -76.68
C ILE X 218 52.20 21.29 -77.90
N LEU X 219 53.38 20.70 -78.01
CA LEU X 219 53.69 19.79 -79.10
C LEU X 219 53.19 18.45 -78.60
N ILE X 220 52.60 17.65 -79.48
CA ILE X 220 52.06 16.36 -79.04
C ILE X 220 52.41 15.18 -79.94
N VAL X 221 53.63 14.66 -79.80
CA VAL X 221 54.05 13.54 -80.64
C VAL X 221 53.70 12.20 -80.01
N GLU X 222 53.21 11.29 -80.84
CA GLU X 222 52.84 9.96 -80.35
C GLU X 222 54.08 9.11 -80.16
N LYS X 223 54.95 9.09 -81.18
CA LYS X 223 56.17 8.30 -81.15
C LYS X 223 57.25 8.98 -80.32
N LYS X 224 58.43 8.36 -80.28
CA LYS X 224 59.56 8.91 -79.52
C LYS X 224 60.27 9.99 -80.35
N VAL X 225 61.08 10.81 -79.69
CA VAL X 225 61.80 11.89 -80.36
C VAL X 225 63.25 12.03 -79.88
N SER X 226 64.19 11.44 -80.61
CA SER X 226 65.61 11.52 -80.26
C SER X 226 66.37 12.20 -81.38
N ASN X 227 65.79 12.19 -82.58
CA ASN X 227 66.37 12.81 -83.78
C ASN X 227 66.09 14.30 -83.78
N VAL X 228 67.14 15.11 -83.74
CA VAL X 228 67.02 16.56 -83.70
C VAL X 228 66.42 17.21 -84.95
N ARG X 229 66.91 16.79 -86.11
CA ARG X 229 66.44 17.34 -87.37
C ARG X 229 64.94 17.59 -87.35
N GLU X 230 64.18 16.51 -87.14
CA GLU X 230 62.74 16.60 -87.12
C GLU X 230 62.25 17.76 -86.25
N LEU X 231 62.82 17.91 -85.07
CA LEU X 231 62.40 18.96 -84.16
C LEU X 231 62.73 20.36 -84.60
N LEU X 232 63.99 20.57 -84.92
CA LEU X 232 64.51 21.86 -85.34
C LEU X 232 63.53 22.86 -85.95
N PRO X 233 62.88 22.48 -87.07
CA PRO X 233 61.93 23.43 -87.69
C PRO X 233 60.92 24.08 -86.74
N ILE X 234 60.23 23.25 -86.00
CA ILE X 234 59.22 23.69 -85.05
C ILE X 234 59.87 24.46 -83.88
N LEU X 235 61.04 23.99 -83.45
CA LEU X 235 61.79 24.59 -82.35
C LEU X 235 62.13 26.05 -82.65
N GLU X 236 62.28 26.36 -83.93
CA GLU X 236 62.57 27.72 -84.35
C GLU X 236 61.26 28.49 -84.42
N GLN X 237 60.34 28.01 -85.25
CA GLN X 237 59.03 28.65 -85.42
C GLN X 237 58.56 29.21 -84.07
N VAL X 238 58.80 28.44 -83.01
CA VAL X 238 58.41 28.81 -81.66
C VAL X 238 59.47 29.70 -80.98
N ALA X 239 60.73 29.33 -81.12
CA ALA X 239 61.84 30.08 -80.54
C ALA X 239 61.71 31.57 -80.86
N GLN X 240 61.38 31.85 -82.12
CA GLN X 240 61.21 33.21 -82.64
C GLN X 240 59.93 33.85 -82.14
N THR X 241 58.97 33.03 -81.73
CA THR X 241 57.69 33.54 -81.22
C THR X 241 57.88 33.93 -79.74
N GLY X 242 59.02 33.52 -79.18
CA GLY X 242 59.34 33.83 -77.80
C GLY X 242 58.32 33.41 -76.75
N LYS X 243 57.75 32.23 -76.95
CA LYS X 243 56.75 31.69 -76.02
C LYS X 243 57.17 30.32 -75.50
N PRO X 244 56.74 29.99 -74.27
CA PRO X 244 57.05 28.71 -73.61
C PRO X 244 56.58 27.51 -74.42
N LEU X 245 57.35 26.43 -74.38
CA LEU X 245 56.99 25.23 -75.13
C LEU X 245 56.93 23.97 -74.29
N LEU X 246 55.80 23.28 -74.36
CA LEU X 246 55.61 22.04 -73.64
C LEU X 246 55.58 20.91 -74.66
N ILE X 247 56.54 20.01 -74.56
CA ILE X 247 56.61 18.89 -75.48
C ILE X 247 56.13 17.62 -74.81
N ILE X 248 55.01 17.11 -75.31
CA ILE X 248 54.38 15.90 -74.78
C ILE X 248 54.49 14.80 -75.84
N ALA X 249 55.58 14.05 -75.78
CA ALA X 249 55.80 12.98 -76.74
C ALA X 249 56.01 11.69 -76.00
N GLU X 250 55.98 10.57 -76.74
CA GLU X 250 56.20 9.25 -76.13
C GLU X 250 57.48 9.29 -75.29
N ASP X 251 58.45 10.09 -75.74
CA ASP X 251 59.72 10.25 -75.04
C ASP X 251 60.62 11.26 -75.78
N VAL X 252 61.63 11.77 -75.07
CA VAL X 252 62.58 12.72 -75.64
C VAL X 252 63.98 12.35 -75.15
N GLU X 253 64.74 11.72 -76.03
CA GLU X 253 66.08 11.26 -75.68
C GLU X 253 67.19 11.78 -76.58
N GLY X 254 68.42 11.62 -76.11
CA GLY X 254 69.59 12.03 -76.86
C GLY X 254 69.76 13.52 -77.09
N GLU X 255 70.25 13.85 -78.28
CA GLU X 255 70.48 15.23 -78.68
C GLU X 255 69.19 16.00 -78.80
N ALA X 256 68.09 15.26 -79.01
CA ALA X 256 66.78 15.87 -79.10
C ALA X 256 66.52 16.53 -77.75
N LEU X 257 66.83 15.79 -76.70
CA LEU X 257 66.66 16.27 -75.34
C LEU X 257 67.69 17.35 -75.03
N ALA X 258 68.96 17.02 -75.29
CA ALA X 258 70.10 17.90 -75.06
C ALA X 258 69.89 19.31 -75.57
N THR X 259 69.37 19.42 -76.79
CA THR X 259 69.11 20.71 -77.42
C THR X 259 68.15 21.51 -76.53
N LEU X 260 67.03 20.87 -76.19
CA LEU X 260 65.99 21.46 -75.33
C LEU X 260 66.64 22.02 -74.08
N VAL X 261 67.44 21.18 -73.44
CA VAL X 261 68.16 21.52 -72.22
C VAL X 261 68.98 22.80 -72.44
N VAL X 262 70.00 22.67 -73.29
CA VAL X 262 70.92 23.75 -73.64
C VAL X 262 70.23 25.07 -74.00
N ASN X 263 69.38 25.02 -75.01
CA ASN X 263 68.65 26.20 -75.46
C ASN X 263 67.84 26.81 -74.32
N LYS X 264 67.18 25.97 -73.55
CA LYS X 264 66.39 26.44 -72.41
C LYS X 264 67.32 27.29 -71.54
N LEU X 265 68.49 26.73 -71.26
CA LEU X 265 69.52 27.38 -70.44
C LEU X 265 69.99 28.71 -71.04
N ARG X 266 70.48 28.67 -72.27
CA ARG X 266 70.97 29.88 -72.93
C ARG X 266 69.88 30.87 -73.36
N GLY X 267 68.80 30.93 -72.59
CA GLY X 267 67.72 31.85 -72.90
C GLY X 267 67.22 31.83 -74.34
N THR X 268 67.49 30.74 -75.05
CA THR X 268 67.06 30.58 -76.44
C THR X 268 65.55 30.43 -76.55
N LEU X 269 65.03 29.46 -75.82
CA LEU X 269 63.60 29.16 -75.80
C LEU X 269 63.28 28.46 -74.48
N SER X 270 62.11 28.74 -73.91
CA SER X 270 61.70 28.10 -72.64
C SER X 270 60.90 26.84 -72.89
N VAL X 271 61.58 25.69 -72.82
CA VAL X 271 60.94 24.40 -73.05
C VAL X 271 60.85 23.49 -71.84
N ALA X 272 60.17 22.37 -72.05
CA ALA X 272 59.95 21.35 -71.04
C ALA X 272 59.46 20.10 -71.77
N ALA X 273 60.13 18.98 -71.54
CA ALA X 273 59.75 17.73 -72.18
C ALA X 273 59.23 16.72 -71.16
N VAL X 274 57.94 16.41 -71.26
CA VAL X 274 57.28 15.47 -70.36
C VAL X 274 56.91 14.18 -71.11
N LYS X 275 57.42 13.05 -70.62
CA LYS X 275 57.14 11.75 -71.25
C LYS X 275 55.64 11.51 -71.52
N ALA X 276 55.35 10.39 -72.18
CA ALA X 276 53.97 10.05 -72.52
C ALA X 276 53.09 10.00 -71.28
N PRO X 277 51.89 10.60 -71.36
CA PRO X 277 50.97 10.60 -70.21
C PRO X 277 50.72 9.21 -69.65
N GLY X 278 50.22 8.31 -70.50
CA GLY X 278 49.92 6.96 -70.05
C GLY X 278 50.92 5.88 -70.45
N PHE X 279 50.39 4.73 -70.86
CA PHE X 279 51.19 3.59 -71.27
C PHE X 279 50.38 2.70 -72.21
N GLY X 280 50.98 2.34 -73.35
CA GLY X 280 50.29 1.50 -74.32
C GLY X 280 49.31 2.28 -75.19
N ASP X 281 48.35 1.59 -75.79
CA ASP X 281 47.35 2.22 -76.64
C ASP X 281 46.58 3.20 -75.79
N ARG X 282 46.79 3.06 -74.49
CA ARG X 282 46.15 3.91 -73.51
C ARG X 282 46.59 5.35 -73.66
N ARG X 283 47.90 5.57 -73.75
CA ARG X 283 48.41 6.92 -73.90
C ARG X 283 48.08 7.44 -75.29
N LYS X 284 48.15 6.54 -76.29
CA LYS X 284 47.82 6.93 -77.65
C LYS X 284 46.42 7.53 -77.67
N GLU X 285 45.56 7.03 -76.77
CA GLU X 285 44.20 7.52 -76.66
C GLU X 285 44.15 8.78 -75.82
N MET X 286 45.08 8.88 -74.86
CA MET X 286 45.15 10.05 -73.98
C MET X 286 45.80 11.21 -74.71
N LEU X 287 46.66 10.90 -75.67
CA LEU X 287 47.32 11.95 -76.43
C LEU X 287 46.26 12.71 -77.20
N LYS X 288 45.22 12.00 -77.64
CA LYS X 288 44.12 12.62 -78.39
C LYS X 288 43.28 13.45 -77.44
N ASP X 289 43.35 13.09 -76.16
CA ASP X 289 42.64 13.80 -75.10
C ASP X 289 43.38 15.10 -74.85
N ILE X 290 44.67 14.98 -74.54
CA ILE X 290 45.53 16.13 -74.30
C ILE X 290 45.34 17.05 -75.49
N ALA X 291 45.28 16.43 -76.67
CA ALA X 291 45.05 17.16 -77.89
C ALA X 291 43.73 17.88 -77.65
N ALA X 292 42.64 17.22 -78.01
CA ALA X 292 41.30 17.75 -77.82
C ALA X 292 41.22 19.00 -76.94
N VAL X 293 41.65 18.86 -75.68
CA VAL X 293 41.61 19.93 -74.68
C VAL X 293 42.47 21.17 -74.90
N THR X 294 43.68 20.97 -75.38
CA THR X 294 44.56 22.09 -75.62
C THR X 294 44.32 22.70 -77.01
N GLY X 295 43.88 21.85 -77.95
CA GLY X 295 43.61 22.29 -79.31
C GLY X 295 44.76 22.09 -80.28
N GLY X 296 45.49 20.99 -80.11
CA GLY X 296 46.62 20.71 -80.97
C GLY X 296 46.40 19.43 -81.75
N THR X 297 47.41 19.00 -82.50
CA THR X 297 47.27 17.80 -83.29
C THR X 297 48.18 16.68 -82.88
N VAL X 298 47.62 15.48 -82.85
CA VAL X 298 48.37 14.28 -82.49
C VAL X 298 49.33 14.01 -83.63
N ILE X 299 50.62 14.19 -83.36
CA ILE X 299 51.62 13.95 -84.37
C ILE X 299 51.87 12.45 -84.41
N SER X 300 51.13 11.79 -85.28
CA SER X 300 51.21 10.35 -85.47
C SER X 300 50.77 9.99 -86.89
N GLU X 301 51.06 8.78 -87.33
CA GLU X 301 50.71 8.34 -88.67
C GLU X 301 49.22 8.41 -88.95
N GLU X 302 48.42 8.41 -87.89
CA GLU X 302 46.98 8.50 -88.04
C GLU X 302 46.58 9.86 -88.63
N LEU X 303 46.75 10.91 -87.84
CA LEU X 303 46.40 12.27 -88.28
C LEU X 303 47.03 12.70 -89.60
N GLY X 304 48.01 11.94 -90.08
CA GLY X 304 48.66 12.27 -91.34
C GLY X 304 49.68 13.39 -91.25
N PHE X 305 50.49 13.36 -90.20
CA PHE X 305 51.52 14.37 -90.02
C PHE X 305 52.89 13.76 -89.80
N LYS X 306 53.91 14.60 -89.94
CA LYS X 306 55.28 14.18 -89.74
C LYS X 306 56.01 15.26 -88.94
N LEU X 307 56.73 14.82 -87.91
CA LEU X 307 57.43 15.73 -87.02
C LEU X 307 57.96 17.01 -87.68
N GLU X 308 59.03 16.88 -88.47
CA GLU X 308 59.62 18.04 -89.13
C GLU X 308 58.56 18.94 -89.78
N ASN X 309 57.53 18.31 -90.34
CA ASN X 309 56.45 19.06 -90.97
C ASN X 309 55.49 19.55 -89.89
N ALA X 310 56.03 20.29 -88.92
CA ALA X 310 55.24 20.82 -87.83
C ALA X 310 54.74 22.19 -88.20
N THR X 311 54.05 22.83 -87.27
CA THR X 311 53.52 24.17 -87.52
C THR X 311 53.16 24.84 -86.21
N LEU X 312 53.31 26.15 -86.14
CA LEU X 312 52.94 26.89 -84.93
C LEU X 312 51.42 26.84 -84.85
N SER X 313 50.81 26.34 -85.91
CA SER X 313 49.35 26.26 -86.01
C SER X 313 48.74 24.90 -85.64
N MET X 314 49.50 23.82 -85.79
CA MET X 314 48.92 22.51 -85.47
C MET X 314 49.22 21.94 -84.10
N LEU X 315 49.55 22.83 -83.16
CA LEU X 315 49.81 22.41 -81.80
C LEU X 315 48.85 23.15 -80.89
N GLY X 316 48.86 22.78 -79.61
CA GLY X 316 47.95 23.43 -78.68
C GLY X 316 48.64 24.43 -77.78
N ARG X 317 47.83 25.21 -77.07
CA ARG X 317 48.34 26.21 -76.15
C ARG X 317 47.59 26.04 -74.83
N ALA X 318 47.90 26.91 -73.89
CA ALA X 318 47.28 26.88 -72.58
C ALA X 318 47.31 28.29 -72.01
N GLU X 319 47.26 28.37 -70.68
CA GLU X 319 47.33 29.64 -69.97
C GLU X 319 48.44 29.48 -68.93
N ARG X 320 48.91 28.24 -68.81
CA ARG X 320 49.97 27.91 -67.90
C ARG X 320 50.24 26.42 -67.92
N VAL X 321 51.38 26.01 -67.35
CA VAL X 321 51.76 24.61 -67.31
C VAL X 321 52.76 24.34 -66.19
N ARG X 322 52.27 23.69 -65.14
CA ARG X 322 53.12 23.35 -64.00
C ARG X 322 53.64 21.94 -64.16
N ILE X 323 54.94 21.78 -63.98
CA ILE X 323 55.53 20.47 -64.14
C ILE X 323 56.58 20.23 -63.09
N THR X 324 56.17 19.55 -62.02
CA THR X 324 57.09 19.23 -60.93
C THR X 324 57.87 18.00 -61.35
N LYS X 325 58.64 17.44 -60.41
CA LYS X 325 59.45 16.27 -60.69
C LYS X 325 58.71 15.05 -61.24
N ASP X 326 57.44 14.87 -60.84
CA ASP X 326 56.68 13.71 -61.31
C ASP X 326 55.21 13.96 -61.66
N GLU X 327 54.87 15.18 -62.06
CA GLU X 327 53.49 15.51 -62.40
C GLU X 327 53.39 16.76 -63.29
N THR X 328 52.42 16.75 -64.19
CA THR X 328 52.21 17.89 -65.09
C THR X 328 50.78 18.38 -64.91
N THR X 329 50.58 19.68 -65.07
CA THR X 329 49.25 20.26 -64.92
C THR X 329 48.95 21.32 -65.98
N ILE X 330 48.48 20.84 -67.12
CA ILE X 330 48.15 21.72 -68.23
C ILE X 330 46.94 22.61 -67.90
N VAL X 331 47.23 23.77 -67.31
CA VAL X 331 46.20 24.73 -66.92
C VAL X 331 45.66 25.54 -68.10
N GLY X 332 44.33 25.71 -68.13
CA GLY X 332 43.69 26.49 -69.18
C GLY X 332 43.97 26.13 -70.64
N GLY X 333 43.62 24.90 -71.02
CA GLY X 333 43.83 24.47 -72.40
C GLY X 333 43.05 25.35 -73.35
N LYS X 334 43.37 25.28 -74.64
CA LYS X 334 42.67 26.11 -75.59
C LYS X 334 41.69 25.31 -76.43
N GLY X 335 41.83 23.99 -76.36
CA GLY X 335 40.95 23.11 -77.10
C GLY X 335 39.52 23.61 -77.11
N LYS X 336 38.73 23.08 -78.02
CA LYS X 336 37.36 23.53 -78.16
C LYS X 336 36.27 22.59 -77.68
N LYS X 337 35.22 23.19 -77.13
CA LYS X 337 34.03 22.49 -76.65
C LYS X 337 33.86 21.10 -77.20
N GLU X 338 33.26 21.10 -78.40
CA GLU X 338 32.94 19.92 -79.19
C GLU X 338 34.02 18.85 -79.19
N ASP X 339 35.25 19.26 -79.45
CA ASP X 339 36.35 18.32 -79.51
C ASP X 339 36.54 17.53 -78.20
N ILE X 340 36.25 18.18 -77.08
CA ILE X 340 36.37 17.54 -75.77
C ILE X 340 35.03 16.93 -75.38
N GLU X 341 33.96 17.69 -75.60
CA GLU X 341 32.61 17.25 -75.28
C GLU X 341 32.21 16.01 -76.09
N ALA X 342 33.20 15.43 -76.77
CA ALA X 342 32.98 14.23 -77.57
C ALA X 342 34.13 13.26 -77.30
N ARG X 343 35.23 13.79 -76.78
CA ARG X 343 36.39 12.98 -76.45
C ARG X 343 36.12 12.38 -75.07
N ILE X 344 35.34 13.12 -74.28
CA ILE X 344 34.95 12.72 -72.93
C ILE X 344 33.59 12.01 -73.01
N ASN X 345 32.80 12.40 -74.00
CA ASN X 345 31.48 11.83 -74.23
C ASN X 345 31.57 10.45 -74.87
N GLY X 346 32.71 10.15 -75.48
CA GLY X 346 32.90 8.87 -76.12
C GLY X 346 33.60 7.83 -75.26
N ILE X 347 34.25 8.30 -74.20
CA ILE X 347 34.99 7.44 -73.29
C ILE X 347 34.04 7.05 -72.17
N LYS X 348 32.81 7.56 -72.29
CA LYS X 348 31.74 7.39 -71.32
C LYS X 348 30.72 6.40 -71.86
N LYS X 349 30.62 6.37 -73.19
CA LYS X 349 29.71 5.48 -73.91
C LYS X 349 30.29 4.06 -73.87
N GLU X 350 31.62 4.00 -73.72
CA GLU X 350 32.37 2.76 -73.65
C GLU X 350 32.30 2.16 -72.26
N LEU X 351 32.29 3.04 -71.25
CA LEU X 351 32.22 2.63 -69.85
C LEU X 351 30.99 1.75 -69.59
N GLU X 352 29.90 2.02 -70.32
CA GLU X 352 28.66 1.28 -70.17
C GLU X 352 28.84 -0.19 -70.49
N THR X 353 29.90 -0.50 -71.24
CA THR X 353 30.20 -1.87 -71.66
C THR X 353 31.43 -2.45 -70.96
N THR X 354 31.89 -1.75 -69.93
CA THR X 354 33.08 -2.17 -69.18
C THR X 354 32.73 -2.59 -67.76
N ASP X 355 32.71 -3.90 -67.54
CA ASP X 355 32.41 -4.45 -66.23
C ASP X 355 33.70 -4.83 -65.49
N SER X 356 34.83 -4.69 -66.19
CA SER X 356 36.12 -5.01 -65.59
C SER X 356 36.52 -3.91 -64.62
N GLU X 357 36.69 -4.27 -63.35
CA GLU X 357 37.07 -3.30 -62.33
C GLU X 357 38.28 -2.47 -62.75
N TYR X 358 39.10 -3.04 -63.62
CA TYR X 358 40.30 -2.35 -64.09
C TYR X 358 39.93 -1.34 -65.18
N ALA X 359 39.36 -1.84 -66.27
CA ALA X 359 38.96 -1.00 -67.39
C ALA X 359 37.86 0.00 -66.98
N ARG X 360 37.27 -0.24 -65.83
CA ARG X 360 36.21 0.61 -65.29
C ARG X 360 36.76 1.90 -64.70
N GLU X 361 37.83 1.76 -63.91
CA GLU X 361 38.47 2.90 -63.24
C GLU X 361 39.41 3.64 -64.18
N LYS X 362 39.90 2.94 -65.20
CA LYS X 362 40.82 3.52 -66.17
C LYS X 362 40.15 4.54 -67.09
N LEU X 363 38.91 4.25 -67.50
CA LEU X 363 38.15 5.13 -68.36
C LEU X 363 37.55 6.28 -67.56
N GLN X 364 37.44 6.07 -66.26
CA GLN X 364 36.87 7.07 -65.36
C GLN X 364 37.92 8.05 -64.87
N GLU X 365 39.19 7.66 -64.92
CA GLU X 365 40.26 8.54 -64.49
C GLU X 365 40.63 9.41 -65.67
N ARG X 366 40.32 8.89 -66.85
CA ARG X 366 40.57 9.57 -68.10
C ARG X 366 39.44 10.59 -68.24
N LEU X 367 38.24 10.17 -67.82
CA LEU X 367 37.05 11.00 -67.86
C LEU X 367 37.21 12.12 -66.83
N ALA X 368 38.16 11.92 -65.91
CA ALA X 368 38.42 12.90 -64.87
C ALA X 368 39.25 14.05 -65.42
N LYS X 369 40.51 13.75 -65.71
CA LYS X 369 41.44 14.72 -66.27
C LYS X 369 40.72 15.65 -67.23
N LEU X 370 39.93 15.05 -68.14
CA LEU X 370 39.16 15.79 -69.13
C LEU X 370 38.10 16.63 -68.47
N ALA X 371 38.50 17.43 -67.50
CA ALA X 371 37.57 18.28 -66.79
C ALA X 371 38.36 19.17 -65.85
N GLY X 372 37.87 20.39 -65.63
CA GLY X 372 38.54 21.31 -64.74
C GLY X 372 38.09 21.01 -63.33
N GLY X 373 36.79 20.78 -63.20
CA GLY X 373 36.21 20.49 -61.91
C GLY X 373 36.44 19.07 -61.42
N VAL X 374 37.57 18.84 -60.77
CA VAL X 374 37.86 17.53 -60.22
C VAL X 374 38.27 17.63 -58.77
N ALA X 375 37.47 17.04 -57.90
CA ALA X 375 37.72 17.02 -56.46
C ALA X 375 38.29 15.66 -56.10
N VAL X 376 39.05 15.59 -55.02
CA VAL X 376 39.62 14.33 -54.60
C VAL X 376 39.75 14.24 -53.10
N ILE X 377 39.06 13.26 -52.52
CA ILE X 377 39.08 13.03 -51.09
C ILE X 377 40.13 11.96 -50.80
N ARG X 378 41.12 12.31 -50.01
CA ARG X 378 42.14 11.34 -49.68
C ARG X 378 41.89 10.90 -48.26
N VAL X 379 41.27 9.73 -48.13
CA VAL X 379 40.89 9.15 -46.85
C VAL X 379 42.06 8.68 -45.98
N GLY X 380 42.06 9.11 -44.72
CA GLY X 380 43.11 8.72 -43.81
C GLY X 380 42.60 7.84 -42.69
N ALA X 381 43.49 7.02 -42.14
CA ALA X 381 43.15 6.12 -41.04
C ALA X 381 44.45 5.59 -40.42
N ALA X 382 44.38 5.10 -39.20
CA ALA X 382 45.58 4.58 -38.56
C ALA X 382 45.95 3.16 -38.95
N THR X 383 44.97 2.39 -39.45
CA THR X 383 45.23 1.00 -39.85
C THR X 383 44.59 0.69 -41.20
N GLU X 384 45.12 -0.34 -41.83
CA GLU X 384 44.63 -0.73 -43.14
C GLU X 384 43.17 -1.09 -43.05
N THR X 385 42.84 -1.97 -42.10
CA THR X 385 41.48 -2.43 -41.92
C THR X 385 40.49 -1.30 -41.70
N GLU X 386 40.84 -0.37 -40.83
CA GLU X 386 39.93 0.76 -40.58
C GLU X 386 39.78 1.58 -41.86
N LEU X 387 40.92 1.89 -42.46
CA LEU X 387 40.95 2.67 -43.68
C LEU X 387 40.04 2.10 -44.76
N LYS X 388 40.31 0.87 -45.15
CA LYS X 388 39.53 0.20 -46.19
C LYS X 388 38.02 0.42 -46.00
N GLU X 389 37.54 0.39 -44.76
CA GLU X 389 36.11 0.58 -44.50
C GLU X 389 35.74 2.06 -44.55
N LYS X 390 36.57 2.89 -43.93
CA LYS X 390 36.32 4.33 -43.91
C LYS X 390 36.24 4.79 -45.37
N LYS X 391 37.16 4.29 -46.17
CA LYS X 391 37.22 4.58 -47.59
C LYS X 391 35.90 4.15 -48.22
N HIS X 392 35.50 2.91 -47.95
CA HIS X 392 34.26 2.40 -48.51
C HIS X 392 33.05 3.27 -48.20
N ARG X 393 32.92 3.70 -46.93
CA ARG X 393 31.78 4.53 -46.57
C ARG X 393 31.69 5.76 -47.48
N PHE X 394 32.82 6.37 -47.79
CA PHE X 394 32.84 7.53 -48.66
C PHE X 394 32.25 7.15 -50.01
N GLU X 395 32.71 6.03 -50.54
CA GLU X 395 32.23 5.56 -51.83
C GLU X 395 30.72 5.37 -51.81
N ASP X 396 30.19 4.79 -50.75
CA ASP X 396 28.75 4.60 -50.68
C ASP X 396 28.07 5.96 -50.66
N ALA X 397 28.55 6.85 -49.81
CA ALA X 397 27.99 8.20 -49.72
C ALA X 397 27.87 8.83 -51.11
N LEU X 398 28.93 8.71 -51.91
CA LEU X 398 28.90 9.27 -53.25
C LEU X 398 27.79 8.61 -54.07
N ASN X 399 27.84 7.29 -54.22
CA ASN X 399 26.82 6.57 -54.97
C ASN X 399 25.43 7.05 -54.60
N ALA X 400 25.25 7.37 -53.31
CA ALA X 400 23.97 7.85 -52.80
C ALA X 400 23.68 9.22 -53.40
N THR X 401 24.62 10.15 -53.21
CA THR X 401 24.50 11.50 -53.72
C THR X 401 24.15 11.48 -55.21
N ARG X 402 24.87 10.66 -55.98
CA ARG X 402 24.62 10.53 -57.42
C ARG X 402 23.15 10.18 -57.67
N ALA X 403 22.71 9.10 -57.05
CA ALA X 403 21.34 8.64 -57.18
C ALA X 403 20.36 9.68 -56.67
N ALA X 404 20.77 10.43 -55.64
CA ALA X 404 19.92 11.46 -55.06
C ALA X 404 19.60 12.50 -56.11
N VAL X 405 20.64 12.98 -56.80
CA VAL X 405 20.48 13.97 -57.85
C VAL X 405 19.62 13.45 -59.01
N GLU X 406 19.82 12.20 -59.40
CA GLU X 406 19.05 11.60 -60.47
C GLU X 406 17.54 11.55 -60.23
N GLU X 407 17.10 10.72 -59.29
CA GLU X 407 15.66 10.55 -59.06
C GLU X 407 15.03 11.27 -57.88
N GLY X 408 15.82 12.02 -57.15
CA GLY X 408 15.24 12.72 -56.02
C GLY X 408 15.67 12.24 -54.65
N ILE X 409 14.90 12.70 -53.67
CA ILE X 409 15.15 12.38 -52.27
C ILE X 409 13.81 12.03 -51.57
N VAL X 410 13.83 11.03 -50.68
CA VAL X 410 12.62 10.69 -49.91
C VAL X 410 12.94 10.56 -48.41
N PRO X 411 11.90 10.52 -47.54
CA PRO X 411 12.20 10.38 -46.11
C PRO X 411 12.81 9.01 -45.84
N GLY X 412 13.82 8.97 -44.97
CA GLY X 412 14.50 7.71 -44.67
C GLY X 412 13.91 6.80 -43.62
N GLY X 413 14.80 6.04 -42.96
CA GLY X 413 14.36 5.12 -41.92
C GLY X 413 13.27 4.17 -42.38
N GLY X 414 13.20 3.90 -43.68
CA GLY X 414 12.18 3.01 -44.20
C GLY X 414 10.80 3.63 -44.19
N VAL X 415 10.71 4.83 -43.62
CA VAL X 415 9.45 5.56 -43.52
C VAL X 415 8.76 5.66 -44.87
N THR X 416 9.52 6.02 -45.89
CA THR X 416 8.98 6.17 -47.23
C THR X 416 8.30 4.87 -47.68
N LEU X 417 8.93 3.72 -47.46
CA LEU X 417 8.29 2.46 -47.88
C LEU X 417 7.03 2.15 -47.08
N LEU X 418 7.02 2.56 -45.82
CA LEU X 418 5.87 2.35 -44.97
C LEU X 418 4.70 3.12 -45.58
N ARG X 419 4.96 4.35 -46.00
CA ARG X 419 3.91 5.17 -46.61
C ARG X 419 3.41 4.54 -47.90
N ALA X 420 4.19 3.61 -48.46
CA ALA X 420 3.80 2.95 -49.71
C ALA X 420 2.68 1.96 -49.42
N ILE X 421 2.59 1.53 -48.16
CA ILE X 421 1.57 0.57 -47.75
C ILE X 421 0.16 1.01 -48.13
N SER X 422 -0.24 2.20 -47.67
CA SER X 422 -1.57 2.73 -47.98
C SER X 422 -1.90 2.61 -49.45
N ALA X 423 -0.88 2.71 -50.29
CA ALA X 423 -1.09 2.60 -51.72
C ALA X 423 -1.43 1.16 -52.08
N VAL X 424 -0.66 0.21 -51.52
CA VAL X 424 -0.89 -1.19 -51.79
C VAL X 424 -2.26 -1.55 -51.24
N GLU X 425 -2.57 -0.97 -50.09
CA GLU X 425 -3.84 -1.20 -49.42
C GLU X 425 -4.95 -0.89 -50.42
N GLU X 426 -4.93 0.33 -50.93
CA GLU X 426 -5.92 0.79 -51.89
C GLU X 426 -5.99 -0.18 -53.07
N LEU X 427 -4.83 -0.65 -53.52
CA LEU X 427 -4.78 -1.59 -54.63
C LEU X 427 -5.50 -2.89 -54.29
N ILE X 428 -5.26 -3.40 -53.09
CA ILE X 428 -5.86 -4.64 -52.65
C ILE X 428 -7.38 -4.59 -52.79
N LYS X 429 -7.96 -3.46 -52.37
CA LYS X 429 -9.40 -3.26 -52.45
C LYS X 429 -9.89 -3.52 -53.87
N LYS X 430 -9.01 -3.38 -54.85
CA LYS X 430 -9.39 -3.60 -56.22
C LYS X 430 -9.01 -5.00 -56.70
N LEU X 431 -8.31 -5.74 -55.84
CA LEU X 431 -7.86 -7.09 -56.19
C LEU X 431 -8.67 -8.22 -55.57
N GLU X 432 -8.52 -9.41 -56.14
CA GLU X 432 -9.20 -10.62 -55.66
C GLU X 432 -8.26 -11.81 -55.55
N GLY X 433 -8.83 -12.96 -55.19
CA GLY X 433 -8.09 -14.20 -55.07
C GLY X 433 -6.66 -14.13 -54.55
N ASP X 434 -5.82 -15.05 -55.05
CA ASP X 434 -4.43 -15.11 -54.64
C ASP X 434 -3.69 -13.84 -55.03
N GLU X 435 -4.16 -13.19 -56.09
CA GLU X 435 -3.55 -11.96 -56.57
C GLU X 435 -3.59 -10.91 -55.47
N ALA X 436 -4.69 -10.87 -54.72
CA ALA X 436 -4.84 -9.91 -53.62
C ALA X 436 -3.89 -10.34 -52.51
N THR X 437 -3.72 -11.66 -52.36
CA THR X 437 -2.82 -12.20 -51.35
C THR X 437 -1.42 -11.67 -51.68
N GLY X 438 -1.03 -11.83 -52.95
CA GLY X 438 0.26 -11.36 -53.39
C GLY X 438 0.49 -9.93 -52.96
N ALA X 439 -0.46 -9.05 -53.26
CA ALA X 439 -0.34 -7.64 -52.88
C ALA X 439 -0.10 -7.55 -51.38
N LYS X 440 -0.89 -8.30 -50.61
CA LYS X 440 -0.76 -8.29 -49.16
C LYS X 440 0.66 -8.65 -48.75
N ILE X 441 1.26 -9.59 -49.47
CA ILE X 441 2.63 -10.00 -49.17
C ILE X 441 3.53 -8.76 -49.17
N VAL X 442 3.41 -7.96 -50.22
CA VAL X 442 4.21 -6.75 -50.33
C VAL X 442 3.85 -5.81 -49.18
N ARG X 443 2.56 -5.70 -48.90
CA ARG X 443 2.14 -4.83 -47.80
C ARG X 443 2.88 -5.10 -46.50
N ARG X 444 3.09 -6.39 -46.21
CA ARG X 444 3.79 -6.76 -45.00
C ARG X 444 5.27 -6.47 -45.16
N ALA X 445 5.87 -7.00 -46.23
CA ALA X 445 7.29 -6.81 -46.50
C ALA X 445 7.75 -5.36 -46.30
N LEU X 446 6.96 -4.44 -46.84
CA LEU X 446 7.26 -3.01 -46.76
C LEU X 446 7.62 -2.54 -45.35
N GLU X 447 7.26 -3.32 -44.34
CA GLU X 447 7.56 -2.94 -42.97
C GLU X 447 8.94 -3.38 -42.52
N GLU X 448 9.44 -4.46 -43.12
CA GLU X 448 10.74 -5.02 -42.71
C GLU X 448 11.88 -4.02 -42.53
N PRO X 449 12.12 -3.16 -43.53
CA PRO X 449 13.21 -2.19 -43.40
C PRO X 449 13.06 -1.36 -42.14
N ALA X 450 11.91 -0.70 -42.01
CA ALA X 450 11.66 0.13 -40.83
C ALA X 450 11.89 -0.67 -39.54
N ARG X 451 11.28 -1.85 -39.47
CA ARG X 451 11.41 -2.73 -38.31
C ARG X 451 12.85 -3.01 -37.93
N GLN X 452 13.58 -3.67 -38.85
CA GLN X 452 14.98 -4.03 -38.63
C GLN X 452 15.85 -2.87 -38.19
N ILE X 453 15.57 -1.69 -38.73
CA ILE X 453 16.35 -0.52 -38.36
C ILE X 453 16.13 -0.36 -36.87
N ALA X 454 14.88 -0.13 -36.50
CA ALA X 454 14.50 0.05 -35.11
C ALA X 454 15.03 -1.09 -34.27
N GLU X 455 14.78 -2.31 -34.73
CA GLU X 455 15.21 -3.50 -34.02
C GLU X 455 16.71 -3.43 -33.70
N ASN X 456 17.56 -3.32 -34.71
CA ASN X 456 19.01 -3.27 -34.50
C ASN X 456 19.38 -2.14 -33.54
N ALA X 457 18.49 -1.17 -33.40
CA ALA X 457 18.73 -0.02 -32.53
C ALA X 457 18.35 -0.35 -31.08
N GLY X 458 17.60 -1.42 -30.89
CA GLY X 458 17.18 -1.85 -29.56
C GLY X 458 15.74 -1.47 -29.25
N TYR X 459 14.89 -1.49 -30.26
CA TYR X 459 13.49 -1.12 -30.11
C TYR X 459 12.57 -2.19 -30.67
N GLU X 460 11.27 -1.99 -30.51
CA GLU X 460 10.32 -2.95 -31.01
C GLU X 460 9.84 -2.66 -32.40
N GLY X 461 10.33 -3.48 -33.33
CA GLY X 461 9.94 -3.32 -34.71
C GLY X 461 8.46 -2.97 -34.84
N SER X 462 7.61 -3.94 -34.52
CA SER X 462 6.17 -3.75 -34.62
C SER X 462 5.68 -2.47 -33.94
N VAL X 463 6.15 -2.22 -32.72
CA VAL X 463 5.70 -1.04 -32.00
C VAL X 463 5.91 0.23 -32.81
N ILE X 464 7.16 0.53 -33.09
CA ILE X 464 7.54 1.73 -33.83
C ILE X 464 6.80 1.84 -35.15
N VAL X 465 6.84 0.78 -35.95
CA VAL X 465 6.14 0.79 -37.23
C VAL X 465 4.66 1.21 -37.05
N GLN X 466 4.06 0.83 -35.94
CA GLN X 466 2.67 1.19 -35.67
C GLN X 466 2.51 2.69 -35.44
N GLN X 467 3.30 3.26 -34.56
CA GLN X 467 3.19 4.68 -34.28
C GLN X 467 3.45 5.51 -35.52
N ILE X 468 4.33 5.02 -36.39
CA ILE X 468 4.65 5.73 -37.61
C ILE X 468 3.42 5.70 -38.51
N LEU X 469 2.92 4.49 -38.80
CA LEU X 469 1.74 4.31 -39.64
C LEU X 469 0.54 4.98 -38.99
N ALA X 470 0.66 5.25 -37.70
CA ALA X 470 -0.40 5.88 -36.95
C ALA X 470 -0.64 7.29 -37.43
N GLU X 471 0.31 8.19 -37.16
CA GLU X 471 0.18 9.58 -37.57
C GLU X 471 0.29 9.71 -39.07
N THR X 472 -0.86 9.83 -39.72
CA THR X 472 -0.97 9.93 -41.17
C THR X 472 -1.29 11.33 -41.71
N LYS X 473 -0.94 12.34 -40.93
CA LYS X 473 -1.17 13.72 -41.34
C LYS X 473 -0.02 14.08 -42.25
N ASN X 474 1.19 13.91 -41.72
CA ASN X 474 2.42 14.25 -42.43
C ASN X 474 3.27 13.01 -42.70
N PRO X 475 3.30 12.52 -43.95
CA PRO X 475 4.07 11.33 -44.32
C PRO X 475 5.55 11.40 -43.93
N ARG X 476 6.06 12.61 -43.72
CA ARG X 476 7.46 12.78 -43.33
C ARG X 476 7.68 12.33 -41.90
N TYR X 477 6.61 11.89 -41.24
CA TYR X 477 6.70 11.45 -39.85
C TYR X 477 7.35 10.07 -39.77
N GLY X 478 8.43 9.97 -38.99
CA GLY X 478 9.12 8.70 -38.86
C GLY X 478 9.93 8.60 -37.59
N PHE X 479 10.58 7.46 -37.40
CA PHE X 479 11.38 7.22 -36.20
C PHE X 479 12.87 7.42 -36.44
N ASN X 480 13.51 8.20 -35.58
CA ASN X 480 14.94 8.46 -35.66
C ASN X 480 15.65 7.41 -34.81
N ALA X 481 15.90 6.24 -35.40
CA ALA X 481 16.54 5.14 -34.69
C ALA X 481 17.84 5.49 -33.98
N ALA X 482 18.34 6.71 -34.16
CA ALA X 482 19.59 7.06 -33.55
C ALA X 482 19.43 7.83 -32.25
N THR X 483 18.36 8.63 -32.16
CA THR X 483 18.10 9.42 -30.97
C THR X 483 16.95 8.80 -30.18
N GLY X 484 16.18 7.95 -30.84
CA GLY X 484 15.05 7.29 -30.21
C GLY X 484 13.85 8.21 -30.10
N GLU X 485 13.63 9.03 -31.12
CA GLU X 485 12.52 9.95 -31.09
C GLU X 485 11.83 10.06 -32.44
N PHE X 486 10.51 10.18 -32.41
CA PHE X 486 9.76 10.31 -33.65
C PHE X 486 9.89 11.74 -34.08
N VAL X 487 10.17 11.94 -35.37
CA VAL X 487 10.35 13.28 -35.91
C VAL X 487 9.96 13.34 -37.38
N ASP X 488 10.10 14.53 -37.96
CA ASP X 488 9.81 14.72 -39.38
C ASP X 488 11.12 14.31 -40.02
N MET X 489 11.14 13.12 -40.60
CA MET X 489 12.34 12.59 -41.22
C MET X 489 13.11 13.57 -42.10
N VAL X 490 12.40 14.26 -42.98
CA VAL X 490 13.02 15.23 -43.87
C VAL X 490 13.64 16.37 -43.07
N GLU X 491 12.84 17.02 -42.22
CA GLU X 491 13.33 18.11 -41.41
C GLU X 491 14.48 17.66 -40.52
N ALA X 492 14.48 16.40 -40.12
CA ALA X 492 15.54 15.88 -39.27
C ALA X 492 16.79 15.57 -40.08
N GLY X 493 16.65 15.58 -41.41
CA GLY X 493 17.79 15.31 -42.27
C GLY X 493 18.03 13.84 -42.49
N ILE X 494 17.00 13.04 -42.24
CA ILE X 494 17.09 11.62 -42.44
C ILE X 494 16.40 11.29 -43.74
N VAL X 495 17.13 11.45 -44.84
CA VAL X 495 16.58 11.21 -46.17
C VAL X 495 17.35 10.18 -46.98
N ASP X 496 16.67 9.60 -47.97
CA ASP X 496 17.27 8.58 -48.83
C ASP X 496 17.03 8.85 -50.30
N PRO X 497 17.99 8.48 -51.13
CA PRO X 497 17.80 8.69 -52.56
C PRO X 497 16.64 7.83 -53.06
N ALA X 498 15.57 8.49 -53.49
CA ALA X 498 14.41 7.79 -54.00
C ALA X 498 14.81 6.70 -54.98
N LYS X 499 15.95 6.88 -55.63
CA LYS X 499 16.41 5.88 -56.58
C LYS X 499 16.72 4.55 -55.90
N VAL X 500 17.51 4.58 -54.83
CA VAL X 500 17.88 3.35 -54.14
C VAL X 500 16.63 2.62 -53.62
N THR X 501 15.76 3.35 -52.94
CA THR X 501 14.54 2.76 -52.41
C THR X 501 13.81 2.01 -53.53
N ARG X 502 13.40 2.72 -54.57
CA ARG X 502 12.71 2.08 -55.70
C ARG X 502 13.46 0.84 -56.19
N SER X 503 14.77 0.95 -56.35
CA SER X 503 15.60 -0.15 -56.83
C SER X 503 15.55 -1.35 -55.90
N ALA X 504 15.92 -1.14 -54.65
CA ALA X 504 15.93 -2.19 -53.65
C ALA X 504 14.65 -3.02 -53.70
N LEU X 505 13.51 -2.34 -53.61
CA LEU X 505 12.22 -3.01 -53.65
C LEU X 505 11.99 -3.80 -54.95
N GLN X 506 12.25 -3.16 -56.09
CA GLN X 506 12.05 -3.82 -57.36
C GLN X 506 12.93 -5.05 -57.52
N ASN X 507 14.15 -4.98 -57.00
CA ASN X 507 15.06 -6.10 -57.11
C ASN X 507 14.66 -7.20 -56.14
N ALA X 508 14.29 -6.81 -54.93
CA ALA X 508 13.85 -7.77 -53.91
C ALA X 508 12.66 -8.52 -54.45
N ALA X 509 11.64 -7.77 -54.84
CA ALA X 509 10.42 -8.33 -55.37
C ALA X 509 10.63 -9.18 -56.62
N SER X 510 11.69 -8.89 -57.39
CA SER X 510 11.95 -9.63 -58.62
C SER X 510 12.36 -11.07 -58.32
N ILE X 511 13.35 -11.24 -57.46
CA ILE X 511 13.81 -12.57 -57.11
C ILE X 511 12.79 -13.24 -56.18
N GLY X 512 12.26 -12.47 -55.23
CA GLY X 512 11.28 -13.02 -54.30
C GLY X 512 10.18 -13.78 -55.00
N ALA X 513 9.39 -13.05 -55.78
CA ALA X 513 8.29 -13.67 -56.51
C ALA X 513 8.73 -14.93 -57.22
N LEU X 514 9.90 -14.89 -57.86
CA LEU X 514 10.40 -16.04 -58.59
C LEU X 514 10.43 -17.28 -57.71
N ILE X 515 11.05 -17.15 -56.55
CA ILE X 515 11.16 -18.27 -55.63
C ILE X 515 9.81 -18.93 -55.34
N LEU X 516 8.81 -18.11 -54.98
CA LEU X 516 7.49 -18.61 -54.69
C LEU X 516 6.92 -19.52 -55.79
N THR X 517 7.50 -19.47 -56.98
CA THR X 517 6.98 -20.30 -58.07
C THR X 517 7.76 -21.59 -58.22
N THR X 518 8.64 -21.88 -57.26
CA THR X 518 9.42 -23.11 -57.32
C THR X 518 8.54 -24.29 -56.97
N GLU X 519 8.76 -25.40 -57.67
CA GLU X 519 7.99 -26.60 -57.43
C GLU X 519 8.94 -27.77 -57.57
N ALA X 520 10.17 -27.46 -57.95
CA ALA X 520 11.18 -28.49 -58.10
C ALA X 520 12.53 -27.82 -58.16
N VAL X 521 13.59 -28.60 -57.96
CA VAL X 521 14.95 -28.09 -57.96
C VAL X 521 15.83 -29.24 -58.38
N VAL X 522 16.77 -28.96 -59.27
CA VAL X 522 17.68 -30.00 -59.71
C VAL X 522 19.05 -29.55 -59.29
N ALA X 523 19.59 -30.19 -58.26
CA ALA X 523 20.90 -29.81 -57.78
C ALA X 523 21.87 -30.98 -57.83
N GLU X 524 23.10 -30.72 -57.38
CA GLU X 524 24.12 -31.75 -57.38
C GLU X 524 23.95 -32.64 -56.16
N LYS X 525 24.04 -33.95 -56.38
CA LYS X 525 23.89 -34.93 -55.31
C LYS X 525 25.09 -34.84 -54.36
N PRO X 526 24.87 -35.11 -53.06
CA PRO X 526 25.89 -35.07 -51.99
C PRO X 526 27.30 -35.58 -52.33
N GLU X 527 28.22 -35.31 -51.40
CA GLU X 527 29.62 -35.70 -51.53
C GLU X 527 29.84 -37.22 -51.45
N LYS X 528 30.83 -37.69 -52.20
CA LYS X 528 31.17 -39.12 -52.24
C LYS X 528 31.85 -39.58 -50.95
N ALA Y 2 33.65 -55.23 -66.19
CA ALA Y 2 33.29 -53.79 -66.10
C ALA Y 2 31.81 -53.62 -66.43
N LYS Y 3 31.27 -54.61 -67.13
CA LYS Y 3 29.87 -54.59 -67.52
C LYS Y 3 28.97 -55.43 -66.62
N ILE Y 4 27.68 -55.16 -66.71
CA ILE Y 4 26.66 -55.85 -65.93
C ILE Y 4 25.54 -56.13 -66.91
N LEU Y 5 25.06 -57.38 -66.95
CA LEU Y 5 24.00 -57.74 -67.88
C LEU Y 5 22.65 -57.92 -67.20
N VAL Y 6 21.76 -56.97 -67.42
CA VAL Y 6 20.43 -57.01 -66.83
C VAL Y 6 19.38 -57.42 -67.85
N PHE Y 7 18.53 -58.38 -67.51
CA PHE Y 7 17.51 -58.80 -68.45
C PHE Y 7 16.10 -58.50 -68.00
N ASP Y 8 15.18 -59.03 -68.81
CA ASP Y 8 13.74 -58.90 -68.62
C ASP Y 8 13.24 -57.71 -67.82
N GLU Y 9 12.19 -57.96 -67.04
CA GLU Y 9 11.54 -56.92 -66.23
C GLU Y 9 12.52 -56.12 -65.38
N ALA Y 10 13.56 -56.82 -64.89
CA ALA Y 10 14.56 -56.14 -64.09
C ALA Y 10 15.03 -54.92 -64.87
N ALA Y 11 15.42 -55.17 -66.12
CA ALA Y 11 15.89 -54.13 -67.03
C ALA Y 11 14.81 -53.08 -67.32
N ARG Y 12 13.67 -53.51 -67.81
CA ARG Y 12 12.61 -52.56 -68.12
C ARG Y 12 12.26 -51.66 -66.92
N ARG Y 13 12.11 -52.24 -65.73
CA ARG Y 13 11.77 -51.42 -64.56
C ARG Y 13 12.80 -50.32 -64.34
N ALA Y 14 14.08 -50.71 -64.32
CA ALA Y 14 15.17 -49.76 -64.12
C ALA Y 14 15.02 -48.60 -65.10
N LEU Y 15 14.98 -48.93 -66.40
CA LEU Y 15 14.83 -47.92 -67.41
C LEU Y 15 13.63 -47.03 -67.07
N GLU Y 16 12.49 -47.65 -66.85
CA GLU Y 16 11.29 -46.92 -66.54
C GLU Y 16 11.50 -45.95 -65.39
N ARG Y 17 12.21 -46.41 -64.36
CA ARG Y 17 12.48 -45.54 -63.21
C ARG Y 17 13.14 -44.26 -63.69
N GLY Y 18 14.15 -44.43 -64.56
CA GLY Y 18 14.85 -43.29 -65.09
C GLY Y 18 13.91 -42.40 -65.88
N VAL Y 19 13.16 -43.02 -66.78
CA VAL Y 19 12.22 -42.26 -67.60
C VAL Y 19 11.36 -41.39 -66.72
N ASN Y 20 10.76 -42.00 -65.71
CA ASN Y 20 9.89 -41.25 -64.82
C ASN Y 20 10.61 -40.16 -64.04
N ALA Y 21 11.83 -40.48 -63.60
CA ALA Y 21 12.65 -39.52 -62.85
C ALA Y 21 12.65 -38.18 -63.58
N VAL Y 22 13.05 -38.21 -64.84
CA VAL Y 22 13.12 -37.00 -65.67
C VAL Y 22 11.74 -36.44 -65.92
N ALA Y 23 10.87 -37.29 -66.47
CA ALA Y 23 9.53 -36.89 -66.81
C ALA Y 23 8.80 -36.13 -65.72
N ASN Y 24 8.95 -36.59 -64.46
CA ASN Y 24 8.25 -35.93 -63.37
C ASN Y 24 8.83 -34.60 -62.96
N ALA Y 25 10.12 -34.40 -63.25
CA ALA Y 25 10.76 -33.14 -62.92
C ALA Y 25 10.28 -32.13 -63.96
N VAL Y 26 10.12 -32.62 -65.19
CA VAL Y 26 9.66 -31.81 -66.31
C VAL Y 26 8.18 -31.39 -66.26
N LYS Y 27 7.29 -32.39 -66.22
CA LYS Y 27 5.84 -32.14 -66.24
C LYS Y 27 5.33 -31.06 -65.30
N VAL Y 28 6.10 -30.77 -64.25
CA VAL Y 28 5.74 -29.74 -63.28
C VAL Y 28 5.52 -28.37 -63.93
N THR Y 29 6.02 -28.19 -65.16
CA THR Y 29 5.93 -26.93 -65.88
C THR Y 29 4.75 -26.81 -66.84
N LEU Y 30 4.37 -27.95 -67.43
CA LEU Y 30 3.28 -28.01 -68.40
C LEU Y 30 2.06 -27.16 -68.15
N GLY Y 31 1.61 -26.48 -69.20
CA GLY Y 31 0.42 -25.66 -69.10
C GLY Y 31 0.56 -24.28 -68.50
N PRO Y 32 -0.52 -23.48 -68.51
CA PRO Y 32 -0.59 -22.12 -67.97
C PRO Y 32 -0.40 -22.02 -66.48
N ARG Y 33 -0.80 -23.06 -65.75
CA ARG Y 33 -0.64 -23.02 -64.30
C ARG Y 33 0.66 -23.70 -63.91
N GLY Y 34 1.38 -24.21 -64.91
CA GLY Y 34 2.66 -24.87 -64.68
C GLY Y 34 3.57 -23.99 -63.83
N ARG Y 35 4.47 -24.61 -63.10
CA ARG Y 35 5.37 -23.86 -62.24
C ARG Y 35 6.79 -24.01 -62.74
N ASN Y 36 7.73 -23.37 -62.04
CA ASN Y 36 9.12 -23.42 -62.45
C ASN Y 36 10.02 -24.38 -61.72
N VAL Y 37 11.02 -24.87 -62.45
CA VAL Y 37 12.01 -25.76 -61.87
C VAL Y 37 13.24 -24.88 -61.64
N VAL Y 38 14.04 -25.20 -60.63
CA VAL Y 38 15.24 -24.42 -60.33
C VAL Y 38 16.46 -25.28 -60.60
N LEU Y 39 17.23 -24.89 -61.62
CA LEU Y 39 18.43 -25.64 -62.00
C LEU Y 39 19.68 -24.99 -61.43
N GLU Y 40 20.44 -25.77 -60.65
CA GLU Y 40 21.65 -25.25 -60.02
C GLU Y 40 22.74 -25.09 -61.05
N LYS Y 41 23.39 -23.92 -61.03
CA LYS Y 41 24.49 -23.64 -61.94
C LYS Y 41 25.81 -23.69 -61.18
N LYS Y 42 26.85 -24.16 -61.86
CA LYS Y 42 28.19 -24.29 -61.27
C LYS Y 42 28.73 -23.08 -60.53
N PHE Y 43 28.46 -21.88 -61.01
CA PHE Y 43 29.00 -20.70 -60.34
C PHE Y 43 28.03 -19.62 -59.92
N GLY Y 44 27.33 -19.03 -60.89
CA GLY Y 44 26.42 -17.95 -60.58
C GLY Y 44 25.15 -18.36 -59.86
N SER Y 45 24.12 -17.53 -59.97
CA SER Y 45 22.84 -17.86 -59.37
C SER Y 45 22.29 -18.98 -60.25
N PRO Y 46 21.19 -19.63 -59.83
CA PRO Y 46 20.68 -20.71 -60.67
C PRO Y 46 19.83 -20.23 -61.83
N THR Y 47 19.32 -21.20 -62.57
CA THR Y 47 18.45 -20.95 -63.71
C THR Y 47 17.03 -21.29 -63.23
N ILE Y 48 16.10 -20.36 -63.40
CA ILE Y 48 14.71 -20.61 -63.00
C ILE Y 48 13.86 -20.62 -64.25
N THR Y 49 13.63 -21.81 -64.80
CA THR Y 49 12.86 -21.99 -66.02
C THR Y 49 11.47 -22.60 -65.89
N LYS Y 50 10.85 -22.78 -67.05
CA LYS Y 50 9.54 -23.41 -67.19
C LYS Y 50 9.65 -24.17 -68.52
N ASP Y 51 10.88 -24.34 -68.96
CA ASP Y 51 11.16 -24.98 -70.23
C ASP Y 51 11.56 -26.43 -70.08
N GLY Y 52 10.83 -27.29 -70.78
CA GLY Y 52 11.11 -28.71 -70.72
C GLY Y 52 12.56 -29.10 -70.91
N VAL Y 53 13.02 -29.10 -72.16
CA VAL Y 53 14.40 -29.49 -72.47
C VAL Y 53 15.44 -28.92 -71.53
N THR Y 54 15.29 -27.65 -71.17
CA THR Y 54 16.26 -27.03 -70.26
C THR Y 54 16.40 -27.88 -68.99
N VAL Y 55 15.27 -28.18 -68.37
CA VAL Y 55 15.26 -29.01 -67.18
C VAL Y 55 15.75 -30.41 -67.51
N ALA Y 56 15.07 -31.04 -68.47
CA ALA Y 56 15.42 -32.39 -68.88
C ALA Y 56 16.90 -32.62 -69.04
N LYS Y 57 17.57 -31.66 -69.69
CA LYS Y 57 18.99 -31.77 -69.95
C LYS Y 57 19.87 -31.76 -68.71
N GLU Y 58 19.43 -31.10 -67.65
CA GLU Y 58 20.19 -31.05 -66.40
C GLU Y 58 20.11 -32.33 -65.56
N VAL Y 59 19.12 -33.18 -65.83
CA VAL Y 59 18.95 -34.40 -65.07
C VAL Y 59 19.96 -35.48 -65.39
N GLU Y 60 20.65 -35.93 -64.36
CA GLU Y 60 21.67 -36.98 -64.50
C GLU Y 60 21.49 -37.89 -63.28
N LEU Y 61 21.15 -39.15 -63.52
CA LEU Y 61 20.93 -40.10 -62.43
C LEU Y 61 22.15 -40.91 -62.06
N GLU Y 62 22.29 -41.22 -60.77
CA GLU Y 62 23.44 -41.97 -60.28
C GLU Y 62 23.47 -43.43 -60.70
N ASP Y 63 22.31 -44.05 -60.82
CA ASP Y 63 22.27 -45.45 -61.21
C ASP Y 63 22.36 -45.58 -62.72
N HIS Y 64 23.36 -46.34 -63.17
CA HIS Y 64 23.54 -46.52 -64.61
C HIS Y 64 22.29 -46.84 -65.40
N LEU Y 65 21.62 -47.95 -65.11
CA LEU Y 65 20.42 -48.27 -65.88
C LEU Y 65 19.34 -47.19 -65.79
N GLU Y 66 19.08 -46.69 -64.60
CA GLU Y 66 18.04 -45.68 -64.46
C GLU Y 66 18.40 -44.45 -65.28
N ASN Y 67 19.69 -44.17 -65.36
CA ASN Y 67 20.18 -43.01 -66.10
C ASN Y 67 19.93 -43.19 -67.60
N ILE Y 68 20.25 -44.38 -68.11
CA ILE Y 68 20.04 -44.69 -69.52
C ILE Y 68 18.62 -44.31 -69.88
N GLY Y 69 17.70 -44.61 -68.97
CA GLY Y 69 16.32 -44.26 -69.23
C GLY Y 69 16.18 -42.75 -69.25
N ALA Y 70 16.80 -42.08 -68.28
CA ALA Y 70 16.70 -40.64 -68.20
C ALA Y 70 17.17 -40.01 -69.51
N GLN Y 71 18.21 -40.61 -70.10
CA GLN Y 71 18.76 -40.10 -71.35
C GLN Y 71 17.74 -40.22 -72.47
N LEU Y 72 17.32 -41.45 -72.75
CA LEU Y 72 16.34 -41.72 -73.79
C LEU Y 72 15.19 -40.72 -73.73
N LEU Y 73 14.77 -40.35 -72.53
CA LEU Y 73 13.67 -39.39 -72.43
C LEU Y 73 14.15 -38.01 -72.82
N LYS Y 74 15.38 -37.67 -72.43
CA LYS Y 74 15.94 -36.36 -72.76
C LYS Y 74 15.94 -36.19 -74.27
N GLU Y 75 16.32 -37.26 -74.97
CA GLU Y 75 16.36 -37.24 -76.43
C GLU Y 75 15.00 -36.83 -76.99
N VAL Y 76 13.94 -37.44 -76.47
CA VAL Y 76 12.60 -37.08 -76.92
C VAL Y 76 12.43 -35.56 -76.77
N ALA Y 77 12.89 -35.03 -75.64
CA ALA Y 77 12.75 -33.61 -75.35
C ALA Y 77 13.48 -32.71 -76.33
N SER Y 78 14.79 -32.97 -76.49
CA SER Y 78 15.61 -32.15 -77.38
C SER Y 78 15.25 -32.26 -78.86
N LYS Y 79 15.19 -33.48 -79.40
CA LYS Y 79 14.86 -33.67 -80.81
C LYS Y 79 13.58 -32.91 -81.16
N THR Y 80 12.75 -32.67 -80.16
CA THR Y 80 11.50 -31.93 -80.36
C THR Y 80 11.79 -30.44 -80.36
N ASN Y 81 12.78 -30.05 -79.56
CA ASN Y 81 13.19 -28.67 -79.45
C ASN Y 81 13.90 -28.29 -80.75
N ASP Y 82 14.63 -29.26 -81.31
CA ASP Y 82 15.35 -29.04 -82.55
C ASP Y 82 14.38 -28.85 -83.70
N VAL Y 83 13.40 -29.76 -83.79
CA VAL Y 83 12.41 -29.74 -84.85
C VAL Y 83 11.32 -28.69 -84.74
N ALA Y 84 11.12 -28.12 -83.54
CA ALA Y 84 10.05 -27.12 -83.41
C ALA Y 84 10.32 -25.99 -82.41
N GLY Y 85 11.28 -26.21 -81.52
CA GLY Y 85 11.64 -25.18 -80.55
C GLY Y 85 10.66 -24.97 -79.42
N ASP Y 86 9.52 -25.66 -79.49
CA ASP Y 86 8.48 -25.58 -78.47
C ASP Y 86 7.78 -26.94 -78.36
N GLY Y 87 7.04 -27.14 -77.26
CA GLY Y 87 6.33 -28.39 -77.04
C GLY Y 87 7.19 -29.52 -76.49
N THR Y 88 8.29 -29.16 -75.83
CA THR Y 88 9.19 -30.16 -75.27
C THR Y 88 8.54 -30.91 -74.12
N THR Y 89 7.90 -30.17 -73.22
CA THR Y 89 7.23 -30.77 -72.08
C THR Y 89 6.21 -31.80 -72.58
N THR Y 90 5.33 -31.34 -73.48
CA THR Y 90 4.31 -32.18 -74.10
C THR Y 90 4.86 -33.50 -74.64
N ALA Y 91 6.02 -33.44 -75.28
CA ALA Y 91 6.61 -34.64 -75.84
C ALA Y 91 7.06 -35.58 -74.72
N THR Y 92 7.56 -35.00 -73.63
CA THR Y 92 8.05 -35.78 -72.48
C THR Y 92 6.90 -36.59 -71.93
N VAL Y 93 5.85 -35.87 -71.55
CA VAL Y 93 4.66 -36.46 -71.00
C VAL Y 93 4.19 -37.62 -71.87
N LEU Y 94 3.93 -37.35 -73.14
CA LEU Y 94 3.48 -38.38 -74.07
C LEU Y 94 4.41 -39.58 -74.08
N ALA Y 95 5.70 -39.34 -73.81
CA ALA Y 95 6.66 -40.42 -73.84
C ALA Y 95 6.49 -41.29 -72.59
N GLN Y 96 6.38 -40.63 -71.45
CA GLN Y 96 6.21 -41.30 -70.17
C GLN Y 96 4.97 -42.19 -70.26
N ALA Y 97 3.86 -41.58 -70.69
CA ALA Y 97 2.59 -42.27 -70.86
C ALA Y 97 2.75 -43.53 -71.70
N ILE Y 98 3.32 -43.37 -72.89
CA ILE Y 98 3.52 -44.51 -73.77
C ILE Y 98 4.38 -45.59 -73.11
N VAL Y 99 5.38 -45.17 -72.35
CA VAL Y 99 6.27 -46.14 -71.72
C VAL Y 99 5.60 -46.97 -70.63
N ARG Y 100 4.82 -46.33 -69.77
CA ARG Y 100 4.19 -47.11 -68.72
C ARG Y 100 3.11 -48.03 -69.27
N GLU Y 101 2.09 -47.44 -69.88
CA GLU Y 101 1.00 -48.21 -70.44
C GLU Y 101 1.55 -49.33 -71.32
N GLY Y 102 2.69 -49.07 -71.94
CA GLY Y 102 3.29 -50.06 -72.80
C GLY Y 102 4.06 -51.13 -72.03
N LEU Y 103 4.89 -50.71 -71.09
CA LEU Y 103 5.68 -51.66 -70.30
C LEU Y 103 4.76 -52.62 -69.56
N LYS Y 104 3.59 -52.10 -69.18
CA LYS Y 104 2.58 -52.89 -68.48
C LYS Y 104 2.21 -54.05 -69.40
N ASN Y 105 1.75 -53.72 -70.60
CA ASN Y 105 1.36 -54.71 -71.59
C ASN Y 105 2.47 -55.70 -71.90
N VAL Y 106 3.72 -55.27 -71.78
CA VAL Y 106 4.82 -56.18 -72.07
C VAL Y 106 4.92 -57.20 -70.95
N ALA Y 107 4.69 -56.74 -69.73
CA ALA Y 107 4.73 -57.61 -68.56
C ALA Y 107 3.58 -58.61 -68.67
N ALA Y 108 2.48 -58.16 -69.26
CA ALA Y 108 1.30 -58.99 -69.46
C ALA Y 108 1.53 -60.01 -70.59
N GLY Y 109 2.75 -60.07 -71.12
CA GLY Y 109 3.07 -61.01 -72.17
C GLY Y 109 2.98 -60.56 -73.62
N ALA Y 110 2.56 -59.32 -73.85
CA ALA Y 110 2.43 -58.80 -75.22
C ALA Y 110 3.77 -58.78 -75.98
N ASN Y 111 3.71 -59.01 -77.29
CA ASN Y 111 4.91 -58.98 -78.12
C ASN Y 111 5.22 -57.50 -78.40
N PRO Y 112 6.37 -57.02 -77.91
CA PRO Y 112 6.74 -55.62 -78.11
C PRO Y 112 6.81 -55.19 -79.58
N LEU Y 113 7.36 -56.06 -80.44
CA LEU Y 113 7.47 -55.72 -81.84
C LEU Y 113 6.09 -55.32 -82.38
N ALA Y 114 5.07 -56.15 -82.14
CA ALA Y 114 3.71 -55.87 -82.59
C ALA Y 114 3.20 -54.59 -81.94
N LEU Y 115 3.52 -54.40 -80.67
CA LEU Y 115 3.10 -53.21 -79.94
C LEU Y 115 3.61 -51.98 -80.69
N LYS Y 116 4.84 -52.10 -81.20
CA LYS Y 116 5.48 -51.01 -81.93
C LYS Y 116 4.68 -50.68 -83.18
N ARG Y 117 4.50 -51.68 -84.05
CA ARG Y 117 3.73 -51.54 -85.29
C ARG Y 117 2.41 -50.84 -85.01
N GLY Y 118 1.73 -51.28 -83.96
CA GLY Y 118 0.46 -50.68 -83.59
C GLY Y 118 0.61 -49.22 -83.21
N ILE Y 119 1.66 -48.94 -82.42
CA ILE Y 119 1.92 -47.57 -81.98
C ILE Y 119 2.14 -46.70 -83.20
N GLU Y 120 2.98 -47.19 -84.11
CA GLU Y 120 3.30 -46.48 -85.35
C GLU Y 120 2.03 -46.15 -86.12
N LYS Y 121 1.27 -47.18 -86.46
CA LYS Y 121 0.02 -47.00 -87.20
C LYS Y 121 -0.86 -46.01 -86.46
N ALA Y 122 -0.97 -46.20 -85.15
CA ALA Y 122 -1.80 -45.31 -84.33
C ALA Y 122 -1.38 -43.86 -84.44
N VAL Y 123 -0.06 -43.62 -84.43
CA VAL Y 123 0.48 -42.27 -84.53
C VAL Y 123 0.17 -41.65 -85.88
N GLU Y 124 0.36 -42.44 -86.95
CA GLU Y 124 0.08 -41.97 -88.30
C GLU Y 124 -1.35 -41.43 -88.33
N ALA Y 125 -2.30 -42.28 -87.97
CA ALA Y 125 -3.69 -41.89 -87.93
C ALA Y 125 -3.85 -40.62 -87.11
N ALA Y 126 -3.14 -40.55 -85.99
CA ALA Y 126 -3.21 -39.39 -85.11
C ALA Y 126 -2.68 -38.13 -85.78
N VAL Y 127 -1.53 -38.26 -86.45
CA VAL Y 127 -0.94 -37.14 -87.13
C VAL Y 127 -1.89 -36.62 -88.21
N GLU Y 128 -2.38 -37.55 -89.02
CA GLU Y 128 -3.31 -37.22 -90.10
C GLU Y 128 -4.47 -36.36 -89.59
N LYS Y 129 -4.97 -36.70 -88.42
CA LYS Y 129 -6.07 -35.97 -87.83
C LYS Y 129 -5.61 -34.59 -87.38
N ILE Y 130 -4.33 -34.47 -87.02
CA ILE Y 130 -3.80 -33.19 -86.56
C ILE Y 130 -3.87 -32.23 -87.73
N LYS Y 131 -3.35 -32.69 -88.86
CA LYS Y 131 -3.32 -31.93 -90.10
C LYS Y 131 -4.74 -31.55 -90.42
N ALA Y 132 -5.60 -32.56 -90.47
CA ALA Y 132 -7.01 -32.38 -90.77
C ALA Y 132 -7.67 -31.22 -90.02
N LEU Y 133 -7.20 -30.93 -88.81
CA LEU Y 133 -7.78 -29.86 -88.00
C LEU Y 133 -6.97 -28.58 -88.05
N ALA Y 134 -5.86 -28.61 -88.80
CA ALA Y 134 -4.99 -27.45 -88.92
C ALA Y 134 -5.64 -26.31 -89.67
N ILE Y 135 -5.36 -25.11 -89.18
CA ILE Y 135 -5.90 -23.91 -89.78
C ILE Y 135 -4.72 -22.99 -90.11
N PRO Y 136 -4.64 -22.52 -91.36
CA PRO Y 136 -3.54 -21.62 -91.74
C PRO Y 136 -3.62 -20.28 -90.99
N VAL Y 137 -2.45 -19.77 -90.58
CA VAL Y 137 -2.39 -18.50 -89.85
C VAL Y 137 -2.60 -17.43 -90.91
N GLU Y 138 -3.54 -16.52 -90.70
CA GLU Y 138 -3.76 -15.51 -91.72
C GLU Y 138 -3.93 -14.08 -91.25
N ASP Y 139 -3.54 -13.78 -90.02
CA ASP Y 139 -3.70 -12.41 -89.56
C ASP Y 139 -3.02 -12.10 -88.24
N ARG Y 140 -3.01 -10.81 -87.91
CA ARG Y 140 -2.38 -10.31 -86.70
C ARG Y 140 -2.88 -11.01 -85.43
N LYS Y 141 -4.17 -11.29 -85.38
CA LYS Y 141 -4.77 -11.97 -84.23
C LYS Y 141 -4.24 -13.41 -84.13
N ALA Y 142 -4.46 -14.20 -85.19
CA ALA Y 142 -4.02 -15.59 -85.22
C ALA Y 142 -2.62 -15.74 -84.69
N ILE Y 143 -1.77 -14.74 -84.93
CA ILE Y 143 -0.40 -14.82 -84.44
C ILE Y 143 -0.30 -14.36 -83.00
N GLU Y 144 -0.94 -13.25 -82.66
CA GLU Y 144 -0.90 -12.77 -81.29
C GLU Y 144 -1.29 -13.89 -80.34
N GLU Y 145 -2.23 -14.73 -80.76
CA GLU Y 145 -2.67 -15.84 -79.93
C GLU Y 145 -1.53 -16.85 -79.77
N VAL Y 146 -1.16 -17.53 -80.85
CA VAL Y 146 -0.08 -18.51 -80.81
C VAL Y 146 1.04 -18.04 -79.89
N ALA Y 147 1.45 -16.78 -80.06
CA ALA Y 147 2.52 -16.21 -79.26
C ALA Y 147 2.14 -16.07 -77.79
N THR Y 148 0.98 -15.45 -77.52
CA THR Y 148 0.53 -15.27 -76.14
C THR Y 148 0.52 -16.58 -75.40
N ILE Y 149 0.14 -17.66 -76.07
CA ILE Y 149 0.11 -18.95 -75.44
C ILE Y 149 1.52 -19.46 -75.18
N SER Y 150 2.25 -19.75 -76.25
CA SER Y 150 3.62 -20.26 -76.11
C SER Y 150 4.46 -19.55 -75.03
N ALA Y 151 4.22 -18.25 -74.88
CA ALA Y 151 4.95 -17.45 -73.89
C ALA Y 151 4.20 -17.36 -72.59
N ASN Y 152 2.92 -17.71 -72.64
CA ASN Y 152 2.08 -17.65 -71.46
C ASN Y 152 2.08 -16.22 -70.93
N ASP Y 153 1.92 -15.26 -71.84
CA ASP Y 153 1.88 -13.85 -71.51
C ASP Y 153 1.26 -13.07 -72.67
N PRO Y 154 0.25 -12.23 -72.39
CA PRO Y 154 -0.42 -11.44 -73.43
C PRO Y 154 0.53 -10.42 -74.06
N GLU Y 155 1.26 -9.71 -73.21
CA GLU Y 155 2.20 -8.69 -73.68
C GLU Y 155 3.17 -9.25 -74.70
N VAL Y 156 3.83 -10.36 -74.36
CA VAL Y 156 4.77 -10.98 -75.28
C VAL Y 156 4.09 -11.32 -76.60
N GLY Y 157 2.91 -11.90 -76.51
CA GLY Y 157 2.18 -12.26 -77.72
C GLY Y 157 1.83 -11.02 -78.52
N LYS Y 158 1.73 -9.87 -77.87
CA LYS Y 158 1.39 -8.62 -78.56
C LYS Y 158 2.57 -8.15 -79.41
N LEU Y 159 3.67 -7.80 -78.75
CA LEU Y 159 4.87 -7.35 -79.45
C LEU Y 159 5.22 -8.29 -80.60
N ILE Y 160 5.19 -9.59 -80.36
CA ILE Y 160 5.51 -10.55 -81.42
C ILE Y 160 4.58 -10.36 -82.60
N ALA Y 161 3.32 -10.07 -82.31
CA ALA Y 161 2.34 -9.84 -83.37
C ALA Y 161 2.62 -8.50 -84.03
N ASP Y 162 2.77 -7.45 -83.23
CA ASP Y 162 3.08 -6.14 -83.76
C ASP Y 162 4.27 -6.22 -84.72
N ALA Y 163 5.39 -6.70 -84.22
CA ALA Y 163 6.59 -6.84 -85.03
C ALA Y 163 6.32 -7.71 -86.25
N MET Y 164 5.91 -8.96 -86.02
CA MET Y 164 5.62 -9.88 -87.12
C MET Y 164 4.82 -9.24 -88.23
N GLU Y 165 3.83 -8.44 -87.84
CA GLU Y 165 2.97 -7.74 -88.80
C GLU Y 165 3.70 -6.74 -89.67
N LYS Y 166 4.40 -5.80 -89.02
CA LYS Y 166 5.14 -4.75 -89.72
C LYS Y 166 6.53 -5.19 -90.18
N VAL Y 167 6.66 -6.47 -90.58
CA VAL Y 167 7.92 -7.01 -91.07
C VAL Y 167 7.61 -8.19 -91.99
N GLY Y 168 6.31 -8.44 -92.17
CA GLY Y 168 5.87 -9.53 -93.03
C GLY Y 168 6.34 -10.88 -92.54
N LYS Y 169 5.63 -11.94 -92.90
CA LYS Y 169 5.98 -13.28 -92.45
C LYS Y 169 7.37 -13.73 -92.91
N GLU Y 170 7.90 -13.05 -93.91
CA GLU Y 170 9.23 -13.40 -94.40
C GLU Y 170 10.28 -12.50 -93.75
N GLY Y 171 9.82 -11.64 -92.84
CA GLY Y 171 10.74 -10.75 -92.17
C GLY Y 171 11.67 -11.40 -91.14
N ILE Y 172 12.17 -10.59 -90.21
CA ILE Y 172 13.07 -11.08 -89.20
C ILE Y 172 12.92 -10.34 -87.88
N ILE Y 173 12.75 -11.12 -86.81
CA ILE Y 173 12.62 -10.57 -85.48
C ILE Y 173 13.76 -11.05 -84.62
N THR Y 174 14.25 -10.16 -83.75
CA THR Y 174 15.38 -10.48 -82.89
C THR Y 174 15.15 -10.13 -81.44
N VAL Y 175 15.66 -10.99 -80.56
CA VAL Y 175 15.53 -10.76 -79.13
C VAL Y 175 16.84 -10.27 -78.52
N GLU Y 176 16.81 -9.06 -77.99
CA GLU Y 176 17.99 -8.47 -77.39
C GLU Y 176 17.73 -8.03 -75.97
N GLU Y 177 18.83 -7.89 -75.25
CA GLU Y 177 18.84 -7.51 -73.86
C GLU Y 177 18.79 -6.00 -73.63
N SER Y 178 17.59 -5.45 -73.48
CA SER Y 178 17.42 -4.01 -73.23
C SER Y 178 18.20 -3.63 -71.99
N LYS Y 179 18.14 -2.36 -71.62
CA LYS Y 179 18.86 -1.91 -70.44
C LYS Y 179 17.92 -1.36 -69.39
N SER Y 180 16.76 -0.88 -69.82
CA SER Y 180 15.77 -0.33 -68.89
C SER Y 180 14.97 -1.51 -68.33
N LEU Y 181 14.11 -1.23 -67.37
CA LEU Y 181 13.29 -2.28 -66.78
C LEU Y 181 12.23 -2.68 -67.78
N GLU Y 182 11.96 -1.79 -68.74
CA GLU Y 182 10.94 -2.06 -69.72
C GLU Y 182 11.43 -2.65 -71.03
N THR Y 183 10.57 -3.44 -71.66
CA THR Y 183 10.85 -4.08 -72.94
C THR Y 183 10.40 -3.14 -74.03
N GLU Y 184 11.17 -3.07 -75.12
CA GLU Y 184 10.85 -2.20 -76.24
C GLU Y 184 10.97 -2.91 -77.58
N LEU Y 185 10.05 -2.56 -78.49
CA LEU Y 185 10.04 -3.12 -79.84
C LEU Y 185 10.49 -2.00 -80.75
N LYS Y 186 11.50 -2.28 -81.56
CA LYS Y 186 12.02 -1.27 -82.46
C LYS Y 186 12.36 -1.87 -83.82
N PHE Y 187 12.09 -1.12 -84.88
CA PHE Y 187 12.38 -1.56 -86.24
C PHE Y 187 13.62 -0.88 -86.79
N VAL Y 188 14.29 -1.56 -87.71
CA VAL Y 188 15.48 -1.01 -88.33
C VAL Y 188 15.11 -0.46 -89.71
N GLU Y 189 15.20 0.87 -89.83
CA GLU Y 189 14.89 1.65 -91.04
C GLU Y 189 15.91 1.55 -92.16
N GLY Y 190 15.49 1.12 -93.33
CA GLY Y 190 16.43 1.01 -94.43
C GLY Y 190 17.34 -0.18 -94.23
N TYR Y 191 18.52 -0.11 -94.83
CA TYR Y 191 19.48 -1.19 -94.75
C TYR Y 191 20.53 -0.87 -93.70
N GLN Y 192 21.01 -1.88 -92.98
CA GLN Y 192 22.03 -1.65 -91.97
C GLN Y 192 22.76 -2.94 -91.62
N PHE Y 193 23.99 -2.79 -91.16
CA PHE Y 193 24.82 -3.91 -90.76
C PHE Y 193 25.63 -3.51 -89.52
N ASP Y 194 26.18 -4.51 -88.84
CA ASP Y 194 26.92 -4.28 -87.61
C ASP Y 194 28.40 -3.94 -87.79
N LYS Y 195 28.65 -2.79 -88.40
CA LYS Y 195 30.00 -2.28 -88.64
C LYS Y 195 29.89 -0.77 -88.50
N GLY Y 196 30.84 -0.17 -87.77
CA GLY Y 196 30.81 1.26 -87.57
C GLY Y 196 31.93 1.99 -88.27
N TYR Y 197 32.12 3.26 -87.91
CA TYR Y 197 33.17 4.06 -88.50
C TYR Y 197 34.56 3.53 -88.16
N ILE Y 198 35.35 3.26 -89.19
CA ILE Y 198 36.70 2.71 -89.02
C ILE Y 198 37.64 3.64 -88.26
N SER Y 199 37.19 4.87 -88.02
CA SER Y 199 37.98 5.85 -87.28
C SER Y 199 37.09 6.88 -86.61
N PRO Y 200 37.24 7.06 -85.30
CA PRO Y 200 36.43 8.01 -84.54
C PRO Y 200 36.42 9.44 -85.10
N TYR Y 201 37.37 9.77 -85.97
CA TYR Y 201 37.45 11.11 -86.54
C TYR Y 201 36.31 11.44 -87.50
N PHE Y 202 35.71 10.40 -88.06
CA PHE Y 202 34.60 10.55 -89.00
C PHE Y 202 33.35 11.09 -88.34
N VAL Y 203 33.30 11.04 -87.01
CA VAL Y 203 32.15 11.51 -86.23
C VAL Y 203 31.61 12.90 -86.58
N THR Y 204 30.30 12.96 -86.85
CA THR Y 204 29.61 14.20 -87.19
C THR Y 204 29.01 14.87 -85.96
N ASN Y 205 28.48 14.07 -85.05
CA ASN Y 205 27.87 14.59 -83.83
C ASN Y 205 28.72 14.23 -82.61
N PRO Y 206 29.12 15.25 -81.82
CA PRO Y 206 29.93 15.06 -80.61
C PRO Y 206 29.12 14.59 -79.40
N GLU Y 207 27.80 14.76 -79.49
CA GLU Y 207 26.91 14.37 -78.41
C GLU Y 207 26.33 12.96 -78.62
N THR Y 208 26.34 12.50 -79.87
CA THR Y 208 25.79 11.18 -80.20
C THR Y 208 26.82 10.17 -80.74
N MET Y 209 28.06 10.60 -80.92
CA MET Y 209 29.13 9.74 -81.42
C MET Y 209 28.70 9.08 -82.73
N GLU Y 210 27.91 9.82 -83.50
CA GLU Y 210 27.42 9.34 -84.78
C GLU Y 210 28.07 10.07 -85.94
N ALA Y 211 27.99 9.44 -87.10
CA ALA Y 211 28.53 10.00 -88.32
C ALA Y 211 27.33 10.14 -89.23
N VAL Y 212 26.75 11.33 -89.27
CA VAL Y 212 25.58 11.58 -90.11
C VAL Y 212 25.95 12.26 -91.42
N LEU Y 213 25.70 11.58 -92.53
CA LEU Y 213 26.00 12.14 -93.86
C LEU Y 213 24.68 12.34 -94.56
N GLU Y 214 24.38 13.59 -94.92
CA GLU Y 214 23.12 13.91 -95.61
C GLU Y 214 23.24 13.81 -97.13
N ASP Y 215 22.36 13.03 -97.75
CA ASP Y 215 22.35 12.84 -99.20
C ASP Y 215 23.79 12.63 -99.68
N ALA Y 216 24.30 11.42 -99.53
CA ALA Y 216 25.67 11.13 -99.93
C ALA Y 216 25.84 10.09 -101.03
N PHE Y 217 27.10 9.82 -101.34
CA PHE Y 217 27.47 8.83 -102.36
C PHE Y 217 28.09 7.63 -101.66
N ILE Y 218 27.76 6.43 -102.13
CA ILE Y 218 28.31 5.24 -101.53
C ILE Y 218 29.31 4.60 -102.46
N LEU Y 219 30.53 4.43 -101.97
CA LEU Y 219 31.58 3.80 -102.77
C LEU Y 219 31.70 2.34 -102.30
N ILE Y 220 31.14 1.43 -103.08
CA ILE Y 220 31.16 0.01 -102.74
C ILE Y 220 32.36 -0.70 -103.35
N VAL Y 221 33.40 -0.87 -102.54
CA VAL Y 221 34.62 -1.52 -103.00
C VAL Y 221 34.82 -2.90 -102.39
N GLU Y 222 34.87 -3.93 -103.23
CA GLU Y 222 35.06 -5.28 -102.71
C GLU Y 222 36.40 -5.44 -102.03
N LYS Y 223 37.48 -5.22 -102.80
CA LYS Y 223 38.84 -5.34 -102.27
C LYS Y 223 39.13 -4.31 -101.17
N LYS Y 224 40.30 -4.43 -100.55
CA LYS Y 224 40.71 -3.50 -99.50
C LYS Y 224 41.06 -2.14 -100.09
N VAL Y 225 41.58 -1.25 -99.24
CA VAL Y 225 41.96 0.08 -99.69
C VAL Y 225 43.07 0.67 -98.83
N SER Y 226 44.28 0.80 -99.38
CA SER Y 226 45.41 1.36 -98.63
C SER Y 226 46.24 2.36 -99.45
N ASN Y 227 46.03 2.37 -100.77
CA ASN Y 227 46.71 3.24 -101.73
C ASN Y 227 46.06 4.60 -101.97
N VAL Y 228 46.69 5.69 -101.54
CA VAL Y 228 46.06 7.00 -101.77
C VAL Y 228 45.72 7.17 -103.24
N ARG Y 229 46.61 6.71 -104.10
CA ARG Y 229 46.43 6.84 -105.53
C ARG Y 229 45.06 6.39 -106.03
N GLU Y 230 44.81 5.08 -106.03
CA GLU Y 230 43.55 4.54 -106.49
C GLU Y 230 42.32 5.34 -106.07
N LEU Y 231 42.35 5.85 -104.84
CA LEU Y 231 41.21 6.63 -104.33
C LEU Y 231 41.05 7.98 -104.98
N LEU Y 232 42.11 8.76 -104.92
CA LEU Y 232 42.14 10.11 -105.47
C LEU Y 232 41.21 10.38 -106.65
N PRO Y 233 41.30 9.56 -107.72
CA PRO Y 233 40.40 9.84 -108.85
C PRO Y 233 38.92 10.08 -108.49
N ILE Y 234 38.28 9.18 -107.75
CA ILE Y 234 36.87 9.41 -107.40
C ILE Y 234 36.69 10.36 -106.24
N LEU Y 235 37.68 10.41 -105.36
CA LEU Y 235 37.62 11.33 -104.23
C LEU Y 235 37.46 12.73 -104.79
N GLU Y 236 38.15 12.98 -105.91
CA GLU Y 236 38.10 14.28 -106.58
C GLU Y 236 36.75 14.51 -107.24
N GLN Y 237 36.30 13.54 -108.04
CA GLN Y 237 35.01 13.67 -108.70
C GLN Y 237 33.93 13.97 -107.66
N VAL Y 238 34.04 13.30 -106.51
CA VAL Y 238 33.07 13.48 -105.43
C VAL Y 238 33.24 14.79 -104.68
N ALA Y 239 34.48 15.14 -104.36
CA ALA Y 239 34.78 16.38 -103.63
C ALA Y 239 34.24 17.60 -104.38
N GLN Y 240 34.12 17.45 -105.69
CA GLN Y 240 33.61 18.51 -106.55
C GLN Y 240 32.10 18.52 -106.62
N THR Y 241 31.47 17.43 -106.18
CA THR Y 241 30.00 17.33 -106.19
C THR Y 241 29.41 18.11 -105.00
N GLY Y 242 30.26 18.34 -103.99
CA GLY Y 242 29.83 19.06 -102.81
C GLY Y 242 29.04 18.15 -101.89
N LYS Y 243 28.93 16.87 -102.31
CA LYS Y 243 28.19 15.86 -101.57
C LYS Y 243 29.08 14.93 -100.76
N PRO Y 244 28.60 14.52 -99.59
CA PRO Y 244 29.32 13.62 -98.68
C PRO Y 244 29.58 12.26 -99.33
N LEU Y 245 30.42 11.45 -98.70
CA LEU Y 245 30.74 10.14 -99.24
C LEU Y 245 30.98 9.09 -98.16
N LEU Y 246 30.44 7.89 -98.43
CA LEU Y 246 30.58 6.74 -97.56
C LEU Y 246 31.33 5.66 -98.32
N ILE Y 247 32.47 5.26 -97.78
CA ILE Y 247 33.27 4.24 -98.44
C ILE Y 247 33.13 2.92 -97.72
N ILE Y 248 32.73 1.91 -98.49
CA ILE Y 248 32.55 0.58 -97.95
C ILE Y 248 33.53 -0.34 -98.66
N ALA Y 249 34.54 -0.79 -97.92
CA ALA Y 249 35.54 -1.69 -98.49
C ALA Y 249 35.97 -2.69 -97.43
N GLU Y 250 36.46 -3.84 -97.88
CA GLU Y 250 36.91 -4.91 -96.98
C GLU Y 250 37.57 -4.27 -95.76
N ASP Y 251 38.19 -3.12 -96.00
CA ASP Y 251 38.86 -2.36 -94.97
C ASP Y 251 39.49 -1.13 -95.62
N VAL Y 252 39.74 -0.11 -94.80
CA VAL Y 252 40.36 1.11 -95.27
C VAL Y 252 41.51 1.43 -94.31
N GLU Y 253 42.72 1.05 -94.72
CA GLU Y 253 43.92 1.23 -93.91
C GLU Y 253 45.03 2.11 -94.52
N GLY Y 254 46.19 2.09 -93.85
CA GLY Y 254 47.34 2.85 -94.30
C GLY Y 254 47.14 4.32 -94.60
N GLU Y 255 47.80 4.77 -95.67
CA GLU Y 255 47.75 6.15 -96.11
C GLU Y 255 46.39 6.52 -96.68
N ALA Y 256 45.71 5.53 -97.26
CA ALA Y 256 44.39 5.74 -97.83
C ALA Y 256 43.43 6.27 -96.77
N LEU Y 257 43.47 5.65 -95.60
CA LEU Y 257 42.61 6.07 -94.49
C LEU Y 257 43.06 7.43 -93.97
N ALA Y 258 44.37 7.58 -93.78
CA ALA Y 258 44.94 8.83 -93.29
C ALA Y 258 44.47 10.01 -94.14
N THR Y 259 44.33 9.77 -95.44
CA THR Y 259 43.88 10.81 -96.36
C THR Y 259 42.46 11.26 -96.00
N LEU Y 260 41.52 10.32 -96.11
CA LEU Y 260 40.12 10.58 -95.80
C LEU Y 260 39.94 11.31 -94.48
N VAL Y 261 40.71 10.89 -93.47
CA VAL Y 261 40.66 11.49 -92.15
C VAL Y 261 41.05 12.97 -92.20
N VAL Y 262 42.19 13.25 -92.83
CA VAL Y 262 42.70 14.61 -92.93
C VAL Y 262 41.78 15.51 -93.75
N ASN Y 263 41.25 15.00 -94.85
CA ASN Y 263 40.35 15.79 -95.68
C ASN Y 263 39.03 15.98 -94.96
N LYS Y 264 38.68 14.99 -94.14
CA LYS Y 264 37.46 15.01 -93.35
C LYS Y 264 37.58 16.13 -92.32
N LEU Y 265 38.66 16.07 -91.53
CA LEU Y 265 38.92 17.06 -90.49
C LEU Y 265 39.24 18.44 -91.08
N ARG Y 266 39.67 18.46 -92.34
CA ARG Y 266 40.02 19.70 -93.03
C ARG Y 266 38.78 20.47 -93.44
N GLY Y 267 37.87 19.77 -94.09
CA GLY Y 267 36.64 20.38 -94.57
C GLY Y 267 36.58 20.08 -96.06
N THR Y 268 37.71 19.56 -96.56
CA THR Y 268 37.87 19.20 -97.96
C THR Y 268 36.70 18.37 -98.42
N LEU Y 269 36.49 17.27 -97.72
CA LEU Y 269 35.43 16.34 -98.05
C LEU Y 269 34.90 15.71 -96.77
N SER Y 270 33.58 15.52 -96.70
CA SER Y 270 32.97 14.89 -95.55
C SER Y 270 32.79 13.43 -95.94
N VAL Y 271 33.53 12.55 -95.27
CA VAL Y 271 33.45 11.13 -95.56
C VAL Y 271 33.52 10.26 -94.32
N ALA Y 272 33.36 8.96 -94.56
CA ALA Y 272 33.40 7.98 -93.50
C ALA Y 272 33.64 6.62 -94.13
N ALA Y 273 34.51 5.85 -93.49
CA ALA Y 273 34.85 4.52 -93.97
C ALA Y 273 34.28 3.48 -93.01
N VAL Y 274 33.78 2.40 -93.58
CA VAL Y 274 33.19 1.32 -92.81
C VAL Y 274 33.53 0.01 -93.49
N LYS Y 275 33.87 -1.00 -92.68
CA LYS Y 275 34.21 -2.30 -93.22
C LYS Y 275 33.00 -3.00 -93.84
N ALA Y 276 33.26 -3.92 -94.77
CA ALA Y 276 32.21 -4.67 -95.45
C ALA Y 276 31.34 -5.38 -94.42
N PRO Y 277 30.08 -5.67 -94.77
CA PRO Y 277 29.21 -6.36 -93.82
C PRO Y 277 29.74 -7.74 -93.44
N GLY Y 278 29.19 -8.78 -94.06
CA GLY Y 278 29.62 -10.13 -93.73
C GLY Y 278 31.08 -10.53 -93.91
N PHE Y 279 31.27 -11.83 -94.16
CA PHE Y 279 32.58 -12.42 -94.39
C PHE Y 279 32.45 -13.34 -95.60
N GLY Y 280 33.49 -14.13 -95.87
CA GLY Y 280 33.45 -15.05 -97.00
C GLY Y 280 32.67 -14.52 -98.21
N ASP Y 281 32.03 -15.43 -98.94
CA ASP Y 281 31.27 -15.04 -100.13
C ASP Y 281 30.01 -14.30 -99.77
N ARG Y 282 29.82 -14.12 -98.48
CA ARG Y 282 28.63 -13.47 -98.02
C ARG Y 282 28.68 -11.95 -98.06
N ARG Y 283 29.77 -11.37 -97.59
CA ARG Y 283 29.89 -9.92 -97.62
C ARG Y 283 30.00 -9.52 -99.08
N LYS Y 284 30.38 -10.48 -99.91
CA LYS Y 284 30.48 -10.23 -101.35
C LYS Y 284 29.06 -10.08 -101.87
N GLU Y 285 28.25 -11.09 -101.57
CA GLU Y 285 26.85 -11.10 -101.99
C GLU Y 285 26.08 -9.97 -101.32
N MET Y 286 26.53 -9.57 -100.14
CA MET Y 286 25.89 -8.49 -99.38
C MET Y 286 26.23 -7.10 -99.92
N LEU Y 287 27.49 -6.90 -100.30
CA LEU Y 287 27.91 -5.62 -100.86
C LEU Y 287 26.99 -5.38 -102.05
N LYS Y 288 26.81 -6.46 -102.79
CA LYS Y 288 25.97 -6.54 -103.96
C LYS Y 288 24.56 -6.09 -103.62
N ASP Y 289 24.12 -6.51 -102.43
CA ASP Y 289 22.80 -6.19 -101.89
C ASP Y 289 22.76 -4.68 -101.62
N ILE Y 290 23.79 -4.21 -100.93
CA ILE Y 290 23.91 -2.79 -100.61
C ILE Y 290 23.87 -2.04 -101.93
N ALA Y 291 24.54 -2.59 -102.94
CA ALA Y 291 24.57 -1.98 -104.25
C ALA Y 291 23.14 -1.73 -104.69
N ALA Y 292 22.45 -2.82 -105.02
CA ALA Y 292 21.06 -2.76 -105.47
C ALA Y 292 20.16 -1.81 -104.67
N VAL Y 293 20.44 -1.67 -103.38
CA VAL Y 293 19.63 -0.79 -102.54
C VAL Y 293 19.96 0.68 -102.74
N THR Y 294 21.25 1.00 -102.87
CA THR Y 294 21.69 2.37 -103.07
C THR Y 294 21.68 2.75 -104.54
N GLY Y 295 21.84 1.75 -105.40
CA GLY Y 295 21.85 1.97 -106.84
C GLY Y 295 23.25 1.93 -107.43
N GLY Y 296 24.24 2.27 -106.61
CA GLY Y 296 25.63 2.26 -107.07
C GLY Y 296 26.10 0.95 -107.66
N THR Y 297 27.40 0.86 -107.88
CA THR Y 297 27.99 -0.35 -108.45
C THR Y 297 29.10 -0.91 -107.58
N VAL Y 298 29.22 -2.24 -107.59
CA VAL Y 298 30.23 -2.90 -106.79
C VAL Y 298 31.55 -2.97 -107.54
N ILE Y 299 32.58 -2.40 -106.93
CA ILE Y 299 33.90 -2.41 -107.53
C ILE Y 299 34.47 -3.80 -107.23
N SER Y 300 33.83 -4.79 -107.81
CA SER Y 300 34.20 -6.20 -107.65
C SER Y 300 35.53 -6.51 -108.28
N GLU Y 301 36.54 -6.79 -107.46
CA GLU Y 301 37.88 -7.08 -107.98
C GLU Y 301 37.87 -8.30 -108.91
N GLU Y 302 36.82 -9.11 -108.84
CA GLU Y 302 36.74 -10.29 -109.70
C GLU Y 302 35.71 -10.15 -110.82
N LEU Y 303 35.25 -8.92 -111.06
CA LEU Y 303 34.30 -8.65 -112.12
C LEU Y 303 35.07 -7.86 -113.18
N GLY Y 304 36.16 -7.23 -112.75
CA GLY Y 304 37.00 -6.45 -113.65
C GLY Y 304 36.87 -4.95 -113.49
N PHE Y 305 37.12 -4.45 -112.28
CA PHE Y 305 37.04 -3.02 -112.01
C PHE Y 305 38.23 -2.54 -111.20
N LYS Y 306 38.76 -1.38 -111.56
CA LYS Y 306 39.88 -0.80 -110.84
C LYS Y 306 39.38 0.40 -110.07
N LEU Y 307 39.66 0.45 -108.77
CA LEU Y 307 39.20 1.55 -107.95
C LEU Y 307 39.60 2.91 -108.54
N GLU Y 308 40.77 2.96 -109.16
CA GLU Y 308 41.25 4.19 -109.76
C GLU Y 308 40.33 4.65 -110.89
N ASN Y 309 39.78 3.69 -111.63
CA ASN Y 309 38.89 3.99 -112.76
C ASN Y 309 37.39 4.08 -112.38
N ALA Y 310 37.11 4.39 -111.12
CA ALA Y 310 35.72 4.49 -110.69
C ALA Y 310 35.13 5.82 -111.14
N THR Y 311 33.80 5.90 -111.13
CA THR Y 311 33.10 7.11 -111.57
C THR Y 311 31.93 7.45 -110.66
N LEU Y 312 31.49 8.71 -110.70
CA LEU Y 312 30.35 9.12 -109.89
C LEU Y 312 29.14 8.41 -110.45
N SER Y 313 29.28 7.91 -111.69
CA SER Y 313 28.21 7.21 -112.36
C SER Y 313 27.96 5.88 -111.66
N MET Y 314 29.02 5.21 -111.24
CA MET Y 314 28.88 3.92 -110.55
C MET Y 314 28.93 4.03 -109.03
N LEU Y 315 28.40 5.12 -108.48
CA LEU Y 315 28.37 5.31 -107.04
C LEU Y 315 26.99 5.09 -106.46
N GLY Y 316 26.95 4.68 -105.20
CA GLY Y 316 25.68 4.47 -104.53
C GLY Y 316 25.20 5.82 -104.04
N ARG Y 317 23.89 5.96 -103.87
CA ARG Y 317 23.34 7.22 -103.40
C ARG Y 317 22.21 6.95 -102.41
N ALA Y 318 22.17 7.72 -101.33
CA ALA Y 318 21.16 7.55 -100.29
C ALA Y 318 20.72 8.87 -99.66
N GLU Y 319 19.52 8.87 -99.11
CA GLU Y 319 18.96 10.07 -98.48
C GLU Y 319 19.67 10.42 -97.18
N ARG Y 320 20.29 9.42 -96.55
CA ARG Y 320 21.00 9.64 -95.30
C ARG Y 320 21.83 8.42 -94.88
N VAL Y 321 22.81 8.64 -94.01
CA VAL Y 321 23.66 7.56 -93.52
C VAL Y 321 24.18 7.83 -92.11
N ARG Y 322 23.81 6.93 -91.19
CA ARG Y 322 24.23 7.03 -89.79
C ARG Y 322 25.31 6.00 -89.49
N ILE Y 323 26.32 6.43 -88.75
CA ILE Y 323 27.41 5.55 -88.39
C ILE Y 323 27.78 5.69 -86.92
N THR Y 324 27.59 4.59 -86.19
CA THR Y 324 27.91 4.57 -84.78
C THR Y 324 29.21 3.82 -84.62
N LYS Y 325 29.77 3.88 -83.42
CA LYS Y 325 31.01 3.22 -83.11
C LYS Y 325 31.05 1.79 -83.67
N ASP Y 326 29.89 1.15 -83.82
CA ASP Y 326 29.85 -0.21 -84.33
C ASP Y 326 28.67 -0.56 -85.22
N GLU Y 327 27.98 0.46 -85.73
CA GLU Y 327 26.83 0.20 -86.59
C GLU Y 327 26.72 1.21 -87.73
N THR Y 328 26.15 0.76 -88.86
CA THR Y 328 25.96 1.61 -90.03
C THR Y 328 24.56 1.41 -90.64
N THR Y 329 23.84 2.51 -90.79
CA THR Y 329 22.48 2.47 -91.34
C THR Y 329 22.35 3.33 -92.60
N ILE Y 330 21.94 2.72 -93.71
CA ILE Y 330 21.78 3.42 -94.99
C ILE Y 330 20.31 3.78 -95.25
N VAL Y 331 19.92 4.98 -94.83
CA VAL Y 331 18.55 5.47 -95.02
C VAL Y 331 18.31 5.97 -96.44
N GLY Y 332 17.04 5.99 -96.86
CA GLY Y 332 16.68 6.47 -98.18
C GLY Y 332 17.53 6.06 -99.38
N GLY Y 333 17.83 4.77 -99.49
CA GLY Y 333 18.62 4.30 -100.62
C GLY Y 333 17.93 4.65 -101.92
N LYS Y 334 18.70 5.09 -102.91
CA LYS Y 334 18.12 5.47 -104.21
C LYS Y 334 18.14 4.31 -105.21
N GLY Y 335 18.56 3.15 -104.75
CA GLY Y 335 18.64 1.98 -105.62
C GLY Y 335 17.44 1.77 -106.53
N LYS Y 336 17.64 0.95 -107.55
CA LYS Y 336 16.59 0.65 -108.52
C LYS Y 336 15.67 -0.42 -107.94
N LYS Y 337 14.36 -0.17 -107.97
CA LYS Y 337 13.38 -1.10 -107.44
C LYS Y 337 13.53 -2.53 -107.98
N GLU Y 338 13.67 -2.67 -109.29
CA GLU Y 338 13.83 -4.00 -109.91
C GLU Y 338 15.10 -4.67 -109.43
N ASP Y 339 16.10 -3.85 -109.11
CA ASP Y 339 17.39 -4.34 -108.62
C ASP Y 339 17.19 -4.99 -107.26
N ILE Y 340 16.37 -4.35 -106.43
CA ILE Y 340 16.08 -4.85 -105.10
C ILE Y 340 15.32 -6.17 -105.20
N GLU Y 341 14.18 -6.14 -105.89
CA GLU Y 341 13.35 -7.34 -106.06
C GLU Y 341 14.13 -8.51 -106.63
N ALA Y 342 14.90 -8.26 -107.69
CA ALA Y 342 15.71 -9.30 -108.33
C ALA Y 342 16.78 -9.82 -107.36
N ARG Y 343 17.22 -8.95 -106.46
CA ARG Y 343 18.23 -9.29 -105.47
C ARG Y 343 17.56 -10.15 -104.40
N ILE Y 344 16.31 -9.79 -104.09
CA ILE Y 344 15.49 -10.49 -103.10
C ILE Y 344 15.09 -11.89 -103.60
N ASN Y 345 14.29 -11.94 -104.67
CA ASN Y 345 13.83 -13.21 -105.24
C ASN Y 345 14.97 -14.16 -105.55
N GLY Y 346 16.19 -13.64 -105.48
CA GLY Y 346 17.35 -14.47 -105.74
C GLY Y 346 17.60 -15.32 -104.52
N ILE Y 347 17.31 -14.73 -103.37
CA ILE Y 347 17.45 -15.39 -102.09
C ILE Y 347 16.33 -16.41 -101.93
N LYS Y 348 15.10 -15.97 -102.19
CA LYS Y 348 13.93 -16.83 -102.10
C LYS Y 348 14.11 -18.05 -102.98
N LYS Y 349 14.32 -17.82 -104.28
CA LYS Y 349 14.50 -18.91 -105.22
C LYS Y 349 15.78 -19.69 -104.93
N GLU Y 350 16.37 -19.42 -103.77
CA GLU Y 350 17.58 -20.09 -103.37
C GLU Y 350 17.37 -20.80 -102.04
N LEU Y 351 16.53 -20.20 -101.19
CA LEU Y 351 16.22 -20.79 -99.88
C LEU Y 351 15.51 -22.11 -100.07
N GLU Y 352 14.79 -22.24 -101.19
CA GLU Y 352 14.06 -23.47 -101.49
C GLU Y 352 15.01 -24.53 -102.01
N THR Y 353 16.20 -24.58 -101.41
CA THR Y 353 17.22 -25.55 -101.76
C THR Y 353 18.26 -25.61 -100.63
N THR Y 354 18.08 -24.72 -99.65
CA THR Y 354 18.98 -24.66 -98.50
C THR Y 354 18.46 -25.58 -97.40
N ASP Y 355 19.37 -26.31 -96.76
CA ASP Y 355 18.98 -27.21 -95.69
C ASP Y 355 19.37 -26.68 -94.32
N SER Y 356 20.64 -26.84 -93.94
CA SER Y 356 21.13 -26.38 -92.64
C SER Y 356 20.39 -25.11 -92.24
N GLU Y 357 19.49 -25.25 -91.25
CA GLU Y 357 18.68 -24.14 -90.76
C GLU Y 357 19.53 -22.89 -90.51
N TYR Y 358 20.82 -23.09 -90.28
CA TYR Y 358 21.70 -21.96 -90.04
C TYR Y 358 21.86 -21.13 -91.31
N ALA Y 359 22.04 -21.82 -92.43
CA ALA Y 359 22.21 -21.17 -93.73
C ALA Y 359 20.94 -20.45 -94.13
N ARG Y 360 19.81 -20.96 -93.66
CA ARG Y 360 18.51 -20.38 -93.95
C ARG Y 360 18.26 -19.11 -93.15
N GLU Y 361 18.92 -19.00 -92.01
CA GLU Y 361 18.74 -17.84 -91.15
C GLU Y 361 19.54 -16.67 -91.68
N LYS Y 362 20.67 -16.99 -92.30
CA LYS Y 362 21.53 -15.98 -92.86
C LYS Y 362 20.95 -15.44 -94.15
N LEU Y 363 20.60 -16.35 -95.05
CA LEU Y 363 20.02 -15.98 -96.34
C LEU Y 363 18.67 -15.35 -96.06
N GLN Y 364 18.44 -15.03 -94.79
CA GLN Y 364 17.20 -14.42 -94.42
C GLN Y 364 17.35 -13.04 -93.86
N GLU Y 365 18.36 -12.81 -93.04
CA GLU Y 365 18.55 -11.47 -92.49
C GLU Y 365 18.92 -10.58 -93.67
N ARG Y 366 19.34 -11.22 -94.76
CA ARG Y 366 19.68 -10.49 -95.98
C ARG Y 366 18.35 -10.05 -96.54
N LEU Y 367 17.49 -11.03 -96.81
CA LEU Y 367 16.17 -10.79 -97.35
C LEU Y 367 15.33 -9.91 -96.42
N ALA Y 368 15.76 -9.83 -95.17
CA ALA Y 368 15.06 -9.03 -94.18
C ALA Y 368 15.49 -7.58 -94.37
N LYS Y 369 16.80 -7.36 -94.34
CA LYS Y 369 17.36 -6.02 -94.52
C LYS Y 369 16.88 -5.43 -95.84
N LEU Y 370 16.96 -6.24 -96.91
CA LEU Y 370 16.54 -5.82 -98.26
C LEU Y 370 15.09 -5.40 -98.31
N ALA Y 371 14.27 -6.02 -97.47
CA ALA Y 371 12.86 -5.70 -97.43
C ALA Y 371 12.60 -4.63 -96.36
N GLY Y 372 13.68 -3.95 -95.93
CA GLY Y 372 13.57 -2.93 -94.90
C GLY Y 372 12.78 -3.55 -93.78
N GLY Y 373 13.00 -4.84 -93.56
CA GLY Y 373 12.25 -5.56 -92.54
C GLY Y 373 12.93 -6.29 -91.41
N VAL Y 374 13.49 -5.54 -90.47
CA VAL Y 374 14.13 -6.14 -89.33
C VAL Y 374 13.59 -5.52 -88.06
N ALA Y 375 12.95 -6.36 -87.25
CA ALA Y 375 12.39 -5.95 -85.99
C ALA Y 375 13.28 -6.43 -84.85
N VAL Y 376 13.31 -5.69 -83.76
CA VAL Y 376 14.12 -6.07 -82.61
C VAL Y 376 13.45 -5.76 -81.29
N ILE Y 377 13.19 -6.80 -80.52
CA ILE Y 377 12.56 -6.67 -79.21
C ILE Y 377 13.67 -6.67 -78.18
N ARG Y 378 13.76 -5.59 -77.43
CA ARG Y 378 14.78 -5.50 -76.39
C ARG Y 378 14.09 -5.71 -75.06
N VAL Y 379 14.24 -6.93 -74.54
CA VAL Y 379 13.63 -7.37 -73.28
C VAL Y 379 14.23 -6.74 -72.03
N GLY Y 380 13.37 -6.16 -71.21
CA GLY Y 380 13.82 -5.53 -69.97
C GLY Y 380 13.37 -6.31 -68.75
N ALA Y 381 14.11 -6.16 -67.66
CA ALA Y 381 13.81 -6.85 -66.41
C ALA Y 381 14.54 -6.15 -65.26
N ALA Y 382 14.19 -6.46 -64.02
CA ALA Y 382 14.86 -5.85 -62.89
C ALA Y 382 16.05 -6.65 -62.43
N THR Y 383 16.08 -7.94 -62.76
CA THR Y 383 17.19 -8.80 -62.36
C THR Y 383 17.63 -9.72 -63.48
N GLU Y 384 18.90 -10.12 -63.43
CA GLU Y 384 19.46 -10.98 -64.46
C GLU Y 384 18.63 -12.26 -64.58
N THR Y 385 18.38 -12.89 -63.45
CA THR Y 385 17.63 -14.14 -63.43
C THR Y 385 16.25 -13.99 -64.05
N GLU Y 386 15.54 -12.93 -63.69
CA GLU Y 386 14.20 -12.69 -64.26
C GLU Y 386 14.32 -12.51 -65.76
N LEU Y 387 15.21 -11.58 -66.14
CA LEU Y 387 15.47 -11.27 -67.53
C LEU Y 387 15.75 -12.49 -68.38
N LYS Y 388 16.74 -13.28 -67.98
CA LYS Y 388 17.11 -14.47 -68.75
C LYS Y 388 15.93 -15.36 -69.10
N GLU Y 389 14.92 -15.43 -68.23
CA GLU Y 389 13.72 -16.25 -68.46
C GLU Y 389 12.75 -15.47 -69.34
N LYS Y 390 12.49 -14.22 -68.98
CA LYS Y 390 11.60 -13.35 -69.75
C LYS Y 390 12.07 -13.39 -71.20
N LYS Y 391 13.37 -13.20 -71.39
CA LYS Y 391 13.98 -13.22 -72.70
C LYS Y 391 13.67 -14.58 -73.35
N HIS Y 392 13.83 -15.65 -72.58
CA HIS Y 392 13.57 -16.98 -73.13
C HIS Y 392 12.16 -17.18 -73.64
N ARG Y 393 11.19 -16.70 -72.88
CA ARG Y 393 9.80 -16.85 -73.30
C ARG Y 393 9.56 -16.25 -74.69
N PHE Y 394 10.13 -15.06 -74.94
CA PHE Y 394 10.00 -14.43 -76.25
C PHE Y 394 10.54 -15.35 -77.32
N GLU Y 395 11.72 -15.90 -77.10
CA GLU Y 395 12.35 -16.79 -78.05
C GLU Y 395 11.43 -17.98 -78.34
N ASP Y 396 10.83 -18.54 -77.30
CA ASP Y 396 9.93 -19.67 -77.52
C ASP Y 396 8.75 -19.17 -78.37
N ALA Y 397 8.16 -18.07 -77.93
CA ALA Y 397 7.02 -17.48 -78.65
C ALA Y 397 7.31 -17.42 -80.15
N LEU Y 398 8.49 -16.92 -80.51
CA LEU Y 398 8.88 -16.81 -81.90
C LEU Y 398 8.93 -18.19 -82.56
N ASN Y 399 9.69 -19.11 -81.98
CA ASN Y 399 9.80 -20.46 -82.54
C ASN Y 399 8.43 -21.04 -82.81
N ALA Y 400 7.48 -20.66 -81.97
CA ALA Y 400 6.12 -21.11 -82.10
C ALA Y 400 5.55 -20.48 -83.38
N THR Y 401 5.53 -19.15 -83.40
CA THR Y 401 5.03 -18.38 -84.54
C THR Y 401 5.57 -18.94 -85.85
N ARG Y 402 6.88 -19.13 -85.92
CA ARG Y 402 7.50 -19.68 -87.11
C ARG Y 402 6.83 -20.99 -87.50
N ALA Y 403 6.77 -21.92 -86.55
CA ALA Y 403 6.17 -23.22 -86.82
C ALA Y 403 4.68 -23.08 -87.17
N ALA Y 404 4.03 -22.07 -86.59
CA ALA Y 404 2.60 -21.84 -86.85
C ALA Y 404 2.40 -21.53 -88.33
N VAL Y 405 3.20 -20.60 -88.83
CA VAL Y 405 3.13 -20.20 -90.22
C VAL Y 405 3.44 -21.39 -91.13
N GLU Y 406 4.42 -22.20 -90.76
CA GLU Y 406 4.78 -23.35 -91.57
C GLU Y 406 3.69 -24.38 -91.78
N GLU Y 407 3.32 -25.11 -90.73
CA GLU Y 407 2.32 -26.18 -90.84
C GLU Y 407 0.91 -25.90 -90.34
N GLY Y 408 0.66 -24.67 -89.90
CA GLY Y 408 -0.69 -24.39 -89.44
C GLY Y 408 -0.86 -24.21 -87.95
N ILE Y 409 -2.11 -24.25 -87.53
CA ILE Y 409 -2.47 -24.02 -86.14
C ILE Y 409 -3.60 -24.99 -85.78
N VAL Y 410 -3.60 -25.48 -84.55
CA VAL Y 410 -4.66 -26.38 -84.08
C VAL Y 410 -5.13 -25.92 -82.69
N PRO Y 411 -6.25 -26.49 -82.19
CA PRO Y 411 -6.72 -26.08 -80.86
C PRO Y 411 -5.74 -26.58 -79.80
N GLY Y 412 -5.51 -25.74 -78.77
CA GLY Y 412 -4.56 -26.08 -77.73
C GLY Y 412 -5.05 -26.93 -76.56
N GLY Y 413 -4.41 -26.75 -75.41
CA GLY Y 413 -4.78 -27.49 -74.22
C GLY Y 413 -4.78 -29.01 -74.43
N GLY Y 414 -4.00 -29.50 -75.38
CA GLY Y 414 -3.98 -30.92 -75.63
C GLY Y 414 -5.24 -31.42 -76.28
N VAL Y 415 -6.20 -30.50 -76.45
CA VAL Y 415 -7.50 -30.80 -77.06
C VAL Y 415 -7.34 -31.48 -78.41
N THR Y 416 -6.50 -30.90 -79.25
CA THR Y 416 -6.25 -31.45 -80.56
C THR Y 416 -5.81 -32.92 -80.49
N LEU Y 417 -4.93 -33.27 -79.56
CA LEU Y 417 -4.50 -34.67 -79.47
C LEU Y 417 -5.62 -35.58 -78.96
N LEU Y 418 -6.50 -35.02 -78.15
CA LEU Y 418 -7.63 -35.79 -77.64
C LEU Y 418 -8.51 -36.18 -78.82
N ARG Y 419 -8.70 -35.22 -79.73
CA ARG Y 419 -9.51 -35.45 -80.91
C ARG Y 419 -8.90 -36.53 -81.80
N ALA Y 420 -7.61 -36.77 -81.63
CA ALA Y 420 -6.92 -37.77 -82.43
C ALA Y 420 -7.31 -39.16 -81.97
N ILE Y 421 -7.85 -39.25 -80.76
CA ILE Y 421 -8.25 -40.53 -80.20
C ILE Y 421 -9.26 -41.26 -81.08
N SER Y 422 -10.35 -40.58 -81.40
CA SER Y 422 -11.39 -41.17 -82.25
C SER Y 422 -10.79 -41.82 -83.48
N ALA Y 423 -9.73 -41.22 -84.01
CA ALA Y 423 -9.06 -41.75 -85.19
C ALA Y 423 -8.37 -43.05 -84.87
N VAL Y 424 -7.66 -43.07 -83.74
CA VAL Y 424 -6.95 -44.28 -83.33
C VAL Y 424 -8.01 -45.34 -83.06
N GLU Y 425 -9.11 -44.89 -82.47
CA GLU Y 425 -10.22 -45.77 -82.13
C GLU Y 425 -10.64 -46.52 -83.39
N GLU Y 426 -10.98 -45.74 -84.42
CA GLU Y 426 -11.40 -46.30 -85.69
C GLU Y 426 -10.36 -47.28 -86.19
N LEU Y 427 -9.10 -46.91 -86.05
CA LEU Y 427 -7.99 -47.77 -86.49
C LEU Y 427 -8.00 -49.11 -85.76
N ILE Y 428 -8.21 -49.06 -84.45
CA ILE Y 428 -8.22 -50.26 -83.63
C ILE Y 428 -9.22 -51.25 -84.17
N LYS Y 429 -10.40 -50.76 -84.53
CA LYS Y 429 -11.46 -51.63 -85.06
C LYS Y 429 -10.94 -52.44 -86.25
N LYS Y 430 -9.89 -51.94 -86.89
CA LYS Y 430 -9.32 -52.62 -88.04
C LYS Y 430 -8.08 -53.44 -87.65
N LEU Y 431 -7.69 -53.35 -86.39
CA LEU Y 431 -6.52 -54.06 -85.89
C LEU Y 431 -6.82 -55.27 -85.00
N GLU Y 432 -5.83 -56.16 -84.88
CA GLU Y 432 -5.95 -57.37 -84.07
C GLU Y 432 -4.75 -57.55 -83.13
N GLY Y 433 -4.72 -58.70 -82.46
CA GLY Y 433 -3.65 -59.02 -81.54
C GLY Y 433 -2.98 -57.90 -80.78
N ASP Y 434 -1.70 -58.09 -80.49
CA ASP Y 434 -0.91 -57.11 -79.76
C ASP Y 434 -0.83 -55.80 -80.54
N GLU Y 435 -0.94 -55.89 -81.86
CA GLU Y 435 -0.88 -54.70 -82.70
C GLU Y 435 -2.02 -53.75 -82.30
N ALA Y 436 -3.17 -54.34 -81.98
CA ALA Y 436 -4.32 -53.55 -81.57
C ALA Y 436 -4.02 -52.94 -80.21
N THR Y 437 -3.35 -53.74 -79.37
CA THR Y 437 -2.97 -53.29 -78.04
C THR Y 437 -2.09 -52.05 -78.23
N GLY Y 438 -1.11 -52.16 -79.13
CA GLY Y 438 -0.20 -51.06 -79.41
C GLY Y 438 -0.99 -49.80 -79.67
N ALA Y 439 -1.95 -49.89 -80.59
CA ALA Y 439 -2.77 -48.74 -80.93
C ALA Y 439 -3.42 -48.18 -79.68
N LYS Y 440 -3.98 -49.08 -78.87
CA LYS Y 440 -4.64 -48.68 -77.63
C LYS Y 440 -3.70 -47.88 -76.75
N ILE Y 441 -2.43 -48.30 -76.70
CA ILE Y 441 -1.42 -47.59 -75.90
C ILE Y 441 -1.40 -46.11 -76.27
N VAL Y 442 -1.35 -45.83 -77.57
CA VAL Y 442 -1.34 -44.44 -78.04
C VAL Y 442 -2.64 -43.78 -77.65
N ARG Y 443 -3.72 -44.54 -77.78
CA ARG Y 443 -5.05 -44.03 -77.45
C ARG Y 443 -5.08 -43.43 -76.06
N ARG Y 444 -4.46 -44.13 -75.11
CA ARG Y 444 -4.42 -43.67 -73.72
C ARG Y 444 -3.47 -42.48 -73.62
N ALA Y 445 -2.23 -42.69 -74.07
CA ALA Y 445 -1.20 -41.67 -74.03
C ALA Y 445 -1.75 -40.31 -74.44
N LEU Y 446 -2.47 -40.29 -75.56
CA LEU Y 446 -3.02 -39.06 -76.11
C LEU Y 446 -3.72 -38.17 -75.07
N GLU Y 447 -4.12 -38.75 -73.95
CA GLU Y 447 -4.82 -37.99 -72.94
C GLU Y 447 -3.86 -37.25 -72.00
N GLU Y 448 -2.69 -37.85 -71.77
CA GLU Y 448 -1.71 -37.28 -70.85
C GLU Y 448 -1.55 -35.77 -70.88
N PRO Y 449 -1.25 -35.21 -72.07
CA PRO Y 449 -1.08 -33.76 -72.18
C PRO Y 449 -2.24 -32.97 -71.60
N ALA Y 450 -3.45 -33.30 -72.05
CA ALA Y 450 -4.65 -32.62 -71.57
C ALA Y 450 -4.74 -32.77 -70.05
N ARG Y 451 -4.56 -34.01 -69.59
CA ARG Y 451 -4.64 -34.30 -68.17
C ARG Y 451 -3.71 -33.43 -67.33
N GLN Y 452 -2.40 -33.61 -67.55
CA GLN Y 452 -1.38 -32.87 -66.83
C GLN Y 452 -1.60 -31.37 -66.82
N ILE Y 453 -2.07 -30.82 -67.94
CA ILE Y 453 -2.32 -29.40 -67.99
C ILE Y 453 -3.32 -29.07 -66.91
N ALA Y 454 -4.47 -29.74 -66.99
CA ALA Y 454 -5.56 -29.57 -66.02
C ALA Y 454 -5.07 -29.86 -64.61
N GLU Y 455 -4.37 -30.98 -64.47
CA GLU Y 455 -3.83 -31.39 -63.19
C GLU Y 455 -3.02 -30.26 -62.56
N ASN Y 456 -1.94 -29.85 -63.21
CA ASN Y 456 -1.10 -28.76 -62.69
C ASN Y 456 -1.91 -27.51 -62.37
N ALA Y 457 -3.10 -27.40 -62.98
CA ALA Y 457 -3.96 -26.25 -62.75
C ALA Y 457 -4.78 -26.42 -61.49
N GLY Y 458 -4.88 -27.68 -61.03
CA GLY Y 458 -5.64 -27.98 -59.83
C GLY Y 458 -6.99 -28.62 -60.13
N TYR Y 459 -7.04 -29.40 -61.20
CA TYR Y 459 -8.28 -30.05 -61.61
C TYR Y 459 -8.08 -31.54 -61.80
N GLU Y 460 -9.17 -32.24 -62.06
CA GLU Y 460 -9.07 -33.67 -62.23
C GLU Y 460 -8.84 -34.08 -63.66
N GLY Y 461 -7.61 -34.53 -63.92
CA GLY Y 461 -7.24 -34.94 -65.25
C GLY Y 461 -8.34 -35.74 -65.92
N SER Y 462 -8.61 -36.92 -65.40
CA SER Y 462 -9.63 -37.78 -65.96
C SER Y 462 -10.96 -37.08 -66.14
N VAL Y 463 -11.40 -36.34 -65.14
CA VAL Y 463 -12.68 -35.64 -65.22
C VAL Y 463 -12.77 -34.75 -66.46
N ILE Y 464 -11.89 -33.75 -66.52
CA ILE Y 464 -11.87 -32.80 -67.62
C ILE Y 464 -11.75 -33.48 -68.97
N VAL Y 465 -10.82 -34.43 -69.08
CA VAL Y 465 -10.63 -35.16 -70.33
C VAL Y 465 -11.94 -35.79 -70.80
N GLN Y 466 -12.75 -36.24 -69.85
CA GLN Y 466 -14.04 -36.88 -70.18
C GLN Y 466 -15.03 -35.88 -70.75
N GLN Y 467 -15.25 -34.76 -70.07
CA GLN Y 467 -16.19 -33.76 -70.56
C GLN Y 467 -15.78 -33.26 -71.96
N ILE Y 468 -14.47 -33.19 -72.21
CA ILE Y 468 -13.97 -32.73 -73.50
C ILE Y 468 -14.34 -33.77 -74.57
N LEU Y 469 -13.89 -35.01 -74.36
CA LEU Y 469 -14.19 -36.10 -75.29
C LEU Y 469 -15.70 -36.33 -75.37
N ALA Y 470 -16.42 -35.76 -74.41
CA ALA Y 470 -17.88 -35.89 -74.35
C ALA Y 470 -18.53 -35.13 -75.50
N GLU Y 471 -18.47 -33.80 -75.45
CA GLU Y 471 -19.05 -32.96 -76.49
C GLU Y 471 -18.26 -33.13 -77.80
N THR Y 472 -18.77 -33.97 -78.70
CA THR Y 472 -18.11 -34.28 -79.97
C THR Y 472 -18.76 -33.60 -81.16
N LYS Y 473 -19.43 -32.47 -80.90
CA LYS Y 473 -20.09 -31.72 -81.96
C LYS Y 473 -19.02 -30.91 -82.65
N ASN Y 474 -18.37 -30.09 -81.83
CA ASN Y 474 -17.33 -29.19 -82.26
C ASN Y 474 -15.97 -29.55 -81.66
N PRO Y 475 -15.06 -30.13 -82.47
CA PRO Y 475 -13.74 -30.52 -81.98
C PRO Y 475 -12.95 -29.40 -81.29
N ARG Y 476 -13.30 -28.16 -81.58
CA ARG Y 476 -12.64 -27.00 -80.96
C ARG Y 476 -13.01 -26.86 -79.48
N TYR Y 477 -13.86 -27.77 -79.00
CA TYR Y 477 -14.29 -27.74 -77.60
C TYR Y 477 -13.20 -28.27 -76.68
N GLY Y 478 -12.80 -27.44 -75.71
CA GLY Y 478 -11.75 -27.85 -74.79
C GLY Y 478 -11.80 -27.12 -73.46
N PHE Y 479 -10.87 -27.46 -72.58
CA PHE Y 479 -10.81 -26.85 -71.27
C PHE Y 479 -9.74 -25.75 -71.18
N ASN Y 480 -10.15 -24.58 -70.68
CA ASN Y 480 -9.25 -23.44 -70.53
C ASN Y 480 -8.67 -23.51 -69.12
N ALA Y 481 -7.61 -24.30 -68.97
CA ALA Y 481 -6.97 -24.51 -67.69
C ALA Y 481 -6.63 -23.24 -66.91
N ALA Y 482 -6.76 -22.09 -67.55
CA ALA Y 482 -6.42 -20.85 -66.87
C ALA Y 482 -7.60 -20.17 -66.20
N THR Y 483 -8.78 -20.30 -66.82
CA THR Y 483 -9.99 -19.67 -66.28
C THR Y 483 -10.89 -20.72 -65.63
N GLY Y 484 -10.63 -21.98 -65.95
CA GLY Y 484 -11.41 -23.08 -65.40
C GLY Y 484 -12.76 -23.22 -66.05
N GLU Y 485 -12.83 -22.96 -67.35
CA GLU Y 485 -14.08 -23.08 -68.07
C GLU Y 485 -13.90 -23.74 -69.40
N PHE Y 486 -14.88 -24.54 -69.79
CA PHE Y 486 -14.81 -25.21 -71.08
C PHE Y 486 -15.21 -24.19 -72.12
N VAL Y 487 -14.47 -24.14 -73.22
CA VAL Y 487 -14.74 -23.17 -74.27
C VAL Y 487 -14.30 -23.71 -75.64
N ASP Y 488 -14.48 -22.87 -76.67
CA ASP Y 488 -14.04 -23.22 -78.02
C ASP Y 488 -12.59 -22.75 -78.01
N MET Y 489 -11.68 -23.71 -77.91
CA MET Y 489 -10.26 -23.42 -77.85
C MET Y 489 -9.79 -22.39 -78.87
N VAL Y 490 -10.18 -22.57 -80.12
CA VAL Y 490 -9.78 -21.63 -81.17
C VAL Y 490 -10.35 -20.24 -80.92
N GLU Y 491 -11.65 -20.15 -80.74
CA GLU Y 491 -12.29 -18.87 -80.48
C GLU Y 491 -11.72 -18.21 -79.21
N ALA Y 492 -11.30 -19.03 -78.25
CA ALA Y 492 -10.75 -18.53 -77.00
C ALA Y 492 -9.31 -18.04 -77.18
N GLY Y 493 -8.71 -18.40 -78.30
CA GLY Y 493 -7.35 -17.98 -78.57
C GLY Y 493 -6.32 -18.94 -78.00
N ILE Y 494 -6.77 -20.15 -77.70
CA ILE Y 494 -5.88 -21.15 -77.14
C ILE Y 494 -5.51 -22.13 -78.23
N VAL Y 495 -4.53 -21.75 -79.04
CA VAL Y 495 -4.10 -22.56 -80.16
C VAL Y 495 -2.62 -22.93 -80.13
N ASP Y 496 -2.28 -24.01 -80.85
CA ASP Y 496 -0.92 -24.50 -80.92
C ASP Y 496 -0.46 -24.78 -82.34
N PRO Y 497 0.82 -24.52 -82.63
CA PRO Y 497 1.33 -24.79 -83.96
C PRO Y 497 1.24 -26.27 -84.27
N ALA Y 498 0.37 -26.62 -85.21
CA ALA Y 498 0.18 -28.02 -85.60
C ALA Y 498 1.52 -28.75 -85.75
N LYS Y 499 2.56 -27.99 -86.07
CA LYS Y 499 3.87 -28.59 -86.24
C LYS Y 499 4.40 -29.19 -84.94
N VAL Y 500 4.37 -28.39 -83.87
CA VAL Y 500 4.89 -28.88 -82.59
C VAL Y 500 4.16 -30.15 -82.18
N THR Y 501 2.83 -30.07 -82.14
CA THR Y 501 2.00 -31.20 -81.77
C THR Y 501 2.45 -32.46 -82.52
N ARG Y 502 2.38 -32.43 -83.84
CA ARG Y 502 2.80 -33.57 -84.63
C ARG Y 502 4.20 -34.06 -84.24
N SER Y 503 5.12 -33.12 -84.06
CA SER Y 503 6.50 -33.46 -83.70
C SER Y 503 6.59 -34.16 -82.37
N ALA Y 504 6.11 -33.48 -81.34
CA ALA Y 504 6.11 -34.01 -79.98
C ALA Y 504 5.67 -35.46 -79.95
N LEU Y 505 4.49 -35.74 -80.50
CA LEU Y 505 3.97 -37.10 -80.53
C LEU Y 505 4.86 -38.08 -81.32
N GLN Y 506 5.33 -37.67 -82.50
CA GLN Y 506 6.19 -38.55 -83.30
C GLN Y 506 7.50 -38.87 -82.63
N ASN Y 507 8.02 -37.89 -81.88
CA ASN Y 507 9.29 -38.10 -81.17
C ASN Y 507 9.07 -38.95 -79.94
N ALA Y 508 7.99 -38.66 -79.21
CA ALA Y 508 7.63 -39.41 -78.01
C ALA Y 508 7.45 -40.88 -78.38
N ALA Y 509 6.56 -41.12 -79.34
CA ALA Y 509 6.29 -42.47 -79.80
C ALA Y 509 7.52 -43.19 -80.36
N SER Y 510 8.46 -42.42 -80.92
CA SER Y 510 9.67 -43.01 -81.50
C SER Y 510 10.53 -43.70 -80.46
N ILE Y 511 10.84 -42.97 -79.38
CA ILE Y 511 11.66 -43.51 -78.30
C ILE Y 511 10.85 -44.50 -77.48
N GLY Y 512 9.62 -44.12 -77.17
CA GLY Y 512 8.72 -44.98 -76.40
C GLY Y 512 8.71 -46.41 -76.92
N ALA Y 513 8.18 -46.58 -78.13
CA ALA Y 513 8.11 -47.90 -78.74
C ALA Y 513 9.43 -48.67 -78.60
N LEU Y 514 10.54 -47.98 -78.85
CA LEU Y 514 11.87 -48.60 -78.76
C LEU Y 514 12.04 -49.28 -77.42
N ILE Y 515 11.82 -48.52 -76.34
CA ILE Y 515 11.98 -49.03 -74.99
C ILE Y 515 11.25 -50.36 -74.78
N LEU Y 516 9.96 -50.40 -75.13
CA LEU Y 516 9.12 -51.60 -74.98
C LEU Y 516 9.77 -52.85 -75.60
N THR Y 517 10.73 -52.65 -76.49
CA THR Y 517 11.39 -53.79 -77.13
C THR Y 517 12.65 -54.23 -76.41
N THR Y 518 12.91 -53.65 -75.24
CA THR Y 518 14.10 -54.00 -74.47
C THR Y 518 13.91 -55.36 -73.84
N GLU Y 519 14.99 -56.14 -73.81
CA GLU Y 519 14.95 -57.46 -73.21
C GLU Y 519 16.27 -57.68 -72.50
N ALA Y 520 17.16 -56.72 -72.66
CA ALA Y 520 18.46 -56.77 -72.03
C ALA Y 520 19.08 -55.39 -72.05
N VAL Y 521 20.07 -55.19 -71.18
CA VAL Y 521 20.76 -53.93 -71.08
C VAL Y 521 22.18 -54.24 -70.66
N VAL Y 522 23.15 -53.59 -71.29
CA VAL Y 522 24.55 -53.80 -70.94
C VAL Y 522 25.07 -52.45 -70.46
N ALA Y 523 25.20 -52.31 -69.15
CA ALA Y 523 25.68 -51.06 -68.57
C ALA Y 523 26.98 -51.26 -67.81
N GLU Y 524 27.47 -50.16 -67.22
CA GLU Y 524 28.70 -50.20 -66.44
C GLU Y 524 28.40 -50.69 -65.05
N LYS Y 525 29.20 -51.64 -64.58
CA LYS Y 525 29.03 -52.21 -63.25
C LYS Y 525 29.32 -51.07 -62.25
N PRO Y 526 28.51 -50.94 -61.17
CA PRO Y 526 28.78 -49.85 -60.23
C PRO Y 526 30.07 -50.01 -59.40
N GLU Y 527 30.65 -48.87 -59.00
CA GLU Y 527 31.87 -48.85 -58.19
C GLU Y 527 33.03 -49.54 -58.90
N LYS Y 528 33.73 -48.81 -59.76
CA LYS Y 528 34.85 -49.37 -60.49
C LYS Y 528 36.24 -48.96 -60.00
N ALA Z 2 51.78 -62.58 -60.70
CA ALA Z 2 50.73 -61.78 -61.40
C ALA Z 2 49.79 -62.71 -62.14
N LYS Z 3 50.27 -63.92 -62.38
CA LYS Z 3 49.48 -64.92 -63.08
C LYS Z 3 48.83 -65.93 -62.15
N ILE Z 4 47.84 -66.62 -62.67
CA ILE Z 4 47.10 -67.63 -61.91
C ILE Z 4 46.94 -68.81 -62.88
N LEU Z 5 47.25 -70.01 -62.43
CA LEU Z 5 47.15 -71.17 -63.30
C LEU Z 5 45.98 -72.08 -62.96
N VAL Z 6 44.95 -72.03 -63.80
CA VAL Z 6 43.75 -72.83 -63.63
C VAL Z 6 43.73 -74.03 -64.56
N PHE Z 7 43.47 -75.21 -64.01
CA PHE Z 7 43.43 -76.40 -64.84
C PHE Z 7 42.06 -77.05 -64.98
N ASP Z 8 42.09 -78.21 -65.62
CA ASP Z 8 40.92 -79.03 -65.87
C ASP Z 8 39.56 -78.34 -65.90
N GLU Z 9 38.57 -79.07 -65.37
CA GLU Z 9 37.18 -78.61 -65.31
C GLU Z 9 37.01 -77.22 -64.75
N ALA Z 10 37.84 -76.88 -63.75
CA ALA Z 10 37.79 -75.56 -63.15
C ALA Z 10 37.91 -74.53 -64.27
N ALA Z 11 38.91 -74.74 -65.12
CA ALA Z 11 39.18 -73.89 -66.26
C ALA Z 11 38.05 -73.88 -67.29
N ARG Z 12 37.67 -75.07 -67.76
CA ARG Z 12 36.61 -75.15 -68.75
C ARG Z 12 35.32 -74.49 -68.27
N ARG Z 13 34.94 -74.74 -67.00
CA ARG Z 13 33.69 -74.15 -66.49
C ARG Z 13 33.74 -72.64 -66.55
N ALA Z 14 34.83 -72.08 -66.06
CA ALA Z 14 35.00 -70.64 -66.06
C ALA Z 14 34.79 -70.11 -67.48
N LEU Z 15 35.56 -70.66 -68.42
CA LEU Z 15 35.46 -70.26 -69.81
C LEU Z 15 34.00 -70.33 -70.25
N GLU Z 16 33.41 -71.50 -70.06
CA GLU Z 16 32.02 -71.70 -70.43
C GLU Z 16 31.09 -70.63 -69.85
N ARG Z 17 31.32 -70.27 -68.59
CA ARG Z 17 30.50 -69.25 -67.97
C ARG Z 17 30.54 -67.99 -68.83
N GLY Z 18 31.75 -67.63 -69.24
CA GLY Z 18 31.94 -66.46 -70.06
C GLY Z 18 31.20 -66.59 -71.37
N VAL Z 19 31.43 -67.71 -72.05
CA VAL Z 19 30.79 -67.98 -73.32
C VAL Z 19 29.29 -67.77 -73.22
N ASN Z 20 28.69 -68.37 -72.21
CA ASN Z 20 27.26 -68.24 -72.01
C ASN Z 20 26.85 -66.81 -71.70
N ALA Z 21 27.64 -66.13 -70.88
CA ALA Z 21 27.36 -64.75 -70.51
C ALA Z 21 27.04 -63.93 -71.75
N VAL Z 22 27.94 -63.99 -72.72
CA VAL Z 22 27.77 -63.24 -73.97
C VAL Z 22 26.62 -63.81 -74.79
N ALA Z 23 26.73 -65.10 -75.08
CA ALA Z 23 25.73 -65.78 -75.88
C ALA Z 23 24.29 -65.47 -75.48
N ASN Z 24 24.00 -65.48 -74.18
CA ASN Z 24 22.63 -65.23 -73.73
C ASN Z 24 22.17 -63.80 -73.87
N ALA Z 25 23.12 -62.87 -73.93
CA ALA Z 25 22.75 -61.48 -74.09
C ALA Z 25 22.42 -61.31 -75.57
N VAL Z 26 23.14 -62.06 -76.40
CA VAL Z 26 22.98 -62.00 -77.86
C VAL Z 26 21.71 -62.68 -78.39
N LYS Z 27 21.59 -63.98 -78.11
CA LYS Z 27 20.44 -64.76 -78.59
C LYS Z 27 19.07 -64.11 -78.41
N VAL Z 28 18.98 -63.14 -77.50
CA VAL Z 28 17.73 -62.45 -77.24
C VAL Z 28 17.18 -61.73 -78.49
N THR Z 29 18.03 -61.58 -79.49
CA THR Z 29 17.67 -60.89 -80.72
C THR Z 29 17.28 -61.80 -81.88
N LEU Z 30 17.85 -63.01 -81.91
CA LEU Z 30 17.61 -63.99 -82.96
C LEU Z 30 16.18 -64.13 -83.44
N GLY Z 31 16.03 -64.23 -84.75
CA GLY Z 31 14.72 -64.38 -85.36
C GLY Z 31 13.84 -63.16 -85.49
N PRO Z 32 12.67 -63.31 -86.14
CA PRO Z 32 11.66 -62.28 -86.38
C PRO Z 32 11.00 -61.76 -85.11
N ARG Z 33 10.88 -62.63 -84.11
CA ARG Z 33 10.26 -62.19 -82.86
C ARG Z 33 11.32 -61.72 -81.87
N GLY Z 34 12.58 -61.81 -82.31
CA GLY Z 34 13.69 -61.37 -81.48
C GLY Z 34 13.49 -59.95 -80.97
N ARG Z 35 14.06 -59.65 -79.81
CA ARG Z 35 13.92 -58.33 -79.21
C ARG Z 35 15.24 -57.59 -79.21
N ASN Z 36 15.21 -56.35 -78.75
CA ASN Z 36 16.40 -55.52 -78.73
C ASN Z 36 17.18 -55.46 -77.42
N VAL Z 37 18.49 -55.27 -77.58
CA VAL Z 37 19.39 -55.11 -76.45
C VAL Z 37 19.70 -53.61 -76.38
N VAL Z 38 19.89 -53.09 -75.18
CA VAL Z 38 20.19 -51.66 -75.00
C VAL Z 38 21.62 -51.52 -74.50
N LEU Z 39 22.48 -50.98 -75.35
CA LEU Z 39 23.89 -50.80 -75.02
C LEU Z 39 24.14 -49.37 -74.52
N GLU Z 40 24.68 -49.25 -73.32
CA GLU Z 40 24.96 -47.94 -72.74
C GLU Z 40 26.16 -47.30 -73.43
N LYS Z 41 26.00 -46.03 -73.81
CA LYS Z 41 27.08 -45.30 -74.46
C LYS Z 41 27.64 -44.29 -73.48
N LYS Z 42 28.95 -44.07 -73.58
CA LYS Z 42 29.67 -43.16 -72.70
C LYS Z 42 29.06 -41.77 -72.51
N PHE Z 43 28.52 -41.18 -73.58
CA PHE Z 43 27.96 -39.84 -73.44
C PHE Z 43 26.51 -39.62 -73.85
N GLY Z 44 26.19 -39.89 -75.11
CA GLY Z 44 24.82 -39.67 -75.56
C GLY Z 44 23.81 -40.67 -75.07
N SER Z 45 22.70 -40.77 -75.79
CA SER Z 45 21.67 -41.74 -75.44
C SER Z 45 22.29 -43.10 -75.79
N PRO Z 46 21.66 -44.20 -75.37
CA PRO Z 46 22.26 -45.49 -75.69
C PRO Z 46 21.99 -45.95 -77.13
N THR Z 47 22.48 -47.14 -77.43
CA THR Z 47 22.30 -47.78 -78.71
C THR Z 47 21.25 -48.87 -78.50
N ILE Z 48 20.18 -48.86 -79.28
CA ILE Z 48 19.15 -49.88 -79.17
C ILE Z 48 19.21 -50.73 -80.43
N THR Z 49 19.87 -51.88 -80.37
CA THR Z 49 20.06 -52.76 -81.52
C THR Z 49 19.35 -54.10 -81.44
N LYS Z 50 19.57 -54.89 -82.48
CA LYS Z 50 19.03 -56.24 -82.62
C LYS Z 50 20.16 -56.99 -83.34
N ASP Z 51 21.33 -56.34 -83.39
CA ASP Z 51 22.48 -56.90 -84.06
C ASP Z 51 23.42 -57.66 -83.13
N GLY Z 52 23.71 -58.91 -83.50
CA GLY Z 52 24.60 -59.74 -82.70
C GLY Z 52 25.92 -59.07 -82.31
N VAL Z 53 26.87 -59.06 -83.25
CA VAL Z 53 28.18 -58.48 -82.99
C VAL Z 53 28.15 -57.17 -82.23
N THR Z 54 27.20 -56.29 -82.56
CA THR Z 54 27.13 -55.01 -81.87
C THR Z 54 27.03 -55.24 -80.36
N VAL Z 55 26.10 -56.10 -79.96
CA VAL Z 55 25.93 -56.41 -78.55
C VAL Z 55 27.17 -57.15 -78.05
N ALA Z 56 27.47 -58.27 -78.68
CA ALA Z 56 28.61 -59.09 -78.28
C ALA Z 56 29.87 -58.26 -77.99
N LYS Z 57 30.16 -57.29 -78.84
CA LYS Z 57 31.35 -56.47 -78.66
C LYS Z 57 31.36 -55.60 -77.41
N GLU Z 58 30.18 -55.21 -76.93
CA GLU Z 58 30.07 -54.39 -75.73
C GLU Z 58 30.23 -55.15 -74.41
N VAL Z 59 30.12 -56.48 -74.47
CA VAL Z 59 30.24 -57.31 -73.28
C VAL Z 59 31.68 -57.49 -72.81
N GLU Z 60 31.90 -57.10 -71.55
CA GLU Z 60 33.20 -57.21 -70.91
C GLU Z 60 32.95 -57.74 -69.50
N LEU Z 61 33.46 -58.92 -69.21
CA LEU Z 61 33.26 -59.53 -67.89
C LEU Z 61 34.35 -59.18 -66.89
N GLU Z 62 33.97 -59.05 -65.61
CA GLU Z 62 34.92 -58.70 -64.54
C GLU Z 62 35.90 -59.82 -64.19
N ASP Z 63 35.46 -61.06 -64.26
CA ASP Z 63 36.34 -62.17 -63.95
C ASP Z 63 37.22 -62.53 -65.14
N HIS Z 64 38.53 -62.48 -64.95
CA HIS Z 64 39.47 -62.79 -66.01
C HIS Z 64 39.15 -64.05 -66.82
N LEU Z 65 39.07 -65.22 -66.18
CA LEU Z 65 38.77 -66.44 -66.93
C LEU Z 65 37.43 -66.38 -67.67
N GLU Z 66 36.39 -65.94 -66.99
CA GLU Z 66 35.09 -65.85 -67.62
C GLU Z 66 35.14 -64.91 -68.81
N ASN Z 67 35.92 -63.85 -68.68
CA ASN Z 67 36.05 -62.86 -69.76
C ASN Z 67 36.75 -63.45 -70.99
N ILE Z 68 37.79 -64.25 -70.75
CA ILE Z 68 38.51 -64.88 -71.84
C ILE Z 68 37.49 -65.62 -72.70
N GLY Z 69 36.55 -66.27 -72.02
CA GLY Z 69 35.52 -67.00 -72.72
C GLY Z 69 34.66 -66.03 -73.50
N ALA Z 70 34.27 -64.94 -72.86
CA ALA Z 70 33.42 -63.94 -73.52
C ALA Z 70 34.08 -63.42 -74.80
N GLN Z 71 35.41 -63.33 -74.79
CA GLN Z 71 36.14 -62.85 -75.94
C GLN Z 71 36.05 -63.87 -77.07
N LEU Z 72 36.51 -65.09 -76.81
CA LEU Z 72 36.46 -66.16 -77.80
C LEU Z 72 35.14 -66.19 -78.53
N LEU Z 73 34.04 -66.02 -77.81
CA LEU Z 73 32.72 -66.03 -78.45
C LEU Z 73 32.55 -64.78 -79.30
N LYS Z 74 33.03 -63.63 -78.81
CA LYS Z 74 32.93 -62.39 -79.58
C LYS Z 74 33.60 -62.57 -80.92
N GLU Z 75 34.73 -63.28 -80.92
CA GLU Z 75 35.47 -63.53 -82.15
C GLU Z 75 34.58 -64.22 -83.16
N VAL Z 76 33.89 -65.26 -82.70
CA VAL Z 76 32.98 -66.00 -83.56
C VAL Z 76 32.00 -65.00 -84.19
N ALA Z 77 31.48 -64.09 -83.39
CA ALA Z 77 30.53 -63.10 -83.87
C ALA Z 77 31.09 -62.17 -84.94
N SER Z 78 32.21 -61.50 -84.64
CA SER Z 78 32.81 -60.57 -85.58
C SER Z 78 33.35 -61.20 -86.86
N LYS Z 79 34.19 -62.23 -86.73
CA LYS Z 79 34.74 -62.88 -87.92
C LYS Z 79 33.63 -63.26 -88.89
N THR Z 80 32.42 -63.46 -88.37
CA THR Z 80 31.27 -63.81 -89.18
C THR Z 80 30.72 -62.54 -89.81
N ASN Z 81 30.82 -61.44 -89.08
CA ASN Z 81 30.34 -60.15 -89.56
C ASN Z 81 31.28 -59.67 -90.66
N ASP Z 82 32.56 -60.00 -90.52
CA ASP Z 82 33.58 -59.62 -91.51
C ASP Z 82 33.39 -60.38 -92.81
N VAL Z 83 33.21 -61.69 -92.69
CA VAL Z 83 33.03 -62.56 -93.85
C VAL Z 83 31.66 -62.50 -94.51
N ALA Z 84 30.63 -62.00 -93.82
CA ALA Z 84 29.30 -61.97 -94.42
C ALA Z 84 28.42 -60.77 -94.06
N GLY Z 85 28.76 -60.08 -92.97
CA GLY Z 85 27.98 -58.91 -92.58
C GLY Z 85 26.63 -59.19 -91.97
N ASP Z 86 26.23 -60.47 -91.96
CA ASP Z 86 24.96 -60.89 -91.37
C ASP Z 86 25.09 -62.32 -90.81
N GLY Z 87 24.16 -62.69 -89.94
CA GLY Z 87 24.19 -64.02 -89.34
C GLY Z 87 25.12 -64.14 -88.15
N THR Z 88 25.36 -63.02 -87.47
CA THR Z 88 26.25 -63.02 -86.32
C THR Z 88 25.60 -63.73 -85.16
N THR Z 89 24.34 -63.42 -84.89
CA THR Z 89 23.61 -64.06 -83.80
C THR Z 89 23.63 -65.58 -83.99
N THR Z 90 23.28 -66.01 -85.20
CA THR Z 90 23.27 -67.43 -85.55
C THR Z 90 24.59 -68.12 -85.22
N ALA Z 91 25.70 -67.44 -85.50
CA ALA Z 91 27.01 -68.01 -85.25
C ALA Z 91 27.26 -68.15 -83.75
N THR Z 92 26.79 -67.17 -82.99
CA THR Z 92 26.97 -67.16 -81.54
C THR Z 92 26.29 -68.39 -80.98
N VAL Z 93 24.99 -68.48 -81.24
CA VAL Z 93 24.20 -69.60 -80.79
C VAL Z 93 24.89 -70.95 -81.09
N LEU Z 94 25.23 -71.17 -82.35
CA LEU Z 94 25.88 -72.41 -82.74
C LEU Z 94 27.16 -72.66 -81.95
N ALA Z 95 27.80 -71.58 -81.54
CA ALA Z 95 29.05 -71.70 -80.80
C ALA Z 95 28.74 -72.17 -79.38
N GLN Z 96 27.76 -71.53 -78.75
CA GLN Z 96 27.35 -71.87 -77.40
C GLN Z 96 26.97 -73.35 -77.35
N ALA Z 97 26.10 -73.75 -78.29
CA ALA Z 97 25.64 -75.13 -78.41
C ALA Z 97 26.81 -76.09 -78.48
N ILE Z 98 27.73 -75.84 -79.40
CA ILE Z 98 28.88 -76.71 -79.56
C ILE Z 98 29.73 -76.77 -78.28
N VAL Z 99 29.85 -75.63 -77.61
CA VAL Z 99 30.66 -75.58 -76.39
C VAL Z 99 30.09 -76.41 -75.26
N ARG Z 100 28.78 -76.28 -74.99
CA ARG Z 100 28.20 -77.04 -73.89
C ARG Z 100 28.17 -78.54 -74.17
N GLU Z 101 27.49 -78.93 -75.24
CA GLU Z 101 27.38 -80.34 -75.59
C GLU Z 101 28.78 -80.95 -75.65
N GLY Z 102 29.74 -80.12 -76.04
CA GLY Z 102 31.12 -80.59 -76.15
C GLY Z 102 31.82 -80.71 -74.80
N LEU Z 103 31.73 -79.65 -74.01
CA LEU Z 103 32.37 -79.63 -72.69
C LEU Z 103 31.85 -80.78 -71.84
N LYS Z 104 30.57 -81.08 -72.03
CA LYS Z 104 29.93 -82.18 -71.31
C LYS Z 104 30.70 -83.46 -71.64
N ASN Z 105 30.81 -83.74 -72.94
CA ASN Z 105 31.53 -84.93 -73.38
C ASN Z 105 32.98 -84.96 -72.91
N VAL Z 106 33.57 -83.80 -72.69
CA VAL Z 106 34.95 -83.78 -72.24
C VAL Z 106 34.99 -84.24 -70.79
N ALA Z 107 34.01 -83.78 -70.01
CA ALA Z 107 33.91 -84.14 -68.61
C ALA Z 107 33.67 -85.64 -68.50
N ALA Z 108 32.95 -86.19 -69.49
CA ALA Z 108 32.66 -87.61 -69.51
C ALA Z 108 33.90 -88.41 -69.90
N GLY Z 109 35.03 -87.72 -70.08
CA GLY Z 109 36.28 -88.40 -70.42
C GLY Z 109 36.68 -88.47 -71.88
N ALA Z 110 35.88 -87.87 -72.77
CA ALA Z 110 36.17 -87.90 -74.21
C ALA Z 110 37.48 -87.17 -74.55
N ASN Z 111 38.20 -87.66 -75.55
CA ASN Z 111 39.43 -87.01 -75.99
C ASN Z 111 39.04 -85.81 -76.87
N PRO Z 112 39.33 -84.58 -76.38
CA PRO Z 112 38.98 -83.38 -77.13
C PRO Z 112 39.54 -83.33 -78.55
N LEU Z 113 40.77 -83.80 -78.74
CA LEU Z 113 41.39 -83.78 -80.07
C LEU Z 113 40.50 -84.52 -81.07
N ALA Z 114 40.07 -85.72 -80.68
CA ALA Z 114 39.20 -86.53 -81.53
C ALA Z 114 37.86 -85.81 -81.72
N LEU Z 115 37.36 -85.20 -80.64
CA LEU Z 115 36.11 -84.47 -80.70
C LEU Z 115 36.20 -83.40 -81.78
N LYS Z 116 37.37 -82.79 -81.88
CA LYS Z 116 37.62 -81.75 -82.87
C LYS Z 116 37.50 -82.33 -84.27
N ARG Z 117 38.32 -83.35 -84.55
CA ARG Z 117 38.31 -84.01 -85.85
C ARG Z 117 36.88 -84.31 -86.29
N GLY Z 118 36.12 -84.91 -85.38
CA GLY Z 118 34.73 -85.24 -85.67
C GLY Z 118 33.91 -84.01 -85.99
N ILE Z 119 34.09 -82.95 -85.21
CA ILE Z 119 33.35 -81.72 -85.41
C ILE Z 119 33.68 -81.19 -86.80
N GLU Z 120 34.96 -81.19 -87.12
CA GLU Z 120 35.44 -80.71 -88.41
C GLU Z 120 34.75 -81.49 -89.53
N LYS Z 121 34.93 -82.80 -89.52
CA LYS Z 121 34.32 -83.66 -90.54
C LYS Z 121 32.81 -83.39 -90.63
N ALA Z 122 32.17 -83.34 -89.46
CA ALA Z 122 30.74 -83.09 -89.40
C ALA Z 122 30.38 -81.77 -90.10
N VAL Z 123 31.16 -80.72 -89.83
CA VAL Z 123 30.89 -79.42 -90.43
C VAL Z 123 31.03 -79.50 -91.95
N GLU Z 124 32.10 -80.15 -92.42
CA GLU Z 124 32.33 -80.28 -93.86
C GLU Z 124 31.05 -80.84 -94.48
N ALA Z 125 30.64 -82.01 -93.99
CA ALA Z 125 29.44 -82.66 -94.48
C ALA Z 125 28.27 -81.67 -94.46
N ALA Z 126 28.14 -80.94 -93.36
CA ALA Z 126 27.07 -79.97 -93.20
C ALA Z 126 27.14 -78.87 -94.25
N VAL Z 127 28.33 -78.32 -94.47
CA VAL Z 127 28.53 -77.25 -95.45
C VAL Z 127 28.16 -77.73 -96.84
N GLU Z 128 28.67 -78.91 -97.20
CA GLU Z 128 28.40 -79.52 -98.50
C GLU Z 128 26.90 -79.58 -98.76
N LYS Z 129 26.13 -79.94 -97.73
CA LYS Z 129 24.67 -80.03 -97.84
C LYS Z 129 24.04 -78.63 -97.99
N ILE Z 130 24.71 -77.61 -97.45
CA ILE Z 130 24.21 -76.24 -97.55
C ILE Z 130 24.26 -75.82 -99.01
N LYS Z 131 25.43 -76.07 -99.62
CA LYS Z 131 25.66 -75.78 -101.03
C LYS Z 131 24.60 -76.52 -101.82
N ALA Z 132 24.56 -77.82 -101.61
CA ALA Z 132 23.60 -78.72 -102.26
C ALA Z 132 22.17 -78.17 -102.32
N LEU Z 133 21.77 -77.36 -101.34
CA LEU Z 133 20.42 -76.82 -101.32
C LEU Z 133 20.37 -75.37 -101.77
N ALA Z 134 21.53 -74.83 -102.15
CA ALA Z 134 21.60 -73.44 -102.58
C ALA Z 134 20.91 -73.18 -103.93
N ILE Z 135 20.24 -72.03 -103.99
CA ILE Z 135 19.54 -71.59 -105.20
C ILE Z 135 20.05 -70.21 -105.61
N PRO Z 136 20.49 -70.07 -106.87
CA PRO Z 136 21.00 -68.79 -107.36
C PRO Z 136 19.92 -67.69 -107.39
N VAL Z 137 20.32 -66.48 -107.03
CA VAL Z 137 19.40 -65.34 -107.03
C VAL Z 137 19.27 -64.91 -108.48
N GLU Z 138 18.04 -64.75 -108.97
CA GLU Z 138 17.90 -64.38 -110.38
C GLU Z 138 16.82 -63.36 -110.69
N ASP Z 139 16.31 -62.65 -109.68
CA ASP Z 139 15.29 -61.66 -109.97
C ASP Z 139 14.97 -60.73 -108.82
N ARG Z 140 14.24 -59.67 -109.15
CA ARG Z 140 13.83 -58.63 -108.22
C ARG Z 140 13.15 -59.17 -106.95
N LYS Z 141 12.36 -60.23 -107.10
CA LYS Z 141 11.68 -60.83 -105.97
C LYS Z 141 12.69 -61.53 -105.05
N ALA Z 142 13.42 -62.50 -105.59
CA ALA Z 142 14.43 -63.24 -104.84
C ALA Z 142 15.24 -62.33 -103.94
N ILE Z 143 15.54 -61.13 -104.44
CA ILE Z 143 16.31 -60.17 -103.66
C ILE Z 143 15.43 -59.45 -102.65
N GLU Z 144 14.25 -59.00 -103.07
CA GLU Z 144 13.36 -58.32 -102.14
C GLU Z 144 13.14 -59.18 -100.90
N GLU Z 145 13.12 -60.50 -101.09
CA GLU Z 145 12.93 -61.41 -99.98
C GLU Z 145 14.15 -61.35 -99.08
N VAL Z 146 15.29 -61.85 -99.56
CA VAL Z 146 16.53 -61.84 -98.79
C VAL Z 146 16.66 -60.57 -97.95
N ALA Z 147 16.39 -59.42 -98.56
CA ALA Z 147 16.48 -58.13 -97.88
C ALA Z 147 15.41 -57.95 -96.83
N THR Z 148 14.15 -58.19 -97.19
CA THR Z 148 13.05 -58.03 -96.24
C THR Z 148 13.32 -58.82 -94.97
N ILE Z 149 13.83 -60.04 -95.13
CA ILE Z 149 14.16 -60.88 -94.00
C ILE Z 149 15.31 -60.28 -93.20
N SER Z 150 16.52 -60.28 -93.76
CA SER Z 150 17.68 -59.75 -93.05
C SER Z 150 17.37 -58.46 -92.29
N ALA Z 151 16.51 -57.62 -92.86
CA ALA Z 151 16.14 -56.36 -92.24
C ALA Z 151 14.91 -56.48 -91.36
N ASN Z 152 14.19 -57.58 -91.54
CA ASN Z 152 12.97 -57.82 -90.78
C ASN Z 152 12.03 -56.65 -91.02
N ASP Z 153 11.89 -56.26 -92.29
CA ASP Z 153 11.02 -55.17 -92.69
C ASP Z 153 10.77 -55.27 -94.19
N PRO Z 154 9.49 -55.23 -94.62
CA PRO Z 154 9.14 -55.32 -96.04
C PRO Z 154 9.65 -54.10 -96.81
N GLU Z 155 9.37 -52.91 -96.27
CA GLU Z 155 9.79 -51.67 -96.88
C GLU Z 155 11.27 -51.67 -97.22
N VAL Z 156 12.11 -51.98 -96.24
CA VAL Z 156 13.55 -52.03 -96.47
C VAL Z 156 13.86 -53.01 -97.59
N GLY Z 157 13.24 -54.19 -97.54
CA GLY Z 157 13.47 -55.18 -98.58
C GLY Z 157 13.04 -54.69 -99.95
N LYS Z 158 12.10 -53.75 -99.98
CA LYS Z 158 11.62 -53.20 -101.24
C LYS Z 158 12.66 -52.28 -101.86
N LEU Z 159 12.97 -51.18 -101.16
CA LEU Z 159 13.95 -50.20 -101.64
C LEU Z 159 15.27 -50.86 -102.08
N ILE Z 160 15.74 -51.82 -101.29
CA ILE Z 160 16.98 -52.53 -101.62
C ILE Z 160 16.80 -53.26 -102.95
N ALA Z 161 15.60 -53.79 -103.17
CA ALA Z 161 15.29 -54.50 -104.41
C ALA Z 161 15.18 -53.48 -105.54
N ASP Z 162 14.38 -52.42 -105.34
CA ASP Z 162 14.22 -51.38 -106.35
C ASP Z 162 15.58 -50.87 -106.83
N ALA Z 163 16.38 -50.40 -105.89
CA ALA Z 163 17.71 -49.89 -106.17
C ALA Z 163 18.56 -50.97 -106.86
N MET Z 164 18.78 -52.10 -106.19
CA MET Z 164 19.56 -53.21 -106.73
C MET Z 164 19.22 -53.49 -108.19
N GLU Z 165 17.93 -53.49 -108.49
CA GLU Z 165 17.44 -53.75 -109.84
C GLU Z 165 17.92 -52.70 -110.84
N LYS Z 166 17.64 -51.44 -110.56
CA LYS Z 166 18.02 -50.33 -111.44
C LYS Z 166 19.46 -49.84 -111.30
N VAL Z 167 20.38 -50.77 -111.02
CA VAL Z 167 21.79 -50.44 -110.85
C VAL Z 167 22.57 -51.73 -111.10
N GLY Z 168 21.82 -52.80 -111.35
CA GLY Z 168 22.43 -54.08 -111.63
C GLY Z 168 23.17 -54.64 -110.44
N LYS Z 169 23.38 -55.96 -110.45
CA LYS Z 169 24.08 -56.63 -109.35
C LYS Z 169 25.53 -56.16 -109.19
N GLU Z 170 26.10 -55.55 -110.23
CA GLU Z 170 27.47 -55.08 -110.14
C GLU Z 170 27.45 -53.60 -109.77
N GLY Z 171 26.25 -53.08 -109.54
CA GLY Z 171 26.08 -51.68 -109.19
C GLY Z 171 26.58 -51.31 -107.81
N ILE Z 172 26.12 -50.18 -107.32
CA ILE Z 172 26.54 -49.70 -106.01
C ILE Z 172 25.42 -48.98 -105.27
N ILE Z 173 25.12 -49.45 -104.07
CA ILE Z 173 24.08 -48.83 -103.28
C ILE Z 173 24.70 -48.23 -102.02
N THR Z 174 24.19 -47.06 -101.61
CA THR Z 174 24.71 -46.40 -100.44
C THR Z 174 23.64 -45.96 -99.44
N VAL Z 175 23.93 -46.14 -98.15
CA VAL Z 175 23.01 -45.77 -97.10
C VAL Z 175 23.44 -44.43 -96.50
N GLU Z 176 22.57 -43.44 -96.58
CA GLU Z 176 22.83 -42.12 -96.05
C GLU Z 176 21.75 -41.65 -95.08
N GLU Z 177 22.11 -40.63 -94.32
CA GLU Z 177 21.24 -40.07 -93.32
C GLU Z 177 20.36 -38.94 -93.86
N SER Z 178 19.16 -39.29 -94.29
CA SER Z 178 18.20 -38.29 -94.81
C SER Z 178 17.94 -37.24 -93.74
N LYS Z 179 17.11 -36.26 -94.07
CA LYS Z 179 16.80 -35.20 -93.11
C LYS Z 179 15.33 -35.17 -92.72
N SER Z 180 14.48 -35.69 -93.60
CA SER Z 180 13.05 -35.74 -93.34
C SER Z 180 12.76 -37.00 -92.53
N LEU Z 181 11.53 -37.13 -92.05
CA LEU Z 181 11.18 -38.31 -91.28
C LEU Z 181 11.11 -39.50 -92.21
N GLU Z 182 10.99 -39.25 -93.51
CA GLU Z 182 10.88 -40.33 -94.47
C GLU Z 182 12.16 -40.68 -95.21
N THR Z 183 12.28 -41.97 -95.52
CA THR Z 183 13.42 -42.52 -96.23
C THR Z 183 13.17 -42.38 -97.73
N GLU Z 184 14.21 -42.04 -98.48
CA GLU Z 184 14.10 -41.87 -99.92
C GLU Z 184 15.19 -42.61 -100.71
N LEU Z 185 14.81 -43.14 -101.86
CA LEU Z 185 15.75 -43.84 -102.73
C LEU Z 185 15.98 -42.91 -103.91
N LYS Z 186 17.25 -42.66 -104.21
CA LYS Z 186 17.59 -41.78 -105.31
C LYS Z 186 18.80 -42.29 -106.07
N PHE Z 187 18.79 -42.10 -107.38
CA PHE Z 187 19.89 -42.54 -108.22
C PHE Z 187 20.72 -41.36 -108.68
N VAL Z 188 22.00 -41.64 -108.93
CA VAL Z 188 22.94 -40.63 -109.38
C VAL Z 188 23.37 -40.78 -110.82
N GLU Z 189 23.55 -39.64 -111.47
CA GLU Z 189 23.98 -39.66 -112.85
C GLU Z 189 25.41 -39.23 -113.05
N GLY Z 190 26.29 -40.20 -113.26
CA GLY Z 190 27.68 -39.89 -113.51
C GLY Z 190 28.53 -39.53 -112.29
N TYR Z 191 29.47 -38.61 -112.51
CA TYR Z 191 30.37 -38.15 -111.47
C TYR Z 191 29.94 -36.80 -110.93
N GLN Z 192 29.98 -36.66 -109.61
CA GLN Z 192 29.59 -35.41 -108.97
C GLN Z 192 30.23 -35.26 -107.59
N PHE Z 193 30.49 -34.03 -107.19
CA PHE Z 193 31.09 -33.73 -105.90
C PHE Z 193 30.36 -32.51 -105.37
N ASP Z 194 30.55 -32.23 -104.08
CA ASP Z 194 29.85 -31.11 -103.44
C ASP Z 194 30.57 -29.76 -103.49
N LYS Z 195 30.86 -29.32 -104.72
CA LYS Z 195 31.52 -28.04 -104.98
C LYS Z 195 30.75 -27.33 -106.08
N GLY Z 196 30.33 -26.09 -105.81
CA GLY Z 196 29.57 -25.34 -106.80
C GLY Z 196 30.34 -24.30 -107.59
N TYR Z 197 29.62 -23.50 -108.36
CA TYR Z 197 30.24 -22.46 -109.18
C TYR Z 197 30.88 -21.36 -108.35
N ILE Z 198 32.19 -21.17 -108.58
CA ILE Z 198 32.99 -20.18 -107.87
C ILE Z 198 32.45 -18.76 -107.95
N SER Z 199 31.49 -18.54 -108.83
CA SER Z 199 30.89 -17.22 -108.97
C SER Z 199 29.48 -17.34 -109.55
N PRO Z 200 28.51 -16.66 -108.92
CA PRO Z 200 27.12 -16.69 -109.38
C PRO Z 200 26.93 -16.24 -110.82
N TYR Z 201 27.96 -15.62 -111.39
CA TYR Z 201 27.90 -15.13 -112.76
C TYR Z 201 27.91 -16.26 -113.79
N PHE Z 202 28.56 -17.38 -113.46
CA PHE Z 202 28.65 -18.53 -114.36
C PHE Z 202 27.29 -19.17 -114.67
N VAL Z 203 26.26 -18.75 -113.93
CA VAL Z 203 24.90 -19.29 -114.09
C VAL Z 203 24.34 -19.25 -115.52
N THR Z 204 23.81 -20.39 -115.95
CA THR Z 204 23.23 -20.55 -117.29
C THR Z 204 21.72 -20.30 -117.26
N ASN Z 205 21.08 -20.84 -116.22
CA ASN Z 205 19.64 -20.73 -116.05
C ASN Z 205 19.29 -19.81 -114.87
N PRO Z 206 18.55 -18.72 -115.13
CA PRO Z 206 18.16 -17.78 -114.08
C PRO Z 206 16.99 -18.32 -113.25
N GLU Z 207 16.40 -19.41 -113.72
CA GLU Z 207 15.26 -20.04 -113.06
C GLU Z 207 15.67 -21.22 -112.17
N THR Z 208 16.82 -21.80 -112.46
CA THR Z 208 17.28 -22.94 -111.68
C THR Z 208 18.62 -22.67 -111.02
N MET Z 209 19.11 -21.44 -111.12
CA MET Z 209 20.38 -21.08 -110.53
C MET Z 209 21.43 -22.13 -110.84
N GLU Z 210 21.38 -22.66 -112.06
CA GLU Z 210 22.33 -23.68 -112.51
C GLU Z 210 23.30 -23.17 -113.57
N ALA Z 211 24.33 -23.97 -113.81
CA ALA Z 211 25.32 -23.66 -114.81
C ALA Z 211 25.38 -24.91 -115.67
N VAL Z 212 24.60 -24.91 -116.75
CA VAL Z 212 24.56 -26.03 -117.66
C VAL Z 212 25.51 -25.79 -118.83
N LEU Z 213 26.46 -26.70 -119.00
CA LEU Z 213 27.43 -26.58 -120.09
C LEU Z 213 27.30 -27.81 -120.96
N GLU Z 214 26.93 -27.64 -122.22
CA GLU Z 214 26.78 -28.80 -123.06
C GLU Z 214 27.96 -29.16 -123.92
N ASP Z 215 28.30 -30.44 -123.89
CA ASP Z 215 29.44 -30.96 -124.63
C ASP Z 215 30.59 -29.99 -124.47
N ALA Z 216 31.13 -29.94 -123.26
CA ALA Z 216 32.22 -29.03 -122.96
C ALA Z 216 33.53 -29.76 -122.63
N PHE Z 217 34.56 -28.95 -122.46
CA PHE Z 217 35.89 -29.42 -122.13
C PHE Z 217 36.09 -29.21 -120.65
N ILE Z 218 36.84 -30.10 -120.03
CA ILE Z 218 37.13 -29.99 -118.61
C ILE Z 218 38.61 -29.73 -118.39
N LEU Z 219 38.93 -28.59 -117.78
CA LEU Z 219 40.31 -28.24 -117.49
C LEU Z 219 40.59 -28.69 -116.06
N ILE Z 220 41.40 -29.74 -115.93
CA ILE Z 220 41.73 -30.28 -114.62
C ILE Z 220 43.10 -29.83 -114.11
N VAL Z 221 43.12 -28.71 -113.39
CA VAL Z 221 44.35 -28.15 -112.83
C VAL Z 221 44.52 -28.47 -111.34
N GLU Z 222 45.67 -29.05 -110.96
CA GLU Z 222 45.91 -29.38 -109.57
C GLU Z 222 46.14 -28.13 -108.71
N LYS Z 223 47.15 -27.35 -109.08
CA LYS Z 223 47.48 -26.10 -108.38
C LYS Z 223 46.34 -25.09 -108.50
N LYS Z 224 46.52 -23.90 -107.95
CA LYS Z 224 45.49 -22.86 -108.03
C LYS Z 224 45.59 -22.14 -109.36
N VAL Z 225 44.83 -21.06 -109.49
CA VAL Z 225 44.82 -20.26 -110.70
C VAL Z 225 44.40 -18.83 -110.42
N SER Z 226 45.34 -17.90 -110.60
CA SER Z 226 45.06 -16.50 -110.34
C SER Z 226 45.71 -15.62 -111.39
N ASN Z 227 46.72 -16.18 -112.04
CA ASN Z 227 47.48 -15.46 -113.07
C ASN Z 227 46.91 -15.63 -114.47
N VAL Z 228 46.33 -14.56 -115.01
CA VAL Z 228 45.73 -14.58 -116.32
C VAL Z 228 46.58 -15.16 -117.45
N ARG Z 229 47.88 -14.95 -117.40
CA ARG Z 229 48.76 -15.44 -118.46
C ARG Z 229 48.67 -16.95 -118.70
N GLU Z 230 49.00 -17.76 -117.70
CA GLU Z 230 48.95 -19.22 -117.85
C GLU Z 230 47.65 -19.76 -118.46
N LEU Z 231 46.55 -19.07 -118.22
CA LEU Z 231 45.24 -19.47 -118.74
C LEU Z 231 45.06 -19.21 -120.23
N LEU Z 232 45.17 -17.94 -120.61
CA LEU Z 232 45.01 -17.48 -122.00
C LEU Z 232 45.36 -18.47 -123.11
N PRO Z 233 46.55 -19.09 -123.04
CA PRO Z 233 46.91 -20.05 -124.09
C PRO Z 233 45.81 -21.06 -124.39
N ILE Z 234 45.40 -21.77 -123.35
CA ILE Z 234 44.37 -22.80 -123.42
C ILE Z 234 42.95 -22.20 -123.59
N LEU Z 235 42.70 -21.02 -123.01
CA LEU Z 235 41.41 -20.32 -123.13
C LEU Z 235 41.16 -19.92 -124.57
N GLU Z 236 42.23 -19.63 -125.28
CA GLU Z 236 42.12 -19.25 -126.68
C GLU Z 236 41.87 -20.51 -127.50
N GLN Z 237 42.68 -21.55 -127.28
CA GLN Z 237 42.52 -22.80 -128.00
C GLN Z 237 41.06 -23.29 -127.88
N VAL Z 238 40.48 -23.11 -126.71
CA VAL Z 238 39.12 -23.53 -126.45
C VAL Z 238 38.11 -22.57 -127.07
N ALA Z 239 38.25 -21.28 -126.79
CA ALA Z 239 37.34 -20.27 -127.33
C ALA Z 239 37.08 -20.48 -128.82
N GLN Z 240 38.12 -20.91 -129.53
CA GLN Z 240 38.04 -21.15 -130.96
C GLN Z 240 37.31 -22.46 -131.29
N THR Z 241 37.21 -23.35 -130.31
CA THR Z 241 36.52 -24.62 -130.53
C THR Z 241 35.01 -24.38 -130.47
N GLY Z 242 34.62 -23.20 -129.97
CA GLY Z 242 33.22 -22.85 -129.87
C GLY Z 242 32.49 -23.67 -128.82
N LYS Z 243 33.23 -24.52 -128.13
CA LYS Z 243 32.66 -25.38 -127.08
C LYS Z 243 32.81 -24.75 -125.70
N PRO Z 244 31.91 -25.08 -124.76
CA PRO Z 244 31.95 -24.56 -123.39
C PRO Z 244 33.13 -25.16 -122.62
N LEU Z 245 33.51 -24.51 -121.53
CA LEU Z 245 34.63 -25.02 -120.75
C LEU Z 245 34.42 -24.98 -119.24
N LEU Z 246 34.79 -26.09 -118.61
CA LEU Z 246 34.68 -26.23 -117.16
C LEU Z 246 36.10 -26.31 -116.61
N ILE Z 247 36.43 -25.38 -115.73
CA ILE Z 247 37.75 -25.38 -115.13
C ILE Z 247 37.66 -25.84 -113.68
N ILE Z 248 38.45 -26.86 -113.35
CA ILE Z 248 38.51 -27.43 -112.02
C ILE Z 248 39.92 -27.26 -111.48
N ALA Z 249 40.10 -26.32 -110.56
CA ALA Z 249 41.41 -26.05 -109.96
C ALA Z 249 41.27 -25.87 -108.45
N GLU Z 250 42.37 -26.01 -107.72
CA GLU Z 250 42.36 -25.85 -106.26
C GLU Z 250 41.47 -24.65 -105.92
N ASP Z 251 41.44 -23.69 -106.84
CA ASP Z 251 40.63 -22.50 -106.69
C ASP Z 251 40.96 -21.60 -107.89
N VAL Z 252 40.07 -20.68 -108.19
CA VAL Z 252 40.24 -19.75 -109.30
C VAL Z 252 39.96 -18.35 -108.78
N GLU Z 253 41.03 -17.64 -108.46
CA GLU Z 253 40.94 -16.30 -107.89
C GLU Z 253 41.67 -15.22 -108.68
N GLY Z 254 41.66 -14.02 -108.09
CA GLY Z 254 42.30 -12.86 -108.68
C GLY Z 254 41.79 -12.47 -110.05
N GLU Z 255 42.74 -12.08 -110.90
CA GLU Z 255 42.48 -11.67 -112.26
C GLU Z 255 42.04 -12.84 -113.15
N ALA Z 256 42.56 -14.04 -112.87
CA ALA Z 256 42.21 -15.24 -113.63
C ALA Z 256 40.71 -15.47 -113.63
N LEU Z 257 40.10 -15.32 -112.46
CA LEU Z 257 38.66 -15.49 -112.33
C LEU Z 257 37.95 -14.35 -113.03
N ALA Z 258 38.33 -13.11 -112.67
CA ALA Z 258 37.73 -11.92 -113.27
C ALA Z 258 37.72 -12.02 -114.78
N THR Z 259 38.71 -12.72 -115.34
CA THR Z 259 38.78 -12.91 -116.78
C THR Z 259 37.59 -13.76 -117.19
N LEU Z 260 37.60 -15.01 -116.73
CA LEU Z 260 36.54 -15.97 -117.00
C LEU Z 260 35.13 -15.37 -116.88
N VAL Z 261 34.93 -14.56 -115.84
CA VAL Z 261 33.66 -13.90 -115.57
C VAL Z 261 33.24 -12.96 -116.70
N VAL Z 262 34.14 -12.07 -117.10
CA VAL Z 262 33.87 -11.09 -118.14
C VAL Z 262 33.66 -11.72 -119.52
N ASN Z 263 34.48 -12.71 -119.87
CA ASN Z 263 34.35 -13.38 -121.16
C ASN Z 263 33.04 -14.15 -121.21
N LYS Z 264 32.69 -14.75 -120.08
CA LYS Z 264 31.46 -15.50 -119.93
C LYS Z 264 30.28 -14.56 -120.16
N LEU Z 265 30.29 -13.46 -119.42
CA LEU Z 265 29.26 -12.43 -119.47
C LEU Z 265 29.29 -11.68 -120.81
N ARG Z 266 30.40 -11.81 -121.53
CA ARG Z 266 30.62 -11.14 -122.81
C ARG Z 266 30.02 -11.90 -123.98
N GLY Z 267 30.22 -13.21 -123.97
CA GLY Z 267 29.74 -14.07 -125.04
C GLY Z 267 30.97 -14.73 -125.60
N THR Z 268 32.12 -14.19 -125.21
CA THR Z 268 33.43 -14.67 -125.63
C THR Z 268 33.58 -16.17 -125.46
N LEU Z 269 33.38 -16.63 -124.23
CA LEU Z 269 33.52 -18.03 -123.93
C LEU Z 269 32.55 -18.41 -122.81
N SER Z 270 31.91 -19.57 -122.96
CA SER Z 270 30.97 -20.07 -121.95
C SER Z 270 31.78 -20.97 -121.02
N VAL Z 271 32.04 -20.48 -119.81
CA VAL Z 271 32.81 -21.23 -118.85
C VAL Z 271 32.31 -21.14 -117.42
N ALA Z 272 32.92 -21.96 -116.57
CA ALA Z 272 32.61 -22.02 -115.17
C ALA Z 272 33.79 -22.62 -114.41
N ALA Z 273 34.05 -22.07 -113.24
CA ALA Z 273 35.13 -22.53 -112.39
C ALA Z 273 34.54 -23.15 -111.13
N VAL Z 274 35.12 -24.29 -110.72
CA VAL Z 274 34.67 -25.01 -109.54
C VAL Z 274 35.86 -25.55 -108.78
N LYS Z 275 35.92 -25.31 -107.47
CA LYS Z 275 37.05 -25.79 -106.67
C LYS Z 275 37.19 -27.31 -106.77
N ALA Z 276 38.40 -27.81 -106.56
CA ALA Z 276 38.63 -29.24 -106.63
C ALA Z 276 37.70 -29.94 -105.63
N PRO Z 277 37.51 -31.26 -105.80
CA PRO Z 277 36.63 -31.98 -104.88
C PRO Z 277 37.17 -31.99 -103.43
N GLY Z 278 37.84 -33.07 -103.05
CA GLY Z 278 38.36 -33.18 -101.70
C GLY Z 278 39.43 -32.22 -101.21
N PHE Z 279 40.25 -32.73 -100.28
CA PHE Z 279 41.36 -31.99 -99.67
C PHE Z 279 42.57 -32.92 -99.68
N GLY Z 280 43.63 -32.50 -99.00
CA GLY Z 280 44.84 -33.31 -98.92
C GLY Z 280 45.22 -34.01 -100.22
N ASP Z 281 45.74 -35.23 -100.09
CA ASP Z 281 46.15 -36.04 -101.24
C ASP Z 281 44.95 -36.71 -101.87
N ARG Z 282 43.80 -36.47 -101.26
CA ARG Z 282 42.58 -37.05 -101.72
C ARG Z 282 42.01 -36.32 -102.94
N ARG Z 283 41.92 -34.99 -102.87
CA ARG Z 283 41.40 -34.24 -104.01
C ARG Z 283 42.38 -34.38 -105.17
N LYS Z 284 43.59 -34.81 -104.86
CA LYS Z 284 44.60 -35.02 -105.89
C LYS Z 284 44.21 -36.32 -106.59
N GLU Z 285 43.99 -37.36 -105.79
CA GLU Z 285 43.59 -38.66 -106.32
C GLU Z 285 42.24 -38.58 -107.00
N MET Z 286 41.37 -37.70 -106.52
CA MET Z 286 40.04 -37.52 -107.09
C MET Z 286 40.06 -36.76 -108.40
N LEU Z 287 40.97 -35.78 -108.51
CA LEU Z 287 41.09 -35.03 -109.75
C LEU Z 287 41.51 -36.05 -110.79
N LYS Z 288 42.33 -36.98 -110.31
CA LYS Z 288 42.86 -38.07 -111.08
C LYS Z 288 41.70 -38.94 -111.58
N ASP Z 289 40.74 -39.14 -110.68
CA ASP Z 289 39.54 -39.91 -110.96
C ASP Z 289 38.76 -39.14 -112.04
N ILE Z 290 38.43 -37.88 -111.75
CA ILE Z 290 37.69 -37.01 -112.67
C ILE Z 290 38.34 -37.10 -114.05
N ALA Z 291 39.66 -37.19 -114.05
CA ALA Z 291 40.41 -37.29 -115.30
C ALA Z 291 39.91 -38.52 -116.06
N ALA Z 292 40.31 -39.70 -115.59
CA ALA Z 292 39.92 -40.96 -116.21
C ALA Z 292 38.44 -41.05 -116.59
N VAL Z 293 37.60 -40.22 -115.98
CA VAL Z 293 36.16 -40.23 -116.28
C VAL Z 293 35.82 -39.32 -117.45
N THR Z 294 36.51 -38.19 -117.53
CA THR Z 294 36.30 -37.23 -118.61
C THR Z 294 37.31 -37.48 -119.74
N GLY Z 295 38.31 -38.31 -119.45
CA GLY Z 295 39.34 -38.63 -120.42
C GLY Z 295 40.50 -37.64 -120.43
N GLY Z 296 40.25 -36.40 -120.01
CA GLY Z 296 41.29 -35.38 -119.99
C GLY Z 296 42.53 -35.71 -119.17
N THR Z 297 43.41 -34.73 -119.03
CA THR Z 297 44.64 -34.92 -118.28
C THR Z 297 44.68 -33.95 -117.09
N VAL Z 298 45.28 -34.41 -116.00
CA VAL Z 298 45.40 -33.58 -114.80
C VAL Z 298 46.67 -32.75 -114.93
N ILE Z 299 46.54 -31.44 -114.84
CA ILE Z 299 47.70 -30.56 -114.93
C ILE Z 299 48.43 -30.63 -113.59
N SER Z 300 49.02 -31.80 -113.32
CA SER Z 300 49.73 -32.07 -112.08
C SER Z 300 50.98 -31.24 -111.94
N GLU Z 301 50.95 -30.28 -111.03
CA GLU Z 301 52.09 -29.41 -110.79
C GLU Z 301 53.30 -30.26 -110.40
N GLU Z 302 53.04 -31.45 -109.85
CA GLU Z 302 54.13 -32.34 -109.45
C GLU Z 302 54.35 -33.53 -110.39
N LEU Z 303 53.81 -33.43 -111.60
CA LEU Z 303 53.99 -34.47 -112.61
C LEU Z 303 54.78 -33.84 -113.74
N GLY Z 304 54.89 -32.51 -113.67
CA GLY Z 304 55.62 -31.77 -114.68
C GLY Z 304 54.78 -31.17 -115.79
N PHE Z 305 53.83 -30.31 -115.43
CA PHE Z 305 52.99 -29.66 -116.42
C PHE Z 305 52.78 -28.19 -116.08
N LYS Z 306 52.76 -27.34 -117.11
CA LYS Z 306 52.54 -25.91 -116.91
C LYS Z 306 51.22 -25.54 -117.55
N LEU Z 307 50.38 -24.84 -116.79
CA LEU Z 307 49.06 -24.44 -117.28
C LEU Z 307 49.18 -23.72 -118.61
N GLU Z 308 50.14 -22.83 -118.71
CA GLU Z 308 50.34 -22.09 -119.94
C GLU Z 308 50.59 -23.02 -121.14
N ASN Z 309 51.26 -24.15 -120.90
CA ASN Z 309 51.56 -25.13 -121.96
C ASN Z 309 50.48 -26.21 -122.10
N ALA Z 310 49.25 -25.86 -121.75
CA ALA Z 310 48.16 -26.81 -121.86
C ALA Z 310 47.64 -26.86 -123.29
N THR Z 311 46.96 -27.95 -123.63
CA THR Z 311 46.43 -28.15 -124.98
C THR Z 311 45.01 -28.71 -124.94
N LEU Z 312 44.31 -28.60 -126.06
CA LEU Z 312 42.96 -29.14 -126.14
C LEU Z 312 43.07 -30.67 -126.10
N SER Z 313 44.25 -31.17 -126.45
CA SER Z 313 44.53 -32.60 -126.47
C SER Z 313 44.48 -33.25 -125.09
N MET Z 314 44.85 -32.49 -124.06
CA MET Z 314 44.83 -33.02 -122.70
C MET Z 314 43.64 -32.49 -121.89
N LEU Z 315 42.58 -32.11 -122.59
CA LEU Z 315 41.38 -31.60 -121.94
C LEU Z 315 40.32 -32.69 -121.74
N GLY Z 316 39.54 -32.54 -120.68
CA GLY Z 316 38.48 -33.49 -120.40
C GLY Z 316 37.29 -33.14 -121.26
N ARG Z 317 36.44 -34.12 -121.52
CA ARG Z 317 35.27 -33.89 -122.35
C ARG Z 317 34.07 -34.68 -121.84
N ALA Z 318 32.92 -34.04 -121.85
CA ALA Z 318 31.71 -34.71 -121.37
C ALA Z 318 30.46 -34.25 -122.12
N GLU Z 319 29.41 -35.07 -122.03
CA GLU Z 319 28.13 -34.79 -122.68
C GLU Z 319 27.37 -33.64 -122.04
N ARG Z 320 27.61 -33.42 -120.75
CA ARG Z 320 26.93 -32.33 -120.06
C ARG Z 320 27.54 -32.07 -118.69
N VAL Z 321 27.28 -30.88 -118.16
CA VAL Z 321 27.79 -30.49 -116.85
C VAL Z 321 26.84 -29.50 -116.19
N ARG Z 322 26.40 -29.86 -114.97
CA ARG Z 322 25.50 -29.03 -114.17
C ARG Z 322 26.25 -28.48 -112.96
N ILE Z 323 26.06 -27.20 -112.69
CA ILE Z 323 26.74 -26.57 -111.57
C ILE Z 323 25.76 -25.72 -110.77
N THR Z 324 25.46 -26.16 -109.54
CA THR Z 324 24.54 -25.43 -108.68
C THR Z 324 25.36 -24.57 -107.73
N LYS Z 325 24.68 -23.81 -106.88
CA LYS Z 325 25.35 -22.94 -105.91
C LYS Z 325 26.38 -23.71 -105.07
N ASP Z 326 26.21 -25.02 -104.95
CA ASP Z 326 27.13 -25.83 -104.15
C ASP Z 326 27.33 -27.26 -104.66
N GLU Z 327 26.93 -27.53 -105.90
CA GLU Z 327 27.10 -28.86 -106.43
C GLU Z 327 27.52 -28.84 -107.91
N THR Z 328 28.25 -29.87 -108.33
CA THR Z 328 28.71 -29.97 -109.71
C THR Z 328 28.59 -31.40 -110.22
N THR Z 329 27.91 -31.57 -111.35
CA THR Z 329 27.73 -32.90 -111.92
C THR Z 329 28.29 -33.01 -113.35
N ILE Z 330 29.12 -34.01 -113.57
CA ILE Z 330 29.74 -34.22 -114.87
C ILE Z 330 29.11 -35.41 -115.58
N VAL Z 331 28.05 -35.13 -116.33
CA VAL Z 331 27.32 -36.16 -117.08
C VAL Z 331 28.00 -36.50 -118.39
N GLY Z 332 27.83 -37.74 -118.83
CA GLY Z 332 28.40 -38.19 -120.09
C GLY Z 332 29.89 -37.96 -120.24
N GLY Z 333 30.67 -38.38 -119.25
CA GLY Z 333 32.11 -38.21 -119.34
C GLY Z 333 32.58 -39.05 -120.50
N LYS Z 334 33.50 -38.52 -121.31
CA LYS Z 334 33.99 -39.27 -122.46
C LYS Z 334 35.23 -40.11 -122.16
N GLY Z 335 35.63 -40.17 -120.91
CA GLY Z 335 36.81 -40.93 -120.53
C GLY Z 335 36.96 -42.31 -121.16
N LYS Z 336 38.18 -42.84 -121.06
CA LYS Z 336 38.52 -44.15 -121.59
C LYS Z 336 38.12 -45.24 -120.60
N LYS Z 337 37.34 -46.21 -121.05
CA LYS Z 337 36.87 -47.30 -120.20
C LYS Z 337 37.93 -48.01 -119.36
N GLU Z 338 39.13 -48.19 -119.90
CA GLU Z 338 40.20 -48.85 -119.15
C GLU Z 338 40.73 -47.92 -118.06
N ASP Z 339 40.66 -46.62 -118.32
CA ASP Z 339 41.12 -45.62 -117.37
C ASP Z 339 40.26 -45.63 -116.12
N ILE Z 340 38.95 -45.78 -116.31
CA ILE Z 340 38.02 -45.83 -115.19
C ILE Z 340 38.20 -47.13 -114.41
N GLU Z 341 38.23 -48.27 -115.11
CA GLU Z 341 38.41 -49.57 -114.45
C GLU Z 341 39.70 -49.62 -113.64
N ALA Z 342 40.79 -49.19 -114.27
CA ALA Z 342 42.08 -49.17 -113.63
C ALA Z 342 42.06 -48.23 -112.43
N ARG Z 343 41.31 -47.15 -112.55
CA ARG Z 343 41.17 -46.16 -111.49
C ARG Z 343 40.36 -46.75 -110.34
N ILE Z 344 39.37 -47.57 -110.70
CA ILE Z 344 38.49 -48.24 -109.75
C ILE Z 344 39.22 -49.37 -109.03
N ASN Z 345 39.66 -50.37 -109.78
CA ASN Z 345 40.36 -51.51 -109.20
C ASN Z 345 41.57 -51.09 -108.36
N GLY Z 346 41.92 -49.81 -108.45
CA GLY Z 346 43.03 -49.29 -107.69
C GLY Z 346 42.57 -49.08 -106.26
N ILE Z 347 41.30 -48.70 -106.14
CA ILE Z 347 40.66 -48.46 -104.86
C ILE Z 347 40.38 -49.82 -104.19
N LYS Z 348 39.83 -50.74 -104.96
CA LYS Z 348 39.55 -52.07 -104.45
C LYS Z 348 40.82 -52.73 -103.94
N LYS Z 349 41.78 -52.95 -104.85
CA LYS Z 349 43.05 -53.58 -104.49
C LYS Z 349 43.78 -52.79 -103.42
N GLU Z 350 43.12 -51.76 -102.89
CA GLU Z 350 43.71 -50.92 -101.86
C GLU Z 350 42.86 -50.99 -100.58
N LEU Z 351 41.55 -51.16 -100.74
CA LEU Z 351 40.67 -51.26 -99.58
C LEU Z 351 40.99 -52.52 -98.79
N GLU Z 352 41.51 -53.52 -99.48
CA GLU Z 352 41.88 -54.77 -98.83
C GLU Z 352 43.16 -54.62 -98.02
N THR Z 353 43.40 -53.40 -97.53
CA THR Z 353 44.59 -53.09 -96.73
C THR Z 353 44.26 -51.91 -95.80
N THR Z 354 43.06 -51.37 -95.97
CA THR Z 354 42.59 -50.24 -95.16
C THR Z 354 41.89 -50.74 -93.90
N ASP Z 355 42.14 -50.09 -92.77
CA ASP Z 355 41.51 -50.50 -91.52
C ASP Z 355 40.46 -49.54 -91.02
N SER Z 356 40.91 -48.40 -90.49
CA SER Z 356 40.00 -47.38 -89.96
C SER Z 356 38.80 -47.28 -90.87
N GLU Z 357 37.68 -47.81 -90.40
CA GLU Z 357 36.45 -47.81 -91.16
C GLU Z 357 36.16 -46.46 -91.82
N TYR Z 358 36.77 -45.39 -91.31
CA TYR Z 358 36.56 -44.07 -91.89
C TYR Z 358 37.25 -43.95 -93.25
N ALA Z 359 38.43 -44.51 -93.36
CA ALA Z 359 39.17 -44.47 -94.60
C ALA Z 359 38.48 -45.36 -95.63
N ARG Z 360 37.88 -46.45 -95.16
CA ARG Z 360 37.18 -47.38 -96.04
C ARG Z 360 35.91 -46.77 -96.60
N GLU Z 361 35.41 -45.73 -95.93
CA GLU Z 361 34.20 -45.06 -96.37
C GLU Z 361 34.56 -43.97 -97.39
N LYS Z 362 35.76 -43.44 -97.27
CA LYS Z 362 36.26 -42.40 -98.17
C LYS Z 362 36.67 -43.03 -99.49
N LEU Z 363 37.39 -44.13 -99.39
CA LEU Z 363 37.86 -44.86 -100.55
C LEU Z 363 36.68 -45.67 -101.05
N GLN Z 364 35.48 -45.28 -100.63
CA GLN Z 364 34.27 -45.98 -101.05
C GLN Z 364 33.35 -45.06 -101.84
N GLU Z 365 33.25 -43.80 -101.45
CA GLU Z 365 32.41 -42.86 -102.17
C GLU Z 365 33.14 -42.43 -103.44
N ARG Z 366 34.43 -42.72 -103.49
CA ARG Z 366 35.24 -42.41 -104.65
C ARG Z 366 34.85 -43.50 -105.65
N LEU Z 367 35.04 -44.75 -105.21
CA LEU Z 367 34.70 -45.94 -105.98
C LEU Z 367 33.22 -45.94 -106.36
N ALA Z 368 32.46 -45.09 -105.68
CA ALA Z 368 31.03 -44.97 -105.93
C ALA Z 368 30.76 -44.03 -107.10
N LYS Z 369 31.30 -42.83 -107.04
CA LYS Z 369 31.11 -41.84 -108.11
C LYS Z 369 31.59 -42.39 -109.44
N LEU Z 370 32.76 -43.05 -109.40
CA LEU Z 370 33.39 -43.67 -110.57
C LEU Z 370 32.49 -44.68 -111.26
N ALA Z 371 31.66 -45.36 -110.49
CA ALA Z 371 30.77 -46.38 -111.05
C ALA Z 371 29.39 -45.90 -111.50
N GLY Z 372 29.22 -44.61 -111.78
CA GLY Z 372 27.94 -44.08 -112.24
C GLY Z 372 26.66 -44.73 -111.70
N GLY Z 373 26.29 -45.93 -112.22
CA GLY Z 373 25.13 -46.65 -111.71
C GLY Z 373 25.27 -46.67 -110.20
N VAL Z 374 24.80 -45.59 -109.58
CA VAL Z 374 24.88 -45.41 -108.14
C VAL Z 374 23.55 -45.03 -107.51
N ALA Z 375 23.08 -45.89 -106.62
CA ALA Z 375 21.83 -45.70 -105.90
C ALA Z 375 22.16 -45.24 -104.49
N VAL Z 376 21.26 -44.46 -103.91
CA VAL Z 376 21.49 -43.96 -102.56
C VAL Z 376 20.22 -43.85 -101.74
N ILE Z 377 20.15 -44.67 -100.69
CA ILE Z 377 19.00 -44.68 -99.80
C ILE Z 377 19.29 -43.73 -98.64
N ARG Z 378 18.48 -42.70 -98.53
CA ARG Z 378 18.65 -41.75 -97.45
C ARG Z 378 17.61 -42.06 -96.38
N VAL Z 379 18.04 -42.79 -95.36
CA VAL Z 379 17.18 -43.22 -94.25
C VAL Z 379 16.66 -42.09 -93.37
N GLY Z 380 15.36 -42.08 -93.13
CA GLY Z 380 14.76 -41.05 -92.30
C GLY Z 380 14.21 -41.63 -91.02
N ALA Z 381 14.07 -40.79 -90.00
CA ALA Z 381 13.54 -41.22 -88.71
C ALA Z 381 13.18 -39.97 -87.90
N ALA Z 382 12.48 -40.14 -86.79
CA ALA Z 382 12.10 -39.01 -85.96
C ALA Z 382 13.15 -38.71 -84.88
N THR Z 383 13.94 -39.72 -84.53
CA THR Z 383 14.95 -39.57 -83.49
C THR Z 383 16.26 -40.24 -83.86
N GLU Z 384 17.35 -39.66 -83.37
CA GLU Z 384 18.67 -40.17 -83.65
C GLU Z 384 18.78 -41.64 -83.31
N THR Z 385 18.26 -42.02 -82.14
CA THR Z 385 18.36 -43.42 -81.72
C THR Z 385 17.63 -44.35 -82.66
N GLU Z 386 16.42 -43.95 -83.08
CA GLU Z 386 15.66 -44.79 -84.01
C GLU Z 386 16.44 -44.92 -85.32
N LEU Z 387 16.74 -43.75 -85.87
CA LEU Z 387 17.49 -43.62 -87.11
C LEU Z 387 18.72 -44.51 -87.20
N LYS Z 388 19.60 -44.37 -86.22
CA LYS Z 388 20.82 -45.16 -86.19
C LYS Z 388 20.57 -46.67 -86.36
N GLU Z 389 19.44 -47.16 -85.84
CA GLU Z 389 19.13 -48.60 -85.95
C GLU Z 389 18.50 -48.86 -87.31
N LYS Z 390 17.53 -48.05 -87.67
CA LYS Z 390 16.87 -48.19 -88.96
C LYS Z 390 17.96 -48.22 -90.02
N LYS Z 391 18.85 -47.24 -89.96
CA LYS Z 391 19.96 -47.13 -90.89
C LYS Z 391 20.74 -48.44 -90.87
N HIS Z 392 21.00 -48.96 -89.67
CA HIS Z 392 21.77 -50.19 -89.56
C HIS Z 392 21.10 -51.37 -90.23
N ARG Z 393 19.79 -51.47 -90.08
CA ARG Z 393 19.07 -52.60 -90.68
C ARG Z 393 19.28 -52.61 -92.21
N PHE Z 394 19.20 -51.44 -92.83
CA PHE Z 394 19.43 -51.34 -94.26
C PHE Z 394 20.79 -51.92 -94.58
N GLU Z 395 21.81 -51.44 -93.86
CA GLU Z 395 23.17 -51.91 -94.06
C GLU Z 395 23.24 -53.44 -93.95
N ASP Z 396 22.54 -54.02 -92.98
CA ASP Z 396 22.57 -55.47 -92.85
C ASP Z 396 21.91 -56.11 -94.07
N ALA Z 397 20.76 -55.57 -94.46
CA ALA Z 397 20.01 -56.06 -95.63
C ALA Z 397 20.92 -56.14 -96.86
N LEU Z 398 21.68 -55.08 -97.10
CA LEU Z 398 22.60 -55.05 -98.22
C LEU Z 398 23.64 -56.17 -98.11
N ASN Z 399 24.38 -56.20 -96.99
CA ASN Z 399 25.40 -57.22 -96.79
C ASN Z 399 24.85 -58.60 -97.12
N ALA Z 400 23.58 -58.78 -96.79
CA ALA Z 400 22.89 -60.04 -97.06
C ALA Z 400 22.80 -60.20 -98.57
N THR Z 401 22.13 -59.24 -99.19
CA THR Z 401 21.95 -59.24 -100.64
C THR Z 401 23.26 -59.61 -101.33
N ARG Z 402 24.33 -58.87 -101.01
CA ARG Z 402 25.64 -59.14 -101.61
C ARG Z 402 26.01 -60.63 -101.47
N ALA Z 403 25.97 -61.13 -100.24
CA ALA Z 403 26.31 -62.53 -99.98
C ALA Z 403 25.37 -63.48 -100.69
N ALA Z 404 24.12 -63.04 -100.88
CA ALA Z 404 23.10 -63.83 -101.55
C ALA Z 404 23.53 -64.08 -102.99
N VAL Z 405 23.89 -63.00 -103.67
CA VAL Z 405 24.34 -63.08 -105.06
C VAL Z 405 25.62 -63.91 -105.20
N GLU Z 406 26.52 -63.79 -104.23
CA GLU Z 406 27.76 -64.55 -104.27
C GLU Z 406 27.56 -66.06 -104.21
N GLU Z 407 27.16 -66.58 -103.04
CA GLU Z 407 27.01 -68.02 -102.86
C GLU Z 407 25.62 -68.65 -102.99
N GLY Z 408 24.61 -67.85 -103.31
CA GLY Z 408 23.30 -68.45 -103.44
C GLY Z 408 22.33 -68.17 -102.31
N ILE Z 409 21.27 -68.95 -102.27
CA ILE Z 409 20.24 -68.75 -101.27
C ILE Z 409 19.78 -70.13 -100.78
N VAL Z 410 19.39 -70.21 -99.50
CA VAL Z 410 18.88 -71.44 -98.90
C VAL Z 410 17.63 -71.13 -98.05
N PRO Z 411 16.91 -72.17 -97.62
CA PRO Z 411 15.72 -71.91 -96.81
C PRO Z 411 16.13 -71.40 -95.44
N GLY Z 412 15.39 -70.40 -94.95
CA GLY Z 412 15.70 -69.80 -93.66
C GLY Z 412 15.22 -70.50 -92.40
N GLY Z 413 14.97 -69.70 -91.37
CA GLY Z 413 14.52 -70.23 -90.09
C GLY Z 413 15.40 -71.36 -89.56
N GLY Z 414 16.66 -71.40 -89.96
CA GLY Z 414 17.55 -72.44 -89.47
C GLY Z 414 17.21 -73.77 -90.09
N VAL Z 415 16.15 -73.78 -90.89
CA VAL Z 415 15.70 -74.99 -91.57
C VAL Z 415 16.84 -75.66 -92.32
N THR Z 416 17.56 -74.86 -93.09
CA THR Z 416 18.66 -75.37 -93.89
C THR Z 416 19.70 -76.11 -93.02
N LEU Z 417 20.02 -75.58 -91.85
CA LEU Z 417 21.01 -76.28 -91.00
C LEU Z 417 20.43 -77.56 -90.42
N LEU Z 418 19.13 -77.58 -90.19
CA LEU Z 418 18.48 -78.77 -89.67
C LEU Z 418 18.65 -79.88 -90.71
N ARG Z 419 18.46 -79.51 -91.98
CA ARG Z 419 18.58 -80.47 -93.07
C ARG Z 419 20.00 -81.00 -93.16
N ALA Z 420 20.94 -80.26 -92.60
CA ALA Z 420 22.32 -80.68 -92.61
C ALA Z 420 22.54 -81.86 -91.66
N ILE Z 421 21.62 -82.03 -90.71
CA ILE Z 421 21.72 -83.11 -89.73
C ILE Z 421 21.83 -84.49 -90.36
N SER Z 422 20.87 -84.81 -91.25
CA SER Z 422 20.86 -86.09 -91.93
C SER Z 422 22.24 -86.41 -92.55
N ALA Z 423 22.93 -85.39 -93.00
CA ALA Z 423 24.25 -85.57 -93.59
C ALA Z 423 25.26 -85.97 -92.52
N VAL Z 424 25.21 -85.28 -91.38
CA VAL Z 424 26.10 -85.57 -90.28
C VAL Z 424 25.78 -86.97 -89.78
N GLU Z 425 24.49 -87.27 -89.76
CA GLU Z 425 23.99 -88.56 -89.33
C GLU Z 425 24.68 -89.65 -90.14
N GLU Z 426 24.57 -89.52 -91.47
CA GLU Z 426 25.19 -90.48 -92.38
C GLU Z 426 26.68 -90.59 -92.10
N LEU Z 427 27.31 -89.45 -91.85
CA LEU Z 427 28.73 -89.42 -91.55
C LEU Z 427 29.06 -90.24 -90.30
N ILE Z 428 28.25 -90.05 -89.25
CA ILE Z 428 28.43 -90.74 -87.99
C ILE Z 428 28.51 -92.25 -88.20
N LYS Z 429 27.62 -92.76 -89.04
CA LYS Z 429 27.57 -94.18 -89.33
C LYS Z 429 28.94 -94.66 -89.80
N LYS Z 430 29.73 -93.74 -90.34
CA LYS Z 430 31.06 -94.07 -90.84
C LYS Z 430 32.16 -93.75 -89.82
N LEU Z 431 31.77 -93.15 -88.70
CA LEU Z 431 32.71 -92.78 -87.65
C LEU Z 431 32.69 -93.67 -86.41
N GLU Z 432 33.78 -93.61 -85.64
CA GLU Z 432 33.91 -94.38 -84.41
C GLU Z 432 34.38 -93.52 -83.23
N GLY Z 433 34.62 -94.17 -82.10
CA GLY Z 433 35.09 -93.50 -80.90
C GLY Z 433 34.61 -92.09 -80.63
N ASP Z 434 35.49 -91.28 -80.02
CA ASP Z 434 35.18 -89.91 -79.68
C ASP Z 434 34.92 -89.07 -80.95
N GLU Z 435 35.57 -89.48 -82.04
CA GLU Z 435 35.42 -88.79 -83.30
C GLU Z 435 33.93 -88.78 -83.68
N ALA Z 436 33.28 -89.90 -83.44
CA ALA Z 436 31.85 -90.03 -83.75
C ALA Z 436 31.10 -89.11 -82.80
N THR Z 437 31.57 -89.06 -81.56
CA THR Z 437 30.94 -88.22 -80.55
C THR Z 437 31.02 -86.79 -81.07
N GLY Z 438 32.21 -86.42 -81.58
CA GLY Z 438 32.40 -85.08 -82.10
C GLY Z 438 31.32 -84.73 -83.11
N ALA Z 439 31.14 -85.61 -84.09
CA ALA Z 439 30.15 -85.42 -85.13
C ALA Z 439 28.78 -85.17 -84.49
N LYS Z 440 28.43 -86.04 -83.53
CA LYS Z 440 27.16 -85.93 -82.81
C LYS Z 440 26.99 -84.56 -82.18
N ILE Z 441 28.09 -84.00 -81.68
CA ILE Z 441 28.04 -82.68 -81.08
C ILE Z 441 27.47 -81.69 -82.09
N VAL Z 442 28.00 -81.74 -83.32
CA VAL Z 442 27.54 -80.84 -84.37
C VAL Z 442 26.08 -81.13 -84.66
N ARG Z 443 25.77 -82.43 -84.71
CA ARG Z 443 24.40 -82.86 -84.98
C ARG Z 443 23.40 -82.16 -84.09
N ARG Z 444 23.73 -82.06 -82.79
CA ARG Z 444 22.84 -81.41 -81.85
C ARG Z 444 22.85 -79.91 -82.08
N ALA Z 445 24.06 -79.34 -82.09
CA ALA Z 445 24.25 -77.91 -82.30
C ALA Z 445 23.40 -77.35 -83.44
N LEU Z 446 23.39 -78.07 -84.55
CA LEU Z 446 22.64 -77.67 -85.74
C LEU Z 446 21.18 -77.27 -85.46
N GLU Z 447 20.64 -77.75 -84.34
CA GLU Z 447 19.26 -77.46 -83.98
C GLU Z 447 19.08 -76.11 -83.29
N GLU Z 448 20.12 -75.66 -82.58
CA GLU Z 448 20.06 -74.42 -81.82
C GLU Z 448 19.44 -73.22 -82.53
N PRO Z 449 19.89 -72.92 -83.75
CA PRO Z 449 19.34 -71.77 -84.48
C PRO Z 449 17.82 -71.85 -84.62
N ALA Z 450 17.37 -72.99 -85.17
CA ALA Z 450 15.94 -73.21 -85.36
C ALA Z 450 15.21 -73.04 -84.03
N ARG Z 451 15.69 -73.76 -83.02
CA ARG Z 451 15.10 -73.70 -81.67
C ARG Z 451 14.93 -72.27 -81.16
N GLN Z 452 16.05 -71.59 -80.98
CA GLN Z 452 16.05 -70.22 -80.46
C GLN Z 452 15.13 -69.30 -81.22
N ILE Z 453 15.05 -69.47 -82.52
CA ILE Z 453 14.17 -68.63 -83.32
C ILE Z 453 12.76 -68.85 -82.80
N ALA Z 454 12.35 -70.12 -82.83
CA ALA Z 454 11.03 -70.50 -82.38
C ALA Z 454 10.83 -70.05 -80.94
N GLU Z 455 11.81 -70.39 -80.09
CA GLU Z 455 11.77 -70.05 -78.68
C GLU Z 455 11.46 -68.55 -78.49
N ASN Z 456 12.32 -67.66 -79.00
CA ASN Z 456 12.11 -66.22 -78.86
C ASN Z 456 10.73 -65.80 -79.38
N ALA Z 457 10.13 -66.66 -80.21
CA ALA Z 457 8.82 -66.39 -80.80
C ALA Z 457 7.69 -66.80 -79.85
N GLY Z 458 8.04 -67.64 -78.89
CA GLY Z 458 7.05 -68.09 -77.92
C GLY Z 458 6.60 -69.50 -78.21
N TYR Z 459 7.50 -70.34 -78.69
CA TYR Z 459 7.18 -71.73 -79.04
C TYR Z 459 8.20 -72.68 -78.46
N GLU Z 460 7.91 -73.97 -78.60
CA GLU Z 460 8.81 -74.97 -78.05
C GLU Z 460 9.87 -75.39 -79.02
N GLY Z 461 11.08 -74.93 -78.74
CA GLY Z 461 12.20 -75.27 -79.58
C GLY Z 461 12.18 -76.72 -80.00
N SER Z 462 12.31 -77.62 -79.04
CA SER Z 462 12.32 -79.04 -79.34
C SER Z 462 11.12 -79.51 -80.15
N VAL Z 463 9.93 -79.05 -79.80
CA VAL Z 463 8.72 -79.43 -80.51
C VAL Z 463 8.82 -79.12 -82.00
N ILE Z 464 8.92 -77.83 -82.32
CA ILE Z 464 9.00 -77.37 -83.69
C ILE Z 464 10.11 -78.05 -84.49
N VAL Z 465 11.30 -78.14 -83.91
CA VAL Z 465 12.44 -78.79 -84.57
C VAL Z 465 12.08 -80.21 -84.97
N GLN Z 466 11.26 -80.87 -84.15
CA GLN Z 466 10.85 -82.25 -84.44
C GLN Z 466 9.91 -82.33 -85.64
N GLN Z 467 8.88 -81.49 -85.66
CA GLN Z 467 7.93 -81.52 -86.77
C GLN Z 467 8.63 -81.19 -88.10
N ILE Z 468 9.64 -80.32 -88.03
CA ILE Z 468 10.40 -79.94 -89.22
C ILE Z 468 11.19 -81.16 -89.69
N LEU Z 469 12.03 -81.69 -88.81
CA LEU Z 469 12.84 -82.86 -89.13
C LEU Z 469 11.94 -84.04 -89.46
N ALA Z 470 10.66 -83.93 -89.10
CA ALA Z 470 9.69 -84.99 -89.34
C ALA Z 470 9.40 -85.13 -90.84
N GLU Z 471 8.77 -84.12 -91.42
CA GLU Z 471 8.45 -84.16 -92.85
C GLU Z 471 9.71 -83.99 -93.67
N THR Z 472 10.23 -85.13 -94.15
CA THR Z 472 11.46 -85.21 -94.95
C THR Z 472 11.25 -85.43 -96.45
N LYS Z 473 10.10 -85.03 -96.94
CA LYS Z 473 9.79 -85.16 -98.34
C LYS Z 473 10.42 -83.98 -99.03
N ASN Z 474 10.05 -82.80 -98.56
CA ASN Z 474 10.53 -81.53 -99.10
C ASN Z 474 11.37 -80.76 -98.08
N PRO Z 475 12.71 -80.73 -98.27
CA PRO Z 475 13.62 -80.03 -97.35
C PRO Z 475 13.25 -78.53 -97.09
N ARG Z 476 12.52 -77.93 -98.03
CA ARG Z 476 12.08 -76.54 -97.91
C ARG Z 476 11.02 -76.37 -96.82
N TYR Z 477 10.65 -77.48 -96.17
CA TYR Z 477 9.64 -77.47 -95.12
C TYR Z 477 10.22 -76.92 -93.83
N GLY Z 478 9.63 -75.84 -93.33
CA GLY Z 478 10.13 -75.25 -92.09
C GLY Z 478 9.07 -74.49 -91.32
N PHE Z 479 9.45 -73.92 -90.18
CA PHE Z 479 8.52 -73.18 -89.35
C PHE Z 479 8.62 -71.66 -89.54
N ASN Z 480 7.49 -71.01 -89.80
CA ASN Z 480 7.48 -69.56 -89.97
C ASN Z 480 7.23 -68.95 -88.61
N ALA Z 481 8.31 -68.74 -87.87
CA ALA Z 481 8.23 -68.18 -86.52
C ALA Z 481 7.46 -66.86 -86.39
N ALA Z 482 7.08 -66.26 -87.52
CA ALA Z 482 6.36 -65.00 -87.46
C ALA Z 482 4.85 -65.15 -87.53
N THR Z 483 4.38 -66.18 -88.24
CA THR Z 483 2.94 -66.43 -88.38
C THR Z 483 2.54 -67.64 -87.54
N GLY Z 484 3.52 -68.45 -87.18
CA GLY Z 484 3.27 -69.61 -86.35
C GLY Z 484 2.71 -70.75 -87.17
N GLU Z 485 3.19 -70.89 -88.40
CA GLU Z 485 2.72 -71.96 -89.28
C GLU Z 485 3.83 -72.61 -90.05
N PHE Z 486 3.74 -73.92 -90.20
CA PHE Z 486 4.75 -74.64 -90.96
C PHE Z 486 4.46 -74.41 -92.42
N VAL Z 487 5.50 -74.10 -93.19
CA VAL Z 487 5.34 -73.82 -94.61
C VAL Z 487 6.60 -74.19 -95.40
N ASP Z 488 6.55 -73.94 -96.70
CA ASP Z 488 7.69 -74.19 -97.56
C ASP Z 488 8.46 -72.88 -97.42
N MET Z 489 9.56 -72.94 -96.68
CA MET Z 489 10.37 -71.76 -96.42
C MET Z 489 10.67 -70.91 -97.65
N VAL Z 490 11.11 -71.55 -98.73
CA VAL Z 490 11.43 -70.84 -99.96
C VAL Z 490 10.19 -70.16 -100.54
N GLU Z 491 9.14 -70.94 -100.74
CA GLU Z 491 7.90 -70.40 -101.28
C GLU Z 491 7.35 -69.28 -100.39
N ALA Z 492 7.59 -69.39 -99.10
CA ALA Z 492 7.11 -68.40 -98.14
C ALA Z 492 7.96 -67.13 -98.20
N GLY Z 493 9.11 -67.23 -98.86
CA GLY Z 493 10.00 -66.08 -98.95
C GLY Z 493 10.92 -65.94 -97.75
N ILE Z 494 11.09 -67.04 -97.01
CA ILE Z 494 11.95 -67.03 -95.84
C ILE Z 494 13.25 -67.73 -96.21
N VAL Z 495 14.14 -66.98 -96.86
CA VAL Z 495 15.42 -67.51 -97.30
C VAL Z 495 16.64 -66.77 -96.74
N ASP Z 496 17.77 -67.47 -96.72
CA ASP Z 496 19.01 -66.92 -96.20
C ASP Z 496 20.18 -67.12 -97.14
N PRO Z 497 21.07 -66.12 -97.22
CA PRO Z 497 22.23 -66.27 -98.09
C PRO Z 497 23.07 -67.47 -97.67
N ALA Z 498 23.14 -68.47 -98.52
CA ALA Z 498 23.90 -69.68 -98.22
C ALA Z 498 25.28 -69.34 -97.68
N LYS Z 499 25.79 -68.17 -98.06
CA LYS Z 499 27.11 -67.75 -97.61
C LYS Z 499 27.15 -67.56 -96.10
N VAL Z 500 26.22 -66.77 -95.57
CA VAL Z 500 26.17 -66.51 -94.13
C VAL Z 500 26.07 -67.80 -93.35
N THR Z 501 25.10 -68.63 -93.72
CA THR Z 501 24.91 -69.90 -93.04
C THR Z 501 26.25 -70.66 -92.98
N ARG Z 502 26.83 -70.95 -94.13
CA ARG Z 502 28.12 -71.67 -94.16
C ARG Z 502 29.16 -71.02 -93.25
N SER Z 503 29.24 -69.69 -93.32
CA SER Z 503 30.20 -68.94 -92.52
C SER Z 503 29.96 -69.12 -91.02
N ALA Z 504 28.78 -68.69 -90.57
CA ALA Z 504 28.41 -68.78 -89.17
C ALA Z 504 28.82 -70.12 -88.57
N LEU Z 505 28.42 -71.22 -89.21
CA LEU Z 505 28.74 -72.55 -88.70
C LEU Z 505 30.25 -72.83 -88.69
N GLN Z 506 30.95 -72.48 -89.76
CA GLN Z 506 32.38 -72.72 -89.80
C GLN Z 506 33.12 -71.92 -88.75
N ASN Z 507 32.65 -70.70 -88.49
CA ASN Z 507 33.28 -69.87 -87.49
C ASN Z 507 32.99 -70.37 -86.09
N ALA Z 508 31.71 -70.68 -85.84
CA ALA Z 508 31.28 -71.19 -84.55
C ALA Z 508 32.07 -72.44 -84.22
N ALA Z 509 32.07 -73.39 -85.16
CA ALA Z 509 32.77 -74.65 -84.98
C ALA Z 509 34.27 -74.46 -84.84
N SER Z 510 34.80 -73.37 -85.39
CA SER Z 510 36.24 -73.13 -85.32
C SER Z 510 36.69 -72.84 -83.89
N ILE Z 511 36.04 -71.88 -83.26
CA ILE Z 511 36.35 -71.50 -81.88
C ILE Z 511 35.87 -72.60 -80.93
N GLY Z 512 34.65 -73.07 -81.15
CA GLY Z 512 34.09 -74.11 -80.32
C GLY Z 512 35.06 -75.26 -80.07
N ALA Z 513 35.40 -75.96 -81.14
CA ALA Z 513 36.31 -77.09 -81.00
C ALA Z 513 37.56 -76.72 -80.21
N LEU Z 514 38.10 -75.54 -80.46
CA LEU Z 514 39.31 -75.08 -79.79
C LEU Z 514 39.13 -75.18 -78.28
N ILE Z 515 38.07 -74.55 -77.78
CA ILE Z 515 37.77 -74.54 -76.37
C ILE Z 515 37.82 -75.93 -75.75
N LEU Z 516 37.10 -76.89 -76.34
CA LEU Z 516 37.06 -78.26 -75.85
C LEU Z 516 38.45 -78.86 -75.62
N THR Z 517 39.48 -78.24 -76.20
CA THR Z 517 40.83 -78.77 -76.03
C THR Z 517 41.59 -78.09 -74.90
N THR Z 518 40.91 -77.21 -74.16
CA THR Z 518 41.52 -76.52 -73.03
C THR Z 518 41.78 -77.49 -71.88
N GLU Z 519 42.93 -77.35 -71.24
CA GLU Z 519 43.29 -78.20 -70.12
C GLU Z 519 43.98 -77.32 -69.08
N ALA Z 520 44.14 -76.06 -69.43
CA ALA Z 520 44.77 -75.09 -68.55
C ALA Z 520 44.51 -73.70 -69.08
N VAL Z 521 44.70 -72.71 -68.23
CA VAL Z 521 44.51 -71.32 -68.60
C VAL Z 521 45.46 -70.49 -67.75
N VAL Z 522 46.11 -69.51 -68.36
CA VAL Z 522 47.02 -68.64 -67.63
C VAL Z 522 46.47 -67.24 -67.75
N ALA Z 523 45.83 -66.77 -66.68
CA ALA Z 523 45.25 -65.44 -66.68
C ALA Z 523 45.85 -64.56 -65.61
N GLU Z 524 45.39 -63.33 -65.55
CA GLU Z 524 45.86 -62.36 -64.55
C GLU Z 524 45.25 -62.64 -63.19
N LYS Z 525 46.08 -62.68 -62.16
CA LYS Z 525 45.60 -62.91 -60.81
C LYS Z 525 44.67 -61.73 -60.49
N PRO Z 526 43.40 -62.01 -60.10
CA PRO Z 526 42.43 -60.95 -59.80
C PRO Z 526 42.87 -59.88 -58.80
N GLU Z 527 42.02 -58.86 -58.66
CA GLU Z 527 42.25 -57.74 -57.72
C GLU Z 527 43.71 -57.27 -57.66
N ALA AA 2 65.05 -54.38 -47.96
CA ALA AA 2 64.23 -54.66 -49.16
C ALA AA 2 64.46 -56.11 -49.55
N LYS AA 3 65.56 -56.68 -49.08
CA LYS AA 3 65.90 -58.06 -49.40
C LYS AA 3 65.50 -59.04 -48.28
N ILE AA 4 65.45 -60.31 -48.65
CA ILE AA 4 65.11 -61.38 -47.74
C ILE AA 4 66.07 -62.51 -48.05
N LEU AA 5 66.70 -63.06 -47.03
CA LEU AA 5 67.67 -64.12 -47.24
C LEU AA 5 67.15 -65.48 -46.81
N VAL AA 6 66.85 -66.33 -47.79
CA VAL AA 6 66.35 -67.68 -47.56
C VAL AA 6 67.43 -68.72 -47.75
N PHE AA 7 67.58 -69.63 -46.80
CA PHE AA 7 68.61 -70.67 -46.93
C PHE AA 7 68.07 -72.07 -47.06
N ASP AA 8 69.02 -73.00 -47.09
CA ASP AA 8 68.77 -74.43 -47.19
C ASP AA 8 67.48 -74.86 -47.87
N GLU AA 9 66.91 -75.95 -47.35
CA GLU AA 9 65.69 -76.54 -47.90
C GLU AA 9 64.58 -75.52 -48.11
N ALA AA 10 64.48 -74.55 -47.22
CA ALA AA 10 63.45 -73.55 -47.35
C ALA AA 10 63.53 -72.97 -48.76
N ALA AA 11 64.75 -72.61 -49.14
CA ALA AA 11 65.03 -72.01 -50.46
C ALA AA 11 64.78 -73.01 -51.59
N ARG AA 12 65.40 -74.17 -51.51
CA ARG AA 12 65.21 -75.15 -52.57
C ARG AA 12 63.73 -75.45 -52.79
N ARG AA 13 62.97 -75.69 -51.73
CA ARG AA 13 61.52 -76.00 -51.88
C ARG AA 13 60.79 -74.90 -52.65
N ALA AA 14 61.00 -73.66 -52.22
CA ALA AA 14 60.36 -72.53 -52.87
C ALA AA 14 60.69 -72.55 -54.36
N LEU AA 15 61.98 -72.65 -54.68
CA LEU AA 15 62.40 -72.69 -56.07
C LEU AA 15 61.66 -73.80 -56.79
N GLU AA 16 61.75 -75.00 -56.22
CA GLU AA 16 61.08 -76.17 -56.79
C GLU AA 16 59.61 -75.90 -57.05
N ARG AA 17 58.93 -75.27 -56.09
CA ARG AA 17 57.52 -74.96 -56.26
C ARG AA 17 57.32 -74.21 -57.57
N GLY AA 18 58.16 -73.21 -57.80
CA GLY AA 18 58.07 -72.43 -59.01
C GLY AA 18 58.33 -73.27 -60.25
N VAL AA 19 59.40 -74.07 -60.18
CA VAL AA 19 59.74 -74.93 -61.31
C VAL AA 19 58.53 -75.75 -61.69
N ASN AA 20 57.93 -76.42 -60.70
CA ASN AA 20 56.75 -77.25 -60.94
C ASN AA 20 55.55 -76.46 -61.45
N ALA AA 21 55.35 -75.27 -60.90
CA ALA AA 21 54.24 -74.43 -61.34
C ALA AA 21 54.23 -74.30 -62.86
N VAL AA 22 55.37 -73.91 -63.41
CA VAL AA 22 55.49 -73.75 -64.85
C VAL AA 22 55.41 -75.11 -65.55
N ALA AA 23 56.32 -76.01 -65.17
CA ALA AA 23 56.37 -77.35 -65.77
C ALA AA 23 55.02 -78.04 -65.93
N ASN AA 24 54.18 -77.97 -64.91
CA ASN AA 24 52.90 -78.63 -64.99
C ASN AA 24 51.89 -77.93 -65.88
N ALA AA 25 52.10 -76.64 -66.16
CA ALA AA 25 51.19 -75.94 -67.05
C ALA AA 25 51.59 -76.31 -68.47
N VAL AA 26 52.89 -76.54 -68.63
CA VAL AA 26 53.48 -76.89 -69.92
C VAL AA 26 53.22 -78.35 -70.34
N LYS AA 27 53.68 -79.30 -69.53
CA LYS AA 27 53.55 -80.72 -69.85
C LYS AA 27 52.17 -81.15 -70.35
N VAL AA 28 51.15 -80.36 -70.09
CA VAL AA 28 49.79 -80.67 -70.52
C VAL AA 28 49.68 -80.80 -72.05
N THR AA 29 50.68 -80.28 -72.75
CA THR AA 29 50.68 -80.30 -74.22
C THR AA 29 51.47 -81.44 -74.85
N LEU AA 30 52.52 -81.88 -74.16
CA LEU AA 30 53.39 -82.94 -74.63
C LEU AA 30 52.71 -84.11 -75.31
N GLY AA 31 53.29 -84.54 -76.43
CA GLY AA 31 52.76 -85.68 -77.17
C GLY AA 31 51.59 -85.44 -78.11
N PRO AA 32 51.17 -86.49 -78.86
CA PRO AA 32 50.07 -86.48 -79.82
C PRO AA 32 48.71 -86.30 -79.17
N ARG AA 33 48.56 -86.80 -77.94
CA ARG AA 33 47.29 -86.65 -77.24
C ARG AA 33 47.30 -85.41 -76.37
N GLY AA 34 48.43 -84.69 -76.40
CA GLY AA 34 48.55 -83.47 -75.63
C GLY AA 34 47.42 -82.50 -75.93
N ARG AA 35 47.06 -81.70 -74.94
CA ARG AA 35 45.98 -80.73 -75.10
C ARG AA 35 46.52 -79.32 -75.13
N ASN AA 36 45.61 -78.36 -75.33
CA ASN AA 36 46.01 -76.96 -75.41
C ASN AA 36 45.86 -76.13 -74.14
N VAL AA 37 46.72 -75.12 -74.05
CA VAL AA 37 46.70 -74.17 -72.94
C VAL AA 37 46.11 -72.88 -73.51
N VAL AA 38 45.36 -72.14 -72.70
CA VAL AA 38 44.75 -70.90 -73.16
C VAL AA 38 45.41 -69.74 -72.44
N LEU AA 39 46.15 -68.93 -73.20
CA LEU AA 39 46.86 -67.79 -72.65
C LEU AA 39 46.07 -66.50 -72.87
N GLU AA 40 45.72 -65.84 -71.76
CA GLU AA 40 44.96 -64.61 -71.84
C GLU AA 40 45.80 -63.49 -72.42
N LYS AA 41 45.22 -62.76 -73.36
CA LYS AA 41 45.90 -61.65 -73.99
C LYS AA 41 45.28 -60.36 -73.50
N LYS AA 42 46.10 -59.33 -73.37
CA LYS AA 42 45.69 -58.02 -72.88
C LYS AA 42 44.47 -57.41 -73.55
N PHE AA 43 44.29 -57.59 -74.86
CA PHE AA 43 43.14 -56.99 -75.51
C PHE AA 43 42.22 -57.88 -76.32
N GLY AA 44 42.76 -58.55 -77.33
CA GLY AA 44 41.93 -59.41 -78.15
C GLY AA 44 41.50 -60.72 -77.52
N SER AA 45 41.19 -61.68 -78.36
CA SER AA 45 40.80 -62.99 -77.87
C SER AA 45 42.12 -63.58 -77.36
N PRO AA 46 42.06 -64.71 -76.63
CA PRO AA 46 43.31 -65.27 -76.14
C PRO AA 46 44.05 -66.06 -77.18
N THR AA 47 45.15 -66.66 -76.74
CA THR AA 47 46.00 -67.49 -77.56
C THR AA 47 45.75 -68.94 -77.14
N ILE AA 48 45.42 -69.80 -78.09
CA ILE AA 48 45.20 -71.19 -77.74
C ILE AA 48 46.32 -71.99 -78.40
N THR AA 49 47.32 -72.37 -77.61
CA THR AA 49 48.48 -73.08 -78.15
C THR AA 49 48.64 -74.49 -77.63
N LYS AA 50 49.74 -75.11 -78.07
CA LYS AA 50 50.14 -76.46 -77.68
C LYS AA 50 51.67 -76.37 -77.64
N ASP AA 51 52.17 -75.13 -77.71
CA ASP AA 51 53.60 -74.86 -77.73
C ASP AA 51 54.19 -74.58 -76.35
N GLY AA 52 55.22 -75.34 -76.00
CA GLY AA 52 55.87 -75.17 -74.70
C GLY AA 52 56.22 -73.74 -74.35
N VAL AA 53 57.34 -73.25 -74.90
CA VAL AA 53 57.79 -71.89 -74.62
C VAL AA 53 56.71 -70.83 -74.61
N THR AA 54 55.76 -70.91 -75.55
CA THR AA 54 54.70 -69.91 -75.60
C THR AA 54 53.98 -69.84 -74.25
N VAL AA 55 53.61 -71.00 -73.72
CA VAL AA 55 52.95 -71.08 -72.43
C VAL AA 55 53.94 -70.66 -71.35
N ALA AA 56 55.05 -71.39 -71.26
CA ALA AA 56 56.08 -71.10 -70.28
C ALA AA 56 56.35 -69.61 -70.10
N LYS AA 57 56.49 -68.89 -71.20
CA LYS AA 57 56.78 -67.46 -71.13
C LYS AA 57 55.69 -66.60 -70.50
N GLU AA 58 54.44 -67.05 -70.56
CA GLU AA 58 53.33 -66.29 -69.97
C GLU AA 58 53.20 -66.47 -68.46
N VAL AA 59 53.85 -67.50 -67.92
CA VAL AA 59 53.78 -67.77 -66.49
C VAL AA 59 54.60 -66.82 -65.64
N GLU AA 60 53.92 -66.15 -64.72
CA GLU AA 60 54.54 -65.21 -63.80
C GLU AA 60 53.94 -65.46 -62.41
N LEU AA 61 54.76 -65.92 -61.46
CA LEU AA 61 54.28 -66.21 -60.12
C LEU AA 61 54.36 -65.01 -59.17
N GLU AA 62 53.40 -64.91 -58.26
CA GLU AA 62 53.33 -63.82 -57.29
C GLU AA 62 54.39 -63.88 -56.18
N ASP AA 63 54.80 -65.09 -55.79
CA ASP AA 63 55.82 -65.20 -54.76
C ASP AA 63 57.22 -65.11 -55.37
N HIS AA 64 58.00 -64.13 -54.92
CA HIS AA 64 59.35 -63.93 -55.43
C HIS AA 64 60.18 -65.20 -55.59
N LEU AA 65 60.46 -65.93 -54.50
CA LEU AA 65 61.26 -67.13 -54.66
C LEU AA 65 60.68 -68.15 -55.65
N GLU AA 66 59.38 -68.42 -55.53
CA GLU AA 66 58.74 -69.38 -56.42
C GLU AA 66 58.84 -68.93 -57.87
N ASN AA 67 58.80 -67.61 -58.07
CA ASN AA 67 58.90 -67.03 -59.40
C ASN AA 67 60.28 -67.22 -60.01
N ILE AA 68 61.31 -67.04 -59.18
CA ILE AA 68 62.69 -67.22 -59.62
C ILE AA 68 62.81 -68.62 -60.24
N GLY AA 69 62.15 -69.58 -59.60
CA GLY AA 69 62.18 -70.95 -60.10
C GLY AA 69 61.46 -71.00 -61.44
N ALA AA 70 60.32 -70.34 -61.51
CA ALA AA 70 59.55 -70.32 -62.74
C ALA AA 70 60.38 -69.79 -63.89
N GLN AA 71 61.19 -68.77 -63.62
CA GLN AA 71 62.05 -68.17 -64.64
C GLN AA 71 63.10 -69.18 -65.11
N LEU AA 72 63.92 -69.67 -64.19
CA LEU AA 72 64.94 -70.64 -64.52
C LEU AA 72 64.41 -71.73 -65.45
N LEU AA 73 63.18 -72.19 -65.20
CA LEU AA 73 62.60 -73.22 -66.05
C LEU AA 73 62.28 -72.64 -67.41
N LYS AA 74 61.73 -71.42 -67.44
CA LYS AA 74 61.41 -70.78 -68.70
C LYS AA 74 62.66 -70.72 -69.56
N GLU AA 75 63.80 -70.43 -68.94
CA GLU AA 75 65.06 -70.35 -69.66
C GLU AA 75 65.30 -71.66 -70.41
N VAL AA 76 65.15 -72.78 -69.70
CA VAL AA 76 65.34 -74.08 -70.32
C VAL AA 76 64.48 -74.17 -71.56
N ALA AA 77 63.25 -73.70 -71.45
CA ALA AA 77 62.31 -73.73 -72.56
C ALA AA 77 62.76 -72.92 -73.77
N SER AA 78 63.01 -71.63 -73.57
CA SER AA 78 63.41 -70.74 -74.66
C SER AA 78 64.76 -71.06 -75.30
N LYS AA 79 65.81 -71.20 -74.49
CA LYS AA 79 67.12 -71.52 -75.06
C LYS AA 79 67.03 -72.74 -75.98
N THR AA 80 66.05 -73.60 -75.73
CA THR AA 80 65.83 -74.80 -76.54
C THR AA 80 65.10 -74.40 -77.82
N ASN AA 81 64.22 -73.41 -77.71
CA ASN AA 81 63.46 -72.91 -78.84
C ASN AA 81 64.41 -72.15 -79.75
N ASP AA 82 65.40 -71.51 -79.15
CA ASP AA 82 66.38 -70.74 -79.90
C ASP AA 82 67.30 -71.67 -80.68
N VAL AA 83 67.80 -72.70 -79.99
CA VAL AA 83 68.71 -73.66 -80.60
C VAL AA 83 68.08 -74.69 -81.54
N ALA AA 84 66.77 -74.90 -81.43
CA ALA AA 84 66.12 -75.90 -82.31
C ALA AA 84 64.71 -75.56 -82.78
N GLY AA 85 64.05 -74.61 -82.13
CA GLY AA 85 62.71 -74.24 -82.54
C GLY AA 85 61.61 -75.23 -82.22
N ASP AA 86 62.00 -76.40 -81.70
CA ASP AA 86 61.04 -77.44 -81.34
C ASP AA 86 61.61 -78.26 -80.18
N GLY AA 87 60.73 -78.96 -79.47
CA GLY AA 87 61.17 -79.76 -78.34
C GLY AA 87 61.26 -78.98 -77.03
N THR AA 88 60.52 -77.88 -76.95
CA THR AA 88 60.53 -77.06 -75.74
C THR AA 88 59.88 -77.79 -74.58
N THR AA 89 58.71 -78.38 -74.82
CA THR AA 89 58.00 -79.12 -73.79
C THR AA 89 58.90 -80.24 -73.24
N THR AA 90 59.50 -81.00 -74.15
CA THR AA 90 60.38 -82.08 -73.75
C THR AA 90 61.50 -81.61 -72.83
N ALA AA 91 62.04 -80.42 -73.10
CA ALA AA 91 63.11 -79.89 -72.30
C ALA AA 91 62.62 -79.51 -70.91
N THR AA 92 61.39 -78.99 -70.84
CA THR AA 92 60.79 -78.59 -69.59
C THR AA 92 60.66 -79.80 -68.67
N VAL AA 93 59.98 -80.83 -69.18
CA VAL AA 93 59.77 -82.06 -68.46
C VAL AA 93 61.09 -82.61 -67.91
N LEU AA 94 62.08 -82.77 -68.78
CA LEU AA 94 63.38 -83.29 -68.36
C LEU AA 94 63.99 -82.43 -67.26
N ALA AA 95 63.70 -81.14 -67.28
CA ALA AA 95 64.22 -80.23 -66.28
C ALA AA 95 63.56 -80.54 -64.95
N GLN AA 96 62.22 -80.53 -64.96
CA GLN AA 96 61.44 -80.81 -63.78
C GLN AA 96 61.94 -82.11 -63.15
N ALA AA 97 62.01 -83.16 -63.96
CA ALA AA 97 62.46 -84.46 -63.50
C ALA AA 97 63.81 -84.38 -62.79
N ILE AA 98 64.78 -83.75 -63.44
CA ILE AA 98 66.11 -83.62 -62.87
C ILE AA 98 66.08 -82.83 -61.57
N VAL AA 99 65.23 -81.82 -61.50
CA VAL AA 99 65.15 -81.01 -60.30
C VAL AA 99 64.63 -81.75 -59.09
N ARG AA 100 63.53 -82.50 -59.23
CA ARG AA 100 62.97 -83.22 -58.09
C ARG AA 100 63.87 -84.37 -57.64
N GLU AA 101 64.13 -85.33 -58.52
CA GLU AA 101 64.97 -86.47 -58.18
C GLU AA 101 66.28 -85.98 -57.60
N GLY AA 102 66.71 -84.79 -58.04
CA GLY AA 102 67.95 -84.22 -57.56
C GLY AA 102 67.81 -83.55 -56.20
N LEU AA 103 66.82 -82.67 -56.09
CA LEU AA 103 66.59 -81.97 -54.83
C LEU AA 103 66.38 -82.98 -53.70
N LYS AA 104 65.79 -84.11 -54.04
CA LYS AA 104 65.54 -85.17 -53.07
C LYS AA 104 66.90 -85.61 -52.53
N ASN AA 105 67.79 -85.99 -53.45
CA ASN AA 105 69.12 -86.44 -53.08
C ASN AA 105 69.90 -85.39 -52.29
N VAL AA 106 69.61 -84.12 -52.53
CA VAL AA 106 70.33 -83.08 -51.80
C VAL AA 106 69.87 -83.09 -50.35
N ALA AA 107 68.56 -83.27 -50.16
CA ALA AA 107 68.00 -83.32 -48.81
C ALA AA 107 68.55 -84.53 -48.09
N ALA AA 108 68.82 -85.59 -48.84
CA ALA AA 108 69.36 -86.81 -48.28
C ALA AA 108 70.85 -86.62 -47.91
N GLY AA 109 71.35 -85.41 -48.10
CA GLY AA 109 72.73 -85.11 -47.75
C GLY AA 109 73.77 -85.17 -48.86
N ALA AA 110 73.36 -85.46 -50.09
CA ALA AA 110 74.30 -85.55 -51.22
C ALA AA 110 74.96 -84.22 -51.53
N ASN AA 111 76.23 -84.27 -51.94
CA ASN AA 111 76.97 -83.07 -52.31
C ASN AA 111 76.49 -82.66 -53.71
N PRO AA 112 75.86 -81.49 -53.83
CA PRO AA 112 75.36 -81.02 -55.12
C PRO AA 112 76.42 -80.87 -56.21
N LEU AA 113 77.61 -80.41 -55.83
CA LEU AA 113 78.68 -80.26 -56.81
C LEU AA 113 78.94 -81.59 -57.51
N ALA AA 114 79.12 -82.65 -56.74
CA ALA AA 114 79.35 -83.98 -57.28
C ALA AA 114 78.14 -84.41 -58.11
N LEU AA 115 76.94 -84.11 -57.61
CA LEU AA 115 75.73 -84.46 -58.33
C LEU AA 115 75.78 -83.86 -59.73
N LYS AA 116 76.31 -82.64 -59.81
CA LYS AA 116 76.42 -81.93 -61.07
C LYS AA 116 77.35 -82.70 -62.01
N ARG AA 117 78.59 -82.93 -61.56
CA ARG AA 117 79.57 -83.66 -62.34
C ARG AA 117 78.96 -84.93 -62.92
N GLY AA 118 78.29 -85.69 -62.06
CA GLY AA 118 77.64 -86.92 -62.50
C GLY AA 118 76.59 -86.65 -63.56
N ILE AA 119 75.78 -85.63 -63.34
CA ILE AA 119 74.73 -85.29 -64.31
C ILE AA 119 75.39 -84.98 -65.64
N GLU AA 120 76.43 -84.16 -65.60
CA GLU AA 120 77.16 -83.78 -66.81
C GLU AA 120 77.67 -85.01 -67.56
N LYS AA 121 78.47 -85.82 -66.89
CA LYS AA 121 79.01 -87.03 -67.48
C LYS AA 121 77.87 -87.88 -68.04
N ALA AA 122 76.82 -88.06 -67.25
CA ALA AA 122 75.67 -88.84 -67.67
C ALA AA 122 75.07 -88.29 -68.97
N VAL AA 123 74.93 -86.96 -69.05
CA VAL AA 123 74.36 -86.34 -70.24
C VAL AA 123 75.26 -86.58 -71.46
N GLU AA 124 76.56 -86.43 -71.27
CA GLU AA 124 77.50 -86.66 -72.36
C GLU AA 124 77.24 -88.05 -72.94
N ALA AA 125 77.33 -89.06 -72.09
CA ALA AA 125 77.10 -90.43 -72.49
C ALA AA 125 75.75 -90.53 -73.24
N ALA AA 126 74.75 -89.86 -72.70
CA ALA AA 126 73.42 -89.87 -73.30
C ALA AA 126 73.42 -89.25 -74.69
N VAL AA 127 74.05 -88.09 -74.81
CA VAL AA 127 74.09 -87.40 -76.09
C VAL AA 127 74.79 -88.30 -77.12
N GLU AA 128 75.93 -88.84 -76.73
CA GLU AA 128 76.72 -89.72 -77.61
C GLU AA 128 75.84 -90.82 -78.18
N LYS AA 129 74.99 -91.40 -77.34
CA LYS AA 129 74.08 -92.46 -77.77
C LYS AA 129 73.00 -91.92 -78.72
N ILE AA 130 72.63 -90.66 -78.56
CA ILE AA 130 71.62 -90.05 -79.42
C ILE AA 130 72.19 -90.01 -80.83
N LYS AA 131 73.42 -89.52 -80.93
CA LYS AA 131 74.13 -89.43 -82.21
C LYS AA 131 74.21 -90.83 -82.79
N ALA AA 132 74.74 -91.75 -81.99
CA ALA AA 132 74.88 -93.14 -82.38
C ALA AA 132 73.64 -93.74 -83.07
N LEU AA 133 72.46 -93.26 -82.70
CA LEU AA 133 71.21 -93.78 -83.29
C LEU AA 133 70.64 -92.86 -84.38
N ALA AA 134 71.34 -91.77 -84.66
CA ALA AA 134 70.88 -90.82 -85.66
C ALA AA 134 70.97 -91.38 -87.09
N ILE AA 135 69.95 -91.06 -87.88
CA ILE AA 135 69.86 -91.49 -89.27
C ILE AA 135 69.72 -90.26 -90.14
N PRO AA 136 70.58 -90.13 -91.15
CA PRO AA 136 70.50 -88.97 -92.03
C PRO AA 136 69.19 -88.95 -92.82
N VAL AA 137 68.66 -87.76 -93.05
CA VAL AA 137 67.42 -87.59 -93.82
C VAL AA 137 67.85 -87.70 -95.29
N GLU AA 138 67.17 -88.53 -96.08
CA GLU AA 138 67.58 -88.66 -97.47
C GLU AA 138 66.47 -88.71 -98.49
N ASP AA 139 65.24 -88.35 -98.11
CA ASP AA 139 64.16 -88.40 -99.08
C ASP AA 139 62.88 -87.73 -98.65
N ARG AA 140 61.99 -87.56 -99.62
CA ARG AA 140 60.70 -86.92 -99.42
C ARG AA 140 59.89 -87.51 -98.28
N LYS AA 141 59.97 -88.83 -98.10
CA LYS AA 141 59.25 -89.48 -97.02
C LYS AA 141 59.84 -89.09 -95.66
N ALA AA 142 61.13 -89.37 -95.49
CA ALA AA 142 61.84 -89.03 -94.23
C ALA AA 142 61.48 -87.65 -93.72
N ILE AA 143 61.31 -86.70 -94.63
CA ILE AA 143 60.95 -85.34 -94.25
C ILE AA 143 59.46 -85.21 -93.97
N GLU AA 144 58.62 -85.81 -94.81
CA GLU AA 144 57.19 -85.74 -94.57
C GLU AA 144 56.87 -86.25 -93.14
N GLU AA 145 57.63 -87.24 -92.68
CA GLU AA 145 57.44 -87.79 -91.35
C GLU AA 145 57.80 -86.76 -90.28
N VAL AA 146 59.08 -86.40 -90.20
CA VAL AA 146 59.54 -85.41 -89.24
C VAL AA 146 58.53 -84.27 -89.12
N ALA AA 147 58.10 -83.75 -90.26
CA ALA AA 147 57.14 -82.65 -90.30
C ALA AA 147 55.77 -83.03 -89.76
N THR AA 148 55.21 -84.12 -90.26
CA THR AA 148 53.90 -84.57 -89.81
C THR AA 148 53.87 -84.66 -88.29
N ILE AA 149 54.95 -85.19 -87.72
CA ILE AA 149 55.03 -85.32 -86.26
C ILE AA 149 55.11 -83.96 -85.58
N SER AA 150 56.21 -83.24 -85.78
CA SER AA 150 56.39 -81.93 -85.16
C SER AA 150 55.14 -81.05 -85.21
N ALA AA 151 54.36 -81.18 -86.29
CA ALA AA 151 53.15 -80.39 -86.45
C ALA AA 151 51.91 -81.14 -85.96
N ASN AA 152 52.09 -82.44 -85.76
CA ASN AA 152 50.99 -83.29 -85.31
C ASN AA 152 49.83 -83.14 -86.29
N ASP AA 153 50.15 -83.30 -87.58
CA ASP AA 153 49.19 -83.20 -88.67
C ASP AA 153 49.84 -83.72 -89.96
N PRO AA 154 49.16 -84.68 -90.63
CA PRO AA 154 49.66 -85.26 -91.87
C PRO AA 154 49.75 -84.22 -92.97
N GLU AA 155 48.66 -83.45 -93.16
CA GLU AA 155 48.61 -82.42 -94.18
C GLU AA 155 49.81 -81.47 -94.13
N VAL AA 156 50.07 -80.91 -92.96
CA VAL AA 156 51.19 -80.01 -92.80
C VAL AA 156 52.48 -80.70 -93.17
N GLY AA 157 52.64 -81.95 -92.71
CA GLY AA 157 53.85 -82.70 -93.04
C GLY AA 157 53.96 -82.95 -94.53
N LYS AA 158 52.82 -82.95 -95.22
CA LYS AA 158 52.83 -83.16 -96.66
C LYS AA 158 53.39 -81.92 -97.33
N LEU AA 159 52.67 -80.81 -97.24
CA LEU AA 159 53.10 -79.56 -97.88
C LEU AA 159 54.57 -79.24 -97.62
N ILE AA 160 55.00 -79.42 -96.38
CA ILE AA 160 56.40 -79.15 -96.02
C ILE AA 160 57.31 -80.05 -96.83
N ALA AA 161 56.87 -81.29 -97.06
CA ALA AA 161 57.65 -82.25 -97.84
C ALA AA 161 57.61 -81.85 -99.33
N ASP AA 162 56.42 -81.57 -99.84
CA ASP AA 162 56.27 -81.16 -101.24
C ASP AA 162 57.18 -79.97 -101.54
N ALA AA 163 56.99 -78.89 -100.78
CA ALA AA 163 57.80 -77.69 -100.95
C ALA AA 163 59.30 -78.02 -100.80
N MET AA 164 59.67 -78.56 -99.65
CA MET AA 164 61.06 -78.93 -99.37
C MET AA 164 61.71 -79.65 -100.55
N GLU AA 165 60.97 -80.60 -101.12
CA GLU AA 165 61.46 -81.39 -102.25
C GLU AA 165 61.75 -80.54 -103.49
N LYS AA 166 60.75 -79.78 -103.92
CA LYS AA 166 60.85 -78.91 -105.10
C LYS AA 166 61.51 -77.55 -104.86
N VAL AA 167 62.50 -77.52 -103.97
CA VAL AA 167 63.23 -76.29 -103.64
C VAL AA 167 64.59 -76.70 -103.07
N GLY AA 168 64.81 -78.02 -102.99
CA GLY AA 168 66.07 -78.53 -102.48
C GLY AA 168 66.29 -78.19 -101.02
N LYS AA 169 67.11 -78.98 -100.32
CA LYS AA 169 67.38 -78.75 -98.91
C LYS AA 169 68.05 -77.42 -98.62
N GLU AA 170 68.58 -76.79 -99.67
CA GLU AA 170 69.23 -75.49 -99.51
C GLU AA 170 68.28 -74.38 -99.93
N GLY AA 171 67.05 -74.75 -100.29
CA GLY AA 171 66.07 -73.76 -100.69
C GLY AA 171 65.52 -72.90 -99.55
N ILE AA 172 64.33 -72.35 -99.76
CA ILE AA 172 63.70 -71.50 -98.75
C ILE AA 172 62.19 -71.63 -98.75
N ILE AA 173 61.63 -71.93 -97.58
CA ILE AA 173 60.18 -72.04 -97.43
C ILE AA 173 59.67 -70.93 -96.50
N THR AA 174 58.51 -70.38 -96.84
CA THR AA 174 57.94 -69.30 -96.06
C THR AA 174 56.49 -69.53 -95.68
N VAL AA 175 56.13 -69.13 -94.47
CA VAL AA 175 54.76 -69.29 -94.00
C VAL AA 175 54.05 -67.94 -94.01
N GLU AA 176 52.99 -67.85 -94.80
CA GLU AA 176 52.23 -66.62 -94.91
C GLU AA 176 50.77 -66.82 -94.60
N GLU AA 177 50.09 -65.72 -94.39
CA GLU AA 177 48.68 -65.73 -94.03
C GLU AA 177 47.77 -65.65 -95.26
N SER AA 178 47.32 -66.82 -95.73
CA SER AA 178 46.42 -66.91 -96.87
C SER AA 178 45.16 -66.09 -96.56
N LYS AA 179 44.23 -66.05 -97.50
CA LYS AA 179 43.00 -65.30 -97.28
C LYS AA 179 41.76 -66.19 -97.34
N SER AA 180 41.88 -67.32 -98.03
CA SER AA 180 40.79 -68.26 -98.14
C SER AA 180 40.83 -69.15 -96.91
N LEU AA 181 39.82 -70.01 -96.76
CA LEU AA 181 39.77 -70.92 -95.63
C LEU AA 181 40.80 -72.02 -95.83
N GLU AA 182 41.27 -72.16 -97.07
CA GLU AA 182 42.24 -73.20 -97.37
C GLU AA 182 43.68 -72.72 -97.47
N THR AA 183 44.58 -73.63 -97.14
CA THR AA 183 46.02 -73.40 -97.19
C THR AA 183 46.53 -73.77 -98.58
N GLU AA 184 47.44 -72.96 -99.11
CA GLU AA 184 48.00 -73.22 -100.43
C GLU AA 184 49.52 -73.15 -100.46
N LEU AA 185 50.13 -74.04 -101.24
CA LEU AA 185 51.57 -74.06 -101.42
C LEU AA 185 51.83 -73.50 -102.79
N LYS AA 186 52.70 -72.50 -102.87
CA LYS AA 186 53.02 -71.88 -104.15
C LYS AA 186 54.51 -71.55 -104.25
N PHE AA 187 55.08 -71.77 -105.44
CA PHE AA 187 56.49 -71.50 -105.66
C PHE AA 187 56.68 -70.20 -106.42
N VAL AA 188 57.81 -69.55 -106.20
CA VAL AA 188 58.10 -68.30 -106.87
C VAL AA 188 58.97 -68.53 -108.09
N GLU AA 189 58.38 -68.12 -109.22
CA GLU AA 189 58.94 -68.21 -110.56
C GLU AA 189 59.96 -67.14 -110.88
N GLY AA 190 61.19 -67.56 -111.18
CA GLY AA 190 62.22 -66.60 -111.52
C GLY AA 190 62.65 -65.78 -110.32
N TYR AA 191 63.01 -64.53 -110.58
CA TYR AA 191 63.46 -63.63 -109.53
C TYR AA 191 62.35 -62.63 -109.17
N GLN AA 192 62.24 -62.29 -107.89
CA GLN AA 192 61.25 -61.32 -107.45
C GLN AA 192 61.61 -60.72 -106.09
N PHE AA 193 61.19 -59.48 -105.88
CA PHE AA 193 61.45 -58.76 -104.64
C PHE AA 193 60.21 -57.92 -104.31
N ASP AA 194 60.08 -57.56 -103.04
CA ASP AA 194 58.93 -56.82 -102.57
C ASP AA 194 58.92 -55.31 -102.81
N LYS AA 195 59.00 -54.94 -104.08
CA LYS AA 195 58.97 -53.53 -104.49
C LYS AA 195 58.09 -53.47 -105.73
N GLY AA 196 57.21 -52.49 -105.81
CA GLY AA 196 56.32 -52.41 -106.95
C GLY AA 196 56.52 -51.18 -107.82
N TYR AA 197 55.55 -50.92 -108.69
CA TYR AA 197 55.64 -49.77 -109.58
C TYR AA 197 55.64 -48.44 -108.84
N ILE AA 198 56.67 -47.64 -109.09
CA ILE AA 198 56.85 -46.34 -108.46
C ILE AA 198 55.75 -45.34 -108.83
N SER AA 199 54.85 -45.74 -109.73
CA SER AA 199 53.73 -44.89 -110.11
C SER AA 199 52.65 -45.78 -110.69
N PRO AA 200 51.39 -45.55 -110.28
CA PRO AA 200 50.25 -46.34 -110.75
C PRO AA 200 49.98 -46.19 -112.25
N TYR AA 201 50.64 -45.22 -112.88
CA TYR AA 201 50.46 -45.02 -114.31
C TYR AA 201 51.10 -46.14 -115.14
N PHE AA 202 52.23 -46.65 -114.67
CA PHE AA 202 52.91 -47.72 -115.36
C PHE AA 202 52.02 -48.95 -115.57
N VAL AA 203 50.86 -48.98 -114.91
CA VAL AA 203 49.96 -50.14 -115.03
C VAL AA 203 49.60 -50.56 -116.45
N THR AA 204 49.70 -51.88 -116.69
CA THR AA 204 49.39 -52.50 -117.97
C THR AA 204 47.96 -53.03 -118.01
N ASN AA 205 47.57 -53.73 -116.95
CA ASN AA 205 46.24 -54.34 -116.83
C ASN AA 205 45.34 -53.58 -115.83
N PRO AA 206 44.18 -53.06 -116.31
CA PRO AA 206 43.25 -52.31 -115.46
C PRO AA 206 42.40 -53.23 -114.59
N GLU AA 207 42.51 -54.52 -114.83
CA GLU AA 207 41.75 -55.51 -114.09
C GLU AA 207 42.60 -56.18 -113.03
N THR AA 208 43.92 -56.21 -113.25
CA THR AA 208 44.82 -56.85 -112.30
C THR AA 208 45.79 -55.88 -111.63
N MET AA 209 45.70 -54.60 -112.01
CA MET AA 209 46.58 -53.59 -111.43
C MET AA 209 48.06 -53.99 -111.52
N GLU AA 210 48.39 -54.70 -112.59
CA GLU AA 210 49.77 -55.14 -112.81
C GLU AA 210 50.41 -54.34 -113.93
N ALA AA 211 51.72 -54.49 -114.04
CA ALA AA 211 52.47 -53.83 -115.08
C ALA AA 211 53.16 -55.00 -115.74
N VAL AA 212 52.60 -55.47 -116.85
CA VAL AA 212 53.17 -56.60 -117.58
C VAL AA 212 54.02 -56.13 -118.76
N LEU AA 213 55.30 -56.48 -118.74
CA LEU AA 213 56.21 -56.09 -119.82
C LEU AA 213 56.74 -57.36 -120.48
N GLU AA 214 56.36 -57.56 -121.74
CA GLU AA 214 56.78 -58.74 -122.49
C GLU AA 214 58.14 -58.55 -123.12
N ASP AA 215 59.06 -59.49 -122.87
CA ASP AA 215 60.41 -59.42 -123.41
C ASP AA 215 60.92 -57.99 -123.37
N ALA AA 216 61.47 -57.58 -122.22
CA ALA AA 216 61.96 -56.22 -122.08
C ALA AA 216 63.42 -56.10 -121.64
N PHE AA 217 63.87 -54.85 -121.52
CA PHE AA 217 65.21 -54.54 -121.11
C PHE AA 217 65.18 -54.04 -119.67
N ILE AA 218 66.14 -54.48 -118.87
CA ILE AA 218 66.23 -54.07 -117.48
C ILE AA 218 67.35 -53.09 -117.26
N LEU AA 219 67.01 -51.87 -116.86
CA LEU AA 219 68.02 -50.85 -116.59
C LEU AA 219 68.36 -50.93 -115.10
N ILE AA 220 69.51 -51.49 -114.77
CA ILE AA 220 69.95 -51.65 -113.39
C ILE AA 220 70.84 -50.50 -112.92
N VAL AA 221 70.22 -49.47 -112.33
CA VAL AA 221 70.97 -48.30 -111.84
C VAL AA 221 71.13 -48.31 -110.32
N GLU AA 222 72.37 -48.30 -109.84
CA GLU AA 222 72.60 -48.30 -108.39
C GLU AA 222 72.12 -46.98 -107.75
N LYS AA 223 72.68 -45.87 -108.23
CA LYS AA 223 72.32 -44.54 -107.73
C LYS AA 223 70.87 -44.17 -108.10
N LYS AA 224 70.37 -43.07 -107.55
CA LYS AA 224 69.01 -42.61 -107.85
C LYS AA 224 68.86 -42.17 -109.30
N VAL AA 225 67.77 -41.44 -109.60
CA VAL AA 225 67.49 -40.95 -110.96
C VAL AA 225 66.41 -39.88 -110.94
N SER AA 226 66.80 -38.63 -111.14
CA SER AA 226 65.85 -37.53 -111.13
C SER AA 226 66.06 -36.52 -112.27
N ASN AA 227 67.23 -36.58 -112.90
CA ASN AA 227 67.59 -35.68 -113.99
C ASN AA 227 67.30 -36.33 -115.35
N VAL AA 228 66.38 -35.72 -116.10
CA VAL AA 228 65.98 -36.24 -117.41
C VAL AA 228 67.14 -36.53 -118.34
N ARG AA 229 68.10 -35.61 -118.39
CA ARG AA 229 69.27 -35.75 -119.24
C ARG AA 229 69.92 -37.14 -119.22
N GLU AA 230 70.56 -37.49 -118.12
CA GLU AA 230 71.22 -38.79 -118.02
C GLU AA 230 70.41 -39.96 -118.59
N LEU AA 231 69.08 -39.88 -118.47
CA LEU AA 231 68.22 -40.96 -118.97
C LEU AA 231 68.07 -40.99 -120.49
N LEU AA 232 67.61 -39.87 -121.05
CA LEU AA 232 67.40 -39.74 -122.49
C LEU AA 232 68.27 -40.61 -123.38
N PRO AA 233 69.61 -40.55 -123.22
CA PRO AA 233 70.47 -41.39 -124.07
C PRO AA 233 69.98 -42.85 -124.17
N ILE AA 234 69.75 -43.47 -123.02
CA ILE AA 234 69.27 -44.86 -122.94
C ILE AA 234 67.83 -45.01 -123.40
N LEU AA 235 67.00 -44.07 -122.96
CA LEU AA 235 65.59 -44.08 -123.30
C LEU AA 235 65.42 -44.10 -124.80
N GLU AA 236 66.30 -43.40 -125.51
CA GLU AA 236 66.26 -43.31 -126.96
C GLU AA 236 66.71 -44.63 -127.61
N GLN AA 237 67.84 -45.15 -127.16
CA GLN AA 237 68.37 -46.41 -127.69
C GLN AA 237 67.33 -47.52 -127.54
N VAL AA 238 66.63 -47.53 -126.40
CA VAL AA 238 65.61 -48.53 -126.12
C VAL AA 238 64.31 -48.23 -126.88
N ALA AA 239 63.90 -46.97 -126.86
CA ALA AA 239 62.68 -46.54 -127.54
C ALA AA 239 62.69 -47.00 -128.99
N GLN AA 240 63.88 -47.02 -129.58
CA GLN AA 240 64.05 -47.44 -130.96
C GLN AA 240 64.06 -48.96 -131.09
N THR AA 241 64.29 -49.66 -129.98
CA THR AA 241 64.30 -51.12 -129.99
C THR AA 241 62.87 -51.65 -130.11
N GLY AA 242 61.91 -50.79 -129.79
CA GLY AA 242 60.52 -51.17 -129.86
C GLY AA 242 60.19 -52.15 -128.75
N LYS AA 243 61.15 -52.33 -127.83
CA LYS AA 243 60.98 -53.25 -126.71
C LYS AA 243 60.70 -52.48 -125.42
N PRO AA 244 59.91 -53.10 -124.51
CA PRO AA 244 59.55 -52.47 -123.23
C PRO AA 244 60.80 -52.30 -122.39
N LEU AA 245 60.68 -51.50 -121.32
CA LEU AA 245 61.83 -51.26 -120.47
C LEU AA 245 61.49 -51.14 -118.99
N LEU AA 246 62.27 -51.83 -118.17
CA LEU AA 246 62.12 -51.80 -116.72
C LEU AA 246 63.33 -51.11 -116.11
N ILE AA 247 63.08 -50.06 -115.34
CA ILE AA 247 64.14 -49.32 -114.70
C ILE AA 247 64.15 -49.60 -113.20
N ILE AA 248 65.28 -50.11 -112.73
CA ILE AA 248 65.45 -50.42 -111.32
C ILE AA 248 66.57 -49.55 -110.76
N ALA AA 249 66.17 -48.52 -110.01
CA ALA AA 249 67.13 -47.60 -109.40
C ALA AA 249 66.74 -47.31 -107.96
N GLU AA 250 67.71 -46.88 -107.15
CA GLU AA 250 67.47 -46.56 -105.75
C GLU AA 250 66.09 -45.91 -105.60
N ASP AA 251 65.72 -45.17 -106.64
CA ASP AA 251 64.44 -44.48 -106.69
C ASP AA 251 64.41 -43.68 -108.00
N VAL AA 252 63.21 -43.39 -108.49
CA VAL AA 252 63.03 -42.62 -109.72
C VAL AA 252 62.07 -41.50 -109.37
N GLU AA 253 62.61 -40.30 -109.21
CA GLU AA 253 61.83 -39.14 -108.84
C GLU AA 253 61.94 -37.97 -109.82
N GLY AA 254 61.43 -36.82 -109.38
CA GLY AA 254 61.47 -35.60 -110.17
C GLY AA 254 61.01 -35.66 -111.60
N GLU AA 255 61.67 -34.89 -112.45
CA GLU AA 255 61.37 -34.83 -113.89
C GLU AA 255 61.68 -36.15 -114.59
N ALA AA 256 62.64 -36.91 -114.05
CA ALA AA 256 63.04 -38.20 -114.61
C ALA AA 256 61.87 -39.17 -114.63
N LEU AA 257 61.12 -39.18 -113.52
CA LEU AA 257 59.94 -40.03 -113.40
C LEU AA 257 58.85 -39.45 -114.31
N ALA AA 258 58.58 -38.15 -114.17
CA ALA AA 258 57.57 -37.45 -114.96
C ALA AA 258 57.69 -37.76 -116.46
N THR AA 259 58.91 -37.96 -116.91
CA THR AA 259 59.19 -38.27 -118.32
C THR AA 259 58.66 -39.67 -118.64
N LEU AA 260 59.20 -40.67 -117.94
CA LEU AA 260 58.81 -42.08 -118.11
C LEU AA 260 57.30 -42.28 -118.10
N VAL AA 261 56.62 -41.47 -117.29
CA VAL AA 261 55.17 -41.52 -117.15
C VAL AA 261 54.50 -40.97 -118.40
N VAL AA 262 54.92 -39.78 -118.83
CA VAL AA 262 54.34 -39.15 -120.01
C VAL AA 262 54.54 -39.95 -121.31
N ASN AA 263 55.71 -40.56 -121.47
CA ASN AA 263 56.00 -41.37 -122.65
C ASN AA 263 55.23 -42.68 -122.57
N LYS AA 264 55.14 -43.22 -121.36
CA LYS AA 264 54.42 -44.45 -121.11
C LYS AA 264 52.98 -44.19 -121.53
N LEU AA 265 52.36 -43.17 -120.92
CA LEU AA 265 50.98 -42.80 -121.21
C LEU AA 265 50.82 -42.35 -122.67
N ARG AA 266 51.93 -41.94 -123.27
CA ARG AA 266 51.92 -41.46 -124.65
C ARG AA 266 51.91 -42.60 -125.66
N GLY AA 267 52.73 -43.61 -125.40
CA GLY AA 267 52.82 -44.74 -126.29
C GLY AA 267 54.24 -44.72 -126.84
N THR AA 268 54.97 -43.67 -126.46
CA THR AA 268 56.35 -43.45 -126.86
C THR AA 268 57.20 -44.62 -126.44
N LEU AA 269 57.05 -45.02 -125.19
CA LEU AA 269 57.82 -46.12 -124.67
C LEU AA 269 57.04 -46.81 -123.56
N SER AA 270 57.09 -48.13 -123.51
CA SER AA 270 56.41 -48.88 -122.46
C SER AA 270 57.46 -49.15 -121.40
N VAL AA 271 57.33 -48.45 -120.27
CA VAL AA 271 58.27 -48.62 -119.17
C VAL AA 271 57.63 -48.64 -117.80
N ALA AA 272 58.46 -48.91 -116.81
CA ALA AA 272 58.04 -48.98 -115.42
C ALA AA 272 59.26 -48.83 -114.53
N ALA AA 273 59.12 -48.01 -113.49
CA ALA AA 273 60.19 -47.78 -112.53
C ALA AA 273 59.90 -48.55 -111.25
N VAL AA 274 60.95 -49.12 -110.65
CA VAL AA 274 60.80 -49.89 -109.43
C VAL AA 274 62.03 -49.67 -108.54
N LYS AA 275 61.81 -49.37 -107.27
CA LYS AA 275 62.92 -49.14 -106.36
C LYS AA 275 63.78 -50.39 -106.19
N ALA AA 276 65.03 -50.19 -105.81
CA ALA AA 276 65.97 -51.28 -105.60
C ALA AA 276 65.43 -52.24 -104.55
N PRO AA 277 65.91 -53.50 -104.56
CA PRO AA 277 65.41 -54.44 -103.56
C PRO AA 277 65.77 -54.00 -102.15
N GLY AA 278 66.68 -54.72 -101.50
CA GLY AA 278 67.06 -54.39 -100.13
C GLY AA 278 67.47 -52.96 -99.78
N PHE AA 279 68.42 -52.87 -98.84
CA PHE AA 279 68.98 -51.61 -98.36
C PHE AA 279 70.48 -51.79 -98.18
N GLY AA 280 71.13 -50.81 -97.56
CA GLY AA 280 72.56 -50.89 -97.32
C GLY AA 280 73.35 -51.51 -98.46
N ASP AA 281 74.38 -52.27 -98.12
CA ASP AA 281 75.24 -52.92 -99.11
C ASP AA 281 74.57 -54.15 -99.66
N ARG AA 282 73.36 -54.39 -99.18
CA ARG AA 282 72.65 -55.54 -99.62
C ARG AA 282 71.95 -55.33 -100.96
N ARG AA 283 71.22 -54.23 -101.10
CA ARG AA 283 70.54 -53.98 -102.37
C ARG AA 283 71.60 -53.79 -103.44
N LYS AA 284 72.81 -53.43 -103.00
CA LYS AA 284 73.90 -53.26 -103.92
C LYS AA 284 74.22 -54.66 -104.40
N GLU AA 285 74.44 -55.55 -103.44
CA GLU AA 285 74.76 -56.94 -103.73
C GLU AA 285 73.60 -57.64 -104.44
N MET AA 286 72.38 -57.18 -104.21
CA MET AA 286 71.19 -57.79 -104.83
C MET AA 286 70.98 -57.31 -106.26
N LEU AA 287 71.26 -56.04 -106.52
CA LEU AA 287 71.14 -55.49 -107.86
C LEU AA 287 72.06 -56.31 -108.75
N LYS AA 288 73.19 -56.66 -108.15
CA LYS AA 288 74.24 -57.47 -108.73
C LYS AA 288 73.69 -58.86 -109.09
N ASP AA 289 72.84 -59.37 -108.20
CA ASP AA 289 72.19 -60.67 -108.38
C ASP AA 289 71.22 -60.55 -109.55
N ILE AA 290 70.42 -59.50 -109.53
CA ILE AA 290 69.44 -59.22 -110.58
C ILE AA 290 70.17 -59.14 -111.91
N ALA AA 291 71.34 -58.52 -111.89
CA ALA AA 291 72.15 -58.40 -113.09
C ALA AA 291 72.44 -59.80 -113.63
N ALA AA 292 73.19 -60.58 -112.85
CA ALA AA 292 73.58 -61.94 -113.22
C ALA AA 292 72.42 -62.82 -113.70
N VAL AA 293 71.20 -62.46 -113.32
CA VAL AA 293 70.02 -63.23 -113.71
C VAL AA 293 69.44 -62.71 -115.02
N THR AA 294 69.46 -61.40 -115.23
CA THR AA 294 68.94 -60.80 -116.45
C THR AA 294 70.02 -60.69 -117.54
N GLY AA 295 71.27 -60.67 -117.11
CA GLY AA 295 72.37 -60.56 -118.06
C GLY AA 295 72.88 -59.15 -118.19
N GLY AA 296 72.05 -58.17 -117.83
CA GLY AA 296 72.44 -56.78 -117.91
C GLY AA 296 73.62 -56.41 -117.02
N THR AA 297 73.99 -55.13 -117.04
CA THR AA 297 75.11 -54.65 -116.24
C THR AA 297 74.64 -53.64 -115.22
N VAL AA 298 75.24 -53.68 -114.04
CA VAL AA 298 74.87 -52.76 -112.98
C VAL AA 298 75.61 -51.43 -113.16
N ILE AA 299 74.83 -50.35 -113.28
CA ILE AA 299 75.39 -49.02 -113.42
C ILE AA 299 75.83 -48.55 -112.03
N SER AA 300 76.82 -49.26 -111.50
CA SER AA 300 77.41 -49.00 -110.18
C SER AA 300 78.11 -47.65 -110.16
N GLU AA 301 77.55 -46.70 -109.43
CA GLU AA 301 78.16 -45.38 -109.32
C GLU AA 301 79.58 -45.51 -108.76
N GLU AA 302 79.86 -46.62 -108.07
CA GLU AA 302 81.18 -46.84 -107.50
C GLU AA 302 82.02 -47.86 -108.25
N LEU AA 303 81.67 -48.10 -109.51
CA LEU AA 303 82.42 -49.01 -110.36
C LEU AA 303 82.93 -48.14 -111.51
N GLY AA 304 82.35 -46.95 -111.62
CA GLY AA 304 82.77 -46.02 -112.66
C GLY AA 304 81.92 -45.98 -113.91
N PHE AA 305 80.62 -45.77 -113.77
CA PHE AA 305 79.75 -45.70 -114.93
C PHE AA 305 78.85 -44.47 -114.81
N LYS AA 306 78.45 -43.95 -115.97
CA LYS AA 306 77.56 -42.80 -116.01
C LYS AA 306 76.29 -43.22 -116.72
N LEU AA 307 75.15 -42.99 -116.08
CA LEU AA 307 73.85 -43.34 -116.64
C LEU AA 307 73.72 -42.83 -118.07
N GLU AA 308 74.19 -41.61 -118.29
CA GLU AA 308 74.12 -41.00 -119.62
C GLU AA 308 74.89 -41.84 -120.66
N ASN AA 309 76.01 -42.41 -120.23
CA ASN AA 309 76.84 -43.22 -121.12
C ASN AA 309 76.48 -44.70 -121.13
N ALA AA 310 75.23 -45.01 -120.83
CA ALA AA 310 74.83 -46.41 -120.82
C ALA AA 310 74.47 -46.87 -122.24
N THR AA 311 74.41 -48.19 -122.44
CA THR AA 311 74.13 -48.73 -123.75
C THR AA 311 73.14 -49.89 -123.71
N LEU AA 312 72.55 -50.23 -124.86
CA LEU AA 312 71.63 -51.35 -124.94
C LEU AA 312 72.43 -52.63 -124.67
N SER AA 313 73.74 -52.53 -124.87
CA SER AA 313 74.64 -53.66 -124.66
C SER AA 313 74.73 -54.05 -123.17
N MET AA 314 74.69 -53.06 -122.29
CA MET AA 314 74.78 -53.33 -120.86
C MET AA 314 73.41 -53.36 -120.17
N LEU AA 315 72.37 -53.76 -120.91
CA LEU AA 315 71.03 -53.83 -120.35
C LEU AA 315 70.63 -55.27 -120.01
N GLY AA 316 69.74 -55.40 -119.03
CA GLY AA 316 69.26 -56.71 -118.64
C GLY AA 316 68.12 -57.05 -119.59
N ARG AA 317 67.87 -58.34 -119.77
CA ARG AA 317 66.80 -58.75 -120.67
C ARG AA 317 66.10 -59.97 -120.08
N ALA AA 318 64.77 -59.96 -120.15
CA ALA AA 318 64.00 -61.06 -119.59
C ALA AA 318 62.78 -61.34 -120.43
N GLU AA 319 62.29 -62.58 -120.33
CA GLU AA 319 61.11 -63.03 -121.08
C GLU AA 319 59.85 -62.28 -120.67
N ARG AA 320 59.73 -61.97 -119.38
CA ARG AA 320 58.57 -61.25 -118.87
C ARG AA 320 58.82 -60.58 -117.52
N VAL AA 321 58.00 -59.57 -117.21
CA VAL AA 321 58.12 -58.85 -115.95
C VAL AA 321 56.75 -58.39 -115.44
N ARG AA 322 56.45 -58.76 -114.19
CA ARG AA 322 55.18 -58.40 -113.54
C ARG AA 322 55.42 -57.42 -112.41
N ILE AA 323 54.61 -56.38 -112.35
CA ILE AA 323 54.74 -55.37 -111.31
C ILE AA 323 53.41 -55.02 -110.63
N THR AA 324 53.29 -55.42 -109.37
CA THR AA 324 52.07 -55.17 -108.59
C THR AA 324 52.32 -53.93 -107.75
N LYS AA 325 51.25 -53.44 -107.12
CA LYS AA 325 51.33 -52.26 -106.27
C LYS AA 325 52.50 -52.33 -105.30
N ASP AA 326 53.03 -53.52 -105.09
CA ASP AA 326 54.15 -53.66 -104.15
C ASP AA 326 55.02 -54.89 -104.41
N GLU AA 327 54.95 -55.43 -105.62
CA GLU AA 327 55.75 -56.61 -105.94
C GLU AA 327 56.24 -56.63 -107.39
N THR AA 328 57.46 -57.12 -107.57
CA THR AA 328 58.07 -57.20 -108.90
C THR AA 328 58.66 -58.57 -109.14
N THR AA 329 58.23 -59.20 -110.24
CA THR AA 329 58.72 -60.52 -110.60
C THR AA 329 59.35 -60.52 -112.00
N ILE AA 330 60.61 -60.94 -112.07
CA ILE AA 330 61.34 -60.99 -113.33
C ILE AA 330 61.41 -62.43 -113.83
N VAL AA 331 60.50 -62.75 -114.73
CA VAL AA 331 60.41 -64.07 -115.33
C VAL AA 331 61.36 -64.20 -116.53
N GLY AA 332 61.78 -65.43 -116.83
CA GLY AA 332 62.65 -65.69 -117.95
C GLY AA 332 63.83 -64.74 -118.14
N GLY AA 333 64.65 -64.60 -117.11
CA GLY AA 333 65.81 -63.74 -117.22
C GLY AA 333 66.74 -64.36 -118.24
N LYS AA 334 67.43 -63.53 -119.03
CA LYS AA 334 68.33 -64.04 -120.06
C LYS AA 334 69.77 -64.16 -119.57
N GLY AA 335 69.99 -63.79 -118.31
CA GLY AA 335 71.33 -63.85 -117.73
C GLY AA 335 72.17 -65.06 -118.09
N LYS AA 336 73.47 -64.90 -117.92
CA LYS AA 336 74.45 -65.95 -118.21
C LYS AA 336 74.50 -66.97 -117.06
N LYS AA 337 74.36 -68.25 -117.41
CA LYS AA 337 74.37 -69.34 -116.42
C LYS AA 337 75.58 -69.32 -115.49
N GLU AA 338 76.76 -68.99 -116.00
CA GLU AA 338 77.96 -68.94 -115.18
C GLU AA 338 77.87 -67.77 -114.21
N ASP AA 339 77.22 -66.69 -114.65
CA ASP AA 339 77.05 -65.50 -113.84
C ASP AA 339 76.19 -65.77 -112.61
N ILE AA 340 75.16 -66.58 -112.80
CA ILE AA 340 74.26 -66.94 -111.71
C ILE AA 340 74.97 -67.86 -110.72
N GLU AA 341 75.53 -68.97 -111.21
CA GLU AA 341 76.25 -69.92 -110.37
C GLU AA 341 77.38 -69.25 -109.56
N ALA AA 342 78.13 -68.37 -110.21
CA ALA AA 342 79.22 -67.65 -109.56
C ALA AA 342 78.64 -66.67 -108.54
N ARG AA 343 77.47 -66.14 -108.85
CA ARG AA 343 76.78 -65.21 -107.98
C ARG AA 343 76.27 -65.98 -106.76
N ILE AA 344 75.83 -67.21 -107.01
CA ILE AA 344 75.31 -68.09 -105.97
C ILE AA 344 76.41 -68.64 -105.06
N ASN AA 345 77.36 -69.36 -105.66
CA ASN AA 345 78.47 -69.94 -104.90
C ASN AA 345 79.26 -68.90 -104.13
N GLY AA 346 78.96 -67.62 -104.37
CA GLY AA 346 79.64 -66.56 -103.66
C GLY AA 346 78.98 -66.43 -102.30
N ILE AA 347 77.69 -66.76 -102.28
CA ILE AA 347 76.86 -66.71 -101.09
C ILE AA 347 77.16 -67.93 -100.22
N LYS AA 348 77.29 -69.08 -100.86
CA LYS AA 348 77.59 -70.33 -100.17
C LYS AA 348 78.96 -70.25 -99.52
N LYS AA 349 79.98 -69.93 -100.33
CA LYS AA 349 81.35 -69.82 -99.83
C LYS AA 349 81.51 -68.59 -98.93
N GLU AA 350 80.38 -68.04 -98.52
CA GLU AA 350 80.38 -66.87 -97.65
C GLU AA 350 79.59 -67.20 -96.39
N LEU AA 351 78.53 -67.99 -96.55
CA LEU AA 351 77.69 -68.42 -95.42
C LEU AA 351 78.48 -69.27 -94.43
N GLU AA 352 79.48 -69.98 -94.93
CA GLU AA 352 80.32 -70.83 -94.09
C GLU AA 352 81.28 -69.96 -93.29
N THR AA 353 80.85 -68.75 -92.96
CA THR AA 353 81.64 -67.80 -92.20
C THR AA 353 80.72 -66.84 -91.46
N THR AA 354 79.43 -66.91 -91.76
CA THR AA 354 78.44 -66.06 -91.13
C THR AA 354 77.93 -66.68 -89.84
N ASP AA 355 77.80 -65.87 -88.80
CA ASP AA 355 77.32 -66.37 -87.53
C ASP AA 355 75.86 -65.99 -87.31
N SER AA 356 75.62 -64.76 -86.84
CA SER AA 356 74.26 -64.30 -86.58
C SER AA 356 73.27 -64.94 -87.55
N GLU AA 357 72.46 -65.86 -87.03
CA GLU AA 357 71.47 -66.58 -87.82
C GLU AA 357 70.62 -65.64 -88.67
N TYR AA 358 70.55 -64.37 -88.28
CA TYR AA 358 69.77 -63.41 -89.03
C TYR AA 358 70.46 -63.12 -90.35
N ALA AA 359 71.78 -63.08 -90.30
CA ALA AA 359 72.58 -62.82 -91.49
C ALA AA 359 72.55 -64.03 -92.41
N ARG AA 360 72.45 -65.22 -91.84
CA ARG AA 360 72.41 -66.45 -92.61
C ARG AA 360 71.06 -66.64 -93.29
N GLU AA 361 70.05 -65.93 -92.80
CA GLU AA 361 68.71 -65.99 -93.37
C GLU AA 361 68.62 -64.99 -94.50
N LYS AA 362 69.36 -63.88 -94.37
CA LYS AA 362 69.40 -62.83 -95.37
C LYS AA 362 70.18 -63.27 -96.59
N LEU AA 363 71.31 -63.93 -96.34
CA LEU AA 363 72.16 -64.44 -97.39
C LEU AA 363 71.60 -65.77 -97.86
N GLN AA 364 70.36 -66.06 -97.47
CA GLN AA 364 69.71 -67.30 -97.84
C GLN AA 364 68.55 -67.06 -98.80
N GLU AA 365 67.86 -65.93 -98.63
CA GLU AA 365 66.74 -65.58 -99.49
C GLU AA 365 67.24 -65.00 -100.81
N ARG AA 366 68.53 -64.69 -100.85
CA ARG AA 366 69.15 -64.18 -102.06
C ARG AA 366 69.46 -65.44 -102.87
N LEU AA 367 70.11 -66.40 -102.21
CA LEU AA 367 70.47 -67.69 -102.82
C LEU AA 367 69.24 -68.51 -103.19
N ALA AA 368 68.10 -68.14 -102.62
CA ALA AA 368 66.85 -68.82 -102.93
C ALA AA 368 66.31 -68.24 -104.23
N LYS AA 369 66.12 -66.93 -104.27
CA LYS AA 369 65.61 -66.25 -105.46
C LYS AA 369 66.47 -66.60 -106.67
N LEU AA 370 67.80 -66.54 -106.50
CA LEU AA 370 68.75 -66.86 -107.56
C LEU AA 370 68.53 -68.27 -108.10
N ALA AA 371 68.19 -69.18 -107.21
CA ALA AA 371 67.94 -70.57 -107.58
C ALA AA 371 66.47 -70.78 -107.94
N GLY AA 372 65.76 -69.68 -108.14
CA GLY AA 372 64.33 -69.77 -108.45
C GLY AA 372 63.71 -70.73 -107.46
N GLY AA 373 64.37 -70.87 -106.29
CA GLY AA 373 63.92 -71.80 -105.27
C GLY AA 373 63.30 -71.24 -104.00
N VAL AA 374 62.14 -70.63 -104.15
CA VAL AA 374 61.44 -70.06 -103.03
C VAL AA 374 60.01 -70.59 -102.99
N ALA AA 375 59.70 -71.33 -101.94
CA ALA AA 375 58.37 -71.89 -101.73
C ALA AA 375 57.66 -71.03 -100.68
N VAL AA 376 56.34 -70.96 -100.78
CA VAL AA 376 55.55 -70.18 -99.83
C VAL AA 376 54.20 -70.82 -99.50
N ILE AA 377 54.05 -71.22 -98.24
CA ILE AA 377 52.80 -71.83 -97.78
C ILE AA 377 51.92 -70.75 -97.20
N ARG AA 378 50.76 -70.53 -97.81
CA ARG AA 378 49.85 -69.52 -97.31
C ARG AA 378 48.75 -70.23 -96.51
N VAL AA 379 48.92 -70.26 -95.20
CA VAL AA 379 48.00 -70.91 -94.28
C VAL AA 379 46.61 -70.26 -94.18
N GLY AA 380 45.58 -71.10 -94.29
CA GLY AA 380 44.21 -70.61 -94.22
C GLY AA 380 43.49 -71.17 -93.01
N ALA AA 381 42.48 -70.45 -92.55
CA ALA AA 381 41.68 -70.85 -91.39
C ALA AA 381 40.40 -70.02 -91.35
N ALA AA 382 39.44 -70.45 -90.56
CA ALA AA 382 38.18 -69.70 -90.49
C ALA AA 382 38.23 -68.54 -89.50
N THR AA 383 39.06 -68.66 -88.48
CA THR AA 383 39.20 -67.62 -87.45
C THR AA 383 40.64 -67.26 -87.17
N GLU AA 384 40.84 -66.02 -86.75
CA GLU AA 384 42.16 -65.53 -86.44
C GLU AA 384 42.86 -66.45 -85.44
N THR AA 385 42.16 -66.77 -84.36
CA THR AA 385 42.73 -67.61 -83.31
C THR AA 385 43.18 -68.96 -83.84
N GLU AA 386 42.33 -69.61 -84.63
CA GLU AA 386 42.68 -70.91 -85.19
C GLU AA 386 43.90 -70.74 -86.09
N LEU AA 387 43.79 -69.77 -86.98
CA LEU AA 387 44.84 -69.45 -87.93
C LEU AA 387 46.22 -69.29 -87.30
N LYS AA 388 46.29 -68.40 -86.31
CA LYS AA 388 47.54 -68.14 -85.62
C LYS AA 388 48.22 -69.39 -85.09
N GLU AA 389 47.44 -70.39 -84.67
CA GLU AA 389 48.02 -71.63 -84.16
C GLU AA 389 48.40 -72.56 -85.31
N LYS AA 390 47.51 -72.64 -86.29
CA LYS AA 390 47.74 -73.49 -87.46
C LYS AA 390 49.02 -72.98 -88.09
N LYS AA 391 49.08 -71.67 -88.26
CA LYS AA 391 50.24 -71.01 -88.84
C LYS AA 391 51.49 -71.39 -88.02
N HIS AA 392 51.36 -71.38 -86.69
CA HIS AA 392 52.48 -71.73 -85.82
C HIS AA 392 52.98 -73.15 -85.99
N ARG AA 393 52.04 -74.10 -86.10
CA ARG AA 393 52.42 -75.50 -86.27
C ARG AA 393 53.30 -75.68 -87.51
N PHE AA 394 52.98 -74.97 -88.59
CA PHE AA 394 53.78 -75.06 -89.80
C PHE AA 394 55.21 -74.66 -89.44
N GLU AA 395 55.34 -73.48 -88.82
CA GLU AA 395 56.63 -72.93 -88.43
C GLU AA 395 57.43 -73.92 -87.61
N ASP AA 396 56.79 -74.60 -86.67
CA ASP AA 396 57.50 -75.58 -85.85
C ASP AA 396 57.98 -76.71 -86.75
N ALA AA 397 57.08 -77.20 -87.61
CA ALA AA 397 57.40 -78.29 -88.55
C ALA AA 397 58.68 -77.98 -89.32
N LEU AA 398 58.75 -76.76 -89.84
CA LEU AA 398 59.93 -76.34 -90.59
C LEU AA 398 61.17 -76.39 -89.69
N ASN AA 399 61.13 -75.70 -88.55
CA ASN AA 399 62.27 -75.70 -87.63
C ASN AA 399 62.75 -77.12 -87.37
N ALA AA 400 61.79 -78.05 -87.31
CA ALA AA 400 62.13 -79.44 -87.08
C ALA AA 400 62.88 -79.95 -88.31
N THR AA 401 62.26 -79.82 -89.47
CA THR AA 401 62.85 -80.25 -90.73
C THR AA 401 64.30 -79.79 -90.81
N ARG AA 402 64.51 -78.48 -90.66
CA ARG AA 402 65.84 -77.88 -90.70
C ARG AA 402 66.81 -78.64 -89.80
N ALA AA 403 66.41 -78.79 -88.53
CA ALA AA 403 67.25 -79.49 -87.57
C ALA AA 403 67.45 -80.94 -87.97
N ALA AA 404 66.42 -81.50 -88.61
CA ALA AA 404 66.49 -82.90 -89.05
C ALA AA 404 67.63 -83.06 -90.05
N VAL AA 405 67.66 -82.19 -91.05
CA VAL AA 405 68.70 -82.20 -92.07
C VAL AA 405 70.09 -82.01 -91.46
N GLU AA 406 70.18 -81.11 -90.49
CA GLU AA 406 71.45 -80.83 -89.83
C GLU AA 406 72.08 -82.02 -89.12
N GLU AA 407 71.49 -82.42 -87.99
CA GLU AA 407 72.07 -83.51 -87.19
C GLU AA 407 71.47 -84.89 -87.34
N GLY AA 408 70.45 -85.02 -88.17
CA GLY AA 408 69.90 -86.34 -88.33
C GLY AA 408 68.50 -86.53 -87.78
N ILE AA 409 68.15 -87.79 -87.60
CA ILE AA 409 66.83 -88.16 -87.15
C ILE AA 409 66.95 -89.36 -86.20
N VAL AA 410 66.12 -89.39 -85.16
CA VAL AA 410 66.12 -90.51 -84.21
C VAL AA 410 64.68 -90.97 -83.94
N PRO AA 411 64.53 -92.14 -83.30
CA PRO AA 411 63.16 -92.61 -83.01
C PRO AA 411 62.48 -91.66 -82.01
N GLY AA 412 61.19 -91.37 -82.24
CA GLY AA 412 60.47 -90.46 -81.37
C GLY AA 412 59.86 -91.02 -80.09
N GLY AA 413 58.76 -90.39 -79.65
CA GLY AA 413 58.08 -90.81 -78.45
C GLY AA 413 58.99 -90.94 -77.25
N GLY AA 414 60.10 -90.20 -77.23
CA GLY AA 414 61.02 -90.26 -76.12
C GLY AA 414 61.82 -91.55 -76.09
N VAL AA 415 61.48 -92.44 -77.01
CA VAL AA 415 62.14 -93.74 -77.11
C VAL AA 415 63.65 -93.59 -77.16
N THR AA 416 64.10 -92.68 -78.01
CA THR AA 416 65.52 -92.46 -78.16
C THR AA 416 66.19 -92.13 -76.81
N LEU AA 417 65.54 -91.29 -76.00
CA LEU AA 417 66.13 -90.94 -74.70
C LEU AA 417 66.13 -92.12 -73.74
N LEU AA 418 65.13 -92.98 -73.87
CA LEU AA 418 65.05 -94.16 -73.03
C LEU AA 418 66.26 -95.04 -73.34
N ARG AA 419 66.60 -95.15 -74.62
CA ARG AA 419 67.73 -95.97 -75.04
C ARG AA 419 69.03 -95.42 -74.50
N ALA AA 420 69.03 -94.14 -74.15
CA ALA AA 420 70.21 -93.50 -73.62
C ALA AA 420 70.50 -94.01 -72.21
N ILE AA 421 69.47 -94.54 -71.57
CA ILE AA 421 69.61 -95.04 -70.21
C ILE AA 421 70.69 -96.08 -70.06
N SER AA 422 70.65 -97.10 -70.90
CA SER AA 422 71.65 -98.16 -70.85
C SER AA 422 73.06 -97.58 -70.87
N ALA AA 423 73.22 -96.46 -71.56
CA ALA AA 423 74.53 -95.80 -71.66
C ALA AA 423 74.91 -95.20 -70.31
N VAL AA 424 73.95 -94.51 -69.69
CA VAL AA 424 74.19 -93.90 -68.40
C VAL AA 424 74.45 -95.02 -67.40
N GLU AA 425 73.70 -96.11 -67.56
CA GLU AA 425 73.81 -97.27 -66.71
C GLU AA 425 75.26 -97.72 -66.71
N GLU AA 426 75.78 -97.97 -67.90
CA GLU AA 426 77.16 -98.41 -68.07
C GLU AA 426 78.12 -97.42 -67.40
N LEU AA 427 77.82 -96.15 -67.55
CA LEU AA 427 78.63 -95.09 -66.95
C LEU AA 427 78.65 -95.20 -65.43
N ILE AA 428 77.47 -95.39 -64.85
CA ILE AA 428 77.33 -95.52 -63.40
C ILE AA 428 78.27 -96.58 -62.85
N LYS AA 429 78.35 -97.72 -63.55
CA LYS AA 429 79.22 -98.82 -63.12
C LYS AA 429 80.65 -98.32 -62.97
N LYS AA 430 80.97 -97.23 -63.67
CA LYS AA 430 82.31 -96.69 -63.59
C LYS AA 430 82.41 -95.51 -62.61
N LEU AA 431 81.26 -95.13 -62.03
CA LEU AA 431 81.21 -94.01 -61.09
C LEU AA 431 81.01 -94.42 -59.63
N GLU AA 432 81.34 -93.48 -58.73
CA GLU AA 432 81.21 -93.70 -57.29
C GLU AA 432 80.51 -92.53 -56.60
N GLY AA 433 80.46 -92.59 -55.27
CA GLY AA 433 79.85 -91.56 -54.46
C GLY AA 433 78.65 -90.84 -55.02
N ASP AA 434 78.52 -89.56 -54.66
CA ASP AA 434 77.40 -88.74 -55.10
C ASP AA 434 77.43 -88.56 -56.61
N GLU AA 435 78.62 -88.65 -57.19
CA GLU AA 435 78.78 -88.50 -58.63
C GLU AA 435 77.97 -89.57 -59.34
N ALA AA 436 77.95 -90.77 -58.77
CA ALA AA 436 77.19 -91.89 -59.33
C ALA AA 436 75.70 -91.57 -59.15
N THR AA 437 75.38 -90.95 -58.02
CA THR AA 437 74.00 -90.57 -57.72
C THR AA 437 73.57 -89.61 -58.82
N GLY AA 438 74.43 -88.64 -59.11
CA GLY AA 438 74.15 -87.66 -60.15
C GLY AA 438 73.76 -88.35 -61.42
N ALA AA 439 74.58 -89.30 -61.85
CA ALA AA 439 74.31 -90.05 -63.07
C ALA AA 439 72.92 -90.68 -62.99
N LYS AA 440 72.65 -91.33 -61.87
CA LYS AA 440 71.36 -91.99 -61.65
C LYS AA 440 70.21 -91.01 -61.84
N ILE AA 441 70.41 -89.76 -61.40
CA ILE AA 441 69.39 -88.73 -61.53
C ILE AA 441 68.99 -88.62 -63.00
N VAL AA 442 69.99 -88.51 -63.88
CA VAL AA 442 69.72 -88.41 -65.31
C VAL AA 442 69.01 -89.68 -65.76
N ARG AA 443 69.50 -90.82 -65.29
CA ARG AA 443 68.93 -92.11 -65.63
C ARG AA 443 67.42 -92.12 -65.47
N ARG AA 444 66.96 -91.58 -64.34
CA ARG AA 444 65.53 -91.53 -64.08
C ARG AA 444 64.86 -90.48 -64.98
N ALA AA 445 65.41 -89.28 -64.98
CA ALA AA 445 64.89 -88.17 -65.78
C ALA AA 445 64.58 -88.58 -67.23
N LEU AA 446 65.52 -89.30 -67.83
CA LEU AA 446 65.38 -89.76 -69.20
C LEU AA 446 64.03 -90.42 -69.50
N GLU AA 447 63.34 -90.89 -68.47
CA GLU AA 447 62.05 -91.56 -68.65
C GLU AA 447 60.88 -90.60 -68.75
N GLU AA 448 61.00 -89.45 -68.09
CA GLU AA 448 59.93 -88.47 -68.09
C GLU AA 448 59.25 -88.19 -69.41
N PRO AA 449 60.02 -87.88 -70.46
CA PRO AA 449 59.40 -87.59 -71.76
C PRO AA 449 58.47 -88.72 -72.23
N ALA AA 450 59.02 -89.93 -72.28
CA ALA AA 450 58.26 -91.09 -72.70
C ALA AA 450 56.99 -91.21 -71.82
N ARG AA 451 57.19 -91.20 -70.51
CA ARG AA 451 56.08 -91.30 -69.54
C ARG AA 451 54.96 -90.30 -69.83
N GLN AA 452 55.29 -89.01 -69.73
CA GLN AA 452 54.31 -87.93 -69.95
C GLN AA 452 53.57 -88.05 -71.27
N ILE AA 453 54.27 -88.49 -72.31
CA ILE AA 453 53.61 -88.65 -73.60
C ILE AA 453 52.49 -89.65 -73.40
N ALA AA 454 52.87 -90.84 -72.95
CA ALA AA 454 51.93 -91.93 -72.71
C ALA AA 454 50.84 -91.45 -71.74
N GLU AA 455 51.28 -90.85 -70.64
CA GLU AA 455 50.37 -90.37 -69.62
C GLU AA 455 49.29 -89.48 -70.24
N ASN AA 456 49.68 -88.39 -70.89
CA ASN AA 456 48.72 -87.48 -71.50
C ASN AA 456 47.81 -88.20 -72.50
N ALA AA 457 48.23 -89.40 -72.93
CA ALA AA 457 47.47 -90.20 -73.88
C ALA AA 457 46.45 -91.07 -73.17
N GLY AA 458 46.64 -91.26 -71.87
CA GLY AA 458 45.71 -92.06 -71.09
C GLY AA 458 46.29 -93.42 -70.76
N TYR AA 459 47.60 -93.49 -70.59
CA TYR AA 459 48.26 -94.75 -70.28
C TYR AA 459 49.17 -94.63 -69.08
N GLU AA 460 49.71 -95.76 -68.64
CA GLU AA 460 50.58 -95.74 -67.49
C GLU AA 460 52.03 -95.51 -67.82
N GLY AA 461 52.47 -94.30 -67.51
CA GLY AA 461 53.85 -93.93 -67.77
C GLY AA 461 54.78 -95.08 -67.44
N SER AA 462 54.87 -95.42 -66.16
CA SER AA 462 55.77 -96.49 -65.73
C SER AA 462 55.59 -97.79 -66.52
N VAL AA 463 54.35 -98.20 -66.73
CA VAL AA 463 54.08 -99.44 -67.45
C VAL AA 463 54.74 -99.44 -68.82
N ILE AA 464 54.30 -98.53 -69.68
CA ILE AA 464 54.82 -98.42 -71.03
C ILE AA 464 56.33 -98.31 -71.10
N VAL AA 465 56.89 -97.44 -70.28
CA VAL AA 465 58.33 -97.26 -70.24
C VAL AA 465 59.03 -98.60 -69.99
N GLN AA 466 58.39 -99.46 -69.19
CA GLN AA 466 58.97 -100.75 -68.88
C GLN AA 466 58.99 -101.67 -70.08
N GLN AA 467 57.85 -101.81 -70.76
CA GLN AA 467 57.78 -102.69 -71.93
C GLN AA 467 58.75 -102.24 -73.02
N ILE AA 468 58.96 -100.92 -73.12
CA ILE AA 468 59.88 -100.38 -74.11
C ILE AA 468 61.30 -100.78 -73.75
N LEU AA 469 61.72 -100.44 -72.54
CA LEU AA 469 63.05 -100.79 -72.05
C LEU AA 469 63.22 -102.30 -71.99
N ALA AA 470 62.09 -103.00 -72.05
CA ALA AA 470 62.08 -104.46 -72.01
C ALA AA 470 62.70 -105.03 -73.28
N GLU AA 471 62.02 -104.85 -74.41
CA GLU AA 471 62.52 -105.38 -75.67
C GLU AA 471 63.75 -104.60 -76.11
N THR AA 472 64.92 -105.16 -75.85
CA THR AA 472 66.20 -104.54 -76.17
C THR AA 472 66.93 -105.14 -77.37
N LYS AA 473 66.17 -105.73 -78.28
CA LYS AA 473 66.75 -106.31 -79.47
C LYS AA 473 66.90 -105.16 -80.47
N ASN AA 474 65.79 -104.50 -80.73
CA ASN AA 474 65.72 -103.38 -81.66
C ASN AA 474 65.39 -102.05 -80.96
N PRO AA 475 66.40 -101.17 -80.81
CA PRO AA 475 66.20 -99.87 -80.15
C PRO AA 475 65.06 -99.03 -80.73
N ARG AA 476 64.70 -99.29 -81.98
CA ARG AA 476 63.61 -98.56 -82.63
C ARG AA 476 62.25 -98.96 -82.05
N TYR AA 477 62.26 -99.87 -81.09
CA TYR AA 477 61.03 -100.32 -80.45
C TYR AA 477 60.50 -99.26 -79.48
N GLY AA 478 59.27 -98.80 -79.73
CA GLY AA 478 58.67 -97.80 -78.86
C GLY AA 478 57.15 -97.86 -78.83
N PHE AA 479 56.55 -96.96 -78.05
CA PHE AA 479 55.10 -96.91 -77.94
C PHE AA 479 54.50 -95.79 -78.80
N ASN AA 480 53.49 -96.14 -79.58
CA ASN AA 480 52.81 -95.17 -80.43
C ASN AA 480 51.63 -94.64 -79.63
N ALA AA 481 51.88 -93.61 -78.82
CA ALA AA 481 50.86 -93.01 -77.98
C ALA AA 481 49.59 -92.58 -78.71
N ALA AA 482 49.58 -92.63 -80.03
CA ALA AA 482 48.40 -92.21 -80.77
C ALA AA 482 47.46 -93.35 -81.12
N THR AA 483 48.03 -94.54 -81.35
CA THR AA 483 47.24 -95.72 -81.72
C THR AA 483 47.16 -96.69 -80.53
N GLY AA 484 48.07 -96.51 -79.59
CA GLY AA 484 48.10 -97.37 -78.43
C GLY AA 484 48.72 -98.71 -78.73
N GLU AA 485 49.75 -98.71 -79.57
CA GLU AA 485 50.41 -99.96 -79.91
C GLU AA 485 51.92 -99.82 -79.97
N PHE AA 486 52.62 -100.82 -79.47
CA PHE AA 486 54.08 -100.79 -79.52
C PHE AA 486 54.48 -101.12 -80.94
N VAL AA 487 55.42 -100.36 -81.48
CA VAL AA 487 55.87 -100.53 -82.85
C VAL AA 487 57.33 -100.09 -83.04
N ASP AA 488 57.82 -100.22 -84.27
CA ASP AA 488 59.17 -99.80 -84.58
C ASP AA 488 58.95 -98.32 -84.89
N MET AA 489 59.34 -97.47 -83.94
CA MET AA 489 59.15 -96.04 -84.10
C MET AA 489 59.57 -95.46 -85.47
N VAL AA 490 60.74 -95.85 -85.96
CA VAL AA 490 61.22 -95.37 -87.26
C VAL AA 490 60.31 -95.83 -88.39
N GLU AA 491 60.07 -97.14 -88.44
CA GLU AA 491 59.21 -97.72 -89.47
C GLU AA 491 57.80 -97.13 -89.41
N ALA AA 492 57.37 -96.77 -88.20
CA ALA AA 492 56.03 -96.22 -87.99
C ALA AA 492 55.97 -94.75 -88.40
N GLY AA 493 57.15 -94.16 -88.63
CA GLY AA 493 57.19 -92.77 -89.03
C GLY AA 493 57.16 -91.81 -87.86
N ILE AA 494 57.49 -92.33 -86.67
CA ILE AA 494 57.52 -91.52 -85.46
C ILE AA 494 58.97 -91.20 -85.12
N VAL AA 495 59.49 -90.16 -85.78
CA VAL AA 495 60.87 -89.76 -85.60
C VAL AA 495 61.06 -88.31 -85.19
N ASP AA 496 62.19 -88.05 -84.54
CA ASP AA 496 62.51 -86.70 -84.06
C ASP AA 496 63.90 -86.24 -84.46
N PRO AA 497 64.05 -84.95 -84.79
CA PRO AA 497 65.36 -84.45 -85.17
C PRO AA 497 66.34 -84.63 -84.03
N ALA AA 498 67.32 -85.48 -84.23
CA ALA AA 498 68.33 -85.74 -83.21
C ALA AA 498 68.85 -84.45 -82.57
N LYS AA 499 68.79 -83.36 -83.31
CA LYS AA 499 69.27 -82.08 -82.79
C LYS AA 499 68.42 -81.60 -81.61
N VAL AA 500 67.09 -81.58 -81.78
CA VAL AA 500 66.22 -81.13 -80.69
C VAL AA 500 66.43 -81.99 -79.45
N THR AA 501 66.39 -83.30 -79.60
CA THR AA 501 66.57 -84.20 -78.48
C THR AA 501 67.84 -83.83 -77.71
N ARG AA 502 68.98 -83.87 -78.37
CA ARG AA 502 70.25 -83.52 -77.73
C ARG AA 502 70.17 -82.16 -77.03
N SER AA 503 69.57 -81.17 -77.71
CA SER AA 503 69.43 -79.82 -77.15
C SER AA 503 68.61 -79.80 -75.87
N ALA AA 504 67.36 -80.24 -75.99
CA ALA AA 504 66.44 -80.28 -74.86
C ALA AA 504 67.13 -80.83 -73.63
N LEU AA 505 67.73 -82.00 -73.75
CA LEU AA 505 68.42 -82.61 -72.61
C LEU AA 505 69.56 -81.76 -72.09
N GLN AA 506 70.41 -81.27 -72.99
CA GLN AA 506 71.54 -80.46 -72.55
C GLN AA 506 71.11 -79.18 -71.84
N ASN AA 507 70.03 -78.58 -72.32
CA ASN AA 507 69.52 -77.36 -71.70
C ASN AA 507 68.85 -77.65 -70.35
N ALA AA 508 68.06 -78.72 -70.33
CA ALA AA 508 67.37 -79.11 -69.10
C ALA AA 508 68.42 -79.40 -68.03
N ALA AA 509 69.37 -80.26 -68.36
CA ALA AA 509 70.42 -80.62 -67.42
C ALA AA 509 71.31 -79.44 -67.03
N SER AA 510 71.36 -78.42 -67.88
CA SER AA 510 72.19 -77.25 -67.59
C SER AA 510 71.63 -76.46 -66.41
N ILE AA 511 70.36 -76.09 -66.50
CA ILE AA 511 69.70 -75.34 -65.44
C ILE AA 511 69.44 -76.24 -64.23
N GLY AA 512 68.99 -77.46 -64.49
CA GLY AA 512 68.70 -78.39 -63.42
C GLY AA 512 69.83 -78.51 -62.43
N ALA AA 513 70.99 -78.97 -62.90
CA ALA AA 513 72.16 -79.15 -62.04
C ALA AA 513 72.44 -77.88 -61.23
N LEU AA 514 72.33 -76.73 -61.87
CA LEU AA 514 72.58 -75.46 -61.22
C LEU AA 514 71.74 -75.34 -59.95
N ILE AA 515 70.43 -75.53 -60.11
CA ILE AA 515 69.50 -75.46 -58.99
C ILE AA 515 69.95 -76.30 -57.79
N LEU AA 516 70.25 -77.57 -58.03
CA LEU AA 516 70.69 -78.46 -56.96
C LEU AA 516 71.84 -77.89 -56.13
N THR AA 517 72.52 -76.87 -56.66
CA THR AA 517 73.64 -76.29 -55.93
C THR AA 517 73.23 -75.07 -55.11
N THR AA 518 71.93 -74.79 -55.05
CA THR AA 518 71.45 -73.64 -54.29
C THR AA 518 71.55 -73.93 -52.81
N GLU AA 519 71.97 -72.93 -52.04
CA GLU AA 519 72.09 -73.05 -50.60
C GLU AA 519 71.60 -71.76 -49.98
N ALA AA 520 71.26 -70.81 -50.84
CA ALA AA 520 70.75 -69.53 -50.41
C ALA AA 520 70.11 -68.82 -51.59
N VAL AA 521 69.29 -67.83 -51.27
CA VAL AA 521 68.59 -67.05 -52.28
C VAL AA 521 68.36 -65.66 -51.71
N VAL AA 522 68.61 -64.63 -52.52
CA VAL AA 522 68.42 -63.27 -52.07
C VAL AA 522 67.36 -62.68 -52.97
N ALA AA 523 66.15 -62.56 -52.45
CA ALA AA 523 65.07 -62.02 -53.24
C ALA AA 523 64.48 -60.78 -52.60
N GLU AA 524 63.49 -60.20 -53.27
CA GLU AA 524 62.83 -59.00 -52.78
C GLU AA 524 61.87 -59.36 -51.67
N LYS AA 525 61.94 -58.60 -50.58
CA LYS AA 525 61.07 -58.84 -49.44
C LYS AA 525 59.64 -58.60 -49.89
N PRO AA 526 58.74 -59.55 -49.58
CA PRO AA 526 57.33 -59.47 -49.96
C PRO AA 526 56.62 -58.30 -49.28
N GLU AA 527 55.49 -57.91 -49.85
CA GLU AA 527 54.68 -56.81 -49.33
C GLU AA 527 55.44 -55.50 -49.35
N LYS AA 528 55.68 -54.99 -50.56
CA LYS AA 528 56.39 -53.73 -50.75
C LYS AA 528 56.44 -53.36 -52.25
N ALA BA 2 63.67 -36.87 -37.62
CA ALA BA 2 63.86 -37.87 -38.70
C ALA BA 2 64.95 -38.83 -38.28
N LYS BA 3 65.77 -38.41 -37.32
CA LYS BA 3 66.88 -39.24 -36.85
C LYS BA 3 66.56 -39.97 -35.56
N ILE BA 4 67.35 -40.99 -35.28
CA ILE BA 4 67.18 -41.80 -34.09
C ILE BA 4 68.60 -42.01 -33.54
N LEU BA 5 68.79 -41.77 -32.25
CA LEU BA 5 70.12 -41.94 -31.68
C LEU BA 5 70.25 -43.16 -30.80
N VAL BA 6 70.95 -44.18 -31.30
CA VAL BA 6 71.16 -45.42 -30.59
C VAL BA 6 72.56 -45.51 -30.01
N PHE BA 7 72.66 -45.85 -28.72
CA PHE BA 7 73.98 -45.94 -28.11
C PHE BA 7 74.43 -47.33 -27.71
N ASP BA 8 75.56 -47.35 -27.01
CA ASP BA 8 76.19 -48.54 -26.50
C ASP BA 8 75.84 -49.85 -27.19
N GLU BA 9 75.75 -50.91 -26.38
CA GLU BA 9 75.47 -52.25 -26.86
C GLU BA 9 74.27 -52.32 -27.80
N ALA BA 10 73.25 -51.50 -27.54
CA ALA BA 10 72.09 -51.50 -28.42
C ALA BA 10 72.55 -51.32 -29.86
N ALA BA 11 73.40 -50.31 -30.04
CA ALA BA 11 73.96 -49.97 -31.34
C ALA BA 11 74.87 -51.08 -31.88
N ARG BA 12 75.87 -51.50 -31.10
CA ARG BA 12 76.77 -52.54 -31.58
C ARG BA 12 76.02 -53.80 -32.01
N ARG BA 13 75.06 -54.25 -31.21
CA ARG BA 13 74.30 -55.47 -31.55
C ARG BA 13 73.61 -55.32 -32.89
N ALA BA 14 72.91 -54.20 -33.07
CA ALA BA 14 72.22 -53.95 -34.33
C ALA BA 14 73.19 -54.06 -35.49
N LEU BA 15 74.29 -53.32 -35.41
CA LEU BA 15 75.29 -53.36 -36.46
C LEU BA 15 75.71 -54.79 -36.69
N GLU BA 16 76.10 -55.47 -35.62
CA GLU BA 16 76.53 -56.87 -35.72
C GLU BA 16 75.50 -57.74 -36.42
N ARG BA 17 74.23 -57.50 -36.14
CA ARG BA 17 73.16 -58.28 -36.76
C ARG BA 17 73.30 -58.14 -38.27
N GLY BA 18 73.48 -56.90 -38.72
CA GLY BA 18 73.63 -56.64 -40.14
C GLY BA 18 74.87 -57.31 -40.70
N VAL BA 19 75.99 -57.17 -40.01
CA VAL BA 19 77.22 -57.78 -40.45
C VAL BA 19 77.01 -59.25 -40.68
N ASN BA 20 76.44 -59.93 -39.70
CA ASN BA 20 76.21 -61.37 -39.82
C ASN BA 20 75.21 -61.71 -40.93
N ALA BA 21 74.20 -60.86 -41.10
CA ALA BA 21 73.17 -61.08 -42.12
C ALA BA 21 73.86 -61.33 -43.45
N VAL BA 22 74.72 -60.40 -43.85
CA VAL BA 22 75.44 -60.50 -45.10
C VAL BA 22 76.45 -61.65 -45.07
N ALA BA 23 77.33 -61.63 -44.07
CA ALA BA 23 78.35 -62.64 -43.94
C ALA BA 23 77.87 -64.08 -44.09
N ASN BA 24 76.74 -64.40 -43.49
CA ASN BA 24 76.22 -65.76 -43.56
C ASN BA 24 75.64 -66.14 -44.90
N ALA BA 25 75.24 -65.14 -45.68
CA ALA BA 25 74.69 -65.43 -47.00
C ALA BA 25 75.89 -65.70 -47.90
N VAL BA 26 76.98 -65.00 -47.62
CA VAL BA 26 78.21 -65.11 -48.39
C VAL BA 26 78.99 -66.39 -48.13
N LYS BA 27 79.40 -66.60 -46.88
CA LYS BA 27 80.21 -67.77 -46.50
C LYS BA 27 79.71 -69.13 -47.05
N VAL BA 28 78.46 -69.17 -47.50
CA VAL BA 28 77.89 -70.40 -48.04
C VAL BA 28 78.65 -70.88 -49.28
N THR BA 29 79.41 -69.98 -49.88
CA THR BA 29 80.17 -70.27 -51.11
C THR BA 29 81.61 -70.68 -50.88
N LEU BA 30 82.23 -70.15 -49.84
CA LEU BA 30 83.62 -70.41 -49.50
C LEU BA 30 84.08 -71.84 -49.71
N GLY BA 31 85.26 -71.97 -50.31
CA GLY BA 31 85.87 -73.28 -50.54
C GLY BA 31 85.40 -74.08 -51.75
N PRO BA 32 86.04 -75.25 -51.97
CA PRO BA 32 85.73 -76.17 -53.06
C PRO BA 32 84.37 -76.84 -52.93
N ARG BA 33 83.90 -77.05 -51.69
CA ARG BA 33 82.59 -77.68 -51.50
C ARG BA 33 81.52 -76.61 -51.35
N GLY BA 34 81.95 -75.35 -51.39
CA GLY BA 34 81.01 -74.24 -51.28
C GLY BA 34 79.89 -74.38 -52.28
N ARG BA 35 78.73 -73.82 -51.95
CA ARG BA 35 77.57 -73.90 -52.83
C ARG BA 35 77.23 -72.53 -53.40
N ASN BA 36 76.19 -72.49 -54.24
CA ASN BA 36 75.79 -71.23 -54.87
C ASN BA 36 74.62 -70.51 -54.24
N VAL BA 37 74.65 -69.19 -54.41
CA VAL BA 37 73.60 -68.32 -53.93
C VAL BA 37 72.81 -67.93 -55.17
N VAL BA 38 71.49 -67.72 -55.02
CA VAL BA 38 70.64 -67.35 -56.14
C VAL BA 38 70.15 -65.92 -55.93
N LEU BA 39 70.64 -65.01 -56.76
CA LEU BA 39 70.28 -63.60 -56.67
C LEU BA 39 69.18 -63.23 -57.66
N GLU BA 40 68.04 -62.81 -57.13
CA GLU BA 40 66.91 -62.44 -57.99
C GLU BA 40 67.23 -61.19 -58.78
N LYS BA 41 66.90 -61.23 -60.07
CA LYS BA 41 67.13 -60.10 -60.97
C LYS BA 41 65.77 -59.51 -61.35
N LYS BA 42 65.76 -58.20 -61.50
CA LYS BA 42 64.54 -57.46 -61.82
C LYS BA 42 63.70 -57.98 -62.98
N PHE BA 43 64.34 -58.48 -64.04
CA PHE BA 43 63.56 -58.96 -65.17
C PHE BA 43 63.81 -60.38 -65.64
N GLY BA 44 65.04 -60.67 -66.05
CA GLY BA 44 65.33 -61.99 -66.56
C GLY BA 44 65.37 -63.07 -65.51
N SER BA 45 66.07 -64.16 -65.83
CA SER BA 45 66.21 -65.26 -64.90
C SER BA 45 67.18 -64.72 -63.85
N PRO BA 46 67.33 -65.43 -62.73
CA PRO BA 46 68.26 -64.90 -61.72
C PRO BA 46 69.72 -65.17 -62.04
N THR BA 47 70.56 -64.75 -61.09
CA THR BA 47 72.00 -64.93 -61.18
C THR BA 47 72.35 -66.04 -60.19
N ILE BA 48 73.03 -67.08 -60.66
CA ILE BA 48 73.43 -68.17 -59.77
C ILE BA 48 74.95 -68.12 -59.67
N THR BA 49 75.44 -67.53 -58.59
CA THR BA 49 76.88 -67.36 -58.39
C THR BA 49 77.46 -68.16 -57.23
N LYS BA 50 78.77 -67.96 -57.03
CA LYS BA 50 79.54 -68.56 -55.95
C LYS BA 50 80.53 -67.46 -55.59
N ASP BA 51 80.28 -66.27 -56.11
CA ASP BA 51 81.14 -65.12 -55.88
C ASP BA 51 80.71 -64.23 -54.71
N GLY BA 52 81.62 -64.06 -53.76
CA GLY BA 52 81.35 -63.22 -52.60
C GLY BA 52 80.69 -61.88 -52.91
N VAL BA 53 81.49 -60.90 -53.33
CA VAL BA 53 80.98 -59.56 -53.63
C VAL BA 53 79.68 -59.52 -54.40
N THR BA 54 79.52 -60.42 -55.37
CA THR BA 54 78.30 -60.44 -56.16
C THR BA 54 77.09 -60.60 -55.24
N VAL BA 55 77.16 -61.60 -54.36
CA VAL BA 55 76.10 -61.84 -53.40
C VAL BA 55 76.01 -60.65 -52.44
N ALA BA 56 77.12 -60.39 -51.75
CA ALA BA 56 77.18 -59.29 -50.78
C ALA BA 56 76.52 -58.02 -51.26
N LYS BA 57 76.81 -57.63 -52.50
CA LYS BA 57 76.25 -56.41 -53.04
C LYS BA 57 74.74 -56.41 -53.18
N GLU BA 58 74.14 -57.58 -53.32
CA GLU BA 58 72.68 -57.66 -53.47
C GLU BA 58 71.92 -57.56 -52.15
N VAL BA 59 72.61 -57.78 -51.04
CA VAL BA 59 71.97 -57.73 -49.73
C VAL BA 59 71.63 -56.33 -49.24
N GLU BA 60 70.36 -56.12 -48.94
CA GLU BA 60 69.87 -54.85 -48.47
C GLU BA 60 68.88 -55.15 -47.34
N LEU BA 61 69.21 -54.77 -46.12
CA LEU BA 61 68.35 -55.02 -44.97
C LEU BA 61 67.31 -53.91 -44.73
N GLU BA 62 66.15 -54.31 -44.24
CA GLU BA 62 65.06 -53.37 -43.97
C GLU BA 62 65.30 -52.46 -42.76
N ASP BA 63 65.98 -52.97 -41.73
CA ASP BA 63 66.24 -52.17 -40.56
C ASP BA 63 67.46 -51.28 -40.76
N HIS BA 64 67.25 -49.97 -40.66
CA HIS BA 64 68.34 -49.04 -40.83
C HIS BA 64 69.66 -49.43 -40.15
N LEU BA 65 69.69 -49.53 -38.83
CA LEU BA 65 70.94 -49.88 -38.17
C LEU BA 65 71.55 -51.18 -38.65
N GLU BA 66 70.74 -52.22 -38.80
CA GLU BA 66 71.22 -53.53 -39.24
C GLU BA 66 71.76 -53.44 -40.66
N ASN BA 67 71.18 -52.54 -41.44
CA ASN BA 67 71.61 -52.35 -42.80
C ASN BA 67 72.97 -51.68 -42.86
N ILE BA 68 73.18 -50.68 -42.00
CA ILE BA 68 74.46 -49.97 -41.91
C ILE BA 68 75.56 -51.00 -41.74
N GLY BA 69 75.31 -51.99 -40.90
CA GLY BA 69 76.29 -53.04 -40.70
C GLY BA 69 76.47 -53.83 -41.99
N ALA BA 70 75.36 -54.16 -42.65
CA ALA BA 70 75.42 -54.91 -43.89
C ALA BA 70 76.29 -54.20 -44.90
N GLN BA 71 76.21 -52.88 -44.95
CA GLN BA 71 77.02 -52.08 -45.88
C GLN BA 71 78.50 -52.20 -45.52
N LEU BA 72 78.86 -51.82 -44.30
CA LEU BA 72 80.25 -51.90 -43.85
C LEU BA 72 80.89 -53.21 -44.27
N LEU BA 73 80.14 -54.31 -44.15
CA LEU BA 73 80.72 -55.60 -44.52
C LEU BA 73 80.89 -55.67 -46.03
N LYS BA 74 79.91 -55.14 -46.77
CA LYS BA 74 79.96 -55.15 -48.23
C LYS BA 74 81.23 -54.44 -48.68
N GLU BA 75 81.56 -53.34 -48.02
CA GLU BA 75 82.76 -52.59 -48.35
C GLU BA 75 83.97 -53.52 -48.27
N VAL BA 76 84.07 -54.28 -47.19
CA VAL BA 76 85.17 -55.21 -47.03
C VAL BA 76 85.25 -56.10 -48.26
N ALA BA 77 84.09 -56.58 -48.69
CA ALA BA 77 84.02 -57.46 -49.85
C ALA BA 77 84.49 -56.81 -51.14
N SER BA 78 83.90 -55.67 -51.50
CA SER BA 78 84.26 -54.99 -52.73
C SER BA 78 85.70 -54.45 -52.77
N LYS BA 79 86.10 -53.67 -51.77
CA LYS BA 79 87.46 -53.14 -51.76
C LYS BA 79 88.48 -54.25 -51.96
N THR BA 80 88.11 -55.48 -51.61
CA THR BA 80 88.98 -56.64 -51.78
C THR BA 80 88.94 -57.11 -53.24
N ASN BA 81 87.76 -56.96 -53.84
CA ASN BA 81 87.55 -57.32 -55.23
C ASN BA 81 88.29 -56.32 -56.12
N ASP BA 82 88.33 -55.07 -55.68
CA ASP BA 82 89.01 -54.01 -56.42
C ASP BA 82 90.52 -54.23 -56.39
N VAL BA 83 91.04 -54.49 -55.20
CA VAL BA 83 92.46 -54.68 -55.02
C VAL BA 83 93.00 -56.03 -55.48
N ALA BA 84 92.16 -57.03 -55.65
CA ALA BA 84 92.67 -58.34 -56.07
C ALA BA 84 91.76 -59.16 -56.98
N GLY BA 85 90.48 -58.80 -57.05
CA GLY BA 85 89.55 -59.50 -57.91
C GLY BA 85 89.15 -60.90 -57.46
N ASP BA 86 89.76 -61.37 -56.38
CA ASP BA 86 89.47 -62.69 -55.81
C ASP BA 86 89.67 -62.64 -54.31
N GLY BA 87 89.10 -63.61 -53.59
CA GLY BA 87 89.24 -63.65 -52.15
C GLY BA 87 88.24 -62.78 -51.40
N THR BA 88 87.11 -62.47 -52.04
CA THR BA 88 86.10 -61.65 -51.41
C THR BA 88 85.42 -62.38 -50.25
N THR BA 89 85.05 -63.63 -50.48
CA THR BA 89 84.42 -64.44 -49.43
C THR BA 89 85.33 -64.50 -48.21
N THR BA 90 86.60 -64.84 -48.43
CA THR BA 90 87.58 -64.93 -47.36
C THR BA 90 87.66 -63.66 -46.53
N ALA BA 91 87.55 -62.51 -47.18
CA ALA BA 91 87.62 -61.24 -46.49
C ALA BA 91 86.39 -61.02 -45.63
N THR BA 92 85.24 -61.46 -46.14
CA THR BA 92 83.97 -61.32 -45.43
C THR BA 92 84.04 -62.10 -44.12
N VAL BA 93 84.36 -63.39 -44.25
CA VAL BA 93 84.49 -64.29 -43.09
C VAL BA 93 85.40 -63.69 -42.03
N LEU BA 94 86.62 -63.31 -42.43
CA LEU BA 94 87.58 -62.71 -41.51
C LEU BA 94 87.02 -61.46 -40.82
N ALA BA 95 86.16 -60.74 -41.53
CA ALA BA 95 85.54 -59.53 -40.98
C ALA BA 95 84.54 -59.92 -39.89
N GLN BA 96 83.66 -60.85 -40.22
CA GLN BA 96 82.65 -61.34 -39.29
C GLN BA 96 83.36 -61.81 -38.02
N ALA BA 97 84.36 -62.67 -38.19
CA ALA BA 97 85.13 -63.19 -37.05
C ALA BA 97 85.66 -62.07 -36.18
N ILE BA 98 86.36 -61.13 -36.79
CA ILE BA 98 86.92 -60.02 -36.03
C ILE BA 98 85.84 -59.22 -35.30
N VAL BA 99 84.70 -59.05 -35.95
CA VAL BA 99 83.61 -58.28 -35.34
C VAL BA 99 83.01 -58.94 -34.11
N ARG BA 100 82.74 -60.25 -34.18
CA ARG BA 100 82.15 -60.91 -33.02
C ARG BA 100 83.12 -61.00 -31.87
N GLU BA 101 84.23 -61.70 -32.08
CA GLU BA 101 85.22 -61.87 -31.03
C GLU BA 101 85.61 -60.51 -30.45
N GLY BA 102 85.52 -59.47 -31.28
CA GLY BA 102 85.85 -58.14 -30.83
C GLY BA 102 84.74 -57.49 -30.04
N LEU BA 103 83.54 -57.52 -30.60
CA LEU BA 103 82.38 -56.93 -29.91
C LEU BA 103 82.20 -57.56 -28.53
N LYS BA 104 82.52 -58.85 -28.42
CA LYS BA 104 82.42 -59.55 -27.15
C LYS BA 104 83.31 -58.85 -26.14
N ASN BA 105 84.59 -58.71 -26.50
CA ASN BA 105 85.56 -58.06 -25.64
C ASN BA 105 85.19 -56.62 -25.29
N VAL BA 106 84.43 -55.97 -26.16
CA VAL BA 106 84.03 -54.60 -25.87
C VAL BA 106 82.99 -54.61 -24.79
N ALA BA 107 82.09 -55.59 -24.87
CA ALA BA 107 81.03 -55.74 -23.87
C ALA BA 107 81.68 -56.09 -22.54
N ALA BA 108 82.79 -56.82 -22.60
CA ALA BA 108 83.53 -57.20 -21.39
C ALA BA 108 84.28 -56.00 -20.79
N GLY BA 109 84.07 -54.84 -21.39
CA GLY BA 109 84.72 -53.62 -20.91
C GLY BA 109 86.02 -53.17 -21.55
N ALA BA 110 86.51 -53.92 -22.54
CA ALA BA 110 87.77 -53.58 -23.20
C ALA BA 110 87.70 -52.24 -23.91
N ASN BA 111 88.83 -51.52 -23.94
CA ASN BA 111 88.91 -50.23 -24.63
C ASN BA 111 89.06 -50.52 -26.13
N PRO BA 112 88.05 -50.14 -26.93
CA PRO BA 112 88.11 -50.41 -28.36
C PRO BA 112 89.34 -49.81 -29.07
N LEU BA 113 89.72 -48.59 -28.68
CA LEU BA 113 90.88 -47.96 -29.29
C LEU BA 113 92.10 -48.86 -29.20
N ALA BA 114 92.36 -49.36 -27.99
CA ALA BA 114 93.49 -50.26 -27.78
C ALA BA 114 93.30 -51.55 -28.57
N LEU BA 115 92.06 -52.03 -28.62
CA LEU BA 115 91.76 -53.24 -29.35
C LEU BA 115 92.19 -53.08 -30.80
N LYS BA 116 91.97 -51.88 -31.33
CA LYS BA 116 92.32 -51.53 -32.70
C LYS BA 116 93.83 -51.64 -32.88
N ARG BA 117 94.58 -50.87 -32.09
CA ARG BA 117 96.04 -50.89 -32.14
C ARG BA 117 96.56 -52.32 -32.18
N GLY BA 118 96.03 -53.15 -31.28
CA GLY BA 118 96.44 -54.53 -31.20
C GLY BA 118 96.09 -55.30 -32.48
N ILE BA 119 94.91 -55.02 -33.03
CA ILE BA 119 94.49 -55.69 -34.25
C ILE BA 119 95.45 -55.31 -35.36
N GLU BA 120 95.72 -54.00 -35.46
CA GLU BA 120 96.64 -53.48 -36.46
C GLU BA 120 97.99 -54.19 -36.37
N LYS BA 121 98.64 -54.06 -35.22
CA LYS BA 121 99.93 -54.70 -35.00
C LYS BA 121 99.86 -56.18 -35.37
N ALA BA 122 98.82 -56.85 -34.89
CA ALA BA 122 98.63 -58.26 -35.17
C ALA BA 122 98.59 -58.53 -36.67
N VAL BA 123 97.85 -57.70 -37.40
CA VAL BA 123 97.74 -57.88 -38.84
C VAL BA 123 99.10 -57.70 -39.50
N GLU BA 124 99.82 -56.66 -39.11
CA GLU BA 124 101.14 -56.41 -39.68
C GLU BA 124 101.95 -57.70 -39.57
N ALA BA 125 102.10 -58.19 -38.34
CA ALA BA 125 102.85 -59.41 -38.10
C ALA BA 125 102.33 -60.52 -39.01
N ALA BA 126 101.02 -60.59 -39.15
CA ALA BA 126 100.41 -61.62 -39.98
C ALA BA 126 100.78 -61.46 -41.44
N VAL BA 127 100.69 -60.23 -41.95
CA VAL BA 127 101.03 -59.97 -43.34
C VAL BA 127 102.48 -60.35 -43.60
N GLU BA 128 103.37 -59.89 -42.72
CA GLU BA 128 104.79 -60.16 -42.83
C GLU BA 128 105.05 -61.65 -43.00
N LYS BA 129 104.28 -62.46 -42.26
CA LYS BA 129 104.40 -63.91 -42.33
C LYS BA 129 103.85 -64.46 -43.65
N ILE BA 130 102.92 -63.74 -44.26
CA ILE BA 130 102.35 -64.16 -45.54
C ILE BA 130 103.42 -64.04 -46.61
N LYS BA 131 104.05 -62.87 -46.66
CA LYS BA 131 105.12 -62.55 -47.63
C LYS BA 131 106.11 -63.67 -47.51
N ALA BA 132 106.55 -63.85 -46.30
CA ALA BA 132 107.42 -64.92 -45.98
C ALA BA 132 107.43 -66.21 -46.67
N LEU BA 133 106.21 -66.67 -46.68
CA LEU BA 133 105.90 -67.97 -47.19
C LEU BA 133 105.58 -67.88 -48.65
N ALA BA 134 105.66 -66.68 -49.22
CA ALA BA 134 105.36 -66.49 -50.63
C ALA BA 134 106.43 -67.09 -51.53
N ILE BA 135 105.98 -67.62 -52.65
CA ILE BA 135 106.84 -68.24 -53.63
C ILE BA 135 106.55 -67.64 -55.00
N PRO BA 136 107.59 -67.19 -55.70
CA PRO BA 136 107.39 -66.60 -57.02
C PRO BA 136 106.89 -67.63 -58.05
N VAL BA 137 105.99 -67.21 -58.92
CA VAL BA 137 105.44 -68.07 -59.96
C VAL BA 137 106.52 -68.16 -61.03
N GLU BA 138 106.88 -69.36 -61.45
CA GLU BA 138 107.92 -69.48 -62.46
C GLU BA 138 107.70 -70.49 -63.55
N ASP BA 139 106.48 -70.98 -63.71
CA ASP BA 139 106.23 -71.95 -64.77
C ASP BA 139 104.77 -72.24 -65.06
N ARG BA 140 104.56 -72.92 -66.19
CA ARG BA 140 103.22 -73.28 -66.66
C ARG BA 140 102.39 -74.00 -65.60
N LYS BA 141 103.03 -74.85 -64.80
CA LYS BA 141 102.33 -75.58 -63.75
C LYS BA 141 101.86 -74.63 -62.63
N ALA BA 142 102.81 -73.92 -62.03
CA ALA BA 142 102.50 -72.96 -60.97
C ALA BA 142 101.28 -72.12 -61.33
N ILE BA 143 101.13 -71.76 -62.59
CA ILE BA 143 99.98 -70.96 -63.00
C ILE BA 143 98.75 -71.81 -63.21
N GLU BA 144 98.90 -72.98 -63.83
CA GLU BA 144 97.75 -73.84 -64.03
C GLU BA 144 97.10 -74.12 -62.68
N GLU BA 145 97.91 -74.22 -61.63
CA GLU BA 145 97.39 -74.48 -60.30
C GLU BA 145 96.56 -73.28 -59.82
N VAL BA 146 97.21 -72.13 -59.65
CA VAL BA 146 96.53 -70.92 -59.21
C VAL BA 146 95.20 -70.73 -59.89
N ALA BA 147 95.18 -70.92 -61.21
CA ALA BA 147 93.95 -70.78 -61.98
C ALA BA 147 92.94 -71.88 -61.67
N THR BA 148 93.39 -73.13 -61.69
CA THR BA 148 92.49 -74.25 -61.42
C THR BA 148 91.75 -74.01 -60.10
N ILE BA 149 92.49 -73.57 -59.08
CA ILE BA 149 91.88 -73.31 -57.80
C ILE BA 149 90.87 -72.17 -57.87
N SER BA 150 91.37 -70.95 -58.10
CA SER BA 150 90.50 -69.77 -58.18
C SER BA 150 89.20 -70.00 -58.95
N ALA BA 151 89.25 -70.83 -59.99
CA ALA BA 151 88.08 -71.12 -60.81
C ALA BA 151 87.39 -72.40 -60.34
N ASN BA 152 88.09 -73.15 -59.50
CA ASN BA 152 87.57 -74.41 -58.97
C ASN BA 152 87.20 -75.31 -60.15
N ASP BA 153 88.14 -75.44 -61.09
CA ASP BA 153 87.96 -76.26 -62.28
C ASP BA 153 89.31 -76.48 -62.96
N PRO BA 154 89.66 -77.75 -63.22
CA PRO BA 154 90.94 -78.08 -63.87
C PRO BA 154 91.02 -77.50 -65.27
N GLU BA 155 89.96 -77.73 -66.05
CA GLU BA 155 89.90 -77.24 -67.42
C GLU BA 155 90.20 -75.76 -67.54
N VAL BA 156 89.52 -74.94 -66.74
CA VAL BA 156 89.74 -73.50 -66.77
C VAL BA 156 91.19 -73.18 -66.42
N GLY BA 157 91.74 -73.86 -65.42
CA GLY BA 157 93.12 -73.64 -65.03
C GLY BA 157 94.09 -74.05 -66.13
N LYS BA 158 93.65 -74.94 -67.01
CA LYS BA 158 94.48 -75.39 -68.12
C LYS BA 158 94.56 -74.29 -69.17
N LEU BA 159 93.44 -73.98 -69.81
CA LEU BA 159 93.41 -72.94 -70.84
C LEU BA 159 94.12 -71.67 -70.40
N ILE BA 160 93.87 -71.23 -69.17
CA ILE BA 160 94.51 -70.03 -68.66
C ILE BA 160 96.02 -70.22 -68.68
N ALA BA 161 96.47 -71.43 -68.38
CA ALA BA 161 97.89 -71.75 -68.37
C ALA BA 161 98.40 -71.79 -69.81
N ASP BA 162 97.67 -72.51 -70.68
CA ASP BA 162 98.08 -72.60 -72.07
C ASP BA 162 98.25 -71.21 -72.67
N ALA BA 163 97.18 -70.41 -72.61
CA ALA BA 163 97.22 -69.04 -73.14
C ALA BA 163 98.35 -68.23 -72.49
N MET BA 164 98.32 -68.14 -71.16
CA MET BA 164 99.33 -67.40 -70.40
C MET BA 164 100.75 -67.73 -70.86
N GLU BA 165 101.00 -69.01 -71.11
CA GLU BA 165 102.31 -69.48 -71.54
C GLU BA 165 102.70 -68.94 -72.92
N LYS BA 166 101.83 -69.17 -73.90
CA LYS BA 166 102.08 -68.73 -75.27
C LYS BA 166 101.67 -67.28 -75.54
N VAL BA 167 101.88 -66.41 -74.56
CA VAL BA 167 101.58 -64.98 -74.67
C VAL BA 167 102.43 -64.23 -73.65
N GLY BA 168 103.26 -64.97 -72.91
CA GLY BA 168 104.14 -64.38 -71.91
C GLY BA 168 103.39 -63.69 -70.79
N LYS BA 169 104.02 -63.55 -69.63
CA LYS BA 169 103.36 -62.92 -68.48
C LYS BA 169 102.98 -61.46 -68.72
N GLU BA 170 103.57 -60.84 -69.73
CA GLU BA 170 103.25 -59.45 -70.07
C GLU BA 170 102.22 -59.41 -71.18
N GLY BA 171 101.73 -60.58 -71.58
CA GLY BA 171 100.76 -60.67 -72.65
C GLY BA 171 99.37 -60.17 -72.28
N ILE BA 172 98.37 -60.64 -73.02
CA ILE BA 172 96.99 -60.24 -72.76
C ILE BA 172 96.03 -61.37 -73.08
N ILE BA 173 95.17 -61.68 -72.11
CA ILE BA 173 94.17 -62.73 -72.29
C ILE BA 173 92.79 -62.10 -72.17
N THR BA 174 91.86 -62.56 -73.01
CA THR BA 174 90.51 -62.00 -73.01
C THR BA 174 89.46 -63.10 -72.93
N VAL BA 175 88.37 -62.80 -72.22
CA VAL BA 175 87.29 -63.75 -72.09
C VAL BA 175 86.11 -63.28 -72.93
N GLU BA 176 85.70 -64.12 -73.87
CA GLU BA 176 84.60 -63.80 -74.75
C GLU BA 176 83.53 -64.87 -74.75
N GLU BA 177 82.37 -64.51 -75.27
CA GLU BA 177 81.23 -65.38 -75.33
C GLU BA 177 81.17 -66.18 -76.63
N SER BA 178 81.70 -67.40 -76.61
CA SER BA 178 81.69 -68.28 -77.76
C SER BA 178 80.24 -68.50 -78.19
N LYS BA 179 80.03 -69.31 -79.22
CA LYS BA 179 78.68 -69.59 -79.68
C LYS BA 179 78.32 -71.06 -79.55
N SER BA 180 79.33 -71.92 -79.61
CA SER BA 180 79.12 -73.36 -79.48
C SER BA 180 78.99 -73.70 -78.01
N LEU BA 181 78.68 -74.96 -77.72
CA LEU BA 181 78.55 -75.39 -76.34
C LEU BA 181 79.94 -75.52 -75.74
N GLU BA 182 80.95 -75.57 -76.61
CA GLU BA 182 82.31 -75.71 -76.13
C GLU BA 182 83.12 -74.41 -76.09
N THR BA 183 84.05 -74.38 -75.15
CA THR BA 183 84.93 -73.23 -74.97
C THR BA 183 86.17 -73.44 -75.82
N GLU BA 184 86.67 -72.36 -76.41
CA GLU BA 184 87.85 -72.43 -77.27
C GLU BA 184 88.88 -71.36 -76.95
N LEU BA 185 90.16 -71.74 -77.03
CA LEU BA 185 91.26 -70.81 -76.80
C LEU BA 185 91.86 -70.51 -78.16
N LYS BA 186 91.98 -69.24 -78.51
CA LYS BA 186 92.53 -68.86 -79.79
C LYS BA 186 93.45 -67.64 -79.68
N PHE BA 187 94.52 -67.64 -80.46
CA PHE BA 187 95.46 -66.54 -80.44
C PHE BA 187 95.30 -65.64 -81.66
N VAL BA 188 95.74 -64.40 -81.53
CA VAL BA 188 95.65 -63.41 -82.61
C VAL BA 188 97.03 -63.00 -83.17
N GLU BA 189 97.09 -62.61 -84.45
CA GLU BA 189 98.34 -62.20 -85.12
C GLU BA 189 98.86 -60.81 -84.75
N GLY BA 190 98.35 -59.79 -85.43
CA GLY BA 190 98.79 -58.44 -85.16
C GLY BA 190 97.65 -57.53 -84.75
N TYR BA 191 97.70 -56.29 -85.19
CA TYR BA 191 96.66 -55.33 -84.86
C TYR BA 191 95.45 -55.56 -85.77
N GLN BA 192 94.33 -55.98 -85.19
CA GLN BA 192 93.12 -56.22 -85.98
C GLN BA 192 91.89 -55.52 -85.40
N PHE BA 193 90.97 -55.13 -86.28
CA PHE BA 193 89.74 -54.47 -85.85
C PHE BA 193 88.58 -54.99 -86.71
N ASP BA 194 87.40 -55.00 -86.11
CA ASP BA 194 86.22 -55.51 -86.79
C ASP BA 194 85.64 -54.62 -87.87
N LYS BA 195 86.37 -54.50 -88.98
CA LYS BA 195 85.96 -53.71 -90.13
C LYS BA 195 86.61 -54.26 -91.38
N GLY BA 196 85.80 -54.53 -92.40
CA GLY BA 196 86.33 -55.09 -93.64
C GLY BA 196 86.34 -54.11 -94.81
N TYR BA 197 86.45 -54.65 -96.03
CA TYR BA 197 86.49 -53.82 -97.22
C TYR BA 197 85.17 -53.15 -97.61
N ILE BA 198 85.25 -51.88 -97.97
CA ILE BA 198 84.09 -51.08 -98.36
C ILE BA 198 83.46 -51.56 -99.68
N SER BA 199 84.11 -52.53 -100.31
CA SER BA 199 83.61 -53.09 -101.56
C SER BA 199 84.37 -54.36 -101.87
N PRO BA 200 83.67 -55.41 -102.33
CA PRO BA 200 84.25 -56.71 -102.66
C PRO BA 200 85.36 -56.72 -103.71
N TYR BA 201 85.33 -55.76 -104.64
CA TYR BA 201 86.35 -55.72 -105.68
C TYR BA 201 87.77 -55.79 -105.14
N PHE BA 202 87.96 -55.33 -103.91
CA PHE BA 202 89.28 -55.32 -103.28
C PHE BA 202 89.80 -56.70 -102.90
N VAL BA 203 89.06 -57.75 -103.26
CA VAL BA 203 89.50 -59.10 -102.93
C VAL BA 203 90.77 -59.55 -103.65
N THR BA 204 91.60 -60.30 -102.93
CA THR BA 204 92.85 -60.85 -103.45
C THR BA 204 92.63 -62.33 -103.71
N ASN BA 205 91.75 -62.93 -102.91
CA ASN BA 205 91.44 -64.34 -103.03
C ASN BA 205 89.95 -64.46 -103.34
N PRO BA 206 89.60 -65.31 -104.32
CA PRO BA 206 88.20 -65.51 -104.72
C PRO BA 206 87.40 -66.31 -103.67
N GLU BA 207 87.79 -67.56 -103.48
CA GLU BA 207 87.14 -68.46 -102.53
C GLU BA 207 87.04 -67.81 -101.16
N THR BA 208 88.16 -67.30 -100.67
CA THR BA 208 88.21 -66.67 -99.35
C THR BA 208 87.51 -65.34 -99.27
N MET BA 209 87.28 -64.69 -100.40
CA MET BA 209 86.62 -63.39 -100.37
C MET BA 209 87.42 -62.43 -99.49
N GLU BA 210 88.75 -62.56 -99.53
CA GLU BA 210 89.65 -61.71 -98.75
C GLU BA 210 90.50 -60.83 -99.65
N ALA BA 211 91.39 -60.08 -99.03
CA ALA BA 211 92.28 -59.19 -99.75
C ALA BA 211 93.62 -59.16 -99.02
N VAL BA 212 94.54 -60.03 -99.43
CA VAL BA 212 95.87 -60.10 -98.85
C VAL BA 212 96.78 -59.14 -99.61
N LEU BA 213 97.55 -58.34 -98.88
CA LEU BA 213 98.43 -57.37 -99.49
C LEU BA 213 99.83 -57.48 -98.89
N GLU BA 214 100.75 -58.08 -99.64
CA GLU BA 214 102.13 -58.25 -99.19
C GLU BA 214 102.87 -56.91 -99.19
N ASP BA 215 103.58 -56.61 -98.11
CA ASP BA 215 104.32 -55.36 -97.98
C ASP BA 215 103.53 -54.20 -98.57
N ALA BA 216 102.40 -53.87 -97.93
CA ALA BA 216 101.56 -52.79 -98.42
C ALA BA 216 101.79 -51.48 -97.68
N PHE BA 217 101.38 -50.40 -98.32
CA PHE BA 217 101.51 -49.09 -97.70
C PHE BA 217 100.16 -48.79 -97.07
N ILE BA 218 100.21 -48.13 -95.92
CA ILE BA 218 99.00 -47.81 -95.19
C ILE BA 218 98.74 -46.31 -95.04
N LEU BA 219 97.69 -45.86 -95.71
CA LEU BA 219 97.26 -44.47 -95.67
C LEU BA 219 96.34 -44.38 -94.45
N ILE BA 220 96.41 -43.30 -93.68
CA ILE BA 220 95.58 -43.18 -92.49
C ILE BA 220 94.92 -41.81 -92.33
N VAL BA 221 93.80 -41.61 -93.02
CA VAL BA 221 93.09 -40.34 -92.94
C VAL BA 221 92.09 -40.33 -91.79
N GLU BA 222 92.03 -39.22 -91.06
CA GLU BA 222 91.09 -39.13 -89.95
C GLU BA 222 89.72 -38.79 -90.51
N LYS BA 223 89.69 -37.85 -91.44
CA LYS BA 223 88.44 -37.42 -92.04
C LYS BA 223 87.97 -38.39 -93.14
N LYS BA 224 86.84 -38.05 -93.76
CA LYS BA 224 86.26 -38.85 -94.84
C LYS BA 224 86.99 -38.55 -96.14
N VAL BA 225 86.88 -39.46 -97.11
CA VAL BA 225 87.55 -39.25 -98.39
C VAL BA 225 86.67 -39.63 -99.58
N SER BA 226 86.09 -38.62 -100.22
CA SER BA 226 85.24 -38.83 -101.39
C SER BA 226 85.76 -38.03 -102.58
N ASN BA 227 86.50 -36.96 -102.28
CA ASN BA 227 87.10 -36.08 -103.30
C ASN BA 227 88.34 -36.76 -103.87
N VAL BA 228 88.34 -37.04 -105.17
CA VAL BA 228 89.46 -37.72 -105.81
C VAL BA 228 90.77 -36.94 -105.83
N ARG BA 229 90.72 -35.68 -106.27
CA ARG BA 229 91.91 -34.82 -106.37
C ARG BA 229 92.92 -35.01 -105.23
N GLU BA 230 92.45 -34.89 -103.99
CA GLU BA 230 93.33 -35.03 -102.83
C GLU BA 230 94.09 -36.36 -102.85
N LEU BA 231 93.42 -37.42 -103.30
CA LEU BA 231 94.02 -38.76 -103.35
C LEU BA 231 95.07 -38.96 -104.43
N LEU BA 232 94.69 -38.64 -105.67
CA LEU BA 232 95.54 -38.79 -106.85
C LEU BA 232 97.05 -38.78 -106.61
N PRO BA 233 97.60 -37.66 -106.10
CA PRO BA 233 99.05 -37.62 -105.86
C PRO BA 233 99.63 -38.88 -105.20
N ILE BA 234 99.06 -39.31 -104.08
CA ILE BA 234 99.54 -40.49 -103.36
C ILE BA 234 99.35 -41.73 -104.20
N LEU BA 235 98.13 -41.87 -104.72
CA LEU BA 235 97.76 -43.02 -105.54
C LEU BA 235 98.82 -43.29 -106.60
N GLU BA 236 99.38 -42.23 -107.17
CA GLU BA 236 100.41 -42.39 -108.19
C GLU BA 236 101.72 -42.76 -107.50
N GLN BA 237 102.17 -41.90 -106.59
CA GLN BA 237 103.40 -42.13 -105.84
C GLN BA 237 103.55 -43.60 -105.51
N VAL BA 238 102.43 -44.19 -105.14
CA VAL BA 238 102.36 -45.59 -104.77
C VAL BA 238 102.20 -46.48 -106.00
N ALA BA 239 101.26 -46.09 -106.87
CA ALA BA 239 100.96 -46.82 -108.11
C ALA BA 239 102.26 -47.19 -108.79
N GLN BA 240 103.10 -46.18 -108.98
CA GLN BA 240 104.39 -46.34 -109.61
C GLN BA 240 105.27 -47.26 -108.79
N THR BA 241 105.14 -47.19 -107.46
CA THR BA 241 105.92 -48.03 -106.56
C THR BA 241 105.53 -49.51 -106.70
N GLY BA 242 104.39 -49.75 -107.34
CA GLY BA 242 103.93 -51.12 -107.54
C GLY BA 242 103.79 -51.95 -106.28
N LYS BA 243 103.30 -51.35 -105.21
CA LYS BA 243 103.09 -52.05 -103.95
C LYS BA 243 101.63 -51.93 -103.54
N PRO BA 244 101.13 -52.89 -102.73
CA PRO BA 244 99.74 -52.88 -102.27
C PRO BA 244 99.44 -51.70 -101.34
N LEU BA 245 98.22 -51.17 -101.43
CA LEU BA 245 97.85 -50.03 -100.60
C LEU BA 245 96.64 -50.26 -99.71
N LEU BA 246 96.80 -49.96 -98.42
CA LEU BA 246 95.71 -50.09 -97.46
C LEU BA 246 95.29 -48.70 -96.99
N ILE BA 247 94.05 -48.33 -97.32
CA ILE BA 247 93.51 -47.03 -96.95
C ILE BA 247 92.56 -47.12 -95.75
N ILE BA 248 93.01 -46.61 -94.61
CA ILE BA 248 92.23 -46.62 -93.39
C ILE BA 248 91.79 -45.18 -93.10
N ALA BA 249 90.69 -44.77 -93.72
CA ALA BA 249 90.15 -43.42 -93.56
C ALA BA 249 88.76 -43.48 -92.94
N GLU BA 250 88.32 -42.37 -92.35
CA GLU BA 250 87.00 -42.32 -91.73
C GLU BA 250 85.97 -42.97 -92.65
N ASP BA 251 86.20 -42.81 -93.96
CA ASP BA 251 85.32 -43.38 -94.96
C ASP BA 251 85.87 -43.09 -96.36
N VAL BA 252 85.40 -43.86 -97.34
CA VAL BA 252 85.81 -43.72 -98.73
C VAL BA 252 84.56 -43.89 -99.59
N GLU BA 253 84.02 -42.76 -100.08
CA GLU BA 253 82.80 -42.75 -100.87
C GLU BA 253 82.91 -42.04 -102.22
N GLY BA 254 81.95 -42.31 -103.09
CA GLY BA 254 81.91 -41.68 -104.40
C GLY BA 254 83.00 -42.08 -105.36
N GLU BA 255 83.50 -41.10 -106.13
CA GLU BA 255 84.56 -41.35 -107.10
C GLU BA 255 85.90 -41.71 -106.44
N ALA BA 256 86.12 -41.24 -105.21
CA ALA BA 256 87.35 -41.56 -104.49
C ALA BA 256 87.42 -43.08 -104.42
N LEU BA 257 86.28 -43.67 -104.09
CA LEU BA 257 86.14 -45.12 -103.98
C LEU BA 257 86.21 -45.74 -105.38
N ALA BA 258 85.35 -45.23 -106.27
CA ALA BA 258 85.27 -45.71 -107.65
C ALA BA 258 86.64 -45.82 -108.31
N THR BA 259 87.49 -44.84 -108.03
CA THR BA 259 88.84 -44.83 -108.58
C THR BA 259 89.57 -46.06 -108.05
N LEU BA 260 89.61 -46.20 -106.73
CA LEU BA 260 90.26 -47.33 -106.07
C LEU BA 260 89.84 -48.66 -106.70
N VAL BA 261 88.53 -48.87 -106.79
CA VAL BA 261 87.96 -50.09 -107.35
C VAL BA 261 88.47 -50.37 -108.77
N VAL BA 262 88.08 -49.49 -109.69
CA VAL BA 262 88.47 -49.58 -111.10
C VAL BA 262 89.97 -49.87 -111.27
N ASN BA 263 90.80 -49.02 -110.70
CA ASN BA 263 92.24 -49.20 -110.79
C ASN BA 263 92.67 -50.52 -110.18
N LYS BA 264 91.99 -50.93 -109.10
CA LYS BA 264 92.32 -52.20 -108.46
C LYS BA 264 92.14 -53.29 -109.50
N LEU BA 265 91.03 -53.19 -110.23
CA LEU BA 265 90.67 -54.13 -111.28
C LEU BA 265 91.65 -54.09 -112.47
N ARG BA 266 91.80 -52.91 -113.08
CA ARG BA 266 92.68 -52.75 -114.22
C ARG BA 266 94.17 -52.83 -113.89
N GLY BA 267 94.52 -53.71 -112.94
CA GLY BA 267 95.91 -53.89 -112.55
C GLY BA 267 96.77 -52.63 -112.44
N THR BA 268 96.12 -51.49 -112.21
CA THR BA 268 96.81 -50.21 -112.06
C THR BA 268 97.55 -50.18 -110.73
N LEU BA 269 96.80 -50.43 -109.66
CA LEU BA 269 97.34 -50.43 -108.31
C LEU BA 269 96.49 -51.35 -107.46
N SER BA 270 97.13 -52.08 -106.54
CA SER BA 270 96.39 -52.98 -105.68
C SER BA 270 96.03 -52.25 -104.39
N VAL BA 271 94.75 -51.91 -104.22
CA VAL BA 271 94.26 -51.19 -103.05
C VAL BA 271 93.18 -51.94 -102.26
N ALA BA 272 92.78 -51.32 -101.15
CA ALA BA 272 91.75 -51.86 -100.26
C ALA BA 272 91.36 -50.75 -99.28
N ALA BA 273 90.09 -50.35 -99.29
CA ALA BA 273 89.61 -49.30 -98.40
C ALA BA 273 88.75 -49.83 -97.24
N VAL BA 274 89.25 -49.67 -96.03
CA VAL BA 274 88.55 -50.13 -94.85
C VAL BA 274 88.12 -48.92 -94.02
N LYS BA 275 86.85 -48.90 -93.62
CA LYS BA 275 86.31 -47.79 -92.83
C LYS BA 275 87.05 -47.58 -91.50
N ALA BA 276 86.76 -46.45 -90.84
CA ALA BA 276 87.41 -46.11 -89.58
C ALA BA 276 87.32 -47.26 -88.59
N PRO BA 277 88.44 -47.57 -87.92
CA PRO BA 277 88.47 -48.67 -86.95
C PRO BA 277 87.38 -48.59 -85.87
N GLY BA 278 87.30 -47.44 -85.19
CA GLY BA 278 86.30 -47.28 -84.15
C GLY BA 278 85.12 -46.38 -84.48
N PHE BA 279 84.73 -45.54 -83.53
CA PHE BA 279 83.61 -44.60 -83.68
C PHE BA 279 83.78 -43.44 -82.71
N GLY BA 280 83.63 -42.22 -83.21
CA GLY BA 280 83.78 -41.04 -82.37
C GLY BA 280 85.24 -40.70 -82.09
N ASP BA 281 85.48 -39.90 -81.05
CA ASP BA 281 86.84 -39.50 -80.68
C ASP BA 281 87.65 -40.75 -80.39
N ARG BA 282 86.94 -41.86 -80.27
CA ARG BA 282 87.57 -43.12 -79.98
C ARG BA 282 88.42 -43.64 -81.15
N ARG BA 283 87.91 -43.47 -82.37
CA ARG BA 283 88.65 -43.91 -83.54
C ARG BA 283 89.77 -42.93 -83.84
N LYS BA 284 89.52 -41.65 -83.57
CA LYS BA 284 90.54 -40.62 -83.78
C LYS BA 284 91.75 -40.99 -82.92
N GLU BA 285 91.50 -41.69 -81.82
CA GLU BA 285 92.55 -42.13 -80.91
C GLU BA 285 93.15 -43.46 -81.36
N MET BA 286 92.33 -44.30 -81.98
CA MET BA 286 92.79 -45.60 -82.48
C MET BA 286 93.60 -45.40 -83.74
N LEU BA 287 93.23 -44.40 -84.54
CA LEU BA 287 93.95 -44.10 -85.78
C LEU BA 287 95.41 -43.75 -85.43
N LYS BA 288 95.60 -43.17 -84.26
CA LYS BA 288 96.93 -42.80 -83.79
C LYS BA 288 97.62 -44.08 -83.36
N ASP BA 289 96.82 -45.07 -82.99
CA ASP BA 289 97.30 -46.39 -82.59
C ASP BA 289 97.77 -47.09 -83.86
N ILE BA 290 96.87 -47.23 -84.83
CA ILE BA 290 97.15 -47.86 -86.12
C ILE BA 290 98.41 -47.21 -86.65
N ALA BA 291 98.48 -45.90 -86.47
CA ALA BA 291 99.63 -45.13 -86.88
C ALA BA 291 100.81 -45.73 -86.13
N ALA BA 292 100.96 -45.34 -84.87
CA ALA BA 292 102.03 -45.84 -84.01
C ALA BA 292 102.62 -47.17 -84.45
N VAL BA 293 101.77 -48.19 -84.48
CA VAL BA 293 102.16 -49.55 -84.85
C VAL BA 293 102.72 -49.75 -86.25
N THR BA 294 102.10 -49.12 -87.25
CA THR BA 294 102.54 -49.27 -88.63
C THR BA 294 103.70 -48.33 -88.99
N GLY BA 295 103.73 -47.16 -88.36
CA GLY BA 295 104.78 -46.20 -88.63
C GLY BA 295 104.39 -45.13 -89.64
N GLY BA 296 103.13 -44.72 -89.61
CA GLY BA 296 102.66 -43.71 -90.54
C GLY BA 296 102.20 -42.45 -89.82
N THR BA 297 101.55 -41.57 -90.57
CA THR BA 297 101.07 -40.31 -90.00
C THR BA 297 99.55 -40.13 -90.10
N VAL BA 298 98.95 -39.84 -88.94
CA VAL BA 298 97.52 -39.61 -88.85
C VAL BA 298 97.18 -38.40 -89.69
N ILE BA 299 96.47 -38.60 -90.79
CA ILE BA 299 96.12 -37.48 -91.64
C ILE BA 299 94.93 -36.72 -91.07
N SER BA 300 95.24 -35.72 -90.26
CA SER BA 300 94.25 -34.87 -89.60
C SER BA 300 94.84 -33.47 -89.36
N GLU BA 301 93.98 -32.52 -88.99
CA GLU BA 301 94.42 -31.16 -88.74
C GLU BA 301 95.42 -31.06 -87.58
N GLU BA 302 95.43 -32.10 -86.74
CA GLU BA 302 96.34 -32.13 -85.61
C GLU BA 302 97.79 -32.23 -86.07
N LEU BA 303 98.15 -33.38 -86.63
CA LEU BA 303 99.52 -33.61 -87.11
C LEU BA 303 99.99 -32.57 -88.10
N GLY BA 304 99.08 -31.74 -88.60
CA GLY BA 304 99.46 -30.71 -89.55
C GLY BA 304 99.70 -31.22 -90.97
N PHE BA 305 98.79 -32.08 -91.43
CA PHE BA 305 98.89 -32.62 -92.79
C PHE BA 305 97.60 -32.45 -93.58
N LYS BA 306 97.72 -32.51 -94.89
CA LYS BA 306 96.58 -32.37 -95.77
C LYS BA 306 96.66 -33.47 -96.82
N LEU BA 307 95.54 -34.14 -97.06
CA LEU BA 307 95.48 -35.27 -97.99
C LEU BA 307 96.36 -35.22 -99.24
N GLU BA 308 96.01 -34.36 -100.19
CA GLU BA 308 96.81 -34.24 -101.41
C GLU BA 308 98.31 -34.14 -101.11
N ASN BA 309 98.67 -33.34 -100.10
CA ASN BA 309 100.06 -33.16 -99.70
C ASN BA 309 100.54 -34.38 -98.92
N ALA BA 310 100.45 -35.55 -99.55
CA ALA BA 310 100.90 -36.77 -98.90
C ALA BA 310 102.32 -37.12 -99.35
N THR BA 311 102.77 -38.31 -98.97
CA THR BA 311 104.09 -38.77 -99.32
C THR BA 311 104.19 -40.27 -99.13
N LEU BA 312 105.09 -40.90 -99.88
CA LEU BA 312 105.30 -42.33 -99.75
C LEU BA 312 106.04 -42.54 -98.43
N SER BA 313 106.42 -41.44 -97.80
CA SER BA 313 107.17 -41.46 -96.55
C SER BA 313 106.34 -41.15 -95.31
N MET BA 314 105.19 -40.53 -95.50
CA MET BA 314 104.32 -40.16 -94.37
C MET BA 314 103.29 -41.21 -93.97
N LEU BA 315 103.39 -42.40 -94.56
CA LEU BA 315 102.44 -43.46 -94.25
C LEU BA 315 103.10 -44.71 -93.72
N GLY BA 316 102.28 -45.64 -93.25
CA GLY BA 316 102.80 -46.88 -92.69
C GLY BA 316 102.88 -48.01 -93.68
N ARG BA 317 103.56 -49.08 -93.26
CA ARG BA 317 103.73 -50.26 -94.09
C ARG BA 317 103.49 -51.46 -93.20
N ALA BA 318 103.63 -52.64 -93.81
CA ALA BA 318 103.46 -53.89 -93.10
C ALA BA 318 104.19 -55.02 -93.81
N GLU BA 319 103.79 -56.25 -93.52
CA GLU BA 319 104.37 -57.44 -94.12
C GLU BA 319 103.25 -58.21 -94.80
N ARG BA 320 102.01 -57.78 -94.51
CA ARG BA 320 100.82 -58.39 -95.07
C ARG BA 320 99.59 -57.70 -94.50
N VAL BA 321 98.46 -57.82 -95.19
CA VAL BA 321 97.23 -57.19 -94.73
C VAL BA 321 95.98 -57.99 -95.14
N ARG BA 322 95.41 -58.73 -94.20
CA ARG BA 322 94.23 -59.54 -94.47
C ARG BA 322 92.98 -58.70 -94.23
N ILE BA 323 92.04 -58.73 -95.17
CA ILE BA 323 90.80 -57.97 -95.03
C ILE BA 323 89.59 -58.73 -95.52
N THR BA 324 88.86 -59.37 -94.60
CA THR BA 324 87.67 -60.12 -94.99
C THR BA 324 86.50 -59.15 -95.14
N LYS BA 325 85.29 -59.69 -95.26
CA LYS BA 325 84.10 -58.86 -95.41
C LYS BA 325 83.85 -57.94 -94.22
N ASP BA 326 84.22 -58.38 -93.01
CA ASP BA 326 83.99 -57.54 -91.85
C ASP BA 326 85.13 -57.48 -90.83
N GLU BA 327 86.37 -57.69 -91.29
CA GLU BA 327 87.50 -57.62 -90.37
C GLU BA 327 88.82 -57.36 -91.09
N THR BA 328 89.71 -56.59 -90.46
CA THR BA 328 91.01 -56.28 -91.03
C THR BA 328 92.09 -56.78 -90.09
N THR BA 329 93.22 -57.22 -90.65
CA THR BA 329 94.31 -57.73 -89.84
C THR BA 329 95.65 -57.25 -90.37
N ILE BA 330 96.09 -56.10 -89.87
CA ILE BA 330 97.37 -55.51 -90.26
C ILE BA 330 98.53 -56.29 -89.62
N VAL BA 331 99.07 -57.25 -90.36
CA VAL BA 331 100.15 -58.08 -89.88
C VAL BA 331 101.52 -57.44 -90.07
N GLY BA 332 102.42 -57.68 -89.11
CA GLY BA 332 103.77 -57.14 -89.19
C GLY BA 332 103.95 -55.65 -89.45
N GLY BA 333 103.38 -54.81 -88.59
CA GLY BA 333 103.50 -53.37 -88.76
C GLY BA 333 104.95 -52.91 -88.68
N LYS BA 334 105.20 -51.70 -89.16
CA LYS BA 334 106.55 -51.17 -89.15
C LYS BA 334 106.80 -50.15 -88.03
N GLY BA 335 105.73 -49.55 -87.53
CA GLY BA 335 105.83 -48.56 -86.46
C GLY BA 335 106.87 -48.98 -85.45
N LYS BA 336 107.46 -48.02 -84.75
CA LYS BA 336 108.49 -48.36 -83.79
C LYS BA 336 108.15 -48.51 -82.35
N LYS BA 337 108.97 -49.32 -81.70
CA LYS BA 337 108.85 -49.63 -80.31
C LYS BA 337 108.34 -48.50 -79.42
N GLU BA 338 109.17 -47.46 -79.26
CA GLU BA 338 108.83 -46.31 -78.42
C GLU BA 338 107.44 -45.71 -78.71
N ASP BA 339 107.14 -45.51 -79.98
CA ASP BA 339 105.87 -44.93 -80.41
C ASP BA 339 104.66 -45.72 -79.91
N ILE BA 340 104.80 -47.03 -79.84
CA ILE BA 340 103.71 -47.89 -79.37
C ILE BA 340 103.86 -48.16 -77.87
N GLU BA 341 105.11 -48.37 -77.43
CA GLU BA 341 105.40 -48.62 -76.02
C GLU BA 341 105.04 -47.38 -75.21
N ALA BA 342 104.43 -46.40 -75.90
CA ALA BA 342 104.00 -45.15 -75.30
C ALA BA 342 102.53 -44.89 -75.65
N ARG BA 343 102.07 -45.51 -76.72
CA ARG BA 343 100.70 -45.37 -77.19
C ARG BA 343 99.83 -46.36 -76.39
N ILE BA 344 100.45 -47.47 -76.00
CA ILE BA 344 99.81 -48.54 -75.22
C ILE BA 344 100.08 -48.29 -73.73
N ASN BA 345 101.21 -47.64 -73.45
CA ASN BA 345 101.62 -47.34 -72.09
C ASN BA 345 100.82 -46.15 -71.58
N GLY BA 346 100.14 -45.46 -72.50
CA GLY BA 346 99.34 -44.31 -72.12
C GLY BA 346 97.89 -44.68 -71.92
N ILE BA 347 97.46 -45.69 -72.65
CA ILE BA 347 96.09 -46.21 -72.59
C ILE BA 347 95.93 -47.00 -71.29
N LYS BA 348 97.06 -47.31 -70.68
CA LYS BA 348 97.10 -48.08 -69.45
C LYS BA 348 97.13 -47.18 -68.20
N LYS BA 349 97.75 -46.00 -68.34
CA LYS BA 349 97.87 -45.00 -67.27
C LYS BA 349 96.52 -44.35 -66.96
N GLU BA 350 95.69 -44.29 -67.99
CA GLU BA 350 94.36 -43.69 -67.92
C GLU BA 350 93.35 -44.71 -67.44
N LEU BA 351 93.63 -45.96 -67.76
CA LEU BA 351 92.79 -47.08 -67.39
C LEU BA 351 92.72 -47.22 -65.87
N GLU BA 352 93.83 -46.92 -65.19
CA GLU BA 352 93.89 -47.02 -63.74
C GLU BA 352 93.00 -45.96 -63.07
N THR BA 353 92.43 -45.06 -63.88
CA THR BA 353 91.55 -44.00 -63.37
C THR BA 353 90.14 -44.12 -63.99
N THR BA 354 89.79 -45.31 -64.45
CA THR BA 354 88.49 -45.56 -65.06
C THR BA 354 87.74 -46.71 -64.38
N ASP BA 355 86.71 -46.37 -63.61
CA ASP BA 355 85.93 -47.38 -62.90
C ASP BA 355 84.65 -47.74 -63.64
N SER BA 356 84.40 -47.08 -64.76
CA SER BA 356 83.21 -47.35 -65.55
C SER BA 356 83.45 -48.65 -66.31
N GLU BA 357 82.59 -49.65 -66.06
CA GLU BA 357 82.71 -50.94 -66.73
C GLU BA 357 82.78 -50.82 -68.24
N TYR BA 358 82.28 -49.71 -68.78
CA TYR BA 358 82.29 -49.48 -70.22
C TYR BA 358 83.65 -48.96 -70.65
N ALA BA 359 84.00 -47.78 -70.15
CA ALA BA 359 85.26 -47.14 -70.47
C ALA BA 359 86.44 -48.01 -70.04
N ARG BA 360 86.17 -49.01 -69.22
CA ARG BA 360 87.24 -49.88 -68.76
C ARG BA 360 87.57 -50.99 -69.75
N GLU BA 361 86.54 -51.57 -70.37
CA GLU BA 361 86.76 -52.63 -71.35
C GLU BA 361 87.21 -52.02 -72.67
N LYS BA 362 86.80 -50.78 -72.91
CA LYS BA 362 87.16 -50.07 -74.15
C LYS BA 362 88.65 -49.76 -74.24
N LEU BA 363 89.27 -49.45 -73.11
CA LEU BA 363 90.70 -49.14 -73.08
C LEU BA 363 91.54 -50.40 -72.99
N GLN BA 364 90.89 -51.50 -72.61
CA GLN BA 364 91.55 -52.78 -72.49
C GLN BA 364 91.51 -53.58 -73.79
N GLU BA 365 90.59 -53.24 -74.68
CA GLU BA 365 90.47 -53.92 -75.96
C GLU BA 365 91.35 -53.18 -76.98
N ARG BA 366 91.63 -51.92 -76.65
CA ARG BA 366 92.47 -51.07 -77.47
C ARG BA 366 93.89 -51.44 -77.08
N LEU BA 367 94.08 -51.66 -75.77
CA LEU BA 367 95.38 -52.05 -75.20
C LEU BA 367 95.69 -53.48 -75.64
N ALA BA 368 94.72 -54.08 -76.32
CA ALA BA 368 94.84 -55.46 -76.83
C ALA BA 368 95.42 -55.43 -78.24
N LYS BA 369 94.65 -54.86 -79.16
CA LYS BA 369 95.06 -54.75 -80.56
C LYS BA 369 96.53 -54.35 -80.65
N LEU BA 370 96.90 -53.37 -79.83
CA LEU BA 370 98.27 -52.86 -79.76
C LEU BA 370 99.21 -53.91 -79.20
N ALA BA 371 99.12 -55.11 -79.73
CA ALA BA 371 99.98 -56.19 -79.28
C ALA BA 371 99.79 -57.37 -80.24
N GLY BA 372 100.82 -58.20 -80.31
CA GLY BA 372 100.75 -59.38 -81.16
C GLY BA 372 100.33 -60.52 -80.26
N GLY BA 373 100.91 -60.56 -79.06
CA GLY BA 373 100.60 -61.59 -78.09
C GLY BA 373 99.23 -61.35 -77.44
N VAL BA 374 98.20 -61.80 -78.14
CA VAL BA 374 96.83 -61.66 -77.67
C VAL BA 374 96.08 -62.98 -77.74
N ALA BA 375 95.74 -63.52 -76.57
CA ALA BA 375 95.00 -64.76 -76.46
C ALA BA 375 93.54 -64.43 -76.20
N VAL BA 376 92.64 -65.30 -76.63
CA VAL BA 376 91.23 -65.08 -76.42
C VAL BA 376 90.46 -66.37 -76.14
N ILE BA 377 89.92 -66.47 -74.93
CA ILE BA 377 89.14 -67.64 -74.53
C ILE BA 377 87.68 -67.37 -74.77
N ARG BA 378 87.07 -68.13 -75.67
CA ARG BA 378 85.67 -67.95 -75.96
C ARG BA 378 84.89 -69.04 -75.21
N VAL BA 379 84.32 -68.65 -74.08
CA VAL BA 379 83.56 -69.55 -73.21
C VAL BA 379 82.23 -70.00 -73.78
N GLY BA 380 82.01 -71.32 -73.78
CA GLY BA 380 80.76 -71.88 -74.29
C GLY BA 380 79.94 -72.53 -73.18
N ALA BA 381 78.63 -72.58 -73.37
CA ALA BA 381 77.72 -73.18 -72.40
C ALA BA 381 76.40 -73.45 -73.09
N ALA BA 382 75.55 -74.24 -72.45
CA ALA BA 382 74.25 -74.57 -73.04
C ALA BA 382 73.17 -73.52 -72.77
N THR BA 383 73.30 -72.80 -71.66
CA THR BA 383 72.33 -71.78 -71.29
C THR BA 383 73.00 -70.50 -70.86
N GLU BA 384 72.27 -69.39 -71.02
CA GLU BA 384 72.78 -68.08 -70.66
C GLU BA 384 73.23 -68.06 -69.20
N THR BA 385 72.37 -68.53 -68.32
CA THR BA 385 72.68 -68.55 -66.90
C THR BA 385 73.96 -69.32 -66.60
N GLU BA 386 74.12 -70.51 -67.18
CA GLU BA 386 75.32 -71.29 -66.92
C GLU BA 386 76.52 -70.55 -67.46
N LEU BA 387 76.39 -70.10 -68.70
CA LEU BA 387 77.44 -69.36 -69.38
C LEU BA 387 77.96 -68.18 -68.58
N LYS BA 388 77.04 -67.31 -68.18
CA LYS BA 388 77.41 -66.12 -67.42
C LYS BA 388 78.29 -66.41 -66.19
N GLU BA 389 78.10 -67.57 -65.57
CA GLU BA 389 78.88 -67.95 -64.39
C GLU BA 389 80.19 -68.60 -64.83
N LYS BA 390 80.11 -69.46 -65.84
CA LYS BA 390 81.30 -70.14 -66.35
C LYS BA 390 82.27 -69.05 -66.77
N LYS BA 391 81.74 -68.10 -67.53
CA LYS BA 391 82.51 -66.96 -68.02
C LYS BA 391 83.16 -66.24 -66.83
N HIS BA 392 82.37 -65.98 -65.81
CA HIS BA 392 82.89 -65.29 -64.63
C HIS BA 392 84.03 -66.03 -63.97
N ARG BA 393 83.92 -67.35 -63.84
CA ARG BA 393 84.97 -68.13 -63.21
C ARG BA 393 86.30 -67.93 -63.94
N PHE BA 394 86.25 -67.86 -65.27
CA PHE BA 394 87.47 -67.63 -66.05
C PHE BA 394 88.05 -66.30 -65.59
N GLU BA 395 87.23 -65.26 -65.62
CA GLU BA 395 87.65 -63.93 -65.21
C GLU BA 395 88.32 -63.92 -63.84
N ASP BA 396 87.75 -64.63 -62.88
CA ASP BA 396 88.33 -64.68 -61.54
C ASP BA 396 89.71 -65.35 -61.63
N ALA BA 397 89.76 -66.47 -62.34
CA ALA BA 397 91.00 -67.21 -62.51
C ALA BA 397 92.12 -66.29 -62.98
N LEU BA 398 91.81 -65.47 -63.99
CA LEU BA 398 92.79 -64.52 -64.53
C LEU BA 398 93.22 -63.55 -63.44
N ASN BA 399 92.26 -62.83 -62.86
CA ASN BA 399 92.58 -61.89 -61.80
C ASN BA 399 93.51 -62.53 -60.78
N ALA BA 400 93.30 -63.82 -60.52
CA ALA BA 400 94.13 -64.55 -59.58
C ALA BA 400 95.53 -64.62 -60.15
N THR BA 401 95.64 -65.20 -61.34
CA THR BA 401 96.91 -65.35 -62.04
C THR BA 401 97.67 -64.03 -61.98
N ARG BA 402 97.04 -62.95 -62.43
CA ARG BA 402 97.65 -61.63 -62.41
C ARG BA 402 98.27 -61.30 -61.05
N ALA BA 403 97.47 -61.43 -60.00
CA ALA BA 403 97.95 -61.15 -58.66
C ALA BA 403 99.03 -62.16 -58.26
N ALA BA 404 98.95 -63.38 -58.80
CA ALA BA 404 99.93 -64.43 -58.49
C ALA BA 404 101.32 -63.98 -58.94
N VAL BA 405 101.39 -63.54 -60.19
CA VAL BA 405 102.64 -63.05 -60.76
C VAL BA 405 103.19 -61.84 -59.99
N GLU BA 406 102.31 -60.92 -59.63
CA GLU BA 406 102.73 -59.74 -58.88
C GLU BA 406 103.38 -60.03 -57.54
N GLU BA 407 102.61 -60.50 -56.58
CA GLU BA 407 103.14 -60.72 -55.23
C GLU BA 407 103.53 -62.13 -54.78
N GLY BA 408 103.31 -63.12 -55.61
CA GLY BA 408 103.69 -64.44 -55.18
C GLY BA 408 102.54 -65.39 -55.01
N ILE BA 409 102.86 -66.50 -54.35
CA ILE BA 409 101.92 -67.56 -54.13
C ILE BA 409 102.13 -68.15 -52.73
N VAL BA 410 101.06 -68.55 -52.06
CA VAL BA 410 101.18 -69.15 -50.72
C VAL BA 410 100.29 -70.39 -50.65
N PRO BA 411 100.44 -71.21 -49.59
CA PRO BA 411 99.60 -72.42 -49.49
C PRO BA 411 98.14 -72.00 -49.25
N GLY BA 412 97.21 -72.71 -49.89
CA GLY BA 412 95.80 -72.37 -49.78
C GLY BA 412 95.02 -72.94 -48.60
N GLY BA 413 93.71 -73.13 -48.81
CA GLY BA 413 92.85 -73.65 -47.76
C GLY BA 413 92.96 -72.88 -46.45
N GLY BA 414 93.31 -71.59 -46.54
CA GLY BA 414 93.43 -70.78 -45.34
C GLY BA 414 94.63 -71.18 -44.49
N VAL BA 415 95.32 -72.23 -44.93
CA VAL BA 415 96.50 -72.73 -44.22
C VAL BA 415 97.51 -71.63 -43.95
N THR BA 416 97.75 -70.82 -44.98
CA THR BA 416 98.72 -69.75 -44.87
C THR BA 416 98.34 -68.80 -43.71
N LEU BA 417 97.06 -68.46 -43.59
CA LEU BA 417 96.64 -67.56 -42.50
C LEU BA 417 96.76 -68.22 -41.14
N LEU BA 418 96.58 -69.55 -41.10
CA LEU BA 418 96.71 -70.28 -39.85
C LEU BA 418 98.15 -70.18 -39.38
N ARG BA 419 99.08 -70.29 -40.32
CA ARG BA 419 100.50 -70.19 -40.01
C ARG BA 419 100.83 -68.80 -39.47
N ALA BA 420 100.00 -67.82 -39.80
CA ALA BA 420 100.22 -66.46 -39.34
C ALA BA 420 99.98 -66.34 -37.85
N ILE BA 421 99.21 -67.27 -37.31
CA ILE BA 421 98.88 -67.26 -35.89
C ILE BA 421 100.13 -67.23 -35.01
N SER BA 422 101.04 -68.17 -35.23
CA SER BA 422 102.26 -68.24 -34.44
C SER BA 422 102.95 -66.89 -34.36
N ALA BA 423 102.84 -66.12 -35.44
CA ALA BA 423 103.45 -64.80 -35.48
C ALA BA 423 102.74 -63.85 -34.54
N VAL BA 424 101.41 -63.87 -34.59
CA VAL BA 424 100.60 -63.01 -33.73
C VAL BA 424 100.85 -63.44 -32.30
N GLU BA 425 100.97 -64.76 -32.11
CA GLU BA 425 101.23 -65.35 -30.81
C GLU BA 425 102.46 -64.67 -30.22
N GLU BA 426 103.57 -64.74 -30.98
CA GLU BA 426 104.83 -64.17 -30.56
C GLU BA 426 104.65 -62.70 -30.22
N LEU BA 427 103.87 -62.01 -31.04
CA LEU BA 427 103.60 -60.59 -30.83
C LEU BA 427 102.92 -60.37 -29.49
N ILE BA 428 101.90 -61.18 -29.21
CA ILE BA 428 101.14 -61.07 -27.96
C ILE BA 428 102.07 -61.08 -26.75
N LYS BA 429 103.04 -61.98 -26.77
CA LYS BA 429 104.01 -62.10 -25.68
C LYS BA 429 104.67 -60.77 -25.43
N LYS BA 430 104.65 -59.89 -26.43
CA LYS BA 430 105.27 -58.58 -26.28
C LYS BA 430 104.23 -57.50 -25.99
N LEU BA 431 102.95 -57.89 -25.99
CA LEU BA 431 101.87 -56.93 -25.75
C LEU BA 431 101.21 -57.07 -24.37
N GLU BA 432 100.51 -56.01 -23.98
CA GLU BA 432 99.81 -55.96 -22.69
C GLU BA 432 98.38 -55.45 -22.84
N GLY BA 433 97.72 -55.26 -21.71
CA GLY BA 433 96.35 -54.76 -21.67
C GLY BA 433 95.42 -55.17 -22.79
N ASP BA 434 94.50 -54.27 -23.12
CA ASP BA 434 93.51 -54.52 -24.18
C ASP BA 434 94.20 -54.69 -25.53
N GLU BA 435 95.36 -54.05 -25.68
CA GLU BA 435 96.11 -54.12 -26.91
C GLU BA 435 96.44 -55.58 -27.20
N ALA BA 436 96.78 -56.32 -26.15
CA ALA BA 436 97.10 -57.73 -26.30
C ALA BA 436 95.83 -58.47 -26.67
N THR BA 437 94.71 -58.01 -26.10
CA THR BA 437 93.42 -58.60 -26.37
C THR BA 437 93.18 -58.44 -27.88
N GLY BA 438 93.39 -57.22 -28.35
CA GLY BA 438 93.22 -56.94 -29.77
C GLY BA 438 93.95 -57.96 -30.62
N ALA BA 439 95.22 -58.16 -30.32
CA ALA BA 439 96.02 -59.13 -31.06
C ALA BA 439 95.34 -60.49 -31.04
N LYS BA 440 94.92 -60.92 -29.85
CA LYS BA 440 94.27 -62.21 -29.69
C LYS BA 440 93.06 -62.31 -30.62
N ILE BA 441 92.35 -61.20 -30.78
CA ILE BA 441 91.17 -61.19 -31.66
C ILE BA 441 91.57 -61.66 -33.05
N VAL BA 442 92.65 -61.09 -33.58
CA VAL BA 442 93.11 -61.48 -34.89
C VAL BA 442 93.49 -62.94 -34.83
N ARG BA 443 94.19 -63.32 -33.77
CA ARG BA 443 94.63 -64.71 -33.61
C ARG BA 443 93.50 -65.69 -33.86
N ARG BA 444 92.34 -65.39 -33.29
CA ARG BA 444 91.18 -66.27 -33.47
C ARG BA 444 90.66 -66.17 -34.88
N ALA BA 445 90.38 -64.94 -35.30
CA ALA BA 445 89.86 -64.67 -36.63
C ALA BA 445 90.58 -65.46 -37.72
N LEU BA 446 91.92 -65.46 -37.64
CA LEU BA 446 92.75 -66.15 -38.62
C LEU BA 446 92.31 -67.59 -38.90
N GLU BA 447 91.54 -68.17 -37.99
CA GLU BA 447 91.09 -69.55 -38.14
C GLU BA 447 89.82 -69.67 -39.00
N GLU BA 448 88.99 -68.63 -38.96
CA GLU BA 448 87.74 -68.64 -39.70
C GLU BA 448 87.77 -69.18 -41.13
N PRO BA 449 88.66 -68.64 -41.97
CA PRO BA 449 88.73 -69.12 -43.36
C PRO BA 449 88.93 -70.63 -43.44
N ALA BA 450 89.95 -71.13 -42.76
CA ALA BA 450 90.23 -72.56 -42.75
C ALA BA 450 88.99 -73.32 -42.29
N ARG BA 451 88.44 -72.90 -41.14
CA ARG BA 451 87.23 -73.51 -40.57
C ARG BA 451 86.08 -73.63 -41.55
N GLN BA 452 85.58 -72.48 -41.99
CA GLN BA 452 84.47 -72.42 -42.94
C GLN BA 452 84.68 -73.27 -44.19
N ILE BA 453 85.91 -73.32 -44.68
CA ILE BA 453 86.20 -74.14 -45.86
C ILE BA 453 85.83 -75.56 -45.51
N ALA BA 454 86.50 -76.07 -44.48
CA ALA BA 454 86.28 -77.43 -43.98
C ALA BA 454 84.79 -77.62 -43.65
N GLU BA 455 84.23 -76.66 -42.92
CA GLU BA 455 82.83 -76.74 -42.52
C GLU BA 455 81.92 -76.96 -43.74
N ASN BA 456 81.96 -76.05 -44.70
CA ASN BA 456 81.13 -76.18 -45.90
C ASN BA 456 81.37 -77.50 -46.62
N ALA BA 457 82.50 -78.14 -46.31
CA ALA BA 457 82.86 -79.41 -46.93
C ALA BA 457 82.24 -80.58 -46.19
N GLY BA 458 81.80 -80.31 -44.95
CA GLY BA 458 81.18 -81.34 -44.14
C GLY BA 458 82.12 -81.88 -43.08
N TYR BA 459 82.99 -81.01 -42.57
CA TYR BA 459 83.94 -81.41 -41.55
C TYR BA 459 83.90 -80.49 -40.35
N GLU BA 460 84.63 -80.85 -39.30
CA GLU BA 460 84.65 -80.04 -38.11
C GLU BA 460 85.72 -78.96 -38.13
N GLY BA 461 85.26 -77.72 -38.33
CA GLY BA 461 86.18 -76.60 -38.36
C GLY BA 461 87.27 -76.70 -37.31
N SER BA 462 86.87 -76.62 -36.05
CA SER BA 462 87.84 -76.68 -34.96
C SER BA 462 88.76 -77.89 -35.03
N VAL BA 463 88.21 -79.07 -35.34
CA VAL BA 463 89.01 -80.29 -35.43
C VAL BA 463 90.16 -80.14 -36.42
N ILE BA 464 89.81 -79.94 -37.68
CA ILE BA 464 90.79 -79.79 -38.75
C ILE BA 464 91.83 -78.72 -38.48
N VAL BA 465 91.36 -77.54 -38.06
CA VAL BA 465 92.26 -76.43 -37.74
C VAL BA 465 93.30 -76.87 -36.72
N GLN BA 466 92.88 -77.74 -35.78
CA GLN BA 466 93.80 -78.22 -34.76
C GLN BA 466 94.88 -79.12 -35.34
N GLN BA 467 94.50 -80.10 -36.15
CA GLN BA 467 95.49 -81.01 -36.72
C GLN BA 467 96.46 -80.26 -37.59
N ILE BA 468 95.99 -79.21 -38.26
CA ILE BA 468 96.85 -78.40 -39.12
C ILE BA 468 97.87 -77.67 -38.26
N LEU BA 469 97.37 -76.88 -37.31
CA LEU BA 469 98.24 -76.14 -36.40
C LEU BA 469 99.10 -77.09 -35.60
N ALA BA 470 98.71 -78.37 -35.60
CA ALA BA 470 99.43 -79.41 -34.87
C ALA BA 470 100.80 -79.66 -35.48
N GLU BA 471 100.81 -80.23 -36.69
CA GLU BA 471 102.04 -80.53 -37.39
C GLU BA 471 102.71 -79.21 -37.81
N THR BA 472 103.71 -78.79 -37.03
CA THR BA 472 104.42 -77.53 -37.27
C THR BA 472 105.84 -77.70 -37.84
N LYS BA 473 106.07 -78.81 -38.51
CA LYS BA 473 107.38 -79.05 -39.09
C LYS BA 473 107.40 -78.33 -40.44
N ASN BA 474 106.40 -78.64 -41.25
CA ASN BA 474 106.25 -78.08 -42.59
C ASN BA 474 104.99 -77.23 -42.71
N PRO BA 475 105.14 -75.90 -42.74
CA PRO BA 475 104.00 -74.98 -42.86
C PRO BA 475 103.07 -75.27 -44.04
N ARG BA 476 103.59 -75.95 -45.05
CA ARG BA 476 102.79 -76.29 -46.22
C ARG BA 476 101.75 -77.34 -45.89
N TYR BA 477 101.76 -77.81 -44.64
CA TYR BA 477 100.80 -78.82 -44.20
C TYR BA 477 99.40 -78.26 -44.00
N GLY BA 478 98.44 -78.80 -44.75
CA GLY BA 478 97.07 -78.34 -44.63
C GLY BA 478 96.02 -79.38 -45.00
N PHE BA 479 94.75 -78.99 -44.91
CA PHE BA 479 93.66 -79.89 -45.21
C PHE BA 479 93.07 -79.68 -46.61
N ASN BA 480 92.98 -80.76 -47.37
CA ASN BA 480 92.42 -80.70 -48.72
C ASN BA 480 90.92 -80.93 -48.62
N ALA BA 481 90.18 -79.85 -48.36
CA ALA BA 481 88.73 -79.93 -48.21
C ALA BA 481 87.99 -80.64 -49.34
N ALA BA 482 88.67 -80.95 -50.43
CA ALA BA 482 88.00 -81.61 -51.55
C ALA BA 482 88.11 -83.12 -51.54
N THR BA 483 89.23 -83.63 -51.03
CA THR BA 483 89.49 -85.07 -50.97
C THR BA 483 89.32 -85.57 -49.54
N GLY BA 484 89.40 -84.65 -48.59
CA GLY BA 484 89.25 -85.00 -47.20
C GLY BA 484 90.53 -85.60 -46.65
N GLU BA 485 91.67 -85.08 -47.09
CA GLU BA 485 92.94 -85.58 -46.61
C GLU BA 485 93.93 -84.48 -46.36
N PHE BA 486 94.72 -84.64 -45.30
CA PHE BA 486 95.74 -83.65 -44.97
C PHE BA 486 96.91 -83.91 -45.90
N VAL BA 487 97.43 -82.83 -46.48
CA VAL BA 487 98.52 -82.95 -47.43
C VAL BA 487 99.40 -81.69 -47.43
N ASP BA 488 100.41 -81.70 -48.29
CA ASP BA 488 101.29 -80.54 -48.42
C ASP BA 488 100.54 -79.68 -49.44
N MET BA 489 99.91 -78.64 -48.95
CA MET BA 489 99.12 -77.75 -49.80
C MET BA 489 99.78 -77.34 -51.11
N VAL BA 490 101.04 -76.93 -51.03
CA VAL BA 490 101.77 -76.53 -52.23
C VAL BA 490 101.93 -77.71 -53.19
N GLU BA 491 102.48 -78.82 -52.68
CA GLU BA 491 102.68 -80.00 -53.49
C GLU BA 491 101.37 -80.52 -54.07
N ALA BA 492 100.28 -80.32 -53.33
CA ALA BA 492 98.97 -80.78 -53.77
C ALA BA 492 98.38 -79.86 -54.82
N GLY BA 493 99.00 -78.69 -54.98
CA GLY BA 493 98.51 -77.75 -55.97
C GLY BA 493 97.41 -76.85 -55.43
N ILE BA 494 97.33 -76.75 -54.12
CA ILE BA 494 96.31 -75.92 -53.49
C ILE BA 494 96.99 -74.66 -52.98
N VAL BA 495 97.14 -73.70 -53.89
CA VAL BA 495 97.80 -72.44 -53.58
C VAL BA 495 96.96 -71.19 -53.87
N ASP BA 496 97.30 -70.10 -53.19
CA ASP BA 496 96.59 -68.84 -53.34
C ASP BA 496 97.53 -67.66 -53.54
N PRO BA 497 97.11 -66.70 -54.37
CA PRO BA 497 97.96 -65.53 -54.59
C PRO BA 497 98.16 -64.77 -53.29
N ALA BA 498 99.39 -64.79 -52.79
CA ALA BA 498 99.72 -64.11 -51.55
C ALA BA 498 99.09 -62.71 -51.53
N LYS BA 499 98.87 -62.12 -52.70
CA LYS BA 499 98.29 -60.79 -52.76
C LYS BA 499 96.87 -60.76 -52.20
N VAL BA 500 96.03 -61.68 -52.66
CA VAL BA 500 94.64 -61.72 -52.19
C VAL BA 500 94.58 -61.94 -50.68
N THR BA 501 95.29 -62.96 -50.19
CA THR BA 501 95.33 -63.24 -48.77
C THR BA 501 95.65 -61.95 -47.99
N ARG BA 502 96.81 -61.36 -48.24
CA ARG BA 502 97.18 -60.12 -47.56
C ARG BA 502 96.07 -59.05 -47.63
N SER BA 503 95.48 -58.88 -48.82
CA SER BA 503 94.43 -57.89 -49.02
C SER BA 503 93.18 -58.19 -48.17
N ALA BA 504 92.63 -59.38 -48.36
CA ALA BA 504 91.44 -59.81 -47.63
C ALA BA 504 91.56 -59.47 -46.16
N LEU BA 505 92.63 -59.95 -45.52
CA LEU BA 505 92.86 -59.69 -44.09
C LEU BA 505 92.96 -58.20 -43.76
N GLN BA 506 93.74 -57.45 -44.53
CA GLN BA 506 93.90 -56.03 -44.27
C GLN BA 506 92.59 -55.27 -44.39
N ASN BA 507 91.77 -55.67 -45.36
CA ASN BA 507 90.48 -55.01 -45.56
C ASN BA 507 89.49 -55.41 -44.47
N ALA BA 508 89.47 -56.70 -44.15
CA ALA BA 508 88.58 -57.20 -43.10
C ALA BA 508 88.92 -56.46 -41.81
N ALA BA 509 90.18 -56.53 -41.42
CA ALA BA 509 90.65 -55.89 -40.20
C ALA BA 509 90.45 -54.38 -40.20
N SER BA 510 90.39 -53.78 -41.38
CA SER BA 510 90.21 -52.32 -41.45
C SER BA 510 88.84 -51.91 -40.98
N ILE BA 511 87.81 -52.54 -41.56
CA ILE BA 511 86.43 -52.22 -41.20
C ILE BA 511 86.12 -52.78 -39.81
N GLY BA 512 86.55 -54.03 -39.59
CA GLY BA 512 86.32 -54.66 -38.30
C GLY BA 512 86.66 -53.78 -37.11
N ALA BA 513 87.94 -53.44 -36.99
CA ALA BA 513 88.40 -52.60 -35.88
C ALA BA 513 87.54 -51.36 -35.74
N LEU BA 514 87.20 -50.74 -36.87
CA LEU BA 514 86.38 -49.54 -36.86
C LEU BA 514 85.10 -49.76 -36.06
N ILE BA 515 84.35 -50.80 -36.41
CA ILE BA 515 83.09 -51.15 -35.74
C ILE BA 515 83.23 -51.21 -34.22
N LEU BA 516 84.22 -51.96 -33.73
CA LEU BA 516 84.47 -52.10 -32.30
C LEU BA 516 84.56 -50.74 -31.57
N THR BA 517 84.77 -49.67 -32.33
CA THR BA 517 84.88 -48.35 -31.72
C THR BA 517 83.56 -47.58 -31.73
N THR BA 518 82.48 -48.27 -32.12
CA THR BA 518 81.17 -47.62 -32.17
C THR BA 518 80.65 -47.43 -30.75
N GLU BA 519 80.01 -46.30 -30.51
CA GLU BA 519 79.46 -46.02 -29.18
C GLU BA 519 78.16 -45.29 -29.40
N ALA BA 520 77.86 -45.06 -30.67
CA ALA BA 520 76.62 -44.39 -31.04
C ALA BA 520 76.39 -44.56 -32.53
N VAL BA 521 75.16 -44.32 -32.95
CA VAL BA 521 74.78 -44.44 -34.33
C VAL BA 521 73.65 -43.46 -34.58
N VAL BA 522 73.72 -42.74 -35.69
CA VAL BA 522 72.66 -41.79 -36.02
C VAL BA 522 72.06 -42.25 -37.32
N ALA BA 523 70.89 -42.88 -37.24
CA ALA BA 523 70.22 -43.39 -38.43
C ALA BA 523 68.87 -42.76 -38.63
N GLU BA 524 68.22 -43.17 -39.71
CA GLU BA 524 66.91 -42.65 -40.04
C GLU BA 524 65.85 -43.33 -39.18
N LYS BA 525 64.97 -42.53 -38.60
CA LYS BA 525 63.90 -43.06 -37.76
C LYS BA 525 63.00 -43.93 -38.65
N PRO BA 526 62.66 -45.14 -38.17
CA PRO BA 526 61.81 -46.07 -38.91
C PRO BA 526 60.37 -45.60 -39.09
N GLU BA 527 59.65 -46.28 -39.98
CA GLU BA 527 58.24 -45.98 -40.26
C GLU BA 527 57.93 -44.49 -40.48
N ALA CA 2 48.17 -59.02 -7.37
CA ALA CA 2 48.39 -58.28 -8.65
C ALA CA 2 48.61 -56.80 -8.38
N LYS CA 3 49.86 -56.44 -8.09
CA LYS CA 3 50.21 -55.05 -7.81
C LYS CA 3 50.58 -54.32 -9.10
N ILE CA 4 51.11 -53.11 -8.96
CA ILE CA 4 51.52 -52.30 -10.10
C ILE CA 4 52.56 -51.27 -9.64
N LEU CA 5 53.80 -51.48 -10.05
CA LEU CA 5 54.89 -50.58 -9.68
C LEU CA 5 54.97 -49.33 -10.54
N VAL CA 6 55.47 -48.26 -9.95
CA VAL CA 6 55.62 -46.98 -10.63
C VAL CA 6 56.77 -46.24 -9.98
N PHE CA 7 57.75 -45.80 -10.76
CA PHE CA 7 58.88 -45.12 -10.16
C PHE CA 7 59.06 -43.66 -10.52
N ASP CA 8 60.18 -43.10 -10.04
CA ASP CA 8 60.58 -41.71 -10.25
C ASP CA 8 59.48 -40.72 -10.57
N GLU CA 9 59.77 -39.81 -11.49
CA GLU CA 9 58.81 -38.78 -11.83
C GLU CA 9 57.44 -39.35 -12.14
N ALA CA 10 57.43 -40.52 -12.78
CA ALA CA 10 56.17 -41.16 -13.14
C ALA CA 10 55.25 -41.18 -11.92
N ALA CA 11 55.80 -41.69 -10.82
CA ALA CA 11 55.10 -41.80 -9.55
C ALA CA 11 54.75 -40.44 -8.97
N ARG CA 12 55.77 -39.62 -8.76
CA ARG CA 12 55.57 -38.31 -8.19
C ARG CA 12 54.48 -37.52 -8.91
N ARG CA 13 54.46 -37.63 -10.23
CA ARG CA 13 53.48 -36.89 -11.01
C ARG CA 13 52.09 -37.41 -10.74
N ALA CA 14 52.00 -38.73 -10.61
CA ALA CA 14 50.72 -39.37 -10.32
C ALA CA 14 50.18 -38.83 -8.99
N LEU CA 15 50.99 -38.94 -7.94
CA LEU CA 15 50.59 -38.45 -6.63
C LEU CA 15 50.16 -37.00 -6.74
N GLU CA 16 50.98 -36.17 -7.38
CA GLU CA 16 50.68 -34.76 -7.55
C GLU CA 16 49.30 -34.54 -8.14
N ARG CA 17 48.95 -35.35 -9.13
CA ARG CA 17 47.64 -35.24 -9.78
C ARG CA 17 46.57 -35.38 -8.71
N GLY CA 18 46.78 -36.38 -7.86
CA GLY CA 18 45.83 -36.59 -6.76
C GLY CA 18 45.79 -35.39 -5.85
N VAL CA 19 46.98 -34.99 -5.40
CA VAL CA 19 47.12 -33.84 -4.53
C VAL CA 19 46.32 -32.67 -5.07
N ASN CA 20 46.48 -32.40 -6.35
CA ASN CA 20 45.77 -31.26 -6.93
C ASN CA 20 44.26 -31.42 -6.97
N ALA CA 21 43.80 -32.64 -7.26
CA ALA CA 21 42.36 -32.94 -7.32
C ALA CA 21 41.67 -32.48 -6.03
N VAL CA 22 42.25 -32.88 -4.89
CA VAL CA 22 41.69 -32.49 -3.62
C VAL CA 22 41.82 -30.98 -3.45
N ALA CA 23 43.07 -30.53 -3.37
CA ALA CA 23 43.39 -29.13 -3.18
C ALA CA 23 42.53 -28.18 -3.99
N ASN CA 24 42.37 -28.45 -5.29
CA ASN CA 24 41.58 -27.56 -6.14
C ASN CA 24 40.12 -27.51 -5.80
N ALA CA 25 39.59 -28.61 -5.26
CA ALA CA 25 38.19 -28.68 -4.88
C ALA CA 25 37.99 -27.92 -3.57
N VAL CA 26 38.95 -28.15 -2.67
CA VAL CA 26 38.95 -27.57 -1.33
C VAL CA 26 39.21 -26.06 -1.18
N LYS CA 27 40.27 -25.56 -1.81
CA LYS CA 27 40.62 -24.16 -1.66
C LYS CA 27 39.59 -23.13 -2.02
N VAL CA 28 38.63 -23.49 -2.84
CA VAL CA 28 37.62 -22.52 -3.24
C VAL CA 28 36.71 -22.13 -2.08
N THR CA 29 36.97 -22.69 -0.91
CA THR CA 29 36.15 -22.42 0.28
C THR CA 29 36.90 -21.64 1.35
N LEU CA 30 38.23 -21.56 1.22
CA LEU CA 30 39.09 -20.86 2.19
C LEU CA 30 38.69 -19.41 2.42
N GLY CA 31 38.70 -19.03 3.70
CA GLY CA 31 38.35 -17.67 4.07
C GLY CA 31 36.87 -17.38 4.31
N PRO CA 32 36.58 -16.13 4.73
CA PRO CA 32 35.27 -15.57 5.04
C PRO CA 32 34.25 -15.64 3.91
N ARG CA 33 34.73 -15.83 2.68
CA ARG CA 33 33.82 -15.86 1.55
C ARG CA 33 34.01 -17.01 0.59
N GLY CA 34 34.30 -18.20 1.11
CA GLY CA 34 34.48 -19.35 0.26
C GLY CA 34 33.37 -19.45 -0.78
N ARG CA 35 33.68 -20.07 -1.91
CA ARG CA 35 32.71 -20.26 -2.98
C ARG CA 35 31.97 -21.57 -2.70
N ASN CA 36 30.89 -21.79 -3.44
CA ASN CA 36 30.10 -23.00 -3.29
C ASN CA 36 30.64 -24.20 -4.04
N VAL CA 37 30.65 -25.35 -3.37
CA VAL CA 37 31.08 -26.59 -3.98
C VAL CA 37 29.84 -27.48 -3.89
N VAL CA 38 29.46 -28.12 -5.00
CA VAL CA 38 28.29 -28.98 -5.02
C VAL CA 38 28.66 -30.44 -4.88
N LEU CA 39 28.04 -31.13 -3.93
CA LEU CA 39 28.33 -32.55 -3.72
C LEU CA 39 27.04 -33.34 -3.84
N GLU CA 40 27.06 -34.42 -4.61
CA GLU CA 40 25.86 -35.22 -4.78
C GLU CA 40 25.89 -36.46 -3.91
N LYS CA 41 24.75 -36.75 -3.29
CA LYS CA 41 24.60 -37.92 -2.43
C LYS CA 41 23.94 -38.99 -3.29
N LYS CA 42 24.42 -40.23 -3.16
CA LYS CA 42 23.88 -41.33 -3.97
C LYS CA 42 22.36 -41.40 -3.98
N PHE CA 43 21.75 -41.25 -2.82
CA PHE CA 43 20.30 -41.32 -2.71
C PHE CA 43 19.65 -39.94 -2.59
N GLY CA 44 19.98 -39.22 -1.52
CA GLY CA 44 19.41 -37.89 -1.34
C GLY CA 44 19.80 -36.95 -2.49
N SER CA 45 19.17 -35.78 -2.53
CA SER CA 45 19.48 -34.81 -3.57
C SER CA 45 20.87 -34.22 -3.34
N PRO CA 46 21.32 -33.30 -4.23
CA PRO CA 46 22.64 -32.69 -4.09
C PRO CA 46 22.79 -31.79 -2.85
N THR CA 47 24.04 -31.56 -2.47
CA THR CA 47 24.41 -30.74 -1.32
C THR CA 47 25.31 -29.60 -1.79
N ILE CA 48 25.26 -28.47 -1.10
CA ILE CA 48 26.14 -27.35 -1.42
C ILE CA 48 26.90 -27.00 -0.14
N THR CA 49 28.20 -26.76 -0.23
CA THR CA 49 29.01 -26.44 0.94
C THR CA 49 29.87 -25.23 0.73
N LYS CA 50 30.67 -24.93 1.75
CA LYS CA 50 31.62 -23.84 1.74
C LYS CA 50 32.64 -24.27 2.77
N ASP CA 51 32.53 -25.54 3.15
CA ASP CA 51 33.40 -26.16 4.15
C ASP CA 51 34.41 -27.09 3.50
N GLY CA 52 35.68 -26.74 3.64
CA GLY CA 52 36.70 -27.56 3.05
C GLY CA 52 36.68 -29.01 3.50
N VAL CA 53 36.55 -29.23 4.81
CA VAL CA 53 36.57 -30.59 5.35
C VAL CA 53 35.43 -31.43 4.80
N THR CA 54 34.25 -30.82 4.65
CA THR CA 54 33.11 -31.52 4.09
C THR CA 54 33.44 -32.01 2.67
N VAL CA 55 33.95 -31.10 1.84
CA VAL CA 55 34.32 -31.44 0.48
C VAL CA 55 35.46 -32.47 0.44
N ALA CA 56 36.50 -32.23 1.22
CA ALA CA 56 37.63 -33.14 1.25
C ALA CA 56 37.19 -34.60 1.44
N LYS CA 57 36.26 -34.83 2.37
CA LYS CA 57 35.78 -36.18 2.66
C LYS CA 57 35.22 -36.84 1.41
N GLU CA 58 34.45 -36.09 0.62
CA GLU CA 58 33.83 -36.59 -0.60
C GLU CA 58 34.73 -36.77 -1.82
N VAL CA 59 36.02 -36.45 -1.69
CA VAL CA 59 36.91 -36.58 -2.83
C VAL CA 59 37.64 -37.89 -2.89
N GLU CA 60 37.26 -38.69 -3.87
CA GLU CA 60 37.87 -40.01 -4.09
C GLU CA 60 38.00 -40.13 -5.61
N LEU CA 61 39.22 -40.39 -6.08
CA LEU CA 61 39.49 -40.51 -7.52
C LEU CA 61 39.43 -41.94 -8.05
N GLU CA 62 39.09 -42.07 -9.33
CA GLU CA 62 39.00 -43.39 -9.97
C GLU CA 62 40.34 -44.07 -10.06
N ASP CA 63 41.35 -43.35 -10.51
CA ASP CA 63 42.68 -43.92 -10.66
C ASP CA 63 43.34 -44.22 -9.31
N HIS CA 64 43.79 -45.46 -9.13
CA HIS CA 64 44.44 -45.87 -7.89
C HIS CA 64 45.60 -44.96 -7.47
N LEU CA 65 46.60 -44.82 -8.34
CA LEU CA 65 47.76 -43.98 -8.04
C LEU CA 65 47.36 -42.57 -7.64
N GLU CA 66 46.56 -41.90 -8.48
CA GLU CA 66 46.13 -40.54 -8.19
C GLU CA 66 45.37 -40.46 -6.88
N ASN CA 67 44.53 -41.45 -6.62
CA ASN CA 67 43.77 -41.46 -5.38
C ASN CA 67 44.74 -41.52 -4.20
N ILE CA 68 45.74 -42.39 -4.31
CA ILE CA 68 46.73 -42.54 -3.26
C ILE CA 68 47.26 -41.19 -2.84
N GLY CA 69 47.44 -40.32 -3.81
CA GLY CA 69 47.93 -38.99 -3.52
C GLY CA 69 46.86 -38.24 -2.77
N ALA CA 70 45.65 -38.23 -3.30
CA ALA CA 70 44.55 -37.54 -2.65
C ALA CA 70 44.34 -37.99 -1.20
N GLN CA 71 44.39 -39.30 -0.96
CA GLN CA 71 44.19 -39.83 0.38
C GLN CA 71 45.34 -39.41 1.27
N LEU CA 72 46.55 -39.61 0.75
CA LEU CA 72 47.76 -39.26 1.47
C LEU CA 72 47.70 -37.78 1.92
N LEU CA 73 47.18 -36.91 1.06
CA LEU CA 73 47.08 -35.50 1.41
C LEU CA 73 46.06 -35.33 2.50
N LYS CA 74 44.84 -35.77 2.22
CA LYS CA 74 43.74 -35.66 3.16
C LYS CA 74 44.14 -36.10 4.57
N GLU CA 75 44.87 -37.21 4.68
CA GLU CA 75 45.33 -37.70 5.97
C GLU CA 75 46.15 -36.63 6.69
N VAL CA 76 47.35 -36.37 6.17
CA VAL CA 76 48.24 -35.39 6.77
C VAL CA 76 47.57 -34.04 6.96
N ALA CA 77 46.68 -33.66 6.06
CA ALA CA 77 46.02 -32.36 6.19
C ALA CA 77 45.09 -32.34 7.38
N SER CA 78 44.34 -33.43 7.58
CA SER CA 78 43.37 -33.51 8.67
C SER CA 78 44.03 -33.58 10.03
N LYS CA 79 45.22 -34.20 10.10
CA LYS CA 79 45.89 -34.30 11.38
C LYS CA 79 46.34 -32.92 11.90
N THR CA 80 45.60 -31.89 11.47
CA THR CA 80 45.86 -30.50 11.85
C THR CA 80 44.60 -30.11 12.60
N ASN CA 81 43.47 -30.50 12.04
CA ASN CA 81 42.18 -30.23 12.64
C ASN CA 81 42.15 -31.11 13.87
N ASP CA 82 42.87 -32.23 13.82
CA ASP CA 82 42.98 -33.19 14.91
C ASP CA 82 43.75 -32.68 16.12
N VAL CA 83 44.55 -31.64 15.93
CA VAL CA 83 45.34 -31.10 17.02
C VAL CA 83 45.07 -29.63 17.29
N ALA CA 84 44.12 -29.06 16.55
CA ALA CA 84 43.80 -27.65 16.73
C ALA CA 84 42.37 -27.34 16.34
N GLY CA 85 41.68 -28.33 15.77
CA GLY CA 85 40.29 -28.17 15.38
C GLY CA 85 40.03 -27.19 14.28
N ASP CA 86 41.02 -27.02 13.40
CA ASP CA 86 40.89 -26.09 12.28
C ASP CA 86 42.18 -26.05 11.47
N GLY CA 87 42.10 -25.36 10.32
CA GLY CA 87 43.26 -25.21 9.45
C GLY CA 87 43.60 -26.43 8.64
N THR CA 88 42.62 -27.29 8.41
CA THR CA 88 42.88 -28.48 7.62
C THR CA 88 42.92 -28.06 6.14
N THR CA 89 42.06 -27.12 5.77
CA THR CA 89 42.02 -26.61 4.39
C THR CA 89 43.28 -25.81 4.08
N THR CA 90 43.64 -24.92 5.00
CA THR CA 90 44.83 -24.10 4.85
C THR CA 90 46.08 -24.97 4.61
N ALA CA 91 46.17 -26.09 5.33
CA ALA CA 91 47.32 -26.98 5.18
C ALA CA 91 47.35 -27.58 3.79
N THR CA 92 46.17 -27.79 3.22
CA THR CA 92 46.04 -28.37 1.88
C THR CA 92 46.59 -27.40 0.85
N VAL CA 93 46.09 -26.17 0.89
CA VAL CA 93 46.58 -25.12 0.00
C VAL CA 93 48.12 -25.04 0.02
N LEU CA 94 48.70 -24.80 1.20
CA LEU CA 94 50.16 -24.74 1.36
C LEU CA 94 50.84 -25.95 0.74
N ALA CA 95 50.27 -27.13 1.00
CA ALA CA 95 50.83 -28.40 0.48
C ALA CA 95 50.81 -28.47 -1.05
N GLN CA 96 49.74 -27.99 -1.67
CA GLN CA 96 49.65 -28.00 -3.13
C GLN CA 96 50.86 -27.26 -3.68
N ALA CA 97 50.95 -26.00 -3.27
CA ALA CA 97 52.02 -25.11 -3.65
C ALA CA 97 53.37 -25.78 -3.47
N ILE CA 98 53.69 -26.14 -2.25
CA ILE CA 98 54.96 -26.79 -1.98
C ILE CA 98 55.23 -27.97 -2.92
N VAL CA 99 54.22 -28.78 -3.17
CA VAL CA 99 54.37 -29.93 -4.07
C VAL CA 99 54.68 -29.53 -5.51
N ARG CA 100 53.94 -28.53 -6.00
CA ARG CA 100 54.11 -28.02 -7.36
C ARG CA 100 55.56 -27.58 -7.60
N GLU CA 101 55.92 -26.44 -6.99
CA GLU CA 101 57.25 -25.85 -7.09
C GLU CA 101 58.32 -26.89 -6.84
N GLY CA 102 58.08 -27.74 -5.87
CA GLY CA 102 59.06 -28.76 -5.57
C GLY CA 102 59.33 -29.69 -6.74
N LEU CA 103 58.25 -30.21 -7.33
CA LEU CA 103 58.39 -31.14 -8.44
C LEU CA 103 58.93 -30.43 -9.68
N LYS CA 104 58.57 -29.15 -9.84
CA LYS CA 104 59.05 -28.36 -10.97
C LYS CA 104 60.59 -28.28 -10.96
N ASN CA 105 61.13 -27.73 -9.87
CA ASN CA 105 62.56 -27.61 -9.68
C ASN CA 105 63.27 -28.96 -9.70
N VAL CA 106 62.61 -30.02 -9.25
CA VAL CA 106 63.23 -31.35 -9.24
C VAL CA 106 63.35 -31.80 -10.67
N ALA CA 107 62.37 -31.39 -11.48
CA ALA CA 107 62.33 -31.72 -12.89
C ALA CA 107 63.33 -30.89 -13.65
N ALA CA 108 63.75 -29.79 -13.03
CA ALA CA 108 64.73 -28.90 -13.63
C ALA CA 108 66.14 -29.27 -13.17
N GLY CA 109 66.25 -30.38 -12.45
CA GLY CA 109 67.55 -30.85 -12.01
C GLY CA 109 67.91 -30.62 -10.56
N ALA CA 110 67.02 -29.99 -9.80
CA ALA CA 110 67.29 -29.73 -8.38
C ALA CA 110 67.34 -31.04 -7.60
N ASN CA 111 68.16 -31.09 -6.55
CA ASN CA 111 68.28 -32.31 -5.75
C ASN CA 111 67.12 -32.31 -4.75
N PRO CA 112 66.32 -33.38 -4.76
CA PRO CA 112 65.18 -33.49 -3.85
C PRO CA 112 65.57 -33.26 -2.40
N LEU CA 113 66.53 -34.04 -1.93
CA LEU CA 113 66.96 -33.93 -0.54
C LEU CA 113 67.35 -32.49 -0.18
N ALA CA 114 68.14 -31.85 -1.02
CA ALA CA 114 68.55 -30.47 -0.78
C ALA CA 114 67.31 -29.58 -0.66
N LEU CA 115 66.34 -29.79 -1.55
CA LEU CA 115 65.11 -28.99 -1.54
C LEU CA 115 64.43 -29.16 -0.21
N LYS CA 116 64.44 -30.40 0.26
CA LYS CA 116 63.84 -30.74 1.54
C LYS CA 116 64.56 -29.97 2.65
N ARG CA 117 65.85 -30.27 2.85
CA ARG CA 117 66.68 -29.60 3.88
C ARG CA 117 66.27 -28.12 3.95
N GLY CA 118 66.12 -27.52 2.78
CA GLY CA 118 65.75 -26.12 2.71
C GLY CA 118 64.31 -25.82 3.06
N ILE CA 119 63.40 -26.69 2.65
CA ILE CA 119 61.99 -26.49 2.96
C ILE CA 119 61.83 -26.54 4.48
N GLU CA 120 62.62 -27.43 5.10
CA GLU CA 120 62.56 -27.58 6.54
C GLU CA 120 63.09 -26.33 7.24
N LYS CA 121 64.32 -25.95 6.93
CA LYS CA 121 64.88 -24.75 7.54
C LYS CA 121 63.92 -23.58 7.38
N ALA CA 122 63.27 -23.52 6.22
CA ALA CA 122 62.34 -22.44 5.93
C ALA CA 122 61.19 -22.46 6.92
N VAL CA 123 60.58 -23.63 7.07
CA VAL CA 123 59.46 -23.76 7.98
C VAL CA 123 59.88 -23.34 9.39
N GLU CA 124 60.99 -23.91 9.88
CA GLU CA 124 61.49 -23.56 11.21
C GLU CA 124 61.41 -22.05 11.37
N ALA CA 125 62.19 -21.34 10.56
CA ALA CA 125 62.20 -19.90 10.60
C ALA CA 125 60.80 -19.30 10.59
N ALA CA 126 59.92 -19.90 9.80
CA ALA CA 126 58.55 -19.43 9.68
C ALA CA 126 57.81 -19.61 10.99
N VAL CA 127 57.91 -20.81 11.57
CA VAL CA 127 57.25 -21.12 12.83
C VAL CA 127 57.74 -20.16 13.91
N GLU CA 128 59.06 -20.08 14.05
CA GLU CA 128 59.66 -19.20 15.03
C GLU CA 128 59.09 -17.78 14.96
N LYS CA 129 58.73 -17.35 13.76
CA LYS CA 129 58.17 -16.01 13.59
C LYS CA 129 56.72 -16.03 14.05
N ILE CA 130 56.04 -17.15 13.82
CA ILE CA 130 54.63 -17.29 14.23
C ILE CA 130 54.57 -17.15 15.73
N LYS CA 131 55.51 -17.83 16.40
CA LYS CA 131 55.61 -17.80 17.84
C LYS CA 131 55.83 -16.39 18.34
N ALA CA 132 56.97 -15.82 17.93
CA ALA CA 132 57.34 -14.46 18.33
C ALA CA 132 56.29 -13.44 17.95
N LEU CA 133 55.28 -13.89 17.23
CA LEU CA 133 54.24 -13.00 16.76
C LEU CA 133 52.91 -13.25 17.47
N ALA CA 134 52.87 -14.32 18.26
CA ALA CA 134 51.67 -14.74 18.97
C ALA CA 134 51.40 -14.01 20.28
N ILE CA 135 50.15 -13.63 20.52
CA ILE CA 135 49.71 -12.98 21.76
C ILE CA 135 49.28 -14.08 22.76
N PRO CA 136 49.90 -14.12 23.97
CA PRO CA 136 49.50 -15.16 24.93
C PRO CA 136 48.10 -14.96 25.43
N VAL CA 137 47.38 -16.06 25.63
CA VAL CA 137 46.02 -16.04 26.15
C VAL CA 137 45.99 -16.92 27.40
N GLU CA 138 46.16 -16.29 28.57
CA GLU CA 138 46.17 -17.00 29.83
C GLU CA 138 45.37 -16.28 30.92
N ASP CA 139 45.09 -15.01 30.70
CA ASP CA 139 44.32 -14.23 31.67
C ASP CA 139 42.90 -14.77 31.70
N ARG CA 140 42.11 -14.21 32.60
CA ARG CA 140 40.72 -14.60 32.72
C ARG CA 140 40.00 -13.90 31.58
N LYS CA 141 40.21 -12.59 31.46
CA LYS CA 141 39.58 -11.79 30.41
C LYS CA 141 40.01 -12.32 29.05
N ALA CA 142 41.31 -12.60 28.93
CA ALA CA 142 41.84 -13.11 27.69
C ALA CA 142 40.99 -14.30 27.21
N ILE CA 143 41.12 -15.41 27.91
CA ILE CA 143 40.39 -16.64 27.59
C ILE CA 143 38.91 -16.40 27.32
N GLU CA 144 38.29 -15.51 28.08
CA GLU CA 144 36.89 -15.25 27.87
C GLU CA 144 36.67 -14.55 26.54
N GLU CA 145 37.39 -13.45 26.33
CA GLU CA 145 37.26 -12.68 25.10
C GLU CA 145 37.48 -13.52 23.84
N VAL CA 146 38.55 -14.33 23.84
CA VAL CA 146 38.82 -15.19 22.70
C VAL CA 146 37.57 -16.01 22.40
N ALA CA 147 37.15 -16.81 23.37
CA ALA CA 147 35.96 -17.64 23.23
C ALA CA 147 34.73 -16.83 22.87
N THR CA 148 34.59 -15.66 23.50
CA THR CA 148 33.45 -14.78 23.25
C THR CA 148 33.34 -14.49 21.76
N ILE CA 149 34.49 -14.24 21.13
CA ILE CA 149 34.52 -13.92 19.71
C ILE CA 149 34.22 -15.15 18.87
N SER CA 150 35.03 -16.19 19.03
CA SER CA 150 34.86 -17.43 18.28
C SER CA 150 33.46 -18.03 18.39
N ALA CA 151 32.71 -17.57 19.39
CA ALA CA 151 31.36 -18.08 19.60
C ALA CA 151 30.35 -17.04 19.14
N ASN CA 152 30.74 -15.78 19.22
CA ASN CA 152 29.85 -14.68 18.86
C ASN CA 152 28.72 -14.68 19.86
N ASP CA 153 29.11 -14.78 21.13
CA ASP CA 153 28.17 -14.81 22.25
C ASP CA 153 28.97 -14.54 23.54
N PRO CA 154 28.79 -13.36 24.13
CA PRO CA 154 29.51 -13.00 25.36
C PRO CA 154 29.19 -13.94 26.51
N GLU CA 155 27.99 -14.51 26.49
CA GLU CA 155 27.53 -15.44 27.52
C GLU CA 155 28.29 -16.75 27.44
N VAL CA 156 28.17 -17.43 26.30
CA VAL CA 156 28.87 -18.69 26.08
C VAL CA 156 30.36 -18.46 26.32
N GLY CA 157 30.80 -17.21 26.08
CA GLY CA 157 32.19 -16.86 26.30
C GLY CA 157 32.49 -17.07 27.76
N LYS CA 158 31.63 -16.52 28.62
CA LYS CA 158 31.78 -16.67 30.07
C LYS CA 158 31.82 -18.14 30.45
N LEU CA 159 30.75 -18.86 30.08
CA LEU CA 159 30.65 -20.29 30.39
C LEU CA 159 31.92 -21.03 30.00
N ILE CA 160 32.34 -20.88 28.74
CA ILE CA 160 33.55 -21.54 28.26
C ILE CA 160 34.72 -21.16 29.16
N ALA CA 161 34.78 -19.89 29.54
CA ALA CA 161 35.85 -19.41 30.39
C ALA CA 161 35.78 -20.12 31.74
N ASP CA 162 34.61 -20.07 32.38
CA ASP CA 162 34.41 -20.70 33.66
C ASP CA 162 34.72 -22.19 33.58
N ALA CA 163 34.11 -22.86 32.60
CA ALA CA 163 34.34 -24.28 32.41
C ALA CA 163 35.84 -24.59 32.44
N MET CA 164 36.61 -23.78 31.73
CA MET CA 164 38.06 -23.96 31.68
C MET CA 164 38.70 -23.62 33.03
N GLU CA 165 38.23 -22.52 33.61
CA GLU CA 165 38.71 -22.03 34.90
C GLU CA 165 38.73 -23.13 35.94
N LYS CA 166 37.66 -23.89 35.99
CA LYS CA 166 37.51 -24.96 36.97
C LYS CA 166 38.08 -26.31 36.62
N VAL CA 167 37.74 -26.85 35.45
CA VAL CA 167 38.24 -28.15 35.06
C VAL CA 167 39.73 -28.16 34.77
N GLY CA 168 40.27 -27.01 34.39
CA GLY CA 168 41.70 -26.92 34.11
C GLY CA 168 42.11 -27.21 32.67
N LYS CA 169 43.38 -26.99 32.38
CA LYS CA 169 43.90 -27.21 31.03
C LYS CA 169 43.72 -28.64 30.56
N GLU CA 170 44.22 -29.60 31.32
CA GLU CA 170 44.08 -31.00 30.93
C GLU CA 170 42.74 -31.60 31.38
N GLY CA 171 41.79 -30.72 31.69
CA GLY CA 171 40.47 -31.17 32.12
C GLY CA 171 39.56 -31.59 30.99
N ILE CA 172 38.29 -31.86 31.30
CA ILE CA 172 37.31 -32.27 30.31
C ILE CA 172 36.17 -31.29 30.15
N ILE CA 173 35.90 -30.88 28.93
CA ILE CA 173 34.82 -29.94 28.66
C ILE CA 173 34.10 -30.44 27.41
N THR CA 174 32.78 -30.34 27.42
CA THR CA 174 31.98 -30.80 26.29
C THR CA 174 30.76 -29.91 26.06
N VAL CA 175 30.25 -29.95 24.84
CA VAL CA 175 29.09 -29.17 24.49
C VAL CA 175 28.01 -30.19 24.18
N GLU CA 176 26.90 -30.15 24.90
CA GLU CA 176 25.84 -31.12 24.67
C GLU CA 176 24.56 -30.45 24.22
N GLU CA 177 23.82 -31.15 23.37
CA GLU CA 177 22.55 -30.62 22.86
C GLU CA 177 21.49 -30.76 23.93
N SER CA 178 21.37 -29.71 24.74
CA SER CA 178 20.38 -29.70 25.81
C SER CA 178 19.00 -29.81 25.19
N LYS CA 179 17.98 -29.91 26.04
CA LYS CA 179 16.61 -30.02 25.59
C LYS CA 179 15.94 -28.70 25.96
N SER CA 180 16.53 -28.04 26.96
CA SER CA 180 16.03 -26.77 27.46
C SER CA 180 16.32 -25.68 26.44
N LEU CA 181 15.53 -24.62 26.46
CA LEU CA 181 15.71 -23.52 25.52
C LEU CA 181 16.71 -22.51 26.04
N GLU CA 182 17.48 -22.90 27.05
CA GLU CA 182 18.49 -22.01 27.63
C GLU CA 182 19.83 -22.73 27.69
N THR CA 183 20.91 -21.97 27.58
CA THR CA 183 22.25 -22.54 27.63
C THR CA 183 22.81 -22.39 29.03
N GLU CA 184 23.24 -23.51 29.61
CA GLU CA 184 23.77 -23.51 30.97
C GLU CA 184 25.06 -24.31 31.08
N LEU CA 185 25.76 -24.13 32.19
CA LEU CA 185 26.99 -24.86 32.45
C LEU CA 185 26.79 -25.71 33.71
N LYS CA 186 26.98 -27.01 33.59
CA LYS CA 186 26.80 -27.94 34.70
C LYS CA 186 28.01 -28.84 34.84
N PHE CA 187 28.44 -29.11 36.07
CA PHE CA 187 29.61 -29.96 36.29
C PHE CA 187 29.25 -31.36 36.74
N VAL CA 188 28.94 -32.23 35.79
CA VAL CA 188 28.59 -33.62 36.10
C VAL CA 188 29.87 -34.44 36.34
N GLU CA 189 29.71 -35.75 36.47
CA GLU CA 189 30.85 -36.65 36.69
C GLU CA 189 31.03 -37.42 35.38
N GLY CA 190 32.24 -37.94 35.16
CA GLY CA 190 32.48 -38.70 33.95
C GLY CA 190 33.95 -38.97 33.70
N TYR CA 191 34.27 -39.35 32.47
CA TYR CA 191 35.64 -39.65 32.08
C TYR CA 191 35.70 -39.48 30.58
N GLN CA 192 36.89 -39.69 30.01
CA GLN CA 192 37.09 -39.54 28.57
C GLN CA 192 38.47 -40.06 28.20
N PHE CA 193 38.52 -40.93 27.19
CA PHE CA 193 39.79 -41.49 26.73
C PHE CA 193 39.92 -41.41 25.21
N ASP CA 194 41.15 -41.52 24.71
CA ASP CA 194 41.41 -41.42 23.27
C ASP CA 194 41.31 -42.70 22.46
N LYS CA 195 40.08 -43.15 22.23
CA LYS CA 195 39.80 -44.35 21.44
C LYS CA 195 38.40 -44.11 20.91
N GLY CA 196 38.13 -44.61 19.71
CA GLY CA 196 36.83 -44.42 19.10
C GLY CA 196 36.14 -45.69 18.65
N TYR CA 197 35.00 -45.55 17.99
CA TYR CA 197 34.26 -46.71 17.56
C TYR CA 197 35.05 -47.70 16.71
N ILE CA 198 35.03 -48.96 17.15
CA ILE CA 198 35.74 -50.07 16.48
C ILE CA 198 35.22 -50.28 15.07
N SER CA 199 34.00 -49.83 14.82
CA SER CA 199 33.37 -49.93 13.49
C SER CA 199 32.55 -48.70 13.22
N PRO CA 200 32.81 -48.04 12.07
CA PRO CA 200 32.08 -46.83 11.70
C PRO CA 200 30.56 -47.02 11.60
N TYR CA 201 30.11 -48.28 11.70
CA TYR CA 201 28.70 -48.57 11.60
C TYR CA 201 27.96 -48.22 12.88
N PHE CA 202 28.72 -48.05 13.96
CA PHE CA 202 28.14 -47.72 15.25
C PHE CA 202 27.70 -46.26 15.28
N VAL CA 203 27.97 -45.53 14.21
CA VAL CA 203 27.63 -44.11 14.15
C VAL CA 203 26.15 -43.81 14.26
N THR CA 204 25.82 -42.81 15.08
CA THR CA 204 24.45 -42.36 15.32
C THR CA 204 24.08 -41.28 14.31
N ASN CA 205 24.96 -40.31 14.18
CA ASN CA 205 24.77 -39.19 13.27
C ASN CA 205 25.74 -39.28 12.10
N PRO CA 206 25.23 -39.54 10.89
CA PRO CA 206 26.06 -39.65 9.69
C PRO CA 206 26.92 -38.41 9.45
N GLU CA 207 26.29 -37.25 9.59
CA GLU CA 207 26.98 -35.99 9.38
C GLU CA 207 28.19 -35.83 10.31
N THR CA 208 27.93 -35.70 11.61
CA THR CA 208 28.99 -35.53 12.59
C THR CA 208 29.88 -36.77 12.76
N MET CA 209 29.46 -37.90 12.21
CA MET CA 209 30.24 -39.12 12.32
C MET CA 209 30.52 -39.52 13.77
N GLU CA 210 29.52 -39.32 14.62
CA GLU CA 210 29.60 -39.65 16.03
C GLU CA 210 28.58 -40.72 16.39
N ALA CA 211 28.78 -41.34 17.54
CA ALA CA 211 27.87 -42.36 18.05
C ALA CA 211 27.42 -41.84 19.40
N VAL CA 212 26.20 -41.35 19.46
CA VAL CA 212 25.64 -40.82 20.72
C VAL CA 212 24.65 -41.76 21.38
N LEU CA 213 24.99 -42.16 22.60
CA LEU CA 213 24.15 -43.07 23.39
C LEU CA 213 23.67 -42.33 24.64
N GLU CA 214 22.37 -42.40 24.94
CA GLU CA 214 21.85 -41.75 26.13
C GLU CA 214 21.29 -42.73 27.17
N ASP CA 215 21.72 -42.55 28.43
CA ASP CA 215 21.33 -43.42 29.54
C ASP CA 215 21.62 -44.84 29.16
N ALA CA 216 22.90 -45.15 28.97
CA ALA CA 216 23.30 -46.48 28.57
C ALA CA 216 24.15 -47.14 29.62
N PHE CA 217 24.24 -48.47 29.53
CA PHE CA 217 25.06 -49.22 30.45
C PHE CA 217 26.44 -49.24 29.86
N ILE CA 218 27.44 -49.41 30.71
CA ILE CA 218 28.80 -49.41 30.25
C ILE CA 218 29.49 -50.70 30.64
N LEU CA 219 29.35 -51.70 29.77
CA LEU CA 219 29.96 -53.00 29.98
C LEU CA 219 31.48 -52.85 29.86
N ILE CA 220 32.18 -52.87 30.99
CA ILE CA 220 33.62 -52.73 31.02
C ILE CA 220 34.36 -54.08 31.07
N VAL CA 221 34.78 -54.58 29.91
CA VAL CA 221 35.47 -55.85 29.82
C VAL CA 221 36.97 -55.62 29.75
N GLU CA 222 37.76 -56.69 29.85
CA GLU CA 222 39.21 -56.57 29.81
C GLU CA 222 39.79 -57.61 28.88
N LYS CA 223 38.94 -58.53 28.42
CA LYS CA 223 39.36 -59.59 27.52
C LYS CA 223 39.01 -59.19 26.09
N LYS CA 224 39.43 -60.03 25.14
CA LYS CA 224 39.11 -59.78 23.73
C LYS CA 224 37.80 -60.51 23.45
N VAL CA 225 36.70 -59.76 23.46
CA VAL CA 225 35.39 -60.33 23.19
C VAL CA 225 35.22 -60.68 21.71
N SER CA 226 35.38 -61.95 21.37
CA SER CA 226 35.26 -62.41 19.99
C SER CA 226 34.24 -63.54 19.83
N ASN CA 227 33.81 -64.10 20.95
CA ASN CA 227 32.84 -65.19 20.93
C ASN CA 227 31.44 -64.68 21.26
N VAL CA 228 30.46 -65.10 20.48
CA VAL CA 228 29.08 -64.69 20.69
C VAL CA 228 28.48 -65.32 21.96
N ARG CA 229 28.77 -66.60 22.15
CA ARG CA 229 28.23 -67.33 23.30
C ARG CA 229 28.51 -66.62 24.62
N GLU CA 230 29.74 -66.15 24.81
CA GLU CA 230 30.09 -65.47 26.05
C GLU CA 230 29.55 -64.04 26.14
N LEU CA 231 28.89 -63.58 25.09
CA LEU CA 231 28.36 -62.22 25.08
C LEU CA 231 26.84 -62.16 25.12
N LEU CA 232 26.19 -63.10 24.42
CA LEU CA 232 24.74 -63.16 24.38
C LEU CA 232 24.01 -62.95 25.71
N PRO CA 233 24.44 -63.63 26.80
CA PRO CA 233 23.76 -63.45 28.08
C PRO CA 233 23.51 -62.00 28.47
N ILE CA 234 24.59 -61.24 28.63
CA ILE CA 234 24.49 -59.82 29.02
C ILE CA 234 23.82 -59.00 27.94
N LEU CA 235 24.11 -59.35 26.70
CA LEU CA 235 23.56 -58.64 25.56
C LEU CA 235 22.03 -58.70 25.63
N GLU CA 236 21.52 -59.83 26.12
CA GLU CA 236 20.08 -60.08 26.25
C GLU CA 236 19.46 -59.30 27.41
N GLN CA 237 20.08 -59.40 28.59
CA GLN CA 237 19.57 -58.69 29.76
C GLN CA 237 19.41 -57.22 29.41
N VAL CA 238 20.43 -56.64 28.81
CA VAL CA 238 20.39 -55.24 28.42
C VAL CA 238 19.33 -54.98 27.36
N ALA CA 239 19.18 -55.93 26.43
CA ALA CA 239 18.21 -55.79 25.36
C ALA CA 239 16.82 -55.50 25.91
N GLN CA 240 16.41 -56.26 26.91
CA GLN CA 240 15.09 -56.09 27.51
C GLN CA 240 14.98 -54.84 28.37
N THR CA 241 16.09 -54.12 28.51
CA THR CA 241 16.09 -52.91 29.31
C THR CA 241 15.57 -51.74 28.49
N GLY CA 242 15.69 -51.88 27.17
CA GLY CA 242 15.23 -50.84 26.28
C GLY CA 242 16.27 -49.74 26.19
N LYS CA 243 17.33 -49.88 26.98
CA LYS CA 243 18.41 -48.91 27.01
C LYS CA 243 19.57 -49.33 26.12
N PRO CA 244 20.42 -48.36 25.71
CA PRO CA 244 21.59 -48.56 24.85
C PRO CA 244 22.79 -49.09 25.64
N LEU CA 245 23.79 -49.60 24.93
CA LEU CA 245 24.95 -50.16 25.61
C LEU CA 245 26.29 -49.79 25.01
N LEU CA 246 27.23 -49.42 25.88
CA LEU CA 246 28.58 -49.09 25.44
C LEU CA 246 29.50 -50.19 25.93
N ILE CA 247 30.14 -50.88 25.00
CA ILE CA 247 31.08 -51.95 25.36
C ILE CA 247 32.47 -51.36 25.31
N ILE CA 248 33.28 -51.66 26.33
CA ILE CA 248 34.63 -51.12 26.39
C ILE CA 248 35.64 -52.21 26.65
N ALA CA 249 35.71 -53.20 25.76
CA ALA CA 249 36.67 -54.30 25.93
C ALA CA 249 38.01 -53.88 25.35
N GLU CA 250 39.05 -54.70 25.48
CA GLU CA 250 40.33 -54.30 24.91
C GLU CA 250 40.20 -54.39 23.40
N ASP CA 251 39.19 -55.15 22.95
CA ASP CA 251 38.91 -55.31 21.54
C ASP CA 251 37.68 -56.19 21.35
N VAL CA 252 36.94 -55.91 20.28
CA VAL CA 252 35.73 -56.65 19.91
C VAL CA 252 35.90 -57.07 18.44
N GLU CA 253 36.01 -58.37 18.20
CA GLU CA 253 36.23 -58.88 16.85
C GLU CA 253 35.32 -60.06 16.47
N GLY CA 254 35.61 -60.64 15.31
CA GLY CA 254 34.85 -61.78 14.82
C GLY CA 254 33.35 -61.71 14.99
N GLU CA 255 32.77 -62.83 15.41
CA GLU CA 255 31.33 -62.94 15.62
C GLU CA 255 30.82 -61.79 16.48
N ALA CA 256 31.45 -61.62 17.64
CA ALA CA 256 31.07 -60.57 18.58
C ALA CA 256 30.85 -59.23 17.89
N LEU CA 257 31.89 -58.71 17.24
CA LEU CA 257 31.77 -57.42 16.58
C LEU CA 257 30.70 -57.46 15.48
N ALA CA 258 30.65 -58.57 14.75
CA ALA CA 258 29.68 -58.71 13.67
C ALA CA 258 28.24 -58.60 14.20
N THR CA 259 27.92 -59.39 15.21
CA THR CA 259 26.60 -59.39 15.80
C THR CA 259 26.22 -58.00 16.25
N LEU CA 260 27.09 -57.41 17.07
CA LEU CA 260 26.85 -56.08 17.60
C LEU CA 260 26.45 -55.12 16.50
N VAL CA 261 27.17 -55.16 15.39
CA VAL CA 261 26.91 -54.27 14.28
C VAL CA 261 25.57 -54.53 13.63
N VAL CA 262 25.25 -55.81 13.42
CA VAL CA 262 23.99 -56.18 12.78
C VAL CA 262 22.76 -55.70 13.53
N ASN CA 263 22.65 -56.06 14.80
CA ASN CA 263 21.50 -55.67 15.61
C ASN CA 263 21.40 -54.16 15.74
N LYS CA 264 22.56 -53.51 15.68
CA LYS CA 264 22.68 -52.06 15.78
C LYS CA 264 22.01 -51.41 14.57
N LEU CA 265 22.41 -51.87 13.39
CA LEU CA 265 21.88 -51.37 12.12
C LEU CA 265 20.49 -51.92 11.91
N ARG CA 266 20.12 -52.90 12.73
CA ARG CA 266 18.82 -53.56 12.61
C ARG CA 266 17.79 -52.84 13.47
N GLY CA 267 18.19 -52.45 14.68
CA GLY CA 267 17.28 -51.78 15.58
C GLY CA 267 17.02 -52.67 16.78
N THR CA 268 17.69 -53.82 16.80
CA THR CA 268 17.53 -54.77 17.89
C THR CA 268 18.15 -54.23 19.17
N LEU CA 269 19.36 -53.70 19.04
CA LEU CA 269 20.07 -53.14 20.19
C LEU CA 269 21.02 -52.03 19.73
N SER CA 270 20.92 -50.85 20.33
CA SER CA 270 21.82 -49.76 19.95
C SER CA 270 23.06 -49.83 20.84
N VAL CA 271 24.16 -50.29 20.25
CA VAL CA 271 25.42 -50.42 20.96
C VAL CA 271 26.54 -49.76 20.19
N ALA CA 272 27.72 -49.81 20.80
CA ALA CA 272 28.93 -49.25 20.22
C ALA CA 272 30.12 -49.81 21.00
N ALA CA 273 31.08 -50.39 20.28
CA ALA CA 273 32.26 -50.96 20.91
C ALA CA 273 33.50 -50.07 20.71
N VAL CA 274 34.23 -49.86 21.79
CA VAL CA 274 35.43 -49.04 21.79
C VAL CA 274 36.57 -49.78 22.48
N LYS CA 275 37.79 -49.65 21.96
CA LYS CA 275 38.92 -50.33 22.58
C LYS CA 275 39.24 -49.71 23.94
N ALA CA 276 39.89 -50.48 24.79
CA ALA CA 276 40.24 -50.00 26.12
C ALA CA 276 41.34 -48.95 26.06
N PRO CA 277 41.18 -47.87 26.84
CA PRO CA 277 42.13 -46.76 26.91
C PRO CA 277 43.49 -47.20 27.43
N GLY CA 278 44.51 -46.42 27.12
CA GLY CA 278 45.84 -46.76 27.59
C GLY CA 278 46.35 -48.08 27.08
N PHE CA 279 47.53 -48.47 27.56
CA PHE CA 279 48.16 -49.73 27.17
C PHE CA 279 48.89 -50.31 28.38
N GLY CA 280 48.84 -51.64 28.53
CA GLY CA 280 49.51 -52.30 29.63
C GLY CA 280 48.90 -52.03 30.99
N ASP CA 281 49.73 -52.09 32.03
CA ASP CA 281 49.26 -51.86 33.39
C ASP CA 281 48.44 -50.57 33.41
N ARG CA 282 48.89 -49.61 32.63
CA ARG CA 282 48.25 -48.31 32.55
C ARG CA 282 46.79 -48.41 32.19
N ARG CA 283 46.47 -49.43 31.40
CA ARG CA 283 45.12 -49.66 30.95
C ARG CA 283 44.15 -50.16 32.03
N LYS CA 284 44.49 -51.23 32.74
CA LYS CA 284 43.58 -51.75 33.75
C LYS CA 284 43.32 -50.66 34.76
N GLU CA 285 44.34 -49.87 35.03
CA GLU CA 285 44.20 -48.79 35.99
C GLU CA 285 43.18 -47.78 35.50
N MET CA 286 43.14 -47.54 34.21
CA MET CA 286 42.17 -46.60 33.66
C MET CA 286 40.79 -47.22 33.55
N LEU CA 287 40.74 -48.53 33.31
CA LEU CA 287 39.47 -49.23 33.21
C LEU CA 287 38.71 -49.12 34.53
N LYS CA 288 39.46 -49.10 35.62
CA LYS CA 288 38.88 -48.97 36.95
C LYS CA 288 38.35 -47.55 37.15
N ASP CA 289 39.09 -46.58 36.63
CA ASP CA 289 38.69 -45.18 36.72
C ASP CA 289 37.31 -45.04 36.13
N ILE CA 290 37.06 -45.80 35.06
CA ILE CA 290 35.78 -45.77 34.37
C ILE CA 290 34.74 -46.46 35.25
N ALA CA 291 35.05 -47.68 35.68
CA ALA CA 291 34.14 -48.42 36.54
C ALA CA 291 33.70 -47.55 37.71
N ALA CA 292 34.67 -46.88 38.33
CA ALA CA 292 34.41 -46.01 39.46
C ALA CA 292 33.38 -44.92 39.17
N VAL CA 293 33.61 -44.13 38.12
CA VAL CA 293 32.69 -43.04 37.78
C VAL CA 293 31.38 -43.54 37.18
N THR CA 294 31.38 -44.76 36.70
CA THR CA 294 30.19 -45.33 36.08
C THR CA 294 29.32 -46.07 37.09
N GLY CA 295 29.96 -46.86 37.94
CA GLY CA 295 29.23 -47.62 38.92
C GLY CA 295 29.20 -49.03 38.39
N GLY CA 296 30.25 -49.38 37.65
CA GLY CA 296 30.36 -50.71 37.06
C GLY CA 296 31.57 -51.43 37.63
N THR CA 297 31.92 -52.59 37.06
CA THR CA 297 33.07 -53.34 37.54
C THR CA 297 33.85 -53.98 36.40
N VAL CA 298 35.17 -53.91 36.50
CA VAL CA 298 36.03 -54.46 35.48
C VAL CA 298 35.95 -55.99 35.39
N ILE CA 299 35.21 -56.47 34.41
CA ILE CA 299 35.05 -57.90 34.19
C ILE CA 299 36.40 -58.47 33.73
N SER CA 300 37.32 -58.68 34.69
CA SER CA 300 38.63 -59.22 34.33
C SER CA 300 38.76 -60.73 34.51
N GLU CA 301 39.24 -61.43 33.50
CA GLU CA 301 39.39 -62.88 33.59
C GLU CA 301 40.41 -63.17 34.68
N GLU CA 302 41.25 -62.18 34.98
CA GLU CA 302 42.29 -62.31 35.99
C GLU CA 302 41.69 -62.75 37.32
N LEU CA 303 40.84 -61.91 37.88
CA LEU CA 303 40.19 -62.23 39.15
C LEU CA 303 39.15 -63.30 38.89
N GLY CA 304 39.45 -64.18 37.94
CA GLY CA 304 38.57 -65.27 37.58
C GLY CA 304 37.10 -64.91 37.48
N PHE CA 305 36.61 -64.71 36.27
CA PHE CA 305 35.20 -64.40 36.06
C PHE CA 305 34.78 -64.37 34.60
N LYS CA 306 33.93 -65.32 34.24
CA LYS CA 306 33.44 -65.42 32.86
C LYS CA 306 32.41 -64.34 32.52
N LEU CA 307 32.35 -64.00 31.23
CA LEU CA 307 31.43 -62.97 30.75
C LEU CA 307 29.97 -63.38 30.77
N GLU CA 308 29.70 -64.60 30.30
CA GLU CA 308 28.33 -65.11 30.27
C GLU CA 308 27.67 -64.94 31.63
N ASN CA 309 28.47 -65.06 32.69
CA ASN CA 309 27.98 -64.93 34.05
C ASN CA 309 27.96 -63.49 34.54
N ALA CA 310 27.85 -62.54 33.62
CA ALA CA 310 27.84 -61.15 34.06
C ALA CA 310 26.43 -60.60 34.17
N THR CA 311 26.14 -60.05 35.35
CA THR CA 311 24.85 -59.49 35.67
C THR CA 311 24.64 -58.10 35.10
N LEU CA 312 23.39 -57.78 34.82
CA LEU CA 312 23.00 -56.48 34.29
C LEU CA 312 23.16 -55.46 35.40
N SER CA 313 24.10 -55.70 36.30
CA SER CA 313 24.34 -54.80 37.42
C SER CA 313 25.82 -54.58 37.67
N MET CA 314 26.66 -55.43 37.07
CA MET CA 314 28.11 -55.33 37.21
C MET CA 314 28.60 -54.20 36.30
N LEU CA 315 27.74 -53.84 35.36
CA LEU CA 315 28.05 -52.80 34.42
C LEU CA 315 27.47 -51.48 34.88
N GLY CA 316 28.31 -50.46 35.00
CA GLY CA 316 27.83 -49.16 35.43
C GLY CA 316 27.07 -48.48 34.31
N ARG CA 317 26.73 -47.20 34.50
CA ARG CA 317 26.02 -46.48 33.46
C ARG CA 317 26.12 -44.97 33.62
N ALA CA 318 25.80 -44.25 32.55
CA ALA CA 318 25.86 -42.80 32.55
C ALA CA 318 24.72 -42.18 31.72
N GLU CA 319 24.51 -40.87 31.91
CA GLU CA 319 23.46 -40.16 31.19
C GLU CA 319 23.67 -40.02 29.69
N ARG CA 320 24.92 -39.92 29.26
CA ARG CA 320 25.20 -39.81 27.83
C ARG CA 320 26.63 -40.24 27.49
N VAL CA 321 26.76 -40.97 26.38
CA VAL CA 321 28.05 -41.45 25.93
C VAL CA 321 28.22 -41.00 24.47
N ARG CA 322 29.33 -40.32 24.20
CA ARG CA 322 29.65 -39.82 22.87
C ARG CA 322 30.88 -40.48 22.29
N ILE CA 323 30.71 -41.17 21.16
CA ILE CA 323 31.82 -41.87 20.53
C ILE CA 323 32.18 -41.29 19.16
N THR CA 324 33.46 -40.97 19.00
CA THR CA 324 34.05 -40.41 17.79
C THR CA 324 35.04 -41.44 17.28
N LYS CA 325 35.45 -41.34 16.01
CA LYS CA 325 36.38 -42.33 15.52
C LYS CA 325 37.71 -42.26 16.25
N ASP CA 326 37.90 -41.16 16.99
CA ASP CA 326 39.14 -40.97 17.72
C ASP CA 326 38.97 -40.80 19.23
N GLU CA 327 37.74 -40.58 19.69
CA GLU CA 327 37.57 -40.34 21.10
C GLU CA 327 36.24 -40.72 21.72
N THR CA 328 36.30 -41.31 22.92
CA THR CA 328 35.09 -41.70 23.62
C THR CA 328 34.88 -40.77 24.81
N THR CA 329 33.64 -40.38 25.02
CA THR CA 329 33.34 -39.46 26.10
C THR CA 329 32.15 -39.94 26.94
N ILE CA 330 32.29 -39.93 28.25
CA ILE CA 330 31.22 -40.37 29.12
C ILE CA 330 30.76 -39.23 30.01
N VAL CA 331 29.56 -38.74 29.75
CA VAL CA 331 28.98 -37.63 30.49
C VAL CA 331 27.84 -38.12 31.38
N GLY CA 332 27.85 -37.72 32.65
CA GLY CA 332 26.80 -38.14 33.55
C GLY CA 332 27.12 -39.45 34.25
N GLY CA 333 28.36 -39.59 34.69
CA GLY CA 333 28.77 -40.81 35.37
C GLY CA 333 27.92 -41.00 36.61
N LYS CA 334 27.41 -42.21 36.80
CA LYS CA 334 26.56 -42.48 37.94
C LYS CA 334 27.18 -43.41 38.97
N GLY CA 335 28.52 -43.42 39.00
CA GLY CA 335 29.22 -44.24 39.96
C GLY CA 335 29.14 -43.59 41.33
N LYS CA 336 29.49 -44.34 42.36
CA LYS CA 336 29.44 -43.84 43.74
C LYS CA 336 30.51 -42.77 43.96
N LYS CA 337 30.07 -41.58 44.35
CA LYS CA 337 30.99 -40.47 44.61
C LYS CA 337 32.16 -40.93 45.48
N GLU CA 338 31.97 -42.02 46.20
CA GLU CA 338 33.01 -42.56 47.05
C GLU CA 338 34.09 -43.23 46.23
N ASP CA 339 33.68 -44.17 45.36
CA ASP CA 339 34.60 -44.91 44.50
C ASP CA 339 35.46 -43.94 43.70
N ILE CA 340 34.85 -42.84 43.28
CA ILE CA 340 35.53 -41.82 42.52
C ILE CA 340 36.67 -41.22 43.34
N GLU CA 341 36.30 -40.60 44.46
CA GLU CA 341 37.29 -39.99 45.34
C GLU CA 341 38.33 -41.01 45.77
N ALA CA 342 37.98 -42.29 45.65
CA ALA CA 342 38.88 -43.38 46.01
C ALA CA 342 40.04 -43.41 45.04
N ARG CA 343 39.73 -43.27 43.75
CA ARG CA 343 40.76 -43.27 42.70
C ARG CA 343 41.57 -41.99 42.83
N ILE CA 344 40.87 -40.86 42.92
CA ILE CA 344 41.50 -39.56 43.06
C ILE CA 344 42.63 -39.55 44.09
N ASN CA 345 42.35 -40.12 45.26
CA ASN CA 345 43.35 -40.16 46.33
C ASN CA 345 44.44 -41.20 46.11
N GLY CA 346 44.03 -42.41 45.77
CA GLY CA 346 45.01 -43.47 45.54
C GLY CA 346 45.96 -43.10 44.41
N ILE CA 347 45.52 -42.16 43.59
CA ILE CA 347 46.31 -41.71 42.45
C ILE CA 347 47.35 -40.72 42.96
N LYS CA 348 46.94 -39.87 43.90
CA LYS CA 348 47.83 -38.87 44.48
C LYS CA 348 48.94 -39.50 45.29
N LYS CA 349 48.60 -40.57 46.00
CA LYS CA 349 49.59 -41.27 46.83
C LYS CA 349 50.67 -41.89 45.96
N GLU CA 350 50.24 -42.53 44.88
CA GLU CA 350 51.17 -43.16 43.96
C GLU CA 350 51.93 -42.09 43.18
N LEU CA 351 51.40 -40.87 43.21
CA LEU CA 351 52.01 -39.75 42.51
C LEU CA 351 53.30 -39.31 43.20
N GLU CA 352 53.34 -39.47 44.52
CA GLU CA 352 54.49 -39.08 45.34
C GLU CA 352 55.60 -40.13 45.27
N THR CA 353 55.21 -41.36 44.96
CA THR CA 353 56.15 -42.47 44.86
C THR CA 353 56.71 -42.54 43.43
N THR CA 354 56.07 -41.82 42.52
CA THR CA 354 56.51 -41.79 41.13
C THR CA 354 57.75 -40.92 40.98
N ASP CA 355 58.62 -41.32 40.08
CA ASP CA 355 59.86 -40.58 39.87
C ASP CA 355 60.08 -40.15 38.43
N SER CA 356 59.56 -40.93 37.48
CA SER CA 356 59.72 -40.62 36.06
C SER CA 356 58.71 -39.56 35.66
N GLU CA 357 59.22 -38.41 35.23
CA GLU CA 357 58.39 -37.29 34.82
C GLU CA 357 57.27 -37.70 33.87
N TYR CA 358 57.52 -38.66 32.99
CA TYR CA 358 56.49 -39.09 32.06
C TYR CA 358 55.30 -39.68 32.77
N ALA CA 359 55.57 -40.63 33.66
CA ALA CA 359 54.50 -41.27 34.41
C ALA CA 359 53.70 -40.22 35.17
N ARG CA 360 54.36 -39.21 35.70
CA ARG CA 360 53.67 -38.17 36.44
C ARG CA 360 52.61 -37.47 35.61
N GLU CA 361 53.00 -36.97 34.45
CA GLU CA 361 52.08 -36.26 33.57
C GLU CA 361 50.88 -37.12 33.22
N LYS CA 362 51.09 -38.43 33.17
CA LYS CA 362 49.99 -39.33 32.84
C LYS CA 362 49.00 -39.32 34.00
N LEU CA 363 49.49 -39.61 35.20
CA LEU CA 363 48.59 -39.63 36.35
C LEU CA 363 47.88 -38.27 36.44
N GLN CA 364 48.59 -37.24 36.04
CA GLN CA 364 48.07 -35.88 36.04
C GLN CA 364 46.76 -35.81 35.26
N GLU CA 365 46.74 -36.36 34.04
CA GLU CA 365 45.52 -36.31 33.23
C GLU CA 365 44.39 -37.13 33.82
N ARG CA 366 44.71 -38.31 34.35
CA ARG CA 366 43.69 -39.13 34.99
C ARG CA 366 43.13 -38.32 36.14
N LEU CA 367 44.05 -37.76 36.91
CA LEU CA 367 43.70 -36.94 38.06
C LEU CA 367 42.79 -35.78 37.68
N ALA CA 368 43.10 -35.12 36.57
CA ALA CA 368 42.30 -33.98 36.13
C ALA CA 368 40.99 -34.41 35.49
N LYS CA 369 40.94 -35.64 35.00
CA LYS CA 369 39.71 -36.14 34.39
C LYS CA 369 38.72 -36.42 35.52
N LEU CA 370 39.16 -37.25 36.47
CA LEU CA 370 38.32 -37.62 37.62
C LEU CA 370 37.93 -36.37 38.40
N ALA CA 371 38.93 -35.63 38.84
CA ALA CA 371 38.68 -34.39 39.56
C ALA CA 371 38.16 -33.42 38.51
N GLY CA 372 37.59 -32.30 38.95
CA GLY CA 372 37.05 -31.34 37.99
C GLY CA 372 35.83 -31.96 37.35
N GLY CA 373 35.95 -33.23 37.01
CA GLY CA 373 34.83 -33.93 36.40
C GLY CA 373 34.68 -33.71 34.91
N VAL CA 374 33.48 -33.32 34.51
CA VAL CA 374 33.16 -33.08 33.11
C VAL CA 374 32.29 -31.85 32.91
N ALA CA 375 32.92 -30.69 32.74
CA ALA CA 375 32.18 -29.45 32.55
C ALA CA 375 31.36 -29.60 31.29
N VAL CA 376 30.04 -29.51 31.45
CA VAL CA 376 29.14 -29.64 30.31
C VAL CA 376 28.43 -28.35 30.01
N ILE CA 377 28.27 -28.06 28.72
CA ILE CA 377 27.59 -26.85 28.30
C ILE CA 377 26.31 -27.23 27.57
N ARG CA 378 25.23 -27.39 28.34
CA ARG CA 378 23.95 -27.75 27.74
C ARG CA 378 23.58 -26.59 26.82
N VAL CA 379 23.41 -26.89 25.53
CA VAL CA 379 23.06 -25.87 24.54
C VAL CA 379 21.56 -25.73 24.29
N GLY CA 380 21.04 -24.54 24.53
CA GLY CA 380 19.63 -24.29 24.31
C GLY CA 380 19.34 -23.74 22.93
N ALA CA 381 18.27 -24.22 22.32
CA ALA CA 381 17.86 -23.77 20.99
C ALA CA 381 16.34 -23.69 20.94
N ALA CA 382 15.78 -23.69 19.74
CA ALA CA 382 14.34 -23.64 19.55
C ALA CA 382 13.97 -24.53 18.39
N THR CA 383 14.91 -24.68 17.45
CA THR CA 383 14.71 -25.53 16.28
C THR CA 383 15.80 -26.59 16.27
N GLU CA 384 15.55 -27.69 15.58
CA GLU CA 384 16.55 -28.75 15.50
C GLU CA 384 17.67 -28.16 14.67
N THR CA 385 17.32 -27.19 13.84
CA THR CA 385 18.26 -26.50 12.96
C THR CA 385 19.10 -25.52 13.78
N GLU CA 386 18.44 -24.54 14.38
CA GLU CA 386 19.12 -23.55 15.20
C GLU CA 386 20.07 -24.23 16.18
N LEU CA 387 19.73 -25.44 16.59
CA LEU CA 387 20.57 -26.18 17.53
C LEU CA 387 21.85 -26.66 16.87
N LYS CA 388 21.73 -27.43 15.79
CA LYS CA 388 22.90 -27.93 15.10
C LYS CA 388 23.89 -26.79 14.91
N GLU CA 389 23.36 -25.60 14.65
CA GLU CA 389 24.21 -24.47 14.43
C GLU CA 389 24.95 -23.98 15.67
N LYS CA 390 24.21 -23.69 16.74
CA LYS CA 390 24.81 -23.25 18.00
C LYS CA 390 25.74 -24.35 18.47
N LYS CA 391 25.28 -25.59 18.32
CA LYS CA 391 26.06 -26.74 18.72
C LYS CA 391 27.46 -26.65 18.11
N HIS CA 392 27.49 -26.58 16.79
CA HIS CA 392 28.73 -26.49 16.04
C HIS CA 392 29.52 -25.24 16.45
N ARG CA 393 28.88 -24.08 16.30
CA ARG CA 393 29.50 -22.81 16.65
C ARG CA 393 30.17 -22.84 18.02
N PHE CA 394 29.41 -23.17 19.05
CA PHE CA 394 29.94 -23.24 20.41
C PHE CA 394 31.05 -24.28 20.52
N GLU CA 395 30.87 -25.42 19.87
CA GLU CA 395 31.88 -26.46 19.96
C GLU CA 395 33.20 -25.99 19.39
N ASP CA 396 33.15 -25.33 18.24
CA ASP CA 396 34.34 -24.80 17.60
C ASP CA 396 34.96 -23.74 18.51
N ALA CA 397 34.12 -22.79 18.91
CA ALA CA 397 34.54 -21.72 19.80
C ALA CA 397 35.35 -22.32 20.96
N LEU CA 398 34.88 -23.47 21.46
CA LEU CA 398 35.55 -24.14 22.55
C LEU CA 398 36.94 -24.60 22.09
N ASN CA 399 36.97 -25.46 21.09
CA ASN CA 399 38.23 -25.99 20.56
C ASN CA 399 39.20 -24.86 20.22
N ALA CA 400 38.66 -23.78 19.66
CA ALA CA 400 39.47 -22.62 19.30
C ALA CA 400 40.18 -22.12 20.55
N THR CA 401 39.37 -21.67 21.50
CA THR CA 401 39.83 -21.14 22.78
C THR CA 401 40.82 -22.05 23.50
N ARG CA 402 40.54 -23.34 23.53
CA ARG CA 402 41.42 -24.26 24.21
C ARG CA 402 42.78 -24.25 23.53
N ALA CA 403 42.77 -24.26 22.20
CA ALA CA 403 44.02 -24.25 21.43
C ALA CA 403 44.67 -22.89 21.63
N ALA CA 404 43.83 -21.85 21.63
CA ALA CA 404 44.30 -20.47 21.82
C ALA CA 404 45.16 -20.36 23.06
N VAL CA 405 44.81 -21.09 24.10
CA VAL CA 405 45.56 -21.05 25.34
C VAL CA 405 46.91 -21.76 25.25
N GLU CA 406 46.98 -22.81 24.44
CA GLU CA 406 48.21 -23.57 24.30
C GLU CA 406 49.37 -22.82 23.68
N GLU CA 407 49.10 -22.08 22.60
CA GLU CA 407 50.15 -21.36 21.90
C GLU CA 407 49.80 -19.91 21.56
N GLY CA 408 48.75 -19.39 22.17
CA GLY CA 408 48.38 -18.03 21.89
C GLY CA 408 47.69 -17.89 20.56
N ILE CA 409 47.37 -16.66 20.20
CA ILE CA 409 46.71 -16.38 18.94
C ILE CA 409 47.53 -15.42 18.06
N VAL CA 410 47.33 -15.51 16.74
CA VAL CA 410 48.01 -14.69 15.75
C VAL CA 410 46.98 -14.11 14.79
N PRO CA 411 47.35 -13.09 14.00
CA PRO CA 411 46.41 -12.47 13.07
C PRO CA 411 45.92 -13.49 12.04
N GLY CA 412 44.62 -13.45 11.76
CA GLY CA 412 44.04 -14.38 10.80
C GLY CA 412 44.04 -13.91 9.37
N GLY CA 413 43.25 -14.57 8.53
CA GLY CA 413 43.17 -14.19 7.13
C GLY CA 413 44.48 -14.39 6.39
N GLY CA 414 45.25 -15.40 6.79
CA GLY CA 414 46.53 -15.67 6.17
C GLY CA 414 47.64 -14.71 6.52
N VAL CA 415 47.28 -13.54 7.03
CA VAL CA 415 48.25 -12.51 7.39
C VAL CA 415 49.48 -12.99 8.18
N THR CA 416 49.28 -13.87 9.15
CA THR CA 416 50.40 -14.32 9.94
C THR CA 416 51.37 -15.08 9.05
N LEU CA 417 50.86 -15.92 8.16
CA LEU CA 417 51.75 -16.68 7.30
C LEU CA 417 52.56 -15.76 6.40
N LEU CA 418 51.95 -14.64 6.03
CA LEU CA 418 52.62 -13.66 5.20
C LEU CA 418 53.82 -13.06 5.96
N ARG CA 419 53.56 -12.59 7.17
CA ARG CA 419 54.59 -12.02 8.03
C ARG CA 419 55.76 -12.98 8.26
N ALA CA 420 55.56 -14.25 7.97
CA ALA CA 420 56.61 -15.23 8.17
C ALA CA 420 57.60 -15.16 7.02
N ILE CA 421 57.16 -14.58 5.90
CA ILE CA 421 58.01 -14.50 4.72
C ILE CA 421 59.36 -13.85 5.03
N SER CA 422 59.30 -12.68 5.67
CA SER CA 422 60.49 -11.94 6.06
C SER CA 422 61.52 -12.86 6.70
N ALA CA 423 61.05 -13.65 7.65
CA ALA CA 423 61.91 -14.58 8.35
C ALA CA 423 62.53 -15.55 7.37
N VAL CA 424 61.75 -15.97 6.38
CA VAL CA 424 62.25 -16.91 5.38
C VAL CA 424 63.29 -16.23 4.49
N GLU CA 425 63.02 -14.97 4.15
CA GLU CA 425 63.92 -14.10 3.37
C GLU CA 425 65.30 -14.10 4.03
N GLU CA 426 65.30 -13.72 5.29
CA GLU CA 426 66.50 -13.63 6.09
C GLU CA 426 67.27 -14.90 5.93
N LEU CA 427 66.58 -16.03 6.03
CA LEU CA 427 67.19 -17.35 5.92
C LEU CA 427 67.86 -17.59 4.58
N ILE CA 428 67.11 -17.29 3.51
CA ILE CA 428 67.59 -17.50 2.14
C ILE CA 428 68.94 -16.84 1.94
N LYS CA 429 69.06 -15.60 2.44
CA LYS CA 429 70.30 -14.84 2.31
C LYS CA 429 71.50 -15.61 2.87
N LYS CA 430 71.22 -16.59 3.72
CA LYS CA 430 72.28 -17.38 4.33
C LYS CA 430 72.36 -18.75 3.70
N LEU CA 431 71.50 -18.97 2.71
CA LEU CA 431 71.47 -20.26 2.03
C LEU CA 431 71.93 -20.16 0.59
N GLU CA 432 72.34 -21.28 0.04
CA GLU CA 432 72.79 -21.32 -1.34
C GLU CA 432 72.49 -22.69 -1.96
N GLY CA 433 72.49 -22.75 -3.28
CA GLY CA 433 72.23 -24.01 -3.96
C GLY CA 433 70.77 -24.40 -3.97
N ASP CA 434 70.51 -25.69 -4.14
CA ASP CA 434 69.14 -26.18 -4.17
C ASP CA 434 68.47 -25.97 -2.82
N GLU CA 435 69.27 -26.02 -1.76
CA GLU CA 435 68.75 -25.81 -0.40
C GLU CA 435 68.09 -24.45 -0.32
N ALA CA 436 68.72 -23.45 -0.92
CA ALA CA 436 68.15 -22.11 -0.94
C ALA CA 436 66.86 -22.10 -1.75
N THR CA 437 66.82 -22.93 -2.80
CA THR CA 437 65.64 -23.01 -3.64
C THR CA 437 64.47 -23.46 -2.78
N GLY CA 438 64.71 -24.52 -2.01
CA GLY CA 438 63.68 -25.03 -1.12
C GLY CA 438 63.12 -23.90 -0.28
N ALA CA 439 64.00 -23.20 0.43
CA ALA CA 439 63.57 -22.08 1.26
C ALA CA 439 62.68 -21.15 0.42
N LYS CA 440 63.08 -20.96 -0.83
CA LYS CA 440 62.33 -20.07 -1.73
C LYS CA 440 60.96 -20.63 -2.00
N ILE CA 441 60.87 -21.95 -2.11
CA ILE CA 441 59.58 -22.61 -2.37
C ILE CA 441 58.61 -22.29 -1.25
N VAL CA 442 59.07 -22.51 -0.01
CA VAL CA 442 58.23 -22.23 1.15
C VAL CA 442 57.83 -20.75 1.15
N ARG CA 443 58.76 -19.87 0.78
CA ARG CA 443 58.42 -18.46 0.79
C ARG CA 443 57.26 -18.17 -0.16
N ARG CA 444 57.24 -18.87 -1.29
CA ARG CA 444 56.19 -18.66 -2.28
C ARG CA 444 54.90 -19.21 -1.76
N ALA CA 445 54.97 -20.43 -1.22
CA ALA CA 445 53.80 -21.08 -0.66
C ALA CA 445 53.06 -20.16 0.34
N LEU CA 446 53.80 -19.65 1.33
CA LEU CA 446 53.22 -18.78 2.34
C LEU CA 446 52.24 -17.72 1.84
N GLU CA 447 52.31 -17.39 0.56
CA GLU CA 447 51.44 -16.37 -0.01
C GLU CA 447 50.07 -16.88 -0.40
N GLU CA 448 50.01 -18.17 -0.71
CA GLU CA 448 48.79 -18.81 -1.16
C GLU CA 448 47.53 -18.62 -0.32
N PRO CA 449 47.58 -19.01 0.98
CA PRO CA 449 46.41 -18.85 1.84
C PRO CA 449 45.78 -17.47 1.73
N ALA CA 450 46.57 -16.44 2.06
CA ALA CA 450 46.10 -15.06 2.01
C ALA CA 450 45.51 -14.74 0.63
N ARG CA 451 46.30 -15.04 -0.40
CA ARG CA 451 45.95 -14.80 -1.80
C ARG CA 451 44.64 -15.49 -2.16
N GLN CA 452 44.60 -16.80 -1.93
CA GLN CA 452 43.42 -17.61 -2.19
C GLN CA 452 42.16 -17.06 -1.53
N ILE CA 453 42.30 -16.60 -0.28
CA ILE CA 453 41.17 -16.03 0.43
C ILE CA 453 40.62 -14.84 -0.35
N ALA CA 454 41.48 -13.86 -0.55
CA ALA CA 454 41.10 -12.66 -1.26
C ALA CA 454 40.48 -13.03 -2.59
N GLU CA 455 41.09 -14.01 -3.25
CA GLU CA 455 40.62 -14.47 -4.56
C GLU CA 455 39.18 -14.97 -4.47
N ASN CA 456 38.94 -15.93 -3.56
CA ASN CA 456 37.58 -16.48 -3.39
C ASN CA 456 36.59 -15.37 -3.07
N ALA CA 457 37.06 -14.32 -2.39
CA ALA CA 457 36.19 -13.20 -2.02
C ALA CA 457 35.92 -12.30 -3.23
N GLY CA 458 36.63 -12.56 -4.34
CA GLY CA 458 36.44 -11.79 -5.55
C GLY CA 458 37.34 -10.56 -5.65
N TYR CA 459 38.60 -10.73 -5.25
CA TYR CA 459 39.59 -9.65 -5.27
C TYR CA 459 40.90 -10.15 -5.88
N GLU CA 460 41.76 -9.22 -6.28
CA GLU CA 460 43.03 -9.61 -6.87
C GLU CA 460 43.98 -10.11 -5.79
N GLY CA 461 44.07 -11.43 -5.67
CA GLY CA 461 44.93 -12.04 -4.68
C GLY CA 461 46.29 -11.40 -4.57
N SER CA 462 47.11 -11.62 -5.59
CA SER CA 462 48.47 -11.08 -5.67
C SER CA 462 48.53 -9.59 -5.28
N VAL CA 463 47.53 -8.82 -5.70
CA VAL CA 463 47.49 -7.40 -5.37
C VAL CA 463 47.37 -7.16 -3.86
N ILE CA 464 46.36 -7.77 -3.25
CA ILE CA 464 46.13 -7.64 -1.83
C ILE CA 464 47.32 -8.14 -1.04
N VAL CA 465 47.84 -9.30 -1.42
CA VAL CA 465 49.00 -9.85 -0.73
C VAL CA 465 50.15 -8.87 -0.74
N GLN CA 466 50.17 -8.00 -1.75
CA GLN CA 466 51.25 -7.03 -1.86
C GLN CA 466 51.04 -5.88 -0.91
N GLN CA 467 49.84 -5.30 -0.98
CA GLN CA 467 49.50 -4.17 -0.14
C GLN CA 467 49.64 -4.49 1.35
N ILE CA 468 49.54 -5.78 1.68
CA ILE CA 468 49.67 -6.22 3.06
C ILE CA 468 51.15 -6.24 3.42
N LEU CA 469 51.95 -6.91 2.61
CA LEU CA 469 53.39 -7.00 2.84
C LEU CA 469 54.03 -5.62 2.71
N ALA CA 470 53.27 -4.66 2.20
CA ALA CA 470 53.74 -3.30 2.04
C ALA CA 470 53.86 -2.64 3.41
N GLU CA 471 52.79 -2.73 4.20
CA GLU CA 471 52.80 -2.15 5.55
C GLU CA 471 53.79 -2.93 6.42
N THR CA 472 54.80 -2.25 6.95
CA THR CA 472 55.81 -2.88 7.81
C THR CA 472 55.66 -2.45 9.25
N LYS CA 473 54.97 -1.34 9.47
CA LYS CA 473 54.76 -0.83 10.81
C LYS CA 473 54.09 -1.86 11.68
N ASN CA 474 52.78 -2.01 11.51
CA ASN CA 474 52.02 -2.96 12.31
C ASN CA 474 51.85 -4.30 11.61
N PRO CA 475 52.55 -5.36 12.08
CA PRO CA 475 52.44 -6.69 11.46
C PRO CA 475 51.02 -7.26 11.49
N ARG CA 476 50.18 -6.69 12.33
CA ARG CA 476 48.79 -7.12 12.43
C ARG CA 476 47.94 -6.51 11.33
N TYR CA 477 48.59 -5.74 10.47
CA TYR CA 477 47.87 -5.11 9.37
C TYR CA 477 47.52 -6.21 8.38
N GLY CA 478 46.27 -6.24 7.94
CA GLY CA 478 45.86 -7.27 7.00
C GLY CA 478 44.60 -6.89 6.27
N PHE CA 479 44.17 -7.79 5.39
CA PHE CA 479 42.98 -7.56 4.58
C PHE CA 479 41.83 -8.39 5.12
N ASN CA 480 40.69 -7.75 5.36
CA ASN CA 480 39.52 -8.46 5.84
C ASN CA 480 38.61 -8.74 4.62
N ALA CA 481 38.83 -9.90 4.02
CA ALA CA 481 38.07 -10.31 2.83
C ALA CA 481 36.57 -10.18 3.00
N ALA CA 482 36.12 -10.13 4.24
CA ALA CA 482 34.70 -10.02 4.51
C ALA CA 482 34.15 -8.65 4.16
N THR CA 483 34.73 -7.60 4.74
CA THR CA 483 34.27 -6.24 4.49
C THR CA 483 35.03 -5.61 3.33
N GLY CA 484 36.09 -6.27 2.87
CA GLY CA 484 36.88 -5.75 1.77
C GLY CA 484 37.66 -4.51 2.14
N GLU CA 485 38.26 -4.53 3.32
CA GLU CA 485 39.03 -3.41 3.81
C GLU CA 485 40.24 -3.89 4.56
N PHE CA 486 41.26 -3.05 4.64
CA PHE CA 486 42.46 -3.41 5.36
C PHE CA 486 42.29 -2.91 6.78
N VAL CA 487 42.70 -3.72 7.75
CA VAL CA 487 42.54 -3.33 9.15
C VAL CA 487 43.54 -4.07 10.02
N ASP CA 488 43.40 -3.89 11.34
CA ASP CA 488 44.25 -4.60 12.28
C ASP CA 488 43.53 -5.91 12.51
N MET CA 489 44.01 -6.98 11.87
CA MET CA 489 43.40 -8.29 12.00
C MET CA 489 42.98 -8.62 13.43
N VAL CA 490 43.85 -8.27 14.38
CA VAL CA 490 43.56 -8.52 15.79
C VAL CA 490 42.37 -7.69 16.23
N GLU CA 491 42.54 -6.39 16.29
CA GLU CA 491 41.47 -5.49 16.70
C GLU CA 491 40.20 -5.68 15.88
N ALA CA 492 40.28 -6.47 14.82
CA ALA CA 492 39.12 -6.69 13.99
C ALA CA 492 38.46 -8.00 14.33
N GLY CA 493 39.07 -8.72 15.28
CA GLY CA 493 38.52 -10.01 15.71
C GLY CA 493 38.73 -11.11 14.70
N ILE CA 494 39.81 -11.00 13.95
CA ILE CA 494 40.12 -11.98 12.92
C ILE CA 494 41.43 -12.59 13.33
N VAL CA 495 41.35 -13.51 14.30
CA VAL CA 495 42.54 -14.16 14.79
C VAL CA 495 42.50 -15.66 14.57
N ASP CA 496 43.61 -16.34 14.88
CA ASP CA 496 43.73 -17.79 14.69
C ASP CA 496 44.64 -18.39 15.75
N PRO CA 497 44.27 -19.55 16.28
CA PRO CA 497 45.14 -20.17 17.28
C PRO CA 497 46.50 -20.38 16.65
N ALA CA 498 47.52 -19.72 17.18
CA ALA CA 498 48.86 -19.89 16.63
C ALA CA 498 49.16 -21.37 16.47
N LYS CA 499 48.53 -22.21 17.29
CA LYS CA 499 48.78 -23.65 17.20
C LYS CA 499 48.28 -24.17 15.85
N VAL CA 500 47.13 -23.66 15.43
CA VAL CA 500 46.54 -24.06 14.15
C VAL CA 500 47.50 -23.79 13.00
N THR CA 501 47.89 -22.52 12.89
CA THR CA 501 48.82 -22.07 11.86
C THR CA 501 50.11 -22.91 11.85
N ARG CA 502 50.85 -22.92 12.96
CA ARG CA 502 52.08 -23.69 13.02
C ARG CA 502 51.91 -25.11 12.49
N SER CA 503 50.74 -25.68 12.77
CA SER CA 503 50.44 -27.04 12.36
C SER CA 503 50.22 -27.14 10.87
N ALA CA 504 49.22 -26.43 10.37
CA ALA CA 504 48.93 -26.44 8.94
C ALA CA 504 50.24 -26.37 8.13
N LEU CA 505 51.11 -25.42 8.48
CA LEU CA 505 52.37 -25.28 7.77
C LEU CA 505 53.23 -26.53 7.88
N GLN CA 506 53.61 -26.88 9.09
CA GLN CA 506 54.46 -28.05 9.30
C GLN CA 506 53.91 -29.30 8.64
N ASN CA 507 52.59 -29.43 8.64
CA ASN CA 507 51.94 -30.59 8.03
C ASN CA 507 52.08 -30.56 6.52
N ALA CA 508 51.70 -29.44 5.92
CA ALA CA 508 51.81 -29.28 4.46
C ALA CA 508 53.25 -29.56 4.04
N ALA CA 509 54.19 -28.88 4.69
CA ALA CA 509 55.60 -29.07 4.41
C ALA CA 509 55.99 -30.55 4.56
N SER CA 510 55.31 -31.25 5.43
CA SER CA 510 55.64 -32.64 5.61
C SER CA 510 55.22 -33.40 4.36
N ILE CA 511 54.00 -33.17 3.86
CA ILE CA 511 53.55 -33.89 2.66
C ILE CA 511 54.52 -33.59 1.54
N GLY CA 512 54.87 -32.29 1.37
CA GLY CA 512 55.79 -31.89 0.31
C GLY CA 512 57.07 -32.71 0.35
N ALA CA 513 57.75 -32.62 1.48
CA ALA CA 513 59.00 -33.35 1.63
C ALA CA 513 58.80 -34.82 1.34
N LEU CA 514 57.64 -35.35 1.71
CA LEU CA 514 57.36 -36.76 1.50
C LEU CA 514 57.41 -37.11 0.02
N ILE CA 515 56.60 -36.40 -0.76
CA ILE CA 515 56.53 -36.63 -2.19
C ILE CA 515 57.86 -36.47 -2.92
N LEU CA 516 58.61 -35.41 -2.61
CA LEU CA 516 59.92 -35.22 -3.25
C LEU CA 516 60.83 -36.40 -2.96
N THR CA 517 60.68 -36.96 -1.77
CA THR CA 517 61.50 -38.10 -1.36
C THR CA 517 60.95 -39.44 -1.84
N THR CA 518 59.81 -39.43 -2.52
CA THR CA 518 59.23 -40.67 -3.01
C THR CA 518 59.87 -41.16 -4.31
N GLU CA 519 60.36 -42.39 -4.30
CA GLU CA 519 61.02 -42.97 -5.46
C GLU CA 519 60.24 -44.10 -6.10
N ALA CA 520 59.15 -44.52 -5.45
CA ALA CA 520 58.35 -45.61 -5.97
C ALA CA 520 57.07 -45.81 -5.19
N VAL CA 521 56.07 -46.38 -5.85
CA VAL CA 521 54.79 -46.66 -5.22
C VAL CA 521 54.26 -47.99 -5.76
N VAL CA 522 53.82 -48.86 -4.85
CA VAL CA 522 53.28 -50.15 -5.22
C VAL CA 522 51.79 -50.14 -4.93
N ALA CA 523 50.99 -49.97 -5.97
CA ALA CA 523 49.54 -49.92 -5.83
C ALA CA 523 48.89 -51.24 -6.25
N GLU CA 524 47.62 -51.37 -5.90
CA GLU CA 524 46.85 -52.55 -6.26
C GLU CA 524 46.29 -52.34 -7.64
N LYS CA 525 46.36 -53.37 -8.47
CA LYS CA 525 45.83 -53.27 -9.83
C LYS CA 525 44.31 -53.40 -9.71
N PRO CA 526 43.57 -52.72 -10.60
CA PRO CA 526 42.11 -52.80 -10.54
C PRO CA 526 41.59 -54.23 -10.71
N ALA DA 2 33.73 -43.75 -6.36
CA ALA DA 2 34.11 -43.31 -7.74
C ALA DA 2 33.37 -42.04 -8.12
N LYS DA 3 33.92 -40.90 -7.71
CA LYS DA 3 33.31 -39.61 -8.02
C LYS DA 3 33.85 -39.06 -9.34
N ILE DA 4 33.52 -37.80 -9.63
CA ILE DA 4 33.97 -37.15 -10.86
C ILE DA 4 33.96 -35.65 -10.63
N LEU DA 5 35.14 -35.05 -10.63
CA LEU DA 5 35.27 -33.61 -10.43
C LEU DA 5 35.12 -32.77 -11.70
N VAL DA 6 34.60 -31.56 -11.55
CA VAL DA 6 34.39 -30.64 -12.66
C VAL DA 6 34.49 -29.23 -12.12
N PHE DA 7 35.34 -28.41 -12.71
CA PHE DA 7 35.51 -27.05 -12.21
C PHE DA 7 35.05 -25.93 -13.13
N ASP DA 8 35.32 -24.71 -12.66
CA ASP DA 8 34.99 -23.47 -13.38
C ASP DA 8 33.85 -23.54 -14.37
N GLU DA 9 34.01 -22.86 -15.50
CA GLU DA 9 32.98 -22.81 -16.51
C GLU DA 9 32.47 -24.20 -16.90
N ALA DA 10 33.37 -25.18 -16.89
CA ALA DA 10 32.97 -26.54 -17.24
C ALA DA 10 31.75 -26.93 -16.43
N ALA DA 11 31.87 -26.73 -15.12
CA ALA DA 11 30.82 -27.04 -14.16
C ALA DA 11 29.60 -26.13 -14.34
N ARG DA 12 29.82 -24.83 -14.27
CA ARG DA 12 28.71 -23.89 -14.45
C ARG DA 12 27.91 -24.13 -15.72
N ARG DA 13 28.58 -24.51 -16.80
CA ARG DA 13 27.89 -24.75 -18.05
C ARG DA 13 27.03 -26.00 -17.96
N ALA DA 14 27.56 -27.03 -17.31
CA ALA DA 14 26.82 -28.28 -17.14
C ALA DA 14 25.53 -27.96 -16.36
N LEU DA 15 25.68 -27.32 -15.20
CA LEU DA 15 24.52 -26.97 -14.39
C LEU DA 15 23.50 -26.22 -15.22
N GLU DA 16 23.97 -25.22 -15.95
CA GLU DA 16 23.10 -24.41 -16.79
C GLU DA 16 22.31 -25.29 -17.76
N ARG DA 17 22.97 -26.30 -18.33
CA ARG DA 17 22.30 -27.20 -19.27
C ARG DA 17 21.09 -27.80 -18.58
N GLY DA 18 21.30 -28.25 -17.35
CA GLY DA 18 20.21 -28.83 -16.58
C GLY DA 18 19.15 -27.76 -16.37
N VAL DA 19 19.57 -26.63 -15.81
CA VAL DA 19 18.66 -25.53 -15.56
C VAL DA 19 17.73 -25.26 -16.74
N ASN DA 20 18.32 -25.25 -17.94
CA ASN DA 20 17.53 -24.99 -19.14
C ASN DA 20 16.58 -26.11 -19.50
N ALA DA 21 17.03 -27.35 -19.32
CA ALA DA 21 16.19 -28.52 -19.60
C ALA DA 21 14.84 -28.38 -18.91
N VAL DA 22 14.90 -28.08 -17.62
CA VAL DA 22 13.69 -27.90 -16.83
C VAL DA 22 12.94 -26.67 -17.33
N ALA DA 23 13.53 -25.52 -17.13
CA ALA DA 23 12.93 -24.26 -17.52
C ALA DA 23 12.24 -24.26 -18.89
N ASN DA 24 12.89 -24.84 -19.90
CA ASN DA 24 12.30 -24.87 -21.23
C ASN DA 24 11.06 -25.72 -21.34
N ALA DA 25 10.99 -26.79 -20.55
CA ALA DA 25 9.84 -27.67 -20.58
C ALA DA 25 8.70 -27.02 -19.79
N VAL DA 26 9.06 -26.37 -18.69
CA VAL DA 26 8.11 -25.71 -17.81
C VAL DA 26 7.45 -24.41 -18.28
N LYS DA 27 8.25 -23.48 -18.79
CA LYS DA 27 7.71 -22.17 -19.17
C LYS DA 27 6.64 -22.14 -20.24
N VAL DA 28 6.54 -23.20 -21.03
CA VAL DA 28 5.51 -23.21 -22.08
C VAL DA 28 4.10 -23.31 -21.48
N THR DA 29 3.99 -23.38 -20.16
CA THR DA 29 2.70 -23.49 -19.48
C THR DA 29 2.32 -22.23 -18.71
N LEU DA 30 3.28 -21.33 -18.51
CA LEU DA 30 3.05 -20.10 -17.76
C LEU DA 30 1.92 -19.26 -18.32
N GLY DA 31 1.09 -18.72 -17.43
CA GLY DA 31 0.00 -17.88 -17.86
C GLY DA 31 -1.32 -18.57 -18.17
N PRO DA 32 -2.37 -17.75 -18.42
CA PRO DA 32 -3.74 -18.13 -18.74
C PRO DA 32 -3.88 -19.08 -19.92
N ARG DA 33 -2.87 -19.13 -20.78
CA ARG DA 33 -2.96 -19.99 -21.96
C ARG DA 33 -1.77 -20.88 -22.20
N GLY DA 34 -1.21 -21.45 -21.15
CA GLY DA 34 -0.07 -22.33 -21.31
C GLY DA 34 -0.28 -23.32 -22.45
N ARG DA 35 0.82 -23.80 -23.02
CA ARG DA 35 0.74 -24.77 -24.10
C ARG DA 35 0.76 -26.16 -23.49
N ASN DA 36 0.51 -27.17 -24.32
CA ASN DA 36 0.47 -28.55 -23.86
C ASN DA 36 1.83 -29.21 -23.80
N VAL DA 37 2.07 -29.93 -22.72
CA VAL DA 37 3.31 -30.67 -22.56
C VAL DA 37 2.87 -32.11 -22.40
N VAL DA 38 3.47 -33.02 -23.16
CA VAL DA 38 3.11 -34.42 -23.11
C VAL DA 38 4.07 -35.20 -22.23
N LEU DA 39 3.53 -35.97 -21.29
CA LEU DA 39 4.35 -36.76 -20.39
C LEU DA 39 3.90 -38.20 -20.48
N GLU DA 40 4.83 -39.12 -20.68
CA GLU DA 40 4.47 -40.52 -20.77
C GLU DA 40 4.70 -41.26 -19.44
N LYS DA 41 3.73 -42.10 -19.08
CA LYS DA 41 3.80 -42.89 -17.86
C LYS DA 41 4.31 -44.27 -18.27
N LYS DA 42 5.21 -44.84 -17.47
CA LYS DA 42 5.78 -46.14 -17.79
C LYS DA 42 4.74 -47.19 -18.16
N PHE DA 43 3.67 -47.27 -17.39
CA PHE DA 43 2.62 -48.26 -17.65
C PHE DA 43 1.41 -47.66 -18.34
N GLY DA 44 0.76 -46.70 -17.67
CA GLY DA 44 -0.41 -46.06 -18.24
C GLY DA 44 -0.07 -45.33 -19.53
N SER DA 45 -1.09 -44.91 -20.28
CA SER DA 45 -0.87 -44.20 -21.53
C SER DA 45 -0.32 -42.80 -21.23
N PRO DA 46 -0.01 -42.01 -22.28
CA PRO DA 46 0.52 -40.67 -22.10
C PRO DA 46 -0.43 -39.68 -21.42
N THR DA 47 0.14 -38.63 -20.88
CA THR DA 47 -0.57 -37.57 -20.17
C THR DA 47 -0.32 -36.23 -20.84
N ILE DA 48 -1.24 -35.28 -20.72
CA ILE DA 48 -1.01 -33.97 -21.29
C ILE DA 48 -1.28 -32.98 -20.17
N THR DA 49 -0.43 -31.97 -20.02
CA THR DA 49 -0.61 -31.00 -18.95
C THR DA 49 -0.54 -29.56 -19.45
N LYS DA 50 -0.58 -28.64 -18.50
CA LYS DA 50 -0.49 -27.21 -18.75
C LYS DA 50 -0.09 -26.66 -17.40
N ASP DA 51 0.35 -27.59 -16.54
CA ASP DA 51 0.77 -27.26 -15.19
C ASP DA 51 2.28 -27.40 -15.08
N GLY DA 52 2.93 -26.30 -14.75
CA GLY DA 52 4.37 -26.29 -14.61
C GLY DA 52 4.90 -27.31 -13.62
N VAL DA 53 4.31 -27.33 -12.42
CA VAL DA 53 4.75 -28.24 -11.36
C VAL DA 53 4.64 -29.70 -11.74
N THR DA 54 3.58 -30.03 -12.48
CA THR DA 54 3.38 -31.42 -12.91
C THR DA 54 4.55 -31.83 -13.80
N VAL DA 55 4.86 -30.97 -14.77
CA VAL DA 55 5.94 -31.24 -15.71
C VAL DA 55 7.29 -31.26 -14.98
N ALA DA 56 7.53 -30.23 -14.17
CA ALA DA 56 8.77 -30.15 -13.44
C ALA DA 56 9.09 -31.47 -12.71
N LYS DA 57 8.08 -32.06 -12.08
CA LYS DA 57 8.30 -33.32 -11.36
C LYS DA 57 8.84 -34.42 -12.26
N GLU DA 58 8.35 -34.48 -13.49
CA GLU DA 58 8.76 -35.51 -14.42
C GLU DA 58 10.09 -35.31 -15.12
N VAL DA 59 10.73 -34.17 -14.87
CA VAL DA 59 12.01 -33.88 -15.53
C VAL DA 59 13.24 -34.40 -14.81
N GLU DA 60 13.86 -35.42 -15.40
CA GLU DA 60 15.06 -36.02 -14.85
C GLU DA 60 15.98 -36.34 -16.02
N LEU DA 61 17.19 -35.77 -16.01
CA LEU DA 61 18.16 -35.94 -17.10
C LEU DA 61 19.12 -37.11 -16.92
N GLU DA 62 19.54 -37.69 -18.04
CA GLU DA 62 20.46 -38.83 -18.03
C GLU DA 62 21.80 -38.48 -17.44
N ASP DA 63 22.37 -37.38 -17.89
CA ASP DA 63 23.67 -36.93 -17.40
C ASP DA 63 23.63 -36.46 -15.94
N HIS DA 64 24.48 -37.06 -15.11
CA HIS DA 64 24.56 -36.69 -13.69
C HIS DA 64 24.71 -35.20 -13.46
N LEU DA 65 25.76 -34.60 -14.01
CA LEU DA 65 25.99 -33.17 -13.83
C LEU DA 65 24.80 -32.31 -14.25
N GLU DA 66 24.32 -32.52 -15.46
CA GLU DA 66 23.19 -31.73 -15.95
C GLU DA 66 21.96 -31.93 -15.06
N ASN DA 67 21.74 -33.16 -14.62
CA ASN DA 67 20.60 -33.44 -13.77
C ASN DA 67 20.74 -32.64 -12.47
N ILE DA 68 21.94 -32.65 -11.91
CA ILE DA 68 22.21 -31.92 -10.68
C ILE DA 68 21.66 -30.49 -10.79
N GLY DA 69 21.85 -29.89 -11.95
CA GLY DA 69 21.36 -28.55 -12.15
C GLY DA 69 19.85 -28.56 -12.13
N ALA DA 70 19.26 -29.49 -12.87
CA ALA DA 70 17.82 -29.59 -12.95
C ALA DA 70 17.20 -29.74 -11.57
N GLN DA 71 17.75 -30.67 -10.80
CA GLN DA 71 17.25 -30.92 -9.45
C GLN DA 71 17.43 -29.68 -8.58
N LEU DA 72 18.63 -29.12 -8.61
CA LEU DA 72 18.95 -27.93 -7.84
C LEU DA 72 17.93 -26.82 -8.14
N LEU DA 73 17.56 -26.68 -9.41
CA LEU DA 73 16.59 -25.64 -9.79
C LEU DA 73 15.23 -25.98 -9.21
N LYS DA 74 14.75 -27.18 -9.52
CA LYS DA 74 13.46 -27.64 -9.04
C LYS DA 74 13.28 -27.41 -7.55
N GLU DA 75 14.28 -27.79 -6.77
CA GLU DA 75 14.24 -27.57 -5.32
C GLU DA 75 13.93 -26.11 -5.00
N VAL DA 76 14.91 -25.25 -5.19
CA VAL DA 76 14.75 -23.83 -4.92
C VAL DA 76 13.49 -23.25 -5.54
N ALA DA 77 13.11 -23.73 -6.71
CA ALA DA 77 11.93 -23.21 -7.36
C ALA DA 77 10.68 -23.57 -6.59
N SER DA 78 10.61 -24.83 -6.16
CA SER DA 78 9.46 -25.32 -5.43
C SER DA 78 9.29 -24.67 -4.06
N LYS DA 79 10.39 -24.32 -3.41
CA LYS DA 79 10.28 -23.71 -2.10
C LYS DA 79 9.64 -22.33 -2.17
N THR DA 80 8.83 -22.13 -3.21
CA THR DA 80 8.10 -20.88 -3.43
C THR DA 80 6.63 -21.25 -3.31
N ASN DA 81 6.31 -22.41 -3.88
CA ASN DA 81 4.97 -22.97 -3.82
C ASN DA 81 4.78 -23.41 -2.36
N ASP DA 82 5.89 -23.78 -1.73
CA ASP DA 82 5.93 -24.20 -0.34
C ASP DA 82 5.65 -23.08 0.67
N VAL DA 83 5.75 -21.84 0.23
CA VAL DA 83 5.52 -20.71 1.14
C VAL DA 83 4.45 -19.75 0.62
N ALA DA 84 3.85 -20.08 -0.53
CA ALA DA 84 2.82 -19.23 -1.09
C ALA DA 84 1.83 -20.03 -1.93
N GLY DA 85 2.13 -21.32 -2.10
CA GLY DA 85 1.25 -22.19 -2.88
C GLY DA 85 1.10 -21.85 -4.34
N ASP DA 86 2.14 -21.25 -4.92
CA ASP DA 86 2.11 -20.87 -6.33
C ASP DA 86 3.39 -20.12 -6.71
N GLY DA 87 3.54 -19.89 -8.00
CA GLY DA 87 4.68 -19.18 -8.53
C GLY DA 87 5.96 -19.99 -8.61
N THR DA 88 5.83 -21.30 -8.65
CA THR DA 88 7.01 -22.11 -8.71
C THR DA 88 7.55 -22.04 -10.15
N THR DA 89 6.64 -22.01 -11.11
CA THR DA 89 7.03 -21.93 -12.52
C THR DA 89 7.63 -20.56 -12.83
N THR DA 90 6.99 -19.51 -12.33
CA THR DA 90 7.49 -18.15 -12.54
C THR DA 90 8.92 -18.01 -12.01
N ALA DA 91 9.20 -18.64 -10.88
CA ALA DA 91 10.53 -18.55 -10.32
C ALA DA 91 11.53 -19.22 -11.25
N THR DA 92 11.09 -20.29 -11.90
CA THR DA 92 11.97 -21.04 -12.82
C THR DA 92 12.35 -20.16 -14.01
N VAL DA 93 11.35 -19.52 -14.62
CA VAL DA 93 11.61 -18.64 -15.75
C VAL DA 93 12.66 -17.57 -15.38
N LEU DA 94 12.35 -16.78 -14.36
CA LEU DA 94 13.28 -15.75 -13.90
C LEU DA 94 14.68 -16.31 -13.67
N ALA DA 95 14.75 -17.50 -13.08
CA ALA DA 95 16.03 -18.13 -12.79
C ALA DA 95 16.80 -18.45 -14.06
N GLN DA 96 16.10 -18.98 -15.07
CA GLN DA 96 16.74 -19.32 -16.33
C GLN DA 96 17.46 -18.09 -16.85
N ALA DA 97 16.69 -17.01 -17.02
CA ALA DA 97 17.22 -15.72 -17.48
C ALA DA 97 18.43 -15.30 -16.67
N ILE DA 98 18.25 -15.11 -15.38
CA ILE DA 98 19.35 -14.72 -14.54
C ILE DA 98 20.59 -15.60 -14.74
N VAL DA 99 20.42 -16.91 -14.83
CA VAL DA 99 21.55 -17.81 -15.03
C VAL DA 99 22.27 -17.59 -16.37
N ARG DA 100 21.48 -17.40 -17.43
CA ARG DA 100 21.99 -17.19 -18.78
C ARG DA 100 22.88 -15.94 -18.82
N GLU DA 101 22.25 -14.77 -18.73
CA GLU DA 101 22.98 -13.51 -18.73
C GLU DA 101 24.15 -13.52 -17.76
N GLY DA 102 23.94 -14.12 -16.60
CA GLY DA 102 25.00 -14.18 -15.61
C GLY DA 102 26.23 -14.88 -16.15
N LEU DA 103 26.05 -16.08 -16.66
CA LEU DA 103 27.16 -16.85 -17.18
C LEU DA 103 27.77 -16.21 -18.43
N LYS DA 104 26.94 -15.54 -19.22
CA LYS DA 104 27.42 -14.86 -20.42
C LYS DA 104 28.44 -13.81 -20.03
N ASN DA 105 28.00 -12.85 -19.20
CA ASN DA 105 28.87 -11.79 -18.74
C ASN DA 105 30.08 -12.32 -17.97
N VAL DA 106 29.93 -13.45 -17.29
CA VAL DA 106 31.04 -13.98 -16.53
C VAL DA 106 32.06 -14.49 -17.52
N ALA DA 107 31.55 -14.95 -18.66
CA ALA DA 107 32.40 -15.51 -19.71
C ALA DA 107 33.04 -14.39 -20.49
N ALA DA 108 32.51 -13.19 -20.32
CA ALA DA 108 33.06 -12.03 -21.01
C ALA DA 108 34.04 -11.31 -20.06
N GLY DA 109 34.31 -11.93 -18.92
CA GLY DA 109 35.24 -11.36 -17.96
C GLY DA 109 34.67 -10.63 -16.76
N ALA DA 110 33.35 -10.64 -16.60
CA ALA DA 110 32.73 -9.96 -15.46
C ALA DA 110 33.04 -10.75 -14.19
N ASN DA 111 33.16 -10.04 -13.06
CA ASN DA 111 33.44 -10.71 -11.79
C ASN DA 111 32.14 -11.29 -11.23
N PRO DA 112 32.12 -12.60 -10.99
CA PRO DA 112 30.92 -13.25 -10.45
C PRO DA 112 30.37 -12.56 -9.21
N LEU DA 113 31.20 -12.46 -8.18
CA LEU DA 113 30.77 -11.83 -6.94
C LEU DA 113 30.16 -10.44 -7.17
N ALA DA 114 30.78 -9.62 -8.01
CA ALA DA 114 30.24 -8.30 -8.27
C ALA DA 114 28.88 -8.41 -8.93
N LEU DA 115 28.72 -9.39 -9.83
CA LEU DA 115 27.43 -9.58 -10.50
C LEU DA 115 26.39 -9.90 -9.44
N LYS DA 116 26.78 -10.77 -8.51
CA LYS DA 116 25.91 -11.16 -7.42
C LYS DA 116 25.50 -9.92 -6.61
N ARG DA 117 26.47 -9.25 -5.98
CA ARG DA 117 26.21 -8.03 -5.19
C ARG DA 117 25.15 -7.20 -5.91
N GLY DA 118 25.29 -7.12 -7.23
CA GLY DA 118 24.37 -6.32 -8.02
C GLY DA 118 23.01 -6.96 -8.20
N ILE DA 119 23.01 -8.27 -8.42
CA ILE DA 119 21.75 -9.00 -8.59
C ILE DA 119 20.93 -8.85 -7.32
N GLU DA 120 21.63 -8.92 -6.18
CA GLU DA 120 20.99 -8.79 -4.88
C GLU DA 120 20.39 -7.39 -4.70
N LYS DA 121 21.20 -6.34 -4.87
CA LYS DA 121 20.70 -4.97 -4.74
C LYS DA 121 19.51 -4.74 -5.67
N ALA DA 122 19.57 -5.37 -6.84
CA ALA DA 122 18.50 -5.24 -7.83
C ALA DA 122 17.22 -5.83 -7.24
N VAL DA 123 17.29 -7.08 -6.79
CA VAL DA 123 16.13 -7.74 -6.20
C VAL DA 123 15.54 -6.91 -5.07
N GLU DA 124 16.37 -6.51 -4.11
CA GLU DA 124 15.89 -5.66 -3.02
C GLU DA 124 14.99 -4.58 -3.59
N ALA DA 125 15.56 -3.70 -4.39
CA ALA DA 125 14.82 -2.61 -4.99
C ALA DA 125 13.53 -3.10 -5.62
N ALA DA 126 13.59 -4.27 -6.26
CA ALA DA 126 12.42 -4.85 -6.90
C ALA DA 126 11.34 -5.19 -5.89
N VAL DA 127 11.73 -5.97 -4.88
CA VAL DA 127 10.81 -6.38 -3.82
C VAL DA 127 10.18 -5.14 -3.19
N GLU DA 128 11.00 -4.18 -2.82
CA GLU DA 128 10.51 -2.96 -2.20
C GLU DA 128 9.43 -2.30 -3.05
N LYS DA 129 9.50 -2.49 -4.37
CA LYS DA 129 8.50 -1.88 -5.25
C LYS DA 129 7.26 -2.76 -5.21
N ILE DA 130 7.46 -4.06 -5.13
CA ILE DA 130 6.36 -5.01 -5.07
C ILE DA 130 5.52 -4.64 -3.85
N LYS DA 131 6.20 -4.46 -2.72
CA LYS DA 131 5.55 -4.09 -1.47
C LYS DA 131 4.75 -2.81 -1.61
N ALA DA 132 5.44 -1.71 -1.90
CA ALA DA 132 4.81 -0.42 -2.05
C ALA DA 132 3.72 -0.44 -3.12
N LEU DA 133 3.61 -1.57 -3.82
CA LEU DA 133 2.64 -1.69 -4.90
C LEU DA 133 1.51 -2.63 -4.54
N ALA DA 134 1.65 -3.30 -3.40
CA ALA DA 134 0.66 -4.27 -2.92
C ALA DA 134 -0.53 -3.64 -2.20
N ILE DA 135 -1.70 -4.18 -2.48
CA ILE DA 135 -2.95 -3.75 -1.89
C ILE DA 135 -3.21 -4.63 -0.68
N PRO DA 136 -3.40 -4.04 0.53
CA PRO DA 136 -3.65 -4.87 1.73
C PRO DA 136 -5.01 -5.55 1.67
N VAL DA 137 -5.05 -6.80 2.14
CA VAL DA 137 -6.28 -7.59 2.17
C VAL DA 137 -6.52 -8.01 3.62
N GLU DA 138 -7.33 -7.22 4.32
CA GLU DA 138 -7.62 -7.48 5.73
C GLU DA 138 -9.09 -7.28 6.06
N ASP DA 139 -9.80 -6.57 5.19
CA ASP DA 139 -11.22 -6.34 5.41
C ASP DA 139 -11.96 -7.66 5.29
N ARG DA 140 -13.27 -7.60 5.55
CA ARG DA 140 -14.10 -8.78 5.45
C ARG DA 140 -14.36 -8.97 3.96
N LYS DA 141 -14.80 -7.89 3.30
CA LYS DA 141 -15.07 -7.94 1.87
C LYS DA 141 -13.81 -8.30 1.12
N ALA DA 142 -12.71 -7.67 1.51
CA ALA DA 142 -11.42 -7.92 0.87
C ALA DA 142 -11.17 -9.43 0.80
N ILE DA 143 -10.91 -10.03 1.96
CA ILE DA 143 -10.64 -11.45 2.06
C ILE DA 143 -11.64 -12.32 1.30
N GLU DA 144 -12.91 -11.94 1.33
CA GLU DA 144 -13.90 -12.73 0.64
C GLU DA 144 -13.71 -12.62 -0.87
N GLU DA 145 -13.65 -11.38 -1.36
CA GLU DA 145 -13.48 -11.14 -2.79
C GLU DA 145 -12.27 -11.85 -3.38
N VAL DA 146 -11.12 -11.75 -2.69
CA VAL DA 146 -9.90 -12.41 -3.14
C VAL DA 146 -10.20 -13.89 -3.35
N ALA DA 147 -10.63 -14.56 -2.29
CA ALA DA 147 -10.95 -15.98 -2.35
C ALA DA 147 -12.04 -16.26 -3.39
N THR DA 148 -13.02 -15.38 -3.46
CA THR DA 148 -14.13 -15.54 -4.40
C THR DA 148 -13.57 -15.67 -5.81
N ILE DA 149 -12.57 -14.86 -6.13
CA ILE DA 149 -11.97 -14.89 -7.45
C ILE DA 149 -11.13 -16.15 -7.65
N SER DA 150 -10.13 -16.34 -6.80
CA SER DA 150 -9.23 -17.48 -6.89
C SER DA 150 -9.96 -18.82 -6.88
N ALA DA 151 -11.23 -18.80 -6.50
CA ALA DA 151 -12.03 -20.02 -6.46
C ALA DA 151 -13.02 -20.03 -7.62
N ASN DA 152 -13.42 -18.84 -8.05
CA ASN DA 152 -14.39 -18.69 -9.12
C ASN DA 152 -15.69 -19.27 -8.59
N ASP DA 153 -16.05 -18.82 -7.38
CA ASP DA 153 -17.26 -19.25 -6.70
C ASP DA 153 -17.51 -18.30 -5.53
N PRO DA 154 -18.52 -17.42 -5.65
CA PRO DA 154 -18.84 -16.46 -4.60
C PRO DA 154 -19.20 -17.14 -3.28
N GLU DA 155 -19.73 -18.35 -3.37
CA GLU DA 155 -20.13 -19.12 -2.21
C GLU DA 155 -18.90 -19.58 -1.44
N VAL DA 156 -18.05 -20.36 -2.11
CA VAL DA 156 -16.83 -20.85 -1.48
C VAL DA 156 -16.03 -19.66 -0.98
N GLY DA 157 -16.21 -18.51 -1.63
CA GLY DA 157 -15.53 -17.31 -1.21
C GLY DA 157 -15.99 -16.98 0.20
N LYS DA 158 -17.31 -16.97 0.40
CA LYS DA 158 -17.89 -16.70 1.71
C LYS DA 158 -17.34 -17.67 2.74
N LEU DA 159 -17.52 -18.96 2.47
CA LEU DA 159 -17.04 -20.00 3.37
C LEU DA 159 -15.60 -19.77 3.78
N ILE DA 160 -14.72 -19.64 2.78
CA ILE DA 160 -13.31 -19.42 3.03
C ILE DA 160 -13.14 -18.19 3.92
N ALA DA 161 -13.93 -17.15 3.65
CA ALA DA 161 -13.89 -15.93 4.43
C ALA DA 161 -14.27 -16.22 5.87
N ASP DA 162 -15.44 -16.85 6.05
CA ASP DA 162 -15.94 -17.20 7.37
C ASP DA 162 -14.94 -18.10 8.12
N ALA DA 163 -14.51 -19.16 7.45
CA ALA DA 163 -13.55 -20.09 8.03
C ALA DA 163 -12.37 -19.32 8.61
N MET DA 164 -11.88 -18.34 7.86
CA MET DA 164 -10.75 -17.53 8.31
C MET DA 164 -11.19 -16.60 9.44
N GLU DA 165 -12.36 -15.98 9.26
CA GLU DA 165 -12.94 -15.07 10.24
C GLU DA 165 -12.92 -15.65 11.65
N LYS DA 166 -13.33 -16.91 11.76
CA LYS DA 166 -13.40 -17.59 13.04
C LYS DA 166 -12.13 -18.26 13.54
N VAL DA 167 -11.52 -19.12 12.74
CA VAL DA 167 -10.31 -19.81 13.17
C VAL DA 167 -9.11 -18.88 13.36
N GLY DA 168 -9.11 -17.76 12.65
CA GLY DA 168 -8.01 -16.81 12.77
C GLY DA 168 -6.85 -17.02 11.82
N LYS DA 169 -5.92 -16.06 11.81
CA LYS DA 169 -4.74 -16.13 10.95
C LYS DA 169 -3.91 -17.39 11.17
N GLU DA 170 -3.48 -17.61 12.41
CA GLU DA 170 -2.68 -18.79 12.71
C GLU DA 170 -3.55 -20.01 13.00
N GLY DA 171 -4.81 -19.95 12.58
CA GLY DA 171 -5.73 -21.06 12.80
C GLY DA 171 -5.57 -22.18 11.79
N ILE DA 172 -6.47 -23.16 11.85
CA ILE DA 172 -6.44 -24.31 10.95
C ILE DA 172 -7.65 -24.36 10.01
N ILE DA 173 -7.40 -24.50 8.72
CA ILE DA 173 -8.46 -24.59 7.73
C ILE DA 173 -8.07 -25.68 6.75
N THR DA 174 -9.05 -26.47 6.32
CA THR DA 174 -8.78 -27.54 5.38
C THR DA 174 -9.94 -27.75 4.41
N VAL DA 175 -9.64 -28.35 3.28
CA VAL DA 175 -10.65 -28.62 2.28
C VAL DA 175 -10.71 -30.13 2.21
N GLU DA 176 -11.88 -30.69 2.49
CA GLU DA 176 -12.04 -32.14 2.45
C GLU DA 176 -13.02 -32.58 1.38
N GLU DA 177 -12.75 -33.75 0.81
CA GLU DA 177 -13.61 -34.29 -0.23
C GLU DA 177 -14.85 -34.89 0.42
N SER DA 178 -15.88 -34.07 0.58
CA SER DA 178 -17.13 -34.52 1.18
C SER DA 178 -17.70 -35.66 0.33
N LYS DA 179 -18.80 -36.22 0.79
CA LYS DA 179 -19.47 -37.29 0.08
C LYS DA 179 -20.79 -36.71 -0.41
N SER DA 180 -21.22 -35.65 0.27
CA SER DA 180 -22.45 -34.95 -0.07
C SER DA 180 -22.26 -34.17 -1.36
N LEU DA 181 -23.36 -33.92 -2.07
CA LEU DA 181 -23.29 -33.20 -3.33
C LEU DA 181 -23.37 -31.69 -3.10
N GLU DA 182 -23.17 -31.28 -1.86
CA GLU DA 182 -23.20 -29.86 -1.50
C GLU DA 182 -21.94 -29.47 -0.72
N THR DA 183 -21.52 -28.23 -0.90
CA THR DA 183 -20.33 -27.74 -0.21
C THR DA 183 -20.74 -26.99 1.06
N GLU DA 184 -20.20 -27.42 2.19
CA GLU DA 184 -20.53 -26.81 3.48
C GLU DA 184 -19.28 -26.53 4.32
N LEU DA 185 -19.46 -25.71 5.35
CA LEU DA 185 -18.39 -25.36 6.26
C LEU DA 185 -18.77 -25.87 7.65
N LYS DA 186 -17.93 -26.72 8.23
CA LYS DA 186 -18.17 -27.29 9.54
C LYS DA 186 -16.94 -27.11 10.43
N PHE DA 187 -17.15 -26.77 11.70
CA PHE DA 187 -16.04 -26.57 12.62
C PHE DA 187 -15.82 -27.74 13.57
N VAL DA 188 -15.12 -28.76 13.10
CA VAL DA 188 -14.83 -29.93 13.90
C VAL DA 188 -13.66 -29.63 14.85
N GLU DA 189 -13.08 -30.68 15.44
CA GLU DA 189 -11.95 -30.53 16.37
C GLU DA 189 -10.75 -31.16 15.70
N GLY DA 190 -9.57 -30.70 16.07
CA GLY DA 190 -8.36 -31.26 15.50
C GLY DA 190 -7.09 -30.50 15.82
N TYR DA 191 -6.03 -30.83 15.09
CA TYR DA 191 -4.74 -30.20 15.27
C TYR DA 191 -3.99 -30.27 13.94
N GLN DA 192 -2.81 -29.65 13.90
CA GLN DA 192 -1.98 -29.65 12.70
C GLN DA 192 -0.58 -29.13 13.02
N PHE DA 193 0.44 -29.91 12.65
CA PHE DA 193 1.83 -29.51 12.88
C PHE DA 193 2.67 -29.62 11.61
N ASP DA 194 3.81 -28.94 11.60
CA ASP DA 194 4.71 -28.95 10.45
C ASP DA 194 5.72 -30.09 10.37
N LYS DA 195 5.24 -31.28 10.02
CA LYS DA 195 6.09 -32.45 9.86
C LYS DA 195 5.33 -33.32 8.86
N GLY DA 196 6.06 -34.14 8.10
CA GLY DA 196 5.40 -34.95 7.11
C GLY DA 196 5.83 -36.40 7.12
N TYR DA 197 5.36 -37.17 6.13
CA TYR DA 197 5.67 -38.57 6.07
C TYR DA 197 7.15 -38.89 6.05
N ILE DA 198 7.56 -39.67 7.05
CA ILE DA 198 8.96 -40.10 7.21
C ILE DA 198 9.45 -40.87 5.99
N SER DA 199 8.51 -41.34 5.18
CA SER DA 199 8.85 -42.06 3.96
C SER DA 199 7.80 -41.74 2.91
N PRO DA 200 8.23 -41.38 1.70
CA PRO DA 200 7.29 -41.05 0.63
C PRO DA 200 6.43 -42.23 0.16
N TYR DA 201 6.73 -43.43 0.67
CA TYR DA 201 5.97 -44.63 0.32
C TYR DA 201 4.61 -44.69 1.03
N PHE DA 202 4.46 -43.90 2.08
CA PHE DA 202 3.22 -43.83 2.86
C PHE DA 202 2.15 -43.02 2.12
N VAL DA 203 2.51 -42.49 0.95
CA VAL DA 203 1.58 -41.69 0.16
C VAL DA 203 0.37 -42.48 -0.32
N THR DA 204 -0.80 -41.87 -0.18
CA THR DA 204 -2.07 -42.46 -0.59
C THR DA 204 -2.35 -42.12 -2.06
N ASN DA 205 -2.19 -40.83 -2.37
CA ASN DA 205 -2.44 -40.33 -3.72
C ASN DA 205 -1.11 -39.92 -4.37
N PRO DA 206 -0.69 -40.66 -5.41
CA PRO DA 206 0.57 -40.38 -6.12
C PRO DA 206 0.62 -38.96 -6.69
N GLU DA 207 -0.48 -38.52 -7.27
CA GLU DA 207 -0.56 -37.18 -7.87
C GLU DA 207 -0.33 -36.07 -6.84
N THR DA 208 -1.22 -35.98 -5.86
CA THR DA 208 -1.12 -34.97 -4.82
C THR DA 208 0.05 -35.20 -3.85
N MET DA 209 0.62 -36.41 -3.89
CA MET DA 209 1.74 -36.75 -3.01
C MET DA 209 1.37 -36.62 -1.53
N GLU DA 210 0.14 -36.98 -1.20
CA GLU DA 210 -0.33 -36.92 0.17
C GLU DA 210 -0.66 -38.33 0.65
N ALA DA 211 -0.83 -38.46 1.96
CA ALA DA 211 -1.19 -39.72 2.57
C ALA DA 211 -2.47 -39.42 3.33
N VAL DA 212 -3.58 -39.92 2.83
CA VAL DA 212 -4.87 -39.69 3.47
C VAL DA 212 -5.36 -40.94 4.20
N LEU DA 213 -5.65 -40.78 5.48
CA LEU DA 213 -6.13 -41.87 6.33
C LEU DA 213 -7.47 -41.47 6.91
N GLU DA 214 -8.48 -42.33 6.77
CA GLU DA 214 -9.80 -42.03 7.32
C GLU DA 214 -10.21 -42.93 8.48
N ASP DA 215 -10.67 -42.31 9.56
CA ASP DA 215 -11.07 -43.02 10.76
C ASP DA 215 -9.95 -43.93 11.19
N ALA DA 216 -8.83 -43.33 11.57
CA ALA DA 216 -7.67 -44.11 12.00
C ALA DA 216 -7.32 -43.77 13.43
N PHE DA 217 -6.48 -44.63 14.01
CA PHE DA 217 -6.00 -44.47 15.37
C PHE DA 217 -4.71 -43.65 15.28
N ILE DA 218 -4.44 -42.89 16.33
CA ILE DA 218 -3.27 -42.04 16.36
C ILE DA 218 -2.31 -42.42 17.49
N LEU DA 219 -1.49 -43.42 17.22
CA LEU DA 219 -0.50 -43.90 18.18
C LEU DA 219 0.54 -42.81 18.48
N ILE DA 220 0.37 -42.11 19.58
CA ILE DA 220 1.27 -41.03 19.97
C ILE DA 220 2.43 -41.52 20.84
N VAL DA 221 3.58 -41.78 20.22
CA VAL DA 221 4.76 -42.24 20.93
C VAL DA 221 5.68 -41.04 21.24
N GLU DA 222 6.70 -41.27 22.05
CA GLU DA 222 7.63 -40.21 22.42
C GLU DA 222 9.07 -40.71 22.28
N LYS DA 223 9.22 -42.00 22.07
CA LYS DA 223 10.52 -42.63 21.92
C LYS DA 223 10.83 -42.82 20.44
N LYS DA 224 12.05 -43.27 20.13
CA LYS DA 224 12.44 -43.54 18.76
C LYS DA 224 12.11 -45.00 18.47
N VAL DA 225 10.96 -45.22 17.83
CA VAL DA 225 10.52 -46.57 17.50
C VAL DA 225 11.38 -47.15 16.39
N SER DA 226 12.30 -48.04 16.76
CA SER DA 226 13.20 -48.65 15.79
C SER DA 226 13.20 -50.18 15.87
N ASN DA 227 12.61 -50.70 16.95
CA ASN DA 227 12.55 -52.14 17.17
C ASN DA 227 11.16 -52.66 16.80
N VAL DA 228 11.14 -53.76 16.05
CA VAL DA 228 9.88 -54.37 15.64
C VAL DA 228 9.16 -54.98 16.83
N ARG DA 229 9.89 -55.71 17.66
CA ARG DA 229 9.29 -56.38 18.82
C ARG DA 229 8.43 -55.48 19.69
N GLU DA 230 8.88 -54.26 19.95
CA GLU DA 230 8.11 -53.33 20.79
C GLU DA 230 6.97 -52.67 20.03
N LEU DA 231 6.83 -53.01 18.74
CA LEU DA 231 5.78 -52.41 17.93
C LEU DA 231 4.71 -53.42 17.47
N LEU DA 232 5.14 -54.66 17.20
CA LEU DA 232 4.21 -55.71 16.75
C LEU DA 232 2.92 -55.83 17.55
N PRO DA 233 3.00 -55.79 18.90
CA PRO DA 233 1.77 -55.90 19.69
C PRO DA 233 0.65 -54.93 19.28
N ILE DA 234 0.90 -53.63 19.34
CA ILE DA 234 -0.14 -52.66 18.97
C ILE DA 234 -0.43 -52.71 17.48
N LEU DA 235 0.60 -52.94 16.70
CA LEU DA 235 0.45 -53.02 15.25
C LEU DA 235 -0.57 -54.09 14.88
N GLU DA 236 -0.59 -55.16 15.68
CA GLU DA 236 -1.52 -56.28 15.48
C GLU DA 236 -2.95 -55.96 15.93
N GLN DA 237 -3.09 -55.40 17.13
CA GLN DA 237 -4.41 -55.05 17.66
C GLN DA 237 -5.13 -54.17 16.63
N VAL DA 238 -4.41 -53.18 16.10
CA VAL DA 238 -4.96 -52.26 15.10
C VAL DA 238 -5.22 -52.96 13.76
N ALA DA 239 -4.39 -53.93 13.41
CA ALA DA 239 -4.53 -54.65 12.15
C ALA DA 239 -5.92 -55.31 12.06
N GLN DA 240 -6.32 -55.98 13.14
CA GLN DA 240 -7.61 -56.66 13.19
C GLN DA 240 -8.80 -55.70 13.29
N THR DA 241 -8.50 -54.41 13.46
CA THR DA 241 -9.55 -53.41 13.57
C THR DA 241 -10.06 -53.05 12.17
N GLY DA 242 -9.23 -53.33 11.17
CA GLY DA 242 -9.59 -53.02 9.79
C GLY DA 242 -9.43 -51.54 9.50
N LYS DA 243 -9.05 -50.79 10.54
CA LYS DA 243 -8.85 -49.35 10.43
C LYS DA 243 -7.38 -49.00 10.23
N PRO DA 244 -7.12 -47.81 9.65
CA PRO DA 244 -5.77 -47.29 9.39
C PRO DA 244 -5.09 -46.74 10.64
N LEU DA 245 -3.78 -46.55 10.58
CA LEU DA 245 -3.03 -46.04 11.72
C LEU DA 245 -2.01 -44.95 11.42
N LEU DA 246 -2.02 -43.92 12.26
CA LEU DA 246 -1.09 -42.80 12.14
C LEU DA 246 -0.12 -42.84 13.32
N ILE DA 247 1.15 -43.07 13.04
CA ILE DA 247 2.16 -43.12 14.09
C ILE DA 247 2.86 -41.77 14.19
N ILE DA 248 2.93 -41.23 15.40
CA ILE DA 248 3.56 -39.93 15.62
C ILE DA 248 4.68 -39.99 16.66
N ALA DA 249 5.68 -40.84 16.40
CA ALA DA 249 6.82 -40.97 17.31
C ALA DA 249 7.79 -39.82 17.04
N GLU DA 250 8.85 -39.69 17.83
CA GLU DA 250 9.79 -38.61 17.55
C GLU DA 250 10.54 -39.02 16.28
N ASP DA 251 10.50 -40.31 15.98
CA ASP DA 251 11.13 -40.86 14.77
C ASP DA 251 10.89 -42.36 14.67
N VAL DA 252 10.80 -42.83 13.43
CA VAL DA 252 10.59 -44.26 13.14
C VAL DA 252 11.69 -44.66 12.18
N GLU DA 253 12.54 -45.58 12.62
CA GLU DA 253 13.66 -46.01 11.80
C GLU DA 253 13.90 -47.52 11.80
N GLY DA 254 14.97 -47.94 11.12
CA GLY DA 254 15.34 -49.34 11.05
C GLY DA 254 14.22 -50.31 10.69
N GLU DA 255 14.15 -51.42 11.43
CA GLU DA 255 13.13 -52.43 11.21
C GLU DA 255 11.73 -51.81 11.26
N ALA DA 256 11.46 -51.09 12.34
CA ALA DA 256 10.16 -50.44 12.53
C ALA DA 256 9.67 -49.73 11.28
N LEU DA 257 10.44 -48.77 10.79
CA LEU DA 257 10.06 -48.02 9.60
C LEU DA 257 9.96 -48.93 8.38
N ALA DA 258 10.84 -49.92 8.29
CA ALA DA 258 10.85 -50.86 7.17
C ALA DA 258 9.55 -51.69 7.13
N THR DA 259 9.17 -52.24 8.28
CA THR DA 259 7.97 -53.07 8.40
C THR DA 259 6.71 -52.26 8.04
N LEU DA 260 6.58 -51.08 8.65
CA LEU DA 260 5.44 -50.21 8.40
C LEU DA 260 5.25 -49.94 6.91
N VAL DA 261 6.36 -49.74 6.18
CA VAL DA 261 6.32 -49.47 4.75
C VAL DA 261 5.92 -50.68 3.92
N VAL DA 262 6.48 -51.84 4.26
CA VAL DA 262 6.18 -53.06 3.53
C VAL DA 262 4.70 -53.44 3.59
N ASN DA 263 4.16 -53.57 4.81
CA ASN DA 263 2.74 -53.93 4.99
C ASN DA 263 1.81 -52.88 4.36
N LYS DA 264 2.25 -51.62 4.32
CA LYS DA 264 1.48 -50.49 3.72
C LYS DA 264 1.37 -50.70 2.23
N LEU DA 265 2.52 -50.97 1.60
CA LEU DA 265 2.60 -51.19 0.17
C LEU DA 265 2.08 -52.58 -0.16
N ARG DA 266 1.88 -53.39 0.87
CA ARG DA 266 1.42 -54.76 0.70
C ARG DA 266 -0.10 -54.82 0.79
N GLY DA 267 -0.68 -54.07 1.73
CA GLY DA 267 -2.11 -54.07 1.91
C GLY DA 267 -2.46 -54.64 3.27
N THR DA 268 -1.43 -55.08 3.99
CA THR DA 268 -1.61 -55.65 5.32
C THR DA 268 -2.14 -54.61 6.29
N LEU DA 269 -1.52 -53.44 6.30
CA LEU DA 269 -1.93 -52.35 7.19
C LEU DA 269 -1.61 -51.00 6.55
N SER DA 270 -2.61 -50.12 6.47
CA SER DA 270 -2.39 -48.81 5.89
C SER DA 270 -1.98 -47.85 7.01
N VAL DA 271 -0.69 -47.54 7.06
CA VAL DA 271 -0.15 -46.64 8.06
C VAL DA 271 0.69 -45.53 7.46
N ALA DA 272 1.15 -44.63 8.34
CA ALA DA 272 1.97 -43.50 7.95
C ALA DA 272 2.65 -42.96 9.21
N ALA DA 273 3.98 -42.87 9.17
CA ALA DA 273 4.76 -42.38 10.30
C ALA DA 273 5.23 -40.93 10.09
N VAL DA 274 5.01 -40.10 11.10
CA VAL DA 274 5.39 -38.70 11.06
C VAL DA 274 6.20 -38.36 12.31
N LYS DA 275 7.20 -37.52 12.16
CA LYS DA 275 8.01 -37.14 13.31
C LYS DA 275 7.18 -36.26 14.25
N ALA DA 276 7.57 -36.21 15.52
CA ALA DA 276 6.86 -35.41 16.52
C ALA DA 276 7.06 -33.91 16.31
N PRO DA 277 5.97 -33.13 16.42
CA PRO DA 277 6.01 -31.67 16.24
C PRO DA 277 6.90 -30.96 17.25
N GLY DA 278 7.33 -29.76 16.89
CA GLY DA 278 8.18 -28.99 17.78
C GLY DA 278 9.47 -29.68 18.18
N PHE DA 279 10.22 -29.05 19.07
CA PHE DA 279 11.49 -29.61 19.53
C PHE DA 279 11.65 -29.34 21.03
N GLY DA 280 12.22 -30.32 21.74
CA GLY DA 280 12.43 -30.18 23.17
C GLY DA 280 11.19 -30.17 24.03
N ASP DA 281 11.23 -29.43 25.13
CA ASP DA 281 10.11 -29.33 26.04
C ASP DA 281 8.87 -28.98 25.22
N ARG DA 282 9.07 -28.13 24.24
CA ARG DA 282 7.99 -27.67 23.36
C ARG DA 282 7.24 -28.80 22.74
N ARG DA 283 7.99 -29.86 22.44
CA ARG DA 283 7.44 -31.04 21.81
C ARG DA 283 6.48 -31.86 22.65
N LYS DA 284 6.90 -32.30 23.85
CA LYS DA 284 6.02 -33.11 24.67
C LYS DA 284 4.73 -32.36 24.95
N GLU DA 285 4.85 -31.04 25.07
CA GLU DA 285 3.69 -30.20 25.34
C GLU DA 285 2.72 -30.28 24.16
N MET DA 286 3.27 -30.37 22.95
CA MET DA 286 2.45 -30.45 21.74
C MET DA 286 1.92 -31.85 21.52
N LEU DA 287 2.67 -32.86 21.96
CA LEU DA 287 2.24 -34.26 21.84
C LEU DA 287 1.00 -34.49 22.70
N LYS DA 288 0.87 -33.70 23.76
CA LYS DA 288 -0.26 -33.77 24.67
C LYS DA 288 -1.46 -33.10 24.01
N ASP DA 289 -1.20 -31.97 23.36
CA ASP DA 289 -2.25 -31.24 22.65
C ASP DA 289 -2.93 -32.21 21.70
N ILE DA 290 -2.14 -33.10 21.11
CA ILE DA 290 -2.63 -34.08 20.16
C ILE DA 290 -3.46 -35.12 20.90
N ALA DA 291 -2.86 -35.74 21.92
CA ALA DA 291 -3.56 -36.74 22.70
C ALA DA 291 -4.93 -36.20 23.17
N ALA DA 292 -4.94 -34.95 23.62
CA ALA DA 292 -6.17 -34.30 24.11
C ALA DA 292 -7.29 -34.22 23.07
N VAL DA 293 -6.96 -33.74 21.88
CA VAL DA 293 -7.95 -33.60 20.83
C VAL DA 293 -8.26 -34.95 20.17
N THR DA 294 -7.33 -35.89 20.31
CA THR DA 294 -7.49 -37.20 19.71
C THR DA 294 -8.22 -38.19 20.60
N GLY DA 295 -7.87 -38.15 21.89
CA GLY DA 295 -8.47 -39.07 22.84
C GLY DA 295 -7.48 -40.21 23.03
N GLY DA 296 -6.21 -39.86 22.96
CA GLY DA 296 -5.17 -40.85 23.14
C GLY DA 296 -4.28 -40.40 24.27
N THR DA 297 -3.15 -41.09 24.47
CA THR DA 297 -2.23 -40.72 25.53
C THR DA 297 -0.78 -40.86 25.08
N VAL DA 298 0.04 -39.92 25.51
CA VAL DA 298 1.45 -39.90 25.16
C VAL DA 298 2.21 -41.07 25.79
N ILE DA 299 2.51 -42.09 24.99
CA ILE DA 299 3.27 -43.25 25.45
C ILE DA 299 4.72 -42.85 25.73
N SER DA 300 4.94 -42.16 26.85
CA SER DA 300 6.30 -41.73 27.19
C SER DA 300 7.00 -42.73 28.08
N GLU DA 301 8.26 -43.01 27.76
CA GLU DA 301 9.07 -43.95 28.53
C GLU DA 301 9.36 -43.28 29.89
N GLU DA 302 9.27 -41.95 29.91
CA GLU DA 302 9.51 -41.16 31.11
C GLU DA 302 8.65 -41.67 32.25
N LEU DA 303 7.34 -41.56 32.09
CA LEU DA 303 6.40 -42.02 33.11
C LEU DA 303 6.39 -43.54 33.10
N GLY DA 304 7.55 -44.12 32.80
CA GLY DA 304 7.72 -45.57 32.76
C GLY DA 304 6.60 -46.36 32.10
N PHE DA 305 6.77 -46.71 30.83
CA PHE DA 305 5.77 -47.48 30.11
C PHE DA 305 6.25 -48.00 28.77
N LYS DA 306 6.34 -49.32 28.66
CA LYS DA 306 6.80 -49.97 27.43
C LYS DA 306 5.74 -49.96 26.33
N LEU DA 307 6.19 -49.92 25.07
CA LEU DA 307 5.30 -49.90 23.92
C LEU DA 307 4.52 -51.18 23.70
N GLU DA 308 5.21 -52.32 23.77
CA GLU DA 308 4.57 -53.60 23.58
C GLU DA 308 3.32 -53.73 24.46
N ASN DA 309 3.36 -53.10 25.63
CA ASN DA 309 2.25 -53.12 26.58
C ASN DA 309 1.23 -52.01 26.32
N ALA DA 310 1.12 -51.54 25.09
CA ALA DA 310 0.16 -50.47 24.81
C ALA DA 310 -1.13 -51.01 24.21
N THR DA 311 -2.22 -50.63 24.86
CA THR DA 311 -3.57 -51.02 24.49
C THR DA 311 -4.13 -50.28 23.30
N LEU DA 312 -4.98 -50.98 22.55
CA LEU DA 312 -5.64 -50.42 21.38
C LEU DA 312 -6.67 -49.40 21.88
N SER DA 313 -6.39 -48.78 23.01
CA SER DA 313 -7.30 -47.78 23.59
C SER DA 313 -6.55 -46.56 24.11
N MET DA 314 -5.23 -46.71 24.28
CA MET DA 314 -4.39 -45.62 24.77
C MET DA 314 -4.18 -44.64 23.62
N LEU DA 315 -4.42 -45.12 22.41
CA LEU DA 315 -4.25 -44.32 21.21
C LEU DA 315 -5.57 -43.70 20.76
N GLY DA 316 -5.61 -42.36 20.73
CA GLY DA 316 -6.81 -41.67 20.31
C GLY DA 316 -7.06 -41.89 18.83
N ARG DA 317 -8.05 -41.18 18.28
CA ARG DA 317 -8.35 -41.32 16.86
C ARG DA 317 -9.14 -40.13 16.32
N ALA DA 318 -9.23 -40.06 15.00
CA ALA DA 318 -9.94 -38.97 14.34
C ALA DA 318 -10.54 -39.46 13.03
N GLU DA 319 -11.49 -38.67 12.51
CA GLU DA 319 -12.19 -39.01 11.28
C GLU DA 319 -11.32 -39.03 10.04
N ARG DA 320 -10.34 -38.13 9.98
CA ARG DA 320 -9.44 -38.09 8.85
C ARG DA 320 -8.08 -37.47 9.18
N VAL DA 321 -7.03 -38.08 8.64
CA VAL DA 321 -5.67 -37.61 8.83
C VAL DA 321 -4.99 -37.43 7.46
N ARG DA 322 -4.51 -36.22 7.20
CA ARG DA 322 -3.86 -35.88 5.94
C ARG DA 322 -2.38 -35.61 6.13
N ILE DA 323 -1.55 -36.38 5.44
CA ILE DA 323 -0.10 -36.23 5.56
C ILE DA 323 0.60 -35.79 4.26
N THR DA 324 1.33 -34.68 4.37
CA THR DA 324 2.08 -34.10 3.26
C THR DA 324 3.55 -34.27 3.63
N LYS DA 325 4.45 -34.17 2.65
CA LYS DA 325 5.86 -34.34 2.97
C LYS DA 325 6.31 -33.23 3.90
N ASP DA 326 5.46 -32.23 4.05
CA ASP DA 326 5.83 -31.09 4.88
C ASP DA 326 4.88 -30.81 6.02
N GLU DA 327 3.69 -31.40 5.99
CA GLU DA 327 2.71 -31.13 7.03
C GLU DA 327 1.74 -32.26 7.35
N THR DA 328 1.38 -32.38 8.63
CA THR DA 328 0.40 -33.40 9.04
C THR DA 328 -0.82 -32.69 9.57
N THR DA 329 -1.99 -33.19 9.19
CA THR DA 329 -3.24 -32.57 9.60
C THR DA 329 -4.20 -33.61 10.17
N ILE DA 330 -4.83 -33.27 11.29
CA ILE DA 330 -5.78 -34.18 11.93
C ILE DA 330 -7.17 -33.56 12.02
N VAL DA 331 -8.07 -34.02 11.15
CA VAL DA 331 -9.44 -33.52 11.11
C VAL DA 331 -10.41 -34.54 11.72
N GLY DA 332 -11.29 -34.04 12.59
CA GLY DA 332 -12.24 -34.92 13.24
C GLY DA 332 -11.67 -35.49 14.53
N GLY DA 333 -11.06 -34.63 15.33
CA GLY DA 333 -10.49 -35.07 16.59
C GLY DA 333 -11.61 -35.58 17.46
N LYS DA 334 -11.42 -36.78 18.02
CA LYS DA 334 -12.45 -37.38 18.86
C LYS DA 334 -12.10 -37.43 20.35
N GLY DA 335 -11.22 -36.53 20.77
CA GLY DA 335 -10.82 -36.47 22.16
C GLY DA 335 -11.92 -35.82 22.98
N LYS DA 336 -11.88 -36.02 24.29
CA LYS DA 336 -12.89 -35.46 25.16
C LYS DA 336 -12.83 -33.93 25.15
N LYS DA 337 -13.95 -33.30 24.82
CA LYS DA 337 -14.04 -31.84 24.79
C LYS DA 337 -13.49 -31.22 26.08
N GLU DA 338 -13.34 -32.03 27.12
CA GLU DA 338 -12.82 -31.58 28.40
C GLU DA 338 -11.30 -31.45 28.31
N ASP DA 339 -10.64 -32.56 27.94
CA ASP DA 339 -9.19 -32.59 27.81
C ASP DA 339 -8.70 -31.43 26.95
N ILE DA 340 -9.46 -31.13 25.91
CA ILE DA 340 -9.11 -30.05 24.99
C ILE DA 340 -9.14 -28.69 25.68
N GLU DA 341 -10.29 -28.34 26.25
CA GLU DA 341 -10.43 -27.07 26.96
C GLU DA 341 -9.44 -27.03 28.10
N ALA DA 342 -8.97 -28.21 28.50
CA ALA DA 342 -8.00 -28.31 29.58
C ALA DA 342 -6.70 -27.66 29.14
N ARG DA 343 -6.24 -28.01 27.93
CA ARG DA 343 -5.00 -27.46 27.38
C ARG DA 343 -5.18 -25.97 27.10
N ILE DA 344 -6.28 -25.62 26.44
CA ILE DA 344 -6.60 -24.24 26.09
C ILE DA 344 -6.39 -23.30 27.26
N ASN DA 345 -6.88 -23.70 28.43
CA ASN DA 345 -6.76 -22.87 29.61
C ASN DA 345 -5.38 -22.92 30.22
N GLY DA 346 -4.86 -24.13 30.40
CA GLY DA 346 -3.53 -24.29 30.97
C GLY DA 346 -2.49 -23.55 30.15
N ILE DA 347 -2.84 -23.29 28.89
CA ILE DA 347 -1.94 -22.60 27.98
C ILE DA 347 -2.03 -21.09 28.21
N LYS DA 348 -3.24 -20.61 28.51
CA LYS DA 348 -3.45 -19.18 28.75
C LYS DA 348 -2.80 -18.74 30.06
N LYS DA 349 -2.86 -19.61 31.06
CA LYS DA 349 -2.28 -19.32 32.38
C LYS DA 349 -0.77 -19.17 32.25
N GLU DA 350 -0.16 -20.09 31.51
CA GLU DA 350 1.28 -20.08 31.29
C GLU DA 350 1.65 -18.92 30.37
N LEU DA 351 0.64 -18.38 29.67
CA LEU DA 351 0.82 -17.26 28.74
C LEU DA 351 1.07 -15.96 29.49
N GLU DA 352 0.54 -15.87 30.71
CA GLU DA 352 0.68 -14.68 31.54
C GLU DA 352 2.00 -14.69 32.30
N THR DA 353 2.53 -15.90 32.51
CA THR DA 353 3.79 -16.08 33.22
C THR DA 353 4.94 -15.96 32.22
N THR DA 354 4.62 -16.04 30.94
CA THR DA 354 5.62 -15.95 29.87
C THR DA 354 6.08 -14.50 29.69
N ASP DA 355 7.36 -14.34 29.39
CA ASP DA 355 7.94 -13.01 29.21
C ASP DA 355 8.63 -12.81 27.86
N SER DA 356 9.19 -13.88 27.30
CA SER DA 356 9.87 -13.78 26.01
C SER DA 356 8.86 -13.78 24.86
N GLU DA 357 8.80 -12.66 24.14
CA GLU DA 357 7.89 -12.49 23.02
C GLU DA 357 7.82 -13.71 22.10
N TYR DA 358 8.96 -14.36 21.87
CA TYR DA 358 8.99 -15.52 21.00
C TYR DA 358 8.12 -16.65 21.55
N ALA DA 359 8.33 -16.98 22.81
CA ALA DA 359 7.57 -18.05 23.44
C ALA DA 359 6.07 -17.75 23.34
N ARG DA 360 5.70 -16.48 23.50
CA ARG DA 360 4.31 -16.09 23.43
C ARG DA 360 3.65 -16.45 22.10
N GLU DA 361 4.23 -15.98 21.00
CA GLU DA 361 3.70 -16.24 19.67
C GLU DA 361 3.48 -17.71 19.39
N LYS DA 362 4.38 -18.54 19.91
CA LYS DA 362 4.30 -19.98 19.71
C LYS DA 362 3.15 -20.57 20.50
N LEU DA 363 2.95 -20.13 21.74
CA LEU DA 363 1.83 -20.63 22.51
C LEU DA 363 0.60 -20.14 21.74
N GLN DA 364 0.72 -18.96 21.15
CA GLN DA 364 -0.38 -18.36 20.38
C GLN DA 364 -0.90 -19.30 19.32
N GLU DA 365 0.01 -19.93 18.58
CA GLU DA 365 -0.40 -20.84 17.52
C GLU DA 365 -1.07 -22.09 18.08
N ARG DA 366 -0.51 -22.65 19.16
CA ARG DA 366 -1.11 -23.83 19.79
C ARG DA 366 -2.50 -23.44 20.24
N LEU DA 367 -2.58 -22.24 20.80
CA LEU DA 367 -3.84 -21.70 21.31
C LEU DA 367 -4.86 -21.55 20.18
N ALA DA 368 -4.42 -21.07 19.02
CA ALA DA 368 -5.30 -20.88 17.88
C ALA DA 368 -5.64 -22.19 17.16
N LYS DA 369 -4.81 -23.21 17.35
CA LYS DA 369 -5.04 -24.51 16.73
C LYS DA 369 -6.12 -25.23 17.51
N LEU DA 370 -5.93 -25.31 18.83
CA LEU DA 370 -6.87 -25.97 19.73
C LEU DA 370 -8.21 -25.21 19.70
N ALA DA 371 -8.16 -23.92 20.02
CA ALA DA 371 -9.36 -23.08 19.97
C ALA DA 371 -9.66 -22.89 18.49
N GLY DA 372 -10.87 -22.47 18.15
CA GLY DA 372 -11.20 -22.30 16.74
C GLY DA 372 -11.31 -23.67 16.09
N GLY DA 373 -10.47 -24.59 16.56
CA GLY DA 373 -10.50 -25.95 16.06
C GLY DA 373 -9.94 -26.17 14.68
N VAL DA 374 -10.76 -26.77 13.82
CA VAL DA 374 -10.35 -27.08 12.46
C VAL DA 374 -11.48 -26.82 11.47
N ALA DA 375 -11.55 -25.58 10.99
CA ALA DA 375 -12.57 -25.21 10.00
C ALA DA 375 -12.42 -26.11 8.78
N VAL DA 376 -13.44 -26.90 8.50
CA VAL DA 376 -13.39 -27.80 7.36
C VAL DA 376 -14.38 -27.39 6.29
N ILE DA 377 -13.99 -27.57 5.04
CA ILE DA 377 -14.83 -27.21 3.92
C ILE DA 377 -15.15 -28.47 3.13
N ARG DA 378 -16.22 -29.16 3.54
CA ARG DA 378 -16.62 -30.37 2.86
C ARG DA 378 -16.98 -29.96 1.42
N VAL DA 379 -16.28 -30.52 0.45
CA VAL DA 379 -16.50 -30.20 -0.95
C VAL DA 379 -17.47 -31.13 -1.66
N GLY DA 380 -18.54 -30.56 -2.19
CA GLY DA 380 -19.54 -31.36 -2.87
C GLY DA 380 -19.30 -31.41 -4.37
N ALA DA 381 -19.49 -32.59 -4.94
CA ALA DA 381 -19.31 -32.81 -6.37
C ALA DA 381 -20.39 -33.76 -6.88
N ALA DA 382 -20.14 -34.37 -8.04
CA ALA DA 382 -21.08 -35.30 -8.63
C ALA DA 382 -20.27 -36.44 -9.27
N THR DA 383 -19.07 -36.10 -9.71
CA THR DA 383 -18.17 -37.06 -10.35
C THR DA 383 -16.89 -37.12 -9.52
N GLU DA 384 -16.15 -38.21 -9.64
CA GLU DA 384 -14.89 -38.33 -8.93
C GLU DA 384 -13.96 -37.31 -9.58
N THR DA 385 -14.27 -37.01 -10.84
CA THR DA 385 -13.50 -36.06 -11.63
C THR DA 385 -13.82 -34.64 -11.17
N GLU DA 386 -15.08 -34.24 -11.35
CA GLU DA 386 -15.53 -32.92 -10.93
C GLU DA 386 -15.04 -32.58 -9.53
N LEU DA 387 -14.90 -33.61 -8.70
CA LEU DA 387 -14.44 -33.43 -7.34
C LEU DA 387 -12.97 -33.03 -7.31
N LYS DA 388 -12.10 -33.89 -7.86
CA LYS DA 388 -10.67 -33.59 -7.90
C LYS DA 388 -10.42 -32.16 -8.30
N GLU DA 389 -11.26 -31.70 -9.20
CA GLU DA 389 -11.18 -30.36 -9.75
C GLU DA 389 -11.53 -29.29 -8.72
N LYS DA 390 -12.75 -29.36 -8.19
CA LYS DA 390 -13.18 -28.40 -7.17
C LYS DA 390 -12.23 -28.51 -5.99
N LYS DA 391 -11.84 -29.73 -5.65
CA LYS DA 391 -10.94 -29.98 -4.54
C LYS DA 391 -9.71 -29.12 -4.68
N HIS DA 392 -9.05 -29.29 -5.81
CA HIS DA 392 -7.84 -28.53 -6.14
C HIS DA 392 -8.13 -27.03 -6.17
N ARG DA 393 -9.07 -26.64 -7.01
CA ARG DA 393 -9.44 -25.24 -7.16
C ARG DA 393 -9.67 -24.55 -5.82
N PHE DA 394 -10.57 -25.11 -5.02
CA PHE DA 394 -10.88 -24.54 -3.72
C PHE DA 394 -9.66 -24.53 -2.82
N GLU DA 395 -8.88 -25.61 -2.83
CA GLU DA 395 -7.70 -25.66 -1.98
C GLU DA 395 -6.73 -24.54 -2.33
N ASP DA 396 -6.49 -24.35 -3.62
CA ASP DA 396 -5.59 -23.30 -4.05
C ASP DA 396 -6.16 -21.96 -3.64
N ALA DA 397 -7.43 -21.74 -3.99
CA ALA DA 397 -8.12 -20.49 -3.63
C ALA DA 397 -7.88 -20.19 -2.16
N LEU DA 398 -7.89 -21.23 -1.34
CA LEU DA 398 -7.66 -21.05 0.08
C LEU DA 398 -6.24 -20.55 0.31
N ASN DA 399 -5.25 -21.36 -0.08
CA ASN DA 399 -3.84 -21.01 0.08
C ASN DA 399 -3.55 -19.61 -0.46
N ALA DA 400 -4.15 -19.29 -1.60
CA ALA DA 400 -3.99 -18.00 -2.23
C ALA DA 400 -4.40 -16.91 -1.24
N THR DA 401 -5.68 -16.95 -0.88
CA THR DA 401 -6.29 -16.01 0.06
C THR DA 401 -5.52 -15.87 1.36
N ARG DA 402 -5.12 -17.00 1.93
CA ARG DA 402 -4.37 -16.96 3.18
C ARG DA 402 -3.07 -16.17 2.99
N ALA DA 403 -2.37 -16.46 1.89
CA ALA DA 403 -1.13 -15.76 1.59
C ALA DA 403 -1.46 -14.30 1.30
N ALA DA 404 -2.54 -14.10 0.55
CA ALA DA 404 -3.00 -12.76 0.18
C ALA DA 404 -3.11 -11.86 1.41
N VAL DA 405 -3.53 -12.43 2.52
CA VAL DA 405 -3.69 -11.66 3.75
C VAL DA 405 -2.34 -11.29 4.38
N GLU DA 406 -1.36 -12.17 4.24
CA GLU DA 406 -0.05 -11.94 4.81
C GLU DA 406 0.70 -10.74 4.26
N GLU DA 407 0.72 -10.60 2.95
CA GLU DA 407 1.45 -9.51 2.32
C GLU DA 407 0.68 -8.76 1.25
N GLY DA 408 -0.63 -8.93 1.21
CA GLY DA 408 -1.42 -8.22 0.22
C GLY DA 408 -1.34 -8.84 -1.16
N ILE DA 409 -1.99 -8.19 -2.11
CA ILE DA 409 -2.00 -8.68 -3.48
C ILE DA 409 -1.49 -7.61 -4.46
N VAL DA 410 -0.95 -8.08 -5.58
CA VAL DA 410 -0.40 -7.20 -6.64
C VAL DA 410 -0.95 -7.63 -7.99
N PRO DA 411 -0.84 -6.75 -9.01
CA PRO DA 411 -1.35 -7.09 -10.35
C PRO DA 411 -0.69 -8.36 -10.89
N GLY DA 412 -1.48 -9.24 -11.49
CA GLY DA 412 -0.94 -10.48 -12.02
C GLY DA 412 -0.48 -10.40 -13.47
N GLY DA 413 -0.33 -11.57 -14.09
CA GLY DA 413 0.11 -11.60 -15.47
C GLY DA 413 1.49 -11.01 -15.66
N GLY DA 414 2.34 -11.16 -14.64
CA GLY DA 414 3.69 -10.65 -14.71
C GLY DA 414 3.83 -9.14 -14.57
N VAL DA 415 2.72 -8.43 -14.77
CA VAL DA 415 2.71 -6.98 -14.69
C VAL DA 415 3.44 -6.36 -13.49
N THR DA 416 3.28 -6.96 -12.31
CA THR DA 416 3.94 -6.40 -11.14
C THR DA 416 5.44 -6.47 -11.30
N LEU DA 417 5.94 -7.62 -11.76
CA LEU DA 417 7.38 -7.74 -11.95
C LEU DA 417 7.90 -6.68 -12.95
N LEU DA 418 7.07 -6.32 -13.93
CA LEU DA 418 7.45 -5.32 -14.91
C LEU DA 418 7.60 -3.96 -14.23
N ARG DA 419 6.62 -3.61 -13.41
CA ARG DA 419 6.65 -2.34 -12.69
C ARG DA 419 7.84 -2.23 -11.74
N ALA DA 420 8.52 -3.35 -11.50
CA ALA DA 420 9.68 -3.33 -10.61
C ALA DA 420 10.89 -2.81 -11.37
N ILE DA 421 10.86 -2.95 -12.69
CA ILE DA 421 11.97 -2.50 -13.53
C ILE DA 421 12.38 -1.07 -13.19
N SER DA 422 11.42 -0.16 -13.19
CA SER DA 422 11.70 1.23 -12.86
C SER DA 422 12.60 1.33 -11.63
N ALA DA 423 12.22 0.61 -10.59
CA ALA DA 423 12.97 0.64 -9.36
C ALA DA 423 14.40 0.18 -9.59
N VAL DA 424 14.55 -0.84 -10.43
CA VAL DA 424 15.87 -1.38 -10.75
C VAL DA 424 16.68 -0.37 -11.54
N GLU DA 425 16.02 0.30 -12.50
CA GLU DA 425 16.66 1.33 -13.34
C GLU DA 425 17.30 2.40 -12.45
N GLU DA 426 16.50 2.93 -11.54
CA GLU DA 426 16.95 3.95 -10.60
C GLU DA 426 18.19 3.48 -9.88
N LEU DA 427 18.21 2.19 -9.55
CA LEU DA 427 19.34 1.61 -8.83
C LEU DA 427 20.57 1.62 -9.70
N ILE DA 428 20.41 1.15 -10.93
CA ILE DA 428 21.51 1.08 -11.87
C ILE DA 428 22.20 2.42 -12.01
N LYS DA 429 21.42 3.50 -12.11
CA LYS DA 429 21.98 4.84 -12.23
C LYS DA 429 22.94 5.20 -11.10
N LYS DA 430 22.85 4.48 -10.00
CA LYS DA 430 23.71 4.73 -8.84
C LYS DA 430 24.77 3.64 -8.74
N LEU DA 431 24.76 2.71 -9.70
CA LEU DA 431 25.73 1.62 -9.72
C LEU DA 431 26.70 1.74 -10.89
N GLU DA 432 27.83 1.07 -10.75
CA GLU DA 432 28.84 1.08 -11.78
C GLU DA 432 29.64 -0.22 -11.77
N GLY DA 433 30.28 -0.51 -12.89
CA GLY DA 433 31.09 -1.72 -12.96
C GLY DA 433 30.27 -2.96 -13.18
N ASP DA 434 30.83 -4.12 -12.83
CA ASP DA 434 30.15 -5.40 -12.98
C ASP DA 434 28.90 -5.44 -12.10
N GLU DA 435 28.96 -4.72 -10.99
CA GLU DA 435 27.85 -4.66 -10.05
C GLU DA 435 26.63 -4.10 -10.77
N ALA DA 436 26.85 -3.05 -11.56
CA ALA DA 436 25.77 -2.44 -12.30
C ALA DA 436 25.26 -3.44 -13.33
N THR DA 437 26.16 -4.27 -13.87
CA THR DA 437 25.79 -5.27 -14.87
C THR DA 437 24.76 -6.22 -14.25
N GLY DA 438 25.07 -6.71 -13.05
CA GLY DA 438 24.16 -7.60 -12.35
C GLY DA 438 22.77 -6.97 -12.24
N ALA DA 439 22.73 -5.74 -11.78
CA ALA DA 439 21.46 -5.04 -11.64
C ALA DA 439 20.74 -5.12 -12.98
N LYS DA 440 21.51 -4.92 -14.05
CA LYS DA 440 20.98 -4.95 -15.41
C LYS DA 440 20.44 -6.32 -15.76
N ILE DA 441 21.12 -7.36 -15.28
CA ILE DA 441 20.68 -8.74 -15.52
C ILE DA 441 19.28 -8.97 -14.95
N VAL DA 442 19.08 -8.57 -13.69
CA VAL DA 442 17.78 -8.71 -13.05
C VAL DA 442 16.75 -7.92 -13.82
N ARG DA 443 17.10 -6.70 -14.21
CA ARG DA 443 16.17 -5.87 -14.96
C ARG DA 443 15.66 -6.56 -16.21
N ARG DA 444 16.55 -7.29 -16.88
CA ARG DA 444 16.18 -7.99 -18.10
C ARG DA 444 15.29 -9.18 -17.74
N ALA DA 445 15.68 -9.94 -16.72
CA ALA DA 445 14.90 -11.10 -16.29
C ALA DA 445 13.43 -10.74 -16.00
N LEU DA 446 13.22 -9.70 -15.21
CA LEU DA 446 11.88 -9.24 -14.86
C LEU DA 446 10.89 -9.20 -16.04
N GLU DA 447 11.40 -9.12 -17.26
CA GLU DA 447 10.55 -9.05 -18.44
C GLU DA 447 10.04 -10.41 -18.90
N GLU DA 448 10.83 -11.45 -18.63
CA GLU DA 448 10.49 -12.81 -19.04
C GLU DA 448 9.10 -13.34 -18.71
N PRO DA 449 8.72 -13.33 -17.43
CA PRO DA 449 7.39 -13.83 -17.07
C PRO DA 449 6.31 -13.24 -17.97
N ALA DA 450 6.17 -11.92 -17.92
CA ALA DA 450 5.17 -11.22 -18.72
C ALA DA 450 5.25 -11.61 -20.18
N ARG DA 451 6.47 -11.53 -20.72
CA ARG DA 451 6.75 -11.84 -22.11
C ARG DA 451 6.36 -13.29 -22.46
N GLN DA 452 6.86 -14.23 -21.67
CA GLN DA 452 6.58 -15.65 -21.85
C GLN DA 452 5.07 -15.96 -21.86
N ILE DA 453 4.31 -15.30 -20.98
CA ILE DA 453 2.87 -15.51 -20.91
C ILE DA 453 2.26 -15.13 -22.25
N ALA DA 454 2.44 -13.87 -22.62
CA ALA DA 454 1.93 -13.37 -23.90
C ALA DA 454 2.36 -14.28 -25.05
N GLU DA 455 3.61 -14.73 -25.00
CA GLU DA 455 4.14 -15.60 -26.03
C GLU DA 455 3.35 -16.91 -26.09
N ASN DA 456 3.22 -17.59 -24.94
CA ASN DA 456 2.49 -18.85 -24.89
C ASN DA 456 1.07 -18.65 -25.43
N ALA DA 457 0.51 -17.48 -25.14
CA ALA DA 457 -0.84 -17.15 -25.60
C ALA DA 457 -0.89 -16.89 -27.11
N GLY DA 458 0.27 -16.83 -27.76
CA GLY DA 458 0.30 -16.60 -29.19
C GLY DA 458 0.34 -15.14 -29.57
N TYR DA 459 1.13 -14.35 -28.85
CA TYR DA 459 1.28 -12.91 -29.09
C TYR DA 459 2.77 -12.55 -29.08
N GLU DA 460 3.10 -11.35 -29.54
CA GLU DA 460 4.49 -10.92 -29.56
C GLU DA 460 4.89 -10.47 -28.17
N GLY DA 461 5.57 -11.36 -27.44
CA GLY DA 461 5.99 -11.05 -26.08
C GLY DA 461 6.57 -9.65 -25.92
N SER DA 462 7.76 -9.47 -26.48
CA SER DA 462 8.47 -8.20 -26.42
C SER DA 462 7.58 -7.00 -26.73
N VAL DA 463 6.66 -7.18 -27.68
CA VAL DA 463 5.76 -6.10 -28.07
C VAL DA 463 4.82 -5.72 -26.92
N ILE DA 464 4.11 -6.72 -26.42
CA ILE DA 464 3.18 -6.51 -25.32
C ILE DA 464 3.90 -5.94 -24.12
N VAL DA 465 5.07 -6.51 -23.80
CA VAL DA 465 5.86 -6.04 -22.66
C VAL DA 465 6.17 -4.54 -22.80
N GLN DA 466 6.24 -4.08 -24.04
CA GLN DA 466 6.55 -2.70 -24.29
C GLN DA 466 5.33 -1.84 -24.04
N GLN DA 467 4.24 -2.18 -24.71
CA GLN DA 467 3.01 -1.41 -24.58
C GLN DA 467 2.54 -1.29 -23.13
N ILE DA 468 2.96 -2.24 -22.28
CA ILE DA 468 2.61 -2.23 -20.86
C ILE DA 468 3.47 -1.22 -20.14
N LEU DA 469 4.79 -1.34 -20.31
CA LEU DA 469 5.73 -0.43 -19.70
C LEU DA 469 5.53 0.99 -20.23
N ALA DA 470 4.77 1.08 -21.32
CA ALA DA 470 4.47 2.37 -21.96
C ALA DA 470 3.57 3.19 -21.05
N GLU DA 471 2.48 2.57 -20.61
CA GLU DA 471 1.53 3.24 -19.72
C GLU DA 471 2.20 3.47 -18.36
N THR DA 472 2.32 4.73 -17.97
CA THR DA 472 2.94 5.09 -16.69
C THR DA 472 1.91 5.58 -15.67
N LYS DA 473 0.74 6.00 -16.15
CA LYS DA 473 -0.32 6.49 -15.28
C LYS DA 473 -0.70 5.46 -14.25
N ASN DA 474 -1.45 4.44 -14.66
CA ASN DA 474 -1.91 3.38 -13.76
C ASN DA 474 -1.03 2.13 -13.82
N PRO DA 475 -0.22 1.90 -12.79
CA PRO DA 475 0.68 0.74 -12.72
C PRO DA 475 -0.04 -0.59 -12.82
N ARG DA 476 -1.35 -0.56 -12.60
CA ARG DA 476 -2.15 -1.78 -12.67
C ARG DA 476 -2.52 -2.11 -14.10
N TYR DA 477 -2.08 -1.26 -15.03
CA TYR DA 477 -2.35 -1.46 -16.45
C TYR DA 477 -1.54 -2.69 -16.86
N GLY DA 478 -2.17 -3.60 -17.58
CA GLY DA 478 -1.47 -4.81 -17.99
C GLY DA 478 -2.18 -5.48 -19.14
N PHE DA 479 -1.61 -6.61 -19.57
CA PHE DA 479 -2.18 -7.35 -20.67
C PHE DA 479 -2.82 -8.65 -20.17
N ASN DA 480 -4.08 -8.84 -20.52
CA ASN DA 480 -4.79 -10.05 -20.10
C ASN DA 480 -4.68 -11.06 -21.25
N ALA DA 481 -3.64 -11.88 -21.20
CA ALA DA 481 -3.38 -12.88 -22.22
C ALA DA 481 -4.59 -13.76 -22.53
N ALA DA 482 -5.55 -13.78 -21.62
CA ALA DA 482 -6.74 -14.57 -21.78
C ALA DA 482 -7.67 -14.02 -22.86
N THR DA 483 -8.08 -12.76 -22.70
CA THR DA 483 -8.98 -12.10 -23.64
C THR DA 483 -8.21 -11.36 -24.73
N GLY DA 484 -6.89 -11.24 -24.54
CA GLY DA 484 -6.07 -10.55 -25.52
C GLY DA 484 -6.35 -9.06 -25.53
N GLU DA 485 -6.49 -8.47 -24.35
CA GLU DA 485 -6.75 -7.04 -24.23
C GLU DA 485 -5.99 -6.44 -23.04
N PHE DA 486 -5.75 -5.15 -23.10
CA PHE DA 486 -5.05 -4.49 -22.01
C PHE DA 486 -6.13 -3.97 -21.10
N VAL DA 487 -5.91 -4.11 -19.80
CA VAL DA 487 -6.90 -3.69 -18.81
C VAL DA 487 -6.22 -3.41 -17.47
N ASP DA 488 -7.04 -3.13 -16.46
CA ASP DA 488 -6.53 -2.92 -15.12
C ASP DA 488 -6.49 -4.32 -14.52
N MET DA 489 -5.29 -4.89 -14.46
CA MET DA 489 -5.10 -6.23 -13.93
C MET DA 489 -5.91 -6.47 -12.66
N VAL DA 490 -5.96 -5.48 -11.78
CA VAL DA 490 -6.72 -5.59 -10.54
C VAL DA 490 -8.22 -5.68 -10.85
N GLU DA 491 -8.80 -4.60 -11.32
CA GLU DA 491 -10.22 -4.58 -11.66
C GLU DA 491 -10.64 -5.69 -12.61
N ALA DA 492 -9.66 -6.41 -13.14
CA ALA DA 492 -9.93 -7.49 -14.07
C ALA DA 492 -9.88 -8.83 -13.35
N GLY DA 493 -9.59 -8.78 -12.05
CA GLY DA 493 -9.51 -9.99 -11.26
C GLY DA 493 -8.32 -10.87 -11.60
N ILE DA 494 -7.22 -10.23 -12.00
CA ILE DA 494 -6.01 -10.94 -12.36
C ILE DA 494 -4.96 -10.42 -11.39
N VAL DA 495 -4.97 -10.97 -10.18
CA VAL DA 495 -4.05 -10.55 -9.14
C VAL DA 495 -3.20 -11.73 -8.66
N ASP DA 496 -2.19 -11.42 -7.84
CA ASP DA 496 -1.29 -12.43 -7.29
C ASP DA 496 -0.87 -12.08 -5.87
N PRO DA 497 -0.78 -13.10 -5.00
CA PRO DA 497 -0.37 -12.79 -3.64
C PRO DA 497 1.02 -12.18 -3.73
N ALA DA 498 1.15 -10.94 -3.26
CA ALA DA 498 2.43 -10.27 -3.29
C ALA DA 498 3.50 -11.18 -2.70
N LYS DA 499 3.11 -12.05 -1.77
CA LYS DA 499 4.07 -12.96 -1.17
C LYS DA 499 4.64 -13.90 -2.22
N VAL DA 500 3.77 -14.37 -3.10
CA VAL DA 500 4.16 -15.31 -4.16
C VAL DA 500 5.26 -14.68 -5.03
N THR DA 501 4.96 -13.50 -5.55
CA THR DA 501 5.87 -12.75 -6.40
C THR DA 501 7.23 -12.53 -5.72
N ARG DA 502 7.22 -11.82 -4.60
CA ARG DA 502 8.46 -11.55 -3.88
C ARG DA 502 9.29 -12.83 -3.74
N SER DA 503 8.61 -13.95 -3.54
CA SER DA 503 9.30 -15.21 -3.36
C SER DA 503 9.92 -15.73 -4.65
N ALA DA 504 9.10 -15.90 -5.67
CA ALA DA 504 9.59 -16.40 -6.96
C ALA DA 504 10.89 -15.68 -7.35
N LEU DA 505 10.87 -14.35 -7.23
CA LEU DA 505 12.04 -13.54 -7.56
C LEU DA 505 13.23 -13.88 -6.68
N GLN DA 506 13.10 -13.59 -5.39
CA GLN DA 506 14.17 -13.88 -4.44
C GLN DA 506 14.73 -15.29 -4.63
N ASN DA 507 13.85 -16.26 -4.86
CA ASN DA 507 14.30 -17.64 -5.05
C ASN DA 507 15.12 -17.80 -6.31
N ALA DA 508 14.57 -17.33 -7.43
CA ALA DA 508 15.27 -17.42 -8.72
C ALA DA 508 16.65 -16.80 -8.56
N ALA DA 509 16.65 -15.54 -8.09
CA ALA DA 509 17.88 -14.79 -7.86
C ALA DA 509 18.82 -15.57 -6.97
N SER DA 510 18.28 -16.42 -6.12
CA SER DA 510 19.12 -17.19 -5.26
C SER DA 510 19.83 -18.23 -6.10
N ILE DA 511 19.08 -18.94 -6.93
CA ILE DA 511 19.70 -19.94 -7.77
C ILE DA 511 20.80 -19.31 -8.63
N GLY DA 512 20.48 -18.18 -9.24
CA GLY DA 512 21.45 -17.48 -10.07
C GLY DA 512 22.76 -17.26 -9.33
N ALA DA 513 22.67 -16.47 -8.26
CA ALA DA 513 23.85 -16.19 -7.46
C ALA DA 513 24.61 -17.49 -7.09
N LEU DA 514 23.87 -18.55 -6.81
CA LEU DA 514 24.48 -19.82 -6.43
C LEU DA 514 25.40 -20.33 -7.52
N ILE DA 515 24.84 -20.47 -8.72
CA ILE DA 515 25.60 -20.96 -9.86
C ILE DA 515 26.81 -20.09 -10.19
N LEU DA 516 26.64 -18.77 -10.21
CA LEU DA 516 27.75 -17.88 -10.49
C LEU DA 516 28.89 -18.10 -9.48
N THR DA 517 28.51 -18.39 -8.24
CA THR DA 517 29.47 -18.61 -7.18
C THR DA 517 30.00 -20.05 -7.12
N THR DA 518 29.56 -20.90 -8.04
CA THR DA 518 30.00 -22.29 -8.03
C THR DA 518 31.32 -22.46 -8.75
N GLU DA 519 32.30 -23.04 -8.04
CA GLU DA 519 33.64 -23.25 -8.59
C GLU DA 519 33.98 -24.71 -8.80
N ALA DA 520 33.10 -25.59 -8.37
CA ALA DA 520 33.35 -27.01 -8.53
C ALA DA 520 32.15 -27.86 -8.13
N VAL DA 521 32.07 -29.06 -8.68
CA VAL DA 521 31.01 -29.97 -8.34
C VAL DA 521 31.58 -31.38 -8.35
N VAL DA 522 31.27 -32.15 -7.32
CA VAL DA 522 31.74 -33.52 -7.19
C VAL DA 522 30.53 -34.45 -7.34
N ALA DA 523 30.40 -35.03 -8.54
CA ALA DA 523 29.29 -35.93 -8.80
C ALA DA 523 29.69 -37.39 -8.75
N GLU DA 524 28.69 -38.25 -8.73
CA GLU DA 524 28.90 -39.69 -8.70
C GLU DA 524 29.05 -40.16 -10.14
N LYS DA 525 30.03 -41.02 -10.37
CA LYS DA 525 30.27 -41.56 -11.70
C LYS DA 525 29.20 -42.63 -11.91
N PRO DA 526 28.76 -42.82 -13.16
CA PRO DA 526 27.75 -43.86 -13.36
C PRO DA 526 28.21 -45.22 -12.83
N ALA EA 2 15.30 -41.31 -15.49
CA ALA EA 2 16.06 -41.02 -16.74
C ALA EA 2 15.10 -40.71 -17.89
N LYS EA 3 14.66 -39.46 -17.96
CA LYS EA 3 13.72 -39.04 -19.00
C LYS EA 3 14.49 -38.57 -20.23
N ILE EA 4 13.78 -37.93 -21.15
CA ILE EA 4 14.38 -37.40 -22.37
C ILE EA 4 13.47 -36.33 -22.94
N LEU EA 5 13.91 -35.09 -22.90
CA LEU EA 5 13.14 -33.97 -23.40
C LEU EA 5 13.28 -33.75 -24.91
N VAL EA 6 12.23 -33.20 -25.52
CA VAL EA 6 12.21 -32.91 -26.96
C VAL EA 6 11.26 -31.74 -27.13
N PHE EA 7 11.69 -30.72 -27.86
CA PHE EA 7 10.84 -29.55 -28.03
C PHE EA 7 10.43 -29.26 -29.47
N ASP EA 8 9.72 -28.14 -29.63
CA ASP EA 8 9.22 -27.65 -30.90
C ASP EA 8 9.02 -28.67 -32.01
N GLU EA 9 9.35 -28.28 -33.23
CA GLU EA 9 9.17 -29.15 -34.36
C GLU EA 9 9.75 -30.53 -34.13
N ALA EA 10 10.88 -30.59 -33.43
CA ALA EA 10 11.51 -31.88 -33.17
C ALA EA 10 10.45 -32.82 -32.62
N ALA EA 11 9.75 -32.33 -31.59
CA ALA EA 11 8.70 -33.09 -30.92
C ALA EA 11 7.54 -33.38 -31.86
N ARG EA 12 6.90 -32.31 -32.34
CA ARG EA 12 5.76 -32.46 -33.25
C ARG EA 12 6.00 -33.44 -34.42
N ARG EA 13 7.23 -33.47 -34.94
CA ARG EA 13 7.53 -34.37 -36.05
C ARG EA 13 7.58 -35.80 -35.56
N ALA EA 14 8.09 -35.99 -34.35
CA ALA EA 14 8.17 -37.33 -33.76
C ALA EA 14 6.75 -37.88 -33.61
N LEU EA 15 5.89 -37.10 -32.95
CA LEU EA 15 4.51 -37.49 -32.76
C LEU EA 15 3.88 -37.82 -34.11
N GLU EA 16 4.02 -36.92 -35.07
CA GLU EA 16 3.47 -37.14 -36.40
C GLU EA 16 3.92 -38.47 -36.99
N ARG EA 17 5.18 -38.83 -36.78
CA ARG EA 17 5.69 -40.09 -37.31
C ARG EA 17 4.84 -41.23 -36.76
N GLY EA 18 4.55 -41.15 -35.47
CA GLY EA 18 3.73 -42.16 -34.84
C GLY EA 18 2.35 -42.12 -35.46
N VAL EA 19 1.73 -40.94 -35.43
CA VAL EA 19 0.41 -40.76 -35.99
C VAL EA 19 0.26 -41.43 -37.35
N ASN EA 20 1.26 -41.27 -38.20
CA ASN EA 20 1.20 -41.85 -39.52
C ASN EA 20 1.35 -43.35 -39.49
N ALA EA 21 2.17 -43.87 -38.59
CA ALA EA 21 2.38 -45.32 -38.50
C ALA EA 21 1.04 -46.03 -38.35
N VAL EA 22 0.26 -45.55 -37.40
CA VAL EA 22 -1.05 -46.10 -37.14
C VAL EA 22 -1.91 -45.87 -38.38
N ALA EA 23 -2.27 -44.61 -38.61
CA ALA EA 23 -3.10 -44.21 -39.75
C ALA EA 23 -2.83 -44.95 -41.06
N ASN EA 24 -1.58 -45.11 -41.43
CA ASN EA 24 -1.27 -45.79 -42.69
C ASN EA 24 -1.59 -47.26 -42.67
N ALA EA 25 -1.54 -47.88 -41.50
CA ALA EA 25 -1.84 -49.30 -41.39
C ALA EA 25 -3.35 -49.49 -41.36
N VAL EA 26 -4.02 -48.56 -40.69
CA VAL EA 26 -5.47 -48.58 -40.52
C VAL EA 26 -6.35 -48.21 -41.73
N LYS EA 27 -6.07 -47.09 -42.37
CA LYS EA 27 -6.90 -46.64 -43.48
C LYS EA 27 -7.06 -47.60 -44.67
N VAL EA 28 -6.16 -48.56 -44.83
CA VAL EA 28 -6.29 -49.48 -45.96
C VAL EA 28 -7.49 -50.42 -45.79
N THR EA 29 -8.25 -50.23 -44.71
CA THR EA 29 -9.41 -51.07 -44.43
C THR EA 29 -10.73 -50.31 -44.50
N LEU EA 30 -10.64 -48.99 -44.50
CA LEU EA 30 -11.82 -48.14 -44.55
C LEU EA 30 -12.72 -48.44 -45.75
N GLY EA 31 -14.03 -48.46 -45.49
CA GLY EA 31 -14.99 -48.71 -46.55
C GLY EA 31 -15.36 -50.16 -46.81
N PRO EA 32 -16.35 -50.37 -47.70
CA PRO EA 32 -16.91 -51.65 -48.14
C PRO EA 32 -15.90 -52.63 -48.68
N ARG EA 33 -14.75 -52.12 -49.12
CA ARG EA 33 -13.75 -53.00 -49.69
C ARG EA 33 -12.33 -52.84 -49.14
N GLY EA 34 -12.21 -52.64 -47.83
CA GLY EA 34 -10.89 -52.51 -47.25
C GLY EA 34 -9.94 -53.59 -47.74
N ARG EA 35 -8.65 -53.28 -47.72
CA ARG EA 35 -7.64 -54.24 -48.16
C ARG EA 35 -7.22 -55.08 -46.96
N ASN EA 36 -6.45 -56.12 -47.23
CA ASN EA 36 -5.98 -57.01 -46.19
C ASN EA 36 -4.72 -56.53 -45.46
N VAL EA 37 -4.74 -56.63 -44.13
CA VAL EA 37 -3.61 -56.25 -43.31
C VAL EA 37 -3.24 -57.53 -42.59
N VAL EA 38 -1.97 -57.92 -42.64
CA VAL EA 38 -1.50 -59.14 -41.99
C VAL EA 38 -0.93 -58.86 -40.60
N LEU EA 39 -1.39 -59.59 -39.59
CA LEU EA 39 -0.91 -59.41 -38.22
C LEU EA 39 -0.40 -60.75 -37.71
N GLU EA 40 0.80 -60.76 -37.14
CA GLU EA 40 1.33 -62.01 -36.63
C GLU EA 40 1.17 -62.11 -35.13
N LYS EA 41 0.79 -63.30 -34.66
CA LYS EA 41 0.62 -63.57 -33.25
C LYS EA 41 1.89 -64.25 -32.78
N LYS EA 42 2.38 -63.87 -31.60
CA LYS EA 42 3.61 -64.45 -31.09
C LYS EA 42 3.65 -65.97 -31.17
N PHE EA 43 2.57 -66.61 -30.76
CA PHE EA 43 2.52 -68.07 -30.77
C PHE EA 43 1.75 -68.62 -31.96
N GLY EA 44 0.46 -68.29 -32.04
CA GLY EA 44 -0.36 -68.77 -33.14
C GLY EA 44 0.17 -68.27 -34.47
N SER EA 45 -0.36 -68.82 -35.57
CA SER EA 45 0.07 -68.40 -36.90
C SER EA 45 -0.45 -66.98 -37.20
N PRO EA 46 -0.08 -66.42 -38.37
CA PRO EA 46 -0.53 -65.08 -38.73
C PRO EA 46 -2.04 -64.93 -38.88
N THR EA 47 -2.49 -63.69 -38.84
CA THR EA 47 -3.90 -63.34 -38.97
C THR EA 47 -4.06 -62.34 -40.11
N ILE EA 48 -5.24 -62.28 -40.71
CA ILE EA 48 -5.49 -61.32 -41.77
C ILE EA 48 -6.77 -60.60 -41.39
N THR EA 49 -6.82 -59.29 -41.57
CA THR EA 49 -8.01 -58.52 -41.19
C THR EA 49 -8.42 -57.56 -42.27
N LYS EA 50 -9.42 -56.75 -41.94
CA LYS EA 50 -9.95 -55.73 -42.83
C LYS EA 50 -10.64 -54.80 -41.87
N ASP EA 51 -10.36 -55.03 -40.59
CA ASP EA 51 -10.94 -54.24 -39.51
C ASP EA 51 -9.93 -53.26 -38.95
N GLY EA 52 -10.25 -51.98 -39.05
CA GLY EA 52 -9.36 -50.95 -38.56
C GLY EA 52 -8.99 -51.12 -37.10
N VAL EA 53 -10.00 -51.25 -36.25
CA VAL EA 53 -9.78 -51.39 -34.82
C VAL EA 53 -8.87 -52.57 -34.47
N THR EA 54 -9.07 -53.70 -35.13
CA THR EA 54 -8.23 -54.86 -34.87
C THR EA 54 -6.76 -54.52 -35.13
N VAL EA 55 -6.50 -53.88 -36.27
CA VAL EA 55 -5.13 -53.50 -36.65
C VAL EA 55 -4.57 -52.43 -35.71
N ALA EA 56 -5.38 -51.41 -35.43
CA ALA EA 56 -4.93 -50.34 -34.53
C ALA EA 56 -4.41 -50.90 -33.21
N LYS EA 57 -5.12 -51.88 -32.64
CA LYS EA 57 -4.71 -52.48 -31.37
C LYS EA 57 -3.30 -53.05 -31.43
N GLU EA 58 -2.97 -53.70 -32.54
CA GLU EA 58 -1.66 -54.33 -32.71
C GLU EA 58 -0.50 -53.39 -33.05
N VAL EA 59 -0.79 -52.10 -33.22
CA VAL EA 59 0.25 -51.14 -33.58
C VAL EA 59 0.96 -50.52 -32.40
N GLU EA 60 2.23 -50.90 -32.25
CA GLU EA 60 3.06 -50.39 -31.17
C GLU EA 60 4.45 -50.25 -31.76
N LEU EA 61 4.97 -49.02 -31.71
CA LEU EA 61 6.29 -48.69 -32.26
C LEU EA 61 7.46 -48.84 -31.29
N GLU EA 62 8.63 -49.17 -31.82
CA GLU EA 62 9.83 -49.32 -30.99
C GLU EA 62 10.24 -48.01 -30.34
N ASP EA 63 10.30 -46.94 -31.12
CA ASP EA 63 10.70 -45.64 -30.61
C ASP EA 63 9.67 -45.04 -29.66
N HIS EA 64 10.12 -44.70 -28.44
CA HIS EA 64 9.25 -44.12 -27.43
C HIS EA 64 8.44 -42.91 -27.91
N LEU EA 65 9.12 -41.89 -28.42
CA LEU EA 65 8.44 -40.69 -28.89
C LEU EA 65 7.42 -40.98 -29.98
N GLU EA 66 7.82 -41.72 -31.00
CA GLU EA 66 6.91 -42.05 -32.08
C GLU EA 66 5.71 -42.84 -31.56
N ASN EA 67 5.97 -43.78 -30.67
CA ASN EA 67 4.89 -44.57 -30.10
C ASN EA 67 3.92 -43.67 -29.38
N ILE EA 68 4.45 -42.72 -28.62
CA ILE EA 68 3.62 -41.77 -27.88
C ILE EA 68 2.56 -41.19 -28.79
N GLY EA 69 2.96 -40.89 -30.02
CA GLY EA 69 2.02 -40.33 -30.99
C GLY EA 69 1.00 -41.37 -31.37
N ALA EA 70 1.47 -42.55 -31.73
CA ALA EA 70 0.59 -43.65 -32.10
C ALA EA 70 -0.46 -43.89 -31.01
N GLN EA 71 -0.02 -44.06 -29.77
CA GLN EA 71 -0.93 -44.29 -28.65
C GLN EA 71 -1.88 -43.13 -28.47
N LEU EA 72 -1.33 -41.93 -28.51
CA LEU EA 72 -2.13 -40.73 -28.34
C LEU EA 72 -3.24 -40.68 -29.40
N LEU EA 73 -2.93 -41.13 -30.62
CA LEU EA 73 -3.94 -41.13 -31.68
C LEU EA 73 -4.99 -42.19 -31.36
N LYS EA 74 -4.52 -43.42 -31.20
CA LYS EA 74 -5.40 -44.55 -30.89
C LYS EA 74 -6.41 -44.20 -29.82
N GLU EA 75 -5.94 -43.61 -28.71
CA GLU EA 75 -6.83 -43.22 -27.64
C GLU EA 75 -7.98 -42.36 -28.16
N VAL EA 76 -7.68 -41.12 -28.50
CA VAL EA 76 -8.69 -40.19 -29.00
C VAL EA 76 -9.53 -40.76 -30.12
N ALA EA 77 -8.92 -41.58 -30.97
CA ALA EA 77 -9.65 -42.17 -32.09
C ALA EA 77 -10.71 -43.13 -31.60
N SER EA 78 -10.32 -43.99 -30.66
CA SER EA 78 -11.23 -44.99 -30.11
C SER EA 78 -12.38 -44.38 -29.32
N LYS EA 79 -12.15 -43.24 -28.67
CA LYS EA 79 -13.22 -42.63 -27.90
C LYS EA 79 -14.35 -42.11 -28.81
N THR EA 80 -14.45 -42.73 -29.98
CA THR EA 80 -15.47 -42.41 -30.96
C THR EA 80 -16.32 -43.67 -31.04
N ASN EA 81 -15.64 -44.82 -31.06
CA ASN EA 81 -16.29 -46.10 -31.09
C ASN EA 81 -16.95 -46.25 -29.71
N ASP EA 82 -16.34 -45.59 -28.72
CA ASP EA 82 -16.82 -45.60 -27.34
C ASP EA 82 -18.12 -44.84 -27.14
N VAL EA 83 -18.46 -43.97 -28.08
CA VAL EA 83 -19.68 -43.19 -27.93
C VAL EA 83 -20.63 -43.36 -29.12
N ALA EA 84 -20.27 -44.23 -30.08
CA ALA EA 84 -21.12 -44.46 -31.25
C ALA EA 84 -20.92 -45.86 -31.81
N GLY EA 85 -19.97 -46.59 -31.25
CA GLY EA 85 -19.72 -47.95 -31.68
C GLY EA 85 -19.21 -48.12 -33.10
N ASP EA 86 -18.56 -47.08 -33.62
CA ASP EA 86 -18.02 -47.11 -34.97
C ASP EA 86 -17.35 -45.79 -35.33
N GLY EA 87 -16.68 -45.77 -36.47
CA GLY EA 87 -16.01 -44.57 -36.94
C GLY EA 87 -14.70 -44.27 -36.26
N THR EA 88 -14.09 -45.29 -35.67
CA THR EA 88 -12.82 -45.07 -35.02
C THR EA 88 -11.77 -44.92 -36.13
N THR EA 89 -11.87 -45.76 -37.15
CA THR EA 89 -10.94 -45.70 -38.27
C THR EA 89 -11.08 -44.37 -39.04
N THR EA 90 -12.32 -43.96 -39.28
CA THR EA 90 -12.56 -42.72 -39.99
C THR EA 90 -11.96 -41.52 -39.25
N ALA EA 91 -12.01 -41.55 -37.93
CA ALA EA 91 -11.47 -40.44 -37.17
C ALA EA 91 -9.94 -40.40 -37.33
N THR EA 92 -9.33 -41.58 -37.47
CA THR EA 92 -7.88 -41.69 -37.64
C THR EA 92 -7.47 -41.04 -38.96
N VAL EA 93 -8.11 -41.45 -40.06
CA VAL EA 93 -7.83 -40.86 -41.36
C VAL EA 93 -7.89 -39.33 -41.30
N LEU EA 94 -9.04 -38.78 -40.89
CA LEU EA 94 -9.19 -37.34 -40.79
C LEU EA 94 -8.06 -36.72 -39.97
N ALA EA 95 -7.71 -37.39 -38.88
CA ALA EA 95 -6.66 -36.88 -38.00
C ALA EA 95 -5.31 -36.81 -38.71
N GLN EA 96 -4.95 -37.86 -39.44
CA GLN EA 96 -3.68 -37.88 -40.15
C GLN EA 96 -3.60 -36.63 -41.01
N ALA EA 97 -4.60 -36.44 -41.87
CA ALA EA 97 -4.67 -35.30 -42.76
C ALA EA 97 -4.48 -34.00 -41.98
N ILE EA 98 -5.36 -33.76 -41.02
CA ILE EA 98 -5.27 -32.55 -40.24
C ILE EA 98 -3.87 -32.32 -39.65
N VAL EA 99 -3.25 -33.38 -39.15
CA VAL EA 99 -1.91 -33.25 -38.57
C VAL EA 99 -0.86 -32.85 -39.61
N ARG EA 100 -0.91 -33.50 -40.77
CA ARG EA 100 0.01 -33.27 -41.89
C ARG EA 100 -0.03 -31.79 -42.31
N GLU EA 101 -1.12 -31.39 -42.95
CA GLU EA 101 -1.29 -30.01 -43.39
C GLU EA 101 -1.01 -29.02 -42.29
N GLY EA 102 -1.41 -29.36 -41.07
CA GLY EA 102 -1.20 -28.48 -39.95
C GLY EA 102 0.27 -28.21 -39.72
N LEU EA 103 1.04 -29.28 -39.60
CA LEU EA 103 2.47 -29.17 -39.36
C LEU EA 103 3.19 -28.53 -40.55
N LYS EA 104 2.68 -28.76 -41.75
CA LYS EA 104 3.25 -28.19 -42.96
C LYS EA 104 3.20 -26.68 -42.89
N ASN EA 105 1.99 -26.17 -42.73
CA ASN EA 105 1.76 -24.73 -42.64
C ASN EA 105 2.43 -24.10 -41.42
N VAL EA 106 2.63 -24.88 -40.38
CA VAL EA 106 3.27 -24.34 -39.18
C VAL EA 106 4.75 -24.19 -39.50
N ALA EA 107 5.27 -25.12 -40.28
CA ALA EA 107 6.67 -25.11 -40.70
C ALA EA 107 6.91 -24.04 -41.76
N ALA EA 108 5.83 -23.52 -42.34
CA ALA EA 108 5.94 -22.48 -43.33
C ALA EA 108 5.72 -21.13 -42.65
N GLY EA 109 5.66 -21.16 -41.32
CA GLY EA 109 5.48 -19.92 -40.57
C GLY EA 109 4.09 -19.56 -40.07
N ALA EA 110 3.11 -20.43 -40.30
CA ALA EA 110 1.74 -20.16 -39.85
C ALA EA 110 1.69 -20.27 -38.33
N ASN EA 111 0.86 -19.44 -37.70
CA ASN EA 111 0.72 -19.48 -36.24
C ASN EA 111 -0.14 -20.68 -35.85
N PRO EA 112 0.39 -21.56 -34.99
CA PRO EA 112 -0.36 -22.75 -34.57
C PRO EA 112 -1.73 -22.39 -34.02
N LEU EA 113 -1.76 -21.52 -33.00
CA LEU EA 113 -3.02 -21.11 -32.39
C LEU EA 113 -4.06 -20.64 -33.40
N ALA EA 114 -3.65 -19.81 -34.36
CA ALA EA 114 -4.57 -19.31 -35.37
C ALA EA 114 -5.08 -20.48 -36.21
N LEU EA 115 -4.20 -21.42 -36.50
CA LEU EA 115 -4.59 -22.58 -37.30
C LEU EA 115 -5.70 -23.31 -36.54
N LYS EA 116 -5.50 -23.46 -35.24
CA LYS EA 116 -6.46 -24.12 -34.37
C LYS EA 116 -7.79 -23.38 -34.43
N ARG EA 117 -7.81 -22.12 -33.97
CA ARG EA 117 -9.03 -21.30 -33.99
C ARG EA 117 -9.80 -21.57 -35.28
N GLY EA 118 -9.06 -21.68 -36.38
CA GLY EA 118 -9.69 -21.93 -37.66
C GLY EA 118 -10.17 -23.35 -37.85
N ILE EA 119 -9.38 -24.31 -37.40
CA ILE EA 119 -9.75 -25.72 -37.52
C ILE EA 119 -11.04 -25.94 -36.73
N GLU EA 120 -11.15 -25.25 -35.60
CA GLU EA 120 -12.32 -25.36 -34.75
C GLU EA 120 -13.55 -24.79 -35.44
N LYS EA 121 -13.47 -23.52 -35.83
CA LYS EA 121 -14.60 -22.89 -36.51
C LYS EA 121 -15.01 -23.74 -37.71
N ALA EA 122 -14.02 -24.33 -38.36
CA ALA EA 122 -14.32 -25.18 -39.53
C ALA EA 122 -15.17 -26.38 -39.10
N VAL EA 123 -14.72 -27.10 -38.08
CA VAL EA 123 -15.46 -28.25 -37.59
C VAL EA 123 -16.87 -27.86 -37.22
N GLU EA 124 -17.03 -26.81 -36.40
CA GLU EA 124 -18.35 -26.34 -36.02
C GLU EA 124 -19.24 -26.33 -37.26
N ALA EA 125 -18.91 -25.45 -38.20
CA ALA EA 125 -19.67 -25.33 -39.43
C ALA EA 125 -19.94 -26.69 -40.07
N ALA EA 126 -18.95 -27.60 -40.00
CA ALA EA 126 -19.09 -28.94 -40.58
C ALA EA 126 -20.15 -29.75 -39.83
N VAL EA 127 -20.03 -29.77 -38.51
CA VAL EA 127 -20.98 -30.50 -37.69
C VAL EA 127 -22.38 -29.97 -37.96
N GLU EA 128 -22.54 -28.65 -37.87
CA GLU EA 128 -23.82 -28.00 -38.11
C GLU EA 128 -24.48 -28.45 -39.43
N LYS EA 129 -23.66 -28.75 -40.43
CA LYS EA 129 -24.16 -29.20 -41.72
C LYS EA 129 -24.55 -30.67 -41.58
N ILE EA 130 -23.77 -31.43 -40.81
CA ILE EA 130 -24.07 -32.85 -40.60
C ILE EA 130 -25.46 -32.96 -39.97
N LYS EA 131 -25.70 -32.10 -38.97
CA LYS EA 131 -26.98 -32.05 -38.26
C LYS EA 131 -28.12 -31.74 -39.22
N ALA EA 132 -28.08 -30.55 -39.80
CA ALA EA 132 -29.11 -30.12 -40.73
C ALA EA 132 -29.28 -31.09 -41.90
N LEU EA 133 -28.42 -32.09 -41.96
CA LEU EA 133 -28.45 -33.06 -43.05
C LEU EA 133 -28.87 -34.45 -42.58
N ALA EA 134 -29.06 -34.59 -41.27
CA ALA EA 134 -29.44 -35.88 -40.68
C ALA EA 134 -30.97 -36.11 -40.71
N ILE EA 135 -31.38 -37.28 -41.18
CA ILE EA 135 -32.78 -37.72 -41.25
C ILE EA 135 -33.13 -38.25 -39.87
N PRO EA 136 -34.18 -37.72 -39.21
CA PRO EA 136 -34.54 -38.22 -37.88
C PRO EA 136 -35.05 -39.66 -37.91
N VAL EA 137 -34.67 -40.44 -36.90
CA VAL EA 137 -35.11 -41.82 -36.78
C VAL EA 137 -35.80 -41.96 -35.43
N GLU EA 138 -37.13 -41.84 -35.43
CA GLU EA 138 -37.90 -41.93 -34.20
C GLU EA 138 -39.18 -42.75 -34.39
N ASP EA 139 -39.58 -42.94 -35.64
CA ASP EA 139 -40.78 -43.73 -35.92
C ASP EA 139 -40.53 -45.17 -35.54
N ARG EA 140 -41.57 -45.99 -35.67
CA ARG EA 140 -41.46 -47.40 -35.35
C ARG EA 140 -40.77 -48.04 -36.55
N LYS EA 141 -41.29 -47.73 -37.74
CA LYS EA 141 -40.72 -48.26 -38.98
C LYS EA 141 -39.29 -47.78 -39.12
N ALA EA 142 -39.07 -46.50 -38.84
CA ALA EA 142 -37.74 -45.91 -38.94
C ALA EA 142 -36.73 -46.79 -38.17
N ILE EA 143 -36.84 -46.77 -36.85
CA ILE EA 143 -35.96 -47.54 -35.98
C ILE EA 143 -35.79 -48.99 -36.41
N GLU EA 144 -36.86 -49.60 -36.89
CA GLU EA 144 -36.76 -50.99 -37.31
C GLU EA 144 -35.93 -51.11 -38.57
N GLU EA 145 -36.26 -50.31 -39.58
CA GLU EA 145 -35.55 -50.33 -40.85
C GLU EA 145 -34.05 -50.10 -40.68
N VAL EA 146 -33.69 -49.07 -39.91
CA VAL EA 146 -32.29 -48.76 -39.66
C VAL EA 146 -31.60 -50.04 -39.17
N ALA EA 147 -32.08 -50.56 -38.05
CA ALA EA 147 -31.53 -51.78 -37.45
C ALA EA 147 -31.57 -52.96 -38.43
N THR EA 148 -32.67 -53.07 -39.16
CA THR EA 148 -32.83 -54.14 -40.12
C THR EA 148 -31.65 -54.16 -41.10
N ILE EA 149 -31.27 -52.97 -41.56
CA ILE EA 149 -30.16 -52.84 -42.50
C ILE EA 149 -28.82 -53.15 -41.84
N SER EA 150 -28.48 -52.41 -40.79
CA SER EA 150 -27.21 -52.59 -40.08
C SER EA 150 -27.02 -54.01 -39.57
N ALA EA 151 -28.10 -54.78 -39.58
CA ALA EA 151 -28.00 -56.15 -39.10
C ALA EA 151 -28.05 -57.11 -40.27
N ASN EA 152 -28.74 -56.67 -41.33
CA ASN EA 152 -28.91 -57.47 -42.53
C ASN EA 152 -29.77 -58.67 -42.12
N ASP EA 153 -30.87 -58.36 -41.43
CA ASP EA 153 -31.81 -59.36 -40.95
C ASP EA 153 -33.07 -58.61 -40.52
N PRO EA 154 -34.16 -58.75 -41.30
CA PRO EA 154 -35.43 -58.08 -40.99
C PRO EA 154 -36.02 -58.50 -39.64
N GLU EA 155 -35.67 -59.73 -39.23
CA GLU EA 155 -36.13 -60.29 -37.96
C GLU EA 155 -35.45 -59.59 -36.80
N VAL EA 156 -34.13 -59.67 -36.77
CA VAL EA 156 -33.35 -59.04 -35.71
C VAL EA 156 -33.70 -57.56 -35.70
N GLY EA 157 -34.12 -57.05 -36.85
CA GLY EA 157 -34.51 -55.66 -36.94
C GLY EA 157 -35.71 -55.44 -36.04
N LYS EA 158 -36.69 -56.33 -36.19
CA LYS EA 158 -37.92 -56.28 -35.39
C LYS EA 158 -37.55 -56.33 -33.91
N LEU EA 159 -36.87 -57.40 -33.52
CA LEU EA 159 -36.45 -57.59 -32.14
C LEU EA 159 -35.80 -56.34 -31.58
N ILE EA 160 -34.76 -55.85 -32.26
CA ILE EA 160 -34.06 -54.64 -31.82
C ILE EA 160 -35.05 -53.50 -31.67
N ALA EA 161 -35.99 -53.40 -32.60
CA ALA EA 161 -37.01 -52.37 -32.55
C ALA EA 161 -37.86 -52.54 -31.30
N ASP EA 162 -38.40 -53.75 -31.12
CA ASP EA 162 -39.24 -54.05 -29.96
C ASP EA 162 -38.47 -53.80 -28.67
N ALA EA 163 -37.28 -54.37 -28.58
CA ALA EA 163 -36.45 -54.22 -27.40
C ALA EA 163 -36.35 -52.74 -27.00
N MET EA 164 -36.15 -51.89 -28.00
CA MET EA 164 -36.05 -50.46 -27.76
C MET EA 164 -37.42 -49.90 -27.39
N GLU EA 165 -38.43 -50.32 -28.15
CA GLU EA 165 -39.81 -49.89 -27.93
C GLU EA 165 -40.22 -49.97 -26.47
N LYS EA 166 -39.88 -51.09 -25.84
CA LYS EA 166 -40.24 -51.36 -24.45
C LYS EA 166 -39.30 -50.81 -23.39
N VAL EA 167 -38.01 -51.14 -23.49
CA VAL EA 167 -37.05 -50.67 -22.49
C VAL EA 167 -36.82 -49.16 -22.50
N GLY EA 168 -37.06 -48.54 -23.65
CA GLY EA 168 -36.88 -47.10 -23.76
C GLY EA 168 -35.48 -46.64 -24.16
N LYS EA 169 -35.35 -45.35 -24.42
CA LYS EA 169 -34.09 -44.75 -24.82
C LYS EA 169 -32.99 -44.99 -23.81
N GLU EA 170 -33.22 -44.57 -22.56
CA GLU EA 170 -32.22 -44.77 -21.53
C GLU EA 170 -32.31 -46.14 -20.87
N GLY EA 171 -32.96 -47.07 -21.57
CA GLY EA 171 -33.10 -48.42 -21.06
C GLY EA 171 -31.88 -49.29 -21.29
N ILE EA 172 -32.00 -50.58 -20.97
CA ILE EA 172 -30.89 -51.51 -21.15
C ILE EA 172 -31.22 -52.60 -22.18
N ILE EA 173 -30.32 -52.79 -23.13
CA ILE EA 173 -30.48 -53.81 -24.16
C ILE EA 173 -29.13 -54.50 -24.35
N THR EA 174 -29.15 -55.80 -24.59
CA THR EA 174 -27.91 -56.54 -24.75
C THR EA 174 -28.10 -57.67 -25.71
N VAL EA 175 -26.99 -58.14 -26.26
CA VAL EA 175 -27.02 -59.25 -27.18
C VAL EA 175 -26.23 -60.35 -26.49
N GLU EA 176 -26.86 -61.50 -26.28
CA GLU EA 176 -26.18 -62.59 -25.61
C GLU EA 176 -26.06 -63.81 -26.49
N GLU EA 177 -24.95 -64.54 -26.34
CA GLU EA 177 -24.73 -65.75 -27.12
C GLU EA 177 -25.58 -66.87 -26.58
N SER EA 178 -26.79 -67.00 -27.13
CA SER EA 178 -27.72 -68.04 -26.72
C SER EA 178 -27.08 -69.40 -27.00
N LYS EA 179 -27.76 -70.46 -26.57
CA LYS EA 179 -27.26 -71.81 -26.78
C LYS EA 179 -28.21 -72.43 -27.81
N SER EA 180 -29.41 -71.87 -27.88
CA SER EA 180 -30.44 -72.33 -28.81
C SER EA 180 -30.06 -71.93 -30.23
N LEU EA 181 -30.56 -72.67 -31.21
CA LEU EA 181 -30.26 -72.39 -32.61
C LEU EA 181 -31.22 -71.38 -33.19
N GLU EA 182 -31.94 -70.67 -32.32
CA GLU EA 182 -32.90 -69.65 -32.75
C GLU EA 182 -32.66 -68.36 -32.00
N THR EA 183 -32.95 -67.24 -32.66
CA THR EA 183 -32.76 -65.93 -32.05
C THR EA 183 -34.07 -65.44 -31.48
N GLU EA 184 -34.06 -65.10 -30.19
CA GLU EA 184 -35.26 -64.64 -29.50
C GLU EA 184 -35.00 -63.40 -28.65
N LEU EA 185 -36.09 -62.74 -28.25
CA LEU EA 185 -36.02 -61.57 -27.39
C LEU EA 185 -36.72 -61.89 -26.07
N LYS EA 186 -36.00 -61.77 -24.96
CA LYS EA 186 -36.55 -62.06 -23.64
C LYS EA 186 -36.27 -60.89 -22.69
N PHE EA 187 -37.24 -60.54 -21.86
CA PHE EA 187 -37.06 -59.43 -20.92
C PHE EA 187 -36.79 -59.88 -19.50
N VAL EA 188 -35.52 -60.19 -19.20
CA VAL EA 188 -35.13 -60.61 -17.86
C VAL EA 188 -35.02 -59.35 -16.95
N GLU EA 189 -34.50 -59.51 -15.75
CA GLU EA 189 -34.38 -58.43 -14.77
C GLU EA 189 -32.87 -58.11 -14.67
N GLY EA 190 -32.52 -56.90 -14.26
CA GLY EA 190 -31.10 -56.57 -14.16
C GLY EA 190 -30.75 -55.10 -13.96
N TYR EA 191 -29.47 -54.79 -14.13
CA TYR EA 191 -28.98 -53.43 -13.96
C TYR EA 191 -27.74 -53.24 -14.85
N GLN EA 192 -27.22 -52.02 -14.86
CA GLN EA 192 -26.04 -51.70 -15.66
C GLN EA 192 -25.50 -50.32 -15.32
N PHE EA 193 -24.21 -50.26 -14.99
CA PHE EA 193 -23.58 -48.99 -14.65
C PHE EA 193 -22.28 -48.78 -15.44
N ASP EA 194 -21.84 -47.52 -15.52
CA ASP EA 194 -20.63 -47.18 -16.26
C ASP EA 194 -19.31 -47.30 -15.51
N LYS EA 195 -18.81 -48.53 -15.40
CA LYS EA 195 -17.53 -48.82 -14.74
C LYS EA 195 -17.13 -50.16 -15.33
N GLY EA 196 -15.84 -50.45 -15.35
CA GLY EA 196 -15.39 -51.71 -15.91
C GLY EA 196 -14.32 -52.41 -15.09
N TYR EA 197 -13.78 -53.48 -15.65
CA TYR EA 197 -12.78 -54.24 -14.93
C TYR EA 197 -11.60 -53.43 -14.43
N ILE EA 198 -11.39 -53.51 -13.12
CA ILE EA 198 -10.30 -52.82 -12.44
C ILE EA 198 -8.94 -53.28 -12.97
N SER EA 199 -8.93 -54.43 -13.64
CA SER EA 199 -7.70 -54.96 -14.23
C SER EA 199 -8.09 -55.70 -15.50
N PRO EA 200 -7.35 -55.45 -16.58
CA PRO EA 200 -7.61 -56.09 -17.87
C PRO EA 200 -7.37 -57.61 -17.86
N TYR EA 201 -6.84 -58.11 -16.74
CA TYR EA 201 -6.58 -59.54 -16.62
C TYR EA 201 -7.86 -60.34 -16.32
N PHE EA 202 -8.91 -59.64 -15.92
CA PHE EA 202 -10.18 -60.28 -15.60
C PHE EA 202 -10.94 -60.63 -16.88
N VAL EA 203 -10.39 -60.23 -18.02
CA VAL EA 203 -11.02 -60.47 -19.30
C VAL EA 203 -11.20 -61.95 -19.62
N THR EA 204 -12.40 -62.30 -20.09
CA THR EA 204 -12.75 -63.67 -20.47
C THR EA 204 -12.38 -63.93 -21.93
N ASN EA 205 -12.79 -63.00 -22.80
CA ASN EA 205 -12.53 -63.08 -24.23
C ASN EA 205 -11.49 -62.04 -24.66
N PRO EA 206 -10.28 -62.50 -25.03
CA PRO EA 206 -9.20 -61.61 -25.47
C PRO EA 206 -9.61 -60.69 -26.63
N GLU EA 207 -10.28 -61.26 -27.62
CA GLU EA 207 -10.73 -60.50 -28.79
C GLU EA 207 -11.67 -59.36 -28.40
N THR EA 208 -12.83 -59.71 -27.86
CA THR EA 208 -13.82 -58.70 -27.46
C THR EA 208 -13.39 -57.85 -26.27
N MET EA 209 -12.34 -58.29 -25.58
CA MET EA 209 -11.84 -57.56 -24.40
C MET EA 209 -12.92 -57.39 -23.33
N GLU EA 210 -13.73 -58.42 -23.15
CA GLU EA 210 -14.80 -58.41 -22.15
C GLU EA 210 -14.56 -59.51 -21.13
N ALA EA 211 -15.27 -59.41 -20.01
CA ALA EA 211 -15.20 -60.39 -18.97
C ALA EA 211 -16.64 -60.85 -18.84
N VAL EA 212 -16.90 -62.11 -19.19
CA VAL EA 212 -18.25 -62.66 -19.11
C VAL EA 212 -18.32 -63.75 -18.03
N LEU EA 213 -19.24 -63.54 -17.09
CA LEU EA 213 -19.43 -64.45 -15.98
C LEU EA 213 -20.87 -64.96 -16.02
N GLU EA 214 -21.03 -66.27 -15.97
CA GLU EA 214 -22.38 -66.86 -15.99
C GLU EA 214 -22.79 -67.52 -14.68
N ASP EA 215 -23.97 -67.14 -14.20
CA ASP EA 215 -24.52 -67.66 -12.95
C ASP EA 215 -23.49 -67.41 -11.86
N ALA EA 216 -23.21 -66.14 -11.60
CA ALA EA 216 -22.23 -65.80 -10.60
C ALA EA 216 -22.83 -64.98 -9.46
N PHE EA 217 -22.13 -64.98 -8.33
CA PHE EA 217 -22.56 -64.23 -7.16
C PHE EA 217 -22.05 -62.81 -7.34
N ILE EA 218 -22.76 -61.87 -6.73
CA ILE EA 218 -22.41 -60.46 -6.84
C ILE EA 218 -22.13 -59.81 -5.48
N LEU EA 219 -20.95 -60.10 -4.96
CA LEU EA 219 -20.52 -59.55 -3.69
C LEU EA 219 -20.52 -58.02 -3.73
N ILE EA 220 -21.56 -57.42 -3.19
CA ILE EA 220 -21.67 -55.95 -3.20
C ILE EA 220 -21.06 -55.31 -1.92
N VAL EA 221 -19.84 -54.82 -2.04
CA VAL EA 221 -19.15 -54.18 -0.93
C VAL EA 221 -19.27 -52.65 -1.04
N GLU EA 222 -18.80 -51.94 -0.04
CA GLU EA 222 -18.89 -50.48 -0.04
C GLU EA 222 -17.58 -49.88 0.47
N LYS EA 223 -16.71 -50.74 0.96
CA LYS EA 223 -15.41 -50.33 1.49
C LYS EA 223 -14.34 -50.59 0.43
N LYS EA 224 -13.11 -50.15 0.71
CA LYS EA 224 -12.01 -50.39 -0.20
C LYS EA 224 -11.36 -51.70 0.20
N VAL EA 225 -11.71 -52.76 -0.53
CA VAL EA 225 -11.16 -54.07 -0.25
C VAL EA 225 -9.69 -54.14 -0.67
N SER EA 226 -8.78 -54.03 0.30
CA SER EA 226 -7.36 -54.08 0.01
C SER EA 226 -6.64 -55.15 0.81
N ASN EA 227 -7.29 -55.65 1.85
CA ASN EA 227 -6.71 -56.68 2.71
C ASN EA 227 -7.21 -58.07 2.33
N VAL EA 228 -6.28 -59.02 2.25
CA VAL EA 228 -6.63 -60.40 1.90
C VAL EA 228 -7.44 -61.07 3.02
N ARG EA 229 -6.99 -60.92 4.25
CA ARG EA 229 -7.65 -61.54 5.40
C ARG EA 229 -9.16 -61.30 5.45
N GLU EA 230 -9.59 -60.08 5.19
CA GLU EA 230 -11.03 -59.76 5.23
C GLU EA 230 -11.77 -60.21 3.97
N LEU EA 231 -11.05 -60.82 3.04
CA LEU EA 231 -11.67 -61.29 1.81
C LEU EA 231 -11.65 -62.81 1.67
N LEU EA 232 -10.58 -63.45 2.14
CA LEU EA 232 -10.45 -64.91 2.07
C LEU EA 232 -11.68 -65.72 2.49
N PRO EA 233 -12.35 -65.36 3.60
CA PRO EA 233 -13.53 -66.11 4.03
C PRO EA 233 -14.62 -66.27 2.94
N ILE EA 234 -15.13 -65.16 2.38
CA ILE EA 234 -16.16 -65.27 1.34
C ILE EA 234 -15.61 -65.83 0.06
N LEU EA 235 -14.35 -65.50 -0.22
CA LEU EA 235 -13.69 -65.97 -1.42
C LEU EA 235 -13.67 -67.49 -1.41
N GLU EA 236 -13.54 -68.06 -0.22
CA GLU EA 236 -13.50 -69.51 -0.03
C GLU EA 236 -14.85 -70.17 -0.19
N GLN EA 237 -15.86 -69.62 0.48
CA GLN EA 237 -17.22 -70.15 0.38
C GLN EA 237 -17.60 -70.24 -1.08
N VAL EA 238 -17.40 -69.16 -1.83
CA VAL EA 238 -17.73 -69.11 -3.24
C VAL EA 238 -16.90 -70.09 -4.06
N ALA EA 239 -15.64 -70.23 -3.70
CA ALA EA 239 -14.73 -71.13 -4.40
C ALA EA 239 -15.30 -72.55 -4.48
N GLN EA 240 -15.84 -73.03 -3.36
CA GLN EA 240 -16.39 -74.38 -3.31
C GLN EA 240 -17.75 -74.47 -4.00
N THR EA 241 -18.26 -73.32 -4.43
CA THR EA 241 -19.56 -73.30 -5.11
C THR EA 241 -19.37 -73.71 -6.55
N GLY EA 242 -18.15 -73.56 -7.06
CA GLY EA 242 -17.86 -73.91 -8.44
C GLY EA 242 -18.37 -72.82 -9.36
N LYS EA 243 -19.02 -71.82 -8.76
CA LYS EA 243 -19.57 -70.68 -9.51
C LYS EA 243 -18.63 -69.48 -9.53
N PRO EA 244 -18.79 -68.59 -10.53
CA PRO EA 244 -17.98 -67.38 -10.67
C PRO EA 244 -18.43 -66.27 -9.73
N LEU EA 245 -17.60 -65.25 -9.56
CA LEU EA 245 -17.92 -64.14 -8.66
C LEU EA 245 -17.61 -62.74 -9.20
N LEU EA 246 -18.57 -61.84 -9.05
CA LEU EA 246 -18.41 -60.45 -9.46
C LEU EA 246 -18.33 -59.57 -8.24
N ILE EA 247 -17.17 -58.94 -8.02
CA ILE EA 247 -17.01 -58.05 -6.86
C ILE EA 247 -17.31 -56.62 -7.29
N ILE EA 248 -18.07 -55.89 -6.48
CA ILE EA 248 -18.43 -54.52 -6.81
C ILE EA 248 -18.17 -53.57 -5.66
N ALA EA 249 -16.93 -53.55 -5.17
CA ALA EA 249 -16.52 -52.65 -4.08
C ALA EA 249 -16.27 -51.25 -4.64
N GLU EA 250 -15.98 -50.28 -3.79
CA GLU EA 250 -15.73 -48.94 -4.32
C GLU EA 250 -14.34 -48.99 -4.95
N ASP EA 251 -13.57 -50.00 -4.56
CA ASP EA 251 -12.24 -50.22 -5.13
C ASP EA 251 -11.57 -51.46 -4.56
N VAL EA 252 -10.78 -52.13 -5.39
CA VAL EA 252 -10.07 -53.34 -5.00
C VAL EA 252 -8.60 -53.11 -5.35
N GLU EA 253 -7.76 -53.05 -4.33
CA GLU EA 253 -6.34 -52.78 -4.54
C GLU EA 253 -5.43 -53.71 -3.73
N GLY EA 254 -4.13 -53.40 -3.77
CA GLY EA 254 -3.15 -54.18 -3.04
C GLY EA 254 -3.26 -55.69 -3.15
N GLU EA 255 -3.07 -56.35 -2.02
CA GLU EA 255 -3.14 -57.81 -1.96
C GLU EA 255 -4.45 -58.28 -2.57
N ALA EA 256 -5.55 -57.70 -2.10
CA ALA EA 256 -6.88 -58.06 -2.58
C ALA EA 256 -6.93 -58.20 -4.09
N LEU EA 257 -6.64 -57.10 -4.79
CA LEU EA 257 -6.67 -57.11 -6.24
C LEU EA 257 -5.66 -58.08 -6.85
N ALA EA 258 -4.50 -58.20 -6.21
CA ALA EA 258 -3.46 -59.12 -6.68
C ALA EA 258 -3.90 -60.58 -6.64
N THR EA 259 -4.48 -60.98 -5.50
CA THR EA 259 -4.96 -62.36 -5.30
C THR EA 259 -6.07 -62.72 -6.29
N LEU EA 260 -7.07 -61.85 -6.38
CA LEU EA 260 -8.18 -62.07 -7.29
C LEU EA 260 -7.67 -62.36 -8.71
N VAL EA 261 -6.68 -61.59 -9.14
CA VAL EA 261 -6.12 -61.75 -10.47
C VAL EA 261 -5.34 -63.05 -10.64
N VAL EA 262 -4.55 -63.40 -9.63
CA VAL EA 262 -3.76 -64.63 -9.71
C VAL EA 262 -4.62 -65.89 -9.84
N ASN EA 263 -5.57 -66.05 -8.94
CA ASN EA 263 -6.44 -67.23 -8.96
C ASN EA 263 -7.28 -67.29 -10.24
N LYS EA 264 -7.59 -66.10 -10.76
CA LYS EA 264 -8.37 -65.92 -11.98
C LYS EA 264 -7.60 -66.48 -13.17
N LEU EA 265 -6.36 -66.03 -13.31
CA LEU EA 265 -5.47 -66.46 -14.39
C LEU EA 265 -4.96 -67.86 -14.10
N ARG EA 266 -5.19 -68.32 -12.88
CA ARG EA 266 -4.75 -69.63 -12.44
C ARG EA 266 -5.82 -70.70 -12.71
N GLY EA 267 -7.06 -70.35 -12.44
CA GLY EA 267 -8.16 -71.26 -12.65
C GLY EA 267 -8.78 -71.65 -11.33
N THR EA 268 -8.27 -71.07 -10.25
CA THR EA 268 -8.76 -71.35 -8.91
C THR EA 268 -10.15 -70.75 -8.71
N LEU EA 269 -10.33 -69.52 -9.19
CA LEU EA 269 -11.61 -68.84 -9.06
C LEU EA 269 -11.76 -67.80 -10.18
N SER EA 270 -12.84 -67.89 -10.94
CA SER EA 270 -13.04 -66.93 -12.01
C SER EA 270 -13.80 -65.75 -11.43
N VAL EA 271 -13.10 -64.63 -11.26
CA VAL EA 271 -13.71 -63.43 -10.72
C VAL EA 271 -13.40 -62.21 -11.57
N ALA EA 272 -13.94 -61.07 -11.15
CA ALA EA 272 -13.76 -59.81 -11.83
C ALA EA 272 -14.21 -58.69 -10.89
N ALA EA 273 -13.32 -57.73 -10.64
CA ALA EA 273 -13.64 -56.62 -9.76
C ALA EA 273 -13.94 -55.34 -10.55
N VAL EA 274 -14.98 -54.64 -10.13
CA VAL EA 274 -15.42 -53.41 -10.77
C VAL EA 274 -15.68 -52.36 -9.71
N LYS EA 275 -15.35 -51.11 -9.99
CA LYS EA 275 -15.59 -50.05 -9.02
C LYS EA 275 -17.09 -49.76 -8.88
N ALA EA 276 -17.48 -49.19 -7.75
CA ALA EA 276 -18.88 -48.89 -7.49
C ALA EA 276 -19.40 -47.75 -8.35
N PRO EA 277 -20.60 -47.93 -8.93
CA PRO EA 277 -21.25 -46.92 -9.79
C PRO EA 277 -21.49 -45.62 -9.07
N GLY EA 278 -21.63 -44.55 -9.84
CA GLY EA 278 -21.88 -43.24 -9.26
C GLY EA 278 -20.82 -42.79 -8.28
N PHE EA 279 -21.07 -41.65 -7.67
CA PHE EA 279 -20.15 -41.07 -6.70
C PHE EA 279 -20.93 -40.41 -5.56
N GLY EA 280 -20.44 -40.60 -4.35
CA GLY EA 280 -21.09 -40.02 -3.17
C GLY EA 280 -22.37 -40.68 -2.73
N ASP EA 281 -23.29 -39.88 -2.20
CA ASP EA 281 -24.58 -40.38 -1.74
C ASP EA 281 -25.22 -41.21 -2.84
N ARG EA 282 -25.08 -40.68 -4.05
CA ARG EA 282 -25.60 -41.30 -5.26
C ARG EA 282 -25.15 -42.72 -5.44
N ARG EA 283 -23.95 -43.02 -4.96
CA ARG EA 283 -23.38 -44.34 -5.09
C ARG EA 283 -24.05 -45.39 -4.22
N LYS EA 284 -24.13 -45.15 -2.91
CA LYS EA 284 -24.75 -46.12 -2.04
C LYS EA 284 -26.17 -46.39 -2.52
N GLU EA 285 -26.84 -45.35 -2.99
CA GLU EA 285 -28.20 -45.51 -3.48
C GLU EA 285 -28.25 -46.46 -4.67
N MET EA 286 -27.23 -46.39 -5.52
CA MET EA 286 -27.16 -47.27 -6.68
C MET EA 286 -26.70 -48.68 -6.28
N LEU EA 287 -25.90 -48.76 -5.24
CA LEU EA 287 -25.40 -50.05 -4.75
C LEU EA 287 -26.57 -50.89 -4.23
N LYS EA 288 -27.61 -50.20 -3.76
CA LYS EA 288 -28.80 -50.85 -3.25
C LYS EA 288 -29.65 -51.34 -4.43
N ASP EA 289 -29.74 -50.50 -5.47
CA ASP EA 289 -30.49 -50.85 -6.67
C ASP EA 289 -29.96 -52.19 -7.18
N ILE EA 290 -28.66 -52.40 -7.02
CA ILE EA 290 -28.02 -53.63 -7.46
C ILE EA 290 -28.42 -54.77 -6.52
N ALA EA 291 -28.20 -54.57 -5.23
CA ALA EA 291 -28.56 -55.58 -4.24
C ALA EA 291 -30.01 -56.01 -4.44
N ALA EA 292 -30.88 -55.04 -4.70
CA ALA EA 292 -32.30 -55.30 -4.92
C ALA EA 292 -32.58 -56.25 -6.08
N VAL EA 293 -32.02 -55.94 -7.25
CA VAL EA 293 -32.23 -56.76 -8.44
C VAL EA 293 -31.41 -58.03 -8.42
N THR EA 294 -30.39 -58.06 -7.56
CA THR EA 294 -29.52 -59.23 -7.46
C THR EA 294 -29.96 -60.21 -6.39
N GLY EA 295 -30.44 -59.68 -5.27
CA GLY EA 295 -30.86 -60.51 -4.17
C GLY EA 295 -29.71 -60.60 -3.19
N GLY EA 296 -28.93 -59.53 -3.13
CA GLY EA 296 -27.80 -59.46 -2.23
C GLY EA 296 -27.96 -58.28 -1.31
N THR EA 297 -26.95 -58.00 -0.49
CA THR EA 297 -27.02 -56.88 0.45
C THR EA 297 -25.73 -56.09 0.49
N VAL EA 298 -25.88 -54.76 0.60
CA VAL EA 298 -24.74 -53.87 0.64
C VAL EA 298 -23.93 -54.02 1.93
N ILE EA 299 -22.81 -54.72 1.82
CA ILE EA 299 -21.91 -54.93 2.95
C ILE EA 299 -21.25 -53.60 3.33
N SER EA 300 -22.00 -52.74 4.00
CA SER EA 300 -21.49 -51.44 4.40
C SER EA 300 -20.94 -51.45 5.82
N GLU EA 301 -19.74 -50.90 5.98
CA GLU EA 301 -19.10 -50.84 7.29
C GLU EA 301 -19.93 -49.88 8.15
N GLU EA 302 -20.68 -49.00 7.48
CA GLU EA 302 -21.53 -48.01 8.16
C GLU EA 302 -22.46 -48.70 9.14
N LEU EA 303 -23.32 -49.57 8.62
CA LEU EA 303 -24.26 -50.31 9.45
C LEU EA 303 -23.50 -51.39 10.21
N GLY EA 304 -22.24 -51.07 10.54
CA GLY EA 304 -21.37 -51.98 11.27
C GLY EA 304 -21.41 -53.43 10.84
N PHE EA 305 -20.44 -53.83 10.02
CA PHE EA 305 -20.38 -55.22 9.56
C PHE EA 305 -19.09 -55.53 8.82
N LYS EA 306 -18.29 -56.43 9.39
CA LYS EA 306 -17.03 -56.82 8.78
C LYS EA 306 -17.22 -57.77 7.61
N LEU EA 307 -16.28 -57.72 6.66
CA LEU EA 307 -16.32 -58.56 5.46
C LEU EA 307 -16.09 -60.04 5.74
N GLU EA 308 -15.08 -60.34 6.54
CA GLU EA 308 -14.78 -61.74 6.86
C GLU EA 308 -16.02 -62.48 7.33
N ASN EA 309 -16.92 -61.76 7.99
CA ASN EA 309 -18.15 -62.34 8.51
C ASN EA 309 -19.29 -62.30 7.51
N ALA EA 310 -18.99 -62.31 6.22
CA ALA EA 310 -20.07 -62.26 5.24
C ALA EA 310 -20.41 -63.64 4.73
N THR EA 311 -21.70 -63.92 4.70
CA THR EA 311 -22.23 -65.20 4.28
C THR EA 311 -22.41 -65.32 2.78
N LEU EA 312 -22.21 -66.55 2.30
CA LEU EA 312 -22.35 -66.87 0.89
C LEU EA 312 -23.82 -66.72 0.53
N SER EA 313 -24.53 -65.87 1.27
CA SER EA 313 -25.96 -65.65 1.04
C SER EA 313 -26.31 -64.18 1.05
N MET EA 314 -25.41 -63.36 1.59
CA MET EA 314 -25.64 -61.91 1.66
C MET EA 314 -25.43 -61.32 0.28
N LEU EA 315 -24.73 -62.08 -0.56
CA LEU EA 315 -24.42 -61.66 -1.92
C LEU EA 315 -25.43 -62.20 -2.92
N GLY EA 316 -26.11 -61.30 -3.63
CA GLY EA 316 -27.09 -61.70 -4.62
C GLY EA 316 -26.42 -62.41 -5.79
N ARG EA 317 -27.19 -62.66 -6.84
CA ARG EA 317 -26.60 -63.31 -8.00
C ARG EA 317 -27.46 -63.16 -9.25
N ALA EA 318 -26.85 -63.42 -10.41
CA ALA EA 318 -27.54 -63.29 -11.69
C ALA EA 318 -27.08 -64.34 -12.70
N GLU EA 319 -27.89 -64.50 -13.75
CA GLU EA 319 -27.62 -65.48 -14.79
C GLU EA 319 -26.37 -65.19 -15.59
N ARG EA 320 -26.11 -63.92 -15.85
CA ARG EA 320 -24.91 -63.53 -16.60
C ARG EA 320 -24.45 -62.10 -16.31
N VAL EA 321 -23.13 -61.95 -16.18
CA VAL EA 321 -22.52 -60.65 -15.92
C VAL EA 321 -21.46 -60.37 -17.00
N ARG EA 322 -21.60 -59.22 -17.65
CA ARG EA 322 -20.71 -58.80 -18.71
C ARG EA 322 -19.90 -57.55 -18.35
N ILE EA 323 -18.59 -57.70 -18.28
CA ILE EA 323 -17.74 -56.59 -17.91
C ILE EA 323 -16.82 -56.14 -19.03
N THR EA 324 -16.90 -54.84 -19.31
CA THR EA 324 -16.12 -54.16 -20.34
C THR EA 324 -15.19 -53.20 -19.61
N LYS EA 325 -14.13 -52.72 -20.26
CA LYS EA 325 -13.24 -51.81 -19.58
C LYS EA 325 -13.97 -50.51 -19.21
N ASP EA 326 -15.15 -50.30 -19.78
CA ASP EA 326 -15.92 -49.08 -19.52
C ASP EA 326 -17.32 -49.33 -18.95
N GLU EA 327 -17.78 -50.58 -18.99
CA GLU EA 327 -19.14 -50.82 -18.54
C GLU EA 327 -19.43 -52.21 -17.99
N THR EA 328 -20.22 -52.25 -16.92
CA THR EA 328 -20.60 -53.53 -16.30
C THR EA 328 -22.09 -53.73 -16.53
N THR EA 329 -22.45 -54.95 -16.91
CA THR EA 329 -23.85 -55.29 -17.17
C THR EA 329 -24.27 -56.56 -16.45
N ILE EA 330 -25.42 -56.51 -15.79
CA ILE EA 330 -25.93 -57.65 -15.05
C ILE EA 330 -27.26 -58.12 -15.63
N VAL EA 331 -27.22 -59.26 -16.31
CA VAL EA 331 -28.39 -59.84 -16.94
C VAL EA 331 -28.87 -61.07 -16.19
N GLY EA 332 -30.17 -61.13 -15.92
CA GLY EA 332 -30.73 -62.25 -15.20
C GLY EA 332 -30.71 -61.99 -13.70
N GLY EA 333 -31.12 -60.79 -13.31
CA GLY EA 333 -31.15 -60.45 -11.89
C GLY EA 333 -32.10 -61.37 -11.15
N LYS EA 334 -31.63 -61.96 -10.06
CA LYS EA 334 -32.46 -62.89 -9.31
C LYS EA 334 -32.93 -62.37 -7.96
N GLY EA 335 -33.03 -61.05 -7.85
CA GLY EA 335 -33.50 -60.45 -6.62
C GLY EA 335 -35.01 -60.57 -6.51
N LYS EA 336 -35.53 -60.34 -5.31
CA LYS EA 336 -36.97 -60.43 -5.09
C LYS EA 336 -37.70 -59.34 -5.85
N LYS EA 337 -38.62 -59.75 -6.72
CA LYS EA 337 -39.41 -58.80 -7.51
C LYS EA 337 -39.96 -57.68 -6.62
N GLU EA 338 -40.02 -57.94 -5.33
CA GLU EA 338 -40.53 -56.98 -4.35
C GLU EA 338 -39.50 -55.88 -4.11
N ASP EA 339 -38.30 -56.29 -3.70
CA ASP EA 339 -37.22 -55.36 -3.43
C ASP EA 339 -37.03 -54.39 -4.60
N ILE EA 340 -37.17 -54.93 -5.80
CA ILE EA 340 -37.02 -54.15 -7.04
C ILE EA 340 -38.07 -53.06 -7.13
N GLU EA 341 -39.34 -53.45 -7.12
CA GLU EA 341 -40.43 -52.49 -7.19
C GLU EA 341 -40.33 -51.53 -5.99
N ALA EA 342 -39.60 -51.97 -4.98
CA ALA EA 342 -39.41 -51.17 -3.76
C ALA EA 342 -38.62 -49.93 -4.11
N ARG EA 343 -37.56 -50.12 -4.89
CA ARG EA 343 -36.70 -49.02 -5.31
C ARG EA 343 -37.46 -48.15 -6.32
N ILE EA 344 -38.02 -48.80 -7.34
CA ILE EA 344 -38.78 -48.11 -8.39
C ILE EA 344 -39.73 -47.07 -7.82
N ASN EA 345 -40.47 -47.43 -6.78
CA ASN EA 345 -41.41 -46.52 -6.17
C ASN EA 345 -40.74 -45.48 -5.28
N GLY EA 346 -39.86 -45.93 -4.40
CA GLY EA 346 -39.16 -45.03 -3.50
C GLY EA 346 -38.37 -43.99 -4.28
N ILE EA 347 -38.12 -44.30 -5.55
CA ILE EA 347 -37.37 -43.42 -6.44
C ILE EA 347 -38.32 -42.36 -7.01
N LYS EA 348 -39.56 -42.77 -7.29
CA LYS EA 348 -40.56 -41.87 -7.85
C LYS EA 348 -41.01 -40.82 -6.83
N LYS EA 349 -41.10 -41.26 -5.58
CA LYS EA 349 -41.50 -40.38 -4.49
C LYS EA 349 -40.47 -39.27 -4.31
N GLU EA 350 -39.20 -39.66 -4.26
CA GLU EA 350 -38.10 -38.73 -4.10
C GLU EA 350 -37.95 -37.87 -5.35
N LEU EA 351 -38.58 -38.32 -6.42
CA LEU EA 351 -38.52 -37.64 -7.71
C LEU EA 351 -39.41 -36.39 -7.72
N GLU EA 352 -40.46 -36.41 -6.90
CA GLU EA 352 -41.38 -35.28 -6.80
C GLU EA 352 -40.83 -34.22 -5.85
N THR EA 353 -40.00 -34.66 -4.91
CA THR EA 353 -39.40 -33.76 -3.92
C THR EA 353 -38.14 -33.13 -4.52
N THR EA 354 -37.67 -33.70 -5.63
CA THR EA 354 -36.49 -33.19 -6.31
C THR EA 354 -36.82 -31.90 -7.05
N ASP EA 355 -35.87 -30.98 -7.06
CA ASP EA 355 -36.05 -29.70 -7.72
C ASP EA 355 -34.99 -29.40 -8.78
N SER EA 356 -33.77 -29.88 -8.59
CA SER EA 356 -32.69 -29.64 -9.55
C SER EA 356 -32.81 -30.57 -10.75
N GLU EA 357 -33.03 -29.98 -11.92
CA GLU EA 357 -33.18 -30.72 -13.17
C GLU EA 357 -32.13 -31.81 -13.36
N TYR EA 358 -30.90 -31.56 -12.93
CA TYR EA 358 -29.85 -32.55 -13.09
C TYR EA 358 -30.15 -33.79 -12.29
N ALA EA 359 -30.49 -33.62 -11.02
CA ALA EA 359 -30.81 -34.75 -10.17
C ALA EA 359 -31.96 -35.58 -10.76
N ARG EA 360 -32.93 -34.90 -11.36
CA ARG EA 360 -34.08 -35.58 -11.94
C ARG EA 360 -33.67 -36.56 -13.02
N GLU EA 361 -32.91 -36.08 -14.00
CA GLU EA 361 -32.46 -36.92 -15.11
C GLU EA 361 -31.68 -38.12 -14.61
N LYS EA 362 -30.96 -37.96 -13.50
CA LYS EA 362 -30.20 -39.10 -13.00
C LYS EA 362 -31.14 -40.14 -12.41
N LEU EA 363 -32.10 -39.72 -11.60
CA LEU EA 363 -33.02 -40.69 -11.05
C LEU EA 363 -33.74 -41.35 -12.21
N GLN EA 364 -33.96 -40.56 -13.27
CA GLN EA 364 -34.61 -41.02 -14.49
C GLN EA 364 -33.94 -42.27 -15.04
N GLU EA 365 -32.61 -42.25 -15.13
CA GLU EA 365 -31.88 -43.39 -15.66
C GLU EA 365 -31.97 -44.58 -14.72
N ARG EA 366 -31.87 -44.36 -13.42
CA ARG EA 366 -31.97 -45.46 -12.48
C ARG EA 366 -33.36 -46.05 -12.65
N LEU EA 367 -34.33 -45.16 -12.76
CA LEU EA 367 -35.73 -45.51 -12.92
C LEU EA 367 -35.95 -46.35 -14.18
N ALA EA 368 -35.30 -45.97 -15.27
CA ALA EA 368 -35.47 -46.71 -16.52
C ALA EA 368 -34.65 -48.01 -16.54
N LYS EA 369 -33.65 -48.10 -15.68
CA LYS EA 369 -32.82 -49.30 -15.62
C LYS EA 369 -33.60 -50.39 -14.90
N LEU EA 370 -34.08 -50.05 -13.71
CA LEU EA 370 -34.87 -50.95 -12.87
C LEU EA 370 -36.15 -51.31 -13.62
N ALA EA 371 -36.93 -50.30 -13.96
CA ALA EA 371 -38.15 -50.52 -14.72
C ALA EA 371 -37.68 -50.93 -16.12
N GLY EA 372 -38.55 -51.54 -16.91
CA GLY EA 372 -38.14 -51.96 -18.24
C GLY EA 372 -37.24 -53.20 -18.20
N GLY EA 373 -36.34 -53.27 -17.22
CA GLY EA 373 -35.45 -54.42 -17.06
C GLY EA 373 -34.23 -54.46 -17.94
N VAL EA 374 -34.01 -55.62 -18.55
CA VAL EA 374 -32.87 -55.83 -19.42
C VAL EA 374 -33.25 -56.64 -20.65
N ALA EA 375 -33.69 -55.95 -21.70
CA ALA EA 375 -34.07 -56.61 -22.95
C ALA EA 375 -32.87 -57.38 -23.47
N VAL EA 376 -33.00 -58.70 -23.56
CA VAL EA 376 -31.92 -59.54 -24.04
C VAL EA 376 -32.26 -60.17 -25.38
N ILE EA 377 -31.25 -60.27 -26.24
CA ILE EA 377 -31.44 -60.86 -27.54
C ILE EA 377 -30.58 -62.10 -27.66
N ARG EA 378 -31.14 -63.23 -27.22
CA ARG EA 378 -30.41 -64.50 -27.28
C ARG EA 378 -30.14 -64.77 -28.76
N VAL EA 379 -28.86 -64.87 -29.12
CA VAL EA 379 -28.46 -65.10 -30.50
C VAL EA 379 -28.25 -66.56 -30.85
N GLY EA 380 -29.01 -67.03 -31.83
CA GLY EA 380 -28.91 -68.42 -32.25
C GLY EA 380 -27.95 -68.60 -33.41
N ALA EA 381 -27.16 -69.67 -33.34
CA ALA EA 381 -26.20 -69.99 -34.37
C ALA EA 381 -26.15 -71.51 -34.57
N ALA EA 382 -25.07 -71.99 -35.18
CA ALA EA 382 -24.90 -73.41 -35.42
C ALA EA 382 -23.43 -73.77 -35.20
N THR EA 383 -22.58 -72.78 -35.43
CA THR EA 383 -21.14 -72.95 -35.26
C THR EA 383 -20.67 -71.91 -34.24
N GLU EA 384 -19.53 -72.17 -33.61
CA GLU EA 384 -18.99 -71.24 -32.65
C GLU EA 384 -18.56 -70.03 -33.47
N THR EA 385 -18.27 -70.31 -34.74
CA THR EA 385 -17.85 -69.28 -35.70
C THR EA 385 -19.06 -68.44 -36.10
N GLU EA 386 -20.02 -69.09 -36.74
CA GLU EA 386 -21.23 -68.41 -37.18
C GLU EA 386 -21.81 -67.54 -36.07
N LEU EA 387 -21.58 -67.97 -34.82
CA LEU EA 387 -22.08 -67.23 -33.68
C LEU EA 387 -21.32 -65.93 -33.47
N LYS EA 388 -20.00 -66.03 -33.32
CA LYS EA 388 -19.17 -64.84 -33.12
C LYS EA 388 -19.58 -63.79 -34.15
N GLU EA 389 -19.91 -64.24 -35.34
CA GLU EA 389 -20.25 -63.35 -36.40
C GLU EA 389 -21.60 -62.64 -36.19
N LYS EA 390 -22.66 -63.41 -36.01
CA LYS EA 390 -23.99 -62.86 -35.77
C LYS EA 390 -23.90 -62.01 -34.51
N LYS EA 391 -23.17 -62.53 -33.52
CA LYS EA 391 -22.99 -61.83 -32.26
C LYS EA 391 -22.55 -60.41 -32.52
N HIS EA 392 -21.41 -60.30 -33.20
CA HIS EA 392 -20.83 -59.02 -33.55
C HIS EA 392 -21.80 -58.19 -34.38
N ARG EA 393 -22.20 -58.76 -35.53
CA ARG EA 393 -23.11 -58.09 -36.44
C ARG EA 393 -24.33 -57.49 -35.73
N PHE EA 394 -25.05 -58.34 -34.99
CA PHE EA 394 -26.24 -57.89 -34.28
C PHE EA 394 -25.89 -56.83 -33.25
N GLU EA 395 -24.78 -57.04 -32.54
CA GLU EA 395 -24.38 -56.08 -31.53
C GLU EA 395 -24.14 -54.71 -32.13
N ASP EA 396 -23.43 -54.68 -33.25
CA ASP EA 396 -23.15 -53.41 -33.90
C ASP EA 396 -24.46 -52.81 -34.36
N ALA EA 397 -25.26 -53.62 -35.06
CA ALA EA 397 -26.56 -53.19 -35.56
C ALA EA 397 -27.32 -52.50 -34.43
N LEU EA 398 -27.20 -53.05 -33.23
CA LEU EA 398 -27.87 -52.46 -32.09
C LEU EA 398 -27.30 -51.06 -31.80
N ASN EA 399 -26.01 -51.01 -31.49
CA ASN EA 399 -25.31 -49.75 -31.19
C ASN EA 399 -25.58 -48.72 -32.28
N ALA EA 400 -25.56 -49.18 -33.53
CA ALA EA 400 -25.81 -48.30 -34.66
C ALA EA 400 -27.16 -47.63 -34.46
N THR EA 401 -28.19 -48.47 -34.46
CA THR EA 401 -29.58 -48.04 -34.31
C THR EA 401 -29.80 -47.14 -33.10
N ARG EA 402 -29.22 -47.52 -31.96
CA ARG EA 402 -29.41 -46.71 -30.77
C ARG EA 402 -28.84 -45.31 -31.02
N ALA EA 403 -27.66 -45.24 -31.61
CA ALA EA 403 -27.02 -43.97 -31.92
C ALA EA 403 -27.87 -43.25 -32.96
N ALA EA 404 -28.29 -44.02 -33.96
CA ALA EA 404 -29.12 -43.50 -35.04
C ALA EA 404 -30.31 -42.71 -34.50
N VAL EA 405 -30.86 -43.15 -33.37
CA VAL EA 405 -32.01 -42.48 -32.78
C VAL EA 405 -31.63 -41.17 -32.12
N GLU EA 406 -30.43 -41.11 -31.57
CA GLU EA 406 -29.97 -39.92 -30.87
C GLU EA 406 -29.80 -38.68 -31.75
N GLU EA 407 -29.18 -38.85 -32.91
CA GLU EA 407 -28.95 -37.72 -33.79
C GLU EA 407 -29.32 -38.00 -35.21
N GLY EA 408 -30.03 -39.10 -35.38
CA GLY EA 408 -30.46 -39.47 -36.71
C GLY EA 408 -29.34 -40.12 -37.50
N ILE EA 409 -29.60 -40.29 -38.78
CA ILE EA 409 -28.62 -40.89 -39.66
C ILE EA 409 -28.33 -39.98 -40.85
N VAL EA 410 -27.15 -40.16 -41.45
CA VAL EA 410 -26.70 -39.39 -42.60
C VAL EA 410 -26.15 -40.34 -43.65
N PRO EA 411 -25.97 -39.86 -44.89
CA PRO EA 411 -25.44 -40.71 -45.98
C PRO EA 411 -24.04 -41.22 -45.64
N GLY EA 412 -23.82 -42.50 -45.89
CA GLY EA 412 -22.53 -43.09 -45.59
C GLY EA 412 -21.49 -42.98 -46.69
N GLY EA 413 -20.46 -43.82 -46.62
CA GLY EA 413 -19.41 -43.81 -47.62
C GLY EA 413 -18.71 -42.46 -47.68
N GLY EA 414 -18.60 -41.79 -46.53
CA GLY EA 414 -17.93 -40.50 -46.45
C GLY EA 414 -18.69 -39.34 -47.06
N VAL EA 415 -19.68 -39.65 -47.87
CA VAL EA 415 -20.48 -38.64 -48.56
C VAL EA 415 -20.95 -37.48 -47.69
N THR EA 416 -21.31 -37.76 -46.44
CA THR EA 416 -21.79 -36.70 -45.58
C THR EA 416 -20.66 -35.72 -45.30
N LEU EA 417 -19.48 -36.26 -44.99
CA LEU EA 417 -18.34 -35.41 -44.71
C LEU EA 417 -18.04 -34.49 -45.89
N LEU EA 418 -18.22 -35.01 -47.10
CA LEU EA 418 -17.99 -34.22 -48.31
C LEU EA 418 -18.98 -33.05 -48.36
N ARG EA 419 -20.25 -33.33 -48.08
CA ARG EA 419 -21.26 -32.30 -48.12
C ARG EA 419 -21.02 -31.22 -47.08
N ALA EA 420 -20.10 -31.49 -46.17
CA ALA EA 420 -19.77 -30.53 -45.13
C ALA EA 420 -18.86 -29.45 -45.68
N ILE EA 421 -18.11 -29.82 -46.71
CA ILE EA 421 -17.15 -28.90 -47.34
C ILE EA 421 -17.79 -27.55 -47.68
N SER EA 422 -18.90 -27.56 -48.39
CA SER EA 422 -19.59 -26.32 -48.76
C SER EA 422 -19.73 -25.40 -47.55
N ALA EA 423 -20.11 -25.99 -46.42
CA ALA EA 423 -20.30 -25.22 -45.20
C ALA EA 423 -18.99 -24.58 -44.77
N VAL EA 424 -17.91 -25.34 -44.91
CA VAL EA 424 -16.58 -24.87 -44.55
C VAL EA 424 -16.15 -23.75 -45.51
N GLU EA 425 -16.40 -23.94 -46.81
CA GLU EA 425 -16.08 -22.96 -47.84
C GLU EA 425 -16.68 -21.60 -47.44
N GLU EA 426 -17.99 -21.60 -47.17
CA GLU EA 426 -18.71 -20.41 -46.78
C GLU EA 426 -18.00 -19.73 -45.62
N LEU EA 427 -17.49 -20.54 -44.71
CA LEU EA 427 -16.80 -20.02 -43.53
C LEU EA 427 -15.52 -19.34 -43.94
N ILE EA 428 -14.73 -20.02 -44.75
CA ILE EA 428 -13.46 -19.50 -45.23
C ILE EA 428 -13.62 -18.09 -45.80
N LYS EA 429 -14.63 -17.92 -46.65
CA LYS EA 429 -14.90 -16.62 -47.28
C LYS EA 429 -15.02 -15.50 -46.25
N LYS EA 430 -15.28 -15.86 -45.00
CA LYS EA 430 -15.45 -14.87 -43.94
C LYS EA 430 -14.21 -14.86 -43.05
N LEU EA 431 -13.25 -15.71 -43.40
CA LEU EA 431 -12.02 -15.82 -42.62
C LEU EA 431 -10.81 -15.30 -43.37
N GLU EA 432 -9.77 -14.94 -42.63
CA GLU EA 432 -8.55 -14.43 -43.22
C GLU EA 432 -7.33 -14.81 -42.38
N GLY EA 433 -6.15 -14.72 -42.99
CA GLY EA 433 -4.93 -15.05 -42.28
C GLY EA 433 -4.72 -16.54 -42.07
N ASP EA 434 -3.95 -16.88 -41.04
CA ASP EA 434 -3.68 -18.29 -40.72
C ASP EA 434 -4.96 -18.99 -40.28
N GLU EA 435 -5.86 -18.23 -39.68
CA GLU EA 435 -7.14 -18.76 -39.23
C GLU EA 435 -7.86 -19.36 -40.43
N ALA EA 436 -7.87 -18.62 -41.53
CA ALA EA 436 -8.51 -19.10 -42.75
C ALA EA 436 -7.78 -20.35 -43.24
N THR EA 437 -6.48 -20.40 -43.03
CA THR EA 437 -5.69 -21.56 -43.45
C THR EA 437 -6.21 -22.81 -42.74
N GLY EA 438 -6.41 -22.68 -41.43
CA GLY EA 438 -6.91 -23.79 -40.65
C GLY EA 438 -8.20 -24.34 -41.24
N ALA EA 439 -9.16 -23.45 -41.46
CA ALA EA 439 -10.44 -23.82 -42.05
C ALA EA 439 -10.17 -24.62 -43.32
N LYS EA 440 -9.22 -24.12 -44.11
CA LYS EA 440 -8.84 -24.77 -45.36
C LYS EA 440 -8.29 -26.17 -45.10
N ILE EA 441 -7.57 -26.32 -43.99
CA ILE EA 441 -7.02 -27.63 -43.65
C ILE EA 441 -8.14 -28.65 -43.45
N VAL EA 442 -9.13 -28.25 -42.65
CA VAL EA 442 -10.27 -29.11 -42.36
C VAL EA 442 -10.97 -29.46 -43.68
N ARG EA 443 -11.17 -28.44 -44.51
CA ARG EA 443 -11.82 -28.64 -45.81
C ARG EA 443 -11.12 -29.71 -46.63
N ARG EA 444 -9.80 -29.73 -46.58
CA ARG EA 444 -9.06 -30.71 -47.34
C ARG EA 444 -9.23 -32.08 -46.71
N ALA EA 445 -9.13 -32.13 -45.39
CA ALA EA 445 -9.28 -33.40 -44.65
C ALA EA 445 -10.58 -34.12 -45.00
N LEU EA 446 -11.69 -33.38 -44.94
CA LEU EA 446 -13.03 -33.91 -45.22
C LEU EA 446 -13.13 -34.81 -46.46
N GLU EA 447 -12.20 -34.64 -47.39
CA GLU EA 447 -12.18 -35.44 -48.61
C GLU EA 447 -11.55 -36.80 -48.43
N GLU EA 448 -10.66 -36.92 -47.44
CA GLU EA 448 -9.93 -38.17 -47.23
C GLU EA 448 -10.74 -39.44 -47.08
N PRO EA 449 -11.70 -39.46 -46.15
CA PRO EA 449 -12.53 -40.65 -45.96
C PRO EA 449 -13.09 -41.16 -47.29
N ALA EA 450 -13.93 -40.35 -47.92
CA ALA EA 450 -14.54 -40.71 -49.19
C ALA EA 450 -13.50 -41.23 -50.17
N ARG EA 451 -12.46 -40.41 -50.37
CA ARG EA 451 -11.36 -40.69 -51.27
C ARG EA 451 -10.71 -42.04 -50.96
N GLN EA 452 -10.30 -42.19 -49.70
CA GLN EA 452 -9.65 -43.40 -49.22
C GLN EA 452 -10.49 -44.65 -49.46
N ILE EA 453 -11.81 -44.53 -49.29
CA ILE EA 453 -12.69 -45.66 -49.49
C ILE EA 453 -12.60 -46.09 -50.94
N ALA EA 454 -12.92 -45.14 -51.82
CA ALA EA 454 -12.89 -45.39 -53.25
C ALA EA 454 -11.53 -46.00 -53.63
N GLU EA 455 -10.47 -45.42 -53.08
CA GLU EA 455 -9.12 -45.87 -53.36
C GLU EA 455 -8.93 -47.34 -52.96
N ASN EA 456 -9.29 -47.69 -51.73
CA ASN EA 456 -9.15 -49.06 -51.26
C ASN EA 456 -9.92 -50.01 -52.16
N ALA EA 457 -11.04 -49.51 -52.68
CA ALA EA 457 -11.90 -50.30 -53.57
C ALA EA 457 -11.29 -50.48 -54.97
N GLY EA 458 -10.21 -49.75 -55.24
CA GLY EA 458 -9.56 -49.86 -56.52
C GLY EA 458 -10.09 -48.86 -57.55
N TYR EA 459 -10.35 -47.63 -57.11
CA TYR EA 459 -10.85 -46.57 -57.97
C TYR EA 459 -10.04 -45.28 -57.76
N GLU EA 460 -10.20 -44.31 -58.66
CA GLU EA 460 -9.48 -43.05 -58.53
C GLU EA 460 -10.17 -42.19 -57.49
N GLY EA 461 -9.64 -42.20 -56.27
CA GLY EA 461 -10.21 -41.43 -55.18
C GLY EA 461 -10.62 -40.03 -55.56
N SER EA 462 -9.63 -39.18 -55.81
CA SER EA 462 -9.85 -37.79 -56.19
C SER EA 462 -10.93 -37.63 -57.26
N VAL EA 463 -10.96 -38.55 -58.22
CA VAL EA 463 -11.93 -38.52 -59.31
C VAL EA 463 -13.34 -38.66 -58.79
N ILE EA 464 -13.58 -39.75 -58.09
CA ILE EA 464 -14.89 -40.03 -57.50
C ILE EA 464 -15.34 -38.90 -56.58
N VAL EA 465 -14.43 -38.43 -55.73
CA VAL EA 465 -14.74 -37.34 -54.81
C VAL EA 465 -15.21 -36.12 -55.58
N GLN EA 466 -14.73 -36.00 -56.81
CA GLN EA 466 -15.12 -34.87 -57.62
C GLN EA 466 -16.53 -35.04 -58.15
N GLN EA 467 -16.74 -36.17 -58.83
CA GLN EA 467 -18.04 -36.46 -59.42
C GLN EA 467 -19.16 -36.40 -58.39
N ILE EA 468 -18.83 -36.63 -57.13
CA ILE EA 468 -19.80 -36.58 -56.05
C ILE EA 468 -20.12 -35.13 -55.72
N LEU EA 469 -19.07 -34.34 -55.51
CA LEU EA 469 -19.24 -32.94 -55.18
C LEU EA 469 -19.85 -32.20 -56.36
N ALA EA 470 -19.82 -32.85 -57.52
CA ALA EA 470 -20.35 -32.29 -58.75
C ALA EA 470 -21.87 -32.15 -58.64
N GLU EA 471 -22.51 -33.25 -58.25
CA GLU EA 471 -23.96 -33.26 -58.07
C GLU EA 471 -24.34 -32.38 -56.88
N THR EA 472 -25.10 -31.32 -57.14
CA THR EA 472 -25.54 -30.42 -56.08
C THR EA 472 -27.02 -30.62 -55.78
N LYS EA 473 -27.75 -31.22 -56.71
CA LYS EA 473 -29.17 -31.46 -56.50
C LYS EA 473 -29.45 -32.24 -55.22
N ASN EA 474 -29.23 -33.55 -55.26
CA ASN EA 474 -29.46 -34.41 -54.11
C ASN EA 474 -28.19 -34.68 -53.30
N PRO EA 475 -28.08 -34.05 -52.10
CA PRO EA 475 -26.91 -34.24 -51.25
C PRO EA 475 -26.64 -35.69 -50.87
N ARG EA 476 -27.67 -36.53 -51.01
CA ARG EA 476 -27.53 -37.95 -50.70
C ARG EA 476 -26.87 -38.70 -51.85
N TYR EA 477 -26.52 -37.96 -52.90
CA TYR EA 477 -25.86 -38.55 -54.05
C TYR EA 477 -24.45 -38.93 -53.59
N GLY EA 478 -24.02 -40.13 -53.94
CA GLY EA 478 -22.70 -40.59 -53.51
C GLY EA 478 -22.23 -41.79 -54.30
N PHE EA 479 -21.05 -42.30 -53.92
CA PHE EA 479 -20.48 -43.43 -54.61
C PHE EA 479 -20.50 -44.66 -53.72
N ASN EA 480 -21.04 -45.74 -54.25
CA ASN EA 480 -21.11 -46.99 -53.50
C ASN EA 480 -19.92 -47.84 -53.94
N ALA EA 481 -18.80 -47.67 -53.23
CA ALA EA 481 -17.59 -48.40 -53.54
C ALA EA 481 -17.79 -49.90 -53.71
N ALA EA 482 -18.90 -50.41 -53.17
CA ALA EA 482 -19.20 -51.85 -53.24
C ALA EA 482 -19.58 -52.32 -54.64
N THR EA 483 -20.57 -51.67 -55.24
CA THR EA 483 -21.04 -52.02 -56.57
C THR EA 483 -20.33 -51.18 -57.63
N GLY EA 484 -19.63 -50.15 -57.17
CA GLY EA 484 -18.93 -49.28 -58.09
C GLY EA 484 -19.89 -48.44 -58.91
N GLU EA 485 -20.91 -47.89 -58.25
CA GLU EA 485 -21.88 -47.05 -58.95
C GLU EA 485 -22.32 -45.91 -58.07
N PHE EA 486 -22.75 -44.83 -58.69
CA PHE EA 486 -23.21 -43.68 -57.92
C PHE EA 486 -24.70 -43.88 -57.70
N VAL EA 487 -25.16 -43.59 -56.49
CA VAL EA 487 -26.56 -43.78 -56.13
C VAL EA 487 -26.96 -42.87 -54.99
N ASP EA 488 -28.17 -43.04 -54.49
CA ASP EA 488 -28.63 -42.25 -53.35
C ASP EA 488 -28.18 -43.08 -52.15
N MET EA 489 -27.11 -42.64 -51.50
CA MET EA 489 -26.56 -43.34 -50.35
C MET EA 489 -27.64 -43.83 -49.39
N VAL EA 490 -28.64 -42.98 -49.14
CA VAL EA 490 -29.72 -43.35 -48.26
C VAL EA 490 -30.52 -44.51 -48.87
N GLU EA 491 -31.25 -44.24 -49.96
CA GLU EA 491 -32.05 -45.27 -50.60
C GLU EA 491 -31.26 -46.53 -50.96
N ALA EA 492 -29.95 -46.47 -50.82
CA ALA EA 492 -29.12 -47.63 -51.14
C ALA EA 492 -28.76 -48.37 -49.85
N GLY EA 493 -29.22 -47.83 -48.73
CA GLY EA 493 -28.94 -48.46 -47.44
C GLY EA 493 -27.50 -48.35 -47.01
N ILE EA 494 -26.90 -47.21 -47.31
CA ILE EA 494 -25.52 -46.94 -46.95
C ILE EA 494 -25.58 -45.66 -46.13
N VAL EA 495 -25.95 -45.82 -44.86
CA VAL EA 495 -26.09 -44.68 -43.97
C VAL EA 495 -25.17 -44.84 -42.77
N ASP EA 496 -25.05 -43.77 -41.97
CA ASP EA 496 -24.20 -43.76 -40.78
C ASP EA 496 -24.84 -42.94 -39.67
N PRO EA 497 -24.72 -43.42 -38.43
CA PRO EA 497 -25.31 -42.64 -37.34
C PRO EA 497 -24.65 -41.27 -37.36
N ALA EA 498 -25.43 -40.22 -37.56
CA ALA EA 498 -24.88 -38.87 -37.56
C ALA EA 498 -24.02 -38.63 -36.32
N LYS EA 499 -24.30 -39.37 -35.24
CA LYS EA 499 -23.51 -39.21 -34.02
C LYS EA 499 -22.08 -39.70 -34.28
N VAL EA 500 -21.95 -40.81 -35.00
CA VAL EA 500 -20.66 -41.38 -35.33
C VAL EA 500 -19.79 -40.38 -36.08
N THR EA 501 -20.34 -39.86 -37.17
CA THR EA 501 -19.67 -38.86 -38.01
C THR EA 501 -19.23 -37.63 -37.19
N ARG EA 502 -20.18 -36.89 -36.64
CA ARG EA 502 -19.84 -35.72 -35.84
C ARG EA 502 -18.71 -36.01 -34.87
N SER EA 503 -18.70 -37.22 -34.32
CA SER EA 503 -17.67 -37.62 -33.37
C SER EA 503 -16.32 -37.78 -34.03
N ALA EA 504 -16.23 -38.69 -35.00
CA ALA EA 504 -14.97 -38.94 -35.70
C ALA EA 504 -14.26 -37.64 -36.05
N LEU EA 505 -15.02 -36.69 -36.59
CA LEU EA 505 -14.48 -35.39 -36.98
C LEU EA 505 -13.96 -34.64 -35.74
N GLN EA 506 -14.85 -34.25 -34.86
CA GLN EA 506 -14.47 -33.54 -33.64
C GLN EA 506 -13.28 -34.17 -32.93
N ASN EA 507 -13.22 -35.49 -32.93
CA ASN EA 507 -12.13 -36.19 -32.27
C ASN EA 507 -10.84 -36.00 -33.04
N ALA EA 508 -10.84 -36.30 -34.33
CA ALA EA 508 -9.65 -36.13 -35.15
C ALA EA 508 -9.14 -34.69 -34.98
N ALA EA 509 -10.02 -33.73 -35.21
CA ALA EA 509 -9.69 -32.30 -35.08
C ALA EA 509 -9.10 -32.02 -33.70
N SER EA 510 -9.48 -32.82 -32.72
CA SER EA 510 -8.97 -32.61 -31.39
C SER EA 510 -7.51 -33.01 -31.39
N ILE EA 511 -7.23 -34.19 -31.92
CA ILE EA 511 -5.85 -34.62 -31.96
C ILE EA 511 -5.00 -33.59 -32.70
N GLY EA 512 -5.48 -33.16 -33.87
CA GLY EA 512 -4.77 -32.17 -34.64
C GLY EA 512 -4.40 -30.95 -33.79
N ALA EA 513 -5.40 -30.22 -33.32
CA ALA EA 513 -5.15 -29.06 -32.48
C ALA EA 513 -4.19 -29.39 -31.32
N LEU EA 514 -4.29 -30.60 -30.77
CA LEU EA 514 -3.41 -30.97 -29.67
C LEU EA 514 -1.95 -30.89 -30.08
N ILE EA 515 -1.61 -31.62 -31.16
CA ILE EA 515 -0.25 -31.67 -31.68
C ILE EA 515 0.33 -30.28 -32.08
N LEU EA 516 -0.46 -29.47 -32.77
CA LEU EA 516 -0.02 -28.13 -33.15
C LEU EA 516 0.30 -27.30 -31.91
N THR EA 517 -0.44 -27.55 -30.83
CA THR EA 517 -0.25 -26.82 -29.59
C THR EA 517 0.83 -27.44 -28.69
N THR EA 518 1.42 -28.54 -29.14
CA THR EA 518 2.46 -29.20 -28.35
C THR EA 518 3.82 -28.53 -28.51
N GLU EA 519 4.42 -28.12 -27.39
CA GLU EA 519 5.71 -27.45 -27.40
C GLU EA 519 6.83 -28.26 -26.79
N ALA EA 520 6.47 -29.40 -26.18
CA ALA EA 520 7.47 -30.27 -25.57
C ALA EA 520 6.89 -31.62 -25.14
N VAL EA 521 7.74 -32.64 -25.07
CA VAL EA 521 7.30 -33.95 -24.60
C VAL EA 521 8.43 -34.55 -23.77
N VAL EA 522 8.08 -35.10 -22.62
CA VAL EA 522 9.05 -35.71 -21.73
C VAL EA 522 8.81 -37.21 -21.72
N ALA EA 523 9.62 -37.94 -22.47
CA ALA EA 523 9.47 -39.38 -22.55
C ALA EA 523 10.45 -40.12 -21.65
N GLU EA 524 10.24 -41.42 -21.48
CA GLU EA 524 11.12 -42.24 -20.68
C GLU EA 524 12.23 -42.72 -21.58
N LYS EA 525 13.45 -42.72 -21.08
CA LYS EA 525 14.58 -43.18 -21.87
C LYS EA 525 14.51 -44.71 -21.84
N PRO EA 526 14.85 -45.37 -22.95
CA PRO EA 526 14.80 -46.83 -22.97
C PRO EA 526 15.74 -47.48 -21.96
N ALA FA 2 6.86 -53.96 -29.17
CA ALA FA 2 7.83 -53.48 -30.20
C ALA FA 2 7.56 -54.17 -31.53
N LYS FA 3 6.65 -53.60 -32.31
CA LYS FA 3 6.30 -54.14 -33.62
C LYS FA 3 7.19 -53.54 -34.71
N ILE FA 4 6.83 -53.81 -35.96
CA ILE FA 4 7.57 -53.29 -37.11
C ILE FA 4 6.67 -53.29 -38.33
N LEU FA 5 6.26 -52.10 -38.77
CA LEU FA 5 5.39 -51.96 -39.92
C LEU FA 5 6.13 -52.01 -41.26
N VAL FA 6 5.43 -52.49 -42.28
CA VAL FA 6 5.96 -52.60 -43.64
C VAL FA 6 4.78 -52.47 -44.61
N PHE FA 7 4.88 -51.56 -45.57
CA PHE FA 7 3.79 -51.37 -46.50
C PHE FA 7 4.06 -51.76 -47.95
N ASP FA 8 3.06 -51.46 -48.79
CA ASP FA 8 3.08 -51.74 -50.21
C ASP FA 8 4.04 -52.83 -50.70
N GLU FA 9 4.68 -52.59 -51.84
CA GLU FA 9 5.56 -53.57 -52.42
C GLU FA 9 6.57 -54.11 -51.42
N ALA FA 10 7.02 -53.24 -50.53
CA ALA FA 10 7.99 -53.64 -49.52
C ALA FA 10 7.50 -54.91 -48.86
N ALA FA 11 6.26 -54.85 -48.40
CA ALA FA 11 5.60 -55.95 -47.73
C ALA FA 11 5.41 -57.14 -48.66
N ARG FA 12 4.67 -56.91 -49.74
CA ARG FA 12 4.42 -57.98 -50.70
C ARG FA 12 5.67 -58.74 -51.10
N ARG FA 13 6.76 -58.02 -51.30
CA ARG FA 13 7.98 -58.68 -51.72
C ARG FA 13 8.52 -59.56 -50.61
N ALA FA 14 8.39 -59.08 -49.38
CA ALA FA 14 8.87 -59.83 -48.24
C ALA FA 14 8.12 -61.15 -48.17
N LEU FA 15 6.80 -61.07 -48.18
CA LEU FA 15 5.94 -62.27 -48.14
C LEU FA 15 6.37 -63.22 -49.26
N GLU FA 16 6.45 -62.68 -50.47
CA GLU FA 16 6.84 -63.47 -51.61
C GLU FA 16 8.13 -64.23 -51.35
N ARG FA 17 9.11 -63.56 -50.75
CA ARG FA 17 10.37 -64.21 -50.45
C ARG FA 17 10.09 -65.47 -49.66
N GLY FA 18 9.22 -65.34 -48.65
CA GLY FA 18 8.87 -66.48 -47.83
C GLY FA 18 8.22 -67.54 -48.69
N VAL FA 19 7.16 -67.12 -49.38
CA VAL FA 19 6.43 -68.01 -50.26
C VAL FA 19 7.38 -68.86 -51.10
N ASN FA 20 8.38 -68.22 -51.68
CA ASN FA 20 9.31 -68.95 -52.51
C ASN FA 20 10.19 -69.90 -51.74
N ALA FA 21 10.60 -69.51 -50.54
CA ALA FA 21 11.45 -70.36 -49.72
C ALA FA 21 10.81 -71.74 -49.59
N VAL FA 22 9.54 -71.75 -49.18
CA VAL FA 22 8.81 -72.99 -49.00
C VAL FA 22 8.69 -73.68 -50.34
N ALA FA 23 7.92 -73.06 -51.23
CA ALA FA 23 7.68 -73.57 -52.58
C ALA FA 23 8.89 -74.22 -53.27
N ASN FA 24 10.04 -73.56 -53.24
CA ASN FA 24 11.21 -74.09 -53.89
C ASN FA 24 11.76 -75.35 -53.24
N ALA FA 25 11.55 -75.48 -51.94
CA ALA FA 25 12.05 -76.66 -51.24
C ALA FA 25 11.09 -77.83 -51.48
N VAL FA 26 9.82 -77.48 -51.52
CA VAL FA 26 8.75 -78.44 -51.69
C VAL FA 26 8.59 -79.05 -53.07
N LYS FA 27 8.48 -78.20 -54.08
CA LYS FA 27 8.24 -78.69 -55.43
C LYS FA 27 9.21 -79.71 -56.00
N VAL FA 28 10.40 -79.83 -55.45
CA VAL FA 28 11.35 -80.80 -55.99
C VAL FA 28 10.93 -82.24 -55.68
N THR FA 29 9.77 -82.39 -55.06
CA THR FA 29 9.27 -83.73 -54.68
C THR FA 29 7.99 -84.11 -55.42
N LEU FA 30 7.34 -83.14 -56.05
CA LEU FA 30 6.09 -83.36 -56.79
C LEU FA 30 6.22 -84.42 -57.87
N GLY FA 31 5.20 -85.28 -57.95
CA GLY FA 31 5.20 -86.33 -58.95
C GLY FA 31 5.83 -87.65 -58.55
N PRO FA 32 5.71 -88.66 -59.42
CA PRO FA 32 6.21 -90.03 -59.29
C PRO FA 32 7.71 -90.14 -59.03
N ARG FA 33 8.45 -89.10 -59.37
CA ARG FA 33 9.89 -89.15 -59.20
C ARG FA 33 10.51 -87.95 -58.48
N GLY FA 34 9.84 -87.47 -57.43
CA GLY FA 34 10.37 -86.34 -56.69
C GLY FA 34 11.85 -86.55 -56.36
N ARG FA 35 12.57 -85.44 -56.21
CA ARG FA 35 13.98 -85.49 -55.90
C ARG FA 35 14.13 -85.55 -54.37
N ASN FA 36 15.35 -85.81 -53.91
CA ASN FA 36 15.63 -85.90 -52.48
C ASN FA 36 15.87 -84.56 -51.81
N VAL FA 37 15.25 -84.38 -50.66
CA VAL FA 37 15.44 -83.17 -49.85
C VAL FA 37 15.99 -83.67 -48.52
N VAL FA 38 17.11 -83.09 -48.10
CA VAL FA 38 17.75 -83.50 -46.85
C VAL FA 38 17.33 -82.59 -45.70
N LEU FA 39 16.88 -83.19 -44.60
CA LEU FA 39 16.46 -82.43 -43.43
C LEU FA 39 17.26 -82.91 -42.23
N GLU FA 40 17.86 -81.98 -41.48
CA GLU FA 40 18.64 -82.38 -40.32
C GLU FA 40 17.85 -82.23 -39.03
N LYS FA 41 17.97 -83.23 -38.16
CA LYS FA 41 17.29 -83.23 -36.87
C LYS FA 41 18.31 -82.75 -35.86
N LYS FA 42 17.88 -81.87 -34.95
CA LYS FA 42 18.77 -81.33 -33.93
C LYS FA 42 19.64 -82.38 -33.25
N PHE FA 43 19.03 -83.49 -32.84
CA PHE FA 43 19.77 -84.56 -32.15
C PHE FA 43 20.10 -85.73 -33.08
N GLY FA 44 19.07 -86.39 -33.60
CA GLY FA 44 19.29 -87.51 -34.50
C GLY FA 44 20.05 -87.09 -35.74
N SER FA 45 20.51 -88.06 -36.52
CA SER FA 45 21.25 -87.75 -37.74
C SER FA 45 20.30 -87.18 -38.80
N PRO FA 46 20.83 -86.80 -39.98
CA PRO FA 46 19.99 -86.23 -41.04
C PRO FA 46 18.94 -87.19 -41.60
N THR FA 47 17.94 -86.60 -42.25
CA THR FA 47 16.82 -87.32 -42.84
C THR FA 47 16.74 -86.98 -44.33
N ILE FA 48 16.24 -87.90 -45.13
CA ILE FA 48 16.07 -87.62 -46.56
C ILE FA 48 14.61 -87.91 -46.87
N THR FA 49 13.97 -87.07 -47.67
CA THR FA 49 12.57 -87.26 -48.00
C THR FA 49 12.31 -87.09 -49.49
N LYS FA 50 11.04 -87.17 -49.85
CA LYS FA 50 10.56 -87.01 -51.22
C LYS FA 50 9.11 -86.61 -51.03
N ASP FA 51 8.79 -86.32 -49.76
CA ASP FA 51 7.44 -85.93 -49.37
C ASP FA 51 7.37 -84.44 -49.12
N GLY FA 52 6.52 -83.78 -49.91
CA GLY FA 52 6.36 -82.34 -49.77
C GLY FA 52 5.98 -81.90 -48.38
N VAL FA 53 4.94 -82.53 -47.83
CA VAL FA 53 4.46 -82.16 -46.50
C VAL FA 53 5.52 -82.29 -45.42
N THR FA 54 6.33 -83.35 -45.51
CA THR FA 54 7.39 -83.57 -44.53
C THR FA 54 8.34 -82.37 -44.55
N VAL FA 55 8.75 -81.99 -45.76
CA VAL FA 55 9.66 -80.87 -45.95
C VAL FA 55 8.99 -79.56 -45.52
N ALA FA 56 7.79 -79.31 -46.00
CA ALA FA 56 7.07 -78.09 -45.63
C ALA FA 56 7.06 -77.84 -44.12
N LYS FA 57 6.84 -78.88 -43.33
CA LYS FA 57 6.81 -78.75 -41.88
C LYS FA 57 8.13 -78.18 -41.33
N GLU FA 58 9.25 -78.66 -41.86
CA GLU FA 58 10.57 -78.23 -41.41
C GLU FA 58 11.04 -76.87 -41.91
N VAL FA 59 10.23 -76.20 -42.72
CA VAL FA 59 10.63 -74.90 -43.25
C VAL FA 59 10.23 -73.71 -42.38
N GLU FA 60 11.23 -73.10 -41.74
CA GLU FA 60 11.01 -71.94 -40.89
C GLU FA 60 12.18 -70.98 -41.14
N LEU FA 61 11.86 -69.77 -41.61
CA LEU FA 61 12.85 -68.75 -41.92
C LEU FA 61 13.24 -67.85 -40.76
N GLU FA 62 14.49 -67.37 -40.77
CA GLU FA 62 15.01 -66.48 -39.72
C GLU FA 62 14.28 -65.14 -39.69
N ASP FA 63 14.12 -64.54 -40.86
CA ASP FA 63 13.46 -63.24 -40.96
C ASP FA 63 11.98 -63.34 -40.67
N HIS FA 64 11.51 -62.55 -39.71
CA HIS FA 64 10.09 -62.53 -39.34
C HIS FA 64 9.13 -62.34 -40.51
N LEU FA 65 9.30 -61.25 -41.27
CA LEU FA 65 8.42 -60.98 -42.41
C LEU FA 65 8.41 -62.13 -43.41
N GLU FA 66 9.59 -62.57 -43.84
CA GLU FA 66 9.67 -63.65 -44.80
C GLU FA 66 9.01 -64.91 -44.27
N ASN FA 67 9.24 -65.21 -43.00
CA ASN FA 67 8.64 -66.40 -42.38
C ASN FA 67 7.11 -66.27 -42.44
N ILE FA 68 6.60 -65.10 -42.10
CA ILE FA 68 5.17 -64.85 -42.14
C ILE FA 68 4.58 -65.35 -43.45
N GLY FA 69 5.31 -65.12 -44.54
CA GLY FA 69 4.83 -65.56 -45.84
C GLY FA 69 4.86 -67.07 -45.89
N ALA FA 70 6.00 -67.65 -45.50
CA ALA FA 70 6.15 -69.10 -45.50
C ALA FA 70 5.03 -69.79 -44.71
N GLN FA 71 4.79 -69.31 -43.50
CA GLN FA 71 3.75 -69.88 -42.65
C GLN FA 71 2.39 -69.68 -43.28
N LEU FA 72 2.14 -68.47 -43.75
CA LEU FA 72 0.87 -68.13 -44.39
C LEU FA 72 0.61 -69.08 -45.56
N LEU FA 73 1.65 -69.41 -46.33
CA LEU FA 73 1.49 -70.33 -47.46
C LEU FA 73 1.18 -71.72 -46.92
N LYS FA 74 2.07 -72.23 -46.07
CA LYS FA 74 1.90 -73.56 -45.49
C LYS FA 74 0.49 -73.78 -44.97
N GLU FA 75 -0.04 -72.80 -44.24
CA GLU FA 75 -1.40 -72.90 -43.71
C GLU FA 75 -2.38 -73.22 -44.82
N VAL FA 76 -2.65 -72.22 -45.65
CA VAL FA 76 -3.59 -72.37 -46.76
C VAL FA 76 -3.29 -73.58 -47.66
N ALA FA 77 -2.03 -73.93 -47.80
CA ALA FA 77 -1.67 -75.07 -48.63
C ALA FA 77 -2.13 -76.37 -47.98
N SER FA 78 -1.91 -76.48 -46.68
CA SER FA 78 -2.27 -77.69 -45.94
C SER FA 78 -3.78 -77.89 -45.84
N LYS FA 79 -4.54 -76.80 -45.80
CA LYS FA 79 -5.99 -76.94 -45.69
C LYS FA 79 -6.59 -77.53 -46.97
N THR FA 80 -5.77 -78.31 -47.67
CA THR FA 80 -6.15 -78.98 -48.90
C THR FA 80 -6.03 -80.46 -48.55
N ASN FA 81 -4.94 -80.80 -47.86
CA ASN FA 81 -4.69 -82.15 -47.42
C ASN FA 81 -5.73 -82.40 -46.35
N ASP FA 82 -6.16 -81.32 -45.71
CA ASP FA 82 -7.17 -81.36 -44.65
C ASP FA 82 -8.58 -81.67 -45.13
N VAL FA 83 -8.82 -81.51 -46.42
CA VAL FA 83 -10.14 -81.76 -46.98
C VAL FA 83 -10.13 -82.79 -48.12
N ALA FA 84 -8.96 -83.35 -48.40
CA ALA FA 84 -8.83 -84.34 -49.46
C ALA FA 84 -7.66 -85.29 -49.23
N GLY FA 85 -6.90 -85.05 -48.16
CA GLY FA 85 -5.78 -85.90 -47.81
C GLY FA 85 -4.66 -85.97 -48.83
N ASP FA 86 -4.49 -84.90 -49.60
CA ASP FA 86 -3.44 -84.85 -50.62
C ASP FA 86 -3.50 -83.54 -51.39
N GLY FA 87 -2.50 -83.32 -52.23
CA GLY FA 87 -2.45 -82.12 -53.04
C GLY FA 87 -2.05 -80.86 -52.30
N THR FA 88 -1.33 -81.02 -51.20
CA THR FA 88 -0.88 -79.86 -50.44
C THR FA 88 0.32 -79.26 -51.19
N THR FA 89 1.20 -80.12 -51.69
CA THR FA 89 2.37 -79.68 -52.45
C THR FA 89 1.95 -79.01 -53.77
N THR FA 90 1.03 -79.64 -54.48
CA THR FA 90 0.53 -79.08 -55.74
C THR FA 90 -0.07 -77.70 -55.55
N ALA FA 91 -0.73 -77.48 -54.42
CA ALA FA 91 -1.33 -76.18 -54.16
C ALA FA 91 -0.23 -75.15 -54.00
N THR FA 92 0.89 -75.59 -53.41
CA THR FA 92 2.03 -74.71 -53.16
C THR FA 92 2.61 -74.24 -54.49
N VAL FA 93 2.92 -75.19 -55.38
CA VAL FA 93 3.45 -74.85 -56.69
C VAL FA 93 2.57 -73.81 -57.40
N LEU FA 94 1.29 -74.12 -57.55
CA LEU FA 94 0.34 -73.20 -58.19
C LEU FA 94 0.38 -71.83 -57.53
N ALA FA 95 0.45 -71.81 -56.20
CA ALA FA 95 0.48 -70.55 -55.46
C ALA FA 95 1.74 -69.73 -55.78
N GLN FA 96 2.90 -70.38 -55.84
CA GLN FA 96 4.16 -69.69 -56.14
C GLN FA 96 3.97 -68.91 -57.42
N ALA FA 97 3.65 -69.65 -58.48
CA ALA FA 97 3.40 -69.07 -59.80
C ALA FA 97 2.44 -67.90 -59.73
N ILE FA 98 1.23 -68.13 -59.24
CA ILE FA 98 0.26 -67.06 -59.15
C ILE FA 98 0.82 -65.83 -58.43
N VAL FA 99 1.58 -66.04 -57.36
CA VAL FA 99 2.16 -64.92 -56.60
C VAL FA 99 3.18 -64.15 -57.41
N ARG FA 100 4.05 -64.90 -58.08
CA ARG FA 100 5.09 -64.32 -58.95
C ARG FA 100 4.50 -63.40 -60.00
N GLU FA 101 3.84 -63.99 -60.99
CA GLU FA 101 3.21 -63.23 -62.07
C GLU FA 101 2.33 -62.12 -61.55
N GLY FA 102 1.65 -62.37 -60.45
CA GLY FA 102 0.77 -61.36 -59.90
C GLY FA 102 1.54 -60.12 -59.48
N LEU FA 103 2.57 -60.33 -58.69
CA LEU FA 103 3.37 -59.21 -58.21
C LEU FA 103 4.09 -58.51 -59.37
N LYS FA 104 4.55 -59.30 -60.34
CA LYS FA 104 5.23 -58.75 -61.51
C LYS FA 104 4.35 -57.73 -62.21
N ASN FA 105 3.15 -58.16 -62.58
CA ASN FA 105 2.21 -57.30 -63.26
C ASN FA 105 1.73 -56.16 -62.39
N VAL FA 106 1.73 -56.36 -61.08
CA VAL FA 106 1.30 -55.30 -60.19
C VAL FA 106 2.38 -54.23 -60.19
N ALA FA 107 3.62 -54.69 -60.29
CA ALA FA 107 4.79 -53.82 -60.32
C ALA FA 107 4.91 -53.11 -61.66
N ALA FA 108 4.19 -53.61 -62.66
CA ALA FA 108 4.22 -53.00 -63.98
C ALA FA 108 3.05 -52.05 -64.13
N GLY FA 109 2.31 -51.84 -63.04
CA GLY FA 109 1.17 -50.95 -63.07
C GLY FA 109 -0.22 -51.57 -63.12
N ALA FA 110 -0.31 -52.90 -63.10
CA ALA FA 110 -1.61 -53.57 -63.13
C ALA FA 110 -2.34 -53.34 -61.82
N ASN FA 111 -3.67 -53.21 -61.87
CA ASN FA 111 -4.47 -53.01 -60.65
C ASN FA 111 -4.63 -54.35 -59.96
N PRO FA 112 -4.22 -54.44 -58.68
CA PRO FA 112 -4.33 -55.68 -57.92
C PRO FA 112 -5.74 -56.28 -57.93
N LEU FA 113 -6.72 -55.46 -57.56
CA LEU FA 113 -8.11 -55.90 -57.51
C LEU FA 113 -8.57 -56.49 -58.85
N ALA FA 114 -8.28 -55.80 -59.94
CA ALA FA 114 -8.65 -56.29 -61.26
C ALA FA 114 -7.97 -57.64 -61.54
N LEU FA 115 -6.71 -57.76 -61.11
CA LEU FA 115 -5.98 -59.02 -61.30
C LEU FA 115 -6.71 -60.13 -60.55
N LYS FA 116 -7.16 -59.80 -59.35
CA LYS FA 116 -7.88 -60.73 -58.51
C LYS FA 116 -9.18 -61.14 -59.23
N ARG FA 117 -10.06 -60.17 -59.48
CA ARG FA 117 -11.34 -60.45 -60.17
C ARG FA 117 -11.10 -61.47 -61.29
N GLY FA 118 -10.02 -61.27 -62.03
CA GLY FA 118 -9.69 -62.16 -63.14
C GLY FA 118 -9.14 -63.51 -62.71
N ILE FA 119 -8.33 -63.54 -61.66
CA ILE FA 119 -7.78 -64.79 -61.18
C ILE FA 119 -8.94 -65.68 -60.70
N GLU FA 120 -9.94 -65.03 -60.12
CA GLU FA 120 -11.11 -65.72 -59.61
C GLU FA 120 -11.93 -66.32 -60.76
N LYS FA 121 -12.36 -65.47 -61.68
CA LYS FA 121 -13.11 -65.92 -62.84
C LYS FA 121 -12.37 -67.05 -63.53
N ALA FA 122 -11.04 -66.95 -63.56
CA ALA FA 122 -10.22 -67.97 -64.19
C ALA FA 122 -10.38 -69.30 -63.46
N VAL FA 123 -10.20 -69.28 -62.14
CA VAL FA 123 -10.33 -70.50 -61.35
C VAL FA 123 -11.72 -71.12 -61.55
N GLU FA 124 -12.77 -70.30 -61.42
CA GLU FA 124 -14.12 -70.79 -61.63
C GLU FA 124 -14.13 -71.67 -62.87
N ALA FA 125 -13.89 -71.04 -64.02
CA ALA FA 125 -13.87 -71.73 -65.30
C ALA FA 125 -13.02 -73.01 -65.23
N ALA FA 126 -11.90 -72.93 -64.53
CA ALA FA 126 -11.01 -74.08 -64.41
C ALA FA 126 -11.69 -75.22 -63.63
N VAL FA 127 -12.25 -74.88 -62.47
CA VAL FA 127 -12.93 -75.87 -61.65
C VAL FA 127 -14.05 -76.51 -62.45
N GLU FA 128 -14.88 -75.68 -63.06
CA GLU FA 128 -16.01 -76.16 -63.86
C GLU FA 128 -15.56 -77.19 -64.88
N LYS FA 129 -14.35 -77.03 -65.40
CA LYS FA 129 -13.82 -77.98 -66.37
C LYS FA 129 -13.37 -79.24 -65.64
N ILE FA 130 -12.85 -79.06 -64.42
CA ILE FA 130 -12.41 -80.21 -63.63
C ILE FA 130 -13.60 -81.10 -63.38
N LYS FA 131 -14.71 -80.47 -63.01
CA LYS FA 131 -15.96 -81.17 -62.74
C LYS FA 131 -16.44 -81.95 -63.97
N ALA FA 132 -16.75 -81.19 -65.02
CA ALA FA 132 -17.22 -81.76 -66.28
C ALA FA 132 -16.24 -82.79 -66.84
N LEU FA 133 -15.10 -82.93 -66.19
CA LEU FA 133 -14.07 -83.86 -66.64
C LEU FA 133 -13.87 -85.01 -65.67
N ALA FA 134 -14.56 -84.94 -64.53
CA ALA FA 134 -14.43 -85.93 -63.47
C ALA FA 134 -15.14 -87.26 -63.65
N ILE FA 135 -14.36 -88.32 -63.35
CA ILE FA 135 -14.89 -89.67 -63.43
C ILE FA 135 -15.47 -89.99 -62.07
N PRO FA 136 -16.80 -90.19 -62.01
CA PRO FA 136 -17.45 -90.51 -60.73
C PRO FA 136 -17.03 -91.88 -60.20
N VAL FA 137 -16.86 -91.96 -58.88
CA VAL FA 137 -16.48 -93.22 -58.22
C VAL FA 137 -17.55 -93.52 -57.18
N GLU FA 138 -18.52 -94.33 -57.57
CA GLU FA 138 -19.63 -94.69 -56.68
C GLU FA 138 -19.96 -96.17 -56.75
N ASP FA 139 -19.51 -96.82 -57.81
CA ASP FA 139 -19.77 -98.24 -57.97
C ASP FA 139 -19.02 -99.02 -56.89
N ARG FA 140 -19.24 -100.33 -56.87
CA ARG FA 140 -18.57 -101.19 -55.92
C ARG FA 140 -17.16 -101.40 -56.46
N LYS FA 141 -17.07 -101.80 -57.72
CA LYS FA 141 -15.78 -102.02 -58.36
C LYS FA 141 -14.99 -100.72 -58.35
N ALA FA 142 -15.66 -99.62 -58.69
CA ALA FA 142 -15.02 -98.30 -58.72
C ALA FA 142 -14.26 -98.07 -57.41
N ILE FA 143 -15.00 -97.87 -56.33
CA ILE FA 143 -14.43 -97.63 -55.02
C ILE FA 143 -13.33 -98.61 -54.65
N GLU FA 144 -13.49 -99.88 -55.01
CA GLU FA 144 -12.48 -100.86 -54.67
C GLU FA 144 -11.20 -100.63 -55.48
N GLU FA 145 -11.35 -100.50 -56.80
CA GLU FA 145 -10.21 -100.28 -57.67
C GLU FA 145 -9.40 -99.05 -57.27
N VAL FA 146 -10.09 -97.93 -57.02
CA VAL FA 146 -9.42 -96.69 -56.61
C VAL FA 146 -8.52 -97.00 -55.42
N ALA FA 147 -9.13 -97.47 -54.32
CA ALA FA 147 -8.41 -97.82 -53.11
C ALA FA 147 -7.33 -98.88 -53.37
N THR FA 148 -7.64 -99.85 -54.22
CA THR FA 148 -6.71 -100.92 -54.56
C THR FA 148 -5.40 -100.32 -55.09
N ILE FA 149 -5.53 -99.31 -55.94
CA ILE FA 149 -4.37 -98.65 -56.52
C ILE FA 149 -3.61 -97.81 -55.48
N SER FA 150 -4.29 -96.83 -54.88
CA SER FA 150 -3.70 -95.95 -53.88
C SER FA 150 -3.07 -96.70 -52.73
N ALA FA 151 -3.39 -97.98 -52.62
CA ALA FA 151 -2.85 -98.79 -51.54
C ALA FA 151 -1.78 -99.74 -52.08
N ASN FA 152 -1.95 -100.09 -53.36
CA ASN FA 152 -1.05 -101.02 -54.02
C ASN FA 152 -1.22 -102.37 -53.32
N ASP FA 153 -2.48 -102.77 -53.14
CA ASP FA 153 -2.84 -104.02 -52.49
C ASP FA 153 -4.31 -104.29 -52.81
N PRO FA 154 -4.58 -105.30 -53.66
CA PRO FA 154 -5.96 -105.65 -54.03
C PRO FA 154 -6.81 -106.08 -52.83
N GLU FA 155 -6.14 -106.62 -51.82
CA GLU FA 155 -6.80 -107.08 -50.60
C GLU FA 155 -7.29 -105.89 -49.79
N VAL FA 156 -6.37 -105.03 -49.39
CA VAL FA 156 -6.71 -103.83 -48.62
C VAL FA 156 -7.75 -103.05 -49.41
N GLY FA 157 -7.70 -103.18 -50.73
CA GLY FA 157 -8.66 -102.49 -51.57
C GLY FA 157 -10.04 -102.98 -51.21
N LYS FA 158 -10.19 -104.31 -51.17
CA LYS FA 158 -11.45 -104.96 -50.80
C LYS FA 158 -11.90 -104.45 -49.44
N LEU FA 159 -11.07 -104.66 -48.43
CA LEU FA 159 -11.38 -104.23 -47.07
C LEU FA 159 -11.87 -102.79 -47.03
N ILE FA 160 -11.08 -101.89 -47.59
CA ILE FA 160 -11.46 -100.47 -47.63
C ILE FA 160 -12.83 -100.32 -48.28
N ALA FA 161 -13.05 -101.09 -49.36
CA ALA FA 161 -14.32 -101.05 -50.07
C ALA FA 161 -15.43 -101.50 -49.14
N ASP FA 162 -15.26 -102.69 -48.55
CA ASP FA 162 -16.26 -103.25 -47.63
C ASP FA 162 -16.51 -102.31 -46.48
N ALA FA 163 -15.44 -101.86 -45.82
CA ALA FA 163 -15.55 -100.94 -44.69
C ALA FA 163 -16.46 -99.76 -45.06
N MET FA 164 -16.27 -99.23 -46.27
CA MET FA 164 -17.08 -98.10 -46.72
C MET FA 164 -18.50 -98.57 -47.02
N GLU FA 165 -18.60 -99.72 -47.70
CA GLU FA 165 -19.87 -100.33 -48.07
C GLU FA 165 -20.84 -100.39 -46.90
N LYS FA 166 -20.33 -100.81 -45.74
CA LYS FA 166 -21.14 -100.96 -44.54
C LYS FA 166 -21.31 -99.73 -43.66
N VAL FA 167 -20.21 -99.08 -43.27
CA VAL FA 167 -20.29 -97.90 -42.42
C VAL FA 167 -20.93 -96.70 -43.11
N GLY FA 168 -20.83 -96.65 -44.44
CA GLY FA 168 -21.41 -95.55 -45.17
C GLY FA 168 -20.51 -94.35 -45.39
N LYS FA 169 -20.99 -93.41 -46.20
CA LYS FA 169 -20.23 -92.19 -46.51
C LYS FA 169 -19.86 -91.40 -45.26
N GLU FA 170 -20.87 -91.03 -44.46
CA GLU FA 170 -20.60 -90.25 -43.26
C GLU FA 170 -20.25 -91.16 -42.07
N GLY FA 171 -19.85 -92.39 -42.36
CA GLY FA 171 -19.51 -93.34 -41.31
C GLY FA 171 -18.09 -93.16 -40.79
N ILE FA 172 -17.65 -94.08 -39.95
CA ILE FA 172 -16.32 -94.01 -39.37
C ILE FA 172 -15.44 -95.19 -39.80
N ILE FA 173 -14.25 -94.88 -40.29
CA ILE FA 173 -13.31 -95.91 -40.70
C ILE FA 173 -11.94 -95.51 -40.20
N THR FA 174 -11.15 -96.48 -39.74
CA THR FA 174 -9.82 -96.18 -39.22
C THR FA 174 -8.85 -97.30 -39.53
N VAL FA 175 -7.57 -96.97 -39.52
CA VAL FA 175 -6.53 -97.95 -39.77
C VAL FA 175 -5.76 -98.04 -38.47
N GLU FA 176 -5.71 -99.23 -37.88
CA GLU FA 176 -5.00 -99.41 -36.63
C GLU FA 176 -3.83 -100.37 -36.77
N GLU FA 177 -2.78 -100.09 -36.02
CA GLU FA 177 -1.58 -100.92 -36.03
C GLU FA 177 -1.85 -102.19 -35.25
N SER FA 178 -2.34 -103.21 -35.95
CA SER FA 178 -2.63 -104.49 -35.33
C SER FA 178 -1.32 -105.05 -34.75
N LYS FA 179 -1.43 -106.17 -34.06
CA LYS FA 179 -0.27 -106.82 -33.47
C LYS FA 179 -0.07 -108.11 -34.27
N SER FA 180 -1.15 -108.54 -34.90
CA SER FA 180 -1.14 -109.76 -35.71
C SER FA 180 -0.38 -109.49 -37.00
N LEU FA 181 0.16 -110.55 -37.60
CA LEU FA 181 0.92 -110.43 -38.83
C LEU FA 181 0.02 -110.49 -40.04
N GLU FA 182 -1.28 -110.32 -39.81
CA GLU FA 182 -2.26 -110.35 -40.90
C GLU FA 182 -3.16 -109.12 -40.83
N THR FA 183 -3.61 -108.67 -41.99
CA THR FA 183 -4.48 -107.50 -42.06
C THR FA 183 -5.93 -107.96 -42.14
N GLU FA 184 -6.75 -107.47 -41.21
CA GLU FA 184 -8.17 -107.85 -41.15
C GLU FA 184 -9.08 -106.63 -40.98
N LEU FA 185 -10.37 -106.85 -41.22
CA LEU FA 185 -11.37 -105.80 -41.05
C LEU FA 185 -12.34 -106.25 -39.97
N LYS FA 186 -12.47 -105.44 -38.92
CA LYS FA 186 -13.35 -105.75 -37.80
C LYS FA 186 -14.26 -104.55 -37.50
N PHE FA 187 -15.53 -104.82 -37.20
CA PHE FA 187 -16.47 -103.74 -36.90
C PHE FA 187 -16.76 -103.58 -35.41
N VAL FA 188 -15.89 -102.86 -34.71
CA VAL FA 188 -16.07 -102.61 -33.26
C VAL FA 188 -17.15 -101.48 -33.10
N GLU FA 189 -17.41 -100.97 -31.90
CA GLU FA 189 -18.44 -99.92 -31.66
C GLU FA 189 -17.72 -98.60 -31.34
N GLY FA 190 -18.34 -97.43 -31.56
CA GLY FA 190 -17.65 -96.19 -31.27
C GLY FA 190 -18.25 -94.88 -31.79
N TYR FA 191 -17.43 -93.81 -31.76
CA TYR FA 191 -17.86 -92.49 -32.21
C TYR FA 191 -16.64 -91.70 -32.69
N GLN FA 192 -16.90 -90.51 -33.24
CA GLN FA 192 -15.83 -89.65 -33.76
C GLN FA 192 -16.34 -88.23 -34.07
N PHE FA 193 -15.69 -87.23 -33.49
CA PHE FA 193 -16.07 -85.84 -33.71
C PHE FA 193 -14.88 -84.99 -34.14
N ASP FA 194 -15.18 -83.83 -34.71
CA ASP FA 194 -14.15 -82.91 -35.20
C ASP FA 194 -13.60 -81.91 -34.18
N LYS FA 195 -12.71 -82.40 -33.33
CA LYS FA 195 -12.06 -81.59 -32.30
C LYS FA 195 -10.79 -82.38 -31.98
N GLY FA 196 -9.74 -81.68 -31.58
CA GLY FA 196 -8.50 -82.36 -31.27
C GLY FA 196 -7.87 -81.96 -29.96
N TYR FA 197 -6.68 -82.47 -29.70
CA TYR FA 197 -5.98 -82.15 -28.47
C TYR FA 197 -5.83 -80.66 -28.18
N ILE FA 198 -6.34 -80.27 -27.01
CA ILE FA 198 -6.31 -78.88 -26.54
C ILE FA 198 -4.86 -78.39 -26.39
N SER FA 199 -3.93 -79.33 -26.31
CA SER FA 199 -2.51 -79.00 -26.21
C SER FA 199 -1.68 -80.03 -26.97
N PRO FA 200 -0.78 -79.57 -27.85
CA PRO FA 200 0.06 -80.46 -28.64
C PRO FA 200 1.00 -81.33 -27.81
N TYR FA 201 1.03 -81.09 -26.51
CA TYR FA 201 1.88 -81.89 -25.63
C TYR FA 201 1.28 -83.25 -25.30
N PHE FA 202 -0.02 -83.39 -25.57
CA PHE FA 202 -0.73 -84.63 -25.31
C PHE FA 202 -0.38 -85.67 -26.36
N VAL FA 203 0.38 -85.27 -27.37
CA VAL FA 203 0.77 -86.16 -28.45
C VAL FA 203 1.56 -87.39 -27.99
N THR FA 204 1.19 -88.54 -28.55
CA THR FA 204 1.82 -89.84 -28.26
C THR FA 204 2.96 -90.05 -29.25
N ASN FA 205 2.65 -89.88 -30.52
CA ASN FA 205 3.64 -90.07 -31.58
C ASN FA 205 4.03 -88.72 -32.17
N PRO FA 206 5.30 -88.32 -31.98
CA PRO FA 206 5.82 -87.05 -32.51
C PRO FA 206 5.67 -86.94 -34.03
N GLU FA 207 6.02 -88.01 -34.73
CA GLU FA 207 5.94 -88.02 -36.20
C GLU FA 207 4.52 -87.78 -36.72
N THR FA 208 3.61 -88.68 -36.40
CA THR FA 208 2.22 -88.58 -36.83
C THR FA 208 1.45 -87.42 -36.16
N MET FA 209 1.99 -86.91 -35.06
CA MET FA 209 1.36 -85.82 -34.33
C MET FA 209 -0.02 -86.21 -33.80
N GLU FA 210 -0.14 -87.44 -33.36
CA GLU FA 210 -1.39 -87.96 -32.82
C GLU FA 210 -1.23 -88.36 -31.37
N ALA FA 211 -2.36 -88.51 -30.70
CA ALA FA 211 -2.38 -88.92 -29.30
C ALA FA 211 -3.17 -90.21 -29.27
N VAL FA 212 -2.48 -91.33 -29.09
CA VAL FA 212 -3.13 -92.64 -29.05
C VAL FA 212 -3.19 -93.21 -27.63
N LEU FA 213 -4.41 -93.46 -27.16
CA LEU FA 213 -4.66 -94.00 -25.83
C LEU FA 213 -5.37 -95.35 -25.97
N GLU FA 214 -4.86 -96.37 -25.29
CA GLU FA 214 -5.48 -97.69 -25.37
C GLU FA 214 -6.11 -98.14 -24.06
N ASP FA 215 -7.36 -98.62 -24.15
CA ASP FA 215 -8.11 -99.07 -22.98
C ASP FA 215 -8.11 -97.97 -21.94
N ALA FA 216 -8.67 -96.82 -22.31
CA ALA FA 216 -8.72 -95.68 -21.42
C ALA FA 216 -10.14 -95.31 -21.06
N PHE FA 217 -10.27 -94.58 -19.96
CA PHE FA 217 -11.58 -94.12 -19.51
C PHE FA 217 -11.88 -92.83 -20.24
N ILE FA 218 -13.16 -92.55 -20.42
CA ILE FA 218 -13.58 -91.36 -21.14
C ILE FA 218 -14.42 -90.42 -20.29
N LEU FA 219 -13.74 -89.63 -19.46
CA LEU FA 219 -14.39 -88.67 -18.58
C LEU FA 219 -15.14 -87.62 -19.39
N ILE FA 220 -16.44 -87.78 -19.51
CA ILE FA 220 -17.26 -86.86 -20.28
C ILE FA 220 -17.84 -85.75 -19.41
N VAL FA 221 -17.19 -84.59 -19.44
CA VAL FA 221 -17.63 -83.42 -18.67
C VAL FA 221 -18.44 -82.47 -19.56
N GLU FA 222 -19.05 -81.46 -18.96
CA GLU FA 222 -19.86 -80.50 -19.72
C GLU FA 222 -19.54 -79.09 -19.26
N LYS FA 223 -18.76 -78.99 -18.20
CA LYS FA 223 -18.37 -77.69 -17.64
C LYS FA 223 -16.96 -77.37 -18.10
N LYS FA 224 -16.51 -76.14 -17.81
CA LYS FA 224 -15.16 -75.74 -18.15
C LYS FA 224 -14.26 -76.13 -16.98
N VAL FA 225 -13.61 -77.28 -17.10
CA VAL FA 225 -12.72 -77.74 -16.06
C VAL FA 225 -11.46 -76.88 -16.00
N SER FA 226 -11.40 -75.96 -15.04
CA SER FA 226 -10.24 -75.08 -14.91
C SER FA 226 -9.62 -75.15 -13.52
N ASN FA 227 -10.36 -75.71 -12.58
CA ASN FA 227 -9.90 -75.84 -11.21
C ASN FA 227 -9.32 -77.22 -10.93
N VAL FA 228 -8.16 -77.27 -10.29
CA VAL FA 228 -7.51 -78.52 -9.96
C VAL FA 228 -8.29 -79.31 -8.90
N ARG FA 229 -8.71 -78.62 -7.85
CA ARG FA 229 -9.45 -79.26 -6.77
C ARG FA 229 -10.63 -80.12 -7.22
N GLU FA 230 -11.42 -79.63 -8.17
CA GLU FA 230 -12.58 -80.39 -8.66
C GLU FA 230 -12.21 -81.52 -9.62
N LEU FA 231 -10.92 -81.64 -9.93
CA LEU FA 231 -10.45 -82.66 -10.86
C LEU FA 231 -9.60 -83.73 -10.19
N LEU FA 232 -8.77 -83.33 -9.22
CA LEU FA 232 -7.90 -84.27 -8.51
C LEU FA 232 -8.54 -85.58 -8.08
N PRO FA 233 -9.77 -85.54 -7.50
CA PRO FA 233 -10.42 -86.78 -7.07
C PRO FA 233 -10.48 -87.88 -8.14
N ILE FA 234 -11.13 -87.60 -9.27
CA ILE FA 234 -11.24 -88.59 -10.35
C ILE FA 234 -9.89 -88.88 -10.98
N LEU FA 235 -9.05 -87.85 -11.07
CA LEU FA 235 -7.73 -87.96 -11.65
C LEU FA 235 -6.92 -88.98 -10.87
N GLU FA 236 -7.15 -89.03 -9.56
CA GLU FA 236 -6.47 -89.96 -8.67
C GLU FA 236 -6.98 -91.40 -8.85
N GLN FA 237 -8.30 -91.55 -8.82
CA GLN FA 237 -8.92 -92.88 -8.97
C GLN FA 237 -8.38 -93.55 -10.23
N VAL FA 238 -8.38 -92.81 -11.33
CA VAL FA 238 -7.90 -93.32 -12.62
C VAL FA 238 -6.39 -93.58 -12.59
N ALA FA 239 -5.65 -92.75 -11.84
CA ALA FA 239 -4.20 -92.90 -11.74
C ALA FA 239 -3.81 -94.29 -11.24
N GLN FA 240 -4.49 -94.74 -10.19
CA GLN FA 240 -4.21 -96.06 -9.60
C GLN FA 240 -4.73 -97.20 -10.46
N THR FA 241 -5.44 -96.86 -11.54
CA THR FA 241 -5.98 -97.86 -12.44
C THR FA 241 -4.87 -98.34 -13.39
N GLY FA 242 -3.86 -97.50 -13.54
CA GLY FA 242 -2.76 -97.84 -14.43
C GLY FA 242 -3.19 -97.63 -15.88
N LYS FA 243 -4.45 -97.24 -16.06
CA LYS FA 243 -5.02 -96.99 -17.38
C LYS FA 243 -5.01 -95.51 -17.77
N PRO FA 244 -5.00 -95.23 -19.09
CA PRO FA 244 -5.00 -93.86 -19.62
C PRO FA 244 -6.38 -93.21 -19.52
N LEU FA 245 -6.42 -91.90 -19.68
CA LEU FA 245 -7.69 -91.16 -19.59
C LEU FA 245 -7.89 -90.09 -20.66
N LEU FA 246 -9.08 -90.08 -21.24
CA LEU FA 246 -9.44 -89.09 -22.25
C LEU FA 246 -10.49 -88.18 -21.64
N ILE FA 247 -10.17 -86.89 -21.55
CA ILE FA 247 -11.12 -85.94 -20.99
C ILE FA 247 -11.81 -85.23 -22.15
N ILE FA 248 -13.11 -85.07 -22.06
CA ILE FA 248 -13.86 -84.42 -23.13
C ILE FA 248 -14.78 -83.35 -22.56
N ALA FA 249 -14.19 -82.36 -21.90
CA ALA FA 249 -14.94 -81.24 -21.32
C ALA FA 249 -15.20 -80.23 -22.43
N GLU FA 250 -15.99 -79.20 -22.17
CA GLU FA 250 -16.25 -78.22 -23.22
C GLU FA 250 -14.95 -77.44 -23.39
N ASP FA 251 -14.09 -77.53 -22.39
CA ASP FA 251 -12.78 -76.87 -22.41
C ASP FA 251 -12.00 -77.16 -21.13
N VAL FA 252 -10.68 -77.26 -21.27
CA VAL FA 252 -9.79 -77.52 -20.15
C VAL FA 252 -8.74 -76.41 -20.17
N GLU FA 253 -8.73 -75.57 -19.14
CA GLU FA 253 -7.82 -74.44 -19.06
C GLU FA 253 -7.15 -74.28 -17.70
N GLY FA 254 -6.40 -73.18 -17.55
CA GLY FA 254 -5.71 -72.87 -16.31
C GLY FA 254 -4.96 -74.02 -15.66
N GLU FA 255 -5.09 -74.12 -14.34
CA GLU FA 255 -4.44 -75.17 -13.57
C GLU FA 255 -4.75 -76.53 -14.16
N ALA FA 256 -6.04 -76.79 -14.34
CA ALA FA 256 -6.52 -78.06 -14.88
C ALA FA 256 -5.69 -78.52 -16.08
N LEU FA 257 -5.67 -77.72 -17.14
CA LEU FA 257 -4.92 -78.07 -18.33
C LEU FA 257 -3.42 -78.19 -18.06
N ALA FA 258 -2.90 -77.31 -17.21
CA ALA FA 258 -1.48 -77.31 -16.87
C ALA FA 258 -1.07 -78.62 -16.21
N THR FA 259 -1.82 -79.03 -15.19
CA THR FA 259 -1.56 -80.25 -14.45
C THR FA 259 -1.60 -81.47 -15.37
N LEU FA 260 -2.67 -81.59 -16.14
CA LEU FA 260 -2.84 -82.71 -17.06
C LEU FA 260 -1.61 -82.85 -17.96
N VAL FA 261 -1.09 -81.73 -18.42
CA VAL FA 261 0.07 -81.72 -19.30
C VAL FA 261 1.35 -82.14 -18.59
N VAL FA 262 1.54 -81.64 -17.38
CA VAL FA 262 2.74 -81.97 -16.62
C VAL FA 262 2.88 -83.46 -16.31
N ASN FA 263 1.86 -84.05 -15.71
CA ASN FA 263 1.89 -85.47 -15.36
C ASN FA 263 2.00 -86.35 -16.60
N LYS FA 264 1.44 -85.86 -17.70
CA LYS FA 264 1.46 -86.56 -18.98
C LYS FA 264 2.88 -86.66 -19.50
N LEU FA 265 3.58 -85.52 -19.51
CA LEU FA 265 4.96 -85.44 -19.97
C LEU FA 265 5.89 -85.99 -18.90
N ARG FA 266 5.32 -86.22 -17.72
CA ARG FA 266 6.07 -86.70 -16.57
C ARG FA 266 6.02 -88.23 -16.52
N GLY FA 267 4.84 -88.78 -16.82
CA GLY FA 267 4.68 -90.23 -16.81
C GLY FA 267 3.74 -90.64 -15.69
N THR FA 268 3.24 -89.65 -14.96
CA THR FA 268 2.34 -89.88 -13.83
C THR FA 268 0.99 -90.39 -14.33
N LEU FA 269 0.48 -89.77 -15.38
CA LEU FA 269 -0.80 -90.16 -15.95
C LEU FA 269 -0.83 -89.77 -17.44
N SER FA 270 -1.13 -90.74 -18.31
CA SER FA 270 -1.19 -90.46 -19.74
C SER FA 270 -2.63 -90.06 -20.07
N VAL FA 271 -2.84 -88.76 -20.27
CA VAL FA 271 -4.15 -88.23 -20.60
C VAL FA 271 -4.10 -87.36 -21.84
N ALA FA 272 -5.27 -86.81 -22.19
CA ALA FA 272 -5.41 -85.95 -23.35
C ALA FA 272 -6.77 -85.29 -23.28
N ALA FA 273 -6.78 -83.96 -23.34
CA ALA FA 273 -8.04 -83.21 -23.28
C ALA FA 273 -8.48 -82.73 -24.65
N VAL FA 274 -9.77 -82.87 -24.92
CA VAL FA 274 -10.36 -82.47 -26.19
C VAL FA 274 -11.64 -81.69 -25.90
N LYS FA 275 -11.90 -80.64 -26.68
CA LYS FA 275 -13.10 -79.87 -26.48
C LYS FA 275 -14.34 -80.66 -26.90
N ALA FA 276 -15.49 -80.28 -26.36
CA ALA FA 276 -16.72 -80.99 -26.66
C ALA FA 276 -17.19 -80.76 -28.10
N PRO FA 277 -17.60 -81.84 -28.79
CA PRO FA 277 -18.08 -81.78 -30.17
C PRO FA 277 -19.30 -80.88 -30.30
N GLY FA 278 -19.57 -80.42 -31.52
CA GLY FA 278 -20.72 -79.57 -31.77
C GLY FA 278 -20.77 -78.30 -30.93
N PHE FA 279 -21.86 -77.55 -31.08
CA PHE FA 279 -22.05 -76.31 -30.35
C PHE FA 279 -23.51 -76.16 -29.93
N GLY FA 280 -23.73 -75.67 -28.71
CA GLY FA 280 -25.08 -75.47 -28.20
C GLY FA 280 -25.84 -76.73 -27.84
N ASP FA 281 -27.15 -76.70 -28.00
CA ASP FA 281 -28.00 -77.85 -27.70
C ASP FA 281 -27.41 -79.07 -28.43
N ARG FA 282 -26.93 -78.82 -29.65
CA ARG FA 282 -26.34 -79.86 -30.49
C ARG FA 282 -25.26 -80.61 -29.78
N ARG FA 283 -24.55 -79.88 -28.92
CA ARG FA 283 -23.45 -80.43 -28.16
C ARG FA 283 -23.80 -81.43 -27.07
N LYS FA 284 -24.69 -81.07 -26.15
CA LYS FA 284 -25.04 -82.01 -25.09
C LYS FA 284 -25.60 -83.28 -25.71
N GLU FA 285 -26.35 -83.11 -26.78
CA GLU FA 285 -26.94 -84.24 -27.47
C GLU FA 285 -25.85 -85.20 -27.95
N MET FA 286 -24.74 -84.65 -28.44
CA MET FA 286 -23.62 -85.45 -28.93
C MET FA 286 -22.79 -86.01 -27.78
N LEU FA 287 -22.77 -85.30 -26.66
CA LEU FA 287 -22.01 -85.74 -25.50
C LEU FA 287 -22.65 -87.02 -24.97
N LYS FA 288 -23.98 -87.13 -25.15
CA LYS FA 288 -24.72 -88.30 -24.70
C LYS FA 288 -24.41 -89.46 -25.64
N ASP FA 289 -24.34 -89.16 -26.93
CA ASP FA 289 -24.02 -90.16 -27.93
C ASP FA 289 -22.72 -90.85 -27.53
N ILE FA 290 -21.82 -90.06 -26.97
CA ILE FA 290 -20.53 -90.59 -26.54
C ILE FA 290 -20.72 -91.45 -25.32
N ALA FA 291 -21.36 -90.90 -24.30
CA ALA FA 291 -21.62 -91.63 -23.06
C ALA FA 291 -22.26 -92.99 -23.39
N ALA FA 292 -23.23 -92.95 -24.31
CA ALA FA 292 -23.94 -94.15 -24.73
C ALA FA 292 -23.01 -95.24 -25.26
N VAL FA 293 -22.20 -94.89 -26.25
CA VAL FA 293 -21.28 -95.85 -26.86
C VAL FA 293 -20.09 -96.18 -25.96
N THR FA 294 -19.84 -95.31 -24.99
CA THR FA 294 -18.71 -95.49 -24.08
C THR FA 294 -19.07 -96.25 -22.82
N GLY FA 295 -20.25 -95.96 -22.29
CA GLY FA 295 -20.69 -96.60 -21.07
C GLY FA 295 -20.40 -95.66 -19.91
N GLY FA 296 -20.41 -94.36 -20.21
CA GLY FA 296 -20.16 -93.37 -19.20
C GLY FA 296 -21.37 -92.47 -19.07
N THR FA 297 -21.25 -91.38 -18.32
CA THR FA 297 -22.38 -90.46 -18.15
C THR FA 297 -21.92 -89.01 -18.20
N VAL FA 298 -22.74 -88.17 -18.82
CA VAL FA 298 -22.44 -86.75 -18.97
C VAL FA 298 -22.47 -86.02 -17.63
N ILE FA 299 -21.28 -85.72 -17.09
CA ILE FA 299 -21.19 -85.01 -15.82
C ILE FA 299 -21.62 -83.56 -16.02
N SER FA 300 -22.92 -83.33 -16.10
CA SER FA 300 -23.45 -81.98 -16.31
C SER FA 300 -23.80 -81.32 -14.99
N GLU FA 301 -23.41 -80.05 -14.84
CA GLU FA 301 -23.71 -79.30 -13.63
C GLU FA 301 -25.21 -79.02 -13.61
N GLU FA 302 -25.82 -79.08 -14.79
CA GLU FA 302 -27.26 -78.84 -14.93
C GLU FA 302 -28.06 -79.74 -14.00
N LEU FA 303 -27.94 -81.04 -14.21
CA LEU FA 303 -28.64 -82.02 -13.39
C LEU FA 303 -27.95 -82.09 -12.02
N GLY FA 304 -27.42 -80.94 -11.59
CA GLY FA 304 -26.75 -80.83 -10.31
C GLY FA 304 -25.80 -81.95 -9.95
N PHE FA 305 -24.50 -81.75 -10.19
CA PHE FA 305 -23.51 -82.77 -9.85
C PHE FA 305 -22.07 -82.28 -9.98
N LYS FA 306 -21.38 -82.20 -8.84
CA LYS FA 306 -20.01 -81.74 -8.80
C LYS FA 306 -19.02 -82.78 -9.33
N LEU FA 307 -17.92 -82.29 -9.90
CA LEU FA 307 -16.88 -83.16 -10.46
C LEU FA 307 -16.11 -83.97 -9.43
N GLU FA 308 -15.71 -83.32 -8.34
CA GLU FA 308 -14.98 -84.01 -7.30
C GLU FA 308 -15.70 -85.29 -6.85
N ASN FA 309 -17.03 -85.25 -6.92
CA ASN FA 309 -17.84 -86.40 -6.53
C ASN FA 309 -18.08 -87.36 -7.66
N ALA FA 310 -17.18 -87.42 -8.64
CA ALA FA 310 -17.39 -88.34 -9.74
C ALA FA 310 -16.65 -89.64 -9.53
N THR FA 311 -17.40 -90.73 -9.66
CA THR FA 311 -16.87 -92.08 -9.47
C THR FA 311 -16.13 -92.62 -10.69
N LEU FA 312 -15.13 -93.45 -10.41
CA LEU FA 312 -14.33 -94.08 -11.45
C LEU FA 312 -15.21 -95.08 -12.19
N SER FA 313 -16.51 -94.79 -12.23
CA SER FA 313 -17.47 -95.67 -12.89
C SER FA 313 -18.49 -94.88 -13.73
N MET FA 314 -18.57 -93.57 -13.50
CA MET FA 314 -19.49 -92.72 -14.24
C MET FA 314 -18.92 -92.43 -15.62
N LEU FA 315 -17.62 -92.69 -15.75
CA LEU FA 315 -16.91 -92.47 -16.99
C LEU FA 315 -16.80 -93.75 -17.81
N GLY FA 316 -17.36 -93.74 -19.02
CA GLY FA 316 -17.28 -94.91 -19.87
C GLY FA 316 -15.86 -95.17 -20.30
N ARG FA 317 -15.66 -96.11 -21.21
CA ARG FA 317 -14.32 -96.41 -21.70
C ARG FA 317 -14.36 -97.15 -23.03
N ALA FA 318 -13.21 -97.20 -23.70
CA ALA FA 318 -13.10 -97.88 -24.99
C ALA FA 318 -11.72 -98.50 -25.16
N GLU FA 319 -11.60 -99.38 -26.14
CA GLU FA 319 -10.35 -100.09 -26.41
C GLU FA 319 -9.22 -99.20 -26.93
N ARG FA 320 -9.57 -98.17 -27.70
CA ARG FA 320 -8.56 -97.25 -28.24
C ARG FA 320 -9.12 -95.89 -28.63
N VAL FA 321 -8.41 -94.83 -28.23
CA VAL FA 321 -8.79 -93.46 -28.55
C VAL FA 321 -7.65 -92.79 -29.30
N ARG FA 322 -7.98 -92.22 -30.46
CA ARG FA 322 -7.01 -91.55 -31.30
C ARG FA 322 -7.30 -90.05 -31.42
N ILE FA 323 -6.35 -89.23 -30.98
CA ILE FA 323 -6.53 -87.80 -31.02
C ILE FA 323 -5.55 -87.08 -31.95
N THR FA 324 -6.13 -86.30 -32.86
CA THR FA 324 -5.40 -85.52 -33.85
C THR FA 324 -5.66 -84.07 -33.48
N LYS FA 325 -4.88 -83.14 -34.02
CA LYS FA 325 -5.09 -81.74 -33.70
C LYS FA 325 -6.43 -81.25 -34.25
N ASP FA 326 -7.03 -82.05 -35.13
CA ASP FA 326 -8.30 -81.69 -35.75
C ASP FA 326 -9.42 -82.71 -35.50
N GLU FA 327 -9.07 -83.89 -35.02
CA GLU FA 327 -10.10 -84.90 -34.84
C GLU FA 327 -9.87 -85.93 -33.74
N THR FA 328 -10.95 -86.29 -33.05
CA THR FA 328 -10.89 -87.28 -31.98
C THR FA 328 -11.67 -88.50 -32.44
N THR FA 329 -11.08 -89.68 -32.21
CA THR FA 329 -11.71 -90.93 -32.62
C THR FA 329 -11.76 -91.95 -31.48
N ILE FA 330 -12.92 -92.57 -31.29
CA ILE FA 330 -13.08 -93.56 -30.24
C ILE FA 330 -13.45 -94.91 -30.82
N VAL FA 331 -12.48 -95.82 -30.81
CA VAL FA 331 -12.64 -97.18 -31.31
C VAL FA 331 -12.75 -98.18 -30.16
N GLY FA 332 -13.74 -99.05 -30.25
CA GLY FA 332 -13.92 -100.04 -29.19
C GLY FA 332 -14.82 -99.53 -28.09
N GLY FA 333 -15.91 -98.88 -28.48
CA GLY FA 333 -16.85 -98.37 -27.50
C GLY FA 333 -17.41 -99.52 -26.68
N LYS FA 334 -17.36 -99.39 -25.35
CA LYS FA 334 -17.84 -100.45 -24.48
C LYS FA 334 -19.16 -100.13 -23.75
N GLY FA 335 -19.94 -99.23 -24.36
CA GLY FA 335 -21.22 -98.86 -23.79
C GLY FA 335 -22.23 -99.96 -24.02
N LYS FA 336 -23.33 -99.94 -23.27
CA LYS FA 336 -24.34 -100.96 -23.42
C LYS FA 336 -24.98 -100.85 -24.80
N LYS FA 337 -24.99 -101.96 -25.53
CA LYS FA 337 -25.58 -102.02 -26.87
C LYS FA 337 -26.98 -101.41 -26.86
N GLU FA 338 -27.60 -101.40 -25.68
CA GLU FA 338 -28.94 -100.86 -25.49
C GLU FA 338 -28.93 -99.33 -25.61
N ASP FA 339 -28.14 -98.69 -24.75
CA ASP FA 339 -28.02 -97.22 -24.72
C ASP FA 339 -27.76 -96.70 -26.12
N ILE FA 340 -26.94 -97.44 -26.86
CA ILE FA 340 -26.60 -97.07 -28.22
C ILE FA 340 -27.84 -97.05 -29.09
N GLU FA 341 -28.48 -98.21 -29.22
CA GLU FA 341 -29.70 -98.33 -30.02
C GLU FA 341 -30.74 -97.34 -29.52
N ALA FA 342 -30.55 -96.90 -28.29
CA ALA FA 342 -31.46 -95.94 -27.67
C ALA FA 342 -31.36 -94.60 -28.39
N ARG FA 343 -30.13 -94.17 -28.65
CA ARG FA 343 -29.90 -92.90 -29.34
C ARG FA 343 -30.35 -93.03 -30.80
N ILE FA 344 -29.88 -94.08 -31.46
CA ILE FA 344 -30.21 -94.35 -32.86
C ILE FA 344 -31.70 -94.16 -33.15
N ASN FA 345 -32.54 -94.71 -32.30
CA ASN FA 345 -33.99 -94.60 -32.49
C ASN FA 345 -34.53 -93.23 -32.11
N GLY FA 346 -34.14 -92.74 -30.93
CA GLY FA 346 -34.62 -91.43 -30.51
C GLY FA 346 -34.21 -90.34 -31.49
N ILE FA 347 -33.19 -90.65 -32.29
CA ILE FA 347 -32.67 -89.73 -33.28
C ILE FA 347 -33.55 -89.77 -34.53
N LYS FA 348 -34.00 -90.96 -34.90
CA LYS FA 348 -34.84 -91.12 -36.08
C LYS FA 348 -36.21 -90.49 -35.86
N LYS FA 349 -36.71 -90.61 -34.63
CA LYS FA 349 -38.02 -90.06 -34.28
C LYS FA 349 -38.01 -88.54 -34.42
N GLU FA 350 -36.97 -87.93 -33.86
CA GLU FA 350 -36.79 -86.50 -33.92
C GLU FA 350 -36.48 -86.08 -35.35
N LEU FA 351 -36.12 -87.05 -36.17
CA LEU FA 351 -35.75 -86.82 -37.58
C LEU FA 351 -36.98 -86.59 -38.46
N GLU FA 352 -38.12 -87.11 -38.02
CA GLU FA 352 -39.37 -86.96 -38.75
C GLU FA 352 -40.05 -85.65 -38.36
N THR FA 353 -39.74 -85.18 -37.16
CA THR FA 353 -40.30 -83.93 -36.63
C THR FA 353 -39.47 -82.74 -37.14
N THR FA 354 -38.27 -83.06 -37.65
CA THR FA 354 -37.37 -82.03 -38.17
C THR FA 354 -37.85 -81.52 -39.53
N ASP FA 355 -37.68 -80.23 -39.76
CA ASP FA 355 -38.10 -79.60 -41.00
C ASP FA 355 -36.98 -78.88 -41.75
N SER FA 356 -36.01 -78.34 -41.03
CA SER FA 356 -34.90 -77.64 -41.67
C SER FA 356 -33.88 -78.63 -42.22
N GLU FA 357 -33.71 -78.62 -43.54
CA GLU FA 357 -32.79 -79.52 -44.21
C GLU FA 357 -31.42 -79.61 -43.53
N TYR FA 358 -30.91 -78.48 -43.03
CA TYR FA 358 -29.61 -78.47 -42.38
C TYR FA 358 -29.59 -79.39 -41.15
N ALA FA 359 -30.57 -79.21 -40.27
CA ALA FA 359 -30.64 -80.02 -39.06
C ALA FA 359 -30.69 -81.50 -39.44
N ARG FA 360 -31.39 -81.81 -40.51
CA ARG FA 360 -31.52 -83.20 -40.96
C ARG FA 360 -30.16 -83.84 -41.25
N GLU FA 361 -29.40 -83.23 -42.14
CA GLU FA 361 -28.10 -83.75 -42.52
C GLU FA 361 -27.18 -83.99 -41.34
N LYS FA 362 -27.29 -83.14 -40.32
CA LYS FA 362 -26.47 -83.24 -39.11
C LYS FA 362 -26.90 -84.44 -38.25
N LEU FA 363 -28.19 -84.64 -38.11
CA LEU FA 363 -28.66 -85.78 -37.36
C LEU FA 363 -28.18 -86.99 -38.19
N GLN FA 364 -28.18 -86.82 -39.51
CA GLN FA 364 -27.74 -87.87 -40.42
C GLN FA 364 -26.37 -88.41 -40.06
N GLU FA 365 -25.43 -87.52 -39.78
CA GLU FA 365 -24.08 -87.96 -39.44
C GLU FA 365 -24.03 -88.66 -38.10
N ARG FA 366 -24.74 -88.14 -37.12
CA ARG FA 366 -24.77 -88.78 -35.80
C ARG FA 366 -25.34 -90.18 -36.01
N LEU FA 367 -26.40 -90.23 -36.80
CA LEU FA 367 -27.08 -91.47 -37.12
C LEU FA 367 -26.13 -92.47 -37.77
N ALA FA 368 -25.31 -92.00 -38.70
CA ALA FA 368 -24.36 -92.85 -39.40
C ALA FA 368 -23.13 -93.19 -38.56
N LYS FA 369 -22.83 -92.38 -37.55
CA LYS FA 369 -21.69 -92.63 -36.69
C LYS FA 369 -22.04 -93.76 -35.73
N LEU FA 370 -23.18 -93.61 -35.07
CA LEU FA 370 -23.69 -94.60 -34.13
C LEU FA 370 -23.98 -95.89 -34.87
N ALA FA 371 -24.87 -95.82 -35.86
CA ALA FA 371 -25.19 -96.99 -36.68
C ALA FA 371 -23.91 -97.23 -37.49
N GLY FA 372 -23.70 -98.44 -37.98
CA GLY FA 372 -22.47 -98.67 -38.70
C GLY FA 372 -21.27 -98.94 -37.78
N GLY FA 373 -21.10 -98.18 -36.67
CA GLY FA 373 -20.00 -98.37 -35.72
C GLY FA 373 -18.67 -97.72 -36.09
N VAL FA 374 -17.59 -98.50 -35.98
CA VAL FA 374 -16.26 -98.04 -36.32
C VAL FA 374 -15.46 -99.11 -37.08
N ALA FA 375 -15.61 -99.13 -38.41
CA ALA FA 375 -14.89 -100.11 -39.22
C ALA FA 375 -13.40 -99.92 -38.99
N VAL FA 376 -12.74 -100.95 -38.48
CA VAL FA 376 -11.32 -100.88 -38.21
C VAL FA 376 -10.54 -101.82 -39.11
N ILE FA 377 -9.38 -101.38 -39.53
CA ILE FA 377 -8.53 -102.18 -40.40
C ILE FA 377 -7.23 -102.48 -39.68
N ARG FA 378 -7.23 -103.56 -38.90
CA ARG FA 378 -6.03 -103.98 -38.16
C ARG FA 378 -4.96 -104.28 -39.21
N VAL FA 379 -3.86 -103.52 -39.15
CA VAL FA 379 -2.76 -103.69 -40.10
C VAL FA 379 -1.68 -104.64 -39.64
N GLY FA 380 -1.46 -105.69 -40.42
CA GLY FA 380 -0.45 -106.68 -40.08
C GLY FA 380 0.89 -106.37 -40.72
N ALA FA 381 1.96 -106.56 -39.96
CA ALA FA 381 3.31 -106.32 -40.45
C ALA FA 381 4.24 -107.39 -39.88
N ALA FA 382 5.54 -107.10 -39.90
CA ALA FA 382 6.55 -108.03 -39.38
C ALA FA 382 7.61 -107.22 -38.66
N THR FA 383 7.81 -106.00 -39.12
CA THR FA 383 8.79 -105.08 -38.53
C THR FA 383 8.05 -103.84 -38.06
N GLU FA 384 8.65 -103.12 -37.12
CA GLU FA 384 8.03 -101.90 -36.62
C GLU FA 384 8.11 -100.93 -37.79
N THR FA 385 9.09 -101.17 -38.66
CA THR FA 385 9.31 -100.36 -39.84
C THR FA 385 8.24 -100.67 -40.90
N GLU FA 386 8.25 -101.92 -41.37
CA GLU FA 386 7.28 -102.36 -42.36
C GLU FA 386 5.87 -101.92 -41.99
N LEU FA 387 5.62 -101.81 -40.68
CA LEU FA 387 4.32 -101.41 -40.18
C LEU FA 387 4.04 -99.94 -40.45
N LYS FA 388 4.92 -99.07 -39.93
CA LYS FA 388 4.75 -97.64 -40.14
C LYS FA 388 4.44 -97.39 -41.60
N GLU FA 389 5.05 -98.17 -42.48
CA GLU FA 389 4.87 -97.98 -43.90
C GLU FA 389 3.47 -98.38 -44.38
N LYS FA 390 3.10 -99.62 -44.11
CA LYS FA 390 1.76 -100.09 -44.50
C LYS FA 390 0.73 -99.18 -43.83
N LYS FA 391 0.97 -98.85 -42.57
CA LYS FA 391 0.10 -97.98 -41.79
C LYS FA 391 -0.22 -96.73 -42.60
N HIS FA 392 0.85 -96.02 -42.94
CA HIS FA 392 0.77 -94.79 -43.71
C HIS FA 392 0.09 -95.05 -45.06
N ARG FA 393 0.68 -95.95 -45.84
CA ARG FA 393 0.17 -96.29 -47.16
C ARG FA 393 -1.32 -96.57 -47.15
N PHE FA 394 -1.76 -97.51 -46.31
CA PHE FA 394 -3.16 -97.87 -46.20
C PHE FA 394 -4.00 -96.69 -45.75
N GLU FA 395 -3.50 -95.93 -44.77
CA GLU FA 395 -4.25 -94.78 -44.29
C GLU FA 395 -4.50 -93.77 -45.39
N ASP FA 396 -3.46 -93.47 -46.18
CA ASP FA 396 -3.60 -92.53 -47.27
C ASP FA 396 -4.60 -93.10 -48.29
N ALA FA 397 -4.36 -94.35 -48.69
CA ALA FA 397 -5.22 -95.05 -49.63
C ALA FA 397 -6.68 -94.85 -49.21
N LEU FA 398 -6.91 -94.93 -47.91
CA LEU FA 398 -8.26 -94.75 -47.39
C LEU FA 398 -8.73 -93.32 -47.66
N ASN FA 399 -8.02 -92.34 -47.12
CA ASN FA 399 -8.37 -90.93 -47.29
C ASN FA 399 -8.56 -90.58 -48.76
N ALA FA 400 -7.69 -91.16 -49.60
CA ALA FA 400 -7.75 -90.94 -51.03
C ALA FA 400 -9.13 -91.37 -51.53
N THR FA 401 -9.39 -92.66 -51.37
CA THR FA 401 -10.63 -93.28 -51.80
C THR FA 401 -11.87 -92.56 -51.27
N ARG FA 402 -11.85 -92.21 -50.00
CA ARG FA 402 -12.99 -91.51 -49.41
C ARG FA 402 -13.23 -90.20 -50.16
N ALA FA 403 -12.15 -89.46 -50.41
CA ALA FA 403 -12.25 -88.20 -51.12
C ALA FA 403 -12.67 -88.49 -52.55
N ALA FA 404 -12.08 -89.55 -53.11
CA ALA FA 404 -12.37 -89.96 -54.47
C ALA FA 404 -13.86 -90.10 -54.72
N VAL FA 405 -14.58 -90.58 -53.69
CA VAL FA 405 -16.02 -90.77 -53.81
C VAL FA 405 -16.79 -89.46 -53.78
N GLU FA 406 -16.28 -88.48 -53.03
CA GLU FA 406 -16.94 -87.18 -52.90
C GLU FA 406 -17.04 -86.39 -54.19
N GLU FA 407 -15.95 -86.32 -54.94
CA GLU FA 407 -15.95 -85.53 -56.18
C GLU FA 407 -15.46 -86.26 -57.42
N GLY FA 408 -15.65 -87.57 -57.45
CA GLY FA 408 -15.20 -88.33 -58.59
C GLY FA 408 -13.70 -88.21 -58.73
N ILE FA 409 -13.16 -88.78 -59.80
CA ILE FA 409 -11.72 -88.73 -60.04
C ILE FA 409 -11.40 -88.15 -61.40
N VAL FA 410 -10.20 -87.58 -61.53
CA VAL FA 410 -9.73 -86.96 -62.77
C VAL FA 410 -8.33 -87.47 -63.09
N PRO FA 411 -7.87 -87.28 -64.35
CA PRO FA 411 -6.53 -87.75 -64.74
C PRO FA 411 -5.45 -87.10 -63.89
N GLY FA 412 -4.52 -87.92 -63.41
CA GLY FA 412 -3.45 -87.40 -62.57
C GLY FA 412 -2.26 -86.81 -63.32
N GLY FA 413 -1.14 -86.69 -62.62
CA GLY FA 413 0.08 -86.15 -63.20
C GLY FA 413 -0.09 -84.73 -63.74
N GLY FA 414 -0.95 -83.95 -63.10
CA GLY FA 414 -1.17 -82.58 -63.54
C GLY FA 414 -2.02 -82.40 -64.79
N VAL FA 415 -2.19 -83.48 -65.53
CA VAL FA 415 -2.93 -83.47 -66.78
C VAL FA 415 -4.30 -82.80 -66.70
N THR FA 416 -5.03 -83.05 -65.63
CA THR FA 416 -6.34 -82.42 -65.51
C THR FA 416 -6.22 -80.89 -65.46
N LEU FA 417 -5.24 -80.40 -64.68
CA LEU FA 417 -5.05 -78.96 -64.57
C LEU FA 417 -4.71 -78.37 -65.94
N LEU FA 418 -3.99 -79.13 -66.77
CA LEU FA 418 -3.65 -78.66 -68.10
C LEU FA 418 -4.92 -78.51 -68.95
N ARG FA 419 -5.77 -79.53 -68.91
CA ARG FA 419 -7.01 -79.50 -69.68
C ARG FA 419 -7.92 -78.34 -69.28
N ALA FA 420 -7.65 -77.75 -68.12
CA ALA FA 420 -8.45 -76.63 -67.66
C ALA FA 420 -8.09 -75.38 -68.43
N ILE FA 421 -6.85 -75.35 -68.95
CA ILE FA 421 -6.38 -74.18 -69.67
C ILE FA 421 -7.34 -73.71 -70.74
N SER FA 422 -7.78 -74.63 -71.59
CA SER FA 422 -8.72 -74.31 -72.65
C SER FA 422 -9.89 -73.50 -72.12
N ALA FA 423 -10.41 -73.93 -70.98
CA ALA FA 423 -11.56 -73.27 -70.37
C ALA FA 423 -11.18 -71.84 -70.02
N VAL FA 424 -9.97 -71.67 -69.51
CA VAL FA 424 -9.48 -70.35 -69.12
C VAL FA 424 -9.28 -69.48 -70.37
N GLU FA 425 -8.73 -70.08 -71.43
CA GLU FA 425 -8.51 -69.38 -72.71
C GLU FA 425 -9.83 -68.75 -73.17
N GLU FA 426 -10.86 -69.58 -73.22
CA GLU FA 426 -12.20 -69.16 -73.64
C GLU FA 426 -12.64 -67.95 -72.83
N LEU FA 427 -12.33 -67.99 -71.53
CA LEU FA 427 -12.70 -66.90 -70.64
C LEU FA 427 -11.98 -65.62 -71.04
N ILE FA 428 -10.67 -65.74 -71.19
CA ILE FA 428 -9.82 -64.61 -71.55
C ILE FA 428 -10.38 -63.87 -72.76
N LYS FA 429 -10.78 -64.62 -73.79
CA LYS FA 429 -11.33 -64.02 -75.01
C LYS FA 429 -12.52 -63.11 -74.71
N LYS FA 430 -13.12 -63.28 -73.54
CA LYS FA 430 -14.28 -62.48 -73.15
C LYS FA 430 -13.86 -61.44 -72.12
N LEU FA 431 -12.59 -61.45 -71.76
CA LEU FA 431 -12.07 -60.51 -70.77
C LEU FA 431 -11.14 -59.47 -71.39
N GLU FA 432 -10.99 -58.36 -70.69
CA GLU FA 432 -10.11 -57.29 -71.16
C GLU FA 432 -9.50 -56.54 -69.98
N GLY FA 433 -8.41 -55.83 -70.24
CA GLY FA 433 -7.76 -55.07 -69.20
C GLY FA 433 -6.93 -55.92 -68.25
N ASP FA 434 -6.72 -55.41 -67.05
CA ASP FA 434 -5.95 -56.13 -66.05
C ASP FA 434 -6.66 -57.41 -65.65
N GLU FA 435 -7.99 -57.38 -65.72
CA GLU FA 435 -8.81 -58.54 -65.36
C GLU FA 435 -8.40 -59.71 -66.25
N ALA FA 436 -8.23 -59.43 -67.54
CA ALA FA 436 -7.82 -60.45 -68.49
C ALA FA 436 -6.44 -60.94 -68.12
N THR FA 437 -5.59 -60.03 -67.65
CA THR FA 437 -4.23 -60.39 -67.26
C THR FA 437 -4.29 -61.46 -66.17
N GLY FA 438 -5.14 -61.21 -65.18
CA GLY FA 438 -5.31 -62.15 -64.08
C GLY FA 438 -5.63 -63.51 -64.64
N ALA FA 439 -6.65 -63.56 -65.50
CA ALA FA 439 -7.04 -64.81 -66.12
C ALA FA 439 -5.79 -65.47 -66.74
N LYS FA 440 -4.98 -64.66 -67.41
CA LYS FA 440 -3.77 -65.16 -68.04
C LYS FA 440 -2.79 -65.73 -67.04
N ILE FA 441 -2.72 -65.08 -65.86
CA ILE FA 441 -1.84 -65.55 -64.81
C ILE FA 441 -2.18 -66.98 -64.43
N VAL FA 442 -3.48 -67.22 -64.14
CA VAL FA 442 -3.95 -68.54 -63.77
C VAL FA 442 -3.62 -69.54 -64.86
N ARG FA 443 -3.86 -69.14 -66.11
CA ARG FA 443 -3.58 -70.01 -67.24
C ARG FA 443 -2.14 -70.46 -67.25
N ARG FA 444 -1.24 -69.53 -66.92
CA ARG FA 444 0.17 -69.88 -66.91
C ARG FA 444 0.46 -70.83 -65.75
N ALA FA 445 -0.08 -70.51 -64.58
CA ALA FA 445 0.12 -71.32 -63.39
C ALA FA 445 -0.22 -72.80 -63.65
N LEU FA 446 -1.41 -73.02 -64.20
CA LEU FA 446 -1.91 -74.35 -64.49
C LEU FA 446 -0.89 -75.31 -65.12
N GLU FA 447 0.12 -74.76 -65.79
CA GLU FA 447 1.15 -75.57 -66.42
C GLU FA 447 2.22 -76.06 -65.46
N GLU FA 448 2.41 -75.31 -64.38
CA GLU FA 448 3.46 -75.64 -63.42
C GLU FA 448 3.50 -77.07 -62.88
N PRO FA 449 2.40 -77.54 -62.28
CA PRO FA 449 2.37 -78.90 -61.74
C PRO FA 449 2.89 -79.96 -62.71
N ALA FA 450 2.22 -80.05 -63.86
CA ALA FA 450 2.60 -81.00 -64.90
C ALA FA 450 4.07 -80.85 -65.25
N ARG FA 451 4.44 -79.61 -65.55
CA ARG FA 451 5.80 -79.25 -65.93
C ARG FA 451 6.81 -79.67 -64.87
N GLN FA 452 6.55 -79.22 -63.64
CA GLN FA 452 7.41 -79.52 -62.50
C GLN FA 452 7.62 -81.02 -62.31
N ILE FA 453 6.54 -81.80 -62.48
CA ILE FA 453 6.64 -83.24 -62.33
C ILE FA 453 7.63 -83.81 -63.33
N ALA FA 454 7.37 -83.51 -64.61
CA ALA FA 454 8.23 -83.98 -65.69
C ALA FA 454 9.66 -83.55 -65.40
N GLU FA 455 9.81 -82.31 -64.99
CA GLU FA 455 11.12 -81.76 -64.68
C GLU FA 455 11.82 -82.60 -63.61
N ASN FA 456 11.15 -82.79 -62.47
CA ASN FA 456 11.75 -83.57 -61.39
C ASN FA 456 12.14 -84.95 -61.89
N ALA FA 457 11.36 -85.47 -62.82
CA ALA FA 457 11.61 -86.80 -63.37
C ALA FA 457 12.79 -86.80 -64.33
N GLY FA 458 13.32 -85.61 -64.62
CA GLY FA 458 14.46 -85.49 -65.52
C GLY FA 458 14.08 -85.38 -66.98
N TYR FA 459 13.06 -84.58 -67.26
CA TYR FA 459 12.55 -84.39 -68.63
C TYR FA 459 12.31 -82.91 -68.87
N GLU FA 460 12.16 -82.53 -70.13
CA GLU FA 460 11.92 -81.14 -70.47
C GLU FA 460 10.48 -80.77 -70.17
N GLY FA 461 10.26 -80.18 -69.00
CA GLY FA 461 8.92 -79.79 -68.60
C GLY FA 461 8.08 -79.17 -69.70
N SER FA 462 8.45 -77.96 -70.09
CA SER FA 462 7.75 -77.21 -71.14
C SER FA 462 7.47 -78.05 -72.39
N VAL FA 463 8.41 -78.94 -72.73
CA VAL FA 463 8.24 -79.79 -73.90
C VAL FA 463 7.09 -80.77 -73.72
N ILE FA 464 7.14 -81.54 -72.64
CA ILE FA 464 6.10 -82.50 -72.34
C ILE FA 464 4.74 -81.81 -72.21
N VAL FA 465 4.70 -80.70 -71.49
CA VAL FA 465 3.46 -79.95 -71.31
C VAL FA 465 2.86 -79.59 -72.66
N GLN FA 466 3.72 -79.46 -73.65
CA GLN FA 466 3.27 -79.09 -74.98
C GLN FA 466 2.66 -80.29 -75.68
N GLN FA 467 3.43 -81.37 -75.75
CA GLN FA 467 2.98 -82.58 -76.41
C GLN FA 467 1.67 -83.08 -75.83
N ILE FA 468 1.40 -82.75 -74.57
CA ILE FA 468 0.16 -83.16 -73.91
C ILE FA 468 -0.99 -82.30 -74.41
N LEU FA 469 -0.80 -80.98 -74.36
CA LEU FA 469 -1.82 -80.03 -74.81
C LEU FA 469 -2.03 -80.16 -76.32
N ALA FA 470 -1.11 -80.86 -76.96
CA ALA FA 470 -1.17 -81.08 -78.40
C ALA FA 470 -2.34 -82.01 -78.74
N GLU FA 471 -2.41 -83.12 -78.01
CA GLU FA 471 -3.47 -84.12 -78.18
C GLU FA 471 -4.81 -83.56 -77.70
N THR FA 472 -5.73 -83.31 -78.63
CA THR FA 472 -7.04 -82.79 -78.30
C THR FA 472 -8.11 -83.89 -78.29
N LYS FA 473 -7.82 -85.02 -78.92
CA LYS FA 473 -8.78 -86.12 -78.96
C LYS FA 473 -9.23 -86.59 -77.60
N ASN FA 474 -8.36 -87.33 -76.92
CA ASN FA 474 -8.64 -87.84 -75.58
C ASN FA 474 -8.00 -86.96 -74.49
N PRO FA 475 -8.84 -86.24 -73.73
CA PRO FA 475 -8.36 -85.36 -72.65
C PRO FA 475 -7.59 -86.12 -71.57
N ARG FA 476 -7.77 -87.43 -71.52
CA ARG FA 476 -7.09 -88.27 -70.53
C ARG FA 476 -5.68 -88.60 -70.98
N TYR FA 477 -5.30 -88.04 -72.13
CA TYR FA 477 -3.96 -88.25 -72.66
C TYR FA 477 -3.02 -87.45 -71.79
N GLY FA 478 -1.93 -88.09 -71.36
CA GLY FA 478 -0.99 -87.41 -70.50
C GLY FA 478 0.37 -88.08 -70.47
N PHE FA 479 1.26 -87.51 -69.66
CA PHE FA 479 2.61 -88.06 -69.55
C PHE FA 479 2.81 -88.76 -68.21
N ASN FA 480 3.25 -90.01 -68.26
CA ASN FA 480 3.51 -90.79 -67.06
C ASN FA 480 5.00 -90.66 -66.76
N ALA FA 481 5.33 -89.66 -65.96
CA ALA FA 481 6.71 -89.38 -65.58
C ALA FA 481 7.44 -90.61 -65.02
N ALA FA 482 6.68 -91.59 -64.57
CA ALA FA 482 7.25 -92.81 -64.01
C ALA FA 482 7.93 -93.69 -65.06
N THR FA 483 7.19 -94.04 -66.11
CA THR FA 483 7.72 -94.88 -67.18
C THR FA 483 8.27 -94.03 -68.32
N GLY FA 484 7.97 -92.73 -68.28
CA GLY FA 484 8.45 -91.83 -69.30
C GLY FA 484 7.76 -92.06 -70.63
N GLU FA 485 6.46 -92.26 -70.58
CA GLU FA 485 5.69 -92.49 -71.79
C GLU FA 485 4.35 -91.79 -71.70
N PHE FA 486 3.78 -91.45 -72.85
CA PHE FA 486 2.47 -90.81 -72.86
C PHE FA 486 1.44 -91.93 -72.93
N VAL FA 487 0.38 -91.78 -72.15
CA VAL FA 487 -0.67 -92.79 -72.07
C VAL FA 487 -1.99 -92.17 -71.63
N ASP FA 488 -2.99 -93.03 -71.42
CA ASP FA 488 -4.29 -92.56 -70.94
C ASP FA 488 -4.14 -92.59 -69.43
N MET FA 489 -3.94 -91.42 -68.84
CA MET FA 489 -3.75 -91.31 -67.40
C MET FA 489 -4.71 -92.19 -66.61
N VAL FA 490 -5.97 -92.23 -67.05
CA VAL FA 490 -6.97 -93.05 -66.39
C VAL FA 490 -6.62 -94.52 -66.53
N GLU FA 491 -6.71 -95.05 -67.75
CA GLU FA 491 -6.40 -96.45 -68.00
C GLU FA 491 -5.02 -96.86 -67.49
N ALA FA 492 -4.22 -95.89 -67.09
CA ALA FA 492 -2.88 -96.17 -66.60
C ALA FA 492 -2.86 -96.19 -65.07
N GLY FA 493 -4.01 -95.91 -64.47
CA GLY FA 493 -4.11 -95.91 -63.02
C GLY FA 493 -3.40 -94.72 -62.38
N ILE FA 494 -3.42 -93.59 -63.07
CA ILE FA 494 -2.81 -92.37 -62.59
C ILE FA 494 -3.92 -91.33 -62.52
N VAL FA 495 -4.71 -91.44 -61.47
CA VAL FA 495 -5.86 -90.55 -61.29
C VAL FA 495 -5.73 -89.78 -59.98
N ASP FA 496 -6.60 -88.79 -59.79
CA ASP FA 496 -6.61 -87.95 -58.59
C ASP FA 496 -8.02 -87.57 -58.19
N PRO FA 497 -8.30 -87.57 -56.89
CA PRO FA 497 -9.65 -87.19 -56.47
C PRO FA 497 -9.93 -85.79 -57.00
N ALA FA 498 -10.92 -85.64 -57.86
CA ALA FA 498 -11.23 -84.34 -58.39
C ALA FA 498 -11.38 -83.34 -57.25
N LYS FA 499 -11.73 -83.82 -56.06
CA LYS FA 499 -11.86 -82.92 -54.92
C LYS FA 499 -10.49 -82.31 -54.57
N VAL FA 500 -9.46 -83.16 -54.58
CA VAL FA 500 -8.09 -82.74 -54.29
C VAL FA 500 -7.67 -81.61 -55.22
N THR FA 501 -7.79 -81.85 -56.52
CA THR FA 501 -7.43 -80.86 -57.54
C THR FA 501 -8.16 -79.53 -57.36
N ARG FA 502 -9.49 -79.56 -57.42
CA ARG FA 502 -10.29 -78.34 -57.24
C ARG FA 502 -9.83 -77.54 -56.02
N SER FA 503 -9.45 -78.28 -54.97
CA SER FA 503 -9.01 -77.64 -53.74
C SER FA 503 -7.66 -76.95 -53.91
N ALA FA 504 -6.62 -77.73 -54.24
CA ALA FA 504 -5.28 -77.18 -54.43
C ALA FA 504 -5.34 -75.87 -55.22
N LEU FA 505 -6.08 -75.87 -56.31
CA LEU FA 505 -6.21 -74.69 -57.14
C LEU FA 505 -6.84 -73.54 -56.36
N GLN FA 506 -8.10 -73.71 -55.98
CA GLN FA 506 -8.82 -72.68 -55.24
C GLN FA 506 -8.01 -72.14 -54.05
N ASN FA 507 -7.29 -73.04 -53.39
CA ASN FA 507 -6.48 -72.65 -52.24
C ASN FA 507 -5.32 -71.77 -52.68
N ALA FA 508 -4.52 -72.26 -53.62
CA ALA FA 508 -3.38 -71.48 -54.13
C ALA FA 508 -3.84 -70.10 -54.56
N ALA FA 509 -4.86 -70.07 -55.41
CA ALA FA 509 -5.42 -68.83 -55.91
C ALA FA 509 -5.89 -67.96 -54.76
N SER FA 510 -6.17 -68.57 -53.62
CA SER FA 510 -6.63 -67.79 -52.49
C SER FA 510 -5.43 -67.03 -51.95
N ILE FA 511 -4.34 -67.76 -51.74
CA ILE FA 511 -3.12 -67.16 -51.22
C ILE FA 511 -2.71 -66.01 -52.13
N GLY FA 512 -2.71 -66.29 -53.43
CA GLY FA 512 -2.34 -65.28 -54.41
C GLY FA 512 -3.14 -64.01 -54.25
N ALA FA 513 -4.46 -64.11 -54.36
CA ALA FA 513 -5.32 -62.96 -54.21
C ALA FA 513 -5.06 -62.25 -52.88
N LEU FA 514 -4.74 -63.03 -51.85
CA LEU FA 514 -4.48 -62.48 -50.53
C LEU FA 514 -3.32 -61.51 -50.58
N ILE FA 515 -2.17 -62.02 -51.04
CA ILE FA 515 -0.95 -61.22 -51.14
C ILE FA 515 -1.11 -59.96 -52.01
N LEU FA 516 -1.70 -60.07 -53.19
CA LEU FA 516 -1.91 -58.91 -54.04
C LEU FA 516 -2.76 -57.85 -53.31
N THR FA 517 -3.67 -58.30 -52.46
CA THR FA 517 -4.55 -57.38 -51.73
C THR FA 517 -3.91 -56.88 -50.42
N THR FA 518 -2.72 -57.38 -50.10
CA THR FA 518 -2.05 -56.97 -48.88
C THR FA 518 -1.38 -55.61 -49.02
N GLU FA 519 -1.73 -54.68 -48.13
CA GLU FA 519 -1.18 -53.34 -48.17
C GLU FA 519 -0.27 -53.03 -47.00
N ALA FA 520 -0.18 -53.95 -46.05
CA ALA FA 520 0.65 -53.73 -44.87
C ALA FA 520 0.74 -54.96 -43.99
N VAL FA 521 1.81 -55.06 -43.23
CA VAL FA 521 1.98 -56.17 -42.31
C VAL FA 521 2.66 -55.65 -41.05
N VAL FA 522 2.10 -56.01 -39.89
CA VAL FA 522 2.65 -55.59 -38.61
C VAL FA 522 3.27 -56.80 -37.93
N ALA FA 523 4.60 -56.91 -38.02
CA ALA FA 523 5.30 -58.04 -37.42
C ALA FA 523 5.95 -57.68 -36.09
N GLU FA 524 6.39 -58.71 -35.37
CA GLU FA 524 7.05 -58.53 -34.09
C GLU FA 524 8.53 -58.30 -34.36
N LYS FA 525 9.12 -57.35 -33.66
CA LYS FA 525 10.53 -57.06 -33.83
C LYS FA 525 11.29 -58.11 -33.02
N PRO FA 526 12.53 -58.45 -33.42
CA PRO FA 526 13.27 -59.46 -32.65
C PRO FA 526 13.64 -58.95 -31.25
N ALA GA 2 14.77 -71.63 -36.60
CA ALA GA 2 15.73 -70.88 -37.45
C ALA GA 2 16.54 -71.86 -38.31
N LYS GA 3 15.97 -72.21 -39.46
CA LYS GA 3 16.64 -73.12 -40.39
C LYS GA 3 17.48 -72.35 -41.40
N ILE GA 4 17.98 -73.04 -42.41
CA ILE GA 4 18.80 -72.43 -43.45
C ILE GA 4 18.73 -73.27 -44.72
N LEU GA 5 18.09 -72.74 -45.75
CA LEU GA 5 17.94 -73.48 -47.01
C LEU GA 5 19.14 -73.34 -47.94
N VAL GA 6 19.38 -74.36 -48.74
CA VAL GA 6 20.48 -74.40 -49.70
C VAL GA 6 20.04 -75.29 -50.85
N PHE GA 7 20.14 -74.79 -52.07
CA PHE GA 7 19.71 -75.58 -53.21
C PHE GA 7 20.81 -75.99 -54.19
N ASP GA 8 20.36 -76.63 -55.28
CA ASP GA 8 21.19 -77.11 -56.36
C ASP GA 8 22.65 -77.40 -56.03
N GLU GA 9 23.53 -77.04 -56.96
CA GLU GA 9 24.95 -77.31 -56.77
C GLU GA 9 25.46 -76.81 -55.43
N ALA GA 10 24.93 -75.69 -54.98
CA ALA GA 10 25.34 -75.12 -53.70
C ALA GA 10 25.31 -76.23 -52.65
N ALA GA 11 24.14 -76.88 -52.58
CA ALA GA 11 23.90 -77.96 -51.65
C ALA GA 11 24.78 -79.17 -51.93
N ARG GA 12 24.70 -79.70 -53.14
CA ARG GA 12 25.51 -80.85 -53.50
C ARG GA 12 27.00 -80.66 -53.21
N ARG GA 13 27.52 -79.46 -53.46
CA ARG GA 13 28.93 -79.21 -53.21
C ARG GA 13 29.22 -79.24 -51.71
N ALA GA 14 28.30 -78.69 -50.92
CA ALA GA 14 28.45 -78.70 -49.47
C ALA GA 14 28.57 -80.14 -48.98
N LEU GA 15 27.57 -80.96 -49.32
CA LEU GA 15 27.56 -82.37 -48.93
C LEU GA 15 28.86 -83.02 -49.34
N GLU GA 16 29.26 -82.79 -50.60
CA GLU GA 16 30.50 -83.36 -51.11
C GLU GA 16 31.69 -83.05 -50.22
N ARG GA 17 31.76 -81.80 -49.76
CA ARG GA 17 32.84 -81.36 -48.89
C ARG GA 17 32.89 -82.27 -47.68
N GLY GA 18 31.72 -82.53 -47.11
CA GLY GA 18 31.62 -83.40 -45.95
C GLY GA 18 32.08 -84.80 -46.32
N VAL GA 19 31.49 -85.32 -47.40
CA VAL GA 19 31.84 -86.64 -47.89
C VAL GA 19 33.35 -86.83 -47.97
N ASN GA 20 34.03 -85.83 -48.54
CA ASN GA 20 35.46 -85.91 -48.67
C ASN GA 20 36.22 -85.85 -47.35
N ALA GA 21 35.71 -85.03 -46.43
CA ALA GA 21 36.34 -84.90 -45.11
C ALA GA 21 36.52 -86.29 -44.49
N VAL GA 22 35.43 -87.03 -44.44
CA VAL GA 22 35.45 -88.37 -43.89
C VAL GA 22 36.37 -89.24 -44.73
N ALA GA 23 35.94 -89.50 -45.96
CA ALA GA 23 36.68 -90.34 -46.91
C ALA GA 23 38.20 -90.16 -46.90
N ASN GA 24 38.66 -88.91 -46.93
CA ASN GA 24 40.09 -88.64 -46.94
C ASN GA 24 40.81 -89.06 -45.67
N ALA GA 25 40.11 -88.97 -44.54
CA ALA GA 25 40.71 -89.35 -43.27
C ALA GA 25 40.74 -90.87 -43.15
N VAL GA 26 39.67 -91.50 -43.66
CA VAL GA 26 39.48 -92.93 -43.60
C VAL GA 26 40.33 -93.78 -44.54
N LYS GA 27 40.32 -93.46 -45.82
CA LYS GA 27 41.06 -94.26 -46.79
C LYS GA 27 42.54 -94.49 -46.58
N VAL GA 28 43.18 -93.66 -45.76
CA VAL GA 28 44.60 -93.85 -45.52
C VAL GA 28 44.89 -95.10 -44.69
N THR GA 29 43.83 -95.84 -44.35
CA THR GA 29 43.97 -97.05 -43.53
C THR GA 29 43.61 -98.33 -44.28
N LEU GA 30 42.96 -98.17 -45.43
CA LEU GA 30 42.54 -99.31 -46.25
C LEU GA 30 43.70 -100.23 -46.62
N GLY GA 31 43.45 -101.53 -46.51
CA GLY GA 31 44.46 -102.50 -46.86
C GLY GA 31 45.39 -102.96 -45.76
N PRO GA 32 46.22 -103.98 -46.05
CA PRO GA 32 47.20 -104.60 -45.16
C PRO GA 32 48.22 -103.64 -44.55
N ARG GA 33 48.38 -102.46 -45.15
CA ARG GA 33 49.36 -101.51 -44.66
C ARG GA 33 48.83 -100.09 -44.47
N GLY GA 34 47.61 -99.95 -43.96
CA GLY GA 34 47.06 -98.62 -43.76
C GLY GA 34 48.04 -97.71 -43.03
N ARG GA 35 47.91 -96.42 -43.24
CA ARG GA 35 48.80 -95.45 -42.59
C ARG GA 35 48.19 -95.08 -41.25
N ASN GA 36 48.97 -94.38 -40.43
CA ASN GA 36 48.53 -93.95 -39.11
C ASN GA 36 47.69 -92.69 -39.11
N VAL GA 37 46.61 -92.71 -38.35
CA VAL GA 37 45.74 -91.56 -38.21
C VAL GA 37 45.75 -91.24 -36.72
N VAL GA 38 46.04 -89.99 -36.37
CA VAL GA 38 46.09 -89.57 -34.98
C VAL GA 38 44.77 -88.95 -34.52
N LEU GA 39 44.23 -89.44 -33.42
CA LEU GA 39 42.97 -88.91 -32.88
C LEU GA 39 43.21 -88.49 -31.44
N GLU GA 40 42.80 -87.27 -31.10
CA GLU GA 40 43.00 -86.81 -29.73
C GLU GA 40 41.74 -86.96 -28.90
N LYS GA 41 41.92 -87.40 -27.66
CA LYS GA 41 40.80 -87.57 -26.74
C LYS GA 41 40.78 -86.32 -25.87
N LYS GA 42 39.59 -85.80 -25.59
CA LYS GA 42 39.46 -84.60 -24.79
C LYS GA 42 40.27 -84.64 -23.50
N PHE GA 43 40.21 -85.75 -22.78
CA PHE GA 43 40.94 -85.88 -21.53
C PHE GA 43 42.21 -86.71 -21.67
N GLY GA 44 42.07 -87.97 -22.05
CA GLY GA 44 43.24 -88.83 -22.22
C GLY GA 44 44.17 -88.29 -23.30
N SER GA 45 45.37 -88.85 -23.39
CA SER GA 45 46.33 -88.41 -24.40
C SER GA 45 45.88 -88.85 -25.79
N PRO GA 46 46.64 -88.48 -26.84
CA PRO GA 46 46.28 -88.86 -28.21
C PRO GA 46 46.29 -90.36 -28.48
N THR GA 47 45.57 -90.74 -29.53
CA THR GA 47 45.43 -92.13 -29.96
C THR GA 47 45.92 -92.26 -31.40
N ILE GA 48 46.42 -93.43 -31.77
CA ILE GA 48 46.85 -93.64 -33.15
C ILE GA 48 46.12 -94.89 -33.63
N THR GA 49 45.61 -94.85 -34.87
CA THR GA 49 44.88 -95.97 -35.41
C THR GA 49 45.33 -96.34 -36.81
N LYS GA 50 44.65 -97.33 -37.36
CA LYS GA 50 44.88 -97.83 -38.71
C LYS GA 50 43.55 -98.46 -39.07
N ASP GA 51 42.56 -98.17 -38.22
CA ASP GA 51 41.22 -98.68 -38.40
C ASP GA 51 40.30 -97.60 -38.92
N GLY GA 52 39.76 -97.83 -40.11
CA GLY GA 52 38.85 -96.87 -40.70
C GLY GA 52 37.64 -96.53 -39.84
N VAL GA 53 36.98 -97.55 -39.32
CA VAL GA 53 35.79 -97.34 -38.50
C VAL GA 53 36.07 -96.49 -37.27
N THR GA 54 37.23 -96.73 -36.63
CA THR GA 54 37.60 -95.98 -35.44
C THR GA 54 37.68 -94.50 -35.80
N VAL GA 55 38.37 -94.21 -36.90
CA VAL GA 55 38.54 -92.84 -37.36
C VAL GA 55 37.22 -92.22 -37.79
N ALA GA 56 36.45 -92.94 -38.58
CA ALA GA 56 35.17 -92.46 -39.05
C ALA GA 56 34.31 -91.94 -37.90
N LYS GA 57 34.28 -92.69 -36.79
CA LYS GA 57 33.49 -92.30 -35.62
C LYS GA 57 33.87 -90.92 -35.10
N GLU GA 58 35.18 -90.64 -35.07
CA GLU GA 58 35.69 -89.37 -34.57
C GLU GA 58 35.57 -88.19 -35.53
N VAL GA 59 35.04 -88.40 -36.73
CA VAL GA 59 34.93 -87.30 -37.68
C VAL GA 59 33.61 -86.53 -37.61
N GLU GA 60 33.70 -85.30 -37.14
CA GLU GA 60 32.55 -84.43 -37.02
C GLU GA 60 33.00 -83.03 -37.41
N LEU GA 61 32.35 -82.47 -38.42
CA LEU GA 61 32.69 -81.15 -38.94
C LEU GA 61 31.97 -79.98 -38.29
N GLU GA 62 32.64 -78.83 -38.24
CA GLU GA 62 32.07 -77.62 -37.65
C GLU GA 62 30.86 -77.13 -38.43
N ASP GA 63 31.01 -77.04 -39.74
CA ASP GA 63 29.93 -76.56 -40.60
C ASP GA 63 28.77 -77.54 -40.65
N HIS GA 64 27.56 -77.06 -40.36
CA HIS GA 64 26.37 -77.89 -40.37
C HIS GA 64 26.17 -78.65 -41.68
N LEU GA 65 26.10 -77.92 -42.79
CA LEU GA 65 25.92 -78.55 -44.09
C LEU GA 65 26.95 -79.61 -44.40
N GLU GA 66 28.23 -79.25 -44.30
CA GLU GA 66 29.30 -80.19 -44.58
C GLU GA 66 29.20 -81.41 -43.68
N ASN GA 67 28.91 -81.19 -42.40
CA ASN GA 67 28.79 -82.30 -41.46
C ASN GA 67 27.68 -83.22 -41.95
N ILE GA 68 26.56 -82.63 -42.37
CA ILE GA 68 25.42 -83.40 -42.85
C ILE GA 68 25.88 -84.45 -43.86
N GLY GA 69 26.78 -84.05 -44.73
CA GLY GA 69 27.30 -84.97 -45.71
C GLY GA 69 28.12 -86.04 -45.02
N ALA GA 70 29.01 -85.63 -44.12
CA ALA GA 70 29.87 -86.57 -43.40
C ALA GA 70 29.04 -87.62 -42.66
N GLN GA 71 28.04 -87.16 -41.94
CA GLN GA 71 27.19 -88.09 -41.21
C GLN GA 71 26.45 -89.00 -42.18
N LEU GA 72 25.87 -88.38 -43.20
CA LEU GA 72 25.12 -89.11 -44.21
C LEU GA 72 25.98 -90.24 -44.80
N LEU GA 73 27.26 -89.96 -45.04
CA LEU GA 73 28.14 -90.97 -45.58
C LEU GA 73 28.36 -92.05 -44.53
N LYS GA 74 28.81 -91.64 -43.36
CA LYS GA 74 29.08 -92.58 -42.29
C LYS GA 74 27.94 -93.57 -42.06
N GLU GA 75 26.70 -93.06 -42.06
CA GLU GA 75 25.54 -93.91 -41.89
C GLU GA 75 25.54 -95.02 -42.92
N VAL GA 76 25.27 -94.64 -44.18
CA VAL GA 76 25.22 -95.60 -45.26
C VAL GA 76 26.46 -96.48 -45.37
N ALA GA 77 27.62 -95.92 -45.05
CA ALA GA 77 28.84 -96.69 -45.12
C ALA GA 77 28.86 -97.80 -44.06
N SER GA 78 28.46 -97.46 -42.84
CA SER GA 78 28.44 -98.41 -41.73
C SER GA 78 27.42 -99.53 -41.91
N LYS GA 79 26.30 -99.24 -42.58
CA LYS GA 79 25.30 -100.27 -42.76
C LYS GA 79 25.80 -101.36 -43.72
N THR GA 80 27.11 -101.52 -43.76
CA THR GA 80 27.80 -102.53 -44.58
C THR GA 80 28.45 -103.45 -43.55
N ASN GA 81 29.06 -102.83 -42.55
CA ASN GA 81 29.71 -103.54 -41.47
C ASN GA 81 28.56 -104.20 -40.70
N ASP GA 82 27.40 -103.54 -40.73
CA ASP GA 82 26.19 -104.01 -40.06
C ASP GA 82 25.59 -105.28 -40.68
N VAL GA 83 25.97 -105.56 -41.92
CA VAL GA 83 25.43 -106.74 -42.59
C VAL GA 83 26.51 -107.70 -43.07
N ALA GA 84 27.76 -107.39 -42.76
CA ALA GA 84 28.86 -108.26 -43.17
C ALA GA 84 30.07 -108.14 -42.23
N GLY GA 85 29.95 -107.27 -41.24
CA GLY GA 85 31.03 -107.09 -40.27
C GLY GA 85 32.36 -106.61 -40.84
N ASP GA 86 32.29 -105.87 -41.95
CA ASP GA 86 33.50 -105.35 -42.59
C ASP GA 86 33.16 -104.61 -43.89
N GLY GA 87 34.17 -103.98 -44.47
CA GLY GA 87 34.00 -103.25 -45.71
C GLY GA 87 33.30 -101.92 -45.59
N THR GA 88 33.33 -101.34 -44.39
CA THR GA 88 32.70 -100.04 -44.20
C THR GA 88 33.61 -98.98 -44.83
N THR GA 89 34.92 -99.13 -44.65
CA THR GA 89 35.89 -98.20 -45.22
C THR GA 89 35.88 -98.29 -46.75
N THR GA 90 35.92 -99.51 -47.27
CA THR GA 90 35.90 -99.71 -48.71
C THR GA 90 34.69 -99.04 -49.33
N ALA GA 91 33.56 -99.09 -48.65
CA ALA GA 91 32.36 -98.48 -49.18
C ALA GA 91 32.53 -96.97 -49.27
N THR GA 92 33.26 -96.42 -48.30
CA THR GA 92 33.52 -94.98 -48.24
C THR GA 92 34.32 -94.54 -49.44
N VAL GA 93 35.44 -95.22 -49.69
CA VAL GA 93 36.30 -94.91 -50.83
C VAL GA 93 35.48 -94.89 -52.13
N LEU GA 94 34.81 -96.00 -52.44
CA LEU GA 94 33.99 -96.09 -53.64
C LEU GA 94 33.01 -94.93 -53.73
N ALA GA 95 32.37 -94.62 -52.60
CA ALA GA 95 31.40 -93.53 -52.54
C ALA GA 95 32.03 -92.17 -52.89
N GLN GA 96 33.22 -91.92 -52.35
CA GLN GA 96 33.89 -90.65 -52.62
C GLN GA 96 34.00 -90.48 -54.13
N ALA GA 97 34.66 -91.45 -54.77
CA ALA GA 97 34.86 -91.46 -56.21
C ALA GA 97 33.54 -91.23 -56.94
N ILE GA 98 32.55 -92.09 -56.69
CA ILE GA 98 31.28 -91.94 -57.36
C ILE GA 98 30.71 -90.52 -57.19
N VAL GA 99 30.82 -89.96 -56.00
CA VAL GA 99 30.29 -88.62 -55.75
C VAL GA 99 31.03 -87.55 -56.57
N ARG GA 100 32.35 -87.65 -56.59
CA ARG GA 100 33.22 -86.74 -57.32
C ARG GA 100 32.84 -86.69 -58.80
N GLU GA 101 33.16 -87.77 -59.52
CA GLU GA 101 32.86 -87.87 -60.95
C GLU GA 101 31.41 -87.51 -61.26
N GLY GA 102 30.52 -87.94 -60.38
CA GLY GA 102 29.11 -87.66 -60.58
C GLY GA 102 28.82 -86.17 -60.62
N LEU GA 103 29.24 -85.46 -59.58
CA LEU GA 103 29.02 -84.02 -59.52
C LEU GA 103 29.77 -83.30 -60.64
N LYS GA 104 30.94 -83.83 -61.04
CA LYS GA 104 31.72 -83.22 -62.11
C LYS GA 104 30.90 -83.19 -63.39
N ASN GA 105 30.48 -84.38 -63.81
CA ASN GA 105 29.69 -84.53 -65.01
C ASN GA 105 28.35 -83.82 -64.94
N VAL GA 106 27.79 -83.70 -63.74
CA VAL GA 106 26.52 -83.01 -63.59
C VAL GA 106 26.77 -81.52 -63.82
N ALA GA 107 27.95 -81.08 -63.38
CA ALA GA 107 28.35 -79.69 -63.52
C ALA GA 107 28.72 -79.39 -64.98
N ALA GA 108 28.97 -80.42 -65.76
CA ALA GA 108 29.31 -80.26 -67.16
C ALA GA 108 28.06 -80.39 -68.03
N GLY GA 109 26.91 -80.48 -67.38
CA GLY GA 109 25.64 -80.57 -68.09
C GLY GA 109 24.99 -81.94 -68.17
N ALA GA 110 25.58 -82.96 -67.57
CA ALA GA 110 25.01 -84.30 -67.60
C ALA GA 110 23.73 -84.34 -66.76
N ASN GA 111 22.76 -85.15 -67.17
CA ASN GA 111 21.50 -85.28 -66.42
C ASN GA 111 21.73 -86.20 -65.23
N PRO GA 112 21.42 -85.70 -64.02
CA PRO GA 112 21.62 -86.51 -62.81
C PRO GA 112 20.92 -87.86 -62.90
N LEU GA 113 19.63 -87.84 -63.17
CA LEU GA 113 18.86 -89.06 -63.25
C LEU GA 113 19.49 -90.07 -64.19
N ALA GA 114 19.86 -89.62 -65.39
CA ALA GA 114 20.48 -90.52 -66.35
C ALA GA 114 21.77 -91.11 -65.77
N LEU GA 115 22.55 -90.29 -65.08
CA LEU GA 115 23.79 -90.75 -64.49
C LEU GA 115 23.46 -91.88 -63.51
N LYS GA 116 22.40 -91.65 -62.76
CA LYS GA 116 21.94 -92.63 -61.78
C LYS GA 116 21.60 -93.92 -62.50
N ARG GA 117 20.58 -93.88 -63.38
CA ARG GA 117 20.14 -95.07 -64.14
C ARG GA 117 21.36 -95.88 -64.56
N GLY GA 118 22.39 -95.15 -65.02
CA GLY GA 118 23.61 -95.79 -65.45
C GLY GA 118 24.47 -96.33 -64.32
N ILE GA 119 24.55 -95.59 -63.21
CA ILE GA 119 25.35 -96.04 -62.09
C ILE GA 119 24.75 -97.34 -61.54
N GLU GA 120 23.43 -97.42 -61.58
CA GLU GA 120 22.70 -98.59 -61.10
C GLU GA 120 22.98 -99.80 -62.00
N LYS GA 121 22.71 -99.65 -63.29
CA LYS GA 121 22.95 -100.74 -64.23
C LYS GA 121 24.39 -101.22 -64.10
N ALA GA 122 25.31 -100.28 -63.88
CA ALA GA 122 26.72 -100.61 -63.73
C ALA GA 122 26.92 -101.51 -62.51
N VAL GA 123 26.39 -101.10 -61.36
CA VAL GA 123 26.53 -101.88 -60.15
C VAL GA 123 25.97 -103.28 -60.36
N GLU GA 124 24.74 -103.37 -60.89
CA GLU GA 124 24.13 -104.67 -61.15
C GLU GA 124 25.16 -105.57 -61.80
N ALA GA 125 25.57 -105.19 -63.02
CA ALA GA 125 26.55 -105.94 -63.77
C ALA GA 125 27.75 -106.29 -62.91
N ALA GA 126 28.16 -105.35 -62.07
CA ALA GA 126 29.32 -105.55 -61.20
C ALA GA 126 29.05 -106.64 -60.17
N VAL GA 127 27.92 -106.53 -59.48
CA VAL GA 127 27.53 -107.50 -58.47
C VAL GA 127 27.43 -108.89 -59.11
N GLU GA 128 26.74 -108.96 -60.23
CA GLU GA 128 26.56 -110.22 -60.96
C GLU GA 128 27.91 -110.91 -61.23
N LYS GA 129 28.94 -110.12 -61.45
CA LYS GA 129 30.28 -110.65 -61.70
C LYS GA 129 30.88 -111.13 -60.36
N ILE GA 130 30.61 -110.38 -59.29
CA ILE GA 130 31.11 -110.75 -57.97
C ILE GA 130 30.56 -112.13 -57.64
N LYS GA 131 29.27 -112.31 -57.88
CA LYS GA 131 28.61 -113.58 -57.61
C LYS GA 131 29.25 -114.71 -58.41
N ALA GA 132 29.16 -114.60 -59.74
CA ALA GA 132 29.72 -115.60 -60.63
C ALA GA 132 31.21 -115.82 -60.38
N LEU GA 133 31.77 -115.03 -59.47
CA LEU GA 133 33.20 -115.12 -59.17
C LEU GA 133 33.46 -115.62 -57.75
N ALA GA 134 32.39 -115.83 -56.98
CA ALA GA 134 32.48 -116.25 -55.57
C ALA GA 134 32.61 -117.76 -55.28
N ILE GA 135 33.22 -118.06 -54.13
CA ILE GA 135 33.48 -119.44 -53.64
C ILE GA 135 32.62 -119.77 -52.41
N PRO GA 136 31.77 -120.80 -52.50
CA PRO GA 136 30.92 -121.14 -51.35
C PRO GA 136 31.73 -121.68 -50.17
N VAL GA 137 31.31 -121.30 -48.97
CA VAL GA 137 31.97 -121.76 -47.74
C VAL GA 137 30.91 -122.44 -46.88
N GLU GA 138 30.83 -123.76 -47.00
CA GLU GA 138 29.84 -124.53 -46.25
C GLU GA 138 30.42 -125.81 -45.67
N ASP GA 139 31.57 -126.24 -46.20
CA ASP GA 139 32.22 -127.45 -45.71
C ASP GA 139 32.69 -127.22 -44.29
N ARG GA 140 33.22 -128.27 -43.68
CA ARG GA 140 33.75 -128.17 -42.34
C ARG GA 140 35.11 -127.50 -42.46
N LYS GA 141 35.94 -128.03 -43.36
CA LYS GA 141 37.27 -127.47 -43.60
C LYS GA 141 37.14 -126.03 -44.07
N ALA GA 142 36.22 -125.79 -44.99
CA ALA GA 142 35.98 -124.46 -45.52
C ALA GA 142 35.84 -123.46 -44.37
N ILE GA 143 34.72 -123.56 -43.66
CA ILE GA 143 34.43 -122.67 -42.54
C ILE GA 143 35.59 -122.52 -41.57
N GLU GA 144 36.30 -123.61 -41.31
CA GLU GA 144 37.43 -123.53 -40.37
C GLU GA 144 38.57 -122.70 -40.98
N GLU GA 145 38.97 -123.05 -42.20
CA GLU GA 145 40.06 -122.34 -42.87
C GLU GA 145 39.80 -120.84 -42.96
N VAL GA 146 38.60 -120.45 -43.38
CA VAL GA 146 38.24 -119.04 -43.49
C VAL GA 146 38.53 -118.36 -42.17
N ALA GA 147 37.89 -118.85 -41.11
CA ALA GA 147 38.05 -118.31 -39.77
C ALA GA 147 39.52 -118.38 -39.32
N THR GA 148 40.18 -119.49 -39.65
CA THR GA 148 41.57 -119.68 -39.27
C THR GA 148 42.41 -118.51 -39.79
N ILE GA 149 42.15 -118.10 -41.03
CA ILE GA 149 42.88 -117.01 -41.64
C ILE GA 149 42.52 -115.65 -41.01
N SER GA 150 41.24 -115.28 -41.06
CA SER GA 150 40.76 -114.01 -40.51
C SER GA 150 41.12 -113.83 -39.04
N ALA GA 151 41.54 -114.91 -38.40
CA ALA GA 151 41.89 -114.84 -36.99
C ALA GA 151 43.41 -114.93 -36.84
N ASN GA 152 44.03 -115.61 -37.79
CA ASN GA 152 45.47 -115.81 -37.79
C ASN GA 152 45.77 -116.68 -36.57
N ASP GA 153 45.01 -117.77 -36.46
CA ASP GA 153 45.13 -118.73 -35.36
C ASP GA 153 44.35 -119.98 -35.75
N PRO GA 154 45.07 -121.07 -36.07
CA PRO GA 154 44.42 -122.34 -36.46
C PRO GA 154 43.53 -122.90 -35.37
N GLU GA 155 43.86 -122.58 -34.12
CA GLU GA 155 43.11 -123.04 -32.95
C GLU GA 155 41.76 -122.34 -32.90
N VAL GA 156 41.79 -121.02 -32.80
CA VAL GA 156 40.56 -120.24 -32.76
C VAL GA 156 39.73 -120.57 -33.98
N GLY GA 157 40.41 -120.96 -35.06
CA GLY GA 157 39.73 -121.34 -36.28
C GLY GA 157 38.85 -122.54 -35.96
N LYS GA 158 39.44 -123.54 -35.31
CA LYS GA 158 38.72 -124.74 -34.92
C LYS GA 158 37.52 -124.37 -34.06
N LEU GA 159 37.79 -123.69 -32.95
CA LEU GA 159 36.74 -123.27 -32.02
C LEU GA 159 35.59 -122.58 -32.75
N ILE GA 160 35.92 -121.56 -33.53
CA ILE GA 160 34.90 -120.84 -34.29
C ILE GA 160 34.11 -121.81 -35.17
N ALA GA 161 34.83 -122.76 -35.78
CA ALA GA 161 34.20 -123.76 -36.63
C ALA GA 161 33.24 -124.61 -35.80
N ASP GA 162 33.75 -125.16 -34.70
CA ASP GA 162 32.95 -125.99 -33.81
C ASP GA 162 31.74 -125.22 -33.29
N ALA GA 163 31.99 -124.02 -32.74
CA ALA GA 163 30.92 -123.18 -32.22
C ALA GA 163 29.79 -123.06 -33.25
N MET GA 164 30.16 -122.85 -34.50
CA MET GA 164 29.18 -122.73 -35.58
C MET GA 164 28.54 -124.10 -35.86
N GLU GA 165 29.38 -125.13 -35.92
CA GLU GA 165 28.95 -126.50 -36.17
C GLU GA 165 27.76 -126.89 -35.30
N LYS GA 166 27.87 -126.56 -34.01
CA LYS GA 166 26.84 -126.92 -33.04
C LYS GA 166 25.66 -125.95 -32.89
N VAL GA 167 25.94 -124.67 -32.66
CA VAL GA 167 24.87 -123.68 -32.49
C VAL GA 167 24.07 -123.43 -33.77
N GLY GA 168 24.68 -123.67 -34.92
CA GLY GA 168 23.99 -123.48 -36.18
C GLY GA 168 24.08 -122.08 -36.77
N LYS GA 169 23.59 -121.94 -38.00
CA LYS GA 169 23.62 -120.67 -38.71
C LYS GA 169 22.91 -119.56 -37.95
N GLU GA 170 21.64 -119.78 -37.60
CA GLU GA 170 20.89 -118.76 -36.87
C GLU GA 170 21.11 -118.87 -35.36
N GLY GA 171 22.19 -119.54 -34.97
CA GLY GA 171 22.49 -119.70 -33.56
C GLY GA 171 23.19 -118.50 -32.95
N ILE GA 172 23.63 -118.64 -31.71
CA ILE GA 172 24.31 -117.54 -31.01
C ILE GA 172 25.76 -117.89 -30.68
N ILE GA 173 26.67 -116.98 -31.04
CA ILE GA 173 28.08 -117.18 -30.74
C ILE GA 173 28.63 -115.83 -30.27
N THR GA 174 29.51 -115.87 -29.28
CA THR GA 174 30.10 -114.64 -28.75
C THR GA 174 31.54 -114.85 -28.32
N VAL GA 175 32.28 -113.76 -28.27
CA VAL GA 175 33.67 -113.82 -27.85
C VAL GA 175 33.71 -113.03 -26.56
N GLU GA 176 34.15 -113.68 -25.49
CA GLU GA 176 34.22 -112.99 -24.21
C GLU GA 176 35.64 -112.92 -23.68
N GLU GA 177 35.91 -111.83 -22.96
CA GLU GA 177 37.21 -111.61 -22.35
C GLU GA 177 37.35 -112.49 -21.12
N SER GA 178 37.85 -113.70 -21.34
CA SER GA 178 38.07 -114.64 -20.25
C SER GA 178 39.06 -114.02 -19.27
N LYS GA 179 39.29 -114.70 -18.16
CA LYS GA 179 40.21 -114.23 -17.14
C LYS GA 179 41.40 -115.20 -17.21
N SER GA 180 41.13 -116.41 -17.70
CA SER GA 180 42.15 -117.44 -17.84
C SER GA 180 43.13 -117.06 -18.96
N LEU GA 181 44.35 -117.58 -18.87
CA LEU GA 181 45.36 -117.28 -19.88
C LEU GA 181 45.27 -118.23 -21.07
N GLU GA 182 44.15 -118.94 -21.17
CA GLU GA 182 43.93 -119.88 -22.26
C GLU GA 182 42.59 -119.62 -22.93
N THR GA 183 42.52 -119.89 -24.22
CA THR GA 183 41.29 -119.68 -24.98
C THR GA 183 40.53 -120.98 -25.08
N GLU GA 184 39.27 -120.97 -24.66
CA GLU GA 184 38.43 -122.15 -24.67
C GLU GA 184 37.05 -121.88 -25.24
N LEU GA 185 36.33 -122.95 -25.55
CA LEU GA 185 34.97 -122.85 -26.08
C LEU GA 185 34.03 -123.55 -25.09
N LYS GA 186 33.05 -122.81 -24.58
CA LYS GA 186 32.10 -123.34 -23.61
C LYS GA 186 30.67 -123.04 -24.07
N PHE GA 187 29.77 -124.01 -23.90
CA PHE GA 187 28.38 -123.81 -24.32
C PHE GA 187 27.44 -123.54 -23.16
N VAL GA 188 27.39 -122.27 -22.74
CA VAL GA 188 26.51 -121.86 -21.64
C VAL GA 188 25.07 -121.68 -22.11
N GLU GA 189 24.26 -121.06 -21.25
CA GLU GA 189 22.84 -120.84 -21.47
C GLU GA 189 22.61 -119.33 -21.66
N GLY GA 190 21.62 -118.96 -22.48
CA GLY GA 190 21.35 -117.56 -22.71
C GLY GA 190 20.39 -117.24 -23.86
N TYR GA 191 20.32 -115.96 -24.22
CA TYR GA 191 19.45 -115.49 -25.30
C TYR GA 191 20.08 -114.25 -25.93
N GLN GA 192 19.48 -113.77 -27.01
CA GLN GA 192 19.98 -112.59 -27.72
C GLN GA 192 18.97 -112.06 -28.75
N PHE GA 193 18.62 -110.79 -28.63
CA PHE GA 193 17.65 -110.17 -29.55
C PHE GA 193 18.19 -108.88 -30.15
N ASP GA 194 17.60 -108.47 -31.28
CA ASP GA 194 18.02 -107.27 -31.99
C ASP GA 194 17.38 -105.98 -31.50
N LYS GA 195 17.92 -105.47 -30.40
CA LYS GA 195 17.46 -104.24 -29.76
C LYS GA 195 18.67 -103.75 -28.96
N GLY GA 196 18.86 -102.44 -28.84
CA GLY GA 196 19.99 -101.94 -28.10
C GLY GA 196 19.65 -100.92 -27.03
N TYR GA 197 20.68 -100.35 -26.40
CA TYR GA 197 20.47 -99.36 -25.35
C TYR GA 197 19.61 -98.17 -25.77
N ILE GA 198 18.53 -97.96 -25.01
CA ILE GA 198 17.57 -96.89 -25.25
C ILE GA 198 18.26 -95.53 -25.18
N SER GA 199 19.41 -95.48 -24.52
CA SER GA 199 20.18 -94.25 -24.39
C SER GA 199 21.67 -94.58 -24.44
N PRO GA 200 22.43 -93.87 -25.30
CA PRO GA 200 23.87 -94.10 -25.44
C PRO GA 200 24.65 -93.84 -24.15
N TYR GA 201 23.97 -93.30 -23.13
CA TYR GA 201 24.61 -93.00 -21.85
C TYR GA 201 24.81 -94.26 -21.00
N PHE GA 202 24.12 -95.34 -21.37
CA PHE GA 202 24.22 -96.60 -20.65
C PHE GA 202 25.51 -97.34 -21.01
N VAL GA 203 26.24 -96.81 -21.99
CA VAL GA 203 27.48 -97.42 -22.44
C VAL GA 203 28.52 -97.56 -21.32
N THR GA 204 29.16 -98.74 -21.29
CA THR GA 204 30.19 -99.07 -20.33
C THR GA 204 31.56 -98.70 -20.89
N ASN GA 205 31.81 -99.11 -22.13
CA ASN GA 205 33.06 -98.85 -22.81
C ASN GA 205 32.84 -97.82 -23.92
N PRO GA 206 33.41 -96.61 -23.78
CA PRO GA 206 33.28 -95.54 -24.77
C PRO GA 206 33.77 -95.96 -26.15
N GLU GA 207 34.92 -96.63 -26.19
CA GLU GA 207 35.50 -97.08 -27.45
C GLU GA 207 34.57 -98.03 -28.19
N THR GA 208 34.33 -99.20 -27.62
CA THR GA 208 33.47 -100.19 -28.26
C THR GA 208 32.00 -99.78 -28.30
N MET GA 209 31.64 -98.74 -27.55
CA MET GA 209 30.25 -98.26 -27.53
C MET GA 209 29.28 -99.35 -27.10
N GLU GA 210 29.69 -100.15 -26.14
CA GLU GA 210 28.85 -101.23 -25.62
C GLU GA 210 28.56 -100.98 -24.16
N ALA GA 211 27.55 -101.69 -23.64
CA ALA GA 211 27.18 -101.60 -22.25
C ALA GA 211 27.31 -103.02 -21.70
N VAL GA 212 28.36 -103.27 -20.94
CA VAL GA 212 28.60 -104.58 -20.37
C VAL GA 212 28.26 -104.65 -18.87
N LEU GA 213 27.34 -105.56 -18.54
CA LEU GA 213 26.88 -105.75 -17.16
C LEU GA 213 27.22 -107.17 -16.73
N GLU GA 214 27.88 -107.32 -15.57
CA GLU GA 214 28.23 -108.66 -15.09
C GLU GA 214 27.48 -109.05 -13.82
N ASP GA 215 26.89 -110.25 -13.84
CA ASP GA 215 26.10 -110.77 -12.72
C ASP GA 215 25.03 -109.77 -12.33
N ALA GA 216 24.13 -109.51 -13.28
CA ALA GA 216 23.06 -108.56 -13.06
C ALA GA 216 21.70 -109.20 -13.12
N PHE GA 217 20.71 -108.50 -12.58
CA PHE GA 217 19.33 -108.98 -12.59
C PHE GA 217 18.71 -108.51 -13.89
N ILE GA 218 17.73 -109.26 -14.38
CA ILE GA 218 17.09 -108.92 -15.64
C ILE GA 218 15.60 -108.63 -15.48
N LEU GA 219 15.30 -107.42 -15.03
CA LEU GA 219 13.91 -106.98 -14.83
C LEU GA 219 13.14 -107.01 -16.15
N ILE GA 220 12.38 -108.06 -16.36
CA ILE GA 220 11.60 -108.21 -17.58
C ILE GA 220 10.20 -107.63 -17.43
N VAL GA 221 10.01 -106.41 -17.94
CA VAL GA 221 8.71 -105.74 -17.89
C VAL GA 221 8.01 -105.88 -19.25
N GLU GA 222 6.74 -105.47 -19.32
CA GLU GA 222 5.96 -105.58 -20.55
C GLU GA 222 5.20 -104.28 -20.81
N LYS GA 223 5.22 -103.40 -19.82
CA LYS GA 223 4.54 -102.10 -19.90
C LYS GA 223 5.56 -101.02 -20.26
N LYS GA 224 5.06 -99.81 -20.50
CA LYS GA 224 5.93 -98.68 -20.81
C LYS GA 224 6.29 -98.00 -19.49
N VAL GA 225 7.46 -98.35 -18.96
CA VAL GA 225 7.92 -97.78 -17.71
C VAL GA 225 8.31 -96.31 -17.89
N SER GA 226 7.42 -95.42 -17.49
CA SER GA 226 7.66 -93.98 -17.62
C SER GA 226 7.52 -93.25 -16.29
N ASN GA 227 6.93 -93.92 -15.30
CA ASN GA 227 6.73 -93.34 -13.99
C ASN GA 227 7.80 -93.81 -13.01
N VAL GA 228 8.36 -92.86 -12.25
CA VAL GA 228 9.40 -93.16 -11.26
C VAL GA 228 8.84 -93.95 -10.07
N ARG GA 229 7.69 -93.52 -9.57
CA ARG GA 229 7.06 -94.17 -8.43
C ARG GA 229 6.93 -95.69 -8.57
N GLU GA 230 6.47 -96.15 -9.73
CA GLU GA 230 6.29 -97.58 -9.98
C GLU GA 230 7.61 -98.30 -10.26
N LEU GA 231 8.72 -97.58 -10.24
CA LEU GA 231 10.02 -98.19 -10.52
C LEU GA 231 10.94 -98.15 -9.31
N LEU GA 232 10.87 -97.07 -8.52
CA LEU GA 232 11.70 -96.91 -7.33
C LEU GA 232 11.80 -98.13 -6.40
N PRO GA 233 10.67 -98.80 -6.12
CA PRO GA 233 10.72 -99.98 -5.23
C PRO GA 233 11.77 -101.03 -5.63
N ILE GA 234 11.62 -101.61 -6.82
CA ILE GA 234 12.57 -102.61 -7.31
C ILE GA 234 13.95 -102.03 -7.49
N LEU GA 235 14.00 -100.80 -7.99
CA LEU GA 235 15.26 -100.09 -8.23
C LEU GA 235 16.07 -100.01 -6.93
N GLU GA 236 15.37 -99.90 -5.81
CA GLU GA 236 16.00 -99.81 -4.50
C GLU GA 236 16.50 -101.15 -4.01
N GLN GA 237 15.66 -102.17 -4.14
CA GLN GA 237 16.03 -103.52 -3.71
C GLN GA 237 17.34 -103.93 -4.39
N VAL GA 238 17.39 -103.76 -5.71
CA VAL GA 238 18.57 -104.09 -6.50
C VAL GA 238 19.78 -103.20 -6.14
N ALA GA 239 19.50 -101.94 -5.79
CA ALA GA 239 20.57 -101.00 -5.43
C ALA GA 239 21.40 -101.54 -4.28
N GLN GA 240 20.73 -102.04 -3.24
CA GLN GA 240 21.41 -102.58 -2.08
C GLN GA 240 22.06 -103.94 -2.34
N THR GA 241 21.81 -104.49 -3.52
CA THR GA 241 22.39 -105.80 -3.89
C THR GA 241 23.84 -105.63 -4.31
N GLY GA 242 24.18 -104.43 -4.76
CA GLY GA 242 25.53 -104.17 -5.20
C GLY GA 242 25.76 -104.66 -6.60
N LYS GA 243 24.73 -105.29 -7.15
CA LYS GA 243 24.75 -105.84 -8.49
C LYS GA 243 24.09 -104.92 -9.51
N PRO GA 244 24.48 -105.06 -10.79
CA PRO GA 244 23.94 -104.26 -11.90
C PRO GA 244 22.54 -104.75 -12.33
N LEU GA 245 21.84 -103.93 -13.11
CA LEU GA 245 20.50 -104.29 -13.55
C LEU GA 245 20.21 -104.00 -15.02
N LEU GA 246 19.61 -104.97 -15.69
CA LEU GA 246 19.23 -104.83 -17.10
C LEU GA 246 17.71 -104.77 -17.17
N ILE GA 247 17.18 -103.65 -17.64
CA ILE GA 247 15.73 -103.50 -17.77
C ILE GA 247 15.34 -103.80 -19.21
N ILE GA 248 14.30 -104.62 -19.38
CA ILE GA 248 13.85 -104.98 -20.72
C ILE GA 248 12.34 -104.74 -20.89
N ALA GA 249 11.91 -103.49 -20.71
CA ALA GA 249 10.50 -103.12 -20.86
C ALA GA 249 10.25 -102.91 -22.36
N GLU GA 250 9.00 -102.67 -22.76
CA GLU GA 250 8.76 -102.44 -24.17
C GLU GA 250 9.32 -101.07 -24.50
N ASP GA 251 9.54 -100.27 -23.46
CA ASP GA 251 10.10 -98.93 -23.59
C ASP GA 251 10.25 -98.26 -22.24
N VAL GA 252 11.30 -97.45 -22.11
CA VAL GA 252 11.60 -96.70 -20.88
C VAL GA 252 11.73 -95.23 -21.28
N GLU GA 253 10.80 -94.40 -20.82
CA GLU GA 253 10.79 -92.98 -21.17
C GLU GA 253 10.58 -92.04 -19.98
N GLY GA 254 10.48 -90.75 -20.29
CA GLY GA 254 10.27 -89.73 -19.27
C GLY GA 254 11.14 -89.81 -18.03
N GLU GA 255 10.51 -89.65 -16.87
CA GLU GA 255 11.21 -89.71 -15.59
C GLU GA 255 12.02 -91.00 -15.48
N ALA GA 256 11.34 -92.12 -15.67
CA ALA GA 256 11.96 -93.44 -15.59
C ALA GA 256 13.31 -93.49 -16.30
N LEU GA 257 13.33 -93.22 -17.60
CA LEU GA 257 14.56 -93.25 -18.37
C LEU GA 257 15.56 -92.22 -17.86
N ALA GA 258 15.05 -91.05 -17.47
CA ALA GA 258 15.91 -89.97 -16.97
C ALA GA 258 16.67 -90.40 -15.70
N THR GA 259 15.93 -90.92 -14.73
CA THR GA 259 16.51 -91.36 -13.47
C THR GA 259 17.56 -92.46 -13.70
N LEU GA 260 17.20 -93.49 -14.46
CA LEU GA 260 18.10 -94.59 -14.76
C LEU GA 260 19.42 -94.08 -15.30
N VAL GA 261 19.36 -93.07 -16.16
CA VAL GA 261 20.57 -92.50 -16.75
C VAL GA 261 21.41 -91.71 -15.76
N VAL GA 262 20.75 -90.91 -14.93
CA VAL GA 262 21.45 -90.10 -13.94
C VAL GA 262 22.26 -90.93 -12.93
N ASN GA 263 21.59 -91.88 -12.26
CA ASN GA 263 22.24 -92.74 -11.26
C ASN GA 263 23.34 -93.59 -11.89
N LYS GA 264 23.17 -93.90 -13.18
CA LYS GA 264 24.12 -94.70 -13.96
C LYS GA 264 25.42 -93.91 -14.15
N LEU GA 265 25.26 -92.66 -14.58
CA LEU GA 265 26.39 -91.76 -14.82
C LEU GA 265 26.89 -91.19 -13.50
N ARG GA 266 26.13 -91.45 -12.44
CA ARG GA 266 26.44 -90.97 -11.11
C ARG GA 266 27.25 -92.01 -10.33
N GLY GA 267 26.87 -93.28 -10.48
CA GLY GA 267 27.54 -94.36 -9.78
C GLY GA 267 26.61 -95.00 -8.78
N THR GA 268 25.39 -94.47 -8.68
CA THR GA 268 24.39 -94.97 -7.76
C THR GA 268 23.95 -96.38 -8.14
N LEU GA 269 23.68 -96.59 -9.42
CA LEU GA 269 23.25 -97.90 -9.91
C LEU GA 269 23.66 -98.05 -11.37
N SER GA 270 24.36 -99.13 -11.70
CA SER GA 270 24.77 -99.37 -13.07
C SER GA 270 23.67 -100.17 -13.78
N VAL GA 271 22.88 -99.48 -14.59
CA VAL GA 271 21.77 -100.12 -15.32
C VAL GA 271 21.85 -99.83 -16.81
N ALA GA 272 20.90 -100.41 -17.55
CA ALA GA 272 20.82 -100.23 -18.99
C ALA GA 272 19.44 -100.68 -19.43
N ALA GA 273 18.74 -99.80 -20.14
CA ALA GA 273 17.39 -100.12 -20.63
C ALA GA 273 17.38 -100.45 -22.12
N VAL GA 274 16.70 -101.54 -22.46
CA VAL GA 274 16.57 -102.00 -23.84
C VAL GA 274 15.11 -102.28 -24.13
N LYS GA 275 14.67 -102.00 -25.34
CA LYS GA 275 13.29 -102.25 -25.71
C LYS GA 275 13.06 -103.75 -25.87
N ALA GA 276 11.81 -104.16 -25.72
CA ALA GA 276 11.46 -105.57 -25.83
C ALA GA 276 11.61 -106.10 -27.27
N PRO GA 277 12.18 -107.31 -27.41
CA PRO GA 277 12.41 -107.95 -28.71
C PRO GA 277 11.11 -108.24 -29.45
N GLY GA 278 11.19 -108.39 -30.77
CA GLY GA 278 10.01 -108.67 -31.55
C GLY GA 278 8.91 -107.63 -31.43
N PHE GA 279 7.77 -107.91 -32.07
CA PHE GA 279 6.62 -107.01 -32.05
C PHE GA 279 5.32 -107.81 -31.97
N GLY GA 280 4.37 -107.31 -31.19
CA GLY GA 280 3.09 -107.99 -31.04
C GLY GA 280 3.12 -109.27 -30.25
N ASP GA 281 2.21 -110.18 -30.58
CA ASP GA 281 2.12 -111.48 -29.91
C ASP GA 281 3.52 -112.07 -29.87
N ARG GA 282 4.22 -111.90 -30.97
CA ARG GA 282 5.58 -112.40 -31.13
C ARG GA 282 6.49 -111.97 -29.99
N ARG GA 283 6.23 -110.77 -29.48
CA ARG GA 283 7.03 -110.21 -28.41
C ARG GA 283 6.86 -110.85 -27.03
N LYS GA 284 5.64 -110.95 -26.54
CA LYS GA 284 5.44 -111.55 -25.22
C LYS GA 284 6.02 -112.96 -25.22
N GLU GA 285 5.88 -113.65 -26.35
CA GLU GA 285 6.39 -115.01 -26.46
C GLU GA 285 7.91 -115.01 -26.27
N MET GA 286 8.57 -113.99 -26.79
CA MET GA 286 10.03 -113.87 -26.68
C MET GA 286 10.44 -113.36 -25.29
N LEU GA 287 9.55 -112.60 -24.65
CA LEU GA 287 9.84 -112.08 -23.31
C LEU GA 287 9.86 -113.23 -22.31
N LYS GA 288 9.11 -114.29 -22.63
CA LYS GA 288 9.04 -115.48 -21.80
C LYS GA 288 10.31 -116.30 -21.99
N ASP GA 289 10.76 -116.39 -23.24
CA ASP GA 289 11.98 -117.12 -23.59
C ASP GA 289 13.12 -116.58 -22.75
N ILE GA 290 13.08 -115.27 -22.49
CA ILE GA 290 14.09 -114.60 -21.69
C ILE GA 290 13.88 -114.97 -20.23
N ALA GA 291 12.66 -114.80 -19.74
CA ALA GA 291 12.35 -115.14 -18.35
C ALA GA 291 12.81 -116.59 -18.06
N ALA GA 292 12.54 -117.48 -19.01
CA ALA GA 292 12.89 -118.91 -18.89
C ALA GA 292 14.40 -119.16 -18.69
N VAL GA 293 15.21 -118.59 -19.57
CA VAL GA 293 16.66 -118.78 -19.50
C VAL GA 293 17.29 -117.92 -18.41
N THR GA 294 16.57 -116.91 -17.96
CA THR GA 294 17.08 -116.01 -16.93
C THR GA 294 16.71 -116.47 -15.51
N GLY GA 295 15.47 -116.93 -15.36
CA GLY GA 295 15.00 -117.35 -14.06
C GLY GA 295 14.19 -116.21 -13.47
N GLY GA 296 13.54 -115.46 -14.34
CA GLY GA 296 12.72 -114.34 -13.91
C GLY GA 296 11.31 -114.52 -14.43
N THR GA 297 10.48 -113.49 -14.29
CA THR GA 297 9.11 -113.58 -14.75
C THR GA 297 8.64 -112.30 -15.43
N VAL GA 298 7.86 -112.47 -16.49
CA VAL GA 298 7.32 -111.35 -17.27
C VAL GA 298 6.30 -110.54 -16.48
N ILE GA 299 6.73 -109.40 -15.93
CA ILE GA 299 5.86 -108.54 -15.16
C ILE GA 299 4.82 -107.89 -16.08
N SER GA 300 3.83 -108.68 -16.49
CA SER GA 300 2.79 -108.17 -17.37
C SER GA 300 1.58 -107.63 -16.60
N GLU GA 301 1.10 -106.46 -17.02
CA GLU GA 301 -0.06 -105.83 -16.39
C GLU GA 301 -1.29 -106.68 -16.71
N GLU GA 302 -1.20 -107.43 -17.81
CA GLU GA 302 -2.28 -108.31 -18.25
C GLU GA 302 -2.72 -109.23 -17.12
N LEU GA 303 -1.80 -110.08 -16.67
CA LEU GA 303 -2.09 -111.01 -15.58
C LEU GA 303 -2.17 -110.21 -14.27
N GLY GA 304 -2.64 -108.97 -14.39
CA GLY GA 304 -2.79 -108.08 -13.25
C GLY GA 304 -1.65 -108.09 -12.25
N PHE GA 305 -0.74 -107.14 -12.37
CA PHE GA 305 0.39 -107.05 -11.44
C PHE GA 305 1.18 -105.75 -11.59
N LYS GA 306 1.14 -104.92 -10.55
CA LYS GA 306 1.85 -103.65 -10.53
C LYS GA 306 3.35 -103.81 -10.33
N LEU GA 307 4.11 -102.88 -10.91
CA LEU GA 307 5.57 -102.90 -10.83
C LEU GA 307 6.14 -102.63 -9.44
N GLU GA 308 5.59 -101.64 -8.75
CA GLU GA 308 6.05 -101.31 -7.42
C GLU GA 308 6.06 -102.56 -6.52
N ASN GA 309 5.12 -103.47 -6.77
CA ASN GA 309 4.99 -104.70 -5.99
C ASN GA 309 5.87 -105.83 -6.53
N ALA GA 310 6.94 -105.50 -7.23
CA ALA GA 310 7.80 -106.54 -7.77
C ALA GA 310 8.98 -106.85 -6.85
N THR GA 311 9.13 -108.13 -6.54
CA THR GA 311 10.17 -108.63 -5.67
C THR GA 311 11.52 -108.79 -6.37
N LEU GA 312 12.58 -108.61 -5.60
CA LEU GA 312 13.94 -108.75 -6.10
C LEU GA 312 14.20 -110.24 -6.37
N SER GA 313 13.15 -110.97 -6.73
CA SER GA 313 13.24 -112.40 -7.01
C SER GA 313 12.43 -112.78 -8.24
N MET GA 314 11.57 -111.88 -8.69
CA MET GA 314 10.73 -112.11 -9.87
C MET GA 314 11.57 -111.87 -11.12
N LEU GA 315 12.69 -111.18 -10.93
CA LEU GA 315 13.61 -110.86 -12.01
C LEU GA 315 14.75 -111.86 -12.06
N GLY GA 316 14.89 -112.54 -13.19
CA GLY GA 316 15.95 -113.51 -13.33
C GLY GA 316 17.29 -112.79 -13.41
N ARG GA 317 18.35 -113.55 -13.70
CA ARG GA 317 19.68 -112.96 -13.80
C ARG GA 317 20.65 -113.86 -14.60
N ALA GA 318 21.76 -113.27 -15.02
CA ALA GA 318 22.76 -114.00 -15.79
C ALA GA 318 24.14 -113.52 -15.44
N GLU GA 319 25.16 -114.28 -15.86
CA GLU GA 319 26.55 -113.95 -15.58
C GLU GA 319 27.06 -112.70 -16.28
N ARG GA 320 26.58 -112.44 -17.49
CA ARG GA 320 27.00 -111.25 -18.22
C ARG GA 320 25.99 -110.81 -19.28
N VAL GA 321 25.79 -109.51 -19.35
CA VAL GA 321 24.87 -108.90 -20.31
C VAL GA 321 25.62 -107.85 -21.13
N ARG GA 322 25.58 -108.02 -22.45
CA ARG GA 322 26.24 -107.11 -23.38
C ARG GA 322 25.23 -106.36 -24.24
N ILE GA 323 25.27 -105.03 -24.15
CA ILE GA 323 24.34 -104.18 -24.89
C ILE GA 323 25.03 -103.26 -25.91
N THR GA 324 24.61 -103.38 -27.16
CA THR GA 324 25.10 -102.59 -28.28
C THR GA 324 23.93 -101.71 -28.71
N LYS GA 325 24.19 -100.67 -29.48
CA LYS GA 325 23.10 -99.81 -29.91
C LYS GA 325 22.11 -100.55 -30.80
N ASP GA 326 22.50 -101.73 -31.27
CA ASP GA 326 21.65 -102.53 -32.15
C ASP GA 326 21.34 -103.92 -31.64
N GLU GA 327 22.02 -104.37 -30.59
CA GLU GA 327 21.80 -105.72 -30.11
C GLU GA 327 22.08 -105.97 -28.64
N THR GA 328 21.22 -106.79 -28.00
CA THR GA 328 21.39 -107.13 -26.60
C THR GA 328 21.72 -108.62 -26.52
N THR GA 329 22.69 -108.95 -25.68
CA THR GA 329 23.14 -110.33 -25.51
C THR GA 329 23.17 -110.74 -24.04
N ILE GA 330 22.60 -111.90 -23.73
CA ILE GA 330 22.58 -112.40 -22.36
C ILE GA 330 23.35 -113.72 -22.26
N VAL GA 331 24.54 -113.64 -21.66
CA VAL GA 331 25.41 -114.80 -21.48
C VAL GA 331 25.41 -115.27 -20.03
N GLY GA 332 25.25 -116.58 -19.84
CA GLY GA 332 25.23 -117.12 -18.50
C GLY GA 332 23.83 -117.09 -17.92
N GLY GA 333 22.85 -117.52 -18.72
CA GLY GA 333 21.47 -117.55 -18.26
C GLY GA 333 21.39 -118.49 -17.07
N LYS GA 334 20.76 -118.03 -16.00
CA LYS GA 334 20.64 -118.85 -14.80
C LYS GA 334 19.22 -119.34 -14.52
N GLY GA 335 18.43 -119.46 -15.59
CA GLY GA 335 17.06 -119.94 -15.45
C GLY GA 335 17.05 -121.44 -15.28
N LYS GA 336 15.94 -121.99 -14.77
CA LYS GA 336 15.83 -123.43 -14.56
C LYS GA 336 15.91 -124.16 -15.89
N LYS GA 337 16.85 -125.10 -15.99
CA LYS GA 337 17.04 -125.89 -17.19
C LYS GA 337 15.71 -126.46 -17.67
N GLU GA 338 14.75 -126.55 -16.74
CA GLU GA 338 13.41 -127.06 -17.02
C GLU GA 338 12.60 -126.05 -17.84
N ASP GA 339 12.47 -124.84 -17.31
CA ASP GA 339 11.72 -123.77 -17.96
C ASP GA 339 12.20 -123.60 -19.40
N ILE GA 340 13.51 -123.72 -19.58
CA ILE GA 340 14.14 -123.60 -20.88
C ILE GA 340 13.64 -124.68 -21.84
N GLU GA 341 13.86 -125.94 -21.49
CA GLU GA 341 13.42 -127.05 -22.31
C GLU GA 341 11.92 -127.00 -22.49
N ALA GA 342 11.25 -126.25 -21.61
CA ALA GA 342 9.80 -126.08 -21.66
C ALA GA 342 9.43 -125.30 -22.91
N ARG GA 343 10.16 -124.22 -23.16
CA ARG GA 343 9.92 -123.39 -24.34
C ARG GA 343 10.31 -124.15 -25.60
N ILE GA 344 11.52 -124.71 -25.58
CA ILE GA 344 12.06 -125.47 -26.69
C ILE GA 344 11.03 -126.44 -27.28
N ASN GA 345 10.35 -127.18 -26.40
CA ASN GA 345 9.36 -128.15 -26.82
C ASN GA 345 8.04 -127.51 -27.24
N GLY GA 346 7.53 -126.61 -26.41
CA GLY GA 346 6.27 -125.94 -26.73
C GLY GA 346 6.39 -125.18 -28.04
N ILE GA 347 7.62 -124.89 -28.43
CA ILE GA 347 7.89 -124.17 -29.67
C ILE GA 347 7.84 -125.13 -30.85
N LYS GA 348 8.33 -126.35 -30.63
CA LYS GA 348 8.34 -127.38 -31.68
C LYS GA 348 6.94 -127.84 -32.00
N LYS GA 349 6.12 -127.94 -30.97
CA LYS GA 349 4.73 -128.37 -31.14
C LYS GA 349 3.97 -127.36 -31.98
N GLU GA 350 4.14 -126.09 -31.66
CA GLU GA 350 3.48 -125.00 -32.38
C GLU GA 350 4.08 -124.85 -33.78
N LEU GA 351 5.23 -125.48 -33.98
CA LEU GA 351 5.95 -125.43 -35.24
C LEU GA 351 5.31 -126.34 -36.29
N GLU GA 352 4.63 -127.39 -35.82
CA GLU GA 352 3.96 -128.35 -36.70
C GLU GA 352 2.58 -127.82 -37.09
N THR GA 353 2.01 -126.98 -36.23
CA THR GA 353 0.70 -126.41 -36.47
C THR GA 353 0.85 -125.16 -37.34
N THR GA 354 2.08 -124.69 -37.47
CA THR GA 354 2.38 -123.51 -38.29
C THR GA 354 2.34 -123.86 -39.77
N ASP GA 355 1.82 -122.93 -40.57
CA ASP GA 355 1.70 -123.13 -42.01
C ASP GA 355 2.40 -122.07 -42.85
N SER GA 356 2.49 -120.84 -42.33
CA SER GA 356 3.15 -119.75 -43.05
C SER GA 356 4.67 -119.85 -42.91
N GLU GA 357 5.35 -120.07 -44.03
CA GLU GA 357 6.80 -120.21 -44.07
C GLU GA 357 7.54 -119.15 -43.25
N TYR GA 358 7.04 -117.91 -43.28
CA TYR GA 358 7.68 -116.84 -42.54
C TYR GA 358 7.67 -117.12 -41.05
N ALA GA 359 6.49 -117.44 -40.52
CA ALA GA 359 6.37 -117.73 -39.11
C ALA GA 359 7.33 -118.84 -38.70
N ARG GA 360 7.49 -119.85 -39.57
CA ARG GA 360 8.37 -120.97 -39.28
C ARG GA 360 9.81 -120.56 -39.04
N GLU GA 361 10.38 -119.83 -40.00
CA GLU GA 361 11.74 -119.37 -39.86
C GLU GA 361 11.95 -118.58 -38.58
N LYS GA 362 10.92 -117.87 -38.13
CA LYS GA 362 11.03 -117.07 -36.90
C LYS GA 362 11.14 -117.97 -35.68
N LEU GA 363 10.25 -118.95 -35.59
CA LEU GA 363 10.30 -119.86 -34.46
C LEU GA 363 11.65 -120.57 -34.54
N GLN GA 364 12.13 -120.76 -35.78
CA GLN GA 364 13.42 -121.41 -36.02
C GLN GA 364 14.55 -120.74 -35.25
N GLU GA 365 14.62 -119.40 -35.33
CA GLU GA 365 15.66 -118.65 -34.64
C GLU GA 365 15.49 -118.73 -33.12
N ARG GA 366 14.27 -118.62 -32.63
CA ARG GA 366 14.03 -118.73 -31.18
C ARG GA 366 14.49 -120.12 -30.77
N LEU GA 367 14.14 -121.09 -31.60
CA LEU GA 367 14.48 -122.48 -31.38
C LEU GA 367 16.00 -122.69 -31.32
N ALA GA 368 16.71 -122.04 -32.25
CA ALA GA 368 18.17 -122.16 -32.30
C ALA GA 368 18.88 -121.33 -31.22
N LYS GA 369 18.19 -120.32 -30.68
CA LYS GA 369 18.76 -119.47 -29.63
C LYS GA 369 18.73 -120.22 -28.29
N LEU GA 370 17.55 -120.72 -27.94
CA LEU GA 370 17.36 -121.48 -26.71
C LEU GA 370 18.18 -122.76 -26.80
N ALA GA 371 17.97 -123.53 -27.86
CA ALA GA 371 18.72 -124.77 -28.09
C ALA GA 371 20.11 -124.33 -28.55
N GLY GA 372 21.09 -125.21 -28.46
CA GLY GA 372 22.44 -124.84 -28.86
C GLY GA 372 22.95 -123.89 -27.81
N GLY GA 373 22.05 -123.01 -27.37
CA GLY GA 373 22.39 -122.06 -26.34
C GLY GA 373 23.19 -120.86 -26.80
N VAL GA 374 24.34 -120.67 -26.16
CA VAL GA 374 25.22 -119.55 -26.46
C VAL GA 374 26.69 -119.96 -26.47
N ALA GA 375 27.17 -120.41 -27.63
CA ALA GA 375 28.57 -120.81 -27.76
C ALA GA 375 29.45 -119.61 -27.41
N VAL GA 376 30.24 -119.76 -26.36
CA VAL GA 376 31.12 -118.69 -25.92
C VAL GA 376 32.58 -119.06 -26.12
N ILE GA 377 33.36 -118.06 -26.50
CA ILE GA 377 34.78 -118.27 -26.73
C ILE GA 377 35.57 -117.42 -25.74
N ARG GA 378 35.81 -117.99 -24.56
CA ARG GA 378 36.57 -117.28 -23.53
C ARG GA 378 37.97 -117.04 -24.11
N VAL GA 379 38.33 -115.76 -24.24
CA VAL GA 379 39.63 -115.37 -24.79
C VAL GA 379 40.71 -115.18 -23.74
N GLY GA 380 41.78 -115.96 -23.88
CA GLY GA 380 42.90 -115.89 -22.95
C GLY GA 380 43.99 -114.96 -23.44
N ALA GA 381 44.53 -114.17 -22.52
CA ALA GA 381 45.60 -113.23 -22.83
C ALA GA 381 46.60 -113.18 -21.68
N ALA GA 382 47.37 -112.12 -21.59
CA ALA GA 382 48.36 -111.96 -20.52
C ALA GA 382 48.37 -110.50 -20.10
N THR GA 383 48.05 -109.63 -21.05
CA THR GA 383 48.02 -108.20 -20.80
C THR GA 383 46.60 -107.71 -21.11
N GLU GA 384 46.25 -106.56 -20.53
CA GLU GA 384 44.93 -106.00 -20.79
C GLU GA 384 44.97 -105.55 -22.25
N THR GA 385 46.18 -105.27 -22.72
CA THR GA 385 46.42 -104.84 -24.10
C THR GA 385 46.28 -106.06 -25.01
N GLU GA 386 47.13 -107.07 -24.81
CA GLU GA 386 47.10 -108.26 -25.63
C GLU GA 386 45.68 -108.80 -25.74
N LEU GA 387 44.89 -108.57 -24.70
CA LEU GA 387 43.51 -109.04 -24.71
C LEU GA 387 42.62 -108.26 -25.70
N LYS GA 388 42.55 -106.94 -25.50
CA LYS GA 388 41.78 -106.11 -26.38
C LYS GA 388 42.07 -106.51 -27.83
N GLU GA 389 43.31 -106.85 -28.11
CA GLU GA 389 43.70 -107.18 -29.46
C GLU GA 389 43.12 -108.52 -29.94
N LYS GA 390 43.39 -109.58 -29.19
CA LYS GA 390 42.86 -110.89 -29.53
C LYS GA 390 41.33 -110.78 -29.52
N LYS GA 391 40.79 -110.07 -28.54
CA LYS GA 391 39.34 -109.88 -28.44
C LYS GA 391 38.80 -109.40 -29.79
N HIS GA 392 39.31 -108.26 -30.23
CA HIS GA 392 38.91 -107.67 -31.51
C HIS GA 392 39.17 -108.65 -32.66
N ARG GA 393 40.43 -109.06 -32.82
CA ARG GA 393 40.81 -109.98 -33.88
C ARG GA 393 39.88 -111.18 -33.99
N PHE GA 394 39.71 -111.91 -32.89
CA PHE GA 394 38.84 -113.09 -32.87
C PHE GA 394 37.39 -112.71 -33.18
N GLU GA 395 36.93 -111.61 -32.60
CA GLU GA 395 35.55 -111.20 -32.84
C GLU GA 395 35.32 -110.93 -34.33
N ASP GA 396 36.25 -110.22 -34.96
CA ASP GA 396 36.11 -109.92 -36.39
C ASP GA 396 36.15 -111.23 -37.16
N ALA GA 397 37.18 -112.05 -36.89
CA ALA GA 397 37.33 -113.35 -37.54
C ALA GA 397 35.99 -114.08 -37.51
N LEU GA 398 35.30 -113.97 -36.37
CA LEU GA 398 34.00 -114.62 -36.23
C LEU GA 398 33.01 -114.02 -37.22
N ASN GA 399 32.74 -112.72 -37.08
CA ASN GA 399 31.81 -112.01 -37.97
C ASN GA 399 32.13 -112.27 -39.43
N ALA GA 400 33.43 -112.28 -39.74
CA ALA GA 400 33.89 -112.53 -41.10
C ALA GA 400 33.35 -113.87 -41.55
N THR GA 401 33.80 -114.92 -40.87
CA THR GA 401 33.42 -116.29 -41.15
C THR GA 401 31.92 -116.49 -41.25
N ARG GA 402 31.18 -115.91 -40.30
CA ARG GA 402 29.73 -116.06 -40.32
C ARG GA 402 29.18 -115.48 -41.62
N ALA GA 403 29.66 -114.31 -42.00
CA ALA GA 403 29.21 -113.66 -43.23
C ALA GA 403 29.69 -114.50 -44.41
N ALA GA 404 30.92 -114.98 -44.30
CA ALA GA 404 31.54 -115.81 -45.33
C ALA GA 404 30.64 -116.97 -45.73
N VAL GA 405 29.95 -117.53 -44.75
CA VAL GA 405 29.06 -118.66 -44.99
C VAL GA 405 27.78 -118.24 -45.73
N GLU GA 406 27.30 -117.03 -45.44
CA GLU GA 406 26.07 -116.53 -46.06
C GLU GA 406 26.15 -116.38 -47.58
N GLU GA 407 27.24 -115.80 -48.07
CA GLU GA 407 27.38 -115.56 -49.50
C GLU GA 407 28.68 -115.97 -50.23
N GLY GA 408 29.45 -116.96 -49.76
CA GLY GA 408 30.67 -117.32 -50.47
C GLY GA 408 31.80 -116.30 -50.33
N ILE GA 409 32.98 -116.60 -50.85
CA ILE GA 409 34.12 -115.68 -50.76
C ILE GA 409 34.73 -115.33 -52.12
N VAL GA 410 35.36 -114.16 -52.19
CA VAL GA 410 35.99 -113.67 -53.41
C VAL GA 410 37.40 -113.16 -53.11
N PRO GA 411 38.24 -113.01 -54.14
CA PRO GA 411 39.61 -112.54 -53.92
C PRO GA 411 39.63 -111.17 -53.23
N GLY GA 412 40.50 -111.03 -52.23
CA GLY GA 412 40.57 -109.76 -51.51
C GLY GA 412 41.51 -108.74 -52.12
N GLY GA 413 41.88 -107.74 -51.33
CA GLY GA 413 42.78 -106.71 -51.82
C GLY GA 413 42.21 -105.90 -52.98
N GLY GA 414 40.89 -105.72 -53.00
CA GLY GA 414 40.25 -104.96 -54.07
C GLY GA 414 40.17 -105.67 -55.41
N VAL GA 415 40.98 -106.71 -55.59
CA VAL GA 415 41.02 -107.47 -56.83
C VAL GA 415 39.66 -107.87 -57.41
N THR GA 416 38.73 -108.30 -56.56
CA THR GA 416 37.40 -108.69 -57.05
C THR GA 416 36.70 -107.51 -57.70
N LEU GA 417 36.76 -106.36 -57.05
CA LEU GA 417 36.12 -105.17 -57.59
C LEU GA 417 36.71 -104.81 -58.95
N LEU GA 418 38.01 -105.09 -59.13
CA LEU GA 418 38.69 -104.80 -60.40
C LEU GA 418 38.13 -105.71 -61.49
N ARG GA 419 38.01 -106.99 -61.20
CA ARG GA 419 37.49 -107.96 -62.15
C ARG GA 419 36.05 -107.62 -62.55
N ALA GA 420 35.40 -106.75 -61.78
CA ALA GA 420 34.04 -106.36 -62.09
C ALA GA 420 34.01 -105.37 -63.25
N ILE GA 421 35.13 -104.69 -63.45
CA ILE GA 421 35.24 -103.69 -64.50
C ILE GA 421 34.83 -104.24 -65.87
N SER GA 422 35.39 -105.39 -66.24
CA SER GA 422 35.08 -106.04 -67.52
C SER GA 422 33.57 -106.08 -67.73
N ALA GA 423 32.85 -106.52 -66.70
CA ALA GA 423 31.40 -106.62 -66.77
C ALA GA 423 30.78 -105.26 -67.06
N VAL GA 424 31.33 -104.24 -66.42
CA VAL GA 424 30.83 -102.87 -66.59
C VAL GA 424 31.15 -102.39 -68.00
N GLU GA 425 32.35 -102.71 -68.49
CA GLU GA 425 32.77 -102.34 -69.85
C GLU GA 425 31.73 -102.85 -70.86
N GLU GA 426 31.46 -104.15 -70.78
CA GLU GA 426 30.49 -104.79 -71.66
C GLU GA 426 29.18 -104.03 -71.64
N LEU GA 427 28.78 -103.60 -70.45
CA LEU GA 427 27.53 -102.85 -70.29
C LEU GA 427 27.60 -101.54 -71.05
N ILE GA 428 28.67 -100.79 -70.82
CA ILE GA 428 28.86 -99.50 -71.46
C ILE GA 428 28.68 -99.59 -72.98
N LYS GA 429 29.25 -100.63 -73.58
CA LYS GA 429 29.15 -100.82 -75.02
C LYS GA 429 27.69 -100.87 -75.48
N LYS GA 430 26.78 -101.19 -74.57
CA LYS GA 430 25.36 -101.26 -74.90
C LYS GA 430 24.63 -100.02 -74.43
N LEU GA 431 25.38 -99.10 -73.81
CA LEU GA 431 24.80 -97.87 -73.29
C LEU GA 431 25.25 -96.65 -74.06
N GLU GA 432 24.47 -95.58 -73.96
CA GLU GA 432 24.77 -94.33 -74.65
C GLU GA 432 24.24 -93.13 -73.86
N GLY GA 433 24.77 -91.96 -74.16
CA GLY GA 433 24.34 -90.75 -73.48
C GLY GA 433 24.88 -90.64 -72.07
N ASP GA 434 24.22 -89.84 -71.24
CA ASP GA 434 24.63 -89.64 -69.87
C ASP GA 434 24.56 -90.94 -69.08
N GLU GA 435 23.66 -91.81 -69.49
CA GLU GA 435 23.49 -93.10 -68.84
C GLU GA 435 24.80 -93.88 -68.95
N ALA GA 436 25.40 -93.84 -70.14
CA ALA GA 436 26.67 -94.52 -70.37
C ALA GA 436 27.74 -93.89 -69.48
N THR GA 437 27.67 -92.57 -69.33
CA THR GA 437 28.61 -91.85 -68.49
C THR GA 437 28.59 -92.44 -67.08
N GLY GA 438 27.37 -92.57 -66.53
CA GLY GA 438 27.21 -93.13 -65.20
C GLY GA 438 27.94 -94.45 -65.11
N ALA GA 439 27.67 -95.35 -66.05
CA ALA GA 439 28.31 -96.65 -66.07
C ALA GA 439 29.82 -96.46 -65.99
N LYS GA 440 30.31 -95.48 -66.75
CA LYS GA 440 31.73 -95.18 -66.78
C LYS GA 440 32.23 -94.70 -65.41
N ILE GA 441 31.38 -93.96 -64.70
CA ILE GA 441 31.74 -93.47 -63.38
C ILE GA 441 32.04 -94.64 -62.45
N VAL GA 442 31.12 -95.60 -62.42
CA VAL GA 442 31.27 -96.78 -61.57
C VAL GA 442 32.54 -97.53 -61.95
N ARG GA 443 32.77 -97.66 -63.26
CA ARG GA 443 33.96 -98.35 -63.75
C ARG GA 443 35.24 -97.73 -63.21
N ARG GA 444 35.26 -96.40 -63.13
CA ARG GA 444 36.41 -95.70 -62.61
C ARG GA 444 36.54 -95.96 -61.12
N ALA GA 445 35.43 -95.80 -60.40
CA ALA GA 445 35.40 -96.02 -58.96
C ALA GA 445 36.00 -97.37 -58.57
N LEU GA 446 35.53 -98.42 -59.24
CA LEU GA 446 36.00 -99.76 -58.96
C LEU GA 446 37.52 -99.90 -58.80
N GLU GA 447 38.27 -98.96 -59.39
CA GLU GA 447 39.72 -99.03 -59.29
C GLU GA 447 40.28 -98.50 -57.98
N GLU GA 448 39.55 -97.56 -57.38
CA GLU GA 448 40.00 -96.94 -56.15
C GLU GA 448 40.46 -97.83 -55.02
N PRO GA 449 39.61 -98.75 -54.55
CA PRO GA 449 40.02 -99.64 -53.45
C PRO GA 449 41.39 -100.26 -53.68
N ALA GA 450 41.53 -101.02 -54.75
CA ALA GA 450 42.79 -101.68 -55.08
C ALA GA 450 43.94 -100.67 -55.10
N ARG GA 451 43.72 -99.60 -55.85
CA ARG GA 451 44.69 -98.52 -56.01
C ARG GA 451 45.11 -97.93 -54.66
N GLN GA 452 44.11 -97.49 -53.90
CA GLN GA 452 44.32 -96.90 -52.60
C GLN GA 452 45.13 -97.82 -51.67
N ILE GA 453 44.84 -99.11 -51.71
CA ILE GA 453 45.55 -100.07 -50.87
C ILE GA 453 47.04 -100.04 -51.22
N ALA GA 454 47.31 -100.29 -52.50
CA ALA GA 454 48.68 -100.30 -52.98
C ALA GA 454 49.36 -98.98 -52.61
N GLU GA 455 48.63 -97.88 -52.79
CA GLU GA 455 49.14 -96.55 -52.49
C GLU GA 455 49.55 -96.44 -51.01
N ASN GA 456 48.63 -96.78 -50.11
CA ASN GA 456 48.91 -96.72 -48.67
C ASN GA 456 50.13 -97.57 -48.34
N ALA GA 457 50.29 -98.67 -49.07
CA ALA GA 457 51.42 -99.58 -48.84
C ALA GA 457 52.74 -98.99 -49.36
N GLY GA 458 52.64 -97.86 -50.07
CA GLY GA 458 53.82 -97.21 -50.63
C GLY GA 458 54.22 -97.71 -52.01
N TYR GA 459 53.23 -97.86 -52.89
CA TYR GA 459 53.45 -98.34 -54.26
C TYR GA 459 52.65 -97.47 -55.21
N GLU GA 460 52.93 -97.59 -56.50
CA GLU GA 460 52.20 -96.81 -57.49
C GLU GA 460 50.83 -97.44 -57.76
N GLY GA 461 49.80 -96.91 -57.10
CA GLY GA 461 48.46 -97.44 -57.26
C GLY GA 461 48.11 -97.78 -58.70
N SER GA 462 47.93 -96.74 -59.51
CA SER GA 462 47.58 -96.90 -60.91
C SER GA 462 48.40 -97.97 -61.62
N VAL GA 463 49.68 -98.05 -61.29
CA VAL GA 463 50.56 -99.04 -61.91
C VAL GA 463 50.14 -100.45 -61.57
N ILE GA 464 50.03 -100.73 -60.27
CA ILE GA 464 49.64 -102.05 -59.81
C ILE GA 464 48.26 -102.42 -60.35
N VAL GA 465 47.33 -101.48 -60.31
CA VAL GA 465 45.98 -101.73 -60.79
C VAL GA 465 46.03 -102.17 -62.26
N GLN GA 466 47.04 -101.72 -62.97
CA GLN GA 466 47.18 -102.05 -64.38
C GLN GA 466 47.68 -103.47 -64.56
N GLN GA 467 48.81 -103.75 -63.92
CA GLN GA 467 49.44 -105.06 -64.00
C GLN GA 467 48.48 -106.17 -63.56
N ILE GA 468 47.50 -105.82 -62.73
CA ILE GA 468 46.51 -106.80 -62.27
C ILE GA 468 45.50 -107.03 -63.38
N LEU GA 469 44.94 -105.95 -63.91
CA LEU GA 469 43.96 -106.02 -64.98
C LEU GA 469 44.60 -106.60 -66.25
N ALA GA 470 45.93 -106.65 -66.24
CA ALA GA 470 46.70 -107.18 -67.38
C ALA GA 470 46.49 -108.68 -67.47
N GLU GA 471 46.66 -109.38 -66.35
CA GLU GA 471 46.49 -110.82 -66.30
C GLU GA 471 45.01 -111.12 -66.49
N THR GA 472 44.66 -111.85 -67.55
CA THR GA 472 43.28 -112.22 -67.86
C THR GA 472 43.06 -113.70 -67.59
N LYS GA 473 44.14 -114.48 -67.57
CA LYS GA 473 44.04 -115.91 -67.32
C LYS GA 473 43.31 -116.21 -66.01
N ASN GA 474 44.02 -116.04 -64.89
CA ASN GA 474 43.45 -116.31 -63.59
C ASN GA 474 42.92 -115.02 -62.93
N PRO GA 475 41.59 -114.88 -62.84
CA PRO GA 475 40.97 -113.69 -62.23
C PRO GA 475 41.36 -113.51 -60.76
N ARG GA 476 41.87 -114.58 -60.16
CA ARG GA 476 42.30 -114.54 -58.76
C ARG GA 476 43.68 -113.93 -58.64
N TYR GA 477 44.25 -113.54 -59.78
CA TYR GA 477 45.55 -112.92 -59.80
C TYR GA 477 45.40 -111.53 -59.18
N GLY GA 478 46.28 -111.19 -58.26
CA GLY GA 478 46.20 -109.88 -57.63
C GLY GA 478 47.51 -109.47 -56.98
N PHE GA 479 47.49 -108.30 -56.36
CA PHE GA 479 48.66 -107.77 -55.69
C PHE GA 479 48.51 -107.86 -54.18
N ASN GA 480 49.47 -108.48 -53.52
CA ASN GA 480 49.45 -108.61 -52.06
C ASN GA 480 50.29 -107.46 -51.49
N ALA GA 481 49.63 -106.35 -51.23
CA ALA GA 481 50.28 -105.15 -50.70
C ALA GA 481 51.16 -105.44 -49.47
N ALA GA 482 50.89 -106.55 -48.80
CA ALA GA 482 51.66 -106.93 -47.61
C ALA GA 482 53.09 -107.34 -47.94
N THR GA 483 53.25 -108.32 -48.83
CA THR GA 483 54.57 -108.80 -49.22
C THR GA 483 55.08 -108.08 -50.46
N GLY GA 484 54.22 -107.28 -51.08
CA GLY GA 484 54.60 -106.56 -52.27
C GLY GA 484 54.88 -107.46 -53.46
N GLU GA 485 54.02 -108.46 -53.65
CA GLU GA 485 54.18 -109.40 -54.76
C GLU GA 485 52.83 -109.76 -55.32
N PHE GA 486 52.81 -110.15 -56.59
CA PHE GA 486 51.56 -110.55 -57.22
C PHE GA 486 51.40 -112.05 -56.99
N VAL GA 487 50.19 -112.46 -56.63
CA VAL GA 487 49.92 -113.86 -56.34
C VAL GA 487 48.45 -114.20 -56.57
N ASP GA 488 48.08 -115.44 -56.24
CA ASP GA 488 46.69 -115.86 -56.36
C ASP GA 488 46.08 -115.45 -55.03
N MET GA 489 45.35 -114.36 -55.04
CA MET GA 489 44.71 -113.83 -53.83
C MET GA 489 44.07 -114.92 -52.96
N VAL GA 490 43.43 -115.89 -53.61
CA VAL GA 490 42.80 -116.99 -52.92
C VAL GA 490 43.86 -117.87 -52.25
N GLU GA 491 44.67 -118.56 -53.06
CA GLU GA 491 45.72 -119.42 -52.53
C GLU GA 491 46.67 -118.71 -51.58
N ALA GA 492 46.56 -117.38 -51.53
CA ALA GA 492 47.42 -116.58 -50.66
C ALA GA 492 46.69 -116.26 -49.35
N GLY GA 493 45.45 -116.70 -49.24
CA GLY GA 493 44.66 -116.45 -48.04
C GLY GA 493 44.24 -115.00 -47.89
N ILE GA 494 44.00 -114.36 -49.03
CA ILE GA 494 43.59 -112.97 -49.03
C ILE GA 494 42.24 -112.96 -49.72
N VAL GA 495 41.21 -113.30 -48.96
CA VAL GA 495 39.86 -113.37 -49.49
C VAL GA 495 38.92 -112.44 -48.71
N ASP GA 496 37.71 -112.26 -49.25
CA ASP GA 496 36.69 -111.41 -48.65
C ASP GA 496 35.29 -112.00 -48.82
N PRO GA 497 34.45 -111.86 -47.77
CA PRO GA 497 33.09 -112.40 -47.91
C PRO GA 497 32.43 -111.68 -49.08
N ALA GA 498 32.08 -112.42 -50.12
CA ALA GA 498 31.44 -111.82 -51.29
C ALA GA 498 30.30 -110.94 -50.83
N LYS GA 499 29.72 -111.25 -49.67
CA LYS GA 499 28.62 -110.45 -49.17
C LYS GA 499 29.13 -109.04 -48.84
N VAL GA 500 30.30 -108.98 -48.22
CA VAL GA 500 30.92 -107.71 -47.84
C VAL GA 500 31.09 -106.80 -49.05
N THR GA 501 31.77 -107.33 -50.07
CA THR GA 501 32.02 -106.59 -51.31
C THR GA 501 30.73 -106.08 -51.95
N ARG GA 502 29.81 -107.00 -52.30
CA ARG GA 502 28.54 -106.62 -52.92
C ARG GA 502 27.89 -105.47 -52.16
N SER GA 503 28.00 -105.52 -50.83
CA SER GA 503 27.39 -104.50 -49.99
C SER GA 503 28.10 -103.15 -50.13
N ALA GA 504 29.39 -103.13 -49.80
CA ALA GA 504 30.18 -101.92 -49.89
C ALA GA 504 29.84 -101.17 -51.18
N LEU GA 505 29.84 -101.89 -52.31
CA LEU GA 505 29.55 -101.28 -53.59
C LEU GA 505 28.14 -100.70 -53.63
N GLN GA 506 27.15 -101.57 -53.49
CA GLN GA 506 25.75 -101.14 -53.52
C GLN GA 506 25.50 -99.96 -52.59
N ASN GA 507 26.13 -99.99 -51.42
CA ASN GA 507 25.95 -98.91 -50.46
C ASN GA 507 26.54 -97.61 -50.98
N ALA GA 508 27.82 -97.65 -51.37
CA ALA GA 508 28.50 -96.48 -51.90
C ALA GA 508 27.64 -95.88 -53.02
N ALA GA 509 27.35 -96.72 -54.01
CA ALA GA 509 26.53 -96.29 -55.14
C ALA GA 509 25.21 -95.69 -54.67
N SER GA 510 24.73 -96.13 -53.52
CA SER GA 510 23.48 -95.59 -53.04
C SER GA 510 23.70 -94.14 -52.65
N ILE GA 511 24.74 -93.91 -51.85
CA ILE GA 511 25.05 -92.55 -51.41
C ILE GA 511 25.20 -91.65 -52.62
N GLY GA 512 25.95 -92.13 -53.62
CA GLY GA 512 26.19 -91.38 -54.82
C GLY GA 512 24.90 -90.93 -55.46
N ALA GA 513 24.08 -91.91 -55.84
CA ALA GA 513 22.80 -91.62 -56.47
C ALA GA 513 22.00 -90.64 -55.60
N LEU GA 514 22.10 -90.80 -54.28
CA LEU GA 514 21.38 -89.93 -53.36
C LEU GA 514 21.75 -88.47 -53.57
N ILE GA 515 23.05 -88.19 -53.49
CA ILE GA 515 23.55 -86.83 -53.65
C ILE GA 515 23.23 -86.22 -55.01
N LEU GA 516 23.40 -86.98 -56.09
CA LEU GA 516 23.10 -86.45 -57.43
C LEU GA 516 21.62 -86.05 -57.52
N THR GA 517 20.78 -86.79 -56.81
CA THR GA 517 19.34 -86.54 -56.81
C THR GA 517 18.90 -85.49 -55.80
N THR GA 518 19.86 -84.96 -55.02
CA THR GA 518 19.54 -83.95 -54.01
C THR GA 518 19.41 -82.56 -54.62
N GLU GA 519 18.25 -81.94 -54.40
CA GLU GA 519 17.97 -80.61 -54.93
C GLU GA 519 17.88 -79.54 -53.86
N ALA GA 520 17.96 -79.93 -52.60
CA ALA GA 520 17.87 -78.96 -51.51
C ALA GA 520 18.13 -79.59 -50.16
N VAL GA 521 18.56 -78.79 -49.21
CA VAL GA 521 18.79 -79.29 -47.85
C VAL GA 521 18.40 -78.20 -46.87
N VAL GA 522 17.65 -78.59 -45.83
CA VAL GA 522 17.20 -77.66 -44.81
C VAL GA 522 17.93 -77.99 -43.51
N ALA GA 523 18.96 -77.21 -43.20
CA ALA GA 523 19.75 -77.43 -41.99
C ALA GA 523 19.38 -76.45 -40.89
N GLU GA 524 19.86 -76.74 -39.69
CA GLU GA 524 19.62 -75.90 -38.54
C GLU GA 524 20.69 -74.82 -38.52
N LYS GA 525 20.29 -73.59 -38.24
CA LYS GA 525 21.23 -72.48 -38.19
C LYS GA 525 21.96 -72.53 -36.84
N PRO GA 526 23.19 -71.99 -36.81
CA PRO GA 526 24.00 -71.94 -35.58
C PRO GA 526 23.42 -70.99 -34.55
N ALA HA 2 32.44 -81.71 -32.41
CA ALA HA 2 33.13 -80.68 -33.23
C ALA HA 2 34.62 -80.97 -33.31
N LYS HA 3 35.01 -81.82 -34.25
CA LYS HA 3 36.40 -82.17 -34.42
C LYS HA 3 37.06 -81.23 -35.41
N ILE HA 4 38.28 -81.56 -35.82
CA ILE HA 4 39.04 -80.75 -36.76
C ILE HA 4 40.08 -81.63 -37.45
N LEU HA 5 39.89 -81.86 -38.75
CA LEU HA 5 40.80 -82.71 -39.53
C LEU HA 5 42.02 -81.96 -40.07
N VAL HA 6 43.12 -82.67 -40.21
CA VAL HA 6 44.37 -82.12 -40.72
C VAL HA 6 45.13 -83.24 -41.38
N PHE HA 7 45.55 -83.04 -42.63
CA PHE HA 7 46.25 -84.09 -43.36
C PHE HA 7 47.70 -83.82 -43.72
N ASP HA 8 48.28 -84.78 -44.44
CA ASP HA 8 49.66 -84.76 -44.91
C ASP HA 8 50.64 -83.92 -44.11
N GLU HA 9 51.52 -83.23 -44.82
CA GLU HA 9 52.52 -82.40 -44.17
C GLU HA 9 51.92 -81.45 -43.13
N ALA HA 10 50.74 -80.92 -43.42
CA ALA HA 10 50.07 -80.02 -42.49
C ALA HA 10 50.11 -80.67 -41.10
N ALA HA 11 49.62 -81.90 -41.05
CA ALA HA 11 49.57 -82.66 -39.81
C ALA HA 11 50.96 -82.93 -39.25
N ARG HA 12 51.80 -83.61 -40.04
CA ARG HA 12 53.15 -83.95 -39.60
C ARG HA 12 53.91 -82.75 -39.05
N ARG HA 13 53.74 -81.59 -39.67
CA ARG HA 13 54.45 -80.40 -39.20
C ARG HA 13 53.92 -79.97 -37.85
N ALA HA 14 52.61 -80.07 -37.68
CA ALA HA 14 51.98 -79.71 -36.41
C ALA HA 14 52.55 -80.58 -35.30
N LEU HA 15 52.53 -81.90 -35.52
CA LEU HA 15 53.05 -82.83 -34.53
C LEU HA 15 54.49 -82.49 -34.22
N GLU HA 16 55.28 -82.28 -35.27
CA GLU HA 16 56.68 -81.94 -35.10
C GLU HA 16 56.85 -80.73 -34.18
N ARG HA 17 56.03 -79.69 -34.39
CA ARG HA 17 56.10 -78.51 -33.54
C ARG HA 17 56.01 -78.92 -32.08
N GLY HA 18 55.04 -79.78 -31.78
CA GLY HA 18 54.88 -80.24 -30.42
C GLY HA 18 56.12 -81.01 -30.00
N VAL HA 19 56.54 -81.96 -30.83
CA VAL HA 19 57.71 -82.77 -30.53
C VAL HA 19 58.87 -81.89 -30.10
N ASN HA 20 59.11 -80.82 -30.85
CA ASN HA 20 60.20 -79.92 -30.55
C ASN HA 20 60.01 -79.16 -29.26
N ALA HA 21 58.78 -78.71 -29.00
CA ALA HA 21 58.48 -77.97 -27.78
C ALA HA 21 59.00 -78.74 -26.56
N VAL HA 22 58.67 -80.02 -26.49
CA VAL HA 22 59.10 -80.85 -25.38
C VAL HA 22 60.61 -81.02 -25.44
N ALA HA 23 61.07 -81.66 -26.50
CA ALA HA 23 62.49 -81.93 -26.71
C ALA HA 23 63.43 -80.76 -26.39
N ASN HA 24 63.07 -79.56 -26.83
CA ASN HA 24 63.92 -78.40 -26.60
C ASN HA 24 63.99 -77.96 -25.14
N ALA HA 25 62.91 -78.20 -24.41
CA ALA HA 25 62.88 -77.84 -22.99
C ALA HA 25 63.64 -78.89 -22.19
N VAL HA 26 63.49 -80.14 -22.61
CA VAL HA 26 64.10 -81.28 -21.94
C VAL HA 26 65.60 -81.47 -22.11
N LYS HA 27 66.08 -81.47 -23.35
CA LYS HA 27 67.48 -81.74 -23.63
C LYS HA 27 68.51 -80.86 -22.94
N VAL HA 28 68.10 -79.68 -22.48
CA VAL HA 28 69.04 -78.79 -21.82
C VAL HA 28 69.47 -79.34 -20.45
N THR HA 29 68.97 -80.53 -20.10
CA THR HA 29 69.29 -81.15 -18.81
C THR HA 29 70.10 -82.44 -18.94
N LEU HA 30 70.17 -82.95 -20.17
CA LEU HA 30 70.89 -84.20 -20.44
C LEU HA 30 72.36 -84.14 -20.02
N GLY HA 31 72.83 -85.20 -19.39
CA GLY HA 31 74.22 -85.26 -18.99
C GLY HA 31 74.54 -84.75 -17.59
N PRO HA 32 75.79 -84.96 -17.15
CA PRO HA 32 76.35 -84.57 -15.85
C PRO HA 32 76.21 -83.11 -15.51
N ARG HA 33 76.00 -82.27 -16.52
CA ARG HA 33 75.90 -80.84 -16.25
C ARG HA 33 74.72 -80.16 -16.88
N GLY HA 34 73.55 -80.79 -16.83
CA GLY HA 34 72.36 -80.19 -17.41
C GLY HA 34 72.19 -78.74 -16.96
N ARG HA 35 71.55 -77.94 -17.79
CA ARG HA 35 71.31 -76.54 -17.48
C ARG HA 35 70.03 -76.45 -16.66
N ASN HA 36 69.76 -75.26 -16.12
CA ASN HA 36 68.57 -75.04 -15.31
C ASN HA 36 67.33 -74.71 -16.11
N VAL HA 37 66.22 -75.35 -15.73
CA VAL HA 37 64.94 -75.09 -16.37
C VAL HA 37 64.04 -74.59 -15.25
N VAL HA 38 63.38 -73.45 -15.47
CA VAL HA 38 62.50 -72.88 -14.47
C VAL HA 38 61.04 -73.24 -14.73
N LEU HA 39 60.38 -73.78 -13.71
CA LEU HA 39 58.97 -74.17 -13.82
C LEU HA 39 58.17 -73.45 -12.74
N GLU HA 40 57.08 -72.80 -13.13
CA GLU HA 40 56.28 -72.11 -12.14
C GLU HA 40 55.08 -72.94 -11.70
N LYS HA 41 54.80 -72.90 -10.40
CA LYS HA 41 53.69 -73.62 -9.82
C LYS HA 41 52.57 -72.58 -9.66
N LYS HA 42 51.34 -72.97 -9.99
CA LYS HA 42 50.21 -72.06 -9.90
C LYS HA 42 50.14 -71.30 -8.58
N PHE HA 43 50.34 -72.01 -7.48
CA PHE HA 43 50.28 -71.38 -6.16
C PHE HA 43 51.66 -71.13 -5.56
N GLY HA 44 52.42 -72.19 -5.33
CA GLY HA 44 53.75 -72.04 -4.77
C GLY HA 44 54.64 -71.21 -5.67
N SER HA 45 55.81 -70.80 -5.17
CA SER HA 45 56.73 -70.01 -5.97
C SER HA 45 57.37 -70.88 -7.07
N PRO HA 46 58.21 -70.28 -7.94
CA PRO HA 46 58.83 -71.05 -9.01
C PRO HA 46 59.76 -72.16 -8.54
N THR HA 47 60.03 -73.09 -9.45
CA THR HA 47 60.89 -74.24 -9.20
C THR HA 47 62.03 -74.23 -10.24
N ILE HA 48 63.16 -74.82 -9.90
CA ILE HA 48 64.26 -74.90 -10.85
C ILE HA 48 64.67 -76.37 -10.89
N THR HA 49 64.91 -76.91 -12.08
CA THR HA 49 65.28 -78.32 -12.22
C THR HA 49 66.49 -78.53 -13.11
N LYS HA 50 66.83 -79.80 -13.28
CA LYS HA 50 67.93 -80.23 -14.13
C LYS HA 50 67.55 -81.65 -14.48
N ASP HA 51 66.30 -81.98 -14.16
CA ASP HA 51 65.73 -83.30 -14.42
C ASP HA 51 64.78 -83.26 -15.60
N GLY HA 52 65.12 -84.01 -16.64
CA GLY HA 52 64.30 -84.05 -17.84
C GLY HA 52 62.86 -84.44 -17.59
N VAL HA 53 62.66 -85.53 -16.86
CA VAL HA 53 61.31 -86.03 -16.58
C VAL HA 53 60.45 -84.99 -15.87
N THR HA 54 61.06 -84.28 -14.90
CA THR HA 54 60.34 -83.26 -14.15
C THR HA 54 59.80 -82.23 -15.10
N VAL HA 55 60.67 -81.74 -15.99
CA VAL HA 55 60.29 -80.73 -16.97
C VAL HA 55 59.26 -81.30 -17.94
N ALA HA 56 59.53 -82.49 -18.47
CA ALA HA 56 58.61 -83.11 -19.43
C ALA HA 56 57.18 -83.13 -18.92
N LYS HA 57 57.01 -83.47 -17.64
CA LYS HA 57 55.67 -83.51 -17.04
C LYS HA 57 54.94 -82.19 -17.17
N GLU HA 58 55.65 -81.10 -16.91
CA GLU HA 58 55.06 -79.76 -16.96
C GLU HA 58 54.82 -79.18 -18.34
N VAL HA 59 55.20 -79.88 -19.40
CA VAL HA 59 55.02 -79.36 -20.74
C VAL HA 59 53.69 -79.68 -21.37
N GLU HA 60 52.86 -78.65 -21.50
CA GLU HA 60 51.54 -78.79 -22.11
C GLU HA 60 51.30 -77.56 -22.97
N LEU HA 61 51.10 -77.76 -24.28
CA LEU HA 61 50.90 -76.66 -25.23
C LEU HA 61 49.45 -76.22 -25.41
N GLU HA 62 49.26 -74.95 -25.73
CA GLU HA 62 47.92 -74.40 -25.93
C GLU HA 62 47.22 -75.00 -27.15
N ASP HA 63 47.94 -75.07 -28.27
CA ASP HA 63 47.38 -75.61 -29.49
C ASP HA 63 47.14 -77.12 -29.41
N HIS HA 64 45.91 -77.55 -29.68
CA HIS HA 64 45.55 -78.96 -29.62
C HIS HA 64 46.47 -79.87 -30.44
N LEU HA 65 46.61 -79.56 -31.72
CA LEU HA 65 47.45 -80.37 -32.59
C LEU HA 65 48.88 -80.48 -32.11
N GLU HA 66 49.49 -79.32 -31.82
CA GLU HA 66 50.87 -79.32 -31.34
C GLU HA 66 51.01 -80.10 -30.05
N ASN HA 67 50.05 -79.93 -29.15
CA ASN HA 67 50.08 -80.64 -27.87
C ASN HA 67 50.06 -82.14 -28.13
N ILE HA 68 49.18 -82.57 -29.03
CA ILE HA 68 49.06 -83.98 -29.40
C ILE HA 68 50.44 -84.58 -29.66
N GLY HA 69 51.29 -83.80 -30.32
CA GLY HA 69 52.63 -84.25 -30.61
C GLY HA 69 53.44 -84.35 -29.33
N ALA HA 70 53.36 -83.29 -28.54
CA ALA HA 70 54.08 -83.24 -27.27
C ALA HA 70 53.71 -84.44 -26.41
N GLN HA 71 52.40 -84.67 -26.24
CA GLN HA 71 51.93 -85.78 -25.42
C GLN HA 71 52.38 -87.12 -26.01
N LEU HA 72 52.19 -87.26 -27.31
CA LEU HA 72 52.55 -88.47 -28.01
C LEU HA 72 54.03 -88.80 -27.77
N LEU HA 73 54.87 -87.76 -27.77
CA LEU HA 73 56.31 -87.96 -27.53
C LEU HA 73 56.53 -88.39 -26.11
N LYS HA 74 56.02 -87.60 -25.17
CA LYS HA 74 56.16 -87.88 -23.75
C LYS HA 74 55.81 -89.33 -23.42
N GLU HA 75 54.68 -89.79 -23.96
CA GLU HA 75 54.25 -91.17 -23.73
C GLU HA 75 55.36 -92.15 -24.10
N VAL HA 76 55.59 -92.28 -25.40
CA VAL HA 76 56.61 -93.20 -25.88
C VAL HA 76 57.98 -92.99 -25.23
N ALA HA 77 58.31 -91.74 -24.91
CA ALA HA 77 59.59 -91.46 -24.29
C ALA HA 77 59.67 -92.07 -22.91
N SER HA 78 58.61 -91.86 -22.13
CA SER HA 78 58.54 -92.37 -20.76
C SER HA 78 58.52 -93.88 -20.66
N LYS HA 79 57.93 -94.56 -21.64
CA LYS HA 79 57.88 -96.01 -21.58
C LYS HA 79 59.28 -96.62 -21.74
N THR HA 80 60.30 -95.86 -21.38
CA THR HA 80 61.69 -96.29 -21.44
C THR HA 80 62.09 -96.32 -19.98
N ASN HA 81 61.65 -95.30 -19.27
CA ASN HA 81 61.94 -95.14 -17.86
C ASN HA 81 61.14 -96.23 -17.18
N ASP HA 82 60.02 -96.56 -17.80
CA ASP HA 82 59.11 -97.60 -17.32
C ASP HA 82 59.69 -99.02 -17.41
N VAL HA 83 60.71 -99.19 -18.24
CA VAL HA 83 61.30 -100.51 -18.42
C VAL HA 83 62.79 -100.55 -18.09
N ALA HA 84 63.34 -99.42 -17.63
CA ALA HA 84 64.74 -99.35 -17.28
C ALA HA 84 65.03 -98.28 -16.23
N GLY HA 85 63.98 -97.54 -15.84
CA GLY HA 85 64.13 -96.50 -14.83
C GLY HA 85 65.06 -95.37 -15.17
N ASP HA 86 65.24 -95.10 -16.46
CA ASP HA 86 66.11 -94.01 -16.93
C ASP HA 86 66.14 -93.94 -18.45
N GLY HA 87 66.76 -92.89 -18.96
CA GLY HA 87 66.89 -92.70 -20.40
C GLY HA 87 65.65 -92.20 -21.09
N THR HA 88 64.76 -91.56 -20.34
CA THR HA 88 63.55 -91.06 -20.96
C THR HA 88 63.92 -89.79 -21.73
N THR HA 89 64.82 -89.00 -21.17
CA THR HA 89 65.26 -87.77 -21.82
C THR HA 89 66.06 -88.09 -23.08
N THR HA 90 66.99 -89.03 -22.96
CA THR HA 90 67.81 -89.45 -24.11
C THR HA 90 66.94 -89.91 -25.27
N ALA HA 91 65.87 -90.63 -24.97
CA ALA HA 91 64.98 -91.10 -26.02
C ALA HA 91 64.34 -89.92 -26.72
N THR HA 92 64.06 -88.86 -25.95
CA THR HA 92 63.43 -87.67 -26.49
C THR HA 92 64.35 -86.99 -27.50
N VAL HA 93 65.61 -86.78 -27.09
CA VAL HA 93 66.59 -86.17 -27.98
C VAL HA 93 66.67 -86.93 -29.31
N LEU HA 94 66.99 -88.22 -29.23
CA LEU HA 94 67.08 -89.05 -30.43
C LEU HA 94 65.83 -88.91 -31.29
N ALA HA 95 64.67 -88.91 -30.64
CA ALA HA 95 63.40 -88.79 -31.34
C ALA HA 95 63.28 -87.47 -32.12
N GLN HA 96 63.67 -86.36 -31.48
CA GLN HA 96 63.60 -85.06 -32.12
C GLN HA 96 64.35 -85.13 -33.43
N ALA HA 97 65.62 -85.52 -33.35
CA ALA HA 97 66.48 -85.64 -34.52
C ALA HA 97 65.81 -86.50 -35.58
N ILE HA 98 65.50 -87.74 -35.26
CA ILE HA 98 64.87 -88.61 -36.23
C ILE HA 98 63.65 -87.97 -36.89
N VAL HA 99 62.84 -87.26 -36.12
CA VAL HA 99 61.65 -86.62 -36.66
C VAL HA 99 61.97 -85.52 -37.67
N ARG HA 100 62.95 -84.69 -37.30
CA ARG HA 100 63.41 -83.56 -38.11
C ARG HA 100 63.89 -84.04 -39.49
N GLU HA 101 65.02 -84.74 -39.51
CA GLU HA 101 65.61 -85.27 -40.74
C GLU HA 101 64.59 -86.06 -41.54
N GLY HA 102 63.76 -86.81 -40.83
CA GLY HA 102 62.74 -87.62 -41.48
C GLY HA 102 61.80 -86.74 -42.29
N LEU HA 103 61.21 -85.75 -41.64
CA LEU HA 103 60.26 -84.85 -42.30
C LEU HA 103 60.93 -84.04 -43.39
N LYS HA 104 62.20 -83.69 -43.19
CA LYS HA 104 62.95 -82.91 -44.18
C LYS HA 104 63.03 -83.70 -45.49
N ASN HA 105 63.58 -84.89 -45.40
CA ASN HA 105 63.73 -85.76 -46.56
C ASN HA 105 62.38 -86.13 -47.16
N VAL HA 106 61.35 -86.24 -46.33
CA VAL HA 106 60.04 -86.58 -46.87
C VAL HA 106 59.53 -85.41 -47.68
N ALA HA 107 59.89 -84.21 -47.23
CA ALA HA 107 59.48 -82.97 -47.88
C ALA HA 107 60.30 -82.75 -49.15
N ALA HA 108 61.41 -83.48 -49.28
CA ALA HA 108 62.25 -83.37 -50.47
C ALA HA 108 61.90 -84.46 -51.47
N GLY HA 109 60.83 -85.21 -51.17
CA GLY HA 109 60.39 -86.27 -52.05
C GLY HA 109 60.72 -87.70 -51.66
N ALA HA 110 61.34 -87.91 -50.50
CA ALA HA 110 61.68 -89.26 -50.08
C ALA HA 110 60.41 -90.01 -49.69
N ASN HA 111 60.39 -91.32 -49.91
CA ASN HA 111 59.23 -92.13 -49.55
C ASN HA 111 59.26 -92.44 -48.06
N PRO HA 112 58.19 -92.06 -47.34
CA PRO HA 112 58.13 -92.29 -45.90
C PRO HA 112 58.42 -93.72 -45.52
N LEU HA 113 57.67 -94.64 -46.11
CA LEU HA 113 57.84 -96.06 -45.81
C LEU HA 113 59.27 -96.53 -45.99
N ALA HA 114 59.89 -96.13 -47.10
CA ALA HA 114 61.27 -96.53 -47.35
C ALA HA 114 62.16 -96.00 -46.25
N LEU HA 115 61.92 -94.74 -45.85
CA LEU HA 115 62.71 -94.12 -44.78
C LEU HA 115 62.59 -94.97 -43.53
N LYS HA 116 61.36 -95.41 -43.26
CA LYS HA 116 61.08 -96.24 -42.11
C LYS HA 116 61.88 -97.54 -42.21
N ARG HA 117 61.63 -98.32 -43.26
CA ARG HA 117 62.33 -99.59 -43.46
C ARG HA 117 63.81 -99.41 -43.12
N GLY HA 118 64.37 -98.28 -43.56
CA GLY HA 118 65.76 -97.97 -43.31
C GLY HA 118 66.06 -97.61 -41.87
N ILE HA 119 65.21 -96.77 -41.27
CA ILE HA 119 65.41 -96.37 -39.88
C ILE HA 119 65.41 -97.62 -39.01
N GLU HA 120 64.54 -98.56 -39.33
CA GLU HA 120 64.43 -99.80 -38.57
C GLU HA 120 65.69 -100.65 -38.68
N LYS HA 121 66.09 -100.95 -39.92
CA LYS HA 121 67.30 -101.74 -40.15
C LYS HA 121 68.46 -101.08 -39.44
N ALA HA 122 68.47 -99.74 -39.44
CA ALA HA 122 69.54 -98.99 -38.79
C ALA HA 122 69.55 -99.28 -37.29
N VAL HA 123 68.39 -99.12 -36.66
CA VAL HA 123 68.29 -99.39 -35.24
C VAL HA 123 68.77 -100.80 -34.93
N GLU HA 124 68.24 -101.79 -35.65
CA GLU HA 124 68.64 -103.18 -35.44
C GLU HA 124 70.16 -103.24 -35.30
N ALA HA 125 70.84 -102.88 -36.39
CA ALA HA 125 72.29 -102.89 -36.42
C ALA HA 125 72.87 -102.15 -35.21
N ALA HA 126 72.25 -101.04 -34.83
CA ALA HA 126 72.70 -100.25 -33.69
C ALA HA 126 72.58 -101.06 -32.39
N VAL HA 127 71.39 -101.60 -32.15
CA VAL HA 127 71.14 -102.41 -30.95
C VAL HA 127 72.12 -103.57 -30.88
N GLU HA 128 72.24 -104.30 -31.97
CA GLU HA 128 73.15 -105.44 -32.03
C GLU HA 128 74.56 -105.05 -31.60
N LYS HA 129 74.95 -103.81 -31.88
CA LYS HA 129 76.27 -103.33 -31.49
C LYS HA 129 76.27 -103.05 -30.00
N ILE HA 130 75.16 -102.50 -29.51
CA ILE HA 130 75.03 -102.20 -28.09
C ILE HA 130 75.23 -103.49 -27.31
N LYS HA 131 74.55 -104.54 -27.76
CA LYS HA 131 74.64 -105.84 -27.12
C LYS HA 131 76.08 -106.34 -27.10
N ALA HA 132 76.63 -106.54 -28.30
CA ALA HA 132 78.00 -107.04 -28.43
C ALA HA 132 79.01 -106.14 -27.74
N LEU HA 133 78.53 -105.03 -27.20
CA LEU HA 133 79.40 -104.08 -26.55
C LEU HA 133 79.12 -104.00 -25.05
N ALA HA 134 78.06 -104.69 -24.63
CA ALA HA 134 77.63 -104.67 -23.24
C ALA HA 134 78.46 -105.42 -22.23
N ILE HA 135 78.66 -104.70 -21.11
CA ILE HA 135 79.40 -105.27 -20.02
C ILE HA 135 78.43 -105.98 -19.10
N PRO HA 136 78.52 -107.31 -19.02
CA PRO HA 136 77.61 -108.06 -18.15
C PRO HA 136 77.87 -107.77 -16.68
N VAL HA 137 76.79 -107.71 -15.90
CA VAL HA 137 76.88 -107.47 -14.46
C VAL HA 137 76.18 -108.64 -13.77
N GLU HA 138 76.97 -109.64 -13.37
CA GLU HA 138 76.42 -110.81 -12.73
C GLU HA 138 77.28 -111.26 -11.54
N ASP HA 139 78.52 -110.78 -11.49
CA ASP HA 139 79.40 -111.13 -10.39
C ASP HA 139 78.87 -110.53 -9.11
N ARG HA 140 79.54 -110.85 -8.01
CA ARG HA 140 79.16 -110.31 -6.71
C ARG HA 140 79.69 -108.87 -6.68
N LYS HA 141 80.97 -108.72 -7.01
CA LYS HA 141 81.61 -107.41 -7.04
C LYS HA 141 80.90 -106.53 -8.05
N ALA HA 142 80.62 -107.09 -9.22
CA ALA HA 142 79.94 -106.36 -10.27
C ALA HA 142 78.69 -105.67 -9.72
N ILE HA 143 77.69 -106.49 -9.40
CA ILE HA 143 76.42 -105.98 -8.86
C ILE HA 143 76.60 -104.98 -7.72
N GLU HA 144 77.58 -105.22 -6.85
CA GLU HA 144 77.79 -104.29 -5.74
C GLU HA 144 78.31 -102.95 -6.24
N GLU HA 145 79.37 -102.99 -7.04
CA GLU HA 145 79.98 -101.78 -7.58
C GLU HA 145 78.97 -100.92 -8.34
N VAL HA 146 78.18 -101.54 -9.21
CA VAL HA 146 77.17 -100.81 -9.98
C VAL HA 146 76.30 -100.03 -9.00
N ALA HA 147 75.65 -100.76 -8.09
CA ALA HA 147 74.78 -100.16 -7.09
C ALA HA 147 75.54 -99.14 -6.24
N THR HA 148 76.78 -99.46 -5.88
CA THR HA 148 77.60 -98.58 -5.07
C THR HA 148 77.70 -97.20 -5.72
N ILE HA 149 77.88 -97.19 -7.04
CA ILE HA 149 77.99 -95.95 -7.78
C ILE HA 149 76.66 -95.22 -7.87
N SER HA 150 75.65 -95.86 -8.45
CA SER HA 150 74.32 -95.28 -8.62
C SER HA 150 73.72 -94.79 -7.32
N ALA HA 151 74.31 -95.21 -6.21
CA ALA HA 151 73.81 -94.80 -4.90
C ALA HA 151 74.76 -93.77 -4.28
N ASN HA 152 76.03 -93.87 -4.65
CA ASN HA 152 77.06 -92.99 -4.11
C ASN HA 152 77.16 -93.30 -2.62
N ASP HA 153 77.27 -94.59 -2.32
CA ASP HA 153 77.38 -95.09 -0.97
C ASP HA 153 77.82 -96.56 -1.04
N PRO HA 154 79.08 -96.84 -0.68
CA PRO HA 154 79.61 -98.20 -0.72
C PRO HA 154 78.84 -99.16 0.20
N GLU HA 155 78.25 -98.61 1.25
CA GLU HA 155 77.46 -99.39 2.22
C GLU HA 155 76.17 -99.85 1.58
N VAL HA 156 75.35 -98.89 1.15
CA VAL HA 156 74.07 -99.20 0.52
C VAL HA 156 74.35 -100.12 -0.66
N GLY HA 157 75.55 -99.98 -1.24
CA GLY HA 157 75.93 -100.83 -2.35
C GLY HA 157 75.92 -102.28 -1.86
N LYS HA 158 76.58 -102.50 -0.73
CA LYS HA 158 76.64 -103.84 -0.12
C LYS HA 158 75.23 -104.36 0.11
N LEU HA 159 74.46 -103.61 0.89
CA LEU HA 159 73.09 -104.00 1.20
C LEU HA 159 72.31 -104.40 -0.04
N ILE HA 160 72.29 -103.50 -1.03
CA ILE HA 160 71.59 -103.76 -2.28
C ILE HA 160 72.10 -105.06 -2.89
N ALA HA 161 73.41 -105.27 -2.82
CA ALA HA 161 74.02 -106.47 -3.36
C ALA HA 161 73.50 -107.69 -2.59
N ASP HA 162 73.61 -107.63 -1.27
CA ASP HA 162 73.16 -108.73 -0.42
C ASP HA 162 71.68 -108.99 -0.65
N ALA HA 163 70.88 -107.94 -0.56
CA ALA HA 163 69.44 -108.06 -0.76
C ALA HA 163 69.15 -108.85 -2.04
N MET HA 164 69.89 -108.55 -3.10
CA MET HA 164 69.71 -109.24 -4.37
C MET HA 164 70.24 -110.67 -4.25
N GLU HA 165 71.41 -110.79 -3.65
CA GLU HA 165 72.08 -112.08 -3.46
C GLU HA 165 71.13 -113.14 -2.90
N LYS HA 166 70.37 -112.74 -1.88
CA LYS HA 166 69.45 -113.65 -1.21
C LYS HA 166 68.05 -113.79 -1.82
N VAL HA 167 67.35 -112.68 -2.05
CA VAL HA 167 66.00 -112.74 -2.62
C VAL HA 167 65.97 -113.23 -4.06
N GLY HA 168 67.07 -113.04 -4.78
CA GLY HA 168 67.14 -113.49 -6.15
C GLY HA 168 66.66 -112.48 -7.19
N LYS HA 169 66.86 -112.82 -8.46
CA LYS HA 169 66.47 -111.96 -9.58
C LYS HA 169 64.98 -111.62 -9.57
N GLU HA 170 64.12 -112.64 -9.58
CA GLU HA 170 62.69 -112.41 -9.57
C GLU HA 170 62.15 -112.23 -8.15
N GLY HA 171 63.05 -111.91 -7.21
CA GLY HA 171 62.64 -111.71 -5.83
C GLY HA 171 62.06 -110.33 -5.56
N ILE HA 172 61.82 -110.02 -4.30
CA ILE HA 172 61.26 -108.73 -3.92
C ILE HA 172 62.23 -107.92 -3.06
N ILE HA 173 62.45 -106.66 -3.45
CA ILE HA 173 63.32 -105.77 -2.69
C ILE HA 173 62.65 -104.40 -2.65
N THR HA 174 62.74 -103.75 -1.49
CA THR HA 174 62.12 -102.44 -1.34
C THR HA 174 62.95 -101.53 -0.45
N VAL HA 175 62.76 -100.23 -0.63
CA VAL HA 175 63.46 -99.25 0.17
C VAL HA 175 62.39 -98.57 1.00
N GLU HA 176 62.53 -98.64 2.30
CA GLU HA 176 61.56 -98.02 3.16
C GLU HA 176 62.16 -96.92 4.03
N GLU HA 177 61.34 -95.91 4.30
CA GLU HA 177 61.73 -94.78 5.13
C GLU HA 177 61.74 -95.20 6.60
N SER HA 178 62.88 -95.71 7.03
CA SER HA 178 63.03 -96.13 8.42
C SER HA 178 62.82 -94.93 9.31
N LYS HA 179 62.82 -95.17 10.62
CA LYS HA 179 62.64 -94.11 11.61
C LYS HA 179 63.99 -93.94 12.30
N SER HA 180 64.78 -95.01 12.25
CA SER HA 180 66.10 -95.03 12.84
C SER HA 180 67.05 -94.15 12.01
N LEU HA 181 68.09 -93.64 12.66
CA LEU HA 181 69.05 -92.79 11.98
C LEU HA 181 70.15 -93.62 11.30
N GLU HA 182 69.91 -94.92 11.15
CA GLU HA 182 70.86 -95.81 10.51
C GLU HA 182 70.18 -96.62 9.41
N THR HA 183 70.93 -96.95 8.38
CA THR HA 183 70.39 -97.73 7.28
C THR HA 183 70.72 -99.20 7.47
N GLU HA 184 69.71 -100.05 7.46
CA GLU HA 184 69.88 -101.48 7.67
C GLU HA 184 69.12 -102.31 6.64
N LEU HA 185 69.46 -103.60 6.56
CA LEU HA 185 68.80 -104.53 5.66
C LEU HA 185 68.13 -105.61 6.51
N LYS HA 186 66.81 -105.75 6.36
CA LYS HA 186 66.05 -106.73 7.13
C LYS HA 186 65.19 -107.57 6.18
N PHE HA 187 65.10 -108.87 6.44
CA PHE HA 187 64.30 -109.76 5.58
C PHE HA 187 62.97 -110.15 6.20
N VAL HA 188 61.96 -109.28 6.06
CA VAL HA 188 60.62 -109.54 6.58
C VAL HA 188 59.84 -110.45 5.61
N GLU HA 189 58.51 -110.50 5.75
CA GLU HA 189 57.62 -111.30 4.88
C GLU HA 189 56.68 -110.35 4.13
N GLY HA 190 56.24 -110.74 2.94
CA GLY HA 190 55.31 -109.90 2.19
C GLY HA 190 55.09 -110.35 0.76
N TYR HA 191 54.50 -109.46 -0.04
CA TYR HA 191 54.21 -109.76 -1.44
C TYR HA 191 54.25 -108.45 -2.21
N GLN HA 192 54.10 -108.53 -3.53
CA GLN HA 192 54.12 -107.35 -4.39
C GLN HA 192 53.64 -107.70 -5.80
N PHE HA 193 52.65 -106.95 -6.29
CA PHE HA 193 52.11 -107.17 -7.62
C PHE HA 193 52.05 -105.88 -8.43
N ASP HA 194 51.93 -106.02 -9.75
CA ASP HA 194 51.88 -104.87 -10.64
C ASP HA 194 50.51 -104.26 -10.89
N LYS HA 195 50.03 -103.50 -9.91
CA LYS HA 195 48.73 -102.81 -9.96
C LYS HA 195 48.87 -101.63 -8.98
N GLY HA 196 48.24 -100.50 -9.30
CA GLY HA 196 48.33 -99.36 -8.42
C GLY HA 196 46.99 -98.79 -7.99
N TYR HA 197 47.03 -97.66 -7.29
CA TYR HA 197 45.80 -97.04 -6.81
C TYR HA 197 44.77 -96.74 -7.91
N ILE HA 198 43.56 -97.26 -7.70
CA ILE HA 198 42.44 -97.11 -8.63
C ILE HA 198 42.07 -95.64 -8.83
N SER HA 199 42.48 -94.81 -7.87
CA SER HA 199 42.22 -93.38 -7.91
C SER HA 199 43.43 -92.65 -7.33
N PRO HA 200 43.95 -91.64 -8.06
CA PRO HA 200 45.11 -90.87 -7.60
C PRO HA 200 44.86 -90.08 -6.30
N TYR HA 201 43.61 -90.09 -5.83
CA TYR HA 201 43.23 -89.39 -4.61
C TYR HA 201 43.63 -90.16 -3.34
N PHE HA 202 43.98 -91.44 -3.52
CA PHE HA 202 44.41 -92.30 -2.41
C PHE HA 202 45.86 -92.03 -2.03
N VAL HA 203 46.53 -91.18 -2.81
CA VAL HA 203 47.93 -90.83 -2.56
C VAL HA 203 48.17 -90.19 -1.19
N THR HA 204 49.21 -90.65 -0.52
CA THR HA 204 49.60 -90.15 0.80
C THR HA 204 50.56 -88.98 0.63
N ASN HA 205 51.58 -89.19 -0.20
CA ASN HA 205 52.59 -88.19 -0.47
C ASN HA 205 52.42 -87.61 -1.88
N PRO HA 206 52.02 -86.32 -1.98
CA PRO HA 206 51.82 -85.63 -3.27
C PRO HA 206 53.06 -85.66 -4.16
N GLU HA 207 54.22 -85.42 -3.56
CA GLU HA 207 55.48 -85.41 -4.30
C GLU HA 207 55.80 -86.77 -4.94
N THR HA 208 55.99 -87.79 -4.10
CA THR HA 208 56.31 -89.13 -4.59
C THR HA 208 55.13 -89.81 -5.30
N MET HA 209 53.94 -89.25 -5.13
CA MET HA 209 52.72 -89.78 -5.75
C MET HA 209 52.47 -91.21 -5.31
N GLU HA 210 52.75 -91.50 -4.05
CA GLU HA 210 52.55 -92.84 -3.50
C GLU HA 210 51.48 -92.79 -2.43
N ALA HA 211 50.99 -93.96 -2.05
CA ALA HA 211 49.99 -94.11 -1.01
C ALA HA 211 50.62 -95.06 0.01
N VAL HA 212 51.08 -94.51 1.12
CA VAL HA 212 51.70 -95.33 2.15
C VAL HA 212 50.77 -95.54 3.35
N LEU HA 213 50.52 -96.82 3.67
CA LEU HA 213 49.65 -97.21 4.77
C LEU HA 213 50.44 -98.06 5.76
N GLU HA 214 50.42 -97.69 7.04
CA GLU HA 214 51.16 -98.44 8.05
C GLU HA 214 50.26 -99.18 9.04
N ASP HA 215 50.56 -100.46 9.24
CA ASP HA 215 49.77 -101.31 10.12
C ASP HA 215 48.31 -101.26 9.73
N ALA HA 216 48.03 -101.69 8.52
CA ALA HA 216 46.67 -101.68 7.99
C ALA HA 216 46.14 -103.08 7.72
N PHE HA 217 44.82 -103.17 7.58
CA PHE HA 217 44.18 -104.45 7.28
C PHE HA 217 44.14 -104.58 5.77
N ILE HA 218 44.17 -105.80 5.29
CA ILE HA 218 44.17 -106.03 3.85
C ILE HA 218 42.94 -106.81 3.41
N LEU HA 219 41.85 -106.08 3.21
CA LEU HA 219 40.60 -106.67 2.77
C LEU HA 219 40.75 -107.24 1.36
N ILE HA 220 40.93 -108.56 1.27
CA ILE HA 220 41.10 -109.22 -0.01
C ILE HA 220 39.77 -109.72 -0.58
N VAL HA 221 39.20 -108.97 -1.52
CA VAL HA 221 37.94 -109.31 -2.16
C VAL HA 221 38.22 -109.95 -3.52
N GLU HA 222 37.18 -110.50 -4.15
CA GLU HA 222 37.33 -111.14 -5.45
C GLU HA 222 36.22 -110.68 -6.39
N LYS HA 223 35.26 -109.96 -5.84
CA LYS HA 223 34.13 -109.45 -6.61
C LYS HA 223 34.37 -107.98 -6.94
N LYS HA 224 33.51 -107.41 -7.78
CA LYS HA 224 33.59 -106.01 -8.14
C LYS HA 224 32.78 -105.21 -7.12
N VAL HA 225 33.48 -104.70 -6.11
CA VAL HA 225 32.84 -103.92 -5.05
C VAL HA 225 32.36 -102.58 -5.61
N SER HA 226 31.06 -102.50 -5.90
CA SER HA 226 30.48 -101.27 -6.45
C SER HA 226 29.32 -100.76 -5.61
N ASN HA 227 28.86 -101.58 -4.68
CA ASN HA 227 27.76 -101.22 -3.79
C ASN HA 227 28.25 -100.81 -2.41
N VAL HA 228 27.67 -99.74 -1.90
CA VAL HA 228 28.03 -99.24 -0.57
C VAL HA 228 27.48 -100.14 0.54
N ARG HA 229 26.23 -100.56 0.46
CA ARG HA 229 25.69 -101.42 1.51
C ARG HA 229 26.50 -102.70 1.79
N GLU HA 230 27.05 -103.34 0.76
CA GLU HA 230 27.83 -104.55 0.99
C GLU HA 230 29.25 -104.22 1.46
N LEU HA 231 29.57 -102.94 1.59
CA LEU HA 231 30.91 -102.51 2.02
C LEU HA 231 30.90 -101.83 3.39
N LEU HA 232 29.85 -101.05 3.67
CA LEU HA 232 29.72 -100.33 4.94
C LEU HA 232 30.00 -101.14 6.21
N PRO HA 233 29.51 -102.39 6.30
CA PRO HA 233 29.77 -103.20 7.52
C PRO HA 233 31.25 -103.34 7.91
N ILE HA 234 32.07 -103.87 7.00
CA ILE HA 234 33.51 -104.02 7.26
C ILE HA 234 34.21 -102.67 7.36
N LEU HA 235 33.80 -101.72 6.52
CA LEU HA 235 34.36 -100.38 6.48
C LEU HA 235 34.25 -99.72 7.85
N GLU HA 236 33.15 -100.03 8.55
CA GLU HA 236 32.88 -99.52 9.89
C GLU HA 236 33.72 -100.18 10.98
N GLN HA 237 33.79 -101.53 10.96
CA GLN HA 237 34.58 -102.27 11.94
C GLN HA 237 36.02 -101.75 11.95
N VAL HA 238 36.57 -101.58 10.75
CA VAL HA 238 37.93 -101.08 10.55
C VAL HA 238 38.06 -99.60 10.95
N ALA HA 239 37.00 -98.82 10.72
CA ALA HA 239 37.01 -97.40 11.08
C ALA HA 239 37.27 -97.19 12.57
N GLN HA 240 36.62 -98.00 13.41
CA GLN HA 240 36.78 -97.90 14.87
C GLN HA 240 38.10 -98.49 15.35
N THR HA 241 38.84 -99.12 14.45
CA THR HA 241 40.13 -99.72 14.78
C THR HA 241 41.20 -98.63 14.85
N GLY HA 242 40.95 -97.52 14.15
CA GLY HA 242 41.89 -96.42 14.14
C GLY HA 242 43.01 -96.70 13.16
N LYS HA 243 42.97 -97.90 12.57
CA LYS HA 243 43.97 -98.34 11.60
C LYS HA 243 43.52 -98.12 10.16
N PRO HA 244 44.48 -98.04 9.22
CA PRO HA 244 44.23 -97.84 7.79
C PRO HA 244 43.78 -99.15 7.11
N LEU HA 245 43.25 -99.04 5.89
CA LEU HA 245 42.78 -100.21 5.16
C LEU HA 245 43.14 -100.26 3.67
N LEU HA 246 43.65 -101.41 3.23
CA LEU HA 246 44.00 -101.63 1.84
C LEU HA 246 42.99 -102.60 1.24
N ILE HA 247 42.24 -102.13 0.24
CA ILE HA 247 41.26 -102.96 -0.45
C ILE HA 247 41.86 -103.49 -1.74
N ILE HA 248 41.80 -104.81 -1.94
CA ILE HA 248 42.35 -105.43 -3.15
C ILE HA 248 41.31 -106.26 -3.90
N ALA HA 249 40.21 -105.62 -4.31
CA ALA HA 249 39.16 -106.31 -5.05
C ALA HA 249 39.60 -106.35 -6.52
N GLU HA 250 38.83 -107.03 -7.37
CA GLU HA 250 39.23 -107.08 -8.78
C GLU HA 250 38.99 -105.69 -9.36
N ASP HA 251 38.17 -104.91 -8.64
CA ASP HA 251 37.86 -103.54 -9.04
C ASP HA 251 36.90 -102.88 -8.05
N VAL HA 252 37.08 -101.58 -7.86
CA VAL HA 252 36.24 -100.79 -6.97
C VAL HA 252 35.71 -99.62 -7.81
N GLU HA 253 34.38 -99.57 -7.99
CA GLU HA 253 33.75 -98.54 -8.80
C GLU HA 253 32.48 -97.95 -8.18
N GLY HA 254 31.83 -97.07 -8.93
CA GLY HA 254 30.60 -96.43 -8.48
C GLY HA 254 30.62 -95.85 -7.08
N GLU HA 255 29.56 -96.11 -6.33
CA GLU HA 255 29.43 -95.63 -4.95
C GLU HA 255 30.62 -96.04 -4.10
N ALA HA 256 30.94 -97.34 -4.12
CA ALA HA 256 32.05 -97.90 -3.35
C ALA HA 256 33.34 -97.07 -3.49
N LEU HA 257 33.80 -96.88 -4.72
CA LEU HA 257 35.01 -96.10 -4.96
C LEU HA 257 34.84 -94.63 -4.57
N ALA HA 258 33.65 -94.09 -4.81
CA ALA HA 258 33.35 -92.71 -4.46
C ALA HA 258 33.44 -92.49 -2.95
N THR HA 259 32.80 -93.37 -2.17
CA THR HA 259 32.79 -93.28 -0.70
C THR HA 259 34.20 -93.41 -0.13
N LEU HA 260 34.95 -94.42 -0.60
CA LEU HA 260 36.32 -94.65 -0.15
C LEU HA 260 37.19 -93.41 -0.32
N VAL HA 261 37.02 -92.73 -1.46
CA VAL HA 261 37.78 -91.52 -1.76
C VAL HA 261 37.39 -90.33 -0.89
N VAL HA 262 36.08 -90.15 -0.66
CA VAL HA 262 35.59 -89.05 0.16
C VAL HA 262 36.07 -89.10 1.61
N ASN HA 263 35.86 -90.23 2.28
CA ASN HA 263 36.28 -90.41 3.68
C ASN HA 263 37.82 -90.32 3.82
N LYS HA 264 38.51 -90.71 2.76
CA LYS HA 264 39.98 -90.69 2.68
C LYS HA 264 40.50 -89.25 2.69
N LEU HA 265 39.92 -88.43 1.82
CA LEU HA 265 40.27 -87.02 1.68
C LEU HA 265 39.63 -86.20 2.80
N ARG HA 266 38.75 -86.87 3.55
CA ARG HA 266 38.02 -86.24 4.65
C ARG HA 266 38.73 -86.45 5.99
N GLY HA 267 39.26 -87.66 6.18
CA GLY HA 267 39.96 -87.98 7.42
C GLY HA 267 39.20 -89.02 8.21
N THR HA 268 38.07 -89.46 7.67
CA THR HA 268 37.23 -90.47 8.31
C THR HA 268 37.90 -91.85 8.32
N LEU HA 269 38.47 -92.23 7.17
CA LEU HA 269 39.17 -93.50 7.03
C LEU HA 269 40.24 -93.42 5.94
N SER HA 270 41.48 -93.76 6.29
CA SER HA 270 42.57 -93.73 5.32
C SER HA 270 42.64 -95.09 4.61
N VAL HA 271 42.14 -95.12 3.39
CA VAL HA 271 42.14 -96.35 2.59
C VAL HA 271 42.74 -96.13 1.21
N ALA HA 272 42.83 -97.22 0.46
CA ALA HA 272 43.38 -97.20 -0.88
C ALA HA 272 42.95 -98.49 -1.59
N ALA HA 273 42.31 -98.35 -2.76
CA ALA HA 273 41.84 -99.49 -3.52
C ALA HA 273 42.76 -99.79 -4.71
N VAL HA 274 43.12 -101.07 -4.85
CA VAL HA 274 43.99 -101.54 -5.93
C VAL HA 274 43.32 -102.74 -6.61
N LYS HA 275 43.46 -102.86 -7.92
CA LYS HA 275 42.86 -103.98 -8.64
C LYS HA 275 43.63 -105.27 -8.35
N ALA HA 276 42.94 -106.40 -8.44
CA ALA HA 276 43.57 -107.69 -8.17
C ALA HA 276 44.68 -108.03 -9.17
N PRO HA 277 45.80 -108.58 -8.67
CA PRO HA 277 46.96 -108.96 -9.49
C PRO HA 277 46.63 -110.07 -10.48
N GLY HA 278 47.42 -110.16 -11.54
CA GLY HA 278 47.21 -111.19 -12.55
C GLY HA 278 45.84 -111.14 -13.21
N PHE HA 279 45.57 -112.13 -14.04
CA PHE HA 279 44.28 -112.21 -14.74
C PHE HA 279 43.83 -113.67 -14.79
N GLY HA 280 42.54 -113.89 -14.51
CA GLY HA 280 41.97 -115.23 -14.53
C GLY HA 280 42.32 -116.18 -13.42
N ASP HA 281 42.41 -117.46 -13.77
CA ASP HA 281 42.76 -118.50 -12.80
C ASP HA 281 44.00 -118.02 -12.08
N ARG HA 282 44.91 -117.43 -12.86
CA ARG HA 282 46.17 -116.91 -12.36
C ARG HA 282 45.96 -115.93 -11.22
N ARG HA 283 44.86 -115.18 -11.30
CA ARG HA 283 44.52 -114.19 -10.30
C ARG HA 283 44.10 -114.73 -8.94
N LYS HA 284 43.09 -115.60 -8.89
CA LYS HA 284 42.66 -116.13 -7.61
C LYS HA 284 43.83 -116.82 -6.91
N GLU HA 285 44.70 -117.44 -7.70
CA GLU HA 285 45.85 -118.12 -7.13
C GLU HA 285 46.78 -117.11 -6.45
N MET HA 286 46.88 -115.92 -7.03
CA MET HA 286 47.72 -114.86 -6.47
C MET HA 286 47.05 -114.18 -5.28
N LEU HA 287 45.71 -114.12 -5.30
CA LEU HA 287 44.95 -113.50 -4.22
C LEU HA 287 45.12 -114.31 -2.93
N LYS HA 288 45.36 -115.61 -3.09
CA LYS HA 288 45.56 -116.52 -1.96
C LYS HA 288 46.97 -116.32 -1.43
N ASP HA 289 47.93 -116.12 -2.34
CA ASP HA 289 49.32 -115.88 -1.96
C ASP HA 289 49.37 -114.68 -1.02
N ILE HA 290 48.48 -113.71 -1.28
CA ILE HA 290 48.39 -112.50 -0.47
C ILE HA 290 47.76 -112.85 0.88
N ALA HA 291 46.61 -113.51 0.84
CA ALA HA 291 45.94 -113.92 2.06
C ALA HA 291 46.90 -114.70 2.96
N ALA HA 292 47.67 -115.61 2.36
CA ALA HA 292 48.64 -116.43 3.09
C ALA HA 292 49.67 -115.62 3.87
N VAL HA 293 50.33 -114.71 3.17
CA VAL HA 293 51.37 -113.87 3.79
C VAL HA 293 50.77 -112.77 4.67
N THR HA 294 49.49 -112.44 4.45
CA THR HA 294 48.81 -111.39 5.21
C THR HA 294 48.13 -111.92 6.48
N GLY HA 295 47.49 -113.08 6.36
CA GLY HA 295 46.77 -113.65 7.49
C GLY HA 295 45.30 -113.30 7.31
N GLY HA 296 44.88 -113.22 6.05
CA GLY HA 296 43.51 -112.89 5.72
C GLY HA 296 42.93 -114.00 4.85
N THR HA 297 41.73 -113.79 4.31
CA THR HA 297 41.12 -114.81 3.47
C THR HA 297 40.42 -114.18 2.27
N VAL HA 298 40.51 -114.87 1.13
CA VAL HA 298 39.91 -114.42 -0.12
C VAL HA 298 38.39 -114.46 -0.05
N ILE HA 299 37.77 -113.29 0.15
CA ILE HA 299 36.32 -113.18 0.21
C ILE HA 299 35.74 -113.45 -1.19
N SER HA 300 35.73 -114.72 -1.58
CA SER HA 300 35.20 -115.10 -2.88
C SER HA 300 33.72 -115.46 -2.81
N GLU HA 301 32.97 -114.87 -3.73
CA GLU HA 301 31.54 -115.08 -3.86
C GLU HA 301 31.32 -116.54 -4.25
N GLU HA 302 32.35 -117.16 -4.86
CA GLU HA 302 32.31 -118.55 -5.31
C GLU HA 302 31.99 -119.51 -4.18
N LEU HA 303 32.85 -119.53 -3.16
CA LEU HA 303 32.66 -120.39 -2.01
C LEU HA 303 31.52 -119.82 -1.17
N GLY HA 304 30.59 -119.16 -1.86
CA GLY HA 304 29.42 -118.57 -1.23
C GLY HA 304 29.68 -117.77 0.04
N PHE HA 305 29.78 -116.45 -0.10
CA PHE HA 305 29.99 -115.58 1.05
C PHE HA 305 29.84 -114.10 0.73
N LYS HA 306 28.85 -113.47 1.35
CA LYS HA 306 28.57 -112.04 1.15
C LYS HA 306 29.58 -111.15 1.88
N LEU HA 307 29.83 -109.97 1.32
CA LEU HA 307 30.79 -109.01 1.89
C LEU HA 307 30.34 -108.39 3.20
N GLU HA 308 29.07 -107.99 3.26
CA GLU HA 308 28.53 -107.38 4.46
C GLU HA 308 28.79 -108.27 5.69
N ASN HA 309 28.80 -109.59 5.47
CA ASN HA 309 29.04 -110.55 6.55
C ASN HA 309 30.52 -110.83 6.78
N ALA HA 310 31.38 -109.88 6.41
CA ALA HA 310 32.81 -110.10 6.60
C ALA HA 310 33.31 -109.52 7.93
N THR HA 311 33.98 -110.38 8.69
CA THR HA 311 34.53 -110.03 10.00
C THR HA 311 35.85 -109.27 9.91
N LEU HA 312 36.06 -108.41 10.90
CA LEU HA 312 37.28 -107.62 10.99
C LEU HA 312 38.44 -108.57 11.36
N SER HA 313 38.31 -109.83 10.98
CA SER HA 313 39.34 -110.85 11.25
C SER HA 313 39.64 -111.72 10.03
N MET HA 314 38.77 -111.65 9.02
CA MET HA 314 38.93 -112.41 7.77
C MET HA 314 39.96 -111.73 6.88
N LEU HA 315 40.23 -110.46 7.17
CA LEU HA 315 41.18 -109.67 6.42
C LEU HA 315 42.54 -109.66 7.14
N GLY HA 316 43.57 -110.13 6.45
CA GLY HA 316 44.89 -110.15 7.07
C GLY HA 316 45.40 -108.74 7.22
N ARG HA 317 46.67 -108.60 7.61
CA ARG HA 317 47.27 -107.28 7.77
C ARG HA 317 48.80 -107.33 7.76
N ALA HA 318 49.42 -106.17 7.53
CA ALA HA 318 50.88 -106.05 7.47
C ALA HA 318 51.36 -104.76 8.12
N GLU HA 319 52.66 -104.66 8.33
CA GLU HA 319 53.25 -103.48 8.96
C GLU HA 319 53.24 -102.21 8.09
N ARG HA 320 53.31 -102.38 6.77
CA ARG HA 320 53.29 -101.25 5.85
C ARG HA 320 52.93 -101.68 4.42
N VAL HA 321 52.09 -100.86 3.78
CA VAL HA 321 51.63 -101.08 2.40
C VAL HA 321 51.92 -99.82 1.58
N ARG HA 322 52.67 -99.99 0.50
CA ARG HA 322 53.02 -98.89 -0.38
C ARG HA 322 52.36 -99.03 -1.74
N ILE HA 323 51.57 -98.03 -2.12
CA ILE HA 323 50.86 -98.08 -3.40
C ILE HA 323 51.27 -96.99 -4.37
N THR HA 324 51.67 -97.43 -5.56
CA THR HA 324 52.11 -96.54 -6.63
C THR HA 324 51.04 -96.67 -7.71
N LYS HA 325 51.01 -95.73 -8.67
CA LYS HA 325 50.01 -95.81 -9.73
C LYS HA 325 50.23 -97.05 -10.59
N ASP HA 326 51.40 -97.68 -10.44
CA ASP HA 326 51.75 -98.86 -11.22
C ASP HA 326 52.07 -100.09 -10.37
N GLU HA 327 52.25 -99.92 -9.08
CA GLU HA 327 52.63 -101.05 -8.25
C GLU HA 327 52.21 -100.98 -6.79
N THR HA 328 51.79 -102.13 -6.25
CA THR HA 328 51.39 -102.22 -4.85
C THR HA 328 52.42 -103.13 -4.16
N THR HA 329 52.84 -102.72 -2.97
CA THR HA 329 53.83 -103.47 -2.19
C THR HA 329 53.37 -103.69 -0.75
N ILE HA 330 53.52 -104.92 -0.26
CA ILE HA 330 53.12 -105.25 1.10
C ILE HA 330 54.31 -105.75 1.93
N VAL HA 331 54.78 -104.87 2.81
CA VAL HA 331 55.90 -105.14 3.69
C VAL HA 331 55.44 -105.42 5.11
N GLY HA 332 55.98 -106.47 5.71
CA GLY HA 332 55.61 -106.82 7.07
C GLY HA 332 54.39 -107.73 7.11
N GLY HA 333 54.39 -108.71 6.21
CA GLY HA 333 53.28 -109.66 6.16
C GLY HA 333 53.16 -110.41 7.48
N LYS HA 334 51.97 -110.42 8.05
CA LYS HA 334 51.73 -111.08 9.32
C LYS HA 334 50.91 -112.37 9.22
N GLY HA 335 50.99 -113.01 8.07
CA GLY HA 335 50.27 -114.25 7.87
C GLY HA 335 51.03 -115.37 8.55
N LYS HA 336 50.37 -116.49 8.78
CA LYS HA 336 51.00 -117.62 9.44
C LYS HA 336 52.13 -118.18 8.57
N LYS HA 337 53.33 -118.26 9.13
CA LYS HA 337 54.51 -118.77 8.44
C LYS HA 337 54.19 -120.11 7.78
N GLU HA 338 53.13 -120.76 8.28
CA GLU HA 338 52.68 -122.04 7.78
C GLU HA 338 51.99 -121.87 6.43
N ASP HA 339 50.93 -121.05 6.42
CA ASP HA 339 50.16 -120.77 5.20
C ASP HA 339 51.08 -120.36 4.06
N ILE HA 340 52.12 -119.63 4.42
CA ILE HA 340 53.11 -119.15 3.46
C ILE HA 340 53.88 -120.32 2.83
N GLU HA 341 54.56 -121.10 3.66
CA GLU HA 341 55.31 -122.25 3.18
C GLU HA 341 54.37 -123.22 2.48
N ALA HA 342 53.06 -123.07 2.74
CA ALA HA 342 52.04 -123.93 2.14
C ALA HA 342 51.95 -123.63 0.63
N ARG HA 343 51.95 -122.34 0.29
CA ARG HA 343 51.88 -121.92 -1.11
C ARG HA 343 53.20 -122.26 -1.81
N ILE HA 344 54.31 -121.89 -1.18
CA ILE HA 344 55.66 -122.15 -1.70
C ILE HA 344 55.84 -123.58 -2.21
N ASN HA 345 55.37 -124.54 -1.42
CA ASN HA 345 55.47 -125.95 -1.79
C ASN HA 345 54.43 -126.35 -2.83
N GLY HA 346 53.18 -125.99 -2.59
CA GLY HA 346 52.12 -126.33 -3.53
C GLY HA 346 52.40 -125.75 -4.91
N ILE HA 347 53.26 -124.74 -4.94
CA ILE HA 347 53.63 -124.05 -6.18
C ILE HA 347 54.73 -124.85 -6.88
N LYS HA 348 55.62 -125.44 -6.11
CA LYS HA 348 56.73 -126.24 -6.65
C LYS HA 348 56.20 -127.53 -7.26
N LYS HA 349 55.21 -128.14 -6.60
CA LYS HA 349 54.62 -129.38 -7.07
C LYS HA 349 53.96 -129.18 -8.42
N GLU HA 350 53.19 -128.10 -8.53
CA GLU HA 350 52.49 -127.76 -9.77
C GLU HA 350 53.50 -127.28 -10.82
N LEU HA 351 54.72 -127.02 -10.36
CA LEU HA 351 55.80 -126.54 -11.22
C LEU HA 351 56.41 -127.69 -12.02
N GLU HA 352 56.31 -128.91 -11.49
CA GLU HA 352 56.84 -130.11 -12.14
C GLU HA 352 55.84 -130.66 -13.15
N THR HA 353 54.56 -130.38 -12.90
CA THR HA 353 53.46 -130.82 -13.75
C THR HA 353 53.29 -129.81 -14.91
N THR HA 354 53.91 -128.64 -14.76
CA THR HA 354 53.84 -127.59 -15.79
C THR HA 354 54.75 -127.95 -16.97
N ASP HA 355 54.30 -127.58 -18.17
CA ASP HA 355 55.05 -127.87 -19.39
C ASP HA 355 55.31 -126.64 -20.26
N SER HA 356 54.40 -125.67 -20.25
CA SER HA 356 54.57 -124.45 -21.05
C SER HA 356 55.56 -123.51 -20.36
N GLU HA 357 56.70 -123.29 -21.01
CA GLU HA 357 57.74 -122.42 -20.48
C GLU HA 357 57.22 -121.12 -19.89
N TYR HA 358 56.21 -120.53 -20.52
CA TYR HA 358 55.64 -119.27 -20.04
C TYR HA 358 55.07 -119.41 -18.63
N ALA HA 359 54.24 -120.42 -18.44
CA ALA HA 359 53.63 -120.67 -17.14
C ALA HA 359 54.69 -120.85 -16.07
N ARG HA 360 55.80 -121.48 -16.42
CA ARG HA 360 56.90 -121.73 -15.47
C ARG HA 360 57.53 -120.47 -14.88
N GLU HA 361 58.05 -119.60 -15.75
CA GLU HA 361 58.68 -118.34 -15.34
C GLU HA 361 57.75 -117.55 -14.45
N LYS HA 362 56.47 -117.68 -14.76
CA LYS HA 362 55.43 -116.97 -14.07
C LYS HA 362 55.17 -117.52 -12.66
N LEU HA 363 55.25 -118.84 -12.48
CA LEU HA 363 55.10 -119.39 -11.13
C LEU HA 363 56.43 -119.03 -10.44
N GLN HA 364 57.48 -118.92 -11.26
CA GLN HA 364 58.82 -118.58 -10.78
C GLN HA 364 58.80 -117.30 -9.95
N GLU HA 365 58.12 -116.27 -10.46
CA GLU HA 365 58.04 -114.99 -9.76
C GLU HA 365 57.25 -115.06 -8.46
N ARG HA 366 56.13 -115.79 -8.48
CA ARG HA 366 55.33 -115.97 -7.28
C ARG HA 366 56.22 -116.69 -6.26
N LEU HA 367 56.96 -117.67 -6.77
CA LEU HA 367 57.88 -118.48 -5.95
C LEU HA 367 58.98 -117.63 -5.31
N ALA HA 368 59.53 -116.69 -6.08
CA ALA HA 368 60.59 -115.82 -5.59
C ALA HA 368 60.06 -114.69 -4.71
N LYS HA 369 58.77 -114.35 -4.86
CA LYS HA 369 58.14 -113.29 -4.05
C LYS HA 369 57.89 -113.83 -2.65
N LEU HA 370 57.23 -114.98 -2.58
CA LEU HA 370 56.92 -115.63 -1.31
C LEU HA 370 58.25 -116.01 -0.65
N ALA HA 371 59.05 -116.83 -1.34
CA ALA HA 371 60.36 -117.25 -0.83
C ALA HA 371 61.26 -116.02 -0.89
N GLY HA 372 62.37 -116.05 -0.15
CA GLY HA 372 63.26 -114.90 -0.13
C GLY HA 372 62.58 -113.81 0.66
N GLY HA 373 61.25 -113.88 0.65
CA GLY HA 373 60.44 -112.92 1.35
C GLY HA 373 60.46 -111.54 0.73
N VAL HA 374 60.78 -110.55 1.54
CA VAL HA 374 60.81 -109.17 1.10
C VAL HA 374 61.99 -108.42 1.70
N ALA HA 375 63.13 -108.45 1.00
CA ALA HA 375 64.33 -107.74 1.47
C ALA HA 375 64.00 -106.26 1.56
N VAL HA 376 64.08 -105.74 2.78
CA VAL HA 376 63.79 -104.33 3.01
C VAL HA 376 65.04 -103.56 3.41
N ILE HA 377 65.13 -102.33 2.92
CA ILE HA 377 66.27 -101.49 3.23
C ILE HA 377 65.78 -100.28 3.99
N ARG HA 378 65.70 -100.41 5.31
CA ARG HA 378 65.26 -99.31 6.16
C ARG HA 378 66.29 -98.18 5.97
N VAL HA 379 65.81 -97.03 5.49
CA VAL HA 379 66.68 -95.88 5.24
C VAL HA 379 66.76 -94.91 6.40
N GLY HA 380 67.98 -94.72 6.91
CA GLY HA 380 68.18 -93.80 8.01
C GLY HA 380 68.55 -92.41 7.54
N ALA HA 381 67.97 -91.40 8.20
CA ALA HA 381 68.22 -90.01 7.88
C ALA HA 381 68.28 -89.19 9.16
N ALA HA 382 68.10 -87.88 9.05
CA ALA HA 382 68.13 -86.99 10.20
C ALA HA 382 67.07 -85.92 10.00
N THR HA 383 66.80 -85.61 8.74
CA THR HA 383 65.82 -84.61 8.36
C THR HA 383 64.77 -85.29 7.50
N GLU HA 384 63.58 -84.71 7.43
CA GLU HA 384 62.52 -85.27 6.60
C GLU HA 384 63.00 -85.03 5.17
N THR HA 385 63.86 -84.02 5.02
CA THR HA 385 64.43 -83.65 3.73
C THR HA 385 65.52 -84.65 3.34
N GLU HA 386 66.56 -84.71 4.15
CA GLU HA 386 67.67 -85.63 3.92
C GLU HA 386 67.15 -87.03 3.60
N LEU HA 387 65.98 -87.37 4.17
CA LEU HA 387 65.38 -88.68 3.96
C LEU HA 387 64.83 -88.81 2.55
N LYS HA 388 63.91 -87.93 2.18
CA LYS HA 388 63.35 -87.98 0.84
C LYS HA 388 64.47 -88.15 -0.17
N GLU HA 389 65.61 -87.52 0.09
CA GLU HA 389 66.72 -87.60 -0.83
C GLU HA 389 67.36 -89.01 -0.90
N LYS HA 390 67.81 -89.49 0.26
CA LYS HA 390 68.41 -90.82 0.33
C LYS HA 390 67.38 -91.83 -0.17
N LYS HA 391 66.15 -91.63 0.24
CA LYS HA 391 65.05 -92.50 -0.17
C LYS HA 391 65.06 -92.66 -1.69
N HIS HA 392 64.96 -91.52 -2.38
CA HIS HA 392 64.98 -91.48 -3.83
C HIS HA 392 66.28 -92.06 -4.39
N ARG HA 393 67.40 -91.48 -3.99
CA ARG HA 393 68.71 -91.92 -4.44
C ARG HA 393 68.87 -93.44 -4.33
N PHE HA 394 68.68 -94.00 -3.14
CA PHE HA 394 68.80 -95.45 -2.92
C PHE HA 394 67.80 -96.23 -3.77
N GLU HA 395 66.58 -95.73 -3.85
CA GLU HA 395 65.56 -96.43 -4.65
C GLU HA 395 65.98 -96.52 -6.10
N ASP HA 396 66.47 -95.41 -6.67
CA ASP HA 396 66.91 -95.40 -8.05
C ASP HA 396 68.08 -96.35 -8.19
N ALA HA 397 69.07 -96.18 -7.32
CA ALA HA 397 70.26 -97.02 -7.33
C ALA HA 397 69.83 -98.49 -7.42
N LEU HA 398 68.78 -98.83 -6.69
CA LEU HA 398 68.26 -100.18 -6.69
C LEU HA 398 67.77 -100.52 -8.10
N ASN HA 399 66.77 -99.80 -8.57
CA ASN HA 399 66.19 -100.03 -9.90
C ASN HA 399 67.26 -100.08 -10.97
N ALA HA 400 68.24 -99.20 -10.85
CA ALA HA 400 69.35 -99.15 -11.79
C ALA HA 400 70.03 -100.50 -11.81
N THR HA 401 70.60 -100.87 -10.66
CA THR HA 401 71.31 -102.12 -10.48
C THR HA 401 70.51 -103.33 -10.93
N ARG HA 402 69.23 -103.39 -10.57
CA ARG HA 402 68.41 -104.52 -10.96
C ARG HA 402 68.35 -104.61 -12.48
N ALA HA 403 68.14 -103.46 -13.13
CA ALA HA 403 68.09 -103.41 -14.59
C ALA HA 403 69.46 -103.74 -15.13
N ALA HA 404 70.48 -103.20 -14.48
CA ALA HA 404 71.87 -103.41 -14.87
C ALA HA 404 72.18 -104.90 -15.02
N VAL HA 405 71.59 -105.72 -14.14
CA VAL HA 405 71.82 -107.16 -14.18
C VAL HA 405 71.11 -107.83 -15.35
N GLU HA 406 69.96 -107.30 -15.74
CA GLU HA 406 69.19 -107.88 -16.85
C GLU HA 406 69.87 -107.82 -18.20
N GLU HA 407 70.44 -106.67 -18.56
CA GLU HA 407 71.07 -106.54 -19.86
C GLU HA 407 72.49 -105.99 -19.87
N GLY HA 408 73.23 -106.29 -18.83
CA GLY HA 408 74.60 -105.82 -18.77
C GLY HA 408 74.65 -104.31 -18.83
N ILE HA 409 75.87 -103.77 -18.82
CA ILE HA 409 76.09 -102.33 -18.86
C ILE HA 409 77.00 -101.92 -20.02
N VAL HA 410 76.83 -100.68 -20.49
CA VAL HA 410 77.62 -100.14 -21.59
C VAL HA 410 78.16 -98.77 -21.20
N PRO HA 411 79.17 -98.26 -21.92
CA PRO HA 411 79.75 -96.94 -21.61
C PRO HA 411 78.70 -95.83 -21.65
N GLY HA 412 78.72 -94.98 -20.63
CA GLY HA 412 77.75 -93.90 -20.56
C GLY HA 412 78.13 -92.66 -21.33
N GLY HA 413 77.49 -91.54 -21.00
CA GLY HA 413 77.78 -90.28 -21.68
C GLY HA 413 77.56 -90.29 -23.17
N GLY HA 414 76.57 -91.05 -23.64
CA GLY HA 414 76.28 -91.13 -25.06
C GLY HA 414 77.26 -91.94 -25.88
N VAL HA 415 78.46 -92.16 -25.34
CA VAL HA 415 79.51 -92.91 -26.02
C VAL HA 415 79.08 -94.22 -26.69
N THR HA 416 78.27 -95.01 -26.00
CA THR HA 416 77.81 -96.28 -26.58
C THR HA 416 77.03 -96.02 -27.88
N LEU HA 417 76.11 -95.05 -27.84
CA LEU HA 417 75.32 -94.73 -29.02
C LEU HA 417 76.22 -94.31 -30.18
N LEU HA 418 77.35 -93.67 -29.85
CA LEU HA 418 78.29 -93.24 -30.86
C LEU HA 418 78.93 -94.47 -31.51
N ARG HA 419 79.39 -95.40 -30.69
CA ARG HA 419 80.02 -96.61 -31.20
C ARG HA 419 79.08 -97.43 -32.08
N ALA HA 420 77.80 -97.10 -32.04
CA ALA HA 420 76.81 -97.82 -32.84
C ALA HA 420 76.85 -97.33 -34.27
N ILE HA 421 77.34 -96.10 -34.46
CA ILE HA 421 77.41 -95.52 -35.80
C ILE HA 421 78.13 -96.43 -36.79
N SER HA 422 79.30 -96.92 -36.44
CA SER HA 422 80.06 -97.81 -37.30
C SER HA 422 79.14 -98.91 -37.86
N ALA HA 423 78.41 -99.55 -36.97
CA ALA HA 423 77.49 -100.62 -37.35
C ALA HA 423 76.49 -100.10 -38.38
N VAL HA 424 76.01 -98.88 -38.18
CA VAL HA 424 75.04 -98.29 -39.10
C VAL HA 424 75.71 -97.98 -40.45
N GLU HA 425 76.95 -97.50 -40.40
CA GLU HA 425 77.75 -97.20 -41.58
C GLU HA 425 77.79 -98.44 -42.46
N GLU HA 426 78.20 -99.54 -41.86
CA GLU HA 426 78.30 -100.83 -42.53
C GLU HA 426 77.01 -101.17 -43.25
N LEU HA 427 75.90 -100.88 -42.58
CA LEU HA 427 74.59 -101.19 -43.11
C LEU HA 427 74.31 -100.35 -44.32
N ILE HA 428 74.55 -99.05 -44.20
CA ILE HA 428 74.31 -98.13 -45.29
C ILE HA 428 74.98 -98.58 -46.58
N LYS HA 429 76.23 -99.02 -46.47
CA LYS HA 429 77.01 -99.50 -47.62
C LYS HA 429 76.29 -100.61 -48.37
N LYS HA 430 75.34 -101.26 -47.70
CA LYS HA 430 74.58 -102.35 -48.31
C LYS HA 430 73.18 -101.88 -48.67
N LEU HA 431 72.90 -100.61 -48.39
CA LEU HA 431 71.60 -100.04 -48.68
C LEU HA 431 71.63 -99.00 -49.79
N GLU HA 432 70.47 -98.75 -50.38
CA GLU HA 432 70.38 -97.78 -51.47
C GLU HA 432 68.99 -97.15 -51.50
N GLY HA 433 68.87 -96.01 -52.18
CA GLY HA 433 67.59 -95.35 -52.28
C GLY HA 433 67.21 -94.63 -50.99
N ASP HA 434 65.92 -94.37 -50.82
CA ASP HA 434 65.41 -93.70 -49.63
C ASP HA 434 65.66 -94.53 -48.37
N GLU HA 435 65.70 -95.84 -48.56
CA GLU HA 435 65.94 -96.76 -47.45
C GLU HA 435 67.31 -96.44 -46.85
N ALA HA 436 68.29 -96.20 -47.71
CA ALA HA 436 69.64 -95.87 -47.26
C ALA HA 436 69.60 -94.53 -46.52
N THR HA 437 68.75 -93.63 -47.00
CA THR HA 437 68.60 -92.31 -46.40
C THR HA 437 68.18 -92.49 -44.95
N GLY HA 438 67.16 -93.33 -44.74
CA GLY HA 438 66.68 -93.60 -43.39
C GLY HA 438 67.82 -94.03 -42.49
N ALA HA 439 68.61 -95.00 -42.95
CA ALA HA 439 69.75 -95.50 -42.17
C ALA HA 439 70.63 -94.32 -41.81
N LYS HA 440 70.81 -93.43 -42.78
CA LYS HA 440 71.63 -92.24 -42.57
C LYS HA 440 71.03 -91.34 -41.49
N ILE HA 441 69.71 -91.24 -41.48
CA ILE HA 441 69.03 -90.42 -40.48
C ILE HA 441 69.38 -90.90 -39.07
N VAL HA 442 69.25 -92.21 -38.85
CA VAL HA 442 69.55 -92.80 -37.57
C VAL HA 442 71.01 -92.53 -37.20
N ARG HA 443 71.89 -92.70 -38.19
CA ARG HA 443 73.32 -92.46 -37.97
C ARG HA 443 73.60 -91.05 -37.47
N ARG HA 444 72.86 -90.09 -38.01
CA ARG HA 444 73.03 -88.71 -37.59
C ARG HA 444 72.49 -88.52 -36.17
N ALA HA 445 71.29 -89.06 -35.93
CA ALA HA 445 70.67 -88.96 -34.62
C ALA HA 445 71.58 -89.46 -33.51
N LEU HA 446 72.16 -90.63 -33.69
CA LEU HA 446 73.05 -91.24 -32.69
C LEU HA 446 74.08 -90.28 -32.09
N GLU HA 447 74.40 -89.21 -32.82
CA GLU HA 447 75.37 -88.23 -32.35
C GLU HA 447 74.80 -87.24 -31.34
N GLU HA 448 73.50 -86.96 -31.45
CA GLU HA 448 72.86 -85.98 -30.58
C GLU HA 448 73.07 -86.10 -29.07
N PRO HA 449 72.76 -87.26 -28.49
CA PRO HA 449 72.96 -87.41 -27.05
C PRO HA 449 74.34 -86.94 -26.61
N ALA HA 450 75.37 -87.65 -27.08
CA ALA HA 450 76.75 -87.31 -26.74
C ALA HA 450 77.00 -85.81 -26.93
N ARG HA 451 76.66 -85.32 -28.12
CA ARG HA 451 76.84 -83.92 -28.49
C ARG HA 451 76.13 -82.97 -27.53
N GLN HA 452 74.85 -83.23 -27.32
CA GLN HA 452 74.03 -82.42 -26.44
C GLN HA 452 74.60 -82.36 -25.02
N ILE HA 453 75.11 -83.48 -24.52
CA ILE HA 453 75.68 -83.52 -23.19
C ILE HA 453 76.83 -82.53 -23.11
N ALA HA 454 77.82 -82.74 -23.97
CA ALA HA 454 79.01 -81.88 -24.01
C ALA HA 454 78.57 -80.43 -24.16
N GLU HA 455 77.58 -80.20 -25.01
CA GLU HA 455 77.06 -78.85 -25.24
C GLU HA 455 76.54 -78.23 -23.94
N ASN HA 456 75.63 -78.94 -23.27
CA ASN HA 456 75.09 -78.45 -22.02
C ASN HA 456 76.20 -78.16 -21.02
N ALA HA 457 77.26 -78.97 -21.08
CA ALA HA 457 78.39 -78.81 -20.18
C ALA HA 457 79.24 -77.59 -20.56
N GLY HA 458 78.95 -76.99 -21.71
CA GLY HA 458 79.69 -75.81 -22.15
C GLY HA 458 80.93 -76.15 -22.98
N TYR HA 459 80.78 -77.09 -23.90
CA TYR HA 459 81.87 -77.52 -24.78
C TYR HA 459 81.34 -77.61 -26.20
N GLU HA 460 82.24 -77.73 -27.16
CA GLU HA 460 81.82 -77.85 -28.57
C GLU HA 460 81.36 -79.27 -28.86
N GLY HA 461 80.04 -79.47 -28.84
CA GLY HA 461 79.49 -80.79 -29.08
C GLY HA 461 80.15 -81.54 -30.22
N SER HA 462 79.89 -81.07 -31.43
CA SER HA 462 80.44 -81.67 -32.65
C SER HA 462 81.93 -81.99 -32.53
N VAL HA 463 82.68 -81.11 -31.88
CA VAL HA 463 84.11 -81.32 -31.72
C VAL HA 463 84.41 -82.55 -30.88
N ILE HA 464 83.84 -82.58 -29.68
CA ILE HA 464 84.04 -83.70 -28.78
C ILE HA 464 83.55 -85.00 -29.43
N VAL HA 465 82.40 -84.95 -30.09
CA VAL HA 465 81.85 -86.14 -30.73
C VAL HA 465 82.83 -86.68 -31.76
N GLN HA 466 83.65 -85.78 -32.30
CA GLN HA 466 84.63 -86.18 -33.29
C GLN HA 466 85.82 -86.87 -32.65
N GLN HA 467 86.39 -86.21 -31.66
CA GLN HA 467 87.55 -86.73 -30.97
C GLN HA 467 87.29 -88.09 -30.34
N ILE HA 468 86.01 -88.37 -30.07
CA ILE HA 468 85.62 -89.66 -29.50
C ILE HA 468 85.62 -90.72 -30.58
N LEU HA 469 84.92 -90.43 -31.67
CA LEU HA 469 84.84 -91.36 -32.80
C LEU HA 469 86.22 -91.56 -33.42
N ALA HA 470 87.15 -90.67 -33.07
CA ALA HA 470 88.52 -90.72 -33.58
C ALA HA 470 89.21 -91.95 -33.02
N GLU HA 471 89.16 -92.11 -31.70
CA GLU HA 471 89.77 -93.24 -31.04
C GLU HA 471 89.02 -94.50 -31.45
N THR HA 472 89.72 -95.43 -32.11
CA THR HA 472 89.11 -96.69 -32.55
C THR HA 472 89.61 -97.85 -31.69
N LYS HA 473 90.75 -97.66 -31.04
CA LYS HA 473 91.32 -98.69 -30.18
C LYS HA 473 90.32 -99.18 -29.13
N ASN HA 474 90.14 -98.39 -28.08
CA ASN HA 474 89.24 -98.75 -26.99
C ASN HA 474 87.87 -98.08 -27.15
N PRO HA 475 86.84 -98.87 -27.51
CA PRO HA 475 85.49 -98.33 -27.71
C PRO HA 475 84.92 -97.67 -26.45
N ARG HA 476 85.52 -97.98 -25.31
CA ARG HA 476 85.08 -97.40 -24.03
C ARG HA 476 85.63 -96.00 -23.87
N TYR HA 477 86.40 -95.55 -24.85
CA TYR HA 477 86.97 -94.22 -24.81
C TYR HA 477 85.82 -93.23 -24.97
N GLY HA 478 85.77 -92.24 -24.09
CA GLY HA 478 84.71 -91.26 -24.18
C GLY HA 478 85.04 -89.96 -23.47
N PHE HA 479 84.10 -89.02 -23.52
CA PHE HA 479 84.29 -87.73 -22.89
C PHE HA 479 83.46 -87.62 -21.62
N ASN HA 480 84.12 -87.28 -20.52
CA ASN HA 480 83.45 -87.13 -19.25
C ASN HA 480 83.13 -85.65 -19.07
N ALA HA 481 81.97 -85.24 -19.55
CA ALA HA 481 81.53 -83.85 -19.47
C ALA HA 481 81.66 -83.25 -18.07
N ALA HA 482 81.74 -84.11 -17.07
CA ALA HA 482 81.86 -83.66 -15.68
C ALA HA 482 83.21 -83.03 -15.40
N THR HA 483 84.28 -83.79 -15.63
CA THR HA 483 85.64 -83.28 -15.38
C THR HA 483 86.22 -82.62 -16.63
N GLY HA 484 85.55 -82.78 -17.76
CA GLY HA 484 86.03 -82.20 -19.00
C GLY HA 484 87.27 -82.87 -19.51
N GLU HA 485 87.30 -84.20 -19.43
CA GLU HA 485 88.46 -84.96 -19.90
C GLU HA 485 88.01 -86.23 -20.57
N PHE HA 486 88.85 -86.76 -21.46
CA PHE HA 486 88.51 -87.99 -22.12
C PHE HA 486 89.08 -89.12 -21.27
N VAL HA 487 88.30 -90.18 -21.10
CA VAL HA 487 88.71 -91.31 -20.29
C VAL HA 487 87.99 -92.59 -20.71
N ASP HA 488 88.24 -93.67 -19.97
CA ASP HA 488 87.58 -94.94 -20.25
C ASP HA 488 86.28 -94.83 -19.46
N MET HA 489 85.20 -94.54 -20.17
CA MET HA 489 83.88 -94.39 -19.56
C MET HA 489 83.61 -95.44 -18.49
N VAL HA 490 83.99 -96.68 -18.77
CA VAL HA 490 83.80 -97.77 -17.82
C VAL HA 490 84.65 -97.56 -16.58
N GLU HA 491 85.97 -97.64 -16.74
CA GLU HA 491 86.88 -97.44 -15.60
C GLU HA 491 86.67 -96.11 -14.89
N ALA HA 492 85.87 -95.23 -15.50
CA ALA HA 492 85.59 -93.93 -14.90
C ALA HA 492 84.28 -93.96 -14.12
N GLY HA 493 83.60 -95.10 -14.16
CA GLY HA 493 82.33 -95.25 -13.45
C GLY HA 493 81.20 -94.49 -14.09
N ILE HA 494 81.24 -94.37 -15.42
CA ILE HA 494 80.22 -93.68 -16.18
C ILE HA 494 79.63 -94.70 -17.14
N VAL HA 495 78.76 -95.55 -16.59
CA VAL HA 495 78.14 -96.61 -17.37
C VAL HA 495 76.62 -96.44 -17.41
N ASP HA 496 75.97 -97.24 -18.24
CA ASP HA 496 74.51 -97.20 -18.39
C ASP HA 496 73.95 -98.60 -18.63
N PRO HA 497 72.78 -98.90 -18.05
CA PRO HA 497 72.23 -100.23 -18.28
C PRO HA 497 71.98 -100.37 -19.77
N ALA HA 498 72.64 -101.33 -20.40
CA ALA HA 498 72.48 -101.54 -21.83
C ALA HA 498 71.00 -101.61 -22.17
N LYS HA 499 70.19 -102.02 -21.20
CA LYS HA 499 68.75 -102.11 -21.43
C LYS HA 499 68.19 -100.71 -21.68
N VAL HA 500 68.65 -99.76 -20.87
CA VAL HA 500 68.21 -98.37 -20.97
C VAL HA 500 68.45 -97.82 -22.37
N THR HA 501 69.70 -97.92 -22.80
CA THR HA 501 70.11 -97.45 -24.12
C THR HA 501 69.27 -98.08 -25.24
N ARG HA 502 69.33 -99.41 -25.36
CA ARG HA 502 68.56 -100.12 -26.39
C ARG HA 502 67.12 -99.61 -26.45
N SER HA 503 66.56 -99.35 -25.28
CA SER HA 503 65.18 -98.88 -25.19
C SER HA 503 65.02 -97.47 -25.75
N ALA HA 504 65.72 -96.51 -25.14
CA ALA HA 504 65.64 -95.13 -25.59
C ALA HA 504 65.68 -95.04 -27.12
N LEU HA 505 66.61 -95.77 -27.73
CA LEU HA 505 66.75 -95.76 -29.18
C LEU HA 505 65.49 -96.31 -29.84
N GLN HA 506 65.23 -97.59 -29.60
CA GLN HA 506 64.05 -98.23 -30.18
C GLN HA 506 62.79 -97.41 -30.01
N ASN HA 507 62.63 -96.79 -28.84
CA ASN HA 507 61.46 -95.97 -28.58
C ASN HA 507 61.44 -94.73 -29.45
N ALA HA 508 62.53 -93.98 -29.43
CA ALA HA 508 62.63 -92.76 -30.22
C ALA HA 508 62.31 -93.09 -31.67
N ALA HA 509 63.02 -94.08 -32.19
CA ALA HA 509 62.84 -94.53 -33.56
C ALA HA 509 61.39 -94.90 -33.80
N SER HA 510 60.71 -95.36 -32.77
CA SER HA 510 59.32 -95.73 -32.92
C SER HA 510 58.50 -94.49 -33.20
N ILE HA 511 58.70 -93.47 -32.38
CA ILE HA 511 57.98 -92.20 -32.55
C ILE HA 511 58.23 -91.63 -33.95
N GLY HA 512 59.49 -91.71 -34.37
CA GLY HA 512 59.88 -91.21 -35.68
C GLY HA 512 59.07 -91.89 -36.76
N ALA HA 513 59.22 -93.21 -36.84
CA ALA HA 513 58.49 -93.98 -37.84
C ALA HA 513 56.99 -93.67 -37.77
N LEU HA 514 56.47 -93.50 -36.56
CA LEU HA 514 55.05 -93.20 -36.39
C LEU HA 514 54.66 -91.93 -37.14
N ILE HA 515 55.34 -90.84 -36.85
CA ILE HA 515 55.03 -89.57 -37.48
C ILE HA 515 55.18 -89.57 -39.01
N LEU HA 516 56.22 -90.21 -39.54
CA LEU HA 516 56.40 -90.27 -40.99
C LEU HA 516 55.24 -91.03 -41.63
N THR HA 517 54.71 -92.00 -40.91
CA THR HA 517 53.60 -92.80 -41.40
C THR HA 517 52.24 -92.16 -41.14
N THR HA 518 52.22 -91.01 -40.49
CA THR HA 518 50.96 -90.34 -40.19
C THR HA 518 50.44 -89.54 -41.37
N GLU HA 519 49.20 -89.82 -41.77
CA GLU HA 519 48.58 -89.14 -42.91
C GLU HA 519 47.42 -88.24 -42.54
N ALA HA 520 47.04 -88.25 -41.26
CA ALA HA 520 45.92 -87.41 -40.83
C ALA HA 520 45.76 -87.47 -39.32
N VAL HA 521 45.16 -86.42 -38.76
CA VAL HA 521 44.91 -86.39 -37.33
C VAL HA 521 43.55 -85.70 -37.07
N VAL HA 522 42.73 -86.33 -36.25
CA VAL HA 522 41.41 -85.79 -35.92
C VAL HA 522 41.44 -85.30 -34.49
N ALA HA 523 41.56 -83.99 -34.33
CA ALA HA 523 41.62 -83.39 -33.01
C ALA HA 523 40.30 -82.75 -32.61
N GLU HA 524 40.17 -82.44 -31.32
CA GLU HA 524 38.98 -81.80 -30.79
C GLU HA 524 39.14 -80.31 -31.00
N LYS HA 525 38.07 -79.65 -31.44
CA LYS HA 525 38.11 -78.22 -31.66
C LYS HA 525 38.00 -77.52 -30.31
N PRO HA 526 38.65 -76.34 -30.18
CA PRO HA 526 38.62 -75.56 -28.93
C PRO HA 526 37.23 -74.98 -28.64
N ALA IA 2 47.56 -76.12 -19.31
CA ALA IA 2 47.89 -75.09 -20.34
C ALA IA 2 49.09 -74.27 -19.89
N LYS IA 3 50.28 -74.78 -20.20
CA LYS IA 3 51.52 -74.10 -19.84
C LYS IA 3 51.95 -73.16 -20.95
N ILE IA 4 53.17 -72.66 -20.85
CA ILE IA 4 53.74 -71.74 -21.84
C ILE IA 4 55.26 -71.79 -21.75
N LEU IA 5 55.88 -72.33 -22.79
CA LEU IA 5 57.32 -72.44 -22.83
C LEU IA 5 58.02 -71.17 -23.35
N VAL IA 6 59.24 -70.94 -22.87
CA VAL IA 6 60.04 -69.79 -23.26
C VAL IA 6 61.50 -70.19 -23.13
N PHE IA 7 62.28 -69.97 -24.18
CA PHE IA 7 63.67 -70.38 -24.11
C PHE IA 7 64.69 -69.27 -24.20
N ASP IA 8 65.96 -69.68 -24.22
CA ASP IA 8 67.12 -68.81 -24.30
C ASP IA 8 66.97 -67.38 -23.78
N GLU IA 9 67.55 -66.43 -24.49
CA GLU IA 9 67.49 -65.05 -24.07
C GLU IA 9 66.06 -64.60 -23.77
N ALA IA 10 65.10 -65.08 -24.56
CA ALA IA 10 63.71 -64.71 -24.33
C ALA IA 10 63.39 -64.88 -22.85
N ALA IA 11 63.68 -66.08 -22.35
CA ALA IA 11 63.43 -66.41 -20.96
C ALA IA 11 64.26 -65.55 -20.02
N ARG IA 12 65.58 -65.60 -20.19
CA ARG IA 12 66.48 -64.84 -19.33
C ARG IA 12 66.09 -63.37 -19.23
N ARG IA 13 65.65 -62.80 -20.34
CA ARG IA 13 65.26 -61.39 -20.32
C ARG IA 13 64.01 -61.18 -19.50
N ALA IA 14 63.09 -62.12 -19.61
CA ALA IA 14 61.84 -62.05 -18.87
C ALA IA 14 62.16 -62.06 -17.38
N LEU IA 15 62.93 -63.06 -16.94
CA LEU IA 15 63.32 -63.17 -15.54
C LEU IA 15 63.96 -61.87 -15.10
N GLU IA 16 64.92 -61.40 -15.87
CA GLU IA 16 65.61 -60.15 -15.57
C GLU IA 16 64.63 -59.01 -15.32
N ARG IA 17 63.60 -58.91 -16.16
CA ARG IA 17 62.61 -57.86 -15.98
C ARG IA 17 62.03 -57.95 -14.58
N GLY IA 18 61.74 -59.17 -14.15
CA GLY IA 18 61.20 -59.36 -12.82
C GLY IA 18 62.21 -58.95 -11.79
N VAL IA 19 63.42 -59.49 -11.93
CA VAL IA 19 64.51 -59.19 -11.01
C VAL IA 19 64.63 -57.69 -10.79
N ASN IA 20 64.57 -56.93 -11.87
CA ASN IA 20 64.69 -55.50 -11.78
C ASN IA 20 63.51 -54.84 -11.09
N ALA IA 21 62.30 -55.31 -11.37
CA ALA IA 21 61.10 -54.76 -10.74
C ALA IA 21 61.27 -54.71 -9.21
N VAL IA 22 61.66 -55.84 -8.64
CA VAL IA 22 61.87 -55.92 -7.21
C VAL IA 22 63.02 -55.00 -6.83
N ALA IA 23 64.23 -55.36 -7.27
CA ALA IA 23 65.43 -54.60 -6.99
C ALA IA 23 65.28 -53.06 -7.04
N ASN IA 24 64.64 -52.54 -8.07
CA ASN IA 24 64.49 -51.10 -8.20
C ASN IA 24 63.58 -50.51 -7.16
N ALA IA 25 62.61 -51.27 -6.68
CA ALA IA 25 61.70 -50.76 -5.66
C ALA IA 25 62.37 -50.82 -4.30
N VAL IA 26 63.14 -51.89 -4.08
CA VAL IA 26 63.85 -52.14 -2.84
C VAL IA 26 65.08 -51.29 -2.52
N LYS IA 27 66.01 -51.19 -3.47
CA LYS IA 27 67.23 -50.46 -3.23
C LYS IA 27 67.11 -49.01 -2.79
N VAL IA 28 65.99 -48.36 -3.08
CA VAL IA 28 65.84 -46.96 -2.70
C VAL IA 28 65.76 -46.80 -1.18
N THR IA 29 65.91 -47.90 -0.45
CA THR IA 29 65.81 -47.86 1.01
C THR IA 29 67.11 -48.24 1.70
N LEU IA 30 68.02 -48.81 0.93
CA LEU IA 30 69.32 -49.25 1.46
C LEU IA 30 70.08 -48.13 2.15
N GLY IA 31 70.69 -48.45 3.29
CA GLY IA 31 71.47 -47.48 4.02
C GLY IA 31 70.72 -46.62 5.02
N PRO IA 32 71.46 -45.82 5.81
CA PRO IA 32 71.02 -44.90 6.86
C PRO IA 32 69.98 -43.89 6.43
N ARG IA 33 69.87 -43.63 5.13
CA ARG IA 33 68.91 -42.64 4.67
C ARG IA 33 68.04 -43.11 3.52
N GLY IA 34 67.55 -44.33 3.59
CA GLY IA 34 66.69 -44.83 2.53
C GLY IA 34 65.60 -43.84 2.17
N ARG IA 35 65.11 -43.90 0.94
CA ARG IA 35 64.05 -43.01 0.50
C ARG IA 35 62.71 -43.68 0.81
N ASN IA 36 61.63 -42.92 0.68
CA ASN IA 36 60.30 -43.43 0.96
C ASN IA 36 59.68 -44.20 -0.18
N VAL IA 37 59.08 -45.34 0.15
CA VAL IA 37 58.38 -46.16 -0.84
C VAL IA 37 56.93 -46.20 -0.35
N VAL IA 38 55.98 -45.91 -1.22
CA VAL IA 38 54.57 -45.91 -0.85
C VAL IA 38 53.90 -47.21 -1.25
N LEU IA 39 53.25 -47.85 -0.28
CA LEU IA 39 52.54 -49.11 -0.54
C LEU IA 39 51.08 -48.93 -0.18
N GLU IA 40 50.17 -49.34 -1.06
CA GLU IA 40 48.75 -49.18 -0.75
C GLU IA 40 48.16 -50.51 -0.30
N LYS IA 41 47.31 -50.43 0.72
CA LYS IA 41 46.65 -51.60 1.28
C LYS IA 41 45.24 -51.60 0.66
N LYS IA 42 44.77 -52.78 0.27
CA LYS IA 42 43.46 -52.90 -0.35
C LYS IA 42 42.34 -52.18 0.39
N PHE IA 43 42.30 -52.33 1.71
CA PHE IA 43 41.28 -51.68 2.53
C PHE IA 43 41.79 -50.44 3.25
N GLY IA 44 42.77 -50.62 4.13
CA GLY IA 44 43.32 -49.48 4.84
C GLY IA 44 43.94 -48.45 3.90
N SER IA 45 44.29 -47.28 4.42
CA SER IA 45 44.90 -46.24 3.60
C SER IA 45 46.33 -46.64 3.23
N PRO IA 46 47.01 -45.81 2.43
CA PRO IA 46 48.39 -46.10 2.02
C PRO IA 46 49.41 -46.14 3.17
N THR IA 47 50.53 -46.80 2.90
CA THR IA 47 51.62 -46.97 3.85
C THR IA 47 52.91 -46.40 3.25
N ILE IA 48 53.83 -45.93 4.09
CA ILE IA 48 55.11 -45.43 3.59
C ILE IA 48 56.18 -46.19 4.38
N THR IA 49 57.23 -46.63 3.68
CA THR IA 49 58.29 -47.39 4.33
C THR IA 49 59.67 -46.88 3.96
N LYS IA 50 60.67 -47.58 4.46
CA LYS IA 50 62.08 -47.30 4.22
C LYS IA 50 62.74 -48.63 4.48
N ASP IA 51 61.89 -49.65 4.61
CA ASP IA 51 62.34 -51.00 4.86
C ASP IA 51 62.26 -51.85 3.61
N GLY IA 52 63.41 -52.33 3.16
CA GLY IA 52 63.45 -53.16 1.97
C GLY IA 52 62.56 -54.38 2.03
N VAL IA 53 62.65 -55.12 3.12
CA VAL IA 53 61.86 -56.34 3.26
C VAL IA 53 60.37 -56.08 3.17
N THR IA 54 59.92 -54.98 3.78
CA THR IA 54 58.51 -54.64 3.76
C THR IA 54 58.06 -54.45 2.33
N VAL IA 55 58.83 -53.70 1.56
CA VAL IA 55 58.50 -53.43 0.17
C VAL IA 55 58.58 -54.70 -0.65
N ALA IA 56 59.65 -55.46 -0.46
CA ALA IA 56 59.84 -56.70 -1.21
C ALA IA 56 58.61 -57.60 -1.13
N LYS IA 57 58.04 -57.70 0.07
CA LYS IA 57 56.85 -58.55 0.27
C LYS IA 57 55.69 -58.14 -0.62
N GLU IA 58 55.47 -56.83 -0.76
CA GLU IA 58 54.39 -56.31 -1.56
C GLU IA 58 54.60 -56.30 -3.08
N VAL IA 59 55.75 -56.79 -3.53
CA VAL IA 59 56.01 -56.79 -4.96
C VAL IA 59 55.58 -58.07 -5.65
N GLU IA 60 54.56 -57.94 -6.48
CA GLU IA 60 54.01 -59.05 -7.25
C GLU IA 60 53.59 -58.49 -8.62
N LEU IA 61 54.20 -59.01 -9.67
CA LEU IA 61 53.94 -58.55 -11.04
C LEU IA 61 52.81 -59.28 -11.75
N GLU IA 62 52.16 -58.57 -12.68
CA GLU IA 62 51.06 -59.14 -13.46
C GLU IA 62 51.49 -60.27 -14.37
N ASP IA 63 52.57 -60.05 -15.11
CA ASP IA 63 53.09 -61.06 -16.03
C ASP IA 63 53.70 -62.25 -15.30
N HIS IA 64 53.22 -63.45 -15.64
CA HIS IA 64 53.71 -64.68 -15.02
C HIS IA 64 55.21 -64.84 -15.05
N LEU IA 65 55.78 -64.78 -16.24
CA LEU IA 65 57.22 -64.94 -16.41
C LEU IA 65 58.01 -63.93 -15.58
N GLU IA 66 57.68 -62.65 -15.74
CA GLU IA 66 58.37 -61.61 -15.01
C GLU IA 66 58.24 -61.82 -13.51
N ASN IA 67 57.05 -62.19 -13.07
CA ASN IA 67 56.83 -62.43 -11.65
C ASN IA 67 57.75 -63.56 -11.17
N ILE IA 68 57.84 -64.60 -11.98
CA ILE IA 68 58.68 -65.74 -11.64
C ILE IA 68 60.07 -65.27 -11.23
N GLY IA 69 60.56 -64.28 -11.95
CA GLY IA 69 61.88 -63.75 -11.64
C GLY IA 69 61.84 -63.03 -10.32
N ALA IA 70 60.85 -62.16 -10.16
CA ALA IA 70 60.67 -61.41 -8.92
C ALA IA 70 60.63 -62.32 -7.70
N GLN IA 71 59.81 -63.36 -7.79
CA GLN IA 71 59.66 -64.30 -6.71
C GLN IA 71 60.96 -65.04 -6.48
N LEU IA 72 61.54 -65.52 -7.57
CA LEU IA 72 62.80 -66.25 -7.50
C LEU IA 72 63.87 -65.42 -6.78
N LEU IA 73 63.87 -64.11 -7.02
CA LEU IA 73 64.85 -63.22 -6.39
C LEU IA 73 64.53 -63.12 -4.92
N LYS IA 74 63.31 -62.70 -4.63
CA LYS IA 74 62.85 -62.54 -3.26
C LYS IA 74 63.21 -63.75 -2.40
N GLU IA 75 62.96 -64.95 -2.91
CA GLU IA 75 63.29 -66.16 -2.18
C GLU IA 75 64.76 -66.15 -1.77
N VAL IA 76 65.62 -66.34 -2.75
CA VAL IA 76 67.05 -66.38 -2.51
C VAL IA 76 67.56 -65.19 -1.69
N ALA IA 77 66.97 -64.03 -1.93
CA ALA IA 77 67.39 -62.84 -1.21
C ALA IA 77 67.07 -62.95 0.27
N SER IA 78 65.86 -63.39 0.58
CA SER IA 78 65.41 -63.51 1.97
C SER IA 78 66.17 -64.58 2.76
N LYS IA 79 66.59 -65.64 2.09
CA LYS IA 79 67.31 -66.68 2.81
C LYS IA 79 68.68 -66.18 3.29
N THR IA 80 68.76 -64.88 3.53
CA THR IA 80 69.97 -64.22 4.01
C THR IA 80 69.55 -63.66 5.35
N ASN IA 81 68.37 -63.08 5.36
CA ASN IA 81 67.79 -62.53 6.57
C ASN IA 81 67.49 -63.75 7.45
N ASP IA 82 67.24 -64.87 6.79
CA ASP IA 82 66.93 -66.13 7.45
C ASP IA 82 68.12 -66.76 8.17
N VAL IA 83 69.33 -66.32 7.81
CA VAL IA 83 70.51 -66.89 8.45
C VAL IA 83 71.39 -65.84 9.13
N ALA IA 84 70.95 -64.58 9.11
CA ALA IA 84 71.71 -63.49 9.71
C ALA IA 84 70.81 -62.34 10.17
N GLY IA 85 69.52 -62.47 9.87
CA GLY IA 85 68.57 -61.45 10.29
C GLY IA 85 68.78 -60.08 9.69
N ASP IA 86 69.36 -60.02 8.50
CA ASP IA 86 69.61 -58.76 7.82
C ASP IA 86 70.34 -58.98 6.52
N GLY IA 87 70.45 -57.91 5.73
CA GLY IA 87 71.15 -57.96 4.45
C GLY IA 87 70.37 -58.58 3.32
N THR IA 88 69.06 -58.60 3.45
CA THR IA 88 68.25 -59.19 2.39
C THR IA 88 68.22 -58.19 1.23
N THR IA 89 68.08 -56.90 1.55
CA THR IA 89 68.05 -55.85 0.52
C THR IA 89 69.40 -55.77 -0.17
N THR IA 90 70.48 -55.80 0.60
CA THR IA 90 71.82 -55.74 0.04
C THR IA 90 72.06 -56.88 -0.95
N ALA IA 91 71.55 -58.06 -0.62
CA ALA IA 91 71.75 -59.19 -1.52
C ALA IA 91 71.03 -58.93 -2.84
N THR IA 92 69.88 -58.25 -2.76
CA THR IA 92 69.07 -57.92 -3.95
C THR IA 92 69.86 -57.02 -4.88
N VAL IA 93 70.38 -55.93 -4.33
CA VAL IA 93 71.18 -54.98 -5.12
C VAL IA 93 72.30 -55.70 -5.87
N LEU IA 94 73.16 -56.41 -5.13
CA LEU IA 94 74.25 -57.16 -5.72
C LEU IA 94 73.74 -58.06 -6.83
N ALA IA 95 72.62 -58.73 -6.57
CA ALA IA 95 72.03 -59.64 -7.53
C ALA IA 95 71.63 -58.93 -8.83
N GLN IA 96 70.99 -57.78 -8.71
CA GLN IA 96 70.55 -57.03 -9.88
C GLN IA 96 71.75 -56.80 -10.77
N ALA IA 97 72.79 -56.21 -10.18
CA ALA IA 97 74.04 -55.92 -10.88
C ALA IA 97 74.57 -57.17 -11.57
N ILE IA 98 74.85 -58.20 -10.79
CA ILE IA 98 75.37 -59.43 -11.38
C ILE IA 98 74.52 -59.94 -12.56
N VAL IA 99 73.20 -59.88 -12.43
CA VAL IA 99 72.29 -60.34 -13.49
C VAL IA 99 72.43 -59.51 -14.77
N ARG IA 100 72.46 -58.19 -14.60
CA ARG IA 100 72.58 -57.23 -15.70
C ARG IA 100 73.84 -57.49 -16.53
N GLU IA 101 75.00 -57.23 -15.93
CA GLU IA 101 76.29 -57.43 -16.59
C GLU IA 101 76.40 -58.82 -17.15
N GLY IA 102 75.90 -59.80 -16.40
CA GLY IA 102 75.95 -61.18 -16.85
C GLY IA 102 75.23 -61.38 -18.17
N LEU IA 103 73.97 -60.96 -18.22
CA LEU IA 103 73.18 -61.11 -19.42
C LEU IA 103 73.74 -60.28 -20.57
N LYS IA 104 74.31 -59.12 -20.24
CA LYS IA 104 74.91 -58.24 -21.26
C LYS IA 104 76.03 -58.97 -21.98
N ASN IA 105 77.00 -59.45 -21.21
CA ASN IA 105 78.12 -60.17 -21.76
C ASN IA 105 77.72 -61.47 -22.44
N VAL IA 106 76.66 -62.10 -21.96
CA VAL IA 106 76.20 -63.34 -22.57
C VAL IA 106 75.63 -63.01 -23.94
N ALA IA 107 75.00 -61.83 -24.02
CA ALA IA 107 74.40 -61.37 -25.27
C ALA IA 107 75.47 -60.91 -26.24
N ALA IA 108 76.67 -60.65 -25.73
CA ALA IA 108 77.77 -60.21 -26.58
C ALA IA 108 78.60 -61.41 -26.99
N GLY IA 109 78.12 -62.61 -26.64
CA GLY IA 109 78.82 -63.83 -27.00
C GLY IA 109 79.61 -64.55 -25.93
N ALA IA 110 79.62 -64.03 -24.70
CA ALA IA 110 80.37 -64.69 -23.63
C ALA IA 110 79.70 -66.00 -23.27
N ASN IA 111 80.50 -66.98 -22.85
CA ASN IA 111 79.95 -68.29 -22.45
C ASN IA 111 79.40 -68.20 -21.03
N PRO IA 112 78.11 -68.53 -20.85
CA PRO IA 112 77.49 -68.47 -19.54
C PRO IA 112 78.26 -69.23 -18.49
N LEU IA 113 78.54 -70.50 -18.76
CA LEU IA 113 79.26 -71.33 -17.81
C LEU IA 113 80.59 -70.69 -17.38
N ALA IA 114 81.33 -70.18 -18.35
CA ALA IA 114 82.61 -69.55 -18.05
C ALA IA 114 82.39 -68.34 -17.14
N LEU IA 115 81.36 -67.56 -17.44
CA LEU IA 115 81.04 -66.39 -16.62
C LEU IA 115 80.81 -66.84 -15.19
N LYS IA 116 80.05 -67.92 -15.06
CA LYS IA 116 79.74 -68.49 -13.76
C LYS IA 116 81.04 -68.86 -13.05
N ARG IA 117 81.79 -69.82 -13.61
CA ARG IA 117 83.06 -70.26 -13.02
C ARG IA 117 83.80 -69.05 -12.46
N GLY IA 118 83.77 -67.96 -13.23
CA GLY IA 118 84.45 -66.74 -12.83
C GLY IA 118 83.77 -65.98 -11.72
N ILE IA 119 82.45 -65.91 -11.78
CA ILE IA 119 81.69 -65.21 -10.74
C ILE IA 119 81.91 -65.92 -9.41
N GLU IA 120 82.02 -67.25 -9.47
CA GLU IA 120 82.23 -68.06 -8.28
C GLU IA 120 83.60 -67.79 -7.70
N LYS IA 121 84.64 -67.98 -8.50
CA LYS IA 121 86.00 -67.73 -8.03
C LYS IA 121 86.10 -66.31 -7.45
N ALA IA 122 85.40 -65.37 -8.07
CA ALA IA 122 85.39 -63.99 -7.60
C ALA IA 122 84.82 -63.91 -6.18
N VAL IA 123 83.64 -64.49 -5.98
CA VAL IA 123 83.00 -64.47 -4.67
C VAL IA 123 83.93 -65.10 -3.63
N GLU IA 124 84.45 -66.29 -3.91
CA GLU IA 124 85.36 -66.94 -2.98
C GLU IA 124 86.36 -65.91 -2.47
N ALA IA 125 87.19 -65.42 -3.38
CA ALA IA 125 88.19 -64.43 -3.04
C ALA IA 125 87.58 -63.30 -2.20
N ALA IA 126 86.37 -62.87 -2.57
CA ALA IA 126 85.70 -61.78 -1.87
C ALA IA 126 85.40 -62.18 -0.43
N VAL IA 127 84.81 -63.35 -0.26
CA VAL IA 127 84.47 -63.85 1.06
C VAL IA 127 85.73 -63.97 1.90
N GLU IA 128 86.75 -64.61 1.34
CA GLU IA 128 88.01 -64.79 2.04
C GLU IA 128 88.56 -63.46 2.58
N LYS IA 129 88.29 -62.37 1.88
CA LYS IA 129 88.74 -61.06 2.30
C LYS IA 129 87.84 -60.56 3.44
N ILE IA 130 86.55 -60.86 3.32
CA ILE IA 130 85.60 -60.45 4.35
C ILE IA 130 86.04 -61.08 5.67
N LYS IA 131 86.38 -62.37 5.60
CA LYS IA 131 86.82 -63.12 6.77
C LYS IA 131 88.06 -62.48 7.38
N ALA IA 132 89.14 -62.48 6.61
CA ALA IA 132 90.40 -61.92 7.06
C ALA IA 132 90.25 -60.46 7.49
N LEU IA 133 89.07 -59.91 7.28
CA LEU IA 133 88.83 -58.51 7.62
C LEU IA 133 87.87 -58.36 8.79
N ALA IA 134 87.36 -59.49 9.27
CA ALA IA 134 86.39 -59.52 10.36
C ALA IA 134 87.00 -59.48 11.76
N ILE IA 135 86.36 -58.70 12.63
CA ILE IA 135 86.77 -58.55 14.01
C ILE IA 135 85.99 -59.54 14.85
N PRO IA 136 86.67 -60.44 15.59
CA PRO IA 136 85.94 -61.42 16.41
C PRO IA 136 85.21 -60.76 17.57
N VAL IA 137 84.02 -61.26 17.87
CA VAL IA 137 83.21 -60.76 18.98
C VAL IA 137 82.91 -61.94 19.90
N GLU IA 138 83.75 -62.09 20.93
CA GLU IA 138 83.60 -63.18 21.89
C GLU IA 138 83.80 -62.72 23.33
N ASP IA 139 84.41 -61.56 23.51
CA ASP IA 139 84.62 -61.03 24.86
C ASP IA 139 83.28 -60.68 25.48
N ARG IA 140 83.33 -60.27 26.73
CA ARG IA 140 82.13 -59.87 27.42
C ARG IA 140 81.79 -58.47 26.92
N LYS IA 141 82.79 -57.60 26.96
CA LYS IA 141 82.61 -56.22 26.50
C LYS IA 141 82.21 -56.22 25.04
N ALA IA 142 82.90 -57.04 24.26
CA ALA IA 142 82.62 -57.15 22.83
C ALA IA 142 81.12 -57.34 22.60
N ILE IA 143 80.64 -58.53 22.94
CA ILE IA 143 79.23 -58.88 22.78
C ILE IA 143 78.28 -57.81 23.31
N GLU IA 144 78.62 -57.18 24.43
CA GLU IA 144 77.76 -56.15 24.97
C GLU IA 144 77.73 -54.92 24.08
N GLU IA 145 78.91 -54.42 23.75
CA GLU IA 145 79.03 -53.23 22.91
C GLU IA 145 78.30 -53.40 21.58
N VAL IA 146 78.51 -54.54 20.91
CA VAL IA 146 77.84 -54.81 19.64
C VAL IA 146 76.34 -54.61 19.82
N ALA IA 147 75.78 -55.38 20.73
CA ALA IA 147 74.35 -55.31 21.03
C ALA IA 147 73.93 -53.92 21.46
N THR IA 148 74.78 -53.28 22.27
CA THR IA 148 74.49 -51.94 22.77
C THR IA 148 74.25 -50.99 21.60
N ILE IA 149 75.06 -51.13 20.56
CA ILE IA 149 74.94 -50.28 19.38
C ILE IA 149 73.71 -50.61 18.57
N SER IA 150 73.61 -51.86 18.12
CA SER IA 150 72.48 -52.32 17.31
C SER IA 150 71.14 -52.10 17.98
N ALA IA 151 71.17 -51.81 19.27
CA ALA IA 151 69.93 -51.59 20.00
C ALA IA 151 69.77 -50.11 20.31
N ASN IA 152 70.91 -49.43 20.42
CA ASN IA 152 70.94 -48.01 20.73
C ASN IA 152 70.38 -47.88 22.14
N ASP IA 153 70.92 -48.69 23.03
CA ASP IA 153 70.52 -48.73 24.43
C ASP IA 153 71.58 -49.53 25.19
N PRO IA 154 72.40 -48.86 26.02
CA PRO IA 154 73.45 -49.53 26.79
C PRO IA 154 72.89 -50.56 27.77
N GLU IA 155 71.66 -50.33 28.21
CA GLU IA 155 70.99 -51.22 29.15
C GLU IA 155 70.64 -52.53 28.46
N VAL IA 156 69.81 -52.44 27.42
CA VAL IA 156 69.40 -53.62 26.67
C VAL IA 156 70.65 -54.35 26.22
N GLY IA 157 71.73 -53.58 26.03
CA GLY IA 157 72.98 -54.16 25.62
C GLY IA 157 73.43 -55.13 26.68
N LYS IA 158 73.40 -54.66 27.93
CA LYS IA 158 73.77 -55.48 29.08
C LYS IA 158 72.92 -56.74 29.12
N LEU IA 159 71.61 -56.54 29.18
CA LEU IA 159 70.66 -57.65 29.22
C LEU IA 159 70.95 -58.68 28.14
N ILE IA 160 71.04 -58.22 26.89
CA ILE IA 160 71.33 -59.12 25.77
C ILE IA 160 72.63 -59.86 26.03
N ALA IA 161 73.60 -59.15 26.57
CA ALA IA 161 74.89 -59.74 26.88
C ALA IA 161 74.71 -60.82 27.95
N ASP IA 162 74.08 -60.46 29.06
CA ASP IA 162 73.84 -61.39 30.14
C ASP IA 162 73.05 -62.60 29.66
N ALA IA 163 71.93 -62.34 29.00
CA ALA IA 163 71.09 -63.41 28.46
C ALA IA 163 71.94 -64.41 27.69
N MET IA 164 72.86 -63.91 26.88
CA MET IA 164 73.74 -64.78 26.10
C MET IA 164 74.74 -65.46 27.02
N GLU IA 165 75.31 -64.67 27.94
CA GLU IA 165 76.29 -65.15 28.90
C GLU IA 165 75.85 -66.44 29.58
N LYS IA 166 74.59 -66.46 30.01
CA LYS IA 166 74.02 -67.59 30.73
C LYS IA 166 73.42 -68.72 29.88
N VAL IA 167 72.53 -68.39 28.96
CA VAL IA 167 71.91 -69.43 28.14
C VAL IA 167 72.88 -70.09 27.17
N GLY IA 168 73.94 -69.37 26.79
CA GLY IA 168 74.92 -69.94 25.88
C GLY IA 168 74.65 -69.70 24.40
N LYS IA 169 75.63 -70.06 23.57
CA LYS IA 169 75.52 -69.89 22.12
C LYS IA 169 74.31 -70.61 21.53
N GLU IA 170 74.20 -71.91 21.77
CA GLU IA 170 73.07 -72.67 21.24
C GLU IA 170 71.86 -72.60 22.17
N GLY IA 171 71.85 -71.62 23.05
CA GLY IA 171 70.74 -71.45 23.98
C GLY IA 171 69.54 -70.76 23.37
N ILE IA 172 68.55 -70.45 24.20
CA ILE IA 172 67.33 -69.79 23.74
C ILE IA 172 67.16 -68.40 24.34
N ILE IA 173 66.93 -67.42 23.49
CA ILE IA 173 66.72 -66.05 23.95
C ILE IA 173 65.56 -65.48 23.16
N THR IA 174 64.71 -64.70 23.81
CA THR IA 174 63.56 -64.10 23.14
C THR IA 174 63.25 -62.73 23.69
N VAL IA 175 62.55 -61.93 22.88
CA VAL IA 175 62.16 -60.60 23.27
C VAL IA 175 60.64 -60.64 23.33
N GLU IA 176 60.08 -60.35 24.50
CA GLU IA 176 58.63 -60.39 24.64
C GLU IA 176 58.06 -59.04 24.99
N GLU IA 177 56.87 -58.76 24.49
CA GLU IA 177 56.20 -57.50 24.75
C GLU IA 177 55.64 -57.51 26.17
N SER IA 178 56.46 -57.05 27.11
CA SER IA 178 56.04 -57.00 28.51
C SER IA 178 54.83 -56.08 28.62
N LYS IA 179 54.27 -56.00 29.82
CA LYS IA 179 53.12 -55.15 30.06
C LYS IA 179 53.60 -54.03 30.96
N SER IA 180 54.71 -54.31 31.64
CA SER IA 180 55.34 -53.34 32.55
C SER IA 180 56.02 -52.25 31.73
N LEU IA 181 56.16 -51.07 32.33
CA LEU IA 181 56.78 -49.95 31.64
C LEU IA 181 58.30 -49.98 31.79
N GLU IA 182 58.83 -51.12 32.21
CA GLU IA 182 60.27 -51.28 32.38
C GLU IA 182 60.76 -52.51 31.67
N THR IA 183 62.00 -52.48 31.20
CA THR IA 183 62.58 -53.61 30.48
C THR IA 183 63.42 -54.44 31.44
N GLU IA 184 63.11 -55.73 31.52
CA GLU IA 184 63.82 -56.64 32.43
C GLU IA 184 64.23 -57.94 31.75
N LEU IA 185 65.12 -58.67 32.40
CA LEU IA 185 65.56 -59.96 31.90
C LEU IA 185 65.16 -61.02 32.92
N LYS IA 186 64.39 -62.01 32.48
CA LYS IA 186 63.93 -63.08 33.36
C LYS IA 186 64.22 -64.44 32.72
N PHE IA 187 64.67 -65.40 33.53
CA PHE IA 187 64.98 -66.74 33.02
C PHE IA 187 63.89 -67.77 33.31
N VAL IA 188 62.85 -67.79 32.49
CA VAL IA 188 61.76 -68.73 32.67
C VAL IA 188 62.17 -70.11 32.15
N GLU IA 189 61.23 -71.04 32.17
CA GLU IA 189 61.49 -72.38 31.66
C GLU IA 189 60.75 -72.46 30.34
N GLY IA 190 61.23 -73.33 29.44
CA GLY IA 190 60.55 -73.47 28.18
C GLY IA 190 61.27 -74.37 27.18
N TYR IA 191 60.85 -74.29 25.92
CA TYR IA 191 61.47 -75.09 24.88
C TYR IA 191 61.21 -74.34 23.59
N GLN IA 192 61.77 -74.87 22.49
CA GLN IA 192 61.63 -74.25 21.17
C GLN IA 192 62.16 -75.20 20.08
N PHE IA 193 61.32 -75.46 19.08
CA PHE IA 193 61.70 -76.34 17.98
C PHE IA 193 61.42 -75.69 16.63
N ASP IA 194 62.04 -76.23 15.58
CA ASP IA 194 61.88 -75.69 14.23
C ASP IA 194 60.72 -76.23 13.41
N LYS IA 195 59.53 -75.72 13.71
CA LYS IA 195 58.29 -76.11 13.00
C LYS IA 195 57.35 -74.94 13.27
N GLY IA 196 56.44 -74.68 12.34
CA GLY IA 196 55.52 -73.59 12.52
C GLY IA 196 54.07 -73.92 12.23
N TYR IA 197 53.24 -72.89 12.24
CA TYR IA 197 51.82 -73.10 12.02
C TYR IA 197 51.49 -73.88 10.75
N ILE IA 198 50.77 -74.97 10.94
CA ILE IA 198 50.34 -75.85 9.87
C ILE IA 198 49.45 -75.08 8.89
N SER IA 199 48.86 -73.99 9.35
CA SER IA 199 48.02 -73.15 8.49
C SER IA 199 48.24 -71.69 8.84
N PRO IA 200 48.49 -70.85 7.83
CA PRO IA 200 48.72 -69.42 8.06
C PRO IA 200 47.50 -68.70 8.65
N TYR IA 201 46.38 -69.39 8.77
CA TYR IA 201 45.18 -68.78 9.34
C TYR IA 201 45.22 -68.70 10.86
N PHE IA 202 46.16 -69.43 11.46
CA PHE IA 202 46.34 -69.46 12.91
C PHE IA 202 47.06 -68.21 13.40
N VAL IA 203 47.51 -67.39 12.46
CA VAL IA 203 48.24 -66.16 12.79
C VAL IA 203 47.42 -65.18 13.66
N THR IA 204 48.10 -64.63 14.67
CA THR IA 204 47.50 -63.68 15.61
C THR IA 204 47.71 -62.26 15.08
N ASN IA 205 48.94 -61.97 14.69
CA ASN IA 205 49.33 -60.66 14.16
C ASN IA 205 49.62 -60.76 12.67
N PRO IA 206 48.79 -60.12 11.84
CA PRO IA 206 48.94 -60.12 10.39
C PRO IA 206 50.31 -59.59 9.92
N GLU IA 207 50.73 -58.49 10.54
CA GLU IA 207 52.01 -57.87 10.21
C GLU IA 207 53.20 -58.79 10.42
N THR IA 208 53.44 -59.17 11.67
CA THR IA 208 54.55 -60.03 12.02
C THR IA 208 54.37 -61.48 11.55
N MET IA 209 53.16 -61.82 11.12
CA MET IA 209 52.87 -63.17 10.63
C MET IA 209 53.17 -64.25 11.66
N GLU IA 210 52.87 -63.94 12.92
CA GLU IA 210 53.10 -64.87 14.03
C GLU IA 210 51.78 -65.22 14.69
N ALA IA 211 51.81 -66.28 15.49
CA ALA IA 211 50.64 -66.72 16.22
C ALA IA 211 51.05 -66.66 17.69
N VAL IA 212 50.49 -65.72 18.43
CA VAL IA 212 50.83 -65.59 19.84
C VAL IA 212 49.69 -66.02 20.76
N LEU IA 213 49.98 -67.01 21.61
CA LEU IA 213 49.02 -67.56 22.56
C LEU IA 213 49.54 -67.34 23.98
N GLU IA 214 48.70 -66.75 24.83
CA GLU IA 214 49.11 -66.52 26.22
C GLU IA 214 48.33 -67.35 27.24
N ASP IA 215 49.08 -68.04 28.11
CA ASP IA 215 48.52 -68.91 29.14
C ASP IA 215 47.63 -69.94 28.47
N ALA IA 216 48.23 -70.73 27.58
CA ALA IA 216 47.49 -71.73 26.86
C ALA IA 216 47.91 -73.13 27.25
N PHE IA 217 47.07 -74.10 26.89
CA PHE IA 217 47.39 -75.49 27.19
C PHE IA 217 48.17 -76.01 25.99
N ILE IA 218 48.97 -77.04 26.23
CA ILE IA 218 49.78 -77.60 25.17
C ILE IA 218 49.49 -79.07 24.96
N LEU IA 219 48.43 -79.34 24.20
CA LEU IA 219 48.03 -80.71 23.87
C LEU IA 219 49.12 -81.38 23.03
N ILE IA 220 49.92 -82.23 23.66
CA ILE IA 220 50.99 -82.92 22.97
C ILE IA 220 50.54 -84.29 22.49
N VAL IA 221 50.23 -84.39 21.20
CA VAL IA 221 49.79 -85.64 20.58
C VAL IA 221 50.96 -86.28 19.84
N GLU IA 222 50.78 -87.52 19.40
CA GLU IA 222 51.84 -88.23 18.69
C GLU IA 222 51.27 -88.90 17.44
N LYS IA 223 49.95 -88.86 17.31
CA LYS IA 223 49.26 -89.44 16.17
C LYS IA 223 48.90 -88.35 15.18
N LYS IA 224 48.40 -88.74 14.01
CA LYS IA 224 47.97 -87.79 13.01
C LYS IA 224 46.51 -87.47 13.28
N VAL IA 225 46.27 -86.35 13.94
CA VAL IA 225 44.92 -85.94 14.26
C VAL IA 225 44.20 -85.47 13.01
N SER IA 226 43.32 -86.32 12.49
CA SER IA 226 42.57 -85.99 11.28
C SER IA 226 41.07 -86.19 11.46
N ASN IA 227 40.68 -86.83 12.55
CA ASN IA 227 39.28 -87.09 12.83
C ASN IA 227 38.76 -86.11 13.88
N VAL IA 228 37.60 -85.53 13.62
CA VAL IA 228 36.98 -84.58 14.55
C VAL IA 228 36.51 -85.26 15.83
N ARG IA 229 35.85 -86.40 15.68
CA ARG IA 229 35.33 -87.12 16.83
C ARG IA 229 36.36 -87.35 17.94
N GLU IA 230 37.57 -87.75 17.57
CA GLU IA 230 38.61 -88.01 18.56
C GLU IA 230 39.24 -86.71 19.11
N LEU IA 231 38.77 -85.58 18.63
CA LEU IA 231 39.33 -84.30 19.06
C LEU IA 231 38.32 -83.44 19.82
N LEU IA 232 37.05 -83.48 19.41
CA LEU IA 232 35.99 -82.70 20.06
C LEU IA 232 35.95 -82.74 21.59
N PRO IA 233 36.15 -83.92 22.21
CA PRO IA 233 36.13 -83.98 23.67
C PRO IA 233 37.08 -82.98 24.36
N ILE IA 234 38.39 -83.12 24.11
CA ILE IA 234 39.38 -82.23 24.70
C ILE IA 234 39.17 -80.80 24.24
N LEU IA 235 38.84 -80.64 22.97
CA LEU IA 235 38.62 -79.34 22.37
C LEU IA 235 37.55 -78.58 23.15
N GLU IA 236 36.57 -79.33 23.65
CA GLU IA 236 35.46 -78.77 24.42
C GLU IA 236 35.85 -78.41 25.85
N GLN IA 237 36.54 -79.31 26.53
CA GLN IA 237 36.98 -79.04 27.90
C GLN IA 237 37.78 -77.73 27.92
N VAL IA 238 38.69 -77.58 26.97
CA VAL IA 238 39.52 -76.37 26.84
C VAL IA 238 38.71 -75.13 26.44
N ALA IA 239 37.71 -75.33 25.60
CA ALA IA 239 36.87 -74.23 25.16
C ALA IA 239 36.24 -73.51 26.36
N GLN IA 240 35.72 -74.28 27.31
CA GLN IA 240 35.09 -73.71 28.49
C GLN IA 240 36.09 -73.11 29.48
N THR IA 241 37.38 -73.31 29.21
CA THR IA 241 38.43 -72.77 30.08
C THR IA 241 38.66 -71.29 29.81
N GLY IA 242 38.25 -70.85 28.62
CA GLY IA 242 38.44 -69.47 28.24
C GLY IA 242 39.88 -69.23 27.82
N LYS IA 243 40.70 -70.27 27.94
CA LYS IA 243 42.11 -70.19 27.58
C LYS IA 243 42.37 -70.71 26.17
N PRO IA 244 43.49 -70.29 25.56
CA PRO IA 244 43.90 -70.71 24.21
C PRO IA 244 44.55 -72.10 24.24
N LEU IA 245 44.72 -72.70 23.06
CA LEU IA 245 45.31 -74.02 22.99
C LEU IA 245 46.33 -74.21 21.86
N LEU IA 246 47.45 -74.85 22.19
CA LEU IA 246 48.49 -75.14 21.20
C LEU IA 246 48.53 -76.64 20.98
N ILE IA 247 48.23 -77.08 19.76
CA ILE IA 247 48.26 -78.50 19.45
C ILE IA 247 49.62 -78.82 18.82
N ILE IA 248 50.26 -79.91 19.26
CA ILE IA 248 51.56 -80.29 18.73
C ILE IA 248 51.58 -81.76 18.30
N ALA IA 249 50.66 -82.14 17.41
CA ALA IA 249 50.61 -83.51 16.91
C ALA IA 249 51.70 -83.66 15.83
N GLU IA 250 51.87 -84.86 15.29
CA GLU IA 250 52.88 -85.03 14.24
C GLU IA 250 52.31 -84.38 12.99
N ASP IA 251 51.00 -84.14 13.00
CA ASP IA 251 50.29 -83.50 11.89
C ASP IA 251 48.80 -83.39 12.18
N VAL IA 252 48.19 -82.32 11.67
CA VAL IA 252 46.76 -82.07 11.82
C VAL IA 252 46.22 -81.81 10.42
N GLU IA 253 45.32 -82.68 9.96
CA GLU IA 253 44.79 -82.56 8.61
C GLU IA 253 43.27 -82.77 8.56
N GLY IA 254 42.75 -82.78 7.34
CA GLY IA 254 41.33 -82.99 7.12
C GLY IA 254 40.37 -82.19 7.99
N GLU IA 255 39.35 -82.89 8.50
CA GLU IA 255 38.33 -82.29 9.36
C GLU IA 255 39.00 -81.58 10.55
N ALA IA 256 39.86 -82.31 11.25
CA ALA IA 256 40.57 -81.78 12.40
C ALA IA 256 41.13 -80.39 12.13
N LEU IA 257 42.04 -80.30 11.16
CA LEU IA 257 42.66 -79.02 10.81
C LEU IA 257 41.63 -77.99 10.37
N ALA IA 258 40.62 -78.45 9.63
CA ALA IA 258 39.57 -77.57 9.15
C ALA IA 258 38.78 -76.93 10.28
N THR IA 259 38.33 -77.75 11.23
CA THR IA 259 37.56 -77.28 12.39
C THR IA 259 38.37 -76.27 13.21
N LEU IA 260 39.61 -76.65 13.54
CA LEU IA 260 40.51 -75.81 14.31
C LEU IA 260 40.59 -74.42 13.68
N VAL IA 261 40.74 -74.37 12.37
CA VAL IA 261 40.85 -73.10 11.67
C VAL IA 261 39.57 -72.28 11.72
N VAL IA 262 38.43 -72.94 11.54
CA VAL IA 262 37.14 -72.24 11.53
C VAL IA 262 36.82 -71.55 12.84
N ASN IA 263 36.85 -72.31 13.93
CA ASN IA 263 36.55 -71.76 15.25
C ASN IA 263 37.55 -70.67 15.62
N LYS IA 264 38.78 -70.83 15.13
CA LYS IA 264 39.85 -69.88 15.37
C LYS IA 264 39.52 -68.53 14.75
N LEU IA 265 39.16 -68.56 13.47
CA LEU IA 265 38.80 -67.36 12.72
C LEU IA 265 37.39 -66.91 13.10
N ARG IA 266 36.72 -67.74 13.87
CA ARG IA 266 35.35 -67.48 14.29
C ARG IA 266 35.32 -66.78 15.66
N GLY IA 267 36.18 -67.22 16.56
CA GLY IA 267 36.22 -66.64 17.89
C GLY IA 267 35.79 -67.66 18.92
N THR IA 268 35.49 -68.86 18.46
CA THR IA 268 35.07 -69.94 19.33
C THR IA 268 36.23 -70.44 20.22
N LEU IA 269 37.39 -70.65 19.59
CA LEU IA 269 38.56 -71.13 20.32
C LEU IA 269 39.83 -70.67 19.59
N SER IA 270 40.74 -69.99 20.31
CA SER IA 270 41.98 -69.54 19.69
C SER IA 270 43.00 -70.67 19.81
N VAL IA 271 43.27 -71.34 18.70
CA VAL IA 271 44.24 -72.41 18.71
C VAL IA 271 45.25 -72.26 17.61
N ALA IA 272 46.15 -73.22 17.54
CA ALA IA 272 47.20 -73.22 16.54
C ALA IA 272 47.86 -74.59 16.55
N ALA IA 273 47.97 -75.20 15.38
CA ALA IA 273 48.56 -76.52 15.27
C ALA IA 273 49.95 -76.44 14.66
N VAL IA 274 50.87 -77.21 15.24
CA VAL IA 274 52.25 -77.26 14.79
C VAL IA 274 52.70 -78.71 14.69
N LYS IA 275 53.47 -79.04 13.66
CA LYS IA 275 53.95 -80.40 13.51
C LYS IA 275 54.97 -80.74 14.59
N ALA IA 276 55.11 -82.02 14.90
CA ALA IA 276 56.04 -82.45 15.93
C ALA IA 276 57.50 -82.24 15.53
N PRO IA 277 58.31 -81.71 16.46
CA PRO IA 277 59.74 -81.47 16.22
C PRO IA 277 60.50 -82.74 15.90
N GLY IA 278 61.64 -82.59 15.24
CA GLY IA 278 62.46 -83.74 14.90
C GLY IA 278 61.75 -84.79 14.05
N PHE IA 279 62.45 -85.89 13.82
CA PHE IA 279 61.94 -86.99 13.01
C PHE IA 279 62.36 -88.33 13.60
N GLY IA 280 61.43 -89.30 13.59
CA GLY IA 280 61.72 -90.61 14.12
C GLY IA 280 61.84 -90.70 15.63
N ASP IA 281 62.67 -91.63 16.09
CA ASP IA 281 62.92 -91.83 17.52
C ASP IA 281 63.23 -90.47 18.13
N ARG IA 282 64.01 -89.69 17.39
CA ARG IA 282 64.42 -88.36 17.80
C ARG IA 282 63.24 -87.51 18.21
N ARG IA 283 62.13 -87.72 17.55
CA ARG IA 283 60.92 -86.96 17.80
C ARG IA 283 60.22 -87.24 19.10
N LYS IA 284 59.89 -88.50 19.38
CA LYS IA 284 59.20 -88.81 20.62
C LYS IA 284 60.04 -88.33 21.79
N GLU IA 285 61.35 -88.45 21.66
CA GLU IA 285 62.23 -88.02 22.74
C GLU IA 285 62.06 -86.52 22.98
N MET IA 286 61.84 -85.78 21.91
CA MET IA 286 61.67 -84.33 22.01
C MET IA 286 60.26 -83.98 22.50
N LEU IA 287 59.28 -84.79 22.12
CA LEU IA 287 57.91 -84.55 22.55
C LEU IA 287 57.82 -84.65 24.07
N LYS IA 288 58.70 -85.46 24.65
CA LYS IA 288 58.74 -85.65 26.09
C LYS IA 288 59.38 -84.43 26.74
N ASP IA 289 60.43 -83.92 26.09
CA ASP IA 289 61.13 -82.74 26.56
C ASP IA 289 60.12 -81.62 26.73
N ILE IA 290 59.12 -81.60 25.84
CA ILE IA 290 58.09 -80.58 25.88
C ILE IA 290 57.15 -80.88 27.04
N ALA IA 291 56.65 -82.10 27.08
CA ALA IA 291 55.75 -82.50 28.15
C ALA IA 291 56.38 -82.15 29.50
N ALA IA 292 57.69 -82.43 29.62
CA ALA IA 292 58.44 -82.17 30.84
C ALA IA 292 58.40 -80.71 31.30
N VAL IA 293 58.77 -79.81 30.40
CA VAL IA 293 58.80 -78.38 30.68
C VAL IA 293 57.40 -77.76 30.73
N THR IA 294 56.43 -78.44 30.12
CA THR IA 294 55.06 -77.95 30.07
C THR IA 294 54.21 -78.45 31.23
N GLY IA 295 54.39 -79.71 31.58
CA GLY IA 295 53.61 -80.31 32.64
C GLY IA 295 52.46 -81.05 32.00
N GLY IA 296 52.73 -81.61 30.83
CA GLY IA 296 51.71 -82.35 30.11
C GLY IA 296 52.25 -83.74 29.84
N THR IA 297 51.52 -84.54 29.08
CA THR IA 297 51.97 -85.88 28.78
C THR IA 297 51.77 -86.20 27.31
N VAL IA 298 52.71 -86.98 26.77
CA VAL IA 298 52.67 -87.39 25.37
C VAL IA 298 51.56 -88.39 25.11
N ILE IA 299 50.45 -87.93 24.54
CA ILE IA 299 49.31 -88.79 24.22
C ILE IA 299 49.70 -89.73 23.08
N SER IA 300 50.46 -90.77 23.38
CA SER IA 300 50.89 -91.73 22.37
C SER IA 300 49.98 -92.95 22.30
N GLU IA 301 49.59 -93.32 21.08
CA GLU IA 301 48.72 -94.47 20.88
C GLU IA 301 49.51 -95.71 21.27
N GLU IA 302 50.84 -95.61 21.21
CA GLU IA 302 51.74 -96.71 21.55
C GLU IA 302 51.40 -97.27 22.92
N LEU IA 303 51.52 -96.42 23.93
CA LEU IA 303 51.22 -96.83 25.30
C LEU IA 303 49.70 -96.94 25.43
N GLY IA 304 49.05 -97.30 24.33
CA GLY IA 304 47.61 -97.47 24.29
C GLY IA 304 46.79 -96.41 24.99
N PHE IA 305 46.30 -95.43 24.24
CA PHE IA 305 45.47 -94.38 24.82
C PHE IA 305 44.82 -93.50 23.78
N LYS IA 306 43.48 -93.53 23.76
CA LYS IA 306 42.69 -92.75 22.81
C LYS IA 306 42.61 -91.27 23.16
N LEU IA 307 42.52 -90.43 22.12
CA LEU IA 307 42.46 -88.98 22.28
C LEU IA 307 41.18 -88.49 22.93
N GLU IA 308 40.05 -89.02 22.51
CA GLU IA 308 38.77 -88.62 23.08
C GLU IA 308 38.79 -88.74 24.60
N ASN IA 309 39.53 -89.72 25.11
CA ASN IA 309 39.63 -89.95 26.55
C ASN IA 309 40.72 -89.11 27.20
N ALA IA 310 41.08 -87.98 26.60
CA ALA IA 310 42.13 -87.16 27.17
C ALA IA 310 41.60 -86.04 28.05
N THR IA 311 42.12 -86.00 29.27
CA THR IA 311 41.74 -85.02 30.27
C THR IA 311 42.39 -83.66 30.09
N LEU IA 312 41.64 -82.63 30.48
CA LEU IA 312 42.10 -81.25 30.41
C LEU IA 312 43.23 -81.05 31.43
N SER IA 313 43.97 -82.11 31.73
CA SER IA 313 45.04 -82.04 32.72
C SER IA 313 46.25 -82.85 32.25
N MET IA 314 46.05 -83.65 31.19
CA MET IA 314 47.14 -84.46 30.64
C MET IA 314 48.00 -83.54 29.79
N LEU IA 315 47.41 -82.41 29.44
CA LEU IA 315 48.07 -81.40 28.62
C LEU IA 315 48.69 -80.33 29.50
N GLY IA 316 49.99 -80.15 29.38
CA GLY IA 316 50.69 -79.15 30.15
C GLY IA 316 50.34 -77.76 29.63
N ARG IA 317 50.98 -76.73 30.18
CA ARG IA 317 50.73 -75.36 29.74
C ARG IA 317 51.88 -74.41 30.03
N ALA IA 318 51.82 -73.24 29.40
CA ALA IA 318 52.87 -72.23 29.54
C ALA IA 318 52.28 -70.83 29.47
N GLU IA 319 53.05 -69.85 29.97
CA GLU IA 319 52.61 -68.46 30.00
C GLU IA 319 52.42 -67.85 28.64
N ARG IA 320 53.25 -68.24 27.68
CA ARG IA 320 53.12 -67.73 26.31
C ARG IA 320 53.74 -68.64 25.25
N VAL IA 321 53.02 -68.77 24.14
CA VAL IA 321 53.48 -69.58 23.03
C VAL IA 321 53.50 -68.72 21.78
N ARG IA 322 54.63 -68.71 21.10
CA ARG IA 322 54.81 -67.92 19.89
C ARG IA 322 55.08 -68.79 18.67
N ILE IA 323 54.20 -68.69 17.67
CA ILE IA 323 54.33 -69.52 16.48
C ILE IA 323 54.57 -68.73 15.20
N THR IA 324 55.65 -69.13 14.52
CA THR IA 324 56.09 -68.53 13.26
C THR IA 324 55.91 -69.61 12.21
N LYS IA 325 55.88 -69.24 10.94
CA LYS IA 325 55.71 -70.25 9.91
C LYS IA 325 56.90 -71.21 9.90
N ASP IA 326 57.98 -70.85 10.59
CA ASP IA 326 59.16 -71.70 10.63
C ASP IA 326 59.58 -72.13 12.03
N GLU IA 327 59.00 -71.53 13.05
CA GLU IA 327 59.43 -71.88 14.40
C GLU IA 327 58.38 -71.71 15.48
N THR IA 328 58.40 -72.61 16.46
CA THR IA 328 57.49 -72.55 17.57
C THR IA 328 58.31 -72.30 18.83
N THR IA 329 57.79 -71.45 19.70
CA THR IA 329 58.49 -71.10 20.93
C THR IA 329 57.56 -71.19 22.15
N ILE IA 330 58.03 -71.82 23.21
CA ILE IA 330 57.23 -71.95 24.43
C ILE IA 330 57.92 -71.27 25.59
N VAL IA 331 57.37 -70.14 25.99
CA VAL IA 331 57.91 -69.35 27.09
C VAL IA 331 57.01 -69.46 28.31
N GLY IA 332 57.62 -69.72 29.46
CA GLY IA 332 56.85 -69.85 30.68
C GLY IA 332 56.41 -71.28 30.92
N GLY IA 333 57.32 -72.22 30.67
CA GLY IA 333 57.01 -73.63 30.86
C GLY IA 333 56.62 -73.84 32.31
N LYS IA 334 55.49 -74.50 32.54
CA LYS IA 334 55.04 -74.72 33.90
C LYS IA 334 55.14 -76.18 34.35
N GLY IA 335 56.04 -76.93 33.72
CA GLY IA 335 56.23 -78.32 34.08
C GLY IA 335 56.95 -78.42 35.41
N LYS IA 336 56.93 -79.60 36.01
CA LYS IA 336 57.59 -79.79 37.30
C LYS IA 336 59.09 -79.71 37.14
N LYS IA 337 59.71 -78.81 37.90
CA LYS IA 337 61.16 -78.61 37.86
C LYS IA 337 61.91 -79.94 37.93
N GLU IA 338 61.23 -80.96 38.46
CA GLU IA 338 61.81 -82.29 38.60
C GLU IA 338 61.86 -83.01 37.24
N ASP IA 339 60.70 -83.08 36.57
CA ASP IA 339 60.60 -83.72 35.26
C ASP IA 339 61.64 -83.16 34.31
N ILE IA 340 61.84 -81.85 34.39
CA ILE IA 340 62.80 -81.15 33.55
C ILE IA 340 64.22 -81.66 33.80
N GLU IA 341 64.68 -81.51 35.04
CA GLU IA 341 66.02 -81.95 35.42
C GLU IA 341 66.15 -83.44 35.14
N ALA IA 342 65.00 -84.10 34.99
CA ALA IA 342 64.95 -85.52 34.70
C ALA IA 342 65.48 -85.77 33.29
N ARG IA 343 65.03 -84.96 32.34
CA ARG IA 343 65.47 -85.08 30.96
C ARG IA 343 66.92 -84.67 30.84
N ILE IA 344 67.25 -83.52 31.43
CA ILE IA 344 68.61 -82.97 31.42
C ILE IA 344 69.66 -84.01 31.77
N ASN IA 345 69.41 -84.77 32.83
CA ASN IA 345 70.34 -85.80 33.27
C ASN IA 345 70.30 -87.05 32.41
N GLY IA 346 69.11 -87.56 32.14
CA GLY IA 346 68.96 -88.75 31.31
C GLY IA 346 69.56 -88.53 29.93
N ILE IA 347 69.72 -87.26 29.57
CA ILE IA 347 70.27 -86.86 28.28
C ILE IA 347 71.81 -86.89 28.32
N LYS IA 348 72.37 -86.50 29.46
CA LYS IA 348 73.81 -86.49 29.66
C LYS IA 348 74.36 -87.92 29.71
N LYS IA 349 73.61 -88.80 30.36
CA LYS IA 349 73.99 -90.21 30.51
C LYS IA 349 74.08 -90.88 29.14
N GLU IA 350 73.05 -90.66 28.32
CA GLU IA 350 73.00 -91.22 26.97
C GLU IA 350 74.00 -90.50 26.07
N LEU IA 351 74.53 -89.38 26.57
CA LEU IA 351 75.50 -88.59 25.83
C LEU IA 351 76.89 -89.22 25.90
N GLU IA 352 77.15 -89.99 26.96
CA GLU IA 352 78.44 -90.65 27.13
C GLU IA 352 78.47 -91.98 26.38
N THR IA 353 77.27 -92.54 26.15
CA THR IA 353 77.13 -93.80 25.43
C THR IA 353 77.07 -93.52 23.93
N THR IA 354 76.89 -92.25 23.59
CA THR IA 354 76.83 -91.84 22.19
C THR IA 354 78.21 -91.82 21.57
N ASP IA 355 78.30 -92.22 20.31
CA ASP IA 355 79.58 -92.28 19.60
C ASP IA 355 79.61 -91.45 18.31
N SER IA 356 78.48 -91.35 17.63
CA SER IA 356 78.42 -90.58 16.39
C SER IA 356 78.35 -89.08 16.70
N GLU IA 357 79.37 -88.36 16.23
CA GLU IA 357 79.45 -86.92 16.46
C GLU IA 357 78.16 -86.17 16.16
N TYR IA 358 77.44 -86.59 15.12
CA TYR IA 358 76.20 -85.92 14.75
C TYR IA 358 75.14 -86.03 15.85
N ALA IA 359 74.93 -87.24 16.35
CA ALA IA 359 73.95 -87.46 17.41
C ALA IA 359 74.30 -86.59 18.61
N ARG IA 360 75.58 -86.49 18.93
CA ARG IA 360 76.04 -85.69 20.07
C ARG IA 360 75.60 -84.24 20.00
N GLU IA 361 75.92 -83.58 18.90
CA GLU IA 361 75.57 -82.18 18.71
C GLU IA 361 74.09 -81.90 18.89
N LYS IA 362 73.26 -82.86 18.47
CA LYS IA 362 71.83 -82.72 18.57
C LYS IA 362 71.31 -82.89 19.98
N LEU IA 363 71.90 -83.80 20.75
CA LEU IA 363 71.49 -83.96 22.13
C LEU IA 363 71.97 -82.67 22.77
N GLN IA 364 73.04 -82.11 22.22
CA GLN IA 364 73.62 -80.86 22.71
C GLN IA 364 72.61 -79.73 22.72
N GLU IA 365 71.88 -79.58 21.62
CA GLU IA 365 70.88 -78.53 21.53
C GLU IA 365 69.70 -78.76 22.48
N ARG IA 366 69.25 -80.01 22.59
CA ARG IA 366 68.15 -80.32 23.50
C ARG IA 366 68.65 -79.95 24.89
N LEU IA 367 69.89 -80.35 25.16
CA LEU IA 367 70.54 -80.09 26.44
C LEU IA 367 70.60 -78.60 26.76
N ALA IA 368 70.95 -77.80 25.76
CA ALA IA 368 71.06 -76.35 25.95
C ALA IA 368 69.69 -75.67 26.00
N LYS IA 369 68.68 -76.32 25.41
CA LYS IA 369 67.33 -75.78 25.40
C LYS IA 369 66.71 -75.92 26.79
N LEU IA 370 66.75 -77.16 27.30
CA LEU IA 370 66.23 -77.47 28.62
C LEU IA 370 67.03 -76.72 29.67
N ALA IA 371 68.35 -76.92 29.67
CA ALA IA 371 69.22 -76.22 30.60
C ALA IA 371 69.29 -74.77 30.11
N GLY IA 372 69.68 -73.85 30.98
CA GLY IA 372 69.74 -72.46 30.58
C GLY IA 372 68.32 -71.91 30.49
N GLY IA 373 67.42 -72.75 29.99
CA GLY IA 373 66.03 -72.37 29.89
C GLY IA 373 65.70 -71.48 28.71
N VAL IA 374 65.02 -70.38 29.02
CA VAL IA 374 64.60 -69.43 28.00
C VAL IA 374 64.75 -68.00 28.48
N ALA IA 375 65.92 -67.42 28.25
CA ALA IA 375 66.18 -66.04 28.66
C ALA IA 375 65.18 -65.14 27.93
N VAL IA 376 64.36 -64.46 28.71
CA VAL IA 376 63.36 -63.58 28.13
C VAL IA 376 63.64 -62.13 28.47
N ILE IA 377 63.38 -61.26 27.51
CA ILE IA 377 63.61 -59.85 27.70
C ILE IA 377 62.29 -59.12 27.62
N ARG IA 378 61.60 -59.01 28.75
CA ARG IA 378 60.32 -58.33 28.80
C ARG IA 378 60.59 -56.87 28.41
N VAL IA 379 59.95 -56.43 27.32
CA VAL IA 379 60.14 -55.07 26.82
C VAL IA 379 59.12 -54.07 27.34
N GLY IA 380 59.61 -53.04 28.03
CA GLY IA 380 58.72 -52.03 28.56
C GLY IA 380 58.55 -50.85 27.62
N ALA IA 381 57.32 -50.37 27.52
CA ALA IA 381 57.00 -49.23 26.66
C ALA IA 381 55.98 -48.35 27.37
N ALA IA 382 55.26 -47.54 26.58
CA ALA IA 382 54.25 -46.65 27.13
C ALA IA 382 53.10 -46.57 26.15
N THR IA 383 53.42 -46.75 24.88
CA THR IA 383 52.44 -46.73 23.80
C THR IA 383 52.49 -48.06 23.10
N GLU IA 384 51.42 -48.42 22.41
CA GLU IA 384 51.39 -49.67 21.67
C GLU IA 384 52.36 -49.47 20.52
N THR IA 385 52.55 -48.20 20.17
CA THR IA 385 53.45 -47.81 19.09
C THR IA 385 54.89 -47.92 19.57
N GLU IA 386 55.24 -47.11 20.57
CA GLU IA 386 56.58 -47.13 21.14
C GLU IA 386 57.04 -48.56 21.39
N LEU IA 387 56.09 -49.45 21.68
CA LEU IA 387 56.42 -50.84 21.94
C LEU IA 387 56.84 -51.57 20.69
N LYS IA 388 55.98 -51.57 19.68
CA LYS IA 388 56.29 -52.24 18.43
C LYS IA 388 57.70 -51.85 17.99
N GLU IA 389 58.05 -50.60 18.25
CA GLU IA 389 59.35 -50.11 17.84
C GLU IA 389 60.51 -50.72 18.66
N LYS IA 390 60.45 -50.59 19.97
CA LYS IA 390 61.48 -51.14 20.84
C LYS IA 390 61.53 -52.64 20.60
N LYS IA 391 60.35 -53.23 20.48
CA LYS IA 391 60.22 -54.66 20.23
C LYS IA 391 61.10 -55.07 19.05
N HIS IA 392 60.85 -54.43 17.92
CA HIS IA 392 61.57 -54.69 16.69
C HIS IA 392 63.06 -54.39 16.90
N ARG IA 393 63.34 -53.15 17.30
CA ARG IA 393 64.71 -52.69 17.53
C ARG IA 393 65.53 -53.68 18.37
N PHE IA 394 65.01 -54.00 19.56
CA PHE IA 394 65.68 -54.93 20.46
C PHE IA 394 65.81 -56.31 19.83
N GLU IA 395 64.75 -56.76 19.17
CA GLU IA 395 64.81 -58.09 18.56
C GLU IA 395 65.91 -58.17 17.52
N ASP IA 396 66.02 -57.15 16.68
CA ASP IA 396 67.04 -57.11 15.65
C ASP IA 396 68.41 -57.06 16.32
N ALA IA 397 68.56 -56.12 17.24
CA ALA IA 397 69.80 -55.97 18.00
C ALA IA 397 70.24 -57.36 18.49
N LEU IA 398 69.29 -58.15 18.96
CA LEU IA 398 69.59 -59.47 19.45
C LEU IA 398 70.13 -60.33 18.30
N ASN IA 399 69.32 -60.53 17.27
CA ASN IA 399 69.72 -61.32 16.12
C ASN IA 399 71.07 -60.89 15.58
N ALA IA 400 71.27 -59.57 15.56
CA ALA IA 400 72.52 -58.99 15.07
C ALA IA 400 73.66 -59.56 15.88
N THR IA 401 73.62 -59.26 17.17
CA THR IA 401 74.63 -59.68 18.14
C THR IA 401 74.90 -61.18 18.11
N ARG IA 402 73.84 -61.97 18.04
CA ARG IA 402 74.01 -63.40 18.01
C ARG IA 402 74.81 -63.79 16.77
N ALA IA 403 74.45 -63.22 15.62
CA ALA IA 403 75.15 -63.51 14.38
C ALA IA 403 76.57 -62.96 14.49
N ALA IA 404 76.68 -61.77 15.08
CA ALA IA 404 77.96 -61.11 15.26
C ALA IA 404 78.97 -62.03 15.94
N VAL IA 405 78.49 -62.85 16.88
CA VAL IA 405 79.36 -63.76 17.59
C VAL IA 405 79.82 -64.93 16.73
N GLU IA 406 78.96 -65.37 15.82
CA GLU IA 406 79.27 -66.51 14.95
C GLU IA 406 80.43 -66.28 14.00
N GLU IA 407 80.45 -65.14 13.33
CA GLU IA 407 81.50 -64.85 12.36
C GLU IA 407 82.16 -63.50 12.49
N GLY IA 408 82.01 -62.87 13.65
CA GLY IA 408 82.62 -61.57 13.84
C GLY IA 408 81.91 -60.48 13.08
N ILE IA 409 82.45 -59.27 13.17
CA ILE IA 409 81.88 -58.11 12.51
C ILE IA 409 82.86 -57.43 11.56
N VAL IA 410 82.32 -56.74 10.57
CA VAL IA 410 83.10 -56.01 9.56
C VAL IA 410 82.53 -54.62 9.40
N PRO IA 411 83.30 -53.71 8.80
CA PRO IA 411 82.82 -52.32 8.61
C PRO IA 411 81.53 -52.27 7.78
N GLY IA 412 80.58 -51.47 8.24
CA GLY IA 412 79.32 -51.36 7.54
C GLY IA 412 79.28 -50.35 6.40
N GLY IA 413 78.08 -49.95 6.01
CA GLY IA 413 77.93 -49.00 4.93
C GLY IA 413 78.53 -49.48 3.61
N GLY IA 414 78.51 -50.79 3.38
CA GLY IA 414 79.03 -51.34 2.14
C GLY IA 414 80.55 -51.37 2.05
N VAL IA 415 81.20 -50.59 2.90
CA VAL IA 415 82.66 -50.50 2.89
C VAL IA 415 83.39 -51.83 2.84
N THR IA 416 82.90 -52.84 3.55
CA THR IA 416 83.57 -54.13 3.54
C THR IA 416 83.51 -54.73 2.14
N LEU IA 417 82.37 -54.64 1.48
CA LEU IA 417 82.25 -55.20 0.14
C LEU IA 417 83.22 -54.51 -0.81
N LEU IA 418 83.45 -53.22 -0.58
CA LEU IA 418 84.38 -52.47 -1.40
C LEU IA 418 85.81 -53.03 -1.24
N ARG IA 419 86.24 -53.18 0.01
CA ARG IA 419 87.58 -53.71 0.30
C ARG IA 419 87.77 -55.09 -0.30
N ALA IA 420 86.69 -55.73 -0.71
CA ALA IA 420 86.80 -57.07 -1.27
C ALA IA 420 87.28 -56.97 -2.71
N ILE IA 421 87.03 -55.82 -3.33
CA ILE IA 421 87.43 -55.60 -4.71
C ILE IA 421 88.89 -55.96 -4.97
N SER IA 422 89.78 -55.42 -4.15
CA SER IA 422 91.21 -55.69 -4.27
C SER IA 422 91.46 -57.18 -4.46
N ALA IA 423 90.83 -57.98 -3.61
CA ALA IA 423 90.99 -59.43 -3.66
C ALA IA 423 90.54 -59.95 -5.01
N VAL IA 424 89.45 -59.39 -5.52
CA VAL IA 424 88.92 -59.80 -6.81
C VAL IA 424 89.86 -59.38 -7.92
N GLU IA 425 90.42 -58.18 -7.82
CA GLU IA 425 91.39 -57.68 -8.81
C GLU IA 425 92.54 -58.68 -8.95
N GLU IA 426 93.16 -59.01 -7.82
CA GLU IA 426 94.26 -59.96 -7.79
C GLU IA 426 93.87 -61.24 -8.52
N LEU IA 427 92.64 -61.69 -8.32
CA LEU IA 427 92.17 -62.91 -8.96
C LEU IA 427 92.14 -62.73 -10.48
N ILE IA 428 91.53 -61.64 -10.92
CA ILE IA 428 91.41 -61.34 -12.34
C ILE IA 428 92.75 -61.44 -13.05
N LYS IA 429 93.78 -60.87 -12.46
CA LYS IA 429 95.12 -60.89 -13.05
C LYS IA 429 95.58 -62.31 -13.33
N LYS IA 430 94.96 -63.28 -12.67
CA LYS IA 430 95.33 -64.69 -12.87
C LYS IA 430 94.27 -65.39 -13.73
N LEU IA 431 93.27 -64.64 -14.17
CA LEU IA 431 92.20 -65.20 -14.98
C LEU IA 431 92.22 -64.64 -16.39
N GLU IA 432 91.61 -65.39 -17.30
CA GLU IA 432 91.56 -64.99 -18.70
C GLU IA 432 90.28 -65.50 -19.36
N GLY IA 433 89.91 -64.88 -20.47
CA GLY IA 433 88.73 -65.29 -21.19
C GLY IA 433 87.45 -64.83 -20.53
N ASP IA 434 86.36 -65.51 -20.82
CA ASP IA 434 85.07 -65.16 -20.27
C ASP IA 434 85.09 -65.33 -18.75
N GLU IA 435 85.88 -66.29 -18.28
CA GLU IA 435 85.99 -66.55 -16.85
C GLU IA 435 86.46 -65.27 -16.17
N ALA IA 436 87.44 -64.61 -16.76
CA ALA IA 436 87.95 -63.36 -16.20
C ALA IA 436 86.84 -62.30 -16.22
N THR IA 437 86.01 -62.33 -17.27
CA THR IA 437 84.91 -61.37 -17.39
C THR IA 437 84.00 -61.50 -16.17
N GLY IA 438 83.65 -62.75 -15.85
CA GLY IA 438 82.80 -63.02 -14.71
C GLY IA 438 83.37 -62.37 -13.45
N ALA IA 439 84.65 -62.65 -13.18
CA ALA IA 439 85.32 -62.07 -12.03
C ALA IA 439 85.11 -60.55 -12.08
N LYS IA 440 85.24 -59.99 -13.27
CA LYS IA 440 85.07 -58.56 -13.45
C LYS IA 440 83.64 -58.15 -13.10
N ILE IA 441 82.68 -58.99 -13.43
CA ILE IA 441 81.28 -58.67 -13.13
C ILE IA 441 81.07 -58.50 -11.63
N VAL IA 442 81.59 -59.46 -10.87
CA VAL IA 442 81.46 -59.42 -9.43
C VAL IA 442 82.11 -58.15 -8.90
N ARG IA 443 83.31 -57.84 -9.42
CA ARG IA 443 84.06 -56.66 -9.01
C ARG IA 443 83.23 -55.40 -9.16
N ARG IA 444 82.51 -55.31 -10.27
CA ARG IA 444 81.67 -54.15 -10.52
C ARG IA 444 80.51 -54.14 -9.53
N ALA IA 445 79.86 -55.29 -9.35
CA ALA IA 445 78.73 -55.40 -8.43
C ALA IA 445 79.09 -54.89 -7.04
N LEU IA 446 80.20 -55.38 -6.49
CA LEU IA 446 80.66 -54.99 -5.16
C LEU IA 446 80.54 -53.50 -4.83
N GLU IA 447 80.52 -52.67 -5.87
CA GLU IA 447 80.44 -51.24 -5.67
C GLU IA 447 79.02 -50.75 -5.42
N GLU IA 448 78.05 -51.46 -5.97
CA GLU IA 448 76.65 -51.04 -5.86
C GLU IA 448 76.12 -50.69 -4.47
N PRO IA 449 76.23 -51.61 -3.50
CA PRO IA 449 75.72 -51.32 -2.16
C PRO IA 449 76.18 -49.96 -1.67
N ALA IA 450 77.51 -49.81 -1.53
CA ALA IA 450 78.10 -48.56 -1.06
C ALA IA 450 77.57 -47.37 -1.85
N ARG IA 451 77.68 -47.50 -3.17
CA ARG IA 451 77.24 -46.47 -4.08
C ARG IA 451 75.78 -46.11 -3.85
N GLN IA 452 74.93 -47.14 -3.89
CA GLN IA 452 73.50 -46.98 -3.71
C GLN IA 452 73.14 -46.28 -2.41
N ILE IA 453 73.85 -46.63 -1.33
CA ILE IA 453 73.60 -45.99 -0.03
C ILE IA 453 73.83 -44.48 -0.13
N ALA IA 454 75.04 -44.13 -0.55
CA ALA IA 454 75.42 -42.74 -0.71
C ALA IA 454 74.40 -42.02 -1.59
N GLU IA 455 74.04 -42.67 -2.69
CA GLU IA 455 73.08 -42.12 -3.62
C GLU IA 455 71.77 -41.81 -2.93
N ASN IA 456 71.18 -42.80 -2.26
CA ASN IA 456 69.90 -42.60 -1.57
C ASN IA 456 70.03 -41.46 -0.59
N ALA IA 457 71.22 -41.30 0.00
CA ALA IA 457 71.46 -40.25 0.97
C ALA IA 457 71.58 -38.87 0.31
N GLY IA 458 71.62 -38.86 -1.03
CA GLY IA 458 71.71 -37.62 -1.76
C GLY IA 458 73.14 -37.16 -2.03
N TYR IA 459 73.99 -38.12 -2.38
CA TYR IA 459 75.41 -37.87 -2.66
C TYR IA 459 75.81 -38.56 -3.97
N GLU IA 460 76.95 -38.20 -4.53
CA GLU IA 460 77.41 -38.81 -5.76
C GLU IA 460 78.00 -40.18 -5.45
N GLY IA 461 77.19 -41.21 -5.67
CA GLY IA 461 77.64 -42.56 -5.40
C GLY IA 461 79.06 -42.86 -5.86
N SER IA 462 79.24 -42.93 -7.17
CA SER IA 462 80.53 -43.21 -7.79
C SER IA 462 81.67 -42.40 -7.17
N VAL IA 463 81.39 -41.14 -6.86
CA VAL IA 463 82.39 -40.27 -6.27
C VAL IA 463 82.84 -40.79 -4.90
N ILE IA 464 81.88 -40.95 -4.00
CA ILE IA 464 82.17 -41.44 -2.66
C ILE IA 464 82.87 -42.80 -2.71
N VAL IA 465 82.36 -43.69 -3.56
CA VAL IA 465 82.95 -45.02 -3.69
C VAL IA 465 84.42 -44.91 -4.07
N GLN IA 466 84.76 -43.83 -4.76
CA GLN IA 466 86.13 -43.63 -5.19
C GLN IA 466 86.99 -43.19 -4.02
N GLN IA 467 86.58 -42.10 -3.39
CA GLN IA 467 87.31 -41.56 -2.26
C GLN IA 467 87.54 -42.58 -1.16
N ILE IA 468 86.69 -43.60 -1.11
CA ILE IA 468 86.82 -44.66 -0.12
C ILE IA 468 87.90 -45.62 -0.55
N LEU IA 469 87.83 -46.06 -1.79
CA LEU IA 469 88.82 -46.99 -2.32
C LEU IA 469 90.18 -46.31 -2.43
N ALA IA 470 90.17 -44.98 -2.29
CA ALA IA 470 91.39 -44.17 -2.35
C ALA IA 470 92.26 -44.45 -1.15
N GLU IA 471 91.67 -44.34 0.04
CA GLU IA 471 92.38 -44.61 1.28
C GLU IA 471 92.73 -46.09 1.34
N THR IA 472 94.02 -46.40 1.38
CA THR IA 472 94.48 -47.78 1.44
C THR IA 472 95.03 -48.11 2.84
N LYS IA 473 95.36 -47.07 3.58
CA LYS IA 473 95.90 -47.25 4.93
C LYS IA 473 94.96 -48.07 5.81
N ASN IA 474 93.90 -47.42 6.28
CA ASN IA 474 92.94 -48.09 7.15
C ASN IA 474 91.72 -48.60 6.36
N PRO IA 475 91.61 -49.93 6.17
CA PRO IA 475 90.49 -50.51 5.42
C PRO IA 475 89.13 -50.20 6.04
N ARG IA 476 89.13 -49.80 7.31
CA ARG IA 476 87.89 -49.46 8.00
C ARG IA 476 87.45 -48.04 7.66
N TYR IA 477 88.22 -47.41 6.78
CA TYR IA 477 87.88 -46.06 6.36
C TYR IA 477 86.64 -46.18 5.48
N GLY IA 478 85.66 -45.33 5.72
CA GLY IA 478 84.45 -45.38 4.93
C GLY IA 478 83.63 -44.12 5.01
N PHE IA 479 82.50 -44.12 4.31
CA PHE IA 479 81.61 -42.97 4.29
C PHE IA 479 80.36 -43.24 5.13
N ASN IA 480 80.09 -42.35 6.06
CA ASN IA 480 78.92 -42.47 6.90
C ASN IA 480 77.83 -41.60 6.31
N ALA IA 481 77.05 -42.20 5.41
CA ALA IA 481 75.97 -41.51 4.72
C ALA IA 481 75.05 -40.73 5.67
N ALA IA 482 75.07 -41.09 6.95
CA ALA IA 482 74.24 -40.44 7.94
C ALA IA 482 74.67 -39.01 8.22
N THR IA 483 75.93 -38.85 8.61
CA THR IA 483 76.47 -37.52 8.91
C THR IA 483 77.12 -36.89 7.70
N GLY IA 484 77.31 -37.70 6.65
CA GLY IA 484 77.93 -37.20 5.43
C GLY IA 484 79.40 -36.89 5.62
N GLU IA 485 80.10 -37.79 6.29
CA GLU IA 485 81.53 -37.60 6.54
C GLU IA 485 82.23 -38.93 6.47
N PHE IA 486 83.51 -38.89 6.16
CA PHE IA 486 84.27 -40.13 6.10
C PHE IA 486 84.85 -40.36 7.47
N VAL IA 487 84.83 -41.62 7.92
CA VAL IA 487 85.32 -41.98 9.24
C VAL IA 487 85.73 -43.44 9.29
N ASP IA 488 86.09 -43.90 10.50
CA ASP IA 488 86.46 -45.29 10.69
C ASP IA 488 85.11 -45.96 10.99
N MET IA 489 84.57 -46.64 9.99
CA MET IA 489 83.30 -47.30 10.13
C MET IA 489 83.15 -48.03 11.47
N VAL IA 490 84.22 -48.70 11.89
CA VAL IA 490 84.20 -49.42 13.16
C VAL IA 490 84.04 -48.46 14.32
N GLU IA 491 85.06 -47.65 14.57
CA GLU IA 491 85.01 -46.68 15.66
C GLU IA 491 83.80 -45.76 15.58
N ALA IA 492 83.09 -45.78 14.46
CA ALA IA 492 81.91 -44.94 14.31
C ALA IA 492 80.64 -45.72 14.64
N GLY IA 493 80.80 -47.00 14.98
CA GLY IA 493 79.65 -47.83 15.32
C GLY IA 493 78.78 -48.19 14.14
N ILE IA 494 79.41 -48.36 12.99
CA ILE IA 494 78.69 -48.71 11.77
C ILE IA 494 79.31 -50.01 11.31
N VAL IA 495 78.94 -51.10 11.96
CA VAL IA 495 79.46 -52.41 11.64
C VAL IA 495 78.35 -53.34 11.13
N ASP IA 496 78.74 -54.52 10.64
CA ASP IA 496 77.80 -55.52 10.14
C ASP IA 496 78.27 -56.92 10.45
N PRO IA 497 77.36 -57.82 10.82
CA PRO IA 497 77.80 -59.18 11.12
C PRO IA 497 78.44 -59.74 9.86
N ALA IA 498 79.72 -60.07 9.93
CA ALA IA 498 80.41 -60.60 8.77
C ALA IA 498 79.58 -61.72 8.13
N LYS IA 499 78.81 -62.42 8.96
CA LYS IA 499 78.00 -63.50 8.44
C LYS IA 499 76.98 -62.93 7.45
N VAL IA 500 76.39 -61.79 7.79
CA VAL IA 500 75.39 -61.14 6.94
C VAL IA 500 75.95 -60.85 5.56
N THR IA 501 77.07 -60.15 5.54
CA THR IA 501 77.74 -59.78 4.30
C THR IA 501 78.06 -61.01 3.45
N ARG IA 502 78.85 -61.93 3.99
CA ARG IA 502 79.22 -63.13 3.24
C ARG IA 502 77.99 -63.78 2.62
N SER IA 503 76.88 -63.73 3.34
CA SER IA 503 75.64 -64.33 2.87
C SER IA 503 75.06 -63.56 1.70
N ALA IA 504 74.72 -62.30 1.93
CA ALA IA 504 74.14 -61.46 0.88
C ALA IA 504 74.87 -61.67 -0.46
N LEU IA 505 76.20 -61.63 -0.41
CA LEU IA 505 76.99 -61.82 -1.61
C LEU IA 505 76.74 -63.20 -2.20
N GLN IA 506 77.14 -64.23 -1.48
CA GLN IA 506 76.97 -65.60 -1.95
C GLN IA 506 75.59 -65.87 -2.49
N ASN IA 507 74.58 -65.30 -1.85
CA ASN IA 507 73.20 -65.50 -2.29
C ASN IA 507 72.96 -64.81 -3.61
N ALA IA 508 73.30 -63.53 -3.68
CA ALA IA 508 73.11 -62.76 -4.89
C ALA IA 508 73.78 -63.49 -6.06
N ALA IA 509 75.07 -63.79 -5.88
CA ALA IA 509 75.85 -64.50 -6.89
C ALA IA 509 75.17 -65.82 -7.27
N SER IA 510 74.42 -66.39 -6.34
CA SER IA 510 73.74 -67.64 -6.64
C SER IA 510 72.64 -67.38 -7.64
N ILE IA 511 71.85 -66.34 -7.37
CA ILE IA 511 70.77 -65.99 -8.26
C ILE IA 511 71.32 -65.71 -9.65
N GLY IA 512 72.41 -64.93 -9.69
CA GLY IA 512 73.05 -64.58 -10.95
C GLY IA 512 73.42 -65.81 -11.74
N ALA IA 513 74.26 -66.66 -11.16
CA ALA IA 513 74.67 -67.89 -11.82
C ALA IA 513 73.44 -68.70 -12.28
N LEU IA 514 72.39 -68.71 -11.47
CA LEU IA 514 71.18 -69.45 -11.81
C LEU IA 514 70.62 -68.98 -13.13
N ILE IA 515 70.32 -67.68 -13.21
CA ILE IA 515 69.74 -67.10 -14.42
C ILE IA 515 70.59 -67.30 -15.68
N LEU IA 516 71.90 -67.12 -15.58
CA LEU IA 516 72.78 -67.31 -16.72
C LEU IA 516 72.69 -68.76 -17.21
N THR IA 517 72.52 -69.68 -16.27
CA THR IA 517 72.44 -71.10 -16.58
C THR IA 517 71.03 -71.53 -17.00
N THR IA 518 70.07 -70.61 -16.97
CA THR IA 518 68.70 -70.93 -17.34
C THR IA 518 68.50 -70.97 -18.85
N GLU IA 519 68.02 -72.11 -19.35
CA GLU IA 519 67.78 -72.29 -20.79
C GLU IA 519 66.31 -72.35 -21.18
N ALA IA 520 65.43 -72.40 -20.19
CA ALA IA 520 64.01 -72.48 -20.47
C ALA IA 520 63.19 -72.36 -19.19
N VAL IA 521 61.94 -71.91 -19.35
CA VAL IA 521 61.02 -71.80 -18.22
C VAL IA 521 59.62 -72.20 -18.68
N VAL IA 522 58.97 -73.05 -17.88
CA VAL IA 522 57.63 -73.51 -18.20
C VAL IA 522 56.69 -72.85 -17.21
N ALA IA 523 55.98 -71.83 -17.66
CA ALA IA 523 55.05 -71.12 -16.80
C ALA IA 523 53.60 -71.50 -17.07
N GLU IA 524 52.72 -71.12 -16.15
CA GLU IA 524 51.30 -71.40 -16.30
C GLU IA 524 50.70 -70.27 -17.13
N LYS IA 525 49.83 -70.64 -18.07
CA LYS IA 525 49.19 -69.64 -18.92
C LYS IA 525 48.10 -69.02 -18.08
N PRO IA 526 47.87 -67.71 -18.25
CA PRO IA 526 46.85 -66.96 -17.51
C PRO IA 526 45.42 -67.48 -17.70
N LYS JA 5 105.83 -34.12 -128.44
CA LYS JA 5 105.42 -33.43 -127.17
C LYS JA 5 104.68 -32.12 -127.46
N THR JA 6 104.28 -31.39 -126.41
CA THR JA 6 103.52 -30.15 -126.57
C THR JA 6 104.15 -28.89 -125.99
N VAL JA 7 103.83 -27.75 -126.61
CA VAL JA 7 104.31 -26.44 -126.13
C VAL JA 7 103.11 -25.52 -126.00
N ILE JA 8 103.14 -24.68 -124.98
CA ILE JA 8 102.03 -23.75 -124.70
C ILE JA 8 102.15 -22.41 -125.41
N LYS JA 9 101.04 -21.98 -125.99
CA LYS JA 9 101.01 -20.70 -126.71
C LYS JA 9 99.99 -19.70 -126.18
N PRO JA 10 100.31 -19.05 -125.06
CA PRO JA 10 99.41 -18.05 -124.45
C PRO JA 10 98.96 -17.01 -125.47
N LEU JA 11 97.96 -16.22 -125.10
CA LEU JA 11 97.46 -15.20 -126.02
C LEU JA 11 97.61 -13.80 -125.45
N GLY JA 12 96.72 -12.89 -125.85
CA GLY JA 12 96.75 -11.51 -125.39
C GLY JA 12 97.44 -11.18 -124.08
N ASP JA 13 98.76 -11.10 -124.10
CA ASP JA 13 99.58 -10.80 -122.93
C ASP JA 13 99.54 -11.82 -121.80
N ARG JA 14 98.98 -12.99 -122.09
CA ARG JA 14 98.91 -14.07 -121.11
C ARG JA 14 100.27 -14.77 -121.04
N VAL JA 15 100.82 -14.93 -119.83
CA VAL JA 15 102.09 -15.63 -119.64
C VAL JA 15 101.80 -17.01 -119.04
N VAL JA 16 102.80 -17.86 -118.96
CA VAL JA 16 102.60 -19.19 -118.39
C VAL JA 16 103.65 -19.44 -117.33
N VAL JA 17 103.21 -19.31 -116.07
CA VAL JA 17 104.09 -19.49 -114.93
C VAL JA 17 104.02 -20.89 -114.33
N LYS JA 18 105.08 -21.28 -113.64
CA LYS JA 18 105.16 -22.58 -112.97
C LYS JA 18 105.54 -22.34 -111.51
N ARG JA 19 104.52 -22.26 -110.65
CA ARG JA 19 104.65 -22.02 -109.21
C ARG JA 19 105.94 -22.54 -108.55
N ILE JA 20 106.37 -21.89 -107.47
CA ILE JA 20 107.58 -22.28 -106.75
C ILE JA 20 107.34 -22.59 -105.27
N GLU JA 21 107.78 -23.77 -104.81
CA GLU JA 21 107.65 -24.18 -103.40
C GLU JA 21 108.37 -23.24 -102.50
N GLU JA 22 107.73 -22.80 -101.42
CA GLU JA 22 108.47 -21.99 -100.49
C GLU JA 22 109.22 -23.03 -99.70
N GLU JA 23 110.37 -22.63 -99.20
CA GLU JA 23 111.23 -23.51 -98.43
C GLU JA 23 110.48 -24.25 -97.33
N PRO JA 24 110.97 -25.45 -96.97
CA PRO JA 24 110.35 -26.28 -95.93
C PRO JA 24 110.34 -25.53 -94.61
N LYS JA 25 111.40 -24.76 -94.39
CA LYS JA 25 111.54 -23.95 -93.18
C LYS JA 25 111.34 -22.48 -93.48
N THR JA 26 111.44 -21.66 -92.45
CA THR JA 26 111.27 -20.23 -92.59
C THR JA 26 112.62 -19.57 -92.35
N LYS JA 27 112.64 -18.25 -92.17
CA LYS JA 27 113.89 -17.56 -91.93
C LYS JA 27 114.45 -17.92 -90.56
N GLY JA 28 113.69 -18.68 -89.77
CA GLY JA 28 114.15 -19.07 -88.47
C GLY JA 28 114.30 -20.55 -88.28
N GLY JA 29 114.01 -21.31 -89.33
CA GLY JA 29 114.14 -22.75 -89.27
C GLY JA 29 112.85 -23.47 -88.90
N ILE JA 30 111.78 -22.73 -88.69
CA ILE JA 30 110.50 -23.31 -88.32
C ILE JA 30 109.79 -24.06 -89.45
N VAL JA 31 109.85 -25.39 -89.39
CA VAL JA 31 109.22 -26.23 -90.40
C VAL JA 31 107.70 -26.05 -90.34
N LEU JA 32 107.16 -25.35 -91.33
CA LEU JA 32 105.74 -25.06 -91.37
C LEU JA 32 104.86 -26.21 -91.86
N PRO JA 33 103.66 -26.38 -91.27
CA PRO JA 33 102.77 -27.47 -91.71
C PRO JA 33 102.18 -27.15 -93.08
N ASP JA 34 101.76 -28.20 -93.81
CA ASP JA 34 101.20 -28.03 -95.16
C ASP JA 34 99.91 -27.26 -95.21
N THR JA 35 99.27 -27.05 -94.08
CA THR JA 35 98.00 -26.34 -94.07
C THR JA 35 98.26 -24.87 -93.84
N ALA JA 36 99.32 -24.57 -93.09
CA ALA JA 36 99.70 -23.19 -92.77
C ALA JA 36 100.28 -22.45 -93.97
N LYS JA 37 101.16 -23.12 -94.73
CA LYS JA 37 101.78 -22.52 -95.90
C LYS JA 37 100.82 -22.56 -97.08
N GLU JA 38 100.61 -21.39 -97.68
CA GLU JA 38 99.70 -21.27 -98.81
C GLU JA 38 100.38 -21.42 -100.14
N LYS JA 39 99.58 -21.33 -101.21
CA LYS JA 39 100.09 -21.44 -102.57
C LYS JA 39 101.00 -20.27 -102.89
N PRO JA 40 102.17 -20.57 -103.47
CA PRO JA 40 103.19 -19.58 -103.86
C PRO JA 40 102.65 -18.49 -104.78
N GLN JA 41 103.18 -17.29 -104.62
CA GLN JA 41 102.80 -16.17 -105.45
C GLN JA 41 103.98 -15.98 -106.42
N LYS JA 42 104.82 -17.01 -106.47
CA LYS JA 42 106.01 -17.00 -107.31
C LYS JA 42 106.06 -18.11 -108.36
N GLY JA 43 106.88 -17.90 -109.38
CA GLY JA 43 107.02 -18.88 -110.44
C GLY JA 43 107.78 -18.31 -111.64
N LYS JA 44 108.28 -19.21 -112.49
CA LYS JA 44 109.03 -18.81 -113.69
C LYS JA 44 108.15 -18.87 -114.92
N VAL JA 45 108.31 -17.88 -115.81
CA VAL JA 45 107.53 -17.83 -117.03
C VAL JA 45 108.10 -18.88 -117.96
N ILE JA 46 107.21 -19.65 -118.58
CA ILE JA 46 107.63 -20.71 -119.49
C ILE JA 46 107.09 -20.48 -120.89
N ALA JA 47 106.34 -19.41 -121.07
CA ALA JA 47 105.78 -19.10 -122.38
C ALA JA 47 105.09 -17.75 -122.42
N VAL JA 48 105.78 -16.74 -122.91
CA VAL JA 48 105.19 -15.42 -123.01
C VAL JA 48 104.36 -15.48 -124.27
N GLY JA 49 103.40 -14.58 -124.41
CA GLY JA 49 102.57 -14.59 -125.59
C GLY JA 49 102.55 -13.24 -126.26
N THR JA 50 101.79 -13.15 -127.33
CA THR JA 50 101.61 -11.92 -128.10
C THR JA 50 101.38 -10.79 -127.10
N GLY JA 51 101.74 -9.55 -127.44
CA GLY JA 51 101.49 -8.47 -126.50
C GLY JA 51 99.99 -8.18 -126.51
N ARG JA 52 99.54 -7.31 -125.62
CA ARG JA 52 98.12 -6.95 -125.56
C ARG JA 52 97.81 -5.92 -126.65
N VAL JA 53 96.85 -6.23 -127.50
CA VAL JA 53 96.49 -5.32 -128.58
C VAL JA 53 95.81 -4.05 -128.08
N LEU JA 54 96.55 -2.93 -128.10
CA LEU JA 54 96.03 -1.62 -127.68
C LEU JA 54 94.84 -1.18 -128.54
N GLU JA 55 94.48 0.09 -128.39
CA GLU JA 55 93.39 0.67 -129.15
C GLU JA 55 93.88 1.11 -130.51
N ASN JA 56 95.20 1.23 -130.66
CA ASN JA 56 95.82 1.65 -131.90
C ASN JA 56 96.29 0.43 -132.66
N GLY JA 57 95.87 -0.76 -132.24
CA GLY JA 57 96.31 -1.96 -132.90
C GLY JA 57 97.76 -2.26 -132.58
N GLN JA 58 98.33 -1.50 -131.64
CA GLN JA 58 99.72 -1.68 -131.26
C GLN JA 58 99.85 -2.78 -130.20
N ARG JA 59 100.63 -3.81 -130.51
CA ARG JA 59 100.84 -4.91 -129.56
C ARG JA 59 101.99 -4.68 -128.61
N VAL JA 60 101.65 -4.34 -127.38
CA VAL JA 60 102.64 -4.07 -126.35
C VAL JA 60 103.18 -5.37 -125.76
N PRO JA 61 104.45 -5.68 -126.06
CA PRO JA 61 105.06 -6.90 -125.54
C PRO JA 61 105.13 -6.87 -124.01
N LEU JA 62 105.12 -8.04 -123.40
CA LEU JA 62 105.17 -8.14 -121.96
C LEU JA 62 106.56 -7.76 -121.42
N GLU JA 63 106.60 -7.03 -120.31
CA GLU JA 63 107.86 -6.62 -119.73
C GLU JA 63 108.55 -7.85 -119.14
N VAL JA 64 107.98 -9.02 -119.45
CA VAL JA 64 108.51 -10.29 -118.92
C VAL JA 64 109.15 -11.18 -119.94
N LYS JA 65 110.39 -11.64 -119.69
CA LYS JA 65 111.13 -12.50 -120.56
C LYS JA 65 110.84 -13.96 -120.21
N GLU JA 66 110.80 -14.81 -121.24
CA GLU JA 66 110.57 -16.22 -121.08
C GLU JA 66 111.60 -16.89 -120.14
N GLY JA 67 111.30 -16.91 -118.84
CA GLY JA 67 112.23 -17.52 -117.92
C GLY JA 67 112.51 -16.75 -116.64
N ASP JA 68 111.81 -15.65 -116.42
CA ASP JA 68 112.01 -14.85 -115.23
C ASP JA 68 111.22 -15.37 -114.04
N ILE JA 69 111.56 -14.86 -112.86
CA ILE JA 69 110.88 -15.21 -111.63
C ILE JA 69 109.83 -14.10 -111.41
N VAL JA 70 108.56 -14.47 -111.44
CA VAL JA 70 107.49 -13.48 -111.29
C VAL JA 70 106.74 -13.55 -109.96
N VAL JA 71 106.18 -12.41 -109.58
CA VAL JA 71 105.40 -12.28 -108.36
C VAL JA 71 104.01 -11.83 -108.77
N PHE JA 72 103.02 -12.65 -108.45
CA PHE JA 72 101.63 -12.35 -108.81
C PHE JA 72 100.65 -12.57 -107.66
N ALA JA 73 99.47 -11.97 -107.76
CA ALA JA 73 98.45 -12.13 -106.74
C ALA JA 73 97.88 -13.54 -106.88
N LYS JA 74 98.57 -14.49 -106.23
CA LYS JA 74 98.25 -15.92 -106.24
C LYS JA 74 96.79 -16.33 -106.45
N TYR JA 75 95.87 -15.47 -106.02
CA TYR JA 75 94.45 -15.78 -106.14
C TYR JA 75 93.89 -15.84 -107.57
N GLY JA 76 94.39 -14.97 -108.45
CA GLY JA 76 93.87 -14.94 -109.80
C GLY JA 76 94.61 -15.79 -110.83
N GLY JA 77 94.06 -15.81 -112.04
CA GLY JA 77 94.66 -16.56 -113.12
C GLY JA 77 94.36 -18.05 -113.13
N THR JA 78 93.78 -18.52 -114.23
CA THR JA 78 93.43 -19.92 -114.45
C THR JA 78 94.65 -20.83 -114.34
N GLU JA 79 94.44 -22.07 -113.94
CA GLU JA 79 95.52 -23.03 -113.80
C GLU JA 79 95.19 -24.26 -114.62
N ILE JA 80 96.21 -24.93 -115.16
CA ILE JA 80 96.00 -26.14 -115.95
C ILE JA 80 97.23 -27.03 -115.89
N GLU JA 81 97.03 -28.31 -116.23
CA GLU JA 81 98.12 -29.28 -116.24
C GLU JA 81 98.28 -29.80 -117.66
N ILE JA 82 99.50 -30.19 -118.01
CA ILE JA 82 99.79 -30.72 -119.33
C ILE JA 82 100.92 -31.73 -119.25
N ASP JA 83 100.68 -32.91 -119.83
CA ASP JA 83 101.66 -33.98 -119.84
C ASP JA 83 102.30 -34.20 -118.47
N GLY JA 84 101.44 -34.25 -117.45
CA GLY JA 84 101.91 -34.45 -116.10
C GLY JA 84 102.69 -33.26 -115.56
N GLU JA 85 101.99 -32.13 -115.43
CA GLU JA 85 102.58 -30.90 -114.91
C GLU JA 85 101.58 -29.74 -114.99
N GLU JA 86 101.36 -29.07 -113.87
CA GLU JA 86 100.40 -27.96 -113.82
C GLU JA 86 101.06 -26.57 -113.79
N TYR JA 87 100.45 -25.63 -114.51
CA TYR JA 87 100.94 -24.26 -114.57
C TYR JA 87 99.77 -23.30 -114.43
N VAL JA 88 100.06 -22.01 -114.45
CA VAL JA 88 99.03 -20.98 -114.31
C VAL JA 88 99.10 -19.92 -115.41
N ILE JA 89 97.98 -19.76 -116.12
CA ILE JA 89 97.86 -18.79 -117.20
C ILE JA 89 97.38 -17.44 -116.65
N LEU JA 90 98.33 -16.60 -116.28
CA LEU JA 90 98.02 -15.29 -115.72
C LEU JA 90 98.04 -14.20 -116.79
N SER JA 91 97.39 -13.09 -116.51
CA SER JA 91 97.39 -11.96 -117.42
C SER JA 91 98.52 -11.06 -116.96
N GLU JA 92 98.71 -9.92 -117.60
CA GLU JA 92 99.80 -9.06 -117.17
C GLU JA 92 99.34 -8.28 -115.94
N ARG JA 93 98.03 -8.06 -115.84
CA ARG JA 93 97.50 -7.37 -114.67
C ARG JA 93 97.97 -8.15 -113.44
N ASP JA 94 97.76 -9.47 -113.46
CA ASP JA 94 98.12 -10.34 -112.35
C ASP JA 94 99.60 -10.35 -112.02
N LEU JA 95 100.44 -10.09 -113.02
CA LEU JA 95 101.88 -10.05 -112.78
C LEU JA 95 102.19 -8.76 -112.02
N LEU JA 96 102.74 -8.90 -110.82
CA LEU JA 96 103.05 -7.75 -109.98
C LEU JA 96 104.49 -7.27 -110.06
N ALA JA 97 105.44 -8.19 -110.23
CA ALA JA 97 106.84 -7.79 -110.34
C ALA JA 97 107.71 -8.98 -110.74
N VAL JA 98 109.01 -8.73 -110.79
CA VAL JA 98 109.97 -9.78 -111.15
C VAL JA 98 111.14 -9.77 -110.18
N LEU JA 99 111.58 -10.96 -109.80
CA LEU JA 99 112.70 -11.09 -108.86
C LEU JA 99 114.03 -11.27 -109.57
N GLN JA 100 114.91 -10.30 -109.33
CA GLN JA 100 116.24 -10.29 -109.93
C GLN JA 100 117.23 -10.80 -108.88
N LYS KA 5 120.93 -11.05 -101.38
CA LYS KA 5 121.29 -11.38 -102.79
C LYS KA 5 120.09 -11.15 -103.72
N THR KA 6 119.10 -10.41 -103.24
CA THR KA 6 117.90 -10.15 -104.03
C THR KA 6 117.57 -8.68 -104.30
N VAL KA 7 116.97 -8.45 -105.47
CA VAL KA 7 116.53 -7.14 -105.92
C VAL KA 7 115.09 -7.32 -106.36
N ILE KA 8 114.30 -6.26 -106.29
CA ILE KA 8 112.90 -6.35 -106.67
C ILE KA 8 112.62 -5.52 -107.91
N LYS KA 9 111.93 -6.13 -108.88
CA LYS KA 9 111.62 -5.42 -110.11
C LYS KA 9 110.11 -5.28 -110.37
N PRO KA 10 109.50 -4.25 -109.79
CA PRO KA 10 108.05 -4.03 -109.98
C PRO KA 10 107.74 -3.88 -111.45
N LEU KA 11 106.48 -3.98 -111.81
CA LEU KA 11 106.10 -3.84 -113.19
C LEU KA 11 105.16 -2.68 -113.39
N GLY KA 12 104.39 -2.75 -114.48
CA GLY KA 12 103.47 -1.70 -114.83
C GLY KA 12 103.02 -0.69 -113.80
N ASP KA 13 103.88 0.24 -113.38
CA ASP KA 13 103.44 1.27 -112.45
C ASP KA 13 103.59 0.91 -110.96
N ARG KA 14 103.92 -0.34 -110.68
CA ARG KA 14 104.07 -0.79 -109.31
C ARG KA 14 105.34 -0.36 -108.59
N VAL KA 15 105.17 0.16 -107.38
CA VAL KA 15 106.28 0.59 -106.54
C VAL KA 15 106.48 -0.45 -105.43
N VAL KA 16 107.56 -0.31 -104.67
CA VAL KA 16 107.82 -1.25 -103.58
C VAL KA 16 108.17 -0.44 -102.32
N VAL KA 17 107.17 -0.31 -101.46
CA VAL KA 17 107.29 0.45 -100.21
C VAL KA 17 107.64 -0.42 -99.02
N LYS KA 18 108.25 0.20 -98.01
CA LYS KA 18 108.63 -0.49 -96.80
C LYS KA 18 108.00 0.31 -95.66
N ARG KA 19 106.88 -0.20 -95.14
CA ARG KA 19 106.15 0.45 -94.06
C ARG KA 19 107.04 1.09 -92.98
N ILE KA 20 106.50 2.10 -92.31
CA ILE KA 20 107.20 2.82 -91.23
C ILE KA 20 106.30 2.76 -89.98
N GLU KA 21 106.77 2.12 -88.91
CA GLU KA 21 105.95 2.02 -87.69
C GLU KA 21 105.80 3.38 -87.02
N GLU KA 22 104.61 3.68 -86.53
CA GLU KA 22 104.37 4.95 -85.87
C GLU KA 22 105.12 5.01 -84.57
N GLU KA 23 105.41 6.23 -84.16
CA GLU KA 23 106.14 6.46 -82.94
C GLU KA 23 105.46 5.73 -81.78
N PRO KA 24 106.24 5.37 -80.76
CA PRO KA 24 105.70 4.66 -79.60
C PRO KA 24 104.64 5.52 -78.90
N LYS KA 25 104.91 6.82 -78.85
CA LYS KA 25 103.99 7.76 -78.22
C LYS KA 25 103.27 8.58 -79.26
N THR KA 26 102.30 9.39 -78.84
CA THR KA 26 101.56 10.23 -79.75
C THR KA 26 102.01 11.66 -79.52
N LYS KA 27 101.25 12.62 -80.02
CA LYS KA 27 101.59 14.03 -79.85
C LYS KA 27 101.41 14.49 -78.41
N GLY KA 28 100.70 13.67 -77.62
CA GLY KA 28 100.47 14.00 -76.23
C GLY KA 28 101.40 13.25 -75.30
N GLY KA 29 102.07 12.24 -75.84
CA GLY KA 29 103.00 11.43 -75.07
C GLY KA 29 102.41 10.09 -74.69
N ILE KA 30 101.09 9.98 -74.88
CA ILE KA 30 100.40 8.75 -74.55
C ILE KA 30 100.97 7.55 -75.29
N VAL KA 31 101.75 6.74 -74.59
CA VAL KA 31 102.33 5.55 -75.20
C VAL KA 31 101.19 4.58 -75.52
N LEU KA 32 100.96 4.35 -76.80
CA LEU KA 32 99.89 3.47 -77.25
C LEU KA 32 100.21 1.98 -77.17
N PRO KA 33 99.17 1.16 -76.94
CA PRO KA 33 99.33 -0.29 -76.85
C PRO KA 33 99.43 -0.88 -78.28
N ASP KA 34 100.18 -1.97 -78.42
CA ASP KA 34 100.35 -2.61 -79.71
C ASP KA 34 99.05 -3.17 -80.28
N THR KA 35 97.92 -2.81 -79.68
CA THR KA 35 96.64 -3.31 -80.14
C THR KA 35 95.77 -2.18 -80.70
N ALA KA 36 96.07 -0.97 -80.25
CA ALA KA 36 95.34 0.22 -80.68
C ALA KA 36 95.91 0.78 -81.99
N LYS KA 37 97.23 0.73 -82.13
CA LYS KA 37 97.89 1.23 -83.34
C LYS KA 37 97.88 0.22 -84.47
N GLU KA 38 97.32 0.65 -85.59
CA GLU KA 38 97.20 -0.19 -86.77
C GLU KA 38 98.38 -0.04 -87.73
N LYS KA 39 98.32 -0.78 -88.83
CA LYS KA 39 99.37 -0.76 -89.84
C LYS KA 39 99.55 0.61 -90.43
N PRO KA 40 100.81 1.05 -90.54
CA PRO KA 40 101.15 2.36 -91.09
C PRO KA 40 100.69 2.54 -92.54
N GLN KA 41 100.35 3.77 -92.88
CA GLN KA 41 99.91 4.09 -94.23
C GLN KA 41 101.10 4.76 -94.90
N LYS KA 42 102.28 4.60 -94.29
CA LYS KA 42 103.50 5.21 -94.81
C LYS KA 42 104.59 4.19 -95.14
N GLY KA 43 105.63 4.69 -95.81
CA GLY KA 43 106.75 3.85 -96.18
C GLY KA 43 107.58 4.49 -97.27
N LYS KA 44 108.81 4.01 -97.43
CA LYS KA 44 109.70 4.54 -98.47
C LYS KA 44 109.74 3.62 -99.67
N VAL KA 45 109.77 4.21 -100.86
CA VAL KA 45 109.83 3.43 -102.08
C VAL KA 45 111.23 2.86 -102.18
N ILE KA 46 111.32 1.58 -102.51
CA ILE KA 46 112.60 0.93 -102.63
C ILE KA 46 112.80 0.42 -104.04
N ALA KA 47 111.77 0.55 -104.86
CA ALA KA 47 111.85 0.10 -106.24
C ALA KA 47 110.65 0.48 -107.09
N VAL KA 48 110.81 1.54 -107.89
CA VAL KA 48 109.75 1.97 -108.79
C VAL KA 48 109.87 1.05 -110.01
N GLY KA 49 108.79 0.95 -110.78
CA GLY KA 49 108.83 0.10 -111.94
C GLY KA 49 108.52 0.87 -113.20
N THR KA 50 108.51 0.16 -114.32
CA THR KA 50 108.21 0.77 -115.61
C THR KA 50 106.93 1.58 -115.40
N GLY KA 51 106.74 2.67 -116.12
CA GLY KA 51 105.50 3.41 -115.92
C GLY KA 51 104.31 2.59 -116.44
N ARG KA 52 103.12 3.17 -116.37
CA ARG KA 52 101.92 2.49 -116.84
C ARG KA 52 101.73 2.70 -118.35
N VAL KA 53 101.69 1.61 -119.11
CA VAL KA 53 101.52 1.69 -120.56
C VAL KA 53 100.14 2.24 -120.94
N LEU KA 54 100.08 3.53 -121.26
CA LEU KA 54 98.84 4.21 -121.63
C LEU KA 54 98.17 3.60 -122.88
N GLU KA 55 97.09 4.23 -123.33
CA GLU KA 55 96.32 3.75 -124.50
C GLU KA 55 97.06 3.81 -125.82
N ASN KA 56 98.01 4.73 -125.92
CA ASN KA 56 98.81 4.92 -127.12
C ASN KA 56 100.26 4.59 -126.86
N GLY KA 57 100.51 3.38 -126.36
CA GLY KA 57 101.85 2.91 -126.05
C GLY KA 57 102.76 3.78 -125.18
N GLN KA 58 102.25 4.91 -124.69
CA GLN KA 58 103.04 5.81 -123.87
C GLN KA 58 103.17 5.37 -122.39
N ARG KA 59 104.40 5.07 -121.98
CA ARG KA 59 104.65 4.65 -120.60
C ARG KA 59 104.83 5.84 -119.64
N VAL KA 60 103.71 6.28 -119.06
CA VAL KA 60 103.73 7.40 -118.13
C VAL KA 60 104.56 7.05 -116.93
N PRO KA 61 105.66 7.80 -116.72
CA PRO KA 61 106.55 7.56 -115.57
C PRO KA 61 105.87 7.80 -114.23
N LEU KA 62 106.31 7.08 -113.22
CA LEU KA 62 105.79 7.16 -111.86
C LEU KA 62 106.14 8.49 -111.20
N GLU KA 63 105.11 9.22 -110.73
CA GLU KA 63 105.35 10.51 -110.07
C GLU KA 63 106.13 10.34 -108.77
N VAL KA 64 106.64 9.14 -108.53
CA VAL KA 64 107.40 8.87 -107.30
C VAL KA 64 108.83 8.39 -107.53
N LYS KA 65 109.76 9.04 -106.84
CA LYS KA 65 111.19 8.73 -106.92
C LYS KA 65 111.57 7.54 -106.06
N GLU KA 66 112.58 6.82 -106.50
CA GLU KA 66 113.06 5.65 -105.79
C GLU KA 66 113.67 6.00 -104.42
N GLY KA 67 112.82 6.29 -103.45
CA GLY KA 67 113.31 6.62 -102.13
C GLY KA 67 112.48 7.63 -101.34
N ASP KA 68 111.29 7.97 -101.83
CA ASP KA 68 110.46 8.95 -101.15
C ASP KA 68 109.57 8.35 -100.06
N ILE KA 69 109.00 9.21 -99.23
CA ILE KA 69 108.09 8.81 -98.16
C ILE KA 69 106.69 8.92 -98.75
N VAL KA 70 106.03 7.77 -98.93
CA VAL KA 70 104.69 7.72 -99.53
C VAL KA 70 103.54 7.44 -98.56
N VAL KA 71 102.37 7.99 -98.89
CA VAL KA 71 101.14 7.81 -98.11
C VAL KA 71 100.13 7.08 -98.98
N PHE KA 72 99.73 5.88 -98.55
CA PHE KA 72 98.80 5.07 -99.31
C PHE KA 72 97.69 4.48 -98.46
N ALA KA 73 96.58 4.11 -99.09
CA ALA KA 73 95.47 3.53 -98.37
C ALA KA 73 95.91 2.14 -97.89
N LYS KA 74 96.51 2.13 -96.71
CA LYS KA 74 97.06 0.94 -96.04
C LYS KA 74 96.40 -0.38 -96.32
N TYR KA 75 95.09 -0.35 -96.60
CA TYR KA 75 94.35 -1.56 -96.87
C TYR KA 75 94.68 -2.32 -98.16
N GLY KA 76 94.90 -1.61 -99.26
CA GLY KA 76 95.20 -2.27 -100.51
C GLY KA 76 96.66 -2.61 -100.76
N GLY KA 77 96.88 -3.37 -101.83
CA GLY KA 77 98.23 -3.76 -102.21
C GLY KA 77 98.79 -5.00 -101.55
N THR KA 78 99.22 -5.95 -102.36
CA THR KA 78 99.82 -7.20 -101.88
C THR KA 78 101.06 -6.91 -101.03
N GLU KA 79 101.40 -7.84 -100.15
CA GLU KA 79 102.57 -7.67 -99.29
C GLU KA 79 103.40 -8.93 -99.44
N ILE KA 80 104.71 -8.81 -99.27
CA ILE KA 80 105.62 -9.96 -99.38
C ILE KA 80 106.94 -9.72 -98.66
N GLU KA 81 107.63 -10.81 -98.36
CA GLU KA 81 108.92 -10.77 -97.68
C GLU KA 81 109.99 -11.36 -98.58
N ILE KA 82 111.22 -10.90 -98.42
CA ILE KA 82 112.36 -11.38 -99.20
C ILE KA 82 113.63 -11.29 -98.37
N ASP KA 83 114.33 -12.42 -98.26
CA ASP KA 83 115.57 -12.50 -97.50
C ASP KA 83 115.43 -11.86 -96.11
N GLY KA 84 114.35 -12.19 -95.41
CA GLY KA 84 114.11 -11.66 -94.08
C GLY KA 84 113.75 -10.19 -94.04
N GLU KA 85 112.65 -9.83 -94.70
CA GLU KA 85 112.20 -8.45 -94.74
C GLU KA 85 110.93 -8.36 -95.57
N GLU KA 86 109.90 -7.69 -95.05
CA GLU KA 86 108.64 -7.58 -95.77
C GLU KA 86 108.34 -6.18 -96.31
N TYR KA 87 107.79 -6.14 -97.52
CA TYR KA 87 107.43 -4.89 -98.19
C TYR KA 87 106.03 -4.99 -98.80
N VAL KA 88 105.54 -3.90 -99.39
CA VAL KA 88 104.21 -3.89 -99.99
C VAL KA 88 104.22 -3.42 -101.44
N ILE KA 89 103.73 -4.27 -102.34
CA ILE KA 89 103.67 -3.96 -103.77
C ILE KA 89 102.38 -3.21 -104.10
N LEU KA 90 102.45 -1.88 -104.08
CA LEU KA 90 101.30 -1.05 -104.37
C LEU KA 90 101.30 -0.51 -105.80
N SER KA 91 100.14 -0.11 -106.28
CA SER KA 91 100.02 0.46 -107.62
C SER KA 91 100.10 1.96 -107.42
N GLU KA 92 99.91 2.74 -108.49
CA GLU KA 92 99.98 4.18 -108.35
C GLU KA 92 98.65 4.71 -107.86
N ARG KA 93 97.59 3.94 -108.06
CA ARG KA 93 96.27 4.32 -107.61
C ARG KA 93 96.35 4.41 -106.08
N ASP KA 94 96.88 3.35 -105.48
CA ASP KA 94 97.02 3.25 -104.03
C ASP KA 94 97.86 4.38 -103.44
N LEU KA 95 98.78 4.90 -104.25
CA LEU KA 95 99.64 5.99 -103.80
C LEU KA 95 98.80 7.26 -103.77
N LEU KA 96 98.68 7.85 -102.58
CA LEU KA 96 97.89 9.06 -102.39
C LEU KA 96 98.71 10.34 -102.40
N ALA KA 97 99.91 10.29 -101.84
CA ALA KA 97 100.75 11.48 -101.78
C ALA KA 97 102.15 11.15 -101.33
N VAL KA 98 102.95 12.21 -101.13
CA VAL KA 98 104.32 12.05 -100.68
C VAL KA 98 104.63 13.11 -99.63
N LEU KA 99 105.43 12.71 -98.65
CA LEU KA 99 105.81 13.62 -97.58
C LEU KA 99 107.16 14.25 -97.85
N GLN KA 100 107.20 15.57 -97.79
CA GLN KA 100 108.43 16.31 -98.02
C GLN KA 100 108.86 16.96 -96.70
N LYS LA 5 107.90 22.12 -91.27
CA LYS LA 5 108.95 21.06 -91.21
C LYS LA 5 108.44 19.74 -91.79
N THR LA 6 107.46 19.83 -92.68
CA THR LA 6 106.85 18.68 -93.36
C THR LA 6 106.12 19.22 -94.59
N VAL LA 7 105.85 18.36 -95.56
CA VAL LA 7 105.15 18.78 -96.77
C VAL LA 7 104.19 17.68 -97.26
N ILE LA 8 102.97 18.10 -97.56
CA ILE LA 8 101.91 17.19 -98.02
C ILE LA 8 101.79 17.25 -99.56
N LYS LA 9 102.19 16.18 -100.25
CA LYS LA 9 102.11 16.18 -101.71
C LYS LA 9 101.11 15.23 -102.39
N PRO LA 10 99.85 15.66 -102.53
CA PRO LA 10 98.81 14.84 -103.17
C PRO LA 10 99.07 14.46 -104.63
N LEU LA 11 98.60 13.29 -105.04
CA LEU LA 11 98.80 12.81 -106.41
C LEU LA 11 97.61 12.87 -107.38
N GLY LA 12 97.53 11.87 -108.25
CA GLY LA 12 96.49 11.78 -109.26
C GLY LA 12 95.06 12.21 -108.97
N ASP LA 13 94.76 13.48 -109.24
CA ASP LA 13 93.41 14.02 -109.04
C ASP LA 13 93.10 14.34 -107.57
N ARG LA 14 94.04 14.04 -106.68
CA ARG LA 14 93.85 14.25 -105.24
C ARG LA 14 94.20 15.63 -104.65
N VAL LA 15 93.43 16.04 -103.65
CA VAL LA 15 93.62 17.32 -102.99
C VAL LA 15 93.77 17.08 -101.48
N VAL LA 16 94.02 18.14 -100.71
CA VAL LA 16 94.16 18.04 -99.25
C VAL LA 16 93.46 19.18 -98.54
N VAL LA 17 92.73 18.84 -97.46
CA VAL LA 17 92.00 19.81 -96.67
C VAL LA 17 92.00 19.58 -95.16
N LYS LA 18 91.48 20.59 -94.48
CA LYS LA 18 91.35 20.62 -93.03
C LYS LA 18 89.92 21.14 -92.85
N ARG LA 19 88.98 20.22 -92.70
CA ARG LA 19 87.57 20.53 -92.55
C ARG LA 19 87.34 21.81 -91.74
N ILE LA 20 86.28 22.55 -92.09
CA ILE LA 20 85.95 23.78 -91.39
C ILE LA 20 85.01 23.45 -90.23
N GLU LA 21 85.43 23.80 -89.01
CA GLU LA 21 84.64 23.52 -87.82
C GLU LA 21 83.28 24.20 -87.91
N GLU LA 22 82.23 23.42 -87.63
CA GLU LA 22 80.83 23.85 -87.68
C GLU LA 22 80.47 25.23 -87.14
N GLU LA 23 79.18 25.53 -87.25
CA GLU LA 23 78.61 26.78 -86.79
C GLU LA 23 77.94 26.58 -85.43
N PRO LA 24 77.80 27.65 -84.64
CA PRO LA 24 77.17 27.51 -83.32
C PRO LA 24 75.65 27.58 -83.43
N LYS LA 25 75.15 28.54 -84.19
CA LYS LA 25 73.72 28.78 -84.38
C LYS LA 25 73.05 27.81 -85.37
N THR LA 26 71.78 28.10 -85.68
CA THR LA 26 71.00 27.25 -86.59
C THR LA 26 70.32 28.01 -87.73
N LYS LA 27 70.38 29.34 -87.68
CA LYS LA 27 69.74 30.18 -88.71
C LYS LA 27 68.24 30.22 -88.46
N GLY LA 28 67.89 30.46 -87.20
CA GLY LA 28 66.49 30.51 -86.81
C GLY LA 28 66.41 30.77 -85.33
N GLY LA 29 67.51 30.50 -84.63
CA GLY LA 29 67.55 30.74 -83.18
C GLY LA 29 68.21 29.63 -82.38
N ILE LA 30 67.78 28.40 -82.61
CA ILE LA 30 68.30 27.23 -81.90
C ILE LA 30 69.82 27.22 -81.72
N VAL LA 31 70.27 26.59 -80.64
CA VAL LA 31 71.68 26.48 -80.32
C VAL LA 31 72.05 24.98 -80.27
N LEU LA 32 72.39 24.44 -81.43
CA LEU LA 32 72.77 23.04 -81.59
C LEU LA 32 73.51 22.41 -80.40
N PRO LA 33 73.61 21.07 -80.38
CA PRO LA 33 74.28 20.30 -79.34
C PRO LA 33 75.55 19.65 -79.89
N ASP LA 34 76.71 20.03 -79.35
CA ASP LA 34 77.97 19.46 -79.83
C ASP LA 34 77.93 17.94 -79.75
N THR LA 35 76.77 17.40 -79.35
CA THR LA 35 76.59 15.97 -79.23
C THR LA 35 75.98 15.42 -80.52
N ALA LA 36 76.56 14.33 -81.02
CA ALA LA 36 76.12 13.69 -82.25
C ALA LA 36 75.61 14.68 -83.29
N LYS LA 37 76.35 15.77 -83.49
CA LYS LA 37 75.99 16.79 -84.47
C LYS LA 37 76.70 16.57 -85.79
N GLU LA 38 75.98 16.81 -86.87
CA GLU LA 38 76.49 16.66 -88.22
C GLU LA 38 77.95 17.09 -88.33
N LYS LA 39 78.80 16.15 -88.73
CA LYS LA 39 80.23 16.38 -88.88
C LYS LA 39 80.58 17.38 -89.98
N PRO LA 40 81.84 17.89 -89.96
CA PRO LA 40 82.28 18.85 -90.97
C PRO LA 40 82.30 18.29 -92.40
N GLN LA 41 81.38 18.79 -93.21
CA GLN LA 41 81.23 18.37 -94.60
C GLN LA 41 82.19 19.15 -95.51
N LYS LA 42 82.25 20.46 -95.33
CA LYS LA 42 83.12 21.31 -96.13
C LYS LA 42 84.52 21.49 -95.50
N GLY LA 43 85.28 22.46 -96.02
CA GLY LA 43 86.61 22.71 -95.51
C GLY LA 43 87.42 23.72 -96.32
N LYS LA 44 88.74 23.56 -96.25
CA LYS LA 44 89.64 24.46 -96.96
C LYS LA 44 90.74 23.60 -97.57
N VAL LA 45 91.28 24.01 -98.71
CA VAL LA 45 92.32 23.24 -99.36
C VAL LA 45 93.71 23.52 -98.83
N ILE LA 46 94.61 22.59 -99.07
CA ILE LA 46 95.99 22.71 -98.61
C ILE LA 46 96.97 22.51 -99.75
N ALA LA 47 97.05 21.28 -100.24
CA ALA LA 47 97.95 20.96 -101.33
C ALA LA 47 97.19 20.29 -102.49
N VAL LA 48 97.30 20.85 -103.69
CA VAL LA 48 96.63 20.29 -104.85
C VAL LA 48 97.65 19.43 -105.59
N GLY LA 49 97.18 18.47 -106.38
CA GLY LA 49 98.09 17.61 -107.10
C GLY LA 49 98.01 17.69 -108.61
N THR LA 50 98.91 16.97 -109.27
CA THR LA 50 98.95 16.95 -110.72
C THR LA 50 97.76 16.14 -111.22
N GLY LA 51 96.75 16.83 -111.75
CA GLY LA 51 95.54 16.18 -112.26
C GLY LA 51 95.62 14.76 -112.83
N ARG LA 52 94.50 14.24 -113.32
CA ARG LA 52 94.51 12.87 -113.85
C ARG LA 52 95.03 12.74 -115.28
N VAL LA 53 96.07 11.93 -115.42
CA VAL LA 53 96.70 11.67 -116.71
C VAL LA 53 95.72 10.90 -117.58
N LEU LA 54 94.90 11.64 -118.32
CA LEU LA 54 93.89 11.07 -119.20
C LEU LA 54 94.38 9.97 -120.14
N GLU LA 55 93.46 9.44 -120.93
CA GLU LA 55 93.77 8.35 -121.86
C GLU LA 55 94.61 8.79 -123.06
N ASN LA 56 94.19 9.88 -123.68
CA ASN LA 56 94.87 10.47 -124.82
C ASN LA 56 96.32 10.66 -124.40
N GLY LA 57 96.51 11.42 -123.31
CA GLY LA 57 97.83 11.67 -122.77
C GLY LA 57 97.72 12.92 -121.92
N GLN LA 58 96.58 13.61 -122.05
CA GLN LA 58 96.30 14.88 -121.34
C GLN LA 58 96.40 14.85 -119.82
N ARG LA 59 96.19 16.01 -119.20
CA ARG LA 59 96.24 16.14 -117.76
C ARG LA 59 95.40 17.34 -117.35
N VAL LA 60 94.38 17.10 -116.54
CA VAL LA 60 93.53 18.21 -116.12
C VAL LA 60 93.87 18.56 -114.68
N PRO LA 61 94.25 19.83 -114.44
CA PRO LA 61 94.57 20.23 -113.08
C PRO LA 61 93.28 20.26 -112.27
N LEU LA 62 93.39 19.97 -110.98
CA LEU LA 62 92.22 19.95 -110.13
C LEU LA 62 91.54 21.32 -110.14
N GLU LA 63 90.37 21.39 -110.74
CA GLU LA 63 89.56 22.60 -110.86
C GLU LA 63 89.55 23.59 -109.69
N VAL LA 64 90.22 23.26 -108.59
CA VAL LA 64 90.25 24.14 -107.43
C VAL LA 64 91.68 24.51 -107.02
N LYS LA 65 91.86 25.78 -106.66
CA LYS LA 65 93.17 26.29 -106.25
C LYS LA 65 93.46 26.02 -104.79
N GLU LA 66 94.73 26.14 -104.41
CA GLU LA 66 95.17 25.93 -103.04
C GLU LA 66 94.55 26.97 -102.10
N GLY LA 67 94.07 26.52 -100.95
CA GLY LA 67 93.47 27.42 -99.99
C GLY LA 67 92.11 27.94 -100.39
N ASP LA 68 91.16 27.01 -100.60
CA ASP LA 68 89.80 27.35 -101.00
C ASP LA 68 88.80 26.70 -100.04
N ILE LA 69 87.53 27.08 -100.14
CA ILE LA 69 86.49 26.49 -99.30
C ILE LA 69 85.70 25.52 -100.19
N VAL LA 70 85.98 24.24 -100.04
CA VAL LA 70 85.36 23.19 -100.84
C VAL LA 70 84.03 22.63 -100.27
N VAL LA 71 83.61 21.47 -100.78
CA VAL LA 71 82.38 20.79 -100.38
C VAL LA 71 82.48 19.31 -100.75
N PHE LA 72 82.08 18.45 -99.83
CA PHE LA 72 82.14 17.00 -100.05
C PHE LA 72 81.25 16.30 -99.02
N ALA LA 73 80.49 15.29 -99.44
CA ALA LA 73 79.58 14.55 -98.55
C ALA LA 73 80.20 14.17 -97.21
N LYS LA 74 81.53 14.22 -97.13
CA LYS LA 74 82.32 13.89 -95.93
C LYS LA 74 82.36 12.40 -95.65
N TYR LA 75 81.96 11.59 -96.63
CA TYR LA 75 81.96 10.14 -96.45
C TYR LA 75 82.99 9.36 -97.25
N GLY LA 76 84.06 10.00 -97.72
CA GLY LA 76 85.01 9.22 -98.50
C GLY LA 76 86.47 9.59 -98.56
N GLY LA 77 86.79 10.87 -98.38
CA GLY LA 77 88.18 11.25 -98.46
C GLY LA 77 89.06 10.70 -97.35
N THR LA 78 89.92 9.73 -97.66
CA THR LA 78 90.83 9.16 -96.65
C THR LA 78 91.37 10.30 -95.81
N GLU LA 79 91.96 10.01 -94.66
CA GLU LA 79 92.52 11.08 -93.86
C GLU LA 79 93.58 10.58 -92.92
N ILE LA 80 94.44 11.49 -92.52
CA ILE LA 80 95.51 11.19 -91.59
C ILE LA 80 96.05 12.51 -91.05
N GLU LA 81 96.99 12.41 -90.12
CA GLU LA 81 97.57 13.58 -89.50
C GLU LA 81 99.09 13.51 -89.48
N ILE LA 82 99.71 14.68 -89.44
CA ILE LA 82 101.16 14.81 -89.39
C ILE LA 82 101.39 16.14 -88.69
N ASP LA 83 102.21 16.12 -87.64
CA ASP LA 83 102.51 17.30 -86.85
C ASP LA 83 101.25 17.71 -86.08
N GLY LA 84 100.43 16.72 -85.75
CA GLY LA 84 99.22 16.97 -85.01
C GLY LA 84 98.17 17.79 -85.73
N GLU LA 85 97.59 17.23 -86.79
CA GLU LA 85 96.55 17.92 -87.56
C GLU LA 85 95.65 16.99 -88.36
N GLU LA 86 94.36 17.28 -88.32
CA GLU LA 86 93.35 16.49 -89.04
C GLU LA 86 93.24 16.93 -90.50
N TYR LA 87 93.82 16.13 -91.40
CA TYR LA 87 93.80 16.42 -92.83
C TYR LA 87 93.02 15.37 -93.64
N VAL LA 88 92.38 15.82 -94.72
CA VAL LA 88 91.58 14.95 -95.58
C VAL LA 88 92.09 14.81 -97.03
N ILE LA 89 92.48 13.59 -97.39
CA ILE LA 89 92.99 13.25 -98.73
C ILE LA 89 91.84 12.78 -99.63
N LEU LA 90 91.00 13.72 -100.07
CA LEU LA 90 89.87 13.36 -100.94
C LEU LA 90 90.11 13.74 -102.39
N SER LA 91 89.67 12.86 -103.30
CA SER LA 91 89.82 13.06 -104.73
C SER LA 91 88.95 14.19 -105.27
N GLU LA 92 88.95 14.34 -106.59
CA GLU LA 92 88.17 15.38 -107.24
C GLU LA 92 86.75 14.88 -107.42
N ARG LA 93 86.63 13.58 -107.71
CA ARG LA 93 85.33 12.97 -107.92
C ARG LA 93 84.40 13.36 -106.78
N ASP LA 94 84.96 13.47 -105.59
CA ASP LA 94 84.17 13.80 -104.42
C ASP LA 94 84.05 15.31 -104.19
N LEU LA 95 84.78 16.08 -104.98
CA LEU LA 95 84.73 17.53 -104.90
C LEU LA 95 83.47 18.03 -105.62
N LEU LA 96 82.64 18.74 -104.88
CA LEU LA 96 81.35 19.20 -105.39
C LEU LA 96 81.19 20.67 -105.72
N ALA LA 97 81.83 21.54 -104.95
CA ALA LA 97 81.71 22.97 -105.20
C ALA LA 97 82.69 23.78 -104.35
N VAL LA 98 82.64 25.10 -104.50
CA VAL LA 98 83.52 26.01 -103.77
C VAL LA 98 82.72 27.20 -103.32
N LEU LA 99 83.16 27.84 -102.24
CA LEU LA 99 82.43 28.99 -101.74
C LEU LA 99 83.26 30.24 -101.52
N GLN LA 100 82.64 31.37 -101.81
CA GLN LA 100 83.27 32.68 -101.67
C GLN LA 100 82.22 33.69 -101.25
N LYS MA 5 75.83 34.98 -97.19
CA LYS MA 5 75.81 35.75 -98.46
C LYS MA 5 76.99 35.30 -99.30
N THR MA 6 77.08 33.99 -99.53
CA THR MA 6 78.17 33.40 -100.30
C THR MA 6 77.81 33.01 -101.75
N VAL MA 7 78.70 32.27 -102.40
CA VAL MA 7 78.52 31.83 -103.79
C VAL MA 7 78.98 30.37 -104.02
N ILE MA 8 78.06 29.51 -104.46
CA ILE MA 8 78.37 28.10 -104.70
C ILE MA 8 78.97 27.85 -106.08
N LYS MA 9 80.08 27.12 -106.11
CA LYS MA 9 80.78 26.81 -107.34
C LYS MA 9 80.88 25.34 -107.65
N PRO MA 10 79.82 24.79 -108.25
CA PRO MA 10 79.82 23.36 -108.59
C PRO MA 10 81.00 22.99 -109.48
N LEU MA 11 81.24 21.70 -109.69
CA LEU MA 11 82.35 21.29 -110.51
C LEU MA 11 81.98 20.54 -111.80
N GLY MA 12 82.77 19.53 -112.16
CA GLY MA 12 82.53 18.76 -113.38
C GLY MA 12 81.13 18.36 -113.80
N ASP MA 13 80.32 19.32 -114.23
CA ASP MA 13 78.96 19.07 -114.71
C ASP MA 13 77.90 19.06 -113.61
N ARG MA 14 78.35 19.31 -112.38
CA ARG MA 14 77.45 19.35 -111.24
C ARG MA 14 76.64 20.65 -111.24
N VAL MA 15 75.35 20.55 -110.93
CA VAL MA 15 74.51 21.74 -110.85
C VAL MA 15 74.03 21.88 -109.40
N VAL MA 16 73.40 23.02 -109.10
CA VAL MA 16 72.90 23.29 -107.76
C VAL MA 16 71.44 23.73 -107.83
N VAL MA 17 70.55 22.79 -107.54
CA VAL MA 17 69.11 23.00 -107.58
C VAL MA 17 68.49 23.27 -106.20
N LYS MA 18 67.39 24.02 -106.20
CA LYS MA 18 66.67 24.35 -104.98
C LYS MA 18 65.25 23.81 -105.11
N ARG MA 19 65.03 22.60 -104.59
CA ARG MA 19 63.72 21.93 -104.64
C ARG MA 19 62.51 22.87 -104.62
N ILE MA 20 61.40 22.40 -105.21
CA ILE MA 20 60.16 23.17 -105.24
C ILE MA 20 59.07 22.30 -104.60
N GLU MA 21 58.47 22.75 -103.51
CA GLU MA 21 57.42 21.99 -102.84
C GLU MA 21 56.15 21.99 -103.69
N GLU MA 22 55.51 20.83 -103.82
CA GLU MA 22 54.29 20.73 -104.59
C GLU MA 22 53.17 21.50 -103.93
N GLU MA 23 52.21 21.88 -104.75
CA GLU MA 23 51.06 22.63 -104.27
C GLU MA 23 50.42 21.89 -103.10
N PRO MA 24 49.77 22.63 -102.20
CA PRO MA 24 49.11 22.05 -101.02
C PRO MA 24 48.04 21.05 -101.43
N LYS MA 25 47.32 21.38 -102.50
CA LYS MA 25 46.26 20.53 -103.03
C LYS MA 25 46.73 19.85 -104.31
N THR MA 26 45.87 19.03 -104.88
CA THR MA 26 46.18 18.33 -106.12
C THR MA 26 45.33 18.92 -107.25
N LYS MA 27 45.25 18.22 -108.36
CA LYS MA 27 44.46 18.69 -109.49
C LYS MA 27 42.96 18.62 -109.17
N GLY MA 28 42.63 17.92 -108.08
CA GLY MA 28 41.23 17.78 -107.70
C GLY MA 28 40.81 18.57 -106.47
N GLY MA 29 41.76 19.22 -105.82
CA GLY MA 29 41.45 20.01 -104.64
C GLY MA 29 41.63 19.22 -103.35
N ILE MA 30 42.13 18.00 -103.48
CA ILE MA 30 42.36 17.12 -102.33
C ILE MA 30 43.61 17.51 -101.56
N VAL MA 31 43.44 18.25 -100.47
CA VAL MA 31 44.58 18.66 -99.67
C VAL MA 31 45.27 17.42 -99.10
N LEU MA 32 46.46 17.14 -99.60
CA LEU MA 32 47.25 15.99 -99.17
C LEU MA 32 47.97 16.21 -97.85
N PRO MA 33 48.21 15.11 -97.11
CA PRO MA 33 48.89 15.16 -95.81
C PRO MA 33 50.40 15.23 -96.00
N ASP MA 34 51.07 15.93 -95.10
CA ASP MA 34 52.53 16.08 -95.15
C ASP MA 34 53.23 14.75 -94.98
N THR MA 35 52.48 13.66 -95.08
CA THR MA 35 53.04 12.33 -94.93
C THR MA 35 52.84 11.57 -96.24
N ALA MA 36 51.89 12.06 -97.03
CA ALA MA 36 51.58 11.46 -98.32
C ALA MA 36 52.51 12.01 -99.41
N LYS MA 37 52.73 13.32 -99.40
CA LYS MA 37 53.59 13.95 -100.40
C LYS MA 37 55.07 13.80 -100.06
N GLU MA 38 55.83 13.28 -101.01
CA GLU MA 38 57.26 13.05 -100.85
C GLU MA 38 58.09 14.20 -101.40
N LYS MA 39 59.41 14.02 -101.39
CA LYS MA 39 60.31 15.05 -101.87
C LYS MA 39 60.14 15.33 -103.35
N PRO MA 40 60.08 16.62 -103.71
CA PRO MA 40 59.93 17.07 -105.09
C PRO MA 40 61.07 16.62 -106.01
N GLN MA 41 60.75 16.45 -107.27
CA GLN MA 41 61.74 16.06 -108.27
C GLN MA 41 61.98 17.30 -109.13
N LYS MA 42 61.60 18.45 -108.61
CA LYS MA 42 61.75 19.71 -109.33
C LYS MA 42 62.55 20.75 -108.54
N GLY MA 43 62.99 21.79 -109.26
CA GLY MA 43 63.75 22.85 -108.64
C GLY MA 43 64.48 23.71 -109.67
N LYS MA 44 64.87 24.91 -109.24
CA LYS MA 44 65.60 25.84 -110.11
C LYS MA 44 67.11 25.75 -109.93
N VAL MA 45 67.84 25.75 -111.04
CA VAL MA 45 69.30 25.70 -110.98
C VAL MA 45 69.75 27.06 -110.48
N ILE MA 46 70.70 27.07 -109.56
CA ILE MA 46 71.18 28.32 -109.01
C ILE MA 46 72.67 28.49 -109.26
N ALA MA 47 73.29 27.47 -109.86
CA ALA MA 47 74.72 27.53 -110.13
C ALA MA 47 75.20 26.36 -110.97
N VAL MA 48 75.38 26.59 -112.27
CA VAL MA 48 75.88 25.55 -113.16
C VAL MA 48 77.39 25.54 -113.03
N GLY MA 49 78.03 24.43 -113.34
CA GLY MA 49 79.47 24.37 -113.24
C GLY MA 49 80.17 24.11 -114.55
N THR MA 50 81.48 23.91 -114.46
CA THR MA 50 82.32 23.60 -115.62
C THR MA 50 81.63 22.44 -116.32
N GLY MA 51 81.76 22.32 -117.62
CA GLY MA 51 81.13 21.19 -118.27
C GLY MA 51 81.91 19.93 -117.91
N ARG MA 52 81.51 18.80 -118.45
CA ARG MA 52 82.19 17.55 -118.15
C ARG MA 52 83.36 17.26 -119.06
N VAL MA 53 84.54 17.15 -118.46
CA VAL MA 53 85.75 16.86 -119.21
C VAL MA 53 85.70 15.45 -119.79
N LEU MA 54 85.18 15.35 -121.00
CA LEU MA 54 85.10 14.10 -121.74
C LEU MA 54 86.50 13.44 -121.82
N GLU MA 55 86.63 12.44 -122.67
CA GLU MA 55 87.90 11.74 -122.87
C GLU MA 55 88.91 12.48 -123.76
N ASN MA 56 88.44 13.50 -124.47
CA ASN MA 56 89.30 14.29 -125.35
C ASN MA 56 89.60 15.59 -124.68
N GLY MA 57 89.34 15.70 -123.39
CA GLY MA 57 89.57 16.93 -122.66
C GLY MA 57 88.59 17.97 -123.13
N GLN MA 58 87.49 17.54 -123.77
CA GLN MA 58 86.45 18.41 -124.32
C GLN MA 58 85.38 18.77 -123.31
N ARG MA 59 85.46 19.96 -122.70
CA ARG MA 59 84.44 20.33 -121.72
C ARG MA 59 83.06 20.63 -122.33
N VAL MA 60 82.20 19.62 -122.42
CA VAL MA 60 80.85 19.81 -122.96
C VAL MA 60 80.03 20.59 -121.93
N PRO MA 61 79.51 21.77 -122.30
CA PRO MA 61 78.71 22.62 -121.41
C PRO MA 61 77.42 21.96 -120.99
N LEU MA 62 76.96 22.28 -119.79
CA LEU MA 62 75.72 21.73 -119.25
C LEU MA 62 74.56 22.26 -120.07
N GLU MA 63 73.72 21.34 -120.56
CA GLU MA 63 72.56 21.74 -121.37
C GLU MA 63 71.58 22.58 -120.56
N VAL MA 64 71.94 22.89 -119.32
CA VAL MA 64 71.04 23.67 -118.46
C VAL MA 64 71.57 25.04 -118.10
N LYS MA 65 70.70 26.05 -118.23
CA LYS MA 65 71.05 27.43 -117.93
C LYS MA 65 70.89 27.71 -116.44
N GLU MA 66 71.64 28.69 -115.96
CA GLU MA 66 71.60 29.07 -114.57
C GLU MA 66 70.28 29.74 -114.18
N GLY MA 67 69.24 28.94 -114.01
CA GLY MA 67 67.95 29.50 -113.63
C GLY MA 67 66.73 28.78 -114.17
N ASP MA 68 66.92 27.59 -114.74
CA ASP MA 68 65.79 26.83 -115.31
C ASP MA 68 65.13 25.88 -114.29
N ILE MA 69 63.97 25.37 -114.67
CA ILE MA 69 63.21 24.42 -113.84
C ILE MA 69 63.63 23.01 -114.28
N VAL MA 70 64.30 22.29 -113.39
CA VAL MA 70 64.77 20.95 -113.72
C VAL MA 70 63.99 19.79 -113.10
N VAL MA 71 63.96 18.67 -113.82
CA VAL MA 71 63.29 17.43 -113.43
C VAL MA 71 64.33 16.33 -113.22
N PHE MA 72 64.51 15.87 -111.99
CA PHE MA 72 65.52 14.85 -111.72
C PHE MA 72 64.97 13.70 -110.87
N ALA MA 73 65.66 12.56 -110.90
CA ALA MA 73 65.26 11.41 -110.11
C ALA MA 73 65.54 11.71 -108.64
N LYS MA 74 64.62 12.45 -108.02
CA LYS MA 74 64.68 12.90 -106.63
C LYS MA 74 65.57 12.12 -105.66
N TYR MA 75 65.78 10.84 -105.94
CA TYR MA 75 66.59 10.00 -105.07
C TYR MA 75 68.10 10.22 -105.07
N GLY MA 76 68.66 10.62 -106.21
CA GLY MA 76 70.10 10.82 -106.27
C GLY MA 76 70.62 12.24 -106.08
N GLY MA 77 71.92 12.36 -105.88
CA GLY MA 77 72.52 13.67 -105.69
C GLY MA 77 72.58 14.21 -104.28
N THR MA 78 73.80 14.52 -103.82
CA THR MA 78 74.03 15.06 -102.48
C THR MA 78 73.20 16.31 -102.19
N GLU MA 79 72.92 16.55 -100.91
CA GLU MA 79 72.14 17.71 -100.47
C GLU MA 79 72.89 18.43 -99.38
N ILE MA 80 72.77 19.75 -99.34
CA ILE MA 80 73.46 20.54 -98.32
C ILE MA 80 72.78 21.88 -98.10
N GLU MA 81 73.12 22.51 -96.97
CA GLU MA 81 72.57 23.80 -96.59
C GLU MA 81 73.69 24.82 -96.50
N ILE MA 82 73.35 26.08 -96.75
CA ILE MA 82 74.31 27.17 -96.70
C ILE MA 82 73.62 28.45 -96.26
N ASP MA 83 74.16 29.08 -95.22
CA ASP MA 83 73.60 30.31 -94.69
C ASP MA 83 72.08 30.26 -94.54
N GLY MA 84 71.59 29.19 -93.93
CA GLY MA 84 70.16 29.02 -93.72
C GLY MA 84 69.38 28.75 -94.99
N GLU MA 85 69.68 27.62 -95.64
CA GLU MA 85 68.99 27.23 -96.86
C GLU MA 85 69.64 25.96 -97.42
N GLU MA 86 68.83 24.99 -97.84
CA GLU MA 86 69.36 23.73 -98.36
C GLU MA 86 69.10 23.50 -99.85
N TYR MA 87 70.11 22.97 -100.55
CA TYR MA 87 70.00 22.71 -101.99
C TYR MA 87 70.52 21.30 -102.30
N VAL MA 88 70.44 20.93 -103.58
CA VAL MA 88 70.90 19.61 -104.02
C VAL MA 88 71.92 19.68 -105.16
N ILE MA 89 73.10 19.14 -104.89
CA ILE MA 89 74.19 19.10 -105.87
C ILE MA 89 74.01 17.86 -106.71
N LEU MA 90 73.41 18.03 -107.88
CA LEU MA 90 73.16 16.93 -108.79
C LEU MA 90 74.14 16.98 -109.97
N SER MA 91 74.30 15.84 -110.64
CA SER MA 91 75.16 15.77 -111.82
C SER MA 91 74.26 15.90 -113.05
N GLU MA 92 74.81 15.67 -114.23
CA GLU MA 92 74.06 15.75 -115.48
C GLU MA 92 73.12 14.56 -115.56
N ARG MA 93 73.67 13.38 -115.28
CA ARG MA 93 72.92 12.14 -115.32
C ARG MA 93 71.61 12.28 -114.59
N ASP MA 94 71.67 12.80 -113.38
CA ASP MA 94 70.50 12.98 -112.55
C ASP MA 94 69.48 13.96 -113.16
N LEU MA 95 69.94 14.82 -114.06
CA LEU MA 95 69.06 15.78 -114.73
C LEU MA 95 68.33 15.07 -115.88
N LEU MA 96 67.02 14.97 -115.75
CA LEU MA 96 66.19 14.29 -116.75
C LEU MA 96 65.66 15.21 -117.85
N ALA MA 97 65.27 16.42 -117.48
CA ALA MA 97 64.74 17.34 -118.46
C ALA MA 97 64.55 18.72 -117.88
N VAL MA 98 63.87 19.59 -118.61
CA VAL MA 98 63.64 20.95 -118.15
C VAL MA 98 62.21 21.35 -118.48
N LEU MA 99 61.60 22.09 -117.56
CA LEU MA 99 60.24 22.55 -117.74
C LEU MA 99 60.23 23.94 -118.33
N GLN MA 100 59.53 24.08 -119.46
CA GLN MA 100 59.42 25.34 -120.17
C GLN MA 100 58.01 25.91 -120.02
N LYS NA 5 49.66 25.60 -121.36
CA LYS NA 5 50.14 24.26 -120.89
C LYS NA 5 51.51 24.39 -120.23
N THR NA 6 52.34 23.36 -120.42
CA THR NA 6 53.70 23.31 -119.88
C THR NA 6 54.54 22.45 -120.83
N VAL NA 7 55.55 23.07 -121.44
CA VAL NA 7 56.43 22.38 -122.38
C VAL NA 7 57.48 21.52 -121.69
N ILE NA 8 57.68 20.32 -122.22
CA ILE NA 8 58.67 19.43 -121.64
C ILE NA 8 59.93 19.48 -122.49
N LYS NA 9 61.05 19.83 -121.86
CA LYS NA 9 62.30 19.90 -122.57
C LYS NA 9 63.29 18.83 -122.12
N PRO NA 10 63.22 17.64 -122.73
CA PRO NA 10 64.13 16.54 -122.39
C PRO NA 10 65.59 16.92 -122.64
N LEU NA 11 66.51 16.12 -122.11
CA LEU NA 11 67.91 16.40 -122.29
C LEU NA 11 68.69 15.34 -123.06
N GLY NA 12 70.00 15.25 -122.81
CA GLY NA 12 70.87 14.30 -123.50
C GLY NA 12 70.29 13.05 -124.17
N ASP NA 13 69.51 13.24 -125.24
CA ASP NA 13 68.87 12.15 -125.99
C ASP NA 13 67.66 11.55 -125.28
N ARG NA 14 67.18 12.22 -124.25
CA ARG NA 14 66.01 11.76 -123.52
C ARG NA 14 64.75 12.18 -124.27
N VAL NA 15 63.85 11.24 -124.47
CA VAL NA 15 62.58 11.51 -125.15
C VAL NA 15 61.48 11.55 -124.10
N VAL NA 16 60.28 11.95 -124.50
CA VAL NA 16 59.15 12.01 -123.57
C VAL NA 16 57.96 11.28 -124.18
N VAL NA 17 57.76 10.04 -123.73
CA VAL NA 17 56.68 9.19 -124.24
C VAL NA 17 55.40 9.24 -123.41
N LYS NA 18 54.29 8.90 -124.05
CA LYS NA 18 52.98 8.85 -123.40
C LYS NA 18 52.41 7.46 -123.67
N ARG NA 19 52.55 6.58 -122.69
CA ARG NA 19 52.08 5.20 -122.78
C ARG NA 19 50.77 5.02 -123.54
N ILE NA 20 50.62 3.87 -124.18
CA ILE NA 20 49.40 3.54 -124.91
C ILE NA 20 48.83 2.27 -124.29
N GLU NA 21 47.67 2.39 -123.66
CA GLU NA 21 47.03 1.25 -123.03
C GLU NA 21 46.63 0.18 -124.00
N GLU NA 22 46.63 -1.05 -123.52
CA GLU NA 22 46.27 -2.22 -124.30
C GLU NA 22 44.87 -2.28 -124.81
N GLU NA 23 44.69 -3.17 -125.77
CA GLU NA 23 43.37 -3.45 -126.37
C GLU NA 23 42.60 -4.10 -125.23
N PRO NA 24 41.27 -3.80 -125.12
CA PRO NA 24 40.49 -4.41 -124.04
C PRO NA 24 40.50 -5.95 -124.23
N LYS NA 25 40.46 -6.32 -125.50
CA LYS NA 25 40.41 -7.73 -125.87
C LYS NA 25 41.79 -8.15 -126.43
N THR NA 26 42.04 -9.46 -126.46
CA THR NA 26 43.27 -9.91 -127.01
C THR NA 26 43.00 -10.30 -128.47
N LYS NA 27 43.94 -11.07 -129.01
CA LYS NA 27 43.86 -11.56 -130.38
C LYS NA 27 42.75 -12.63 -130.52
N GLY NA 28 42.32 -13.18 -129.38
CA GLY NA 28 41.28 -14.19 -129.40
C GLY NA 28 39.89 -13.70 -128.99
N GLY NA 29 39.80 -12.44 -128.58
CA GLY NA 29 38.54 -11.86 -128.17
C GLY NA 29 38.36 -11.85 -126.67
N ILE NA 30 39.30 -12.51 -126.01
CA ILE NA 30 39.31 -12.63 -124.55
C ILE NA 30 39.48 -11.31 -123.79
N VAL NA 31 38.38 -10.71 -123.31
CA VAL NA 31 38.47 -9.47 -122.55
C VAL NA 31 39.29 -9.75 -121.26
N LEU NA 32 40.38 -9.04 -121.11
CA LEU NA 32 41.21 -9.24 -119.92
C LEU NA 32 40.85 -8.32 -118.75
N PRO NA 33 41.14 -8.77 -117.52
CA PRO NA 33 40.87 -7.97 -116.34
C PRO NA 33 42.07 -7.07 -116.06
N ASP NA 34 41.81 -5.88 -115.50
CA ASP NA 34 42.88 -4.94 -115.23
C ASP NA 34 44.09 -5.45 -114.47
N THR NA 35 43.94 -6.59 -113.81
CA THR NA 35 45.04 -7.15 -113.04
C THR NA 35 45.96 -7.97 -113.94
N ALA NA 36 45.39 -8.50 -115.02
CA ALA NA 36 46.09 -9.33 -115.98
C ALA NA 36 47.04 -8.59 -116.90
N LYS NA 37 46.65 -7.39 -117.32
CA LYS NA 37 47.44 -6.60 -118.24
C LYS NA 37 48.47 -5.65 -117.64
N GLU NA 38 49.69 -5.76 -118.16
CA GLU NA 38 50.83 -4.97 -117.75
C GLU NA 38 50.73 -3.56 -118.29
N LYS NA 39 51.65 -2.73 -117.82
CA LYS NA 39 51.72 -1.36 -118.33
C LYS NA 39 52.31 -1.54 -119.72
N PRO NA 40 51.81 -0.74 -120.66
CA PRO NA 40 52.26 -0.77 -122.05
C PRO NA 40 53.74 -0.50 -122.24
N GLN NA 41 54.31 -1.10 -123.27
CA GLN NA 41 55.73 -0.90 -123.60
C GLN NA 41 55.69 -0.02 -124.85
N LYS NA 42 54.55 0.64 -125.03
CA LYS NA 42 54.33 1.50 -126.19
C LYS NA 42 53.93 2.94 -125.80
N GLY NA 43 54.11 3.86 -126.74
CA GLY NA 43 53.77 5.25 -126.52
C GLY NA 43 54.28 6.16 -127.62
N LYS NA 44 53.66 7.34 -127.75
CA LYS NA 44 54.05 8.32 -128.76
C LYS NA 44 55.00 9.35 -128.17
N VAL NA 45 56.08 9.66 -128.89
CA VAL NA 45 57.02 10.65 -128.41
C VAL NA 45 56.34 12.02 -128.48
N ILE NA 46 56.51 12.80 -127.43
CA ILE NA 46 55.89 14.12 -127.38
C ILE NA 46 56.92 15.23 -127.27
N ALA NA 47 58.18 14.84 -127.05
CA ALA NA 47 59.25 15.82 -126.93
C ALA NA 47 60.62 15.16 -127.01
N VAL NA 48 61.26 15.29 -128.17
CA VAL NA 48 62.60 14.72 -128.36
C VAL NA 48 63.61 15.75 -127.84
N GLY NA 49 64.73 15.28 -127.30
CA GLY NA 49 65.72 16.19 -126.80
C GLY NA 49 66.98 16.29 -127.64
N THR NA 50 67.90 17.12 -127.18
CA THR NA 50 69.20 17.30 -127.84
C THR NA 50 69.78 15.90 -128.00
N GLY NA 51 70.31 15.55 -129.16
CA GLY NA 51 70.89 14.21 -129.27
C GLY NA 51 71.99 14.04 -128.22
N ARG NA 52 72.66 12.89 -128.23
CA ARG NA 52 73.72 12.64 -127.27
C ARG NA 52 75.06 13.20 -127.73
N VAL NA 53 75.68 14.02 -126.90
CA VAL NA 53 76.97 14.61 -127.23
C VAL NA 53 78.06 13.52 -127.20
N LEU NA 54 78.55 13.13 -128.38
CA LEU NA 54 79.61 12.11 -128.49
C LEU NA 54 80.88 12.47 -127.76
N GLU NA 55 81.93 11.69 -128.00
CA GLU NA 55 83.22 11.96 -127.38
C GLU NA 55 83.91 12.94 -128.30
N ASN NA 56 83.26 13.14 -129.43
CA ASN NA 56 83.69 13.98 -130.51
C ASN NA 56 83.01 15.34 -130.57
N GLY NA 57 82.45 15.80 -129.48
CA GLY NA 57 81.74 17.07 -129.50
C GLY NA 57 80.58 17.03 -130.50
N GLN NA 58 80.30 15.85 -131.06
CA GLN NA 58 79.23 15.69 -132.02
C GLN NA 58 77.94 15.18 -131.36
N ARG NA 59 76.88 15.95 -131.50
CA ARG NA 59 75.59 15.58 -130.94
C ARG NA 59 74.78 14.76 -131.94
N VAL NA 60 74.78 13.43 -131.77
CA VAL NA 60 74.03 12.54 -132.65
C VAL NA 60 72.53 12.66 -132.36
N PRO NA 61 71.74 13.11 -133.35
CA PRO NA 61 70.29 13.26 -133.18
C PRO NA 61 69.63 11.93 -132.87
N LEU NA 62 68.48 11.98 -132.21
CA LEU NA 62 67.77 10.75 -131.86
C LEU NA 62 67.07 10.14 -133.07
N GLU NA 63 67.21 8.82 -133.21
CA GLU NA 63 66.57 8.14 -134.33
C GLU NA 63 65.05 8.18 -134.23
N VAL NA 64 64.51 9.06 -133.41
CA VAL NA 64 63.06 9.15 -133.26
C VAL NA 64 62.49 10.55 -133.43
N LYS NA 65 61.48 10.65 -134.28
CA LYS NA 65 60.82 11.92 -134.57
C LYS NA 65 59.80 12.26 -133.49
N GLU NA 66 59.52 13.56 -133.35
CA GLU NA 66 58.59 14.05 -132.34
C GLU NA 66 57.13 13.67 -132.61
N GLY NA 67 56.79 12.40 -132.41
CA GLY NA 67 55.44 11.94 -132.63
C GLY NA 67 55.28 10.50 -133.10
N ASP NA 68 56.33 9.69 -132.98
CA ASP NA 68 56.25 8.29 -133.41
C ASP NA 68 55.78 7.35 -132.31
N ILE NA 69 55.44 6.13 -132.70
CA ILE NA 69 54.99 5.08 -131.78
C ILE NA 69 56.23 4.26 -131.40
N VAL NA 70 56.66 4.40 -130.15
CA VAL NA 70 57.86 3.72 -129.68
C VAL NA 70 57.66 2.48 -128.81
N VAL NA 71 58.60 1.55 -128.93
CA VAL NA 71 58.61 0.30 -128.17
C VAL NA 71 59.83 0.32 -127.26
N PHE NA 72 59.59 0.26 -125.95
CA PHE NA 72 60.67 0.29 -124.99
C PHE NA 72 60.49 -0.74 -123.87
N ALA NA 73 61.59 -1.10 -123.23
CA ALA NA 73 61.55 -2.06 -122.13
C ALA NA 73 60.85 -1.39 -120.94
N LYS NA 74 59.52 -1.41 -120.99
CA LYS NA 74 58.62 -0.83 -119.98
C LYS NA 74 59.15 -0.60 -118.55
N TYR NA 75 60.09 -1.45 -118.12
CA TYR NA 75 60.62 -1.35 -116.77
C TYR NA 75 61.43 -0.11 -116.42
N GLY NA 76 62.35 0.29 -117.29
CA GLY NA 76 63.18 1.46 -116.98
C GLY NA 76 62.58 2.81 -117.36
N GLY NA 77 63.34 3.86 -117.07
CA GLY NA 77 62.92 5.20 -117.41
C GLY NA 77 61.95 5.86 -116.46
N THR NA 78 62.36 7.00 -115.89
CA THR NA 78 61.56 7.76 -114.95
C THR NA 78 60.20 8.17 -115.53
N GLU NA 79 59.21 8.35 -114.65
CA GLU NA 79 57.86 8.73 -115.07
C GLU NA 79 57.41 9.94 -114.27
N ILE NA 80 56.70 10.86 -114.89
CA ILE NA 80 56.21 12.06 -114.19
C ILE NA 80 54.94 12.58 -114.82
N GLU NA 81 54.21 13.38 -114.03
CA GLU NA 81 52.95 13.96 -114.46
C GLU NA 81 53.09 15.47 -114.54
N ILE NA 82 52.34 16.07 -115.46
CA ILE NA 82 52.35 17.51 -115.65
C ILE NA 82 50.96 17.99 -116.04
N ASP NA 83 50.47 18.99 -115.33
CA ASP NA 83 49.15 19.56 -115.58
C ASP NA 83 48.10 18.46 -115.81
N GLY NA 84 48.06 17.49 -114.91
CA GLY NA 84 47.10 16.41 -115.03
C GLY NA 84 47.34 15.49 -116.20
N GLU NA 85 48.51 14.83 -116.21
CA GLU NA 85 48.85 13.91 -117.27
C GLU NA 85 50.25 13.34 -117.00
N GLU NA 86 50.40 12.03 -117.13
CA GLU NA 86 51.68 11.39 -116.87
C GLU NA 86 52.40 10.79 -118.08
N TYR NA 87 53.71 11.03 -118.16
CA TYR NA 87 54.54 10.53 -119.25
C TYR NA 87 55.80 9.85 -118.71
N VAL NA 88 56.62 9.34 -119.63
CA VAL NA 88 57.85 8.64 -119.26
C VAL NA 88 59.10 9.20 -119.94
N ILE NA 89 60.07 9.62 -119.13
CA ILE NA 89 61.34 10.17 -119.62
C ILE NA 89 62.35 9.03 -119.85
N LEU NA 90 62.32 8.45 -121.04
CA LEU NA 90 63.23 7.36 -121.37
C LEU NA 90 64.45 7.88 -122.12
N SER NA 91 65.52 7.10 -122.10
CA SER NA 91 66.74 7.47 -122.81
C SER NA 91 66.69 6.77 -124.16
N GLU NA 92 67.78 6.87 -124.91
CA GLU NA 92 67.86 6.26 -126.22
C GLU NA 92 68.05 4.76 -126.09
N ARG NA 93 68.76 4.36 -125.04
CA ARG NA 93 69.01 2.95 -124.79
C ARG NA 93 67.70 2.22 -124.61
N ASP NA 94 66.82 2.82 -123.80
CA ASP NA 94 65.52 2.23 -123.51
C ASP NA 94 64.67 2.07 -124.77
N LEU NA 95 64.85 2.95 -125.74
CA LEU NA 95 64.10 2.88 -126.98
C LEU NA 95 64.57 1.66 -127.79
N LEU NA 96 63.66 0.71 -127.97
CA LEU NA 96 63.97 -0.53 -128.67
C LEU NA 96 63.63 -0.52 -130.17
N ALA NA 97 62.56 0.17 -130.54
CA ALA NA 97 62.15 0.24 -131.94
C ALA NA 97 60.97 1.17 -132.11
N VAL NA 98 60.49 1.29 -133.35
CA VAL NA 98 59.36 2.16 -133.63
C VAL NA 98 58.36 1.37 -134.45
N LEU NA 99 57.08 1.72 -134.30
CA LEU NA 99 56.02 1.06 -135.04
C LEU NA 99 55.54 1.89 -136.22
N GLN NA 100 55.70 1.31 -137.41
CA GLN NA 100 55.30 1.98 -138.65
C GLN NA 100 54.00 1.34 -139.16
N LYS OA 5 48.83 -5.40 -138.32
CA LYS OA 5 49.07 -4.32 -139.31
C LYS OA 5 50.07 -3.28 -138.80
N THR OA 6 51.26 -3.73 -138.41
CA THR OA 6 52.29 -2.82 -137.91
C THR OA 6 53.65 -3.54 -137.85
N VAL OA 7 54.71 -2.81 -138.18
CA VAL OA 7 56.06 -3.39 -138.17
C VAL OA 7 56.99 -2.73 -137.17
N ILE OA 8 57.95 -3.54 -136.70
CA ILE OA 8 58.93 -3.10 -135.72
C ILE OA 8 60.22 -2.65 -136.39
N LYS OA 9 60.67 -1.45 -136.04
CA LYS OA 9 61.91 -0.93 -136.59
C LYS OA 9 62.96 -0.83 -135.48
N PRO OA 10 63.68 -1.94 -135.24
CA PRO OA 10 64.72 -1.98 -134.18
C PRO OA 10 65.71 -0.85 -134.35
N LEU OA 11 66.00 -0.15 -133.25
CA LEU OA 11 66.96 0.95 -133.28
C LEU OA 11 68.37 0.41 -133.12
N GLY OA 12 69.37 1.29 -133.10
CA GLY OA 12 70.75 0.89 -132.92
C GLY OA 12 71.17 -0.54 -133.28
N ASP OA 13 71.81 -1.22 -132.33
CA ASP OA 13 72.30 -2.59 -132.56
C ASP OA 13 71.22 -3.67 -132.43
N ARG OA 14 69.96 -3.31 -132.66
CA ARG OA 14 68.87 -4.28 -132.52
C ARG OA 14 68.56 -5.14 -133.73
N VAL OA 15 68.03 -6.32 -133.46
CA VAL OA 15 67.70 -7.29 -134.50
C VAL OA 15 66.42 -8.06 -134.17
N VAL OA 16 65.28 -7.37 -134.24
CA VAL OA 16 63.98 -7.99 -133.94
C VAL OA 16 63.90 -9.42 -134.48
N VAL OA 17 63.79 -10.39 -133.58
CA VAL OA 17 63.75 -11.81 -133.95
C VAL OA 17 62.67 -12.60 -133.21
N LYS OA 18 61.98 -13.48 -133.93
CA LYS OA 18 60.96 -14.33 -133.34
C LYS OA 18 61.55 -15.74 -133.23
N ARG OA 19 61.42 -16.34 -132.05
CA ARG OA 19 61.99 -17.66 -131.79
C ARG OA 19 61.59 -18.80 -132.71
N ILE OA 20 62.36 -19.87 -132.62
CA ILE OA 20 62.17 -21.10 -133.40
C ILE OA 20 61.50 -22.13 -132.50
N GLU OA 21 60.16 -22.15 -132.52
CA GLU OA 21 59.38 -23.09 -131.70
C GLU OA 21 60.14 -24.39 -131.47
N GLU OA 22 60.36 -24.71 -130.20
CA GLU OA 22 61.11 -25.91 -129.83
C GLU OA 22 60.52 -27.18 -130.43
N GLU OA 23 61.15 -28.31 -130.16
CA GLU OA 23 60.67 -29.57 -130.67
C GLU OA 23 60.29 -30.54 -129.55
N PRO OA 24 59.12 -31.19 -129.66
CA PRO OA 24 58.67 -32.14 -128.64
C PRO OA 24 59.59 -33.35 -128.48
N LYS OA 25 59.72 -34.14 -129.55
CA LYS OA 25 60.59 -35.32 -129.50
C LYS OA 25 62.04 -34.94 -129.79
N THR OA 26 62.95 -35.58 -129.07
CA THR OA 26 64.37 -35.31 -129.21
C THR OA 26 65.04 -36.14 -130.30
N LYS OA 27 66.23 -36.64 -130.00
CA LYS OA 27 67.01 -37.44 -130.92
C LYS OA 27 66.72 -38.94 -130.73
N GLY OA 28 65.56 -39.24 -130.16
CA GLY OA 28 65.17 -40.62 -129.93
C GLY OA 28 63.67 -40.83 -130.13
N GLY OA 29 63.00 -39.78 -130.59
CA GLY OA 29 61.57 -39.84 -130.83
C GLY OA 29 60.81 -39.75 -129.52
N ILE OA 30 61.54 -39.42 -128.47
CA ILE OA 30 61.01 -39.33 -127.12
C ILE OA 30 60.41 -37.97 -126.76
N VAL OA 31 59.23 -38.00 -126.14
CA VAL OA 31 58.52 -36.81 -125.71
C VAL OA 31 59.17 -36.27 -124.44
N LEU OA 32 58.96 -34.99 -124.14
CA LEU OA 32 59.55 -34.40 -122.94
C LEU OA 32 58.57 -33.54 -122.19
N PRO OA 33 58.74 -33.45 -120.85
CA PRO OA 33 57.86 -32.64 -120.00
C PRO OA 33 58.04 -31.15 -120.31
N ASP OA 34 57.50 -30.28 -119.47
CA ASP OA 34 57.63 -28.85 -119.70
C ASP OA 34 58.91 -28.27 -119.11
N THR OA 35 59.58 -29.06 -118.28
CA THR OA 35 60.83 -28.63 -117.67
C THR OA 35 61.99 -28.99 -118.59
N ALA OA 36 61.86 -30.14 -119.27
CA ALA OA 36 62.89 -30.60 -120.19
C ALA OA 36 63.08 -29.62 -121.34
N LYS OA 37 62.01 -28.91 -121.68
CA LYS OA 37 62.05 -27.95 -122.76
C LYS OA 37 62.59 -26.60 -122.28
N GLU OA 38 63.85 -26.35 -122.61
CA GLU OA 38 64.56 -25.13 -122.24
C GLU OA 38 64.49 -24.06 -123.34
N LYS OA 39 64.16 -22.83 -122.96
CA LYS OA 39 64.05 -21.70 -123.89
C LYS OA 39 64.71 -21.91 -125.25
N PRO OA 40 63.94 -21.79 -126.35
CA PRO OA 40 64.55 -21.98 -127.67
C PRO OA 40 65.50 -20.80 -127.93
N GLN OA 41 66.77 -21.13 -128.13
CA GLN OA 41 67.82 -20.13 -128.35
C GLN OA 41 68.01 -19.63 -129.78
N LYS OA 42 66.97 -19.65 -130.60
CA LYS OA 42 67.12 -19.20 -131.98
C LYS OA 42 65.86 -18.70 -132.68
N GLY OA 43 66.06 -17.87 -133.70
CA GLY OA 43 64.96 -17.31 -134.47
C GLY OA 43 65.44 -16.44 -135.61
N LYS OA 44 64.62 -16.32 -136.64
CA LYS OA 44 64.97 -15.51 -137.82
C LYS OA 44 64.90 -14.00 -137.57
N VAL OA 45 65.89 -13.29 -138.09
CA VAL OA 45 65.94 -11.82 -137.95
C VAL OA 45 64.77 -11.26 -138.75
N ILE OA 46 63.85 -10.60 -138.06
CA ILE OA 46 62.67 -10.01 -138.70
C ILE OA 46 62.88 -8.51 -138.96
N ALA OA 47 63.97 -7.97 -138.44
CA ALA OA 47 64.29 -6.57 -138.64
C ALA OA 47 65.74 -6.32 -138.22
N VAL OA 48 66.23 -5.12 -138.49
CA VAL OA 48 67.60 -4.75 -138.14
C VAL OA 48 67.73 -3.24 -137.94
N GLY OA 49 68.54 -2.85 -136.97
CA GLY OA 49 68.74 -1.45 -136.68
C GLY OA 49 69.76 -0.74 -137.57
N THR OA 50 70.13 0.47 -137.16
CA THR OA 50 71.09 1.29 -137.90
C THR OA 50 72.54 0.89 -137.63
N GLY OA 51 72.88 0.61 -136.37
CA GLY OA 51 74.24 0.22 -136.05
C GLY OA 51 74.93 1.06 -134.99
N ARG OA 52 76.15 0.64 -134.64
CA ARG OA 52 76.97 1.32 -133.63
C ARG OA 52 77.56 2.64 -134.12
N VAL OA 53 77.31 3.72 -133.36
CA VAL OA 53 77.86 5.03 -133.71
C VAL OA 53 79.23 5.06 -133.05
N LEU OA 54 80.28 4.85 -133.82
CA LEU OA 54 81.64 4.85 -133.28
C LEU OA 54 82.03 6.24 -132.77
N GLU OA 55 83.13 6.31 -132.03
CA GLU OA 55 83.59 7.58 -131.47
C GLU OA 55 83.92 8.61 -132.55
N ASN OA 56 83.77 8.19 -133.81
CA ASN OA 56 84.05 9.06 -134.94
C ASN OA 56 82.79 9.47 -135.68
N GLY OA 57 81.66 9.44 -134.97
CA GLY OA 57 80.39 9.81 -135.55
C GLY OA 57 79.94 8.94 -136.70
N GLN OA 58 80.71 7.89 -136.98
CA GLN OA 58 80.39 6.97 -138.07
C GLN OA 58 79.62 5.73 -137.63
N ARG OA 59 78.55 5.39 -138.36
CA ARG OA 59 77.73 4.21 -138.06
C ARG OA 59 78.53 2.91 -138.13
N VAL OA 60 77.85 1.78 -138.03
CA VAL OA 60 78.51 0.47 -138.08
C VAL OA 60 77.61 -0.61 -138.70
N PRO OA 61 78.24 -1.57 -139.39
CA PRO OA 61 77.55 -2.68 -140.05
C PRO OA 61 77.04 -3.71 -139.06
N LEU OA 62 75.78 -4.09 -139.24
CA LEU OA 62 75.18 -5.08 -138.37
C LEU OA 62 75.55 -6.47 -138.88
N GLU OA 63 76.55 -7.05 -138.23
CA GLU OA 63 77.12 -8.37 -138.53
C GLU OA 63 76.22 -9.40 -139.18
N VAL OA 64 74.90 -9.21 -139.07
CA VAL OA 64 73.94 -10.16 -139.66
C VAL OA 64 72.82 -9.47 -140.44
N LYS OA 65 72.51 -10.03 -141.60
CA LYS OA 65 71.46 -9.50 -142.48
C LYS OA 65 70.10 -10.08 -142.16
N GLU OA 66 69.05 -9.33 -142.49
CA GLU OA 66 67.68 -9.78 -142.25
C GLU OA 66 67.45 -11.15 -142.86
N GLY OA 67 66.34 -11.79 -142.49
CA GLY OA 67 66.05 -13.12 -143.02
C GLY OA 67 66.90 -14.19 -142.36
N ASP OA 68 68.16 -13.88 -142.10
CA ASP OA 68 69.07 -14.82 -141.46
C ASP OA 68 68.46 -15.43 -140.20
N ILE OA 69 69.10 -16.49 -139.70
CA ILE OA 69 68.64 -17.17 -138.50
C ILE OA 69 69.81 -17.11 -137.53
N VAL OA 70 69.57 -16.59 -136.33
CA VAL OA 70 70.62 -16.42 -135.34
C VAL OA 70 70.61 -17.36 -134.13
N VAL OA 71 71.79 -17.52 -133.52
CA VAL OA 71 71.97 -18.38 -132.34
C VAL OA 71 72.48 -17.53 -131.16
N PHE OA 72 71.64 -17.36 -130.14
CA PHE OA 72 72.03 -16.57 -128.98
C PHE OA 72 71.93 -17.36 -127.68
N ALA OA 73 72.13 -16.67 -126.55
CA ALA OA 73 72.03 -17.30 -125.24
C ALA OA 73 70.56 -17.26 -124.84
N LYS OA 74 70.13 -18.25 -124.05
CA LYS OA 74 68.73 -18.34 -123.62
C LYS OA 74 68.06 -17.05 -123.16
N TYR OA 75 68.73 -16.31 -122.28
CA TYR OA 75 68.19 -15.05 -121.80
C TYR OA 75 68.53 -13.96 -122.82
N GLY OA 76 67.52 -13.21 -123.27
CA GLY OA 76 67.76 -12.18 -124.26
C GLY OA 76 67.08 -10.85 -124.02
N GLY OA 77 66.76 -10.16 -125.10
CA GLY OA 77 66.12 -8.86 -124.98
C GLY OA 77 64.65 -8.87 -124.65
N THR OA 78 64.05 -7.70 -124.59
CA THR OA 78 62.64 -7.57 -124.28
C THR OA 78 61.74 -8.23 -125.30
N GLU OA 79 60.75 -8.98 -124.82
CA GLU OA 79 59.79 -9.67 -125.69
C GLU OA 79 58.49 -8.88 -125.73
N ILE OA 80 57.90 -8.78 -126.93
CA ILE OA 80 56.64 -8.04 -127.10
C ILE OA 80 55.71 -8.74 -128.08
N GLU OA 81 54.44 -8.36 -128.05
CA GLU OA 81 53.42 -8.91 -128.95
C GLU OA 81 52.90 -7.84 -129.90
N ILE OA 82 53.02 -8.12 -131.19
CA ILE OA 82 52.57 -7.18 -132.20
C ILE OA 82 51.13 -7.39 -132.61
N ASP OA 83 50.22 -7.12 -131.67
CA ASP OA 83 48.79 -7.28 -131.91
C ASP OA 83 48.58 -8.59 -132.66
N GLY OA 84 49.47 -9.55 -132.43
CA GLY OA 84 49.35 -10.83 -133.11
C GLY OA 84 50.46 -11.82 -132.83
N GLU OA 85 51.64 -11.35 -132.43
CA GLU OA 85 52.75 -12.28 -132.17
C GLU OA 85 53.80 -11.78 -131.19
N GLU OA 86 54.65 -12.72 -130.75
CA GLU OA 86 55.73 -12.45 -129.79
C GLU OA 86 57.08 -12.38 -130.47
N TYR OA 87 57.88 -11.37 -130.11
CA TYR OA 87 59.21 -11.21 -130.70
C TYR OA 87 60.28 -10.84 -129.66
N VAL OA 88 61.52 -11.24 -129.95
CA VAL OA 88 62.65 -10.97 -129.06
C VAL OA 88 63.57 -9.90 -129.65
N ILE OA 89 63.59 -8.72 -129.02
CA ILE OA 89 64.43 -7.62 -129.48
C ILE OA 89 65.82 -7.69 -128.83
N LEU OA 90 66.79 -8.23 -129.56
CA LEU OA 90 68.14 -8.35 -129.02
C LEU OA 90 69.05 -7.24 -129.52
N SER OA 91 70.31 -7.30 -129.12
CA SER OA 91 71.32 -6.34 -129.54
C SER OA 91 72.48 -7.13 -130.12
N GLU OA 92 73.09 -6.59 -131.16
CA GLU OA 92 74.22 -7.24 -131.83
C GLU OA 92 75.08 -7.94 -130.79
N ARG OA 93 75.40 -7.22 -129.72
CA ARG OA 93 76.22 -7.74 -128.64
C ARG OA 93 75.82 -9.17 -128.30
N ASP OA 94 74.52 -9.39 -128.13
CA ASP OA 94 73.98 -10.70 -127.76
C ASP OA 94 73.62 -11.66 -128.90
N LEU OA 95 74.41 -11.64 -129.97
CA LEU OA 95 74.20 -12.53 -131.11
C LEU OA 95 75.42 -13.41 -131.20
N LEU OA 96 75.25 -14.70 -130.93
CA LEU OA 96 76.39 -15.61 -130.93
C LEU OA 96 76.69 -16.38 -132.21
N ALA OA 97 75.93 -16.16 -133.28
CA ALA OA 97 76.17 -16.86 -134.55
C ALA OA 97 75.10 -16.68 -135.61
N VAL OA 98 75.37 -17.20 -136.80
CA VAL OA 98 74.44 -17.13 -137.93
C VAL OA 98 74.13 -18.52 -138.47
N LEU OA 99 72.86 -18.92 -138.32
CA LEU OA 99 72.35 -20.23 -138.75
C LEU OA 99 72.33 -20.49 -140.25
N GLN OA 100 72.64 -21.74 -140.61
CA GLN OA 100 72.65 -22.18 -142.00
C GLN OA 100 72.64 -23.71 -142.06
N LYS PA 5 75.75 -30.64 -142.87
CA LYS PA 5 74.27 -30.63 -142.64
C LYS PA 5 73.76 -29.23 -142.28
N THR PA 6 74.21 -28.71 -141.13
CA THR PA 6 73.80 -27.38 -140.67
C THR PA 6 74.94 -26.64 -139.96
N VAL PA 7 75.84 -26.02 -140.74
CA VAL PA 7 76.97 -25.28 -140.17
C VAL PA 7 76.59 -23.81 -139.96
N ILE PA 8 77.13 -23.22 -138.89
CA ILE PA 8 76.86 -21.83 -138.52
C ILE PA 8 78.14 -21.00 -138.45
N LYS PA 9 77.99 -19.68 -138.35
CA LYS PA 9 79.14 -18.77 -138.27
C LYS PA 9 79.07 -17.86 -137.04
N PRO PA 10 80.21 -17.69 -136.34
CA PRO PA 10 80.32 -16.86 -135.13
C PRO PA 10 80.41 -15.36 -135.43
N LEU PA 11 80.65 -14.55 -134.38
CA LEU PA 11 80.81 -13.11 -134.54
C LEU PA 11 82.13 -12.62 -133.94
N GLY PA 12 82.34 -11.31 -133.99
CA GLY PA 12 83.57 -10.73 -133.47
C GLY PA 12 83.92 -11.15 -132.05
N ASP PA 13 85.14 -11.66 -131.87
CA ASP PA 13 85.59 -12.10 -130.56
C ASP PA 13 84.86 -13.40 -130.19
N ARG PA 14 84.68 -14.28 -131.18
CA ARG PA 14 84.00 -15.55 -130.94
C ARG PA 14 84.57 -16.69 -131.78
N VAL PA 15 85.02 -17.75 -131.10
CA VAL PA 15 85.60 -18.92 -131.76
C VAL PA 15 84.89 -20.21 -131.32
N VAL PA 16 84.73 -21.17 -132.24
CA VAL PA 16 84.08 -22.44 -131.93
C VAL PA 16 85.09 -23.57 -131.76
N VAL PA 17 84.86 -24.41 -130.76
CA VAL PA 17 85.77 -25.52 -130.48
C VAL PA 17 85.05 -26.85 -130.29
N LYS PA 18 85.71 -27.93 -130.69
CA LYS PA 18 85.17 -29.29 -130.58
C LYS PA 18 85.67 -29.96 -129.31
N ARG PA 19 85.17 -29.47 -128.17
CA ARG PA 19 85.54 -29.99 -126.87
C ARG PA 19 86.32 -31.31 -126.93
N ILE PA 20 87.64 -31.19 -126.97
CA ILE PA 20 88.52 -32.35 -127.03
C ILE PA 20 88.38 -33.29 -125.86
N GLU PA 21 88.08 -34.54 -126.15
CA GLU PA 21 87.96 -35.53 -125.11
C GLU PA 21 89.38 -35.95 -124.84
N GLU PA 22 89.99 -35.31 -123.84
CA GLU PA 22 91.36 -35.61 -123.45
C GLU PA 22 91.45 -37.10 -123.13
N GLU PA 23 92.68 -37.58 -122.95
CA GLU PA 23 92.87 -38.99 -122.63
C GLU PA 23 92.74 -39.22 -121.11
N PRO PA 24 91.74 -40.03 -120.72
CA PRO PA 24 91.32 -40.47 -119.39
C PRO PA 24 92.30 -41.18 -118.44
N LYS PA 25 93.59 -40.89 -118.56
CA LYS PA 25 94.55 -41.52 -117.67
C LYS PA 25 95.55 -40.46 -117.20
N THR PA 26 95.59 -40.23 -115.90
CA THR PA 26 96.50 -39.25 -115.34
C THR PA 26 97.94 -39.74 -115.46
N LYS PA 27 98.86 -38.80 -115.63
CA LYS PA 27 100.28 -39.11 -115.78
C LYS PA 27 100.75 -40.30 -114.96
N GLY PA 28 100.52 -40.24 -113.64
CA GLY PA 28 100.95 -41.32 -112.77
C GLY PA 28 100.43 -42.69 -113.19
N GLY PA 29 99.55 -42.69 -114.18
CA GLY PA 29 99.00 -43.95 -114.67
C GLY PA 29 97.85 -44.37 -113.78
N ILE PA 30 96.76 -43.60 -113.82
CA ILE PA 30 95.58 -43.89 -113.03
C ILE PA 30 94.29 -43.53 -113.77
N VAL PA 31 93.51 -44.56 -114.07
CA VAL PA 31 92.25 -44.39 -114.79
C VAL PA 31 91.17 -43.82 -113.88
N LEU PA 32 90.44 -42.83 -114.39
CA LEU PA 32 89.38 -42.21 -113.63
C LEU PA 32 88.02 -42.65 -114.17
N PRO PA 33 87.16 -43.15 -113.28
CA PRO PA 33 85.83 -43.59 -113.75
C PRO PA 33 85.17 -42.43 -114.47
N ASP PA 34 84.33 -42.73 -115.45
CA ASP PA 34 83.64 -41.67 -116.20
C ASP PA 34 83.03 -40.64 -115.24
N THR PA 35 82.73 -41.10 -114.04
CA THR PA 35 82.15 -40.24 -113.00
C THR PA 35 83.22 -39.33 -112.43
N ALA PA 36 84.47 -39.64 -112.76
CA ALA PA 36 85.62 -38.87 -112.29
C ALA PA 36 86.34 -38.14 -113.44
N LYS PA 37 85.59 -37.78 -114.48
CA LYS PA 37 86.16 -37.06 -115.62
C LYS PA 37 85.40 -35.75 -115.79
N GLU PA 38 86.14 -34.64 -115.83
CA GLU PA 38 85.55 -33.32 -115.96
C GLU PA 38 85.45 -32.79 -117.39
N LYS PA 39 84.63 -31.76 -117.57
CA LYS PA 39 84.42 -31.12 -118.87
C LYS PA 39 85.75 -30.57 -119.35
N PRO PA 40 86.18 -30.96 -120.57
CA PRO PA 40 87.45 -30.51 -121.14
C PRO PA 40 87.63 -28.99 -121.13
N GLN PA 41 88.79 -28.55 -120.67
CA GLN PA 41 89.10 -27.12 -120.60
C GLN PA 41 89.58 -26.66 -121.98
N LYS PA 42 90.20 -27.58 -122.71
CA LYS PA 42 90.73 -27.30 -124.05
C LYS PA 42 89.70 -27.62 -125.14
N GLY PA 43 90.19 -28.17 -126.26
CA GLY PA 43 89.32 -28.52 -127.38
C GLY PA 43 89.99 -28.21 -128.70
N LYS PA 44 89.29 -28.47 -129.80
CA LYS PA 44 89.81 -28.21 -131.15
C LYS PA 44 89.05 -27.09 -131.83
N VAL PA 45 89.76 -26.03 -132.22
CA VAL PA 45 89.13 -24.90 -132.89
C VAL PA 45 88.41 -25.41 -134.14
N ILE PA 46 87.38 -24.70 -134.56
CA ILE PA 46 86.63 -25.11 -135.74
C ILE PA 46 86.00 -23.92 -136.44
N ALA PA 47 86.05 -22.75 -135.83
CA ALA PA 47 85.46 -21.57 -136.45
C ALA PA 47 86.01 -20.27 -135.87
N VAL PA 48 85.81 -19.18 -136.60
CA VAL PA 48 86.24 -17.84 -136.20
C VAL PA 48 85.38 -16.80 -136.93
N GLY PA 49 85.10 -15.69 -136.26
CA GLY PA 49 84.30 -14.65 -136.87
C GLY PA 49 85.11 -13.38 -137.06
N THR PA 50 84.43 -12.30 -137.43
CA THR PA 50 85.07 -11.00 -137.65
C THR PA 50 86.13 -10.72 -136.60
N GLY PA 51 85.73 -10.08 -135.51
CA GLY PA 51 86.65 -9.75 -134.45
C GLY PA 51 86.21 -8.47 -133.77
N ARG PA 52 86.93 -8.11 -132.71
CA ARG PA 52 86.61 -6.90 -131.96
C ARG PA 52 86.67 -5.67 -132.84
N VAL PA 53 85.68 -4.80 -132.71
CA VAL PA 53 85.65 -3.56 -133.48
C VAL PA 53 86.08 -2.42 -132.56
N LEU PA 54 87.29 -1.90 -132.79
CA LEU PA 54 87.85 -0.82 -131.98
C LEU PA 54 87.06 0.47 -132.12
N GLU PA 55 87.22 1.36 -131.15
CA GLU PA 55 86.52 2.65 -131.12
C GLU PA 55 87.02 3.56 -132.24
N ASN PA 56 88.01 3.08 -132.97
CA ASN PA 56 88.60 3.81 -134.07
C ASN PA 56 87.85 3.51 -135.38
N GLY PA 57 87.05 2.46 -135.35
CA GLY PA 57 86.29 2.08 -136.52
C GLY PA 57 87.02 1.02 -137.32
N GLN PA 58 87.95 0.34 -136.66
CA GLN PA 58 88.73 -0.70 -137.31
C GLN PA 58 88.47 -2.06 -136.69
N ARG PA 59 88.02 -3.02 -137.50
CA ARG PA 59 87.78 -4.36 -137.00
C ARG PA 59 89.16 -5.01 -136.89
N VAL PA 60 89.43 -5.65 -135.76
CA VAL PA 60 90.73 -6.28 -135.56
C VAL PA 60 90.69 -7.81 -135.62
N PRO PA 61 91.66 -8.41 -136.31
CA PRO PA 61 91.78 -9.87 -136.46
C PRO PA 61 91.84 -10.63 -135.14
N LEU PA 62 91.31 -11.86 -135.16
CA LEU PA 62 91.28 -12.73 -133.99
C LEU PA 62 92.52 -13.61 -133.98
N GLU PA 63 93.36 -13.43 -132.96
CA GLU PA 63 94.61 -14.19 -132.80
C GLU PA 63 94.58 -15.72 -133.00
N VAL PA 64 93.41 -16.30 -133.28
CA VAL PA 64 93.34 -17.75 -133.46
C VAL PA 64 92.77 -18.25 -134.78
N LYS PA 65 93.31 -19.38 -135.25
CA LYS PA 65 92.90 -19.99 -136.50
C LYS PA 65 92.51 -21.45 -136.26
N GLU PA 66 91.55 -21.94 -137.02
CA GLU PA 66 91.04 -23.32 -136.90
C GLU PA 66 92.05 -24.42 -136.57
N GLY PA 67 91.51 -25.61 -136.24
CA GLY PA 67 92.34 -26.76 -135.92
C GLY PA 67 93.47 -26.60 -134.91
N ASP PA 68 93.27 -25.79 -133.88
CA ASP PA 68 94.30 -25.58 -132.87
C ASP PA 68 93.90 -26.16 -131.52
N ILE PA 69 94.91 -26.55 -130.74
CA ILE PA 69 94.69 -27.10 -129.41
C ILE PA 69 94.43 -25.95 -128.44
N VAL PA 70 93.24 -25.35 -128.55
CA VAL PA 70 92.86 -24.23 -127.69
C VAL PA 70 92.94 -24.50 -126.19
N VAL PA 71 92.62 -23.46 -125.42
CA VAL PA 71 92.62 -23.52 -123.97
C VAL PA 71 91.74 -22.40 -123.42
N PHE PA 72 91.00 -22.72 -122.36
CA PHE PA 72 90.10 -21.77 -121.72
C PHE PA 72 89.55 -22.40 -120.46
N ALA PA 73 89.33 -21.60 -119.42
CA ALA PA 73 88.82 -22.11 -118.16
C ALA PA 73 87.45 -22.76 -118.34
N LYS PA 74 87.34 -24.01 -117.89
CA LYS PA 74 86.11 -24.79 -118.01
C LYS PA 74 84.84 -23.97 -117.73
N TYR PA 75 84.89 -23.16 -116.67
CA TYR PA 75 83.75 -22.34 -116.28
C TYR PA 75 83.33 -21.25 -117.25
N GLY PA 76 83.28 -21.57 -118.54
CA GLY PA 76 82.88 -20.57 -119.50
C GLY PA 76 82.48 -21.06 -120.87
N GLY PA 77 81.57 -20.33 -121.52
CA GLY PA 77 81.13 -20.69 -122.85
C GLY PA 77 79.64 -20.95 -123.01
N THR PA 78 79.29 -21.51 -124.17
CA THR PA 78 77.91 -21.86 -124.50
C THR PA 78 77.97 -23.18 -125.26
N GLU PA 79 77.10 -24.11 -124.89
CA GLU PA 79 77.10 -25.42 -125.55
C GLU PA 79 75.89 -25.68 -126.42
N ILE PA 80 76.16 -26.17 -127.63
CA ILE PA 80 75.09 -26.51 -128.59
C ILE PA 80 75.54 -27.74 -129.37
N GLU PA 81 74.61 -28.66 -129.57
CA GLU PA 81 74.86 -29.88 -130.32
C GLU PA 81 74.16 -29.70 -131.65
N ILE PA 82 74.91 -29.81 -132.75
CA ILE PA 82 74.32 -29.64 -134.07
C ILE PA 82 74.52 -30.84 -134.98
N ASP PA 83 73.48 -31.66 -135.06
CA ASP PA 83 73.48 -32.86 -135.90
C ASP PA 83 74.53 -33.91 -135.54
N GLY PA 84 74.23 -34.68 -134.50
CA GLY PA 84 75.13 -35.74 -134.05
C GLY PA 84 76.38 -35.23 -133.35
N GLU PA 85 76.67 -33.95 -133.51
CA GLU PA 85 77.85 -33.35 -132.89
C GLU PA 85 77.48 -32.23 -131.93
N GLU PA 86 78.35 -31.97 -130.96
CA GLU PA 86 78.14 -30.90 -130.00
C GLU PA 86 79.42 -30.09 -129.77
N TYR PA 87 79.33 -28.80 -130.08
CA TYR PA 87 80.47 -27.91 -129.94
C TYR PA 87 80.19 -26.83 -128.91
N VAL PA 88 80.93 -25.73 -129.01
CA VAL PA 88 80.79 -24.61 -128.08
C VAL PA 88 81.03 -23.25 -128.73
N ILE PA 89 80.34 -22.24 -128.20
CA ILE PA 89 80.46 -20.87 -128.68
C ILE PA 89 81.22 -20.06 -127.62
N LEU PA 90 82.54 -20.11 -127.69
CA LEU PA 90 83.38 -19.38 -126.76
C LEU PA 90 83.62 -17.96 -127.25
N SER PA 91 84.52 -17.27 -126.56
CA SER PA 91 84.86 -15.89 -126.92
C SER PA 91 86.36 -15.67 -126.92
N GLU PA 92 86.81 -14.84 -127.86
CA GLU PA 92 88.20 -14.49 -127.99
C GLU PA 92 88.70 -14.21 -126.57
N ARG PA 93 88.17 -13.14 -126.00
CA ARG PA 93 88.53 -12.73 -124.66
C ARG PA 93 88.75 -13.91 -123.72
N ASP PA 94 87.69 -14.66 -123.44
CA ASP PA 94 87.79 -15.80 -122.53
C ASP PA 94 88.83 -16.83 -122.99
N LEU PA 95 88.95 -17.02 -124.30
CA LEU PA 95 89.91 -17.98 -124.82
C LEU PA 95 91.31 -17.68 -124.27
N LEU PA 96 91.78 -18.54 -123.36
CA LEU PA 96 93.09 -18.37 -122.73
C LEU PA 96 94.28 -18.50 -123.68
N ALA PA 97 94.89 -19.69 -123.69
CA ALA PA 97 96.06 -19.94 -124.53
C ALA PA 97 95.67 -20.80 -125.74
N VAL PA 98 96.65 -21.07 -126.60
CA VAL PA 98 96.43 -21.90 -127.79
C VAL PA 98 97.61 -22.86 -127.94
N LEU PA 99 97.56 -23.92 -127.13
CA LEU PA 99 98.60 -24.95 -127.12
C LEU PA 99 99.01 -25.41 -128.50
N GLN PA 100 100.13 -26.13 -128.54
CA GLN PA 100 100.65 -26.66 -129.79
C GLN PA 100 101.16 -28.07 -129.55
#